data_8EON
#
_entry.id   8EON
#
_cell.length_a   1.00
_cell.length_b   1.00
_cell.length_c   1.00
_cell.angle_alpha   90.00
_cell.angle_beta   90.00
_cell.angle_gamma   90.00
#
_symmetry.space_group_name_H-M   'P 1'
#
loop_
_entity.id
_entity.type
_entity.pdbx_description
1 polymer 'Baseplate component gp33'
2 polymer 'Baseplate component gp34'
3 polymer 'Baseplate component gp36'
4 polymer 'Triplex gp44-b'
5 polymer 'Triplex gp45'
6 polymer 'Baseplate component gp37'
7 polymer 'Baseplate component gp38'
8 polymer 'Baseplate hub gp41'
9 polymer 'Baseplate spike gp43'
#
loop_
_entity_poly.entity_id
_entity_poly.type
_entity_poly.pdbx_seq_one_letter_code
_entity_poly.pdbx_strand_id
1 'polypeptide(L)'
;KIPLTAVPNQAISFNAGSSYWKIRLYQNMDMMNADISRDGVIVCHGVRCFGGIPLLQYSHQYRPDYGNFVFDRDADWTLF
GDGINLFYLDGAEFAEYQALAT
;
G,L,Q,V,a,f
2 'polypeptide(L)'
;STSTIRTGTNNDILLDDNGNMVILRDVEACAQDVRAAMLMRTGENIFDVNSGVGYFEYIFSPQKSYDDARKSIADAILSS
PDVTGIEQLDIDITGEVFGVDAKVITIH
;
H,M,R,W,b,g
3 'polypeptide(L)'
;MINVSGFGTGIVIVSASSFPMGFSLSKFADDESPISSKELEPFGYEMLYDGGLFAFDKAAPLEVSVSVIAGSEDDINLRI
LLNSKKGSFRFLPGIIPDMTTLVATLPDGGRTVLSNGTILKGPAIDTIQNTGRRKGNTYTFVFGSYLGAQTA
;
I,N,S,X,c,h
4 'polypeptide(L)'
;MANYNYIVDTGVIVADTADVLSDVEAEFRAALGANINLAASTPQGSLVAAEAIARSSVMRNEARIANTINPNVSFGTFLD
AICALMGIERGSDLSTFGYGVQVTGRSQTRISTGSRVQTPAGAIFTVMSDVTIPAGGVATIDIKSQEYGNIPLPVGNLII
IDGTIGWSGAKVIASTRVDPGSRQMSDAELKNARVNRLAIQGRNSTMAIKAYVSAVPNVTSVNVIENNTGAVQVVNGVSF
TLPYAVWVCVAGNPDKQAVADALWAAHNGGTPWDYGATNNGVPVDGPNGVPVRDPASGRKYVVKWTTPIMYDGYVNVTVQ
QGSSSVAPEAIQNAVVNYAQGKVEGEEGLVVGASLSAFEVAGAIAREIPGIYIKLCQVACVAAGSPAPAPGDFTSEYVMS
AFGQATISVGNVRVTFV
;
J,O,T,Y,d,i,q,r,s,t,u,v
5 'polypeptide(L)'
;LPAYNSDIQQALKWLHNQAPGITGLIQRKAQWYDRFSRQFWANWERDVFHLKTANPFGLMVWCIILGTPSKGFGLYPKNS
SWAFGRLRQNFIYSGTQVPPPADASPGGNFYGGGNAEILNLDEIRKVLQLRYVALISNGSIAYINRMLRYIFNDDEPWDE
ATGLYFYLMDSTGENGPVENLAVYRKDWEGMVLLSSSPRTNHVLTSTPASDADWPGVDPAASGIPVTVETASATAPDGSA
TVCKLTKPAGSTAYVSAPIDGPLGSGSTVTFSFFAKAGSTRFIAIQSAADFPSRADAVFDLDSGNVISDQMLDSSVVSAR
MIRLENGWWRCVLTTKTVSSSFRAAYVAPAETNFSWIDSNSSAAIDVLIWGAQIELGDTPTGYLKTTGAPVTITDYVLQN
AQTGTVKFTQPLPTGVEAYWTGDWKGGTAAEPARFAVGNGTQDTFTLSDPAYIGLPTSGAFKLEYRVGPALNLSPQLINL
MNDRAVGIMPTCAGCDVKVI
;
K,P,U,Z,e,j
6 'polypeptide(L)'
;MLGIFTSLLSSRSFSIVDQNTNQLVAADLRISRVNTRFSSVGQRHMLEDGTTKMDSRTIHPMEIIVEVFCPSIDVVDQIN
QLLLDRDTLYKVITRGMVFERMMCTSEALNQTPDMISATPARLTFSQVLVQNPKPIMFRNAGDSSMIDRGLALAEDVVGS
AGDLFDYAVNGV
;
A,B,C
7 'polypeptide(L)'
;MNSFLKSILNTPTLTIRDDVTKLPVWKSLQVKKVEIYSPASVVSKPLATKDQTEAQVYTEALDIDVKNGKIIQPVRLRIN
AICPDLSTVESIMNAFNDNTSTFAITSKSILADKMAIMTLDVDQSPDMLNAAEINMEFEQVEPPVLNKFDPAFPQDSPTY
GVQIQSLSDANLLDLGAIGDSISSAAKSLYNRV
;
D,k,o
8 'polypeptide(L)'
;MKKRILRVTFNMPYGPEVIREDLDVRVRIMKAALRIQNRATMEIFGLTTQLRESLLSQFTAWKHRQRQVGREDELMIKVS
VEAGYSDQGREQVSRVFVGEVAIVDIISPPPDIGIRIQCYTRQIDRTKTIRNMPPANTTFVKFVEWGANEMGLNFICDTS
YNDQVLKNPGRSITVASAILASIQDMYMPDVAAFVDDDILIVKDRDKVIRPDEVTNVNSFVGIPSWSEWGVEFQCLFEPS
IRVAGGVAVESLMNPSVNGNYVITALEYDLASRDRPFYIKVMGSPAA
;
E,l,m
9 'polypeptide(L)'
;NISLTSAKAPDRTRLIAALDARSRRDALDFEVMIPAQVVQYDRAENIATIQPLITWVDTEHNAVQRHQLVDIPVISMGAG
GFHISFPIQQGDIGWIYAADRDTSQFLESLSMSKPNTGRIHKFEHGLFIPDVFRRYTINSEDSAAMVIQSTSGATRISIR
GDNIKITAPSNVTVDTPQANFTGNVTIANTLVVNGINVNNHGHLENNPPDARTKGGMIA
;
F,n,p
#
# COMPACT_ATOMS: atom_id res chain seq x y z
N LYS A 1 -12.96 -35.31 -29.77
CA LYS A 1 -12.46 -36.44 -29.00
C LYS A 1 -12.05 -36.00 -27.59
N ILE A 2 -11.91 -36.98 -26.71
CA ILE A 2 -11.67 -36.74 -25.29
C ILE A 2 -10.20 -37.02 -25.00
N PRO A 3 -9.51 -36.18 -24.24
CA PRO A 3 -8.09 -36.46 -23.94
C PRO A 3 -7.93 -37.60 -22.94
N LEU A 4 -7.20 -38.63 -23.37
CA LEU A 4 -6.99 -39.81 -22.54
C LEU A 4 -5.49 -40.03 -22.30
N THR A 5 -5.15 -40.98 -21.45
CA THR A 5 -3.75 -41.29 -21.16
C THR A 5 -3.67 -42.77 -20.79
N ALA A 6 -2.45 -43.30 -20.80
CA ALA A 6 -2.22 -44.74 -20.62
C ALA A 6 -2.03 -45.05 -19.14
N VAL A 7 -3.13 -45.07 -18.40
CA VAL A 7 -3.13 -45.45 -16.99
C VAL A 7 -4.31 -46.37 -16.72
N PRO A 8 -4.10 -47.49 -16.03
CA PRO A 8 -5.19 -48.46 -15.86
C PRO A 8 -6.37 -47.98 -15.04
N ASN A 9 -6.33 -46.76 -14.48
CA ASN A 9 -7.44 -46.25 -13.70
C ASN A 9 -7.36 -44.73 -13.66
N GLN A 10 -8.37 -44.07 -14.22
CA GLN A 10 -8.38 -42.62 -14.30
C GLN A 10 -9.82 -42.14 -14.36
N ALA A 11 -10.01 -40.84 -14.16
CA ALA A 11 -11.34 -40.26 -14.21
C ALA A 11 -11.25 -38.78 -14.58
N ILE A 12 -11.49 -38.48 -15.86
CA ILE A 12 -11.41 -37.13 -16.38
C ILE A 12 -12.81 -36.54 -16.44
N SER A 13 -12.90 -35.22 -16.22
CA SER A 13 -14.14 -34.49 -16.32
C SER A 13 -13.99 -33.38 -17.34
N PHE A 14 -15.11 -32.95 -17.93
CA PHE A 14 -15.09 -31.94 -18.97
C PHE A 14 -16.46 -31.31 -19.11
N ASN A 15 -16.51 -30.18 -19.80
CA ASN A 15 -17.73 -29.45 -20.06
C ASN A 15 -17.98 -29.46 -21.56
N ALA A 16 -18.81 -30.39 -22.02
CA ALA A 16 -19.09 -30.55 -23.44
C ALA A 16 -20.57 -30.75 -23.66
N GLY A 17 -21.06 -30.24 -24.79
CA GLY A 17 -22.46 -30.37 -25.14
C GLY A 17 -23.41 -29.68 -24.19
N SER A 18 -23.05 -28.50 -23.70
CA SER A 18 -23.92 -27.71 -22.82
C SER A 18 -24.27 -28.47 -21.54
N SER A 19 -23.33 -29.32 -21.08
CA SER A 19 -23.53 -30.07 -19.86
C SER A 19 -22.16 -30.47 -19.32
N TYR A 20 -22.14 -30.89 -18.05
CA TYR A 20 -20.90 -31.16 -17.34
C TYR A 20 -20.81 -32.65 -17.01
N TRP A 21 -19.85 -33.33 -17.62
CA TRP A 21 -19.69 -34.78 -17.51
C TRP A 21 -18.45 -35.14 -16.72
N LYS A 22 -18.49 -36.32 -16.10
CA LYS A 22 -17.33 -36.92 -15.47
C LYS A 22 -17.33 -38.40 -15.77
N ILE A 23 -16.27 -38.88 -16.42
CA ILE A 23 -16.17 -40.26 -16.89
C ILE A 23 -15.03 -40.94 -16.15
N ARG A 24 -15.11 -42.26 -16.01
CA ARG A 24 -14.11 -43.04 -15.29
C ARG A 24 -13.85 -44.33 -16.06
N LEU A 25 -12.56 -44.66 -16.25
CA LEU A 25 -12.15 -45.86 -16.98
C LEU A 25 -11.20 -46.67 -16.12
N TYR A 26 -11.45 -47.97 -16.00
CA TYR A 26 -10.63 -48.83 -15.19
C TYR A 26 -10.70 -50.25 -15.72
N GLN A 27 -9.56 -50.95 -15.68
CA GLN A 27 -9.52 -52.34 -16.12
C GLN A 27 -10.12 -53.26 -15.06
N ASN A 28 -10.99 -54.16 -15.53
CA ASN A 28 -11.66 -55.12 -14.65
C ASN A 28 -11.49 -56.52 -15.24
N MET A 29 -10.55 -57.28 -14.68
CA MET A 29 -10.24 -58.63 -15.14
C MET A 29 -9.87 -58.66 -16.62
N ASP A 30 -10.83 -59.02 -17.48
CA ASP A 30 -10.56 -59.12 -18.91
C ASP A 30 -10.78 -57.81 -19.65
N MET A 31 -11.97 -57.25 -19.55
CA MET A 31 -12.34 -56.07 -20.32
C MET A 31 -12.20 -54.80 -19.49
N MET A 32 -12.41 -53.66 -20.14
CA MET A 32 -12.53 -52.40 -19.43
C MET A 32 -13.94 -52.23 -18.87
N ASN A 33 -14.13 -51.12 -18.16
CA ASN A 33 -15.43 -50.74 -17.62
C ASN A 33 -15.46 -49.21 -17.53
N ALA A 34 -16.65 -48.67 -17.31
CA ALA A 34 -16.80 -47.23 -17.29
C ALA A 34 -17.86 -46.83 -16.28
N ASP A 35 -17.65 -45.64 -15.70
CA ASP A 35 -18.64 -45.00 -14.84
C ASP A 35 -18.87 -43.60 -15.39
N ILE A 36 -20.13 -43.23 -15.57
CA ILE A 36 -20.49 -41.95 -16.18
C ILE A 36 -21.30 -41.16 -15.18
N SER A 37 -20.92 -39.89 -15.01
CA SER A 37 -21.62 -38.99 -14.12
C SER A 37 -22.03 -37.74 -14.89
N ARG A 38 -23.18 -37.20 -14.54
CA ARG A 38 -23.68 -35.96 -15.13
C ARG A 38 -24.17 -35.05 -14.01
N ASP A 39 -23.80 -33.77 -14.08
CA ASP A 39 -24.33 -32.75 -13.20
C ASP A 39 -24.12 -33.12 -11.73
N GLY A 40 -23.11 -33.96 -11.49
CA GLY A 40 -22.85 -34.44 -10.15
C GLY A 40 -23.70 -35.62 -9.72
N VAL A 41 -24.60 -36.09 -10.57
CA VAL A 41 -25.49 -37.20 -10.26
C VAL A 41 -25.05 -38.40 -11.07
N ILE A 42 -24.85 -39.53 -10.39
CA ILE A 42 -24.39 -40.74 -11.06
C ILE A 42 -25.44 -41.18 -12.07
N VAL A 43 -24.97 -41.78 -13.17
CA VAL A 43 -25.86 -42.25 -14.21
C VAL A 43 -25.81 -43.77 -14.27
N CYS A 44 -24.64 -44.32 -14.58
CA CYS A 44 -24.49 -45.76 -14.73
C CYS A 44 -23.21 -46.21 -14.03
N HIS A 45 -23.18 -47.49 -13.67
CA HIS A 45 -22.04 -48.10 -13.01
C HIS A 45 -21.62 -49.34 -13.78
N GLY A 46 -20.35 -49.39 -14.16
CA GLY A 46 -19.78 -50.59 -14.77
C GLY A 46 -20.31 -50.97 -16.12
N VAL A 47 -20.55 -49.99 -17.00
CA VAL A 47 -20.91 -50.30 -18.38
C VAL A 47 -19.65 -50.67 -19.15
N ARG A 48 -19.75 -51.72 -19.96
CA ARG A 48 -18.56 -52.32 -20.55
C ARG A 48 -18.05 -51.48 -21.72
N CYS A 49 -17.03 -52.03 -22.38
CA CYS A 49 -16.20 -51.32 -23.35
C CYS A 49 -16.17 -52.10 -24.65
N PHE A 50 -16.93 -51.65 -25.64
CA PHE A 50 -17.03 -52.32 -26.92
C PHE A 50 -16.92 -51.30 -28.04
N GLY A 51 -16.37 -51.75 -29.17
CA GLY A 51 -16.16 -50.85 -30.29
C GLY A 51 -17.40 -50.74 -31.15
N GLY A 52 -17.95 -49.53 -31.23
CA GLY A 52 -19.14 -49.27 -32.00
C GLY A 52 -20.44 -49.31 -31.22
N ILE A 53 -20.42 -49.89 -30.02
CA ILE A 53 -21.61 -49.97 -29.18
C ILE A 53 -21.62 -48.76 -28.26
N PRO A 54 -22.61 -47.87 -28.37
CA PRO A 54 -22.60 -46.65 -27.56
C PRO A 54 -22.70 -46.95 -26.07
N LEU A 55 -22.06 -46.09 -25.27
CA LEU A 55 -21.95 -46.35 -23.84
C LEU A 55 -23.29 -46.22 -23.12
N LEU A 56 -24.09 -45.23 -23.49
CA LEU A 56 -25.38 -45.00 -22.85
C LEU A 56 -26.46 -45.76 -23.61
N GLN A 57 -27.22 -46.58 -22.89
CA GLN A 57 -28.16 -47.52 -23.50
C GLN A 57 -29.60 -47.00 -23.53
N TYR A 58 -29.98 -46.24 -22.51
CA TYR A 58 -31.40 -46.07 -22.20
C TYR A 58 -31.84 -44.62 -22.33
N SER A 59 -33.11 -44.45 -22.76
CA SER A 59 -33.59 -43.14 -23.17
C SER A 59 -33.60 -42.15 -22.02
N HIS A 60 -33.92 -42.60 -20.82
CA HIS A 60 -33.85 -41.67 -19.69
C HIS A 60 -32.43 -41.24 -19.39
N GLN A 61 -31.44 -41.72 -20.14
CA GLN A 61 -30.05 -41.32 -19.96
C GLN A 61 -29.49 -40.58 -21.17
N TYR A 62 -29.52 -41.18 -22.36
CA TYR A 62 -28.69 -40.65 -23.44
C TYR A 62 -29.21 -39.31 -23.96
N ARG A 63 -30.53 -39.20 -24.25
CA ARG A 63 -31.01 -37.83 -24.43
C ARG A 63 -32.52 -37.68 -24.45
N PRO A 64 -33.05 -36.62 -23.84
CA PRO A 64 -34.06 -35.82 -24.53
C PRO A 64 -33.38 -34.96 -25.59
N ASP A 65 -32.25 -34.34 -25.22
CA ASP A 65 -31.46 -33.55 -26.14
C ASP A 65 -29.95 -33.60 -25.93
N TYR A 66 -29.46 -34.48 -25.05
CA TYR A 66 -28.04 -34.59 -24.74
C TYR A 66 -27.31 -35.36 -25.84
N GLY A 67 -26.09 -35.80 -25.56
CA GLY A 67 -25.29 -36.57 -26.49
C GLY A 67 -25.01 -37.98 -26.00
N ASN A 68 -23.99 -38.60 -26.58
CA ASN A 68 -23.60 -39.95 -26.21
C ASN A 68 -22.16 -40.20 -26.63
N PHE A 69 -21.62 -41.32 -26.16
CA PHE A 69 -20.20 -41.65 -26.30
C PHE A 69 -20.06 -43.03 -26.94
N VAL A 70 -19.01 -43.20 -27.74
CA VAL A 70 -18.75 -44.46 -28.43
C VAL A 70 -17.26 -44.63 -28.66
N PHE A 71 -16.77 -45.85 -28.46
CA PHE A 71 -15.40 -46.25 -28.78
C PHE A 71 -15.33 -46.81 -30.21
N ASP A 72 -14.32 -46.37 -30.96
CA ASP A 72 -14.12 -46.89 -32.30
C ASP A 72 -13.78 -48.38 -32.28
N ARG A 73 -12.95 -48.79 -31.34
CA ARG A 73 -12.56 -50.19 -31.20
C ARG A 73 -12.50 -50.54 -29.72
N ASP A 74 -12.52 -51.85 -29.44
CA ASP A 74 -12.46 -52.33 -28.07
C ASP A 74 -11.21 -51.81 -27.39
N ALA A 75 -11.39 -50.93 -26.41
CA ALA A 75 -10.29 -50.13 -25.89
C ALA A 75 -9.46 -50.91 -24.88
N ASP A 76 -8.16 -50.62 -24.89
CA ASP A 76 -7.24 -51.07 -23.85
C ASP A 76 -6.33 -49.91 -23.48
N TRP A 77 -5.99 -49.81 -22.20
CA TRP A 77 -5.29 -48.61 -21.73
C TRP A 77 -3.85 -48.55 -22.19
N THR A 78 -3.34 -49.60 -22.83
CA THR A 78 -1.98 -49.55 -23.35
C THR A 78 -1.91 -48.69 -24.61
N LEU A 79 -2.97 -48.65 -25.40
CA LEU A 79 -2.98 -47.96 -26.68
C LEU A 79 -3.61 -46.57 -26.63
N PHE A 80 -3.97 -46.07 -25.45
CA PHE A 80 -4.65 -44.78 -25.36
C PHE A 80 -3.76 -43.68 -25.91
N GLY A 81 -4.34 -42.85 -26.78
CA GLY A 81 -3.59 -41.85 -27.51
C GLY A 81 -2.99 -42.34 -28.80
N ASP A 82 -3.01 -43.66 -29.06
CA ASP A 82 -2.43 -44.26 -30.26
C ASP A 82 -3.47 -45.22 -30.84
N GLY A 83 -4.35 -44.70 -31.69
CA GLY A 83 -5.29 -45.53 -32.40
C GLY A 83 -6.59 -45.83 -31.70
N ILE A 84 -6.68 -45.58 -30.39
CA ILE A 84 -7.90 -45.80 -29.62
C ILE A 84 -8.35 -44.46 -29.07
N ASN A 85 -9.61 -44.09 -29.38
CA ASN A 85 -10.13 -42.78 -29.03
C ASN A 85 -11.52 -42.90 -28.46
N LEU A 86 -11.97 -41.81 -27.83
CA LEU A 86 -13.34 -41.66 -27.36
C LEU A 86 -13.92 -40.39 -27.95
N PHE A 87 -15.09 -40.51 -28.57
CA PHE A 87 -15.70 -39.41 -29.31
C PHE A 87 -17.04 -39.05 -28.71
N TYR A 88 -17.39 -37.76 -28.77
CA TYR A 88 -18.65 -37.25 -28.26
C TYR A 88 -19.48 -36.70 -29.41
N LEU A 89 -20.74 -37.13 -29.49
CA LEU A 89 -21.66 -36.66 -30.51
C LEU A 89 -22.86 -35.99 -29.84
N ASP A 90 -23.13 -34.74 -30.25
CA ASP A 90 -24.25 -34.00 -29.71
C ASP A 90 -25.56 -34.57 -30.25
N GLY A 91 -26.68 -33.95 -29.86
CA GLY A 91 -27.97 -34.63 -29.99
C GLY A 91 -28.33 -35.00 -31.42
N ALA A 92 -28.18 -34.05 -32.35
CA ALA A 92 -28.54 -34.33 -33.74
C ALA A 92 -27.63 -35.39 -34.34
N GLU A 93 -26.32 -35.27 -34.09
CA GLU A 93 -25.38 -36.24 -34.62
C GLU A 93 -25.64 -37.64 -34.06
N PHE A 94 -25.90 -37.74 -32.76
CA PHE A 94 -26.19 -39.04 -32.19
C PHE A 94 -27.49 -39.62 -32.74
N ALA A 95 -28.51 -38.77 -32.92
CA ALA A 95 -29.77 -39.26 -33.45
C ALA A 95 -29.59 -39.83 -34.85
N GLU A 96 -28.84 -39.12 -35.71
CA GLU A 96 -28.63 -39.65 -37.05
C GLU A 96 -27.72 -40.88 -37.03
N TYR A 97 -26.78 -40.95 -36.07
CA TYR A 97 -25.98 -42.16 -35.89
C TYR A 97 -26.87 -43.36 -35.60
N GLN A 98 -27.80 -43.21 -34.65
CA GLN A 98 -28.70 -44.30 -34.33
C GLN A 98 -29.59 -44.65 -35.51
N ALA A 99 -30.07 -43.64 -36.23
CA ALA A 99 -30.90 -43.91 -37.40
C ALA A 99 -30.14 -44.75 -38.42
N LEU A 100 -28.89 -44.40 -38.68
CA LEU A 100 -28.11 -45.10 -39.69
C LEU A 100 -27.60 -46.46 -39.19
N ALA A 101 -27.53 -46.65 -37.87
CA ALA A 101 -26.95 -47.88 -37.33
C ALA A 101 -27.75 -49.10 -37.73
N THR A 102 -29.08 -49.00 -37.69
CA THR A 102 -29.92 -50.15 -38.05
C THR A 102 -30.47 -50.01 -39.47
N SER B 1 42.22 35.11 -17.94
CA SER B 1 41.06 35.95 -18.24
C SER B 1 40.97 37.11 -17.25
N THR B 2 41.96 37.21 -16.38
CA THR B 2 41.99 38.28 -15.39
C THR B 2 42.49 39.58 -16.03
N SER B 3 42.66 40.60 -15.20
CA SER B 3 43.23 41.87 -15.61
C SER B 3 43.61 42.65 -14.37
N THR B 4 44.48 43.64 -14.56
CA THR B 4 44.98 44.44 -13.45
C THR B 4 45.65 45.70 -14.02
N ILE B 5 45.95 46.64 -13.13
CA ILE B 5 46.64 47.88 -13.49
C ILE B 5 48.13 47.69 -13.21
N ARG B 6 48.96 48.02 -14.19
CA ARG B 6 50.38 47.75 -14.11
C ARG B 6 51.03 48.54 -12.98
N THR B 7 52.04 47.94 -12.36
CA THR B 7 52.76 48.54 -11.25
C THR B 7 54.26 48.33 -11.44
N GLY B 8 55.04 49.19 -10.80
CA GLY B 8 56.48 49.13 -10.91
C GLY B 8 57.10 48.21 -9.87
N THR B 9 58.44 48.26 -9.80
CA THR B 9 59.16 47.45 -8.83
C THR B 9 58.84 47.91 -7.41
N ASN B 10 58.50 49.19 -7.23
CA ASN B 10 57.78 49.63 -6.06
C ASN B 10 56.30 49.77 -6.40
N ASN B 11 55.45 49.29 -5.49
CA ASN B 11 54.04 49.08 -5.81
C ASN B 11 53.31 50.42 -5.89
N ASP B 12 53.50 51.07 -7.03
CA ASP B 12 52.79 52.29 -7.40
C ASP B 12 51.84 51.98 -8.54
N ILE B 13 51.11 52.99 -8.98
CA ILE B 13 50.52 52.93 -10.31
C ILE B 13 51.50 53.50 -11.31
N LEU B 14 51.88 52.71 -12.30
CA LEU B 14 52.89 53.09 -13.28
C LEU B 14 52.20 53.68 -14.49
N LEU B 15 52.68 54.83 -14.95
CA LEU B 15 52.03 55.60 -16.01
C LEU B 15 52.92 55.65 -17.24
N ASP B 16 52.31 55.49 -18.41
CA ASP B 16 53.03 55.53 -19.67
C ASP B 16 53.40 56.97 -20.01
N ASP B 17 54.10 57.14 -21.13
CA ASP B 17 54.40 58.48 -21.62
C ASP B 17 53.10 59.23 -21.93
N ASN B 18 52.12 58.55 -22.52
CA ASN B 18 50.80 59.12 -22.68
C ASN B 18 50.14 59.36 -21.32
N GLY B 19 50.62 58.68 -20.28
CA GLY B 19 50.07 58.84 -18.95
C GLY B 19 48.88 57.94 -18.71
N ASN B 20 48.60 57.04 -19.65
CA ASN B 20 47.42 56.19 -19.59
C ASN B 20 47.60 55.10 -18.55
N MET B 21 46.64 55.02 -17.64
CA MET B 21 46.49 53.81 -16.84
C MET B 21 46.16 52.65 -17.76
N VAL B 22 46.90 51.55 -17.60
CA VAL B 22 46.87 50.46 -18.56
C VAL B 22 46.31 49.21 -17.89
N ILE B 23 45.37 48.55 -18.56
CA ILE B 23 44.78 47.31 -18.08
C ILE B 23 45.54 46.17 -18.73
N LEU B 24 46.44 45.55 -17.96
CA LEU B 24 47.20 44.42 -18.47
C LEU B 24 46.31 43.22 -18.68
N ARG B 25 46.60 42.45 -19.72
CA ARG B 25 45.86 41.23 -20.01
C ARG B 25 46.48 40.07 -19.22
N ASP B 26 46.09 38.85 -19.57
CA ASP B 26 46.44 37.67 -18.80
C ASP B 26 47.95 37.42 -18.80
N VAL B 27 48.35 36.40 -18.05
CA VAL B 27 49.74 35.96 -17.88
C VAL B 27 50.54 36.99 -17.08
N GLU B 28 50.86 38.13 -17.70
CA GLU B 28 51.60 39.15 -16.97
C GLU B 28 50.79 39.71 -15.81
N ALA B 29 49.46 39.79 -15.98
CA ALA B 29 48.60 40.09 -14.85
C ALA B 29 48.72 39.02 -13.77
N CYS B 30 48.80 37.74 -14.18
CA CYS B 30 48.98 36.67 -13.22
C CYS B 30 50.31 36.79 -12.49
N ALA B 31 51.38 37.15 -13.21
CA ALA B 31 52.68 37.31 -12.58
C ALA B 31 52.66 38.44 -11.56
N GLN B 32 52.09 39.59 -11.93
CA GLN B 32 51.99 40.69 -10.98
C GLN B 32 51.13 40.32 -9.79
N ASP B 33 50.00 39.65 -10.04
CA ASP B 33 49.11 39.26 -8.95
C ASP B 33 49.79 38.33 -7.97
N VAL B 34 50.51 37.32 -8.48
CA VAL B 34 51.14 36.37 -7.60
C VAL B 34 52.30 37.02 -6.84
N ARG B 35 53.03 37.93 -7.50
CA ARG B 35 54.11 38.62 -6.80
C ARG B 35 53.55 39.46 -5.65
N ALA B 36 52.44 40.16 -5.89
CA ALA B 36 51.86 40.96 -4.82
C ALA B 36 51.24 40.09 -3.74
N ALA B 37 50.73 38.92 -4.11
CA ALA B 37 50.13 38.03 -3.13
C ALA B 37 51.18 37.44 -2.20
N MET B 38 52.34 37.08 -2.74
CA MET B 38 53.38 36.48 -1.91
C MET B 38 53.99 37.47 -0.94
N LEU B 39 53.71 38.76 -1.11
CA LEU B 39 54.26 39.81 -0.26
C LEU B 39 53.26 40.37 0.73
N MET B 40 52.14 39.69 0.95
CA MET B 40 51.04 40.26 1.72
C MET B 40 51.38 40.40 3.20
N ARG B 41 51.90 39.33 3.80
CA ARG B 41 52.06 39.20 5.25
C ARG B 41 50.71 39.00 5.91
N THR B 42 50.62 38.12 6.90
CA THR B 42 49.34 37.76 7.49
C THR B 42 49.01 38.67 8.66
N GLY B 43 47.71 38.79 8.93
CA GLY B 43 47.22 39.74 9.91
C GLY B 43 47.14 41.16 9.42
N GLU B 44 47.42 41.41 8.15
CA GLU B 44 47.38 42.76 7.59
C GLU B 44 46.10 43.03 6.82
N ASN B 45 45.51 42.01 6.21
CA ASN B 45 44.30 42.19 5.41
C ASN B 45 43.10 42.29 6.35
N ILE B 46 42.30 43.34 6.18
CA ILE B 46 41.04 43.45 6.90
C ILE B 46 39.98 42.66 6.15
N PHE B 47 38.90 42.31 6.85
CA PHE B 47 37.75 41.56 6.35
C PHE B 47 38.09 40.11 6.06
N ASP B 48 39.35 39.69 6.15
CA ASP B 48 39.74 38.32 5.80
C ASP B 48 40.90 37.93 6.72
N VAL B 49 40.61 37.18 7.77
CA VAL B 49 41.62 36.70 8.69
C VAL B 49 42.29 35.47 8.08
N ASN B 50 43.53 35.20 8.49
CA ASN B 50 44.28 34.02 8.09
C ASN B 50 44.66 34.04 6.62
N SER B 51 44.76 35.22 6.02
CA SER B 51 45.21 35.36 4.64
C SER B 51 46.52 36.12 4.61
N GLY B 52 47.54 35.50 4.03
CA GLY B 52 48.88 36.06 3.95
C GLY B 52 49.90 34.99 4.27
N VAL B 53 51.16 35.40 4.36
CA VAL B 53 52.28 34.51 4.61
C VAL B 53 52.82 34.81 6.00
N GLY B 54 52.97 33.77 6.82
CA GLY B 54 53.42 33.97 8.18
C GLY B 54 54.91 34.18 8.30
N TYR B 55 55.40 35.30 7.77
CA TYR B 55 56.84 35.57 7.83
C TYR B 55 57.33 35.67 9.26
N PHE B 56 56.63 36.43 10.10
CA PHE B 56 57.08 36.67 11.46
C PHE B 56 56.84 35.50 12.40
N GLU B 57 56.19 34.44 11.94
CA GLU B 57 55.92 33.29 12.80
C GLU B 57 56.52 31.99 12.26
N TYR B 58 56.86 31.91 10.97
CA TYR B 58 57.34 30.68 10.38
C TYR B 58 58.73 30.79 9.77
N ILE B 59 59.14 31.96 9.29
CA ILE B 59 60.43 32.11 8.62
C ILE B 59 61.38 32.91 9.50
N PHE B 60 60.95 34.09 9.95
CA PHE B 60 61.83 34.96 10.71
C PHE B 60 62.04 34.45 12.12
N SER B 61 61.00 33.88 12.72
CA SER B 61 61.15 33.26 14.03
C SER B 61 61.99 31.99 13.91
N PRO B 62 62.70 31.60 14.98
CA PRO B 62 63.45 30.35 14.93
C PRO B 62 62.51 29.17 14.79
N GLN B 63 62.70 28.39 13.73
CA GLN B 63 61.81 27.29 13.42
C GLN B 63 62.62 26.02 13.22
N LYS B 64 62.01 24.90 13.61
CA LYS B 64 62.64 23.60 13.68
C LYS B 64 62.63 22.83 12.37
N SER B 65 61.59 23.01 11.55
CA SER B 65 61.34 22.14 10.41
C SER B 65 61.45 22.84 9.07
N TYR B 66 60.87 24.03 8.91
CA TYR B 66 60.79 24.80 7.67
C TYR B 66 59.90 24.17 6.61
N ASP B 67 58.93 23.34 6.96
CA ASP B 67 57.91 22.95 5.98
C ASP B 67 56.70 23.87 6.05
N ASP B 68 56.50 24.53 7.20
CA ASP B 68 55.39 25.48 7.32
C ASP B 68 55.56 26.64 6.35
N ALA B 69 56.79 27.08 6.13
CA ALA B 69 57.03 28.13 5.15
C ALA B 69 56.60 27.68 3.76
N ARG B 70 56.93 26.44 3.39
CA ARG B 70 56.52 25.93 2.09
C ARG B 70 55.00 25.85 1.98
N LYS B 71 54.33 25.36 3.03
CA LYS B 71 52.88 25.27 2.99
C LYS B 71 52.24 26.66 2.85
N SER B 72 52.67 27.61 3.68
CA SER B 72 52.08 28.95 3.65
C SER B 72 52.32 29.63 2.31
N ILE B 73 53.55 29.54 1.79
CA ILE B 73 53.83 30.18 0.51
C ILE B 73 53.04 29.53 -0.62
N ALA B 74 52.95 28.20 -0.60
CA ALA B 74 52.18 27.51 -1.63
C ALA B 74 50.72 27.89 -1.57
N ASP B 75 50.18 28.12 -0.36
CA ASP B 75 48.80 28.55 -0.24
C ASP B 75 48.60 29.97 -0.74
N ALA B 76 49.53 30.87 -0.42
CA ALA B 76 49.39 32.25 -0.87
C ALA B 76 49.53 32.36 -2.38
N ILE B 77 50.39 31.52 -2.98
CA ILE B 77 50.46 31.45 -4.44
C ILE B 77 49.14 30.94 -4.99
N LEU B 78 48.50 30.01 -4.28
CA LEU B 78 47.15 29.61 -4.59
C LEU B 78 46.22 30.77 -4.20
N SER B 79 44.92 30.55 -4.30
CA SER B 79 43.88 31.56 -4.05
C SER B 79 43.88 32.66 -5.09
N SER B 80 44.83 32.66 -6.02
CA SER B 80 44.77 33.58 -7.14
C SER B 80 43.69 33.08 -8.12
N PRO B 81 43.11 33.98 -8.92
CA PRO B 81 42.01 33.55 -9.81
C PRO B 81 42.37 32.45 -10.78
N ASP B 82 43.58 32.44 -11.34
CA ASP B 82 43.90 31.57 -12.47
C ASP B 82 44.87 30.45 -12.15
N VAL B 83 45.55 30.49 -11.01
CA VAL B 83 46.56 29.49 -10.70
C VAL B 83 45.91 28.11 -10.61
N THR B 84 46.48 27.14 -11.32
CA THR B 84 45.99 25.77 -11.30
C THR B 84 46.77 24.90 -10.33
N GLY B 85 48.08 24.82 -10.49
CA GLY B 85 48.91 24.02 -9.61
C GLY B 85 50.31 24.60 -9.54
N ILE B 86 51.09 24.07 -8.58
CA ILE B 86 52.44 24.54 -8.33
C ILE B 86 53.41 23.44 -8.75
N GLU B 87 54.39 23.81 -9.58
CA GLU B 87 55.31 22.83 -10.15
C GLU B 87 56.51 22.55 -9.25
N GLN B 88 57.10 23.59 -8.66
CA GLN B 88 58.29 23.43 -7.84
C GLN B 88 58.30 24.40 -6.67
N LEU B 89 58.93 23.97 -5.58
CA LEU B 89 59.29 24.82 -4.45
C LEU B 89 60.52 24.20 -3.80
N ASP B 90 61.62 24.96 -3.78
CA ASP B 90 62.92 24.41 -3.46
C ASP B 90 63.40 24.74 -2.04
N ILE B 91 63.36 26.01 -1.64
CA ILE B 91 63.81 26.44 -0.31
C ILE B 91 65.28 26.09 -0.11
N ASP B 92 66.18 26.93 -0.63
CA ASP B 92 67.62 26.63 -0.59
C ASP B 92 68.19 26.82 0.81
N ILE B 93 68.09 28.03 1.35
CA ILE B 93 68.66 28.38 2.65
C ILE B 93 70.17 28.26 2.62
N THR B 94 70.85 29.31 2.14
CA THR B 94 72.30 29.38 2.12
C THR B 94 72.71 30.68 2.77
N GLY B 95 73.64 30.62 3.72
CA GLY B 95 74.02 31.82 4.43
C GLY B 95 72.83 32.31 5.23
N GLU B 96 72.66 33.64 5.26
CA GLU B 96 71.55 34.23 6.01
C GLU B 96 70.31 34.46 5.17
N VAL B 97 70.39 34.26 3.86
CA VAL B 97 69.23 34.45 3.01
C VAL B 97 68.35 33.22 3.09
N PHE B 98 67.09 33.36 2.68
CA PHE B 98 66.13 32.27 2.65
C PHE B 98 65.67 32.15 1.20
N GLY B 99 66.42 31.39 0.41
CA GLY B 99 66.13 31.31 -1.01
C GLY B 99 64.83 30.58 -1.28
N VAL B 100 63.96 31.23 -2.06
CA VAL B 100 62.68 30.65 -2.45
C VAL B 100 62.57 30.70 -3.97
N ASP B 101 62.28 29.56 -4.58
CA ASP B 101 62.05 29.48 -6.01
C ASP B 101 60.78 28.68 -6.26
N ALA B 102 59.94 29.16 -7.17
CA ALA B 102 58.69 28.49 -7.45
C ALA B 102 58.27 28.77 -8.89
N LYS B 103 57.68 27.76 -9.53
CA LYS B 103 57.14 27.87 -10.88
C LYS B 103 55.68 27.46 -10.85
N VAL B 104 54.81 28.28 -11.43
CA VAL B 104 53.38 28.10 -11.31
C VAL B 104 52.82 27.60 -12.64
N ILE B 105 51.67 26.96 -12.56
CA ILE B 105 50.95 26.43 -13.71
C ILE B 105 49.64 27.20 -13.84
N THR B 106 49.32 27.64 -15.04
CA THR B 106 48.21 28.55 -15.27
C THR B 106 47.32 27.98 -16.37
N ILE B 107 46.02 28.31 -16.29
CA ILE B 107 45.07 27.87 -17.31
C ILE B 107 45.49 28.36 -18.69
N HIS B 108 46.15 29.51 -18.75
CA HIS B 108 46.67 30.02 -20.02
C HIS B 108 48.18 30.13 -19.97
N MET C 1 96.66 -15.61 35.61
CA MET C 1 96.04 -16.93 35.45
C MET C 1 94.61 -16.92 35.94
N ILE C 2 93.72 -17.57 35.18
CA ILE C 2 92.31 -17.69 35.52
C ILE C 2 91.94 -19.16 35.39
N ASN C 3 91.24 -19.69 36.38
CA ASN C 3 90.88 -21.10 36.42
C ASN C 3 89.43 -21.25 35.95
N VAL C 4 89.24 -21.99 34.85
CA VAL C 4 87.93 -22.19 34.25
C VAL C 4 87.57 -23.68 34.17
N SER C 5 88.07 -24.48 35.10
CA SER C 5 87.79 -25.91 35.06
C SER C 5 86.39 -26.22 35.57
N GLY C 6 85.88 -27.39 35.19
CA GLY C 6 84.59 -27.85 35.62
C GLY C 6 84.58 -29.10 36.47
N PHE C 7 85.74 -29.73 36.68
CA PHE C 7 85.81 -30.90 37.54
C PHE C 7 85.51 -30.51 38.98
N GLY C 8 84.72 -31.35 39.65
CA GLY C 8 84.31 -31.05 41.01
C GLY C 8 83.01 -30.29 41.13
N THR C 9 82.09 -30.47 40.18
CA THR C 9 80.82 -29.75 40.15
C THR C 9 79.70 -30.70 40.57
N GLY C 10 78.79 -30.20 41.40
CA GLY C 10 77.64 -30.96 41.83
C GLY C 10 76.35 -30.19 41.62
N ILE C 11 75.27 -30.93 41.37
CA ILE C 11 73.94 -30.37 41.17
C ILE C 11 72.97 -31.11 42.07
N VAL C 12 72.15 -30.37 42.81
CA VAL C 12 71.14 -30.94 43.70
C VAL C 12 69.78 -30.50 43.19
N ILE C 13 68.93 -31.47 42.87
CA ILE C 13 67.62 -31.23 42.28
C ILE C 13 66.55 -31.63 43.27
N VAL C 14 65.62 -30.72 43.56
CA VAL C 14 64.51 -30.98 44.45
C VAL C 14 63.22 -30.66 43.72
N SER C 15 62.23 -31.55 43.84
CA SER C 15 60.94 -31.39 43.21
C SER C 15 59.86 -31.24 44.28
N ALA C 16 58.80 -30.52 43.92
CA ALA C 16 57.81 -30.11 44.91
C ALA C 16 57.11 -31.31 45.55
N SER C 17 56.71 -32.28 44.73
CA SER C 17 55.93 -33.41 45.24
C SER C 17 56.61 -34.76 45.04
N SER C 18 57.13 -35.02 43.84
CA SER C 18 57.71 -36.34 43.57
C SER C 18 58.95 -36.60 44.42
N PHE C 19 59.84 -35.61 44.54
CA PHE C 19 61.09 -35.74 45.28
C PHE C 19 61.17 -34.60 46.30
N PRO C 20 60.45 -34.72 47.42
CA PRO C 20 60.45 -33.62 48.40
C PRO C 20 61.83 -33.35 49.01
N MET C 21 62.68 -34.36 49.15
CA MET C 21 63.97 -34.19 49.81
C MET C 21 65.11 -33.91 48.84
N GLY C 22 64.97 -34.31 47.57
CA GLY C 22 65.93 -34.00 46.55
C GLY C 22 66.94 -35.13 46.33
N PHE C 23 67.67 -35.00 45.23
CA PHE C 23 68.74 -35.93 44.91
C PHE C 23 69.87 -35.14 44.26
N SER C 24 71.01 -35.80 44.03
CA SER C 24 72.22 -35.12 43.60
C SER C 24 72.72 -35.73 42.30
N LEU C 25 73.45 -34.92 41.54
CA LEU C 25 74.02 -35.33 40.25
C LEU C 25 75.54 -35.37 40.36
N SER C 26 76.14 -36.50 40.04
CA SER C 26 77.59 -36.62 40.11
C SER C 26 78.19 -37.25 38.86
N LYS C 27 77.44 -38.10 38.18
CA LYS C 27 77.94 -38.88 37.05
C LYS C 27 77.54 -38.18 35.76
N PHE C 28 78.37 -37.27 35.30
CA PHE C 28 78.09 -36.52 34.08
C PHE C 28 78.73 -37.22 32.88
N ALA C 29 78.06 -37.11 31.73
CA ALA C 29 78.50 -37.81 30.54
C ALA C 29 79.80 -37.21 30.01
N ASP C 30 80.45 -37.96 29.13
CA ASP C 30 81.76 -37.61 28.58
C ASP C 30 81.76 -37.37 27.09
N ASP C 31 80.83 -37.99 26.34
CA ASP C 31 80.74 -37.70 24.92
C ASP C 31 80.04 -36.37 24.64
N GLU C 32 79.02 -36.03 25.44
CA GLU C 32 78.24 -34.82 25.24
C GLU C 32 78.46 -33.85 26.39
N SER C 33 78.02 -32.61 26.17
CA SER C 33 78.25 -31.56 27.14
C SER C 33 77.48 -31.85 28.43
N PRO C 34 78.14 -31.84 29.58
CA PRO C 34 77.44 -32.17 30.84
C PRO C 34 76.26 -31.26 31.13
N ILE C 35 76.49 -29.96 31.23
CA ILE C 35 75.42 -29.00 31.45
C ILE C 35 75.57 -27.86 30.46
N SER C 36 74.45 -27.48 29.84
CA SER C 36 74.45 -26.47 28.79
C SER C 36 73.17 -25.66 28.93
N SER C 37 73.15 -24.50 28.28
CA SER C 37 71.99 -23.62 28.37
C SER C 37 71.90 -22.78 27.10
N LYS C 38 70.73 -22.22 26.88
CA LYS C 38 70.49 -21.31 25.76
C LYS C 38 70.53 -19.87 26.23
N GLU C 39 70.68 -18.97 25.26
CA GLU C 39 70.82 -17.55 25.56
C GLU C 39 69.52 -17.00 26.14
N LEU C 40 69.63 -15.90 26.87
CA LEU C 40 68.49 -15.24 27.48
C LEU C 40 68.25 -13.90 26.79
N GLU C 41 67.06 -13.74 26.20
CA GLU C 41 66.70 -12.51 25.49
C GLU C 41 65.55 -11.85 26.24
N PRO C 42 65.86 -11.02 27.23
CA PRO C 42 64.79 -10.34 27.97
C PRO C 42 64.46 -8.98 27.37
N PHE C 43 64.99 -8.69 26.19
CA PHE C 43 64.77 -7.39 25.57
C PHE C 43 64.47 -7.57 24.08
N GLY C 44 63.90 -6.52 23.50
CA GLY C 44 63.64 -6.45 22.08
C GLY C 44 63.75 -5.01 21.63
N TYR C 45 63.59 -4.80 20.33
CA TYR C 45 63.62 -3.43 19.81
C TYR C 45 62.75 -3.35 18.57
N GLU C 46 62.33 -2.13 18.25
CA GLU C 46 61.47 -1.88 17.12
C GLU C 46 61.93 -0.61 16.43
N MET C 47 61.68 -0.52 15.13
CA MET C 47 62.08 0.63 14.34
C MET C 47 60.90 1.56 14.07
N LEU C 48 61.18 2.85 14.16
CA LEU C 48 60.18 3.90 14.02
C LEU C 48 60.24 4.47 12.61
N TYR C 49 59.14 5.05 12.15
CA TYR C 49 59.03 5.32 10.72
C TYR C 49 59.99 6.40 10.25
N ASP C 50 60.63 7.12 11.17
CA ASP C 50 61.67 8.09 10.82
C ASP C 50 63.07 7.50 10.89
N GLY C 51 63.20 6.24 11.31
CA GLY C 51 64.49 5.61 11.45
C GLY C 51 65.01 5.52 12.86
N GLY C 52 64.22 5.85 13.86
CA GLY C 52 64.65 5.84 15.24
C GLY C 52 64.66 4.45 15.83
N LEU C 53 64.92 4.41 17.13
CA LEU C 53 65.05 3.15 17.85
C LEU C 53 64.19 3.19 19.10
N PHE C 54 63.63 2.04 19.47
CA PHE C 54 62.81 1.93 20.67
C PHE C 54 62.97 0.54 21.25
N ALA C 55 63.29 0.47 22.55
CA ALA C 55 63.56 -0.78 23.22
C ALA C 55 62.60 -0.98 24.39
N PHE C 56 62.18 -2.22 24.60
CA PHE C 56 61.21 -2.56 25.63
C PHE C 56 61.68 -3.81 26.35
N ASP C 57 60.78 -4.43 27.10
CA ASP C 57 61.06 -5.59 27.92
C ASP C 57 60.21 -6.77 27.45
N LYS C 58 60.84 -7.91 27.22
CA LYS C 58 60.13 -9.13 26.84
C LYS C 58 60.08 -10.11 28.00
N ALA C 59 59.42 -11.24 27.79
CA ALA C 59 59.36 -12.33 28.77
C ALA C 59 60.25 -13.45 28.27
N ALA C 60 61.24 -13.82 29.07
CA ALA C 60 62.29 -14.70 28.62
C ALA C 60 62.37 -15.95 29.51
N PRO C 61 62.23 -17.14 28.94
CA PRO C 61 62.44 -18.35 29.72
C PRO C 61 63.89 -18.75 29.73
N LEU C 62 64.25 -19.79 30.49
CA LEU C 62 65.62 -20.25 30.59
C LEU C 62 65.63 -21.76 30.41
N GLU C 63 66.53 -22.27 29.58
CA GLU C 63 66.60 -23.69 29.29
C GLU C 63 67.95 -24.25 29.70
N VAL C 64 67.95 -25.48 30.21
CA VAL C 64 69.14 -26.17 30.66
C VAL C 64 69.10 -27.59 30.15
N SER C 65 70.24 -28.07 29.63
CA SER C 65 70.39 -29.46 29.21
C SER C 65 71.40 -30.12 30.13
N VAL C 66 71.03 -31.27 30.70
CA VAL C 66 71.87 -32.00 31.64
C VAL C 66 72.07 -33.41 31.12
N SER C 67 73.33 -33.83 30.99
CA SER C 67 73.69 -35.14 30.46
C SER C 67 74.33 -35.99 31.54
N VAL C 68 73.98 -37.27 31.58
CA VAL C 68 74.48 -38.20 32.58
C VAL C 68 74.92 -39.49 31.90
N ILE C 69 75.70 -40.28 32.64
CA ILE C 69 76.15 -41.58 32.14
C ILE C 69 75.03 -42.59 32.27
N ALA C 70 74.72 -43.29 31.18
CA ALA C 70 73.61 -44.23 31.19
C ALA C 70 73.85 -45.35 32.17
N GLY C 71 72.80 -45.76 32.87
CA GLY C 71 72.88 -46.83 33.84
C GLY C 71 73.20 -46.40 35.25
N SER C 72 73.47 -45.11 35.47
CA SER C 72 73.72 -44.59 36.80
C SER C 72 72.42 -44.41 37.57
N GLU C 73 72.55 -44.09 38.86
CA GLU C 73 71.36 -43.73 39.63
C GLU C 73 70.80 -42.38 39.20
N ASP C 74 71.66 -41.50 38.69
CA ASP C 74 71.18 -40.21 38.20
C ASP C 74 70.22 -40.39 37.04
N ASP C 75 70.54 -41.31 36.13
CA ASP C 75 69.69 -41.56 34.98
C ASP C 75 68.32 -42.09 35.41
N ILE C 76 68.29 -43.02 36.37
CA ILE C 76 67.00 -43.55 36.79
C ILE C 76 66.21 -42.50 37.54
N ASN C 77 66.87 -41.66 38.34
CA ASN C 77 66.14 -40.59 39.03
C ASN C 77 65.54 -39.62 38.03
N LEU C 78 66.29 -39.25 37.00
CA LEU C 78 65.74 -38.34 36.00
C LEU C 78 64.64 -39.00 35.19
N ARG C 79 64.72 -40.31 34.96
CA ARG C 79 63.62 -41.02 34.31
C ARG C 79 62.37 -40.98 35.18
N ILE C 80 62.54 -41.12 36.49
CA ILE C 80 61.39 -41.04 37.40
C ILE C 80 60.77 -39.64 37.35
N LEU C 81 61.61 -38.61 37.33
CA LEU C 81 61.08 -37.25 37.15
C LEU C 81 60.33 -37.12 35.83
N LEU C 82 60.85 -37.72 34.77
CA LEU C 82 60.22 -37.61 33.45
C LEU C 82 58.86 -38.28 33.44
N ASN C 83 58.72 -39.41 34.12
CA ASN C 83 57.46 -40.13 34.10
C ASN C 83 56.43 -39.58 35.09
N SER C 84 56.79 -38.59 35.91
CA SER C 84 55.85 -38.01 36.85
C SER C 84 54.74 -37.28 36.11
N LYS C 85 53.54 -37.85 36.11
CA LYS C 85 52.43 -37.28 35.37
C LYS C 85 51.95 -36.01 36.07
N LYS C 86 52.00 -34.90 35.34
CA LYS C 86 51.66 -33.60 35.92
C LYS C 86 50.18 -33.48 36.25
N GLY C 87 49.32 -34.29 35.63
CA GLY C 87 47.90 -34.17 35.88
C GLY C 87 47.51 -34.54 37.30
N SER C 88 48.22 -35.48 37.91
CA SER C 88 47.85 -35.97 39.22
C SER C 88 48.13 -34.92 40.30
N PHE C 89 47.81 -35.29 41.54
CA PHE C 89 47.92 -34.52 42.78
C PHE C 89 47.44 -33.06 42.68
N ARG C 90 47.70 -32.30 43.74
CA ARG C 90 47.06 -31.02 44.00
C ARG C 90 48.14 -29.99 44.30
N PHE C 91 47.92 -28.75 43.86
CA PHE C 91 48.93 -27.71 43.95
C PHE C 91 48.35 -26.47 44.63
N LEU C 92 49.24 -25.58 45.06
CA LEU C 92 48.88 -24.31 45.67
C LEU C 92 48.45 -23.30 44.61
N PRO C 93 47.66 -22.31 44.98
CA PRO C 93 47.21 -21.31 44.00
C PRO C 93 48.37 -20.55 43.39
N GLY C 94 48.44 -20.58 42.06
CA GLY C 94 49.44 -19.84 41.32
C GLY C 94 50.87 -20.29 41.55
N ILE C 95 51.11 -21.60 41.55
CA ILE C 95 52.41 -22.13 41.92
C ILE C 95 52.97 -23.13 40.93
N ILE C 96 52.17 -23.64 39.99
CA ILE C 96 52.57 -24.65 39.00
C ILE C 96 52.76 -25.99 39.69
N PRO C 97 52.24 -27.08 39.14
CA PRO C 97 52.52 -28.40 39.73
C PRO C 97 53.99 -28.75 39.60
N ASP C 98 54.57 -29.24 40.70
CA ASP C 98 55.96 -29.69 40.74
C ASP C 98 56.93 -28.55 40.45
N MET C 99 56.88 -27.52 41.30
CA MET C 99 57.84 -26.42 41.23
C MET C 99 59.21 -26.96 41.61
N THR C 100 60.09 -27.14 40.63
CA THR C 100 61.38 -27.76 40.83
C THR C 100 62.47 -26.70 40.99
N THR C 101 63.31 -26.88 42.01
CA THR C 101 64.43 -25.99 42.27
C THR C 101 65.73 -26.73 42.00
N LEU C 102 66.59 -26.14 41.18
CA LEU C 102 67.91 -26.70 40.88
C LEU C 102 68.96 -25.73 41.37
N VAL C 103 69.85 -26.21 42.25
CA VAL C 103 70.95 -25.42 42.75
C VAL C 103 72.25 -26.09 42.33
N ALA C 104 73.12 -25.33 41.67
CA ALA C 104 74.36 -25.85 41.12
C ALA C 104 75.53 -25.06 41.68
N THR C 105 76.60 -25.77 42.03
CA THR C 105 77.78 -25.18 42.62
C THR C 105 78.93 -25.21 41.62
N LEU C 106 79.62 -24.08 41.49
CA LEU C 106 80.84 -24.03 40.72
C LEU C 106 82.00 -24.55 41.57
N PRO C 107 83.04 -25.07 40.93
CA PRO C 107 84.20 -25.59 41.71
C PRO C 107 84.81 -24.55 42.63
N ASP C 108 84.83 -23.28 42.22
CA ASP C 108 85.36 -22.23 43.08
C ASP C 108 84.57 -22.13 44.38
N GLY C 109 83.24 -22.19 44.31
CA GLY C 109 82.40 -22.04 45.47
C GLY C 109 81.13 -21.28 45.15
N GLY C 110 81.11 -20.62 43.99
CA GLY C 110 79.93 -19.89 43.59
C GLY C 110 78.75 -20.83 43.35
N ARG C 111 77.56 -20.33 43.68
CA ARG C 111 76.35 -21.14 43.64
C ARG C 111 75.28 -20.37 42.89
N THR C 112 74.35 -21.12 42.30
CA THR C 112 73.27 -20.53 41.52
C THR C 112 71.97 -21.26 41.83
N VAL C 113 70.91 -20.51 42.07
CA VAL C 113 69.61 -21.07 42.42
C VAL C 113 68.61 -20.71 41.34
N LEU C 114 67.99 -21.72 40.75
CA LEU C 114 66.94 -21.55 39.75
C LEU C 114 65.70 -22.27 40.22
N SER C 115 64.55 -21.60 40.14
CA SER C 115 63.30 -22.15 40.63
C SER C 115 62.19 -21.86 39.64
N ASN C 116 60.98 -22.28 40.00
CA ASN C 116 59.77 -22.09 39.19
C ASN C 116 59.93 -22.72 37.81
N GLY C 117 60.10 -24.04 37.80
CA GLY C 117 60.33 -24.70 36.53
C GLY C 117 60.12 -26.19 36.63
N THR C 118 60.30 -26.86 35.49
CA THR C 118 59.98 -28.27 35.35
C THR C 118 60.87 -28.90 34.28
N ILE C 119 60.69 -30.21 34.10
CA ILE C 119 61.40 -30.99 33.08
C ILE C 119 60.44 -31.26 31.93
N LEU C 120 60.95 -31.20 30.69
CA LEU C 120 60.06 -31.26 29.54
C LEU C 120 60.49 -32.18 28.41
N LYS C 121 61.65 -32.82 28.46
CA LYS C 121 62.01 -33.76 27.40
C LYS C 121 63.15 -34.64 27.87
N GLY C 122 63.33 -35.76 27.16
CA GLY C 122 64.40 -36.68 27.49
C GLY C 122 64.20 -38.04 26.84
N PRO C 123 65.19 -38.92 26.98
CA PRO C 123 65.11 -40.24 26.36
C PRO C 123 64.25 -41.21 27.16
N ALA C 124 63.67 -42.16 26.44
CA ALA C 124 62.83 -43.19 27.07
C ALA C 124 63.51 -44.56 27.11
N ILE C 125 64.24 -44.93 26.06
CA ILE C 125 65.04 -46.14 26.05
C ILE C 125 66.44 -45.79 25.59
N ASP C 126 67.41 -46.60 26.01
CA ASP C 126 68.81 -46.33 25.73
C ASP C 126 69.15 -46.57 24.26
N THR C 127 70.16 -45.83 23.79
CA THR C 127 70.60 -45.87 22.40
C THR C 127 71.96 -46.55 22.32
N ILE C 128 72.09 -47.51 21.43
CA ILE C 128 73.33 -48.26 21.24
C ILE C 128 73.97 -47.79 19.94
N GLN C 129 75.13 -47.17 20.03
CA GLN C 129 75.77 -46.52 18.91
C GLN C 129 76.41 -47.54 17.98
N ASN C 130 77.13 -47.05 16.97
CA ASN C 130 77.85 -47.93 16.05
C ASN C 130 78.96 -48.68 16.78
N THR C 131 79.70 -47.98 17.65
CA THR C 131 80.87 -48.56 18.30
C THR C 131 80.52 -49.65 19.30
N GLY C 132 79.26 -49.81 19.66
CA GLY C 132 78.86 -50.78 20.65
C GLY C 132 78.69 -50.23 22.05
N ARG C 133 78.67 -48.92 22.21
CA ARG C 133 78.49 -48.29 23.50
C ARG C 133 77.04 -47.80 23.63
N ARG C 134 76.77 -47.05 24.69
CA ARG C 134 75.45 -46.48 24.92
C ARG C 134 75.56 -44.95 24.93
N LYS C 135 74.72 -44.31 24.13
CA LYS C 135 74.74 -42.86 24.02
C LYS C 135 74.35 -42.22 25.34
N GLY C 136 75.01 -41.11 25.66
CA GLY C 136 74.73 -40.42 26.91
C GLY C 136 73.34 -39.81 26.92
N ASN C 137 72.57 -40.12 27.96
CA ASN C 137 71.22 -39.58 28.09
C ASN C 137 71.27 -38.09 28.38
N THR C 138 70.40 -37.34 27.69
CA THR C 138 70.33 -35.89 27.87
C THR C 138 68.89 -35.48 28.14
N TYR C 139 68.70 -34.67 29.19
CA TYR C 139 67.38 -34.19 29.60
C TYR C 139 67.41 -32.67 29.65
N THR C 140 66.25 -32.06 29.46
CA THR C 140 66.15 -30.61 29.41
C THR C 140 65.13 -30.11 30.42
N PHE C 141 65.49 -29.04 31.11
CA PHE C 141 64.62 -28.32 32.04
C PHE C 141 64.26 -26.97 31.45
N VAL C 142 63.28 -26.32 32.06
CA VAL C 142 62.94 -24.93 31.77
C VAL C 142 62.64 -24.25 33.10
N PHE C 143 63.02 -22.97 33.22
CA PHE C 143 62.89 -22.27 34.48
C PHE C 143 62.37 -20.86 34.24
N GLY C 144 61.75 -20.29 35.27
CA GLY C 144 61.13 -18.99 35.16
C GLY C 144 61.93 -17.88 35.81
N SER C 145 62.56 -18.16 36.94
CA SER C 145 63.33 -17.17 37.67
C SER C 145 64.64 -17.78 38.15
N TYR C 146 65.64 -16.93 38.38
CA TYR C 146 66.97 -17.38 38.74
C TYR C 146 67.57 -16.45 39.77
N LEU C 147 68.85 -16.67 40.08
CA LEU C 147 69.59 -15.91 41.08
C LEU C 147 71.07 -16.11 40.77
N GLY C 148 71.94 -15.54 41.59
CA GLY C 148 73.36 -15.78 41.48
C GLY C 148 74.16 -15.20 42.62
N ALA C 149 75.02 -16.01 43.23
CA ALA C 149 75.85 -15.55 44.35
C ALA C 149 77.25 -16.09 44.10
N GLN C 150 78.06 -15.31 43.38
CA GLN C 150 79.37 -15.76 42.90
C GLN C 150 80.52 -15.29 43.78
N THR C 151 80.34 -15.30 45.10
CA THR C 151 81.42 -15.01 46.04
C THR C 151 81.63 -16.21 46.95
N ALA C 152 82.88 -16.48 47.28
CA ALA C 152 83.24 -17.54 48.22
C ALA C 152 84.65 -17.35 48.72
N MET D 1 13.04 17.64 -55.22
CA MET D 1 12.35 16.61 -54.44
C MET D 1 12.60 16.80 -52.95
N ALA D 2 13.73 17.42 -52.60
CA ALA D 2 14.03 17.78 -51.22
C ALA D 2 14.03 19.28 -51.02
N ASN D 3 13.61 20.06 -52.01
CA ASN D 3 13.58 21.51 -51.89
C ASN D 3 12.55 21.96 -50.86
N TYR D 4 12.87 23.02 -50.15
CA TYR D 4 11.97 23.66 -49.20
C TYR D 4 11.64 25.07 -49.69
N ASN D 5 10.36 25.43 -49.64
CA ASN D 5 9.95 26.80 -49.89
C ASN D 5 10.17 27.59 -48.61
N TYR D 6 11.40 28.08 -48.44
CA TYR D 6 11.79 28.77 -47.22
C TYR D 6 11.48 30.27 -47.26
N ILE D 7 10.87 30.77 -48.33
CA ILE D 7 10.41 32.15 -48.39
C ILE D 7 8.90 32.12 -48.24
N VAL D 8 8.39 32.69 -47.15
CA VAL D 8 6.95 32.66 -46.88
C VAL D 8 6.42 34.07 -46.66
N ASP D 9 5.12 34.17 -46.36
CA ASP D 9 4.52 35.47 -46.11
C ASP D 9 5.15 36.17 -44.90
N THR D 10 5.81 35.40 -44.04
CA THR D 10 6.38 35.96 -42.82
C THR D 10 7.78 36.50 -43.04
N GLY D 11 8.63 35.76 -43.74
CA GLY D 11 10.01 36.16 -43.97
C GLY D 11 10.82 35.09 -44.66
N VAL D 12 12.07 34.91 -44.23
CA VAL D 12 12.95 33.89 -44.77
C VAL D 12 13.36 32.95 -43.65
N ILE D 13 13.14 31.66 -43.85
CA ILE D 13 13.58 30.62 -42.92
C ILE D 13 14.92 30.11 -43.39
N VAL D 14 15.95 30.25 -42.55
CA VAL D 14 17.28 29.75 -42.86
C VAL D 14 17.57 28.58 -41.93
N ALA D 15 17.94 27.45 -42.51
CA ALA D 15 18.03 26.19 -41.80
C ALA D 15 19.41 25.95 -41.23
N ASP D 16 19.48 25.03 -40.28
CA ASP D 16 20.76 24.55 -39.78
C ASP D 16 21.40 23.62 -40.79
N THR D 17 22.74 23.57 -40.76
CA THR D 17 23.47 22.90 -41.83
C THR D 17 23.29 21.39 -41.79
N ALA D 18 23.02 20.81 -40.62
CA ALA D 18 22.78 19.38 -40.57
C ALA D 18 21.63 18.99 -41.48
N ASP D 19 20.57 19.80 -41.51
CA ASP D 19 19.39 19.49 -42.31
C ASP D 19 19.70 19.55 -43.80
N VAL D 20 20.34 20.62 -44.26
CA VAL D 20 20.66 20.72 -45.69
C VAL D 20 21.66 19.65 -46.09
N LEU D 21 22.61 19.32 -45.22
CA LEU D 21 23.59 18.30 -45.55
C LEU D 21 22.93 16.93 -45.67
N SER D 22 22.00 16.62 -44.75
CA SER D 22 21.26 15.37 -44.86
C SER D 22 20.42 15.33 -46.13
N ASP D 23 19.80 16.45 -46.49
CA ASP D 23 19.02 16.50 -47.72
C ASP D 23 19.90 16.25 -48.94
N VAL D 24 21.08 16.86 -48.98
CA VAL D 24 21.98 16.67 -50.12
C VAL D 24 22.46 15.22 -50.19
N GLU D 25 22.80 14.64 -49.04
CA GLU D 25 23.21 13.23 -49.02
C GLU D 25 22.09 12.33 -49.53
N ALA D 26 20.85 12.58 -49.10
CA ALA D 26 19.73 11.79 -49.58
C ALA D 26 19.56 11.94 -51.09
N GLU D 27 19.73 13.17 -51.60
CA GLU D 27 19.59 13.40 -53.02
C GLU D 27 20.63 12.62 -53.82
N PHE D 28 21.89 12.65 -53.37
CA PHE D 28 22.93 11.91 -54.07
C PHE D 28 22.71 10.41 -53.96
N ARG D 29 22.27 9.93 -52.80
CA ARG D 29 22.01 8.50 -52.65
C ARG D 29 20.90 8.05 -53.59
N ALA D 30 19.82 8.83 -53.68
CA ALA D 30 18.78 8.52 -54.64
C ALA D 30 19.28 8.59 -56.07
N ALA D 31 20.25 9.47 -56.34
CA ALA D 31 20.85 9.52 -57.67
C ALA D 31 21.59 8.24 -58.00
N LEU D 32 22.45 7.77 -57.10
CA LEU D 32 23.34 6.66 -57.40
C LEU D 32 22.85 5.32 -56.87
N GLY D 33 22.72 5.17 -55.56
CA GLY D 33 22.36 3.90 -54.97
C GLY D 33 22.48 3.94 -53.47
N ALA D 34 21.60 3.17 -52.81
CA ALA D 34 21.46 3.26 -51.37
C ALA D 34 22.71 2.84 -50.60
N ASN D 35 23.65 2.15 -51.24
CA ASN D 35 24.85 1.67 -50.57
C ASN D 35 26.08 2.50 -50.91
N ILE D 36 25.93 3.67 -51.50
CA ILE D 36 27.06 4.48 -51.91
C ILE D 36 27.79 5.02 -50.69
N ASN D 37 29.07 5.37 -50.87
CA ASN D 37 29.93 5.86 -49.81
C ASN D 37 30.14 7.35 -49.96
N LEU D 38 29.76 8.12 -48.92
CA LEU D 38 29.87 9.57 -48.92
C LEU D 38 30.79 10.00 -47.78
N ALA D 39 32.09 10.02 -48.04
CA ALA D 39 33.09 10.45 -47.06
C ALA D 39 34.00 11.47 -47.72
N ALA D 40 34.76 12.18 -46.88
CA ALA D 40 35.57 13.30 -47.37
C ALA D 40 36.59 12.84 -48.39
N SER D 41 37.20 11.67 -48.17
CA SER D 41 38.26 11.20 -49.05
C SER D 41 37.73 10.91 -50.46
N THR D 42 36.56 10.31 -50.56
CA THR D 42 36.03 9.91 -51.85
C THR D 42 35.57 11.14 -52.66
N PRO D 43 35.61 11.05 -53.99
CA PRO D 43 35.15 12.19 -54.81
C PRO D 43 33.70 12.58 -54.57
N GLN D 44 32.82 11.61 -54.32
CA GLN D 44 31.42 11.95 -54.07
C GLN D 44 31.30 12.83 -52.84
N GLY D 45 32.14 12.58 -51.82
CA GLY D 45 32.15 13.44 -50.66
C GLY D 45 32.52 14.87 -51.00
N SER D 46 33.50 15.04 -51.89
CA SER D 46 33.86 16.38 -52.34
C SER D 46 32.68 17.05 -53.04
N LEU D 47 31.99 16.31 -53.91
CA LEU D 47 30.86 16.90 -54.63
C LEU D 47 29.73 17.29 -53.69
N VAL D 48 29.40 16.42 -52.72
CA VAL D 48 28.29 16.72 -51.82
C VAL D 48 28.66 17.87 -50.89
N ALA D 49 29.93 17.94 -50.47
CA ALA D 49 30.37 19.08 -49.67
C ALA D 49 30.26 20.37 -50.45
N ALA D 50 30.68 20.36 -51.71
CA ALA D 50 30.57 21.56 -52.54
C ALA D 50 29.12 21.99 -52.68
N GLU D 51 28.23 21.03 -52.94
CA GLU D 51 26.82 21.34 -53.08
C GLU D 51 26.24 21.92 -51.79
N ALA D 52 26.56 21.32 -50.64
CA ALA D 52 26.01 21.81 -49.38
C ALA D 52 26.52 23.22 -49.07
N ILE D 53 27.82 23.45 -49.26
CA ILE D 53 28.36 24.79 -49.01
C ILE D 53 27.67 25.80 -49.89
N ALA D 54 27.52 25.50 -51.17
CA ALA D 54 26.92 26.45 -52.11
C ALA D 54 25.47 26.75 -51.75
N ARG D 55 24.70 25.71 -51.42
CA ARG D 55 23.29 25.88 -51.13
C ARG D 55 23.08 26.70 -49.86
N SER D 56 23.82 26.38 -48.80
CA SER D 56 23.70 27.17 -47.58
C SER D 56 24.14 28.61 -47.81
N SER D 57 25.21 28.80 -48.59
CA SER D 57 25.69 30.16 -48.86
C SER D 57 24.64 30.99 -49.58
N VAL D 58 24.03 30.42 -50.63
CA VAL D 58 23.05 31.20 -51.39
C VAL D 58 21.81 31.47 -50.55
N MET D 59 21.40 30.50 -49.72
CA MET D 59 20.27 30.74 -48.83
C MET D 59 20.55 31.90 -47.87
N ARG D 60 21.72 31.89 -47.24
CA ARG D 60 22.04 32.95 -46.29
C ARG D 60 22.15 34.30 -46.98
N ASN D 61 22.71 34.31 -48.19
CA ASN D 61 22.87 35.57 -48.91
C ASN D 61 21.52 36.16 -49.28
N GLU D 62 20.57 35.31 -49.68
CA GLU D 62 19.21 35.80 -49.90
C GLU D 62 18.58 36.31 -48.62
N ALA D 63 18.73 35.56 -47.53
CA ALA D 63 18.11 35.96 -46.27
C ALA D 63 18.62 37.31 -45.77
N ARG D 64 19.89 37.63 -46.02
CA ARG D 64 20.42 38.89 -45.52
C ARG D 64 19.80 40.10 -46.20
N ILE D 65 19.27 39.94 -47.41
CA ILE D 65 18.70 41.05 -48.16
C ILE D 65 17.18 40.95 -48.15
N ALA D 66 16.63 40.33 -47.11
CA ALA D 66 15.19 40.06 -47.09
C ALA D 66 14.37 41.34 -47.06
N ASN D 67 14.66 42.23 -46.10
CA ASN D 67 13.90 43.45 -45.93
C ASN D 67 14.86 44.62 -45.78
N THR D 68 15.01 45.40 -46.85
CA THR D 68 16.09 46.37 -46.94
C THR D 68 15.65 47.82 -47.07
N ILE D 69 14.52 48.10 -47.73
CA ILE D 69 14.11 49.48 -47.90
C ILE D 69 13.46 50.02 -46.64
N ASN D 70 13.19 49.14 -45.68
CA ASN D 70 12.96 49.60 -44.32
C ASN D 70 14.25 50.22 -43.80
N PRO D 71 14.21 51.40 -43.21
CA PRO D 71 15.47 52.11 -42.92
C PRO D 71 16.26 51.59 -41.73
N ASN D 72 15.98 50.38 -41.24
CA ASN D 72 16.79 49.84 -40.17
C ASN D 72 18.13 49.31 -40.68
N VAL D 73 18.21 48.94 -41.95
CA VAL D 73 19.37 48.26 -42.54
C VAL D 73 20.58 49.20 -42.61
N SER D 74 21.74 48.65 -43.01
CA SER D 74 22.99 49.38 -42.97
C SER D 74 23.85 49.03 -44.17
N PHE D 75 25.05 49.62 -44.21
CA PHE D 75 26.14 49.24 -45.11
C PHE D 75 25.77 49.40 -46.58
N GLY D 76 25.62 50.66 -46.98
CA GLY D 76 25.46 50.99 -48.39
C GLY D 76 24.02 51.05 -48.83
N THR D 77 23.24 50.02 -48.46
CA THR D 77 21.80 50.07 -48.68
C THR D 77 21.20 51.26 -47.97
N PHE D 78 21.50 51.40 -46.68
CA PHE D 78 21.03 52.52 -45.89
C PHE D 78 21.54 53.84 -46.46
N LEU D 79 22.72 53.81 -47.07
CA LEU D 79 23.27 55.02 -47.66
C LEU D 79 22.32 55.60 -48.69
N ASP D 80 21.75 54.75 -49.56
CA ASP D 80 20.87 55.29 -50.59
C ASP D 80 19.42 55.38 -50.11
N ALA D 81 19.04 54.64 -49.08
CA ALA D 81 17.78 54.96 -48.42
C ALA D 81 17.82 56.36 -47.85
N ILE D 82 19.01 56.80 -47.43
CA ILE D 82 19.22 58.17 -46.98
C ILE D 82 19.29 59.14 -48.14
N CYS D 83 20.11 58.86 -49.15
CA CYS D 83 20.42 59.85 -50.18
C CYS D 83 19.24 60.16 -51.06
N ALA D 84 18.18 59.34 -50.99
CA ALA D 84 16.92 59.72 -51.62
C ALA D 84 16.43 61.05 -51.09
N LEU D 85 16.75 61.35 -49.82
CA LEU D 85 16.48 62.67 -49.25
C LEU D 85 17.72 63.54 -49.23
N MET D 86 18.71 63.17 -48.42
CA MET D 86 19.96 63.90 -48.28
C MET D 86 20.88 63.11 -47.37
N GLY D 87 22.16 63.07 -47.71
CA GLY D 87 23.13 62.35 -46.89
C GLY D 87 24.48 62.22 -47.55
N ILE D 88 25.52 62.08 -46.74
CA ILE D 88 26.89 61.99 -47.22
C ILE D 88 27.53 60.76 -46.60
N GLU D 89 28.57 60.26 -47.26
CA GLU D 89 29.35 59.13 -46.75
C GLU D 89 30.82 59.44 -47.02
N ARG D 90 31.67 58.41 -46.98
CA ARG D 90 33.12 58.59 -47.05
C ARG D 90 33.59 59.44 -45.87
N GLY D 91 33.93 60.70 -46.12
CA GLY D 91 34.34 61.59 -45.05
C GLY D 91 35.55 61.14 -44.28
N SER D 92 36.33 60.22 -44.83
CA SER D 92 37.55 59.74 -44.17
C SER D 92 38.76 60.45 -44.76
N ASP D 93 38.96 61.66 -44.27
CA ASP D 93 40.11 62.47 -44.64
C ASP D 93 41.17 62.42 -43.54
N LEU D 94 42.37 62.80 -43.91
CA LEU D 94 43.52 62.84 -43.01
C LEU D 94 44.17 64.21 -43.14
N SER D 95 44.51 64.81 -42.02
CA SER D 95 44.91 66.21 -42.04
C SER D 95 46.26 66.40 -42.71
N THR D 96 46.24 66.65 -44.01
CA THR D 96 47.47 67.01 -44.71
C THR D 96 47.99 68.35 -44.17
N PHE D 97 49.29 68.56 -44.34
CA PHE D 97 49.94 69.73 -43.77
C PHE D 97 50.69 70.54 -44.82
N GLY D 98 51.51 71.46 -44.36
CA GLY D 98 52.39 72.21 -45.23
C GLY D 98 53.22 73.15 -44.38
N TYR D 99 54.36 73.55 -44.96
CA TYR D 99 55.22 74.57 -44.35
C TYR D 99 55.69 74.15 -42.95
N GLY D 100 56.46 73.06 -42.91
CA GLY D 100 57.06 72.62 -41.67
C GLY D 100 58.33 73.37 -41.33
N VAL D 101 58.90 73.04 -40.17
CA VAL D 101 60.14 73.65 -39.71
C VAL D 101 61.13 72.56 -39.34
N GLN D 102 62.31 72.58 -39.96
CA GLN D 102 63.41 71.70 -39.60
C GLN D 102 64.70 72.49 -39.62
N VAL D 103 65.51 72.33 -38.58
CA VAL D 103 66.86 72.86 -38.55
C VAL D 103 67.82 71.70 -38.33
N THR D 104 68.80 71.56 -39.22
CA THR D 104 69.69 70.41 -39.25
C THR D 104 71.09 70.88 -39.63
N GLY D 105 71.95 69.94 -39.99
CA GLY D 105 73.27 70.26 -40.46
C GLY D 105 73.26 70.63 -41.93
N ARG D 106 74.45 70.61 -42.53
CA ARG D 106 74.60 71.00 -43.92
C ARG D 106 74.36 69.82 -44.85
N SER D 107 73.62 70.06 -45.93
CA SER D 107 73.46 69.12 -47.04
C SER D 107 73.06 67.73 -46.56
N GLN D 108 72.13 67.67 -45.61
CA GLN D 108 71.66 66.41 -45.06
C GLN D 108 70.30 66.04 -45.67
N THR D 109 70.09 64.74 -45.87
CA THR D 109 68.88 64.22 -46.50
C THR D 109 67.99 63.57 -45.45
N ARG D 110 66.71 63.91 -45.47
CA ARG D 110 65.74 63.37 -44.52
C ARG D 110 65.05 62.15 -45.12
N ILE D 111 65.12 61.03 -44.40
CA ILE D 111 64.49 59.80 -44.86
C ILE D 111 62.99 59.88 -44.59
N SER D 112 62.19 59.40 -45.55
CA SER D 112 60.76 59.57 -45.50
C SER D 112 60.12 58.73 -44.40
N THR D 113 58.86 59.04 -44.11
CA THR D 113 58.04 58.32 -43.13
C THR D 113 58.63 58.40 -41.72
N GLY D 114 59.30 59.52 -41.43
CA GLY D 114 59.75 59.75 -40.08
C GLY D 114 58.57 59.94 -39.14
N SER D 115 58.82 59.73 -37.85
CA SER D 115 57.76 59.80 -36.85
C SER D 115 57.91 61.05 -36.01
N ARG D 116 56.94 61.96 -36.13
CA ARG D 116 56.90 63.21 -35.39
C ARG D 116 55.69 63.18 -34.48
N VAL D 117 55.90 63.49 -33.21
CA VAL D 117 54.84 63.41 -32.21
C VAL D 117 54.66 64.79 -31.58
N GLN D 118 53.41 65.14 -31.31
CA GLN D 118 53.07 66.40 -30.66
C GLN D 118 52.80 66.18 -29.17
N THR D 119 52.51 67.28 -28.48
CA THR D 119 52.54 67.25 -27.01
C THR D 119 51.56 66.28 -26.36
N PRO D 120 50.30 66.12 -26.81
CA PRO D 120 49.43 65.14 -26.16
C PRO D 120 49.67 63.73 -26.66
N ALA D 121 50.80 63.51 -27.33
CA ALA D 121 51.19 62.20 -27.87
C ALA D 121 50.25 61.75 -29.00
N GLY D 122 50.27 62.51 -30.09
CA GLY D 122 49.69 62.10 -31.35
C GLY D 122 50.79 62.01 -32.40
N ALA D 123 50.87 60.85 -33.06
CA ALA D 123 51.96 60.56 -33.98
C ALA D 123 51.60 60.99 -35.40
N ILE D 124 52.49 61.76 -36.03
CA ILE D 124 52.31 62.24 -37.39
C ILE D 124 53.58 61.97 -38.18
N PHE D 125 53.44 61.44 -39.39
CA PHE D 125 54.60 61.17 -40.25
C PHE D 125 54.88 62.33 -41.19
N THR D 126 55.98 62.22 -41.91
CA THR D 126 56.31 63.10 -43.01
C THR D 126 55.77 62.51 -44.32
N VAL D 127 55.95 63.23 -45.42
CA VAL D 127 55.39 62.77 -46.69
C VAL D 127 56.49 62.59 -47.73
N MET D 128 57.18 63.67 -48.09
CA MET D 128 58.20 63.62 -49.12
C MET D 128 59.59 63.80 -48.52
N SER D 129 60.54 63.03 -49.04
CA SER D 129 61.94 63.19 -48.67
C SER D 129 62.50 64.49 -49.24
N ASP D 130 63.41 65.10 -48.49
CA ASP D 130 63.97 66.37 -48.89
C ASP D 130 65.35 66.54 -48.25
N VAL D 131 66.16 67.38 -48.88
CA VAL D 131 67.48 67.70 -48.38
C VAL D 131 67.42 69.01 -47.62
N THR D 132 68.51 69.35 -46.95
CA THR D 132 68.63 70.61 -46.22
C THR D 132 69.73 71.46 -46.84
N ILE D 133 69.44 72.74 -47.04
CA ILE D 133 70.45 73.70 -47.48
C ILE D 133 71.37 73.99 -46.30
N PRO D 134 72.60 74.44 -46.53
CA PRO D 134 73.54 74.62 -45.40
C PRO D 134 73.09 75.61 -44.35
N ALA D 135 72.18 76.53 -44.68
CA ALA D 135 71.77 77.55 -43.71
C ALA D 135 71.10 76.92 -42.50
N GLY D 136 70.26 75.91 -42.71
CA GLY D 136 69.62 75.22 -41.61
C GLY D 136 68.13 75.48 -41.48
N GLY D 137 67.42 75.57 -42.60
CA GLY D 137 65.98 75.67 -42.55
C GLY D 137 65.30 75.07 -43.76
N VAL D 138 64.36 74.15 -43.54
CA VAL D 138 63.55 73.56 -44.60
C VAL D 138 62.13 73.37 -44.07
N ALA D 139 61.22 73.09 -44.99
CA ALA D 139 59.82 72.86 -44.68
C ALA D 139 59.44 71.43 -45.03
N THR D 140 58.60 70.83 -44.19
CA THR D 140 58.13 69.47 -44.40
C THR D 140 56.63 69.47 -44.63
N ILE D 141 56.11 68.29 -44.95
CA ILE D 141 54.68 68.06 -45.13
C ILE D 141 54.30 66.81 -44.36
N ASP D 142 53.20 66.88 -43.60
CA ASP D 142 52.90 65.91 -42.57
C ASP D 142 51.60 65.16 -42.83
N ILE D 143 51.57 63.92 -42.36
CA ILE D 143 50.41 63.04 -42.40
C ILE D 143 50.47 62.13 -41.17
N LYS D 144 49.34 61.96 -40.49
CA LYS D 144 49.29 61.15 -39.28
C LYS D 144 48.91 59.72 -39.63
N SER D 145 48.75 58.89 -38.59
CA SER D 145 48.39 57.49 -38.81
C SER D 145 46.90 57.34 -39.10
N GLN D 146 46.05 57.78 -38.19
CA GLN D 146 44.61 57.53 -38.28
C GLN D 146 43.90 58.67 -39.01
N GLU D 147 42.93 58.30 -39.83
CA GLU D 147 42.26 59.24 -40.73
C GLU D 147 41.22 60.06 -39.96
N TYR D 148 41.70 60.78 -38.95
CA TYR D 148 40.87 61.51 -38.02
C TYR D 148 41.06 63.02 -38.16
N GLY D 149 40.08 63.77 -37.64
CA GLY D 149 40.15 65.21 -37.62
C GLY D 149 40.97 65.74 -36.46
N ASN D 150 42.20 65.26 -36.32
CA ASN D 150 43.08 65.70 -35.25
C ASN D 150 43.49 67.15 -35.45
N ILE D 151 43.78 67.82 -34.34
CA ILE D 151 44.18 69.22 -34.33
C ILE D 151 45.61 69.29 -33.82
N PRO D 152 46.51 69.98 -34.50
CA PRO D 152 47.89 70.14 -34.00
C PRO D 152 47.99 71.31 -33.03
N LEU D 153 48.39 71.02 -31.80
CA LEU D 153 48.55 72.07 -30.81
C LEU D 153 49.69 73.00 -31.23
N PRO D 154 49.51 74.33 -31.12
CA PRO D 154 50.57 75.25 -31.56
C PRO D 154 51.82 75.22 -30.68
N VAL D 155 52.49 74.06 -30.64
CA VAL D 155 53.72 73.89 -29.88
C VAL D 155 54.70 73.11 -30.77
N GLY D 156 55.98 73.29 -30.52
CA GLY D 156 56.99 72.49 -31.19
C GLY D 156 56.79 71.01 -30.94
N ASN D 157 57.03 70.19 -31.96
CA ASN D 157 56.79 68.76 -31.88
C ASN D 157 57.91 68.06 -31.09
N LEU D 158 57.91 66.73 -31.15
CA LEU D 158 58.97 65.91 -30.59
C LEU D 158 59.28 64.79 -31.56
N ILE D 159 60.53 64.32 -31.55
CA ILE D 159 61.02 63.38 -32.54
C ILE D 159 61.01 61.97 -31.93
N ILE D 160 60.49 61.00 -32.68
CA ILE D 160 60.48 59.61 -32.24
C ILE D 160 61.59 58.85 -32.92
N ILE D 161 61.62 58.88 -34.25
CA ILE D 161 62.70 58.30 -35.02
C ILE D 161 63.62 59.41 -35.51
N ASP D 162 64.91 59.28 -35.23
CA ASP D 162 65.89 60.33 -35.51
C ASP D 162 66.81 59.91 -36.65
N GLY D 163 66.86 60.74 -37.69
CA GLY D 163 67.90 60.64 -38.69
C GLY D 163 69.15 61.39 -38.25
N THR D 164 70.17 61.34 -39.11
CA THR D 164 71.44 61.98 -38.79
C THR D 164 71.28 63.48 -38.68
N ILE D 165 71.93 64.07 -37.68
CA ILE D 165 72.06 65.52 -37.48
C ILE D 165 70.73 66.24 -37.65
N GLY D 166 69.64 65.64 -37.16
CA GLY D 166 68.35 66.26 -37.32
C GLY D 166 67.59 66.52 -36.04
N TRP D 167 67.20 67.77 -35.80
CA TRP D 167 66.40 68.12 -34.63
C TRP D 167 65.41 69.25 -34.90
N SER D 168 64.60 69.57 -33.88
CA SER D 168 63.67 70.70 -33.88
C SER D 168 62.67 70.62 -35.03
N GLY D 169 61.79 69.63 -34.92
CA GLY D 169 60.59 69.66 -35.73
C GLY D 169 59.56 70.55 -35.08
N ALA D 170 59.38 71.77 -35.61
CA ALA D 170 58.53 72.77 -35.00
C ALA D 170 57.58 73.34 -36.04
N LYS D 171 56.83 74.36 -35.64
CA LYS D 171 55.75 74.91 -36.45
C LYS D 171 56.05 76.33 -36.87
N VAL D 172 55.36 76.76 -37.92
CA VAL D 172 55.14 78.17 -38.21
C VAL D 172 53.67 78.32 -38.55
N ILE D 173 53.10 79.48 -38.19
CA ILE D 173 51.70 79.73 -38.52
C ILE D 173 51.45 79.79 -40.01
N ALA D 174 52.51 79.91 -40.82
CA ALA D 174 52.38 79.84 -42.26
C ALA D 174 51.97 78.45 -42.72
N SER D 175 51.99 77.45 -41.83
CA SER D 175 51.56 76.11 -42.17
C SER D 175 50.11 76.13 -42.63
N THR D 176 49.84 75.48 -43.77
CA THR D 176 48.49 75.42 -44.28
C THR D 176 47.62 74.56 -43.39
N ARG D 177 46.34 74.93 -43.29
CA ARG D 177 45.37 74.18 -42.51
C ARG D 177 44.47 73.39 -43.44
N VAL D 178 44.45 72.08 -43.27
CA VAL D 178 43.49 71.20 -43.93
C VAL D 178 42.76 70.48 -42.81
N ASP D 179 41.54 70.91 -42.52
CA ASP D 179 40.76 70.29 -41.47
C ASP D 179 40.08 69.07 -42.06
N PRO D 180 40.39 67.87 -41.61
CA PRO D 180 39.84 66.67 -42.24
C PRO D 180 38.57 66.18 -41.58
N GLY D 181 37.67 65.67 -42.41
CA GLY D 181 36.58 64.88 -41.91
C GLY D 181 37.07 63.55 -41.37
N SER D 182 36.41 63.09 -40.31
CA SER D 182 36.80 61.84 -39.65
C SER D 182 35.58 60.95 -39.51
N ARG D 183 35.27 60.23 -40.59
CA ARG D 183 34.24 59.20 -40.61
C ARG D 183 33.02 59.63 -39.79
N GLN D 184 32.58 60.86 -40.05
CA GLN D 184 31.66 61.55 -39.15
C GLN D 184 30.29 60.87 -39.07
N MET D 185 29.98 60.00 -40.03
CA MET D 185 28.65 59.41 -40.08
C MET D 185 28.79 57.91 -40.34
N SER D 186 28.73 57.12 -39.25
CA SER D 186 28.98 55.69 -39.37
C SER D 186 27.74 54.91 -39.79
N ASP D 187 26.80 54.74 -38.86
CA ASP D 187 25.56 54.04 -39.16
C ASP D 187 24.32 54.58 -38.47
N ALA D 188 24.43 55.15 -37.27
CA ALA D 188 23.28 55.41 -36.42
C ALA D 188 22.87 56.87 -36.42
N GLU D 189 23.84 57.78 -36.50
CA GLU D 189 23.49 59.19 -36.67
C GLU D 189 22.91 59.47 -38.05
N LEU D 190 22.99 58.52 -38.98
CA LEU D 190 22.13 58.60 -40.16
C LEU D 190 20.66 58.41 -39.78
N LYS D 191 20.39 57.45 -38.89
CA LYS D 191 19.03 57.28 -38.40
C LYS D 191 18.56 58.53 -37.69
N ASN D 192 19.45 59.17 -36.92
CA ASN D 192 19.05 60.39 -36.22
C ASN D 192 18.89 61.56 -37.18
N ALA D 193 19.65 61.57 -38.28
CA ALA D 193 19.39 62.55 -39.32
C ALA D 193 17.99 62.35 -39.90
N ARG D 194 17.61 61.10 -40.13
CA ARG D 194 16.24 60.82 -40.54
C ARG D 194 15.24 61.32 -39.52
N VAL D 195 15.50 61.06 -38.24
CA VAL D 195 14.57 61.46 -37.19
C VAL D 195 14.37 62.96 -37.18
N ASN D 196 15.48 63.71 -37.22
CA ASN D 196 15.37 65.17 -37.19
C ASN D 196 14.71 65.71 -38.45
N ARG D 197 15.05 65.18 -39.63
CA ARG D 197 14.40 65.67 -40.83
C ARG D 197 12.90 65.41 -40.81
N LEU D 198 12.50 64.21 -40.40
CA LEU D 198 11.06 63.91 -40.32
C LEU D 198 10.37 64.80 -39.30
N ALA D 199 11.03 65.08 -38.17
CA ALA D 199 10.44 65.96 -37.17
C ALA D 199 10.27 67.37 -37.69
N ILE D 200 11.28 67.89 -38.40
CA ILE D 200 11.16 69.23 -38.97
C ILE D 200 10.03 69.29 -39.99
N GLN D 201 9.97 68.29 -40.87
CA GLN D 201 8.92 68.29 -41.89
C GLN D 201 7.53 68.11 -41.29
N GLY D 202 7.40 67.33 -40.21
CA GLY D 202 6.09 66.94 -39.72
C GLY D 202 5.20 68.11 -39.32
N ARG D 203 5.78 69.17 -38.78
CA ARG D 203 4.96 70.26 -38.30
C ARG D 203 4.32 71.04 -39.44
N ASN D 204 3.27 71.79 -39.10
CA ASN D 204 2.73 72.81 -39.98
C ASN D 204 3.63 74.04 -39.87
N SER D 205 3.16 75.19 -40.36
CA SER D 205 3.89 76.42 -40.07
C SER D 205 3.64 76.89 -38.64
N THR D 206 2.36 77.10 -38.30
CA THR D 206 2.00 77.61 -36.98
C THR D 206 2.58 76.74 -35.88
N MET D 207 2.50 75.42 -36.04
CA MET D 207 3.18 74.54 -35.10
C MET D 207 4.68 74.77 -35.11
N ALA D 208 5.28 74.88 -36.29
CA ALA D 208 6.73 75.04 -36.36
C ALA D 208 7.17 76.45 -35.99
N ILE D 209 6.34 77.46 -36.25
CA ILE D 209 6.78 78.83 -36.06
C ILE D 209 7.18 79.07 -34.61
N LYS D 210 6.30 78.72 -33.67
CA LYS D 210 6.59 79.04 -32.27
C LYS D 210 7.78 78.25 -31.75
N ALA D 211 7.83 76.95 -32.04
CA ALA D 211 8.91 76.11 -31.54
C ALA D 211 10.26 76.50 -32.14
N TYR D 212 10.26 76.87 -33.43
CA TYR D 212 11.51 77.13 -34.13
C TYR D 212 11.96 78.58 -33.96
N VAL D 213 11.04 79.45 -33.53
CA VAL D 213 11.42 80.82 -33.17
C VAL D 213 11.88 80.87 -31.72
N SER D 214 11.34 79.99 -30.86
CA SER D 214 11.84 79.92 -29.50
C SER D 214 13.25 79.36 -29.43
N ALA D 215 13.76 78.81 -30.53
CA ALA D 215 15.12 78.26 -30.54
C ALA D 215 16.18 79.35 -30.35
N VAL D 216 15.88 80.57 -30.76
CA VAL D 216 16.85 81.66 -30.60
C VAL D 216 17.11 81.86 -29.10
N PRO D 217 18.34 82.11 -28.68
CA PRO D 217 18.58 82.27 -27.24
C PRO D 217 18.13 83.64 -26.73
N ASN D 218 17.78 83.66 -25.44
CA ASN D 218 17.28 84.80 -24.67
C ASN D 218 15.82 85.11 -24.95
N VAL D 219 15.13 84.36 -25.81
CA VAL D 219 13.72 84.61 -26.08
C VAL D 219 12.89 84.21 -24.86
N THR D 220 11.72 84.82 -24.73
CA THR D 220 10.81 84.54 -23.61
C THR D 220 9.54 83.84 -24.05
N SER D 221 8.78 84.43 -24.97
CA SER D 221 7.54 83.84 -25.45
C SER D 221 7.21 84.43 -26.81
N VAL D 222 6.50 83.65 -27.61
CA VAL D 222 6.11 84.05 -28.95
C VAL D 222 4.65 83.70 -29.17
N ASN D 223 3.88 84.67 -29.64
CA ASN D 223 2.47 84.48 -29.95
C ASN D 223 2.27 84.66 -31.45
N VAL D 224 1.68 83.66 -32.10
CA VAL D 224 1.47 83.68 -33.54
C VAL D 224 0.00 83.42 -33.80
N ILE D 225 -0.60 84.22 -34.69
CA ILE D 225 -2.00 84.09 -35.07
C ILE D 225 -2.08 84.19 -36.58
N GLU D 226 -2.99 83.43 -37.17
CA GLU D 226 -3.26 83.47 -38.59
C GLU D 226 -4.60 84.17 -38.81
N ASN D 227 -4.63 85.15 -39.73
CA ASN D 227 -5.79 86.03 -39.84
C ASN D 227 -7.04 85.25 -40.24
N ASN D 228 -6.94 84.41 -41.27
CA ASN D 228 -7.98 83.48 -41.67
C ASN D 228 -9.19 84.23 -42.25
N THR D 229 -9.19 85.55 -42.13
CA THR D 229 -10.20 86.42 -42.73
C THR D 229 -9.59 87.80 -42.91
N GLY D 230 -10.27 88.63 -43.70
CA GLY D 230 -9.95 90.04 -43.79
C GLY D 230 -10.58 90.88 -42.71
N ALA D 231 -11.30 90.27 -41.78
CA ALA D 231 -11.97 90.94 -40.69
C ALA D 231 -11.05 90.99 -39.47
N VAL D 232 -11.62 91.32 -38.32
CA VAL D 232 -10.92 91.26 -37.04
C VAL D 232 -11.20 89.89 -36.43
N GLN D 233 -10.28 88.96 -36.62
CA GLN D 233 -10.46 87.58 -36.16
C GLN D 233 -10.12 87.42 -34.68
N VAL D 234 -8.98 87.95 -34.25
CA VAL D 234 -8.64 88.06 -32.84
C VAL D 234 -8.21 89.50 -32.58
N VAL D 235 -7.27 89.98 -33.39
CA VAL D 235 -6.85 91.38 -33.36
C VAL D 235 -7.18 92.00 -34.71
N ASN D 236 -7.16 93.33 -34.75
CA ASN D 236 -7.55 94.08 -35.95
C ASN D 236 -6.45 93.98 -37.00
N GLY D 237 -6.27 92.77 -37.52
CA GLY D 237 -5.36 92.58 -38.63
C GLY D 237 -6.08 92.62 -39.96
N VAL D 238 -6.08 93.80 -40.59
CA VAL D 238 -6.76 94.00 -41.85
C VAL D 238 -5.73 94.56 -42.82
N SER D 239 -4.46 94.23 -42.59
CA SER D 239 -3.42 94.64 -43.53
C SER D 239 -3.65 94.02 -44.89
N PHE D 240 -3.53 92.70 -44.99
CA PHE D 240 -3.82 91.98 -46.22
C PHE D 240 -4.98 91.02 -45.95
N THR D 241 -5.38 90.29 -46.99
CA THR D 241 -6.50 89.37 -46.85
C THR D 241 -6.08 88.09 -46.12
N LEU D 242 -4.86 87.60 -46.37
CA LEU D 242 -4.38 86.36 -45.76
C LEU D 242 -2.93 86.49 -45.32
N PRO D 243 -2.65 87.30 -44.28
CA PRO D 243 -1.29 87.34 -43.73
C PRO D 243 -1.00 86.27 -42.69
N TYR D 244 0.19 86.33 -42.12
CA TYR D 244 0.52 85.69 -40.85
C TYR D 244 0.93 86.76 -39.85
N ALA D 245 0.40 86.66 -38.63
CA ALA D 245 0.69 87.60 -37.56
C ALA D 245 1.68 86.97 -36.59
N VAL D 246 2.80 87.65 -36.36
CA VAL D 246 3.88 87.12 -35.54
C VAL D 246 4.26 88.14 -34.48
N TRP D 247 4.14 87.75 -33.21
CA TRP D 247 4.60 88.57 -32.09
C TRP D 247 5.66 87.81 -31.32
N VAL D 248 6.82 88.43 -31.13
CA VAL D 248 7.93 87.83 -30.42
C VAL D 248 8.27 88.68 -29.20
N CYS D 249 8.36 88.04 -28.05
CA CYS D 249 8.76 88.68 -26.81
C CYS D 249 10.11 88.14 -26.39
N VAL D 250 11.00 89.04 -25.98
CA VAL D 250 12.38 88.68 -25.67
C VAL D 250 12.86 89.53 -24.50
N ALA D 251 13.96 89.09 -23.88
CA ALA D 251 14.64 89.84 -22.83
C ALA D 251 15.75 90.71 -23.40
N GLY D 252 15.63 91.10 -24.67
CA GLY D 252 16.63 91.95 -25.29
C GLY D 252 16.99 91.52 -26.71
N ASN D 253 16.98 90.21 -26.96
CA ASN D 253 17.36 89.64 -28.24
C ASN D 253 18.76 90.12 -28.64
N PRO D 254 19.81 89.58 -28.01
CA PRO D 254 21.16 90.10 -28.29
C PRO D 254 21.53 90.09 -29.75
N ASP D 255 20.96 89.19 -30.54
CA ASP D 255 21.14 89.19 -31.99
C ASP D 255 19.80 89.49 -32.66
N LYS D 256 19.71 90.65 -33.32
CA LYS D 256 18.52 91.01 -34.06
C LYS D 256 18.31 90.12 -35.27
N GLN D 257 19.41 89.68 -35.91
CA GLN D 257 19.29 88.93 -37.16
C GLN D 257 18.87 87.48 -36.93
N ALA D 258 19.07 86.96 -35.71
CA ALA D 258 18.81 85.56 -35.46
C ALA D 258 17.33 85.22 -35.61
N VAL D 259 16.45 86.07 -35.09
CA VAL D 259 15.02 85.81 -35.19
C VAL D 259 14.57 85.93 -36.65
N ALA D 260 15.17 86.84 -37.41
CA ALA D 260 14.87 86.92 -38.84
C ALA D 260 15.26 85.64 -39.55
N ASP D 261 16.43 85.10 -39.24
CA ASP D 261 16.86 83.84 -39.85
C ASP D 261 15.94 82.70 -39.44
N ALA D 262 15.50 82.69 -38.18
CA ALA D 262 14.57 81.66 -37.73
C ALA D 262 13.25 81.74 -38.49
N LEU D 263 12.72 82.96 -38.65
CA LEU D 263 11.50 83.15 -39.42
C LEU D 263 11.67 82.74 -40.87
N TRP D 264 12.87 82.94 -41.42
CA TRP D 264 13.08 82.65 -42.83
C TRP D 264 12.83 81.18 -43.15
N ALA D 265 13.33 80.26 -42.32
CA ALA D 265 13.11 78.84 -42.57
C ALA D 265 11.64 78.47 -42.42
N ALA D 266 10.87 79.27 -41.69
CA ALA D 266 9.43 79.04 -41.51
C ALA D 266 8.69 79.91 -42.52
N HIS D 267 8.64 79.44 -43.76
CA HIS D 267 7.88 80.07 -44.83
C HIS D 267 7.07 79.00 -45.53
N ASN D 268 6.00 79.41 -46.20
CA ASN D 268 5.08 78.47 -46.82
C ASN D 268 4.90 78.70 -48.31
N GLY D 269 5.60 79.66 -48.89
CA GLY D 269 5.58 79.90 -50.31
C GLY D 269 4.34 80.61 -50.82
N GLY D 270 3.35 80.85 -49.97
CA GLY D 270 2.13 81.47 -50.44
C GLY D 270 1.45 82.38 -49.44
N THR D 271 2.14 82.74 -48.36
CA THR D 271 1.54 83.53 -47.29
C THR D 271 2.40 84.76 -47.02
N PRO D 272 1.85 85.97 -47.16
CA PRO D 272 2.59 87.17 -46.74
C PRO D 272 2.70 87.23 -45.22
N TRP D 273 3.66 88.04 -44.76
CA TRP D 273 3.87 88.25 -43.33
C TRP D 273 3.26 89.55 -42.83
N ASP D 274 2.98 90.50 -43.72
CA ASP D 274 2.62 91.85 -43.30
C ASP D 274 1.35 91.84 -42.46
N TYR D 275 1.44 92.44 -41.27
CA TYR D 275 0.32 92.43 -40.34
C TYR D 275 0.32 93.73 -39.57
N GLY D 276 -0.86 94.12 -39.12
CA GLY D 276 -1.03 95.34 -38.35
C GLY D 276 -1.60 96.46 -39.20
N ALA D 277 -2.24 97.41 -38.52
CA ALA D 277 -2.87 98.56 -39.13
C ALA D 277 -2.44 99.84 -38.42
N THR D 278 -1.12 99.99 -38.26
CA THR D 278 -0.49 101.14 -37.61
C THR D 278 -0.97 101.35 -36.19
N ASN D 279 -1.61 100.34 -35.60
CA ASN D 279 -2.10 100.41 -34.24
C ASN D 279 -1.79 99.16 -33.42
N ASN D 280 -1.43 98.06 -34.07
CA ASN D 280 -1.08 96.83 -33.37
C ASN D 280 0.34 96.93 -32.84
N GLY D 281 0.96 95.79 -32.54
CA GLY D 281 2.32 95.80 -32.02
C GLY D 281 3.27 96.56 -32.93
N VAL D 282 4.21 97.25 -32.29
CA VAL D 282 5.19 98.07 -33.02
C VAL D 282 6.26 97.16 -33.61
N PRO D 283 6.44 97.17 -34.92
CA PRO D 283 7.52 96.37 -35.53
C PRO D 283 8.88 96.94 -35.20
N VAL D 284 9.89 96.07 -35.23
CA VAL D 284 11.25 96.51 -34.99
C VAL D 284 11.71 97.45 -36.10
N ASP D 285 11.47 97.07 -37.35
CA ASP D 285 11.78 97.93 -38.48
C ASP D 285 10.58 97.95 -39.41
N GLY D 286 10.40 99.09 -40.10
CA GLY D 286 9.20 99.36 -40.84
C GLY D 286 8.96 98.45 -42.03
N PRO D 287 9.79 98.56 -43.07
CA PRO D 287 9.51 97.80 -44.30
C PRO D 287 9.97 96.35 -44.24
N ASN D 288 11.09 96.07 -43.59
CA ASN D 288 11.68 94.74 -43.68
C ASN D 288 12.62 94.52 -42.49
N GLY D 289 12.90 93.24 -42.22
CA GLY D 289 13.84 92.86 -41.19
C GLY D 289 15.21 92.52 -41.76
N VAL D 290 15.47 92.96 -42.99
CA VAL D 290 16.72 92.77 -43.73
C VAL D 290 17.32 91.38 -43.51
N PRO D 291 16.69 90.33 -44.03
CA PRO D 291 17.19 88.98 -43.80
C PRO D 291 18.52 88.75 -44.50
N VAL D 292 19.27 87.78 -43.97
CA VAL D 292 20.47 87.32 -44.67
C VAL D 292 20.04 86.55 -45.92
N ARG D 293 20.77 86.77 -47.01
CA ARG D 293 20.35 86.37 -48.35
C ARG D 293 19.86 84.93 -48.42
N ASP D 294 20.74 83.98 -48.12
CA ASP D 294 20.39 82.56 -48.16
C ASP D 294 21.55 81.74 -47.63
N PRO D 295 21.29 80.65 -46.90
CA PRO D 295 22.38 79.76 -46.51
C PRO D 295 23.04 79.07 -47.68
N ALA D 296 22.39 78.99 -48.85
CA ALA D 296 22.92 78.18 -49.94
C ALA D 296 22.52 78.80 -51.28
N SER D 297 23.41 79.62 -51.83
CA SER D 297 23.36 80.07 -53.23
C SER D 297 21.99 80.65 -53.59
N GLY D 298 21.66 81.76 -52.93
CA GLY D 298 20.38 82.38 -53.16
C GLY D 298 20.48 83.88 -53.19
N ARG D 299 19.35 84.54 -52.96
CA ARG D 299 19.23 85.98 -53.02
C ARG D 299 18.43 86.46 -51.82
N LYS D 300 18.43 87.77 -51.61
CA LYS D 300 18.00 88.37 -50.34
C LYS D 300 16.49 88.54 -50.34
N TYR D 301 15.81 87.77 -49.49
CA TYR D 301 14.36 87.85 -49.35
C TYR D 301 13.98 88.93 -48.34
N VAL D 302 12.70 88.95 -47.93
CA VAL D 302 12.23 89.86 -46.90
C VAL D 302 11.33 89.09 -45.94
N VAL D 303 11.38 89.46 -44.66
CA VAL D 303 10.44 88.99 -43.65
C VAL D 303 10.03 90.17 -42.78
N LYS D 304 8.88 90.03 -42.12
CA LYS D 304 8.38 91.07 -41.25
C LYS D 304 7.81 90.46 -39.98
N TRP D 305 8.21 91.01 -38.83
CA TRP D 305 7.69 90.60 -37.54
C TRP D 305 7.54 91.82 -36.66
N THR D 306 6.80 91.67 -35.57
CA THR D 306 6.54 92.76 -34.65
C THR D 306 6.62 92.26 -33.21
N THR D 307 6.90 93.20 -32.29
CA THR D 307 7.04 92.99 -30.86
C THR D 307 5.84 93.54 -30.11
N PRO D 308 5.52 92.99 -28.93
CA PRO D 308 4.38 93.52 -28.17
C PRO D 308 4.67 94.91 -27.61
N ILE D 309 3.59 95.62 -27.31
CA ILE D 309 3.69 96.96 -26.73
C ILE D 309 3.86 96.84 -25.23
N MET D 310 4.93 97.45 -24.71
CA MET D 310 5.30 97.27 -23.32
C MET D 310 4.33 97.98 -22.38
N TYR D 311 3.94 97.28 -21.32
CA TYR D 311 3.07 97.84 -20.28
C TYR D 311 3.72 97.59 -18.93
N ASP D 312 3.10 98.13 -17.88
CA ASP D 312 3.55 97.91 -16.52
C ASP D 312 2.38 98.06 -15.56
N GLY D 313 2.34 97.20 -14.54
CA GLY D 313 1.21 97.11 -13.63
C GLY D 313 1.60 97.45 -12.20
N TYR D 314 0.66 98.07 -11.49
CA TYR D 314 0.85 98.45 -10.09
C TYR D 314 0.02 97.51 -9.23
N VAL D 315 0.64 96.96 -8.19
CA VAL D 315 0.00 95.98 -7.32
C VAL D 315 -0.08 96.55 -5.91
N ASN D 316 -1.29 96.58 -5.35
CA ASN D 316 -1.53 96.92 -3.96
C ASN D 316 -1.93 95.66 -3.21
N VAL D 317 -1.50 95.54 -1.97
CA VAL D 317 -1.85 94.41 -1.11
C VAL D 317 -1.91 94.88 0.33
N THR D 318 -2.92 94.42 1.05
CA THR D 318 -3.07 94.68 2.48
C THR D 318 -3.06 93.36 3.22
N VAL D 319 -2.19 93.23 4.22
CA VAL D 319 -1.96 91.96 4.89
C VAL D 319 -1.85 92.19 6.39
N GLN D 320 -2.06 91.13 7.15
CA GLN D 320 -1.75 91.10 8.57
C GLN D 320 -0.62 90.12 8.85
N GLN D 321 0.19 90.44 9.86
CA GLN D 321 1.37 89.64 10.16
C GLN D 321 1.00 88.21 10.55
N GLY D 322 -0.04 88.04 11.34
CA GLY D 322 -0.44 86.71 11.74
C GLY D 322 0.32 86.20 12.94
N SER D 323 1.20 85.22 12.72
CA SER D 323 1.95 84.61 13.81
C SER D 323 3.41 84.35 13.43
N SER D 324 3.98 85.19 12.58
CA SER D 324 5.39 85.11 12.21
C SER D 324 5.81 86.46 11.63
N SER D 325 7.12 86.63 11.46
CA SER D 325 7.69 87.89 10.97
C SER D 325 8.13 87.71 9.53
N VAL D 326 7.65 88.59 8.65
CA VAL D 326 7.99 88.57 7.24
C VAL D 326 8.32 89.98 6.78
N ALA D 327 9.50 90.17 6.20
CA ALA D 327 9.88 91.48 5.70
C ALA D 327 9.17 91.77 4.39
N PRO D 328 8.72 93.01 4.16
CA PRO D 328 7.95 93.31 2.93
C PRO D 328 8.73 93.07 1.64
N GLU D 329 10.03 93.31 1.65
CA GLU D 329 10.84 93.10 0.46
C GLU D 329 10.82 91.64 0.01
N ALA D 330 10.72 90.72 0.96
CA ALA D 330 10.63 89.31 0.59
C ALA D 330 9.38 89.04 -0.24
N ILE D 331 8.25 89.60 0.18
CA ILE D 331 7.00 89.43 -0.55
C ILE D 331 7.08 90.13 -1.90
N GLN D 332 7.74 91.29 -1.94
CA GLN D 332 7.90 92.00 -3.21
C GLN D 332 8.68 91.16 -4.21
N ASN D 333 9.81 90.58 -3.77
CA ASN D 333 10.58 89.70 -4.65
C ASN D 333 9.78 88.46 -5.03
N ALA D 334 8.99 87.93 -4.10
CA ALA D 334 8.12 86.80 -4.40
C ALA D 334 7.20 87.10 -5.57
N VAL D 335 6.50 88.23 -5.51
CA VAL D 335 5.59 88.60 -6.59
C VAL D 335 6.36 88.82 -7.89
N VAL D 336 7.49 89.53 -7.80
CA VAL D 336 8.22 89.90 -9.01
C VAL D 336 8.77 88.66 -9.72
N ASN D 337 9.36 87.72 -8.99
CA ASN D 337 9.84 86.51 -9.63
C ASN D 337 8.71 85.56 -10.02
N TYR D 338 7.55 85.67 -9.37
CA TYR D 338 6.38 84.98 -9.89
C TYR D 338 5.99 85.52 -11.27
N ALA D 339 6.15 86.83 -11.48
CA ALA D 339 5.80 87.41 -12.77
C ALA D 339 6.65 86.83 -13.89
N GLN D 340 7.81 86.27 -13.57
CA GLN D 340 8.68 85.65 -14.58
C GLN D 340 8.40 84.17 -14.76
N GLY D 341 7.69 83.54 -13.83
CA GLY D 341 7.38 82.12 -13.94
C GLY D 341 8.54 81.22 -13.56
N LYS D 342 9.10 81.42 -12.37
CA LYS D 342 10.19 80.56 -11.92
C LYS D 342 9.69 79.20 -11.48
N VAL D 343 8.44 79.11 -11.02
CA VAL D 343 7.90 77.88 -10.47
C VAL D 343 7.07 77.18 -11.53
N GLU D 344 7.17 75.86 -11.57
CA GLU D 344 6.51 75.07 -12.62
C GLU D 344 5.00 75.15 -12.47
N GLY D 345 4.31 74.88 -13.58
CA GLY D 345 2.87 74.96 -13.65
C GLY D 345 2.34 76.33 -14.02
N GLU D 346 3.17 77.37 -13.95
CA GLU D 346 2.77 78.74 -14.24
C GLU D 346 3.69 79.25 -15.34
N GLU D 347 3.09 79.76 -16.42
CA GLU D 347 3.90 80.13 -17.58
C GLU D 347 4.36 81.58 -17.52
N GLY D 348 3.56 82.46 -16.94
CA GLY D 348 4.01 83.82 -16.67
C GLY D 348 3.09 84.92 -17.18
N LEU D 349 3.57 86.15 -17.16
CA LEU D 349 2.89 87.26 -17.80
C LEU D 349 3.43 87.42 -19.22
N VAL D 350 3.08 86.45 -20.06
CA VAL D 350 3.56 86.38 -21.42
C VAL D 350 2.74 87.31 -22.31
N VAL D 351 3.20 87.51 -23.54
CA VAL D 351 2.50 88.36 -24.49
C VAL D 351 1.03 87.97 -24.58
N GLY D 352 0.15 88.95 -24.45
CA GLY D 352 -1.29 88.70 -24.48
C GLY D 352 -1.80 87.88 -23.33
N ALA D 353 -1.23 88.06 -22.14
CA ALA D 353 -1.68 87.36 -20.94
C ALA D 353 -2.00 88.38 -19.86
N SER D 354 -3.27 88.43 -19.46
CA SER D 354 -3.72 89.40 -18.47
C SER D 354 -3.13 89.09 -17.11
N LEU D 355 -3.39 89.99 -16.16
CA LEU D 355 -2.95 89.83 -14.78
C LEU D 355 -4.13 90.08 -13.85
N SER D 356 -4.25 89.24 -12.83
CA SER D 356 -5.33 89.33 -11.87
C SER D 356 -4.76 89.25 -10.46
N ALA D 357 -5.31 90.08 -9.56
CA ALA D 357 -4.85 90.08 -8.18
C ALA D 357 -5.16 88.75 -7.50
N PHE D 358 -6.14 88.00 -8.03
CA PHE D 358 -6.38 86.65 -7.53
C PHE D 358 -5.18 85.76 -7.77
N GLU D 359 -4.56 85.86 -8.94
CA GLU D 359 -3.39 85.03 -9.21
C GLU D 359 -2.18 85.47 -8.39
N VAL D 360 -2.05 86.77 -8.12
CA VAL D 360 -0.95 87.24 -7.27
C VAL D 360 -1.14 86.74 -5.84
N ALA D 361 -2.36 86.84 -5.31
CA ALA D 361 -2.65 86.28 -4.00
C ALA D 361 -2.45 84.77 -3.99
N GLY D 362 -2.72 84.11 -5.11
CA GLY D 362 -2.44 82.69 -5.21
C GLY D 362 -0.97 82.38 -5.13
N ALA D 363 -0.15 83.20 -5.78
CA ALA D 363 1.30 83.04 -5.66
C ALA D 363 1.76 83.23 -4.23
N ILE D 364 1.26 84.28 -3.56
CA ILE D 364 1.66 84.53 -2.18
C ILE D 364 1.25 83.38 -1.28
N ALA D 365 0.03 82.87 -1.46
CA ALA D 365 -0.42 81.72 -0.67
C ALA D 365 0.41 80.48 -0.98
N ARG D 366 0.78 80.30 -2.25
CA ARG D 366 1.59 79.15 -2.64
C ARG D 366 2.95 79.17 -1.96
N GLU D 367 3.60 80.33 -1.92
CA GLU D 367 4.95 80.36 -1.36
C GLU D 367 4.93 80.46 0.16
N ILE D 368 4.34 81.53 0.70
CA ILE D 368 4.39 81.74 2.14
C ILE D 368 2.98 81.76 2.74
N PRO D 369 2.46 80.61 3.17
CA PRO D 369 1.24 80.63 3.98
C PRO D 369 1.51 81.17 5.37
N GLY D 370 0.52 81.13 6.25
CA GLY D 370 0.68 81.66 7.58
C GLY D 370 0.61 83.16 7.65
N ILE D 371 0.33 83.81 6.51
CA ILE D 371 0.18 85.25 6.44
C ILE D 371 -1.20 85.54 5.87
N TYR D 372 -2.06 86.15 6.67
CA TYR D 372 -3.41 86.44 6.22
C TYR D 372 -3.40 87.64 5.26
N ILE D 373 -4.34 87.64 4.32
CA ILE D 373 -4.44 88.69 3.32
C ILE D 373 -5.78 89.40 3.46
N LYS D 374 -5.74 90.72 3.60
CA LYS D 374 -6.96 91.52 3.64
C LYS D 374 -7.50 91.80 2.24
N LEU D 375 -6.72 92.52 1.43
CA LEU D 375 -7.14 92.91 0.10
C LEU D 375 -5.93 92.99 -0.81
N CYS D 376 -6.13 92.61 -2.07
CA CYS D 376 -5.11 92.79 -3.09
C CYS D 376 -5.79 93.28 -4.37
N GLN D 377 -5.37 94.43 -4.86
CA GLN D 377 -5.94 95.01 -6.06
C GLN D 377 -4.83 95.31 -7.05
N VAL D 378 -5.20 95.39 -8.34
CA VAL D 378 -4.24 95.49 -9.41
C VAL D 378 -4.66 96.60 -10.36
N ALA D 379 -3.70 97.08 -11.14
CA ALA D 379 -3.94 98.08 -12.16
C ALA D 379 -2.88 97.95 -13.24
N CYS D 380 -3.13 98.60 -14.37
CA CYS D 380 -2.19 98.58 -15.47
C CYS D 380 -2.30 99.89 -16.23
N VAL D 381 -1.18 100.35 -16.79
CA VAL D 381 -1.12 101.58 -17.57
C VAL D 381 0.05 101.47 -18.53
N ALA D 382 0.10 102.36 -19.52
CA ALA D 382 1.17 102.32 -20.51
C ALA D 382 2.51 102.62 -19.87
N ALA D 383 3.57 102.17 -20.53
CA ALA D 383 4.92 102.24 -19.96
C ALA D 383 5.40 103.69 -19.86
N GLY D 384 6.05 104.01 -18.74
CA GLY D 384 6.67 105.30 -18.54
C GLY D 384 5.78 106.34 -17.89
N SER D 385 4.48 106.07 -17.73
CA SER D 385 3.58 107.07 -17.16
C SER D 385 3.84 107.24 -15.67
N PRO D 386 3.66 108.44 -15.14
CA PRO D 386 3.77 108.66 -13.69
C PRO D 386 2.76 107.82 -12.93
N ALA D 387 2.89 107.85 -11.61
CA ALA D 387 2.04 107.04 -10.75
C ALA D 387 0.59 107.48 -10.87
N PRO D 388 -0.33 106.60 -11.20
CA PRO D 388 -1.74 106.99 -11.32
C PRO D 388 -2.41 107.14 -9.95
N ALA D 389 -3.63 107.65 -9.99
CA ALA D 389 -4.37 108.00 -8.79
C ALA D 389 -4.82 106.75 -8.03
N PRO D 390 -5.20 106.89 -6.76
CA PRO D 390 -5.68 105.72 -6.00
C PRO D 390 -6.93 105.08 -6.57
N GLY D 391 -7.69 105.78 -7.41
CA GLY D 391 -8.90 105.21 -7.96
C GLY D 391 -8.70 104.30 -9.15
N ASP D 392 -7.48 104.11 -9.62
CA ASP D 392 -7.21 103.39 -10.86
C ASP D 392 -7.00 101.90 -10.65
N PHE D 393 -7.15 101.38 -9.45
CA PHE D 393 -6.96 99.96 -9.20
C PHE D 393 -8.28 99.20 -9.33
N THR D 394 -8.18 97.96 -9.80
CA THR D 394 -9.37 97.14 -10.01
C THR D 394 -8.99 95.68 -9.83
N SER D 395 -10.01 94.82 -9.81
CA SER D 395 -9.79 93.40 -9.54
C SER D 395 -9.03 92.71 -10.67
N GLU D 396 -9.46 92.90 -11.92
CA GLU D 396 -8.85 92.24 -13.06
C GLU D 396 -8.67 93.26 -14.17
N TYR D 397 -7.60 93.07 -14.96
CA TYR D 397 -7.28 93.93 -16.09
C TYR D 397 -7.25 93.08 -17.36
N VAL D 398 -8.16 93.34 -18.29
CA VAL D 398 -8.13 92.66 -19.58
C VAL D 398 -7.07 93.30 -20.44
N MET D 399 -6.31 92.49 -21.18
CA MET D 399 -5.11 92.97 -21.84
C MET D 399 -5.07 92.51 -23.29
N SER D 400 -4.53 93.37 -24.15
CA SER D 400 -4.53 93.15 -25.58
C SER D 400 -3.47 92.11 -25.97
N ALA D 401 -3.66 91.53 -27.16
CA ALA D 401 -2.81 90.43 -27.60
C ALA D 401 -1.41 90.91 -27.96
N PHE D 402 -1.28 92.15 -28.43
CA PHE D 402 0.02 92.69 -28.80
C PHE D 402 0.63 93.54 -27.69
N GLY D 403 0.39 93.17 -26.43
CA GLY D 403 0.97 93.87 -25.31
C GLY D 403 1.67 92.95 -24.34
N GLN D 404 2.73 93.46 -23.70
CA GLN D 404 3.50 92.70 -22.72
C GLN D 404 3.53 93.49 -21.41
N ALA D 405 3.35 92.79 -20.30
CA ALA D 405 3.28 93.42 -18.98
C ALA D 405 4.49 93.06 -18.15
N THR D 406 4.92 94.00 -17.32
CA THR D 406 6.06 93.81 -16.43
C THR D 406 5.74 94.37 -15.06
N ILE D 407 6.42 93.83 -14.04
CA ILE D 407 6.27 94.28 -12.66
C ILE D 407 7.66 94.56 -12.11
N SER D 408 7.82 95.69 -11.43
CA SER D 408 9.11 96.11 -10.90
C SER D 408 9.15 95.94 -9.39
N VAL D 409 10.36 95.92 -8.83
CA VAL D 409 10.54 95.63 -7.40
C VAL D 409 9.89 96.72 -6.56
N GLY D 410 10.21 97.99 -6.84
CA GLY D 410 9.61 99.07 -6.10
C GLY D 410 8.26 99.51 -6.64
N ASN D 411 7.88 99.02 -7.82
CA ASN D 411 6.59 99.41 -8.39
C ASN D 411 5.44 98.90 -7.55
N VAL D 412 5.54 97.67 -7.05
CA VAL D 412 4.56 97.11 -6.13
C VAL D 412 4.78 97.72 -4.75
N ARG D 413 3.68 98.10 -4.09
CA ARG D 413 3.72 98.63 -2.74
C ARG D 413 2.85 97.79 -1.82
N VAL D 414 3.35 97.55 -0.61
CA VAL D 414 2.65 96.74 0.38
C VAL D 414 2.22 97.66 1.53
N THR D 415 1.24 97.19 2.29
CA THR D 415 0.81 97.88 3.50
C THR D 415 0.63 96.86 4.60
N PHE D 416 1.29 97.09 5.74
CA PHE D 416 1.15 96.27 6.93
C PHE D 416 0.11 96.95 7.81
N VAL D 417 -1.10 96.42 7.81
CA VAL D 417 -2.18 97.02 8.59
C VAL D 417 -1.97 96.72 10.07
N LEU E 1 31.14 37.98 -34.96
CA LEU E 1 32.59 38.12 -34.85
C LEU E 1 33.39 36.94 -35.44
N PRO E 2 32.99 35.69 -35.18
CA PRO E 2 33.66 34.58 -35.86
C PRO E 2 33.50 34.68 -37.37
N ALA E 3 34.55 34.30 -38.09
CA ALA E 3 34.57 34.47 -39.53
C ALA E 3 33.62 33.52 -40.22
N TYR E 4 33.20 33.91 -41.43
CA TYR E 4 32.42 33.07 -42.33
C TYR E 4 33.13 33.02 -43.67
N ASN E 5 33.45 31.81 -44.14
CA ASN E 5 34.18 31.67 -45.40
C ASN E 5 33.22 31.47 -46.57
N SER E 6 32.42 30.40 -46.53
CA SER E 6 31.40 30.12 -47.53
C SER E 6 31.98 30.15 -48.95
N ASP E 7 33.06 29.40 -49.14
CA ASP E 7 33.71 29.26 -50.44
C ASP E 7 33.48 27.86 -50.95
N ILE E 8 33.16 27.76 -52.26
CA ILE E 8 32.91 26.45 -52.83
C ILE E 8 34.19 25.63 -52.86
N GLN E 9 35.33 26.28 -53.08
CA GLN E 9 36.60 25.59 -53.18
C GLN E 9 37.12 25.10 -51.84
N GLN E 10 36.36 25.24 -50.76
CA GLN E 10 36.75 24.65 -49.48
C GLN E 10 36.70 23.13 -49.53
N ALA E 11 35.98 22.56 -50.50
CA ALA E 11 35.86 21.11 -50.59
C ALA E 11 37.10 20.47 -51.23
N LEU E 12 37.86 21.25 -51.99
CA LEU E 12 39.08 20.72 -52.59
C LEU E 12 40.14 20.49 -51.52
N LYS E 13 40.88 19.38 -51.66
CA LYS E 13 41.77 18.91 -50.62
C LYS E 13 43.11 18.49 -51.23
N TRP E 14 43.99 17.96 -50.38
CA TRP E 14 45.35 17.63 -50.82
C TRP E 14 45.36 16.58 -51.91
N LEU E 15 44.50 15.55 -51.76
CA LEU E 15 44.40 14.48 -52.74
C LEU E 15 44.20 14.99 -54.16
N HIS E 16 43.34 15.98 -54.34
CA HIS E 16 42.99 16.51 -55.66
C HIS E 16 43.99 17.61 -55.96
N ASN E 17 45.21 17.21 -56.27
CA ASN E 17 46.29 18.14 -56.61
C ASN E 17 46.78 17.95 -58.03
N GLN E 18 47.03 16.70 -58.44
CA GLN E 18 47.32 16.36 -59.83
C GLN E 18 46.09 15.87 -60.58
N ALA E 19 44.89 16.26 -60.14
CA ALA E 19 43.67 15.83 -60.77
C ALA E 19 43.08 16.98 -61.56
N PRO E 20 43.03 16.91 -62.89
CA PRO E 20 42.42 18.00 -63.65
C PRO E 20 40.91 17.93 -63.67
N GLY E 21 40.35 16.72 -63.68
CA GLY E 21 38.91 16.54 -63.79
C GLY E 21 38.08 17.06 -62.64
N ILE E 22 38.34 16.56 -61.43
CA ILE E 22 37.53 16.95 -60.28
C ILE E 22 37.78 18.41 -59.91
N THR E 23 39.03 18.86 -60.03
CA THR E 23 39.31 20.28 -59.79
C THR E 23 38.57 21.16 -60.80
N GLY E 24 38.55 20.75 -62.07
CA GLY E 24 37.81 21.51 -63.06
C GLY E 24 36.32 21.55 -62.75
N LEU E 25 35.76 20.41 -62.35
CA LEU E 25 34.33 20.36 -62.03
C LEU E 25 33.98 21.30 -60.90
N ILE E 26 34.71 21.21 -59.78
CA ILE E 26 34.42 22.06 -58.63
C ILE E 26 34.66 23.53 -58.97
N GLN E 27 35.76 23.83 -59.67
CA GLN E 27 36.05 25.23 -60.00
C GLN E 27 34.97 25.81 -60.87
N ARG E 28 34.53 25.08 -61.90
CA ARG E 28 33.53 25.62 -62.82
C ARG E 28 32.18 25.80 -62.13
N LYS E 29 31.82 24.88 -61.23
CA LYS E 29 30.66 25.14 -60.38
C LYS E 29 30.85 26.44 -59.62
N ALA E 30 32.05 26.67 -59.11
CA ALA E 30 32.31 27.86 -58.30
C ALA E 30 32.10 29.13 -59.11
N GLN E 31 32.69 29.22 -60.31
CA GLN E 31 32.45 30.48 -61.01
C GLN E 31 31.08 30.56 -61.63
N TRP E 32 30.37 29.45 -61.83
CA TRP E 32 28.97 29.55 -62.23
C TRP E 32 28.16 30.23 -61.14
N TYR E 33 28.34 29.79 -59.89
CA TYR E 33 27.66 30.47 -58.80
C TYR E 33 28.18 31.88 -58.58
N ASP E 34 29.46 32.13 -58.83
CA ASP E 34 29.95 33.50 -58.70
C ASP E 34 29.34 34.40 -59.75
N ARG E 35 29.01 33.85 -60.92
CA ARG E 35 28.33 34.64 -61.95
C ARG E 35 26.88 34.91 -61.56
N PHE E 36 26.16 33.88 -61.11
CA PHE E 36 24.72 33.98 -60.98
C PHE E 36 24.21 34.09 -59.55
N SER E 37 25.07 34.36 -58.58
CA SER E 37 24.53 34.47 -57.23
C SER E 37 25.04 35.67 -56.44
N ARG E 38 26.23 36.18 -56.77
CA ARG E 38 26.79 37.34 -56.08
C ARG E 38 27.01 38.52 -57.01
N GLN E 39 27.57 38.28 -58.20
CA GLN E 39 27.67 39.34 -59.19
C GLN E 39 26.30 39.85 -59.59
N PHE E 40 25.31 38.95 -59.64
CA PHE E 40 23.95 39.36 -59.96
C PHE E 40 23.42 40.31 -58.89
N TRP E 41 23.67 40.00 -57.61
CA TRP E 41 23.21 40.89 -56.55
C TRP E 41 23.92 42.22 -56.60
N ALA E 42 25.21 42.22 -56.96
CA ALA E 42 25.94 43.48 -57.10
C ALA E 42 25.33 44.34 -58.19
N ASN E 43 25.04 43.73 -59.35
CA ASN E 43 24.44 44.49 -60.45
C ASN E 43 23.04 44.98 -60.07
N TRP E 44 22.27 44.13 -59.40
CA TRP E 44 20.93 44.52 -58.96
C TRP E 44 20.99 45.69 -58.00
N GLU E 45 21.95 45.67 -57.08
CA GLU E 45 22.10 46.79 -56.15
C GLU E 45 22.49 48.06 -56.88
N ARG E 46 23.44 47.96 -57.81
CA ARG E 46 23.89 49.11 -58.58
C ARG E 46 22.77 49.70 -59.44
N ASP E 47 21.82 48.88 -59.88
CA ASP E 47 20.69 49.40 -60.64
C ASP E 47 19.55 49.92 -59.76
N VAL E 48 19.37 49.34 -58.58
CA VAL E 48 18.41 49.87 -57.62
C VAL E 48 18.86 51.21 -57.06
N PHE E 49 20.17 51.39 -56.84
CA PHE E 49 20.72 52.66 -56.38
C PHE E 49 20.23 53.78 -57.26
N HIS E 50 19.51 54.75 -56.68
CA HIS E 50 18.72 55.67 -57.49
C HIS E 50 19.60 56.68 -58.21
N LEU E 51 20.62 57.22 -57.54
CA LEU E 51 21.48 58.21 -58.18
C LEU E 51 22.18 57.66 -59.41
N LYS E 52 22.42 56.35 -59.46
CA LYS E 52 23.06 55.71 -60.60
C LYS E 52 22.18 54.64 -61.21
N THR E 53 20.85 54.78 -61.11
CA THR E 53 19.97 53.85 -61.81
C THR E 53 20.10 54.08 -63.31
N ALA E 54 20.73 53.13 -64.00
CA ALA E 54 20.95 53.26 -65.43
C ALA E 54 19.92 52.54 -66.28
N ASN E 55 19.45 51.38 -65.85
CA ASN E 55 18.49 50.63 -66.65
C ASN E 55 17.13 51.29 -66.58
N PRO E 56 16.35 51.30 -67.66
CA PRO E 56 14.95 51.75 -67.55
C PRO E 56 14.13 50.89 -66.62
N PHE E 57 14.57 49.66 -66.36
CA PHE E 57 13.86 48.78 -65.43
C PHE E 57 13.78 49.40 -64.05
N GLY E 58 14.91 49.87 -63.51
CA GLY E 58 14.90 50.48 -62.19
C GLY E 58 14.09 51.77 -62.17
N LEU E 59 14.15 52.55 -63.25
CA LEU E 59 13.39 53.78 -63.31
C LEU E 59 11.88 53.51 -63.29
N MET E 60 11.45 52.50 -64.04
CA MET E 60 10.03 52.13 -64.01
C MET E 60 9.63 51.57 -62.66
N VAL E 61 10.53 50.82 -62.01
CA VAL E 61 10.24 50.33 -60.67
C VAL E 61 10.03 51.49 -59.71
N TRP E 62 10.86 52.52 -59.82
CA TRP E 62 10.70 53.70 -58.96
C TRP E 62 9.43 54.47 -59.32
N CYS E 63 9.04 54.45 -60.59
CA CYS E 63 7.76 55.02 -60.98
C CYS E 63 6.61 54.31 -60.27
N ILE E 64 6.67 52.99 -60.20
CA ILE E 64 5.65 52.24 -59.47
C ILE E 64 5.69 52.57 -57.99
N ILE E 65 6.91 52.68 -57.42
CA ILE E 65 7.04 52.90 -55.98
C ILE E 65 6.47 54.26 -55.60
N LEU E 66 6.80 55.30 -56.36
CA LEU E 66 6.33 56.64 -56.06
C LEU E 66 5.02 57.00 -56.75
N GLY E 67 4.51 56.13 -57.64
CA GLY E 67 3.22 56.36 -58.26
C GLY E 67 3.17 57.43 -59.32
N THR E 68 4.29 57.80 -59.92
CA THR E 68 4.29 58.77 -60.99
C THR E 68 3.87 58.09 -62.30
N PRO E 69 3.33 58.86 -63.26
CA PRO E 69 3.05 58.28 -64.58
C PRO E 69 4.33 57.97 -65.35
N SER E 70 4.19 57.41 -66.54
CA SER E 70 5.36 57.12 -67.37
C SER E 70 5.16 57.44 -68.86
N LYS E 71 4.43 58.50 -69.20
CA LYS E 71 4.20 58.81 -70.60
C LYS E 71 5.35 59.64 -71.18
N GLY E 72 5.65 60.77 -70.56
CA GLY E 72 6.58 61.69 -71.15
C GLY E 72 8.03 61.29 -71.09
N PHE E 73 8.35 60.20 -70.40
CA PHE E 73 9.73 59.78 -70.18
C PHE E 73 10.15 58.81 -71.27
N GLY E 74 11.28 59.10 -71.91
CA GLY E 74 11.84 58.19 -72.89
C GLY E 74 12.51 57.02 -72.21
N LEU E 75 12.09 55.80 -72.55
CA LEU E 75 12.59 54.62 -71.85
C LEU E 75 14.03 54.28 -72.27
N TYR E 76 14.22 53.91 -73.53
CA TYR E 76 15.50 53.37 -73.95
C TYR E 76 15.74 53.65 -75.42
N PRO E 77 16.98 53.95 -75.81
CA PRO E 77 17.37 53.94 -77.23
C PRO E 77 17.88 52.60 -77.73
N LYS E 78 17.62 51.50 -77.01
CA LYS E 78 18.25 50.22 -77.28
C LYS E 78 17.70 49.57 -78.55
N ASN E 79 18.33 48.46 -78.93
CA ASN E 79 17.90 47.69 -80.09
C ASN E 79 16.49 47.14 -79.92
N SER E 80 16.06 46.93 -78.67
CA SER E 80 14.69 46.47 -78.44
C SER E 80 13.66 47.48 -78.96
N SER E 81 14.03 48.75 -79.03
CA SER E 81 13.17 49.75 -79.63
C SER E 81 13.06 49.51 -81.13
N TRP E 82 11.94 49.96 -81.70
CA TRP E 82 11.66 49.70 -83.10
C TRP E 82 12.69 50.40 -83.99
N ALA E 83 13.01 49.75 -85.12
CA ALA E 83 13.85 50.32 -86.18
C ALA E 83 15.26 50.65 -85.65
N PHE E 84 15.97 49.59 -85.28
CA PHE E 84 17.41 49.66 -85.05
C PHE E 84 18.03 48.31 -85.35
N GLY E 85 19.29 48.31 -85.76
CA GLY E 85 19.96 47.07 -86.09
C GLY E 85 21.44 47.29 -86.27
N ARG E 86 22.18 46.17 -86.33
CA ARG E 86 23.62 46.27 -86.51
C ARG E 86 23.97 46.66 -87.94
N LEU E 87 23.14 46.27 -88.91
CA LEU E 87 23.26 46.86 -90.24
C LEU E 87 22.30 48.02 -90.41
N ARG E 88 20.99 47.74 -90.44
CA ARG E 88 19.90 48.72 -90.52
C ARG E 88 20.11 49.78 -91.61
N GLN E 89 21.00 49.56 -92.57
CA GLN E 89 21.07 50.46 -93.72
C GLN E 89 19.96 50.25 -94.73
N ASN E 90 19.29 49.10 -94.72
CA ASN E 90 18.31 48.80 -95.75
C ASN E 90 17.04 49.62 -95.52
N PHE E 91 16.26 49.77 -96.60
CA PHE E 91 14.95 50.40 -96.59
C PHE E 91 15.00 51.87 -96.19
N ILE E 92 16.12 52.56 -96.44
CA ILE E 92 16.26 53.96 -96.11
C ILE E 92 16.87 54.67 -97.30
N TYR E 93 16.75 56.00 -97.31
CA TYR E 93 17.30 56.82 -98.40
C TYR E 93 18.81 56.86 -98.22
N SER E 94 19.49 55.93 -98.89
CA SER E 94 20.88 55.58 -98.59
C SER E 94 21.88 56.38 -99.40
N GLY E 95 21.53 57.60 -99.81
CA GLY E 95 22.40 58.41 -100.63
C GLY E 95 22.26 58.18 -102.12
N THR E 96 21.68 57.06 -102.53
CA THR E 96 21.29 56.89 -103.92
C THR E 96 20.01 57.66 -104.23
N GLN E 97 19.08 57.69 -103.27
CA GLN E 97 17.79 58.37 -103.47
C GLN E 97 17.81 59.81 -102.97
N VAL E 98 18.00 60.02 -101.68
CA VAL E 98 17.97 61.35 -101.07
C VAL E 98 18.94 61.41 -99.91
N PRO E 99 19.80 62.41 -99.83
CA PRO E 99 20.68 62.56 -98.66
C PRO E 99 19.89 62.99 -97.43
N PRO E 100 19.94 62.20 -96.35
CA PRO E 100 19.16 62.52 -95.16
C PRO E 100 19.99 63.33 -94.17
N PRO E 101 19.37 63.82 -93.09
CA PRO E 101 20.15 64.47 -92.03
C PRO E 101 21.15 63.51 -91.39
N ALA E 102 22.28 64.07 -90.95
CA ALA E 102 23.33 63.30 -90.30
C ALA E 102 23.32 63.41 -88.79
N ASP E 103 23.10 64.63 -88.26
CA ASP E 103 23.06 64.84 -86.81
C ASP E 103 21.67 64.48 -86.30
N ALA E 104 21.39 63.18 -86.29
CA ALA E 104 20.12 62.66 -85.82
C ALA E 104 20.37 61.40 -85.01
N SER E 105 19.42 61.10 -84.13
CA SER E 105 19.51 59.90 -83.32
C SER E 105 19.48 58.67 -84.22
N PRO E 106 20.22 57.62 -83.88
CA PRO E 106 20.28 56.44 -84.75
C PRO E 106 18.92 55.80 -84.92
N GLY E 107 18.70 55.23 -86.10
CA GLY E 107 17.47 54.53 -86.41
C GLY E 107 16.36 55.47 -86.87
N GLY E 108 15.18 54.89 -87.04
CA GLY E 108 14.00 55.66 -87.39
C GLY E 108 13.70 56.72 -86.34
N ASN E 109 13.56 57.97 -86.77
CA ASN E 109 13.46 59.09 -85.85
C ASN E 109 12.04 59.28 -85.32
N PHE E 110 11.18 58.26 -85.51
CA PHE E 110 9.86 58.32 -84.92
C PHE E 110 9.91 58.22 -83.41
N TYR E 111 10.91 57.52 -82.87
CA TYR E 111 11.13 57.49 -81.44
C TYR E 111 11.55 58.86 -80.95
N GLY E 112 10.99 59.27 -79.80
CA GLY E 112 11.19 60.61 -79.32
C GLY E 112 10.35 61.66 -80.03
N GLY E 113 9.38 61.23 -80.84
CA GLY E 113 8.53 62.17 -81.53
C GLY E 113 7.68 62.98 -80.57
N GLY E 114 7.29 64.15 -81.02
CA GLY E 114 6.68 65.12 -80.14
C GLY E 114 7.73 65.79 -79.28
N ASN E 115 7.24 66.65 -78.39
CA ASN E 115 8.14 67.44 -77.55
C ASN E 115 8.49 66.72 -76.25
N ALA E 116 7.46 66.32 -75.49
CA ALA E 116 7.66 65.83 -74.12
C ALA E 116 8.57 64.60 -74.05
N GLU E 117 8.64 63.80 -75.11
CA GLU E 117 9.46 62.60 -75.09
C GLU E 117 10.95 62.95 -75.08
N ILE E 118 11.68 62.38 -74.11
CA ILE E 118 13.10 62.65 -73.94
C ILE E 118 13.89 61.48 -74.51
N LEU E 119 15.07 61.78 -75.06
CA LEU E 119 15.97 60.75 -75.53
C LEU E 119 17.12 60.45 -74.56
N ASN E 120 17.26 61.25 -73.51
CA ASN E 120 18.31 61.06 -72.51
C ASN E 120 17.71 60.41 -71.28
N LEU E 121 18.59 60.07 -70.32
CA LEU E 121 18.20 59.20 -69.23
C LEU E 121 18.50 59.76 -67.85
N ASP E 122 19.44 60.69 -67.72
CA ASP E 122 19.77 61.18 -66.38
C ASP E 122 18.72 62.16 -65.85
N GLU E 123 18.16 63.00 -66.72
CA GLU E 123 17.13 63.91 -66.25
C GLU E 123 15.89 63.16 -65.82
N ILE E 124 15.73 61.91 -66.26
CA ILE E 124 14.70 61.05 -65.68
C ILE E 124 14.99 60.82 -64.21
N ARG E 125 16.26 60.55 -63.86
CA ARG E 125 16.64 60.39 -62.46
C ARG E 125 16.40 61.68 -61.68
N LYS E 126 16.78 62.82 -62.27
CA LYS E 126 16.53 64.10 -61.58
C LYS E 126 15.05 64.35 -61.36
N VAL E 127 14.20 64.08 -62.37
CA VAL E 127 12.78 64.37 -62.19
C VAL E 127 12.17 63.43 -61.16
N LEU E 128 12.60 62.16 -61.13
CA LEU E 128 12.09 61.25 -60.11
C LEU E 128 12.51 61.69 -58.71
N GLN E 129 13.77 62.11 -58.55
CA GLN E 129 14.21 62.59 -57.24
C GLN E 129 13.45 63.84 -56.82
N LEU E 130 13.23 64.77 -57.75
CA LEU E 130 12.48 65.98 -57.42
C LEU E 130 11.04 65.63 -57.05
N ARG E 131 10.45 64.65 -57.73
CA ARG E 131 9.12 64.20 -57.35
C ARG E 131 9.12 63.65 -55.93
N TYR E 132 10.13 62.86 -55.59
CA TYR E 132 10.23 62.38 -54.21
C TYR E 132 10.31 63.54 -53.23
N VAL E 133 11.11 64.56 -53.57
CA VAL E 133 11.24 65.72 -52.70
C VAL E 133 9.88 66.39 -52.51
N ALA E 134 9.14 66.57 -53.60
CA ALA E 134 7.83 67.20 -53.50
C ALA E 134 6.87 66.36 -52.65
N LEU E 135 6.90 65.04 -52.85
CA LEU E 135 6.01 64.15 -52.09
C LEU E 135 6.40 64.11 -50.62
N ILE E 136 7.64 64.43 -50.28
CA ILE E 136 8.08 64.35 -48.90
C ILE E 136 8.16 65.73 -48.23
N SER E 137 8.04 66.81 -49.00
CA SER E 137 8.21 68.14 -48.45
C SER E 137 6.87 68.80 -48.14
N ASN E 138 6.92 69.81 -47.27
CA ASN E 138 5.73 70.57 -46.93
C ASN E 138 5.62 71.89 -47.69
N GLY E 139 6.71 72.63 -47.86
CA GLY E 139 6.59 73.89 -48.56
C GLY E 139 7.54 74.99 -48.15
N SER E 140 8.35 74.77 -47.12
CA SER E 140 9.40 75.73 -46.79
C SER E 140 10.36 75.84 -47.96
N ILE E 141 10.37 77.01 -48.62
CA ILE E 141 11.12 77.16 -49.85
C ILE E 141 12.63 77.14 -49.65
N ALA E 142 13.12 77.41 -48.45
CA ALA E 142 14.55 77.27 -48.19
C ALA E 142 14.99 75.83 -48.39
N TYR E 143 14.22 74.89 -47.85
CA TYR E 143 14.48 73.48 -48.05
C TYR E 143 14.41 73.10 -49.53
N ILE E 144 13.42 73.62 -50.25
CA ILE E 144 13.27 73.27 -51.65
C ILE E 144 14.45 73.77 -52.46
N ASN E 145 14.90 75.01 -52.19
CA ASN E 145 16.07 75.53 -52.88
C ASN E 145 17.32 74.72 -52.55
N ARG E 146 17.49 74.35 -51.28
CA ARG E 146 18.65 73.54 -50.92
C ARG E 146 18.65 72.22 -51.66
N MET E 147 17.50 71.56 -51.72
CA MET E 147 17.41 70.28 -52.40
C MET E 147 17.60 70.44 -53.91
N LEU E 148 17.07 71.51 -54.49
CA LEU E 148 17.27 71.78 -55.91
C LEU E 148 18.75 71.95 -56.23
N ARG E 149 19.46 72.71 -55.38
CA ARG E 149 20.89 72.87 -55.56
C ARG E 149 21.63 71.54 -55.41
N TYR E 150 21.20 70.72 -54.45
CA TYR E 150 21.85 69.43 -54.25
C TYR E 150 21.68 68.53 -55.47
N ILE E 151 20.46 68.41 -55.98
CA ILE E 151 20.20 67.47 -57.06
C ILE E 151 20.74 67.97 -58.38
N PHE E 152 20.64 69.28 -58.64
CA PHE E 152 20.97 69.82 -59.95
C PHE E 152 22.44 70.20 -60.07
N ASN E 153 22.98 70.92 -59.08
CA ASN E 153 24.37 71.32 -59.08
C ASN E 153 25.28 70.34 -58.34
N ASP E 154 24.75 69.19 -57.92
CA ASP E 154 25.53 68.16 -57.23
C ASP E 154 26.15 68.71 -55.94
N ASP E 155 25.42 69.60 -55.28
CA ASP E 155 25.88 70.28 -54.06
C ASP E 155 27.19 71.01 -54.30
N GLU E 156 27.14 71.97 -55.23
CA GLU E 156 28.29 72.84 -55.46
C GLU E 156 27.82 74.28 -55.55
N PRO E 157 28.61 75.22 -55.06
CA PRO E 157 28.20 76.63 -55.08
C PRO E 157 27.95 77.15 -56.49
N TRP E 158 27.02 78.10 -56.58
CA TRP E 158 26.46 78.58 -57.83
C TRP E 158 27.32 79.68 -58.46
N ASP E 159 26.87 80.13 -59.62
CA ASP E 159 27.42 81.29 -60.31
C ASP E 159 26.27 82.18 -60.76
N GLU E 160 26.31 83.45 -60.34
CA GLU E 160 25.19 84.35 -60.56
C GLU E 160 25.15 84.94 -61.95
N ALA E 161 26.19 84.73 -62.76
CA ALA E 161 26.24 85.29 -64.10
C ALA E 161 25.22 84.64 -65.02
N THR E 162 24.58 83.53 -64.60
CA THR E 162 23.63 82.82 -65.41
C THR E 162 22.20 82.83 -64.88
N GLY E 163 22.00 83.05 -63.58
CA GLY E 163 20.65 83.07 -63.03
C GLY E 163 20.01 81.70 -63.01
N LEU E 164 20.50 80.82 -62.15
CA LEU E 164 20.21 79.40 -62.21
C LEU E 164 18.87 79.07 -61.56
N TYR E 165 18.65 77.78 -61.32
CA TYR E 165 17.32 77.23 -61.03
C TYR E 165 16.93 77.36 -59.57
N PHE E 166 16.11 78.36 -59.25
CA PHE E 166 15.62 78.60 -57.90
C PHE E 166 14.09 78.60 -57.91
N TYR E 167 13.52 78.51 -56.71
CA TYR E 167 12.08 78.37 -56.58
C TYR E 167 11.36 79.60 -57.12
N LEU E 168 11.41 80.72 -56.39
CA LEU E 168 11.10 82.05 -56.90
C LEU E 168 11.25 83.08 -55.79
N MET E 169 11.06 84.35 -56.14
CA MET E 169 11.13 85.45 -55.19
C MET E 169 9.85 85.61 -54.38
N ASP E 170 8.84 84.77 -54.62
CA ASP E 170 7.64 84.68 -53.80
C ASP E 170 6.80 85.94 -53.89
N SER E 171 5.61 85.93 -53.29
CA SER E 171 4.79 87.13 -53.25
C SER E 171 5.48 88.27 -52.52
N THR E 172 6.39 87.95 -51.61
CA THR E 172 7.17 88.97 -50.94
C THR E 172 8.13 89.66 -51.91
N GLY E 173 8.29 90.96 -51.74
CA GLY E 173 9.29 91.69 -52.50
C GLY E 173 10.70 91.26 -52.13
N GLU E 174 11.65 91.58 -52.99
CA GLU E 174 13.02 91.09 -52.80
C GLU E 174 13.94 92.16 -52.23
N ASN E 175 14.07 93.31 -52.90
CA ASN E 175 15.07 94.28 -52.50
C ASN E 175 14.64 95.68 -52.89
N GLY E 176 15.13 96.66 -52.12
CA GLY E 176 14.91 98.06 -52.39
C GLY E 176 16.19 98.81 -52.70
N PRO E 177 16.72 99.51 -51.71
CA PRO E 177 17.90 100.35 -51.94
C PRO E 177 19.17 99.52 -52.14
N VAL E 178 20.29 100.23 -52.26
CA VAL E 178 21.59 99.59 -52.41
C VAL E 178 22.22 99.43 -51.03
N GLU E 179 22.59 98.21 -50.68
CA GLU E 179 23.17 97.91 -49.38
C GLU E 179 24.47 97.15 -49.56
N ASN E 180 25.41 97.37 -48.63
CA ASN E 180 26.67 96.64 -48.56
C ASN E 180 27.49 96.82 -49.85
N LEU E 181 27.89 98.07 -50.08
CA LEU E 181 28.52 98.47 -51.33
C LEU E 181 30.03 98.62 -51.15
N ALA E 182 30.76 98.52 -52.27
CA ALA E 182 32.21 98.65 -52.28
C ALA E 182 32.65 99.21 -53.62
N VAL E 183 33.88 99.73 -53.65
CA VAL E 183 34.45 100.36 -54.83
C VAL E 183 35.84 99.80 -55.10
N TYR E 184 36.09 99.40 -56.35
CA TYR E 184 37.34 98.76 -56.76
C TYR E 184 37.95 99.55 -57.91
N ARG E 185 38.76 100.56 -57.60
CA ARG E 185 39.41 101.34 -58.65
C ARG E 185 40.59 100.59 -59.23
N LYS E 186 40.70 100.63 -60.56
CA LYS E 186 41.73 99.91 -61.30
C LYS E 186 42.86 100.86 -61.66
N ASP E 187 44.04 100.60 -61.12
CA ASP E 187 45.22 101.41 -61.41
C ASP E 187 46.45 100.55 -61.21
N TRP E 188 47.60 101.20 -61.06
CA TRP E 188 48.87 100.50 -60.85
C TRP E 188 48.86 99.61 -59.60
N GLU E 189 47.97 99.88 -58.66
CA GLU E 189 47.89 99.03 -57.47
C GLU E 189 47.15 97.72 -57.70
N GLY E 190 46.11 97.71 -58.53
CA GLY E 190 45.31 96.50 -58.70
C GLY E 190 43.97 96.58 -57.96
N MET E 191 43.49 95.42 -57.52
CA MET E 191 42.27 95.35 -56.70
C MET E 191 42.43 96.19 -55.44
N VAL E 192 41.70 97.30 -55.37
CA VAL E 192 41.80 98.21 -54.24
C VAL E 192 40.42 98.40 -53.65
N LEU E 193 40.21 97.93 -52.42
CA LEU E 193 39.00 98.20 -51.67
C LEU E 193 39.22 99.42 -50.81
N LEU E 194 38.16 100.20 -50.60
CA LEU E 194 38.26 101.45 -49.87
C LEU E 194 37.14 101.52 -48.84
N SER E 195 37.23 102.53 -47.99
CA SER E 195 36.24 102.75 -46.93
C SER E 195 35.78 104.19 -46.97
N SER E 196 34.46 104.37 -46.91
CA SER E 196 33.90 105.71 -46.83
C SER E 196 34.22 106.39 -45.51
N SER E 197 34.67 105.62 -44.51
CA SER E 197 35.05 106.20 -43.23
C SER E 197 36.40 106.91 -43.35
N PRO E 198 36.63 107.95 -42.55
CA PRO E 198 37.97 108.56 -42.49
C PRO E 198 39.01 107.56 -41.98
N ARG E 199 40.21 107.64 -42.56
CA ARG E 199 41.28 106.69 -42.30
C ARG E 199 42.21 107.20 -41.19
N THR E 200 43.12 106.30 -40.80
CA THR E 200 44.27 106.64 -39.99
C THR E 200 45.50 106.05 -40.65
N ASN E 201 46.61 106.79 -40.63
CA ASN E 201 47.85 106.35 -41.28
C ASN E 201 49.02 106.87 -40.48
N HIS E 202 49.47 106.07 -39.51
CA HIS E 202 50.39 106.55 -38.48
C HIS E 202 51.85 106.48 -38.90
N VAL E 203 52.14 106.07 -40.14
CA VAL E 203 53.50 106.10 -40.63
C VAL E 203 53.97 107.55 -40.74
N LEU E 204 55.25 107.78 -40.46
CA LEU E 204 55.75 109.15 -40.46
C LEU E 204 56.28 109.57 -41.83
N THR E 205 56.80 108.61 -42.61
CA THR E 205 57.33 108.91 -43.92
C THR E 205 57.05 107.76 -44.87
N SER E 206 57.05 108.07 -46.17
CA SER E 206 56.89 107.06 -47.22
C SER E 206 58.21 106.63 -47.82
N THR E 207 59.23 107.47 -47.76
CA THR E 207 60.53 107.19 -48.36
C THR E 207 61.63 107.44 -47.34
N PRO E 208 62.50 106.48 -47.06
CA PRO E 208 63.66 106.76 -46.23
C PRO E 208 64.55 107.83 -46.87
N ALA E 209 65.11 108.69 -46.03
CA ALA E 209 65.93 109.80 -46.50
C ALA E 209 67.36 109.72 -45.99
N SER E 210 67.56 109.57 -44.68
CA SER E 210 68.89 109.64 -44.10
C SER E 210 68.89 108.82 -42.80
N ASP E 211 69.93 109.00 -42.00
CA ASP E 211 70.00 108.29 -40.71
C ASP E 211 68.84 108.67 -39.80
N ALA E 212 68.51 109.96 -39.74
CA ALA E 212 67.45 110.43 -38.86
C ALA E 212 66.07 109.98 -39.31
N ASP E 213 65.91 109.64 -40.60
CA ASP E 213 64.60 109.23 -41.09
C ASP E 213 64.21 107.86 -40.53
N TRP E 214 65.12 106.91 -40.54
CA TRP E 214 64.90 105.57 -39.99
C TRP E 214 66.09 105.21 -39.11
N PRO E 215 66.17 105.75 -37.89
CA PRO E 215 67.30 105.43 -37.01
C PRO E 215 67.38 103.94 -36.74
N GLY E 216 68.62 103.43 -36.72
CA GLY E 216 68.88 102.00 -36.56
C GLY E 216 69.54 101.71 -35.21
N VAL E 217 69.20 100.57 -34.64
CA VAL E 217 69.67 100.16 -33.32
C VAL E 217 70.47 98.87 -33.48
N ASP E 218 71.60 98.78 -32.78
CA ASP E 218 72.47 97.61 -32.82
C ASP E 218 72.69 97.08 -31.40
N PRO E 219 71.84 96.17 -30.92
CA PRO E 219 71.99 95.67 -29.54
C PRO E 219 73.31 94.96 -29.29
N ALA E 220 73.62 93.95 -30.10
CA ALA E 220 74.89 93.26 -29.93
C ALA E 220 76.07 94.10 -30.42
N ALA E 221 75.83 94.94 -31.42
CA ALA E 221 76.87 95.78 -32.03
C ALA E 221 78.04 94.93 -32.54
N SER E 222 77.71 93.93 -33.35
CA SER E 222 78.74 93.09 -33.96
C SER E 222 79.45 93.80 -35.10
N GLY E 223 78.93 94.95 -35.54
CA GLY E 223 79.56 95.71 -36.59
C GLY E 223 78.84 97.02 -36.85
N ILE E 224 78.82 97.46 -38.10
CA ILE E 224 78.10 98.68 -38.45
C ILE E 224 76.60 98.45 -38.29
N PRO E 225 75.85 99.40 -37.74
CA PRO E 225 74.38 99.28 -37.76
C PRO E 225 73.85 99.39 -39.18
N VAL E 226 72.55 99.23 -39.37
CA VAL E 226 71.98 99.31 -40.72
C VAL E 226 72.13 100.73 -41.22
N THR E 227 72.75 100.88 -42.39
CA THR E 227 72.91 102.18 -43.02
C THR E 227 71.85 102.37 -44.08
N VAL E 228 71.24 103.55 -44.06
CA VAL E 228 70.19 103.92 -45.01
C VAL E 228 70.75 104.96 -45.97
N GLU E 229 70.67 104.69 -47.26
CA GLU E 229 71.17 105.60 -48.28
C GLU E 229 70.14 105.65 -49.41
N THR E 230 69.75 106.86 -49.79
CA THR E 230 68.70 107.02 -50.79
C THR E 230 69.26 106.76 -52.19
N ALA E 231 68.56 105.92 -52.95
CA ALA E 231 68.94 105.58 -54.31
C ALA E 231 67.97 106.20 -55.30
N SER E 232 68.14 105.84 -56.58
CA SER E 232 67.30 106.34 -57.66
C SER E 232 66.90 105.17 -58.55
N ALA E 233 65.59 104.94 -58.65
CA ALA E 233 65.06 103.88 -59.51
C ALA E 233 63.60 104.18 -59.80
N THR E 234 63.06 103.48 -60.81
CA THR E 234 61.69 103.71 -61.25
C THR E 234 60.71 103.34 -60.15
N ALA E 235 60.03 104.35 -59.60
CA ALA E 235 59.00 104.12 -58.61
C ALA E 235 57.76 103.52 -59.27
N PRO E 236 56.87 102.88 -58.50
CA PRO E 236 55.61 102.40 -59.10
C PRO E 236 54.74 103.54 -59.61
N ASP E 237 54.75 104.68 -58.94
CA ASP E 237 53.90 105.80 -59.36
C ASP E 237 54.37 106.45 -60.65
N GLY E 238 55.66 106.36 -60.98
CA GLY E 238 56.18 106.95 -62.19
C GLY E 238 57.21 108.04 -61.95
N SER E 239 57.99 107.91 -60.88
CA SER E 239 59.03 108.88 -60.56
C SER E 239 60.28 108.10 -60.16
N ALA E 240 61.27 108.81 -59.62
CA ALA E 240 62.51 108.21 -59.14
C ALA E 240 62.77 108.73 -57.72
N THR E 241 62.20 108.04 -56.72
CA THR E 241 62.36 108.49 -55.34
C THR E 241 62.53 107.33 -54.36
N VAL E 242 62.83 106.13 -54.84
CA VAL E 242 62.96 104.97 -53.97
C VAL E 242 64.21 105.12 -53.10
N CYS E 243 64.36 104.25 -52.10
CA CYS E 243 65.53 104.26 -51.25
C CYS E 243 66.04 102.85 -51.04
N LYS E 244 67.32 102.73 -50.71
CA LYS E 244 67.94 101.44 -50.45
C LYS E 244 68.66 101.45 -49.12
N LEU E 245 69.05 100.26 -48.68
CA LEU E 245 69.74 100.07 -47.43
C LEU E 245 70.54 98.77 -47.49
N THR E 246 71.72 98.80 -46.87
CA THR E 246 72.65 97.68 -47.00
C THR E 246 72.87 97.04 -45.64
N LYS E 247 73.20 95.74 -45.68
CA LYS E 247 73.51 94.96 -44.49
C LYS E 247 74.91 94.39 -44.67
N PRO E 248 75.95 95.13 -44.30
CA PRO E 248 77.32 94.63 -44.49
C PRO E 248 77.62 93.42 -43.61
N ALA E 249 78.78 92.83 -43.84
CA ALA E 249 79.17 91.63 -43.10
C ALA E 249 79.31 91.93 -41.61
N GLY E 250 78.98 90.93 -40.80
CA GLY E 250 79.14 91.04 -39.36
C GLY E 250 78.27 92.09 -38.71
N SER E 251 77.00 92.15 -39.07
CA SER E 251 76.09 93.16 -38.53
C SER E 251 74.81 92.50 -38.02
N THR E 252 74.30 93.02 -36.90
CA THR E 252 73.03 92.61 -36.31
C THR E 252 72.27 93.88 -35.95
N ALA E 253 71.48 94.40 -36.90
CA ALA E 253 70.84 95.69 -36.70
C ALA E 253 69.59 95.78 -37.57
N TYR E 254 68.81 96.83 -37.32
CA TYR E 254 67.52 97.03 -37.94
C TYR E 254 67.14 98.51 -37.80
N VAL E 255 66.35 99.01 -38.75
CA VAL E 255 65.90 100.40 -38.76
C VAL E 255 64.50 100.47 -38.16
N SER E 256 64.22 101.56 -37.46
CA SER E 256 62.91 101.75 -36.82
C SER E 256 62.68 103.22 -36.59
N ALA E 257 61.77 103.83 -37.37
CA ALA E 257 61.41 105.22 -37.13
C ALA E 257 60.38 105.30 -36.01
N PRO E 258 60.44 106.33 -35.17
CA PRO E 258 59.45 106.48 -34.10
C PRO E 258 58.05 106.65 -34.68
N ILE E 259 57.06 106.13 -33.96
CA ILE E 259 55.66 106.28 -34.31
C ILE E 259 54.94 106.81 -33.08
N ASP E 260 53.79 107.45 -33.31
CA ASP E 260 52.94 107.89 -32.22
C ASP E 260 52.39 106.68 -31.48
N GLY E 261 52.18 106.84 -30.17
CA GLY E 261 51.75 105.75 -29.34
C GLY E 261 50.81 106.16 -28.23
N PRO E 262 50.03 105.20 -27.70
CA PRO E 262 49.95 103.83 -28.21
C PRO E 262 49.24 103.76 -29.56
N LEU E 263 49.63 102.81 -30.40
CA LEU E 263 49.11 102.76 -31.76
C LEU E 263 47.65 102.30 -31.77
N GLY E 264 47.33 101.26 -31.02
CA GLY E 264 45.97 100.73 -31.04
C GLY E 264 45.63 100.15 -29.69
N SER E 265 44.32 99.95 -29.49
CA SER E 265 43.79 99.43 -28.24
C SER E 265 43.24 98.04 -28.50
N GLY E 266 44.13 97.04 -28.44
CA GLY E 266 43.73 95.65 -28.59
C GLY E 266 43.03 95.34 -29.89
N SER E 267 43.30 96.10 -30.94
CA SER E 267 42.64 95.93 -32.23
C SER E 267 43.67 95.65 -33.31
N THR E 268 43.19 95.19 -34.45
CA THR E 268 44.06 94.72 -35.52
C THR E 268 44.87 95.87 -36.12
N VAL E 269 46.08 95.55 -36.54
CA VAL E 269 46.98 96.49 -37.20
C VAL E 269 47.48 95.82 -38.48
N THR E 270 47.32 96.52 -39.60
CA THR E 270 47.73 95.99 -40.90
C THR E 270 48.96 96.76 -41.38
N PHE E 271 50.13 96.27 -40.97
CA PHE E 271 51.37 96.80 -41.52
C PHE E 271 51.44 96.53 -43.02
N SER E 272 51.96 97.50 -43.77
CA SER E 272 52.06 97.38 -45.21
C SER E 272 53.46 97.77 -45.64
N PHE E 273 53.86 97.27 -46.82
CA PHE E 273 55.25 97.37 -47.26
C PHE E 273 55.30 97.14 -48.76
N PHE E 274 56.06 97.97 -49.45
CA PHE E 274 56.30 97.84 -50.89
C PHE E 274 57.78 97.57 -51.10
N ALA E 275 58.10 96.65 -52.01
CA ALA E 275 59.46 96.11 -52.12
C ALA E 275 59.95 96.13 -53.56
N LYS E 276 61.22 96.48 -53.73
CA LYS E 276 62.01 96.26 -54.94
C LYS E 276 63.17 95.33 -54.63
N ALA E 277 63.55 94.52 -55.61
CA ALA E 277 64.70 93.63 -55.45
C ALA E 277 65.99 94.42 -55.34
N GLY E 278 66.94 93.87 -54.59
CA GLY E 278 68.28 94.42 -54.52
C GLY E 278 69.30 93.34 -54.84
N SER E 279 70.21 93.08 -53.90
CA SER E 279 71.09 91.92 -54.06
C SER E 279 70.35 90.62 -53.76
N THR E 280 69.49 90.63 -52.74
CA THR E 280 68.79 89.44 -52.28
C THR E 280 67.44 89.29 -52.98
N ARG E 281 66.63 88.34 -52.51
CA ARG E 281 65.24 88.21 -52.92
C ARG E 281 64.30 88.14 -51.72
N PHE E 282 64.74 88.56 -50.54
CA PHE E 282 63.94 88.45 -49.33
C PHE E 282 64.06 89.70 -48.48
N ILE E 283 62.97 90.06 -47.82
CA ILE E 283 62.93 91.18 -46.88
C ILE E 283 62.21 90.71 -45.62
N ALA E 284 62.70 91.17 -44.46
CA ALA E 284 62.16 90.77 -43.17
C ALA E 284 61.48 91.95 -42.51
N ILE E 285 60.27 91.72 -42.01
CA ILE E 285 59.48 92.74 -41.32
C ILE E 285 59.13 92.21 -39.94
N GLN E 286 59.18 93.07 -38.94
CA GLN E 286 58.76 92.71 -37.58
C GLN E 286 57.82 93.79 -37.06
N SER E 287 56.76 93.37 -36.37
CA SER E 287 55.76 94.28 -35.79
C SER E 287 55.93 94.25 -34.28
N ALA E 288 56.73 95.19 -33.76
CA ALA E 288 57.10 95.17 -32.36
C ALA E 288 55.91 95.55 -31.47
N ALA E 289 55.99 95.15 -30.21
CA ALA E 289 54.99 95.41 -29.19
C ALA E 289 55.65 95.25 -27.84
N ASP E 290 54.84 95.12 -26.79
CA ASP E 290 55.39 94.94 -25.45
C ASP E 290 56.27 93.70 -25.40
N PHE E 291 57.33 93.78 -24.62
CA PHE E 291 58.35 92.73 -24.59
C PHE E 291 57.98 91.66 -23.57
N PRO E 292 57.88 90.38 -23.97
CA PRO E 292 57.94 89.91 -25.36
C PRO E 292 56.57 89.60 -25.97
N SER E 293 56.20 90.34 -27.02
CA SER E 293 55.02 89.95 -27.79
C SER E 293 55.20 90.21 -29.29
N ARG E 294 56.41 90.49 -29.75
CA ARG E 294 56.64 90.90 -31.13
C ARG E 294 56.42 89.73 -32.08
N ALA E 295 55.93 90.05 -33.29
CA ALA E 295 55.76 89.08 -34.36
C ALA E 295 56.42 89.61 -35.62
N ASP E 296 57.07 88.73 -36.36
CA ASP E 296 57.81 89.12 -37.55
C ASP E 296 57.40 88.28 -38.74
N ALA E 297 57.95 88.62 -39.90
CA ALA E 297 57.67 87.89 -41.13
C ALA E 297 58.83 88.08 -42.10
N VAL E 298 58.93 87.15 -43.06
CA VAL E 298 59.92 87.21 -44.12
C VAL E 298 59.25 86.88 -45.45
N PHE E 299 59.50 87.70 -46.47
CA PHE E 299 58.81 87.60 -47.74
C PHE E 299 59.79 87.23 -48.85
N ASP E 300 59.39 86.29 -49.69
CA ASP E 300 60.19 85.89 -50.86
C ASP E 300 59.81 86.78 -52.03
N LEU E 301 60.68 87.73 -52.37
CA LEU E 301 60.36 88.72 -53.40
C LEU E 301 60.34 88.07 -54.79
N ASP E 302 61.06 86.97 -54.97
CA ASP E 302 61.07 86.30 -56.26
C ASP E 302 59.89 85.35 -56.40
N SER E 303 59.82 84.34 -55.52
CA SER E 303 58.76 83.35 -55.62
C SER E 303 57.40 83.95 -55.27
N GLY E 304 57.34 84.74 -54.20
CA GLY E 304 56.09 85.33 -53.78
C GLY E 304 55.39 84.51 -52.72
N ASN E 305 56.14 84.06 -51.72
CA ASN E 305 55.60 83.27 -50.62
C ASN E 305 56.11 83.82 -49.31
N VAL E 306 55.20 84.08 -48.38
CA VAL E 306 55.61 84.39 -47.02
C VAL E 306 56.03 83.10 -46.34
N ILE E 307 57.20 83.12 -45.70
CA ILE E 307 57.82 81.88 -45.26
C ILE E 307 57.82 81.81 -43.74
N SER E 308 58.53 82.73 -43.11
CA SER E 308 58.79 82.69 -41.67
C SER E 308 57.82 83.62 -40.97
N ASP E 309 57.08 83.07 -40.00
CA ASP E 309 56.16 83.85 -39.18
C ASP E 309 56.18 83.24 -37.79
N GLN E 310 56.23 84.08 -36.76
CA GLN E 310 56.48 83.64 -35.40
C GLN E 310 55.46 84.26 -34.45
N MET E 311 55.17 83.54 -33.37
CA MET E 311 54.28 83.98 -32.30
C MET E 311 55.04 84.11 -30.98
N LEU E 312 54.95 85.27 -30.36
CA LEU E 312 55.18 85.41 -28.92
C LEU E 312 53.88 85.61 -28.18
N ASP E 313 52.90 86.20 -28.84
CA ASP E 313 51.51 86.33 -28.43
C ASP E 313 50.66 85.63 -29.49
N SER E 314 49.34 85.84 -29.42
CA SER E 314 48.41 85.31 -30.41
C SER E 314 48.24 86.25 -31.60
N SER E 315 49.25 87.05 -31.90
CA SER E 315 49.11 88.24 -32.74
C SER E 315 48.64 87.98 -34.16
N VAL E 316 49.45 87.32 -34.98
CA VAL E 316 49.23 87.34 -36.43
C VAL E 316 48.01 86.51 -36.79
N VAL E 317 47.20 87.02 -37.71
CA VAL E 317 46.02 86.33 -38.22
C VAL E 317 46.16 86.04 -39.71
N SER E 318 46.63 87.01 -40.49
CA SER E 318 46.82 86.82 -41.91
C SER E 318 47.99 87.65 -42.38
N ALA E 319 48.78 87.07 -43.28
CA ALA E 319 49.95 87.74 -43.84
C ALA E 319 50.16 87.25 -45.27
N ARG E 320 49.71 88.07 -46.22
CA ARG E 320 49.69 87.70 -47.63
C ARG E 320 50.71 88.55 -48.38
N MET E 321 50.91 88.22 -49.66
CA MET E 321 51.83 88.96 -50.50
C MET E 321 51.26 89.04 -51.92
N ILE E 322 51.19 90.26 -52.45
CA ILE E 322 50.44 90.55 -53.67
C ILE E 322 51.40 90.70 -54.85
N ARG E 323 51.01 90.13 -55.98
CA ARG E 323 51.81 90.13 -57.20
C ARG E 323 51.25 91.12 -58.22
N LEU E 324 52.16 91.75 -58.96
CA LEU E 324 51.79 92.50 -60.17
C LEU E 324 52.98 92.58 -61.10
N GLU E 325 52.92 93.43 -62.12
CA GLU E 325 53.91 93.45 -63.20
C GLU E 325 55.16 94.24 -62.83
N ASN E 326 56.31 93.71 -63.27
CA ASN E 326 57.60 94.39 -63.21
C ASN E 326 58.12 94.54 -61.77
N GLY E 327 58.02 93.48 -60.99
CA GLY E 327 58.75 93.36 -59.74
C GLY E 327 58.17 94.09 -58.54
N TRP E 328 56.97 94.64 -58.63
CA TRP E 328 56.35 95.26 -57.47
C TRP E 328 55.57 94.23 -56.67
N TRP E 329 55.87 94.17 -55.36
CA TRP E 329 55.22 93.25 -54.45
C TRP E 329 54.74 94.01 -53.22
N ARG E 330 53.62 93.55 -52.68
CA ARG E 330 52.99 94.19 -51.53
C ARG E 330 53.12 93.25 -50.35
N CYS E 331 53.66 93.75 -49.25
CA CYS E 331 53.81 92.97 -48.03
C CYS E 331 52.85 93.51 -46.98
N VAL E 332 52.06 92.61 -46.42
CA VAL E 332 51.03 92.97 -45.44
C VAL E 332 51.16 92.04 -44.24
N LEU E 333 50.67 92.50 -43.10
CA LEU E 333 50.80 91.75 -41.86
C LEU E 333 49.70 92.20 -40.90
N THR E 334 48.73 91.33 -40.65
CA THR E 334 47.65 91.60 -39.70
C THR E 334 48.07 91.07 -38.33
N THR E 335 47.85 91.88 -37.29
CA THR E 335 48.20 91.51 -35.93
C THR E 335 46.98 91.66 -35.04
N LYS E 336 46.60 90.59 -34.35
CA LYS E 336 45.48 90.61 -33.43
C LYS E 336 45.98 90.12 -32.07
N THR E 337 46.34 91.06 -31.20
CA THR E 337 46.90 90.74 -29.89
C THR E 337 45.90 91.08 -28.81
N VAL E 338 45.88 90.26 -27.76
CA VAL E 338 44.96 90.50 -26.64
C VAL E 338 45.32 91.80 -25.92
N SER E 339 46.61 92.05 -25.72
CA SER E 339 47.05 93.30 -25.13
C SER E 339 46.89 94.45 -26.13
N SER E 340 47.34 95.63 -25.73
CA SER E 340 47.23 96.83 -26.55
C SER E 340 48.55 97.59 -26.67
N SER E 341 49.60 97.15 -25.97
CA SER E 341 50.86 97.89 -25.92
C SER E 341 51.62 97.72 -27.24
N PHE E 342 51.14 98.43 -28.26
CA PHE E 342 51.87 98.52 -29.52
C PHE E 342 52.95 99.58 -29.37
N ARG E 343 54.17 99.25 -29.77
CA ARG E 343 55.30 100.15 -29.61
C ARG E 343 55.89 100.63 -30.92
N ALA E 344 56.31 99.73 -31.80
CA ALA E 344 57.03 100.11 -32.99
C ALA E 344 56.89 99.00 -34.04
N ALA E 345 57.68 99.09 -35.10
CA ALA E 345 57.66 98.10 -36.17
C ALA E 345 58.98 98.14 -36.90
N TYR E 346 59.80 97.11 -36.74
CA TYR E 346 61.16 97.08 -37.26
C TYR E 346 61.20 96.47 -38.65
N VAL E 347 62.23 96.83 -39.42
CA VAL E 347 62.44 96.32 -40.76
C VAL E 347 63.93 96.11 -40.97
N ALA E 348 64.30 95.02 -41.62
CA ALA E 348 65.68 94.70 -41.93
C ALA E 348 65.71 93.70 -43.07
N PRO E 349 66.76 93.70 -43.88
CA PRO E 349 66.86 92.73 -44.97
C PRO E 349 67.20 91.33 -44.45
N ALA E 350 67.21 90.37 -45.37
CA ALA E 350 67.44 88.98 -45.03
C ALA E 350 68.41 88.34 -46.01
N GLU E 351 69.07 87.27 -45.55
CA GLU E 351 69.93 86.48 -46.41
C GLU E 351 69.11 85.51 -47.25
N THR E 352 68.35 84.63 -46.60
CA THR E 352 67.52 83.63 -47.26
C THR E 352 66.07 83.80 -46.81
N ASN E 353 65.18 82.96 -47.34
CA ASN E 353 63.76 83.04 -47.00
C ASN E 353 63.53 82.62 -45.56
N PHE E 354 64.30 81.66 -45.06
CA PHE E 354 64.22 81.25 -43.67
C PHE E 354 65.07 82.12 -42.75
N SER E 355 65.79 83.09 -43.30
CA SER E 355 66.61 83.96 -42.47
C SER E 355 65.72 84.83 -41.58
N TRP E 356 66.27 85.21 -40.43
CA TRP E 356 65.55 85.99 -39.43
C TRP E 356 65.87 87.47 -39.59
N ILE E 357 64.98 88.31 -39.06
CA ILE E 357 65.25 89.75 -39.08
C ILE E 357 66.47 90.07 -38.22
N ASP E 358 66.58 89.48 -37.03
CA ASP E 358 67.68 89.76 -36.12
C ASP E 358 68.88 88.85 -36.34
N SER E 359 68.82 87.98 -37.34
CA SER E 359 69.97 87.16 -37.68
C SER E 359 71.08 88.02 -38.29
N ASN E 360 72.32 87.64 -37.98
CA ASN E 360 73.48 88.32 -38.52
C ASN E 360 73.61 88.05 -40.02
N SER E 361 74.68 88.56 -40.60
CA SER E 361 74.98 88.37 -42.01
C SER E 361 76.39 87.80 -42.18
N SER E 362 76.62 87.21 -43.35
CA SER E 362 77.95 86.77 -43.74
C SER E 362 78.54 87.59 -44.88
N ALA E 363 77.76 88.48 -45.47
CA ALA E 363 78.19 89.28 -46.61
C ALA E 363 77.44 90.61 -46.58
N ALA E 364 77.41 91.29 -47.73
CA ALA E 364 76.69 92.54 -47.89
C ALA E 364 75.40 92.28 -48.67
N ILE E 365 74.30 92.83 -48.19
CA ILE E 365 72.99 92.65 -48.81
C ILE E 365 72.37 94.02 -49.07
N ASP E 366 71.86 94.19 -50.29
CA ASP E 366 71.23 95.44 -50.70
C ASP E 366 69.78 95.18 -51.08
N VAL E 367 68.92 96.17 -50.83
CA VAL E 367 67.50 96.04 -51.10
C VAL E 367 66.89 97.42 -51.25
N LEU E 368 65.79 97.50 -51.99
CA LEU E 368 65.10 98.76 -52.27
C LEU E 368 63.71 98.73 -51.64
N ILE E 369 63.27 99.88 -51.13
CA ILE E 369 62.03 100.01 -50.38
C ILE E 369 61.26 101.22 -50.90
N TRP E 370 59.94 101.20 -50.77
CA TRP E 370 59.13 102.38 -50.97
C TRP E 370 57.79 102.18 -50.27
N GLY E 371 57.06 103.29 -50.08
CA GLY E 371 55.67 103.25 -49.71
C GLY E 371 55.31 102.48 -48.45
N ALA E 372 55.69 102.99 -47.29
CA ALA E 372 55.34 102.37 -46.02
C ALA E 372 54.09 103.02 -45.44
N GLN E 373 53.28 102.21 -44.76
CA GLN E 373 52.04 102.70 -44.16
C GLN E 373 51.56 101.70 -43.11
N ILE E 374 50.88 102.22 -42.10
CA ILE E 374 50.29 101.41 -41.03
C ILE E 374 48.84 101.84 -40.85
N GLU E 375 47.93 100.87 -40.89
CA GLU E 375 46.52 101.15 -40.71
C GLU E 375 45.93 100.19 -39.69
N LEU E 376 44.91 100.69 -38.97
CA LEU E 376 44.16 99.88 -38.02
C LEU E 376 42.93 99.35 -38.75
N GLY E 377 43.11 98.25 -39.46
CA GLY E 377 42.03 97.61 -40.19
C GLY E 377 42.25 96.12 -40.36
N ASP E 378 41.70 95.54 -41.43
CA ASP E 378 41.89 94.12 -41.70
C ASP E 378 42.13 93.79 -43.16
N THR E 379 42.11 94.77 -44.06
CA THR E 379 42.25 94.51 -45.49
C THR E 379 43.18 95.55 -46.11
N PRO E 380 43.89 95.20 -47.18
CA PRO E 380 44.66 96.22 -47.89
C PRO E 380 43.77 97.22 -48.59
N THR E 381 44.27 98.46 -48.67
CA THR E 381 43.55 99.54 -49.33
C THR E 381 44.50 100.27 -50.27
N GLY E 382 44.05 101.39 -50.85
CA GLY E 382 44.95 102.23 -51.59
C GLY E 382 45.91 102.97 -50.69
N TYR E 383 47.01 103.42 -51.27
CA TYR E 383 48.03 104.11 -50.48
C TYR E 383 47.82 105.61 -50.52
N LEU E 384 47.98 106.24 -49.35
CA LEU E 384 47.86 107.68 -49.21
C LEU E 384 49.14 108.22 -48.58
N LYS E 385 49.78 109.16 -49.29
CA LYS E 385 51.07 109.67 -48.86
C LYS E 385 50.98 110.36 -47.51
N THR E 386 52.03 110.20 -46.71
CA THR E 386 52.14 110.83 -45.40
C THR E 386 53.51 111.48 -45.27
N THR E 387 53.55 112.58 -44.51
CA THR E 387 54.81 113.22 -44.16
C THR E 387 54.58 114.10 -42.94
N GLY E 388 55.50 114.02 -41.98
CA GLY E 388 55.39 114.84 -40.78
C GLY E 388 54.37 114.34 -39.78
N ALA E 389 53.14 114.10 -40.22
CA ALA E 389 52.06 113.70 -39.33
C ALA E 389 51.19 112.66 -40.02
N PRO E 390 50.48 111.83 -39.25
CA PRO E 390 49.44 110.98 -39.85
C PRO E 390 48.35 111.83 -40.48
N VAL E 391 47.81 111.34 -41.59
CA VAL E 391 46.87 112.09 -42.42
C VAL E 391 45.55 111.33 -42.48
N THR E 392 44.48 112.06 -42.78
CA THR E 392 43.13 111.50 -42.84
C THR E 392 42.40 112.08 -44.05
N ILE E 393 42.01 111.23 -44.99
CA ILE E 393 41.35 111.65 -46.22
C ILE E 393 40.22 110.68 -46.55
N THR E 394 39.07 111.23 -46.95
CA THR E 394 37.91 110.45 -47.38
C THR E 394 37.56 110.83 -48.81
N ASP E 395 37.40 109.83 -49.69
CA ASP E 395 37.33 110.12 -51.12
C ASP E 395 35.95 109.92 -51.74
N TYR E 396 35.29 108.78 -51.53
CA TYR E 396 34.00 108.53 -52.14
C TYR E 396 32.90 108.64 -51.10
N VAL E 397 31.68 108.93 -51.58
CA VAL E 397 30.55 109.16 -50.70
C VAL E 397 29.28 108.79 -51.45
N LEU E 398 28.26 108.34 -50.71
CA LEU E 398 26.96 107.99 -51.28
C LEU E 398 26.05 109.20 -51.31
N GLN E 399 25.31 109.34 -52.42
CA GLN E 399 24.30 110.38 -52.55
C GLN E 399 22.92 109.86 -52.15
N ASN E 400 22.47 108.77 -52.79
CA ASN E 400 21.23 108.12 -52.40
C ASN E 400 21.34 106.66 -52.80
N ALA E 401 20.66 105.79 -52.04
CA ALA E 401 20.65 104.37 -52.33
C ALA E 401 19.42 103.90 -53.07
N GLN E 402 18.27 104.57 -52.90
CA GLN E 402 17.07 104.16 -53.61
C GLN E 402 17.11 104.62 -55.07
N THR E 403 17.78 105.74 -55.35
CA THR E 403 17.86 106.25 -56.71
C THR E 403 19.10 105.78 -57.47
N GLY E 404 20.07 105.19 -56.78
CA GLY E 404 21.22 104.62 -57.45
C GLY E 404 22.24 105.60 -57.98
N THR E 405 22.30 106.82 -57.42
CA THR E 405 23.26 107.82 -57.85
C THR E 405 24.36 107.94 -56.81
N VAL E 406 25.61 108.02 -57.27
CA VAL E 406 26.78 108.13 -56.40
C VAL E 406 27.57 109.37 -56.80
N LYS E 407 28.27 109.93 -55.82
CA LYS E 407 29.13 111.09 -56.08
C LYS E 407 30.51 110.84 -55.51
N PHE E 408 31.52 110.98 -56.37
CA PHE E 408 32.90 111.07 -55.92
C PHE E 408 33.18 112.51 -55.48
N THR E 409 34.03 112.66 -54.46
CA THR E 409 34.38 113.99 -53.99
C THR E 409 35.47 114.59 -54.87
N GLN E 410 36.64 113.95 -54.90
CA GLN E 410 37.74 114.43 -55.72
C GLN E 410 37.62 113.90 -57.14
N PRO E 411 37.85 114.74 -58.15
CA PRO E 411 37.79 114.30 -59.55
C PRO E 411 38.84 113.23 -59.82
N LEU E 412 38.46 112.23 -60.60
CA LEU E 412 39.32 111.08 -60.87
C LEU E 412 40.29 111.38 -62.01
N PRO E 413 41.50 110.85 -61.96
CA PRO E 413 42.42 110.97 -63.09
C PRO E 413 41.97 110.09 -64.25
N THR E 414 42.67 110.23 -65.37
CA THR E 414 42.35 109.46 -66.56
C THR E 414 42.70 107.98 -66.35
N GLY E 415 41.86 107.11 -66.89
CA GLY E 415 42.18 105.69 -66.92
C GLY E 415 42.06 104.96 -65.61
N VAL E 416 41.30 105.49 -64.66
CA VAL E 416 41.02 104.81 -63.39
C VAL E 416 39.61 104.24 -63.48
N GLU E 417 39.52 102.91 -63.49
CA GLU E 417 38.26 102.21 -63.64
C GLU E 417 37.82 101.63 -62.31
N ALA E 418 36.60 101.95 -61.89
CA ALA E 418 36.07 101.49 -60.62
C ALA E 418 35.05 100.37 -60.86
N TYR E 419 34.77 99.64 -59.79
CA TYR E 419 33.82 98.54 -59.79
C TYR E 419 32.93 98.66 -58.56
N TRP E 420 31.83 97.93 -58.54
CA TRP E 420 30.96 97.95 -57.38
C TRP E 420 30.32 96.58 -57.18
N THR E 421 30.02 96.29 -55.91
CA THR E 421 29.46 95.01 -55.52
C THR E 421 28.38 95.24 -54.46
N GLY E 422 27.46 94.29 -54.37
CA GLY E 422 26.36 94.40 -53.43
C GLY E 422 25.07 93.95 -54.10
N ASP E 423 23.96 94.52 -53.65
CA ASP E 423 22.64 94.19 -54.15
C ASP E 423 21.84 95.45 -54.40
N TRP E 424 21.11 95.47 -55.52
CA TRP E 424 20.31 96.62 -55.89
C TRP E 424 19.11 96.17 -56.70
N LYS E 425 17.92 96.64 -56.31
CA LYS E 425 16.64 96.32 -56.94
C LYS E 425 16.52 94.86 -57.35
N GLY E 426 16.97 93.96 -56.48
CA GLY E 426 16.91 92.53 -56.73
C GLY E 426 18.16 91.93 -57.33
N GLY E 427 18.67 92.54 -58.40
CA GLY E 427 19.87 92.01 -59.03
C GLY E 427 21.08 92.10 -58.12
N THR E 428 21.96 91.11 -58.24
CA THR E 428 23.14 91.01 -57.40
C THR E 428 24.40 91.22 -58.25
N ALA E 429 25.40 91.86 -57.65
CA ALA E 429 26.67 92.18 -58.31
C ALA E 429 27.84 91.64 -57.50
N ALA E 430 27.75 90.36 -57.12
CA ALA E 430 28.78 89.75 -56.29
C ALA E 430 30.16 89.88 -56.92
N GLU E 431 30.27 89.55 -58.21
CA GLU E 431 31.49 89.82 -58.95
C GLU E 431 31.59 91.32 -59.22
N PRO E 432 32.80 91.86 -59.35
CA PRO E 432 32.95 93.29 -59.61
C PRO E 432 32.24 93.72 -60.89
N ALA E 433 31.62 94.89 -60.84
CA ALA E 433 30.84 95.41 -61.96
C ALA E 433 31.29 96.83 -62.28
N ARG E 434 31.69 97.06 -63.53
CA ARG E 434 32.19 98.35 -63.96
C ARG E 434 31.04 99.36 -63.99
N PHE E 435 31.27 100.55 -63.43
CA PHE E 435 30.29 101.61 -63.51
C PHE E 435 30.87 102.96 -63.92
N ALA E 436 32.18 103.15 -63.82
CA ALA E 436 32.80 104.44 -64.09
C ALA E 436 34.15 104.26 -64.76
N VAL E 437 34.46 105.18 -65.67
CA VAL E 437 35.79 105.33 -66.24
C VAL E 437 36.13 106.81 -66.14
N GLY E 438 36.95 107.17 -65.16
CA GLY E 438 37.24 108.58 -64.93
C GLY E 438 37.96 109.20 -66.12
N ASN E 439 37.35 110.23 -66.70
CA ASN E 439 37.88 110.88 -67.88
C ASN E 439 38.86 112.00 -67.57
N GLY E 440 38.98 112.41 -66.31
CA GLY E 440 39.99 113.38 -65.94
C GLY E 440 39.52 114.47 -65.01
N THR E 441 38.26 114.88 -65.13
CA THR E 441 37.74 115.97 -64.31
C THR E 441 36.38 115.69 -63.68
N GLN E 442 35.59 114.77 -64.20
CA GLN E 442 34.26 114.54 -63.66
C GLN E 442 34.31 113.70 -62.39
N ASP E 443 33.46 114.08 -61.44
CA ASP E 443 33.33 113.37 -60.18
C ASP E 443 31.91 112.95 -59.85
N THR E 444 30.97 113.05 -60.79
CA THR E 444 29.61 112.59 -60.60
C THR E 444 29.35 111.40 -61.53
N PHE E 445 28.97 110.27 -60.96
CA PHE E 445 28.77 109.04 -61.71
C PHE E 445 27.49 108.38 -61.25
N THR E 446 27.16 107.24 -61.85
CA THR E 446 25.99 106.45 -61.47
C THR E 446 26.35 104.97 -61.51
N LEU E 447 25.59 104.17 -60.77
CA LEU E 447 25.86 102.75 -60.66
C LEU E 447 25.40 102.00 -61.91
N SER E 448 25.88 100.77 -62.04
CA SER E 448 25.58 99.94 -63.20
C SER E 448 24.41 99.01 -62.90
N ASP E 449 24.15 98.06 -63.81
CA ASP E 449 23.01 97.17 -63.68
C ASP E 449 23.50 95.75 -63.40
N PRO E 450 23.11 95.14 -62.28
CA PRO E 450 23.52 93.76 -62.00
C PRO E 450 22.77 92.75 -62.84
N ALA E 451 22.90 91.46 -62.49
CA ALA E 451 22.30 90.38 -63.26
C ALA E 451 20.77 90.46 -63.31
N TYR E 452 20.16 91.28 -62.43
CA TYR E 452 18.72 91.56 -62.42
C TYR E 452 17.90 90.39 -61.91
N ILE E 453 16.94 90.68 -61.04
CA ILE E 453 16.06 89.69 -60.46
C ILE E 453 14.67 90.30 -60.33
N GLY E 454 13.65 89.51 -60.65
CA GLY E 454 12.28 90.00 -60.66
C GLY E 454 11.65 90.09 -59.29
N LEU E 455 12.02 91.14 -58.55
CA LEU E 455 11.70 91.24 -57.13
C LEU E 455 10.23 91.05 -56.77
N PRO E 456 9.24 91.66 -57.46
CA PRO E 456 7.88 91.58 -56.93
C PRO E 456 7.26 90.18 -56.98
N THR E 457 7.18 89.61 -58.18
CA THR E 457 6.32 88.46 -58.44
C THR E 457 4.99 88.60 -57.70
N SER E 458 4.40 89.78 -57.84
CA SER E 458 3.34 90.22 -56.96
C SER E 458 2.09 89.35 -57.10
N GLY E 459 1.29 89.35 -56.04
CA GLY E 459 0.08 88.56 -55.99
C GLY E 459 0.24 87.31 -55.16
N ALA E 460 -0.56 87.19 -54.11
CA ALA E 460 -0.50 86.02 -53.25
C ALA E 460 -0.96 84.77 -54.02
N PHE E 461 -0.47 83.62 -53.57
CA PHE E 461 -0.85 82.31 -54.10
C PHE E 461 -0.37 82.08 -55.54
N LYS E 462 0.49 82.94 -56.06
CA LYS E 462 1.00 82.77 -57.42
C LYS E 462 2.49 82.47 -57.36
N LEU E 463 2.91 81.41 -58.06
CA LEU E 463 4.28 80.94 -57.99
C LEU E 463 4.79 80.63 -59.39
N GLU E 464 6.11 80.70 -59.54
CA GLU E 464 6.77 80.42 -60.81
C GLU E 464 8.17 79.89 -60.49
N TYR E 465 8.96 79.68 -61.54
CA TYR E 465 10.36 79.26 -61.41
C TYR E 465 11.18 80.00 -62.47
N ARG E 466 12.47 80.15 -62.19
CA ARG E 466 13.39 80.68 -63.18
C ARG E 466 14.59 79.76 -63.30
N VAL E 467 15.02 79.53 -64.54
CA VAL E 467 16.14 78.64 -64.84
C VAL E 467 17.12 79.40 -65.72
N GLY E 468 18.38 78.96 -65.69
CA GLY E 468 19.42 79.61 -66.45
C GLY E 468 19.85 78.83 -67.68
N PRO E 469 20.93 79.25 -68.31
CA PRO E 469 21.48 78.50 -69.45
C PRO E 469 22.51 77.47 -69.02
N ALA E 470 23.06 77.63 -67.81
CA ALA E 470 24.13 76.74 -67.36
C ALA E 470 23.67 75.30 -67.26
N LEU E 471 22.45 75.08 -66.76
CA LEU E 471 21.91 73.73 -66.74
C LEU E 471 21.70 73.21 -68.16
N ASN E 472 21.37 74.10 -69.09
CA ASN E 472 21.07 73.73 -70.48
C ASN E 472 20.04 72.61 -70.52
N LEU E 473 19.02 72.72 -69.67
CA LEU E 473 17.97 71.71 -69.66
C LEU E 473 17.12 71.84 -70.91
N SER E 474 16.76 70.70 -71.49
CA SER E 474 16.02 70.72 -72.73
C SER E 474 14.63 71.33 -72.50
N PRO E 475 14.16 72.20 -73.41
CA PRO E 475 12.86 72.85 -73.19
C PRO E 475 11.69 71.89 -73.14
N GLN E 476 11.89 70.64 -73.57
CA GLN E 476 10.83 69.64 -73.47
C GLN E 476 10.47 69.33 -72.02
N LEU E 477 11.46 69.28 -71.13
CA LEU E 477 11.18 69.13 -69.71
C LEU E 477 10.38 70.31 -69.18
N ILE E 478 10.75 71.52 -69.60
CA ILE E 478 10.00 72.70 -69.19
C ILE E 478 8.57 72.60 -69.67
N ASN E 479 8.38 72.05 -70.87
CA ASN E 479 7.02 71.83 -71.37
C ASN E 479 6.25 70.85 -70.50
N LEU E 480 6.91 69.78 -70.04
CA LEU E 480 6.17 68.74 -69.37
C LEU E 480 5.92 69.05 -67.89
N MET E 481 6.84 69.74 -67.20
CA MET E 481 6.62 69.94 -65.77
C MET E 481 5.48 70.91 -65.47
N ASN E 482 4.96 71.61 -66.48
CA ASN E 482 3.91 72.59 -66.22
C ASN E 482 2.59 71.94 -65.80
N ASP E 483 2.34 70.70 -66.20
CA ASP E 483 1.06 70.08 -65.94
C ASP E 483 0.96 69.62 -64.49
N ARG E 484 -0.27 69.32 -64.07
CA ARG E 484 -0.54 68.84 -62.72
C ARG E 484 -0.84 67.36 -62.67
N ALA E 485 -1.07 66.71 -63.82
CA ALA E 485 -1.47 65.31 -63.83
C ALA E 485 -0.32 64.37 -63.54
N VAL E 486 0.91 64.87 -63.49
CA VAL E 486 2.07 64.05 -63.18
C VAL E 486 2.48 64.19 -61.72
N GLY E 487 2.49 65.41 -61.19
CA GLY E 487 2.85 65.63 -59.81
C GLY E 487 4.31 65.34 -59.55
N ILE E 488 5.20 66.14 -60.15
CA ILE E 488 6.64 65.94 -60.04
C ILE E 488 7.30 67.23 -59.58
N MET E 489 6.53 68.11 -58.95
CA MET E 489 7.04 69.40 -58.56
C MET E 489 6.39 69.85 -57.26
N PRO E 490 7.15 70.45 -56.35
CA PRO E 490 6.58 70.89 -55.07
C PRO E 490 5.45 71.89 -55.28
N THR E 491 4.43 71.79 -54.44
CA THR E 491 3.28 72.67 -54.51
C THR E 491 2.65 72.77 -53.13
N CYS E 492 1.85 73.83 -52.95
CA CYS E 492 1.13 74.06 -51.71
C CYS E 492 -0.31 74.42 -52.05
N ALA E 493 -1.24 73.99 -51.20
CA ALA E 493 -2.66 74.22 -51.46
C ALA E 493 -2.96 75.71 -51.46
N GLY E 494 -3.90 76.10 -52.33
CA GLY E 494 -4.22 77.49 -52.54
C GLY E 494 -3.40 78.18 -53.61
N CYS E 495 -2.42 77.50 -54.20
CA CYS E 495 -1.42 78.13 -55.06
C CYS E 495 -1.44 77.50 -56.45
N ASP E 496 -1.03 78.30 -57.43
CA ASP E 496 -0.73 77.82 -58.77
C ASP E 496 0.71 78.17 -59.12
N VAL E 497 1.37 77.26 -59.83
CA VAL E 497 2.80 77.35 -60.08
C VAL E 497 3.06 77.38 -61.58
N LYS E 498 3.90 78.31 -62.01
CA LYS E 498 4.47 78.33 -63.35
C LYS E 498 5.88 77.76 -63.29
N VAL E 499 6.48 77.54 -64.45
CA VAL E 499 7.84 77.02 -64.55
C VAL E 499 8.81 78.08 -65.04
N ILE E 500 8.37 78.98 -65.91
CA ILE E 500 9.17 80.15 -66.27
C ILE E 500 8.30 81.39 -66.28
N LYS F 1 3.69 5.44 -48.47
CA LYS F 1 4.44 4.23 -48.79
C LYS F 1 4.00 3.08 -47.87
N ILE F 2 4.77 2.00 -47.90
CA ILE F 2 4.60 0.86 -47.02
C ILE F 2 5.98 0.33 -46.67
N PRO F 3 6.41 0.41 -45.41
CA PRO F 3 7.76 -0.07 -45.07
C PRO F 3 7.90 -1.56 -45.38
N LEU F 4 9.05 -1.93 -45.94
CA LEU F 4 9.29 -3.27 -46.41
C LEU F 4 10.69 -3.71 -45.97
N THR F 5 11.04 -4.95 -46.28
CA THR F 5 12.34 -5.50 -45.93
C THR F 5 12.67 -6.60 -46.94
N ALA F 6 13.94 -6.97 -47.00
CA ALA F 6 14.45 -7.89 -48.01
C ALA F 6 14.39 -9.32 -47.48
N VAL F 7 13.18 -9.88 -47.47
CA VAL F 7 12.97 -11.26 -47.03
C VAL F 7 12.11 -11.95 -48.08
N PRO F 8 12.42 -13.20 -48.44
CA PRO F 8 11.66 -13.86 -49.52
C PRO F 8 10.17 -13.96 -49.27
N ASN F 9 9.74 -14.22 -48.03
CA ASN F 9 8.32 -14.32 -47.71
C ASN F 9 8.02 -13.47 -46.49
N GLN F 10 6.99 -12.63 -46.58
CA GLN F 10 6.72 -11.69 -45.50
C GLN F 10 5.25 -11.27 -45.55
N ALA F 11 4.81 -10.63 -44.47
CA ALA F 11 3.44 -10.15 -44.35
C ALA F 11 3.45 -8.87 -43.53
N ILE F 12 2.49 -7.98 -43.80
CA ILE F 12 2.38 -6.71 -43.09
C ILE F 12 0.92 -6.44 -42.79
N SER F 13 0.65 -5.95 -41.58
CA SER F 13 -0.67 -5.50 -41.19
C SER F 13 -0.62 -4.03 -40.76
N PHE F 14 -1.52 -3.22 -41.31
CA PHE F 14 -1.53 -1.80 -41.02
C PHE F 14 -2.92 -1.24 -41.25
N ASN F 15 -3.17 -0.05 -40.73
CA ASN F 15 -4.45 0.64 -40.86
C ASN F 15 -4.29 1.75 -41.91
N ALA F 16 -4.87 1.53 -43.09
CA ALA F 16 -4.76 2.49 -44.18
C ALA F 16 -6.16 2.87 -44.65
N GLY F 17 -6.34 4.16 -44.87
CA GLY F 17 -7.60 4.67 -45.39
C GLY F 17 -8.80 4.39 -44.50
N SER F 18 -8.67 4.59 -43.19
CA SER F 18 -9.75 4.37 -42.24
C SER F 18 -10.25 2.92 -42.27
N SER F 19 -9.33 1.99 -42.48
CA SER F 19 -9.65 0.56 -42.43
C SER F 19 -8.37 -0.22 -42.21
N TYR F 20 -8.52 -1.49 -41.83
CA TYR F 20 -7.40 -2.34 -41.50
C TYR F 20 -7.04 -3.19 -42.72
N TRP F 21 -5.74 -3.31 -42.98
CA TRP F 21 -5.23 -4.05 -44.13
C TRP F 21 -4.20 -5.07 -43.67
N LYS F 22 -4.07 -6.13 -44.46
CA LYS F 22 -3.05 -7.15 -44.21
C LYS F 22 -2.54 -7.68 -45.54
N ILE F 23 -1.30 -7.35 -45.87
CA ILE F 23 -0.69 -7.72 -47.14
C ILE F 23 0.36 -8.79 -46.87
N ARG F 24 0.25 -9.92 -47.58
CA ARG F 24 1.19 -11.02 -47.48
C ARG F 24 1.94 -11.15 -48.79
N LEU F 25 3.27 -11.02 -48.74
CA LEU F 25 4.12 -11.05 -49.93
C LEU F 25 4.99 -12.29 -49.90
N TYR F 26 5.00 -13.03 -51.01
CA TYR F 26 5.82 -14.23 -51.10
C TYR F 26 6.29 -14.41 -52.53
N GLN F 27 7.41 -15.12 -52.68
CA GLN F 27 8.01 -15.37 -53.98
C GLN F 27 7.53 -16.71 -54.52
N ASN F 28 7.08 -16.70 -55.77
CA ASN F 28 6.61 -17.91 -56.44
C ASN F 28 7.44 -18.11 -57.69
N MET F 29 8.42 -19.01 -57.61
CA MET F 29 9.35 -19.26 -58.71
C MET F 29 10.01 -17.96 -59.16
N ASP F 30 9.54 -17.41 -60.28
CA ASP F 30 10.11 -16.22 -60.88
C ASP F 30 9.39 -14.95 -60.43
N MET F 31 8.10 -14.82 -60.72
CA MET F 31 7.37 -13.64 -60.33
C MET F 31 7.13 -13.65 -58.82
N MET F 32 6.69 -12.50 -58.30
CA MET F 32 6.33 -12.40 -56.91
C MET F 32 4.81 -12.30 -56.77
N ASN F 33 4.28 -12.98 -55.76
CA ASN F 33 2.84 -13.09 -55.58
C ASN F 33 2.46 -12.49 -54.24
N ALA F 34 1.23 -11.98 -54.16
CA ALA F 34 0.73 -11.35 -52.96
C ALA F 34 -0.69 -11.84 -52.68
N ASP F 35 -1.06 -11.77 -51.40
CA ASP F 35 -2.41 -12.09 -50.94
C ASP F 35 -2.91 -10.92 -50.09
N ILE F 36 -4.10 -10.42 -50.42
CA ILE F 36 -4.62 -9.20 -49.82
C ILE F 36 -5.80 -9.54 -48.94
N SER F 37 -5.76 -9.06 -47.68
CA SER F 37 -6.85 -9.22 -46.74
C SER F 37 -7.23 -7.86 -46.19
N ARG F 38 -8.54 -7.58 -46.10
CA ARG F 38 -9.03 -6.37 -45.47
C ARG F 38 -10.01 -6.72 -44.36
N ASP F 39 -9.72 -6.22 -43.16
CA ASP F 39 -10.61 -6.37 -42.01
C ASP F 39 -10.95 -7.84 -41.75
N GLY F 40 -9.93 -8.69 -41.86
CA GLY F 40 -10.06 -10.08 -41.48
C GLY F 40 -10.69 -10.99 -42.50
N VAL F 41 -11.12 -10.47 -43.64
CA VAL F 41 -11.79 -11.26 -44.67
C VAL F 41 -11.04 -11.08 -45.98
N ILE F 42 -10.85 -12.19 -46.71
CA ILE F 42 -9.98 -12.17 -47.86
C ILE F 42 -10.59 -11.36 -49.00
N VAL F 43 -9.73 -10.85 -49.88
CA VAL F 43 -10.14 -10.05 -51.02
C VAL F 43 -9.72 -10.75 -52.30
N CYS F 44 -8.42 -10.92 -52.49
CA CYS F 44 -7.87 -11.63 -53.64
C CYS F 44 -6.68 -12.46 -53.20
N HIS F 45 -6.46 -13.56 -53.90
CA HIS F 45 -5.40 -14.51 -53.57
C HIS F 45 -4.45 -14.64 -54.75
N GLY F 46 -3.16 -14.71 -54.45
CA GLY F 46 -2.16 -15.04 -55.46
C GLY F 46 -2.14 -14.10 -56.64
N VAL F 47 -2.17 -12.81 -56.39
CA VAL F 47 -2.10 -11.82 -57.47
C VAL F 47 -0.65 -11.48 -57.74
N ARG F 48 -0.29 -11.45 -59.02
CA ARG F 48 1.07 -11.17 -59.44
C ARG F 48 1.39 -9.68 -59.25
N CYS F 49 2.68 -9.39 -59.17
CA CYS F 49 3.15 -8.02 -58.95
C CYS F 49 3.88 -7.52 -60.19
N PHE F 50 3.46 -6.38 -60.70
CA PHE F 50 4.13 -5.70 -61.81
C PHE F 50 4.16 -4.22 -61.52
N GLY F 51 5.09 -3.53 -62.17
CA GLY F 51 5.21 -2.09 -61.99
C GLY F 51 3.98 -1.38 -62.49
N GLY F 52 3.46 -0.46 -61.67
CA GLY F 52 2.32 0.36 -62.03
C GLY F 52 0.98 -0.33 -61.91
N ILE F 53 0.86 -1.55 -62.42
CA ILE F 53 -0.41 -2.28 -62.40
C ILE F 53 -0.86 -2.49 -60.97
N PRO F 54 -2.07 -2.09 -60.61
CA PRO F 54 -2.51 -2.23 -59.21
C PRO F 54 -2.77 -3.68 -58.85
N LEU F 55 -2.64 -3.97 -57.54
CA LEU F 55 -2.83 -5.33 -57.06
C LEU F 55 -4.30 -5.73 -57.10
N LEU F 56 -5.20 -4.80 -56.83
CA LEU F 56 -6.64 -5.06 -56.87
C LEU F 56 -7.15 -4.78 -58.27
N GLN F 57 -7.35 -5.86 -59.05
CA GLN F 57 -7.75 -5.75 -60.45
C GLN F 57 -9.27 -5.72 -60.63
N TYR F 58 -9.99 -6.55 -59.89
CA TYR F 58 -11.42 -6.67 -60.07
C TYR F 58 -12.12 -5.39 -59.64
N SER F 59 -13.28 -5.12 -60.26
CA SER F 59 -13.90 -3.80 -60.15
C SER F 59 -14.53 -3.56 -58.79
N HIS F 60 -15.25 -4.54 -58.26
CA HIS F 60 -16.00 -4.26 -57.03
C HIS F 60 -15.08 -4.11 -55.84
N GLN F 61 -14.09 -5.00 -55.72
CA GLN F 61 -13.35 -5.11 -54.47
C GLN F 61 -12.46 -3.90 -54.22
N TYR F 62 -11.88 -3.31 -55.27
CA TYR F 62 -10.81 -2.34 -55.04
C TYR F 62 -11.35 -1.09 -54.36
N ARG F 63 -12.51 -0.61 -54.79
CA ARG F 63 -13.22 0.38 -53.98
C ARG F 63 -14.63 0.65 -54.47
N PRO F 64 -15.59 0.73 -53.55
CA PRO F 64 -16.63 1.76 -53.69
C PRO F 64 -16.04 3.11 -53.34
N ASP F 65 -15.28 3.16 -52.23
CA ASP F 65 -14.58 4.38 -51.83
C ASP F 65 -13.22 4.15 -51.20
N TYR F 66 -12.72 2.91 -51.13
CA TYR F 66 -11.42 2.63 -50.52
C TYR F 66 -10.29 2.95 -51.51
N GLY F 67 -9.09 2.48 -51.21
CA GLY F 67 -7.93 2.79 -52.04
C GLY F 67 -7.36 1.61 -52.80
N ASN F 68 -6.05 1.64 -53.06
CA ASN F 68 -5.37 0.58 -53.80
C ASN F 68 -3.87 0.69 -53.55
N PHE F 69 -3.13 -0.29 -54.07
CA PHE F 69 -1.68 -0.37 -53.93
C PHE F 69 -1.04 -0.50 -55.30
N VAL F 70 0.12 0.14 -55.48
CA VAL F 70 0.84 0.09 -56.75
C VAL F 70 2.33 -0.05 -56.49
N PHE F 71 3.00 -0.81 -57.35
CA PHE F 71 4.45 -0.95 -57.30
C PHE F 71 5.12 -0.01 -58.29
N ASP F 72 6.29 0.51 -57.90
CA ASP F 72 7.03 1.41 -58.79
C ASP F 72 7.73 0.65 -59.90
N ARG F 73 8.17 -0.58 -59.64
CA ARG F 73 8.82 -1.42 -60.63
C ARG F 73 8.35 -2.85 -60.50
N ASP F 74 8.99 -3.77 -61.23
CA ASP F 74 8.72 -5.18 -61.02
C ASP F 74 9.25 -5.63 -59.67
N ALA F 75 8.49 -6.49 -58.99
CA ALA F 75 8.82 -6.87 -57.63
C ALA F 75 10.07 -7.75 -57.59
N ASP F 76 10.88 -7.54 -56.55
CA ASP F 76 12.10 -8.30 -56.32
C ASP F 76 12.49 -8.14 -54.86
N TRP F 77 12.49 -9.25 -54.11
CA TRP F 77 12.69 -9.16 -52.67
C TRP F 77 14.13 -8.82 -52.29
N THR F 78 15.08 -8.87 -53.22
CA THR F 78 16.45 -8.47 -52.92
C THR F 78 16.67 -6.97 -53.05
N LEU F 79 15.66 -6.23 -53.52
CA LEU F 79 15.75 -4.79 -53.67
C LEU F 79 14.73 -4.06 -52.83
N PHE F 80 14.02 -4.75 -51.93
CA PHE F 80 13.00 -4.08 -51.13
C PHE F 80 13.62 -3.06 -50.19
N GLY F 81 12.99 -1.89 -50.13
CA GLY F 81 13.50 -0.79 -49.35
C GLY F 81 14.73 -0.12 -49.92
N ASP F 82 15.26 -0.63 -51.03
CA ASP F 82 16.51 -0.11 -51.62
C ASP F 82 16.20 0.23 -53.07
N GLY F 83 15.63 1.41 -53.29
CA GLY F 83 15.21 1.82 -54.61
C GLY F 83 13.89 1.25 -55.06
N ILE F 84 13.24 0.42 -54.24
CA ILE F 84 11.97 -0.20 -54.57
C ILE F 84 10.98 0.13 -53.46
N ASN F 85 9.84 0.70 -53.85
CA ASN F 85 8.85 1.16 -52.88
C ASN F 85 7.47 0.67 -53.31
N LEU F 86 6.60 0.49 -52.31
CA LEU F 86 5.20 0.16 -52.51
C LEU F 86 4.36 1.30 -51.96
N PHE F 87 3.43 1.80 -52.78
CA PHE F 87 2.66 2.98 -52.44
C PHE F 87 1.17 2.64 -52.34
N TYR F 88 0.54 3.12 -51.28
CA TYR F 88 -0.90 3.07 -51.13
C TYR F 88 -1.49 4.41 -51.55
N LEU F 89 -2.55 4.36 -52.35
CA LEU F 89 -3.17 5.57 -52.88
C LEU F 89 -4.62 5.61 -52.45
N ASP F 90 -5.08 6.79 -52.04
CA ASP F 90 -6.44 6.95 -51.55
C ASP F 90 -7.42 6.93 -52.73
N GLY F 91 -8.71 7.08 -52.44
CA GLY F 91 -9.71 6.91 -53.49
C GLY F 91 -9.60 7.95 -54.59
N ALA F 92 -9.45 9.22 -54.21
CA ALA F 92 -9.41 10.30 -55.20
C ALA F 92 -8.17 10.21 -56.07
N GLU F 93 -7.01 10.04 -55.43
CA GLU F 93 -5.76 9.93 -56.19
C GLU F 93 -5.79 8.73 -57.12
N PHE F 94 -6.27 7.58 -56.65
CA PHE F 94 -6.27 6.40 -57.49
C PHE F 94 -7.28 6.54 -58.63
N ALA F 95 -8.42 7.18 -58.39
CA ALA F 95 -9.37 7.41 -59.48
C ALA F 95 -8.76 8.30 -60.55
N GLU F 96 -8.09 9.37 -60.13
CA GLU F 96 -7.43 10.24 -61.11
C GLU F 96 -6.35 9.49 -61.87
N TYR F 97 -5.53 8.70 -61.18
CA TYR F 97 -4.45 7.98 -61.84
C TYR F 97 -5.02 6.94 -62.80
N GLN F 98 -6.09 6.26 -62.41
CA GLN F 98 -6.72 5.27 -63.28
C GLN F 98 -7.26 5.92 -64.55
N ALA F 99 -7.90 7.08 -64.42
CA ALA F 99 -8.36 7.79 -65.61
C ALA F 99 -7.18 8.20 -66.49
N LEU F 100 -6.10 8.65 -65.86
CA LEU F 100 -4.90 9.02 -66.59
C LEU F 100 -4.21 7.83 -67.26
N ALA F 101 -4.47 6.61 -66.79
CA ALA F 101 -3.80 5.45 -67.35
C ALA F 101 -4.16 5.25 -68.82
N THR F 102 -5.41 5.51 -69.18
CA THR F 102 -5.84 5.40 -70.57
C THR F 102 -5.20 6.50 -71.41
N SER G 1 27.73 -4.10 -50.37
CA SER G 1 27.34 -3.20 -49.28
C SER G 1 28.08 -1.86 -49.40
N THR G 2 29.01 -1.79 -50.34
CA THR G 2 29.77 -0.57 -50.59
C THR G 2 29.93 -0.39 -52.09
N SER G 3 30.04 0.87 -52.51
CA SER G 3 30.24 1.18 -53.91
C SER G 3 30.84 2.57 -54.02
N THR G 4 31.68 2.77 -55.03
CA THR G 4 32.29 4.06 -55.29
C THR G 4 32.86 4.05 -56.71
N ILE G 5 33.31 5.22 -57.17
CA ILE G 5 33.73 5.42 -58.55
C ILE G 5 35.24 5.21 -58.64
N ARG G 6 35.69 4.66 -59.77
CA ARG G 6 37.10 4.33 -59.95
C ARG G 6 37.96 5.58 -60.07
N THR G 7 39.16 5.52 -59.52
CA THR G 7 40.16 6.56 -59.68
C THR G 7 41.50 5.93 -60.05
N GLY G 8 42.33 6.72 -60.72
CA GLY G 8 43.63 6.24 -61.17
C GLY G 8 44.68 6.31 -60.08
N THR G 9 45.94 6.32 -60.52
CA THR G 9 47.04 6.54 -59.58
C THR G 9 46.89 7.89 -58.90
N ASN G 10 46.58 8.92 -59.67
CA ASN G 10 46.11 10.18 -59.12
C ASN G 10 44.68 10.02 -58.62
N ASN G 11 44.29 10.90 -57.72
CA ASN G 11 42.95 10.84 -57.13
C ASN G 11 41.97 11.57 -58.04
N ASP G 12 41.81 11.04 -59.25
CA ASP G 12 40.97 11.64 -60.28
C ASP G 12 40.07 10.59 -60.89
N ILE G 13 38.89 11.03 -61.32
CA ILE G 13 37.94 10.13 -61.96
C ILE G 13 38.56 9.54 -63.22
N LEU G 14 38.56 8.23 -63.32
CA LEU G 14 39.08 7.54 -64.50
C LEU G 14 37.93 6.89 -65.25
N LEU G 15 37.86 7.15 -66.55
CA LEU G 15 36.77 6.69 -67.40
C LEU G 15 37.29 5.64 -68.36
N ASP G 16 36.47 4.62 -68.61
CA ASP G 16 36.87 3.54 -69.51
C ASP G 16 36.90 4.05 -70.95
N ASP G 17 37.21 3.12 -71.87
CA ASP G 17 37.30 3.49 -73.28
C ASP G 17 35.97 4.01 -73.81
N ASN G 18 34.87 3.28 -73.56
CA ASN G 18 33.55 3.72 -73.97
C ASN G 18 33.09 4.98 -73.24
N GLY G 19 33.76 5.34 -72.15
CA GLY G 19 33.39 6.54 -71.43
C GLY G 19 32.20 6.39 -70.53
N ASN G 20 32.22 5.43 -69.62
CA ASN G 20 31.22 5.33 -68.57
C ASN G 20 31.93 5.17 -67.24
N MET G 21 31.64 6.06 -66.30
CA MET G 21 32.15 5.90 -64.95
C MET G 21 31.67 4.58 -64.37
N VAL G 22 32.59 3.79 -63.83
CA VAL G 22 32.28 2.45 -63.35
C VAL G 22 32.11 2.51 -61.84
N ILE G 23 30.95 2.05 -61.38
CA ILE G 23 30.64 1.98 -59.96
C ILE G 23 31.17 0.65 -59.46
N LEU G 24 32.30 0.68 -58.74
CA LEU G 24 32.91 -0.54 -58.24
C LEU G 24 32.00 -1.21 -57.22
N ARG G 25 31.90 -2.52 -57.31
CA ARG G 25 31.23 -3.31 -56.30
C ARG G 25 32.15 -3.46 -55.10
N ASP G 26 31.85 -4.41 -54.22
CA ASP G 26 32.57 -4.57 -52.98
C ASP G 26 34.02 -4.99 -53.22
N VAL G 27 34.77 -5.19 -52.14
CA VAL G 27 36.15 -5.68 -52.16
C VAL G 27 37.07 -4.62 -52.76
N GLU G 28 36.96 -4.39 -54.07
CA GLU G 28 37.79 -3.37 -54.70
C GLU G 28 37.47 -1.99 -54.15
N ALA G 29 36.18 -1.70 -53.93
CA ALA G 29 35.79 -0.42 -53.35
C ALA G 29 36.38 -0.27 -51.97
N CYS G 30 36.43 -1.35 -51.19
CA CYS G 30 37.01 -1.27 -49.85
C CYS G 30 38.48 -0.87 -49.91
N ALA G 31 39.25 -1.50 -50.80
CA ALA G 31 40.66 -1.17 -50.91
C ALA G 31 40.86 0.27 -51.35
N GLN G 32 40.09 0.71 -52.36
CA GLN G 32 40.21 2.08 -52.83
C GLN G 32 39.86 3.07 -51.72
N ASP G 33 38.79 2.79 -50.98
CA ASP G 33 38.35 3.72 -49.94
C ASP G 33 39.35 3.79 -48.80
N VAL G 34 39.93 2.66 -48.42
CA VAL G 34 40.95 2.68 -47.37
C VAL G 34 42.18 3.45 -47.82
N ARG G 35 42.61 3.23 -49.06
CA ARG G 35 43.74 3.99 -49.60
C ARG G 35 43.46 5.49 -49.57
N ALA G 36 42.24 5.88 -49.95
CA ALA G 36 41.89 7.29 -49.92
C ALA G 36 41.85 7.83 -48.50
N ALA G 37 41.34 7.03 -47.55
CA ALA G 37 41.24 7.50 -46.18
C ALA G 37 42.61 7.74 -45.56
N MET G 38 43.58 6.87 -45.86
CA MET G 38 44.88 6.98 -45.22
C MET G 38 45.64 8.24 -45.66
N LEU G 39 45.22 8.87 -46.75
CA LEU G 39 45.93 10.00 -47.33
C LEU G 39 45.28 11.34 -47.03
N MET G 40 44.19 11.36 -46.27
CA MET G 40 43.31 12.53 -46.24
C MET G 40 43.88 13.68 -45.42
N ARG G 41 44.68 13.37 -44.39
CA ARG G 41 45.29 14.36 -43.50
C ARG G 41 44.25 15.05 -42.62
N THR G 42 44.62 15.38 -41.39
CA THR G 42 43.70 15.98 -40.45
C THR G 42 43.39 17.42 -40.83
N GLY G 43 42.24 17.89 -40.37
CA GLY G 43 41.90 19.30 -40.36
C GLY G 43 41.26 19.83 -41.62
N GLU G 44 41.35 19.13 -42.75
CA GLU G 44 40.82 19.69 -43.98
C GLU G 44 39.49 19.10 -44.40
N ASN G 45 38.83 18.30 -43.55
CA ASN G 45 37.45 17.88 -43.76
C ASN G 45 36.53 18.91 -43.14
N ILE G 46 35.90 19.75 -43.97
CA ILE G 46 34.84 20.62 -43.46
C ILE G 46 33.65 19.76 -43.06
N PHE G 47 32.88 20.25 -42.09
CA PHE G 47 31.74 19.56 -41.50
C PHE G 47 32.16 18.38 -40.65
N ASP G 48 33.45 18.07 -40.60
CA ASP G 48 33.96 17.11 -39.61
C ASP G 48 35.44 17.40 -39.40
N VAL G 49 35.76 18.17 -38.38
CA VAL G 49 37.13 18.35 -37.95
C VAL G 49 37.47 17.20 -37.02
N ASN G 50 38.76 17.01 -36.76
CA ASN G 50 39.30 15.92 -35.94
C ASN G 50 39.20 14.56 -36.61
N SER G 51 39.21 14.53 -37.94
CA SER G 51 39.26 13.29 -38.70
C SER G 51 40.34 13.39 -39.77
N GLY G 52 41.16 12.35 -39.87
CA GLY G 52 42.25 12.26 -40.81
C GLY G 52 43.45 11.65 -40.14
N VAL G 53 44.59 11.73 -40.82
CA VAL G 53 45.86 11.26 -40.28
C VAL G 53 46.68 12.49 -39.92
N GLY G 54 47.08 12.60 -38.66
CA GLY G 54 47.81 13.76 -38.20
C GLY G 54 49.28 13.73 -38.55
N TYR G 55 49.61 14.01 -39.80
CA TYR G 55 50.99 13.94 -40.24
C TYR G 55 51.84 15.01 -39.56
N PHE G 56 51.38 16.26 -39.60
CA PHE G 56 52.21 17.38 -39.16
C PHE G 56 52.24 17.52 -37.65
N GLU G 57 51.50 16.70 -36.91
CA GLU G 57 51.54 16.74 -35.46
C GLU G 57 52.18 15.50 -34.84
N TYR G 58 52.10 14.36 -35.52
CA TYR G 58 52.47 13.08 -34.91
C TYR G 58 53.58 12.33 -35.63
N ILE G 59 53.84 12.61 -36.91
CA ILE G 59 54.84 11.85 -37.64
C ILE G 59 56.02 12.74 -38.02
N PHE G 60 55.76 13.77 -38.83
CA PHE G 60 56.83 14.59 -39.36
C PHE G 60 57.55 15.35 -38.26
N SER G 61 56.81 15.83 -37.26
CA SER G 61 57.42 16.56 -36.16
C SER G 61 58.26 15.63 -35.29
N PRO G 62 59.28 16.15 -34.62
CA PRO G 62 60.05 15.33 -33.68
C PRO G 62 59.23 14.94 -32.47
N GLN G 63 59.23 13.64 -32.16
CA GLN G 63 58.29 13.07 -31.20
C GLN G 63 59.05 12.44 -30.04
N LYS G 64 58.29 11.76 -29.18
CA LYS G 64 58.83 11.03 -28.04
C LYS G 64 58.56 9.53 -28.12
N SER G 65 57.33 9.14 -28.46
CA SER G 65 56.90 7.76 -28.37
C SER G 65 56.56 7.12 -29.71
N TYR G 66 55.98 7.89 -30.64
CA TYR G 66 55.43 7.43 -31.90
C TYR G 66 54.21 6.55 -31.73
N ASP G 67 53.62 6.47 -30.53
CA ASP G 67 52.42 5.66 -30.35
C ASP G 67 51.19 6.38 -30.89
N ASP G 68 51.15 7.71 -30.73
CA ASP G 68 49.99 8.48 -31.20
C ASP G 68 49.81 8.33 -32.70
N ALA G 69 50.91 8.32 -33.45
CA ALA G 69 50.82 8.11 -34.89
C ALA G 69 50.22 6.76 -35.21
N ARG G 70 50.62 5.73 -34.46
CA ARG G 70 50.07 4.39 -34.69
C ARG G 70 48.58 4.37 -34.44
N LYS G 71 48.13 4.98 -33.34
CA LYS G 71 46.70 4.99 -33.03
C LYS G 71 45.92 5.78 -34.08
N SER G 72 46.47 6.91 -34.53
CA SER G 72 45.81 7.72 -35.54
C SER G 72 45.67 6.95 -36.86
N ILE G 73 46.73 6.25 -37.28
CA ILE G 73 46.66 5.48 -38.51
C ILE G 73 45.66 4.34 -38.37
N ALA G 74 45.65 3.67 -37.22
CA ALA G 74 44.71 2.57 -37.03
C ALA G 74 43.27 3.06 -37.07
N ASP G 75 43.01 4.23 -36.49
CA ASP G 75 41.67 4.81 -36.56
C ASP G 75 41.32 5.17 -38.00
N ALA G 76 42.25 5.77 -38.74
CA ALA G 76 41.96 6.20 -40.10
C ALA G 76 41.64 5.02 -41.00
N ILE G 77 42.36 3.91 -40.83
CA ILE G 77 42.03 2.71 -41.60
C ILE G 77 40.63 2.22 -41.26
N LEU G 78 40.26 2.29 -39.98
CA LEU G 78 38.91 2.04 -39.55
C LEU G 78 38.02 3.22 -39.97
N SER G 79 36.75 3.17 -39.57
CA SER G 79 35.70 4.14 -39.90
C SER G 79 35.24 4.03 -41.34
N SER G 80 35.88 3.21 -42.16
CA SER G 80 35.33 2.93 -43.48
C SER G 80 34.05 2.12 -43.31
N PRO G 81 33.08 2.31 -44.21
CA PRO G 81 31.77 1.68 -44.00
C PRO G 81 31.80 0.16 -43.96
N ASP G 82 32.80 -0.48 -44.55
CA ASP G 82 32.80 -1.93 -44.67
C ASP G 82 33.93 -2.63 -43.91
N VAL G 83 34.97 -1.90 -43.49
CA VAL G 83 36.08 -2.55 -42.78
C VAL G 83 35.62 -3.04 -41.43
N THR G 84 36.29 -4.09 -40.94
CA THR G 84 35.94 -4.71 -39.67
C THR G 84 37.05 -4.58 -38.63
N GLY G 85 38.27 -4.99 -38.97
CA GLY G 85 39.36 -4.95 -38.00
C GLY G 85 40.70 -4.98 -38.69
N ILE G 86 41.75 -4.82 -37.88
CA ILE G 86 43.12 -4.79 -38.36
C ILE G 86 43.81 -6.08 -37.97
N GLU G 87 44.43 -6.73 -38.95
CA GLU G 87 45.23 -7.92 -38.66
C GLU G 87 46.62 -7.56 -38.18
N GLN G 88 47.32 -6.70 -38.91
CA GLN G 88 48.71 -6.34 -38.59
C GLN G 88 48.94 -4.86 -38.82
N LEU G 89 49.90 -4.31 -38.08
CA LEU G 89 50.45 -3.00 -38.33
C LEU G 89 51.93 -3.05 -37.99
N ASP G 90 52.76 -2.36 -38.77
CA ASP G 90 54.21 -2.52 -38.66
C ASP G 90 54.92 -1.30 -38.13
N ILE G 91 54.80 -0.15 -38.79
CA ILE G 91 55.58 1.04 -38.44
C ILE G 91 57.07 0.70 -38.45
N ASP G 92 57.69 0.72 -39.63
CA ASP G 92 59.05 0.23 -39.78
C ASP G 92 60.08 1.21 -39.22
N ILE G 93 60.05 2.46 -39.69
CA ILE G 93 61.00 3.48 -39.27
C ILE G 93 62.43 3.03 -39.52
N THR G 94 62.85 3.02 -40.79
CA THR G 94 64.24 2.78 -41.15
C THR G 94 64.79 4.01 -41.87
N GLY G 95 65.93 4.50 -41.41
CA GLY G 95 66.48 5.73 -41.96
C GLY G 95 65.49 6.87 -41.76
N GLU G 96 65.23 7.61 -42.84
CA GLU G 96 64.24 8.67 -42.83
C GLU G 96 62.88 8.20 -43.36
N VAL G 97 62.84 7.06 -44.03
CA VAL G 97 61.59 6.54 -44.57
C VAL G 97 60.76 5.89 -43.48
N PHE G 98 59.50 6.26 -43.41
CA PHE G 98 58.55 5.84 -42.37
C PHE G 98 57.59 4.83 -42.99
N GLY G 99 57.92 3.55 -42.87
CA GLY G 99 57.11 2.53 -43.50
C GLY G 99 55.89 2.16 -42.67
N VAL G 100 54.77 1.94 -43.36
CA VAL G 100 53.52 1.53 -42.73
C VAL G 100 52.94 0.39 -43.54
N ASP G 101 52.62 -0.72 -42.88
CA ASP G 101 52.06 -1.88 -43.55
C ASP G 101 50.86 -2.38 -42.76
N ALA G 102 49.85 -2.88 -43.47
CA ALA G 102 48.63 -3.33 -42.84
C ALA G 102 47.93 -4.36 -43.73
N LYS G 103 47.08 -5.17 -43.11
CA LYS G 103 46.26 -6.15 -43.80
C LYS G 103 44.87 -6.13 -43.17
N VAL G 104 43.87 -5.74 -43.95
CA VAL G 104 42.56 -5.40 -43.42
C VAL G 104 41.59 -6.55 -43.65
N ILE G 105 40.74 -6.78 -42.64
CA ILE G 105 39.71 -7.81 -42.67
C ILE G 105 38.38 -7.16 -42.96
N THR G 106 37.66 -7.68 -43.96
CA THR G 106 36.36 -7.16 -44.35
C THR G 106 35.28 -8.22 -44.10
N ILE G 107 34.03 -7.77 -44.10
CA ILE G 107 32.92 -8.69 -43.84
C ILE G 107 32.79 -9.71 -44.97
N HIS G 108 33.40 -9.43 -46.11
CA HIS G 108 33.31 -10.30 -47.28
C HIS G 108 34.69 -10.58 -47.86
N MET H 1 87.00 -52.67 -20.95
CA MET H 1 87.67 -51.51 -21.53
C MET H 1 86.66 -50.56 -22.19
N ILE H 2 86.14 -49.62 -21.40
CA ILE H 2 85.20 -48.62 -21.89
C ILE H 2 85.86 -47.25 -21.72
N ASN H 3 85.94 -46.49 -22.81
CA ASN H 3 86.63 -45.20 -22.81
C ASN H 3 85.61 -44.09 -22.62
N VAL H 4 85.61 -43.48 -21.43
CA VAL H 4 84.70 -42.40 -21.10
C VAL H 4 85.44 -41.05 -21.05
N SER H 5 86.52 -40.92 -21.82
CA SER H 5 87.30 -39.69 -21.81
C SER H 5 86.54 -38.56 -22.50
N GLY H 6 86.77 -37.35 -22.02
CA GLY H 6 86.20 -36.15 -22.59
C GLY H 6 87.15 -35.30 -23.42
N PHE H 7 88.27 -35.87 -23.85
CA PHE H 7 89.25 -35.10 -24.61
C PHE H 7 88.87 -35.05 -26.08
N GLY H 8 88.91 -33.86 -26.66
CA GLY H 8 88.55 -33.67 -28.06
C GLY H 8 87.12 -33.26 -28.31
N THR H 9 86.39 -32.85 -27.28
CA THR H 9 85.00 -32.44 -27.45
C THR H 9 84.92 -31.06 -28.09
N GLY H 10 84.05 -30.92 -29.08
CA GLY H 10 83.81 -29.64 -29.71
C GLY H 10 82.33 -29.34 -29.79
N ILE H 11 82.02 -28.04 -29.79
CA ILE H 11 80.64 -27.56 -29.76
C ILE H 11 80.51 -26.38 -30.70
N VAL H 12 79.40 -26.31 -31.42
CA VAL H 12 79.11 -25.21 -32.34
C VAL H 12 77.72 -24.66 -32.01
N ILE H 13 77.62 -23.34 -31.88
CA ILE H 13 76.36 -22.66 -31.63
C ILE H 13 76.06 -21.74 -32.81
N VAL H 14 74.88 -21.90 -33.40
CA VAL H 14 74.43 -21.06 -34.51
C VAL H 14 73.21 -20.27 -34.06
N SER H 15 73.15 -19.01 -34.46
CA SER H 15 72.10 -18.10 -34.03
C SER H 15 71.31 -17.60 -35.23
N ALA H 16 70.06 -17.20 -34.98
CA ALA H 16 69.18 -16.78 -36.06
C ALA H 16 69.52 -15.38 -36.56
N SER H 17 69.88 -14.47 -35.65
CA SER H 17 70.19 -13.09 -36.03
C SER H 17 71.62 -12.69 -35.69
N SER H 18 72.04 -12.89 -34.44
CA SER H 18 73.33 -12.37 -34.00
C SER H 18 74.49 -13.06 -34.71
N PHE H 19 74.44 -14.39 -34.80
CA PHE H 19 75.49 -15.18 -35.45
C PHE H 19 74.84 -16.10 -36.46
N PRO H 20 74.48 -15.58 -37.63
CA PRO H 20 73.79 -16.42 -38.62
C PRO H 20 74.61 -17.60 -39.10
N MET H 21 75.94 -17.54 -38.99
CA MET H 21 76.79 -18.64 -39.42
C MET H 21 77.28 -19.51 -38.27
N GLY H 22 77.42 -18.96 -37.07
CA GLY H 22 77.79 -19.72 -35.91
C GLY H 22 79.28 -19.63 -35.59
N PHE H 23 79.62 -19.96 -34.35
CA PHE H 23 81.01 -20.07 -33.92
C PHE H 23 81.20 -21.41 -33.22
N SER H 24 82.43 -21.70 -32.82
CA SER H 24 82.77 -22.97 -32.20
C SER H 24 83.49 -22.73 -30.89
N LEU H 25 83.28 -23.64 -29.94
CA LEU H 25 83.92 -23.60 -28.64
C LEU H 25 84.90 -24.76 -28.52
N SER H 26 86.13 -24.45 -28.12
CA SER H 26 87.14 -25.46 -27.87
C SER H 26 87.95 -25.24 -26.60
N LYS H 27 87.88 -24.06 -25.98
CA LYS H 27 88.62 -23.78 -24.75
C LYS H 27 87.65 -23.90 -23.58
N PHE H 28 87.78 -24.99 -22.85
CA PHE H 28 86.88 -25.29 -21.73
C PHE H 28 87.62 -25.10 -20.41
N ALA H 29 86.97 -24.44 -19.46
CA ALA H 29 87.62 -24.05 -18.22
C ALA H 29 88.05 -25.28 -17.42
N ASP H 30 88.98 -25.05 -16.51
CA ASP H 30 89.63 -26.11 -15.74
C ASP H 30 89.00 -26.31 -14.36
N ASP H 31 88.80 -25.24 -13.61
CA ASP H 31 88.27 -25.38 -12.25
C ASP H 31 86.83 -25.88 -12.26
N GLU H 32 86.02 -25.41 -13.20
CA GLU H 32 84.60 -25.73 -13.21
C GLU H 32 84.31 -26.92 -14.11
N SER H 33 83.06 -27.35 -14.09
CA SER H 33 82.60 -28.43 -14.96
C SER H 33 82.43 -27.90 -16.38
N PRO H 34 83.11 -28.47 -17.37
CA PRO H 34 83.00 -27.91 -18.74
C PRO H 34 81.60 -27.97 -19.32
N ILE H 35 80.80 -28.97 -18.99
CA ILE H 35 79.43 -29.08 -19.48
C ILE H 35 78.65 -29.98 -18.54
N SER H 36 77.39 -29.63 -18.31
CA SER H 36 76.54 -30.38 -17.39
C SER H 36 75.09 -29.98 -17.63
N SER H 37 74.18 -30.73 -17.03
CA SER H 37 72.75 -30.45 -17.15
C SER H 37 72.01 -31.03 -15.96
N LYS H 38 70.79 -30.57 -15.76
CA LYS H 38 69.92 -31.07 -14.71
C LYS H 38 69.09 -32.24 -15.24
N GLU H 39 68.60 -33.06 -14.30
CA GLU H 39 67.86 -34.26 -14.67
C GLU H 39 66.53 -33.88 -15.30
N LEU H 40 66.18 -34.59 -16.38
CA LEU H 40 64.95 -34.31 -17.11
C LEU H 40 63.76 -34.91 -16.39
N GLU H 41 62.63 -34.21 -16.40
CA GLU H 41 61.43 -34.61 -15.67
C GLU H 41 60.23 -34.61 -16.61
N PRO H 42 60.08 -35.65 -17.43
CA PRO H 42 58.95 -35.71 -18.37
C PRO H 42 57.75 -36.53 -17.92
N PHE H 43 57.69 -37.00 -16.67
CA PHE H 43 56.58 -37.84 -16.23
C PHE H 43 56.22 -37.52 -14.79
N GLY H 44 55.02 -37.96 -14.38
CA GLY H 44 54.54 -37.75 -13.04
C GLY H 44 53.67 -38.92 -12.58
N TYR H 45 53.25 -38.83 -11.33
CA TYR H 45 52.44 -39.89 -10.73
C TYR H 45 51.62 -39.35 -9.57
N GLU H 46 50.72 -40.19 -9.09
CA GLU H 46 49.81 -39.84 -8.00
C GLU H 46 49.13 -41.11 -7.50
N MET H 47 48.44 -41.00 -6.36
CA MET H 47 47.90 -42.16 -5.67
C MET H 47 46.38 -42.15 -5.64
N LEU H 48 45.79 -43.33 -5.76
CA LEU H 48 44.35 -43.57 -5.81
C LEU H 48 43.84 -44.11 -4.48
N TYR H 49 42.59 -44.60 -4.48
CA TYR H 49 42.03 -45.23 -3.27
C TYR H 49 41.98 -46.73 -3.33
N ASP H 50 41.90 -47.32 -4.52
CA ASP H 50 42.00 -48.77 -4.57
C ASP H 50 43.41 -49.22 -4.20
N GLY H 51 44.33 -48.27 -4.09
CA GLY H 51 45.70 -48.55 -3.71
C GLY H 51 46.63 -48.45 -4.90
N GLY H 52 46.05 -48.16 -6.06
CA GLY H 52 46.77 -48.24 -7.32
C GLY H 52 47.64 -47.03 -7.58
N LEU H 53 47.97 -46.85 -8.85
CA LEU H 53 48.86 -45.81 -9.31
C LEU H 53 48.33 -45.23 -10.61
N PHE H 54 48.72 -44.00 -10.92
CA PHE H 54 48.34 -43.37 -12.17
C PHE H 54 49.51 -42.55 -12.70
N ALA H 55 49.91 -42.80 -13.94
CA ALA H 55 51.03 -42.12 -14.56
C ALA H 55 50.55 -41.33 -15.76
N PHE H 56 51.22 -40.20 -16.01
CA PHE H 56 50.78 -39.26 -17.03
C PHE H 56 51.97 -38.45 -17.51
N ASP H 57 51.78 -37.77 -18.65
CA ASP H 57 52.80 -36.90 -19.20
C ASP H 57 52.90 -35.61 -18.39
N LYS H 58 53.93 -34.84 -18.71
CA LYS H 58 54.19 -33.58 -18.02
C LYS H 58 55.15 -32.76 -18.87
N ALA H 59 55.01 -31.45 -18.81
CA ALA H 59 55.93 -30.57 -19.53
C ALA H 59 57.29 -30.55 -18.84
N ALA H 60 58.35 -30.45 -19.64
CA ALA H 60 59.71 -30.52 -19.10
C ALA H 60 60.67 -29.64 -19.88
N PRO H 61 61.43 -28.76 -19.21
CA PRO H 61 62.50 -28.03 -19.90
C PRO H 61 63.84 -28.72 -19.76
N LEU H 62 64.87 -28.23 -20.44
CA LEU H 62 66.22 -28.77 -20.31
C LEU H 62 67.21 -27.62 -20.26
N GLU H 63 68.07 -27.63 -19.24
CA GLU H 63 69.01 -26.55 -18.99
C GLU H 63 70.44 -27.10 -19.02
N VAL H 64 71.32 -26.36 -19.68
CA VAL H 64 72.69 -26.78 -19.93
C VAL H 64 73.63 -25.66 -19.47
N SER H 65 74.70 -26.03 -18.77
CA SER H 65 75.71 -25.09 -18.31
C SER H 65 77.01 -25.35 -19.04
N VAL H 66 77.66 -24.29 -19.50
CA VAL H 66 78.92 -24.35 -20.22
C VAL H 66 79.90 -23.38 -19.57
N SER H 67 81.12 -23.84 -19.31
CA SER H 67 82.14 -23.03 -18.66
C SER H 67 83.35 -22.88 -19.57
N VAL H 68 83.92 -21.68 -19.60
CA VAL H 68 85.06 -21.35 -20.46
C VAL H 68 86.10 -20.58 -19.66
N ILE H 69 87.31 -20.50 -20.22
CA ILE H 69 88.37 -19.72 -19.61
C ILE H 69 88.09 -18.24 -19.80
N ALA H 70 88.22 -17.46 -18.72
CA ALA H 70 88.03 -16.03 -18.83
C ALA H 70 89.14 -15.41 -19.65
N GLY H 71 88.77 -14.49 -20.54
CA GLY H 71 89.71 -13.89 -21.46
C GLY H 71 89.84 -14.58 -22.79
N SER H 72 89.19 -15.72 -22.97
CA SER H 72 89.21 -16.43 -24.25
C SER H 72 88.27 -15.75 -25.24
N GLU H 73 88.46 -16.09 -26.52
CA GLU H 73 87.59 -15.56 -27.57
C GLU H 73 86.17 -16.10 -27.41
N ASP H 74 86.04 -17.37 -27.02
CA ASP H 74 84.72 -17.96 -26.85
C ASP H 74 83.94 -17.25 -25.74
N ASP H 75 84.64 -16.83 -24.70
CA ASP H 75 83.99 -16.05 -23.65
C ASP H 75 83.43 -14.75 -24.21
N ILE H 76 84.20 -14.09 -25.10
CA ILE H 76 83.72 -12.86 -25.73
C ILE H 76 82.47 -13.13 -26.58
N ASN H 77 82.48 -14.24 -27.33
CA ASN H 77 81.33 -14.54 -28.18
C ASN H 77 80.09 -14.83 -27.34
N LEU H 78 80.23 -15.63 -26.29
CA LEU H 78 79.08 -15.91 -25.44
C LEU H 78 78.63 -14.65 -24.70
N ARG H 79 79.56 -13.75 -24.40
CA ARG H 79 79.21 -12.48 -23.78
C ARG H 79 78.36 -11.65 -24.74
N ILE H 80 78.72 -11.68 -26.03
CA ILE H 80 77.92 -11.01 -27.06
C ILE H 80 76.53 -11.60 -27.13
N LEU H 81 76.43 -12.93 -27.06
CA LEU H 81 75.12 -13.56 -27.06
C LEU H 81 74.29 -13.10 -25.86
N LEU H 82 74.90 -13.03 -24.68
CA LEU H 82 74.18 -12.60 -23.50
C LEU H 82 73.73 -11.14 -23.61
N ASN H 83 74.55 -10.29 -24.24
CA ASN H 83 74.21 -8.89 -24.37
C ASN H 83 73.10 -8.63 -25.39
N SER H 84 72.71 -9.63 -26.17
CA SER H 84 71.63 -9.45 -27.13
C SER H 84 70.33 -9.10 -26.41
N LYS H 85 69.57 -8.17 -26.99
CA LYS H 85 68.29 -7.76 -26.43
C LYS H 85 67.17 -8.54 -27.13
N LYS H 86 66.23 -9.06 -26.35
CA LYS H 86 65.16 -9.83 -26.95
C LYS H 86 64.11 -8.94 -27.59
N GLY H 87 63.95 -7.70 -27.09
CA GLY H 87 62.95 -6.81 -27.64
C GLY H 87 63.22 -6.37 -29.06
N SER H 88 64.48 -6.22 -29.43
CA SER H 88 64.84 -5.74 -30.76
C SER H 88 64.75 -6.87 -31.78
N PHE H 89 65.31 -6.65 -32.98
CA PHE H 89 65.33 -7.66 -34.04
C PHE H 89 63.91 -8.03 -34.48
N ARG H 90 63.26 -7.06 -35.14
CA ARG H 90 61.96 -7.25 -35.77
C ARG H 90 61.82 -8.63 -36.38
N PHE H 91 60.75 -9.34 -36.06
CA PHE H 91 60.50 -10.64 -36.67
C PHE H 91 59.06 -11.04 -36.43
N LEU H 92 58.65 -12.12 -37.10
CA LEU H 92 57.35 -12.72 -36.90
C LEU H 92 57.20 -13.18 -35.45
N PRO H 93 56.01 -13.08 -34.85
CA PRO H 93 55.87 -13.45 -33.44
C PRO H 93 55.67 -14.95 -33.22
N GLY H 94 55.92 -15.40 -31.99
CA GLY H 94 55.73 -16.78 -31.62
C GLY H 94 56.83 -17.73 -32.05
N ILE H 95 57.94 -17.23 -32.57
CA ILE H 95 58.98 -18.10 -33.10
C ILE H 95 60.30 -17.82 -32.37
N ILE H 96 60.20 -17.41 -31.10
CA ILE H 96 61.35 -17.34 -30.18
C ILE H 96 62.49 -16.57 -30.81
N PRO H 97 62.45 -15.24 -30.85
CA PRO H 97 63.45 -14.48 -31.60
C PRO H 97 64.87 -14.88 -31.22
N ASP H 98 65.72 -15.01 -32.23
CA ASP H 98 67.11 -15.46 -32.08
C ASP H 98 67.18 -16.85 -31.46
N MET H 99 66.66 -17.83 -32.22
CA MET H 99 66.84 -19.22 -31.83
C MET H 99 68.30 -19.63 -31.96
N THR H 100 68.81 -20.32 -30.95
CA THR H 100 70.19 -20.78 -30.93
C THR H 100 70.22 -22.29 -30.93
N THR H 101 70.94 -22.86 -31.90
CA THR H 101 71.07 -24.30 -32.06
C THR H 101 72.48 -24.71 -31.69
N LEU H 102 72.60 -25.72 -30.83
CA LEU H 102 73.87 -26.18 -30.32
C LEU H 102 74.15 -27.57 -30.86
N VAL H 103 75.33 -27.75 -31.44
CA VAL H 103 75.77 -29.04 -31.98
C VAL H 103 77.02 -29.45 -31.23
N ALA H 104 76.97 -30.62 -30.59
CA ALA H 104 78.07 -31.11 -29.76
C ALA H 104 78.58 -32.43 -30.29
N THR H 105 79.88 -32.66 -30.15
CA THR H 105 80.54 -33.87 -30.62
C THR H 105 81.36 -34.49 -29.51
N LEU H 106 81.40 -35.82 -29.49
CA LEU H 106 82.17 -36.59 -28.53
C LEU H 106 83.49 -37.05 -29.14
N PRO H 107 84.43 -37.50 -28.31
CA PRO H 107 85.63 -38.15 -28.86
C PRO H 107 85.31 -39.38 -29.70
N ASP H 108 84.25 -40.11 -29.35
CA ASP H 108 83.87 -41.29 -30.12
C ASP H 108 83.52 -40.92 -31.55
N GLY H 109 82.62 -39.95 -31.73
CA GLY H 109 82.16 -39.57 -33.04
C GLY H 109 80.66 -39.33 -33.07
N GLY H 110 80.00 -39.64 -31.96
CA GLY H 110 78.57 -39.40 -31.82
C GLY H 110 78.21 -37.94 -31.80
N ARG H 111 77.20 -37.56 -32.56
CA ARG H 111 76.80 -36.16 -32.71
C ARG H 111 75.38 -35.97 -32.22
N THR H 112 75.16 -34.91 -31.45
CA THR H 112 73.85 -34.56 -30.92
C THR H 112 73.57 -33.10 -31.21
N VAL H 113 72.33 -32.81 -31.61
CA VAL H 113 71.92 -31.45 -31.96
C VAL H 113 70.72 -31.06 -31.11
N LEU H 114 70.77 -29.86 -30.55
CA LEU H 114 69.69 -29.32 -29.74
C LEU H 114 69.30 -27.96 -30.27
N SER H 115 67.98 -27.71 -30.34
CA SER H 115 67.47 -26.49 -30.93
C SER H 115 66.31 -25.95 -30.10
N ASN H 116 65.70 -24.88 -30.60
CA ASN H 116 64.51 -24.27 -30.00
C ASN H 116 64.80 -23.75 -28.59
N GLY H 117 65.74 -22.81 -28.49
CA GLY H 117 66.08 -22.26 -27.19
C GLY H 117 67.07 -21.12 -27.32
N THR H 118 67.39 -20.54 -26.17
CA THR H 118 68.20 -19.33 -26.13
C THR H 118 69.03 -19.31 -24.85
N ILE H 119 70.04 -18.43 -24.85
CA ILE H 119 70.86 -18.25 -23.66
C ILE H 119 70.02 -17.60 -22.57
N LEU H 120 70.33 -17.91 -21.31
CA LEU H 120 69.47 -17.52 -20.21
C LEU H 120 70.18 -16.64 -19.19
N LYS H 121 71.42 -16.96 -18.81
CA LYS H 121 72.12 -16.17 -17.81
C LYS H 121 73.62 -16.39 -17.93
N GLY H 122 74.37 -15.47 -17.32
CA GLY H 122 75.81 -15.53 -17.32
C GLY H 122 76.42 -14.31 -16.66
N PRO H 123 77.72 -14.32 -16.44
CA PRO H 123 78.38 -13.20 -15.76
C PRO H 123 78.42 -11.95 -16.63
N ALA H 124 78.52 -10.81 -15.95
CA ALA H 124 78.64 -9.51 -16.61
C ALA H 124 80.06 -8.97 -16.61
N ILE H 125 80.83 -9.23 -15.56
CA ILE H 125 82.24 -8.85 -15.50
C ILE H 125 83.02 -9.98 -14.82
N ASP H 126 84.35 -9.88 -14.90
CA ASP H 126 85.23 -10.90 -14.36
C ASP H 126 85.31 -10.81 -12.84
N THR H 127 85.65 -11.94 -12.21
CA THR H 127 85.67 -12.07 -10.77
C THR H 127 87.05 -12.48 -10.29
N ILE H 128 87.54 -11.82 -9.25
CA ILE H 128 88.86 -12.06 -8.68
C ILE H 128 88.69 -12.91 -7.42
N GLN H 129 89.65 -13.79 -7.17
CA GLN H 129 89.66 -14.65 -5.99
C GLN H 129 90.83 -14.29 -5.09
N ASN H 130 90.84 -14.87 -3.89
CA ASN H 130 91.93 -14.62 -2.97
C ASN H 130 93.24 -15.19 -3.48
N THR H 131 93.18 -16.30 -4.23
CA THR H 131 94.36 -16.91 -4.81
C THR H 131 94.99 -16.07 -5.90
N GLY H 132 94.31 -15.04 -6.37
CA GLY H 132 94.85 -14.16 -7.39
C GLY H 132 94.44 -14.50 -8.81
N ARG H 133 93.72 -15.59 -9.03
CA ARG H 133 93.30 -15.99 -10.36
C ARG H 133 91.97 -15.32 -10.71
N ARG H 134 91.41 -15.73 -11.85
CA ARG H 134 90.10 -15.27 -12.30
C ARG H 134 89.20 -16.49 -12.45
N LYS H 135 87.98 -16.38 -11.94
CA LYS H 135 87.03 -17.49 -12.01
C LYS H 135 86.68 -17.81 -13.45
N GLY H 136 86.41 -19.08 -13.72
CA GLY H 136 85.97 -19.48 -15.06
C GLY H 136 84.48 -19.22 -15.22
N ASN H 137 84.12 -18.43 -16.23
CA ASN H 137 82.75 -18.02 -16.42
C ASN H 137 81.86 -19.20 -16.77
N THR H 138 80.59 -19.10 -16.38
CA THR H 138 79.60 -20.13 -16.68
C THR H 138 78.43 -19.51 -17.40
N TYR H 139 77.82 -20.26 -18.32
CA TYR H 139 76.67 -19.78 -19.06
C TYR H 139 75.62 -20.87 -19.14
N THR H 140 74.36 -20.48 -18.98
CA THR H 140 73.24 -21.41 -18.92
C THR H 140 72.33 -21.19 -20.11
N PHE H 141 71.90 -22.28 -20.73
CA PHE H 141 70.98 -22.27 -21.85
C PHE H 141 69.67 -22.94 -21.45
N VAL H 142 68.66 -22.78 -22.29
CA VAL H 142 67.45 -23.59 -22.21
C VAL H 142 67.03 -23.93 -23.63
N PHE H 143 66.61 -25.18 -23.84
CA PHE H 143 66.27 -25.65 -25.16
C PHE H 143 64.84 -26.18 -25.16
N GLY H 144 64.33 -26.48 -26.34
CA GLY H 144 62.98 -26.98 -26.44
C GLY H 144 62.85 -28.29 -27.19
N SER H 145 63.85 -28.64 -28.00
CA SER H 145 63.74 -29.78 -28.91
C SER H 145 64.85 -30.79 -28.65
N TYR H 146 64.46 -32.05 -28.44
CA TYR H 146 65.36 -33.13 -28.07
C TYR H 146 65.72 -33.99 -29.26
N LEU H 147 66.28 -33.38 -30.30
CA LEU H 147 66.55 -34.09 -31.54
C LEU H 147 67.34 -35.34 -31.27
N GLY H 148 66.71 -36.50 -31.45
CA GLY H 148 67.30 -37.76 -31.06
C GLY H 148 68.47 -38.14 -31.95
N ALA H 149 69.55 -37.39 -31.85
CA ALA H 149 70.76 -37.64 -32.62
C ALA H 149 71.79 -38.31 -31.72
N GLN H 150 71.98 -39.62 -31.89
CA GLN H 150 73.03 -40.37 -31.22
C GLN H 150 73.74 -41.25 -32.24
N THR H 151 74.01 -40.71 -33.42
CA THR H 151 74.54 -41.48 -34.53
C THR H 151 75.91 -42.05 -34.19
N ALA H 152 76.17 -43.24 -34.73
CA ALA H 152 77.45 -43.91 -34.50
C ALA H 152 78.54 -43.27 -35.36
N MET I 1 21.93 55.89 -9.13
CA MET I 1 22.11 54.56 -9.69
C MET I 1 22.06 53.50 -8.59
N ALA I 2 23.24 53.03 -8.18
CA ALA I 2 23.35 52.00 -7.16
C ALA I 2 23.32 52.55 -5.74
N ASN I 3 23.15 53.87 -5.59
CA ASN I 3 23.07 54.47 -4.27
C ASN I 3 21.84 53.95 -3.54
N TYR I 4 21.97 53.84 -2.22
CA TYR I 4 20.90 53.37 -1.37
C TYR I 4 20.45 54.53 -0.49
N ASN I 5 19.16 54.84 -0.53
CA ASN I 5 18.60 55.93 0.28
C ASN I 5 18.14 55.37 1.62
N TYR I 6 19.12 55.22 2.52
CA TYR I 6 18.83 54.59 3.80
C TYR I 6 18.06 55.50 4.74
N ILE I 7 18.09 56.81 4.53
CA ILE I 7 17.34 57.73 5.37
C ILE I 7 15.89 57.71 4.90
N VAL I 8 15.04 56.98 5.62
CA VAL I 8 13.61 56.93 5.35
C VAL I 8 12.89 57.70 6.45
N ASP I 9 11.58 57.87 6.26
CA ASP I 9 10.80 58.61 7.26
C ASP I 9 10.76 57.87 8.59
N THR I 10 10.71 56.54 8.55
CA THR I 10 10.62 55.77 9.79
C THR I 10 11.93 55.84 10.59
N GLY I 11 13.06 55.82 9.90
CA GLY I 11 14.34 55.88 10.59
C GLY I 11 15.53 55.91 9.65
N VAL I 12 16.67 55.41 10.11
CA VAL I 12 17.91 55.37 9.33
C VAL I 12 18.35 53.92 9.22
N ILE I 13 18.62 53.47 8.00
CA ILE I 13 18.97 52.08 7.76
C ILE I 13 20.48 51.93 7.83
N VAL I 14 20.93 50.91 8.56
CA VAL I 14 22.34 50.52 8.58
C VAL I 14 22.46 49.13 8.00
N ALA I 15 23.25 48.99 6.93
CA ALA I 15 23.39 47.74 6.21
C ALA I 15 24.69 47.05 6.64
N ASP I 16 24.71 45.73 6.50
CA ASP I 16 25.88 44.96 6.89
C ASP I 16 27.10 45.40 6.10
N THR I 17 28.24 45.42 6.77
CA THR I 17 29.47 45.83 6.11
C THR I 17 29.82 44.89 4.96
N ALA I 18 29.38 43.64 5.03
CA ALA I 18 29.53 42.75 3.89
C ALA I 18 28.77 43.28 2.69
N ASP I 19 27.56 43.81 2.91
CA ASP I 19 26.74 44.27 1.80
C ASP I 19 27.29 45.56 1.18
N VAL I 20 27.74 46.49 2.02
CA VAL I 20 28.36 47.71 1.47
C VAL I 20 29.65 47.36 0.74
N LEU I 21 30.39 46.37 1.26
CA LEU I 21 31.54 45.87 0.52
C LEU I 21 31.12 45.40 -0.86
N SER I 22 30.24 44.39 -0.91
CA SER I 22 29.85 43.82 -2.19
C SER I 22 29.31 44.87 -3.14
N ASP I 23 28.67 45.92 -2.59
CA ASP I 23 28.30 47.07 -3.42
C ASP I 23 29.52 47.74 -4.03
N VAL I 24 30.58 47.92 -3.23
CA VAL I 24 31.76 48.59 -3.76
C VAL I 24 32.44 47.74 -4.84
N GLU I 25 32.56 46.43 -4.61
CA GLU I 25 33.10 45.59 -5.69
C GLU I 25 32.20 45.62 -6.92
N ALA I 26 30.88 45.71 -6.72
CA ALA I 26 30.00 45.80 -7.88
C ALA I 26 30.28 47.08 -8.67
N GLU I 27 30.46 48.20 -7.97
CA GLU I 27 30.75 49.45 -8.64
C GLU I 27 32.06 49.37 -9.43
N PHE I 28 33.12 48.84 -8.81
CA PHE I 28 34.41 48.80 -9.49
C PHE I 28 34.44 47.77 -10.62
N ARG I 29 33.74 46.65 -10.47
CA ARG I 29 33.75 45.67 -11.55
C ARG I 29 32.84 46.09 -12.69
N ALA I 30 31.83 46.91 -12.42
CA ALA I 30 31.05 47.47 -13.50
C ALA I 30 31.77 48.63 -14.18
N ALA I 31 32.68 49.29 -13.46
CA ALA I 31 33.31 50.47 -14.02
C ALA I 31 34.53 50.13 -14.87
N LEU I 32 35.44 49.31 -14.34
CA LEU I 32 36.67 48.94 -15.04
C LEU I 32 36.45 47.80 -16.03
N GLY I 33 35.93 46.67 -15.56
CA GLY I 33 35.68 45.55 -16.44
C GLY I 33 35.27 44.31 -15.66
N ALA I 34 34.42 43.47 -16.27
CA ALA I 34 33.92 42.29 -15.59
C ALA I 34 35.00 41.26 -15.32
N ASN I 35 36.19 41.42 -15.90
CA ASN I 35 37.29 40.48 -15.72
C ASN I 35 38.41 41.10 -14.90
N ILE I 36 38.05 41.92 -13.92
CA ILE I 36 39.02 42.58 -13.06
C ILE I 36 39.25 41.73 -11.83
N ASN I 37 40.38 41.96 -11.15
CA ASN I 37 40.73 41.26 -9.93
C ASN I 37 40.68 42.22 -8.75
N LEU I 38 39.90 41.88 -7.73
CA LEU I 38 39.69 42.75 -6.57
C LEU I 38 40.18 42.00 -5.33
N ALA I 39 41.47 42.11 -5.05
CA ALA I 39 42.10 41.51 -3.89
C ALA I 39 42.99 42.56 -3.23
N ALA I 40 43.22 42.39 -1.94
CA ALA I 40 43.84 43.44 -1.14
C ALA I 40 45.28 43.73 -1.59
N SER I 41 45.90 42.81 -2.33
CA SER I 41 47.25 43.07 -2.80
C SER I 41 47.29 44.20 -3.81
N THR I 42 46.44 44.13 -4.83
CA THR I 42 46.46 45.13 -5.89
C THR I 42 45.93 46.48 -5.38
N PRO I 43 46.35 47.58 -6.01
CA PRO I 43 45.80 48.89 -5.62
C PRO I 43 44.30 48.97 -5.75
N GLN I 44 43.71 48.19 -6.66
CA GLN I 44 42.27 48.13 -6.77
C GLN I 44 41.64 47.63 -5.48
N GLY I 45 42.22 46.59 -4.87
CA GLY I 45 41.68 46.09 -3.61
C GLY I 45 41.81 47.08 -2.48
N SER I 46 42.92 47.82 -2.44
CA SER I 46 43.07 48.87 -1.44
C SER I 46 41.99 49.94 -1.62
N LEU I 47 41.71 50.33 -2.86
CA LEU I 47 40.63 51.29 -3.11
C LEU I 47 39.29 50.74 -2.65
N VAL I 48 39.03 49.46 -2.92
CA VAL I 48 37.78 48.84 -2.50
C VAL I 48 37.63 48.91 -0.99
N ALA I 49 38.69 48.53 -0.27
CA ALA I 49 38.63 48.54 1.19
C ALA I 49 38.42 49.95 1.71
N ALA I 50 39.12 50.94 1.13
CA ALA I 50 38.95 52.31 1.58
C ALA I 50 37.51 52.78 1.39
N GLU I 51 36.92 52.47 0.23
CA GLU I 51 35.55 52.89 -0.01
C GLU I 51 34.57 52.23 0.95
N ALA I 52 34.75 50.93 1.20
CA ALA I 52 33.86 50.24 2.14
C ALA I 52 33.96 50.86 3.52
N ILE I 53 35.19 51.11 4.00
CA ILE I 53 35.36 51.70 5.31
C ILE I 53 34.70 53.08 5.37
N ALA I 54 34.91 53.89 4.35
CA ALA I 54 34.36 55.25 4.34
C ALA I 54 32.84 55.23 4.40
N ARG I 55 32.21 54.41 3.54
CA ARG I 55 30.76 54.37 3.50
C ARG I 55 30.18 53.85 4.82
N SER I 56 30.74 52.76 5.34
CA SER I 56 30.22 52.22 6.60
C SER I 56 30.36 53.25 7.72
N SER I 57 31.52 53.91 7.80
CA SER I 57 31.76 54.88 8.85
C SER I 57 30.79 56.05 8.77
N VAL I 58 30.56 56.57 7.56
CA VAL I 58 29.68 57.73 7.44
C VAL I 58 28.24 57.35 7.75
N MET I 59 27.79 56.18 7.28
CA MET I 59 26.43 55.73 7.60
C MET I 59 26.24 55.58 9.10
N ARG I 60 27.20 54.95 9.78
CA ARG I 60 27.05 54.73 11.22
C ARG I 60 27.12 56.03 11.99
N ASN I 61 28.00 56.95 11.59
CA ASN I 61 28.09 58.24 12.26
C ASN I 61 26.78 59.01 12.11
N GLU I 62 26.17 58.98 10.93
CA GLU I 62 24.86 59.60 10.75
C GLU I 62 23.81 58.94 11.63
N ALA I 63 23.79 57.61 11.67
CA ALA I 63 22.78 56.90 12.45
C ALA I 63 22.95 57.11 13.94
N ARG I 64 24.14 57.52 14.39
CA ARG I 64 24.35 57.78 15.80
C ARG I 64 23.61 59.05 16.24
N ILE I 65 23.41 59.99 15.33
CA ILE I 65 22.85 61.30 15.68
C ILE I 65 21.41 61.34 15.15
N ALA I 66 20.78 60.17 15.04
CA ALA I 66 19.43 60.10 14.49
C ALA I 66 18.43 60.85 15.36
N ASN I 67 18.58 60.74 16.69
CA ASN I 67 17.66 61.37 17.63
C ASN I 67 18.49 62.08 18.70
N THR I 68 18.33 63.39 18.81
CA THR I 68 19.11 64.16 19.77
C THR I 68 18.21 65.01 20.67
N ILE I 69 17.12 65.53 20.12
CA ILE I 69 16.27 66.44 20.88
C ILE I 69 15.58 65.70 22.03
N ASN I 70 15.18 64.46 21.79
CA ASN I 70 14.53 63.68 22.84
C ASN I 70 15.48 63.50 24.01
N PRO I 71 15.01 63.65 25.26
CA PRO I 71 15.90 63.50 26.40
C PRO I 71 16.37 62.08 26.67
N ASN I 72 16.11 61.12 25.77
CA ASN I 72 16.68 59.79 25.95
C ASN I 72 18.17 59.76 25.62
N VAL I 73 18.71 60.84 25.06
CA VAL I 73 20.08 60.91 24.59
C VAL I 73 21.07 60.93 25.73
N SER I 74 22.36 60.85 25.41
CA SER I 74 23.42 60.96 26.40
C SER I 74 24.69 61.46 25.72
N PHE I 75 25.75 61.58 26.51
CA PHE I 75 27.08 61.92 26.02
C PHE I 75 27.11 63.29 25.33
N GLY I 76 26.94 64.33 26.14
CA GLY I 76 27.17 65.68 25.68
C GLY I 76 25.95 66.43 25.19
N THR I 77 25.20 65.86 24.23
CA THR I 77 23.96 66.48 23.81
C THR I 77 22.99 66.59 24.99
N PHE I 78 22.95 65.53 25.81
CA PHE I 78 22.08 65.51 26.97
C PHE I 78 22.42 66.63 27.94
N LEU I 79 23.70 67.02 27.99
CA LEU I 79 24.13 68.09 28.87
C LEU I 79 23.41 69.38 28.56
N ASP I 80 23.32 69.77 27.28
CA ASP I 80 22.59 70.98 26.94
C ASP I 80 21.08 70.76 27.03
N ALA I 81 20.61 69.57 26.66
CA ALA I 81 19.18 69.29 26.79
C ALA I 81 18.70 69.52 28.21
N ILE I 82 19.58 69.30 29.20
CA ILE I 82 19.20 69.56 30.58
C ILE I 82 19.56 70.98 30.98
N CYS I 83 20.68 71.50 30.50
CA CYS I 83 21.10 72.85 30.86
C CYS I 83 20.13 73.90 30.37
N ALA I 84 19.23 73.54 29.45
CA ALA I 84 18.13 74.43 29.13
C ALA I 84 17.35 74.81 30.39
N LEU I 85 17.06 73.83 31.25
CA LEU I 85 16.41 74.15 32.52
C LEU I 85 17.43 74.30 33.64
N MET I 86 18.03 73.19 34.07
CA MET I 86 19.03 73.12 35.15
C MET I 86 19.70 71.75 35.18
N GLY I 87 21.01 71.72 35.13
CA GLY I 87 21.72 70.45 35.18
C GLY I 87 23.19 70.62 35.47
N ILE I 88 23.74 69.70 36.26
CA ILE I 88 25.12 69.79 36.70
C ILE I 88 25.87 68.56 36.23
N GLU I 89 27.04 68.80 35.63
CA GLU I 89 27.87 67.75 35.07
C GLU I 89 29.32 67.97 35.49
N ARG I 90 30.25 67.24 34.88
CA ARG I 90 31.64 67.25 35.31
C ARG I 90 31.68 66.88 36.79
N GLY I 91 31.87 67.86 37.66
CA GLY I 91 31.90 67.60 39.09
C GLY I 91 32.85 66.49 39.47
N SER I 92 34.06 66.49 38.91
CA SER I 92 35.04 65.44 39.16
C SER I 92 36.27 66.11 39.75
N ASP I 93 36.28 66.27 41.08
CA ASP I 93 37.28 67.06 41.75
C ASP I 93 37.86 66.26 42.92
N LEU I 94 39.04 66.69 43.37
CA LEU I 94 39.76 66.03 44.45
C LEU I 94 39.81 66.92 45.68
N SER I 95 39.79 66.29 46.85
CA SER I 95 39.82 66.99 48.14
C SER I 95 41.27 67.30 48.50
N THR I 96 41.78 68.39 47.93
CA THR I 96 43.14 68.79 48.27
C THR I 96 43.20 69.33 49.69
N PHE I 97 44.41 69.36 50.25
CA PHE I 97 44.59 69.74 51.65
C PHE I 97 45.46 70.98 51.83
N GLY I 98 45.77 71.26 53.08
CA GLY I 98 46.76 72.26 53.43
C GLY I 98 47.15 72.05 54.88
N TYR I 99 48.32 72.57 55.24
CA TYR I 99 48.85 72.46 56.60
C TYR I 99 48.98 71.01 57.04
N GLY I 100 49.91 70.29 56.43
CA GLY I 100 50.24 68.96 56.89
C GLY I 100 51.05 68.99 58.18
N VAL I 101 51.21 67.83 58.79
CA VAL I 101 52.08 67.66 59.96
C VAL I 101 52.97 66.46 59.74
N GLN I 102 54.27 66.65 59.88
CA GLN I 102 55.25 65.60 59.64
C GLN I 102 56.48 65.85 60.50
N VAL I 103 57.00 64.80 61.12
CA VAL I 103 58.18 64.88 61.96
C VAL I 103 59.21 63.89 61.42
N THR I 104 60.43 64.38 61.18
CA THR I 104 61.51 63.56 60.64
C THR I 104 62.80 63.94 61.37
N GLY I 105 63.93 63.55 60.79
CA GLY I 105 65.23 63.95 61.28
C GLY I 105 65.57 65.37 60.87
N ARG I 106 66.80 65.77 61.19
CA ARG I 106 67.25 67.10 60.85
C ARG I 106 67.62 67.19 59.38
N SER I 107 67.27 68.32 58.76
CA SER I 107 67.61 68.60 57.37
C SER I 107 67.20 67.44 56.45
N GLN I 108 66.07 66.84 56.74
CA GLN I 108 65.55 65.72 55.96
C GLN I 108 64.44 66.22 55.05
N THR I 109 64.61 65.98 53.74
CA THR I 109 63.70 66.47 52.73
C THR I 109 62.78 65.34 52.29
N ARG I 110 61.49 65.63 52.18
CA ARG I 110 60.49 64.63 51.82
C ARG I 110 60.10 64.81 50.35
N ILE I 111 60.28 63.73 49.58
CA ILE I 111 60.14 63.76 48.13
C ILE I 111 58.67 63.93 47.76
N SER I 112 58.42 64.53 46.60
CA SER I 112 57.06 64.69 46.09
C SER I 112 56.47 63.34 45.73
N THR I 113 55.14 63.33 45.60
CA THR I 113 54.38 62.16 45.14
C THR I 113 54.68 60.93 46.01
N GLY I 114 54.73 61.13 47.33
CA GLY I 114 54.74 59.99 48.23
C GLY I 114 53.36 59.37 48.34
N SER I 115 53.30 58.22 48.98
CA SER I 115 52.03 57.53 49.19
C SER I 115 51.64 57.60 50.66
N ARG I 116 50.39 57.96 50.89
CA ARG I 116 49.81 58.06 52.23
C ARG I 116 48.54 57.22 52.28
N VAL I 117 48.42 56.38 53.30
CA VAL I 117 47.22 55.59 53.54
C VAL I 117 46.85 55.70 55.00
N GLN I 118 45.56 55.89 55.26
CA GLN I 118 45.06 56.04 56.62
C GLN I 118 44.08 54.91 56.91
N THR I 119 43.58 54.87 58.15
CA THR I 119 43.09 53.62 58.73
C THR I 119 42.05 52.86 57.92
N PRO I 120 41.02 53.48 57.30
CA PRO I 120 40.05 52.68 56.53
C PRO I 120 40.52 52.34 55.12
N ALA I 121 41.83 52.47 54.88
CA ALA I 121 42.46 52.09 53.61
C ALA I 121 42.05 53.01 52.47
N GLY I 122 42.26 54.31 52.67
CA GLY I 122 42.21 55.25 51.56
C GLY I 122 43.61 55.70 51.17
N ALA I 123 43.88 55.71 49.86
CA ALA I 123 45.20 56.00 49.33
C ALA I 123 45.29 57.46 48.90
N ILE I 124 46.26 58.18 49.45
CA ILE I 124 46.41 59.61 49.23
C ILE I 124 47.87 59.88 48.89
N PHE I 125 48.10 60.71 47.88
CA PHE I 125 49.46 61.12 47.54
C PHE I 125 49.72 62.54 48.02
N THR I 126 50.99 62.89 48.14
CA THR I 126 51.39 64.24 48.48
C THR I 126 51.68 65.05 47.21
N VAL I 127 51.97 66.33 47.39
CA VAL I 127 52.00 67.26 46.28
C VAL I 127 53.37 67.92 46.13
N MET I 128 53.85 68.56 47.18
CA MET I 128 55.08 69.33 47.13
C MET I 128 56.15 68.77 48.05
N SER I 129 57.40 69.05 47.71
CA SER I 129 58.56 68.64 48.48
C SER I 129 59.03 69.79 49.34
N ASP I 130 59.52 69.46 50.54
CA ASP I 130 59.98 70.46 51.47
C ASP I 130 61.07 69.87 52.35
N VAL I 131 61.78 70.75 53.04
CA VAL I 131 62.81 70.33 53.98
C VAL I 131 62.19 70.32 55.38
N THR I 132 62.88 69.69 56.32
CA THR I 132 62.42 69.61 57.69
C THR I 132 63.26 70.53 58.57
N ILE I 133 62.59 71.36 59.35
CA ILE I 133 63.24 72.25 60.30
C ILE I 133 63.75 71.39 61.46
N PRO I 134 64.91 71.70 62.03
CA PRO I 134 65.40 70.89 63.16
C PRO I 134 64.46 70.85 64.35
N ALA I 135 63.48 71.76 64.41
CA ALA I 135 62.47 71.69 65.46
C ALA I 135 61.65 70.40 65.36
N GLY I 136 61.32 69.98 64.14
CA GLY I 136 60.49 68.82 63.96
C GLY I 136 59.05 69.18 63.62
N GLY I 137 58.87 70.13 62.70
CA GLY I 137 57.53 70.48 62.26
C GLY I 137 57.50 71.04 60.84
N VAL I 138 56.67 70.44 59.98
CA VAL I 138 56.52 70.86 58.59
C VAL I 138 55.08 70.66 58.15
N ALA I 139 54.73 71.28 57.02
CA ALA I 139 53.39 71.25 56.46
C ALA I 139 53.44 70.85 54.99
N THR I 140 52.52 69.97 54.58
CA THR I 140 52.46 69.44 53.23
C THR I 140 51.06 69.57 52.66
N ILE I 141 50.87 69.01 51.46
CA ILE I 141 49.61 69.03 50.73
C ILE I 141 49.31 67.59 50.30
N ASP I 142 48.02 67.27 50.15
CA ASP I 142 47.61 65.92 49.78
C ASP I 142 46.70 65.90 48.55
N ILE I 143 46.57 64.70 48.00
CA ILE I 143 45.73 64.44 46.82
C ILE I 143 45.55 62.93 46.72
N LYS I 144 44.44 62.50 46.13
CA LYS I 144 44.07 61.09 46.16
C LYS I 144 44.36 60.34 44.87
N SER I 145 44.46 59.01 45.01
CA SER I 145 44.60 58.13 43.86
C SER I 145 43.34 58.14 43.01
N GLN I 146 42.19 57.97 43.65
CA GLN I 146 40.91 57.90 42.95
C GLN I 146 40.24 59.26 42.98
N GLU I 147 39.43 59.52 41.96
CA GLU I 147 38.80 60.83 41.77
C GLU I 147 37.45 60.88 42.50
N TYR I 148 37.49 60.50 43.77
CA TYR I 148 36.28 60.37 44.57
C TYR I 148 36.29 61.39 45.70
N GLY I 149 35.11 61.64 46.26
CA GLY I 149 35.01 62.49 47.42
C GLY I 149 35.37 61.75 48.69
N ASN I 150 36.61 61.27 48.76
CA ASN I 150 37.04 60.45 49.89
C ASN I 150 37.09 61.29 51.16
N ILE I 151 36.65 60.68 52.26
CA ILE I 151 36.69 61.28 53.57
C ILE I 151 37.81 60.64 54.37
N PRO I 152 38.81 61.40 54.79
CA PRO I 152 39.89 60.82 55.60
C PRO I 152 39.55 60.85 57.09
N LEU I 153 39.51 59.69 57.72
CA LEU I 153 39.22 59.64 59.14
C LEU I 153 40.36 60.29 59.91
N PRO I 154 40.06 61.29 60.76
CA PRO I 154 41.15 61.96 61.49
C PRO I 154 41.79 61.05 62.53
N VAL I 155 42.54 60.06 62.04
CA VAL I 155 43.33 59.15 62.85
C VAL I 155 44.71 59.08 62.21
N GLY I 156 45.72 58.74 63.00
CA GLY I 156 47.10 58.72 62.52
C GLY I 156 47.29 57.96 61.24
N ASN I 157 47.85 58.62 60.23
CA ASN I 157 48.02 58.00 58.93
C ASN I 157 49.09 56.93 58.97
N LEU I 158 49.09 56.05 57.98
CA LEU I 158 50.13 55.07 57.76
C LEU I 158 50.92 55.48 56.53
N ILE I 159 52.09 54.88 56.36
CA ILE I 159 53.01 55.25 55.29
C ILE I 159 53.20 54.05 54.37
N ILE I 160 53.07 54.29 53.07
CA ILE I 160 53.36 53.29 52.05
C ILE I 160 54.75 53.51 51.45
N ILE I 161 54.98 54.68 50.87
CA ILE I 161 56.29 55.02 50.32
C ILE I 161 57.15 55.58 51.44
N ASP I 162 58.22 54.88 51.78
CA ASP I 162 58.98 55.12 53.00
C ASP I 162 60.21 55.95 52.67
N GLY I 163 60.27 57.16 53.24
CA GLY I 163 61.50 57.92 53.25
C GLY I 163 62.28 57.68 54.53
N THR I 164 63.60 57.82 54.43
CA THR I 164 64.47 57.51 55.55
C THR I 164 64.22 58.46 56.71
N ILE I 165 64.24 57.91 57.93
CA ILE I 165 64.04 58.62 59.20
C ILE I 165 62.86 59.58 59.12
N GLY I 166 61.81 59.19 58.42
CA GLY I 166 60.58 59.95 58.41
C GLY I 166 59.41 59.15 58.93
N TRP I 167 58.89 59.52 60.11
CA TRP I 167 57.82 58.75 60.75
C TRP I 167 56.66 59.62 61.21
N SER I 168 55.66 58.98 61.80
CA SER I 168 54.59 59.65 62.55
C SER I 168 53.79 60.63 61.68
N GLY I 169 53.08 60.07 60.70
CA GLY I 169 52.08 60.84 59.97
C GLY I 169 50.72 60.75 60.63
N ALA I 170 50.16 61.88 61.07
CA ALA I 170 48.91 61.91 61.80
C ALA I 170 48.10 63.14 61.42
N LYS I 171 46.94 63.28 62.05
CA LYS I 171 46.03 64.38 61.81
C LYS I 171 46.45 65.63 62.56
N VAL I 172 45.84 66.75 62.19
CA VAL I 172 45.94 68.01 62.93
C VAL I 172 44.83 68.92 62.43
N ILE I 173 44.29 69.73 63.35
CA ILE I 173 43.13 70.55 63.02
C ILE I 173 43.58 71.92 62.54
N ALA I 174 44.88 72.03 62.24
CA ALA I 174 45.32 73.15 61.42
C ALA I 174 45.13 72.88 59.93
N SER I 175 44.67 71.69 59.57
CA SER I 175 44.62 71.29 58.16
C SER I 175 43.25 71.58 57.56
N THR I 176 43.25 72.18 56.38
CA THR I 176 42.01 72.49 55.68
C THR I 176 41.55 71.31 54.82
N ARG I 177 40.31 70.89 55.04
CA ARG I 177 39.72 69.74 54.37
C ARG I 177 38.57 70.24 53.49
N VAL I 178 38.76 70.22 52.17
CA VAL I 178 37.77 70.75 51.24
C VAL I 178 37.07 69.59 50.54
N ASP I 179 35.77 69.47 50.78
CA ASP I 179 35.00 68.34 50.28
C ASP I 179 34.82 68.45 48.77
N PRO I 180 35.19 67.44 47.99
CA PRO I 180 35.02 67.50 46.54
C PRO I 180 33.80 66.77 45.97
N GLY I 181 33.38 67.22 44.80
CA GLY I 181 32.39 66.49 44.03
C GLY I 181 33.09 65.50 43.11
N SER I 182 32.46 64.32 42.96
CA SER I 182 33.05 63.22 42.17
C SER I 182 32.00 62.67 41.20
N ARG I 183 31.92 63.27 40.01
CA ARG I 183 31.15 62.72 38.89
C ARG I 183 29.72 62.43 39.32
N GLN I 184 29.15 63.33 40.12
CA GLN I 184 27.92 63.03 40.83
C GLN I 184 26.76 62.69 39.91
N MET I 185 26.75 63.22 38.69
CA MET I 185 25.60 63.09 37.80
C MET I 185 26.09 62.63 36.43
N SER I 186 26.10 61.32 36.18
CA SER I 186 26.67 60.85 34.92
C SER I 186 25.69 60.91 33.76
N ASP I 187 24.70 60.01 33.72
CA ASP I 187 23.63 60.11 32.72
C ASP I 187 22.25 59.71 33.22
N ALA I 188 22.13 58.83 34.22
CA ALA I 188 20.84 58.30 34.62
C ALA I 188 20.20 59.11 35.74
N GLU I 189 20.98 59.49 36.75
CA GLU I 189 20.48 60.44 37.73
C GLU I 189 20.10 61.76 37.08
N LEU I 190 20.68 62.07 35.91
CA LEU I 190 20.20 63.20 35.14
C LEU I 190 18.77 62.97 34.63
N LYS I 191 18.49 61.77 34.11
CA LYS I 191 17.12 61.42 33.75
C LYS I 191 16.19 61.59 34.93
N ASN I 192 16.60 61.07 36.09
CA ASN I 192 15.76 61.16 37.28
C ASN I 192 15.56 62.60 37.72
N ALA I 193 16.60 63.44 37.60
CA ALA I 193 16.45 64.84 37.97
C ALA I 193 15.47 65.56 37.06
N ARG I 194 15.57 65.32 35.75
CA ARG I 194 14.62 65.92 34.81
C ARG I 194 13.20 65.47 35.11
N VAL I 195 13.02 64.19 35.37
CA VAL I 195 11.69 63.66 35.67
C VAL I 195 11.15 64.25 36.97
N ASN I 196 12.00 64.35 37.99
CA ASN I 196 11.55 64.90 39.27
C ASN I 196 11.17 66.37 39.12
N ARG I 197 11.93 67.11 38.33
CA ARG I 197 11.53 68.48 38.02
C ARG I 197 10.15 68.50 37.38
N LEU I 198 9.95 67.72 36.33
CA LEU I 198 8.64 67.70 35.66
C LEU I 198 7.51 67.34 36.61
N ALA I 199 7.75 66.41 37.54
CA ALA I 199 6.73 66.04 38.51
C ALA I 199 6.41 67.20 39.45
N ILE I 200 7.44 67.89 39.95
CA ILE I 200 7.21 69.05 40.81
C ILE I 200 6.41 70.09 40.06
N GLN I 201 6.70 70.27 38.78
CA GLN I 201 6.07 71.32 38.00
C GLN I 201 4.65 70.98 37.55
N GLY I 202 4.32 69.70 37.42
CA GLY I 202 2.99 69.35 36.94
C GLY I 202 1.89 69.76 37.90
N ARG I 203 2.20 69.82 39.19
CA ARG I 203 1.18 70.04 40.21
C ARG I 203 0.64 71.46 40.16
N ASN I 204 -0.58 71.62 40.66
CA ASN I 204 -1.29 72.89 40.61
C ASN I 204 -1.02 73.68 41.89
N SER I 205 -1.58 74.90 41.97
CA SER I 205 -1.26 75.80 43.07
C SER I 205 -1.64 75.19 44.42
N THR I 206 -2.83 74.60 44.51
CA THR I 206 -3.23 73.94 45.75
C THR I 206 -2.53 72.60 45.91
N MET I 207 -2.35 71.88 44.80
CA MET I 207 -1.75 70.55 44.88
C MET I 207 -0.28 70.64 45.25
N ALA I 208 0.41 71.70 44.78
CA ALA I 208 1.80 71.90 45.17
C ALA I 208 1.91 72.13 46.66
N ILE I 209 1.05 72.97 47.23
CA ILE I 209 1.06 73.21 48.67
C ILE I 209 0.78 71.92 49.42
N LYS I 210 -0.21 71.15 48.93
CA LYS I 210 -0.54 69.89 49.56
C LYS I 210 0.68 68.96 49.61
N ALA I 211 1.32 68.74 48.47
CA ALA I 211 2.45 67.81 48.42
C ALA I 211 3.63 68.34 49.23
N TYR I 212 3.91 69.64 49.14
CA TYR I 212 5.01 70.22 49.89
C TYR I 212 4.83 70.02 51.39
N VAL I 213 3.67 70.40 51.92
CA VAL I 213 3.46 70.32 53.37
C VAL I 213 3.36 68.86 53.81
N SER I 214 2.73 68.01 53.00
CA SER I 214 2.72 66.59 53.35
C SER I 214 4.13 66.00 53.35
N ALA I 215 5.04 66.59 52.57
CA ALA I 215 6.43 66.16 52.59
C ALA I 215 7.16 66.59 53.84
N VAL I 216 6.71 67.64 54.51
CA VAL I 216 7.34 68.05 55.77
C VAL I 216 7.13 66.95 56.81
N PRO I 217 8.16 66.55 57.55
CA PRO I 217 7.96 65.52 58.58
C PRO I 217 7.07 66.03 59.70
N ASN I 218 6.33 65.10 60.30
CA ASN I 218 5.46 65.25 61.46
C ASN I 218 4.14 65.95 61.15
N VAL I 219 3.94 66.47 59.94
CA VAL I 219 2.66 67.05 59.57
C VAL I 219 1.70 65.91 59.20
N THR I 220 0.51 65.92 59.80
CA THR I 220 -0.43 64.81 59.70
C THR I 220 -1.55 65.02 58.69
N SER I 221 -2.11 66.22 58.63
CA SER I 221 -3.21 66.50 57.71
C SER I 221 -3.19 67.98 57.33
N VAL I 222 -3.85 68.29 56.21
CA VAL I 222 -3.82 69.63 55.64
C VAL I 222 -5.16 69.90 54.97
N ASN I 223 -5.64 71.14 55.10
CA ASN I 223 -6.81 71.61 54.37
C ASN I 223 -6.43 72.85 53.58
N VAL I 224 -6.80 72.87 52.30
CA VAL I 224 -6.49 73.98 51.40
C VAL I 224 -7.75 74.37 50.63
N ILE I 225 -8.10 75.66 50.68
CA ILE I 225 -9.28 76.16 50.00
C ILE I 225 -8.95 77.52 49.41
N GLU I 226 -9.87 78.02 48.58
CA GLU I 226 -9.75 79.33 47.95
C GLU I 226 -11.14 79.95 47.90
N ASN I 227 -11.22 81.27 47.77
CA ASN I 227 -12.53 81.91 47.66
C ASN I 227 -12.88 82.19 46.21
N ASN I 228 -11.97 82.82 45.46
CA ASN I 228 -12.15 83.15 44.06
C ASN I 228 -13.29 84.14 43.86
N THR I 229 -13.90 84.58 44.96
CA THR I 229 -14.92 85.62 44.93
C THR I 229 -14.76 86.46 46.19
N GLY I 230 -15.42 87.61 46.21
CA GLY I 230 -15.57 88.34 47.45
C GLY I 230 -16.62 87.75 48.35
N ALA I 231 -17.30 86.70 47.90
CA ALA I 231 -18.37 86.05 48.63
C ALA I 231 -17.85 84.81 49.35
N VAL I 232 -18.74 84.12 50.05
CA VAL I 232 -18.40 82.97 50.88
C VAL I 232 -18.73 81.70 50.10
N GLN I 233 -17.86 80.70 50.21
CA GLN I 233 -18.11 79.39 49.62
C GLN I 233 -18.31 78.31 50.67
N VAL I 234 -17.35 78.12 51.58
CA VAL I 234 -17.47 77.20 52.69
C VAL I 234 -17.24 77.91 54.02
N VAL I 235 -16.28 78.81 54.08
CA VAL I 235 -15.96 79.59 55.26
C VAL I 235 -15.96 81.07 54.85
N ASN I 236 -16.20 81.94 55.84
CA ASN I 236 -16.42 83.36 55.58
C ASN I 236 -15.15 84.13 55.20
N GLY I 237 -14.63 83.89 54.00
CA GLY I 237 -13.52 84.69 53.54
C GLY I 237 -13.96 85.89 52.73
N VAL I 238 -14.14 87.02 53.42
CA VAL I 238 -14.48 88.28 52.78
C VAL I 238 -13.56 89.35 53.34
N SER I 239 -12.53 88.91 54.07
CA SER I 239 -11.53 89.85 54.57
C SER I 239 -10.87 90.59 53.41
N PHE I 240 -10.44 89.85 52.40
CA PHE I 240 -9.97 90.38 51.12
C PHE I 240 -10.72 89.68 49.99
N THR I 241 -10.64 90.28 48.80
CA THR I 241 -11.44 89.79 47.69
C THR I 241 -10.97 88.43 47.22
N LEU I 242 -9.67 88.23 47.05
CA LEU I 242 -9.13 87.01 46.43
C LEU I 242 -7.92 86.46 47.18
N PRO I 243 -8.10 85.96 48.41
CA PRO I 243 -7.00 85.27 49.09
C PRO I 243 -6.95 83.79 48.74
N TYR I 244 -5.93 83.12 49.29
CA TYR I 244 -5.87 81.67 49.40
C TYR I 244 -5.70 81.31 50.87
N ALA I 245 -6.18 80.13 51.26
CA ALA I 245 -6.23 79.74 52.67
C ALA I 245 -5.45 78.45 52.90
N VAL I 246 -4.87 78.32 54.10
CA VAL I 246 -4.05 77.19 54.49
C VAL I 246 -4.33 76.81 55.94
N TRP I 247 -4.46 75.52 56.22
CA TRP I 247 -4.46 75.01 57.58
C TRP I 247 -3.56 73.80 57.67
N VAL I 248 -2.93 73.61 58.82
CA VAL I 248 -1.95 72.54 59.04
C VAL I 248 -2.28 71.79 60.31
N CYS I 249 -2.23 70.46 60.24
CA CYS I 249 -2.32 69.58 61.39
C CYS I 249 -0.96 68.93 61.64
N VAL I 250 -0.66 68.71 62.91
CA VAL I 250 0.67 68.26 63.31
C VAL I 250 0.58 67.69 64.72
N ALA I 251 1.57 66.87 65.09
CA ALA I 251 1.72 66.38 66.45
C ALA I 251 2.76 67.16 67.24
N GLY I 252 2.88 68.47 66.99
CA GLY I 252 3.77 69.30 67.78
C GLY I 252 4.49 70.38 66.99
N ASN I 253 4.74 70.11 65.71
CA ASN I 253 5.46 71.01 64.80
C ASN I 253 6.72 71.57 65.43
N PRO I 254 7.73 70.73 65.71
CA PRO I 254 8.94 71.24 66.37
C PRO I 254 9.73 72.23 65.52
N ASP I 255 9.47 72.29 64.21
CA ASP I 255 10.19 73.17 63.30
C ASP I 255 9.23 74.22 62.75
N LYS I 256 9.35 75.44 63.26
CA LYS I 256 8.39 76.50 62.91
C LYS I 256 8.70 77.11 61.56
N GLN I 257 9.97 77.05 61.12
CA GLN I 257 10.37 77.74 59.90
C GLN I 257 10.27 76.84 58.68
N ALA I 258 10.33 75.52 58.87
CA ALA I 258 10.26 74.60 57.73
C ALA I 258 8.93 74.72 57.01
N VAL I 259 7.83 74.83 57.76
CA VAL I 259 6.52 74.94 57.13
C VAL I 259 6.40 76.27 56.40
N ALA I 260 6.97 77.34 56.95
CA ALA I 260 6.96 78.63 56.26
C ALA I 260 7.75 78.55 54.94
N ASP I 261 8.90 77.88 54.97
CA ASP I 261 9.69 77.73 53.75
C ASP I 261 8.95 76.88 52.71
N ALA I 262 8.29 75.81 53.15
CA ALA I 262 7.51 75.00 52.23
C ALA I 262 6.37 75.79 51.63
N LEU I 263 5.67 76.59 52.44
CA LEU I 263 4.58 77.41 51.93
C LEU I 263 5.11 78.43 50.92
N TRP I 264 6.24 79.04 51.23
CA TRP I 264 6.81 80.03 50.31
C TRP I 264 7.26 79.41 49.00
N ALA I 265 7.85 78.20 49.04
CA ALA I 265 8.38 77.58 47.83
C ALA I 265 7.29 77.37 46.79
N ALA I 266 6.03 77.31 47.22
CA ALA I 266 4.88 77.28 46.32
C ALA I 266 4.13 78.60 46.52
N HIS I 267 4.55 79.62 45.79
CA HIS I 267 3.92 80.93 45.86
C HIS I 267 3.49 81.34 44.46
N ASN I 268 2.23 81.77 44.35
CA ASN I 268 1.61 82.06 43.07
C ASN I 268 2.12 83.33 42.42
N GLY I 269 2.50 84.34 43.20
CA GLY I 269 2.92 85.60 42.65
C GLY I 269 1.78 86.54 42.30
N GLY I 270 0.54 86.16 42.58
CA GLY I 270 -0.57 87.08 42.41
C GLY I 270 -1.68 86.90 43.42
N THR I 271 -1.49 85.98 44.37
CA THR I 271 -2.52 85.67 45.34
C THR I 271 -1.98 85.89 46.75
N PRO I 272 -2.43 86.93 47.44
CA PRO I 272 -2.02 87.13 48.83
C PRO I 272 -2.52 86.01 49.73
N TRP I 273 -1.75 85.76 50.79
CA TRP I 273 -2.03 84.66 51.70
C TRP I 273 -2.83 85.07 52.93
N ASP I 274 -3.17 86.34 53.08
CA ASP I 274 -3.86 86.80 54.27
C ASP I 274 -5.23 86.15 54.40
N TYR I 275 -5.52 85.63 55.59
CA TYR I 275 -6.85 85.09 55.86
C TYR I 275 -7.11 85.13 57.36
N GLY I 276 -8.38 85.32 57.70
CA GLY I 276 -8.82 85.40 59.08
C GLY I 276 -10.07 86.26 59.14
N ALA I 277 -10.97 85.92 60.06
CA ALA I 277 -12.19 86.68 60.30
C ALA I 277 -12.51 86.75 61.78
N THR I 278 -11.46 86.80 62.62
CA THR I 278 -11.54 86.97 64.07
C THR I 278 -12.13 85.74 64.77
N ASN I 279 -12.65 84.77 64.00
CA ASN I 279 -13.21 83.56 64.58
C ASN I 279 -12.60 82.29 64.00
N ASN I 280 -11.72 82.39 63.02
CA ASN I 280 -11.20 81.23 62.32
C ASN I 280 -10.11 80.57 63.16
N GLY I 281 -9.39 79.62 62.57
CA GLY I 281 -8.30 78.99 63.30
C GLY I 281 -7.26 80.01 63.73
N VAL I 282 -6.54 79.69 64.79
CA VAL I 282 -5.65 80.66 65.43
C VAL I 282 -4.46 80.97 64.52
N PRO I 283 -4.29 82.22 64.11
CA PRO I 283 -3.14 82.56 63.24
C PRO I 283 -1.82 82.43 64.00
N VAL I 284 -0.78 82.08 63.25
CA VAL I 284 0.51 81.78 63.85
C VAL I 284 1.16 83.06 64.40
N ASP I 285 1.15 84.13 63.62
CA ASP I 285 1.63 85.43 64.08
C ASP I 285 0.87 86.54 63.37
N GLY I 286 0.93 87.72 63.97
CA GLY I 286 0.18 88.87 63.51
C GLY I 286 0.61 89.37 62.14
N PRO I 287 1.85 89.86 62.03
CA PRO I 287 2.28 90.48 60.76
C PRO I 287 2.80 89.50 59.71
N ASN I 288 3.42 88.39 60.11
CA ASN I 288 4.14 87.56 59.16
C ASN I 288 4.51 86.24 59.83
N GLY I 289 4.73 85.23 58.99
CA GLY I 289 5.26 83.95 59.44
C GLY I 289 6.77 83.90 59.37
N VAL I 290 7.37 85.02 59.00
CA VAL I 290 8.82 85.25 58.96
C VAL I 290 9.50 84.13 58.20
N PRO I 291 9.37 84.07 56.88
CA PRO I 291 10.09 83.07 56.10
C PRO I 291 11.59 83.34 56.09
N VAL I 292 12.34 82.29 55.78
CA VAL I 292 13.76 82.45 55.50
C VAL I 292 13.92 83.47 54.37
N ARG I 293 15.06 84.15 54.36
CA ARG I 293 15.30 85.23 53.41
C ARG I 293 15.07 84.76 51.98
N ASP I 294 15.94 83.87 51.49
CA ASP I 294 15.75 83.22 50.20
C ASP I 294 16.82 82.17 49.98
N PRO I 295 16.48 81.03 49.36
CA PRO I 295 17.54 80.11 48.93
C PRO I 295 18.50 80.72 47.93
N ALA I 296 18.03 81.66 47.10
CA ALA I 296 18.87 82.18 46.03
C ALA I 296 18.44 83.60 45.68
N SER I 297 19.25 84.58 46.09
CA SER I 297 19.18 85.94 45.58
C SER I 297 17.80 86.57 45.80
N GLY I 298 17.46 86.73 47.07
CA GLY I 298 16.19 87.32 47.40
C GLY I 298 16.17 87.86 48.81
N ARG I 299 14.96 87.94 49.37
CA ARG I 299 14.76 88.47 50.70
C ARG I 299 13.42 87.99 51.21
N LYS I 300 13.27 88.01 52.54
CA LYS I 300 12.14 87.35 53.17
C LYS I 300 10.83 88.06 52.87
N TYR I 301 9.88 87.33 52.31
CA TYR I 301 8.55 87.85 52.01
C TYR I 301 7.67 87.62 53.23
N VAL I 302 6.36 87.81 53.09
CA VAL I 302 5.44 87.57 54.20
C VAL I 302 4.43 86.50 53.80
N VAL I 303 4.29 85.49 54.67
CA VAL I 303 3.35 84.40 54.43
C VAL I 303 2.66 84.10 55.75
N LYS I 304 1.41 83.67 55.67
CA LYS I 304 0.59 83.45 56.85
C LYS I 304 -0.18 82.14 56.71
N TRP I 305 -0.31 81.40 57.81
CA TRP I 305 -1.11 80.20 57.86
C TRP I 305 -1.66 80.02 59.27
N THR I 306 -2.74 79.24 59.38
CA THR I 306 -3.45 79.06 60.63
C THR I 306 -3.56 77.59 60.97
N THR I 307 -3.87 77.30 62.24
CA THR I 307 -4.04 75.95 62.77
C THR I 307 -5.47 75.76 63.29
N PRO I 308 -5.98 74.53 63.29
CA PRO I 308 -7.37 74.31 63.70
C PRO I 308 -7.57 74.47 65.20
N ILE I 309 -8.83 74.63 65.58
CA ILE I 309 -9.20 74.73 66.99
C ILE I 309 -9.38 73.31 67.52
N MET I 310 -8.75 73.03 68.66
CA MET I 310 -8.79 71.68 69.21
C MET I 310 -10.15 71.37 69.82
N TYR I 311 -10.57 70.11 69.65
CA TYR I 311 -11.84 69.65 70.15
C TYR I 311 -11.65 68.25 70.71
N ASP I 312 -12.33 67.97 71.82
CA ASP I 312 -12.21 66.67 72.49
C ASP I 312 -13.57 66.00 72.52
N GLY I 313 -13.66 64.82 71.90
CA GLY I 313 -14.92 64.13 71.73
C GLY I 313 -15.21 63.14 72.83
N TYR I 314 -16.48 63.07 73.23
CA TYR I 314 -16.98 62.10 74.18
C TYR I 314 -17.90 61.13 73.46
N VAL I 315 -17.60 59.84 73.57
CA VAL I 315 -18.41 58.80 72.94
C VAL I 315 -18.79 57.75 73.99
N ASN I 316 -20.06 57.40 74.01
CA ASN I 316 -20.59 56.37 74.89
C ASN I 316 -21.17 55.25 74.04
N VAL I 317 -20.91 54.00 74.43
CA VAL I 317 -21.32 52.84 73.67
C VAL I 317 -21.96 51.83 74.61
N THR I 318 -23.07 51.23 74.18
CA THR I 318 -23.78 50.21 74.93
C THR I 318 -23.69 48.90 74.17
N VAL I 319 -23.09 47.88 74.79
CA VAL I 319 -22.82 46.63 74.12
C VAL I 319 -23.14 45.48 75.05
N GLN I 320 -23.74 44.42 74.50
CA GLN I 320 -23.92 43.16 75.20
C GLN I 320 -22.67 42.30 75.03
N GLN I 321 -22.18 41.75 76.15
CA GLN I 321 -20.98 40.93 76.09
C GLN I 321 -21.20 39.68 75.25
N GLY I 322 -22.35 39.06 75.37
CA GLY I 322 -22.64 37.82 74.65
C GLY I 322 -21.96 36.64 75.32
N SER I 323 -21.21 35.87 74.52
CA SER I 323 -20.51 34.69 75.02
C SER I 323 -19.00 34.84 74.95
N SER I 324 -18.47 35.98 74.52
CA SER I 324 -17.03 36.23 74.56
C SER I 324 -16.83 37.68 74.97
N SER I 325 -16.67 37.92 76.26
CA SER I 325 -16.45 39.27 76.76
C SER I 325 -15.07 39.76 76.35
N VAL I 326 -14.98 41.07 76.10
CA VAL I 326 -13.75 41.71 75.64
C VAL I 326 -13.47 42.88 76.56
N ALA I 327 -12.20 43.23 76.69
CA ALA I 327 -11.80 44.29 77.61
C ALA I 327 -12.43 45.61 77.20
N PRO I 328 -12.94 46.41 78.15
CA PRO I 328 -13.24 47.81 77.83
C PRO I 328 -12.01 48.56 77.38
N GLU I 329 -10.86 48.32 78.01
CA GLU I 329 -9.61 48.94 77.57
C GLU I 329 -9.28 48.53 76.14
N ALA I 330 -9.57 47.29 75.76
CA ALA I 330 -9.35 46.86 74.38
C ALA I 330 -10.19 47.68 73.42
N ILE I 331 -11.46 47.89 73.75
CA ILE I 331 -12.34 48.64 72.87
C ILE I 331 -11.90 50.10 72.78
N GLN I 332 -11.52 50.69 73.92
CA GLN I 332 -11.06 52.08 73.90
C GLN I 332 -9.79 52.24 73.09
N ASN I 333 -8.82 51.35 73.28
CA ASN I 333 -7.58 51.43 72.51
C ASN I 333 -7.85 51.22 71.03
N ALA I 334 -8.72 50.26 70.70
CA ALA I 334 -9.04 50.01 69.30
C ALA I 334 -9.68 51.23 68.66
N VAL I 335 -10.66 51.84 69.31
CA VAL I 335 -11.33 53.01 68.75
C VAL I 335 -10.35 54.19 68.67
N VAL I 336 -9.54 54.39 69.70
CA VAL I 336 -8.61 55.50 69.71
C VAL I 336 -7.59 55.39 68.59
N ASN I 337 -7.00 54.21 68.40
CA ASN I 337 -6.01 54.08 67.33
C ASN I 337 -6.69 53.96 65.97
N TYR I 338 -8.00 53.67 65.96
CA TYR I 338 -8.81 53.91 64.77
C TYR I 338 -8.91 55.39 64.44
N ALA I 339 -9.01 56.25 65.45
CA ALA I 339 -9.25 57.67 65.21
C ALA I 339 -8.18 58.28 64.33
N GLN I 340 -6.96 57.75 64.39
CA GLN I 340 -5.89 58.18 63.50
C GLN I 340 -5.86 57.37 62.20
N GLY I 341 -6.67 56.33 62.09
CA GLY I 341 -6.77 55.56 60.86
C GLY I 341 -5.67 54.54 60.64
N LYS I 342 -5.52 53.60 61.57
CA LYS I 342 -4.57 52.51 61.34
C LYS I 342 -5.07 51.56 60.27
N VAL I 343 -6.38 51.44 60.11
CA VAL I 343 -6.96 50.45 59.20
C VAL I 343 -6.92 50.99 57.78
N GLU I 344 -6.97 50.06 56.82
CA GLU I 344 -6.87 50.44 55.42
C GLU I 344 -8.15 51.12 54.97
N GLY I 345 -8.00 52.23 54.24
CA GLY I 345 -9.12 52.96 53.69
C GLY I 345 -9.70 54.02 54.59
N GLU I 346 -9.24 54.12 55.83
CA GLU I 346 -9.79 55.07 56.80
C GLU I 346 -8.75 56.14 57.06
N GLU I 347 -9.09 57.40 56.75
CA GLU I 347 -8.12 58.47 56.85
C GLU I 347 -8.06 59.05 58.26
N GLY I 348 -9.14 58.94 59.01
CA GLY I 348 -9.13 59.37 60.40
C GLY I 348 -9.85 60.67 60.66
N LEU I 349 -9.53 61.32 61.79
CA LEU I 349 -10.18 62.56 62.19
C LEU I 349 -9.32 63.73 61.71
N VAL I 350 -9.30 63.92 60.40
CA VAL I 350 -8.59 65.03 59.78
C VAL I 350 -9.36 66.31 60.09
N VAL I 351 -8.74 67.46 59.78
CA VAL I 351 -9.39 68.73 60.04
C VAL I 351 -10.71 68.82 59.27
N GLY I 352 -11.75 69.27 59.97
CA GLY I 352 -13.05 69.48 59.34
C GLY I 352 -13.79 68.22 58.95
N ALA I 353 -13.47 67.10 59.58
CA ALA I 353 -14.10 65.82 59.28
C ALA I 353 -15.03 65.45 60.41
N SER I 354 -16.34 65.50 60.15
CA SER I 354 -17.32 65.15 61.16
C SER I 354 -17.22 63.67 61.52
N LEU I 355 -17.39 63.37 62.80
CA LEU I 355 -17.40 62.00 63.29
C LEU I 355 -18.84 61.55 63.50
N SER I 356 -19.11 60.29 63.19
CA SER I 356 -20.45 59.74 63.32
C SER I 356 -20.38 58.44 64.12
N ALA I 357 -21.43 58.22 64.92
CA ALA I 357 -21.49 57.00 65.72
C ALA I 357 -21.56 55.76 64.84
N PHE I 358 -22.10 55.89 63.63
CA PHE I 358 -22.16 54.75 62.71
C PHE I 358 -20.77 54.34 62.27
N GLU I 359 -19.88 55.31 62.07
CA GLU I 359 -18.50 54.99 61.69
C GLU I 359 -17.78 54.26 62.81
N VAL I 360 -17.98 54.69 64.06
CA VAL I 360 -17.40 53.98 65.20
C VAL I 360 -18.01 52.58 65.31
N ALA I 361 -19.30 52.45 64.99
CA ALA I 361 -19.91 51.12 64.96
C ALA I 361 -19.23 50.23 63.93
N GLY I 362 -18.92 50.78 62.75
CA GLY I 362 -18.21 49.99 61.75
C GLY I 362 -16.80 49.63 62.18
N ALA I 363 -16.11 50.57 62.82
CA ALA I 363 -14.78 50.27 63.35
C ALA I 363 -14.85 49.12 64.33
N ILE I 364 -15.84 49.13 65.22
CA ILE I 364 -16.06 48.00 66.11
C ILE I 364 -16.41 46.76 65.30
N ALA I 365 -17.14 46.93 64.20
CA ALA I 365 -17.64 45.79 63.44
C ALA I 365 -16.50 44.95 62.87
N ARG I 366 -15.49 45.60 62.30
CA ARG I 366 -14.37 44.81 61.77
C ARG I 366 -13.24 44.63 62.77
N GLU I 367 -13.11 45.53 63.74
CA GLU I 367 -12.22 45.23 64.86
C GLU I 367 -12.71 44.01 65.61
N ILE I 368 -14.01 43.90 65.81
CA ILE I 368 -14.60 42.69 66.40
C ILE I 368 -15.99 42.43 65.84
N PRO I 369 -16.12 41.55 64.85
CA PRO I 369 -17.45 41.07 64.45
C PRO I 369 -17.95 40.04 65.45
N GLY I 370 -19.08 39.42 65.11
CA GLY I 370 -19.67 38.45 66.01
C GLY I 370 -20.09 39.06 67.33
N ILE I 371 -20.50 40.33 67.31
CA ILE I 371 -20.91 41.05 68.51
C ILE I 371 -22.22 41.75 68.19
N TYR I 372 -22.95 42.11 69.24
CA TYR I 372 -24.17 42.89 69.12
C TYR I 372 -23.98 44.23 69.82
N ILE I 373 -24.22 45.31 69.09
CA ILE I 373 -24.05 46.66 69.62
C ILE I 373 -25.44 47.26 69.78
N LYS I 374 -25.69 47.90 70.93
CA LYS I 374 -27.02 48.39 71.25
C LYS I 374 -27.19 49.86 70.85
N LEU I 375 -26.40 50.75 71.45
CA LEU I 375 -26.52 52.17 71.16
C LEU I 375 -25.14 52.80 71.22
N CYS I 376 -24.93 53.78 70.34
CA CYS I 376 -23.69 54.54 70.28
C CYS I 376 -24.03 56.00 69.99
N GLN I 377 -23.45 56.90 70.78
CA GLN I 377 -23.60 58.34 70.57
C GLN I 377 -22.28 59.03 70.84
N VAL I 378 -22.11 60.20 70.22
CA VAL I 378 -20.88 60.96 70.36
C VAL I 378 -21.22 62.40 70.74
N ALA I 379 -20.27 63.04 71.42
CA ALA I 379 -20.40 64.45 71.77
C ALA I 379 -19.01 65.09 71.65
N CYS I 380 -18.99 66.28 71.08
CA CYS I 380 -17.73 66.96 70.77
C CYS I 380 -17.83 68.41 71.20
N VAL I 381 -16.93 68.83 72.10
CA VAL I 381 -16.91 70.18 72.63
C VAL I 381 -15.47 70.70 72.61
N ALA I 382 -15.29 71.91 73.12
CA ALA I 382 -13.97 72.52 73.17
C ALA I 382 -13.10 71.84 74.22
N ALA I 383 -11.80 71.78 73.95
CA ALA I 383 -10.87 71.13 74.87
C ALA I 383 -10.72 71.95 76.14
N GLY I 384 -10.65 71.26 77.28
CA GLY I 384 -10.63 71.88 78.58
C GLY I 384 -12.00 72.08 79.21
N SER I 385 -13.08 71.82 78.46
CA SER I 385 -14.42 71.98 78.99
C SER I 385 -14.72 70.88 80.01
N PRO I 386 -15.60 71.16 80.98
CA PRO I 386 -16.09 70.11 81.87
C PRO I 386 -16.85 69.05 81.09
N ALA I 387 -16.77 67.82 81.58
CA ALA I 387 -17.42 66.70 80.91
C ALA I 387 -18.92 66.92 80.85
N PRO I 388 -19.54 66.80 79.68
CA PRO I 388 -20.94 67.22 79.53
C PRO I 388 -21.91 66.18 80.08
N ALA I 389 -23.15 66.64 80.27
CA ALA I 389 -24.22 65.76 80.71
C ALA I 389 -24.72 64.91 79.55
N PRO I 390 -25.40 63.80 79.85
CA PRO I 390 -25.96 62.98 78.76
C PRO I 390 -26.99 63.70 77.91
N GLY I 391 -27.46 64.87 78.34
CA GLY I 391 -28.41 65.64 77.55
C GLY I 391 -27.78 66.42 76.41
N ASP I 392 -26.49 66.23 76.16
CA ASP I 392 -25.81 66.90 75.05
C ASP I 392 -25.28 65.92 74.01
N PHE I 393 -25.30 64.62 74.29
CA PHE I 393 -24.87 63.63 73.32
C PHE I 393 -25.81 63.59 72.13
N THR I 394 -25.32 63.02 71.03
CA THR I 394 -26.11 62.95 69.80
C THR I 394 -25.60 61.79 68.95
N SER I 395 -26.38 61.47 67.93
CA SER I 395 -26.01 60.38 67.02
C SER I 395 -24.89 60.78 66.07
N GLU I 396 -24.95 62.00 65.55
CA GLU I 396 -23.95 62.50 64.61
C GLU I 396 -23.74 63.99 64.87
N TYR I 397 -22.47 64.41 64.87
CA TYR I 397 -22.09 65.77 65.22
C TYR I 397 -21.54 66.47 63.99
N VAL I 398 -22.25 67.49 63.51
CA VAL I 398 -21.75 68.32 62.43
C VAL I 398 -20.52 69.07 62.93
N MET I 399 -19.57 69.33 62.02
CA MET I 399 -18.30 69.91 62.42
C MET I 399 -17.90 71.02 61.47
N SER I 400 -17.21 72.03 62.01
CA SER I 400 -16.84 73.20 61.23
C SER I 400 -15.69 72.89 60.30
N ALA I 401 -15.43 73.83 59.38
CA ALA I 401 -14.40 73.63 58.38
C ALA I 401 -13.00 73.72 58.96
N PHE I 402 -12.79 74.65 59.91
CA PHE I 402 -11.46 74.97 60.40
C PHE I 402 -11.22 74.46 61.82
N GLY I 403 -11.68 73.26 62.15
CA GLY I 403 -11.41 72.67 63.44
C GLY I 403 -10.94 71.23 63.36
N GLN I 404 -10.42 70.69 64.46
CA GLN I 404 -9.94 69.31 64.52
C GLN I 404 -10.52 68.62 65.75
N ALA I 405 -10.92 67.37 65.59
CA ALA I 405 -11.49 66.59 66.68
C ALA I 405 -10.50 65.51 67.11
N THR I 406 -10.42 65.27 68.42
CA THR I 406 -9.46 64.36 69.00
C THR I 406 -10.19 63.29 69.81
N ILE I 407 -9.53 62.16 70.00
CA ILE I 407 -10.08 61.03 70.74
C ILE I 407 -9.06 60.57 71.77
N SER I 408 -9.50 60.41 73.02
CA SER I 408 -8.68 59.89 74.09
C SER I 408 -9.48 58.90 74.93
N VAL I 409 -8.79 57.88 75.45
CA VAL I 409 -9.45 56.83 76.23
C VAL I 409 -10.18 57.42 77.43
N GLY I 410 -9.62 58.47 78.04
CA GLY I 410 -10.22 59.03 79.24
C GLY I 410 -11.61 59.61 79.00
N ASN I 411 -11.78 60.38 77.92
CA ASN I 411 -13.09 60.93 77.61
C ASN I 411 -14.00 59.88 77.00
N VAL I 412 -13.44 58.78 76.51
CA VAL I 412 -14.27 57.70 75.96
C VAL I 412 -14.72 56.81 77.11
N ARG I 413 -16.03 56.68 77.29
CA ARG I 413 -16.64 55.87 78.33
C ARG I 413 -17.54 54.84 77.68
N VAL I 414 -17.54 53.62 78.22
CA VAL I 414 -18.35 52.54 77.70
C VAL I 414 -19.33 52.08 78.77
N THR I 415 -20.30 51.28 78.34
CA THR I 415 -21.34 50.73 79.21
C THR I 415 -21.54 49.27 78.82
N PHE I 416 -21.03 48.36 79.64
CA PHE I 416 -21.08 46.93 79.34
C PHE I 416 -22.30 46.28 79.99
N VAL I 417 -23.48 46.74 79.58
CA VAL I 417 -24.73 46.21 80.09
C VAL I 417 -25.21 45.07 79.20
N LEU J 1 31.08 47.16 24.21
CA LEU J 1 32.39 47.02 24.84
C LEU J 1 33.56 46.87 23.84
N PRO J 2 33.47 45.97 22.86
CA PRO J 2 34.61 45.78 21.95
C PRO J 2 34.93 47.06 21.18
N ALA J 3 36.19 47.21 20.82
CA ALA J 3 36.63 48.42 20.13
C ALA J 3 36.23 48.38 18.65
N TYR J 4 36.13 49.57 18.06
CA TYR J 4 35.85 49.75 16.65
C TYR J 4 36.85 50.76 16.11
N ASN J 5 37.35 50.52 14.89
CA ASN J 5 38.37 51.40 14.34
C ASN J 5 37.80 52.37 13.31
N SER J 6 37.24 51.84 12.22
CA SER J 6 36.61 52.66 11.18
C SER J 6 37.53 53.77 10.69
N ASP J 7 38.66 53.36 10.12
CA ASP J 7 39.69 54.28 9.67
C ASP J 7 40.04 54.01 8.21
N ILE J 8 40.11 55.08 7.43
CA ILE J 8 40.41 54.92 6.00
C ILE J 8 41.83 54.39 5.80
N GLN J 9 42.77 54.80 6.66
CA GLN J 9 44.16 54.41 6.52
C GLN J 9 44.35 52.90 6.63
N GLN J 10 43.38 52.18 7.18
CA GLN J 10 43.48 50.72 7.26
C GLN J 10 43.68 50.08 5.89
N ALA J 11 43.24 50.76 4.82
CA ALA J 11 43.44 50.23 3.48
C ALA J 11 44.91 50.22 3.08
N LEU J 12 45.70 51.12 3.67
CA LEU J 12 47.12 51.14 3.38
C LEU J 12 47.80 49.90 3.96
N LYS J 13 48.72 49.33 3.19
CA LYS J 13 49.41 48.11 3.58
C LYS J 13 50.90 48.32 3.43
N TRP J 14 51.66 47.60 4.27
CA TRP J 14 53.11 47.76 4.28
C TRP J 14 53.75 47.27 3.00
N LEU J 15 52.99 46.58 2.15
CA LEU J 15 53.42 46.37 0.78
C LEU J 15 53.66 47.69 0.06
N HIS J 16 52.83 48.70 0.33
CA HIS J 16 53.07 50.07 -0.11
C HIS J 16 53.77 50.87 0.96
N ASN J 17 54.88 50.36 1.48
CA ASN J 17 55.57 51.06 2.57
C ASN J 17 56.13 52.40 2.08
N GLN J 18 56.73 52.41 0.90
CA GLN J 18 57.29 53.63 0.33
C GLN J 18 56.70 53.97 -1.04
N ALA J 19 55.48 53.54 -1.31
CA ALA J 19 54.79 53.93 -2.53
C ALA J 19 54.23 55.34 -2.36
N PRO J 20 54.64 56.31 -3.19
CA PRO J 20 54.08 57.67 -3.02
C PRO J 20 52.66 57.83 -3.52
N GLY J 21 52.33 57.30 -4.71
CA GLY J 21 51.05 57.58 -5.33
C GLY J 21 49.82 57.03 -4.61
N ILE J 22 49.85 55.73 -4.29
CA ILE J 22 48.70 55.11 -3.63
C ILE J 22 48.49 55.73 -2.26
N THR J 23 49.57 55.90 -1.49
CA THR J 23 49.41 56.46 -0.15
C THR J 23 48.96 57.91 -0.22
N GLY J 24 49.40 58.64 -1.25
CA GLY J 24 48.90 60.00 -1.42
C GLY J 24 47.42 60.04 -1.68
N LEU J 25 46.94 59.18 -2.58
CA LEU J 25 45.51 59.10 -2.85
C LEU J 25 44.72 58.78 -1.58
N ILE J 26 45.14 57.73 -0.87
CA ILE J 26 44.39 57.28 0.29
C ILE J 26 44.38 58.35 1.37
N GLN J 27 45.53 58.97 1.65
CA GLN J 27 45.59 59.94 2.73
C GLN J 27 44.85 61.23 2.36
N ARG J 28 44.86 61.64 1.09
CA ARG J 28 44.10 62.81 0.71
C ARG J 28 42.60 62.54 0.79
N LYS J 29 42.15 61.35 0.38
CA LYS J 29 40.74 61.00 0.56
C LYS J 29 40.37 61.01 2.04
N ALA J 30 41.23 60.46 2.89
CA ALA J 30 40.94 60.44 4.32
C ALA J 30 40.87 61.85 4.89
N GLN J 31 41.75 62.74 4.43
CA GLN J 31 41.69 64.13 4.90
C GLN J 31 40.41 64.82 4.43
N TRP J 32 39.97 64.55 3.20
CA TRP J 32 38.71 65.13 2.73
C TRP J 32 37.54 64.64 3.58
N TYR J 33 37.51 63.34 3.88
CA TYR J 33 36.44 62.80 4.70
C TYR J 33 36.50 63.37 6.12
N ASP J 34 37.70 63.53 6.67
CA ASP J 34 37.85 64.15 7.97
C ASP J 34 37.32 65.58 7.97
N ARG J 35 37.57 66.32 6.89
CA ARG J 35 37.12 67.70 6.82
C ARG J 35 35.60 67.79 6.71
N PHE J 36 34.98 66.95 5.90
CA PHE J 36 33.56 67.10 5.60
C PHE J 36 32.66 66.13 6.36
N SER J 37 33.19 65.34 7.27
CA SER J 37 32.26 64.38 7.87
C SER J 37 32.42 64.20 9.37
N ARG J 38 33.47 64.72 9.97
CA ARG J 38 33.51 64.74 11.44
C ARG J 38 33.86 66.10 12.01
N GLN J 39 34.72 66.87 11.35
CA GLN J 39 34.93 68.26 11.77
C GLN J 39 33.67 69.08 11.59
N PHE J 40 32.95 68.89 10.49
CA PHE J 40 31.66 69.56 10.30
C PHE J 40 30.67 69.17 11.40
N TRP J 41 30.66 67.90 11.77
CA TRP J 41 29.75 67.46 12.82
C TRP J 41 30.12 68.07 14.16
N ALA J 42 31.41 68.18 14.46
CA ALA J 42 31.82 68.87 15.68
C ALA J 42 31.39 70.32 15.66
N ASN J 43 31.55 70.99 14.51
CA ASN J 43 31.13 72.38 14.39
C ASN J 43 29.62 72.52 14.58
N TRP J 44 28.83 71.65 13.97
CA TRP J 44 27.39 71.73 14.12
C TRP J 44 26.97 71.42 15.55
N GLU J 45 27.68 70.50 16.20
CA GLU J 45 27.39 70.23 17.61
C GLU J 45 27.64 71.47 18.45
N ARG J 46 28.78 72.13 18.24
CA ARG J 46 29.02 73.38 18.95
C ARG J 46 28.00 74.44 18.58
N ASP J 47 27.38 74.30 17.41
CA ASP J 47 26.30 75.21 17.02
C ASP J 47 25.04 74.94 17.83
N VAL J 48 24.69 73.66 18.05
CA VAL J 48 23.41 73.35 18.68
C VAL J 48 23.40 73.73 20.15
N PHE J 49 24.57 73.79 20.79
CA PHE J 49 24.61 74.28 22.17
C PHE J 49 24.11 75.71 22.25
N HIS J 50 23.00 75.91 22.95
CA HIS J 50 22.44 77.25 23.10
C HIS J 50 23.39 78.18 23.85
N LEU J 51 24.27 77.61 24.67
CA LEU J 51 25.19 78.42 25.46
C LEU J 51 26.15 79.22 24.59
N LYS J 52 26.85 78.59 23.66
CA LYS J 52 27.89 79.25 22.88
C LYS J 52 27.57 79.19 21.40
N THR J 53 26.29 79.31 21.07
CA THR J 53 25.85 79.42 19.68
C THR J 53 26.20 80.81 19.17
N ALA J 54 27.49 81.02 18.93
CA ALA J 54 27.92 82.28 18.32
C ALA J 54 27.33 82.43 16.94
N ASN J 55 27.22 81.34 16.21
CA ASN J 55 26.67 81.36 14.87
C ASN J 55 25.25 81.91 14.93
N PRO J 56 24.94 82.98 14.18
CA PRO J 56 23.54 83.44 14.11
C PRO J 56 22.60 82.41 13.53
N PHE J 57 23.11 81.45 12.75
CA PHE J 57 22.24 80.38 12.24
C PHE J 57 21.62 79.59 13.38
N GLY J 58 22.42 79.23 14.37
CA GLY J 58 21.88 78.47 15.49
C GLY J 58 20.90 79.28 16.31
N LEU J 59 21.16 80.59 16.46
CA LEU J 59 20.21 81.45 17.15
C LEU J 59 18.89 81.50 16.41
N MET J 60 18.94 81.62 15.08
CA MET J 60 17.71 81.59 14.29
C MET J 60 16.99 80.25 14.45
N VAL J 61 17.73 79.15 14.45
CA VAL J 61 17.10 77.84 14.56
C VAL J 61 16.43 77.69 15.92
N TRP J 62 17.09 78.13 16.99
CA TRP J 62 16.47 78.05 18.31
C TRP J 62 15.27 78.99 18.42
N CYS J 63 15.33 80.14 17.73
CA CYS J 63 14.17 81.02 17.65
C CYS J 63 12.99 80.32 16.99
N ILE J 64 13.24 79.60 15.90
CA ILE J 64 12.16 78.88 15.22
C ILE J 64 11.64 77.76 16.11
N ILE J 65 12.52 77.10 16.85
CA ILE J 65 12.09 76.05 17.77
C ILE J 65 11.18 76.63 18.84
N LEU J 66 11.55 77.78 19.40
CA LEU J 66 10.78 78.41 20.45
C LEU J 66 9.53 79.12 19.93
N GLY J 67 9.53 79.61 18.70
CA GLY J 67 8.35 80.19 18.13
C GLY J 67 8.15 81.68 18.34
N THR J 68 9.17 82.41 18.77
CA THR J 68 8.99 83.84 18.90
C THR J 68 9.20 84.55 17.55
N PRO J 69 8.57 85.70 17.36
CA PRO J 69 8.92 86.54 16.22
C PRO J 69 10.39 86.93 16.28
N SER J 70 10.98 87.12 15.09
CA SER J 70 12.40 87.42 14.99
C SER J 70 12.67 88.80 14.42
N LYS J 71 11.65 89.66 14.36
CA LYS J 71 11.83 90.96 13.70
C LYS J 71 12.71 91.89 14.50
N GLY J 72 12.72 91.76 15.82
CA GLY J 72 13.51 92.65 16.65
C GLY J 72 14.96 92.27 16.86
N PHE J 73 15.38 91.10 16.38
CA PHE J 73 16.73 90.61 16.62
C PHE J 73 17.62 90.98 15.44
N GLY J 74 18.67 91.75 15.72
CA GLY J 74 19.70 91.93 14.72
C GLY J 74 20.46 90.63 14.54
N LEU J 75 20.20 89.94 13.43
CA LEU J 75 20.70 88.58 13.26
C LEU J 75 22.22 88.56 13.09
N TYR J 76 22.74 89.46 12.26
CA TYR J 76 24.12 89.36 11.81
C TYR J 76 24.73 90.74 11.60
N PRO J 77 25.92 91.00 12.13
CA PRO J 77 26.68 92.17 11.69
C PRO J 77 27.61 91.81 10.55
N LYS J 78 27.42 90.62 9.98
CA LYS J 78 28.42 90.00 9.14
C LYS J 78 28.54 90.74 7.80
N ASN J 79 29.39 90.21 6.92
CA ASN J 79 29.71 90.87 5.66
C ASN J 79 28.54 90.87 4.69
N SER J 80 27.50 90.06 4.96
CA SER J 80 26.38 89.96 4.04
C SER J 80 25.63 91.29 3.92
N SER J 81 25.44 92.00 5.02
CA SER J 81 24.67 93.23 5.00
C SER J 81 25.40 94.30 4.20
N TRP J 82 24.64 95.29 3.74
CA TRP J 82 25.23 96.34 2.94
C TRP J 82 25.99 97.32 3.83
N ALA J 83 26.86 98.11 3.20
CA ALA J 83 27.73 99.07 3.89
C ALA J 83 28.63 98.36 4.90
N PHE J 84 29.26 97.27 4.45
CA PHE J 84 30.19 96.49 5.26
C PHE J 84 31.14 95.78 4.31
N GLY J 85 32.41 96.18 4.31
CA GLY J 85 33.38 95.60 3.40
C GLY J 85 34.79 95.92 3.83
N ARG J 86 35.75 95.37 3.09
CA ARG J 86 37.15 95.62 3.39
C ARG J 86 37.53 97.07 3.12
N LEU J 87 37.21 97.57 1.92
CA LEU J 87 37.39 98.99 1.62
C LEU J 87 36.20 99.81 2.11
N ARG J 88 35.01 99.54 1.55
CA ARG J 88 33.72 100.08 1.95
C ARG J 88 33.71 101.60 2.07
N GLN J 89 34.72 102.26 1.53
CA GLN J 89 34.83 103.71 1.60
C GLN J 89 34.17 104.41 0.43
N ASN J 90 33.88 103.69 -0.66
CA ASN J 90 33.26 104.30 -1.82
C ASN J 90 31.82 104.71 -1.51
N PHE J 91 31.45 105.90 -1.96
CA PHE J 91 30.10 106.44 -1.81
C PHE J 91 29.69 106.58 -0.35
N ILE J 92 30.67 106.71 0.54
CA ILE J 92 30.45 107.01 1.95
C ILE J 92 31.47 108.07 2.38
N TYR J 93 31.19 108.69 3.52
CA TYR J 93 32.03 109.77 4.04
C TYR J 93 33.36 109.18 4.50
N SER J 94 34.42 109.46 3.74
CA SER J 94 35.77 109.02 4.06
C SER J 94 36.66 110.17 4.53
N GLY J 95 36.09 111.16 5.21
CA GLY J 95 36.83 112.30 5.68
C GLY J 95 36.99 113.42 4.67
N THR J 96 36.50 113.25 3.44
CA THR J 96 36.60 114.29 2.44
C THR J 96 35.59 115.42 2.67
N GLN J 97 34.38 115.10 3.11
CA GLN J 97 33.33 116.10 3.29
C GLN J 97 32.91 116.24 4.74
N VAL J 98 32.48 115.16 5.39
CA VAL J 98 31.98 115.23 6.76
C VAL J 98 32.76 114.28 7.65
N PRO J 99 33.18 114.71 8.84
CA PRO J 99 33.89 113.81 9.76
C PRO J 99 33.03 112.60 10.08
N PRO J 100 33.64 111.42 10.16
CA PRO J 100 32.87 110.20 10.43
C PRO J 100 32.83 109.90 11.91
N PRO J 101 31.65 109.60 12.45
CA PRO J 101 31.56 109.11 13.83
C PRO J 101 32.27 107.76 13.96
N ALA J 102 32.84 107.54 15.14
CA ALA J 102 33.55 106.30 15.43
C ALA J 102 32.82 105.36 16.38
N ASP J 103 32.06 105.91 17.32
CA ASP J 103 31.33 105.10 18.29
C ASP J 103 30.10 104.51 17.62
N ALA J 104 30.30 103.43 16.86
CA ALA J 104 29.19 102.77 16.18
C ALA J 104 29.51 101.30 16.03
N SER J 105 28.45 100.50 15.95
CA SER J 105 28.60 99.08 15.69
C SER J 105 29.15 98.87 14.27
N PRO J 106 29.92 97.81 14.04
CA PRO J 106 30.41 97.53 12.70
C PRO J 106 29.27 97.38 11.71
N GLY J 107 29.44 97.96 10.53
CA GLY J 107 28.39 98.00 9.52
C GLY J 107 27.94 99.42 9.20
N GLY J 108 26.88 99.48 8.41
CA GLY J 108 26.34 100.77 8.01
C GLY J 108 25.56 101.44 9.11
N ASN J 109 25.28 102.73 8.90
CA ASN J 109 24.51 103.51 9.84
C ASN J 109 23.04 103.09 9.89
N PHE J 110 22.48 102.60 8.78
CA PHE J 110 21.05 102.35 8.67
C PHE J 110 20.63 100.97 9.17
N TYR J 111 21.58 100.10 9.47
CA TYR J 111 21.24 98.85 10.13
C TYR J 111 20.92 99.09 11.60
N GLY J 112 20.10 98.22 12.17
CA GLY J 112 19.63 98.44 13.52
C GLY J 112 18.76 99.67 13.65
N GLY J 113 18.02 99.99 12.58
CA GLY J 113 17.10 101.11 12.65
C GLY J 113 15.98 100.87 13.64
N GLY J 114 15.58 101.94 14.32
CA GLY J 114 14.65 101.82 15.42
C GLY J 114 15.34 101.31 16.66
N ASN J 115 14.93 101.87 17.81
CA ASN J 115 15.59 101.54 19.06
C ASN J 115 15.34 100.10 19.47
N ALA J 116 14.19 99.54 19.07
CA ALA J 116 13.83 98.19 19.48
C ALA J 116 14.76 97.11 18.92
N GLU J 117 15.58 97.43 17.93
CA GLU J 117 16.47 96.43 17.37
C GLU J 117 17.62 96.12 18.33
N ILE J 118 17.99 94.85 18.38
CA ILE J 118 19.10 94.38 19.20
C ILE J 118 20.35 94.28 18.33
N LEU J 119 21.48 94.70 18.90
CA LEU J 119 22.74 94.71 18.17
C LEU J 119 23.80 93.79 18.77
N ASN J 120 23.59 93.23 19.96
CA ASN J 120 24.57 92.39 20.61
C ASN J 120 23.98 91.00 20.85
N LEU J 121 24.79 89.97 20.60
CA LEU J 121 24.30 88.60 20.63
C LEU J 121 24.12 88.04 22.05
N ASP J 122 24.82 88.58 23.04
CA ASP J 122 24.73 88.02 24.38
C ASP J 122 23.33 88.20 24.96
N GLU J 123 22.75 89.40 24.81
CA GLU J 123 21.39 89.56 25.29
C GLU J 123 20.39 88.82 24.44
N ILE J 124 20.70 88.56 23.17
CA ILE J 124 19.86 87.66 22.37
C ILE J 124 19.85 86.28 22.99
N ARG J 125 21.02 85.77 23.38
CA ARG J 125 21.10 84.51 24.09
C ARG J 125 20.24 84.53 25.33
N LYS J 126 20.38 85.59 26.12
CA LYS J 126 19.69 85.65 27.41
C LYS J 126 18.17 85.70 27.22
N VAL J 127 17.70 86.47 26.24
CA VAL J 127 16.26 86.54 26.02
C VAL J 127 15.72 85.25 25.42
N LEU J 128 16.51 84.55 24.59
CA LEU J 128 16.08 83.24 24.11
C LEU J 128 15.93 82.24 25.25
N GLN J 129 16.89 82.22 26.17
CA GLN J 129 16.77 81.30 27.30
C GLN J 129 15.61 81.70 28.21
N LEU J 130 15.45 83.00 28.47
CA LEU J 130 14.36 83.46 29.32
C LEU J 130 13.01 83.19 28.66
N ARG J 131 12.97 83.21 27.32
CA ARG J 131 11.73 82.88 26.65
C ARG J 131 11.45 81.38 26.68
N TYR J 132 12.50 80.56 26.54
CA TYR J 132 12.29 79.13 26.72
C TYR J 132 11.67 78.87 28.09
N VAL J 133 12.20 79.54 29.12
CA VAL J 133 11.58 79.44 30.44
C VAL J 133 10.13 79.89 30.39
N ALA J 134 9.89 81.14 29.99
CA ALA J 134 8.54 81.71 30.03
C ALA J 134 7.53 80.84 29.31
N LEU J 135 7.87 80.36 28.13
CA LEU J 135 7.01 79.42 27.41
C LEU J 135 6.83 78.13 28.19
N ILE J 136 7.90 77.56 28.73
CA ILE J 136 7.79 76.30 29.43
C ILE J 136 7.56 76.50 30.93
N SER J 137 7.63 77.73 31.43
CA SER J 137 7.47 77.94 32.86
C SER J 137 6.48 79.06 33.13
N ASN J 138 5.55 78.80 34.06
CA ASN J 138 4.36 79.64 34.17
C ASN J 138 3.93 79.99 35.60
N GLY J 139 4.80 80.54 36.46
CA GLY J 139 4.23 81.29 37.56
C GLY J 139 4.83 81.35 38.96
N SER J 140 5.57 80.34 39.42
CA SER J 140 6.09 80.39 40.79
C SER J 140 7.29 81.33 40.86
N ILE J 141 7.24 82.29 41.78
CA ILE J 141 8.25 83.34 41.85
C ILE J 141 9.61 82.83 42.33
N ALA J 142 9.65 81.86 43.25
CA ALA J 142 10.92 81.39 43.76
C ALA J 142 11.78 80.78 42.65
N TYR J 143 11.20 79.89 41.86
CA TYR J 143 11.97 79.21 40.83
C TYR J 143 12.31 80.18 39.70
N ILE J 144 11.46 81.16 39.45
CA ILE J 144 11.76 82.16 38.44
C ILE J 144 12.96 83.00 38.86
N ASN J 145 13.01 83.42 40.13
CA ASN J 145 14.19 84.15 40.61
C ASN J 145 15.44 83.28 40.57
N ARG J 146 15.32 82.00 40.93
CA ARG J 146 16.48 81.11 40.88
C ARG J 146 17.00 80.98 39.45
N MET J 147 16.09 80.74 38.50
CA MET J 147 16.45 80.68 37.09
C MET J 147 17.07 81.99 36.61
N LEU J 148 16.51 83.11 37.05
CA LEU J 148 16.98 84.42 36.62
C LEU J 148 18.40 84.66 37.09
N ARG J 149 18.69 84.31 38.35
CA ARG J 149 20.06 84.38 38.85
C ARG J 149 20.97 83.46 38.04
N TYR J 150 20.53 82.23 37.77
CA TYR J 150 21.37 81.27 37.05
C TYR J 150 21.72 81.80 35.66
N ILE J 151 20.74 82.33 34.94
CA ILE J 151 21.00 82.77 33.57
C ILE J 151 21.86 84.03 33.57
N PHE J 152 21.54 85.01 34.40
CA PHE J 152 22.20 86.31 34.28
C PHE J 152 23.54 86.35 35.00
N ASN J 153 23.56 85.94 36.27
CA ASN J 153 24.76 86.04 37.08
C ASN J 153 25.61 84.79 37.05
N ASP J 154 25.20 83.76 36.31
CA ASP J 154 25.95 82.50 36.20
C ASP J 154 26.15 81.86 37.58
N ASP J 155 25.10 81.90 38.41
CA ASP J 155 25.16 81.36 39.77
C ASP J 155 26.26 82.05 40.58
N GLU J 156 26.10 83.35 40.78
CA GLU J 156 27.03 84.14 41.58
C GLU J 156 26.25 85.05 42.51
N PRO J 157 26.66 85.16 43.78
CA PRO J 157 25.95 86.03 44.71
C PRO J 157 25.93 87.48 44.26
N TRP J 158 24.82 88.15 44.56
CA TRP J 158 24.58 89.50 44.05
C TRP J 158 25.11 90.55 45.01
N ASP J 159 24.86 91.81 44.68
CA ASP J 159 25.29 92.95 45.47
C ASP J 159 24.13 93.94 45.57
N GLU J 160 23.50 94.02 46.73
CA GLU J 160 22.42 94.98 46.90
C GLU J 160 22.90 96.42 46.90
N ALA J 161 24.18 96.66 47.21
CA ALA J 161 24.70 98.03 47.25
C ALA J 161 24.62 98.69 45.88
N THR J 162 24.48 97.90 44.82
CA THR J 162 24.19 98.41 43.48
C THR J 162 22.77 98.11 43.06
N GLY J 163 21.92 97.67 43.99
CA GLY J 163 20.51 97.44 43.74
C GLY J 163 20.21 96.47 42.61
N LEU J 164 20.65 95.23 42.76
CA LEU J 164 20.68 94.29 41.63
C LEU J 164 19.28 93.73 41.37
N TYR J 165 19.23 92.68 40.55
CA TYR J 165 18.05 92.35 39.75
C TYR J 165 17.29 91.16 40.33
N PHE J 166 15.96 91.31 40.43
CA PHE J 166 15.08 90.30 41.01
C PHE J 166 13.73 90.38 40.33
N TYR J 167 12.95 89.31 40.47
CA TYR J 167 11.62 89.25 39.87
C TYR J 167 10.71 90.34 40.42
N LEU J 168 10.28 90.16 41.67
CA LEU J 168 9.57 91.19 42.41
C LEU J 168 9.26 90.75 43.83
N MET J 169 8.54 91.60 44.55
CA MET J 169 8.00 91.29 45.87
C MET J 169 6.54 90.82 45.87
N ASP J 170 5.86 90.85 44.72
CA ASP J 170 4.41 90.63 44.65
C ASP J 170 3.70 91.71 45.46
N SER J 171 2.40 91.53 45.72
CA SER J 171 1.71 92.43 46.64
C SER J 171 2.27 92.34 48.05
N THR J 172 2.89 91.21 48.38
CA THR J 172 3.43 90.99 49.72
C THR J 172 4.64 91.86 49.99
N GLY J 173 4.74 92.33 51.25
CA GLY J 173 5.83 93.18 51.67
C GLY J 173 6.99 92.43 52.31
N GLU J 174 7.97 93.22 52.77
CA GLU J 174 9.12 92.67 53.50
C GLU J 174 8.88 92.62 55.01
N ASN J 175 8.78 93.78 55.63
CA ASN J 175 9.02 93.91 57.06
C ASN J 175 8.38 95.18 57.57
N GLY J 176 8.30 95.25 58.90
CA GLY J 176 7.87 96.41 59.64
C GLY J 176 9.04 96.95 60.44
N PRO J 177 9.15 96.55 61.71
CA PRO J 177 10.22 97.03 62.58
C PRO J 177 11.59 96.53 62.13
N VAL J 178 12.62 96.80 62.94
CA VAL J 178 13.97 96.30 62.69
C VAL J 178 14.18 95.05 63.55
N GLU J 179 14.74 94.01 62.94
CA GLU J 179 14.95 92.74 63.61
C GLU J 179 16.41 92.32 63.45
N ASN J 180 16.90 91.57 64.43
CA ASN J 180 18.20 90.90 64.36
C ASN J 180 19.33 91.90 64.14
N LEU J 181 19.51 92.77 65.13
CA LEU J 181 20.45 93.87 65.01
C LEU J 181 21.79 93.52 65.65
N ALA J 182 22.84 94.15 65.14
CA ALA J 182 24.18 94.07 65.72
C ALA J 182 24.89 95.39 65.45
N VAL J 183 25.79 95.75 66.37
CA VAL J 183 26.43 97.07 66.38
C VAL J 183 27.93 96.86 66.20
N TYR J 184 28.52 97.59 65.25
CA TYR J 184 29.91 97.41 64.86
C TYR J 184 30.67 98.71 65.10
N ARG J 185 31.43 98.76 66.20
CA ARG J 185 32.11 99.96 66.66
C ARG J 185 33.55 100.02 66.16
N LYS J 186 33.89 101.09 65.45
CA LYS J 186 35.26 101.32 65.00
C LYS J 186 36.03 102.06 66.08
N ASP J 187 37.16 101.50 66.47
CA ASP J 187 38.08 102.11 67.42
C ASP J 187 39.44 101.46 67.23
N TRP J 188 40.31 101.60 68.22
CA TRP J 188 41.60 100.93 68.21
C TRP J 188 41.49 99.41 68.21
N GLU J 189 40.28 98.86 68.23
CA GLU J 189 40.06 97.42 68.16
C GLU J 189 39.54 96.97 66.80
N GLY J 190 39.33 97.90 65.86
CA GLY J 190 38.77 97.51 64.58
C GLY J 190 37.29 97.16 64.68
N MET J 191 36.87 96.23 63.82
CA MET J 191 35.48 95.81 63.80
C MET J 191 35.18 94.91 65.00
N VAL J 192 34.13 95.25 65.74
CA VAL J 192 33.70 94.50 66.92
C VAL J 192 32.18 94.38 66.91
N LEU J 193 31.68 93.18 67.18
CA LEU J 193 30.26 92.95 67.32
C LEU J 193 29.83 93.19 68.76
N LEU J 194 28.81 94.02 68.94
CA LEU J 194 28.31 94.39 70.26
C LEU J 194 27.05 93.60 70.58
N SER J 195 26.81 93.43 71.88
CA SER J 195 25.72 92.58 72.36
C SER J 195 24.86 93.33 73.36
N SER J 196 23.55 93.31 73.13
CA SER J 196 22.60 93.77 74.14
C SER J 196 22.46 92.75 75.25
N SER J 197 22.80 91.50 74.99
CA SER J 197 22.90 90.51 76.05
C SER J 197 24.10 90.82 76.94
N PRO J 198 23.96 90.73 78.25
CA PRO J 198 25.06 91.12 79.13
C PRO J 198 26.26 90.20 78.99
N ARG J 199 27.44 90.79 78.99
CA ARG J 199 28.67 90.03 78.79
C ARG J 199 29.12 89.37 80.08
N THR J 200 30.06 88.45 79.95
CA THR J 200 30.67 87.75 81.06
C THR J 200 32.16 87.71 80.86
N ASN J 201 32.92 88.33 81.77
CA ASN J 201 34.37 88.37 81.67
C ASN J 201 34.95 87.86 82.98
N HIS J 202 35.16 86.55 83.05
CA HIS J 202 35.50 85.89 84.30
C HIS J 202 36.99 85.95 84.62
N VAL J 203 37.80 86.60 83.80
CA VAL J 203 39.22 86.74 84.10
C VAL J 203 39.38 87.70 85.27
N LEU J 204 39.85 87.19 86.41
CA LEU J 204 39.97 88.00 87.62
C LEU J 204 40.95 89.14 87.42
N THR J 205 42.07 88.88 86.76
CA THR J 205 43.13 89.86 86.57
C THR J 205 43.37 90.04 85.08
N SER J 206 42.99 91.20 84.55
CA SER J 206 43.22 91.49 83.14
C SER J 206 44.62 92.04 82.88
N THR J 207 45.36 92.39 83.93
CA THR J 207 46.71 92.91 83.78
C THR J 207 47.66 92.16 84.71
N PRO J 208 48.81 91.73 84.20
CA PRO J 208 49.81 91.12 85.08
C PRO J 208 50.44 92.14 86.02
N ALA J 209 50.80 91.66 87.22
CA ALA J 209 51.53 92.48 88.19
C ALA J 209 52.84 91.87 88.63
N SER J 210 52.84 90.60 89.02
CA SER J 210 54.01 89.97 89.63
C SER J 210 53.89 88.45 89.52
N ASP J 211 54.88 87.75 90.07
CA ASP J 211 54.81 86.29 90.14
C ASP J 211 53.66 85.84 91.01
N ALA J 212 53.45 86.51 92.14
CA ALA J 212 52.30 86.18 92.98
C ALA J 212 50.99 86.48 92.27
N ASP J 213 51.01 87.41 91.30
CA ASP J 213 49.80 87.75 90.57
C ASP J 213 49.29 86.57 89.74
N TRP J 214 50.16 85.98 88.92
CA TRP J 214 49.78 84.82 88.09
C TRP J 214 50.67 83.66 88.47
N PRO J 215 50.13 82.63 89.11
CA PRO J 215 50.93 81.45 89.44
C PRO J 215 51.47 80.75 88.19
N GLY J 216 52.68 80.21 88.33
CA GLY J 216 53.33 79.47 87.25
C GLY J 216 53.48 78.00 87.63
N VAL J 217 53.28 77.13 86.65
CA VAL J 217 53.31 75.68 86.86
C VAL J 217 54.48 75.10 86.07
N ASP J 218 55.33 74.35 86.76
CA ASP J 218 56.52 73.74 86.15
C ASP J 218 56.65 72.25 86.45
N PRO J 219 56.11 71.38 85.59
CA PRO J 219 56.19 69.93 85.89
C PRO J 219 57.60 69.38 85.84
N ALA J 220 58.36 69.71 84.79
CA ALA J 220 59.72 69.20 84.67
C ALA J 220 60.63 69.77 85.75
N ALA J 221 60.43 71.03 86.11
CA ALA J 221 61.29 71.74 87.07
C ALA J 221 62.75 71.70 86.62
N SER J 222 62.97 71.93 85.32
CA SER J 222 64.32 71.96 84.79
C SER J 222 65.06 73.23 85.20
N GLY J 223 64.34 74.30 85.49
CA GLY J 223 64.97 75.52 85.97
C GLY J 223 64.01 76.29 86.84
N ILE J 224 64.27 77.59 86.95
CA ILE J 224 63.39 78.51 87.67
C ILE J 224 62.12 78.65 86.82
N PRO J 225 60.93 78.64 87.41
CA PRO J 225 59.72 78.81 86.61
C PRO J 225 59.62 80.20 85.98
N VAL J 226 58.79 80.33 84.95
CA VAL J 226 58.73 81.55 84.15
C VAL J 226 58.24 82.69 85.04
N THR J 227 58.93 83.83 84.95
CA THR J 227 58.63 84.99 85.78
C THR J 227 57.86 86.03 84.98
N VAL J 228 56.96 86.73 85.67
CA VAL J 228 56.10 87.75 85.05
C VAL J 228 56.30 89.06 85.77
N GLU J 229 56.50 90.14 85.02
CA GLU J 229 56.68 91.47 85.56
C GLU J 229 56.03 92.48 84.63
N THR J 230 55.81 93.69 85.16
CA THR J 230 55.19 94.77 84.39
C THR J 230 56.27 95.74 83.92
N ALA J 231 56.57 95.71 82.64
CA ALA J 231 57.54 96.61 82.04
C ALA J 231 56.87 97.89 81.59
N SER J 232 57.63 98.71 80.86
CA SER J 232 57.12 99.96 80.29
C SER J 232 57.28 99.92 78.77
N ALA J 233 56.17 100.05 78.06
CA ALA J 233 56.18 100.28 76.62
C ALA J 233 54.80 100.76 76.20
N THR J 234 54.72 101.26 74.97
CA THR J 234 53.52 101.94 74.47
C THR J 234 52.28 101.06 74.53
N ALA J 235 51.20 101.58 75.10
CA ALA J 235 49.92 100.91 75.02
C ALA J 235 49.20 101.30 73.73
N PRO J 236 48.37 100.41 73.19
CA PRO J 236 47.60 100.77 71.99
C PRO J 236 46.53 101.81 72.23
N ASP J 237 46.04 101.96 73.47
CA ASP J 237 44.92 102.87 73.73
C ASP J 237 45.36 104.25 74.21
N GLY J 238 46.66 104.53 74.26
CA GLY J 238 47.12 105.86 74.61
C GLY J 238 47.75 105.96 75.98
N SER J 239 48.53 104.96 76.36
CA SER J 239 49.23 104.97 77.64
C SER J 239 50.50 104.14 77.48
N ALA J 240 51.10 103.76 78.62
CA ALA J 240 52.26 102.86 78.65
C ALA J 240 52.13 101.97 79.87
N THR J 241 51.55 100.78 79.68
CA THR J 241 51.35 99.86 80.80
C THR J 241 51.53 98.39 80.39
N VAL J 242 52.40 98.10 79.44
CA VAL J 242 52.52 96.74 78.92
C VAL J 242 53.11 95.82 80.00
N CYS J 243 53.06 94.52 79.72
CA CYS J 243 53.60 93.52 80.62
C CYS J 243 54.41 92.49 79.84
N LYS J 244 55.44 91.96 80.50
CA LYS J 244 56.46 91.14 79.86
C LYS J 244 56.72 89.89 80.70
N LEU J 245 57.04 88.78 80.02
CA LEU J 245 57.54 87.59 80.69
C LEU J 245 58.50 86.88 79.76
N THR J 246 59.44 86.13 80.34
CA THR J 246 60.55 85.57 79.59
C THR J 246 60.67 84.07 79.84
N LYS J 247 61.31 83.38 78.89
CA LYS J 247 61.41 81.93 78.84
C LYS J 247 62.89 81.58 78.70
N PRO J 248 63.66 81.58 79.78
CA PRO J 248 65.11 81.34 79.66
C PRO J 248 65.41 79.91 79.22
N ALA J 249 66.69 79.67 78.89
CA ALA J 249 67.12 78.40 78.34
C ALA J 249 66.82 77.25 79.29
N GLY J 250 66.35 76.15 78.73
CA GLY J 250 66.04 74.97 79.52
C GLY J 250 64.96 75.21 80.56
N SER J 251 63.88 75.87 80.17
CA SER J 251 62.80 76.21 81.09
C SER J 251 61.53 75.52 80.63
N THR J 252 60.75 75.03 81.60
CA THR J 252 59.47 74.39 81.34
C THR J 252 58.51 74.90 82.41
N ALA J 253 57.85 76.01 82.13
CA ALA J 253 56.90 76.60 83.07
C ALA J 253 55.96 77.53 82.31
N TYR J 254 54.81 77.80 82.92
CA TYR J 254 53.72 78.49 82.26
C TYR J 254 52.77 79.02 83.31
N VAL J 255 52.22 80.21 83.06
CA VAL J 255 51.43 80.94 84.05
C VAL J 255 49.96 80.80 83.74
N SER J 256 49.12 81.27 84.66
CA SER J 256 47.68 81.12 84.58
C SER J 256 46.96 82.29 85.23
N ALA J 257 45.88 82.72 84.59
CA ALA J 257 44.92 83.62 85.23
C ALA J 257 44.02 82.80 86.13
N PRO J 258 44.04 83.02 87.45
CA PRO J 258 43.08 82.31 88.30
C PRO J 258 41.67 82.74 87.96
N ILE J 259 40.80 81.74 87.74
CA ILE J 259 39.43 81.95 87.30
C ILE J 259 38.51 81.16 88.21
N ASP J 260 37.27 81.61 88.32
CA ASP J 260 36.25 80.79 88.97
C ASP J 260 35.92 79.57 88.11
N GLY J 261 35.47 78.51 88.76
CA GLY J 261 35.15 77.29 88.07
C GLY J 261 33.88 76.64 88.55
N PRO J 262 33.12 76.02 87.64
CA PRO J 262 33.44 75.98 86.21
C PRO J 262 32.97 77.23 85.47
N LEU J 263 33.52 77.46 84.27
CA LEU J 263 33.11 78.62 83.50
C LEU J 263 31.66 78.48 83.03
N GLY J 264 31.22 77.26 82.77
CA GLY J 264 29.85 77.04 82.34
C GLY J 264 29.58 75.55 82.18
N SER J 265 28.48 75.26 81.49
CA SER J 265 28.04 73.89 81.25
C SER J 265 28.43 73.52 79.81
N GLY J 266 29.70 73.22 79.61
CA GLY J 266 30.18 72.63 78.36
C GLY J 266 29.80 73.37 77.11
N SER J 267 29.80 74.69 77.13
CA SER J 267 29.42 75.50 75.99
C SER J 267 30.65 76.19 75.41
N THR J 268 30.44 76.95 74.33
CA THR J 268 31.54 77.63 73.67
C THR J 268 32.20 78.62 74.62
N VAL J 269 33.53 78.69 74.55
CA VAL J 269 34.32 79.54 75.43
C VAL J 269 35.16 80.47 74.56
N THR J 270 35.05 81.77 74.80
CA THR J 270 35.82 82.77 74.09
C THR J 270 37.12 83.05 74.83
N PHE J 271 38.19 83.25 74.07
CA PHE J 271 39.49 83.60 74.64
C PHE J 271 40.00 84.86 73.95
N SER J 272 40.73 85.68 74.70
CA SER J 272 41.30 86.91 74.18
C SER J 272 42.74 87.05 74.66
N PHE J 273 43.52 87.82 73.90
CA PHE J 273 44.94 87.97 74.13
C PHE J 273 45.47 89.07 73.23
N PHE J 274 46.42 89.85 73.74
CA PHE J 274 47.14 90.83 72.95
C PHE J 274 48.60 90.43 72.87
N ALA J 275 49.19 90.54 71.68
CA ALA J 275 50.55 90.10 71.45
C ALA J 275 51.36 91.22 70.80
N LYS J 276 52.61 91.34 71.21
CA LYS J 276 53.57 92.27 70.64
C LYS J 276 54.91 91.57 70.53
N ALA J 277 55.60 91.79 69.42
CA ALA J 277 56.82 91.03 69.13
C ALA J 277 57.90 91.33 70.14
N GLY J 278 58.56 90.27 70.63
CA GLY J 278 59.67 90.41 71.54
C GLY J 278 60.97 89.88 70.96
N SER J 279 61.75 89.18 71.78
CA SER J 279 62.96 88.55 71.28
C SER J 279 62.63 87.47 70.27
N THR J 280 61.60 86.67 70.56
CA THR J 280 61.15 85.61 69.67
C THR J 280 60.06 86.15 68.75
N ARG J 281 59.34 85.24 68.09
CA ARG J 281 58.30 85.62 67.15
C ARG J 281 56.98 84.89 67.38
N PHE J 282 56.91 84.00 68.37
CA PHE J 282 55.74 83.16 68.55
C PHE J 282 55.24 83.24 69.98
N ILE J 283 53.92 83.23 70.11
CA ILE J 283 53.23 83.18 71.40
C ILE J 283 52.33 81.95 71.41
N ALA J 284 52.09 81.41 72.60
CA ALA J 284 51.26 80.23 72.78
C ALA J 284 50.18 80.52 73.81
N ILE J 285 49.05 79.83 73.67
CA ILE J 285 47.94 79.90 74.61
C ILE J 285 47.43 78.48 74.85
N GLN J 286 47.08 78.16 76.10
CA GLN J 286 46.50 76.87 76.45
C GLN J 286 45.14 77.10 77.11
N SER J 287 44.21 76.18 76.84
CA SER J 287 42.86 76.22 77.42
C SER J 287 42.51 74.79 77.83
N ALA J 288 42.68 74.49 79.12
CA ALA J 288 42.60 73.13 79.60
C ALA J 288 41.17 72.74 79.99
N ALA J 289 41.01 71.47 80.30
CA ALA J 289 39.73 70.89 80.70
C ALA J 289 40.04 69.62 81.51
N ASP J 290 39.03 68.77 81.71
CA ASP J 290 39.22 67.55 82.49
C ASP J 290 40.34 66.69 81.89
N PHE J 291 41.34 66.37 82.71
CA PHE J 291 42.53 65.70 82.24
C PHE J 291 42.22 64.25 81.88
N PRO J 292 42.57 63.79 80.66
CA PRO J 292 43.17 64.61 79.60
C PRO J 292 42.18 65.08 78.53
N SER J 293 41.97 66.40 78.43
CA SER J 293 41.13 66.94 77.35
C SER J 293 41.61 68.31 76.86
N ARG J 294 42.87 68.65 77.08
CA ARG J 294 43.37 70.01 76.85
C ARG J 294 43.26 70.42 75.40
N ALA J 295 43.04 71.72 75.19
CA ALA J 295 43.09 72.36 73.87
C ALA J 295 43.97 73.60 73.96
N ASP J 296 44.71 73.88 72.88
CA ASP J 296 45.67 74.98 72.91
C ASP J 296 45.96 75.45 71.50
N ALA J 297 46.72 76.54 71.39
CA ALA J 297 47.04 77.14 70.11
C ALA J 297 48.36 77.89 70.19
N VAL J 298 48.91 78.20 69.02
CA VAL J 298 50.11 79.02 68.88
C VAL J 298 49.83 80.07 67.81
N PHE J 299 50.30 81.29 68.02
CA PHE J 299 50.02 82.42 67.15
C PHE J 299 51.30 83.05 66.63
N ASP J 300 51.38 83.21 65.30
CA ASP J 300 52.53 83.82 64.63
C ASP J 300 52.26 85.30 64.44
N LEU J 301 52.96 86.12 65.22
CA LEU J 301 52.75 87.56 65.16
C LEU J 301 53.17 88.14 63.81
N ASP J 302 54.29 87.66 63.27
CA ASP J 302 54.89 88.33 62.12
C ASP J 302 54.06 88.11 60.86
N SER J 303 53.89 86.84 60.45
CA SER J 303 53.08 86.57 59.26
C SER J 303 51.62 86.94 59.49
N GLY J 304 51.09 86.65 60.67
CA GLY J 304 49.69 86.90 60.95
C GLY J 304 48.82 85.68 60.70
N ASN J 305 49.35 84.50 61.00
CA ASN J 305 48.62 83.25 60.79
C ASN J 305 48.79 82.32 61.99
N VAL J 306 47.71 81.62 62.35
CA VAL J 306 47.79 80.62 63.40
C VAL J 306 48.48 79.38 62.86
N ILE J 307 49.30 78.75 63.71
CA ILE J 307 50.14 77.65 63.29
C ILE J 307 49.63 76.30 63.82
N SER J 308 49.43 76.20 65.13
CA SER J 308 49.20 74.91 65.76
C SER J 308 47.90 74.90 66.54
N ASP J 309 47.21 73.76 66.47
CA ASP J 309 46.06 73.36 67.26
C ASP J 309 46.13 71.86 67.42
N GLN J 310 45.38 71.32 68.38
CA GLN J 310 45.31 69.88 68.55
C GLN J 310 43.93 69.48 69.03
N MET J 311 43.64 68.19 68.94
CA MET J 311 42.36 67.63 69.37
C MET J 311 42.69 66.45 70.29
N LEU J 312 42.55 66.68 71.60
CA LEU J 312 42.57 65.57 72.54
C LEU J 312 41.17 65.17 72.95
N ASP J 313 40.28 66.14 73.07
CA ASP J 313 38.86 65.94 73.26
C ASP J 313 38.12 66.57 72.08
N SER J 314 36.78 66.55 72.14
CA SER J 314 35.96 67.13 71.10
C SER J 314 35.86 68.65 71.22
N SER J 315 36.80 69.27 71.93
CA SER J 315 36.65 70.65 72.36
C SER J 315 36.67 71.64 71.19
N VAL J 316 37.70 71.55 70.34
CA VAL J 316 38.04 72.66 69.46
C VAL J 316 36.90 73.03 68.52
N VAL J 317 36.73 74.34 68.31
CA VAL J 317 35.75 74.89 67.38
C VAL J 317 36.42 75.58 66.20
N SER J 318 37.17 76.65 66.47
CA SER J 318 37.82 77.41 65.41
C SER J 318 38.87 78.33 66.02
N ALA J 319 39.77 78.80 65.16
CA ALA J 319 40.84 79.70 65.56
C ALA J 319 41.03 80.75 64.47
N ARG J 320 41.24 82.00 64.86
CA ARG J 320 41.46 83.08 63.92
C ARG J 320 42.35 84.12 64.58
N MET J 321 43.14 84.81 63.75
CA MET J 321 44.03 85.86 64.22
C MET J 321 43.56 87.19 63.63
N ILE J 322 43.38 88.19 64.48
CA ILE J 322 42.81 89.47 64.08
C ILE J 322 43.95 90.43 63.77
N ARG J 323 43.85 91.11 62.63
CA ARG J 323 44.85 92.08 62.21
C ARG J 323 44.59 93.43 62.86
N LEU J 324 45.63 93.98 63.50
CA LEU J 324 45.57 95.35 64.00
C LEU J 324 46.73 96.15 63.44
N GLU J 325 46.96 97.34 63.95
CA GLU J 325 47.98 98.25 63.43
C GLU J 325 49.19 98.27 64.35
N ASN J 326 50.36 98.50 63.75
CA ASN J 326 51.62 98.70 64.46
C ASN J 326 51.99 97.49 65.34
N GLY J 327 51.77 96.30 64.83
CA GLY J 327 52.25 95.09 65.46
C GLY J 327 51.36 94.51 66.54
N TRP J 328 50.23 95.14 66.84
CA TRP J 328 49.29 94.55 67.77
C TRP J 328 48.41 93.52 67.08
N TRP J 329 48.03 92.49 67.82
CA TRP J 329 47.12 91.46 67.30
C TRP J 329 46.24 90.96 68.44
N ARG J 330 45.07 90.45 68.05
CA ARG J 330 44.13 89.82 68.97
C ARG J 330 44.12 88.32 68.72
N CYS J 331 44.18 87.54 69.80
CA CYS J 331 44.27 86.09 69.71
C CYS J 331 43.06 85.47 70.40
N VAL J 332 42.38 84.56 69.70
CA VAL J 332 41.13 83.97 70.18
C VAL J 332 41.23 82.45 70.06
N LEU J 333 40.45 81.76 70.90
CA LEU J 333 40.40 80.30 70.93
C LEU J 333 39.04 79.89 71.47
N THR J 334 38.28 79.13 70.68
CA THR J 334 36.93 78.73 71.06
C THR J 334 36.83 77.21 71.09
N THR J 335 36.26 76.67 72.17
CA THR J 335 36.11 75.24 72.35
C THR J 335 34.68 74.89 72.77
N LYS J 336 34.19 73.77 72.25
CA LYS J 336 32.88 73.22 72.61
C LYS J 336 33.06 71.73 72.86
N THR J 337 32.91 71.31 74.12
CA THR J 337 33.16 69.93 74.51
C THR J 337 31.87 69.27 75.00
N VAL J 338 31.80 67.95 74.82
CA VAL J 338 30.64 67.20 75.31
C VAL J 338 30.54 67.29 76.83
N SER J 339 31.67 67.16 77.52
CA SER J 339 31.70 67.34 78.96
C SER J 339 31.44 68.80 79.30
N SER J 340 31.46 69.11 80.60
CA SER J 340 31.24 70.47 81.06
C SER J 340 32.32 70.95 82.02
N SER J 341 33.44 70.23 82.10
CA SER J 341 34.48 70.54 83.07
C SER J 341 35.58 71.38 82.42
N PHE J 342 35.27 72.67 82.26
CA PHE J 342 36.28 73.66 81.92
C PHE J 342 36.89 74.22 83.20
N ARG J 343 38.17 73.93 83.42
CA ARG J 343 38.80 74.20 84.70
C ARG J 343 39.74 75.40 84.67
N ALA J 344 40.75 75.39 83.81
CA ALA J 344 41.81 76.39 83.91
C ALA J 344 42.33 76.73 82.52
N ALA J 345 42.85 77.95 82.41
CA ALA J 345 43.41 78.46 81.16
C ALA J 345 44.79 79.02 81.44
N TYR J 346 45.74 78.70 80.57
CA TYR J 346 47.15 79.02 80.80
C TYR J 346 47.69 79.77 79.59
N VAL J 347 48.91 80.31 79.74
CA VAL J 347 49.57 81.03 78.66
C VAL J 347 51.08 80.95 78.87
N ALA J 348 51.83 80.90 77.77
CA ALA J 348 53.28 80.88 77.80
C ALA J 348 53.80 81.16 76.40
N PRO J 349 55.04 81.60 76.26
CA PRO J 349 55.61 81.80 74.92
C PRO J 349 56.21 80.52 74.36
N ALA J 350 56.67 80.61 73.12
CA ALA J 350 57.13 79.45 72.38
C ALA J 350 58.44 79.76 71.67
N GLU J 351 59.19 78.69 71.36
CA GLU J 351 60.44 78.83 70.62
C GLU J 351 60.20 78.88 69.12
N THR J 352 59.46 77.90 68.59
CA THR J 352 59.20 77.79 67.16
C THR J 352 57.69 77.82 66.92
N ASN J 353 57.31 77.84 65.64
CA ASN J 353 55.89 77.97 65.30
C ASN J 353 55.09 76.76 65.77
N PHE J 354 55.63 75.56 65.57
CA PHE J 354 54.98 74.33 66.02
C PHE J 354 55.35 73.96 67.45
N SER J 355 55.97 74.87 68.20
CA SER J 355 56.31 74.60 69.58
C SER J 355 55.05 74.53 70.44
N TRP J 356 55.21 74.04 71.65
CA TRP J 356 54.12 73.90 72.60
C TRP J 356 54.57 74.42 73.96
N ILE J 357 53.58 74.70 74.81
CA ILE J 357 53.89 75.14 76.17
C ILE J 357 54.60 74.04 76.95
N ASP J 358 54.23 72.79 76.68
CA ASP J 358 54.78 71.65 77.43
C ASP J 358 56.25 71.38 77.14
N SER J 359 56.73 71.70 75.94
CA SER J 359 58.10 71.37 75.59
C SER J 359 59.10 72.31 76.26
N ASN J 360 60.36 71.92 76.23
CA ASN J 360 61.43 72.76 76.73
C ASN J 360 61.86 73.76 75.66
N SER J 361 62.81 74.63 76.01
CA SER J 361 63.24 75.71 75.15
C SER J 361 64.75 75.67 74.98
N SER J 362 65.27 76.48 74.06
CA SER J 362 66.70 76.49 73.78
C SER J 362 67.44 77.63 74.46
N ALA J 363 66.87 78.82 74.48
CA ALA J 363 67.55 80.01 75.00
C ALA J 363 66.51 80.90 75.67
N ALA J 364 66.86 82.17 75.86
CA ALA J 364 65.97 83.15 76.49
C ALA J 364 65.26 83.96 75.41
N ILE J 365 63.96 84.15 75.60
CA ILE J 365 63.10 84.83 74.63
C ILE J 365 62.22 85.85 75.34
N ASP J 366 61.56 86.69 74.55
CA ASP J 366 60.74 87.77 75.07
C ASP J 366 59.42 87.85 74.31
N VAL J 367 58.39 88.36 74.98
CA VAL J 367 57.09 88.60 74.37
C VAL J 367 56.29 89.51 75.29
N LEU J 368 55.38 90.29 74.72
CA LEU J 368 54.57 91.26 75.45
C LEU J 368 53.09 90.88 75.43
N ILE J 369 52.40 91.16 76.53
CA ILE J 369 51.01 90.78 76.73
C ILE J 369 50.26 91.95 77.36
N TRP J 370 49.01 92.13 76.96
CA TRP J 370 48.12 93.09 77.61
C TRP J 370 46.67 92.65 77.39
N GLY J 371 45.79 93.12 78.27
CA GLY J 371 44.36 93.02 78.07
C GLY J 371 43.78 91.66 77.72
N ALA J 372 43.78 90.73 78.67
CA ALA J 372 43.21 89.41 78.46
C ALA J 372 41.78 89.37 78.99
N GLN J 373 40.92 88.61 78.30
CA GLN J 373 39.54 88.45 78.75
C GLN J 373 38.99 87.15 78.20
N ILE J 374 38.01 86.59 78.92
CA ILE J 374 37.37 85.33 78.55
C ILE J 374 35.86 85.47 78.73
N GLU J 375 35.11 84.98 77.75
CA GLU J 375 33.64 85.07 77.76
C GLU J 375 33.04 83.70 77.50
N LEU J 376 31.71 83.67 77.41
CA LEU J 376 30.96 82.45 77.07
C LEU J 376 30.21 82.70 75.77
N GLY J 377 30.88 82.40 74.66
CA GLY J 377 30.30 82.59 73.35
C GLY J 377 31.24 82.10 72.27
N ASP J 378 30.89 82.43 71.03
CA ASP J 378 31.70 82.06 69.87
C ASP J 378 32.27 83.25 69.13
N THR J 379 31.87 84.47 69.47
CA THR J 379 32.34 85.66 68.78
C THR J 379 32.83 86.69 69.79
N PRO J 380 34.04 87.20 69.61
CA PRO J 380 34.60 88.16 70.58
C PRO J 380 33.80 89.45 70.63
N THR J 381 33.79 90.06 71.81
CA THR J 381 33.12 91.34 72.02
C THR J 381 34.11 92.40 72.46
N GLY J 382 33.63 93.59 72.78
CA GLY J 382 34.51 94.66 73.19
C GLY J 382 35.20 94.35 74.50
N TYR J 383 36.41 94.89 74.65
CA TYR J 383 37.22 94.66 75.84
C TYR J 383 36.79 95.59 76.96
N LEU J 384 36.92 95.10 78.19
CA LEU J 384 36.41 95.81 79.36
C LEU J 384 37.41 95.68 80.49
N LYS J 385 37.64 96.79 81.20
CA LYS J 385 38.61 96.80 82.29
C LYS J 385 38.17 95.82 83.37
N THR J 386 39.11 94.98 83.82
CA THR J 386 38.75 93.93 84.75
C THR J 386 39.83 93.79 85.82
N THR J 387 39.41 93.89 87.08
CA THR J 387 40.33 93.74 88.21
C THR J 387 39.55 93.25 89.42
N GLY J 388 40.02 92.17 90.03
CA GLY J 388 39.43 91.69 91.26
C GLY J 388 38.19 90.84 91.08
N ALA J 389 37.35 91.17 90.11
CA ALA J 389 36.10 90.47 89.90
C ALA J 389 35.69 90.57 88.44
N PRO J 390 34.84 89.67 87.96
CA PRO J 390 34.25 89.83 86.63
C PRO J 390 33.41 91.10 86.53
N VAL J 391 33.37 91.69 85.34
CA VAL J 391 32.64 92.92 85.08
C VAL J 391 31.72 92.67 83.89
N THR J 392 30.49 93.16 83.99
CA THR J 392 29.46 92.99 82.97
C THR J 392 28.99 94.35 82.46
N ILE J 393 29.03 94.53 81.14
CA ILE J 393 28.55 95.75 80.50
C ILE J 393 27.63 95.39 79.35
N THR J 394 26.47 96.05 79.29
CA THR J 394 25.56 95.96 78.16
C THR J 394 25.53 97.31 77.47
N ASP J 395 25.87 97.33 76.18
CA ASP J 395 26.23 98.57 75.52
C ASP J 395 25.03 99.30 74.92
N TYR J 396 24.08 98.57 74.32
CA TYR J 396 23.01 99.20 73.59
C TYR J 396 21.66 98.58 73.95
N VAL J 397 20.62 99.40 73.87
CA VAL J 397 19.24 98.93 73.88
C VAL J 397 18.44 99.93 73.05
N LEU J 398 17.51 99.41 72.25
CA LEU J 398 16.77 100.24 71.32
C LEU J 398 15.45 100.67 71.95
N GLN J 399 15.21 101.99 71.97
CA GLN J 399 14.02 102.50 72.64
C GLN J 399 12.76 102.20 71.84
N ASN J 400 12.81 102.40 70.52
CA ASN J 400 11.65 102.15 69.67
C ASN J 400 12.11 101.39 68.44
N ALA J 401 11.76 100.11 68.36
CA ALA J 401 12.16 99.28 67.23
C ALA J 401 11.58 99.80 65.92
N GLN J 402 10.30 100.20 65.94
CA GLN J 402 9.68 100.70 64.72
C GLN J 402 10.37 101.94 64.18
N THR J 403 10.60 102.94 65.03
CA THR J 403 11.28 104.15 64.57
C THR J 403 12.77 103.88 64.34
N GLY J 404 13.33 102.95 65.09
CA GLY J 404 14.73 102.61 64.92
C GLY J 404 15.66 103.53 65.69
N THR J 405 15.36 103.72 66.97
CA THR J 405 16.18 104.57 67.84
C THR J 405 16.76 103.72 68.96
N VAL J 406 18.06 103.92 69.20
CA VAL J 406 18.81 103.12 70.16
C VAL J 406 19.47 104.06 71.17
N LYS J 407 19.43 103.67 72.44
CA LYS J 407 20.00 104.47 73.53
C LYS J 407 21.12 103.68 74.18
N PHE J 408 22.27 104.33 74.34
CA PHE J 408 23.44 103.70 74.95
C PHE J 408 23.42 103.91 76.46
N THR J 409 24.04 102.97 77.17
CA THR J 409 24.14 103.08 78.62
C THR J 409 25.02 104.25 79.05
N GLN J 410 26.12 104.49 78.32
CA GLN J 410 27.04 105.56 78.62
C GLN J 410 27.23 106.42 77.37
N PRO J 411 27.32 107.74 77.53
CA PRO J 411 27.55 108.60 76.36
C PRO J 411 28.84 108.24 75.65
N LEU J 412 28.78 108.24 74.32
CA LEU J 412 29.87 107.77 73.49
C LEU J 412 31.06 108.74 73.55
N PRO J 413 32.28 108.23 73.48
CA PRO J 413 33.45 109.12 73.47
C PRO J 413 33.60 109.87 72.16
N THR J 414 34.72 110.58 72.00
CA THR J 414 35.01 111.26 70.75
C THR J 414 35.76 110.31 69.82
N GLY J 415 35.46 110.40 68.53
CA GLY J 415 36.12 109.57 67.54
C GLY J 415 35.55 108.18 67.39
N VAL J 416 34.49 107.85 68.10
CA VAL J 416 33.91 106.51 68.02
C VAL J 416 32.85 106.48 66.93
N GLU J 417 32.78 105.36 66.21
CA GLU J 417 31.76 105.11 65.20
C GLU J 417 31.11 103.78 65.50
N ALA J 418 29.88 103.59 65.05
CA ALA J 418 29.17 102.33 65.18
C ALA J 418 28.31 102.07 63.94
N TYR J 419 28.37 100.86 63.41
CA TYR J 419 27.54 100.46 62.29
C TYR J 419 26.33 99.68 62.78
N TRP J 420 25.55 99.17 61.83
CA TRP J 420 24.43 98.30 62.15
C TRP J 420 24.21 97.36 60.97
N THR J 421 23.46 96.30 61.22
CA THR J 421 23.12 95.34 60.18
C THR J 421 21.82 94.65 60.54
N GLY J 422 21.13 94.13 59.53
CA GLY J 422 19.88 93.45 59.75
C GLY J 422 18.88 93.80 58.67
N ASP J 423 17.61 93.82 59.04
CA ASP J 423 16.52 94.16 58.14
C ASP J 423 15.69 95.27 58.77
N TRP J 424 15.27 96.22 57.94
CA TRP J 424 14.48 97.35 58.41
C TRP J 424 13.90 98.07 57.20
N LYS J 425 12.68 98.58 57.36
CA LYS J 425 11.92 99.30 56.33
C LYS J 425 12.11 98.71 54.94
N GLY J 426 12.12 97.39 54.85
CA GLY J 426 12.22 96.72 53.57
C GLY J 426 13.63 96.42 53.11
N GLY J 427 14.56 97.33 53.40
CA GLY J 427 15.91 97.21 52.90
C GLY J 427 16.75 96.19 53.65
N THR J 428 17.91 95.91 53.08
CA THR J 428 18.87 94.98 53.66
C THR J 428 20.20 95.69 53.87
N ALA J 429 20.85 95.41 54.99
CA ALA J 429 22.13 96.00 55.36
C ALA J 429 23.14 94.90 55.69
N ALA J 430 23.28 93.93 54.78
CA ALA J 430 24.22 92.84 55.00
C ALA J 430 25.65 93.34 55.15
N GLU J 431 25.93 94.53 54.63
CA GLU J 431 27.23 95.15 54.86
C GLU J 431 27.09 96.31 55.85
N PRO J 432 28.04 96.47 56.78
CA PRO J 432 27.91 97.54 57.78
C PRO J 432 27.77 98.92 57.15
N ALA J 433 26.95 99.76 57.80
CA ALA J 433 26.57 101.06 57.27
C ALA J 433 26.66 102.14 58.35
N ARG J 434 26.73 103.39 57.90
CA ARG J 434 27.00 104.54 58.76
C ARG J 434 25.70 105.18 59.23
N PHE J 435 25.56 105.39 60.54
CA PHE J 435 24.41 106.15 61.02
C PHE J 435 24.78 107.16 62.11
N ALA J 436 25.89 106.94 62.81
CA ALA J 436 26.20 107.74 64.00
C ALA J 436 27.64 108.23 63.94
N VAL J 437 27.90 109.31 64.67
CA VAL J 437 29.24 109.89 64.80
C VAL J 437 29.45 110.27 66.25
N GLY J 438 30.66 110.02 66.76
CA GLY J 438 30.96 110.21 68.17
C GLY J 438 31.58 111.57 68.43
N ASN J 439 30.96 112.30 69.36
CA ASN J 439 31.44 113.63 69.74
C ASN J 439 31.93 113.72 71.17
N GLY J 440 31.35 112.96 72.09
CA GLY J 440 31.83 112.97 73.46
C GLY J 440 30.74 113.00 74.52
N THR J 441 29.51 113.33 74.14
CA THR J 441 28.45 113.52 75.12
C THR J 441 27.11 112.87 74.75
N GLN J 442 26.87 112.56 73.48
CA GLN J 442 25.56 112.10 73.06
C GLN J 442 25.30 110.66 73.52
N ASP J 443 24.02 110.32 73.66
CA ASP J 443 23.62 108.99 74.05
C ASP J 443 22.46 108.42 73.24
N THR J 444 21.82 109.22 72.38
CA THR J 444 20.72 108.76 71.56
C THR J 444 21.04 109.06 70.10
N PHE J 445 20.86 108.07 69.24
CA PHE J 445 21.11 108.23 67.81
C PHE J 445 20.01 107.51 67.04
N THR J 446 19.83 107.89 65.78
CA THR J 446 18.81 107.32 64.91
C THR J 446 19.50 106.63 63.75
N LEU J 447 19.05 105.40 63.45
CA LEU J 447 19.64 104.65 62.35
C LEU J 447 19.37 105.34 61.02
N SER J 448 20.21 105.04 60.03
CA SER J 448 20.09 105.63 58.71
C SER J 448 19.44 104.64 57.75
N ASP J 449 19.33 105.03 56.48
CA ASP J 449 18.62 104.23 55.48
C ASP J 449 19.56 103.23 54.82
N PRO J 450 19.20 101.94 54.79
CA PRO J 450 19.96 100.98 53.97
C PRO J 450 19.75 101.20 52.48
N ALA J 451 20.23 100.26 51.65
CA ALA J 451 20.03 100.33 50.21
C ALA J 451 18.57 100.51 49.81
N TYR J 452 17.63 100.19 50.71
CA TYR J 452 16.20 100.47 50.57
C TYR J 452 15.51 99.58 49.54
N ILE J 453 14.31 99.13 49.89
CA ILE J 453 13.52 98.23 49.05
C ILE J 453 12.07 98.64 49.15
N GLY J 454 11.39 98.69 48.00
CA GLY J 454 10.02 99.16 47.94
C GLY J 454 9.03 98.15 48.48
N LEU J 455 8.97 98.00 49.81
CA LEU J 455 8.26 96.88 50.42
C LEU J 455 6.80 96.76 50.00
N PRO J 456 5.99 97.83 49.90
CA PRO J 456 4.55 97.60 49.70
C PRO J 456 4.26 96.86 48.40
N THR J 457 4.64 97.46 47.28
CA THR J 457 4.35 96.96 45.93
C THR J 457 2.94 96.36 45.88
N SER J 458 1.99 97.12 46.40
CA SER J 458 0.67 96.58 46.71
C SER J 458 -0.14 96.33 45.44
N GLY J 459 -1.29 95.68 45.63
CA GLY J 459 -2.20 95.41 44.55
C GLY J 459 -2.14 93.97 44.06
N ALA J 460 -3.25 93.25 44.20
CA ALA J 460 -3.31 91.89 43.71
C ALA J 460 -3.17 91.86 42.19
N PHE J 461 -2.52 90.80 41.71
CA PHE J 461 -2.23 90.55 40.30
C PHE J 461 -1.33 91.61 39.67
N LYS J 462 -0.89 92.61 40.43
CA LYS J 462 0.00 93.65 39.93
C LYS J 462 1.43 93.24 40.22
N LEU J 463 2.21 93.03 39.18
CA LEU J 463 3.58 92.57 39.35
C LEU J 463 4.50 93.34 38.41
N GLU J 464 5.69 93.66 38.88
CA GLU J 464 6.63 94.46 38.10
C GLU J 464 8.05 94.04 38.41
N TYR J 465 8.88 93.94 37.37
CA TYR J 465 10.29 93.67 37.53
C TYR J 465 11.05 94.94 37.92
N ARG J 466 12.25 94.74 38.47
CA ARG J 466 13.13 95.85 38.79
C ARG J 466 14.54 95.47 38.35
N VAL J 467 15.20 96.36 37.60
CA VAL J 467 16.50 96.10 37.00
C VAL J 467 17.55 96.97 37.68
N GLY J 468 18.67 96.35 38.06
CA GLY J 468 19.80 97.07 38.56
C GLY J 468 20.67 97.60 37.43
N PRO J 469 21.39 98.68 37.68
CA PRO J 469 22.21 99.28 36.61
C PRO J 469 23.53 98.56 36.41
N ALA J 470 23.93 97.75 37.38
CA ALA J 470 25.23 97.09 37.31
C ALA J 470 25.22 95.95 36.29
N LEU J 471 24.03 95.41 35.99
CA LEU J 471 23.96 94.29 35.05
C LEU J 471 24.26 94.70 33.62
N ASN J 472 24.35 96.01 33.35
CA ASN J 472 24.75 96.54 32.05
C ASN J 472 23.73 96.23 30.97
N LEU J 473 22.52 95.85 31.37
CA LEU J 473 21.48 95.52 30.40
C LEU J 473 21.11 96.73 29.56
N SER J 474 20.95 96.49 28.26
CA SER J 474 20.65 97.56 27.33
C SER J 474 19.22 98.07 27.54
N PRO J 475 19.02 99.39 27.56
CA PRO J 475 17.67 99.93 27.73
C PRO J 475 16.71 99.52 26.63
N GLN J 476 17.20 99.34 25.40
CA GLN J 476 16.32 98.89 24.34
C GLN J 476 15.82 97.46 24.60
N LEU J 477 16.58 96.67 25.36
CA LEU J 477 16.07 95.38 25.76
C LEU J 477 14.93 95.53 26.76
N ILE J 478 15.05 96.51 27.66
CA ILE J 478 13.94 96.88 28.54
C ILE J 478 12.73 97.27 27.71
N ASN J 479 12.96 98.00 26.62
CA ASN J 479 11.87 98.32 25.70
C ASN J 479 11.26 97.05 25.12
N LEU J 480 12.11 96.08 24.76
CA LEU J 480 11.61 94.90 24.05
C LEU J 480 10.85 93.95 24.97
N MET J 481 11.14 93.93 26.26
CA MET J 481 10.50 92.99 27.16
C MET J 481 9.23 93.55 27.80
N ASN J 482 8.91 94.82 27.54
CA ASN J 482 7.71 95.44 28.10
C ASN J 482 6.42 94.97 27.46
N ASP J 483 6.48 94.52 26.20
CA ASP J 483 5.27 94.22 25.46
C ASP J 483 4.71 92.85 25.81
N ARG J 484 3.48 92.60 25.37
CA ARG J 484 2.81 91.32 25.56
C ARG J 484 2.91 90.42 24.34
N ALA J 485 3.04 91.00 23.14
CA ALA J 485 2.91 90.23 21.91
C ALA J 485 4.04 89.21 21.76
N VAL J 486 5.28 89.61 22.04
CA VAL J 486 6.38 88.67 21.92
C VAL J 486 6.31 87.61 23.02
N GLY J 487 6.02 88.02 24.26
CA GLY J 487 5.85 87.08 25.35
C GLY J 487 7.12 86.37 25.76
N ILE J 488 8.05 87.09 26.36
CA ILE J 488 9.32 86.50 26.78
C ILE J 488 9.53 86.61 28.29
N MET J 489 8.48 86.94 29.03
CA MET J 489 8.52 86.94 30.49
C MET J 489 7.43 86.03 31.04
N PRO J 490 7.76 85.19 32.02
CA PRO J 490 6.74 84.33 32.63
C PRO J 490 5.68 85.19 33.31
N THR J 491 4.44 84.73 33.21
CA THR J 491 3.32 85.51 33.72
C THR J 491 2.16 84.56 34.01
N CYS J 492 1.30 84.96 34.94
CA CYS J 492 0.07 84.25 35.22
C CYS J 492 -1.10 85.04 34.63
N ALA J 493 -2.17 84.31 34.32
CA ALA J 493 -3.35 84.94 33.73
C ALA J 493 -3.87 86.06 34.62
N GLY J 494 -4.17 87.20 34.02
CA GLY J 494 -4.72 88.31 34.76
C GLY J 494 -3.70 89.15 35.49
N CYS J 495 -2.42 88.79 35.43
CA CYS J 495 -1.35 89.55 36.06
C CYS J 495 -0.66 90.39 34.99
N ASP J 496 -0.32 91.62 35.33
CA ASP J 496 0.30 92.54 34.40
C ASP J 496 1.77 92.68 34.75
N VAL J 497 2.60 92.84 33.73
CA VAL J 497 4.05 92.79 33.87
C VAL J 497 4.63 94.14 33.51
N LYS J 498 5.54 94.62 34.35
CA LYS J 498 6.32 95.82 34.06
C LYS J 498 7.79 95.51 34.28
N VAL J 499 8.61 95.77 33.26
CA VAL J 499 10.04 95.53 33.41
C VAL J 499 10.66 96.52 34.37
N ILE J 500 10.28 97.79 34.26
CA ILE J 500 10.62 98.81 35.25
C ILE J 500 9.41 99.72 35.47
N LYS K 1 14.75 42.37 -18.25
CA LYS K 1 15.72 41.78 -19.16
C LYS K 1 15.39 40.31 -19.42
N ILE K 2 16.25 39.59 -20.13
CA ILE K 2 16.00 38.22 -20.54
C ILE K 2 17.25 37.38 -20.31
N PRO K 3 17.14 36.18 -19.77
CA PRO K 3 18.34 35.34 -19.60
C PRO K 3 18.84 34.81 -20.94
N LEU K 4 20.13 35.02 -21.19
CA LEU K 4 20.75 34.61 -22.45
C LEU K 4 22.05 33.87 -22.11
N THR K 5 22.72 33.36 -23.14
CA THR K 5 23.96 32.64 -22.98
C THR K 5 24.78 32.78 -24.26
N ALA K 6 26.05 32.38 -24.20
CA ALA K 6 26.98 32.58 -25.32
C ALA K 6 27.02 31.31 -26.17
N VAL K 7 26.04 31.19 -27.06
CA VAL K 7 25.98 30.10 -28.02
C VAL K 7 25.54 30.66 -29.37
N PRO K 8 26.19 30.28 -30.47
CA PRO K 8 25.88 30.92 -31.76
C PRO K 8 24.46 30.70 -32.25
N ASN K 9 23.68 29.79 -31.66
CA ASN K 9 22.32 29.52 -32.11
C ASN K 9 21.55 28.85 -31.00
N GLN K 10 20.48 29.51 -30.54
CA GLN K 10 19.73 29.06 -29.38
C GLN K 10 18.29 29.53 -29.48
N ALA K 11 17.49 29.17 -28.48
CA ALA K 11 16.11 29.59 -28.39
C ALA K 11 15.67 29.54 -26.93
N ILE K 12 15.03 30.61 -26.47
CA ILE K 12 14.55 30.71 -25.10
C ILE K 12 13.06 31.01 -25.11
N SER K 13 12.34 30.39 -24.18
CA SER K 13 10.91 30.56 -24.03
C SER K 13 10.62 31.15 -22.67
N PHE K 14 9.59 31.99 -22.58
CA PHE K 14 9.25 32.63 -21.32
C PHE K 14 7.81 33.14 -21.37
N ASN K 15 7.28 33.43 -20.20
CA ASN K 15 5.92 33.95 -20.04
C ASN K 15 6.03 35.32 -19.39
N ALA K 16 5.98 36.37 -20.20
CA ALA K 16 6.16 37.73 -19.71
C ALA K 16 5.08 38.63 -20.27
N GLY K 17 4.62 39.56 -19.43
CA GLY K 17 3.59 40.51 -19.83
C GLY K 17 2.27 39.87 -20.18
N SER K 18 1.86 38.85 -19.44
CA SER K 18 0.61 38.13 -19.69
C SER K 18 0.56 37.58 -21.12
N SER K 19 1.71 37.08 -21.58
CA SER K 19 1.82 36.57 -22.94
C SER K 19 2.94 35.53 -23.00
N TYR K 20 2.80 34.60 -23.93
CA TYR K 20 3.76 33.52 -24.12
C TYR K 20 4.59 33.78 -25.36
N TRP K 21 5.91 33.93 -25.17
CA TRP K 21 6.82 34.25 -26.25
C TRP K 21 7.87 33.14 -26.40
N LYS K 22 8.31 32.92 -27.63
CA LYS K 22 9.47 32.08 -27.90
C LYS K 22 10.35 32.80 -28.90
N ILE K 23 11.60 33.07 -28.53
CA ILE K 23 12.52 33.86 -29.33
C ILE K 23 13.69 32.97 -29.74
N ARG K 24 14.24 33.23 -30.92
CA ARG K 24 15.39 32.50 -31.43
C ARG K 24 16.44 33.49 -31.92
N LEU K 25 17.69 33.27 -31.49
CA LEU K 25 18.81 34.12 -31.88
C LEU K 25 19.89 33.27 -32.52
N TYR K 26 20.36 33.69 -33.70
CA TYR K 26 21.37 32.94 -34.42
C TYR K 26 22.20 33.87 -35.29
N GLN K 27 23.48 33.57 -35.40
CA GLN K 27 24.39 34.35 -36.23
C GLN K 27 24.24 33.97 -37.70
N ASN K 28 24.12 34.99 -38.54
CA ASN K 28 23.95 34.81 -39.98
C ASN K 28 24.95 35.71 -40.70
N MET K 29 26.04 35.11 -41.19
CA MET K 29 27.17 35.83 -41.76
C MET K 29 27.73 36.88 -40.81
N ASP K 30 27.36 38.13 -41.02
CA ASP K 30 27.95 39.26 -40.30
C ASP K 30 27.17 39.65 -39.06
N MET K 31 25.88 39.95 -39.21
CA MET K 31 25.05 40.39 -38.12
C MET K 31 24.21 39.24 -37.59
N MET K 32 23.52 39.50 -36.48
CA MET K 32 22.59 38.53 -35.91
C MET K 32 21.26 38.56 -36.65
N ASN K 33 20.38 37.64 -36.25
CA ASN K 33 19.02 37.58 -36.74
C ASN K 33 18.15 37.03 -35.63
N ALA K 34 16.84 37.26 -35.74
CA ALA K 34 15.93 36.83 -34.69
C ALA K 34 14.65 36.29 -35.28
N ASP K 35 14.06 35.30 -34.60
CA ASP K 35 12.74 34.77 -34.90
C ASP K 35 11.89 34.94 -33.66
N ILE K 36 10.71 35.55 -33.81
CA ILE K 36 9.83 35.82 -32.69
C ILE K 36 8.53 35.07 -32.90
N SER K 37 8.06 34.40 -31.85
CA SER K 37 6.82 33.63 -31.92
C SER K 37 5.91 34.02 -30.77
N ARG K 38 4.62 33.77 -30.97
CA ARG K 38 3.60 33.98 -29.95
C ARG K 38 2.47 33.00 -30.19
N ASP K 39 1.86 32.52 -29.11
CA ASP K 39 0.74 31.58 -29.19
C ASP K 39 1.17 30.27 -29.82
N GLY K 40 2.46 30.15 -30.11
CA GLY K 40 2.94 29.13 -31.01
C GLY K 40 2.81 29.48 -32.47
N VAL K 41 2.28 30.66 -32.78
CA VAL K 41 2.10 31.13 -34.15
C VAL K 41 3.22 32.12 -34.46
N ILE K 42 3.91 31.88 -35.58
CA ILE K 42 5.05 32.70 -35.94
C ILE K 42 4.61 34.15 -36.12
N VAL K 43 5.50 35.08 -35.77
CA VAL K 43 5.20 36.50 -35.90
C VAL K 43 6.08 37.06 -37.02
N CYS K 44 7.39 37.00 -36.85
CA CYS K 44 8.31 37.54 -37.85
C CYS K 44 9.48 36.58 -38.01
N HIS K 45 10.12 36.65 -39.17
CA HIS K 45 11.25 35.79 -39.51
C HIS K 45 12.44 36.64 -39.90
N GLY K 46 13.59 36.34 -39.31
CA GLY K 46 14.83 37.01 -39.68
C GLY K 46 14.88 38.50 -39.37
N VAL K 47 14.43 38.90 -38.20
CA VAL K 47 14.50 40.29 -37.80
C VAL K 47 15.96 40.66 -37.53
N ARG K 48 16.52 41.54 -38.35
CA ARG K 48 17.89 41.98 -38.16
C ARG K 48 18.00 42.78 -36.87
N CYS K 49 19.10 42.57 -36.17
CA CYS K 49 19.30 43.08 -34.82
C CYS K 49 20.23 44.28 -34.83
N PHE K 50 19.75 45.39 -34.27
CA PHE K 50 20.55 46.60 -34.13
C PHE K 50 20.36 47.14 -32.73
N GLY K 51 21.33 47.93 -32.28
CA GLY K 51 21.27 48.47 -30.94
C GLY K 51 20.44 49.74 -30.84
N GLY K 52 19.37 49.69 -30.06
CA GLY K 52 18.56 50.84 -29.77
C GLY K 52 17.24 50.91 -30.53
N ILE K 53 17.07 50.09 -31.57
CA ILE K 53 15.83 50.12 -32.34
C ILE K 53 15.03 48.87 -32.00
N PRO K 54 13.71 48.96 -31.89
CA PRO K 54 12.91 47.82 -31.44
C PRO K 54 12.85 46.71 -32.50
N LEU K 55 12.58 45.49 -32.02
CA LEU K 55 12.59 44.33 -32.91
C LEU K 55 11.32 44.24 -33.74
N LEU K 56 10.19 44.72 -33.23
CA LEU K 56 8.92 44.64 -33.93
C LEU K 56 8.60 45.99 -34.57
N GLN K 57 8.46 45.98 -35.89
CA GLN K 57 8.30 47.21 -36.67
C GLN K 57 6.84 47.56 -36.94
N TYR K 58 5.99 46.56 -37.08
CA TYR K 58 4.66 46.78 -37.65
C TYR K 58 3.61 46.92 -36.56
N SER K 59 2.65 47.82 -36.80
CA SER K 59 1.70 48.19 -35.77
C SER K 59 0.87 47.00 -35.29
N HIS K 60 0.42 46.17 -36.23
CA HIS K 60 -0.41 45.03 -35.83
C HIS K 60 0.39 43.98 -35.06
N GLN K 61 1.71 44.12 -35.03
CA GLN K 61 2.53 43.14 -34.31
C GLN K 61 2.77 43.55 -32.86
N TYR K 62 3.41 44.71 -32.65
CA TYR K 62 3.95 44.98 -31.32
C TYR K 62 2.84 45.16 -30.29
N ARG K 63 1.82 45.97 -30.57
CA ARG K 63 0.75 46.02 -29.59
C ARG K 63 -0.58 46.60 -30.06
N PRO K 64 -1.67 45.90 -29.82
CA PRO K 64 -2.85 46.56 -29.26
C PRO K 64 -2.55 46.96 -27.82
N ASP K 65 -2.04 46.00 -27.05
CA ASP K 65 -1.63 46.25 -25.66
C ASP K 65 -0.41 45.45 -25.23
N TYR K 66 0.29 44.80 -26.14
CA TYR K 66 1.44 43.94 -25.83
C TYR K 66 2.69 44.80 -25.60
N GLY K 67 3.85 44.15 -25.60
CA GLY K 67 5.11 44.82 -25.40
C GLY K 67 6.02 44.74 -26.61
N ASN K 68 7.31 45.00 -26.39
CA ASN K 68 8.30 44.95 -27.46
C ASN K 68 9.68 44.78 -26.83
N PHE K 69 10.65 44.43 -27.67
CA PHE K 69 12.01 44.08 -27.24
C PHE K 69 13.02 44.99 -27.91
N VAL K 70 14.03 45.42 -27.14
CA VAL K 70 15.09 46.29 -27.64
C VAL K 70 16.44 45.79 -27.14
N PHE K 71 17.43 45.76 -28.03
CA PHE K 71 18.81 45.51 -27.67
C PHE K 71 19.54 46.83 -27.45
N ASP K 72 20.21 46.96 -26.29
CA ASP K 72 20.88 48.21 -25.96
C ASP K 72 21.99 48.52 -26.97
N ARG K 73 22.80 47.52 -27.31
CA ARG K 73 23.83 47.66 -28.32
C ARG K 73 23.75 46.49 -29.30
N ASP K 74 24.49 46.61 -30.39
CA ASP K 74 24.46 45.58 -31.42
C ASP K 74 24.87 44.23 -30.85
N ALA K 75 24.12 43.19 -31.21
CA ALA K 75 24.30 41.89 -30.59
C ALA K 75 25.62 41.23 -31.00
N ASP K 76 26.17 40.45 -30.09
CA ASP K 76 27.39 39.70 -30.33
C ASP K 76 27.39 38.52 -29.37
N TRP K 77 27.21 37.30 -29.89
CA TRP K 77 26.95 36.16 -29.03
C TRP K 77 28.13 35.82 -28.13
N THR K 78 29.30 36.40 -28.37
CA THR K 78 30.42 36.16 -27.46
C THR K 78 30.26 36.96 -26.18
N LEU K 79 29.50 38.06 -26.22
CA LEU K 79 29.42 38.99 -25.10
C LEU K 79 28.16 38.82 -24.25
N PHE K 80 27.29 37.86 -24.55
CA PHE K 80 26.06 37.76 -23.78
C PHE K 80 26.36 37.40 -22.33
N GLY K 81 25.63 38.05 -21.42
CA GLY K 81 25.92 37.97 -20.01
C GLY K 81 26.99 38.93 -19.54
N ASP K 82 27.56 39.73 -20.44
CA ASP K 82 28.62 40.67 -20.08
C ASP K 82 28.51 41.86 -21.04
N GLY K 83 27.77 42.88 -20.63
CA GLY K 83 27.73 44.13 -21.35
C GLY K 83 26.62 44.28 -22.37
N ILE K 84 26.02 43.18 -22.83
CA ILE K 84 24.96 43.22 -23.83
C ILE K 84 23.75 42.47 -23.29
N ASN K 85 22.58 43.11 -23.36
CA ASN K 85 21.38 42.60 -22.73
C ASN K 85 20.19 42.77 -23.68
N LEU K 86 19.10 42.07 -23.37
CA LEU K 86 17.85 42.20 -24.09
C LEU K 86 16.73 42.45 -23.08
N PHE K 87 16.03 43.57 -23.24
CA PHE K 87 15.03 44.01 -22.29
C PHE K 87 13.63 43.94 -22.89
N TYR K 88 12.64 43.78 -22.01
CA TYR K 88 11.24 43.70 -22.39
C TYR K 88 10.46 44.82 -21.72
N LEU K 89 9.64 45.53 -22.50
CA LEU K 89 8.85 46.64 -22.00
C LEU K 89 7.37 46.39 -22.26
N ASP K 90 6.55 46.49 -21.22
CA ASP K 90 5.12 46.29 -21.35
C ASP K 90 4.50 47.49 -22.05
N GLY K 91 3.17 47.47 -22.24
CA GLY K 91 2.54 48.36 -23.20
C GLY K 91 2.75 49.83 -22.88
N ALA K 92 2.51 50.22 -21.62
CA ALA K 92 2.64 51.62 -21.25
C ALA K 92 4.08 52.10 -21.38
N GLU K 93 5.02 51.29 -20.92
CA GLU K 93 6.43 51.66 -21.01
C GLU K 93 6.87 51.78 -22.46
N PHE K 94 6.43 50.86 -23.32
CA PHE K 94 6.79 50.96 -24.73
C PHE K 94 6.15 52.19 -25.37
N ALA K 95 4.93 52.53 -24.97
CA ALA K 95 4.30 53.73 -25.53
C ALA K 95 5.08 54.98 -25.18
N GLU K 96 5.45 55.14 -23.91
CA GLU K 96 6.24 56.33 -23.56
C GLU K 96 7.63 56.27 -24.19
N TYR K 97 8.16 55.06 -24.38
CA TYR K 97 9.40 54.86 -25.11
C TYR K 97 9.30 55.46 -26.52
N GLN K 98 8.28 55.08 -27.28
CA GLN K 98 8.12 55.61 -28.62
C GLN K 98 7.85 57.10 -28.61
N ALA K 99 7.18 57.59 -27.56
CA ALA K 99 7.00 59.03 -27.42
C ALA K 99 8.35 59.72 -27.28
N LEU K 100 9.25 59.14 -26.49
CA LEU K 100 10.58 59.70 -26.30
C LEU K 100 11.48 59.51 -27.52
N ALA K 101 11.18 58.55 -28.38
CA ALA K 101 12.08 58.23 -29.48
C ALA K 101 12.21 59.39 -30.46
N THR K 102 11.12 60.09 -30.73
CA THR K 102 11.16 61.21 -31.67
C THR K 102 11.05 62.55 -30.96
N SER L 1 35.76 30.81 32.76
CA SER L 1 34.34 31.01 33.00
C SER L 1 34.02 30.96 34.48
N THR L 2 34.75 30.13 35.21
CA THR L 2 34.46 29.90 36.62
C THR L 2 34.82 31.12 37.45
N SER L 3 34.29 31.14 38.68
CA SER L 3 34.55 32.20 39.64
C SER L 3 34.45 31.62 41.03
N THR L 4 35.30 32.09 41.93
CA THR L 4 35.31 31.56 43.29
C THR L 4 35.94 32.60 44.21
N ILE L 5 35.50 32.60 45.47
CA ILE L 5 36.03 33.51 46.49
C ILE L 5 37.40 33.02 46.93
N ARG L 6 38.32 33.96 47.13
CA ARG L 6 39.68 33.61 47.54
C ARG L 6 39.69 32.96 48.91
N THR L 7 40.48 31.90 49.05
CA THR L 7 40.72 31.26 50.33
C THR L 7 42.22 31.23 50.61
N GLY L 8 42.58 31.33 51.89
CA GLY L 8 43.96 31.38 52.28
C GLY L 8 44.61 30.01 52.33
N THR L 9 45.77 29.95 52.98
CA THR L 9 46.46 28.68 53.14
C THR L 9 45.60 27.69 53.91
N ASN L 10 44.87 28.17 54.90
CA ASN L 10 43.78 27.40 55.51
C ASN L 10 42.53 27.54 54.64
N ASN L 11 41.64 26.56 54.76
CA ASN L 11 40.43 26.55 53.94
C ASN L 11 39.40 27.53 54.50
N ASP L 12 39.76 28.81 54.53
CA ASP L 12 38.97 29.85 55.15
C ASP L 12 38.91 31.06 54.23
N ILE L 13 37.84 31.84 54.37
CA ILE L 13 37.70 33.06 53.60
C ILE L 13 38.79 34.03 53.99
N LEU L 14 39.55 34.51 53.01
CA LEU L 14 40.58 35.51 53.24
C LEU L 14 40.16 36.85 52.65
N LEU L 15 40.15 37.89 53.49
CA LEU L 15 39.70 39.22 53.12
C LEU L 15 40.90 40.14 52.98
N ASP L 16 40.86 41.03 51.99
CA ASP L 16 41.95 41.95 51.76
C ASP L 16 42.00 43.01 52.87
N ASP L 17 42.92 43.96 52.72
CA ASP L 17 43.07 45.02 53.71
C ASP L 17 41.81 45.88 53.81
N ASN L 18 41.29 46.35 52.67
CA ASN L 18 40.07 47.15 52.67
C ASN L 18 38.85 46.35 53.10
N GLY L 19 38.92 45.03 53.11
CA GLY L 19 37.79 44.23 53.52
C GLY L 19 36.78 43.97 52.43
N ASN L 20 37.18 43.40 51.32
CA ASN L 20 36.25 42.96 50.29
C ASN L 20 36.64 41.55 49.86
N MET L 21 35.70 40.61 49.98
CA MET L 21 35.92 39.28 49.45
C MET L 21 36.09 39.36 47.94
N VAL L 22 37.27 38.96 47.46
CA VAL L 22 37.60 39.10 46.05
C VAL L 22 37.12 37.85 45.32
N ILE L 23 36.34 38.06 44.27
CA ILE L 23 35.83 36.99 43.43
C ILE L 23 36.90 36.71 42.39
N LEU L 24 37.63 35.62 42.57
CA LEU L 24 38.68 35.27 41.62
C LEU L 24 38.08 34.98 40.25
N ARG L 25 38.69 35.57 39.23
CA ARG L 25 38.35 35.28 37.85
C ARG L 25 39.03 33.96 37.48
N ASP L 26 39.14 33.70 36.19
CA ASP L 26 39.61 32.40 35.72
C ASP L 26 41.08 32.20 36.08
N VAL L 27 41.63 31.05 35.66
CA VAL L 27 43.01 30.65 35.87
C VAL L 27 43.25 30.37 37.34
N GLU L 28 43.28 31.43 38.16
CA GLU L 28 43.49 31.24 39.59
C GLU L 28 42.36 30.45 40.23
N ALA L 29 41.12 30.73 39.81
CA ALA L 29 39.98 29.99 40.33
C ALA L 29 40.11 28.51 40.03
N CYS L 30 40.58 28.17 38.82
CA CYS L 30 40.75 26.76 38.47
C CYS L 30 41.74 26.08 39.41
N ALA L 31 42.88 26.71 39.67
CA ALA L 31 43.88 26.11 40.53
C ALA L 31 43.34 25.91 41.94
N GLN L 32 42.69 26.95 42.49
CA GLN L 32 42.16 26.83 43.83
C GLN L 32 41.08 25.75 43.90
N ASP L 33 40.21 25.69 42.89
CA ASP L 33 39.12 24.72 42.90
C ASP L 33 39.65 23.30 42.80
N VAL L 34 40.66 23.07 41.97
CA VAL L 34 41.25 21.72 41.89
C VAL L 34 41.91 21.35 43.21
N ARG L 35 42.63 22.27 43.82
CA ARG L 35 43.23 22.01 45.13
C ARG L 35 42.15 21.63 46.15
N ALA L 36 41.03 22.34 46.14
CA ALA L 36 39.95 22.03 47.07
C ALA L 36 39.34 20.66 46.76
N ALA L 37 39.19 20.34 45.47
CA ALA L 37 38.58 19.07 45.08
C ALA L 37 39.42 17.90 45.54
N MET L 38 40.75 18.02 45.46
CA MET L 38 41.61 16.89 45.81
C MET L 38 41.61 16.57 47.29
N LEU L 39 41.07 17.44 48.13
CA LEU L 39 41.13 17.28 49.59
C LEU L 39 39.80 16.88 50.21
N MET L 40 38.80 16.54 49.41
CA MET L 40 37.43 16.51 49.89
C MET L 40 37.02 15.21 50.56
N ARG L 41 37.71 14.10 50.28
CA ARG L 41 37.38 12.78 50.83
C ARG L 41 36.04 12.28 50.33
N THR L 42 35.81 10.97 50.40
CA THR L 42 34.59 10.35 49.92
C THR L 42 33.51 10.38 51.00
N GLY L 43 32.26 10.35 50.55
CA GLY L 43 31.14 10.29 51.46
C GLY L 43 31.00 11.49 52.36
N GLU L 44 31.51 12.65 51.95
CA GLU L 44 31.35 13.88 52.73
C GLU L 44 30.44 14.90 52.06
N ASN L 45 30.27 14.84 50.74
CA ASN L 45 29.42 15.79 50.04
C ASN L 45 27.97 15.53 50.42
N ILE L 46 27.31 16.56 50.94
CA ILE L 46 25.89 16.46 51.27
C ILE L 46 25.10 16.45 49.97
N PHE L 47 24.19 15.48 49.84
CA PHE L 47 23.34 15.26 48.67
C PHE L 47 24.11 14.69 47.48
N ASP L 48 25.36 14.25 47.65
CA ASP L 48 26.04 13.54 46.57
C ASP L 48 27.11 12.64 47.21
N VAL L 49 26.74 11.38 47.42
CA VAL L 49 27.68 10.38 47.90
C VAL L 49 28.43 9.90 46.67
N ASN L 50 29.58 9.22 46.86
CA ASN L 50 30.40 8.70 45.78
C ASN L 50 31.18 9.80 45.06
N SER L 51 31.51 10.87 45.77
CA SER L 51 32.34 11.94 45.22
C SER L 51 33.43 12.30 46.22
N GLY L 52 34.65 12.44 45.72
CA GLY L 52 35.82 12.77 46.51
C GLY L 52 36.94 11.81 46.21
N VAL L 53 37.98 11.87 47.03
CA VAL L 53 39.11 10.95 46.93
C VAL L 53 38.99 9.95 48.07
N GLY L 54 38.91 8.66 47.72
CA GLY L 54 38.73 7.63 48.72
C GLY L 54 40.01 7.25 49.41
N TYR L 55 40.47 8.08 50.34
CA TYR L 55 41.74 7.80 51.02
C TYR L 55 41.66 6.53 51.83
N PHE L 56 40.67 6.42 52.70
CA PHE L 56 40.65 5.41 53.75
C PHE L 56 40.30 4.02 53.23
N GLU L 57 40.02 3.88 51.94
CA GLU L 57 39.79 2.57 51.34
C GLU L 57 40.78 2.23 50.24
N TYR L 58 41.43 3.24 49.66
CA TYR L 58 42.24 3.05 48.46
C TYR L 58 43.71 3.40 48.63
N ILE L 59 44.06 4.27 49.58
CA ILE L 59 45.46 4.68 49.72
C ILE L 59 46.02 4.19 51.05
N PHE L 60 45.45 4.67 52.15
CA PHE L 60 46.00 4.36 53.46
C PHE L 60 45.92 2.88 53.78
N SER L 61 44.82 2.22 53.39
CA SER L 61 44.67 0.80 53.65
C SER L 61 45.68 0.00 52.82
N PRO L 62 46.06 -1.19 53.29
CA PRO L 62 46.97 -2.03 52.49
C PRO L 62 46.25 -2.58 51.26
N GLN L 63 46.92 -2.49 50.11
CA GLN L 63 46.29 -2.77 48.83
C GLN L 63 47.10 -3.82 48.07
N LYS L 64 46.64 -4.08 46.84
CA LYS L 64 47.29 -5.01 45.92
C LYS L 64 47.88 -4.30 44.71
N SER L 65 47.12 -3.40 44.10
CA SER L 65 47.47 -2.82 42.80
C SER L 65 47.86 -1.36 42.87
N TYR L 66 47.17 -0.56 43.68
CA TYR L 66 47.27 0.89 43.77
C TYR L 66 46.73 1.58 42.52
N ASP L 67 46.07 0.86 41.61
CA ASP L 67 45.51 1.50 40.43
C ASP L 67 44.21 2.24 40.75
N ASP L 68 43.41 1.68 41.66
CA ASP L 68 42.15 2.33 42.03
C ASP L 68 42.40 3.73 42.57
N ALA L 69 43.48 3.91 43.33
CA ALA L 69 43.82 5.24 43.82
C ALA L 69 44.09 6.20 42.68
N ARG L 70 44.83 5.74 41.67
CA ARG L 70 45.12 6.61 40.53
C ARG L 70 43.85 6.99 39.79
N LYS L 71 42.95 6.03 39.59
CA LYS L 71 41.69 6.33 38.93
C LYS L 71 40.86 7.33 39.74
N SER L 72 40.81 7.14 41.07
CA SER L 72 40.04 8.05 41.91
C SER L 72 40.61 9.46 41.89
N ILE L 73 41.93 9.59 41.96
CA ILE L 73 42.54 10.92 41.93
C ILE L 73 42.34 11.57 40.56
N ALA L 74 42.44 10.81 39.49
CA ALA L 74 42.20 11.36 38.16
C ALA L 74 40.76 11.84 38.02
N ASP L 75 39.81 11.11 38.59
CA ASP L 75 38.43 11.56 38.60
C ASP L 75 38.27 12.86 39.38
N ALA L 76 38.88 12.93 40.56
CA ALA L 76 38.71 14.12 41.41
C ALA L 76 39.32 15.35 40.76
N ILE L 77 40.46 15.20 40.08
CA ILE L 77 41.04 16.31 39.34
C ILE L 77 40.07 16.77 38.25
N LEU L 78 39.46 15.82 37.54
CA LEU L 78 38.40 16.14 36.60
C LEU L 78 37.12 16.48 37.37
N SER L 79 36.04 16.65 36.62
CA SER L 79 34.72 17.05 37.10
C SER L 79 34.68 18.50 37.57
N SER L 80 35.81 19.20 37.60
CA SER L 80 35.77 20.62 37.85
C SER L 80 35.16 21.33 36.64
N PRO L 81 34.42 22.42 36.86
CA PRO L 81 33.66 23.01 35.76
C PRO L 81 34.49 23.49 34.59
N ASP L 82 35.77 23.81 34.79
CA ASP L 82 36.58 24.39 33.73
C ASP L 82 37.74 23.51 33.26
N VAL L 83 38.09 22.46 34.01
CA VAL L 83 39.20 21.61 33.60
C VAL L 83 38.84 20.85 32.33
N THR L 84 39.84 20.59 31.50
CA THR L 84 39.65 19.85 30.26
C THR L 84 40.21 18.43 30.33
N GLY L 85 41.47 18.29 30.71
CA GLY L 85 42.08 16.99 30.81
C GLY L 85 43.39 17.05 31.57
N ILE L 86 43.82 15.89 32.04
CA ILE L 86 45.04 15.78 32.84
C ILE L 86 46.17 15.34 31.93
N GLU L 87 47.32 16.01 32.04
CA GLU L 87 48.47 15.71 31.21
C GLU L 87 49.37 14.65 31.81
N GLN L 88 49.68 14.76 33.11
CA GLN L 88 50.61 13.87 33.77
C GLN L 88 50.08 13.48 35.14
N LEU L 89 50.48 12.29 35.60
CA LEU L 89 50.30 11.86 36.98
C LEU L 89 51.52 11.05 37.39
N ASP L 90 51.82 11.03 38.67
CA ASP L 90 53.05 10.41 39.17
C ASP L 90 52.80 9.18 40.02
N ILE L 91 52.09 9.33 41.14
CA ILE L 91 51.99 8.26 42.14
C ILE L 91 53.39 7.75 42.48
N ASP L 92 54.16 8.56 43.21
CA ASP L 92 55.57 8.27 43.43
C ASP L 92 55.77 7.06 44.33
N ILE L 93 55.23 7.10 45.54
CA ILE L 93 55.43 6.05 46.55
C ILE L 93 56.92 5.85 46.81
N THR L 94 57.51 6.76 47.57
CA THR L 94 58.89 6.63 48.00
C THR L 94 58.93 6.61 49.53
N GLY L 95 59.62 5.63 50.10
CA GLY L 95 59.68 5.47 51.53
C GLY L 95 58.31 5.24 52.13
N GLU L 96 57.82 6.20 52.90
CA GLU L 96 56.52 6.11 53.53
C GLU L 96 55.52 7.12 52.98
N VAL L 97 56.00 8.17 52.31
CA VAL L 97 55.11 9.19 51.78
C VAL L 97 54.60 8.78 50.40
N PHE L 98 53.46 9.35 50.02
CA PHE L 98 52.72 8.99 48.82
C PHE L 98 52.62 10.25 47.95
N GLY L 99 53.58 10.43 47.05
CA GLY L 99 53.63 11.65 46.27
C GLY L 99 52.72 11.59 45.06
N VAL L 100 52.03 12.71 44.80
CA VAL L 100 51.15 12.84 43.65
C VAL L 100 51.46 14.16 42.96
N ASP L 101 51.77 14.09 41.67
CA ASP L 101 52.10 15.27 40.89
C ASP L 101 51.28 15.27 39.61
N ALA L 102 50.82 16.46 39.21
CA ALA L 102 49.92 16.57 38.06
C ALA L 102 50.11 17.94 37.42
N LYS L 103 49.66 18.04 36.17
CA LYS L 103 49.75 19.28 35.40
C LYS L 103 48.51 19.36 34.54
N VAL L 104 47.49 20.10 34.98
CA VAL L 104 46.18 20.06 34.37
C VAL L 104 46.11 21.04 33.20
N ILE L 105 45.20 20.75 32.28
CA ILE L 105 45.02 21.54 31.06
C ILE L 105 43.64 22.18 31.10
N THR L 106 43.58 23.49 30.90
CA THR L 106 42.35 24.25 30.96
C THR L 106 42.01 24.81 29.58
N ILE L 107 40.75 25.21 29.41
CA ILE L 107 40.29 25.72 28.12
C ILE L 107 40.99 27.04 27.79
N HIS L 108 41.54 27.69 28.80
CA HIS L 108 42.14 29.02 28.66
C HIS L 108 43.53 29.08 29.29
N MET M 1 79.61 -66.51 9.24
CA MET M 1 79.90 -65.70 8.06
C MET M 1 78.65 -65.48 7.21
N ILE M 2 78.42 -64.22 6.85
CA ILE M 2 77.31 -63.83 5.98
C ILE M 2 77.90 -63.11 4.77
N ASN M 3 77.44 -63.47 3.58
CA ASN M 3 77.92 -62.86 2.35
C ASN M 3 76.91 -61.84 1.88
N VAL M 4 77.34 -60.58 1.75
CA VAL M 4 76.51 -59.47 1.35
C VAL M 4 77.04 -58.78 0.10
N SER M 5 77.67 -59.53 -0.80
CA SER M 5 78.23 -58.93 -2.00
C SER M 5 77.15 -58.66 -3.03
N GLY M 6 77.45 -57.77 -3.96
CA GLY M 6 76.58 -57.44 -5.06
C GLY M 6 77.11 -57.77 -6.44
N PHE M 7 78.32 -58.31 -6.54
CA PHE M 7 78.87 -58.71 -7.82
C PHE M 7 78.10 -59.92 -8.36
N GLY M 8 77.81 -59.89 -9.66
CA GLY M 8 77.01 -60.94 -10.26
C GLY M 8 75.52 -60.69 -10.28
N THR M 9 75.09 -59.43 -10.28
CA THR M 9 73.68 -59.08 -10.24
C THR M 9 73.21 -58.66 -11.63
N GLY M 10 72.01 -59.09 -11.99
CA GLY M 10 71.43 -58.71 -13.27
C GLY M 10 70.00 -58.23 -13.12
N ILE M 11 69.58 -57.39 -14.06
CA ILE M 11 68.24 -56.85 -14.11
C ILE M 11 67.69 -57.00 -15.52
N VAL M 12 66.46 -57.50 -15.62
CA VAL M 12 65.76 -57.63 -16.89
C VAL M 12 64.53 -56.73 -16.85
N ILE M 13 64.48 -55.77 -17.76
CA ILE M 13 63.41 -54.77 -17.79
C ILE M 13 62.60 -54.98 -19.06
N VAL M 14 61.30 -55.15 -18.91
CA VAL M 14 60.39 -55.31 -20.04
C VAL M 14 59.24 -54.33 -19.89
N SER M 15 58.92 -53.64 -20.98
CA SER M 15 57.86 -52.64 -21.03
C SER M 15 56.70 -53.17 -21.86
N ALA M 16 55.51 -52.64 -21.56
CA ALA M 16 54.29 -53.19 -22.14
C ALA M 16 54.27 -53.05 -23.66
N SER M 17 54.64 -51.89 -24.18
CA SER M 17 54.54 -51.65 -25.61
C SER M 17 55.88 -51.33 -26.27
N SER M 18 56.69 -50.46 -25.66
CA SER M 18 57.94 -50.05 -26.30
C SER M 18 58.92 -51.21 -26.42
N PHE M 19 59.06 -52.01 -25.37
CA PHE M 19 59.98 -53.14 -25.33
C PHE M 19 59.22 -54.39 -24.92
N PRO M 20 58.47 -54.99 -25.84
CA PRO M 20 57.65 -56.17 -25.49
C PRO M 20 58.47 -57.37 -25.04
N MET M 21 59.69 -57.54 -25.53
CA MET M 21 60.49 -58.71 -25.19
C MET M 21 61.44 -58.49 -24.03
N GLY M 22 61.81 -57.24 -23.76
CA GLY M 22 62.64 -56.91 -22.62
C GLY M 22 64.11 -56.82 -22.98
N PHE M 23 64.87 -56.14 -22.10
CA PHE M 23 66.31 -56.02 -22.26
C PHE M 23 66.95 -56.18 -20.89
N SER M 24 68.26 -56.37 -20.89
CA SER M 24 68.99 -56.72 -19.68
C SER M 24 69.94 -55.61 -19.28
N LEU M 25 70.25 -55.56 -17.98
CA LEU M 25 71.16 -54.58 -17.40
C LEU M 25 72.39 -55.29 -16.86
N SER M 26 73.56 -54.88 -17.34
CA SER M 26 74.81 -55.50 -16.86
C SER M 26 75.92 -54.52 -16.53
N LYS M 27 75.93 -53.30 -17.08
CA LYS M 27 77.06 -52.38 -16.90
C LYS M 27 76.64 -51.31 -15.91
N PHE M 28 76.79 -51.61 -14.62
CA PHE M 28 76.42 -50.68 -13.58
C PHE M 28 77.58 -49.74 -13.27
N ALA M 29 77.24 -48.52 -12.89
CA ALA M 29 78.24 -47.48 -12.69
C ALA M 29 79.08 -47.78 -11.45
N ASP M 30 80.16 -47.02 -11.30
CA ASP M 30 81.14 -47.25 -10.24
C ASP M 30 81.30 -46.07 -9.30
N ASP M 31 80.96 -44.85 -9.75
CA ASP M 31 81.03 -43.70 -8.86
C ASP M 31 79.76 -43.53 -8.04
N GLU M 32 78.59 -43.85 -8.61
CA GLU M 32 77.32 -43.71 -7.92
C GLU M 32 76.69 -45.08 -7.67
N SER M 33 75.76 -45.10 -6.74
CA SER M 33 75.19 -46.37 -6.28
C SER M 33 74.43 -47.06 -7.40
N PRO M 34 74.72 -48.34 -7.69
CA PRO M 34 74.00 -49.01 -8.78
C PRO M 34 72.51 -49.11 -8.58
N ILE M 35 72.06 -49.70 -7.46
CA ILE M 35 70.64 -49.81 -7.14
C ILE M 35 70.40 -49.10 -5.82
N SER M 36 69.44 -48.18 -5.82
CA SER M 36 69.04 -47.48 -4.61
C SER M 36 67.52 -47.47 -4.53
N SER M 37 67.00 -47.18 -3.35
CA SER M 37 65.56 -47.12 -3.17
C SER M 37 65.25 -46.28 -1.95
N LYS M 38 63.99 -45.86 -1.85
CA LYS M 38 63.52 -45.08 -0.71
C LYS M 38 62.66 -45.96 0.21
N GLU M 39 62.56 -45.51 1.46
CA GLU M 39 61.82 -46.26 2.48
C GLU M 39 60.35 -46.37 2.10
N LEU M 40 59.75 -47.50 2.46
CA LEU M 40 58.34 -47.75 2.22
C LEU M 40 57.57 -47.58 3.52
N GLU M 41 56.62 -46.64 3.54
CA GLU M 41 55.82 -46.34 4.72
C GLU M 41 54.34 -46.55 4.39
N PRO M 42 53.83 -47.77 4.58
CA PRO M 42 52.42 -48.02 4.29
C PRO M 42 51.54 -47.82 5.51
N PHE M 43 52.05 -47.18 6.56
CA PHE M 43 51.29 -46.98 7.78
C PHE M 43 51.43 -45.53 8.24
N GLY M 44 50.52 -45.13 9.11
CA GLY M 44 50.55 -43.82 9.75
C GLY M 44 49.96 -43.94 11.14
N TYR M 45 49.95 -42.81 11.85
CA TYR M 45 49.36 -42.81 13.19
C TYR M 45 48.86 -41.42 13.52
N GLU M 46 47.93 -41.37 14.48
CA GLU M 46 47.30 -40.13 14.91
C GLU M 46 47.10 -40.18 16.41
N MET M 47 47.02 -39.01 17.03
CA MET M 47 46.83 -38.90 18.47
C MET M 47 45.43 -38.44 18.82
N LEU M 48 44.84 -39.13 19.79
CA LEU M 48 43.54 -38.78 20.35
C LEU M 48 43.74 -37.84 21.53
N TYR M 49 42.70 -37.09 21.89
CA TYR M 49 42.96 -35.98 22.80
C TYR M 49 43.24 -36.45 24.22
N ASP M 50 43.03 -37.73 24.52
CA ASP M 50 43.38 -38.28 25.82
C ASP M 50 44.82 -38.76 25.88
N GLY M 51 45.55 -38.68 24.77
CA GLY M 51 46.91 -39.18 24.70
C GLY M 51 47.05 -40.55 24.10
N GLY M 52 46.00 -41.10 23.50
CA GLY M 52 46.03 -42.44 22.96
C GLY M 52 46.72 -42.49 21.62
N LEU M 53 46.72 -43.70 21.04
CA LEU M 53 47.38 -43.98 19.78
C LEU M 53 46.40 -44.67 18.85
N PHE M 54 46.43 -44.30 17.57
CA PHE M 54 45.60 -44.94 16.56
C PHE M 54 46.40 -45.09 15.28
N ALA M 55 46.41 -46.29 14.73
CA ALA M 55 47.20 -46.60 13.54
C ALA M 55 46.31 -47.11 12.42
N PHE M 56 46.56 -46.62 11.21
CA PHE M 56 45.79 -47.01 10.04
C PHE M 56 46.70 -47.46 8.91
N ASP M 57 46.14 -47.65 7.73
CA ASP M 57 46.89 -48.10 6.56
C ASP M 57 46.87 -47.01 5.50
N LYS M 58 47.99 -46.85 4.79
CA LYS M 58 48.20 -45.72 3.90
C LYS M 58 48.76 -46.20 2.57
N ALA M 59 48.44 -45.48 1.49
CA ALA M 59 48.94 -45.79 0.17
C ALA M 59 50.40 -45.39 0.05
N ALA M 60 51.23 -46.30 -0.46
CA ALA M 60 52.66 -46.06 -0.49
C ALA M 60 53.31 -46.52 -1.78
N PRO M 61 54.07 -45.67 -2.46
CA PRO M 61 54.78 -46.09 -3.67
C PRO M 61 56.16 -46.63 -3.36
N LEU M 62 56.84 -47.17 -4.36
CA LEU M 62 58.24 -47.54 -4.24
C LEU M 62 59.04 -46.86 -5.34
N GLU M 63 60.21 -46.34 -4.97
CA GLU M 63 61.09 -45.66 -5.89
C GLU M 63 62.43 -46.38 -5.95
N VAL M 64 63.00 -46.48 -7.15
CA VAL M 64 64.30 -47.11 -7.34
C VAL M 64 65.12 -46.28 -8.31
N SER M 65 66.41 -46.18 -8.02
CA SER M 65 67.35 -45.47 -8.87
C SER M 65 68.37 -46.47 -9.42
N VAL M 66 68.53 -46.49 -10.74
CA VAL M 66 69.43 -47.42 -11.41
C VAL M 66 70.47 -46.62 -12.17
N SER M 67 71.75 -46.87 -11.88
CA SER M 67 72.85 -46.15 -12.50
C SER M 67 73.63 -47.07 -13.42
N VAL M 68 74.03 -46.55 -14.57
CA VAL M 68 74.76 -47.32 -15.57
C VAL M 68 75.97 -46.54 -16.04
N ILE M 69 76.90 -47.25 -16.67
CA ILE M 69 78.10 -46.62 -17.22
C ILE M 69 77.74 -45.90 -18.51
N ALA M 70 78.08 -44.61 -18.58
CA ALA M 70 77.68 -43.80 -19.72
C ALA M 70 78.30 -44.31 -21.02
N GLY M 71 77.51 -44.30 -22.09
CA GLY M 71 77.98 -44.74 -23.38
C GLY M 71 77.77 -46.21 -23.67
N SER M 72 77.27 -46.98 -22.72
CA SER M 72 77.01 -48.39 -22.95
C SER M 72 75.69 -48.57 -23.70
N GLU M 73 75.36 -49.84 -23.96
CA GLU M 73 74.08 -50.14 -24.61
C GLU M 73 72.92 -50.00 -23.64
N ASP M 74 73.16 -50.23 -22.35
CA ASP M 74 72.11 -50.06 -21.35
C ASP M 74 71.67 -48.61 -21.29
N ASP M 75 72.63 -47.69 -21.40
CA ASP M 75 72.30 -46.26 -21.37
C ASP M 75 71.39 -45.88 -22.52
N ILE M 76 71.70 -46.34 -23.73
CA ILE M 76 70.85 -45.98 -24.86
C ILE M 76 69.49 -46.65 -24.76
N ASN M 77 69.43 -47.88 -24.23
CA ASN M 77 68.14 -48.52 -24.05
C ASN M 77 67.26 -47.74 -23.08
N LEU M 78 67.84 -47.31 -21.95
CA LEU M 78 67.07 -46.53 -21.00
C LEU M 78 66.70 -45.16 -21.55
N ARG M 79 67.56 -44.57 -22.38
CA ARG M 79 67.19 -43.31 -23.03
C ARG M 79 65.99 -43.51 -23.95
N ILE M 80 65.97 -44.60 -24.71
CA ILE M 80 64.84 -44.90 -25.57
C ILE M 80 63.59 -45.08 -24.74
N LEU M 81 63.71 -45.80 -23.61
CA LEU M 81 62.57 -46.01 -22.73
C LEU M 81 62.08 -44.68 -22.15
N LEU M 82 62.98 -43.73 -21.93
CA LEU M 82 62.58 -42.44 -21.36
C LEU M 82 61.90 -41.57 -22.40
N ASN M 83 62.33 -41.66 -23.66
CA ASN M 83 61.73 -40.81 -24.69
C ASN M 83 60.34 -41.28 -25.12
N SER M 84 59.88 -42.44 -24.65
CA SER M 84 58.57 -42.95 -25.04
C SER M 84 57.46 -42.09 -24.43
N LYS M 85 56.84 -41.25 -25.24
CA LYS M 85 55.74 -40.41 -24.77
C LYS M 85 54.49 -41.27 -24.58
N LYS M 86 53.72 -40.94 -23.54
CA LYS M 86 52.53 -41.70 -23.22
C LYS M 86 51.33 -41.36 -24.09
N GLY M 87 51.45 -40.35 -24.96
CA GLY M 87 50.35 -40.01 -25.84
C GLY M 87 50.04 -41.09 -26.86
N SER M 88 51.07 -41.77 -27.36
CA SER M 88 50.87 -42.77 -28.39
C SER M 88 50.25 -44.04 -27.80
N PHE M 89 50.12 -45.06 -28.67
CA PHE M 89 49.48 -46.36 -28.40
C PHE M 89 48.20 -46.32 -27.57
N ARG M 90 47.75 -47.50 -27.16
CA ARG M 90 46.44 -47.71 -26.56
C ARG M 90 46.59 -48.73 -25.42
N PHE M 91 45.75 -48.61 -24.41
CA PHE M 91 45.92 -49.43 -23.22
C PHE M 91 44.62 -50.11 -22.82
N LEU M 92 44.75 -51.26 -22.18
CA LEU M 92 43.62 -51.95 -21.60
C LEU M 92 43.09 -51.17 -20.40
N PRO M 93 41.79 -51.26 -20.10
CA PRO M 93 41.24 -50.45 -19.02
C PRO M 93 41.84 -50.82 -17.66
N GLY M 94 42.16 -49.79 -16.89
CA GLY M 94 42.77 -49.97 -15.58
C GLY M 94 44.15 -50.57 -15.59
N ILE M 95 44.99 -50.18 -16.54
CA ILE M 95 46.28 -50.83 -16.72
C ILE M 95 47.46 -49.87 -16.68
N ILE M 96 47.27 -48.59 -17.00
CA ILE M 96 48.33 -47.60 -17.15
C ILE M 96 49.10 -47.86 -18.44
N PRO M 97 49.36 -46.85 -19.27
CA PRO M 97 50.19 -47.06 -20.45
C PRO M 97 51.60 -47.48 -20.04
N ASP M 98 52.11 -48.51 -20.71
CA ASP M 98 53.47 -49.02 -20.49
C ASP M 98 53.65 -49.52 -19.05
N MET M 99 52.87 -50.52 -18.69
CA MET M 99 53.03 -51.17 -17.39
C MET M 99 54.31 -51.98 -17.43
N THR M 100 55.36 -51.45 -16.82
CA THR M 100 56.69 -52.04 -16.89
C THR M 100 56.96 -52.87 -15.65
N THR M 101 57.44 -54.09 -15.84
CA THR M 101 57.86 -54.93 -14.73
C THR M 101 59.37 -55.16 -14.79
N LEU M 102 59.99 -55.17 -13.63
CA LEU M 102 61.43 -55.30 -13.48
C LEU M 102 61.73 -56.48 -12.57
N VAL M 103 62.53 -57.42 -13.06
CA VAL M 103 62.90 -58.61 -12.31
C VAL M 103 64.39 -58.57 -12.04
N ALA M 104 64.74 -58.39 -10.77
CA ALA M 104 66.14 -58.29 -10.34
C ALA M 104 66.50 -59.49 -9.51
N THR M 105 67.65 -60.09 -9.81
CA THR M 105 68.13 -61.29 -9.13
C THR M 105 69.29 -60.94 -8.23
N LEU M 106 69.24 -61.39 -6.98
CA LEU M 106 70.40 -61.29 -6.12
C LEU M 106 71.43 -62.35 -6.52
N PRO M 107 72.72 -62.08 -6.30
CA PRO M 107 73.74 -63.06 -6.69
C PRO M 107 73.58 -64.41 -6.02
N ASP M 108 73.01 -64.45 -4.81
CA ASP M 108 72.73 -65.72 -4.17
C ASP M 108 71.79 -66.58 -5.00
N GLY M 109 70.72 -65.99 -5.53
CA GLY M 109 69.71 -66.74 -6.26
C GLY M 109 68.32 -66.20 -6.00
N GLY M 110 68.17 -65.46 -4.90
CA GLY M 110 66.89 -64.86 -4.61
C GLY M 110 66.48 -63.83 -5.63
N ARG M 111 65.17 -63.75 -5.88
CA ARG M 111 64.64 -62.91 -6.94
C ARG M 111 63.51 -62.05 -6.39
N THR M 112 63.29 -60.92 -7.06
CA THR M 112 62.25 -59.98 -6.68
C THR M 112 61.55 -59.49 -7.94
N VAL M 113 60.23 -59.40 -7.88
CA VAL M 113 59.41 -59.02 -9.01
C VAL M 113 58.63 -57.77 -8.66
N LEU M 114 58.79 -56.73 -9.46
CA LEU M 114 58.10 -55.45 -9.29
C LEU M 114 57.35 -55.13 -10.58
N SER M 115 56.15 -54.58 -10.46
CA SER M 115 55.33 -54.31 -11.63
C SER M 115 54.47 -53.09 -11.40
N ASN M 116 53.66 -52.76 -12.40
CA ASN M 116 52.73 -51.63 -12.36
C ASN M 116 53.45 -50.31 -12.14
N GLY M 117 54.35 -49.99 -13.07
CA GLY M 117 55.13 -48.78 -12.90
C GLY M 117 55.80 -48.33 -14.17
N THR M 118 56.39 -47.13 -14.10
CA THR M 118 56.98 -46.46 -15.26
C THR M 118 58.34 -45.87 -14.92
N ILE M 119 58.84 -45.00 -15.81
CA ILE M 119 60.13 -44.33 -15.64
C ILE M 119 59.86 -42.83 -15.50
N LEU M 120 60.61 -42.19 -14.61
CA LEU M 120 60.38 -40.78 -14.27
C LEU M 120 61.51 -39.86 -14.72
N LYS M 121 62.73 -40.08 -14.24
CA LYS M 121 63.78 -39.10 -14.34
C LYS M 121 64.98 -39.69 -15.07
N GLY M 122 65.81 -38.81 -15.61
CA GLY M 122 67.01 -39.23 -16.31
C GLY M 122 67.76 -38.10 -16.96
N PRO M 123 68.98 -38.37 -17.38
CA PRO M 123 69.80 -37.32 -18.03
C PRO M 123 69.60 -37.28 -19.53
N ALA M 124 69.29 -36.10 -20.07
CA ALA M 124 69.10 -35.98 -21.52
C ALA M 124 70.43 -36.01 -22.25
N ILE M 125 71.44 -35.33 -21.72
CA ILE M 125 72.77 -35.31 -22.31
C ILE M 125 73.80 -35.62 -21.24
N ASP M 126 74.96 -36.10 -21.69
CA ASP M 126 76.02 -36.54 -20.79
C ASP M 126 76.72 -35.35 -20.14
N THR M 127 77.28 -35.60 -18.95
CA THR M 127 77.94 -34.59 -18.14
C THR M 127 79.43 -34.89 -18.06
N ILE M 128 80.25 -33.91 -18.41
CA ILE M 128 81.70 -34.03 -18.33
C ILE M 128 82.15 -33.24 -17.11
N GLN M 129 82.68 -33.94 -16.11
CA GLN M 129 82.97 -33.31 -14.83
C GLN M 129 84.41 -32.79 -14.83
N ASN M 130 84.89 -32.40 -13.64
CA ASN M 130 86.16 -31.68 -13.55
C ASN M 130 87.33 -32.55 -14.00
N THR M 131 87.36 -33.80 -13.53
CA THR M 131 88.50 -34.68 -13.81
C THR M 131 88.67 -34.96 -15.30
N GLY M 132 87.62 -34.80 -16.09
CA GLY M 132 87.67 -35.09 -17.50
C GLY M 132 86.95 -36.35 -17.92
N ARG M 133 86.13 -36.94 -17.05
CA ARG M 133 85.39 -38.14 -17.34
C ARG M 133 83.90 -37.82 -17.35
N ARG M 134 83.09 -38.82 -17.68
CA ARG M 134 81.65 -38.64 -17.81
C ARG M 134 80.94 -39.25 -16.62
N LYS M 135 80.03 -38.49 -16.01
CA LYS M 135 79.30 -38.93 -14.84
C LYS M 135 78.39 -40.11 -15.19
N GLY M 136 78.21 -41.00 -14.22
CA GLY M 136 77.32 -42.13 -14.42
C GLY M 136 75.87 -41.70 -14.43
N ASN M 137 75.18 -42.00 -15.52
CA ASN M 137 73.79 -41.59 -15.66
C ASN M 137 72.89 -42.38 -14.72
N THR M 138 71.92 -41.69 -14.12
CA THR M 138 71.00 -42.30 -13.18
C THR M 138 69.56 -42.07 -13.63
N TYR M 139 68.73 -43.08 -13.42
CA TYR M 139 67.33 -43.04 -13.81
C TYR M 139 66.49 -43.53 -12.64
N THR M 140 65.23 -43.12 -12.61
CA THR M 140 64.34 -43.44 -11.50
C THR M 140 63.05 -44.09 -12.01
N PHE M 141 62.56 -45.07 -11.26
CA PHE M 141 61.30 -45.75 -11.52
C PHE M 141 60.40 -45.60 -10.32
N VAL M 142 59.10 -45.79 -10.54
CA VAL M 142 58.12 -45.87 -9.47
C VAL M 142 57.22 -47.07 -9.73
N PHE M 143 57.02 -47.90 -8.71
CA PHE M 143 56.23 -49.12 -8.85
C PHE M 143 55.15 -49.16 -7.79
N GLY M 144 54.15 -50.00 -8.01
CA GLY M 144 53.05 -50.10 -7.09
C GLY M 144 52.63 -51.52 -6.72
N SER M 145 53.41 -52.53 -7.13
CA SER M 145 53.10 -53.92 -6.83
C SER M 145 54.36 -54.63 -6.37
N TYR M 146 54.16 -55.71 -5.61
CA TYR M 146 55.22 -56.31 -4.80
C TYR M 146 55.21 -57.82 -4.95
N LEU M 147 56.39 -58.41 -4.75
CA LEU M 147 56.58 -59.85 -4.64
C LEU M 147 58.00 -60.07 -4.13
N GLY M 148 58.46 -61.32 -4.18
CA GLY M 148 59.82 -61.66 -3.80
C GLY M 148 59.92 -63.04 -3.20
N ALA M 149 60.84 -63.86 -3.73
CA ALA M 149 61.07 -65.22 -3.27
C ALA M 149 62.55 -65.34 -2.95
N GLN M 150 62.90 -65.00 -1.70
CA GLN M 150 64.29 -64.90 -1.29
C GLN M 150 64.88 -66.23 -0.82
N THR M 151 64.33 -67.35 -1.25
CA THR M 151 64.90 -68.66 -0.98
C THR M 151 65.06 -69.42 -2.29
N ALA M 152 66.30 -69.74 -2.63
CA ALA M 152 66.59 -70.52 -3.84
C ALA M 152 67.95 -71.19 -3.74
N MET N 1 11.42 34.82 46.22
CA MET N 1 11.68 34.84 44.79
C MET N 1 11.64 33.41 44.28
N ALA N 2 12.43 32.57 44.93
CA ALA N 2 12.26 31.14 44.86
C ALA N 2 11.33 30.63 45.96
N ASN N 3 10.78 31.54 46.76
CA ASN N 3 9.85 31.16 47.81
C ASN N 3 8.54 30.65 47.21
N TYR N 4 7.92 29.72 47.92
CA TYR N 4 6.65 29.13 47.53
C TYR N 4 5.66 29.27 48.67
N ASN N 5 4.39 29.42 48.34
CA ASN N 5 3.32 29.37 49.33
C ASN N 5 2.83 27.93 49.40
N TYR N 6 3.56 27.12 50.16
CA TYR N 6 3.22 25.70 50.27
C TYR N 6 2.15 25.41 51.31
N ILE N 7 1.65 26.43 52.01
CA ILE N 7 0.51 26.29 52.90
C ILE N 7 -0.69 26.88 52.19
N VAL N 8 -1.70 26.04 51.93
CA VAL N 8 -2.87 26.44 51.17
C VAL N 8 -4.13 26.02 51.94
N ASP N 9 -5.28 26.27 51.33
CA ASP N 9 -6.55 25.86 51.93
C ASP N 9 -6.61 24.36 52.12
N THR N 10 -5.96 23.60 51.23
CA THR N 10 -6.02 22.15 51.29
C THR N 10 -5.16 21.58 52.42
N GLY N 11 -3.94 22.11 52.59
CA GLY N 11 -3.04 21.62 53.60
C GLY N 11 -1.64 22.18 53.45
N VAL N 12 -0.64 21.32 53.60
CA VAL N 12 0.77 21.70 53.45
C VAL N 12 1.41 20.83 52.37
N ILE N 13 2.20 21.47 51.52
CA ILE N 13 2.85 20.80 50.40
C ILE N 13 4.33 20.68 50.72
N VAL N 14 4.83 19.45 50.76
CA VAL N 14 6.23 19.19 51.06
C VAL N 14 6.93 18.85 49.76
N ALA N 15 7.96 19.63 49.42
CA ALA N 15 8.67 19.50 48.17
C ALA N 15 9.71 18.40 48.26
N ASP N 16 10.38 18.14 47.14
CA ASP N 16 11.52 17.23 47.10
C ASP N 16 12.81 18.03 47.04
N THR N 17 13.85 17.50 47.66
CA THR N 17 15.04 18.30 47.93
C THR N 17 15.77 18.70 46.65
N ALA N 18 15.54 17.99 45.54
CA ALA N 18 16.08 18.44 44.27
C ALA N 18 15.55 19.82 43.91
N ASP N 19 14.25 20.04 44.11
CA ASP N 19 13.64 21.31 43.75
C ASP N 19 14.15 22.45 44.63
N VAL N 20 14.16 22.24 45.94
CA VAL N 20 14.64 23.30 46.84
C VAL N 20 16.12 23.56 46.61
N LEU N 21 16.89 22.52 46.31
CA LEU N 21 18.32 22.71 46.05
C LEU N 21 18.53 23.53 44.78
N SER N 22 17.75 23.25 43.74
CA SER N 22 17.83 24.05 42.52
C SER N 22 17.44 25.50 42.80
N ASP N 23 16.41 25.71 43.61
CA ASP N 23 16.00 27.08 43.94
C ASP N 23 17.11 27.81 44.70
N VAL N 24 17.75 27.14 45.66
CA VAL N 24 18.81 27.79 46.42
C VAL N 24 20.00 28.11 45.53
N GLU N 25 20.35 27.19 44.62
CA GLU N 25 21.43 27.47 43.68
C GLU N 25 21.10 28.67 42.80
N ALA N 26 19.84 28.77 42.35
CA ALA N 26 19.43 29.94 41.59
C ALA N 26 19.56 31.21 42.42
N GLU N 27 19.17 31.15 43.68
CA GLU N 27 19.28 32.33 44.55
C GLU N 27 20.73 32.79 44.67
N PHE N 28 21.65 31.86 44.91
CA PHE N 28 23.04 32.27 45.08
C PHE N 28 23.67 32.70 43.76
N ARG N 29 23.26 32.10 42.64
CA ARG N 29 23.76 32.56 41.35
C ARG N 29 23.30 33.99 41.07
N ALA N 30 22.04 34.30 41.38
CA ALA N 30 21.58 35.67 41.25
C ALA N 30 22.29 36.61 42.23
N ALA N 31 22.68 36.09 43.40
CA ALA N 31 23.39 36.92 44.36
C ALA N 31 24.79 37.27 43.87
N LEU N 32 25.55 36.29 43.41
CA LEU N 32 26.96 36.50 43.11
C LEU N 32 27.23 36.71 41.62
N GLY N 33 26.93 35.74 40.79
CA GLY N 33 27.26 35.83 39.39
C GLY N 33 26.85 34.55 38.68
N ALA N 34 26.35 34.74 37.45
CA ALA N 34 25.73 33.64 36.72
C ALA N 34 26.71 32.57 36.28
N ASN N 35 27.97 32.65 36.69
CA ASN N 35 28.98 31.67 36.31
C ASN N 35 29.83 31.28 37.52
N ILE N 36 29.18 31.06 38.65
CA ILE N 36 29.86 30.76 39.90
C ILE N 36 30.06 29.25 40.01
N ASN N 37 30.98 28.85 40.87
CA ASN N 37 31.27 27.44 41.13
C ASN N 37 30.60 27.03 42.43
N LEU N 38 29.66 26.09 42.35
CA LEU N 38 28.88 25.63 43.49
C LEU N 38 29.05 24.12 43.63
N ALA N 39 30.10 23.72 44.36
CA ALA N 39 30.39 22.31 44.60
C ALA N 39 30.65 22.11 46.08
N ALA N 40 30.89 20.85 46.45
CA ALA N 40 31.07 20.51 47.86
C ALA N 40 32.33 21.17 48.43
N SER N 41 33.41 21.18 47.65
CA SER N 41 34.70 21.63 48.17
C SER N 41 34.71 23.14 48.41
N THR N 42 34.14 23.91 47.49
CA THR N 42 34.20 25.36 47.60
C THR N 42 33.32 25.86 48.75
N PRO N 43 33.73 26.95 49.41
CA PRO N 43 32.97 27.41 50.59
C PRO N 43 31.52 27.78 50.31
N GLN N 44 31.26 28.54 49.25
CA GLN N 44 29.88 28.92 48.96
C GLN N 44 29.02 27.69 48.69
N GLY N 45 29.62 26.60 48.18
CA GLY N 45 28.87 25.36 48.05
C GLY N 45 28.44 24.80 49.39
N SER N 46 29.30 24.89 50.39
CA SER N 46 28.93 24.50 51.74
C SER N 46 27.81 25.39 52.27
N LEU N 47 27.84 26.68 51.93
CA LEU N 47 26.73 27.57 52.31
C LEU N 47 25.43 27.15 51.64
N VAL N 48 25.49 26.76 50.36
CA VAL N 48 24.31 26.25 49.67
C VAL N 48 23.75 25.04 50.40
N ALA N 49 24.63 24.10 50.75
CA ALA N 49 24.17 22.88 51.41
C ALA N 49 23.53 23.19 52.75
N ALA N 50 24.15 24.08 53.54
CA ALA N 50 23.59 24.44 54.83
C ALA N 50 22.22 25.07 54.68
N GLU N 51 22.09 25.99 53.71
CA GLU N 51 20.81 26.66 53.50
C GLU N 51 19.73 25.68 53.07
N ALA N 52 20.06 24.76 52.16
CA ALA N 52 19.07 23.79 51.71
C ALA N 52 18.64 22.88 52.85
N ILE N 53 19.58 22.43 53.67
CA ILE N 53 19.22 21.58 54.80
C ILE N 53 18.28 22.33 55.74
N ALA N 54 18.61 23.58 56.06
CA ALA N 54 17.77 24.34 56.97
C ALA N 54 16.36 24.51 56.41
N ARG N 55 16.26 24.86 55.12
CA ARG N 55 14.95 25.12 54.52
C ARG N 55 14.10 23.86 54.48
N SER N 56 14.66 22.75 54.00
CA SER N 56 13.87 21.53 53.93
C SER N 56 13.47 21.05 55.33
N SER N 57 14.39 21.15 56.30
CA SER N 57 14.09 20.71 57.64
C SER N 57 12.95 21.52 58.25
N VAL N 58 13.00 22.84 58.10
CA VAL N 58 11.95 23.67 58.71
C VAL N 58 10.62 23.42 58.03
N MET N 59 10.62 23.24 56.71
CA MET N 59 9.36 22.96 56.03
C MET N 59 8.77 21.64 56.51
N ARG N 60 9.57 20.59 56.61
CA ARG N 60 9.06 19.30 57.06
C ARG N 60 8.57 19.38 58.50
N ASN N 61 9.28 20.13 59.34
CA ASN N 61 8.90 20.25 60.75
C ASN N 61 7.55 20.95 60.87
N GLU N 62 7.32 22.00 60.07
CA GLU N 62 6.01 22.63 60.07
C GLU N 62 4.94 21.68 59.55
N ALA N 63 5.25 20.94 58.48
CA ALA N 63 4.26 20.05 57.90
C ALA N 63 3.81 18.95 58.84
N ARG N 64 4.73 18.42 59.66
CA ARG N 64 4.36 17.32 60.55
C ARG N 64 3.32 17.74 61.58
N ILE N 65 3.33 19.00 62.00
CA ILE N 65 2.47 19.47 63.09
C ILE N 65 1.33 20.29 62.51
N ALA N 66 0.99 20.02 61.24
CA ALA N 66 -0.02 20.81 60.55
C ALA N 66 -1.41 20.63 61.15
N ASN N 67 -1.84 19.38 61.32
CA ASN N 67 -3.19 19.08 61.77
C ASN N 67 -3.11 18.14 62.97
N THR N 68 -3.29 18.69 64.17
CA THR N 68 -2.90 17.96 65.37
C THR N 68 -4.05 17.77 66.34
N ILE N 69 -4.97 18.72 66.43
CA ILE N 69 -6.06 18.60 67.40
C ILE N 69 -7.14 17.66 66.90
N ASN N 70 -6.99 17.14 65.68
CA ASN N 70 -7.77 15.98 65.29
C ASN N 70 -7.32 14.78 66.11
N PRO N 71 -8.21 13.87 66.47
CA PRO N 71 -7.82 12.73 67.30
C PRO N 71 -7.03 11.64 66.58
N ASN N 72 -6.43 11.93 65.43
CA ASN N 72 -5.62 10.90 64.78
C ASN N 72 -4.16 10.92 65.26
N VAL N 73 -3.63 12.09 65.62
CA VAL N 73 -2.19 12.27 65.87
C VAL N 73 -1.73 11.53 67.12
N SER N 74 -0.43 11.53 67.36
CA SER N 74 0.17 10.76 68.44
C SER N 74 1.27 11.57 69.12
N PHE N 75 1.96 10.92 70.06
CA PHE N 75 3.22 11.39 70.66
C PHE N 75 3.06 12.73 71.37
N GLY N 76 2.34 12.69 72.48
CA GLY N 76 2.30 13.80 73.40
C GLY N 76 1.16 14.77 73.18
N THR N 77 1.07 15.35 71.98
CA THR N 77 -0.04 16.24 71.66
C THR N 77 -1.36 15.51 71.78
N PHE N 78 -1.41 14.29 71.25
CA PHE N 78 -2.58 13.43 71.42
C PHE N 78 -2.86 13.16 72.89
N LEU N 79 -1.81 13.04 73.70
CA LEU N 79 -2.02 12.84 75.13
C LEU N 79 -2.70 14.06 75.76
N ASP N 80 -2.32 15.27 75.32
CA ASP N 80 -3.02 16.45 75.82
C ASP N 80 -4.48 16.46 75.39
N ALA N 81 -4.76 16.12 74.14
CA ALA N 81 -6.15 16.05 73.70
C ALA N 81 -6.92 15.04 74.53
N ILE N 82 -6.29 13.93 74.89
CA ILE N 82 -6.97 12.93 75.71
C ILE N 82 -7.21 13.46 77.12
N CYS N 83 -6.18 14.01 77.76
CA CYS N 83 -6.32 14.38 79.16
C CYS N 83 -7.19 15.61 79.33
N ALA N 84 -7.48 16.32 78.24
CA ALA N 84 -8.54 17.32 78.29
C ALA N 84 -9.83 16.71 78.82
N LEU N 85 -10.07 15.43 78.52
CA LEU N 85 -11.15 14.67 79.14
C LEU N 85 -10.65 13.85 80.33
N MET N 86 -9.78 12.89 80.06
CA MET N 86 -9.24 11.96 81.06
C MET N 86 -8.22 11.07 80.37
N GLY N 87 -7.12 10.79 81.05
CA GLY N 87 -6.09 9.92 80.50
C GLY N 87 -4.77 10.03 81.25
N ILE N 88 -4.08 8.91 81.40
CA ILE N 88 -2.80 8.87 82.10
C ILE N 88 -1.74 8.38 81.11
N GLU N 89 -0.48 8.64 81.46
CA GLU N 89 0.66 8.23 80.65
C GLU N 89 1.75 7.74 81.61
N ARG N 90 2.99 7.68 81.11
CA ARG N 90 4.10 7.08 81.84
C ARG N 90 3.80 5.61 82.09
N GLY N 91 3.42 5.26 83.33
CA GLY N 91 3.05 3.90 83.64
C GLY N 91 4.09 2.86 83.29
N SER N 92 5.36 3.22 83.39
CA SER N 92 6.47 2.30 83.08
C SER N 92 7.21 2.05 84.39
N ASP N 93 6.77 1.03 85.12
CA ASP N 93 7.38 0.61 86.36
C ASP N 93 7.91 -0.81 86.21
N LEU N 94 8.59 -1.28 87.26
CA LEU N 94 9.07 -2.65 87.31
C LEU N 94 8.91 -3.17 88.72
N SER N 95 8.56 -4.45 88.84
CA SER N 95 8.15 -4.98 90.13
C SER N 95 9.34 -5.18 91.06
N THR N 96 9.90 -4.08 91.54
CA THR N 96 10.92 -4.15 92.59
C THR N 96 10.32 -4.77 93.84
N PHE N 97 11.03 -5.75 94.41
CA PHE N 97 10.51 -6.52 95.52
C PHE N 97 11.24 -6.18 96.83
N GLY N 98 10.94 -6.96 97.86
CA GLY N 98 11.67 -6.90 99.11
C GLY N 98 11.57 -8.25 99.79
N TYR N 99 12.46 -8.47 100.75
CA TYR N 99 12.49 -9.71 101.54
C TYR N 99 12.69 -10.95 100.66
N GLY N 100 13.88 -11.04 100.05
CA GLY N 100 14.26 -12.26 99.39
C GLY N 100 14.81 -13.29 100.36
N VAL N 101 15.23 -14.44 99.83
CA VAL N 101 15.87 -15.49 100.62
C VAL N 101 17.16 -15.90 99.93
N GLN N 102 18.26 -15.87 100.67
CA GLN N 102 19.56 -16.31 100.17
C GLN N 102 20.23 -17.17 101.23
N VAL N 103 20.43 -18.45 100.91
CA VAL N 103 21.20 -19.36 101.74
C VAL N 103 22.54 -19.60 101.08
N THR N 104 23.61 -19.16 101.74
CA THR N 104 24.94 -19.16 101.16
C THR N 104 25.93 -19.58 102.22
N GLY N 105 27.22 -19.38 101.94
CA GLY N 105 28.28 -19.73 102.87
C GLY N 105 28.37 -18.76 104.03
N ARG N 106 29.56 -18.58 104.59
CA ARG N 106 29.75 -17.77 105.78
C ARG N 106 30.53 -16.52 105.44
N SER N 107 29.98 -15.37 105.84
CA SER N 107 30.66 -14.07 105.79
C SER N 107 31.20 -13.78 104.39
N GLN N 108 30.32 -13.90 103.40
CA GLN N 108 30.69 -13.66 102.01
C GLN N 108 29.74 -12.64 101.40
N THR N 109 30.22 -12.01 100.32
CA THR N 109 29.53 -10.89 99.69
C THR N 109 28.96 -11.32 98.34
N ARG N 110 27.70 -11.00 98.11
CA ARG N 110 27.04 -11.23 96.82
C ARG N 110 27.13 -9.96 95.98
N ILE N 111 27.89 -10.03 94.88
CA ILE N 111 28.12 -8.86 94.04
C ILE N 111 26.83 -8.45 93.35
N SER N 112 26.70 -7.14 93.10
CA SER N 112 25.47 -6.57 92.59
C SER N 112 25.19 -7.00 91.14
N THR N 113 23.95 -6.81 90.73
CA THR N 113 23.47 -7.13 89.37
C THR N 113 23.62 -8.61 89.04
N GLY N 114 23.57 -9.45 90.07
CA GLY N 114 23.49 -10.88 89.84
C GLY N 114 22.21 -11.24 89.11
N SER N 115 22.30 -12.27 88.29
CA SER N 115 21.18 -12.66 87.43
C SER N 115 20.39 -13.79 88.08
N ARG N 116 19.08 -13.63 88.10
CA ARG N 116 18.19 -14.57 88.75
C ARG N 116 17.16 -15.02 87.73
N VAL N 117 16.87 -16.32 87.69
CA VAL N 117 15.92 -16.85 86.74
C VAL N 117 14.90 -17.70 87.48
N GLN N 118 13.68 -17.72 86.94
CA GLN N 118 12.57 -18.46 87.50
C GLN N 118 11.92 -19.29 86.40
N THR N 119 11.02 -20.18 86.80
CA THR N 119 10.74 -21.38 86.02
C THR N 119 10.43 -21.17 84.53
N PRO N 120 9.65 -20.15 84.11
CA PRO N 120 9.42 -20.00 82.67
C PRO N 120 10.55 -19.28 81.96
N ALA N 121 11.70 -19.18 82.62
CA ALA N 121 12.90 -18.53 82.09
C ALA N 121 12.68 -17.02 81.89
N GLY N 122 12.47 -16.32 83.00
CA GLY N 122 12.55 -14.87 83.01
C GLY N 122 13.75 -14.41 83.83
N ALA N 123 14.40 -13.35 83.36
CA ALA N 123 15.64 -12.87 83.97
C ALA N 123 15.33 -11.75 84.96
N ILE N 124 15.90 -11.86 86.16
CA ILE N 124 15.69 -10.91 87.25
C ILE N 124 17.06 -10.56 87.82
N PHE N 125 17.25 -9.29 88.17
CA PHE N 125 18.53 -8.79 88.67
C PHE N 125 18.40 -8.35 90.12
N THR N 126 19.40 -8.70 90.93
CA THR N 126 19.46 -8.22 92.31
C THR N 126 19.84 -6.74 92.34
N VAL N 127 19.59 -6.10 93.47
CA VAL N 127 19.71 -4.65 93.56
C VAL N 127 20.91 -4.23 94.41
N MET N 128 20.87 -4.58 95.69
CA MET N 128 21.88 -4.10 96.65
C MET N 128 22.77 -5.25 97.10
N SER N 129 24.07 -5.01 97.09
CA SER N 129 25.05 -5.96 97.57
C SER N 129 24.92 -6.15 99.07
N ASP N 130 25.08 -7.39 99.52
CA ASP N 130 24.86 -7.71 100.92
C ASP N 130 25.75 -8.87 101.32
N VAL N 131 26.02 -8.94 102.63
CA VAL N 131 26.82 -10.01 103.19
C VAL N 131 25.87 -11.04 103.79
N THR N 132 26.43 -12.20 104.16
CA THR N 132 25.66 -13.31 104.72
C THR N 132 26.05 -13.52 106.16
N ILE N 133 25.04 -13.69 107.02
CA ILE N 133 25.25 -14.02 108.43
C ILE N 133 25.72 -15.47 108.52
N PRO N 134 26.44 -15.85 109.59
CA PRO N 134 26.93 -17.24 109.67
C PRO N 134 25.84 -18.28 109.74
N ALA N 135 24.61 -17.91 110.10
CA ALA N 135 23.54 -18.89 110.15
C ALA N 135 23.23 -19.45 108.76
N GLY N 136 23.22 -18.58 107.75
CA GLY N 136 22.95 -19.03 106.39
C GLY N 136 21.62 -18.58 105.83
N GLY N 137 21.21 -17.35 106.10
CA GLY N 137 20.03 -16.81 105.47
C GLY N 137 19.98 -15.29 105.49
N VAL N 138 19.77 -14.67 104.33
CA VAL N 138 19.61 -13.22 104.22
C VAL N 138 18.56 -12.91 103.16
N ALA N 139 18.31 -11.62 102.97
CA ALA N 139 17.27 -11.13 102.07
C ALA N 139 17.89 -10.19 101.04
N THR N 140 17.37 -10.23 99.81
CA THR N 140 17.86 -9.38 98.74
C THR N 140 16.71 -8.54 98.18
N ILE N 141 17.03 -7.72 97.19
CA ILE N 141 16.06 -6.92 96.46
C ILE N 141 16.19 -7.25 94.98
N ASP N 142 15.07 -7.54 94.33
CA ASP N 142 15.08 -7.96 92.94
C ASP N 142 14.44 -6.90 92.05
N ILE N 143 14.75 -7.01 90.76
CA ILE N 143 14.18 -6.17 89.72
C ILE N 143 14.50 -6.86 88.40
N LYS N 144 13.65 -6.66 87.41
CA LYS N 144 13.83 -7.31 86.12
C LYS N 144 14.61 -6.39 85.19
N SER N 145 14.71 -6.81 83.92
CA SER N 145 15.30 -5.96 82.90
C SER N 145 14.23 -5.16 82.17
N GLN N 146 13.24 -5.83 81.60
CA GLN N 146 12.16 -5.18 80.87
C GLN N 146 11.17 -4.54 81.85
N GLU N 147 10.60 -3.42 81.43
CA GLU N 147 9.72 -2.62 82.29
C GLU N 147 8.30 -3.15 82.30
N TYR N 148 8.13 -4.46 82.53
CA TYR N 148 6.84 -5.10 82.38
C TYR N 148 6.26 -5.49 83.73
N GLY N 149 4.93 -5.68 83.74
CA GLY N 149 4.24 -6.15 84.93
C GLY N 149 4.41 -7.64 85.14
N ASN N 150 5.66 -8.07 85.27
CA ASN N 150 5.97 -9.48 85.38
C ASN N 150 5.40 -10.07 86.68
N ILE N 151 5.03 -11.34 86.61
CA ILE N 151 4.53 -12.08 87.75
C ILE N 151 5.49 -13.22 88.03
N PRO N 152 6.06 -13.31 89.23
CA PRO N 152 6.99 -14.41 89.53
C PRO N 152 6.28 -15.66 90.02
N LEU N 153 6.55 -16.78 89.37
CA LEU N 153 5.98 -18.05 89.82
C LEU N 153 6.60 -18.43 91.16
N PRO N 154 5.80 -18.68 92.19
CA PRO N 154 6.36 -18.95 93.52
C PRO N 154 7.08 -20.28 93.62
N VAL N 155 8.28 -20.34 93.04
CA VAL N 155 9.14 -21.52 93.08
C VAL N 155 10.56 -21.05 93.42
N GLY N 156 11.35 -21.96 93.97
CA GLY N 156 12.77 -21.68 94.14
C GLY N 156 13.41 -21.35 92.81
N ASN N 157 14.20 -20.27 92.77
CA ASN N 157 14.77 -19.78 91.53
C ASN N 157 15.94 -20.65 91.10
N LEU N 158 16.67 -20.18 90.08
CA LEU N 158 17.89 -20.83 89.62
C LEU N 158 18.94 -19.76 89.35
N ILE N 159 20.20 -20.17 89.36
CA ILE N 159 21.31 -19.23 89.29
C ILE N 159 21.77 -19.12 87.83
N ILE N 160 21.86 -17.90 87.33
CA ILE N 160 22.37 -17.69 85.98
C ILE N 160 23.84 -17.31 86.05
N ILE N 161 24.15 -16.21 86.74
CA ILE N 161 25.52 -15.83 87.04
C ILE N 161 25.81 -16.25 88.48
N ASP N 162 26.85 -17.04 88.66
CA ASP N 162 27.10 -17.73 89.92
C ASP N 162 28.18 -17.02 90.71
N GLY N 163 27.88 -16.70 91.96
CA GLY N 163 28.90 -16.32 92.91
C GLY N 163 29.56 -17.55 93.49
N THR N 164 30.46 -17.33 94.43
CA THR N 164 31.20 -18.43 95.04
C THR N 164 30.41 -19.03 96.19
N ILE N 165 30.26 -20.36 96.16
CA ILE N 165 29.70 -21.18 97.24
C ILE N 165 28.36 -20.64 97.74
N GLY N 166 27.65 -19.90 96.89
CA GLY N 166 26.35 -19.40 97.25
C GLY N 166 25.26 -19.87 96.30
N TRP N 167 24.23 -20.55 96.83
CA TRP N 167 23.22 -21.16 95.98
C TRP N 167 21.80 -20.92 96.48
N SER N 168 20.83 -21.50 95.77
CA SER N 168 19.44 -21.62 96.21
C SER N 168 18.81 -20.26 96.50
N GLY N 169 18.61 -19.50 95.42
CA GLY N 169 17.70 -18.38 95.47
C GLY N 169 16.27 -18.88 95.57
N ALA N 170 15.64 -18.70 96.72
CA ALA N 170 14.36 -19.35 97.00
C ALA N 170 13.28 -18.32 97.27
N LYS N 171 12.04 -18.75 97.06
CA LYS N 171 10.88 -17.90 97.30
C LYS N 171 10.64 -17.68 98.79
N VAL N 172 9.72 -16.76 99.08
CA VAL N 172 9.14 -16.65 100.40
C VAL N 172 7.86 -15.83 100.26
N ILE N 173 6.84 -16.20 101.03
CA ILE N 173 5.59 -15.43 101.00
C ILE N 173 5.69 -14.15 101.80
N ALA N 174 6.66 -14.04 102.71
CA ALA N 174 6.86 -12.80 103.45
C ALA N 174 7.41 -11.68 102.58
N SER N 175 7.83 -11.98 101.35
CA SER N 175 8.35 -10.97 100.45
C SER N 175 7.26 -9.98 100.07
N THR N 176 7.55 -8.70 100.21
CA THR N 176 6.63 -7.67 99.72
C THR N 176 6.55 -7.77 98.20
N ARG N 177 5.32 -7.78 97.68
CA ARG N 177 5.09 -7.99 96.26
C ARG N 177 4.55 -6.68 95.70
N VAL N 178 5.21 -6.17 94.67
CA VAL N 178 4.80 -4.91 94.04
C VAL N 178 4.29 -5.23 92.64
N ASP N 179 3.06 -4.87 92.37
CA ASP N 179 2.53 -5.01 91.02
C ASP N 179 2.86 -3.75 90.22
N PRO N 180 3.64 -3.84 89.16
CA PRO N 180 4.04 -2.63 88.43
C PRO N 180 3.17 -2.32 87.24
N GLY N 181 2.94 -1.04 86.97
CA GLY N 181 2.35 -0.64 85.72
C GLY N 181 3.37 -0.72 84.60
N SER N 182 2.93 -1.24 83.46
CA SER N 182 3.83 -1.52 82.33
C SER N 182 3.27 -0.95 81.04
N ARG N 183 3.53 0.34 80.81
CA ARG N 183 3.30 1.00 79.52
C ARG N 183 1.97 0.56 78.90
N GLN N 184 0.92 0.57 79.72
CA GLN N 184 -0.31 -0.11 79.34
C GLN N 184 -0.97 0.49 78.10
N MET N 185 -1.02 1.81 77.98
CA MET N 185 -1.80 2.46 76.93
C MET N 185 -0.88 3.36 76.10
N SER N 186 -0.40 2.84 74.98
CA SER N 186 0.61 3.55 74.19
C SER N 186 -0.02 4.59 73.27
N ASP N 187 -0.73 4.14 72.23
CA ASP N 187 -1.27 5.10 71.26
C ASP N 187 -2.68 4.79 70.78
N ALA N 188 -3.09 3.53 70.69
CA ALA N 188 -4.31 3.16 69.98
C ALA N 188 -5.46 2.86 70.91
N GLU N 189 -5.19 2.22 72.04
CA GLU N 189 -6.24 2.02 73.03
C GLU N 189 -6.58 3.31 73.77
N LEU N 190 -5.80 4.38 73.61
CA LEU N 190 -6.29 5.70 73.98
C LEU N 190 -7.45 6.12 73.08
N LYS N 191 -7.33 5.85 71.77
CA LYS N 191 -8.46 6.08 70.87
C LYS N 191 -9.67 5.28 71.31
N ASN N 192 -9.46 4.04 71.75
CA ASN N 192 -10.58 3.20 72.17
C ASN N 192 -11.17 3.70 73.48
N ALA N 193 -10.35 4.27 74.36
CA ALA N 193 -10.88 4.93 75.54
C ALA N 193 -11.76 6.11 75.14
N ARG N 194 -11.33 6.88 74.14
CA ARG N 194 -12.17 7.98 73.65
C ARG N 194 -13.48 7.45 73.08
N VAL N 195 -13.41 6.37 72.31
CA VAL N 195 -14.60 5.80 71.70
C VAL N 195 -15.59 5.36 72.78
N ASN N 196 -15.08 4.66 73.80
CA ASN N 196 -15.94 4.19 74.88
C ASN N 196 -16.55 5.36 75.64
N ARG N 197 -15.75 6.39 75.93
CA ARG N 197 -16.28 7.54 76.66
C ARG N 197 -17.36 8.26 75.85
N LEU N 198 -17.14 8.45 74.55
CA LEU N 198 -18.14 9.10 73.72
C LEU N 198 -19.43 8.27 73.65
N ALA N 199 -19.30 6.95 73.50
CA ALA N 199 -20.48 6.10 73.47
C ALA N 199 -21.23 6.16 74.79
N ILE N 200 -20.52 6.16 75.91
CA ILE N 200 -21.15 6.26 77.22
C ILE N 200 -21.91 7.58 77.33
N GLN N 201 -21.27 8.67 76.90
CA GLN N 201 -21.88 9.99 77.03
C GLN N 201 -23.07 10.17 76.11
N GLY N 202 -23.10 9.49 74.95
CA GLY N 202 -24.13 9.75 73.98
C GLY N 202 -25.54 9.48 74.45
N ARG N 203 -25.74 8.40 75.20
CA ARG N 203 -27.08 7.91 75.48
C ARG N 203 -27.87 8.87 76.38
N ASN N 204 -29.18 8.69 76.38
CA ASN N 204 -30.08 9.36 77.30
C ASN N 204 -30.26 8.48 78.54
N SER N 205 -31.24 8.81 79.39
CA SER N 205 -31.49 7.95 80.55
C SER N 205 -32.10 6.61 80.14
N THR N 206 -33.01 6.62 79.18
CA THR N 206 -33.64 5.37 78.78
C THR N 206 -32.62 4.43 78.15
N MET N 207 -31.84 4.91 77.18
CA MET N 207 -30.82 4.08 76.55
C MET N 207 -29.78 3.60 77.56
N ALA N 208 -29.29 4.51 78.40
CA ALA N 208 -28.28 4.14 79.39
C ALA N 208 -28.82 3.11 80.37
N ILE N 209 -30.05 3.31 80.85
CA ILE N 209 -30.65 2.35 81.76
C ILE N 209 -30.75 0.99 81.10
N LYS N 210 -31.27 0.95 79.87
CA LYS N 210 -31.47 -0.33 79.19
C LYS N 210 -30.15 -1.07 79.03
N ALA N 211 -29.15 -0.38 78.47
CA ALA N 211 -27.87 -1.05 78.21
C ALA N 211 -27.16 -1.43 79.50
N TYR N 212 -27.08 -0.50 80.46
CA TYR N 212 -26.38 -0.76 81.72
C TYR N 212 -27.00 -1.91 82.47
N VAL N 213 -28.33 -1.96 82.58
CA VAL N 213 -28.95 -3.03 83.35
C VAL N 213 -28.99 -4.31 82.54
N SER N 214 -28.83 -4.21 81.22
CA SER N 214 -28.60 -5.42 80.45
C SER N 214 -27.19 -5.95 80.62
N ALA N 215 -26.26 -5.09 81.04
CA ALA N 215 -24.86 -5.47 81.18
C ALA N 215 -24.58 -6.37 82.38
N VAL N 216 -25.45 -6.38 83.39
CA VAL N 216 -25.24 -7.21 84.57
C VAL N 216 -25.41 -8.67 84.17
N PRO N 217 -24.78 -9.61 84.86
CA PRO N 217 -24.85 -11.01 84.42
C PRO N 217 -26.11 -11.70 84.89
N ASN N 218 -26.58 -12.65 84.07
CA ASN N 218 -27.75 -13.49 84.27
C ASN N 218 -29.07 -12.73 84.13
N VAL N 219 -29.03 -11.43 83.80
CA VAL N 219 -30.27 -10.70 83.58
C VAL N 219 -30.96 -11.21 82.33
N THR N 220 -32.28 -11.06 82.28
CA THR N 220 -33.08 -11.55 81.18
C THR N 220 -33.67 -10.43 80.33
N SER N 221 -34.43 -9.53 80.94
CA SER N 221 -35.02 -8.41 80.22
C SER N 221 -35.32 -7.29 81.21
N VAL N 222 -35.29 -6.06 80.72
CA VAL N 222 -35.56 -4.88 81.53
C VAL N 222 -36.50 -3.97 80.78
N ASN N 223 -37.59 -3.58 81.43
CA ASN N 223 -38.54 -2.64 80.87
C ASN N 223 -38.49 -1.36 81.68
N VAL N 224 -38.24 -0.24 81.02
CA VAL N 224 -38.14 1.06 81.67
C VAL N 224 -39.10 2.02 80.99
N ILE N 225 -39.87 2.74 81.79
CA ILE N 225 -40.81 3.73 81.28
C ILE N 225 -40.74 4.95 82.18
N GLU N 226 -41.22 6.07 81.67
CA GLU N 226 -41.19 7.35 82.36
C GLU N 226 -42.57 7.96 82.35
N ASN N 227 -43.06 8.36 83.53
CA ASN N 227 -44.47 8.73 83.69
C ASN N 227 -44.83 9.96 82.86
N ASN N 228 -43.98 10.98 82.90
CA ASN N 228 -44.12 12.18 82.07
C ASN N 228 -45.34 13.02 82.46
N THR N 229 -46.18 12.51 83.36
CA THR N 229 -47.28 13.26 83.95
C THR N 229 -47.50 12.76 85.36
N GLY N 230 -48.40 13.43 86.08
CA GLY N 230 -48.80 12.99 87.40
C GLY N 230 -50.00 12.07 87.34
N ALA N 231 -50.25 11.54 86.16
CA ALA N 231 -51.40 10.69 85.87
C ALA N 231 -50.93 9.28 85.53
N VAL N 232 -51.85 8.46 85.03
CA VAL N 232 -51.53 7.14 84.51
C VAL N 232 -51.46 7.22 82.99
N GLN N 233 -50.28 6.95 82.44
CA GLN N 233 -50.07 6.95 80.99
C GLN N 233 -49.97 5.53 80.46
N VAL N 234 -49.16 4.68 81.10
CA VAL N 234 -49.14 3.25 80.85
C VAL N 234 -49.39 2.44 82.12
N VAL N 235 -48.78 2.86 83.23
CA VAL N 235 -49.01 2.25 84.53
C VAL N 235 -49.25 3.35 85.55
N ASN N 236 -49.93 2.99 86.65
CA ASN N 236 -50.37 3.98 87.63
C ASN N 236 -49.22 4.49 88.49
N GLY N 237 -48.30 5.22 87.89
CA GLY N 237 -47.26 5.85 88.66
C GLY N 237 -47.62 7.27 89.04
N VAL N 238 -48.16 7.44 90.24
CA VAL N 238 -48.70 8.72 90.68
C VAL N 238 -48.07 9.01 92.03
N SER N 239 -47.06 8.21 92.39
CA SER N 239 -46.33 8.43 93.64
C SER N 239 -45.74 9.83 93.69
N PHE N 240 -44.83 10.13 92.77
CA PHE N 240 -44.26 11.46 92.60
C PHE N 240 -44.76 12.08 91.29
N THR N 241 -44.42 13.35 91.10
CA THR N 241 -44.90 14.06 89.92
C THR N 241 -44.15 13.62 88.65
N LEU N 242 -42.83 13.46 88.74
CA LEU N 242 -42.01 13.10 87.58
C LEU N 242 -40.96 12.05 87.94
N PRO N 243 -41.39 10.83 88.34
CA PRO N 243 -40.42 9.75 88.56
C PRO N 243 -39.87 9.16 87.29
N TYR N 244 -38.96 8.19 87.43
CA TYR N 244 -38.63 7.23 86.39
C TYR N 244 -38.96 5.84 86.90
N ALA N 245 -39.61 5.04 86.06
CA ALA N 245 -40.07 3.71 86.42
C ALA N 245 -39.14 2.67 85.83
N VAL N 246 -38.64 1.78 86.66
CA VAL N 246 -37.68 0.76 86.25
C VAL N 246 -38.17 -0.61 86.71
N TRP N 247 -38.34 -1.52 85.75
CA TRP N 247 -38.65 -2.91 86.06
C TRP N 247 -37.55 -3.79 85.50
N VAL N 248 -36.99 -4.64 86.35
CA VAL N 248 -35.89 -5.52 85.97
C VAL N 248 -36.33 -6.97 86.15
N CYS N 249 -36.20 -7.75 85.09
CA CYS N 249 -36.50 -9.17 85.12
C CYS N 249 -35.22 -9.97 85.00
N VAL N 250 -35.20 -11.14 85.65
CA VAL N 250 -33.99 -11.93 85.76
C VAL N 250 -34.37 -13.37 86.07
N ALA N 251 -33.42 -14.28 85.85
CA ALA N 251 -33.56 -15.69 86.21
C ALA N 251 -33.00 -16.00 87.60
N GLY N 252 -33.03 -15.04 88.51
CA GLY N 252 -32.59 -15.26 89.88
C GLY N 252 -31.80 -14.10 90.45
N ASN N 253 -31.15 -13.33 89.56
CA ASN N 253 -30.29 -12.21 89.92
C ASN N 253 -29.23 -12.66 90.92
N PRO N 254 -28.21 -13.40 90.47
CA PRO N 254 -27.17 -13.84 91.41
C PRO N 254 -26.48 -12.69 92.13
N ASP N 255 -26.43 -11.52 91.52
CA ASP N 255 -25.83 -10.33 92.13
C ASP N 255 -26.93 -9.30 92.35
N LYS N 256 -27.39 -9.21 93.60
CA LYS N 256 -28.35 -8.17 93.96
C LYS N 256 -27.75 -6.79 93.85
N GLN N 257 -26.49 -6.63 94.29
CA GLN N 257 -25.90 -5.29 94.37
C GLN N 257 -25.47 -4.79 93.01
N ALA N 258 -25.28 -5.69 92.04
CA ALA N 258 -24.81 -5.29 90.72
C ALA N 258 -25.82 -4.38 90.03
N VAL N 259 -27.11 -4.72 90.11
CA VAL N 259 -28.12 -3.90 89.45
C VAL N 259 -28.22 -2.54 90.10
N ALA N 260 -28.05 -2.47 91.42
CA ALA N 260 -28.01 -1.18 92.10
C ALA N 260 -26.83 -0.34 91.63
N ASP N 261 -25.66 -0.97 91.49
CA ASP N 261 -24.51 -0.24 90.97
C ASP N 261 -24.76 0.26 89.55
N ALA N 262 -25.36 -0.58 88.72
CA ALA N 262 -25.66 -0.18 87.35
C ALA N 262 -26.63 0.99 87.32
N LEU N 263 -27.67 0.94 88.15
CA LEU N 263 -28.62 2.05 88.22
C LEU N 263 -27.92 3.32 88.69
N TRP N 264 -27.04 3.21 89.67
CA TRP N 264 -26.26 4.36 90.10
C TRP N 264 -25.42 4.94 88.97
N ALA N 265 -24.79 4.09 88.15
CA ALA N 265 -23.98 4.59 87.05
C ALA N 265 -24.79 5.46 86.09
N ALA N 266 -26.10 5.27 86.03
CA ALA N 266 -26.98 6.04 85.16
C ALA N 266 -27.99 6.80 86.01
N HIS N 267 -27.61 7.99 86.47
CA HIS N 267 -28.51 8.89 87.18
C HIS N 267 -28.42 10.26 86.54
N ASN N 268 -29.55 10.95 86.45
CA ASN N 268 -29.67 12.12 85.59
C ASN N 268 -29.57 13.44 86.34
N GLY N 269 -29.30 13.41 87.64
CA GLY N 269 -29.01 14.61 88.38
C GLY N 269 -30.20 15.49 88.70
N GLY N 270 -31.40 15.14 88.24
CA GLY N 270 -32.56 15.94 88.54
C GLY N 270 -33.86 15.19 88.66
N THR N 271 -33.81 13.85 88.70
CA THR N 271 -35.03 13.05 88.63
C THR N 271 -35.06 12.02 89.75
N PRO N 272 -36.24 11.71 90.28
CA PRO N 272 -36.38 10.66 91.29
C PRO N 272 -36.67 9.30 90.64
N TRP N 273 -36.69 8.26 91.49
CA TRP N 273 -36.92 6.90 91.04
C TRP N 273 -38.23 6.30 91.55
N ASP N 274 -38.74 6.76 92.69
CA ASP N 274 -39.86 6.09 93.33
C ASP N 274 -41.08 6.07 92.41
N TYR N 275 -41.64 4.88 92.23
CA TYR N 275 -42.71 4.71 91.26
C TYR N 275 -43.72 3.72 91.82
N GLY N 276 -44.95 3.82 91.33
CA GLY N 276 -45.99 2.90 91.71
C GLY N 276 -46.76 3.36 92.93
N ALA N 277 -47.97 2.81 93.06
CA ALA N 277 -48.89 3.12 94.15
C ALA N 277 -49.30 1.83 94.86
N THR N 278 -48.28 1.06 95.26
CA THR N 278 -48.44 -0.24 95.93
C THR N 278 -49.17 -1.26 95.08
N ASN N 279 -49.38 -0.95 93.80
CA ASN N 279 -50.05 -1.87 92.88
C ASN N 279 -49.12 -2.41 91.81
N ASN N 280 -48.00 -1.76 91.56
CA ASN N 280 -47.05 -2.18 90.54
C ASN N 280 -46.22 -3.34 91.07
N GLY N 281 -45.08 -3.61 90.42
CA GLY N 281 -44.24 -4.69 90.86
C GLY N 281 -43.74 -4.48 92.29
N VAL N 282 -43.61 -5.58 93.00
CA VAL N 282 -43.11 -5.54 94.38
C VAL N 282 -41.60 -5.30 94.34
N PRO N 283 -41.12 -4.22 94.93
CA PRO N 283 -39.67 -3.98 94.96
C PRO N 283 -38.96 -5.02 95.81
N VAL N 284 -37.67 -5.22 95.52
CA VAL N 284 -36.88 -6.18 96.29
C VAL N 284 -36.84 -5.77 97.76
N ASP N 285 -36.54 -4.50 98.02
CA ASP N 285 -36.59 -3.96 99.37
C ASP N 285 -37.35 -2.65 99.37
N GLY N 286 -38.02 -2.37 100.48
CA GLY N 286 -38.97 -1.29 100.58
C GLY N 286 -38.37 0.10 100.42
N PRO N 287 -37.57 0.53 101.39
CA PRO N 287 -37.10 1.92 101.37
C PRO N 287 -35.95 2.18 100.42
N ASN N 288 -35.02 1.23 100.29
CA ASN N 288 -33.80 1.48 99.54
C ASN N 288 -33.20 0.15 99.11
N GLY N 289 -32.34 0.21 98.10
CA GLY N 289 -31.65 -0.96 97.60
C GLY N 289 -30.29 -1.17 98.21
N VAL N 290 -30.03 -0.45 99.31
CA VAL N 290 -28.79 -0.50 100.11
C VAL N 290 -27.58 -0.57 99.19
N PRO N 291 -27.25 0.52 98.50
CA PRO N 291 -26.18 0.48 97.50
C PRO N 291 -24.80 0.37 98.15
N VAL N 292 -23.80 0.36 97.28
CA VAL N 292 -22.43 0.65 97.70
C VAL N 292 -22.20 2.15 97.53
N ARG N 293 -21.49 2.75 98.48
CA ARG N 293 -21.46 4.20 98.62
C ARG N 293 -21.09 4.91 97.34
N ASP N 294 -19.85 4.74 96.87
CA ASP N 294 -19.44 5.31 95.59
C ASP N 294 -18.11 4.68 95.18
N PRO N 295 -17.99 4.15 93.97
CA PRO N 295 -16.68 3.65 93.53
C PRO N 295 -15.63 4.74 93.39
N ALA N 296 -16.02 6.02 93.31
CA ALA N 296 -15.09 7.11 93.06
C ALA N 296 -15.18 8.14 94.18
N SER N 297 -14.50 7.87 95.30
CA SER N 297 -14.26 8.81 96.39
C SER N 297 -15.49 9.68 96.68
N GLY N 298 -16.58 9.00 97.01
CA GLY N 298 -17.84 9.67 97.25
C GLY N 298 -18.47 9.18 98.53
N ARG N 299 -19.75 9.52 98.70
CA ARG N 299 -20.51 9.25 99.91
C ARG N 299 -21.68 8.32 99.59
N LYS N 300 -22.54 8.10 100.58
CA LYS N 300 -23.59 7.12 100.45
C LYS N 300 -24.86 7.76 99.91
N TYR N 301 -25.45 7.15 98.89
CA TYR N 301 -26.71 7.63 98.33
C TYR N 301 -27.77 6.54 98.46
N VAL N 302 -28.93 6.80 97.87
CA VAL N 302 -29.99 5.80 97.78
C VAL N 302 -30.52 5.76 96.35
N VAL N 303 -31.07 4.60 95.98
CA VAL N 303 -31.66 4.42 94.66
C VAL N 303 -32.73 3.34 94.80
N LYS N 304 -33.78 3.44 93.99
CA LYS N 304 -34.92 2.54 94.10
C LYS N 304 -35.26 1.93 92.75
N TRP N 305 -35.69 0.68 92.78
CA TRP N 305 -36.17 -0.02 91.60
C TRP N 305 -37.17 -1.08 92.05
N THR N 306 -37.76 -1.77 91.07
CA THR N 306 -38.75 -2.79 91.36
C THR N 306 -38.68 -3.89 90.30
N THR N 307 -39.18 -5.07 90.67
CA THR N 307 -39.23 -6.27 89.85
C THR N 307 -40.67 -6.59 89.46
N PRO N 308 -40.88 -7.23 88.31
CA PRO N 308 -42.24 -7.55 87.88
C PRO N 308 -42.87 -8.63 88.75
N ILE N 309 -44.20 -8.70 88.68
CA ILE N 309 -44.96 -9.68 89.44
C ILE N 309 -45.05 -10.98 88.65
N MET N 310 -44.63 -12.08 89.28
CA MET N 310 -44.53 -13.35 88.58
C MET N 310 -45.91 -13.91 88.26
N TYR N 311 -46.01 -14.61 87.13
CA TYR N 311 -47.23 -15.29 86.73
C TYR N 311 -46.87 -16.65 86.15
N ASP N 312 -47.90 -17.44 85.86
CA ASP N 312 -47.72 -18.72 85.17
C ASP N 312 -49.00 -19.04 84.40
N GLY N 313 -48.82 -19.49 83.15
CA GLY N 313 -49.94 -19.71 82.26
C GLY N 313 -50.03 -21.16 81.81
N TYR N 314 -51.26 -21.62 81.62
CA TYR N 314 -51.55 -22.99 81.22
C TYR N 314 -51.98 -22.99 79.76
N VAL N 315 -51.44 -23.92 78.97
CA VAL N 315 -51.75 -24.02 77.56
C VAL N 315 -52.30 -25.41 77.27
N ASN N 316 -53.37 -25.46 76.48
CA ASN N 316 -53.96 -26.71 76.02
C ASN N 316 -53.68 -26.86 74.53
N VAL N 317 -53.51 -28.09 74.08
CA VAL N 317 -53.33 -28.37 72.65
C VAL N 317 -54.06 -29.67 72.32
N THR N 318 -54.74 -29.67 71.18
CA THR N 318 -55.32 -30.86 70.58
C THR N 318 -54.69 -31.05 69.21
N VAL N 319 -54.20 -32.26 68.94
CA VAL N 319 -53.32 -32.47 67.81
C VAL N 319 -53.55 -33.87 67.23
N GLN N 320 -53.42 -33.98 65.91
CA GLN N 320 -53.49 -35.25 65.21
C GLN N 320 -52.09 -35.62 64.73
N GLN N 321 -51.70 -36.88 64.93
CA GLN N 321 -50.34 -37.29 64.62
C GLN N 321 -50.04 -37.13 63.13
N GLY N 322 -50.97 -37.49 62.28
CA GLY N 322 -50.83 -37.26 60.85
C GLY N 322 -50.22 -38.45 60.12
N SER N 323 -49.09 -38.22 59.45
CA SER N 323 -48.43 -39.24 58.64
C SER N 323 -47.00 -39.44 59.11
N SER N 324 -46.73 -39.10 60.36
CA SER N 324 -45.42 -39.26 60.96
C SER N 324 -45.59 -39.32 62.48
N SER N 325 -44.50 -39.62 63.17
CA SER N 325 -44.51 -39.80 64.62
C SER N 325 -43.81 -38.63 65.28
N VAL N 326 -44.45 -38.04 66.29
CA VAL N 326 -43.91 -36.89 67.01
C VAL N 326 -44.09 -37.16 68.52
N ALA N 327 -43.04 -36.89 69.28
CA ALA N 327 -43.06 -37.14 70.72
C ALA N 327 -43.77 -36.03 71.48
N PRO N 328 -44.61 -36.33 72.47
CA PRO N 328 -45.33 -35.25 73.19
C PRO N 328 -44.42 -34.41 74.06
N GLU N 329 -43.54 -35.04 74.84
CA GLU N 329 -42.59 -34.28 75.65
C GLU N 329 -41.68 -33.43 74.78
N ALA N 330 -41.39 -33.88 73.56
CA ALA N 330 -40.64 -33.04 72.63
C ALA N 330 -41.39 -31.76 72.32
N ILE N 331 -42.70 -31.86 72.10
CA ILE N 331 -43.51 -30.68 71.84
C ILE N 331 -43.53 -29.76 73.06
N GLN N 332 -43.65 -30.34 74.26
CA GLN N 332 -43.65 -29.52 75.46
C GLN N 332 -42.32 -28.80 75.65
N ASN N 333 -41.21 -29.49 75.37
CA ASN N 333 -39.90 -28.85 75.42
C ASN N 333 -39.79 -27.73 74.39
N ALA N 334 -40.34 -27.95 73.20
CA ALA N 334 -40.32 -26.90 72.18
C ALA N 334 -41.07 -25.66 72.65
N VAL N 335 -42.24 -25.86 73.26
CA VAL N 335 -43.00 -24.72 73.77
C VAL N 335 -42.22 -24.00 74.87
N VAL N 336 -41.60 -24.76 75.77
CA VAL N 336 -40.86 -24.13 76.86
C VAL N 336 -39.66 -23.36 76.33
N ASN N 337 -38.95 -23.92 75.34
CA ASN N 337 -37.84 -23.20 74.74
C ASN N 337 -38.29 -21.93 74.04
N TYR N 338 -39.44 -21.96 73.37
CA TYR N 338 -39.99 -20.72 72.83
C TYR N 338 -40.27 -19.72 73.94
N ALA N 339 -40.80 -20.20 75.07
CA ALA N 339 -41.11 -19.30 76.18
C ALA N 339 -39.86 -18.63 76.74
N GLN N 340 -38.76 -19.39 76.84
CA GLN N 340 -37.52 -18.80 77.33
C GLN N 340 -36.96 -17.77 76.36
N GLY N 341 -37.17 -18.00 75.06
CA GLY N 341 -36.76 -17.04 74.05
C GLY N 341 -35.48 -17.43 73.35
N LYS N 342 -35.20 -18.73 73.30
CA LYS N 342 -33.99 -19.24 72.69
C LYS N 342 -34.10 -19.41 71.18
N VAL N 343 -35.26 -19.12 70.60
CA VAL N 343 -35.44 -19.22 69.16
C VAL N 343 -35.16 -17.85 68.54
N GLU N 344 -34.37 -17.85 67.46
CA GLU N 344 -33.96 -16.61 66.84
C GLU N 344 -35.12 -15.93 66.13
N GLY N 345 -35.19 -14.61 66.29
CA GLY N 345 -36.22 -13.80 65.68
C GLY N 345 -37.34 -13.40 66.63
N GLU N 346 -37.60 -14.19 67.66
CA GLU N 346 -38.64 -13.91 68.63
C GLU N 346 -37.99 -13.71 70.00
N GLU N 347 -38.33 -12.59 70.65
CA GLU N 347 -37.67 -12.23 71.90
C GLU N 347 -38.15 -13.10 73.05
N GLY N 348 -39.45 -13.44 73.06
CA GLY N 348 -39.96 -14.36 74.06
C GLY N 348 -41.01 -13.76 74.98
N LEU N 349 -41.21 -14.39 76.13
CA LEU N 349 -42.18 -13.91 77.12
C LEU N 349 -41.45 -13.04 78.15
N VAL N 350 -41.09 -11.84 77.71
CA VAL N 350 -40.37 -10.88 78.54
C VAL N 350 -41.36 -10.10 79.39
N VAL N 351 -40.83 -9.32 80.35
CA VAL N 351 -41.67 -8.49 81.20
C VAL N 351 -42.61 -7.63 80.36
N GLY N 352 -43.88 -7.63 80.73
CA GLY N 352 -44.88 -6.88 79.99
C GLY N 352 -45.09 -7.37 78.57
N ALA N 353 -45.00 -8.68 78.35
CA ALA N 353 -45.22 -9.26 77.04
C ALA N 353 -46.27 -10.35 77.17
N SER N 354 -47.38 -10.17 76.46
CA SER N 354 -48.49 -11.11 76.54
C SER N 354 -48.14 -12.42 75.84
N LEU N 355 -49.11 -13.32 75.79
CA LEU N 355 -48.97 -14.59 75.09
C LEU N 355 -50.30 -14.99 74.48
N SER N 356 -50.24 -15.59 73.30
CA SER N 356 -51.42 -16.05 72.59
C SER N 356 -51.15 -17.43 72.01
N ALA N 357 -52.21 -18.24 71.94
CA ALA N 357 -52.06 -19.60 71.43
C ALA N 357 -51.63 -19.61 69.97
N PHE N 358 -51.85 -18.50 69.26
CA PHE N 358 -51.34 -18.40 67.90
C PHE N 358 -49.81 -18.42 67.87
N GLU N 359 -49.18 -17.72 68.82
CA GLU N 359 -47.72 -17.74 68.88
C GLU N 359 -47.18 -19.11 69.27
N VAL N 360 -47.87 -19.81 70.19
CA VAL N 360 -47.43 -21.15 70.57
C VAL N 360 -47.58 -22.11 69.39
N ALA N 361 -48.69 -21.99 68.65
CA ALA N 361 -48.87 -22.81 67.45
C ALA N 361 -47.81 -22.49 66.40
N GLY N 362 -47.43 -21.22 66.28
CA GLY N 362 -46.36 -20.86 65.37
C GLY N 362 -45.03 -21.44 65.79
N ALA N 363 -44.75 -21.44 67.10
CA ALA N 363 -43.54 -22.07 67.60
C ALA N 363 -43.51 -23.55 67.29
N ILE N 364 -44.65 -24.23 67.49
CA ILE N 364 -44.72 -25.65 67.14
C ILE N 364 -44.52 -25.85 65.64
N ALA N 365 -45.13 -24.99 64.83
CA ALA N 365 -45.04 -25.12 63.38
C ALA N 365 -43.60 -24.97 62.91
N ARG N 366 -42.89 -23.96 63.41
CA ARG N 366 -41.48 -23.82 63.05
C ARG N 366 -40.66 -24.99 63.57
N GLU N 367 -40.90 -25.40 64.81
CA GLU N 367 -40.05 -26.42 65.42
C GLU N 367 -40.31 -27.80 64.83
N ILE N 368 -41.57 -28.14 64.61
CA ILE N 368 -41.91 -29.44 64.02
C ILE N 368 -43.03 -29.28 63.01
N PRO N 369 -42.74 -29.27 61.72
CA PRO N 369 -43.77 -29.36 60.70
C PRO N 369 -44.23 -30.81 60.55
N GLY N 370 -45.05 -31.05 59.53
CA GLY N 370 -45.59 -32.38 59.31
C GLY N 370 -46.59 -32.79 60.36
N ILE N 371 -47.21 -31.82 61.03
CA ILE N 371 -48.15 -32.07 62.10
C ILE N 371 -49.38 -31.21 61.86
N TYR N 372 -50.54 -31.76 62.19
CA TYR N 372 -51.81 -31.05 62.09
C TYR N 372 -52.26 -30.68 63.50
N ILE N 373 -52.52 -29.39 63.71
CA ILE N 373 -52.94 -28.87 65.01
C ILE N 373 -54.43 -28.60 64.95
N LYS N 374 -55.18 -29.22 65.87
CA LYS N 374 -56.63 -29.02 65.90
C LYS N 374 -56.97 -27.73 66.63
N LEU N 375 -56.69 -27.66 67.93
CA LEU N 375 -56.98 -26.47 68.70
C LEU N 375 -55.91 -26.28 69.77
N CYS N 376 -55.50 -25.03 69.95
CA CYS N 376 -54.61 -24.66 71.03
C CYS N 376 -55.21 -23.44 71.73
N GLN N 377 -55.30 -23.50 73.05
CA GLN N 377 -55.87 -22.41 73.83
C GLN N 377 -54.96 -22.13 75.01
N VAL N 378 -55.04 -20.89 75.51
CA VAL N 378 -54.11 -20.39 76.51
C VAL N 378 -54.89 -19.84 77.69
N ALA N 379 -54.24 -19.80 78.84
CA ALA N 379 -54.81 -19.21 80.04
C ALA N 379 -53.66 -18.66 80.88
N CYS N 380 -54.01 -17.84 81.86
CA CYS N 380 -53.03 -17.32 82.79
C CYS N 380 -53.66 -17.19 84.16
N VAL N 381 -52.82 -17.22 85.20
CA VAL N 381 -53.27 -17.12 86.58
C VAL N 381 -52.06 -16.77 87.45
N ALA N 382 -52.34 -16.21 88.63
CA ALA N 382 -51.28 -15.77 89.51
C ALA N 382 -50.46 -16.96 90.00
N ALA N 383 -49.24 -16.67 90.44
CA ALA N 383 -48.28 -17.72 90.80
C ALA N 383 -48.74 -18.47 92.05
N GLY N 384 -48.65 -19.81 91.98
CA GLY N 384 -48.96 -20.67 93.09
C GLY N 384 -50.39 -21.18 93.14
N SER N 385 -51.28 -20.62 92.33
CA SER N 385 -52.68 -21.01 92.40
C SER N 385 -52.87 -22.45 91.89
N PRO N 386 -53.77 -23.21 92.50
CA PRO N 386 -54.09 -24.54 91.97
C PRO N 386 -54.60 -24.48 90.54
N ALA N 387 -54.77 -25.66 89.97
CA ALA N 387 -55.17 -25.75 88.57
C ALA N 387 -56.56 -25.16 88.38
N PRO N 388 -56.73 -24.22 87.45
CA PRO N 388 -58.05 -23.62 87.23
C PRO N 388 -58.97 -24.53 86.42
N ALA N 389 -60.24 -24.15 86.40
CA ALA N 389 -61.29 -24.94 85.77
C ALA N 389 -61.15 -24.91 84.25
N PRO N 390 -61.82 -25.82 83.55
CA PRO N 390 -61.77 -25.80 82.08
C PRO N 390 -62.27 -24.51 81.45
N GLY N 391 -63.11 -23.75 82.13
CA GLY N 391 -63.65 -22.54 81.53
C GLY N 391 -62.70 -21.36 81.53
N ASP N 392 -61.53 -21.50 82.12
CA ASP N 392 -60.61 -20.37 82.30
C ASP N 392 -59.68 -20.17 81.12
N PHE N 393 -59.87 -20.89 80.02
CA PHE N 393 -58.99 -20.76 78.87
C PHE N 393 -59.54 -19.76 77.86
N THR N 394 -58.64 -19.03 77.21
CA THR N 394 -59.02 -17.96 76.30
C THR N 394 -58.04 -18.00 75.12
N SER N 395 -58.45 -17.41 74.00
CA SER N 395 -57.59 -17.35 72.83
C SER N 395 -56.35 -16.50 73.07
N GLU N 396 -56.50 -15.38 73.77
CA GLU N 396 -55.38 -14.48 74.03
C GLU N 396 -55.53 -13.90 75.42
N TYR N 397 -54.40 -13.62 76.07
CA TYR N 397 -54.37 -13.06 77.41
C TYR N 397 -53.55 -11.77 77.39
N VAL N 398 -54.14 -10.66 77.83
CA VAL N 398 -53.41 -9.41 77.93
C VAL N 398 -52.73 -9.34 79.29
N MET N 399 -51.55 -8.73 79.34
CA MET N 399 -50.76 -8.70 80.56
C MET N 399 -50.30 -7.28 80.90
N SER N 400 -50.23 -6.99 82.19
CA SER N 400 -49.80 -5.70 82.68
C SER N 400 -48.29 -5.53 82.50
N ALA N 401 -47.84 -4.28 82.54
CA ALA N 401 -46.43 -3.98 82.29
C ALA N 401 -45.52 -4.61 83.33
N PHE N 402 -45.93 -4.58 84.61
CA PHE N 402 -45.16 -5.20 85.67
C PHE N 402 -45.51 -6.67 85.86
N GLY N 403 -46.00 -7.33 84.82
CA GLY N 403 -46.29 -8.74 84.88
C GLY N 403 -45.39 -9.55 83.98
N GLN N 404 -45.02 -10.76 84.41
CA GLN N 404 -44.13 -11.64 83.67
C GLN N 404 -44.67 -13.06 83.73
N ALA N 405 -44.64 -13.75 82.59
CA ALA N 405 -45.24 -15.06 82.47
C ALA N 405 -44.18 -16.16 82.53
N THR N 406 -44.58 -17.32 83.04
CA THR N 406 -43.70 -18.48 83.16
C THR N 406 -44.46 -19.71 82.69
N ILE N 407 -43.76 -20.62 82.00
CA ILE N 407 -44.32 -21.88 81.55
C ILE N 407 -43.40 -23.00 82.02
N SER N 408 -43.98 -24.09 82.54
CA SER N 408 -43.21 -25.22 83.01
C SER N 408 -43.52 -26.47 82.19
N VAL N 409 -42.69 -27.51 82.38
CA VAL N 409 -42.79 -28.71 81.55
C VAL N 409 -44.09 -29.45 81.83
N GLY N 410 -44.38 -29.72 83.11
CA GLY N 410 -45.61 -30.42 83.45
C GLY N 410 -46.84 -29.55 83.37
N ASN N 411 -46.66 -28.23 83.28
CA ASN N 411 -47.80 -27.33 83.13
C ASN N 411 -48.53 -27.57 81.82
N VAL N 412 -47.78 -27.78 80.75
CA VAL N 412 -48.38 -28.04 79.45
C VAL N 412 -48.98 -29.44 79.43
N ARG N 413 -50.18 -29.56 78.86
CA ARG N 413 -50.84 -30.85 78.69
C ARG N 413 -51.25 -31.01 77.25
N VAL N 414 -51.04 -32.20 76.69
CA VAL N 414 -51.33 -32.47 75.30
C VAL N 414 -52.39 -33.56 75.20
N THR N 415 -53.06 -33.61 74.05
CA THR N 415 -54.07 -34.63 73.77
C THR N 415 -53.86 -35.10 72.33
N PHE N 416 -53.53 -36.38 72.18
CA PHE N 416 -53.38 -37.00 70.86
C PHE N 416 -54.72 -37.51 70.36
N VAL N 417 -55.63 -36.58 70.09
CA VAL N 417 -56.99 -36.91 69.71
C VAL N 417 -57.00 -37.82 68.48
N LEU O 1 11.40 4.06 59.18
CA LEU O 1 12.54 3.40 59.82
C LEU O 1 13.91 4.00 59.50
N PRO O 2 14.21 4.33 58.24
CA PRO O 2 15.50 4.95 57.94
C PRO O 2 15.66 6.27 58.69
N ALA O 3 16.88 6.51 59.15
CA ALA O 3 17.14 7.66 60.01
C ALA O 3 16.99 8.97 59.25
N TYR O 4 16.64 10.03 59.98
CA TYR O 4 16.61 11.38 59.44
C TYR O 4 17.49 12.25 60.33
N ASN O 5 18.50 12.89 59.75
CA ASN O 5 19.49 13.63 60.51
C ASN O 5 19.12 15.12 60.63
N SER O 6 19.04 15.81 59.50
CA SER O 6 18.62 17.21 59.44
C SER O 6 19.38 18.09 60.42
N ASP O 7 20.70 18.12 60.25
CA ASP O 7 21.56 18.99 61.04
C ASP O 7 22.31 19.93 60.12
N ILE O 8 22.35 21.21 60.48
CA ILE O 8 22.98 22.21 59.64
C ILE O 8 24.49 21.98 59.57
N GLN O 9 25.08 21.54 60.68
CA GLN O 9 26.53 21.38 60.75
C GLN O 9 27.06 20.29 59.83
N GLN O 10 26.18 19.46 59.26
CA GLN O 10 26.64 18.43 58.35
C GLN O 10 27.17 19.00 57.04
N ALA O 11 26.89 20.28 56.76
CA ALA O 11 27.50 20.92 55.60
C ALA O 11 28.99 21.16 55.81
N LEU O 12 29.45 21.09 57.06
CA LEU O 12 30.86 21.31 57.36
C LEU O 12 31.67 20.05 57.09
N LYS O 13 32.76 20.18 56.34
CA LYS O 13 33.61 19.06 55.97
C LYS O 13 34.95 19.10 56.72
N TRP O 14 35.78 18.11 56.40
CA TRP O 14 37.05 17.89 57.08
C TRP O 14 38.11 18.94 56.76
N LEU O 15 38.12 19.46 55.55
CA LEU O 15 39.12 20.47 55.20
C LEU O 15 38.86 21.79 55.92
N HIS O 16 37.67 21.97 56.48
CA HIS O 16 37.40 23.08 57.40
C HIS O 16 37.73 22.71 58.83
N ASN O 17 38.95 22.23 59.06
CA ASN O 17 39.33 21.76 60.39
C ASN O 17 39.82 22.91 61.26
N GLN O 18 40.68 23.77 60.71
CA GLN O 18 41.28 24.87 61.45
C GLN O 18 40.88 26.21 60.84
N ALA O 19 39.62 26.30 60.39
CA ALA O 19 39.11 27.54 59.82
C ALA O 19 38.16 28.20 60.80
N PRO O 20 38.48 29.36 61.37
CA PRO O 20 37.56 29.98 62.32
C PRO O 20 36.36 30.64 61.66
N GLY O 21 36.52 31.31 60.53
CA GLY O 21 35.46 32.10 59.93
C GLY O 21 34.26 31.34 59.39
N ILE O 22 34.50 30.37 58.52
CA ILE O 22 33.39 29.63 57.92
C ILE O 22 32.70 28.74 58.96
N THR O 23 33.49 28.15 59.86
CA THR O 23 32.90 27.41 60.97
C THR O 23 32.06 28.33 61.83
N GLY O 24 32.51 29.56 62.04
CA GLY O 24 31.71 30.52 62.78
C GLY O 24 30.39 30.83 62.10
N LEU O 25 30.43 31.07 60.79
CA LEU O 25 29.21 31.36 60.06
C LEU O 25 28.19 30.23 60.23
N ILE O 26 28.62 28.99 59.95
CA ILE O 26 27.68 27.88 60.01
C ILE O 26 27.18 27.66 61.43
N GLN O 27 28.08 27.75 62.42
CA GLN O 27 27.67 27.53 63.81
C GLN O 27 26.67 28.58 64.26
N ARG O 28 26.90 29.85 63.92
CA ARG O 28 25.97 30.90 64.32
C ARG O 28 24.62 30.74 63.62
N LYS O 29 24.64 30.33 62.36
CA LYS O 29 23.38 30.03 61.67
C LYS O 29 22.63 28.91 62.38
N ALA O 30 23.35 27.86 62.78
CA ALA O 30 22.70 26.74 63.46
C ALA O 30 22.11 27.18 64.80
N GLN O 31 22.85 27.97 65.57
CA GLN O 31 22.30 28.47 66.83
C GLN O 31 21.07 29.33 66.59
N TRP O 32 21.09 30.17 65.55
CA TRP O 32 19.93 31.00 65.24
C TRP O 32 18.71 30.16 64.94
N TYR O 33 18.87 29.14 64.09
CA TYR O 33 17.74 28.29 63.77
C TYR O 33 17.28 27.47 64.98
N ASP O 34 18.21 26.97 65.78
CA ASP O 34 17.81 26.19 66.94
C ASP O 34 17.13 27.08 67.97
N ARG O 35 17.35 28.39 67.89
CA ARG O 35 16.61 29.31 68.74
C ARG O 35 15.20 29.55 68.21
N PHE O 36 15.08 29.87 66.93
CA PHE O 36 13.82 30.39 66.39
C PHE O 36 13.02 29.39 65.56
N SER O 37 13.35 28.10 65.59
CA SER O 37 12.60 27.17 64.77
C SER O 37 12.23 25.87 65.47
N ARG O 38 12.97 25.49 66.51
CA ARG O 38 12.69 24.27 67.26
C ARG O 38 12.38 24.55 68.72
N GLN O 39 13.23 25.31 69.40
CA GLN O 39 12.90 25.74 70.75
C GLN O 39 11.60 26.53 70.77
N PHE O 40 11.33 27.27 69.70
CA PHE O 40 10.09 28.02 69.60
C PHE O 40 8.89 27.08 69.57
N TRP O 41 8.97 26.01 68.79
CA TRP O 41 7.87 25.05 68.75
C TRP O 41 7.73 24.32 70.08
N ALA O 42 8.84 24.05 70.75
CA ALA O 42 8.77 23.42 72.07
C ALA O 42 8.04 24.32 73.06
N ASN O 43 8.39 25.60 73.08
CA ASN O 43 7.71 26.54 73.97
C ASN O 43 6.23 26.67 73.61
N TRP O 44 5.93 26.71 72.31
CA TRP O 44 4.55 26.82 71.87
C TRP O 44 3.73 25.61 72.31
N GLU O 45 4.30 24.42 72.18
CA GLU O 45 3.59 23.21 72.57
C GLU O 45 3.42 23.13 74.08
N ARG O 46 4.44 23.55 74.83
CA ARG O 46 4.34 23.56 76.28
C ARG O 46 3.29 24.56 76.76
N ASP O 47 3.10 25.65 75.99
CA ASP O 47 2.11 26.65 76.37
C ASP O 47 0.71 26.30 75.89
N VAL O 48 0.59 25.53 74.81
CA VAL O 48 -0.71 25.02 74.38
C VAL O 48 -1.24 23.97 75.37
N PHE O 49 -0.36 23.13 75.91
CA PHE O 49 -0.74 22.15 76.92
C PHE O 49 -1.56 22.81 78.02
N HIS O 50 -2.79 22.36 78.18
CA HIS O 50 -3.76 23.12 78.95
C HIS O 50 -3.52 22.98 80.45
N LEU O 51 -3.13 21.78 80.89
CA LEU O 51 -2.81 21.57 82.31
C LEU O 51 -1.70 22.47 82.79
N LYS O 52 -0.71 22.77 81.94
CA LYS O 52 0.40 23.63 82.32
C LYS O 52 0.44 24.92 81.53
N THR O 53 -0.71 25.40 81.04
CA THR O 53 -0.73 26.66 80.33
C THR O 53 -0.56 27.82 81.29
N ALA O 54 0.42 28.68 81.00
CA ALA O 54 0.63 29.90 81.77
C ALA O 54 0.57 31.15 80.92
N ASN O 55 0.98 31.06 79.66
CA ASN O 55 0.95 32.21 78.77
C ASN O 55 -0.48 32.67 78.57
N PRO O 56 -0.80 33.94 78.80
CA PRO O 56 -2.17 34.40 78.60
C PRO O 56 -2.66 34.29 77.16
N PHE O 57 -1.78 34.32 76.15
CA PHE O 57 -2.23 34.01 74.80
C PHE O 57 -2.90 32.65 74.73
N GLY O 58 -2.30 31.63 75.35
CA GLY O 58 -2.92 30.32 75.36
C GLY O 58 -4.27 30.34 76.04
N LEU O 59 -4.40 31.10 77.12
CA LEU O 59 -5.66 31.19 77.83
C LEU O 59 -6.75 31.83 76.97
N MET O 60 -6.42 32.93 76.28
CA MET O 60 -7.41 33.54 75.39
C MET O 60 -7.75 32.62 74.22
N VAL O 61 -6.76 31.91 73.69
CA VAL O 61 -7.02 30.95 72.61
C VAL O 61 -7.99 29.89 73.08
N TRP O 62 -7.81 29.39 74.30
CA TRP O 62 -8.73 28.38 74.81
C TRP O 62 -10.11 28.97 75.08
N CYS O 63 -10.16 30.25 75.46
CA CYS O 63 -11.45 30.92 75.59
C CYS O 63 -12.19 30.97 74.26
N ILE O 64 -11.47 31.28 73.18
CA ILE O 64 -12.08 31.32 71.86
C ILE O 64 -12.50 29.92 71.42
N ILE O 65 -11.67 28.92 71.69
CA ILE O 65 -11.96 27.55 71.24
C ILE O 65 -13.20 27.02 71.96
N LEU O 66 -13.28 27.23 73.28
CA LEU O 66 -14.41 26.74 74.06
C LEU O 66 -15.61 27.68 74.04
N GLY O 67 -15.42 28.93 73.62
CA GLY O 67 -16.52 29.86 73.50
C GLY O 67 -16.89 30.58 74.78
N THR O 68 -16.12 30.43 75.85
CA THR O 68 -16.43 31.13 77.10
C THR O 68 -16.09 32.62 76.97
N PRO O 69 -16.76 33.49 77.73
CA PRO O 69 -16.34 34.89 77.77
C PRO O 69 -14.97 35.04 78.42
N SER O 70 -14.26 36.10 78.02
CA SER O 70 -12.88 36.29 78.41
C SER O 70 -12.66 37.40 79.44
N LYS O 71 -13.47 38.46 79.42
CA LYS O 71 -13.08 39.52 80.36
C LYS O 71 -13.87 39.49 81.67
N GLY O 72 -14.17 38.31 82.17
CA GLY O 72 -14.51 38.16 83.56
C GLY O 72 -13.32 37.82 84.43
N PHE O 73 -12.12 37.72 83.85
CA PHE O 73 -10.94 37.21 84.52
C PHE O 73 -9.78 38.19 84.39
N GLY O 74 -8.88 38.17 85.38
CA GLY O 74 -7.66 38.92 85.31
C GLY O 74 -6.61 38.27 84.43
N LEU O 75 -5.81 39.07 83.74
CA LEU O 75 -4.88 38.54 82.74
C LEU O 75 -3.47 38.34 83.29
N TYR O 76 -2.82 39.40 83.74
CA TYR O 76 -1.40 39.32 84.08
C TYR O 76 -1.00 40.40 85.07
N PRO O 77 -0.06 40.13 85.96
CA PRO O 77 0.61 41.19 86.72
C PRO O 77 1.87 41.75 86.09
N LYS O 78 2.09 41.54 84.80
CA LYS O 78 3.33 41.88 84.12
C LYS O 78 3.47 43.40 83.96
N ASN O 79 4.67 43.84 83.58
CA ASN O 79 4.93 45.25 83.30
C ASN O 79 4.02 45.80 82.20
N SER O 80 3.52 44.93 81.31
CA SER O 80 2.53 45.38 80.33
C SER O 80 1.28 45.91 81.01
N SER O 81 1.00 45.48 82.25
CA SER O 81 -0.10 46.04 83.01
C SER O 81 0.18 47.50 83.37
N TRP O 82 -0.88 48.26 83.52
CA TRP O 82 -0.75 49.69 83.74
C TRP O 82 -0.17 49.99 85.12
N ALA O 83 0.55 51.11 85.21
CA ALA O 83 1.11 51.61 86.47
C ALA O 83 2.06 50.61 87.12
N PHE O 84 3.19 50.38 86.45
CA PHE O 84 4.23 49.51 86.98
C PHE O 84 5.58 49.98 86.46
N GLY O 85 6.64 49.54 87.14
CA GLY O 85 7.99 49.84 86.71
C GLY O 85 9.00 49.06 87.52
N ARG O 86 10.23 49.01 86.99
CA ARG O 86 11.32 48.38 87.74
C ARG O 86 11.68 49.22 88.97
N LEU O 87 11.49 50.53 88.90
CA LEU O 87 11.45 51.37 90.08
C LEU O 87 10.02 51.59 90.57
N ARG O 88 9.19 52.24 89.74
CA ARG O 88 7.78 52.57 90.01
C ARG O 88 7.58 53.22 91.37
N GLN O 89 8.64 53.75 91.98
CA GLN O 89 8.54 54.37 93.29
C GLN O 89 7.99 55.78 93.23
N ASN O 90 8.15 56.47 92.10
CA ASN O 90 7.72 57.84 91.98
C ASN O 90 6.20 57.94 91.90
N PHE O 91 5.69 59.16 92.08
CA PHE O 91 4.27 59.49 91.98
C PHE O 91 3.42 58.76 93.01
N ILE O 92 4.03 58.21 94.06
CA ILE O 92 3.29 57.47 95.08
C ILE O 92 3.56 58.08 96.43
N TYR O 93 2.70 57.76 97.38
CA TYR O 93 2.85 58.22 98.75
C TYR O 93 3.99 57.44 99.42
N SER O 94 5.19 58.00 99.39
CA SER O 94 6.43 57.25 99.60
C SER O 94 6.93 57.31 101.04
N GLY O 95 6.01 57.35 102.01
CA GLY O 95 6.38 57.44 103.41
C GLY O 95 6.57 58.86 103.90
N THR O 96 7.06 59.75 103.04
CA THR O 96 7.10 61.17 103.39
C THR O 96 5.70 61.78 103.39
N GLN O 97 4.84 61.34 102.47
CA GLN O 97 3.50 61.92 102.33
C GLN O 97 2.45 61.09 103.06
N VAL O 98 2.29 59.83 102.69
CA VAL O 98 1.38 58.91 103.36
C VAL O 98 2.02 57.52 103.36
N PRO O 99 2.24 56.90 104.52
CA PRO O 99 2.83 55.56 104.54
C PRO O 99 1.81 54.50 104.16
N PRO O 100 1.98 53.86 103.01
CA PRO O 100 0.96 52.94 102.49
C PRO O 100 1.24 51.52 102.93
N PRO O 101 0.23 50.64 102.87
CA PRO O 101 0.45 49.22 103.19
C PRO O 101 1.37 48.55 102.18
N ALA O 102 2.08 47.53 102.66
CA ALA O 102 3.02 46.77 101.86
C ALA O 102 2.51 45.41 101.42
N ASP O 103 1.55 44.83 102.16
CA ASP O 103 1.01 43.51 101.83
C ASP O 103 -0.07 43.65 100.75
N ALA O 104 0.38 44.08 99.58
CA ALA O 104 -0.49 44.22 98.42
C ALA O 104 0.34 44.04 97.16
N SER O 105 -0.34 43.76 96.05
CA SER O 105 0.34 43.62 94.79
C SER O 105 0.98 44.95 94.37
N PRO O 106 2.21 44.92 93.86
CA PRO O 106 2.88 46.17 93.51
C PRO O 106 2.14 46.94 92.43
N GLY O 107 2.27 48.26 92.48
CA GLY O 107 1.64 49.14 91.52
C GLY O 107 0.24 49.55 91.94
N GLY O 108 -0.41 50.32 91.06
CA GLY O 108 -1.78 50.75 91.28
C GLY O 108 -2.74 49.58 91.38
N ASN O 109 -3.54 49.55 92.45
CA ASN O 109 -4.41 48.41 92.71
C ASN O 109 -5.70 48.45 91.94
N PHE O 110 -5.83 49.32 90.92
CA PHE O 110 -7.00 49.30 90.07
C PHE O 110 -7.12 48.02 89.26
N TYR O 111 -6.00 47.34 88.98
CA TYR O 111 -6.04 46.02 88.37
C TYR O 111 -6.44 44.99 89.43
N GLY O 112 -7.37 44.12 89.05
CA GLY O 112 -7.96 43.22 90.02
C GLY O 112 -9.00 43.85 90.90
N GLY O 113 -9.37 45.10 90.64
CA GLY O 113 -10.40 45.76 91.41
C GLY O 113 -11.76 45.12 91.21
N GLY O 114 -12.61 45.27 92.21
CA GLY O 114 -13.83 44.51 92.28
C GLY O 114 -13.54 43.10 92.77
N ASN O 115 -14.61 42.35 92.99
CA ASN O 115 -14.47 41.02 93.55
C ASN O 115 -13.99 40.02 92.51
N ALA O 116 -14.79 39.78 91.47
CA ALA O 116 -14.62 38.66 90.57
C ALA O 116 -13.33 38.71 89.75
N GLU O 117 -12.63 39.83 89.72
CA GLU O 117 -11.39 39.95 88.95
C GLU O 117 -10.31 39.08 89.59
N ILE O 118 -10.02 37.94 88.97
CA ILE O 118 -9.05 37.01 89.55
C ILE O 118 -7.63 37.54 89.31
N LEU O 119 -6.70 37.09 90.14
CA LEU O 119 -5.30 37.45 89.97
C LEU O 119 -4.37 36.25 89.82
N ASN O 120 -4.89 35.04 89.71
CA ASN O 120 -4.06 33.84 89.61
C ASN O 120 -4.49 33.03 88.40
N LEU O 121 -3.50 32.43 87.73
CA LEU O 121 -3.76 31.73 86.47
C LEU O 121 -4.26 30.31 86.68
N ASP O 122 -3.86 29.67 87.79
CA ASP O 122 -4.19 28.27 88.00
C ASP O 122 -5.69 28.03 88.05
N GLU O 123 -6.44 28.86 88.78
CA GLU O 123 -7.89 28.65 88.82
C GLU O 123 -8.53 29.03 87.51
N ILE O 124 -7.86 29.86 86.69
CA ILE O 124 -8.35 30.13 85.35
C ILE O 124 -8.27 28.87 84.49
N ARG O 125 -7.12 28.19 84.53
CA ARG O 125 -7.00 26.91 83.82
C ARG O 125 -8.04 25.93 84.32
N LYS O 126 -8.22 25.88 85.65
CA LYS O 126 -9.16 24.94 86.24
C LYS O 126 -10.59 25.23 85.81
N VAL O 127 -10.98 26.50 85.77
CA VAL O 127 -12.35 26.83 85.43
C VAL O 127 -12.63 26.56 83.95
N LEU O 128 -11.66 26.84 83.08
CA LEU O 128 -11.86 26.52 81.66
C LEU O 128 -11.93 25.01 81.44
N GLN O 129 -11.11 24.25 82.15
CA GLN O 129 -11.18 22.79 82.04
C GLN O 129 -12.52 22.26 82.53
N LEU O 130 -13.02 22.78 83.65
CA LEU O 130 -14.34 22.38 84.12
C LEU O 130 -15.43 22.77 83.12
N ARG O 131 -15.28 23.92 82.47
CA ARG O 131 -16.26 24.31 81.45
C ARG O 131 -16.28 23.31 80.31
N TYR O 132 -15.10 22.86 79.87
CA TYR O 132 -15.07 21.82 78.84
C TYR O 132 -15.76 20.56 79.34
N VAL O 133 -15.51 20.20 80.60
CA VAL O 133 -16.18 19.03 81.19
C VAL O 133 -17.69 19.17 81.07
N ALA O 134 -18.20 20.35 81.40
CA ALA O 134 -19.64 20.60 81.31
C ALA O 134 -20.12 20.49 79.86
N LEU O 135 -19.40 21.14 78.94
CA LEU O 135 -19.81 21.15 77.54
C LEU O 135 -19.80 19.76 76.94
N ILE O 136 -19.02 18.84 77.50
CA ILE O 136 -19.00 17.48 76.99
C ILE O 136 -19.89 16.54 77.82
N SER O 137 -20.47 17.03 78.91
CA SER O 137 -21.20 16.19 79.84
C SER O 137 -22.68 16.11 79.50
N ASN O 138 -23.31 15.00 79.88
CA ASN O 138 -24.72 14.77 79.61
C ASN O 138 -25.60 14.95 80.84
N GLY O 139 -25.10 14.68 82.04
CA GLY O 139 -25.91 14.86 83.22
C GLY O 139 -25.67 13.85 84.33
N SER O 140 -25.02 12.74 84.02
CA SER O 140 -24.69 11.77 85.06
C SER O 140 -23.72 12.38 86.05
N ILE O 141 -24.09 12.36 87.34
CA ILE O 141 -23.32 13.07 88.36
C ILE O 141 -22.10 12.29 88.84
N ALA O 142 -22.08 10.95 88.67
CA ALA O 142 -20.90 10.19 89.04
C ALA O 142 -19.70 10.63 88.20
N TYR O 143 -19.92 10.81 86.90
CA TYR O 143 -18.85 11.30 86.03
C TYR O 143 -18.41 12.69 86.43
N ILE O 144 -19.36 13.55 86.80
CA ILE O 144 -19.02 14.91 87.21
C ILE O 144 -18.16 14.89 88.47
N ASN O 145 -18.53 14.06 89.44
CA ASN O 145 -17.73 13.94 90.66
C ASN O 145 -16.33 13.40 90.35
N ARG O 146 -16.24 12.40 89.48
CA ARG O 146 -14.94 11.85 89.14
C ARG O 146 -14.04 12.90 88.52
N MET O 147 -14.57 13.67 87.57
CA MET O 147 -13.75 14.69 86.94
C MET O 147 -13.45 15.84 87.88
N LEU O 148 -14.37 16.17 88.79
CA LEU O 148 -14.06 17.19 89.81
C LEU O 148 -12.90 16.76 90.66
N ARG O 149 -12.89 15.49 91.09
CA ARG O 149 -11.74 14.96 91.81
C ARG O 149 -10.47 15.08 90.98
N TYR O 150 -10.55 14.70 89.70
CA TYR O 150 -9.37 14.74 88.83
C TYR O 150 -8.81 16.16 88.73
N ILE O 151 -9.68 17.14 88.53
CA ILE O 151 -9.21 18.49 88.22
C ILE O 151 -8.83 19.25 89.49
N PHE O 152 -9.52 18.99 90.60
CA PHE O 152 -9.28 19.75 91.82
C PHE O 152 -8.24 19.07 92.72
N ASN O 153 -8.50 17.81 93.09
CA ASN O 153 -7.59 17.13 94.00
C ASN O 153 -6.42 16.49 93.28
N ASP O 154 -6.38 16.54 91.95
CA ASP O 154 -5.29 15.96 91.15
C ASP O 154 -5.25 14.44 91.28
N ASP O 155 -6.44 13.82 91.36
CA ASP O 155 -6.60 12.37 91.34
C ASP O 155 -5.89 11.70 92.51
N GLU O 156 -6.37 12.01 93.71
CA GLU O 156 -6.09 11.18 94.88
C GLU O 156 -7.19 11.43 95.91
N PRO O 157 -7.43 10.46 96.82
CA PRO O 157 -8.55 10.58 97.77
C PRO O 157 -8.57 11.89 98.57
N TRP O 158 -9.73 12.21 99.13
CA TRP O 158 -9.99 13.50 99.73
C TRP O 158 -9.64 13.49 101.22
N ASP O 159 -9.96 14.59 101.89
CA ASP O 159 -9.90 14.71 103.34
C ASP O 159 -11.32 14.91 103.85
N GLU O 160 -11.84 13.93 104.57
CA GLU O 160 -13.25 13.93 104.95
C GLU O 160 -13.55 14.90 106.09
N ALA O 161 -12.54 15.29 106.86
CA ALA O 161 -12.73 16.19 107.98
C ALA O 161 -13.08 17.62 107.57
N THR O 162 -13.00 17.94 106.29
CA THR O 162 -13.25 19.28 105.80
C THR O 162 -14.50 19.41 104.93
N GLY O 163 -15.09 18.30 104.48
CA GLY O 163 -16.27 18.37 103.65
C GLY O 163 -16.00 19.02 102.31
N LEU O 164 -15.24 18.32 101.47
CA LEU O 164 -14.65 18.91 100.28
C LEU O 164 -15.65 18.95 99.13
N TYR O 165 -15.14 19.18 97.92
CA TYR O 165 -15.95 19.63 96.79
C TYR O 165 -16.63 18.45 96.10
N PHE O 166 -17.96 18.41 96.16
CA PHE O 166 -18.75 17.43 95.45
C PHE O 166 -19.95 18.13 94.82
N TYR O 167 -20.58 17.42 93.87
CA TYR O 167 -21.61 18.02 93.03
C TYR O 167 -22.78 18.51 93.88
N LEU O 168 -23.58 17.58 94.40
CA LEU O 168 -24.43 17.84 95.56
C LEU O 168 -25.13 16.55 95.97
N MET O 169 -25.95 16.63 97.00
CA MET O 169 -26.75 15.49 97.42
C MET O 169 -27.96 15.24 96.54
N ASP O 170 -28.40 16.24 95.75
CA ASP O 170 -29.51 16.07 94.82
C ASP O 170 -30.81 15.79 95.56
N SER O 171 -31.93 15.71 94.85
CA SER O 171 -33.21 15.49 95.50
C SER O 171 -33.25 14.15 96.23
N THR O 172 -32.48 13.18 95.76
CA THR O 172 -32.46 11.88 96.41
C THR O 172 -31.78 11.98 97.78
N GLY O 173 -32.36 11.28 98.76
CA GLY O 173 -31.84 11.28 100.11
C GLY O 173 -30.60 10.42 100.25
N GLU O 174 -30.01 10.45 101.45
CA GLU O 174 -28.75 9.75 101.69
C GLU O 174 -28.89 8.58 102.66
N ASN O 175 -29.35 8.80 103.89
CA ASN O 175 -29.32 7.70 104.84
C ASN O 175 -30.37 7.93 105.93
N GLY O 176 -30.76 6.83 106.56
CA GLY O 176 -31.66 6.84 107.69
C GLY O 176 -30.96 6.37 108.94
N PRO O 177 -31.09 5.07 109.24
CA PRO O 177 -30.42 4.51 110.42
C PRO O 177 -28.92 4.46 110.24
N VAL O 178 -28.21 4.24 111.35
CA VAL O 178 -26.77 4.03 111.27
C VAL O 178 -26.50 2.61 110.76
N GLU O 179 -25.64 2.50 109.75
CA GLU O 179 -25.39 1.25 109.07
C GLU O 179 -23.88 1.00 109.03
N ASN O 180 -23.50 -0.27 109.05
CA ASN O 180 -22.12 -0.71 108.88
C ASN O 180 -21.21 -0.11 109.94
N LEU O 181 -21.44 -0.53 111.18
CA LEU O 181 -20.84 0.08 112.36
C LEU O 181 -19.79 -0.81 112.99
N ALA O 182 -18.72 -0.19 113.49
CA ALA O 182 -17.68 -0.85 114.26
C ALA O 182 -17.33 0.01 115.47
N VAL O 183 -16.82 -0.63 116.52
CA VAL O 183 -16.51 0.04 117.78
C VAL O 183 -15.02 -0.13 118.06
N TYR O 184 -14.33 0.98 118.27
CA TYR O 184 -12.88 1.02 118.46
C TYR O 184 -12.62 1.37 119.92
N ARG O 185 -12.63 0.37 120.80
CA ARG O 185 -12.42 0.61 122.22
C ARG O 185 -10.93 0.70 122.52
N LYS O 186 -10.53 1.78 123.20
CA LYS O 186 -9.13 2.06 123.49
C LYS O 186 -8.83 1.72 124.94
N ASP O 187 -7.75 0.98 125.14
CA ASP O 187 -7.34 0.50 126.45
C ASP O 187 -5.85 0.19 126.41
N TRP O 188 -5.37 -0.58 127.38
CA TRP O 188 -3.95 -0.94 127.43
C TRP O 188 -3.50 -1.65 126.15
N GLU O 189 -4.42 -2.31 125.46
CA GLU O 189 -4.10 -3.05 124.25
C GLU O 189 -3.99 -2.15 123.02
N GLY O 190 -4.30 -0.86 123.15
CA GLY O 190 -4.43 -0.01 121.99
C GLY O 190 -5.84 -0.08 121.42
N MET O 191 -6.04 0.64 120.32
CA MET O 191 -7.33 0.60 119.64
C MET O 191 -7.66 -0.83 119.24
N VAL O 192 -8.89 -1.26 119.50
CA VAL O 192 -9.27 -2.65 119.36
C VAL O 192 -10.57 -2.74 118.57
N LEU O 193 -10.63 -3.68 117.64
CA LEU O 193 -11.87 -3.98 116.94
C LEU O 193 -12.79 -4.81 117.83
N LEU O 194 -14.07 -4.47 117.81
CA LEU O 194 -15.09 -5.16 118.59
C LEU O 194 -16.23 -5.55 117.65
N SER O 195 -16.75 -6.76 117.85
CA SER O 195 -17.82 -7.30 117.04
C SER O 195 -19.00 -7.71 117.91
N SER O 196 -20.21 -7.49 117.39
CA SER O 196 -21.41 -7.84 118.12
C SER O 196 -21.61 -9.35 118.25
N SER O 197 -21.11 -10.13 117.30
CA SER O 197 -21.29 -11.57 117.35
C SER O 197 -20.42 -12.17 118.45
N PRO O 198 -20.87 -13.25 119.08
CA PRO O 198 -20.03 -13.93 120.08
C PRO O 198 -18.85 -14.62 119.42
N ARG O 199 -17.79 -14.81 120.20
CA ARG O 199 -16.52 -15.36 119.71
C ARG O 199 -16.46 -16.87 119.90
N THR O 200 -15.36 -17.46 119.40
CA THR O 200 -15.02 -18.87 119.60
C THR O 200 -13.52 -18.91 119.87
N ASN O 201 -13.14 -18.89 121.15
CA ASN O 201 -11.74 -18.83 121.56
C ASN O 201 -11.33 -20.21 122.06
N HIS O 202 -10.64 -20.96 121.22
CA HIS O 202 -10.40 -22.38 121.45
C HIS O 202 -9.13 -22.67 122.24
N VAL O 203 -8.43 -21.65 122.73
CA VAL O 203 -7.26 -21.89 123.57
C VAL O 203 -7.70 -22.49 124.89
N LEU O 204 -6.96 -23.49 125.37
CA LEU O 204 -7.28 -24.10 126.65
C LEU O 204 -6.70 -23.33 127.81
N THR O 205 -5.64 -22.55 127.58
CA THR O 205 -5.03 -21.75 128.63
C THR O 205 -4.52 -20.44 128.05
N SER O 206 -4.26 -19.48 128.94
CA SER O 206 -3.72 -18.18 128.55
C SER O 206 -2.27 -17.98 128.98
N THR O 207 -1.91 -18.43 130.18
CA THR O 207 -0.55 -18.33 130.68
C THR O 207 -0.04 -19.71 131.09
N PRO O 208 1.06 -20.17 130.50
CA PRO O 208 1.63 -21.45 130.92
C PRO O 208 2.03 -21.39 132.38
N ALA O 209 1.77 -22.49 133.10
CA ALA O 209 2.13 -22.60 134.50
C ALA O 209 3.28 -23.58 134.72
N SER O 210 3.10 -24.83 134.29
CA SER O 210 4.12 -25.86 134.44
C SER O 210 4.28 -26.55 133.09
N ASP O 211 5.03 -27.65 133.08
CA ASP O 211 5.17 -28.44 131.86
C ASP O 211 3.85 -29.06 131.43
N ALA O 212 2.95 -29.32 132.39
CA ALA O 212 1.69 -29.98 132.05
C ALA O 212 0.79 -29.08 131.22
N ASP O 213 0.89 -27.76 131.42
CA ASP O 213 0.03 -26.83 130.68
C ASP O 213 0.32 -26.86 129.19
N TRP O 214 1.60 -26.93 128.83
CA TRP O 214 2.04 -26.96 127.43
C TRP O 214 3.02 -28.10 127.27
N PRO O 215 2.54 -29.35 127.21
CA PRO O 215 3.46 -30.49 127.08
C PRO O 215 4.25 -30.42 125.78
N GLY O 216 5.52 -30.82 125.87
CA GLY O 216 6.48 -30.64 124.78
C GLY O 216 6.91 -31.97 124.17
N VAL O 217 7.23 -31.92 122.88
CA VAL O 217 7.66 -33.09 122.13
C VAL O 217 9.03 -32.78 121.52
N ASP O 218 9.86 -33.81 121.36
CA ASP O 218 11.18 -33.67 120.76
C ASP O 218 11.41 -34.81 119.78
N PRO O 219 11.49 -34.55 118.49
CA PRO O 219 11.59 -35.66 117.51
C PRO O 219 12.93 -36.37 117.56
N ALA O 220 14.02 -35.62 117.43
CA ALA O 220 15.36 -36.23 117.45
C ALA O 220 15.78 -36.58 118.87
N ALA O 221 15.25 -35.85 119.86
CA ALA O 221 15.61 -36.03 121.26
C ALA O 221 17.11 -35.85 121.48
N SER O 222 17.70 -34.88 120.78
CA SER O 222 19.10 -34.55 121.01
C SER O 222 19.33 -33.99 122.41
N GLY O 223 18.34 -33.27 122.93
CA GLY O 223 18.38 -32.79 124.30
C GLY O 223 17.05 -33.03 124.97
N ILE O 224 16.83 -32.39 126.12
CA ILE O 224 15.57 -32.54 126.85
C ILE O 224 14.50 -31.71 126.14
N PRO O 225 13.21 -32.09 126.25
CA PRO O 225 12.14 -31.24 125.72
C PRO O 225 12.09 -29.90 126.42
N VAL O 226 11.36 -28.94 125.87
CA VAL O 226 11.33 -27.59 126.43
C VAL O 226 10.58 -27.62 127.76
N THR O 227 11.27 -27.32 128.85
CA THR O 227 10.63 -27.22 130.15
C THR O 227 10.03 -25.83 130.33
N VAL O 228 8.85 -25.78 130.94
CA VAL O 228 8.07 -24.56 131.08
C VAL O 228 7.68 -24.40 132.55
N GLU O 229 7.87 -23.20 133.09
CA GLU O 229 7.55 -22.93 134.49
C GLU O 229 7.36 -21.42 134.67
N THR O 230 6.47 -21.07 135.60
CA THR O 230 6.06 -19.69 135.77
C THR O 230 7.20 -18.84 136.33
N ALA O 231 7.33 -17.61 135.84
CA ALA O 231 8.25 -16.62 136.37
C ALA O 231 7.47 -15.46 136.97
N SER O 232 8.21 -14.41 137.32
CA SER O 232 7.65 -13.20 137.94
C SER O 232 8.19 -11.98 137.23
N ALA O 233 7.31 -11.23 136.56
CA ALA O 233 7.69 -9.98 135.90
C ALA O 233 6.43 -9.16 135.66
N THR O 234 6.63 -7.88 135.39
CA THR O 234 5.52 -6.94 135.23
C THR O 234 4.83 -7.17 133.89
N ALA O 235 3.57 -7.59 133.94
CA ALA O 235 2.74 -7.60 132.74
C ALA O 235 2.32 -6.17 132.41
N PRO O 236 1.96 -5.89 131.15
CA PRO O 236 1.50 -4.54 130.82
C PRO O 236 0.23 -4.13 131.56
N ASP O 237 -0.61 -5.09 131.92
CA ASP O 237 -1.81 -4.79 132.70
C ASP O 237 -1.48 -4.21 134.07
N GLY O 238 -0.23 -4.37 134.52
CA GLY O 238 0.18 -3.89 135.83
C GLY O 238 0.17 -4.98 136.87
N SER O 239 0.37 -6.22 136.42
CA SER O 239 0.33 -7.39 137.30
C SER O 239 1.61 -8.18 137.10
N ALA O 240 1.66 -9.39 137.68
CA ALA O 240 2.80 -10.29 137.55
C ALA O 240 2.29 -11.69 137.22
N THR O 241 2.16 -11.98 135.92
CA THR O 241 1.63 -13.26 135.48
C THR O 241 2.33 -13.79 134.24
N VAL O 242 3.61 -13.47 134.08
CA VAL O 242 4.38 -13.92 132.91
C VAL O 242 4.85 -15.36 133.10
N CYS O 243 5.41 -15.95 132.05
CA CYS O 243 5.98 -17.29 132.08
C CYS O 243 7.14 -17.37 131.09
N LYS O 244 8.15 -18.17 131.43
CA LYS O 244 9.30 -18.38 130.55
C LYS O 244 9.30 -19.78 129.97
N LEU O 245 10.19 -19.97 129.01
CA LEU O 245 10.37 -21.24 128.31
C LEU O 245 11.73 -21.18 127.61
N THR O 246 12.45 -22.30 127.63
CA THR O 246 13.83 -22.30 127.18
C THR O 246 14.10 -23.47 126.26
N LYS O 247 15.07 -23.28 125.38
CA LYS O 247 15.61 -24.32 124.51
C LYS O 247 17.04 -24.60 124.94
N PRO O 248 17.30 -25.61 125.75
CA PRO O 248 18.66 -25.86 126.22
C PRO O 248 19.58 -26.25 125.08
N ALA O 249 20.89 -26.20 125.36
CA ALA O 249 21.89 -26.48 124.34
C ALA O 249 21.73 -27.89 123.78
N GLY O 250 21.91 -28.01 122.47
CA GLY O 250 21.79 -29.29 121.80
C GLY O 250 20.41 -29.90 121.85
N SER O 251 19.37 -29.10 121.66
CA SER O 251 18.00 -29.57 121.74
C SER O 251 17.21 -29.07 120.55
N THR O 252 16.24 -29.89 120.11
CA THR O 252 15.30 -29.56 119.04
C THR O 252 13.90 -29.87 119.56
N ALA O 253 13.28 -28.91 120.25
CA ALA O 253 12.04 -29.17 120.96
C ALA O 253 11.05 -28.04 120.74
N TYR O 254 9.80 -28.30 121.12
CA TYR O 254 8.70 -27.36 120.97
C TYR O 254 7.58 -27.74 121.92
N VAL O 255 6.66 -26.80 122.16
CA VAL O 255 5.51 -27.01 123.04
C VAL O 255 4.24 -26.94 122.21
N SER O 256 3.19 -27.60 122.68
CA SER O 256 1.92 -27.62 121.97
C SER O 256 0.80 -28.00 122.93
N ALA O 257 -0.08 -27.05 123.24
CA ALA O 257 -1.25 -27.32 124.08
C ALA O 257 -2.34 -27.98 123.23
N PRO O 258 -2.84 -29.14 123.64
CA PRO O 258 -3.90 -29.81 122.86
C PRO O 258 -5.14 -28.94 122.76
N ILE O 259 -5.79 -28.99 121.59
CA ILE O 259 -6.99 -28.23 121.31
C ILE O 259 -8.03 -29.18 120.73
N ASP O 260 -9.29 -28.76 120.80
CA ASP O 260 -10.37 -29.51 120.18
C ASP O 260 -10.18 -29.55 118.66
N GLY O 261 -10.73 -30.57 118.03
CA GLY O 261 -10.58 -30.74 116.61
C GLY O 261 -11.78 -31.38 115.95
N PRO O 262 -11.98 -31.10 114.65
CA PRO O 262 -11.17 -30.14 113.87
C PRO O 262 -11.47 -28.70 114.25
N LEU O 263 -10.45 -27.85 114.19
CA LEU O 263 -10.60 -26.47 114.64
C LEU O 263 -11.48 -25.67 113.69
N GLY O 264 -11.33 -25.89 112.38
CA GLY O 264 -12.11 -25.12 111.42
C GLY O 264 -12.39 -25.97 110.20
N SER O 265 -13.32 -25.49 109.39
CA SER O 265 -13.75 -26.17 108.17
C SER O 265 -13.36 -25.29 106.99
N GLY O 266 -12.10 -25.39 106.57
CA GLY O 266 -11.63 -24.64 105.41
C GLY O 266 -11.77 -23.14 105.53
N SER O 267 -11.64 -22.61 106.75
CA SER O 267 -11.81 -21.19 107.01
C SER O 267 -10.61 -20.65 107.77
N THR O 268 -10.48 -19.34 107.75
CA THR O 268 -9.31 -18.68 108.31
C THR O 268 -9.22 -18.92 109.82
N VAL O 269 -7.98 -19.04 110.30
CA VAL O 269 -7.70 -19.18 111.72
C VAL O 269 -6.74 -18.07 112.10
N THR O 270 -7.13 -17.25 113.07
CA THR O 270 -6.33 -16.10 113.48
C THR O 270 -5.63 -16.48 114.78
N PHE O 271 -4.44 -17.07 114.66
CA PHE O 271 -3.60 -17.29 115.81
C PHE O 271 -3.16 -15.95 116.38
N SER O 272 -3.28 -15.81 117.69
CA SER O 272 -2.93 -14.56 118.37
C SER O 272 -1.96 -14.86 119.49
N PHE O 273 -1.20 -13.83 119.88
CA PHE O 273 -0.08 -14.04 120.78
C PHE O 273 0.42 -12.70 121.30
N PHE O 274 0.56 -12.60 122.62
CA PHE O 274 1.31 -11.53 123.26
C PHE O 274 2.73 -12.02 123.47
N ALA O 275 3.71 -11.19 123.10
CA ALA O 275 5.12 -11.51 123.28
C ALA O 275 5.70 -10.61 124.35
N LYS O 276 6.51 -11.18 125.23
CA LYS O 276 7.13 -10.46 126.32
C LYS O 276 8.63 -10.37 126.05
N ALA O 277 9.34 -9.63 126.90
CA ALA O 277 10.78 -9.47 126.70
C ALA O 277 11.51 -10.78 126.97
N GLY O 278 12.79 -10.81 126.61
CA GLY O 278 13.59 -11.99 126.85
C GLY O 278 15.04 -11.76 126.49
N SER O 279 15.85 -12.78 126.72
CA SER O 279 17.25 -12.74 126.28
C SER O 279 17.34 -12.57 124.77
N THR O 280 16.63 -13.41 124.03
CA THR O 280 16.59 -13.33 122.58
C THR O 280 15.70 -12.17 122.13
N ARG O 281 15.89 -11.77 120.87
CA ARG O 281 15.02 -10.82 120.20
C ARG O 281 14.03 -11.51 119.26
N PHE O 282 14.02 -12.84 119.24
CA PHE O 282 13.28 -13.59 118.24
C PHE O 282 12.40 -14.64 118.90
N ILE O 283 11.19 -14.82 118.37
CA ILE O 283 10.27 -15.87 118.80
C ILE O 283 9.69 -16.53 117.57
N ALA O 284 9.50 -17.85 117.64
CA ALA O 284 9.04 -18.64 116.51
C ALA O 284 7.65 -19.20 116.79
N ILE O 285 6.78 -19.09 115.79
CA ILE O 285 5.39 -19.54 115.90
C ILE O 285 5.11 -20.49 114.75
N GLN O 286 4.41 -21.59 115.04
CA GLN O 286 4.12 -22.60 114.04
C GLN O 286 2.64 -22.96 114.11
N SER O 287 1.98 -22.97 112.95
CA SER O 287 0.56 -23.30 112.86
C SER O 287 0.42 -24.63 112.13
N ALA O 288 0.41 -25.73 112.89
CA ALA O 288 0.36 -27.05 112.31
C ALA O 288 -1.00 -27.34 111.68
N ALA O 289 -1.04 -28.35 110.83
CA ALA O 289 -2.24 -28.75 110.12
C ALA O 289 -2.02 -30.16 109.59
N ASP O 290 -2.82 -30.55 108.60
CA ASP O 290 -2.65 -31.85 107.96
C ASP O 290 -1.25 -31.97 107.39
N PHE O 291 -0.71 -33.17 107.42
CA PHE O 291 0.67 -33.41 107.03
C PHE O 291 0.76 -33.74 105.55
N PRO O 292 1.52 -32.96 104.75
CA PRO O 292 2.14 -31.70 105.13
C PRO O 292 1.39 -30.46 104.63
N SER O 293 0.88 -29.64 105.54
CA SER O 293 0.28 -28.37 105.14
C SER O 293 0.56 -27.26 106.15
N ARG O 294 1.49 -27.49 107.08
CA ARG O 294 1.72 -26.58 108.19
C ARG O 294 2.47 -25.33 107.73
N ALA O 295 2.26 -24.24 108.45
CA ALA O 295 2.88 -22.95 108.16
C ALA O 295 3.46 -22.37 109.44
N ASP O 296 4.55 -21.63 109.31
CA ASP O 296 5.26 -21.07 110.46
C ASP O 296 5.74 -19.66 110.14
N ALA O 297 6.25 -18.99 111.16
CA ALA O 297 6.79 -17.65 111.02
C ALA O 297 7.72 -17.37 112.19
N VAL O 298 8.55 -16.34 112.03
CA VAL O 298 9.50 -15.91 113.05
C VAL O 298 9.37 -14.41 113.24
N PHE O 299 9.34 -13.96 114.48
CA PHE O 299 9.09 -12.56 114.80
C PHE O 299 10.29 -11.95 115.51
N ASP O 300 10.46 -10.65 115.31
CA ASP O 300 11.51 -9.88 115.97
C ASP O 300 10.90 -9.11 117.14
N LEU O 301 11.56 -9.16 118.29
CA LEU O 301 10.92 -8.67 119.51
C LEU O 301 11.27 -7.23 119.81
N ASP O 302 12.32 -6.70 119.18
CA ASP O 302 12.69 -5.30 119.41
C ASP O 302 12.78 -4.47 118.14
N SER O 303 13.08 -5.08 116.99
CA SER O 303 13.22 -4.31 115.76
C SER O 303 11.87 -3.78 115.29
N GLY O 304 10.86 -4.64 115.27
CA GLY O 304 9.53 -4.21 114.85
C GLY O 304 9.08 -4.69 113.50
N ASN O 305 9.36 -5.94 113.14
CA ASN O 305 8.92 -6.51 111.87
C ASN O 305 8.99 -8.02 111.92
N VAL O 306 8.01 -8.68 111.32
CA VAL O 306 8.12 -10.12 111.07
C VAL O 306 9.04 -10.31 109.88
N ILE O 307 10.02 -11.20 110.02
CA ILE O 307 11.07 -11.30 109.02
C ILE O 307 10.72 -12.34 107.96
N SER O 308 10.33 -13.53 108.40
CA SER O 308 10.12 -14.61 107.44
C SER O 308 8.81 -15.32 107.76
N ASP O 309 8.09 -15.68 106.70
CA ASP O 309 6.91 -16.51 106.78
C ASP O 309 7.13 -17.70 105.86
N GLN O 310 7.52 -18.83 106.45
CA GLN O 310 7.80 -20.05 105.71
C GLN O 310 6.49 -20.64 105.20
N MET O 311 6.54 -21.28 104.04
CA MET O 311 5.33 -21.66 103.33
C MET O 311 5.41 -23.11 102.88
N LEU O 312 4.37 -23.88 103.16
CA LEU O 312 4.24 -25.23 102.60
C LEU O 312 2.92 -25.48 101.88
N ASP O 313 1.95 -24.57 101.97
CA ASP O 313 0.65 -24.72 101.35
C ASP O 313 0.22 -23.38 100.78
N SER O 314 -1.08 -23.21 100.51
CA SER O 314 -1.63 -21.91 100.12
C SER O 314 -2.24 -21.17 101.31
N SER O 315 -1.75 -21.42 102.52
CA SER O 315 -2.50 -21.07 103.72
C SER O 315 -2.43 -19.58 104.06
N VAL O 316 -1.25 -19.07 104.38
CA VAL O 316 -1.18 -17.77 105.05
C VAL O 316 -1.56 -16.67 104.08
N VAL O 317 -2.22 -15.63 104.61
CA VAL O 317 -2.58 -14.44 103.84
C VAL O 317 -2.00 -13.19 104.47
N SER O 318 -2.02 -13.10 105.80
CA SER O 318 -1.52 -11.93 106.51
C SER O 318 -0.90 -12.36 107.83
N ALA O 319 0.18 -11.67 108.20
CA ALA O 319 0.81 -11.88 109.50
C ALA O 319 1.48 -10.57 109.91
N ARG O 320 0.79 -9.77 110.71
CA ARG O 320 1.26 -8.46 111.11
C ARG O 320 1.56 -8.46 112.60
N MET O 321 2.63 -7.78 112.97
CA MET O 321 3.07 -7.71 114.36
C MET O 321 2.79 -6.33 114.92
N ILE O 322 2.11 -6.30 116.06
CA ILE O 322 1.44 -5.10 116.57
C ILE O 322 2.38 -4.35 117.50
N ARG O 323 2.45 -3.03 117.33
CA ARG O 323 3.18 -2.17 118.23
C ARG O 323 2.44 -2.05 119.56
N LEU O 324 3.15 -2.27 120.67
CA LEU O 324 2.55 -2.13 121.99
C LEU O 324 3.56 -1.50 122.94
N GLU O 325 3.23 -1.38 124.22
CA GLU O 325 3.98 -0.56 125.15
C GLU O 325 4.88 -1.38 126.07
N ASN O 326 6.03 -0.79 126.42
CA ASN O 326 6.99 -1.34 127.37
C ASN O 326 7.61 -2.65 126.89
N GLY O 327 8.01 -2.66 125.61
CA GLY O 327 8.79 -3.77 125.10
C GLY O 327 8.10 -5.11 125.10
N TRP O 328 6.76 -5.13 125.14
CA TRP O 328 6.01 -6.37 125.05
C TRP O 328 4.97 -6.18 123.97
N TRP O 329 5.06 -6.98 122.90
CA TRP O 329 4.33 -6.71 121.68
C TRP O 329 3.47 -7.91 121.31
N ARG O 330 2.50 -7.67 120.42
CA ARG O 330 1.50 -8.67 120.06
C ARG O 330 1.83 -9.27 118.70
N CYS O 331 1.63 -10.58 118.58
CA CYS O 331 1.91 -11.31 117.35
C CYS O 331 0.66 -12.06 116.91
N VAL O 332 0.30 -11.93 115.63
CA VAL O 332 -0.85 -12.63 115.07
C VAL O 332 -0.43 -13.29 113.76
N LEU O 333 -1.22 -14.27 113.34
CA LEU O 333 -0.92 -15.05 112.16
C LEU O 333 -2.21 -15.64 111.62
N THR O 334 -2.60 -15.21 110.41
CA THR O 334 -3.86 -15.63 109.80
C THR O 334 -3.55 -16.45 108.55
N THR O 335 -4.22 -17.60 108.42
CA THR O 335 -4.00 -18.51 107.31
C THR O 335 -5.33 -18.82 106.65
N LYS O 336 -5.26 -19.41 105.45
CA LYS O 336 -6.44 -19.78 104.68
C LYS O 336 -6.07 -21.00 103.82
N THR O 337 -6.39 -22.19 104.31
CA THR O 337 -6.04 -23.42 103.64
C THR O 337 -7.27 -23.99 102.92
N VAL O 338 -7.03 -24.67 101.79
CA VAL O 338 -8.11 -25.26 101.04
C VAL O 338 -8.72 -26.44 101.79
N SER O 339 -7.89 -27.23 102.46
CA SER O 339 -8.37 -28.32 103.29
C SER O 339 -8.98 -27.77 104.57
N SER O 340 -9.30 -28.67 105.51
CA SER O 340 -9.91 -28.27 106.76
C SER O 340 -9.30 -28.97 107.96
N SER O 341 -8.28 -29.81 107.77
CA SER O 341 -7.72 -30.61 108.85
C SER O 341 -6.72 -29.79 109.67
N PHE O 342 -7.25 -28.81 110.39
CA PHE O 342 -6.44 -28.08 111.36
C PHE O 342 -6.23 -28.97 112.58
N ARG O 343 -4.98 -29.09 113.01
CA ARG O 343 -4.64 -30.02 114.08
C ARG O 343 -4.11 -29.34 115.34
N ALA O 344 -3.06 -28.53 115.22
CA ALA O 344 -2.36 -28.04 116.40
C ALA O 344 -1.63 -26.75 116.04
N ALA O 345 -0.82 -26.26 116.97
CA ALA O 345 -0.04 -25.04 116.74
C ALA O 345 1.13 -25.04 117.69
N TYR O 346 2.34 -25.28 117.17
CA TYR O 346 3.54 -25.37 117.98
C TYR O 346 4.17 -24.00 118.16
N VAL O 347 4.91 -23.84 119.26
CA VAL O 347 5.63 -22.62 119.58
C VAL O 347 6.96 -23.01 120.20
N ALA O 348 8.02 -22.27 119.86
CA ALA O 348 9.34 -22.51 120.43
C ALA O 348 10.17 -21.25 120.24
N PRO O 349 11.21 -21.04 121.04
CA PRO O 349 12.08 -19.87 120.83
C PRO O 349 12.92 -20.03 119.57
N ALA O 350 13.48 -18.91 119.13
CA ALA O 350 14.30 -18.87 117.92
C ALA O 350 15.73 -18.50 118.28
N GLU O 351 16.69 -19.28 117.79
CA GLU O 351 18.10 -18.95 117.95
C GLU O 351 18.46 -17.69 117.17
N THR O 352 18.12 -17.66 115.89
CA THR O 352 18.52 -16.58 114.98
C THR O 352 17.30 -16.04 114.27
N ASN O 353 17.54 -15.05 113.40
CA ASN O 353 16.45 -14.38 112.71
C ASN O 353 15.71 -15.32 111.77
N PHE O 354 16.45 -16.18 111.06
CA PHE O 354 15.85 -17.11 110.13
C PHE O 354 15.63 -18.49 110.73
N SER O 355 15.76 -18.62 112.05
CA SER O 355 15.71 -19.93 112.69
C SER O 355 14.33 -20.56 112.57
N TRP O 356 14.29 -21.81 112.13
CA TRP O 356 13.07 -22.59 112.15
C TRP O 356 12.64 -22.85 113.59
N ILE O 357 11.35 -23.18 113.76
CA ILE O 357 10.92 -23.69 115.05
C ILE O 357 11.57 -25.03 115.33
N ASP O 358 11.78 -25.84 114.30
CA ASP O 358 12.44 -27.13 114.43
C ASP O 358 13.95 -27.04 114.32
N SER O 359 14.50 -25.82 114.22
CA SER O 359 15.93 -25.64 114.22
C SER O 359 16.50 -25.86 115.62
N ASN O 360 17.67 -26.48 115.68
CA ASN O 360 18.33 -26.72 116.95
C ASN O 360 18.89 -25.42 117.52
N SER O 361 19.52 -25.53 118.69
CA SER O 361 20.18 -24.41 119.33
C SER O 361 21.57 -24.82 119.76
N SER O 362 22.51 -23.88 119.66
CA SER O 362 23.88 -24.08 120.13
C SER O 362 24.07 -23.66 121.58
N ALA O 363 23.06 -23.09 122.21
CA ALA O 363 23.15 -22.63 123.59
C ALA O 363 21.76 -22.73 124.21
N ALA O 364 21.55 -22.01 125.31
CA ALA O 364 20.26 -21.95 125.99
C ALA O 364 19.76 -20.51 125.95
N ILE O 365 18.48 -20.34 125.61
CA ILE O 365 17.87 -19.02 125.46
C ILE O 365 16.57 -18.97 126.26
N ASP O 366 16.35 -17.85 126.95
CA ASP O 366 15.16 -17.65 127.78
C ASP O 366 14.33 -16.50 127.22
N VAL O 367 13.01 -16.69 127.21
CA VAL O 367 12.07 -15.69 126.71
C VAL O 367 10.77 -15.78 127.49
N LEU O 368 10.07 -14.65 127.58
CA LEU O 368 8.83 -14.54 128.32
C LEU O 368 7.65 -14.44 127.36
N ILE O 369 6.48 -14.93 127.79
CA ILE O 369 5.27 -14.91 126.98
C ILE O 369 4.07 -14.57 127.85
N TRP O 370 2.96 -14.23 127.19
CA TRP O 370 1.66 -14.01 127.83
C TRP O 370 0.60 -14.02 126.74
N GLY O 371 -0.66 -14.14 127.15
CA GLY O 371 -1.78 -13.87 126.27
C GLY O 371 -1.89 -14.69 125.01
N ALA O 372 -2.18 -15.98 125.14
CA ALA O 372 -2.37 -16.84 123.98
C ALA O 372 -3.85 -16.86 123.58
N GLN O 373 -4.10 -16.72 122.29
CA GLN O 373 -5.47 -16.69 121.77
C GLN O 373 -5.50 -17.36 120.41
N ILE O 374 -6.61 -18.06 120.13
CA ILE O 374 -6.88 -18.63 118.82
C ILE O 374 -8.34 -18.35 118.48
N GLU O 375 -8.55 -17.67 117.35
CA GLU O 375 -9.90 -17.31 116.92
C GLU O 375 -10.08 -17.72 115.47
N LEU O 376 -11.32 -18.11 115.15
CA LEU O 376 -11.73 -18.34 113.76
C LEU O 376 -12.23 -17.00 113.20
N GLY O 377 -11.28 -16.19 112.77
CA GLY O 377 -11.58 -14.88 112.20
C GLY O 377 -10.54 -14.42 111.21
N ASP O 378 -10.44 -13.10 111.01
CA ASP O 378 -9.46 -12.54 110.11
C ASP O 378 -8.71 -11.33 110.65
N THR O 379 -9.16 -10.74 111.75
CA THR O 379 -8.56 -9.52 112.28
C THR O 379 -8.35 -9.67 113.78
N PRO O 380 -7.34 -8.99 114.34
CA PRO O 380 -7.17 -8.99 115.80
C PRO O 380 -8.31 -8.25 116.49
N THR O 381 -8.62 -8.73 117.68
CA THR O 381 -9.65 -8.14 118.53
C THR O 381 -9.12 -8.07 119.95
N GLY O 382 -10.00 -7.76 120.89
CA GLY O 382 -9.62 -7.76 122.29
C GLY O 382 -9.38 -9.18 122.79
N TYR O 383 -8.71 -9.27 123.93
CA TYR O 383 -8.38 -10.56 124.50
C TYR O 383 -9.06 -10.75 125.85
N LEU O 384 -9.37 -12.01 126.15
CA LEU O 384 -10.03 -12.40 127.38
C LEU O 384 -9.39 -13.69 127.88
N LYS O 385 -9.21 -13.79 129.20
CA LYS O 385 -8.55 -14.95 129.77
C LYS O 385 -9.44 -16.18 129.68
N THR O 386 -8.82 -17.33 129.40
CA THR O 386 -9.51 -18.60 129.26
C THR O 386 -8.80 -19.64 130.11
N THR O 387 -9.56 -20.56 130.69
CA THR O 387 -8.98 -21.60 131.55
C THR O 387 -9.85 -22.86 131.45
N GLY O 388 -9.32 -23.88 130.76
CA GLY O 388 -9.93 -25.18 130.73
C GLY O 388 -11.15 -25.33 129.85
N ALA O 389 -11.52 -24.29 129.09
CA ALA O 389 -12.67 -24.37 128.21
C ALA O 389 -12.65 -23.19 127.25
N PRO O 390 -13.23 -23.33 126.06
CA PRO O 390 -13.45 -22.14 125.23
C PRO O 390 -14.47 -21.21 125.87
N VAL O 391 -14.31 -19.91 125.60
CA VAL O 391 -15.13 -18.87 126.21
C VAL O 391 -15.92 -18.17 125.12
N THR O 392 -17.18 -17.86 125.41
CA THR O 392 -18.09 -17.18 124.49
C THR O 392 -18.70 -16.00 125.23
N ILE O 393 -18.61 -14.81 124.65
CA ILE O 393 -19.11 -13.59 125.27
C ILE O 393 -19.54 -12.60 124.20
N THR O 394 -20.53 -11.78 124.51
CA THR O 394 -20.94 -10.67 123.66
C THR O 394 -20.83 -9.37 124.45
N ASP O 395 -20.18 -8.37 123.86
CA ASP O 395 -19.82 -7.17 124.60
C ASP O 395 -20.83 -6.04 124.49
N TYR O 396 -21.18 -5.61 123.28
CA TYR O 396 -22.10 -4.50 123.11
C TYR O 396 -23.22 -4.92 122.17
N VAL O 397 -24.30 -4.15 122.17
CA VAL O 397 -25.46 -4.43 121.32
C VAL O 397 -26.09 -3.10 120.93
N LEU O 398 -26.64 -3.03 119.74
CA LEU O 398 -27.33 -1.84 119.30
C LEU O 398 -28.70 -1.76 119.95
N GLN O 399 -28.99 -0.61 120.56
CA GLN O 399 -30.25 -0.41 121.26
C GLN O 399 -31.30 0.25 120.37
N ASN O 400 -30.86 1.10 119.44
CA ASN O 400 -31.73 1.63 118.42
C ASN O 400 -30.89 2.06 117.23
N ALA O 401 -31.44 1.84 116.03
CA ALA O 401 -30.80 2.23 114.79
C ALA O 401 -31.34 3.54 114.24
N GLN O 402 -32.64 3.76 114.35
CA GLN O 402 -33.23 5.00 113.86
C GLN O 402 -32.80 6.20 114.70
N THR O 403 -32.88 6.07 116.03
CA THR O 403 -32.59 7.19 116.93
C THR O 403 -31.11 7.26 117.34
N GLY O 404 -30.29 6.31 116.90
CA GLY O 404 -28.86 6.39 117.12
C GLY O 404 -28.41 6.27 118.56
N THR O 405 -28.97 5.33 119.31
CA THR O 405 -28.51 5.03 120.66
C THR O 405 -28.02 3.59 120.71
N VAL O 406 -26.80 3.39 121.19
CA VAL O 406 -26.22 2.06 121.32
C VAL O 406 -25.89 1.82 122.79
N LYS O 407 -26.29 0.64 123.28
CA LYS O 407 -26.22 0.33 124.69
C LYS O 407 -25.21 -0.79 124.92
N PHE O 408 -24.21 -0.53 125.75
CA PHE O 408 -23.22 -1.52 126.12
C PHE O 408 -23.81 -2.45 127.17
N THR O 409 -23.34 -3.69 127.20
CA THR O 409 -23.89 -4.67 128.13
C THR O 409 -23.27 -4.55 129.52
N GLN O 410 -21.96 -4.79 129.62
CA GLN O 410 -21.28 -4.74 130.90
C GLN O 410 -20.81 -3.32 131.20
N PRO O 411 -20.74 -2.96 132.48
CA PRO O 411 -20.24 -1.61 132.84
C PRO O 411 -18.80 -1.43 132.39
N LEU O 412 -18.49 -0.19 131.98
CA LEU O 412 -17.18 0.16 131.42
C LEU O 412 -16.23 0.58 132.53
N PRO O 413 -15.04 0.00 132.62
CA PRO O 413 -14.08 0.44 133.62
C PRO O 413 -13.62 1.87 133.39
N THR O 414 -12.95 2.41 134.40
CA THR O 414 -12.51 3.80 134.35
C THR O 414 -11.45 4.01 133.28
N GLY O 415 -11.48 5.19 132.67
CA GLY O 415 -10.45 5.60 131.73
C GLY O 415 -10.36 4.78 130.46
N VAL O 416 -11.51 4.37 129.92
CA VAL O 416 -11.58 3.60 128.68
C VAL O 416 -12.42 4.38 127.69
N GLU O 417 -11.84 4.66 126.53
CA GLU O 417 -12.52 5.41 125.47
C GLU O 417 -12.76 4.49 124.27
N ALA O 418 -13.91 4.67 123.63
CA ALA O 418 -14.30 3.90 122.48
C ALA O 418 -14.65 4.83 121.34
N TYR O 419 -14.65 4.27 120.13
CA TYR O 419 -14.88 5.03 118.91
C TYR O 419 -15.86 4.26 118.04
N TRP O 420 -16.52 4.97 117.13
CA TRP O 420 -17.41 4.35 116.16
C TRP O 420 -17.11 4.89 114.77
N THR O 421 -17.15 3.99 113.78
CA THR O 421 -16.91 4.33 112.39
C THR O 421 -18.05 3.78 111.53
N GLY O 422 -18.49 4.58 110.58
CA GLY O 422 -19.59 4.22 109.72
C GLY O 422 -20.31 5.48 109.25
N ASP O 423 -21.57 5.31 108.88
CA ASP O 423 -22.42 6.41 108.42
C ASP O 423 -23.67 6.49 109.28
N TRP O 424 -23.90 7.64 109.90
CA TRP O 424 -25.03 7.87 110.78
C TRP O 424 -25.68 9.19 110.42
N LYS O 425 -27.01 9.20 110.35
CA LYS O 425 -27.79 10.40 110.05
C LYS O 425 -27.39 11.01 108.70
N GLY O 426 -26.78 10.20 107.83
CA GLY O 426 -26.29 10.70 106.57
C GLY O 426 -24.93 11.36 106.64
N GLY O 427 -24.29 11.38 107.80
CA GLY O 427 -22.94 11.91 107.93
C GLY O 427 -21.93 10.79 108.05
N THR O 428 -20.79 10.96 107.38
CA THR O 428 -19.78 9.92 107.34
C THR O 428 -18.78 10.08 108.48
N ALA O 429 -18.46 8.96 109.12
CA ALA O 429 -17.53 8.90 110.25
C ALA O 429 -16.46 7.86 109.97
N ALA O 430 -15.86 7.91 108.78
CA ALA O 430 -14.91 6.89 108.37
C ALA O 430 -13.71 6.83 109.31
N GLU O 431 -13.16 7.99 109.68
CA GLU O 431 -12.15 8.03 110.70
C GLU O 431 -12.79 7.78 112.07
N PRO O 432 -12.03 7.27 113.04
CA PRO O 432 -12.60 7.01 114.37
C PRO O 432 -13.12 8.30 115.01
N ALA O 433 -14.24 8.18 115.72
CA ALA O 433 -14.89 9.31 116.36
C ALA O 433 -15.23 8.95 117.79
N ARG O 434 -14.85 9.82 118.73
CA ARG O 434 -15.10 9.58 120.14
C ARG O 434 -16.59 9.72 120.43
N PHE O 435 -17.18 8.71 121.08
CA PHE O 435 -18.58 8.76 121.46
C PHE O 435 -18.83 8.40 122.91
N ALA O 436 -17.96 7.60 123.54
CA ALA O 436 -18.16 7.16 124.92
C ALA O 436 -16.85 7.26 125.70
N VAL O 437 -16.95 7.81 126.90
CA VAL O 437 -15.85 7.78 127.88
C VAL O 437 -16.43 7.25 129.19
N GLY O 438 -15.91 6.12 129.64
CA GLY O 438 -16.48 5.46 130.80
C GLY O 438 -16.33 6.22 132.10
N ASN O 439 -17.44 6.69 132.66
CA ASN O 439 -17.42 7.35 133.96
C ASN O 439 -17.23 6.39 135.12
N GLY O 440 -17.27 5.08 134.85
CA GLY O 440 -17.01 4.08 135.87
C GLY O 440 -18.04 2.97 135.93
N THR O 441 -19.32 3.32 135.76
CA THR O 441 -20.39 2.33 135.83
C THR O 441 -21.43 2.44 134.72
N GLN O 442 -21.56 3.58 134.04
CA GLN O 442 -22.63 3.76 133.08
C GLN O 442 -22.32 3.01 131.78
N ASP O 443 -23.31 2.28 131.28
CA ASP O 443 -23.18 1.57 130.01
C ASP O 443 -24.19 2.03 128.98
N THR O 444 -25.02 3.02 129.30
CA THR O 444 -25.95 3.62 128.35
C THR O 444 -25.28 4.82 127.71
N PHE O 445 -25.04 4.73 126.41
CA PHE O 445 -24.27 5.73 125.69
C PHE O 445 -25.00 6.07 124.41
N THR O 446 -24.59 7.17 123.77
CA THR O 446 -25.17 7.60 122.51
C THR O 446 -24.07 7.95 121.52
N LEU O 447 -24.43 7.95 120.25
CA LEU O 447 -23.46 8.16 119.19
C LEU O 447 -23.06 9.62 119.10
N SER O 448 -21.99 9.87 118.33
CA SER O 448 -21.51 11.23 118.08
C SER O 448 -22.08 11.73 116.76
N ASP O 449 -21.69 12.94 116.36
CA ASP O 449 -22.19 13.57 115.15
C ASP O 449 -21.05 13.82 114.17
N PRO O 450 -20.99 13.11 113.05
CA PRO O 450 -19.94 13.36 112.05
C PRO O 450 -20.17 14.64 111.25
N ALA O 451 -19.44 14.80 110.16
CA ALA O 451 -19.38 16.06 109.41
C ALA O 451 -20.74 16.57 108.94
N TYR O 452 -21.73 15.69 108.78
CA TYR O 452 -23.10 16.08 108.44
C TYR O 452 -23.25 16.55 107.00
N ILE O 453 -24.31 16.13 106.34
CA ILE O 453 -24.56 16.44 104.93
C ILE O 453 -26.03 16.84 104.79
N GLY O 454 -26.33 17.63 103.76
CA GLY O 454 -27.68 18.10 103.50
C GLY O 454 -28.54 17.09 102.79
N LEU O 455 -29.08 16.12 103.54
CA LEU O 455 -29.84 14.97 103.04
C LEU O 455 -30.81 15.33 101.91
N PRO O 456 -31.82 16.21 102.14
CA PRO O 456 -32.90 16.33 101.16
C PRO O 456 -32.50 16.96 99.84
N THR O 457 -31.93 18.15 99.89
CA THR O 457 -31.94 19.07 98.75
C THR O 457 -33.33 19.07 98.12
N SER O 458 -34.30 19.51 98.91
CA SER O 458 -35.70 19.30 98.56
C SER O 458 -36.07 20.01 97.26
N GLY O 459 -36.88 19.33 96.45
CA GLY O 459 -37.33 19.89 95.19
C GLY O 459 -36.62 19.30 94.00
N ALA O 460 -37.39 18.84 93.01
CA ALA O 460 -36.81 18.35 91.79
C ALA O 460 -36.21 19.50 90.98
N PHE O 461 -35.19 19.17 90.21
CA PHE O 461 -34.51 20.13 89.33
C PHE O 461 -33.92 21.30 90.11
N LYS O 462 -33.43 21.03 91.32
CA LYS O 462 -32.74 22.07 92.07
C LYS O 462 -31.36 21.55 92.44
N LEU O 463 -30.33 22.34 92.12
CA LEU O 463 -28.96 21.91 92.28
C LEU O 463 -28.15 22.97 93.02
N GLU O 464 -27.15 22.50 93.75
CA GLU O 464 -26.22 23.35 94.47
C GLU O 464 -24.87 22.67 94.46
N TYR O 465 -23.91 23.27 95.15
CA TYR O 465 -22.58 22.71 95.32
C TYR O 465 -22.09 22.99 96.72
N ARG O 466 -21.11 22.20 97.17
CA ARG O 466 -20.57 22.36 98.51
C ARG O 466 -19.05 22.42 98.44
N VAL O 467 -18.48 23.41 99.12
CA VAL O 467 -17.07 23.77 99.01
C VAL O 467 -16.45 23.70 100.40
N GLY O 468 -15.28 23.07 100.50
CA GLY O 468 -14.59 22.98 101.77
C GLY O 468 -13.59 24.11 101.98
N PRO O 469 -12.87 24.07 103.10
CA PRO O 469 -11.85 25.08 103.36
C PRO O 469 -10.48 24.71 102.80
N ALA O 470 -10.26 23.41 102.57
CA ALA O 470 -8.96 22.95 102.12
C ALA O 470 -8.59 23.54 100.77
N LEU O 471 -9.57 23.65 99.87
CA LEU O 471 -9.32 24.22 98.56
C LEU O 471 -8.86 25.66 98.65
N ASN O 472 -9.29 26.38 99.68
CA ASN O 472 -8.96 27.80 99.86
C ASN O 472 -9.31 28.59 98.61
N LEU O 473 -10.43 28.25 97.99
CA LEU O 473 -10.86 28.88 96.75
C LEU O 473 -11.41 30.26 97.06
N SER O 474 -10.96 31.25 96.30
CA SER O 474 -11.33 32.63 96.57
C SER O 474 -12.82 32.85 96.34
N PRO O 475 -13.49 33.66 97.17
CA PRO O 475 -14.92 33.92 96.95
C PRO O 475 -15.21 34.64 95.65
N GLN O 476 -14.21 35.25 95.02
CA GLN O 476 -14.41 35.85 93.70
C GLN O 476 -14.82 34.80 92.68
N LEU O 477 -14.18 33.63 92.71
CA LEU O 477 -14.57 32.56 91.80
C LEU O 477 -16.00 32.12 92.09
N ILE O 478 -16.36 31.99 93.37
CA ILE O 478 -17.73 31.59 93.72
C ILE O 478 -18.72 32.61 93.20
N ASN O 479 -18.40 33.91 93.33
CA ASN O 479 -19.30 34.94 92.85
C ASN O 479 -19.48 34.85 91.34
N LEU O 480 -18.39 34.62 90.61
CA LEU O 480 -18.50 34.67 89.15
C LEU O 480 -19.01 33.35 88.57
N MET O 481 -19.00 32.27 89.34
CA MET O 481 -19.38 30.99 88.73
C MET O 481 -20.84 30.63 88.97
N ASN O 482 -21.60 31.51 89.61
CA ASN O 482 -23.04 31.26 89.77
C ASN O 482 -23.79 31.53 88.47
N ASP O 483 -23.43 32.59 87.76
CA ASP O 483 -24.25 33.08 86.65
C ASP O 483 -24.14 32.19 85.41
N ARG O 484 -25.20 32.23 84.61
CA ARG O 484 -25.29 31.44 83.38
C ARG O 484 -24.72 32.18 82.17
N ALA O 485 -24.41 33.47 82.29
CA ALA O 485 -23.89 34.21 81.15
C ALA O 485 -22.48 33.79 80.79
N VAL O 486 -21.82 33.01 81.65
CA VAL O 486 -20.48 32.51 81.38
C VAL O 486 -20.48 31.04 80.97
N GLY O 487 -21.38 30.22 81.49
CA GLY O 487 -21.49 28.83 81.10
C GLY O 487 -20.23 28.03 81.38
N ILE O 488 -19.87 27.90 82.66
CA ILE O 488 -18.65 27.21 83.06
C ILE O 488 -19.00 26.12 84.07
N MET O 489 -20.17 25.53 83.91
CA MET O 489 -20.67 24.63 84.94
C MET O 489 -21.59 23.60 84.32
N PRO O 490 -21.55 22.34 84.77
CA PRO O 490 -22.53 21.36 84.31
C PRO O 490 -23.94 21.81 84.68
N THR O 491 -24.89 21.51 83.79
CA THR O 491 -26.28 21.86 84.03
C THR O 491 -27.18 20.91 83.27
N CYS O 492 -28.44 20.85 83.70
CA CYS O 492 -29.43 19.97 83.10
C CYS O 492 -30.75 20.72 82.98
N ALA O 493 -31.60 20.25 82.07
CA ALA O 493 -32.85 20.94 81.77
C ALA O 493 -33.79 20.91 82.98
N GLY O 494 -34.52 22.02 83.18
CA GLY O 494 -35.39 22.20 84.31
C GLY O 494 -34.73 22.76 85.54
N CYS O 495 -33.40 22.74 85.60
CA CYS O 495 -32.66 22.93 86.83
C CYS O 495 -32.15 24.35 86.97
N ASP O 496 -32.10 24.83 88.22
CA ASP O 496 -31.35 26.00 88.59
C ASP O 496 -30.27 25.59 89.59
N VAL O 497 -29.06 26.11 89.40
CA VAL O 497 -27.89 25.63 90.11
C VAL O 497 -27.29 26.74 90.94
N LYS O 498 -26.93 26.41 92.19
CA LYS O 498 -26.19 27.28 93.09
C LYS O 498 -24.82 26.68 93.31
N VAL O 499 -23.96 27.44 94.01
CA VAL O 499 -22.59 26.98 94.25
C VAL O 499 -22.38 26.67 95.73
N ILE O 500 -23.17 27.30 96.59
CA ILE O 500 -23.13 26.98 98.03
C ILE O 500 -24.53 26.98 98.63
N LYS P 1 9.80 37.77 29.25
CA LYS P 1 11.18 38.06 28.89
C LYS P 1 11.40 37.79 27.40
N ILE P 2 12.66 37.91 26.97
CA ILE P 2 13.07 37.63 25.61
C ILE P 2 14.30 36.74 25.67
N PRO P 3 14.25 35.51 25.18
CA PRO P 3 15.46 34.67 25.15
C PRO P 3 16.49 35.25 24.19
N LEU P 4 17.64 35.63 24.73
CA LEU P 4 18.67 36.35 23.98
C LEU P 4 19.99 35.61 24.15
N THR P 5 20.98 36.02 23.35
CA THR P 5 22.29 35.40 23.35
C THR P 5 23.34 36.48 23.09
N ALA P 6 24.60 36.14 23.32
CA ALA P 6 25.70 37.11 23.30
C ALA P 6 26.34 37.11 21.91
N VAL P 7 25.70 37.82 20.99
CA VAL P 7 26.21 37.98 19.63
C VAL P 7 26.25 39.48 19.32
N PRO P 8 27.29 39.98 18.65
CA PRO P 8 27.36 41.42 18.37
C PRO P 8 26.24 41.92 17.47
N ASN P 9 25.56 41.05 16.73
CA ASN P 9 24.47 41.48 15.86
C ASN P 9 23.55 40.31 15.61
N GLN P 10 22.27 40.45 15.95
CA GLN P 10 21.36 39.33 16.00
C GLN P 10 19.93 39.82 15.79
N ALA P 11 19.01 38.87 15.64
CA ALA P 11 17.60 39.17 15.43
C ALA P 11 16.74 38.13 16.12
N ILE P 12 15.52 38.53 16.49
CA ILE P 12 14.58 37.69 17.21
C ILE P 12 13.22 37.79 16.54
N SER P 13 12.50 36.66 16.47
CA SER P 13 11.14 36.62 15.93
C SER P 13 10.23 35.86 16.89
N PHE P 14 9.15 36.50 17.31
CA PHE P 14 8.23 35.90 18.26
C PHE P 14 6.86 36.53 18.10
N ASN P 15 5.86 35.85 18.68
CA ASN P 15 4.48 36.35 18.71
C ASN P 15 4.15 36.75 20.14
N ALA P 16 3.94 38.06 20.34
CA ALA P 16 3.69 38.59 21.67
C ALA P 16 2.42 39.44 21.64
N GLY P 17 1.58 39.25 22.65
CA GLY P 17 0.38 40.05 22.78
C GLY P 17 -0.58 39.97 21.62
N SER P 18 -0.83 38.76 21.10
CA SER P 18 -1.72 38.55 19.97
C SER P 18 -1.25 39.33 18.74
N SER P 19 0.06 39.36 18.54
CA SER P 19 0.62 39.99 17.35
C SER P 19 2.04 39.48 17.14
N TYR P 20 2.53 39.64 15.92
CA TYR P 20 3.84 39.12 15.54
C TYR P 20 4.88 40.24 15.65
N TRP P 21 6.02 39.92 16.24
CA TRP P 21 7.09 40.88 16.47
C TRP P 21 8.39 40.36 15.89
N LYS P 22 9.24 41.28 15.45
CA LYS P 22 10.56 40.95 14.94
C LYS P 22 11.55 42.02 15.40
N ILE P 23 12.47 41.66 16.29
CA ILE P 23 13.44 42.58 16.84
C ILE P 23 14.83 42.14 16.41
N ARG P 24 15.62 43.07 15.87
CA ARG P 24 17.01 42.83 15.58
C ARG P 24 17.88 43.81 16.35
N LEU P 25 18.93 43.30 16.98
CA LEU P 25 19.84 44.09 17.79
C LEU P 25 21.21 44.08 17.15
N TYR P 26 21.84 45.25 17.06
CA TYR P 26 23.16 45.36 16.45
C TYR P 26 23.97 46.41 17.17
N GLN P 27 25.25 46.10 17.39
CA GLN P 27 26.16 47.09 17.96
C GLN P 27 26.38 48.23 16.98
N ASN P 28 26.40 49.45 17.50
CA ASN P 28 26.71 50.63 16.69
C ASN P 28 27.66 51.49 17.52
N MET P 29 28.96 51.29 17.31
CA MET P 29 29.99 52.03 18.02
C MET P 29 29.86 51.84 19.53
N ASP P 30 29.55 52.90 20.26
CA ASP P 30 29.52 52.81 21.72
C ASP P 30 28.36 51.95 22.22
N MET P 31 27.15 52.23 21.73
CA MET P 31 25.95 51.68 22.33
C MET P 31 25.21 50.80 21.33
N MET P 32 24.36 49.93 21.87
CA MET P 32 23.57 49.04 21.05
C MET P 32 22.41 49.78 20.39
N ASN P 33 21.92 49.22 19.29
CA ASN P 33 20.82 49.82 18.55
C ASN P 33 19.88 48.72 18.11
N ALA P 34 18.62 49.08 17.90
CA ALA P 34 17.59 48.12 17.54
C ALA P 34 16.70 48.69 16.45
N ASP P 35 16.07 47.80 15.71
CA ASP P 35 15.05 48.16 14.73
C ASP P 35 13.84 47.26 14.95
N ILE P 36 12.66 47.85 15.10
CA ILE P 36 11.45 47.14 15.50
C ILE P 36 10.47 47.16 14.33
N SER P 37 9.92 45.99 14.01
CA SER P 37 8.85 45.87 13.02
C SER P 37 7.79 44.92 13.56
N ARG P 38 6.52 45.29 13.36
CA ARG P 38 5.41 44.49 13.84
C ARG P 38 4.56 44.05 12.66
N ASP P 39 4.37 42.73 12.55
CA ASP P 39 3.63 42.12 11.44
C ASP P 39 4.19 42.55 10.08
N GLY P 40 5.51 42.61 9.99
CA GLY P 40 6.17 42.85 8.72
C GLY P 40 6.33 44.30 8.32
N VAL P 41 5.79 45.24 9.09
CA VAL P 41 5.88 46.66 8.75
C VAL P 41 6.64 47.36 9.86
N ILE P 42 7.66 48.14 9.46
CA ILE P 42 8.57 48.72 10.42
C ILE P 42 7.90 49.82 11.22
N VAL P 43 8.30 49.96 12.48
CA VAL P 43 7.73 50.93 13.39
C VAL P 43 8.69 52.08 13.65
N CYS P 44 9.87 51.79 14.17
CA CYS P 44 10.90 52.81 14.35
C CYS P 44 12.26 52.16 14.18
N HIS P 45 13.25 52.97 13.82
CA HIS P 45 14.58 52.48 13.48
C HIS P 45 15.64 53.24 14.26
N GLY P 46 16.76 52.56 14.48
CA GLY P 46 17.91 53.18 15.12
C GLY P 46 17.60 53.74 16.48
N VAL P 47 16.84 52.99 17.27
CA VAL P 47 16.52 53.38 18.63
C VAL P 47 17.63 52.90 19.55
N ARG P 48 18.20 53.83 20.31
CA ARG P 48 19.24 53.48 21.26
C ARG P 48 18.65 52.64 22.39
N CYS P 49 19.43 51.66 22.83
CA CYS P 49 19.01 50.80 23.94
C CYS P 49 19.53 51.36 25.25
N PHE P 50 18.59 51.75 26.11
CA PHE P 50 18.91 52.26 27.43
C PHE P 50 18.07 51.50 28.44
N GLY P 51 18.61 51.36 29.64
CA GLY P 51 17.86 50.77 30.73
C GLY P 51 16.62 51.59 31.01
N GLY P 52 15.50 50.93 31.22
CA GLY P 52 14.28 51.59 31.63
C GLY P 52 13.54 52.34 30.54
N ILE P 53 14.21 53.19 29.78
CA ILE P 53 13.52 53.97 28.74
C ILE P 53 13.01 53.01 27.68
N PRO P 54 11.71 52.99 27.41
CA PRO P 54 11.15 52.00 26.49
C PRO P 54 11.63 52.21 25.06
N LEU P 55 11.65 51.12 24.29
CA LEU P 55 12.09 51.19 22.90
C LEU P 55 11.07 51.94 22.05
N LEU P 56 9.78 51.72 22.31
CA LEU P 56 8.74 52.42 21.58
C LEU P 56 8.37 53.70 22.31
N GLN P 57 8.62 54.84 21.67
CA GLN P 57 8.51 56.15 22.30
C GLN P 57 7.13 56.78 22.08
N TYR P 58 6.39 56.34 21.07
CA TYR P 58 5.30 57.15 20.54
C TYR P 58 3.96 56.44 20.71
N SER P 59 2.93 57.20 21.09
CA SER P 59 1.65 56.59 21.43
C SER P 59 1.04 55.87 20.24
N HIS P 60 1.12 56.48 19.05
CA HIS P 60 0.66 55.81 17.85
C HIS P 60 1.55 54.64 17.47
N GLN P 61 2.71 54.49 18.09
CA GLN P 61 3.49 53.29 17.89
C GLN P 61 3.29 52.26 18.99
N TYR P 62 3.59 52.60 20.25
CA TYR P 62 3.63 51.56 21.27
C TYR P 62 2.27 50.90 21.44
N ARG P 63 1.21 51.70 21.61
CA ARG P 63 -0.10 51.06 21.66
C ARG P 63 -1.28 52.01 21.60
N PRO P 64 -2.33 51.64 20.87
CA PRO P 64 -3.68 51.81 21.41
C PRO P 64 -3.94 50.73 22.44
N ASP P 65 -3.56 49.49 22.10
CA ASP P 65 -3.71 48.35 23.00
C ASP P 65 -2.56 47.35 22.94
N TYR P 66 -1.51 47.60 22.18
CA TYR P 66 -0.36 46.70 22.08
C TYR P 66 0.49 46.84 23.35
N GLY P 67 1.70 46.28 23.32
CA GLY P 67 2.61 46.31 24.45
C GLY P 67 3.83 47.19 24.20
N ASN P 68 4.92 46.86 24.88
CA ASN P 68 6.19 47.58 24.76
C ASN P 68 7.31 46.73 25.32
N PHE P 69 8.55 47.16 25.09
CA PHE P 69 9.76 46.47 25.51
C PHE P 69 10.62 47.40 26.37
N VAL P 70 11.19 46.88 27.45
CA VAL P 70 12.00 47.67 28.36
C VAL P 70 13.24 46.87 28.78
N PHE P 71 14.38 47.55 28.81
CA PHE P 71 15.64 46.98 29.30
C PHE P 71 15.82 47.33 30.77
N ASP P 72 16.36 46.38 31.55
CA ASP P 72 16.63 46.64 32.95
C ASP P 72 17.85 47.52 33.14
N ARG P 73 18.89 47.31 32.33
CA ARG P 73 20.09 48.12 32.39
C ARG P 73 20.52 48.58 31.00
N ASP P 74 21.66 49.26 30.90
CA ASP P 74 22.19 49.59 29.60
C ASP P 74 22.66 48.33 28.88
N ALA P 75 22.35 48.25 27.58
CA ALA P 75 22.59 47.04 26.82
C ALA P 75 24.07 46.85 26.53
N ASP P 76 24.49 45.60 26.51
CA ASP P 76 25.87 45.23 26.21
C ASP P 76 25.90 43.79 25.73
N TRP P 77 26.25 43.58 24.46
CA TRP P 77 26.07 42.27 23.84
C TRP P 77 26.93 41.19 24.49
N THR P 78 27.92 41.56 25.29
CA THR P 78 28.72 40.56 25.99
C THR P 78 27.95 39.94 27.15
N LEU P 79 27.04 40.69 27.78
CA LEU P 79 26.33 40.23 28.96
C LEU P 79 25.01 39.55 28.66
N PHE P 80 24.56 39.55 27.40
CA PHE P 80 23.26 38.96 27.09
C PHE P 80 23.23 37.48 27.43
N GLY P 81 22.10 37.04 27.98
CA GLY P 81 21.97 35.70 28.49
C GLY P 81 22.64 35.47 29.82
N ASP P 82 23.33 36.48 30.37
CA ASP P 82 24.07 36.35 31.63
C ASP P 82 23.84 37.63 32.43
N GLY P 83 22.78 37.64 33.24
CA GLY P 83 22.53 38.72 34.17
C GLY P 83 21.82 39.93 33.59
N ILE P 84 21.55 39.96 32.30
CA ILE P 84 20.83 41.07 31.67
C ILE P 84 19.65 40.50 30.90
N ASN P 85 18.50 41.17 30.99
CA ASN P 85 17.26 40.65 30.46
C ASN P 85 16.51 41.74 29.70
N LEU P 86 15.67 41.31 28.76
CA LEU P 86 14.75 42.19 28.05
C LEU P 86 13.33 41.71 28.33
N PHE P 87 12.46 42.63 28.70
CA PHE P 87 11.12 42.30 29.14
C PHE P 87 10.07 42.94 28.26
N TYR P 88 9.09 42.14 27.86
CA TYR P 88 7.91 42.62 27.16
C TYR P 88 6.78 42.81 28.15
N LEU P 89 6.12 43.96 28.09
CA LEU P 89 5.03 44.29 28.99
C LEU P 89 3.80 44.63 28.16
N ASP P 90 2.67 44.02 28.48
CA ASP P 90 1.45 44.27 27.73
C ASP P 90 0.84 45.60 28.15
N GLY P 91 -0.37 45.90 27.67
CA GLY P 91 -0.89 47.25 27.77
C GLY P 91 -1.11 47.69 29.21
N ALA P 92 -1.67 46.82 30.04
CA ALA P 92 -2.09 47.23 31.38
C ALA P 92 -0.89 47.62 32.25
N GLU P 93 0.03 46.68 32.47
CA GLU P 93 1.17 46.98 33.32
C GLU P 93 2.06 48.04 32.70
N PHE P 94 2.11 48.14 31.38
CA PHE P 94 2.91 49.20 30.78
C PHE P 94 2.31 50.57 31.05
N ALA P 95 0.98 50.69 30.97
CA ALA P 95 0.34 51.96 31.32
C ALA P 95 0.59 52.30 32.78
N GLU P 96 0.47 51.30 33.65
CA GLU P 96 0.77 51.54 35.07
C GLU P 96 2.19 52.02 35.27
N TYR P 97 3.16 51.35 34.62
CA TYR P 97 4.56 51.72 34.79
C TYR P 97 4.84 53.10 34.22
N GLN P 98 4.22 53.44 33.09
CA GLN P 98 4.39 54.76 32.52
C GLN P 98 3.87 55.84 33.45
N ALA P 99 2.73 55.59 34.10
CA ALA P 99 2.23 56.52 35.10
C ALA P 99 3.21 56.62 36.28
N LEU P 100 3.78 55.49 36.70
CA LEU P 100 4.79 55.49 37.75
C LEU P 100 6.03 56.28 37.36
N ALA P 101 6.35 56.36 36.07
CA ALA P 101 7.60 57.00 35.65
C ALA P 101 7.61 58.48 36.00
N THR P 102 6.44 59.09 36.14
CA THR P 102 6.34 60.51 36.47
C THR P 102 6.91 60.82 37.85
N SER Q 1 10.84 -48.70 -29.44
CA SER Q 1 10.04 -47.50 -29.62
C SER Q 1 10.24 -46.92 -31.01
N THR Q 2 10.97 -47.65 -31.85
CA THR Q 2 11.23 -47.25 -33.22
C THR Q 2 10.93 -48.41 -34.17
N SER Q 3 11.05 -48.13 -35.46
CA SER Q 3 10.83 -49.14 -36.50
C SER Q 3 11.36 -48.60 -37.82
N THR Q 4 11.53 -49.51 -38.77
CA THR Q 4 12.05 -49.17 -40.09
C THR Q 4 11.80 -50.34 -41.02
N ILE Q 5 12.07 -50.14 -42.31
CA ILE Q 5 11.93 -51.17 -43.33
C ILE Q 5 13.30 -51.74 -43.62
N ARG Q 6 13.41 -53.07 -43.59
CA ARG Q 6 14.70 -53.73 -43.72
C ARG Q 6 15.33 -53.48 -45.08
N THR Q 7 16.65 -53.34 -45.09
CA THR Q 7 17.40 -53.12 -46.32
C THR Q 7 18.61 -54.05 -46.33
N GLY Q 8 19.15 -54.27 -47.53
CA GLY Q 8 20.30 -55.12 -47.70
C GLY Q 8 21.61 -54.36 -47.54
N THR Q 9 22.70 -55.04 -47.90
CA THR Q 9 24.01 -54.40 -47.83
C THR Q 9 24.11 -53.24 -48.82
N ASN Q 10 23.32 -53.29 -49.88
CA ASN Q 10 23.01 -52.10 -50.66
C ASN Q 10 21.62 -51.60 -50.28
N ASN Q 11 21.51 -50.28 -50.14
CA ASN Q 11 20.37 -49.69 -49.46
C ASN Q 11 19.12 -49.66 -50.34
N ASP Q 12 18.55 -50.84 -50.53
CA ASP Q 12 17.30 -51.03 -51.21
C ASP Q 12 16.31 -51.73 -50.29
N ILE Q 13 15.04 -51.72 -50.68
CA ILE Q 13 14.05 -52.49 -49.95
C ILE Q 13 14.30 -53.97 -50.20
N LEU Q 14 14.45 -54.73 -49.12
CA LEU Q 14 14.70 -56.17 -49.19
C LEU Q 14 13.40 -56.91 -48.88
N LEU Q 15 13.01 -57.82 -49.76
CA LEU Q 15 11.75 -58.52 -49.66
C LEU Q 15 11.98 -60.00 -49.42
N ASP Q 16 11.16 -60.58 -48.55
CA ASP Q 16 11.26 -61.99 -48.21
C ASP Q 16 10.75 -62.85 -49.37
N ASP Q 17 10.79 -64.17 -49.19
CA ASP Q 17 10.20 -65.06 -50.18
C ASP Q 17 8.71 -64.78 -50.38
N ASN Q 18 8.01 -64.44 -49.30
CA ASN Q 18 6.65 -63.94 -49.40
C ASN Q 18 6.58 -62.54 -49.97
N GLY Q 19 7.72 -61.86 -50.11
CA GLY Q 19 7.72 -60.52 -50.67
C GLY Q 19 7.28 -59.44 -49.73
N ASN Q 20 7.09 -59.77 -48.45
CA ASN Q 20 6.53 -58.84 -47.48
C ASN Q 20 7.58 -57.82 -47.07
N MET Q 21 7.26 -56.54 -47.26
CA MET Q 21 8.06 -55.49 -46.66
C MET Q 21 7.85 -55.52 -45.15
N VAL Q 22 8.92 -55.78 -44.41
CA VAL Q 22 8.85 -56.09 -43.00
C VAL Q 22 9.18 -54.85 -42.18
N ILE Q 23 8.43 -54.65 -41.11
CA ILE Q 23 8.69 -53.56 -40.17
C ILE Q 23 9.58 -54.11 -39.07
N LEU Q 24 10.87 -53.85 -39.17
CA LEU Q 24 11.81 -54.29 -38.15
C LEU Q 24 11.57 -53.54 -36.85
N ARG Q 25 11.63 -54.27 -35.74
CA ARG Q 25 11.48 -53.66 -34.42
C ARG Q 25 12.83 -53.11 -33.97
N ASP Q 26 12.92 -52.75 -32.69
CA ASP Q 26 14.03 -51.98 -32.16
C ASP Q 26 15.35 -52.77 -32.26
N VAL Q 27 16.42 -52.12 -31.81
CA VAL Q 27 17.79 -52.63 -31.79
C VAL Q 27 18.36 -52.75 -33.20
N GLU Q 28 17.92 -53.76 -33.96
CA GLU Q 28 18.43 -53.88 -35.33
C GLU Q 28 17.90 -52.75 -36.22
N ALA Q 29 16.74 -52.20 -35.87
CA ALA Q 29 16.33 -50.95 -36.51
C ALA Q 29 17.32 -49.84 -36.17
N CYS Q 30 17.80 -49.80 -34.93
CA CYS Q 30 18.79 -48.80 -34.56
C CYS Q 30 20.11 -49.02 -35.30
N ALA Q 31 20.53 -50.27 -35.46
CA ALA Q 31 21.75 -50.55 -36.20
C ALA Q 31 21.64 -50.12 -37.65
N GLN Q 32 20.52 -50.47 -38.30
CA GLN Q 32 20.30 -50.04 -39.67
C GLN Q 32 20.24 -48.50 -39.77
N ASP Q 33 19.58 -47.86 -38.81
CA ASP Q 33 19.47 -46.40 -38.83
C ASP Q 33 20.83 -45.74 -38.69
N VAL Q 34 21.67 -46.22 -37.77
CA VAL Q 34 22.97 -45.59 -37.59
C VAL Q 34 23.87 -45.86 -38.79
N ARG Q 35 23.77 -47.07 -39.38
CA ARG Q 35 24.55 -47.33 -40.58
C ARG Q 35 24.18 -46.40 -41.71
N ALA Q 36 22.87 -46.14 -41.88
CA ALA Q 36 22.44 -45.21 -42.92
C ALA Q 36 22.84 -43.78 -42.58
N ALA Q 37 22.83 -43.42 -41.29
CA ALA Q 37 23.15 -42.06 -40.89
C ALA Q 37 24.61 -41.74 -41.13
N MET Q 38 25.51 -42.68 -40.78
CA MET Q 38 26.93 -42.42 -40.94
C MET Q 38 27.37 -42.37 -42.40
N LEU Q 39 26.51 -42.77 -43.32
CA LEU Q 39 26.83 -42.83 -44.74
C LEU Q 39 26.10 -41.78 -45.56
N MET Q 40 25.59 -40.72 -44.93
CA MET Q 40 24.64 -39.83 -45.58
C MET Q 40 25.28 -38.63 -46.27
N ARG Q 41 26.48 -38.22 -45.84
CA ARG Q 41 27.22 -37.12 -46.44
C ARG Q 41 26.58 -35.77 -46.14
N THR Q 42 27.40 -34.71 -46.05
CA THR Q 42 26.92 -33.38 -45.74
C THR Q 42 26.60 -32.63 -47.02
N GLY Q 43 25.51 -31.86 -46.98
CA GLY Q 43 25.06 -31.13 -48.15
C GLY Q 43 24.21 -31.94 -49.11
N GLU Q 44 23.80 -33.15 -48.72
CA GLU Q 44 22.86 -33.96 -49.49
C GLU Q 44 21.43 -33.86 -49.00
N ASN Q 45 21.22 -33.59 -47.71
CA ASN Q 45 19.89 -33.57 -47.13
C ASN Q 45 19.25 -32.22 -47.41
N ILE Q 46 18.20 -32.22 -48.22
CA ILE Q 46 17.43 -31.01 -48.45
C ILE Q 46 16.43 -30.84 -47.31
N PHE Q 47 16.10 -29.60 -46.99
CA PHE Q 47 15.24 -29.16 -45.88
C PHE Q 47 15.97 -29.26 -44.54
N ASP Q 48 17.18 -29.82 -44.49
CA ASP Q 48 18.00 -29.87 -43.27
C ASP Q 48 19.46 -29.75 -43.70
N VAL Q 49 19.95 -28.51 -43.75
CA VAL Q 49 21.34 -28.29 -44.10
C VAL Q 49 22.20 -28.36 -42.84
N ASN Q 50 23.49 -28.65 -43.03
CA ASN Q 50 24.45 -28.89 -41.96
C ASN Q 50 24.17 -30.19 -41.21
N SER Q 51 23.61 -31.18 -41.90
CA SER Q 51 23.40 -32.51 -41.35
C SER Q 51 24.11 -33.53 -42.22
N GLY Q 52 24.91 -34.38 -41.58
CA GLY Q 52 25.72 -35.37 -42.26
C GLY Q 52 27.15 -35.32 -41.79
N VAL Q 53 27.99 -36.13 -42.42
CA VAL Q 53 29.40 -36.24 -42.09
C VAL Q 53 30.20 -35.51 -43.16
N GLY Q 54 31.13 -34.66 -42.75
CA GLY Q 54 31.92 -33.89 -43.69
C GLY Q 54 33.13 -34.65 -44.21
N TYR Q 55 32.89 -35.69 -45.01
CA TYR Q 55 34.00 -36.50 -45.50
C TYR Q 55 34.93 -35.69 -46.38
N PHE Q 56 34.39 -34.87 -47.27
CA PHE Q 56 35.20 -34.18 -48.26
C PHE Q 56 35.91 -32.97 -47.69
N GLU Q 57 35.59 -32.55 -46.47
CA GLU Q 57 36.25 -31.40 -45.87
C GLU Q 57 37.07 -31.76 -44.64
N TYR Q 58 36.82 -32.91 -44.01
CA TYR Q 58 37.42 -33.24 -42.73
C TYR Q 58 38.28 -34.51 -42.77
N ILE Q 59 37.96 -35.47 -43.63
CA ILE Q 59 38.69 -36.74 -43.67
C ILE Q 59 39.48 -36.85 -44.96
N PHE Q 60 38.82 -36.64 -46.10
CA PHE Q 60 39.50 -36.82 -47.39
C PHE Q 60 40.43 -35.66 -47.70
N SER Q 61 40.10 -34.47 -47.22
CA SER Q 61 40.98 -33.33 -47.37
C SER Q 61 42.19 -33.49 -46.43
N PRO Q 62 43.33 -32.89 -46.77
CA PRO Q 62 44.46 -32.91 -45.85
C PRO Q 62 44.15 -32.13 -44.57
N GLN Q 63 44.24 -32.81 -43.43
CA GLN Q 63 43.84 -32.23 -42.16
C GLN Q 63 44.94 -32.44 -41.13
N LYS Q 64 45.06 -31.47 -40.23
CA LYS Q 64 46.09 -31.43 -39.20
C LYS Q 64 45.80 -32.38 -38.03
N SER Q 65 44.64 -32.24 -37.40
CA SER Q 65 44.40 -32.74 -36.05
C SER Q 65 43.61 -34.04 -36.01
N TYR Q 66 42.53 -34.15 -36.77
CA TYR Q 66 41.64 -35.31 -36.87
C TYR Q 66 40.73 -35.47 -35.66
N ASP Q 67 40.48 -34.41 -34.88
CA ASP Q 67 39.41 -34.45 -33.90
C ASP Q 67 38.09 -34.03 -34.52
N ASP Q 68 38.14 -33.26 -35.60
CA ASP Q 68 36.93 -32.84 -36.29
C ASP Q 68 36.16 -34.03 -36.83
N ALA Q 69 36.88 -35.01 -37.39
CA ALA Q 69 36.22 -36.22 -37.88
C ALA Q 69 35.50 -36.95 -36.75
N ARG Q 70 36.15 -37.06 -35.58
CA ARG Q 70 35.52 -37.70 -34.45
C ARG Q 70 34.26 -36.96 -34.01
N LYS Q 71 34.34 -35.63 -33.94
CA LYS Q 71 33.17 -34.85 -33.52
C LYS Q 71 32.03 -35.00 -34.51
N SER Q 72 32.32 -34.90 -35.80
CA SER Q 72 31.28 -35.00 -36.82
C SER Q 72 30.63 -36.39 -36.80
N ILE Q 73 31.44 -37.44 -36.71
CA ILE Q 73 30.89 -38.78 -36.71
C ILE Q 73 30.07 -39.02 -35.44
N ALA Q 74 30.54 -38.53 -34.29
CA ALA Q 74 29.78 -38.68 -33.06
C ALA Q 74 28.45 -37.93 -33.15
N ASP Q 75 28.44 -36.78 -33.80
CA ASP Q 75 27.19 -36.04 -33.97
C ASP Q 75 26.23 -36.79 -34.89
N ALA Q 76 26.74 -37.38 -35.97
CA ALA Q 76 25.87 -38.11 -36.89
C ALA Q 76 25.33 -39.38 -36.26
N ILE Q 77 26.14 -40.04 -35.42
CA ILE Q 77 25.63 -41.17 -34.65
C ILE Q 77 24.54 -40.70 -33.71
N LEU Q 78 24.72 -39.53 -33.10
CA LEU Q 78 23.65 -38.87 -32.39
C LEU Q 78 22.62 -38.37 -33.41
N SER Q 79 21.63 -37.64 -32.92
CA SER Q 79 20.50 -37.16 -33.71
C SER Q 79 19.62 -38.30 -34.19
N SER Q 80 19.99 -39.55 -33.93
CA SER Q 80 19.09 -40.66 -34.17
C SER Q 80 18.01 -40.64 -33.08
N PRO Q 81 16.82 -41.16 -33.37
CA PRO Q 81 15.74 -41.10 -32.38
C PRO Q 81 16.06 -41.81 -31.08
N ASP Q 82 16.89 -42.85 -31.11
CA ASP Q 82 16.99 -43.76 -29.99
C ASP Q 82 18.32 -43.73 -29.27
N VAL Q 83 19.39 -43.23 -29.89
CA VAL Q 83 20.70 -43.27 -29.28
C VAL Q 83 20.74 -42.42 -28.02
N THR Q 84 21.29 -43.00 -26.94
CA THR Q 84 21.46 -42.28 -25.68
C THR Q 84 22.84 -41.63 -25.59
N GLY Q 85 23.90 -42.42 -25.69
CA GLY Q 85 25.25 -41.92 -25.61
C GLY Q 85 26.20 -42.84 -26.34
N ILE Q 86 27.42 -42.33 -26.57
CA ILE Q 86 28.44 -43.04 -27.33
C ILE Q 86 29.52 -43.51 -26.36
N GLU Q 87 29.85 -44.80 -26.42
CA GLU Q 87 30.76 -45.38 -25.44
C GLU Q 87 32.23 -45.24 -25.86
N GLN Q 88 32.55 -45.48 -27.14
CA GLN Q 88 33.93 -45.46 -27.60
C GLN Q 88 34.02 -45.10 -29.07
N LEU Q 89 34.98 -44.23 -29.38
CA LEU Q 89 35.40 -43.92 -30.74
C LEU Q 89 36.93 -43.97 -30.77
N ASP Q 90 37.50 -44.64 -31.76
CA ASP Q 90 38.93 -44.94 -31.76
C ASP Q 90 39.72 -44.17 -32.82
N ILE Q 91 39.30 -44.22 -34.08
CA ILE Q 91 39.98 -43.50 -35.16
C ILE Q 91 41.43 -43.96 -35.29
N ASP Q 92 41.66 -45.05 -36.01
CA ASP Q 92 42.98 -45.70 -36.01
C ASP Q 92 43.95 -45.02 -36.96
N ILE Q 93 43.51 -44.71 -38.19
CA ILE Q 93 44.37 -44.33 -39.32
C ILE Q 93 45.68 -45.12 -39.31
N THR Q 94 45.58 -46.44 -39.42
CA THR Q 94 46.74 -47.28 -39.66
C THR Q 94 46.68 -47.82 -41.07
N GLY Q 95 47.80 -47.71 -41.77
CA GLY Q 95 47.81 -48.07 -43.18
C GLY Q 95 47.21 -46.93 -43.98
N GLU Q 96 46.75 -47.25 -45.19
CA GLU Q 96 46.13 -46.25 -46.05
C GLU Q 96 44.65 -46.04 -45.73
N VAL Q 97 44.05 -46.94 -44.95
CA VAL Q 97 42.66 -46.81 -44.58
C VAL Q 97 42.51 -45.78 -43.46
N PHE Q 98 41.26 -45.42 -43.18
CA PHE Q 98 40.92 -44.56 -42.05
C PHE Q 98 39.98 -45.37 -41.16
N GLY Q 99 40.57 -46.14 -40.25
CA GLY Q 99 39.78 -47.06 -39.46
C GLY Q 99 38.95 -46.35 -38.40
N VAL Q 100 37.65 -46.64 -38.41
CA VAL Q 100 36.70 -46.05 -37.46
C VAL Q 100 35.94 -47.18 -36.78
N ASP Q 101 35.94 -47.16 -35.45
CA ASP Q 101 35.14 -48.10 -34.66
C ASP Q 101 34.29 -47.31 -33.68
N ALA Q 102 33.10 -47.82 -33.38
CA ALA Q 102 32.18 -47.12 -32.49
C ALA Q 102 31.29 -48.12 -31.78
N LYS Q 103 30.93 -47.80 -30.54
CA LYS Q 103 29.97 -48.56 -29.78
C LYS Q 103 28.99 -47.60 -29.13
N VAL Q 104 27.69 -47.82 -29.36
CA VAL Q 104 26.67 -46.88 -28.91
C VAL Q 104 25.79 -47.51 -27.84
N ILE Q 105 25.14 -46.67 -27.04
CA ILE Q 105 24.20 -47.12 -26.00
C ILE Q 105 22.82 -46.60 -26.35
N THR Q 106 21.84 -47.49 -26.32
CA THR Q 106 20.45 -47.14 -26.55
C THR Q 106 19.65 -47.34 -25.27
N ILE Q 107 18.37 -46.97 -25.33
CA ILE Q 107 17.49 -47.17 -24.18
C ILE Q 107 17.28 -48.65 -23.93
N HIS Q 108 17.26 -49.45 -24.99
CA HIS Q 108 17.08 -50.89 -24.87
C HIS Q 108 18.36 -51.62 -25.23
N MET R 1 84.31 -47.53 37.48
CA MET R 1 84.17 -48.46 36.36
C MET R 1 82.70 -48.78 36.09
N ILE R 2 82.17 -48.22 35.01
CA ILE R 2 80.80 -48.46 34.59
C ILE R 2 80.84 -49.15 33.23
N ASN R 3 80.20 -50.30 33.14
CA ASN R 3 80.23 -51.11 31.91
C ASN R 3 79.02 -50.73 31.05
N VAL R 4 79.26 -49.90 30.05
CA VAL R 4 78.21 -49.47 29.12
C VAL R 4 78.27 -50.26 27.81
N SER R 5 78.82 -51.47 27.84
CA SER R 5 78.94 -52.28 26.64
C SER R 5 77.56 -52.76 26.18
N GLY R 6 77.42 -52.89 24.86
CA GLY R 6 76.21 -53.40 24.26
C GLY R 6 76.26 -54.83 23.78
N PHE R 7 77.32 -55.56 24.11
CA PHE R 7 77.43 -56.96 23.67
C PHE R 7 76.46 -57.83 24.46
N GLY R 8 75.81 -58.75 23.76
CA GLY R 8 74.89 -59.66 24.39
C GLY R 8 73.43 -59.23 24.40
N THR R 9 73.11 -58.10 23.80
CA THR R 9 71.73 -57.64 23.77
C THR R 9 70.88 -58.54 22.88
N GLY R 10 69.66 -58.81 23.34
CA GLY R 10 68.71 -59.58 22.56
C GLY R 10 67.28 -59.09 22.76
N ILE R 11 66.46 -59.19 21.73
CA ILE R 11 65.09 -58.68 21.76
C ILE R 11 64.15 -59.76 21.26
N VAL R 12 62.91 -59.70 21.72
CA VAL R 12 61.85 -60.63 21.31
C VAL R 12 60.62 -59.82 20.97
N ILE R 13 60.00 -60.13 19.83
CA ILE R 13 58.84 -59.41 19.34
C ILE R 13 57.70 -60.39 19.15
N VAL R 14 56.56 -60.12 19.78
CA VAL R 14 55.38 -60.98 19.71
C VAL R 14 54.25 -60.19 19.07
N SER R 15 53.47 -60.87 18.23
CA SER R 15 52.39 -60.24 17.47
C SER R 15 51.06 -60.89 17.82
N ALA R 16 49.98 -60.13 17.59
CA ALA R 16 48.65 -60.61 17.95
C ALA R 16 48.15 -61.65 16.95
N SER R 17 48.48 -61.49 15.68
CA SER R 17 48.06 -62.43 14.64
C SER R 17 49.20 -62.99 13.83
N SER R 18 50.18 -62.16 13.45
CA SER R 18 51.26 -62.61 12.58
C SER R 18 52.11 -63.68 13.26
N PHE R 19 52.61 -63.39 14.45
CA PHE R 19 53.49 -64.28 15.21
C PHE R 19 52.96 -64.39 16.62
N PRO R 20 51.91 -65.17 16.85
CA PRO R 20 51.32 -65.24 18.19
C PRO R 20 52.29 -65.73 19.25
N MET R 21 53.29 -66.52 18.88
CA MET R 21 54.29 -66.99 19.83
C MET R 21 55.53 -66.12 19.87
N GLY R 22 55.73 -65.25 18.90
CA GLY R 22 56.87 -64.36 18.88
C GLY R 22 58.09 -64.99 18.23
N PHE R 23 59.02 -64.14 17.83
CA PHE R 23 60.31 -64.56 17.32
C PHE R 23 61.41 -63.73 17.94
N SER R 24 62.60 -64.31 18.05
CA SER R 24 63.75 -63.61 18.60
C SER R 24 64.52 -62.90 17.49
N LEU R 25 65.35 -61.94 17.90
CA LEU R 25 66.11 -61.14 16.95
C LEU R 25 67.47 -60.85 17.57
N SER R 26 68.53 -61.37 16.95
CA SER R 26 69.85 -61.29 17.57
C SER R 26 70.91 -60.73 16.62
N LYS R 27 70.77 -60.95 15.32
CA LYS R 27 71.78 -60.51 14.37
C LYS R 27 71.57 -59.03 14.08
N PHE R 28 72.43 -58.19 14.66
CA PHE R 28 72.32 -56.75 14.55
C PHE R 28 73.35 -56.22 13.56
N ALA R 29 72.92 -55.30 12.70
CA ALA R 29 73.77 -54.82 11.63
C ALA R 29 74.97 -54.07 12.18
N ASP R 30 75.94 -53.82 11.30
CA ASP R 30 77.23 -53.26 11.68
C ASP R 30 77.44 -51.82 11.22
N ASP R 31 76.95 -51.44 10.04
CA ASP R 31 77.16 -50.09 9.55
C ASP R 31 76.28 -49.08 10.29
N GLU R 32 75.04 -49.46 10.61
CA GLU R 32 74.07 -48.56 11.21
C GLU R 32 74.03 -48.74 12.72
N SER R 33 73.18 -47.96 13.36
CA SER R 33 72.96 -48.08 14.80
C SER R 33 72.02 -49.23 15.10
N PRO R 34 72.41 -50.17 15.96
CA PRO R 34 71.53 -51.33 16.22
C PRO R 34 70.17 -50.95 16.79
N ILE R 35 70.13 -50.01 17.73
CA ILE R 35 68.88 -49.53 18.32
C ILE R 35 68.99 -48.03 18.52
N SER R 36 67.92 -47.31 18.20
CA SER R 36 67.90 -45.87 18.33
C SER R 36 66.47 -45.42 18.64
N SER R 37 66.34 -44.19 19.13
CA SER R 37 65.02 -43.62 19.41
C SER R 37 65.15 -42.10 19.41
N LYS R 38 64.00 -41.44 19.38
CA LYS R 38 63.93 -39.99 19.41
C LYS R 38 63.44 -39.52 20.78
N GLU R 39 63.89 -38.32 21.16
CA GLU R 39 63.64 -37.83 22.51
C GLU R 39 62.16 -37.64 22.75
N LEU R 40 61.69 -38.13 23.89
CA LEU R 40 60.29 -38.07 24.26
C LEU R 40 59.91 -36.66 24.68
N GLU R 41 58.69 -36.25 24.33
CA GLU R 41 58.24 -34.87 24.55
C GLU R 41 56.89 -34.88 25.27
N PRO R 42 56.88 -35.18 26.57
CA PRO R 42 55.63 -35.27 27.31
C PRO R 42 55.19 -34.02 28.05
N PHE R 43 55.83 -32.87 27.84
CA PHE R 43 55.45 -31.65 28.54
C PHE R 43 55.63 -30.45 27.63
N GLY R 44 55.02 -29.33 28.03
CA GLY R 44 55.12 -28.10 27.28
C GLY R 44 55.08 -26.91 28.22
N TYR R 45 55.23 -25.71 27.65
CA TYR R 45 55.24 -24.49 28.44
C TYR R 45 54.79 -23.33 27.56
N GLU R 46 54.37 -22.26 28.22
CA GLU R 46 53.91 -21.05 27.56
C GLU R 46 54.05 -19.87 28.53
N MET R 47 54.26 -18.68 27.97
CA MET R 47 54.47 -17.49 28.77
C MET R 47 53.16 -16.72 28.90
N LEU R 48 53.16 -15.70 29.77
CA LEU R 48 51.95 -15.00 30.15
C LEU R 48 52.00 -13.53 29.76
N TYR R 49 50.81 -12.89 29.71
CA TYR R 49 50.76 -11.44 29.47
C TYR R 49 51.31 -10.68 30.68
N ASP R 50 51.54 -11.39 31.79
CA ASP R 50 52.16 -10.78 32.96
C ASP R 50 53.68 -10.90 32.93
N GLY R 51 54.19 -12.12 32.73
CA GLY R 51 55.62 -12.35 32.76
C GLY R 51 56.01 -13.65 33.41
N GLY R 52 55.03 -14.40 33.91
CA GLY R 52 55.29 -15.66 34.57
C GLY R 52 55.44 -16.81 33.58
N LEU R 53 55.26 -18.02 34.10
CA LEU R 53 55.39 -19.23 33.30
C LEU R 53 54.29 -20.21 33.69
N PHE R 54 53.94 -21.09 32.75
CA PHE R 54 52.90 -22.09 32.95
C PHE R 54 53.29 -23.39 32.27
N ALA R 55 53.05 -24.52 32.94
CA ALA R 55 53.42 -25.83 32.42
C ALA R 55 52.21 -26.75 32.42
N PHE R 56 52.21 -27.70 31.48
CA PHE R 56 51.07 -28.57 31.25
C PHE R 56 51.53 -29.84 30.56
N ASP R 57 50.63 -30.83 30.50
CA ASP R 57 50.91 -32.09 29.84
C ASP R 57 50.73 -31.96 28.32
N LYS R 58 51.05 -33.04 27.63
CA LYS R 58 50.98 -33.09 26.18
C LYS R 58 51.11 -34.54 25.76
N ALA R 59 50.44 -34.91 24.67
CA ALA R 59 50.55 -36.27 24.15
C ALA R 59 51.91 -36.49 23.51
N ALA R 60 52.43 -37.71 23.64
CA ALA R 60 53.77 -38.00 23.15
C ALA R 60 53.93 -39.46 22.74
N PRO R 61 54.40 -39.73 21.51
CA PRO R 61 54.61 -41.13 21.08
C PRO R 61 56.04 -41.58 21.32
N LEU R 62 56.32 -42.86 21.08
CA LEU R 62 57.68 -43.38 21.20
C LEU R 62 58.04 -44.10 19.91
N GLU R 63 59.17 -43.72 19.32
CA GLU R 63 59.61 -44.24 18.04
C GLU R 63 60.96 -44.92 18.19
N VAL R 64 61.07 -46.13 17.65
CA VAL R 64 62.25 -46.97 17.83
C VAL R 64 62.71 -47.48 16.46
N SER R 65 64.02 -47.47 16.25
CA SER R 65 64.61 -47.96 15.01
C SER R 65 65.50 -49.15 15.29
N VAL R 66 65.41 -50.16 14.44
CA VAL R 66 66.18 -51.40 14.55
C VAL R 66 66.82 -51.69 13.20
N SER R 67 68.10 -52.04 13.21
CA SER R 67 68.84 -52.37 12.00
C SER R 67 69.37 -53.80 12.10
N VAL R 68 69.29 -54.53 10.99
CA VAL R 68 69.72 -55.92 10.92
C VAL R 68 70.52 -56.14 9.64
N ILE R 69 71.29 -57.23 9.62
CA ILE R 69 72.07 -57.58 8.44
C ILE R 69 71.13 -58.08 7.35
N ALA R 70 71.33 -57.59 6.13
CA ALA R 70 70.51 -58.04 5.01
C ALA R 70 70.80 -59.50 4.69
N GLY R 71 69.74 -60.27 4.43
CA GLY R 71 69.86 -61.68 4.20
C GLY R 71 69.72 -62.55 5.43
N SER R 72 69.64 -61.95 6.62
CA SER R 72 69.46 -62.71 7.84
C SER R 72 68.00 -63.15 7.97
N GLU R 73 67.78 -64.13 8.84
CA GLU R 73 66.41 -64.63 9.07
C GLU R 73 65.55 -63.55 9.73
N ASP R 74 66.15 -62.77 10.63
CA ASP R 74 65.40 -61.71 11.29
C ASP R 74 64.92 -60.67 10.29
N ASP R 75 65.71 -60.38 9.26
CA ASP R 75 65.25 -59.49 8.21
C ASP R 75 64.03 -60.06 7.50
N ILE R 76 64.02 -61.37 7.25
CA ILE R 76 62.86 -61.99 6.61
C ILE R 76 61.64 -61.86 7.49
N ASN R 77 61.79 -62.10 8.80
CA ASN R 77 60.65 -61.98 9.70
C ASN R 77 60.12 -60.55 9.76
N LEU R 78 61.02 -59.57 9.83
CA LEU R 78 60.58 -58.18 9.88
C LEU R 78 59.92 -57.76 8.58
N ARG R 79 60.40 -58.28 7.44
CA ARG R 79 59.73 -58.00 6.18
C ARG R 79 58.34 -58.61 6.15
N ILE R 80 58.18 -59.79 6.76
CA ILE R 80 56.85 -60.39 6.88
C ILE R 80 55.93 -59.49 7.69
N LEU R 81 56.45 -58.94 8.79
CA LEU R 81 55.65 -58.00 9.58
C LEU R 81 55.26 -56.78 8.75
N LEU R 82 56.19 -56.25 7.97
CA LEU R 82 55.91 -55.07 7.15
C LEU R 82 54.87 -55.39 6.07
N ASN R 83 54.85 -56.62 5.57
CA ASN R 83 53.96 -56.97 4.48
C ASN R 83 52.52 -57.13 4.95
N SER R 84 52.29 -57.24 6.26
CA SER R 84 50.94 -57.38 6.77
C SER R 84 50.13 -56.11 6.53
N LYS R 85 48.83 -56.28 6.31
CA LYS R 85 47.90 -55.18 6.10
C LYS R 85 46.96 -55.07 7.29
N LYS R 86 46.54 -53.84 7.61
CA LYS R 86 45.54 -53.66 8.65
C LYS R 86 44.13 -53.97 8.16
N GLY R 87 43.94 -54.07 6.85
CA GLY R 87 42.61 -54.34 6.33
C GLY R 87 42.09 -55.72 6.69
N SER R 88 42.98 -56.70 6.74
CA SER R 88 42.58 -58.07 7.06
C SER R 88 42.36 -58.21 8.56
N PHE R 89 42.23 -59.45 9.03
CA PHE R 89 42.12 -59.78 10.45
C PHE R 89 40.78 -59.35 11.05
N ARG R 90 40.38 -60.03 12.12
CA ARG R 90 39.10 -59.73 12.77
C ARG R 90 39.10 -58.32 13.34
N PHE R 91 37.93 -57.70 13.31
CA PHE R 91 37.77 -56.43 14.01
C PHE R 91 37.52 -56.68 15.50
N LEU R 92 38.19 -55.88 16.31
CA LEU R 92 38.15 -55.97 17.76
C LEU R 92 37.71 -54.63 18.31
N PRO R 93 37.34 -54.56 19.58
CA PRO R 93 36.99 -53.25 20.16
C PRO R 93 38.19 -52.32 20.30
N GLY R 94 38.82 -51.97 19.19
CA GLY R 94 39.85 -50.95 19.16
C GLY R 94 41.08 -51.23 20.00
N ILE R 95 41.86 -52.24 19.63
CA ILE R 95 43.08 -52.56 20.36
C ILE R 95 44.25 -52.54 19.39
N ILE R 96 44.18 -51.66 18.39
CA ILE R 96 45.30 -51.44 17.46
C ILE R 96 45.64 -52.76 16.76
N PRO R 97 44.84 -53.19 15.77
CA PRO R 97 44.97 -54.55 15.24
C PRO R 97 46.41 -54.94 14.94
N ASP R 98 46.76 -56.17 15.32
CA ASP R 98 48.14 -56.67 15.26
C ASP R 98 49.04 -55.84 16.16
N MET R 99 48.68 -55.81 17.44
CA MET R 99 49.46 -55.11 18.45
C MET R 99 50.71 -55.91 18.77
N THR R 100 51.87 -55.31 18.51
CA THR R 100 53.15 -55.99 18.64
C THR R 100 53.87 -55.52 19.89
N THR R 101 54.30 -56.48 20.70
CA THR R 101 54.99 -56.22 21.95
C THR R 101 56.46 -56.57 21.81
N LEU R 102 57.33 -55.65 22.23
CA LEU R 102 58.76 -55.81 22.11
C LEU R 102 59.36 -55.93 23.51
N VAL R 103 60.18 -56.97 23.70
CA VAL R 103 60.85 -57.22 24.98
C VAL R 103 62.34 -57.18 24.73
N ALA R 104 63.04 -56.23 25.36
CA ALA R 104 64.45 -56.03 25.16
C ALA R 104 65.21 -56.38 26.43
N THR R 105 66.40 -56.95 26.26
CA THR R 105 67.22 -57.42 27.37
C THR R 105 68.61 -56.80 27.27
N LEU R 106 69.09 -56.24 28.37
CA LEU R 106 70.41 -55.65 28.49
C LEU R 106 71.45 -56.71 28.84
N PRO R 107 72.72 -56.48 28.51
CA PRO R 107 73.76 -57.44 28.91
C PRO R 107 73.87 -57.64 30.41
N ASP R 108 73.73 -56.57 31.20
CA ASP R 108 73.93 -56.70 32.63
C ASP R 108 72.74 -57.35 33.33
N GLY R 109 71.54 -57.21 32.77
CA GLY R 109 70.39 -57.92 33.31
C GLY R 109 69.08 -57.17 33.30
N GLY R 110 69.09 -55.90 32.94
CA GLY R 110 67.86 -55.13 32.92
C GLY R 110 66.92 -55.57 31.81
N ARG R 111 65.63 -55.49 32.09
CA ARG R 111 64.59 -55.90 31.15
C ARG R 111 63.57 -54.80 31.00
N THR R 112 63.13 -54.57 29.76
CA THR R 112 62.15 -53.54 29.46
C THR R 112 61.15 -54.08 28.45
N VAL R 113 59.87 -53.79 28.65
CA VAL R 113 58.81 -54.28 27.79
C VAL R 113 58.00 -53.10 27.27
N LEU R 114 57.74 -53.09 25.96
CA LEU R 114 56.97 -52.05 25.31
C LEU R 114 55.85 -52.70 24.52
N SER R 115 54.65 -52.11 24.60
CA SER R 115 53.46 -52.72 24.01
C SER R 115 52.57 -51.65 23.41
N ASN R 116 51.44 -52.09 22.85
CA ASN R 116 50.43 -51.23 22.26
C ASN R 116 51.02 -50.37 21.12
N GLY R 117 51.50 -51.05 20.09
CA GLY R 117 52.10 -50.37 18.96
C GLY R 117 52.34 -51.33 17.82
N THR R 118 52.85 -50.78 16.72
CA THR R 118 52.97 -51.55 15.49
C THR R 118 54.16 -51.05 14.68
N ILE R 119 54.56 -51.85 13.70
CA ILE R 119 55.61 -51.45 12.77
C ILE R 119 55.08 -50.31 11.91
N LEU R 120 55.99 -49.47 11.43
CA LEU R 120 55.59 -48.25 10.74
C LEU R 120 56.18 -48.12 9.35
N LYS R 121 57.45 -48.47 9.16
CA LYS R 121 58.09 -48.33 7.85
C LYS R 121 59.35 -49.17 7.81
N GLY R 122 59.82 -49.42 6.59
CA GLY R 122 61.04 -50.18 6.36
C GLY R 122 61.29 -50.43 4.89
N PRO R 123 62.48 -50.88 4.55
CA PRO R 123 62.82 -51.14 3.15
C PRO R 123 62.04 -52.31 2.59
N ALA R 124 61.85 -52.29 1.28
CA ALA R 124 61.16 -53.34 0.57
C ALA R 124 62.01 -54.03 -0.50
N ILE R 125 63.28 -53.67 -0.62
CA ILE R 125 64.19 -54.30 -1.57
C ILE R 125 65.61 -53.93 -1.16
N ASP R 126 66.56 -54.79 -1.51
CA ASP R 126 67.94 -54.60 -1.09
C ASP R 126 68.62 -53.51 -1.92
N THR R 127 69.54 -52.80 -1.27
CA THR R 127 70.22 -51.65 -1.86
C THR R 127 71.70 -51.93 -2.01
N ILE R 128 72.25 -51.57 -3.16
CA ILE R 128 73.66 -51.80 -3.49
C ILE R 128 74.40 -50.47 -3.40
N GLN R 129 75.62 -50.51 -2.87
CA GLN R 129 76.44 -49.32 -2.75
C GLN R 129 77.57 -49.36 -3.78
N ASN R 130 78.34 -48.27 -3.84
CA ASN R 130 79.44 -48.19 -4.79
C ASN R 130 80.50 -49.24 -4.48
N THR R 131 80.74 -49.53 -3.20
CA THR R 131 81.73 -50.52 -2.79
C THR R 131 81.30 -51.95 -3.07
N GLY R 132 80.07 -52.16 -3.52
CA GLY R 132 79.60 -53.49 -3.85
C GLY R 132 78.99 -54.27 -2.70
N ARG R 133 78.90 -53.68 -1.52
CA ARG R 133 78.36 -54.34 -0.35
C ARG R 133 76.98 -53.79 -0.04
N ARG R 134 76.00 -54.69 0.13
CA ARG R 134 74.66 -54.30 0.51
C ARG R 134 74.67 -53.56 1.84
N LYS R 135 73.57 -52.90 2.15
CA LYS R 135 73.47 -52.09 3.36
C LYS R 135 72.49 -52.72 4.34
N GLY R 136 72.61 -52.31 5.60
CA GLY R 136 71.79 -52.89 6.66
C GLY R 136 70.40 -52.28 6.67
N ASN R 137 69.39 -53.13 6.63
CA ASN R 137 68.01 -52.66 6.60
C ASN R 137 67.63 -52.06 7.95
N THR R 138 66.81 -51.02 7.92
CA THR R 138 66.34 -50.36 9.14
C THR R 138 64.82 -50.40 9.20
N TYR R 139 64.29 -50.65 10.39
CA TYR R 139 62.84 -50.72 10.58
C TYR R 139 62.44 -49.86 11.77
N THR R 140 61.34 -49.13 11.60
CA THR R 140 60.85 -48.18 12.59
C THR R 140 59.55 -48.69 13.17
N PHE R 141 59.42 -48.62 14.50
CA PHE R 141 58.23 -49.00 15.23
C PHE R 141 57.61 -47.75 15.86
N VAL R 142 56.42 -47.92 16.42
CA VAL R 142 55.82 -46.90 17.27
C VAL R 142 55.12 -47.60 18.42
N PHE R 143 55.22 -47.02 19.61
CA PHE R 143 54.66 -47.64 20.80
C PHE R 143 53.90 -46.59 21.61
N GLY R 144 52.86 -47.05 22.30
CA GLY R 144 52.01 -46.15 23.03
C GLY R 144 52.00 -46.36 24.53
N SER R 145 52.69 -47.39 25.02
CA SER R 145 52.73 -47.69 26.44
C SER R 145 54.17 -48.02 26.85
N TYR R 146 54.76 -47.16 27.67
CA TYR R 146 56.08 -47.40 28.25
C TYR R 146 55.97 -48.12 29.58
N LEU R 147 55.75 -49.43 29.52
CA LEU R 147 55.64 -50.22 30.74
C LEU R 147 56.90 -50.07 31.58
N GLY R 148 56.75 -49.58 32.81
CA GLY R 148 57.90 -49.20 33.60
C GLY R 148 58.71 -50.36 34.12
N ALA R 149 59.39 -51.06 33.23
CA ALA R 149 60.25 -52.18 33.60
C ALA R 149 61.71 -51.75 33.48
N GLN R 150 62.37 -51.59 34.63
CA GLN R 150 63.80 -51.30 34.69
C GLN R 150 64.49 -52.12 35.77
N THR R 151 63.93 -53.28 36.10
CA THR R 151 64.41 -54.06 37.23
C THR R 151 65.78 -54.66 36.92
N ALA R 152 66.48 -55.04 37.99
CA ALA R 152 67.80 -55.64 37.85
C ALA R 152 67.71 -57.05 37.30
N MET S 1 -9.28 -36.28 -46.60
CA MET S 1 -9.01 -36.34 -45.17
C MET S 1 -8.11 -35.18 -44.75
N ALA S 2 -6.81 -35.31 -45.03
CA ALA S 2 -5.83 -34.27 -44.74
C ALA S 2 -5.58 -33.36 -45.93
N ASN S 3 -6.22 -33.62 -47.07
CA ASN S 3 -6.05 -32.79 -48.24
C ASN S 3 -6.68 -31.42 -48.02
N TYR S 4 -6.05 -30.41 -48.59
CA TYR S 4 -6.57 -29.05 -48.62
C TYR S 4 -7.00 -28.72 -50.04
N ASN S 5 -8.25 -28.29 -50.20
CA ASN S 5 -8.72 -27.76 -51.48
C ASN S 5 -8.22 -26.32 -51.61
N TYR S 6 -6.95 -26.20 -51.95
CA TYR S 6 -6.25 -24.93 -51.92
C TYR S 6 -6.67 -23.97 -53.01
N ILE S 7 -7.72 -24.28 -53.78
CA ILE S 7 -8.31 -23.32 -54.70
C ILE S 7 -9.72 -23.00 -54.22
N VAL S 8 -10.01 -21.72 -54.07
CA VAL S 8 -11.32 -21.24 -53.65
C VAL S 8 -11.80 -20.24 -54.69
N ASP S 9 -12.99 -19.70 -54.46
CA ASP S 9 -13.53 -18.69 -55.37
C ASP S 9 -12.67 -17.44 -55.37
N THR S 10 -12.13 -17.07 -54.21
CA THR S 10 -11.29 -15.89 -54.13
C THR S 10 -9.98 -16.05 -54.89
N GLY S 11 -9.39 -17.24 -54.85
CA GLY S 11 -8.13 -17.48 -55.54
C GLY S 11 -7.58 -18.84 -55.20
N VAL S 12 -6.27 -18.99 -55.39
CA VAL S 12 -5.55 -20.23 -55.13
C VAL S 12 -4.59 -20.00 -53.97
N ILE S 13 -4.53 -20.97 -53.06
CA ILE S 13 -3.73 -20.87 -51.85
C ILE S 13 -2.45 -21.66 -52.02
N VAL S 14 -1.34 -21.07 -51.62
CA VAL S 14 -0.05 -21.74 -51.58
C VAL S 14 0.39 -21.80 -50.12
N ALA S 15 0.60 -23.01 -49.62
CA ALA S 15 0.99 -23.21 -48.23
C ALA S 15 2.51 -23.30 -48.14
N ASP S 16 3.01 -23.05 -46.93
CA ASP S 16 4.44 -23.13 -46.70
C ASP S 16 4.93 -24.53 -46.99
N THR S 17 6.14 -24.61 -47.57
CA THR S 17 6.73 -25.91 -47.85
C THR S 17 6.95 -26.70 -46.57
N ALA S 18 7.19 -26.02 -45.46
CA ALA S 18 7.23 -26.71 -44.18
C ALA S 18 5.88 -27.32 -43.83
N ASP S 19 4.79 -26.60 -44.15
CA ASP S 19 3.47 -27.11 -43.83
C ASP S 19 3.10 -28.32 -44.73
N VAL S 20 3.41 -28.25 -46.03
CA VAL S 20 3.13 -29.40 -46.89
C VAL S 20 4.01 -30.57 -46.48
N LEU S 21 5.23 -30.30 -46.01
CA LEU S 21 6.06 -31.38 -45.47
C LEU S 21 5.37 -32.05 -44.27
N SER S 22 5.04 -31.25 -43.25
CA SER S 22 4.45 -31.85 -42.05
C SER S 22 3.17 -32.59 -42.38
N ASP S 23 2.47 -32.14 -43.43
CA ASP S 23 1.38 -32.96 -43.96
C ASP S 23 1.91 -34.31 -44.43
N VAL S 24 3.04 -34.32 -45.14
CA VAL S 24 3.51 -35.61 -45.68
C VAL S 24 3.90 -36.58 -44.56
N GLU S 25 4.71 -36.12 -43.61
CA GLU S 25 5.04 -37.03 -42.52
C GLU S 25 3.83 -37.36 -41.65
N ALA S 26 2.85 -36.46 -41.55
CA ALA S 26 1.62 -36.84 -40.87
C ALA S 26 0.92 -38.00 -41.60
N GLU S 27 0.86 -37.93 -42.94
CA GLU S 27 0.25 -39.01 -43.69
C GLU S 27 0.98 -40.34 -43.50
N PHE S 28 2.30 -40.34 -43.69
CA PHE S 28 3.05 -41.59 -43.57
C PHE S 28 3.08 -42.13 -42.14
N ARG S 29 3.06 -41.25 -41.13
CA ARG S 29 3.04 -41.73 -39.75
C ARG S 29 1.69 -42.34 -39.39
N ALA S 30 0.59 -41.69 -39.80
CA ALA S 30 -0.70 -42.31 -39.56
C ALA S 30 -0.84 -43.60 -40.38
N ALA S 31 -0.11 -43.71 -41.48
CA ALA S 31 -0.23 -44.88 -42.32
C ALA S 31 0.57 -46.06 -41.78
N LEU S 32 1.89 -45.95 -41.70
CA LEU S 32 2.75 -47.06 -41.31
C LEU S 32 2.71 -47.34 -39.82
N GLY S 33 2.73 -46.30 -38.99
CA GLY S 33 2.72 -46.49 -37.55
C GLY S 33 3.42 -45.37 -36.82
N ALA S 34 2.94 -45.04 -35.62
CA ALA S 34 3.48 -43.92 -34.85
C ALA S 34 4.92 -44.17 -34.38
N ASN S 35 5.42 -45.40 -34.51
CA ASN S 35 6.78 -45.74 -34.11
C ASN S 35 7.76 -45.68 -35.27
N ILE S 36 7.33 -45.18 -36.44
CA ILE S 36 8.18 -45.18 -37.61
C ILE S 36 9.22 -44.08 -37.50
N ASN S 37 10.28 -44.20 -38.30
CA ASN S 37 11.35 -43.22 -38.37
C ASN S 37 11.37 -42.59 -39.75
N LEU S 38 11.35 -41.26 -39.80
CA LEU S 38 11.29 -40.50 -41.05
C LEU S 38 12.48 -39.54 -41.09
N ALA S 39 13.59 -40.02 -41.65
CA ALA S 39 14.79 -39.23 -41.87
C ALA S 39 15.32 -39.52 -43.26
N ALA S 40 16.06 -38.56 -43.81
CA ALA S 40 16.44 -38.64 -45.22
C ALA S 40 17.28 -39.86 -45.52
N SER S 41 17.95 -40.42 -44.51
CA SER S 41 18.76 -41.61 -44.74
C SER S 41 17.88 -42.81 -45.08
N THR S 42 16.86 -43.08 -44.27
CA THR S 42 16.05 -44.27 -44.45
C THR S 42 15.13 -44.12 -45.65
N PRO S 43 14.82 -45.21 -46.36
CA PRO S 43 14.09 -45.08 -47.63
C PRO S 43 12.75 -44.36 -47.51
N GLN S 44 12.01 -44.56 -46.41
CA GLN S 44 10.77 -43.82 -46.26
C GLN S 44 11.01 -42.32 -46.13
N GLY S 45 12.17 -41.92 -45.60
CA GLY S 45 12.48 -40.50 -45.55
C GLY S 45 12.68 -39.91 -46.93
N SER S 46 13.37 -40.63 -47.81
CA SER S 46 13.49 -40.20 -49.19
C SER S 46 12.12 -40.14 -49.85
N LEU S 47 11.25 -41.10 -49.54
CA LEU S 47 9.89 -41.03 -50.06
C LEU S 47 9.18 -39.76 -49.60
N VAL S 48 9.32 -39.42 -48.31
CA VAL S 48 8.69 -38.20 -47.78
C VAL S 48 9.19 -36.98 -48.53
N ALA S 49 10.51 -36.89 -48.72
CA ALA S 49 11.06 -35.73 -49.42
C ALA S 49 10.52 -35.63 -50.83
N ALA S 50 10.47 -36.76 -51.56
CA ALA S 50 9.95 -36.73 -52.91
C ALA S 50 8.49 -36.29 -52.93
N GLU S 51 7.71 -36.80 -51.97
CA GLU S 51 6.28 -36.49 -51.94
C GLU S 51 6.07 -34.99 -51.73
N ALA S 52 6.81 -34.43 -50.78
CA ALA S 52 6.69 -33.00 -50.49
C ALA S 52 7.11 -32.15 -51.68
N ILE S 53 8.20 -32.55 -52.35
CA ILE S 53 8.64 -31.81 -53.53
C ILE S 53 7.56 -31.81 -54.59
N ALA S 54 6.93 -32.97 -54.82
CA ALA S 54 5.88 -33.06 -55.83
C ALA S 54 4.71 -32.13 -55.50
N ARG S 55 4.22 -32.18 -54.25
CA ARG S 55 3.10 -31.34 -53.88
C ARG S 55 3.43 -29.86 -54.04
N SER S 56 4.58 -29.44 -53.51
CA SER S 56 4.94 -28.02 -53.61
C SER S 56 5.03 -27.58 -55.05
N SER S 57 5.71 -28.37 -55.90
CA SER S 57 5.91 -27.97 -57.28
C SER S 57 4.58 -27.85 -58.02
N VAL S 58 3.67 -28.81 -57.81
CA VAL S 58 2.42 -28.76 -58.56
C VAL S 58 1.55 -27.61 -58.07
N MET S 59 1.48 -27.37 -56.76
CA MET S 59 0.70 -26.25 -56.26
C MET S 59 1.21 -24.93 -56.82
N ARG S 60 2.53 -24.74 -56.80
CA ARG S 60 3.09 -23.48 -57.28
C ARG S 60 2.89 -23.33 -58.78
N ASN S 61 3.03 -24.40 -59.54
CA ASN S 61 2.81 -24.32 -60.97
C ASN S 61 1.36 -23.94 -61.28
N GLU S 62 0.40 -24.52 -60.56
CA GLU S 62 -0.99 -24.10 -60.75
C GLU S 62 -1.19 -22.63 -60.42
N ALA S 63 -0.62 -22.19 -59.28
CA ALA S 63 -0.79 -20.80 -58.87
C ALA S 63 -0.11 -19.82 -59.81
N ARG S 64 0.84 -20.29 -60.62
CA ARG S 64 1.49 -19.38 -61.56
C ARG S 64 0.53 -18.83 -62.60
N ILE S 65 -0.38 -19.68 -63.10
CA ILE S 65 -1.24 -19.29 -64.22
C ILE S 65 -2.71 -19.23 -63.81
N ALA S 66 -2.97 -18.81 -62.58
CA ALA S 66 -4.35 -18.66 -62.12
C ALA S 66 -5.09 -17.59 -62.92
N ASN S 67 -4.39 -16.56 -63.36
CA ASN S 67 -4.96 -15.49 -64.17
C ASN S 67 -4.11 -15.32 -65.42
N THR S 68 -4.73 -15.44 -66.59
CA THR S 68 -3.94 -15.47 -67.81
C THR S 68 -4.38 -14.46 -68.85
N ILE S 69 -5.68 -14.14 -68.94
CA ILE S 69 -6.13 -13.33 -70.07
C ILE S 69 -6.22 -11.85 -69.72
N ASN S 70 -5.94 -11.48 -68.47
CA ASN S 70 -5.80 -10.06 -68.17
C ASN S 70 -4.53 -9.51 -68.81
N PRO S 71 -4.43 -8.19 -69.00
CA PRO S 71 -3.20 -7.63 -69.59
C PRO S 71 -2.02 -7.63 -68.62
N ASN S 72 -2.25 -7.98 -67.36
CA ASN S 72 -1.15 -7.98 -66.41
C ASN S 72 -0.15 -9.09 -66.66
N VAL S 73 -0.54 -10.13 -67.39
CA VAL S 73 0.29 -11.32 -67.59
C VAL S 73 1.49 -10.98 -68.47
N SER S 74 2.43 -11.91 -68.55
CA SER S 74 3.63 -11.71 -69.36
C SER S 74 4.17 -13.07 -69.78
N PHE S 75 5.27 -13.06 -70.53
CA PHE S 75 6.04 -14.25 -70.87
C PHE S 75 5.21 -15.26 -71.65
N GLY S 76 4.92 -14.89 -72.90
CA GLY S 76 4.38 -15.84 -73.86
C GLY S 76 2.86 -15.85 -74.01
N THR S 77 2.13 -16.11 -72.93
CA THR S 77 0.68 -16.00 -73.01
C THR S 77 0.26 -14.58 -73.34
N PHE S 78 1.02 -13.61 -72.82
CA PHE S 78 0.80 -12.21 -73.15
C PHE S 78 0.93 -11.98 -74.65
N LEU S 79 1.79 -12.75 -75.32
CA LEU S 79 2.02 -12.57 -76.74
C LEU S 79 0.76 -12.85 -77.54
N ASP S 80 0.02 -13.89 -77.16
CA ASP S 80 -1.25 -14.14 -77.84
C ASP S 80 -2.33 -13.18 -77.36
N ALA S 81 -2.29 -12.80 -76.08
CA ALA S 81 -3.27 -11.84 -75.59
C ALA S 81 -3.21 -10.55 -76.40
N ILE S 82 -2.01 -10.16 -76.84
CA ILE S 82 -1.87 -8.97 -77.68
C ILE S 82 -1.96 -9.31 -79.17
N CYS S 83 -1.75 -10.57 -79.55
CA CYS S 83 -1.74 -10.91 -80.96
C CYS S 83 -3.14 -10.86 -81.55
N ALA S 84 -4.19 -10.86 -80.72
CA ALA S 84 -5.54 -10.75 -81.24
C ALA S 84 -5.74 -9.44 -81.98
N LEU S 85 -5.24 -8.33 -81.43
CA LEU S 85 -5.38 -7.06 -82.12
C LEU S 85 -4.18 -6.80 -83.03
N MET S 86 -3.00 -6.58 -82.43
CA MET S 86 -1.71 -6.37 -83.06
C MET S 86 -0.63 -6.42 -81.98
N GLY S 87 0.51 -6.99 -82.32
CA GLY S 87 1.59 -7.08 -81.37
C GLY S 87 2.79 -7.78 -81.97
N ILE S 88 3.97 -7.21 -81.75
CA ILE S 88 5.20 -7.72 -82.32
C ILE S 88 6.17 -8.05 -81.19
N GLU S 89 6.78 -9.22 -81.27
CA GLU S 89 7.71 -9.69 -80.26
C GLU S 89 8.95 -10.26 -80.94
N ARG S 90 9.80 -10.92 -80.14
CA ARG S 90 11.08 -11.43 -80.61
C ARG S 90 11.87 -10.26 -81.17
N GLY S 91 11.96 -10.17 -82.50
CA GLY S 91 12.69 -9.08 -83.13
C GLY S 91 14.10 -8.92 -82.60
N SER S 92 14.71 -10.02 -82.13
CA SER S 92 16.05 -9.97 -81.55
C SER S 92 17.02 -10.42 -82.65
N ASP S 93 17.23 -9.51 -83.60
CA ASP S 93 18.00 -9.81 -84.80
C ASP S 93 19.14 -8.82 -84.94
N LEU S 94 20.22 -9.27 -85.58
CA LEU S 94 21.47 -8.51 -85.59
C LEU S 94 21.87 -8.16 -87.01
N SER S 95 22.47 -6.98 -87.16
CA SER S 95 22.76 -6.41 -88.47
C SER S 95 24.09 -6.87 -89.05
N THR S 96 24.04 -7.90 -89.88
CA THR S 96 25.23 -8.31 -90.63
C THR S 96 25.39 -7.43 -91.87
N PHE S 97 26.64 -7.28 -92.32
CA PHE S 97 26.98 -6.42 -93.44
C PHE S 97 27.33 -7.24 -94.68
N GLY S 98 27.86 -6.54 -95.68
CA GLY S 98 28.50 -7.15 -96.83
C GLY S 98 29.48 -6.14 -97.40
N TYR S 99 30.41 -6.65 -98.22
CA TYR S 99 31.44 -5.82 -98.87
C TYR S 99 32.33 -5.12 -97.84
N GLY S 100 33.13 -5.90 -97.13
CA GLY S 100 34.14 -5.31 -96.28
C GLY S 100 35.33 -4.82 -97.07
N VAL S 101 36.21 -4.08 -96.40
CA VAL S 101 37.47 -3.62 -96.98
C VAL S 101 38.60 -3.96 -96.02
N GLN S 102 39.53 -4.79 -96.47
CA GLN S 102 40.70 -5.17 -95.70
C GLN S 102 41.92 -5.11 -96.60
N VAL S 103 42.99 -4.51 -96.10
CA VAL S 103 44.24 -4.36 -96.83
C VAL S 103 45.36 -4.99 -96.02
N THR S 104 46.10 -5.89 -96.63
CA THR S 104 47.17 -6.60 -95.93
C THR S 104 48.10 -7.20 -96.98
N GLY S 105 49.05 -8.01 -96.52
CA GLY S 105 50.02 -8.61 -97.41
C GLY S 105 49.39 -9.67 -98.30
N ARG S 106 50.22 -10.20 -99.19
CA ARG S 106 49.75 -11.17 -100.16
C ARG S 106 49.58 -12.54 -99.53
N SER S 107 48.58 -13.28 -100.03
CA SER S 107 48.40 -14.69 -99.76
C SER S 107 48.43 -15.01 -98.26
N GLN S 108 47.50 -14.39 -97.53
CA GLN S 108 47.22 -14.83 -96.17
C GLN S 108 45.71 -14.77 -95.96
N THR S 109 45.23 -15.60 -95.03
CA THR S 109 43.81 -15.75 -94.77
C THR S 109 43.48 -15.19 -93.39
N ARG S 110 42.41 -14.40 -93.30
CA ARG S 110 41.95 -13.85 -92.04
C ARG S 110 40.98 -14.83 -91.38
N ILE S 111 41.36 -15.30 -90.19
CA ILE S 111 40.55 -16.28 -89.48
C ILE S 111 39.21 -15.66 -89.08
N SER S 112 38.24 -16.52 -88.79
CA SER S 112 36.94 -16.06 -88.34
C SER S 112 37.04 -15.46 -86.95
N THR S 113 35.94 -14.84 -86.52
CA THR S 113 35.81 -14.29 -85.17
C THR S 113 36.88 -13.24 -84.87
N GLY S 114 37.26 -12.47 -85.88
CA GLY S 114 38.07 -11.30 -85.63
C GLY S 114 37.29 -10.23 -84.88
N SER S 115 38.00 -9.22 -84.41
CA SER S 115 37.38 -8.16 -83.61
C SER S 115 37.85 -6.80 -84.09
N ARG S 116 36.90 -5.91 -84.37
CA ARG S 116 37.18 -4.51 -84.65
C ARG S 116 36.19 -3.66 -83.86
N VAL S 117 36.68 -2.54 -83.33
CA VAL S 117 35.84 -1.64 -82.55
C VAL S 117 36.00 -0.23 -83.09
N GLN S 118 34.88 0.46 -83.24
CA GLN S 118 34.82 1.78 -83.84
C GLN S 118 35.19 2.83 -82.80
N THR S 119 35.23 4.09 -83.27
CA THR S 119 35.52 5.19 -82.35
C THR S 119 34.52 5.30 -81.20
N PRO S 120 33.19 5.10 -81.38
CA PRO S 120 32.29 5.19 -80.21
C PRO S 120 32.26 3.91 -79.39
N ALA S 121 33.24 3.03 -79.60
CA ALA S 121 33.41 1.79 -78.83
C ALA S 121 32.27 0.80 -79.05
N GLY S 122 32.07 0.38 -80.29
CA GLY S 122 31.15 -0.72 -80.59
C GLY S 122 31.90 -1.92 -81.12
N ALA S 123 31.66 -3.08 -80.51
CA ALA S 123 32.39 -4.30 -80.84
C ALA S 123 31.63 -5.12 -81.87
N ILE S 124 32.33 -5.50 -82.93
CA ILE S 124 31.74 -6.24 -84.05
C ILE S 124 32.71 -7.34 -84.45
N PHE S 125 32.18 -8.55 -84.62
CA PHE S 125 32.98 -9.70 -85.06
C PHE S 125 32.86 -9.86 -86.57
N THR S 126 33.62 -10.82 -87.11
CA THR S 126 33.51 -11.18 -88.52
C THR S 126 32.87 -12.55 -88.64
N VAL S 127 32.70 -12.99 -89.89
CA VAL S 127 31.86 -14.15 -90.20
C VAL S 127 32.67 -15.27 -90.86
N MET S 128 33.22 -15.02 -92.04
CA MET S 128 33.95 -16.03 -92.80
C MET S 128 35.36 -15.57 -93.14
N SER S 129 36.21 -16.54 -93.48
CA SER S 129 37.58 -16.30 -93.87
C SER S 129 37.70 -16.09 -95.38
N ASP S 130 38.78 -15.42 -95.78
CA ASP S 130 39.02 -15.17 -97.20
C ASP S 130 40.52 -15.09 -97.42
N VAL S 131 40.92 -15.30 -98.67
CA VAL S 131 42.31 -15.10 -99.08
C VAL S 131 42.50 -13.61 -99.31
N THR S 132 43.75 -13.17 -99.49
CA THR S 132 44.06 -11.80 -99.83
C THR S 132 44.69 -11.76 -101.22
N ILE S 133 44.10 -10.98 -102.11
CA ILE S 133 44.61 -10.80 -103.46
C ILE S 133 45.88 -9.97 -103.39
N PRO S 134 46.90 -10.24 -104.20
CA PRO S 134 48.11 -9.40 -104.17
C PRO S 134 47.85 -7.95 -104.52
N ALA S 135 46.72 -7.64 -105.16
CA ALA S 135 46.39 -6.25 -105.44
C ALA S 135 46.21 -5.46 -104.14
N GLY S 136 45.59 -6.06 -103.14
CA GLY S 136 45.35 -5.38 -101.89
C GLY S 136 43.90 -4.95 -101.71
N GLY S 137 42.97 -5.81 -102.09
CA GLY S 137 41.56 -5.55 -101.89
C GLY S 137 40.74 -6.81 -101.69
N VAL S 138 39.99 -6.88 -100.59
CA VAL S 138 39.14 -8.02 -100.27
C VAL S 138 37.85 -7.53 -99.62
N ALA S 139 36.88 -8.43 -99.52
CA ALA S 139 35.56 -8.14 -98.98
C ALA S 139 35.27 -9.06 -97.79
N THR S 140 34.73 -8.49 -96.72
CA THR S 140 34.52 -9.18 -95.46
C THR S 140 33.10 -8.94 -94.97
N ILE S 141 32.64 -9.82 -94.07
CA ILE S 141 31.32 -9.74 -93.47
C ILE S 141 31.48 -9.48 -91.98
N ASP S 142 30.52 -8.79 -91.37
CA ASP S 142 30.58 -8.44 -89.95
C ASP S 142 29.34 -8.92 -89.21
N ILE S 143 29.46 -9.00 -87.89
CA ILE S 143 28.36 -9.35 -87.00
C ILE S 143 28.76 -8.92 -85.59
N LYS S 144 27.78 -8.51 -84.79
CA LYS S 144 28.07 -7.85 -83.51
C LYS S 144 28.20 -8.85 -82.38
N SER S 145 28.84 -8.39 -81.31
CA SER S 145 28.85 -9.13 -80.05
C SER S 145 27.51 -8.97 -79.34
N GLN S 146 27.18 -7.75 -78.96
CA GLN S 146 25.87 -7.43 -78.41
C GLN S 146 24.84 -7.31 -79.52
N GLU S 147 23.70 -7.96 -79.33
CA GLU S 147 22.62 -7.93 -80.34
C GLU S 147 21.72 -6.74 -80.04
N TYR S 148 22.13 -5.58 -80.55
CA TYR S 148 21.45 -4.33 -80.31
C TYR S 148 21.32 -3.59 -81.64
N GLY S 149 20.61 -2.47 -81.62
CA GLY S 149 20.53 -1.64 -82.81
C GLY S 149 21.82 -0.87 -83.04
N ASN S 150 22.93 -1.60 -83.21
CA ASN S 150 24.25 -0.97 -83.20
C ASN S 150 24.48 -0.14 -84.45
N ILE S 151 24.93 1.09 -84.22
CA ILE S 151 25.29 1.98 -85.32
C ILE S 151 26.81 2.17 -85.34
N PRO S 152 27.49 1.63 -86.33
CA PRO S 152 28.93 1.89 -86.46
C PRO S 152 29.18 3.22 -87.16
N LEU S 153 29.80 4.16 -86.45
CA LEU S 153 30.06 5.46 -87.05
C LEU S 153 31.00 5.30 -88.24
N PRO S 154 30.64 5.81 -89.41
CA PRO S 154 31.48 5.62 -90.59
C PRO S 154 32.80 6.37 -90.51
N VAL S 155 33.66 5.91 -89.60
CA VAL S 155 35.01 6.42 -89.42
C VAL S 155 35.94 5.22 -89.42
N GLY S 156 37.22 5.45 -89.72
CA GLY S 156 38.17 4.37 -89.93
C GLY S 156 38.19 3.32 -88.84
N ASN S 157 38.03 2.06 -89.23
CA ASN S 157 37.99 0.97 -88.28
C ASN S 157 39.37 0.77 -87.65
N LEU S 158 39.38 0.15 -86.47
CA LEU S 158 40.59 -0.30 -85.83
C LEU S 158 40.37 -1.70 -85.28
N ILE S 159 41.37 -2.55 -85.43
CA ILE S 159 41.22 -3.98 -85.21
C ILE S 159 41.67 -4.33 -83.81
N ILE S 160 40.94 -5.25 -83.16
CA ILE S 160 41.34 -5.75 -81.85
C ILE S 160 42.11 -7.05 -82.02
N ILE S 161 41.48 -8.07 -82.59
CA ILE S 161 42.12 -9.35 -82.86
C ILE S 161 42.78 -9.25 -84.22
N ASP S 162 44.09 -9.06 -84.24
CA ASP S 162 44.82 -8.73 -85.46
C ASP S 162 45.73 -9.89 -85.87
N GLY S 163 45.80 -10.13 -87.18
CA GLY S 163 46.81 -11.00 -87.74
C GLY S 163 48.09 -10.23 -88.04
N THR S 164 49.09 -10.96 -88.52
CA THR S 164 50.36 -10.34 -88.85
C THR S 164 50.23 -9.52 -90.12
N ILE S 165 50.80 -8.31 -90.11
CA ILE S 165 50.83 -7.36 -91.22
C ILE S 165 49.45 -7.22 -91.88
N GLY S 166 48.40 -7.35 -91.07
CA GLY S 166 47.06 -6.98 -91.51
C GLY S 166 46.66 -5.64 -90.92
N TRP S 167 46.71 -4.57 -91.72
CA TRP S 167 46.45 -3.23 -91.23
C TRP S 167 45.28 -2.62 -91.98
N SER S 168 44.98 -1.36 -91.64
CA SER S 168 44.07 -0.51 -92.39
C SER S 168 42.68 -1.13 -92.53
N GLY S 169 42.03 -1.34 -91.40
CA GLY S 169 40.62 -1.68 -91.40
C GLY S 169 39.81 -0.44 -91.76
N ALA S 170 39.12 -0.47 -92.90
CA ALA S 170 38.43 0.70 -93.41
C ALA S 170 37.07 0.32 -93.97
N LYS S 171 36.17 1.30 -93.99
CA LYS S 171 34.86 1.16 -94.60
C LYS S 171 34.91 1.51 -96.08
N VAL S 172 33.80 1.27 -96.75
CA VAL S 172 33.59 1.74 -98.13
C VAL S 172 32.11 1.99 -98.31
N ILE S 173 31.77 3.00 -99.11
CA ILE S 173 30.36 3.38 -99.24
C ILE S 173 29.60 2.42 -100.12
N ALA S 174 30.28 1.47 -100.78
CA ALA S 174 29.59 0.42 -101.49
C ALA S 174 29.13 -0.71 -100.56
N SER S 175 29.55 -0.70 -99.29
CA SER S 175 29.18 -1.76 -98.37
C SER S 175 27.73 -1.59 -97.91
N THR S 176 26.99 -2.70 -97.93
CA THR S 176 25.58 -2.65 -97.52
C THR S 176 25.48 -2.55 -96.01
N ARG S 177 24.75 -1.55 -95.54
CA ARG S 177 24.60 -1.26 -94.12
C ARG S 177 23.17 -1.62 -93.72
N VAL S 178 23.03 -2.56 -92.78
CA VAL S 178 21.73 -3.09 -92.39
C VAL S 178 21.36 -2.50 -91.04
N ASP S 179 20.08 -2.09 -90.90
CA ASP S 179 19.56 -1.66 -89.62
C ASP S 179 19.04 -2.86 -88.81
N PRO S 180 19.50 -3.05 -87.58
CA PRO S 180 19.01 -4.18 -86.78
C PRO S 180 17.89 -3.81 -85.83
N GLY S 181 16.86 -4.66 -85.75
CA GLY S 181 15.88 -4.54 -84.70
C GLY S 181 16.26 -5.44 -83.53
N SER S 182 16.07 -4.93 -82.32
CA SER S 182 16.55 -5.62 -81.11
C SER S 182 15.63 -5.30 -79.94
N ARG S 183 14.86 -6.30 -79.52
CA ARG S 183 14.09 -6.30 -78.26
C ARG S 183 13.41 -4.96 -78.00
N GLN S 184 12.75 -4.43 -79.03
CA GLN S 184 12.13 -3.11 -78.91
C GLN S 184 11.09 -3.09 -77.78
N MET S 185 10.39 -4.21 -77.58
CA MET S 185 9.33 -4.31 -76.58
C MET S 185 9.38 -5.68 -75.91
N SER S 186 9.68 -5.69 -74.61
CA SER S 186 9.73 -6.96 -73.86
C SER S 186 8.37 -7.37 -73.30
N ASP S 187 7.92 -6.66 -72.26
CA ASP S 187 6.57 -6.86 -71.72
C ASP S 187 5.87 -5.59 -71.29
N ALA S 188 6.59 -4.52 -70.95
CA ALA S 188 5.99 -3.32 -70.39
C ALA S 188 5.41 -2.40 -71.43
N GLU S 189 6.19 -2.02 -72.44
CA GLU S 189 5.65 -1.18 -73.49
C GLU S 189 4.68 -1.93 -74.40
N LEU S 190 4.58 -3.25 -74.26
CA LEU S 190 3.46 -3.96 -74.86
C LEU S 190 2.14 -3.54 -74.23
N LYS S 191 2.10 -3.48 -72.89
CA LYS S 191 0.91 -3.02 -72.21
C LYS S 191 0.59 -1.58 -72.58
N ASN S 192 1.61 -0.74 -72.66
CA ASN S 192 1.40 0.65 -73.06
C ASN S 192 0.91 0.73 -74.49
N ALA S 193 1.40 -0.15 -75.37
CA ALA S 193 0.92 -0.15 -76.76
C ALA S 193 -0.54 -0.54 -76.82
N ARG S 194 -0.93 -1.58 -76.08
CA ARG S 194 -2.34 -1.98 -76.07
C ARG S 194 -3.22 -0.88 -75.49
N VAL S 195 -2.75 -0.21 -74.43
CA VAL S 195 -3.51 0.88 -73.85
C VAL S 195 -3.65 2.04 -74.83
N ASN S 196 -2.58 2.35 -75.56
CA ASN S 196 -2.65 3.42 -76.55
C ASN S 196 -3.63 3.08 -77.65
N ARG S 197 -3.63 1.83 -78.11
CA ARG S 197 -4.64 1.40 -79.06
C ARG S 197 -6.03 1.60 -78.50
N LEU S 198 -6.28 1.13 -77.27
CA LEU S 198 -7.60 1.28 -76.67
C LEU S 198 -8.02 2.74 -76.57
N ALA S 199 -7.07 3.62 -76.25
CA ALA S 199 -7.37 5.05 -76.21
C ALA S 199 -7.77 5.56 -77.58
N ILE S 200 -7.02 5.21 -78.62
CA ILE S 200 -7.38 5.64 -79.97
C ILE S 200 -8.78 5.15 -80.32
N GLN S 201 -9.10 3.93 -79.91
CA GLN S 201 -10.40 3.35 -80.26
C GLN S 201 -11.54 3.90 -79.43
N GLY S 202 -11.25 4.50 -78.27
CA GLY S 202 -12.33 5.04 -77.46
C GLY S 202 -12.96 6.29 -78.06
N ARG S 203 -12.19 7.03 -78.85
CA ARG S 203 -12.66 8.31 -79.38
C ARG S 203 -13.77 8.11 -80.40
N ASN S 204 -14.67 9.09 -80.47
CA ASN S 204 -15.75 9.09 -81.45
C ASN S 204 -15.28 9.78 -82.72
N SER S 205 -16.07 9.68 -83.79
CA SER S 205 -15.63 10.13 -85.11
C SER S 205 -15.19 11.59 -85.08
N THR S 206 -16.06 12.48 -84.58
CA THR S 206 -15.68 13.88 -84.44
C THR S 206 -14.53 14.03 -83.46
N MET S 207 -14.59 13.31 -82.34
CA MET S 207 -13.53 13.39 -81.34
C MET S 207 -12.21 12.87 -81.91
N ALA S 208 -12.25 11.78 -82.67
CA ALA S 208 -11.05 11.24 -83.29
C ALA S 208 -10.46 12.23 -84.29
N ILE S 209 -11.31 12.83 -85.12
CA ILE S 209 -10.82 13.81 -86.10
C ILE S 209 -10.16 14.98 -85.39
N LYS S 210 -10.80 15.49 -84.35
CA LYS S 210 -10.25 16.63 -83.62
C LYS S 210 -8.92 16.29 -82.99
N ALA S 211 -8.83 15.12 -82.35
CA ALA S 211 -7.57 14.73 -81.71
C ALA S 211 -6.46 14.54 -82.73
N TYR S 212 -6.78 13.90 -83.86
CA TYR S 212 -5.79 13.70 -84.91
C TYR S 212 -5.26 15.03 -85.44
N VAL S 213 -6.16 15.98 -85.74
CA VAL S 213 -5.71 17.23 -86.34
C VAL S 213 -5.05 18.11 -85.29
N SER S 214 -5.38 17.94 -84.02
CA SER S 214 -4.61 18.62 -82.97
C SER S 214 -3.24 18.01 -82.82
N ALA S 215 -3.09 16.73 -83.18
CA ALA S 215 -1.78 16.08 -83.15
C ALA S 215 -0.89 16.54 -84.30
N VAL S 216 -1.45 16.99 -85.41
CA VAL S 216 -0.63 17.50 -86.52
C VAL S 216 0.08 18.77 -86.06
N PRO S 217 1.39 18.91 -86.28
CA PRO S 217 2.07 20.15 -85.88
C PRO S 217 1.58 21.33 -86.69
N ASN S 218 1.61 22.51 -86.04
CA ASN S 218 1.30 23.82 -86.58
C ASN S 218 -0.20 24.07 -86.78
N VAL S 219 -1.05 23.09 -86.55
CA VAL S 219 -2.49 23.32 -86.59
C VAL S 219 -2.91 23.96 -85.27
N THR S 220 -3.64 25.08 -85.35
CA THR S 220 -3.91 25.89 -84.18
C THR S 220 -5.30 25.64 -83.60
N SER S 221 -6.34 25.66 -84.43
CA SER S 221 -7.70 25.45 -83.95
C SER S 221 -8.54 24.82 -85.05
N VAL S 222 -9.54 24.04 -84.64
CA VAL S 222 -10.37 23.26 -85.56
C VAL S 222 -11.82 23.30 -85.11
N ASN S 223 -12.74 23.39 -86.07
CA ASN S 223 -14.17 23.32 -85.81
C ASN S 223 -14.78 22.20 -86.65
N VAL S 224 -15.62 21.37 -86.02
CA VAL S 224 -16.21 20.20 -86.65
C VAL S 224 -17.68 20.11 -86.28
N ILE S 225 -18.53 19.80 -87.25
CA ILE S 225 -19.94 19.59 -87.00
C ILE S 225 -20.52 18.72 -88.12
N GLU S 226 -21.51 17.90 -87.78
CA GLU S 226 -22.18 17.02 -88.72
C GLU S 226 -23.64 17.42 -88.82
N ASN S 227 -24.09 17.78 -90.02
CA ASN S 227 -25.44 18.31 -90.17
C ASN S 227 -26.50 17.23 -89.97
N ASN S 228 -26.21 15.99 -90.40
CA ASN S 228 -27.06 14.84 -90.13
C ASN S 228 -28.41 14.93 -90.84
N THR S 229 -28.65 16.01 -91.58
CA THR S 229 -29.91 16.21 -92.29
C THR S 229 -29.63 16.99 -93.56
N GLY S 230 -30.66 17.07 -94.41
CA GLY S 230 -30.60 17.88 -95.61
C GLY S 230 -30.85 19.35 -95.39
N ALA S 231 -31.12 19.76 -94.15
CA ALA S 231 -31.43 21.14 -93.82
C ALA S 231 -30.31 21.75 -92.96
N VAL S 232 -30.44 23.04 -92.69
CA VAL S 232 -29.45 23.81 -91.95
C VAL S 232 -29.61 23.56 -90.45
N GLN S 233 -28.49 23.57 -89.73
CA GLN S 233 -28.51 23.60 -88.27
C GLN S 233 -27.85 24.85 -87.72
N VAL S 234 -26.62 25.13 -88.11
CA VAL S 234 -25.91 26.37 -87.80
C VAL S 234 -25.47 27.00 -89.11
N VAL S 235 -25.02 26.15 -90.03
CA VAL S 235 -24.61 26.54 -91.38
C VAL S 235 -25.41 25.69 -92.37
N ASN S 236 -25.65 26.27 -93.55
CA ASN S 236 -26.53 25.65 -94.53
C ASN S 236 -25.89 24.46 -95.22
N GLY S 237 -25.83 23.32 -94.53
CA GLY S 237 -25.39 22.10 -95.17
C GLY S 237 -26.57 21.40 -95.81
N VAL S 238 -26.77 21.68 -97.10
CA VAL S 238 -27.96 21.22 -97.82
C VAL S 238 -27.63 20.49 -99.11
N SER S 239 -26.35 20.37 -99.46
CA SER S 239 -25.98 19.64 -100.67
C SER S 239 -26.34 18.16 -100.53
N PHE S 240 -25.94 17.55 -99.42
CA PHE S 240 -26.20 16.14 -99.14
C PHE S 240 -26.83 16.00 -97.76
N THR S 241 -27.13 14.77 -97.39
CA THR S 241 -27.86 14.52 -96.15
C THR S 241 -26.93 14.46 -94.95
N LEU S 242 -25.89 13.63 -95.01
CA LEU S 242 -24.97 13.45 -93.88
C LEU S 242 -23.52 13.62 -94.30
N PRO S 243 -23.10 14.85 -94.63
CA PRO S 243 -21.67 15.12 -94.82
C PRO S 243 -20.97 15.48 -93.51
N TYR S 244 -19.70 15.83 -93.60
CA TYR S 244 -18.94 16.37 -92.47
C TYR S 244 -18.57 17.81 -92.77
N ALA S 245 -18.44 18.60 -91.72
CA ALA S 245 -18.05 20.01 -91.83
C ALA S 245 -16.72 20.17 -91.10
N VAL S 246 -15.64 20.30 -91.87
CA VAL S 246 -14.28 20.36 -91.31
C VAL S 246 -13.62 21.65 -91.75
N TRP S 247 -13.12 22.42 -90.78
CA TRP S 247 -12.21 23.53 -91.07
C TRP S 247 -11.02 23.45 -90.12
N VAL S 248 -9.86 23.88 -90.60
CA VAL S 248 -8.62 23.84 -89.85
C VAL S 248 -7.96 25.21 -89.90
N CYS S 249 -7.35 25.60 -88.80
CA CYS S 249 -6.57 26.82 -88.71
C CYS S 249 -5.09 26.47 -88.55
N VAL S 250 -4.25 27.22 -89.26
CA VAL S 250 -2.82 26.93 -89.33
C VAL S 250 -2.10 28.25 -89.57
N ALA S 251 -0.81 28.26 -89.26
CA ALA S 251 0.02 29.45 -89.43
C ALA S 251 0.79 29.44 -90.74
N GLY S 252 0.32 28.70 -91.74
CA GLY S 252 0.99 28.66 -93.03
C GLY S 252 0.91 27.32 -93.71
N ASN S 253 0.43 26.31 -92.99
CA ASN S 253 0.31 24.93 -93.48
C ASN S 253 1.65 24.43 -94.01
N PRO S 254 2.66 24.25 -93.16
CA PRO S 254 3.92 23.68 -93.64
C PRO S 254 3.77 22.25 -94.14
N ASP S 255 2.80 21.51 -93.63
CA ASP S 255 2.63 20.08 -93.91
C ASP S 255 1.21 19.85 -94.42
N LYS S 256 1.04 19.90 -95.74
CA LYS S 256 -0.28 19.69 -96.31
C LYS S 256 -0.64 18.21 -96.34
N GLN S 257 0.32 17.34 -96.66
CA GLN S 257 0.02 15.93 -96.86
C GLN S 257 -0.40 15.26 -95.56
N ALA S 258 0.23 15.64 -94.45
CA ALA S 258 -0.15 15.09 -93.15
C ALA S 258 -1.60 15.43 -92.83
N VAL S 259 -2.08 16.59 -93.27
CA VAL S 259 -3.47 16.95 -93.01
C VAL S 259 -4.42 15.97 -93.69
N ALA S 260 -4.18 15.70 -94.98
CA ALA S 260 -5.02 14.75 -95.70
C ALA S 260 -4.93 13.35 -95.10
N ASP S 261 -3.72 12.95 -94.70
CA ASP S 261 -3.54 11.62 -94.10
C ASP S 261 -4.30 11.51 -92.78
N ALA S 262 -4.24 12.55 -91.94
CA ALA S 262 -4.97 12.52 -90.67
C ALA S 262 -6.47 12.52 -90.91
N LEU S 263 -6.95 13.33 -91.83
CA LEU S 263 -8.38 13.34 -92.13
C LEU S 263 -8.83 11.99 -92.68
N TRP S 264 -7.98 11.31 -93.43
CA TRP S 264 -8.36 10.01 -93.96
C TRP S 264 -8.34 8.93 -92.88
N ALA S 265 -7.34 8.95 -92.00
CA ALA S 265 -7.16 7.87 -91.03
C ALA S 265 -8.38 7.71 -90.12
N ALA S 266 -9.18 8.76 -89.97
CA ALA S 266 -10.46 8.68 -89.28
C ALA S 266 -11.55 8.77 -90.33
N HIS S 267 -12.14 7.64 -90.68
CA HIS S 267 -13.17 7.59 -91.71
C HIS S 267 -14.19 6.54 -91.34
N ASN S 268 -15.45 6.97 -91.17
CA ASN S 268 -16.49 6.06 -90.73
C ASN S 268 -16.78 4.99 -91.79
N GLY S 269 -16.83 5.36 -93.05
CA GLY S 269 -17.06 4.41 -94.12
C GLY S 269 -18.50 4.30 -94.58
N GLY S 270 -19.38 5.19 -94.16
CA GLY S 270 -20.73 5.21 -94.69
C GLY S 270 -21.23 6.63 -94.84
N THR S 271 -20.33 7.59 -94.67
CA THR S 271 -20.65 8.99 -94.64
C THR S 271 -19.67 9.76 -95.52
N PRO S 272 -20.14 10.39 -96.59
CA PRO S 272 -19.24 11.10 -97.51
C PRO S 272 -18.68 12.37 -96.88
N TRP S 273 -17.68 12.94 -97.56
CA TRP S 273 -16.93 14.07 -97.05
C TRP S 273 -17.27 15.38 -97.73
N ASP S 274 -17.87 15.35 -98.93
CA ASP S 274 -18.11 16.56 -99.69
C ASP S 274 -18.97 17.54 -98.90
N TYR S 275 -18.56 18.80 -98.91
CA TYR S 275 -19.30 19.85 -98.21
C TYR S 275 -19.04 21.19 -98.86
N GLY S 276 -20.03 22.06 -98.80
CA GLY S 276 -19.95 23.40 -99.32
C GLY S 276 -21.32 23.89 -99.75
N ALA S 277 -21.48 25.22 -99.77
CA ALA S 277 -22.71 25.84 -100.24
C ALA S 277 -22.44 27.07 -101.10
N THR S 278 -21.30 27.11 -101.80
CA THR S 278 -20.91 28.18 -102.72
C THR S 278 -20.57 29.44 -101.94
N ASN S 279 -20.85 29.46 -100.64
CA ASN S 279 -20.53 30.60 -99.80
C ASN S 279 -19.75 30.21 -98.55
N ASN S 280 -19.49 28.92 -98.31
CA ASN S 280 -18.81 28.48 -97.11
C ASN S 280 -17.32 28.77 -97.24
N GLY S 281 -16.54 28.27 -96.28
CA GLY S 281 -15.11 28.54 -96.30
C GLY S 281 -14.46 28.01 -97.57
N VAL S 282 -13.34 28.61 -97.94
CA VAL S 282 -12.72 28.34 -99.24
C VAL S 282 -12.18 26.91 -99.27
N PRO S 283 -12.68 26.07 -100.19
CA PRO S 283 -12.20 24.69 -100.27
C PRO S 283 -10.73 24.62 -100.69
N VAL S 284 -10.04 23.61 -100.17
CA VAL S 284 -8.61 23.49 -100.41
C VAL S 284 -8.34 23.09 -101.86
N ASP S 285 -9.10 22.12 -102.37
CA ASP S 285 -8.99 21.73 -103.78
C ASP S 285 -10.34 21.23 -104.27
N GLY S 286 -10.50 21.22 -105.59
CA GLY S 286 -11.78 20.98 -106.21
C GLY S 286 -12.32 19.57 -106.04
N PRO S 287 -11.68 18.60 -106.71
CA PRO S 287 -12.21 17.23 -106.67
C PRO S 287 -11.73 16.40 -105.48
N ASN S 288 -10.55 16.71 -104.94
CA ASN S 288 -9.96 15.86 -103.91
C ASN S 288 -8.88 16.65 -103.17
N GLY S 289 -8.57 16.20 -101.97
CA GLY S 289 -7.45 16.72 -101.22
C GLY S 289 -6.19 15.93 -101.50
N VAL S 290 -6.26 15.11 -102.55
CA VAL S 290 -5.20 14.23 -103.06
C VAL S 290 -4.34 13.67 -101.93
N PRO S 291 -4.91 12.84 -101.05
CA PRO S 291 -4.11 12.25 -99.96
C PRO S 291 -3.12 11.23 -100.46
N VAL S 292 -2.42 10.60 -99.53
CA VAL S 292 -1.66 9.39 -99.82
C VAL S 292 -2.66 8.27 -100.06
N ARG S 293 -2.28 7.27 -100.85
CA ARG S 293 -3.20 6.20 -101.19
C ARG S 293 -3.66 5.43 -99.96
N ASP S 294 -2.76 4.69 -99.31
CA ASP S 294 -3.07 3.91 -98.13
C ASP S 294 -1.78 3.36 -97.52
N PRO S 295 -1.56 3.54 -96.22
CA PRO S 295 -0.34 2.98 -95.61
C PRO S 295 -0.25 1.47 -95.64
N ALA S 296 -1.36 0.75 -95.84
CA ALA S 296 -1.36 -0.70 -95.73
C ALA S 296 -2.26 -1.32 -96.79
N SER S 297 -1.64 -1.75 -97.90
CA SER S 297 -2.29 -2.58 -98.91
C SER S 297 -3.61 -1.97 -99.36
N GLY S 298 -3.52 -0.79 -99.95
CA GLY S 298 -4.69 -0.09 -100.43
C GLY S 298 -4.39 0.65 -101.71
N ARG S 299 -5.22 1.66 -101.97
CA ARG S 299 -5.16 2.45 -103.19
C ARG S 299 -5.55 3.88 -102.87
N LYS S 300 -5.68 4.69 -103.92
CA LYS S 300 -6.07 6.08 -103.74
C LYS S 300 -7.44 6.18 -103.10
N TYR S 301 -7.61 7.21 -102.25
CA TYR S 301 -8.90 7.56 -101.67
C TYR S 301 -9.02 9.08 -101.64
N VAL S 302 -10.26 9.58 -101.66
CA VAL S 302 -10.50 11.01 -101.79
C VAL S 302 -11.25 11.51 -100.56
N VAL S 303 -10.78 12.65 -100.03
CA VAL S 303 -11.40 13.31 -98.88
C VAL S 303 -11.49 14.80 -99.16
N LYS S 304 -12.24 15.51 -98.32
CA LYS S 304 -12.53 16.93 -98.56
C LYS S 304 -12.50 17.67 -97.23
N TRP S 305 -11.86 18.84 -97.21
CA TRP S 305 -11.95 19.75 -96.09
C TRP S 305 -11.78 21.17 -96.59
N THR S 306 -12.24 22.13 -95.79
CA THR S 306 -12.19 23.54 -96.14
C THR S 306 -11.45 24.33 -95.06
N THR S 307 -11.32 25.63 -95.30
CA THR S 307 -10.60 26.54 -94.42
C THR S 307 -11.45 27.79 -94.18
N PRO S 308 -11.25 28.48 -93.06
CA PRO S 308 -12.06 29.65 -92.76
C PRO S 308 -11.70 30.84 -93.64
N ILE S 309 -12.53 31.87 -93.57
CA ILE S 309 -12.31 33.11 -94.30
C ILE S 309 -11.64 34.09 -93.35
N MET S 310 -10.54 34.69 -93.79
CA MET S 310 -9.80 35.60 -92.94
C MET S 310 -10.52 36.92 -92.75
N TYR S 311 -10.52 37.41 -91.52
CA TYR S 311 -11.17 38.66 -91.16
C TYR S 311 -10.21 39.48 -90.31
N ASP S 312 -10.28 40.79 -90.43
CA ASP S 312 -9.39 41.70 -89.71
C ASP S 312 -10.23 42.66 -88.88
N GLY S 313 -9.96 42.70 -87.58
CA GLY S 313 -10.78 43.46 -86.64
C GLY S 313 -10.15 44.78 -86.27
N TYR S 314 -11.00 45.78 -86.03
CA TYR S 314 -10.59 47.09 -85.58
C TYR S 314 -11.12 47.32 -84.17
N VAL S 315 -10.22 47.66 -83.25
CA VAL S 315 -10.59 47.91 -81.86
C VAL S 315 -10.14 49.30 -81.46
N ASN S 316 -11.04 50.04 -80.82
CA ASN S 316 -10.76 51.37 -80.29
C ASN S 316 -11.02 51.36 -78.79
N VAL S 317 -10.08 51.92 -78.02
CA VAL S 317 -10.15 51.92 -76.57
C VAL S 317 -9.89 53.33 -76.07
N THR S 318 -10.73 53.79 -75.14
CA THR S 318 -10.61 55.12 -74.55
C THR S 318 -10.28 54.99 -73.07
N VAL S 319 -9.09 55.44 -72.68
CA VAL S 319 -8.60 55.30 -71.31
C VAL S 319 -7.96 56.60 -70.88
N GLN S 320 -8.18 56.98 -69.62
CA GLN S 320 -7.48 58.10 -69.02
C GLN S 320 -6.24 57.60 -68.28
N GLN S 321 -5.24 58.47 -68.19
CA GLN S 321 -3.92 58.02 -67.73
C GLN S 321 -3.93 57.64 -66.25
N GLY S 322 -4.57 58.44 -65.41
CA GLY S 322 -4.51 58.22 -63.98
C GLY S 322 -3.17 58.65 -63.39
N SER S 323 -2.78 58.03 -62.27
CA SER S 323 -1.54 58.37 -61.59
C SER S 323 -0.37 57.52 -62.06
N SER S 324 -0.59 56.27 -62.44
CA SER S 324 0.43 55.45 -63.06
C SER S 324 -0.01 55.09 -64.47
N SER S 325 0.85 55.36 -65.44
CA SER S 325 0.53 55.19 -66.84
C SER S 325 1.59 54.34 -67.51
N VAL S 326 1.21 53.65 -68.58
CA VAL S 326 2.10 52.77 -69.31
C VAL S 326 2.04 53.17 -70.79
N ALA S 327 3.11 52.90 -71.52
CA ALA S 327 3.15 53.26 -72.93
C ALA S 327 2.06 52.51 -73.70
N PRO S 328 1.46 53.13 -74.71
CA PRO S 328 0.42 52.43 -75.48
C PRO S 328 0.94 51.19 -76.17
N GLU S 329 2.22 51.16 -76.53
CA GLU S 329 2.77 49.97 -77.19
C GLU S 329 2.67 48.75 -76.29
N ALA S 330 2.79 48.93 -74.97
CA ALA S 330 2.66 47.82 -74.06
C ALA S 330 1.26 47.21 -74.13
N ILE S 331 0.24 48.06 -74.12
CA ILE S 331 -1.13 47.57 -74.25
C ILE S 331 -1.33 46.93 -75.62
N GLN S 332 -0.76 47.53 -76.65
CA GLN S 332 -0.87 46.96 -78.00
C GLN S 332 -0.34 45.52 -78.04
N ASN S 333 0.90 45.33 -77.59
CA ASN S 333 1.47 43.98 -77.58
C ASN S 333 0.70 43.06 -76.67
N ALA S 334 0.30 43.55 -75.49
CA ALA S 334 -0.41 42.69 -74.54
C ALA S 334 -1.72 42.19 -75.11
N VAL S 335 -2.52 43.07 -75.71
CA VAL S 335 -3.81 42.65 -76.26
C VAL S 335 -3.61 41.77 -77.49
N VAL S 336 -2.65 42.12 -78.35
CA VAL S 336 -2.45 41.31 -79.56
C VAL S 336 -2.02 39.90 -79.19
N ASN S 337 -1.10 39.77 -78.24
CA ASN S 337 -0.70 38.44 -77.79
C ASN S 337 -1.78 37.77 -76.95
N TYR S 338 -2.73 38.54 -76.42
CA TYR S 338 -3.96 37.97 -75.88
C TYR S 338 -4.82 37.30 -76.94
N ALA S 339 -4.89 37.89 -78.13
CA ALA S 339 -5.81 37.37 -79.15
C ALA S 339 -5.52 35.92 -79.48
N GLN S 340 -4.27 35.49 -79.38
CA GLN S 340 -3.90 34.09 -79.62
C GLN S 340 -4.02 33.23 -78.37
N GLY S 341 -4.47 33.80 -77.25
CA GLY S 341 -4.68 33.04 -76.03
C GLY S 341 -3.42 32.82 -75.22
N LYS S 342 -2.74 33.91 -74.85
CA LYS S 342 -1.54 33.76 -74.03
C LYS S 342 -1.88 33.32 -72.61
N VAL S 343 -3.00 33.78 -72.07
CA VAL S 343 -3.30 33.60 -70.66
C VAL S 343 -4.02 32.27 -70.45
N GLU S 344 -4.05 31.83 -69.20
CA GLU S 344 -4.69 30.58 -68.84
C GLU S 344 -6.21 30.73 -68.85
N GLY S 345 -6.89 29.74 -69.42
CA GLY S 345 -8.33 29.74 -69.50
C GLY S 345 -8.93 30.41 -70.71
N GLU S 346 -8.12 31.07 -71.52
CA GLU S 346 -8.63 31.84 -72.67
C GLU S 346 -8.15 31.16 -73.94
N GLU S 347 -9.08 30.55 -74.67
CA GLU S 347 -8.72 29.78 -75.85
C GLU S 347 -8.38 30.70 -77.03
N GLY S 348 -8.92 31.90 -77.05
CA GLY S 348 -8.60 32.88 -78.06
C GLY S 348 -9.66 33.00 -79.13
N LEU S 349 -9.24 33.56 -80.27
CA LEU S 349 -10.14 33.76 -81.40
C LEU S 349 -10.04 32.59 -82.37
N VAL S 350 -10.58 31.46 -81.92
CA VAL S 350 -10.68 30.26 -82.75
C VAL S 350 -11.70 30.52 -83.84
N VAL S 351 -11.77 29.63 -84.83
CA VAL S 351 -12.71 29.80 -85.91
C VAL S 351 -14.15 29.79 -85.38
N GLY S 352 -14.94 30.75 -85.85
CA GLY S 352 -16.34 30.84 -85.46
C GLY S 352 -16.57 31.36 -84.06
N ALA S 353 -15.60 32.10 -83.52
CA ALA S 353 -15.70 32.65 -82.16
C ALA S 353 -15.98 34.14 -82.26
N SER S 354 -17.12 34.56 -81.72
CA SER S 354 -17.50 35.97 -81.76
C SER S 354 -16.52 36.82 -80.96
N LEU S 355 -16.35 38.06 -81.40
CA LEU S 355 -15.45 39.00 -80.76
C LEU S 355 -16.27 40.07 -80.05
N SER S 356 -15.96 40.30 -78.77
CA SER S 356 -16.69 41.27 -77.97
C SER S 356 -15.70 42.17 -77.23
N ALA S 357 -16.00 43.46 -77.22
CA ALA S 357 -15.15 44.42 -76.54
C ALA S 357 -15.14 44.23 -75.03
N PHE S 358 -16.16 43.56 -74.49
CA PHE S 358 -16.17 43.25 -73.06
C PHE S 358 -15.01 42.34 -72.70
N GLU S 359 -14.69 41.39 -73.57
CA GLU S 359 -13.53 40.53 -73.33
C GLU S 359 -12.21 41.27 -73.53
N VAL S 360 -12.18 42.29 -74.40
CA VAL S 360 -10.99 43.13 -74.49
C VAL S 360 -10.79 43.89 -73.19
N ALA S 361 -11.89 44.42 -72.64
CA ALA S 361 -11.83 45.07 -71.33
C ALA S 361 -11.40 44.08 -70.24
N GLY S 362 -11.91 42.86 -70.30
CA GLY S 362 -11.49 41.85 -69.34
C GLY S 362 -10.02 41.53 -69.46
N ALA S 363 -9.51 41.45 -70.69
CA ALA S 363 -8.10 41.17 -70.90
C ALA S 363 -7.23 42.29 -70.33
N ILE S 364 -7.58 43.54 -70.63
CA ILE S 364 -6.77 44.64 -70.12
C ILE S 364 -6.93 44.75 -68.60
N ALA S 365 -8.05 44.29 -68.06
CA ALA S 365 -8.24 44.27 -66.61
C ALA S 365 -7.33 43.23 -65.95
N ARG S 366 -7.25 42.04 -66.52
CA ARG S 366 -6.39 41.00 -65.97
C ARG S 366 -4.92 41.38 -66.12
N GLU S 367 -4.54 41.87 -67.30
CA GLU S 367 -3.17 42.32 -67.52
C GLU S 367 -2.83 43.50 -66.63
N ILE S 368 -3.69 44.50 -66.55
CA ILE S 368 -3.39 45.68 -65.74
C ILE S 368 -4.65 46.20 -65.07
N PRO S 369 -4.88 45.86 -63.81
CA PRO S 369 -5.95 46.48 -63.02
C PRO S 369 -5.49 47.84 -62.50
N GLY S 370 -6.32 48.41 -61.63
CA GLY S 370 -5.96 49.66 -60.98
C GLY S 370 -6.01 50.87 -61.89
N ILE S 371 -6.72 50.78 -63.01
CA ILE S 371 -6.93 51.92 -63.90
C ILE S 371 -8.42 52.01 -64.21
N TYR S 372 -8.80 53.12 -64.83
CA TYR S 372 -10.16 53.37 -65.25
C TYR S 372 -10.24 53.29 -66.77
N ILE S 373 -11.23 52.58 -67.28
CA ILE S 373 -11.42 52.41 -68.71
C ILE S 373 -12.76 53.05 -69.07
N LYS S 374 -12.78 53.82 -70.17
CA LYS S 374 -13.97 54.58 -70.51
C LYS S 374 -14.86 53.81 -71.49
N LEU S 375 -14.34 53.52 -72.67
CA LEU S 375 -15.15 52.92 -73.72
C LEU S 375 -14.29 52.03 -74.59
N CYS S 376 -14.87 50.91 -75.03
CA CYS S 376 -14.24 49.99 -75.97
C CYS S 376 -15.19 49.76 -77.14
N GLN S 377 -14.66 49.83 -78.35
CA GLN S 377 -15.42 49.57 -79.57
C GLN S 377 -14.70 48.52 -80.40
N VAL S 378 -15.48 47.61 -80.98
CA VAL S 378 -14.92 46.55 -81.81
C VAL S 378 -15.79 46.38 -83.07
N ALA S 379 -15.11 46.16 -84.19
CA ALA S 379 -15.77 45.80 -85.44
C ALA S 379 -14.74 45.11 -86.33
N CYS S 380 -15.17 44.05 -86.99
CA CYS S 380 -14.28 43.22 -87.78
C CYS S 380 -14.86 43.04 -89.18
N VAL S 381 -14.00 43.17 -90.19
CA VAL S 381 -14.41 43.18 -91.59
C VAL S 381 -13.59 42.15 -92.35
N ALA S 382 -13.82 42.11 -93.66
CA ALA S 382 -13.04 41.23 -94.53
C ALA S 382 -11.67 41.83 -94.82
N ALA S 383 -10.68 40.97 -95.03
CA ALA S 383 -9.34 41.42 -95.34
C ALA S 383 -9.31 42.12 -96.69
N GLY S 384 -8.48 43.15 -96.81
CA GLY S 384 -8.40 43.96 -98.01
C GLY S 384 -9.33 45.15 -98.03
N SER S 385 -10.23 45.27 -97.06
CA SER S 385 -11.11 46.42 -97.01
C SER S 385 -10.38 47.63 -96.43
N PRO S 386 -10.76 48.84 -96.85
CA PRO S 386 -10.20 50.05 -96.23
C PRO S 386 -10.68 50.19 -94.80
N ALA S 387 -9.88 50.90 -94.00
CA ALA S 387 -10.22 51.13 -92.60
C ALA S 387 -11.58 51.83 -92.51
N PRO S 388 -12.50 51.34 -91.68
CA PRO S 388 -13.89 51.78 -91.78
C PRO S 388 -14.13 53.15 -91.14
N ALA S 389 -15.33 53.66 -91.40
CA ALA S 389 -15.78 54.91 -90.81
C ALA S 389 -16.05 54.72 -89.32
N PRO S 390 -16.05 55.80 -88.54
CA PRO S 390 -16.38 55.66 -87.12
C PRO S 390 -17.78 55.17 -86.88
N GLY S 391 -18.69 55.37 -87.82
CA GLY S 391 -20.05 54.85 -87.71
C GLY S 391 -20.20 53.42 -88.17
N ASP S 392 -19.10 52.71 -88.37
CA ASP S 392 -19.13 51.30 -88.77
C ASP S 392 -18.86 50.35 -87.61
N PHE S 393 -18.61 50.86 -86.40
CA PHE S 393 -18.28 50.01 -85.27
C PHE S 393 -19.52 49.56 -84.52
N THR S 394 -19.29 48.79 -83.46
CA THR S 394 -20.35 48.30 -82.60
C THR S 394 -19.74 47.91 -81.26
N SER S 395 -20.59 47.39 -80.36
CA SER S 395 -20.13 46.96 -79.06
C SER S 395 -19.73 45.49 -79.06
N GLU S 396 -20.46 44.67 -79.83
CA GLU S 396 -20.17 43.24 -79.94
C GLU S 396 -20.46 42.81 -81.37
N TYR S 397 -19.53 42.06 -81.96
CA TYR S 397 -19.60 41.67 -83.37
C TYR S 397 -19.82 40.17 -83.46
N VAL S 398 -21.00 39.77 -83.92
CA VAL S 398 -21.29 38.35 -84.12
C VAL S 398 -20.60 37.87 -85.40
N MET S 399 -19.94 36.72 -85.32
CA MET S 399 -19.20 36.15 -86.43
C MET S 399 -19.87 34.86 -86.89
N SER S 400 -19.77 34.58 -88.19
CA SER S 400 -20.36 33.40 -88.77
C SER S 400 -19.64 32.13 -88.29
N ALA S 401 -20.20 30.99 -88.69
CA ALA S 401 -19.68 29.70 -88.23
C ALA S 401 -18.31 29.40 -88.83
N PHE S 402 -18.12 29.71 -90.12
CA PHE S 402 -16.93 29.32 -90.85
C PHE S 402 -15.95 30.46 -91.09
N GLY S 403 -15.76 31.34 -90.11
CA GLY S 403 -14.79 32.41 -90.25
C GLY S 403 -13.86 32.54 -89.07
N GLN S 404 -12.77 33.29 -89.25
CA GLN S 404 -11.76 33.48 -88.22
C GLN S 404 -11.38 34.96 -88.15
N ALA S 405 -11.05 35.42 -86.96
CA ALA S 405 -10.68 36.81 -86.73
C ALA S 405 -9.17 36.95 -86.56
N THR S 406 -8.62 38.00 -87.15
CA THR S 406 -7.20 38.30 -87.07
C THR S 406 -7.03 39.73 -86.60
N ILE S 407 -6.11 39.96 -85.68
CA ILE S 407 -5.86 41.30 -85.14
C ILE S 407 -4.37 41.56 -85.11
N SER S 408 -3.98 42.77 -85.50
CA SER S 408 -2.60 43.22 -85.51
C SER S 408 -2.51 44.59 -84.84
N VAL S 409 -1.29 44.94 -84.41
CA VAL S 409 -1.08 46.20 -83.68
C VAL S 409 -1.50 47.39 -84.54
N GLY S 410 -1.27 47.32 -85.85
CA GLY S 410 -1.62 48.44 -86.71
C GLY S 410 -3.11 48.76 -86.67
N ASN S 411 -3.96 47.74 -86.70
CA ASN S 411 -5.39 47.98 -86.66
C ASN S 411 -5.89 48.23 -85.25
N VAL S 412 -5.02 48.09 -84.25
CA VAL S 412 -5.37 48.47 -82.88
C VAL S 412 -4.84 49.87 -82.60
N ARG S 413 -5.67 50.68 -81.96
CA ARG S 413 -5.27 52.01 -81.53
C ARG S 413 -6.18 52.49 -80.41
N VAL S 414 -5.61 53.29 -79.51
CA VAL S 414 -6.33 53.77 -78.33
C VAL S 414 -6.35 55.29 -78.36
N THR S 415 -6.95 55.87 -77.32
CA THR S 415 -7.00 57.31 -77.15
C THR S 415 -6.58 57.66 -75.74
N PHE S 416 -5.64 58.60 -75.61
CA PHE S 416 -5.22 59.11 -74.31
C PHE S 416 -5.93 60.44 -74.06
N VAL S 417 -7.20 60.35 -73.73
CA VAL S 417 -8.01 61.53 -73.49
C VAL S 417 -8.35 61.66 -72.02
N LEU T 1 -5.72 -48.80 36.92
CA LEU T 1 -4.71 -49.84 37.10
C LEU T 1 -3.51 -49.43 37.97
N PRO T 2 -2.87 -48.29 37.69
CA PRO T 2 -1.66 -47.94 38.45
C PRO T 2 -1.96 -47.77 39.93
N ALA T 3 -0.95 -48.04 40.75
CA ALA T 3 -1.12 -48.01 42.20
C ALA T 3 -1.15 -46.58 42.73
N TYR T 4 -1.74 -46.43 43.91
CA TYR T 4 -1.81 -45.16 44.63
C TYR T 4 -1.45 -45.44 46.08
N ASN T 5 -0.68 -44.53 46.68
CA ASN T 5 -0.21 -44.76 48.05
C ASN T 5 -1.09 -44.07 49.10
N SER T 6 -1.18 -42.74 49.03
CA SER T 6 -2.00 -41.96 49.96
C SER T 6 -1.67 -42.29 51.42
N ASP T 7 -0.39 -42.22 51.73
CA ASP T 7 0.13 -42.57 53.05
C ASP T 7 0.82 -41.37 53.69
N ILE T 8 0.43 -41.05 54.92
CA ILE T 8 0.95 -39.87 55.58
C ILE T 8 2.44 -40.00 55.81
N GLN T 9 2.90 -41.18 56.23
CA GLN T 9 4.29 -41.40 56.63
C GLN T 9 5.26 -41.32 55.48
N GLN T 10 4.79 -41.07 54.25
CA GLN T 10 5.71 -40.85 53.14
C GLN T 10 6.60 -39.64 53.36
N ALA T 11 6.22 -38.75 54.28
CA ALA T 11 7.01 -37.55 54.53
C ALA T 11 8.28 -37.88 55.31
N LEU T 12 8.27 -38.98 56.05
CA LEU T 12 9.48 -39.39 56.77
C LEU T 12 10.56 -39.83 55.79
N LYS T 13 11.81 -39.49 56.12
CA LYS T 13 12.91 -39.67 55.19
C LYS T 13 14.07 -40.34 55.89
N TRP T 14 14.99 -40.88 55.08
CA TRP T 14 16.20 -41.50 55.59
C TRP T 14 17.02 -40.53 56.41
N LEU T 15 16.84 -39.23 56.18
CA LEU T 15 17.48 -38.21 57.00
C LEU T 15 16.99 -38.22 58.44
N HIS T 16 15.88 -38.89 58.72
CA HIS T 16 15.29 -38.93 60.06
C HIS T 16 15.25 -40.39 60.54
N ASN T 17 16.36 -40.86 61.09
CA ASN T 17 16.41 -42.18 61.72
C ASN T 17 16.49 -42.10 63.23
N GLN T 18 17.47 -41.36 63.77
CA GLN T 18 17.60 -41.14 65.20
C GLN T 18 16.96 -39.83 65.64
N ALA T 19 15.86 -39.44 64.99
CA ALA T 19 15.12 -38.26 65.39
C ALA T 19 13.86 -38.69 66.13
N PRO T 20 13.73 -38.41 67.42
CA PRO T 20 12.50 -38.76 68.13
C PRO T 20 11.35 -37.78 67.89
N GLY T 21 11.65 -36.48 67.82
CA GLY T 21 10.62 -35.46 67.79
C GLY T 21 9.76 -35.41 66.53
N ILE T 22 10.41 -35.20 65.38
CA ILE T 22 9.65 -35.07 64.14
C ILE T 22 8.99 -36.39 63.77
N THR T 23 9.67 -37.51 64.03
CA THR T 23 9.05 -38.81 63.79
C THR T 23 7.84 -39.01 64.69
N GLY T 24 7.94 -38.59 65.96
CA GLY T 24 6.79 -38.66 66.83
C GLY T 24 5.62 -37.85 66.30
N LEU T 25 5.89 -36.63 65.85
CA LEU T 25 4.82 -35.80 65.32
C LEU T 25 4.13 -36.47 64.13
N ILE T 26 4.92 -36.93 63.16
CA ILE T 26 4.33 -37.51 61.96
C ILE T 26 3.56 -38.79 62.29
N GLN T 27 4.12 -39.63 63.15
CA GLN T 27 3.43 -40.88 63.50
C GLN T 27 2.14 -40.62 64.24
N ARG T 28 2.13 -39.66 65.17
CA ARG T 28 0.90 -39.35 65.88
C ARG T 28 -0.15 -38.76 64.96
N LYS T 29 0.25 -37.91 64.00
CA LYS T 29 -0.71 -37.41 63.03
C LYS T 29 -1.28 -38.56 62.21
N ALA T 30 -0.44 -39.49 61.78
CA ALA T 30 -0.93 -40.62 61.00
C ALA T 30 -1.93 -41.44 61.80
N GLN T 31 -1.63 -41.68 63.08
CA GLN T 31 -2.56 -42.43 63.92
C GLN T 31 -3.88 -41.69 64.10
N TRP T 32 -3.83 -40.36 64.29
CA TRP T 32 -5.05 -39.59 64.45
C TRP T 32 -5.92 -39.64 63.19
N TYR T 33 -5.29 -39.47 62.02
CA TYR T 33 -6.06 -39.55 60.78
C TYR T 33 -6.61 -40.95 60.56
N ASP T 34 -5.84 -41.99 60.86
CA ASP T 34 -6.34 -43.35 60.73
C ASP T 34 -7.55 -43.57 61.65
N ARG T 35 -7.50 -43.01 62.86
CA ARG T 35 -8.58 -43.22 63.81
C ARG T 35 -9.85 -42.48 63.39
N PHE T 36 -9.71 -41.26 62.87
CA PHE T 36 -10.87 -40.43 62.60
C PHE T 36 -11.34 -40.42 61.15
N SER T 37 -10.64 -41.10 60.23
CA SER T 37 -11.07 -41.07 58.84
C SER T 37 -10.95 -42.39 58.08
N ARG T 38 -10.49 -43.47 58.69
CA ARG T 38 -10.56 -44.78 58.05
C ARG T 38 -11.33 -45.78 58.90
N GLN T 39 -10.99 -45.87 60.19
CA GLN T 39 -11.73 -46.76 61.07
C GLN T 39 -13.17 -46.30 61.25
N PHE T 40 -13.40 -44.99 61.33
CA PHE T 40 -14.77 -44.50 61.46
C PHE T 40 -15.59 -44.82 60.21
N TRP T 41 -14.97 -44.69 59.04
CA TRP T 41 -15.68 -45.04 57.81
C TRP T 41 -16.01 -46.53 57.76
N ALA T 42 -15.07 -47.38 58.19
CA ALA T 42 -15.35 -48.81 58.24
C ALA T 42 -16.51 -49.09 59.20
N ASN T 43 -16.49 -48.45 60.38
CA ASN T 43 -17.56 -48.66 61.35
C ASN T 43 -18.90 -48.19 60.81
N TRP T 44 -18.93 -47.03 60.15
CA TRP T 44 -20.18 -46.53 59.60
C TRP T 44 -20.71 -47.45 58.51
N GLU T 45 -19.83 -47.93 57.64
CA GLU T 45 -20.26 -48.85 56.60
C GLU T 45 -20.82 -50.13 57.21
N ARG T 46 -20.19 -50.63 58.28
CA ARG T 46 -20.70 -51.82 58.94
C ARG T 46 -22.04 -51.59 59.61
N ASP T 47 -22.23 -50.42 60.24
CA ASP T 47 -23.45 -50.16 60.98
C ASP T 47 -24.60 -49.75 60.07
N VAL T 48 -24.28 -49.33 58.84
CA VAL T 48 -25.31 -49.13 57.84
C VAL T 48 -25.52 -50.40 57.01
N PHE T 49 -24.54 -51.30 57.01
CA PHE T 49 -24.74 -52.62 56.46
C PHE T 49 -25.84 -53.30 57.26
N HIS T 50 -27.03 -53.46 56.65
CA HIS T 50 -28.24 -53.67 57.44
C HIS T 50 -28.27 -55.08 58.06
N LEU T 51 -27.62 -56.05 57.43
CA LEU T 51 -27.74 -57.43 57.88
C LEU T 51 -27.27 -57.60 59.32
N LYS T 52 -26.14 -57.00 59.68
CA LYS T 52 -25.63 -57.10 61.04
C LYS T 52 -25.61 -55.72 61.70
N THR T 53 -26.52 -54.86 61.26
CA THR T 53 -26.71 -53.58 61.93
C THR T 53 -27.38 -53.82 63.28
N ALA T 54 -26.63 -53.64 64.35
CA ALA T 54 -27.19 -53.64 65.70
C ALA T 54 -27.20 -52.26 66.31
N ASN T 55 -26.45 -51.32 65.74
CA ASN T 55 -26.46 -49.94 66.21
C ASN T 55 -27.87 -49.40 66.09
N PRO T 56 -28.46 -48.88 67.17
CA PRO T 56 -29.80 -48.28 67.07
C PRO T 56 -29.85 -47.13 66.09
N PHE T 57 -28.74 -46.42 65.87
CA PHE T 57 -28.74 -45.36 64.86
C PHE T 57 -29.01 -45.91 63.48
N GLY T 58 -28.41 -47.05 63.13
CA GLY T 58 -28.64 -47.63 61.82
C GLY T 58 -30.08 -48.05 61.62
N LEU T 59 -30.67 -48.68 62.64
CA LEU T 59 -32.06 -49.09 62.54
C LEU T 59 -32.98 -47.89 62.43
N MET T 60 -32.69 -46.83 63.20
CA MET T 60 -33.50 -45.62 63.11
C MET T 60 -33.41 -45.00 61.71
N VAL T 61 -32.20 -44.96 61.15
CA VAL T 61 -32.03 -44.36 59.82
C VAL T 61 -32.76 -45.18 58.77
N TRP T 62 -32.66 -46.51 58.85
CA TRP T 62 -33.37 -47.35 57.90
C TRP T 62 -34.89 -47.22 58.08
N CYS T 63 -35.35 -47.04 59.30
CA CYS T 63 -36.77 -46.76 59.55
C CYS T 63 -37.19 -45.46 58.86
N ILE T 64 -36.37 -44.42 58.98
CA ILE T 64 -36.69 -43.15 58.33
C ILE T 64 -36.71 -43.33 56.81
N ILE T 65 -35.80 -44.14 56.28
CA ILE T 65 -35.79 -44.41 54.85
C ILE T 65 -37.08 -45.11 54.43
N LEU T 66 -37.54 -46.07 55.25
CA LEU T 66 -38.74 -46.82 54.93
C LEU T 66 -40.02 -46.11 55.35
N GLY T 67 -40.02 -45.39 56.47
CA GLY T 67 -41.14 -44.53 56.80
C GLY T 67 -42.19 -45.11 57.71
N THR T 68 -41.90 -46.13 58.50
CA THR T 68 -42.87 -46.60 59.48
C THR T 68 -42.81 -45.76 60.75
N PRO T 69 -43.91 -45.65 61.49
CA PRO T 69 -43.84 -45.08 62.83
C PRO T 69 -42.86 -45.86 63.69
N SER T 70 -42.15 -45.14 64.56
CA SER T 70 -41.09 -45.72 65.36
C SER T 70 -41.45 -45.85 66.83
N LYS T 71 -42.68 -45.56 67.22
CA LYS T 71 -43.06 -45.62 68.62
C LYS T 71 -43.21 -47.04 69.13
N GLY T 72 -43.25 -48.03 68.25
CA GLY T 72 -43.35 -49.41 68.69
C GLY T 72 -42.04 -50.12 68.92
N PHE T 73 -40.91 -49.44 68.76
CA PHE T 73 -39.61 -50.07 68.84
C PHE T 73 -38.87 -49.60 70.08
N GLY T 74 -38.42 -50.56 70.89
CA GLY T 74 -37.48 -50.25 71.94
C GLY T 74 -36.12 -49.96 71.33
N LEU T 75 -35.73 -48.69 71.31
CA LEU T 75 -34.58 -48.28 70.51
C LEU T 75 -33.28 -48.81 71.11
N TYR T 76 -33.08 -48.62 72.42
CA TYR T 76 -31.83 -49.04 73.04
C TYR T 76 -32.07 -49.48 74.47
N PRO T 77 -31.44 -50.56 74.92
CA PRO T 77 -31.43 -50.86 76.37
C PRO T 77 -30.24 -50.20 77.04
N LYS T 78 -29.60 -49.28 76.33
CA LYS T 78 -28.27 -48.82 76.69
C LYS T 78 -28.33 -47.97 77.97
N ASN T 79 -27.16 -47.52 78.41
CA ASN T 79 -27.04 -46.83 79.69
C ASN T 79 -27.71 -45.46 79.68
N SER T 80 -28.11 -44.98 78.50
CA SER T 80 -28.70 -43.65 78.36
C SER T 80 -30.11 -43.57 78.92
N SER T 81 -30.89 -44.65 78.86
CA SER T 81 -32.29 -44.59 79.25
C SER T 81 -32.43 -44.38 80.76
N TRP T 82 -33.67 -44.25 81.19
CA TRP T 82 -33.96 -44.00 82.60
C TRP T 82 -33.74 -45.27 83.42
N ALA T 83 -33.18 -45.11 84.62
CA ALA T 83 -33.00 -46.19 85.58
C ALA T 83 -32.09 -47.30 85.04
N PHE T 84 -30.83 -46.93 84.79
CA PHE T 84 -29.78 -47.90 84.51
C PHE T 84 -28.43 -47.27 84.81
N GLY T 85 -27.60 -47.97 85.58
CA GLY T 85 -26.28 -47.48 85.95
C GLY T 85 -25.40 -48.62 86.42
N ARG T 86 -24.22 -48.25 86.90
CA ARG T 86 -23.28 -49.26 87.39
C ARG T 86 -23.72 -49.78 88.76
N LEU T 87 -23.87 -48.88 89.74
CA LEU T 87 -24.48 -49.27 91.00
C LEU T 87 -25.99 -49.33 90.88
N ARG T 88 -26.61 -48.20 90.51
CA ARG T 88 -28.03 -48.05 90.18
C ARG T 88 -28.95 -48.61 91.25
N GLN T 89 -28.41 -48.88 92.44
CA GLN T 89 -29.19 -49.44 93.53
C GLN T 89 -29.93 -48.37 94.32
N ASN T 90 -29.71 -47.10 94.00
CA ASN T 90 -30.43 -46.02 94.65
C ASN T 90 -31.91 -46.07 94.31
N PHE T 91 -32.73 -45.79 95.33
CA PHE T 91 -34.17 -45.56 95.15
C PHE T 91 -34.85 -46.75 94.49
N ILE T 92 -34.29 -47.95 94.68
CA ILE T 92 -34.82 -49.17 94.12
C ILE T 92 -34.56 -50.31 95.11
N TYR T 93 -35.31 -51.39 94.96
CA TYR T 93 -35.29 -52.52 95.88
C TYR T 93 -33.92 -53.17 95.84
N SER T 94 -33.18 -53.06 96.94
CA SER T 94 -31.84 -53.64 97.07
C SER T 94 -31.80 -54.82 98.05
N GLY T 95 -32.97 -55.38 98.38
CA GLY T 95 -33.03 -56.53 99.25
C GLY T 95 -33.23 -56.23 100.72
N THR T 96 -33.22 -54.96 101.12
CA THR T 96 -33.51 -54.62 102.52
C THR T 96 -34.99 -54.80 102.82
N GLN T 97 -35.86 -54.33 101.93
CA GLN T 97 -37.31 -54.37 102.14
C GLN T 97 -37.99 -55.49 101.37
N VAL T 98 -37.86 -55.50 100.05
CA VAL T 98 -38.71 -56.33 99.19
C VAL T 98 -37.86 -57.09 98.18
N PRO T 99 -38.13 -58.37 97.96
CA PRO T 99 -37.45 -59.10 96.88
C PRO T 99 -37.77 -58.48 95.53
N PRO T 100 -36.76 -58.27 94.69
CA PRO T 100 -37.02 -57.73 93.36
C PRO T 100 -37.12 -58.85 92.33
N PRO T 101 -37.92 -58.66 91.29
CA PRO T 101 -37.92 -59.62 90.17
C PRO T 101 -36.55 -59.66 89.50
N ALA T 102 -36.17 -60.85 89.05
CA ALA T 102 -34.86 -61.05 88.41
C ALA T 102 -34.94 -61.30 86.92
N ASP T 103 -35.94 -62.04 86.46
CA ASP T 103 -36.10 -62.33 85.03
C ASP T 103 -36.65 -61.08 84.36
N ALA T 104 -35.76 -60.15 84.01
CA ALA T 104 -36.17 -58.91 83.40
C ALA T 104 -35.08 -58.45 82.44
N SER T 105 -35.47 -57.60 81.50
CA SER T 105 -34.52 -57.00 80.57
C SER T 105 -33.64 -56.00 81.32
N PRO T 106 -32.42 -55.76 80.83
CA PRO T 106 -31.58 -54.73 81.43
C PRO T 106 -32.24 -53.36 81.38
N GLY T 107 -32.08 -52.59 82.45
CA GLY T 107 -32.70 -51.29 82.57
C GLY T 107 -33.82 -51.26 83.58
N GLY T 108 -34.55 -50.16 83.57
CA GLY T 108 -35.64 -49.97 84.51
C GLY T 108 -36.85 -50.82 84.15
N ASN T 109 -37.74 -50.98 85.13
CA ASN T 109 -38.96 -51.76 84.93
C ASN T 109 -39.96 -51.05 84.03
N PHE T 110 -40.00 -49.71 84.06
CA PHE T 110 -41.05 -48.97 83.39
C PHE T 110 -40.76 -48.76 81.91
N TYR T 111 -39.59 -49.15 81.43
CA TYR T 111 -39.29 -49.10 80.01
C TYR T 111 -40.04 -50.20 79.27
N GLY T 112 -40.42 -49.91 78.04
CA GLY T 112 -41.15 -50.88 77.25
C GLY T 112 -42.53 -51.20 77.76
N GLY T 113 -43.24 -50.21 78.28
CA GLY T 113 -44.59 -50.44 78.75
C GLY T 113 -45.55 -50.70 77.59
N GLY T 114 -46.58 -51.49 77.88
CA GLY T 114 -47.45 -51.90 76.81
C GLY T 114 -46.92 -53.11 76.06
N ASN T 115 -47.83 -53.92 75.56
CA ASN T 115 -47.46 -55.15 74.87
C ASN T 115 -47.17 -54.93 73.39
N ALA T 116 -47.25 -53.69 72.90
CA ALA T 116 -46.85 -53.36 71.55
C ALA T 116 -45.36 -53.02 71.45
N GLU T 117 -44.63 -53.09 72.54
CA GLU T 117 -43.20 -52.81 72.54
C GLU T 117 -42.42 -54.12 72.41
N ILE T 118 -41.57 -54.20 71.40
CA ILE T 118 -40.67 -55.33 71.20
C ILE T 118 -39.27 -54.85 71.51
N LEU T 119 -38.54 -55.64 72.30
CA LEU T 119 -37.35 -55.15 72.98
C LEU T 119 -36.04 -55.73 72.48
N ASN T 120 -36.06 -56.68 71.55
CA ASN T 120 -34.84 -57.31 71.06
C ASN T 120 -34.58 -56.80 69.64
N LEU T 121 -33.31 -56.48 69.36
CA LEU T 121 -32.99 -55.82 68.11
C LEU T 121 -33.10 -56.77 66.92
N ASP T 122 -32.98 -58.07 67.15
CA ASP T 122 -33.05 -59.01 66.03
C ASP T 122 -34.41 -58.97 65.35
N GLU T 123 -35.51 -59.03 66.12
CA GLU T 123 -36.80 -58.95 65.45
C GLU T 123 -37.08 -57.55 64.91
N ILE T 124 -36.42 -56.52 65.46
CA ILE T 124 -36.46 -55.21 64.82
C ILE T 124 -35.90 -55.29 63.41
N ARG T 125 -34.75 -55.95 63.26
CA ARG T 125 -34.17 -56.12 61.93
C ARG T 125 -35.10 -56.93 61.03
N LYS T 126 -35.68 -58.00 61.56
CA LYS T 126 -36.55 -58.84 60.75
C LYS T 126 -37.79 -58.06 60.29
N VAL T 127 -38.39 -57.28 61.19
CA VAL T 127 -39.59 -56.53 60.85
C VAL T 127 -39.26 -55.39 59.89
N LEU T 128 -38.06 -54.80 60.00
CA LEU T 128 -37.67 -53.77 59.03
C LEU T 128 -37.47 -54.37 57.65
N GLN T 129 -36.85 -55.54 57.55
CA GLN T 129 -36.71 -56.17 56.24
C GLN T 129 -38.07 -56.54 55.66
N LEU T 130 -38.96 -57.11 56.49
CA LEU T 130 -40.28 -57.49 55.99
C LEU T 130 -41.09 -56.26 55.62
N ARG T 131 -40.89 -55.16 56.33
CA ARG T 131 -41.54 -53.90 55.97
C ARG T 131 -41.01 -53.36 54.65
N TYR T 132 -39.70 -53.44 54.43
CA TYR T 132 -39.16 -53.05 53.13
C TYR T 132 -39.82 -53.85 52.03
N VAL T 133 -39.92 -55.16 52.23
CA VAL T 133 -40.59 -55.99 51.22
C VAL T 133 -42.03 -55.52 51.03
N ALA T 134 -42.78 -55.36 52.12
CA ALA T 134 -44.18 -54.98 52.01
C ALA T 134 -44.35 -53.66 51.25
N LEU T 135 -43.57 -52.64 51.61
CA LEU T 135 -43.62 -51.36 50.93
C LEU T 135 -43.17 -51.46 49.48
N ILE T 136 -42.30 -52.42 49.17
CA ILE T 136 -41.76 -52.54 47.82
C ILE T 136 -42.29 -53.77 47.10
N SER T 137 -43.05 -54.63 47.78
CA SER T 137 -43.49 -55.87 47.16
C SER T 137 -44.95 -56.14 47.53
N ASN T 138 -45.77 -56.35 46.51
CA ASN T 138 -47.21 -56.24 46.70
C ASN T 138 -48.06 -57.35 46.08
N GLY T 139 -47.80 -58.63 46.34
CA GLY T 139 -48.91 -59.53 46.08
C GLY T 139 -48.79 -60.97 45.59
N SER T 140 -47.63 -61.43 45.13
CA SER T 140 -47.52 -62.83 44.71
C SER T 140 -47.24 -63.71 45.92
N ILE T 141 -47.73 -64.94 45.88
CA ILE T 141 -47.56 -65.83 47.02
C ILE T 141 -46.23 -66.58 46.98
N ALA T 142 -45.82 -67.05 45.80
CA ALA T 142 -44.55 -67.75 45.68
C ALA T 142 -43.39 -66.87 46.13
N TYR T 143 -43.35 -65.65 45.62
CA TYR T 143 -42.25 -64.74 45.95
C TYR T 143 -42.25 -64.38 47.43
N ILE T 144 -43.42 -64.14 48.02
CA ILE T 144 -43.47 -63.74 49.42
C ILE T 144 -43.12 -64.90 50.34
N ASN T 145 -43.56 -66.11 50.02
CA ASN T 145 -43.17 -67.26 50.82
C ASN T 145 -41.67 -67.50 50.73
N ARG T 146 -41.10 -67.36 49.53
CA ARG T 146 -39.65 -67.48 49.37
C ARG T 146 -38.93 -66.41 50.18
N MET T 147 -39.45 -65.18 50.18
CA MET T 147 -38.89 -64.10 50.99
C MET T 147 -38.93 -64.43 52.48
N LEU T 148 -40.07 -64.96 52.95
CA LEU T 148 -40.19 -65.32 54.36
C LEU T 148 -39.17 -66.39 54.74
N ARG T 149 -39.02 -67.40 53.89
CA ARG T 149 -37.99 -68.41 54.12
C ARG T 149 -36.62 -67.76 54.23
N TYR T 150 -36.27 -66.91 53.25
CA TYR T 150 -34.94 -66.29 53.22
C TYR T 150 -34.68 -65.45 54.46
N ILE T 151 -35.66 -64.64 54.85
CA ILE T 151 -35.43 -63.73 55.96
C ILE T 151 -35.36 -64.48 57.28
N PHE T 152 -36.28 -65.43 57.52
CA PHE T 152 -36.36 -66.03 58.84
C PHE T 152 -35.38 -67.19 59.01
N ASN T 153 -35.38 -68.14 58.08
CA ASN T 153 -34.57 -69.33 58.28
C ASN T 153 -33.20 -69.24 57.62
N ASP T 154 -32.87 -68.11 56.99
CA ASP T 154 -31.57 -67.90 56.36
C ASP T 154 -31.31 -68.96 55.28
N ASP T 155 -32.33 -69.24 54.48
CA ASP T 155 -32.22 -70.18 53.36
C ASP T 155 -31.80 -71.58 53.85
N GLU T 156 -32.66 -72.18 54.67
CA GLU T 156 -32.46 -73.55 55.12
C GLU T 156 -33.77 -74.32 55.01
N PRO T 157 -33.71 -75.63 54.79
CA PRO T 157 -34.95 -76.42 54.74
C PRO T 157 -35.67 -76.43 56.08
N TRP T 158 -36.98 -76.69 56.02
CA TRP T 158 -37.84 -76.50 57.17
C TRP T 158 -38.29 -77.83 57.77
N ASP T 159 -39.17 -77.74 58.76
CA ASP T 159 -39.76 -78.88 59.44
C ASP T 159 -41.26 -78.65 59.57
N GLU T 160 -42.05 -79.56 59.00
CA GLU T 160 -43.50 -79.46 59.17
C GLU T 160 -43.96 -80.08 60.49
N ALA T 161 -43.17 -80.96 61.09
CA ALA T 161 -43.55 -81.58 62.37
C ALA T 161 -43.66 -80.55 63.48
N THR T 162 -43.12 -79.35 63.28
CA THR T 162 -43.35 -78.22 64.18
C THR T 162 -44.23 -77.15 63.53
N GLY T 163 -44.75 -77.42 62.33
CA GLY T 163 -45.70 -76.55 61.66
C GLY T 163 -45.25 -75.12 61.43
N LEU T 164 -44.20 -74.93 60.63
CA LEU T 164 -43.49 -73.65 60.58
C LEU T 164 -44.27 -72.64 59.73
N TYR T 165 -43.61 -71.53 59.41
CA TYR T 165 -44.28 -70.27 59.09
C TYR T 165 -44.52 -70.10 57.59
N PHE T 166 -45.79 -70.15 57.18
CA PHE T 166 -46.15 -70.01 55.78
C PHE T 166 -47.22 -68.95 55.63
N TYR T 167 -47.29 -68.35 54.45
CA TYR T 167 -48.23 -67.26 54.22
C TYR T 167 -49.66 -67.75 54.38
N LEU T 168 -50.14 -68.54 53.41
CA LEU T 168 -51.34 -69.36 53.56
C LEU T 168 -51.62 -70.13 52.27
N MET T 169 -52.70 -70.92 52.29
CA MET T 169 -53.14 -71.62 51.09
C MET T 169 -54.18 -70.82 50.30
N ASP T 170 -54.54 -69.63 50.75
CA ASP T 170 -55.57 -68.81 50.12
C ASP T 170 -56.92 -69.53 50.19
N SER T 171 -57.89 -69.08 49.40
CA SER T 171 -59.13 -69.81 49.25
C SER T 171 -58.92 -71.16 48.60
N THR T 172 -57.78 -71.33 47.91
CA THR T 172 -57.46 -72.58 47.25
C THR T 172 -57.28 -73.71 48.27
N GLY T 173 -57.63 -74.93 47.86
CA GLY T 173 -57.53 -76.09 48.73
C GLY T 173 -56.20 -76.81 48.63
N GLU T 174 -56.09 -77.90 49.38
CA GLU T 174 -54.85 -78.69 49.38
C GLU T 174 -54.97 -79.89 48.45
N ASN T 175 -55.84 -80.83 48.80
CA ASN T 175 -55.94 -82.13 48.14
C ASN T 175 -57.22 -82.82 48.58
N GLY T 176 -57.57 -83.87 47.86
CA GLY T 176 -58.72 -84.69 48.16
C GLY T 176 -58.32 -86.04 48.71
N PRO T 177 -58.30 -87.06 47.85
CA PRO T 177 -57.90 -88.40 48.30
C PRO T 177 -56.42 -88.45 48.64
N VAL T 178 -55.89 -89.64 48.91
CA VAL T 178 -54.47 -89.84 49.15
C VAL T 178 -53.80 -90.21 47.84
N GLU T 179 -52.65 -89.58 47.57
CA GLU T 179 -51.93 -89.79 46.32
C GLU T 179 -50.47 -90.06 46.62
N ASN T 180 -49.85 -90.87 45.76
CA ASN T 180 -48.41 -91.13 45.79
C ASN T 180 -47.98 -91.73 47.13
N LEU T 181 -48.55 -92.90 47.42
CA LEU T 181 -48.36 -93.55 48.71
C LEU T 181 -47.19 -94.54 48.67
N ALA T 182 -46.57 -94.72 49.83
CA ALA T 182 -45.54 -95.74 50.01
C ALA T 182 -45.63 -96.27 51.43
N VAL T 183 -45.45 -97.58 51.57
CA VAL T 183 -45.69 -98.29 52.82
C VAL T 183 -44.35 -98.75 53.37
N TYR T 184 -44.03 -98.32 54.59
CA TYR T 184 -42.76 -98.64 55.24
C TYR T 184 -43.04 -99.61 56.39
N ARG T 185 -42.36 -100.75 56.37
CA ARG T 185 -42.59 -101.82 57.33
C ARG T 185 -41.34 -102.06 58.17
N LYS T 186 -41.48 -101.98 59.48
CA LYS T 186 -40.37 -102.24 60.39
C LYS T 186 -40.43 -103.68 60.88
N ASP T 187 -39.34 -104.40 60.67
CA ASP T 187 -39.21 -105.79 61.07
C ASP T 187 -37.74 -106.09 61.32
N TRP T 188 -37.38 -107.38 61.33
CA TRP T 188 -36.00 -107.79 61.58
C TRP T 188 -35.03 -107.15 60.59
N GLU T 189 -35.50 -106.83 59.38
CA GLU T 189 -34.64 -106.25 58.35
C GLU T 189 -34.84 -104.74 58.20
N GLY T 190 -35.44 -104.08 59.19
CA GLY T 190 -35.52 -102.64 59.17
C GLY T 190 -36.45 -102.08 58.11
N MET T 191 -36.13 -100.88 57.65
CA MET T 191 -36.96 -100.18 56.68
C MET T 191 -36.98 -100.91 55.35
N VAL T 192 -38.19 -101.10 54.81
CA VAL T 192 -38.40 -101.76 53.52
C VAL T 192 -39.54 -101.03 52.81
N LEU T 193 -39.43 -100.88 51.50
CA LEU T 193 -40.45 -100.27 50.67
C LEU T 193 -41.33 -101.34 50.04
N LEU T 194 -42.63 -101.07 49.99
CA LEU T 194 -43.60 -101.97 49.36
C LEU T 194 -44.23 -101.28 48.16
N SER T 195 -44.60 -102.08 47.16
CA SER T 195 -45.16 -101.58 45.93
C SER T 195 -46.48 -102.31 45.63
N SER T 196 -47.47 -101.54 45.18
CA SER T 196 -48.76 -102.12 44.82
C SER T 196 -48.63 -103.00 43.58
N SER T 197 -47.83 -102.58 42.60
CA SER T 197 -47.57 -103.41 41.44
C SER T 197 -46.68 -104.58 41.84
N PRO T 198 -46.91 -105.78 41.30
CA PRO T 198 -46.18 -106.96 41.75
C PRO T 198 -44.68 -106.86 41.45
N ARG T 199 -43.89 -107.44 42.35
CA ARG T 199 -42.44 -107.43 42.24
C ARG T 199 -41.95 -108.81 41.82
N THR T 200 -41.03 -108.84 40.86
CA THR T 200 -40.49 -110.08 40.35
C THR T 200 -39.07 -110.30 40.85
N ASN T 201 -38.82 -111.49 41.39
CA ASN T 201 -37.51 -111.87 41.93
C ASN T 201 -37.02 -113.07 41.13
N HIS T 202 -36.16 -112.82 40.15
CA HIS T 202 -35.82 -113.80 39.13
C HIS T 202 -34.69 -114.73 39.54
N VAL T 203 -34.22 -114.66 40.79
CA VAL T 203 -33.17 -115.57 41.22
C VAL T 203 -33.75 -116.97 41.38
N LEU T 204 -33.18 -117.93 40.65
CA LEU T 204 -33.71 -119.29 40.67
C LEU T 204 -33.53 -119.94 42.03
N THR T 205 -32.41 -119.67 42.69
CA THR T 205 -32.06 -120.31 43.96
C THR T 205 -31.85 -119.25 45.01
N SER T 206 -32.70 -119.25 46.04
CA SER T 206 -32.54 -118.30 47.15
C SER T 206 -31.26 -118.56 47.92
N THR T 207 -30.94 -119.83 48.16
CA THR T 207 -29.74 -120.20 48.90
C THR T 207 -28.99 -121.30 48.15
N PRO T 208 -27.67 -121.31 48.25
CA PRO T 208 -26.90 -122.42 47.65
C PRO T 208 -27.12 -123.70 48.44
N ALA T 209 -27.04 -124.82 47.73
CA ALA T 209 -27.13 -126.15 48.33
C ALA T 209 -25.85 -126.94 48.19
N SER T 210 -25.22 -126.92 47.03
CA SER T 210 -24.03 -127.72 46.76
C SER T 210 -23.28 -127.08 45.59
N ASP T 211 -22.18 -127.72 45.18
CA ASP T 211 -21.43 -127.24 44.01
C ASP T 211 -22.28 -127.30 42.75
N ALA T 212 -23.04 -128.38 42.57
CA ALA T 212 -23.88 -128.51 41.38
C ALA T 212 -24.98 -127.44 41.35
N ASP T 213 -25.31 -126.89 42.53
CA ASP T 213 -26.36 -125.87 42.59
C ASP T 213 -25.95 -124.60 41.86
N TRP T 214 -24.77 -124.08 42.15
CA TRP T 214 -24.22 -122.91 41.46
C TRP T 214 -22.88 -123.24 40.84
N PRO T 215 -22.75 -123.17 39.52
CA PRO T 215 -21.44 -123.42 38.89
C PRO T 215 -20.42 -122.34 39.26
N GLY T 216 -19.15 -122.75 39.28
CA GLY T 216 -18.03 -121.85 39.52
C GLY T 216 -17.12 -121.83 38.30
N VAL T 217 -16.56 -120.65 38.01
CA VAL T 217 -15.80 -120.41 36.80
C VAL T 217 -14.38 -120.00 37.19
N ASP T 218 -13.39 -120.64 36.57
CA ASP T 218 -11.99 -120.31 36.75
C ASP T 218 -11.30 -120.26 35.39
N PRO T 219 -10.91 -119.08 34.90
CA PRO T 219 -10.28 -119.00 33.58
C PRO T 219 -8.85 -119.52 33.57
N ALA T 220 -8.12 -119.24 34.66
CA ALA T 220 -6.73 -119.67 34.76
C ALA T 220 -6.60 -121.18 34.84
N ALA T 221 -7.52 -121.84 35.54
CA ALA T 221 -7.42 -123.27 35.86
C ALA T 221 -6.12 -123.57 36.61
N SER T 222 -5.71 -122.64 37.47
CA SER T 222 -4.52 -122.80 38.28
C SER T 222 -4.76 -123.62 39.55
N GLY T 223 -6.02 -123.86 39.90
CA GLY T 223 -6.33 -124.64 41.07
C GLY T 223 -7.76 -125.11 41.05
N ILE T 224 -8.15 -125.79 42.12
CA ILE T 224 -9.52 -126.27 42.28
C ILE T 224 -10.44 -125.07 42.46
N PRO T 225 -11.60 -125.04 41.79
CA PRO T 225 -12.50 -123.90 41.93
C PRO T 225 -13.12 -123.83 43.33
N VAL T 226 -13.61 -122.64 43.67
CA VAL T 226 -14.18 -122.40 44.99
C VAL T 226 -15.36 -123.32 45.20
N THR T 227 -15.41 -123.95 46.38
CA THR T 227 -16.43 -124.91 46.74
C THR T 227 -17.52 -124.25 47.58
N VAL T 228 -18.74 -124.75 47.42
CA VAL T 228 -19.91 -124.21 48.12
C VAL T 228 -20.57 -125.34 48.90
N GLU T 229 -20.89 -125.07 50.17
CA GLU T 229 -21.56 -126.06 51.01
C GLU T 229 -22.45 -125.33 52.00
N THR T 230 -23.39 -126.06 52.57
CA THR T 230 -24.35 -125.52 53.53
C THR T 230 -23.93 -125.92 54.93
N ALA T 231 -23.76 -124.93 55.80
CA ALA T 231 -23.39 -125.13 57.19
C ALA T 231 -24.54 -124.73 58.11
N SER T 232 -24.26 -124.67 59.41
CA SER T 232 -25.24 -124.25 60.40
C SER T 232 -24.72 -123.00 61.11
N ALA T 233 -25.50 -121.93 61.06
CA ALA T 233 -25.25 -120.75 61.87
C ALA T 233 -26.54 -119.93 61.94
N THR T 234 -26.60 -119.04 62.93
CA THR T 234 -27.82 -118.29 63.24
C THR T 234 -28.18 -117.40 62.04
N ALA T 235 -29.42 -117.51 61.58
CA ALA T 235 -29.94 -116.56 60.61
C ALA T 235 -30.63 -115.40 61.33
N PRO T 236 -30.68 -114.22 60.71
CA PRO T 236 -31.48 -113.13 61.29
C PRO T 236 -32.97 -113.43 61.29
N ASP T 237 -33.43 -114.35 60.43
CA ASP T 237 -34.85 -114.66 60.32
C ASP T 237 -35.35 -115.49 61.49
N GLY T 238 -34.54 -116.39 62.03
CA GLY T 238 -34.97 -117.25 63.12
C GLY T 238 -34.78 -118.72 62.82
N SER T 239 -33.84 -119.03 61.93
CA SER T 239 -33.50 -120.42 61.61
C SER T 239 -31.99 -120.51 61.49
N ALA T 240 -31.49 -121.67 61.04
CA ALA T 240 -30.06 -121.89 60.84
C ALA T 240 -29.88 -122.58 59.50
N THR T 241 -29.74 -121.77 58.44
CA THR T 241 -29.60 -122.30 57.09
C THR T 241 -28.58 -121.51 56.27
N VAL T 242 -27.55 -120.98 56.93
CA VAL T 242 -26.54 -120.14 56.27
C VAL T 242 -25.70 -120.97 55.31
N CYS T 243 -24.91 -120.30 54.48
CA CYS T 243 -24.05 -120.96 53.51
C CYS T 243 -22.60 -120.50 53.68
N LYS T 244 -21.68 -121.40 53.38
CA LYS T 244 -20.25 -121.16 53.43
C LYS T 244 -19.63 -121.40 52.05
N LEU T 245 -18.55 -120.69 51.76
CA LEU T 245 -17.72 -120.99 50.61
C LEU T 245 -16.36 -120.32 50.79
N THR T 246 -15.31 -121.08 50.53
CA THR T 246 -13.95 -120.72 50.91
C THR T 246 -13.11 -120.50 49.65
N LYS T 247 -12.13 -119.60 49.76
CA LYS T 247 -11.28 -119.19 48.65
C LYS T 247 -9.86 -119.66 48.89
N PRO T 248 -9.46 -120.82 48.36
CA PRO T 248 -8.09 -121.31 48.56
C PRO T 248 -7.06 -120.44 47.85
N ALA T 249 -5.85 -120.45 48.39
CA ALA T 249 -4.76 -119.73 47.77
C ALA T 249 -4.40 -120.34 46.42
N GLY T 250 -4.02 -119.48 45.48
CA GLY T 250 -3.66 -119.94 44.15
C GLY T 250 -4.85 -120.39 43.33
N SER T 251 -6.06 -120.08 43.77
CA SER T 251 -7.27 -120.37 43.01
C SER T 251 -8.06 -119.10 42.84
N THR T 252 -8.46 -118.82 41.60
CA THR T 252 -9.21 -117.62 41.25
C THR T 252 -10.53 -118.08 40.64
N ALA T 253 -11.48 -118.39 41.51
CA ALA T 253 -12.77 -118.92 41.08
C ALA T 253 -13.89 -118.17 41.79
N TYR T 254 -15.01 -118.04 41.09
CA TYR T 254 -16.17 -117.31 41.58
C TYR T 254 -17.42 -118.13 41.31
N VAL T 255 -18.35 -118.11 42.25
CA VAL T 255 -19.55 -118.93 42.19
C VAL T 255 -20.67 -118.11 41.56
N SER T 256 -21.45 -118.76 40.69
CA SER T 256 -22.46 -118.08 39.88
C SER T 256 -23.80 -118.78 40.03
N ALA T 257 -24.82 -118.01 40.38
CA ALA T 257 -26.18 -118.55 40.45
C ALA T 257 -26.81 -118.57 39.06
N PRO T 258 -27.30 -119.71 38.58
CA PRO T 258 -27.97 -119.74 37.29
C PRO T 258 -29.28 -118.94 37.35
N ILE T 259 -29.35 -117.91 36.51
CA ILE T 259 -30.49 -116.99 36.48
C ILE T 259 -30.99 -116.93 35.05
N ASP T 260 -32.30 -116.73 34.89
CA ASP T 260 -32.86 -116.57 33.56
C ASP T 260 -32.36 -115.28 32.92
N GLY T 261 -32.35 -115.28 31.58
CA GLY T 261 -31.91 -114.11 30.85
C GLY T 261 -32.61 -113.99 29.51
N PRO T 262 -32.62 -112.78 28.94
CA PRO T 262 -32.10 -111.54 29.56
C PRO T 262 -33.07 -111.01 30.63
N LEU T 263 -32.55 -110.23 31.56
CA LEU T 263 -33.39 -109.76 32.66
C LEU T 263 -34.39 -108.72 32.20
N GLY T 264 -34.02 -107.90 31.22
CA GLY T 264 -34.91 -106.88 30.72
C GLY T 264 -34.27 -106.11 29.59
N SER T 265 -34.86 -104.97 29.27
CA SER T 265 -34.38 -104.09 28.20
C SER T 265 -33.61 -102.94 28.82
N GLY T 266 -32.39 -103.22 29.28
CA GLY T 266 -31.44 -102.18 29.66
C GLY T 266 -31.91 -101.18 30.69
N SER T 267 -32.61 -101.64 31.73
CA SER T 267 -33.10 -100.75 32.78
C SER T 267 -32.44 -101.11 34.11
N THR T 268 -32.84 -100.40 35.16
CA THR T 268 -32.21 -100.56 36.46
C THR T 268 -32.42 -101.96 37.01
N VAL T 269 -31.39 -102.50 37.63
CA VAL T 269 -31.41 -103.84 38.22
C VAL T 269 -31.01 -103.72 39.69
N THR T 270 -31.89 -104.17 40.57
CA THR T 270 -31.68 -104.06 42.01
C THR T 270 -31.06 -105.36 42.51
N PHE T 271 -29.75 -105.48 42.37
CA PHE T 271 -29.05 -106.62 42.93
C PHE T 271 -29.10 -106.54 44.45
N SER T 272 -29.20 -107.70 45.10
CA SER T 272 -29.21 -107.77 46.55
C SER T 272 -28.42 -108.97 47.02
N PHE T 273 -27.93 -108.91 48.25
CA PHE T 273 -27.08 -109.93 48.84
C PHE T 273 -26.99 -109.68 50.32
N PHE T 274 -27.48 -110.62 51.13
CA PHE T 274 -27.33 -110.49 52.57
C PHE T 274 -25.85 -110.53 52.97
N ALA T 275 -25.49 -109.69 53.92
CA ALA T 275 -24.12 -109.59 54.40
C ALA T 275 -24.03 -110.30 55.75
N LYS T 276 -23.20 -111.33 55.80
CA LYS T 276 -23.07 -112.18 56.97
C LYS T 276 -21.62 -112.16 57.44
N ALA T 277 -21.42 -112.04 58.74
CA ALA T 277 -20.07 -111.96 59.29
C ALA T 277 -19.27 -113.20 58.92
N GLY T 278 -18.04 -112.98 58.43
CA GLY T 278 -17.17 -114.07 58.06
C GLY T 278 -15.73 -113.86 58.49
N SER T 279 -14.82 -114.70 58.03
CA SER T 279 -13.42 -114.59 58.42
C SER T 279 -12.80 -113.29 57.92
N THR T 280 -13.10 -112.91 56.69
CA THR T 280 -12.55 -111.70 56.11
C THR T 280 -13.60 -110.59 56.07
N ARG T 281 -13.16 -109.38 56.39
CA ARG T 281 -14.03 -108.21 56.50
C ARG T 281 -14.51 -107.70 55.16
N PHE T 282 -14.26 -108.42 54.07
CA PHE T 282 -14.61 -107.94 52.75
C PHE T 282 -15.31 -109.04 51.95
N ILE T 283 -16.35 -108.62 51.22
CA ILE T 283 -17.08 -109.49 50.31
C ILE T 283 -17.14 -108.80 48.96
N ALA T 284 -17.04 -109.59 47.89
CA ALA T 284 -17.02 -109.05 46.53
C ALA T 284 -18.27 -109.49 45.79
N ILE T 285 -18.55 -108.81 44.68
CA ILE T 285 -19.71 -109.11 43.84
C ILE T 285 -19.35 -108.79 42.40
N GLN T 286 -20.26 -109.14 41.49
CA GLN T 286 -20.11 -108.81 40.08
C GLN T 286 -21.50 -108.83 39.43
N SER T 287 -21.71 -107.91 38.51
CA SER T 287 -22.94 -107.83 37.72
C SER T 287 -22.51 -107.67 36.26
N ALA T 288 -22.55 -108.77 35.51
CA ALA T 288 -21.97 -108.80 34.18
C ALA T 288 -22.97 -108.35 33.12
N ALA T 289 -22.46 -108.17 31.91
CA ALA T 289 -23.25 -107.77 30.74
C ALA T 289 -22.48 -108.22 29.50
N ASP T 290 -22.83 -107.65 28.34
CA ASP T 290 -22.12 -108.00 27.11
C ASP T 290 -20.63 -107.72 27.25
N PHE T 291 -19.82 -108.72 26.93
CA PHE T 291 -18.38 -108.60 27.12
C PHE T 291 -17.77 -107.72 26.04
N PRO T 292 -17.00 -106.68 26.41
CA PRO T 292 -16.77 -106.26 27.80
C PRO T 292 -17.63 -105.06 28.24
N SER T 293 -18.51 -105.26 29.23
CA SER T 293 -19.24 -104.12 29.80
C SER T 293 -19.53 -104.29 31.29
N ARG T 294 -18.79 -105.12 32.00
CA ARG T 294 -19.18 -105.51 33.36
C ARG T 294 -18.98 -104.36 34.35
N ALA T 295 -19.87 -104.30 35.34
CA ALA T 295 -19.75 -103.41 36.49
C ALA T 295 -19.95 -104.23 37.75
N ASP T 296 -19.04 -104.07 38.72
CA ASP T 296 -19.00 -104.91 39.91
C ASP T 296 -18.81 -104.02 41.14
N ALA T 297 -18.76 -104.65 42.32
CA ALA T 297 -18.64 -103.90 43.56
C ALA T 297 -18.02 -104.78 44.64
N VAL T 298 -17.57 -104.13 45.71
CA VAL T 298 -17.04 -104.79 46.90
C VAL T 298 -17.60 -104.08 48.12
N PHE T 299 -17.87 -104.85 49.19
CA PHE T 299 -18.54 -104.33 50.37
C PHE T 299 -17.69 -104.58 51.62
N ASP T 300 -17.36 -103.49 52.32
CA ASP T 300 -16.58 -103.56 53.55
C ASP T 300 -17.50 -104.00 54.68
N LEU T 301 -17.38 -105.27 55.06
CA LEU T 301 -18.28 -105.81 56.08
C LEU T 301 -18.06 -105.13 57.42
N ASP T 302 -16.80 -104.91 57.80
CA ASP T 302 -16.51 -104.46 59.16
C ASP T 302 -17.01 -103.04 59.41
N SER T 303 -16.68 -102.12 58.50
CA SER T 303 -17.02 -100.71 58.67
C SER T 303 -18.34 -100.33 58.01
N GLY T 304 -18.61 -100.87 56.82
CA GLY T 304 -19.79 -100.48 56.08
C GLY T 304 -19.50 -99.44 55.01
N ASN T 305 -18.47 -99.69 54.19
CA ASN T 305 -18.08 -98.79 53.12
C ASN T 305 -18.05 -99.56 51.81
N VAL T 306 -18.64 -98.98 50.77
CA VAL T 306 -18.40 -99.48 49.42
C VAL T 306 -17.01 -99.02 48.99
N ILE T 307 -16.22 -99.94 48.44
CA ILE T 307 -14.81 -99.65 48.25
C ILE T 307 -14.42 -99.78 46.78
N SER T 308 -14.52 -100.99 46.24
CA SER T 308 -14.03 -101.28 44.90
C SER T 308 -15.19 -101.35 43.93
N ASP T 309 -15.14 -100.53 42.88
CA ASP T 309 -16.15 -100.49 41.84
C ASP T 309 -15.55 -99.79 40.64
N GLN T 310 -15.98 -100.19 39.45
CA GLN T 310 -15.40 -99.67 38.22
C GLN T 310 -16.52 -99.45 37.20
N MET T 311 -16.25 -98.59 36.23
CA MET T 311 -17.07 -98.49 35.04
C MET T 311 -16.27 -99.04 33.87
N LEU T 312 -16.82 -100.07 33.23
CA LEU T 312 -16.36 -100.52 31.92
C LEU T 312 -17.29 -100.09 30.82
N ASP T 313 -18.58 -99.94 31.13
CA ASP T 313 -19.58 -99.34 30.27
C ASP T 313 -20.26 -98.25 31.07
N SER T 314 -21.39 -97.73 30.57
CA SER T 314 -22.19 -96.76 31.31
C SER T 314 -23.13 -97.42 32.29
N SER T 315 -22.79 -98.63 32.76
CA SER T 315 -23.74 -99.46 33.49
C SER T 315 -24.08 -98.88 34.85
N VAL T 316 -23.08 -98.41 35.60
CA VAL T 316 -23.24 -98.18 37.04
C VAL T 316 -24.28 -97.11 37.32
N VAL T 317 -24.98 -97.27 38.44
CA VAL T 317 -25.95 -96.30 38.95
C VAL T 317 -25.55 -95.77 40.31
N SER T 318 -25.50 -96.64 41.32
CA SER T 318 -25.14 -96.26 42.69
C SER T 318 -24.99 -97.52 43.52
N ALA T 319 -24.47 -97.34 44.73
CA ALA T 319 -24.27 -98.43 45.67
C ALA T 319 -24.36 -97.88 47.09
N ARG T 320 -25.07 -98.59 47.96
CA ARG T 320 -25.18 -98.20 49.35
C ARG T 320 -25.31 -99.46 50.20
N MET T 321 -24.61 -99.47 51.32
CA MET T 321 -24.62 -100.62 52.22
C MET T 321 -25.43 -100.27 53.46
N ILE T 322 -26.33 -101.17 53.84
CA ILE T 322 -27.33 -100.91 54.86
C ILE T 322 -26.97 -101.68 56.12
N ARG T 323 -27.10 -101.02 57.27
CA ARG T 323 -26.79 -101.65 58.54
C ARG T 323 -27.96 -102.48 59.06
N LEU T 324 -27.65 -103.65 59.59
CA LEU T 324 -28.59 -104.42 60.40
C LEU T 324 -27.88 -104.79 61.71
N GLU T 325 -28.66 -105.27 62.67
CA GLU T 325 -28.13 -105.49 63.99
C GLU T 325 -27.45 -106.86 64.09
N ASN T 326 -26.46 -106.96 64.99
CA ASN T 326 -25.75 -108.20 65.30
C ASN T 326 -24.93 -108.70 64.11
N GLY T 327 -24.09 -107.84 63.57
CA GLY T 327 -23.14 -108.24 62.55
C GLY T 327 -23.74 -108.74 61.26
N TRP T 328 -24.89 -108.21 60.88
CA TRP T 328 -25.47 -108.50 59.58
C TRP T 328 -25.76 -107.19 58.87
N TRP T 329 -25.61 -107.19 57.55
CA TRP T 329 -25.78 -105.98 56.76
C TRP T 329 -26.58 -106.34 55.51
N ARG T 330 -27.06 -105.30 54.83
CA ARG T 330 -27.79 -105.44 53.58
C ARG T 330 -26.96 -104.79 52.47
N CYS T 331 -26.68 -105.55 51.43
CA CYS T 331 -25.86 -105.08 50.32
C CYS T 331 -26.67 -105.07 49.04
N VAL T 332 -26.64 -103.95 48.32
CA VAL T 332 -27.41 -103.78 47.10
C VAL T 332 -26.52 -103.20 46.01
N LEU T 333 -27.08 -103.16 44.80
CA LEU T 333 -26.40 -102.62 43.64
C LEU T 333 -27.45 -102.23 42.61
N THR T 334 -27.11 -101.28 41.74
CA THR T 334 -28.01 -100.88 40.67
C THR T 334 -27.19 -100.59 39.42
N THR T 335 -27.75 -100.97 38.26
CA THR T 335 -27.04 -100.80 37.00
C THR T 335 -28.03 -100.40 35.91
N LYS T 336 -27.63 -99.44 35.08
CA LYS T 336 -28.41 -98.97 33.95
C LYS T 336 -27.47 -98.79 32.76
N THR T 337 -27.66 -99.59 31.71
CA THR T 337 -26.78 -99.59 30.56
C THR T 337 -27.54 -99.19 29.30
N VAL T 338 -26.83 -98.58 28.36
CA VAL T 338 -27.43 -98.21 27.08
C VAL T 338 -27.88 -99.45 26.31
N SER T 339 -27.07 -100.49 26.33
CA SER T 339 -27.44 -101.77 25.74
C SER T 339 -28.49 -102.43 26.64
N SER T 340 -28.83 -103.69 26.33
CA SER T 340 -29.81 -104.40 27.15
C SER T 340 -29.39 -105.83 27.45
N SER T 341 -28.15 -106.21 27.20
CA SER T 341 -27.72 -107.60 27.35
C SER T 341 -27.17 -107.83 28.75
N PHE T 342 -28.08 -107.91 29.72
CA PHE T 342 -27.73 -108.37 31.05
C PHE T 342 -27.63 -109.89 31.06
N ARG T 343 -26.41 -110.40 31.20
CA ARG T 343 -26.15 -111.82 31.02
C ARG T 343 -26.26 -112.62 32.31
N ALA T 344 -25.42 -112.35 33.31
CA ALA T 344 -25.37 -113.18 34.49
C ALA T 344 -24.76 -112.40 35.64
N ALA T 345 -25.02 -112.87 36.86
CA ALA T 345 -24.55 -112.24 38.08
C ALA T 345 -23.71 -113.23 38.86
N TYR T 346 -22.53 -112.80 39.29
CA TYR T 346 -21.53 -113.65 39.93
C TYR T 346 -21.27 -113.16 41.35
N VAL T 347 -20.59 -113.98 42.15
CA VAL T 347 -20.25 -113.62 43.52
C VAL T 347 -19.07 -114.46 43.98
N ALA T 348 -18.20 -113.86 44.81
CA ALA T 348 -17.09 -114.55 45.45
C ALA T 348 -16.52 -113.64 46.53
N PRO T 349 -15.75 -114.18 47.47
CA PRO T 349 -15.12 -113.33 48.48
C PRO T 349 -13.83 -112.69 47.98
N ALA T 350 -13.22 -111.90 48.86
CA ALA T 350 -12.00 -111.17 48.55
C ALA T 350 -11.16 -111.02 49.81
N GLU T 351 -9.87 -110.73 49.62
CA GLU T 351 -8.96 -110.56 50.75
C GLU T 351 -8.89 -109.10 51.22
N THR T 352 -8.67 -108.17 50.30
CA THR T 352 -8.53 -106.76 50.62
C THR T 352 -9.73 -105.97 50.10
N ASN T 353 -9.83 -104.73 50.58
CA ASN T 353 -10.99 -103.91 50.25
C ASN T 353 -11.04 -103.58 48.76
N PHE T 354 -9.89 -103.25 48.17
CA PHE T 354 -9.84 -102.95 46.74
C PHE T 354 -9.61 -104.18 45.88
N SER T 355 -9.77 -105.38 46.44
CA SER T 355 -9.63 -106.59 45.66
C SER T 355 -10.76 -106.70 44.64
N TRP T 356 -10.44 -107.30 43.49
CA TRP T 356 -11.42 -107.53 42.45
C TRP T 356 -11.98 -108.93 42.56
N ILE T 357 -13.02 -109.20 41.76
CA ILE T 357 -13.62 -110.53 41.78
C ILE T 357 -12.72 -111.54 41.07
N ASP T 358 -11.80 -111.07 40.24
CA ASP T 358 -10.97 -111.93 39.40
C ASP T 358 -9.52 -112.01 39.84
N SER T 359 -9.16 -111.34 40.93
CA SER T 359 -7.78 -111.39 41.40
C SER T 359 -7.49 -112.71 42.11
N ASN T 360 -6.21 -112.99 42.30
CA ASN T 360 -5.83 -114.16 43.07
C ASN T 360 -5.74 -113.81 44.56
N SER T 361 -5.65 -114.85 45.38
CA SER T 361 -5.63 -114.72 46.83
C SER T 361 -4.29 -115.20 47.36
N SER T 362 -4.06 -115.00 48.67
CA SER T 362 -2.83 -115.40 49.32
C SER T 362 -2.99 -116.61 50.23
N ALA T 363 -4.19 -116.84 50.78
CA ALA T 363 -4.41 -117.92 51.72
C ALA T 363 -5.85 -118.40 51.56
N ALA T 364 -6.37 -119.06 52.60
CA ALA T 364 -7.76 -119.52 52.61
C ALA T 364 -8.59 -118.58 53.47
N ILE T 365 -9.70 -118.11 52.90
CA ILE T 365 -10.63 -117.21 53.58
C ILE T 365 -12.05 -117.72 53.36
N ASP T 366 -12.91 -117.56 54.37
CA ASP T 366 -14.28 -118.03 54.31
C ASP T 366 -15.23 -116.94 54.74
N VAL T 367 -16.48 -117.03 54.28
CA VAL T 367 -17.48 -116.00 54.51
C VAL T 367 -18.86 -116.65 54.38
N LEU T 368 -19.87 -116.00 54.96
CA LEU T 368 -21.23 -116.53 55.01
C LEU T 368 -22.15 -115.77 54.06
N ILE T 369 -23.08 -116.52 53.46
CA ILE T 369 -23.97 -116.03 52.42
C ILE T 369 -25.38 -116.54 52.69
N TRP T 370 -26.38 -115.68 52.46
CA TRP T 370 -27.77 -116.10 52.53
C TRP T 370 -28.63 -115.12 51.74
N GLY T 371 -29.81 -115.59 51.33
CA GLY T 371 -30.87 -114.73 50.82
C GLY T 371 -30.53 -113.76 49.71
N ALA T 372 -30.29 -114.24 48.50
CA ALA T 372 -30.03 -113.40 47.35
C ALA T 372 -31.33 -113.09 46.61
N GLN T 373 -31.37 -111.93 45.95
CA GLN T 373 -32.54 -111.57 45.15
C GLN T 373 -32.15 -110.52 44.12
N ILE T 374 -32.83 -110.57 42.96
CA ILE T 374 -32.62 -109.63 41.87
C ILE T 374 -33.97 -109.25 41.30
N GLU T 375 -34.19 -107.94 41.08
CA GLU T 375 -35.46 -107.43 40.58
C GLU T 375 -35.21 -106.31 39.58
N LEU T 376 -36.31 -105.72 39.10
CA LEU T 376 -36.27 -104.56 38.19
C LEU T 376 -36.68 -103.32 38.96
N GLY T 377 -35.71 -102.47 39.28
CA GLY T 377 -36.00 -101.23 39.96
C GLY T 377 -34.73 -100.57 40.46
N ASP T 378 -34.92 -99.53 41.27
CA ASP T 378 -33.80 -98.83 41.89
C ASP T 378 -33.84 -98.88 43.41
N THR T 379 -34.89 -99.44 44.00
CA THR T 379 -35.01 -99.49 45.45
C THR T 379 -35.34 -100.91 45.89
N PRO T 380 -34.59 -101.45 46.85
CA PRO T 380 -34.84 -102.82 47.30
C PRO T 380 -36.20 -102.99 47.95
N THR T 381 -36.76 -104.19 47.79
CA THR T 381 -38.06 -104.51 48.37
C THR T 381 -37.94 -105.69 49.33
N GLY T 382 -39.08 -106.18 49.82
CA GLY T 382 -39.06 -107.29 50.75
C GLY T 382 -38.51 -108.56 50.11
N TYR T 383 -37.88 -109.38 50.95
CA TYR T 383 -37.29 -110.62 50.50
C TYR T 383 -38.33 -111.72 50.40
N LEU T 384 -38.14 -112.60 49.40
CA LEU T 384 -39.08 -113.68 49.14
C LEU T 384 -38.31 -114.93 48.79
N LYS T 385 -38.70 -116.05 49.39
CA LYS T 385 -38.00 -117.31 49.17
C LYS T 385 -38.19 -117.79 47.74
N THR T 386 -37.08 -118.17 47.11
CA THR T 386 -37.10 -118.62 45.72
C THR T 386 -36.51 -120.03 45.65
N THR T 387 -37.17 -120.89 44.87
CA THR T 387 -36.69 -122.26 44.69
C THR T 387 -37.20 -122.76 43.35
N GLY T 388 -36.29 -122.87 42.38
CA GLY T 388 -36.62 -123.47 41.10
C GLY T 388 -37.30 -122.53 40.13
N ALA T 389 -37.78 -121.38 40.61
CA ALA T 389 -38.51 -120.45 39.77
C ALA T 389 -38.60 -119.10 40.47
N PRO T 390 -38.72 -118.01 39.71
CA PRO T 390 -39.02 -116.72 40.34
C PRO T 390 -40.40 -116.72 40.99
N VAL T 391 -40.53 -115.90 42.04
CA VAL T 391 -41.77 -115.79 42.80
C VAL T 391 -42.14 -114.31 42.86
N THR T 392 -43.42 -114.02 42.63
CA THR T 392 -43.92 -112.65 42.50
C THR T 392 -45.04 -112.42 43.50
N ILE T 393 -44.88 -111.42 44.37
CA ILE T 393 -45.88 -111.07 45.36
C ILE T 393 -46.06 -109.56 45.38
N THR T 394 -47.31 -109.11 45.40
CA THR T 394 -47.65 -107.72 45.69
C THR T 394 -48.41 -107.69 47.02
N ASP T 395 -48.03 -106.77 47.89
CA ASP T 395 -48.42 -106.89 49.29
C ASP T 395 -49.70 -106.15 49.65
N TYR T 396 -50.16 -105.22 48.82
CA TYR T 396 -51.29 -104.39 49.22
C TYR T 396 -52.02 -103.88 47.99
N VAL T 397 -53.21 -103.35 48.24
CA VAL T 397 -53.98 -102.60 47.25
C VAL T 397 -54.75 -101.51 47.98
N LEU T 398 -54.81 -100.33 47.38
CA LEU T 398 -55.48 -99.19 48.00
C LEU T 398 -56.98 -99.44 47.91
N GLN T 399 -57.52 -100.12 48.92
CA GLN T 399 -58.90 -100.59 48.85
C GLN T 399 -59.88 -99.43 48.81
N ASN T 400 -59.62 -98.37 49.59
CA ASN T 400 -60.34 -97.11 49.49
C ASN T 400 -59.37 -95.96 49.67
N ALA T 401 -59.37 -95.04 48.70
CA ALA T 401 -58.44 -93.90 48.75
C ALA T 401 -59.03 -92.75 49.56
N GLN T 402 -60.27 -92.37 49.26
CA GLN T 402 -60.88 -91.23 49.93
C GLN T 402 -61.08 -91.46 51.42
N THR T 403 -61.49 -92.68 51.83
CA THR T 403 -61.55 -92.96 53.27
C THR T 403 -60.16 -93.24 53.84
N GLY T 404 -59.25 -93.74 53.01
CA GLY T 404 -57.88 -93.96 53.43
C GLY T 404 -57.66 -95.32 54.06
N THR T 405 -58.16 -96.37 53.42
CA THR T 405 -58.01 -97.72 53.95
C THR T 405 -57.30 -98.58 52.92
N VAL T 406 -56.36 -99.37 53.42
CA VAL T 406 -55.58 -100.30 52.58
C VAL T 406 -55.73 -101.70 53.16
N LYS T 407 -55.92 -102.67 52.27
CA LYS T 407 -56.13 -104.05 52.67
C LYS T 407 -54.98 -104.92 52.21
N PHE T 408 -54.63 -105.90 53.04
CA PHE T 408 -53.45 -106.72 52.80
C PHE T 408 -53.86 -108.13 52.39
N THR T 409 -53.04 -108.73 51.53
CA THR T 409 -53.37 -110.05 51.00
C THR T 409 -53.11 -111.14 52.03
N GLN T 410 -52.12 -110.95 52.90
CA GLN T 410 -51.84 -111.92 53.95
C GLN T 410 -51.89 -111.25 55.30
N PRO T 411 -52.23 -111.99 56.35
CA PRO T 411 -52.32 -111.41 57.66
C PRO T 411 -50.98 -111.19 58.37
N LEU T 412 -50.69 -109.92 58.64
CA LEU T 412 -49.36 -109.52 59.10
C LEU T 412 -49.02 -110.20 60.43
N PRO T 413 -47.80 -110.76 60.54
CA PRO T 413 -47.42 -111.46 61.77
C PRO T 413 -47.32 -110.52 62.96
N THR T 414 -47.31 -111.06 64.18
CA THR T 414 -47.21 -110.20 65.35
C THR T 414 -45.85 -109.51 65.38
N GLY T 415 -45.82 -108.31 65.95
CA GLY T 415 -44.61 -107.52 66.00
C GLY T 415 -44.29 -106.77 64.74
N VAL T 416 -45.11 -106.86 63.71
CA VAL T 416 -44.88 -106.13 62.48
C VAL T 416 -45.63 -104.80 62.56
N GLU T 417 -44.90 -103.70 62.40
CA GLU T 417 -45.47 -102.37 62.38
C GLU T 417 -45.34 -101.80 60.98
N ALA T 418 -46.17 -100.80 60.68
CA ALA T 418 -46.17 -100.19 59.35
C ALA T 418 -46.17 -98.68 59.45
N TYR T 419 -45.49 -98.04 58.51
CA TYR T 419 -45.51 -96.60 58.31
C TYR T 419 -46.23 -96.28 57.01
N TRP T 420 -46.34 -95.00 56.71
CA TRP T 420 -46.86 -94.53 55.43
C TRP T 420 -46.32 -93.14 55.17
N THR T 421 -46.38 -92.72 53.91
CA THR T 421 -45.92 -91.39 53.53
C THR T 421 -46.69 -90.92 52.30
N GLY T 422 -46.74 -89.60 52.12
CA GLY T 422 -47.44 -89.00 51.01
C GLY T 422 -48.29 -87.84 51.50
N ASP T 423 -49.34 -87.54 50.74
CA ASP T 423 -50.26 -86.46 51.06
C ASP T 423 -51.65 -87.05 51.23
N TRP T 424 -52.35 -86.66 52.29
CA TRP T 424 -53.62 -87.27 52.63
C TRP T 424 -54.43 -86.38 53.55
N LYS T 425 -55.75 -86.35 53.31
CA LYS T 425 -56.72 -85.45 53.93
C LYS T 425 -56.16 -84.05 54.14
N GLY T 426 -55.42 -83.54 53.16
CA GLY T 426 -54.89 -82.21 53.28
C GLY T 426 -53.58 -82.09 54.02
N GLY T 427 -52.90 -83.20 54.33
CA GLY T 427 -51.69 -83.14 55.11
C GLY T 427 -50.46 -83.61 54.35
N THR T 428 -49.32 -83.57 55.06
CA THR T 428 -48.05 -84.05 54.54
C THR T 428 -47.42 -84.98 55.56
N ALA T 429 -46.83 -86.07 55.08
CA ALA T 429 -46.20 -87.09 55.91
C ALA T 429 -44.82 -87.44 55.37
N ALA T 430 -44.00 -86.42 55.14
CA ALA T 430 -42.65 -86.64 54.61
C ALA T 430 -41.82 -87.53 55.54
N GLU T 431 -42.19 -87.58 56.82
CA GLU T 431 -41.53 -88.49 57.74
C GLU T 431 -42.47 -89.65 58.09
N PRO T 432 -42.00 -90.89 58.04
CA PRO T 432 -42.89 -92.03 58.28
C PRO T 432 -43.55 -91.99 59.66
N ALA T 433 -44.80 -92.44 59.71
CA ALA T 433 -45.60 -92.46 60.93
C ALA T 433 -46.42 -93.74 60.99
N ARG T 434 -46.61 -94.25 62.20
CA ARG T 434 -47.29 -95.54 62.40
C ARG T 434 -48.77 -95.43 62.03
N PHE T 435 -49.29 -96.47 61.38
CA PHE T 435 -50.74 -96.64 61.35
C PHE T 435 -51.22 -98.07 61.53
N ALA T 436 -50.32 -99.07 61.51
CA ALA T 436 -50.72 -100.47 61.63
C ALA T 436 -49.91 -101.15 62.73
N VAL T 437 -50.58 -101.98 63.51
CA VAL T 437 -49.95 -102.76 64.59
C VAL T 437 -50.25 -104.23 64.32
N GLY T 438 -49.20 -105.05 64.26
CA GLY T 438 -49.35 -106.45 63.90
C GLY T 438 -49.66 -107.37 65.05
N ASN T 439 -50.80 -108.06 64.97
CA ASN T 439 -51.18 -109.03 65.99
C ASN T 439 -51.18 -110.47 65.48
N GLY T 440 -51.20 -110.69 64.17
CA GLY T 440 -51.12 -112.03 63.64
C GLY T 440 -52.27 -112.44 62.74
N THR T 441 -53.38 -111.71 62.80
CA THR T 441 -54.59 -112.12 62.09
C THR T 441 -55.22 -111.02 61.24
N GLN T 442 -54.96 -109.76 61.52
CA GLN T 442 -55.68 -108.67 60.85
C GLN T 442 -55.19 -108.49 59.42
N ASP T 443 -56.09 -107.97 58.56
CA ASP T 443 -55.75 -107.68 57.18
C ASP T 443 -56.24 -106.31 56.71
N THR T 444 -57.10 -105.65 57.48
CA THR T 444 -57.59 -104.32 57.13
C THR T 444 -57.14 -103.34 58.19
N PHE T 445 -56.48 -102.26 57.76
CA PHE T 445 -55.94 -101.27 58.68
C PHE T 445 -56.35 -99.89 58.20
N THR T 446 -56.21 -98.91 59.08
CA THR T 446 -56.65 -97.54 58.83
C THR T 446 -55.45 -96.61 58.90
N LEU T 447 -55.38 -95.67 57.96
CA LEU T 447 -54.30 -94.69 57.98
C LEU T 447 -54.48 -93.69 59.12
N SER T 448 -53.38 -93.07 59.52
CA SER T 448 -53.39 -92.12 60.63
C SER T 448 -53.41 -90.69 60.11
N ASP T 449 -53.39 -89.73 61.03
CA ASP T 449 -53.45 -88.32 60.69
C ASP T 449 -52.05 -87.76 60.52
N PRO T 450 -51.74 -87.12 59.39
CA PRO T 450 -50.45 -86.43 59.25
C PRO T 450 -50.36 -85.21 60.17
N ALA T 451 -49.31 -84.42 60.02
CA ALA T 451 -49.18 -83.17 60.78
C ALA T 451 -50.33 -82.20 60.54
N TYR T 452 -51.11 -82.42 59.48
CA TYR T 452 -52.40 -81.76 59.24
C TYR T 452 -52.25 -80.29 58.83
N ILE T 453 -53.06 -79.86 57.88
CA ILE T 453 -53.03 -78.52 57.32
C ILE T 453 -54.47 -78.06 57.17
N GLY T 454 -54.73 -76.79 57.44
CA GLY T 454 -56.07 -76.26 57.34
C GLY T 454 -56.46 -76.05 55.90
N LEU T 455 -56.74 -77.16 55.20
CA LEU T 455 -56.72 -77.13 53.74
C LEU T 455 -57.62 -76.09 53.09
N PRO T 456 -58.92 -75.95 53.43
CA PRO T 456 -59.77 -75.12 52.57
C PRO T 456 -59.40 -73.65 52.65
N THR T 457 -59.40 -73.10 53.87
CA THR T 457 -59.25 -71.67 54.13
C THR T 457 -60.06 -70.86 53.11
N SER T 458 -61.32 -71.24 52.96
CA SER T 458 -62.14 -70.79 51.85
C SER T 458 -62.49 -69.31 51.97
N GLY T 459 -62.97 -68.75 50.87
CA GLY T 459 -63.40 -67.37 50.85
C GLY T 459 -62.46 -66.49 50.04
N ALA T 460 -62.97 -65.90 48.96
CA ALA T 460 -62.16 -64.99 48.16
C ALA T 460 -61.83 -63.73 48.95
N PHE T 461 -60.71 -63.11 48.59
CA PHE T 461 -60.22 -61.88 49.23
C PHE T 461 -59.91 -62.10 50.71
N LYS T 462 -59.92 -63.35 51.16
CA LYS T 462 -59.62 -63.70 52.54
C LYS T 462 -58.24 -64.32 52.59
N LEU T 463 -57.39 -63.80 53.47
CA LEU T 463 -56.08 -64.39 53.65
C LEU T 463 -55.61 -64.13 55.08
N GLU T 464 -54.81 -65.06 55.60
CA GLU T 464 -54.28 -64.92 56.95
C GLU T 464 -52.99 -65.72 57.05
N TYR T 465 -52.11 -65.27 57.94
CA TYR T 465 -50.83 -65.91 58.18
C TYR T 465 -50.95 -66.98 59.27
N ARG T 466 -50.08 -67.99 59.16
CA ARG T 466 -50.01 -69.06 60.16
C ARG T 466 -48.55 -69.28 60.51
N VAL T 467 -48.26 -69.32 61.81
CA VAL T 467 -46.88 -69.35 62.31
C VAL T 467 -46.69 -70.59 63.17
N GLY T 468 -45.44 -71.02 63.30
CA GLY T 468 -45.11 -72.16 64.12
C GLY T 468 -44.37 -71.78 65.38
N PRO T 469 -44.69 -72.46 66.50
CA PRO T 469 -44.09 -72.09 67.78
C PRO T 469 -42.60 -72.42 67.89
N ALA T 470 -42.06 -73.22 66.97
CA ALA T 470 -40.65 -73.58 67.05
C ALA T 470 -39.75 -72.37 66.84
N LEU T 471 -40.21 -71.41 66.03
CA LEU T 471 -39.42 -70.21 65.79
C LEU T 471 -39.29 -69.31 67.02
N ASN T 472 -40.16 -69.48 68.02
CA ASN T 472 -40.08 -68.73 69.27
C ASN T 472 -40.14 -67.23 69.05
N LEU T 473 -40.85 -66.82 68.00
CA LEU T 473 -41.05 -65.39 67.74
C LEU T 473 -41.91 -64.78 68.83
N SER T 474 -41.60 -63.53 69.17
CA SER T 474 -42.31 -62.88 70.26
C SER T 474 -43.77 -62.64 69.90
N PRO T 475 -44.70 -63.00 70.78
CA PRO T 475 -46.11 -62.63 70.57
C PRO T 475 -46.34 -61.13 70.58
N GLN T 476 -45.41 -60.35 71.15
CA GLN T 476 -45.48 -58.91 71.03
C GLN T 476 -45.47 -58.49 69.57
N LEU T 477 -44.57 -59.07 68.79
CA LEU T 477 -44.52 -58.80 67.36
C LEU T 477 -45.79 -59.30 66.68
N ILE T 478 -46.34 -60.42 67.14
CA ILE T 478 -47.60 -60.92 66.59
C ILE T 478 -48.69 -59.87 66.75
N ASN T 479 -48.81 -59.30 67.95
CA ASN T 479 -49.74 -58.18 68.15
C ASN T 479 -49.36 -56.99 67.28
N LEU T 480 -48.06 -56.83 66.99
CA LEU T 480 -47.63 -55.62 66.29
C LEU T 480 -48.08 -55.61 64.83
N MET T 481 -47.85 -56.70 64.10
CA MET T 481 -48.28 -56.68 62.70
C MET T 481 -49.79 -56.76 62.52
N ASN T 482 -50.58 -57.02 63.56
CA ASN T 482 -52.02 -57.07 63.38
C ASN T 482 -52.61 -55.72 62.96
N ASP T 483 -51.89 -54.62 63.21
CA ASP T 483 -52.36 -53.32 62.78
C ASP T 483 -52.06 -53.08 61.30
N ARG T 484 -52.82 -52.16 60.71
CA ARG T 484 -52.66 -51.76 59.32
C ARG T 484 -52.06 -50.36 59.17
N ALA T 485 -52.33 -49.46 60.11
CA ALA T 485 -51.80 -48.11 60.02
C ALA T 485 -50.27 -48.10 60.08
N VAL T 486 -49.69 -49.09 60.77
CA VAL T 486 -48.24 -49.24 60.72
C VAL T 486 -47.79 -49.77 59.37
N GLY T 487 -48.55 -50.69 58.78
CA GLY T 487 -48.29 -51.15 57.43
C GLY T 487 -46.95 -51.83 57.21
N ILE T 488 -46.77 -53.02 57.76
CA ILE T 488 -45.50 -53.72 57.68
C ILE T 488 -45.65 -55.13 57.10
N MET T 489 -46.82 -55.47 56.58
CA MET T 489 -47.08 -56.79 56.01
C MET T 489 -47.57 -56.64 54.57
N PRO T 490 -47.03 -57.43 53.65
CA PRO T 490 -47.43 -57.29 52.25
C PRO T 490 -48.87 -57.73 52.05
N THR T 491 -49.60 -56.97 51.23
CA THR T 491 -51.03 -57.19 51.08
C THR T 491 -51.46 -56.68 49.72
N CYS T 492 -52.59 -57.18 49.24
CA CYS T 492 -53.23 -56.70 48.03
C CYS T 492 -54.51 -55.97 48.41
N ALA T 493 -54.94 -55.07 47.52
CA ALA T 493 -56.16 -54.31 47.75
C ALA T 493 -57.36 -55.23 47.86
N GLY T 494 -58.21 -54.97 48.87
CA GLY T 494 -59.42 -55.74 49.05
C GLY T 494 -59.26 -57.02 49.84
N CYS T 495 -58.05 -57.36 50.23
CA CYS T 495 -57.76 -58.54 51.03
C CYS T 495 -57.41 -58.10 52.44
N ASP T 496 -57.88 -58.86 53.41
CA ASP T 496 -57.62 -58.59 54.82
C ASP T 496 -56.56 -59.55 55.34
N VAL T 497 -55.78 -59.08 56.31
CA VAL T 497 -54.62 -59.81 56.81
C VAL T 497 -54.83 -60.15 58.27
N LYS T 498 -54.55 -61.39 58.64
CA LYS T 498 -54.47 -61.80 60.03
C LYS T 498 -53.16 -62.53 60.25
N VAL T 499 -52.42 -62.11 61.27
CA VAL T 499 -51.15 -62.77 61.56
C VAL T 499 -51.40 -64.19 62.05
N ILE T 500 -52.43 -64.39 62.86
CA ILE T 500 -52.94 -65.73 63.18
C ILE T 500 -54.46 -65.71 63.14
N LYS U 1 -7.86 -3.87 47.11
CA LYS U 1 -6.47 -3.88 47.55
C LYS U 1 -5.58 -3.27 46.47
N ILE U 2 -4.89 -2.19 46.83
CA ILE U 2 -4.13 -1.36 45.90
C ILE U 2 -2.71 -1.91 45.80
N PRO U 3 -2.14 -2.04 44.61
CA PRO U 3 -0.73 -2.46 44.49
C PRO U 3 0.22 -1.37 44.95
N LEU U 4 1.25 -1.77 45.68
CA LEU U 4 2.26 -0.85 46.19
C LEU U 4 3.63 -1.46 45.92
N THR U 5 4.68 -0.69 46.22
CA THR U 5 6.05 -1.15 46.04
C THR U 5 6.91 -0.47 47.11
N ALA U 6 8.14 -0.94 47.24
CA ALA U 6 9.04 -0.50 48.32
C ALA U 6 9.93 0.63 47.80
N VAL U 7 9.38 1.84 47.78
CA VAL U 7 10.12 3.03 47.39
C VAL U 7 9.73 4.16 48.34
N PRO U 8 10.68 4.94 48.85
CA PRO U 8 10.34 5.95 49.87
C PRO U 8 9.41 7.05 49.39
N ASN U 9 9.15 7.16 48.09
CA ASN U 9 8.26 8.21 47.59
C ASN U 9 7.76 7.83 46.21
N GLN U 10 6.46 7.61 46.09
CA GLN U 10 5.87 7.09 44.85
C GLN U 10 4.49 7.69 44.67
N ALA U 11 3.85 7.32 43.56
CA ALA U 11 2.49 7.74 43.27
C ALA U 11 1.83 6.72 42.35
N ILE U 12 0.69 6.20 42.78
CA ILE U 12 -0.06 5.21 42.03
C ILE U 12 -1.40 5.80 41.62
N SER U 13 -1.80 5.51 40.39
CA SER U 13 -3.06 5.97 39.84
C SER U 13 -3.91 4.77 39.48
N PHE U 14 -5.22 4.89 39.63
CA PHE U 14 -6.11 3.77 39.33
C PHE U 14 -7.54 4.28 39.18
N ASN U 15 -8.38 3.40 38.63
CA ASN U 15 -9.79 3.70 38.39
C ASN U 15 -10.62 2.67 39.13
N ALA U 16 -11.06 3.00 40.34
CA ALA U 16 -11.79 2.06 41.17
C ALA U 16 -13.02 2.75 41.74
N GLY U 17 -14.10 1.98 41.90
CA GLY U 17 -15.34 2.50 42.43
C GLY U 17 -15.98 3.56 41.57
N SER U 18 -15.93 3.41 40.25
CA SER U 18 -16.54 4.37 39.32
C SER U 18 -15.98 5.78 39.51
N SER U 19 -14.72 5.87 39.92
CA SER U 19 -14.07 7.16 40.12
C SER U 19 -12.58 7.00 39.84
N TYR U 20 -11.94 8.11 39.50
CA TYR U 20 -10.54 8.12 39.10
C TYR U 20 -9.71 8.74 40.23
N TRP U 21 -8.81 7.94 40.81
CA TRP U 21 -8.04 8.35 41.98
C TRP U 21 -6.56 8.44 41.65
N LYS U 22 -5.86 9.35 42.33
CA LYS U 22 -4.41 9.41 42.30
C LYS U 22 -3.91 9.62 43.73
N ILE U 23 -3.05 8.73 44.19
CA ILE U 23 -2.60 8.71 45.58
C ILE U 23 -1.08 8.85 45.59
N ARG U 24 -0.56 9.50 46.62
CA ARG U 24 0.88 9.71 46.79
C ARG U 24 1.28 9.26 48.19
N LEU U 25 2.42 8.60 48.29
CA LEU U 25 2.96 8.14 49.56
C LEU U 25 4.42 8.51 49.68
N TYR U 26 4.78 9.19 50.76
CA TYR U 26 6.15 9.66 50.94
C TYR U 26 6.48 9.75 52.41
N GLN U 27 7.70 9.36 52.76
CA GLN U 27 8.17 9.43 54.13
C GLN U 27 8.50 10.85 54.52
N ASN U 28 8.03 11.27 55.70
CA ASN U 28 8.26 12.61 56.22
C ASN U 28 8.70 12.48 57.67
N MET U 29 9.97 12.77 57.94
CA MET U 29 10.54 12.64 59.28
C MET U 29 10.34 11.23 59.83
N ASP U 30 9.33 11.06 60.70
CA ASP U 30 9.10 9.80 61.38
C ASP U 30 8.01 8.98 60.69
N MET U 31 6.81 9.54 60.54
CA MET U 31 5.71 8.80 59.97
C MET U 31 5.62 9.01 58.47
N MET U 32 4.66 8.34 57.86
CA MET U 32 4.30 8.54 56.46
C MET U 32 3.34 9.71 56.31
N ASN U 33 3.12 10.11 55.06
CA ASN U 33 2.13 11.09 54.70
C ASN U 33 1.52 10.69 53.36
N ALA U 34 0.33 11.20 53.07
CA ALA U 34 -0.37 10.83 51.86
C ALA U 34 -1.02 12.06 51.23
N ASP U 35 -1.08 12.05 49.90
CA ASP U 35 -1.79 13.04 49.11
C ASP U 35 -2.83 12.30 48.28
N ILE U 36 -4.09 12.70 48.41
CA ILE U 36 -5.19 12.05 47.72
C ILE U 36 -5.83 13.06 46.78
N SER U 37 -6.10 12.64 45.55
CA SER U 37 -6.73 13.50 44.56
C SER U 37 -7.75 12.68 43.76
N ARG U 38 -8.83 13.35 43.37
CA ARG U 38 -9.90 12.72 42.62
C ARG U 38 -10.23 13.56 41.39
N ASP U 39 -10.47 12.87 40.27
CA ASP U 39 -10.93 13.51 39.04
C ASP U 39 -9.99 14.64 38.61
N GLY U 40 -8.75 14.57 39.06
CA GLY U 40 -7.78 15.61 38.77
C GLY U 40 -7.81 16.80 39.70
N VAL U 41 -8.75 16.82 40.65
CA VAL U 41 -8.86 17.89 41.62
C VAL U 41 -8.35 17.37 42.96
N ILE U 42 -7.39 18.09 43.55
CA ILE U 42 -6.79 17.62 44.79
C ILE U 42 -7.84 17.61 45.90
N VAL U 43 -7.76 16.60 46.76
CA VAL U 43 -8.70 16.48 47.86
C VAL U 43 -8.04 17.00 49.12
N CYS U 44 -6.97 16.35 49.55
CA CYS U 44 -6.31 16.72 50.78
C CYS U 44 -4.81 16.54 50.64
N HIS U 45 -4.06 17.25 51.48
CA HIS U 45 -2.60 17.20 51.50
C HIS U 45 -2.12 16.70 52.85
N GLY U 46 -1.22 15.73 52.83
CA GLY U 46 -0.51 15.31 54.03
C GLY U 46 -1.30 14.67 55.14
N VAL U 47 -2.22 13.76 54.81
CA VAL U 47 -2.90 12.99 55.84
C VAL U 47 -1.97 11.94 56.42
N ARG U 48 -1.80 11.96 57.73
CA ARG U 48 -0.93 11.00 58.38
C ARG U 48 -1.53 9.61 58.32
N CYS U 49 -0.65 8.62 58.16
CA CYS U 49 -1.06 7.24 57.95
C CYS U 49 -1.00 6.48 59.28
N PHE U 50 -2.12 5.84 59.62
CA PHE U 50 -2.24 5.11 60.87
C PHE U 50 -3.00 3.83 60.61
N GLY U 51 -2.79 2.84 61.47
CA GLY U 51 -3.42 1.57 61.29
C GLY U 51 -4.83 1.50 61.83
N GLY U 52 -5.81 1.30 60.95
CA GLY U 52 -7.18 1.09 61.34
C GLY U 52 -8.09 2.30 61.21
N ILE U 53 -7.54 3.49 61.00
CA ILE U 53 -8.37 4.68 60.89
C ILE U 53 -8.36 5.17 59.45
N PRO U 54 -9.50 5.59 58.90
CA PRO U 54 -9.55 5.89 57.47
C PRO U 54 -8.80 7.15 57.11
N LEU U 55 -8.35 7.21 55.84
CA LEU U 55 -7.56 8.34 55.38
C LEU U 55 -8.41 9.59 55.20
N LEU U 56 -9.57 9.46 54.58
CA LEU U 56 -10.45 10.59 54.33
C LEU U 56 -11.27 10.86 55.59
N GLN U 57 -11.10 12.05 56.16
CA GLN U 57 -11.69 12.35 57.46
C GLN U 57 -13.09 12.97 57.36
N TYR U 58 -13.34 13.73 56.30
CA TYR U 58 -14.44 14.69 56.33
C TYR U 58 -15.53 14.34 55.32
N SER U 59 -16.77 14.63 55.72
CA SER U 59 -17.93 14.13 55.00
C SER U 59 -18.00 14.68 53.59
N HIS U 60 -17.65 15.95 53.40
CA HIS U 60 -17.67 16.51 52.06
C HIS U 60 -16.58 15.90 51.19
N GLN U 61 -15.65 15.16 51.81
CA GLN U 61 -14.62 14.50 51.03
C GLN U 61 -14.98 13.06 50.70
N TYR U 62 -15.18 12.22 51.72
CA TYR U 62 -15.19 10.78 51.47
C TYR U 62 -16.39 10.35 50.63
N ARG U 63 -17.61 10.73 51.01
CA ARG U 63 -18.70 10.30 50.13
C ARG U 63 -20.04 11.00 50.34
N PRO U 64 -20.75 11.32 49.26
CA PRO U 64 -22.18 11.02 49.22
C PRO U 64 -22.37 9.54 48.93
N ASP U 65 -21.58 9.02 47.97
CA ASP U 65 -21.61 7.60 47.61
C ASP U 65 -20.27 7.01 47.21
N TYR U 66 -19.16 7.71 47.41
CA TYR U 66 -17.82 7.24 47.04
C TYR U 66 -17.32 6.25 48.10
N GLY U 67 -16.02 5.96 48.08
CA GLY U 67 -15.41 5.05 49.03
C GLY U 67 -14.39 5.73 49.92
N ASN U 68 -13.56 4.91 50.56
CA ASN U 68 -12.51 5.41 51.45
C ASN U 68 -11.43 4.33 51.59
N PHE U 69 -10.30 4.73 52.18
CA PHE U 69 -9.09 3.91 52.26
C PHE U 69 -8.64 3.75 53.70
N VAL U 70 -8.19 2.54 54.05
CA VAL U 70 -7.70 2.24 55.39
C VAL U 70 -6.41 1.44 55.29
N PHE U 71 -5.42 1.78 56.13
CA PHE U 71 -4.22 0.98 56.31
C PHE U 71 -4.42 0.01 57.46
N ASP U 72 -4.16 -1.27 57.21
CA ASP U 72 -4.36 -2.27 58.25
C ASP U 72 -3.43 -2.03 59.44
N ARG U 73 -2.16 -1.74 59.16
CA ARG U 73 -1.22 -1.35 60.21
C ARG U 73 -0.46 -0.11 59.78
N ASP U 74 0.41 0.40 60.66
CA ASP U 74 1.15 1.62 60.34
C ASP U 74 2.07 1.38 59.16
N ALA U 75 2.20 2.40 58.30
CA ALA U 75 2.90 2.24 57.05
C ALA U 75 4.41 2.21 57.26
N ASP U 76 5.09 1.46 56.39
CA ASP U 76 6.54 1.33 56.42
C ASP U 76 6.98 0.88 55.03
N TRP U 77 7.66 1.76 54.30
CA TRP U 77 7.92 1.51 52.89
C TRP U 77 8.89 0.36 52.65
N THR U 78 9.55 -0.16 53.68
CA THR U 78 10.36 -1.36 53.52
C THR U 78 9.53 -2.63 53.59
N LEU U 79 8.24 -2.52 53.92
CA LEU U 79 7.39 -3.69 54.12
C LEU U 79 6.30 -3.87 53.08
N PHE U 80 6.15 -2.93 52.14
CA PHE U 80 5.04 -3.03 51.20
C PHE U 80 5.18 -4.27 50.33
N GLY U 81 4.06 -4.96 50.12
CA GLY U 81 4.06 -6.25 49.47
C GLY U 81 4.33 -7.41 50.40
N ASP U 82 4.62 -7.15 51.67
CA ASP U 82 4.89 -8.19 52.67
C ASP U 82 4.31 -7.70 54.00
N GLY U 83 3.06 -8.05 54.26
CA GLY U 83 2.45 -7.83 55.55
C GLY U 83 1.72 -6.51 55.74
N ILE U 84 1.88 -5.54 54.85
CA ILE U 84 1.20 -4.27 54.96
C ILE U 84 0.51 -3.95 53.64
N ASN U 85 -0.77 -3.59 53.72
CA ASN U 85 -1.62 -3.46 52.54
C ASN U 85 -2.44 -2.19 52.65
N LEU U 86 -3.00 -1.78 51.51
CA LEU U 86 -3.95 -0.69 51.43
C LEU U 86 -5.20 -1.17 50.70
N PHE U 87 -6.36 -1.03 51.33
CA PHE U 87 -7.60 -1.55 50.80
C PHE U 87 -8.57 -0.42 50.49
N TYR U 88 -9.45 -0.67 49.52
CA TYR U 88 -10.48 0.28 49.12
C TYR U 88 -11.86 -0.32 49.38
N LEU U 89 -12.72 0.44 50.03
CA LEU U 89 -14.07 0.01 50.33
C LEU U 89 -15.06 0.96 49.68
N ASP U 90 -15.98 0.42 48.89
CA ASP U 90 -17.01 1.24 48.25
C ASP U 90 -18.02 1.67 49.31
N GLY U 91 -18.96 2.52 48.92
CA GLY U 91 -19.77 3.25 49.88
C GLY U 91 -20.56 2.43 50.88
N ALA U 92 -21.23 1.38 50.40
CA ALA U 92 -22.09 0.59 51.28
C ALA U 92 -21.30 -0.07 52.40
N GLU U 93 -20.25 -0.81 52.03
CA GLU U 93 -19.48 -1.51 53.06
C GLU U 93 -18.67 -0.53 53.90
N PHE U 94 -18.26 0.60 53.34
CA PHE U 94 -17.57 1.58 54.15
C PHE U 94 -18.49 2.17 55.22
N ALA U 95 -19.72 2.51 54.86
CA ALA U 95 -20.67 3.00 55.86
C ALA U 95 -20.98 1.92 56.88
N GLU U 96 -21.08 0.67 56.44
CA GLU U 96 -21.23 -0.45 57.37
C GLU U 96 -20.06 -0.49 58.35
N TYR U 97 -18.84 -0.27 57.87
CA TYR U 97 -17.68 -0.28 58.75
C TYR U 97 -17.68 0.89 59.73
N GLN U 98 -18.10 2.07 59.28
CA GLN U 98 -18.25 3.17 60.23
C GLN U 98 -19.28 2.84 61.30
N ALA U 99 -20.36 2.16 60.92
CA ALA U 99 -21.31 1.69 61.92
C ALA U 99 -20.65 0.74 62.89
N LEU U 100 -19.83 -0.18 62.39
CA LEU U 100 -19.13 -1.13 63.25
C LEU U 100 -18.06 -0.46 64.12
N ALA U 101 -17.61 0.74 63.76
CA ALA U 101 -16.50 1.36 64.48
C ALA U 101 -16.86 1.65 65.93
N THR U 102 -18.07 2.12 66.19
CA THR U 102 -18.50 2.46 67.54
C THR U 102 -19.38 1.37 68.14
N SER V 1 5.06 -53.10 22.63
CA SER V 1 4.14 -52.32 21.82
C SER V 1 3.40 -53.21 20.84
N THR V 2 4.12 -54.16 20.23
CA THR V 2 3.55 -55.03 19.23
C THR V 2 3.24 -56.40 19.82
N SER V 3 2.66 -57.26 18.99
CA SER V 3 2.30 -58.61 19.39
C SER V 3 2.17 -59.46 18.16
N THR V 4 2.34 -60.77 18.34
CA THR V 4 2.21 -61.72 17.24
C THR V 4 2.04 -63.12 17.84
N ILE V 5 1.69 -64.08 16.98
CA ILE V 5 1.39 -65.44 17.37
C ILE V 5 2.68 -66.25 17.33
N ARG V 6 2.86 -67.13 18.32
CA ARG V 6 4.07 -67.92 18.42
C ARG V 6 4.19 -68.88 17.23
N THR V 7 5.41 -69.05 16.74
CA THR V 7 5.70 -70.00 15.69
C THR V 7 6.89 -70.86 16.09
N GLY V 8 6.86 -72.12 15.66
CA GLY V 8 7.87 -73.08 16.02
C GLY V 8 9.13 -72.91 15.20
N THR V 9 10.00 -73.94 15.27
CA THR V 9 11.22 -73.91 14.49
C THR V 9 10.91 -73.84 13.00
N ASN V 10 9.89 -74.55 12.56
CA ASN V 10 9.29 -74.33 11.26
C ASN V 10 8.33 -73.16 11.33
N ASN V 11 8.13 -72.50 10.19
CA ASN V 11 7.29 -71.31 10.13
C ASN V 11 5.80 -71.70 10.17
N ASP V 12 5.42 -72.32 11.29
CA ASP V 12 4.09 -72.85 11.47
C ASP V 12 3.56 -72.46 12.84
N ILE V 13 2.24 -72.36 12.95
CA ILE V 13 1.62 -72.03 14.23
C ILE V 13 1.90 -73.13 15.24
N LEU V 14 2.38 -72.74 16.42
CA LEU V 14 2.62 -73.69 17.51
C LEU V 14 1.63 -73.43 18.63
N LEU V 15 0.92 -74.47 19.04
CA LEU V 15 -0.12 -74.40 20.05
C LEU V 15 0.37 -75.02 21.35
N ASP V 16 0.04 -74.39 22.47
CA ASP V 16 0.49 -74.88 23.76
C ASP V 16 -0.24 -76.19 24.10
N ASP V 17 0.11 -76.75 25.27
CA ASP V 17 -0.46 -78.02 25.67
C ASP V 17 -1.97 -77.95 25.81
N ASN V 18 -2.48 -76.91 26.49
CA ASN V 18 -3.91 -76.71 26.61
C ASN V 18 -4.57 -76.38 25.27
N GLY V 19 -3.79 -76.05 24.25
CA GLY V 19 -4.35 -75.70 22.97
C GLY V 19 -4.90 -74.29 22.90
N ASN V 20 -4.09 -73.29 23.19
CA ASN V 20 -4.45 -71.90 22.99
C ASN V 20 -3.35 -71.20 22.22
N MET V 21 -3.73 -70.51 21.15
CA MET V 21 -2.78 -69.69 20.43
C MET V 21 -2.30 -68.55 21.33
N VAL V 22 -1.00 -68.49 21.56
CA VAL V 22 -0.43 -67.55 22.51
C VAL V 22 0.00 -66.30 21.76
N ILE V 23 -0.41 -65.14 22.25
CA ILE V 23 -0.08 -63.87 21.66
C ILE V 23 1.15 -63.31 22.38
N LEU V 24 2.30 -63.37 21.73
CA LEU V 24 3.53 -62.90 22.33
C LEU V 24 3.48 -61.39 22.55
N ARG V 25 3.92 -60.96 23.73
CA ARG V 25 4.08 -59.56 24.03
C ARG V 25 5.39 -59.07 23.41
N ASP V 26 5.88 -57.92 23.86
CA ASP V 26 7.05 -57.29 23.26
C ASP V 26 8.30 -58.17 23.42
N VAL V 27 9.40 -57.68 22.86
CA VAL V 27 10.73 -58.28 22.99
C VAL V 27 10.79 -59.62 22.25
N GLU V 28 10.04 -60.61 22.73
CA GLU V 28 10.02 -61.91 22.06
C GLU V 28 9.37 -61.81 20.69
N ALA V 29 8.26 -61.08 20.58
CA ALA V 29 7.64 -60.86 19.29
C ALA V 29 8.60 -60.18 18.33
N CYS V 30 9.42 -59.25 18.85
CA CYS V 30 10.43 -58.61 18.02
C CYS V 30 11.41 -59.64 17.48
N ALA V 31 11.84 -60.58 18.32
CA ALA V 31 12.80 -61.57 17.87
C ALA V 31 12.22 -62.42 16.75
N GLN V 32 11.01 -62.93 16.94
CA GLN V 32 10.40 -63.73 15.87
C GLN V 32 10.17 -62.91 14.61
N ASP V 33 9.73 -61.65 14.77
CA ASP V 33 9.43 -60.83 13.60
C ASP V 33 10.69 -60.54 12.80
N VAL V 34 11.80 -60.22 13.47
CA VAL V 34 13.04 -59.98 12.74
C VAL V 34 13.53 -61.26 12.08
N ARG V 35 13.44 -62.40 12.79
CA ARG V 35 13.85 -63.66 12.20
C ARG V 35 13.06 -63.95 10.93
N ALA V 36 11.74 -63.74 10.98
CA ALA V 36 10.93 -63.99 9.79
C ALA V 36 11.26 -63.00 8.69
N ALA V 37 11.42 -61.72 9.03
CA ALA V 37 11.67 -60.70 8.02
C ALA V 37 12.96 -60.97 7.26
N MET V 38 13.98 -61.51 7.94
CA MET V 38 15.22 -61.83 7.25
C MET V 38 15.05 -62.95 6.23
N LEU V 39 13.92 -63.66 6.24
CA LEU V 39 13.75 -64.84 5.40
C LEU V 39 12.77 -64.65 4.23
N MET V 40 12.44 -63.41 3.87
CA MET V 40 11.41 -63.20 2.85
C MET V 40 11.84 -63.67 1.46
N ARG V 41 13.02 -63.26 1.01
CA ARG V 41 13.37 -63.26 -0.41
C ARG V 41 12.57 -62.18 -1.13
N THR V 42 13.20 -61.46 -2.06
CA THR V 42 12.55 -60.32 -2.67
C THR V 42 11.47 -60.76 -3.65
N GLY V 43 10.63 -59.81 -4.03
CA GLY V 43 9.62 -60.05 -5.03
C GLY V 43 8.64 -61.15 -4.71
N GLU V 44 8.24 -61.29 -3.44
CA GLU V 44 7.35 -62.37 -3.04
C GLU V 44 6.16 -61.87 -2.23
N ASN V 45 6.21 -60.63 -1.76
CA ASN V 45 5.09 -59.98 -1.08
C ASN V 45 4.15 -59.40 -2.13
N ILE V 46 2.98 -60.03 -2.30
CA ILE V 46 1.94 -59.43 -3.13
C ILE V 46 1.35 -58.24 -2.40
N PHE V 47 1.09 -57.16 -3.13
CA PHE V 47 0.68 -55.83 -2.70
C PHE V 47 1.85 -55.00 -2.19
N ASP V 48 3.06 -55.55 -2.12
CA ASP V 48 4.24 -54.72 -1.88
C ASP V 48 5.44 -55.44 -2.49
N VAL V 49 5.75 -55.11 -3.72
CA VAL V 49 6.95 -55.61 -4.38
C VAL V 49 8.11 -54.74 -3.92
N ASN V 50 9.33 -55.24 -4.09
CA ASN V 50 10.56 -54.55 -3.69
C ASN V 50 10.77 -54.59 -2.18
N SER V 51 10.29 -55.65 -1.53
CA SER V 51 10.52 -55.88 -0.11
C SER V 51 11.00 -57.31 0.10
N GLY V 52 12.03 -57.48 0.92
CA GLY V 52 12.63 -58.75 1.23
C GLY V 52 14.13 -58.66 1.09
N VAL V 53 14.77 -59.82 1.04
CA VAL V 53 16.22 -59.92 0.87
C VAL V 53 16.49 -60.50 -0.50
N GLY V 54 17.26 -59.79 -1.32
CA GLY V 54 17.52 -60.24 -2.67
C GLY V 54 18.53 -61.36 -2.74
N TYR V 55 18.14 -62.57 -2.35
CA TYR V 55 19.09 -63.67 -2.30
C TYR V 55 19.61 -64.03 -3.69
N PHE V 56 18.73 -64.07 -4.68
CA PHE V 56 19.09 -64.66 -5.96
C PHE V 56 19.73 -63.68 -6.93
N GLU V 57 19.98 -62.44 -6.51
CA GLU V 57 20.71 -61.51 -7.35
C GLU V 57 21.72 -60.66 -6.59
N TYR V 58 21.84 -60.83 -5.27
CA TYR V 58 22.78 -60.08 -4.45
C TYR V 58 23.73 -60.94 -3.65
N ILE V 59 23.37 -62.18 -3.32
CA ILE V 59 24.22 -63.05 -2.51
C ILE V 59 24.64 -64.27 -3.32
N PHE V 60 23.67 -65.07 -3.75
CA PHE V 60 23.97 -66.31 -4.44
C PHE V 60 24.67 -66.06 -5.77
N SER V 61 24.26 -65.03 -6.49
CA SER V 61 24.87 -64.71 -7.77
C SER V 61 26.30 -64.23 -7.59
N PRO V 62 27.16 -64.41 -8.58
CA PRO V 62 28.54 -63.91 -8.47
C PRO V 62 28.60 -62.39 -8.60
N GLN V 63 29.00 -61.73 -7.52
CA GLN V 63 28.96 -60.28 -7.42
C GLN V 63 30.35 -59.69 -7.60
N LYS V 64 30.41 -58.37 -7.46
CA LYS V 64 31.66 -57.61 -7.50
C LYS V 64 32.01 -56.97 -6.17
N SER V 65 31.03 -56.43 -5.45
CA SER V 65 31.28 -55.64 -4.25
C SER V 65 30.80 -56.30 -2.97
N TYR V 66 29.61 -56.90 -2.99
CA TYR V 66 28.90 -57.45 -1.83
C TYR V 66 28.39 -56.37 -0.90
N ASP V 67 28.47 -55.09 -1.26
CA ASP V 67 27.91 -54.05 -0.40
C ASP V 67 26.39 -53.99 -0.52
N ASP V 68 25.88 -54.24 -1.73
CA ASP V 68 24.43 -54.20 -1.95
C ASP V 68 23.71 -55.22 -1.08
N ALA V 69 24.28 -56.42 -0.95
CA ALA V 69 23.67 -57.42 -0.09
C ALA V 69 23.63 -56.95 1.36
N ARG V 70 24.71 -56.30 1.81
CA ARG V 70 24.73 -55.79 3.17
C ARG V 70 23.65 -54.74 3.39
N LYS V 71 23.47 -53.83 2.43
CA LYS V 71 22.44 -52.81 2.57
C LYS V 71 21.06 -53.43 2.56
N SER V 72 20.84 -54.44 1.70
CA SER V 72 19.55 -55.12 1.65
C SER V 72 19.24 -55.81 2.98
N ILE V 73 20.22 -56.51 3.56
CA ILE V 73 19.99 -57.17 4.84
C ILE V 73 19.72 -56.15 5.94
N ALA V 74 20.46 -55.03 5.93
CA ALA V 74 20.23 -54.00 6.93
C ALA V 74 18.83 -53.41 6.82
N ASP V 75 18.35 -53.23 5.58
CA ASP V 75 16.98 -52.77 5.38
C ASP V 75 15.98 -53.79 5.93
N ALA V 76 16.18 -55.07 5.61
CA ALA V 76 15.23 -56.09 6.05
C ALA V 76 15.16 -56.18 7.56
N ILE V 77 16.31 -56.02 8.23
CA ILE V 77 16.31 -56.02 9.70
C ILE V 77 15.47 -54.87 10.23
N LEU V 78 15.60 -53.69 9.63
CA LEU V 78 14.74 -52.57 9.95
C LEU V 78 13.37 -52.80 9.32
N SER V 79 12.49 -51.81 9.41
CA SER V 79 11.10 -51.81 8.96
C SER V 79 10.20 -52.63 9.86
N SER V 80 10.74 -53.34 10.84
CA SER V 80 9.89 -53.94 11.85
C SER V 80 9.29 -52.83 12.72
N PRO V 81 8.07 -53.02 13.21
CA PRO V 81 7.39 -51.92 13.91
C PRO V 81 8.11 -51.43 15.15
N ASP V 82 8.98 -52.24 15.76
CA ASP V 82 9.61 -51.85 17.02
C ASP V 82 11.10 -51.55 16.90
N VAL V 83 11.77 -52.07 15.87
CA VAL V 83 13.22 -51.94 15.79
C VAL V 83 13.60 -50.48 15.64
N THR V 84 14.64 -50.06 16.37
CA THR V 84 15.14 -48.70 16.30
C THR V 84 16.37 -48.59 15.41
N GLY V 85 17.42 -49.34 15.74
CA GLY V 85 18.61 -49.37 14.93
C GLY V 85 19.37 -50.65 15.18
N ILE V 86 20.38 -50.89 14.34
CA ILE V 86 21.16 -52.11 14.39
C ILE V 86 22.57 -51.77 14.85
N GLU V 87 23.07 -52.54 15.81
CA GLU V 87 24.38 -52.28 16.41
C GLU V 87 25.52 -52.77 15.54
N GLN V 88 25.44 -54.01 15.05
CA GLN V 88 26.53 -54.63 14.31
C GLN V 88 26.00 -55.46 13.15
N LEU V 89 26.79 -55.55 12.08
CA LEU V 89 26.70 -56.63 11.11
C LEU V 89 28.10 -57.16 10.85
N ASP V 90 28.19 -58.42 10.45
CA ASP V 90 29.47 -59.08 10.26
C ASP V 90 29.77 -59.44 8.81
N ILE V 91 28.90 -60.20 8.15
CA ILE V 91 29.15 -60.69 6.79
C ILE V 91 30.49 -61.40 6.75
N ASP V 92 30.56 -62.61 7.32
CA ASP V 92 31.83 -63.30 7.49
C ASP V 92 32.44 -63.69 6.14
N ILE V 93 31.72 -64.51 5.37
CA ILE V 93 32.22 -65.08 4.12
C ILE V 93 33.54 -65.79 4.38
N THR V 94 33.48 -66.94 5.04
CA THR V 94 34.65 -67.79 5.25
C THR V 94 34.39 -69.15 4.63
N GLY V 95 35.04 -69.40 3.50
CA GLY V 95 34.86 -70.64 2.79
C GLY V 95 33.68 -70.60 1.84
N GLU V 96 32.74 -71.51 2.01
CA GLU V 96 31.59 -71.63 1.14
C GLU V 96 30.31 -71.08 1.76
N VAL V 97 30.30 -70.84 3.06
CA VAL V 97 29.10 -70.36 3.75
C VAL V 97 29.17 -68.85 3.89
N PHE V 98 28.01 -68.24 4.08
CA PHE V 98 27.84 -66.79 4.10
C PHE V 98 27.23 -66.41 5.46
N GLY V 99 28.10 -66.08 6.41
CA GLY V 99 27.63 -65.81 7.76
C GLY V 99 27.13 -64.38 7.92
N VAL V 100 26.03 -64.24 8.66
CA VAL V 100 25.45 -62.94 8.96
C VAL V 100 25.13 -62.88 10.44
N ASP V 101 25.62 -61.83 11.11
CA ASP V 101 25.43 -61.66 12.54
C ASP V 101 24.94 -60.25 12.82
N ALA V 102 24.08 -60.13 13.83
CA ALA V 102 23.47 -58.83 14.12
C ALA V 102 23.02 -58.80 15.57
N LYS V 103 22.93 -57.59 16.13
CA LYS V 103 22.40 -57.36 17.46
C LYS V 103 21.55 -56.09 17.43
N VAL V 104 20.24 -56.24 17.59
CA VAL V 104 19.28 -55.19 17.30
C VAL V 104 18.91 -54.46 18.60
N ILE V 105 18.62 -53.17 18.47
CA ILE V 105 18.25 -52.31 19.58
C ILE V 105 16.77 -51.97 19.46
N THR V 106 16.02 -52.19 20.53
CA THR V 106 14.58 -51.99 20.54
C THR V 106 14.19 -51.08 21.70
N ILE V 107 13.04 -50.41 21.55
CA ILE V 107 12.63 -49.43 22.53
C ILE V 107 12.38 -50.08 23.89
N HIS V 108 11.59 -51.15 23.92
CA HIS V 108 11.19 -51.76 25.18
C HIS V 108 12.24 -52.72 25.70
N MET W 1 103.74 -2.87 4.71
CA MET W 1 103.78 -2.90 6.15
C MET W 1 102.56 -2.21 6.75
N ILE W 2 101.49 -2.98 6.95
CA ILE W 2 100.26 -2.50 7.58
C ILE W 2 100.00 -3.34 8.81
N ASN W 3 99.82 -2.68 9.96
CA ASN W 3 99.59 -3.38 11.22
C ASN W 3 98.10 -3.48 11.49
N VAL W 4 97.58 -4.69 11.48
CA VAL W 4 96.16 -4.95 11.74
C VAL W 4 95.98 -5.77 13.01
N SER W 5 96.88 -5.61 13.97
CA SER W 5 96.81 -6.38 15.22
C SER W 5 95.75 -5.80 16.14
N GLY W 6 95.17 -6.67 16.97
CA GLY W 6 94.19 -6.28 17.96
C GLY W 6 94.71 -6.25 19.39
N PHE W 7 96.02 -6.25 19.60
CA PHE W 7 96.56 -6.24 20.95
C PHE W 7 96.47 -4.85 21.56
N GLY W 8 95.97 -4.76 22.78
CA GLY W 8 95.84 -3.50 23.47
C GLY W 8 94.52 -2.80 23.33
N THR W 9 93.50 -3.47 22.80
CA THR W 9 92.19 -2.85 22.66
C THR W 9 91.51 -2.72 24.02
N GLY W 10 90.92 -1.57 24.27
CA GLY W 10 90.18 -1.33 25.49
C GLY W 10 88.85 -0.66 25.20
N ILE W 11 87.88 -0.94 26.08
CA ILE W 11 86.52 -0.46 25.90
C ILE W 11 85.99 0.03 27.24
N VAL W 12 85.29 1.16 27.21
CA VAL W 12 84.63 1.72 28.39
C VAL W 12 83.14 1.84 28.09
N ILE W 13 82.32 1.33 28.98
CA ILE W 13 80.87 1.34 28.82
C ILE W 13 80.25 2.12 29.98
N VAL W 14 79.52 3.17 29.66
CA VAL W 14 78.90 4.03 30.67
C VAL W 14 77.39 3.95 30.55
N SER W 15 76.71 3.89 31.69
CA SER W 15 75.26 3.73 31.76
C SER W 15 74.62 5.01 32.30
N ALA W 16 73.29 4.99 32.36
CA ALA W 16 72.56 6.16 32.82
C ALA W 16 72.15 6.02 34.29
N SER W 17 71.79 4.82 34.71
CA SER W 17 71.42 4.57 36.11
C SER W 17 72.24 3.47 36.77
N SER W 18 72.47 2.35 36.07
CA SER W 18 73.14 1.21 36.68
C SER W 18 74.61 1.53 36.96
N PHE W 19 75.32 2.04 35.96
CA PHE W 19 76.73 2.43 36.09
C PHE W 19 76.88 3.85 35.56
N PRO W 20 76.48 4.85 36.34
CA PRO W 20 76.57 6.24 35.85
C PRO W 20 77.99 6.67 35.55
N MET W 21 78.99 6.01 36.12
CA MET W 21 80.39 6.34 35.89
C MET W 21 81.03 5.46 34.82
N GLY W 22 80.61 4.20 34.74
CA GLY W 22 81.11 3.28 33.74
C GLY W 22 82.19 2.36 34.27
N PHE W 23 82.39 1.27 33.55
CA PHE W 23 83.49 0.36 33.85
C PHE W 23 84.34 0.15 32.60
N SER W 24 85.29 -0.79 32.66
CA SER W 24 86.22 -1.00 31.57
C SER W 24 86.30 -2.48 31.21
N LEU W 25 86.53 -2.74 29.93
CA LEU W 25 86.69 -4.08 29.39
C LEU W 25 88.13 -4.29 28.94
N SER W 26 88.79 -5.29 29.52
CA SER W 26 90.14 -5.62 29.08
C SER W 26 90.41 -7.12 28.97
N LYS W 27 89.56 -7.98 29.52
CA LYS W 27 89.76 -9.43 29.48
C LYS W 27 88.83 -10.00 28.42
N PHE W 28 89.39 -10.30 27.24
CA PHE W 28 88.62 -10.78 26.11
C PHE W 28 88.88 -12.27 25.92
N ALA W 29 87.80 -13.02 25.69
CA ALA W 29 87.90 -14.47 25.64
C ALA W 29 88.75 -14.92 24.46
N ASP W 30 89.17 -16.17 24.53
CA ASP W 30 90.12 -16.75 23.58
C ASP W 30 89.45 -17.57 22.48
N ASP W 31 88.52 -18.46 22.85
CA ASP W 31 87.92 -19.33 21.84
C ASP W 31 86.98 -18.56 20.91
N GLU W 32 86.29 -17.57 21.43
CA GLU W 32 85.32 -16.83 20.63
C GLU W 32 85.96 -15.60 19.99
N SER W 33 85.16 -14.90 19.20
CA SER W 33 85.57 -13.62 18.64
C SER W 33 85.43 -12.54 19.70
N PRO W 34 86.50 -11.83 20.05
CA PRO W 34 86.39 -10.84 21.14
C PRO W 34 85.40 -9.72 20.84
N ILE W 35 85.26 -9.32 19.58
CA ILE W 35 84.32 -8.27 19.21
C ILE W 35 83.99 -8.43 17.73
N SER W 36 82.72 -8.20 17.39
CA SER W 36 82.25 -8.36 16.02
C SER W 36 80.94 -7.62 15.87
N SER W 37 80.50 -7.46 14.62
CA SER W 37 79.24 -6.80 14.32
C SER W 37 78.67 -7.35 13.03
N LYS W 38 77.38 -7.14 12.84
CA LYS W 38 76.70 -7.57 11.62
C LYS W 38 76.77 -6.46 10.58
N GLU W 39 76.35 -6.79 9.36
CA GLU W 39 76.41 -5.85 8.24
C GLU W 39 75.45 -4.70 8.47
N LEU W 40 75.86 -3.49 8.10
CA LEU W 40 75.00 -2.32 8.14
C LEU W 40 74.32 -2.17 6.79
N GLU W 41 73.00 -2.14 6.78
CA GLU W 41 72.22 -2.21 5.54
C GLU W 41 71.28 -1.01 5.51
N PRO W 42 71.79 0.15 5.12
CA PRO W 42 70.98 1.39 5.18
C PRO W 42 70.34 1.84 3.88
N PHE W 43 70.44 1.09 2.79
CA PHE W 43 69.87 1.49 1.52
C PHE W 43 69.06 0.35 0.91
N GLY W 44 68.24 0.68 -0.08
CA GLY W 44 67.44 -0.32 -0.78
C GLY W 44 67.33 0.01 -2.26
N TYR W 45 66.65 -0.87 -2.98
CA TYR W 45 66.41 -0.66 -4.40
C TYR W 45 65.21 -1.47 -4.86
N GLU W 46 64.51 -0.91 -5.83
CA GLU W 46 63.43 -1.58 -6.54
C GLU W 46 63.67 -1.38 -8.02
N MET W 47 63.13 -2.29 -8.83
CA MET W 47 63.36 -2.25 -10.27
C MET W 47 62.07 -1.89 -10.98
N LEU W 48 62.12 -0.84 -11.80
CA LEU W 48 60.96 -0.33 -12.51
C LEU W 48 60.59 -1.27 -13.66
N TYR W 49 59.45 -1.01 -14.30
CA TYR W 49 59.08 -1.92 -15.37
C TYR W 49 59.52 -1.39 -16.72
N ASP W 50 60.06 -0.17 -16.78
CA ASP W 50 60.74 0.27 -17.99
C ASP W 50 62.04 -0.50 -18.17
N GLY W 51 62.74 -0.74 -17.06
CA GLY W 51 64.02 -1.44 -17.09
C GLY W 51 65.06 -0.76 -16.24
N GLY W 52 64.67 0.29 -15.53
CA GLY W 52 65.61 1.12 -14.81
C GLY W 52 65.83 0.66 -13.38
N LEU W 53 66.28 1.60 -12.56
CA LEU W 53 66.59 1.34 -11.17
C LEU W 53 66.10 2.51 -10.33
N PHE W 54 65.87 2.27 -9.04
CA PHE W 54 65.48 3.32 -8.11
C PHE W 54 66.04 3.01 -6.74
N ALA W 55 66.82 3.95 -6.19
CA ALA W 55 67.47 3.78 -4.90
C ALA W 55 66.92 4.78 -3.89
N PHE W 56 66.74 4.34 -2.66
CA PHE W 56 66.14 5.15 -1.60
C PHE W 56 66.86 4.84 -0.29
N ASP W 57 66.32 5.38 0.80
CA ASP W 57 66.84 5.16 2.14
C ASP W 57 65.94 4.19 2.87
N LYS W 58 66.49 3.52 3.88
CA LYS W 58 65.69 2.75 4.82
C LYS W 58 66.41 2.69 6.15
N ALA W 59 65.65 2.40 7.20
CA ALA W 59 66.22 2.38 8.55
C ALA W 59 67.10 1.15 8.75
N ALA W 60 68.16 1.32 9.55
CA ALA W 60 69.11 0.25 9.80
C ALA W 60 69.72 0.37 11.19
N PRO W 61 69.68 -0.70 12.00
CA PRO W 61 70.30 -0.65 13.32
C PRO W 61 71.74 -1.14 13.30
N LEU W 62 72.40 -1.17 14.46
CA LEU W 62 73.77 -1.64 14.57
C LEU W 62 73.87 -2.57 15.77
N GLU W 63 74.38 -3.78 15.54
CA GLU W 63 74.44 -4.81 16.58
C GLU W 63 75.88 -5.26 16.77
N VAL W 64 76.29 -5.42 18.03
CA VAL W 64 77.66 -5.71 18.40
C VAL W 64 77.67 -6.87 19.38
N SER W 65 78.62 -7.79 19.20
CA SER W 65 78.81 -8.92 20.10
C SER W 65 80.16 -8.80 20.77
N VAL W 66 80.19 -8.98 22.09
CA VAL W 66 81.40 -8.91 22.89
C VAL W 66 81.52 -10.16 23.73
N SER W 67 82.70 -10.78 23.75
CA SER W 67 82.93 -12.01 24.49
C SER W 67 84.01 -11.79 25.54
N VAL W 68 83.84 -12.43 26.70
CA VAL W 68 84.75 -12.30 27.83
C VAL W 68 85.04 -13.68 28.42
N ILE W 69 86.05 -13.72 29.29
CA ILE W 69 86.37 -14.94 30.01
C ILE W 69 85.40 -15.13 31.16
N ALA W 70 84.84 -16.32 31.29
CA ALA W 70 83.92 -16.60 32.39
C ALA W 70 84.65 -16.58 33.71
N GLY W 71 84.03 -15.95 34.71
CA GLY W 71 84.65 -15.78 36.01
C GLY W 71 85.38 -14.46 36.19
N SER W 72 85.56 -13.69 35.13
CA SER W 72 86.19 -12.38 35.24
C SER W 72 85.22 -11.36 35.82
N GLU W 73 85.77 -10.26 36.33
CA GLU W 73 84.94 -9.20 36.89
C GLU W 73 84.11 -8.52 35.83
N ASP W 74 84.63 -8.44 34.60
CA ASP W 74 83.88 -7.81 33.52
C ASP W 74 82.64 -8.62 33.17
N ASP W 75 82.72 -9.94 33.25
CA ASP W 75 81.53 -10.76 33.08
C ASP W 75 80.49 -10.46 34.15
N ILE W 76 80.94 -10.24 35.39
CA ILE W 76 80.01 -9.89 36.46
C ILE W 76 79.33 -8.57 36.17
N ASN W 77 80.09 -7.58 35.69
CA ASN W 77 79.50 -6.28 35.38
C ASN W 77 78.50 -6.38 34.24
N LEU W 78 78.84 -7.12 33.19
CA LEU W 78 77.91 -7.28 32.07
C LEU W 78 76.66 -8.03 32.49
N ARG W 79 76.79 -9.01 33.37
CA ARG W 79 75.62 -9.70 33.90
C ARG W 79 74.75 -8.75 34.72
N ILE W 80 75.39 -7.82 35.45
CA ILE W 80 74.64 -6.81 36.18
C ILE W 80 73.82 -5.95 35.21
N LEU W 81 74.45 -5.54 34.10
CA LEU W 81 73.70 -4.79 33.10
C LEU W 81 72.53 -5.59 32.55
N LEU W 82 72.76 -6.87 32.26
CA LEU W 82 71.71 -7.69 31.67
C LEU W 82 70.57 -7.93 32.65
N ASN W 83 70.86 -7.94 33.95
CA ASN W 83 69.86 -8.26 34.96
C ASN W 83 68.90 -7.10 35.24
N SER W 84 69.25 -5.88 34.87
CA SER W 84 68.37 -4.75 35.14
C SER W 84 67.14 -4.82 34.23
N LYS W 85 66.08 -4.13 34.64
CA LYS W 85 64.81 -4.13 33.94
C LYS W 85 64.46 -2.72 33.48
N LYS W 86 63.87 -2.60 32.30
CA LYS W 86 63.48 -1.28 31.82
C LYS W 86 62.32 -0.72 32.63
N GLY W 87 61.40 -1.59 33.08
CA GLY W 87 60.26 -1.14 33.84
C GLY W 87 60.61 -0.55 35.19
N SER W 88 61.81 -0.82 35.70
CA SER W 88 62.21 -0.28 36.99
C SER W 88 62.66 1.17 36.83
N PHE W 89 63.18 1.72 37.94
CA PHE W 89 63.65 3.10 38.11
C PHE W 89 62.78 4.16 37.43
N ARG W 90 63.31 5.38 37.32
CA ARG W 90 62.54 6.54 36.89
C ARG W 90 62.13 6.42 35.43
N PHE W 91 61.21 7.29 35.02
CA PHE W 91 60.89 7.45 33.62
C PHE W 91 60.85 8.94 33.27
N LEU W 92 61.48 9.27 32.17
CA LEU W 92 61.46 10.62 31.64
C LEU W 92 61.40 10.51 30.11
N PRO W 93 60.82 11.50 29.44
CA PRO W 93 60.48 11.30 28.02
C PRO W 93 61.69 11.06 27.14
N GLY W 94 61.55 10.12 26.21
CA GLY W 94 62.42 9.98 25.07
C GLY W 94 63.90 9.88 25.33
N ILE W 95 64.35 8.87 26.08
CA ILE W 95 65.77 8.61 26.26
C ILE W 95 66.14 7.15 26.09
N ILE W 96 65.19 6.25 25.82
CA ILE W 96 65.46 4.82 25.79
C ILE W 96 66.09 4.43 27.13
N PRO W 97 65.28 4.24 28.19
CA PRO W 97 65.81 4.16 29.56
C PRO W 97 67.11 3.40 29.71
N ASP W 98 68.07 3.99 30.44
CA ASP W 98 69.39 3.42 30.67
C ASP W 98 70.17 3.27 29.36
N MET W 99 70.43 4.40 28.72
CA MET W 99 71.35 4.40 27.58
C MET W 99 72.72 3.91 28.01
N THR W 100 73.30 3.03 27.20
CA THR W 100 74.65 2.56 27.40
C THR W 100 75.51 3.08 26.27
N THR W 101 76.54 3.84 26.61
CA THR W 101 77.46 4.41 25.64
C THR W 101 78.77 3.63 25.67
N LEU W 102 79.21 3.20 24.50
CA LEU W 102 80.40 2.37 24.37
C LEU W 102 81.50 3.16 23.69
N VAL W 103 82.64 3.26 24.35
CA VAL W 103 83.82 3.95 23.82
C VAL W 103 84.91 2.91 23.62
N ALA W 104 85.30 2.70 22.37
CA ALA W 104 86.27 1.68 22.01
C ALA W 104 87.56 2.34 21.57
N THR W 105 88.69 1.81 22.02
CA THR W 105 90.01 2.32 21.69
C THR W 105 90.78 1.28 20.89
N LEU W 106 91.38 1.72 19.81
CA LEU W 106 92.15 0.85 18.94
C LEU W 106 93.63 0.98 19.29
N PRO W 107 94.41 -0.11 19.18
CA PRO W 107 95.85 0.01 19.43
C PRO W 107 96.54 1.01 18.53
N ASP W 108 96.05 1.20 17.31
CA ASP W 108 96.63 2.19 16.42
C ASP W 108 96.49 3.59 17.00
N GLY W 109 95.30 3.92 17.52
CA GLY W 109 95.08 5.22 18.12
C GLY W 109 93.70 5.78 17.83
N GLY W 110 92.99 5.17 16.88
CA GLY W 110 91.67 5.66 16.52
C GLY W 110 90.66 5.36 17.62
N ARG W 111 89.66 6.23 17.73
CA ARG W 111 88.62 6.09 18.74
C ARG W 111 87.25 6.19 18.09
N THR W 112 86.30 5.44 18.63
CA THR W 112 84.94 5.44 18.14
C THR W 112 83.99 5.42 19.33
N VAL W 113 82.90 6.17 19.22
CA VAL W 113 81.90 6.26 20.28
C VAL W 113 80.55 5.89 19.71
N LEU W 114 79.81 5.06 20.42
CA LEU W 114 78.47 4.64 20.02
C LEU W 114 77.52 4.85 21.18
N SER W 115 76.34 5.38 20.89
CA SER W 115 75.37 5.76 21.91
C SER W 115 73.97 5.40 21.45
N ASN W 116 72.99 5.75 22.29
CA ASN W 116 71.57 5.53 22.02
C ASN W 116 71.28 4.04 21.79
N GLY W 117 71.51 3.26 22.83
CA GLY W 117 71.26 1.83 22.74
C GLY W 117 71.44 1.16 24.08
N THR W 118 71.15 -0.14 24.10
CA THR W 118 71.12 -0.90 25.34
C THR W 118 71.54 -2.33 25.07
N ILE W 119 71.85 -3.05 26.15
CA ILE W 119 72.18 -4.46 26.03
C ILE W 119 70.94 -5.21 25.58
N LEU W 120 71.15 -6.34 24.90
CA LEU W 120 70.04 -7.06 24.30
C LEU W 120 69.88 -8.48 24.84
N LYS W 121 70.96 -9.24 24.92
CA LYS W 121 70.87 -10.64 25.32
C LYS W 121 72.24 -11.13 25.78
N GLY W 122 72.22 -12.24 26.51
CA GLY W 122 73.43 -12.84 27.02
C GLY W 122 73.13 -14.04 27.90
N PRO W 123 74.17 -14.79 28.26
CA PRO W 123 73.96 -15.99 29.08
C PRO W 123 73.54 -15.64 30.50
N ALA W 124 72.86 -16.60 31.13
CA ALA W 124 72.43 -16.47 32.52
C ALA W 124 73.27 -17.29 33.48
N ILE W 125 73.78 -18.45 33.06
CA ILE W 125 74.68 -19.27 33.85
C ILE W 125 75.77 -19.83 32.95
N ASP W 126 76.86 -20.28 33.58
CA ASP W 126 77.98 -20.86 32.85
C ASP W 126 77.65 -22.27 32.36
N THR W 127 78.31 -22.66 31.28
CA THR W 127 78.12 -23.98 30.69
C THR W 127 79.46 -24.68 30.56
N ILE W 128 79.43 -26.00 30.80
CA ILE W 128 80.63 -26.84 30.77
C ILE W 128 80.58 -27.74 29.54
N GLN W 129 81.68 -27.77 28.80
CA GLN W 129 81.79 -28.57 27.60
C GLN W 129 82.32 -29.96 27.94
N ASN W 130 82.50 -30.79 26.91
CA ASN W 130 83.01 -32.14 27.13
C ASN W 130 84.42 -32.15 27.71
N THR W 131 85.22 -31.15 27.38
CA THR W 131 86.62 -31.09 27.81
C THR W 131 86.80 -30.47 29.19
N GLY W 132 85.73 -30.05 29.86
CA GLY W 132 85.85 -29.46 31.17
C GLY W 132 86.22 -27.99 31.20
N ARG W 133 85.92 -27.26 30.14
CA ARG W 133 86.16 -25.82 30.07
C ARG W 133 84.84 -25.08 30.06
N ARG W 134 84.73 -24.05 30.90
CA ARG W 134 83.59 -23.15 30.81
C ARG W 134 83.70 -22.32 29.54
N LYS W 135 82.59 -22.18 28.83
CA LYS W 135 82.60 -21.45 27.57
C LYS W 135 82.80 -19.96 27.81
N GLY W 136 83.16 -19.26 26.74
CA GLY W 136 83.32 -17.82 26.79
C GLY W 136 82.02 -17.10 26.56
N ASN W 137 81.51 -16.41 27.58
CA ASN W 137 80.20 -15.77 27.49
C ASN W 137 80.20 -14.67 26.44
N THR W 138 79.08 -14.52 25.76
CA THR W 138 78.92 -13.52 24.71
C THR W 138 77.75 -12.62 25.04
N TYR W 139 77.86 -11.34 24.68
CA TYR W 139 76.79 -10.38 24.93
C TYR W 139 76.57 -9.54 23.70
N THR W 140 75.30 -9.25 23.41
CA THR W 140 74.90 -8.52 22.23
C THR W 140 74.29 -7.18 22.64
N PHE W 141 74.70 -6.12 21.95
CA PHE W 141 74.16 -4.79 22.15
C PHE W 141 73.42 -4.35 20.90
N VAL W 142 72.71 -3.23 21.01
CA VAL W 142 72.13 -2.57 19.86
C VAL W 142 72.35 -1.06 20.03
N PHE W 143 72.74 -0.40 18.95
CA PHE W 143 73.04 1.02 18.98
C PHE W 143 72.32 1.72 17.85
N GLY W 144 71.76 2.88 18.14
CA GLY W 144 71.00 3.61 17.15
C GLY W 144 71.69 4.85 16.63
N SER W 145 72.74 5.30 17.31
CA SER W 145 73.44 6.53 16.95
C SER W 145 74.92 6.23 16.76
N TYR W 146 75.29 5.87 15.54
CA TYR W 146 76.70 5.67 15.18
C TYR W 146 77.34 7.04 14.99
N LEU W 147 77.84 7.61 16.07
CA LEU W 147 78.54 8.90 15.99
C LEU W 147 79.80 8.71 15.17
N GLY W 148 79.94 9.48 14.10
CA GLY W 148 81.01 9.26 13.15
C GLY W 148 82.37 9.66 13.65
N ALA W 149 82.89 8.94 14.65
CA ALA W 149 84.20 9.20 15.21
C ALA W 149 85.20 8.16 14.70
N GLN W 150 86.18 8.61 13.92
CA GLN W 150 87.28 7.77 13.44
C GLN W 150 88.59 8.53 13.52
N THR W 151 88.66 9.51 14.43
CA THR W 151 89.80 10.39 14.48
C THR W 151 91.04 9.64 14.95
N ALA W 152 92.20 10.14 14.54
CA ALA W 152 93.48 9.55 14.93
C ALA W 152 93.70 9.71 16.43
N MET X 1 -20.43 -55.56 9.86
CA MET X 1 -19.23 -54.89 10.35
C MET X 1 -18.72 -53.85 9.35
N ALA X 2 -17.78 -54.25 8.51
CA ALA X 2 -17.23 -53.38 7.48
C ALA X 2 -17.73 -53.74 6.09
N ASN X 3 -18.84 -54.47 5.99
CA ASN X 3 -19.39 -54.79 4.68
C ASN X 3 -19.91 -53.54 4.00
N TYR X 4 -19.80 -53.51 2.68
CA TYR X 4 -20.29 -52.40 1.87
C TYR X 4 -21.41 -52.90 0.96
N ASN X 5 -22.44 -52.07 0.80
CA ASN X 5 -23.51 -52.35 -0.16
C ASN X 5 -23.09 -51.76 -1.50
N TYR X 6 -22.30 -52.54 -2.25
CA TYR X 6 -21.79 -52.07 -3.54
C TYR X 6 -22.67 -52.44 -4.72
N ILE X 7 -23.81 -53.06 -4.50
CA ILE X 7 -24.80 -53.32 -5.54
C ILE X 7 -25.98 -52.39 -5.30
N VAL X 8 -26.19 -51.44 -6.21
CA VAL X 8 -27.20 -50.42 -6.05
C VAL X 8 -28.09 -50.38 -7.29
N ASP X 9 -29.01 -49.42 -7.31
CA ASP X 9 -29.97 -49.31 -8.40
C ASP X 9 -29.29 -49.02 -9.72
N THR X 10 -28.16 -48.30 -9.70
CA THR X 10 -27.46 -47.96 -10.93
C THR X 10 -26.55 -49.08 -11.44
N GLY X 11 -26.16 -50.02 -10.59
CA GLY X 11 -25.26 -51.07 -11.02
C GLY X 11 -24.38 -51.62 -9.91
N VAL X 12 -23.17 -52.02 -10.27
CA VAL X 12 -22.21 -52.58 -9.33
C VAL X 12 -21.00 -51.65 -9.24
N ILE X 13 -20.52 -51.47 -8.01
CA ILE X 13 -19.40 -50.57 -7.72
C ILE X 13 -18.24 -51.43 -7.23
N VAL X 14 -17.10 -51.31 -7.90
CA VAL X 14 -15.91 -52.05 -7.52
C VAL X 14 -14.92 -51.08 -6.88
N ALA X 15 -14.38 -51.46 -5.73
CA ALA X 15 -13.47 -50.64 -4.97
C ALA X 15 -12.03 -50.92 -5.38
N ASP X 16 -11.17 -49.93 -5.17
CA ASP X 16 -9.75 -50.13 -5.42
C ASP X 16 -9.12 -50.97 -4.33
N THR X 17 -8.01 -51.62 -4.67
CA THR X 17 -7.44 -52.63 -3.78
C THR X 17 -6.98 -52.04 -2.45
N ALA X 18 -6.53 -50.78 -2.45
CA ALA X 18 -6.10 -50.16 -1.21
C ALA X 18 -7.24 -50.09 -0.20
N ASP X 19 -8.44 -49.72 -0.65
CA ASP X 19 -9.57 -49.59 0.26
C ASP X 19 -9.97 -50.93 0.85
N VAL X 20 -10.04 -51.97 0.01
CA VAL X 20 -10.37 -53.30 0.49
C VAL X 20 -9.33 -53.78 1.50
N LEU X 21 -8.04 -53.57 1.18
CA LEU X 21 -6.98 -54.01 2.08
C LEU X 21 -7.06 -53.29 3.42
N SER X 22 -7.33 -51.98 3.40
CA SER X 22 -7.46 -51.25 4.66
C SER X 22 -8.66 -51.73 5.46
N ASP X 23 -9.77 -52.02 4.80
CA ASP X 23 -10.93 -52.56 5.52
C ASP X 23 -10.60 -53.90 6.17
N VAL X 24 -9.91 -54.77 5.45
CA VAL X 24 -9.56 -56.08 6.01
C VAL X 24 -8.61 -55.92 7.19
N GLU X 25 -7.64 -55.01 7.08
CA GLU X 25 -6.73 -54.75 8.18
C GLU X 25 -7.47 -54.25 9.41
N ALA X 26 -8.44 -53.36 9.21
CA ALA X 26 -9.24 -52.88 10.33
C ALA X 26 -10.02 -54.02 10.96
N GLU X 27 -10.57 -54.92 10.14
CA GLU X 27 -11.33 -56.04 10.67
C GLU X 27 -10.45 -56.94 11.53
N PHE X 28 -9.24 -57.24 11.05
CA PHE X 28 -8.34 -58.09 11.85
C PHE X 28 -7.84 -57.38 13.10
N ARG X 29 -7.61 -56.06 13.02
CA ARG X 29 -7.24 -55.32 14.22
C ARG X 29 -8.34 -55.41 15.27
N ALA X 30 -9.59 -55.24 14.85
CA ALA X 30 -10.70 -55.39 15.78
C ALA X 30 -10.81 -56.82 16.30
N ALA X 31 -10.42 -57.79 15.47
CA ALA X 31 -10.46 -59.19 15.91
C ALA X 31 -9.45 -59.46 17.02
N LEU X 32 -8.19 -59.08 16.82
CA LEU X 32 -7.12 -59.50 17.72
C LEU X 32 -6.72 -58.43 18.72
N GLY X 33 -6.21 -57.30 18.26
CA GLY X 33 -5.68 -56.30 19.17
C GLY X 33 -5.13 -55.12 18.38
N ALA X 34 -5.35 -53.93 18.94
CA ALA X 34 -5.11 -52.69 18.22
C ALA X 34 -3.64 -52.41 17.95
N ASN X 35 -2.74 -53.33 18.28
CA ASN X 35 -1.31 -53.13 18.07
C ASN X 35 -0.67 -54.36 17.45
N ILE X 36 -1.45 -55.18 16.74
CA ILE X 36 -0.93 -56.42 16.18
C ILE X 36 0.00 -56.11 15.01
N ASN X 37 0.89 -57.06 14.72
CA ASN X 37 1.80 -56.97 13.59
C ASN X 37 1.18 -57.64 12.38
N LEU X 38 0.92 -56.86 11.32
CA LEU X 38 0.31 -57.36 10.10
C LEU X 38 1.24 -57.05 8.93
N ALA X 39 2.18 -57.96 8.67
CA ALA X 39 3.12 -57.82 7.57
C ALA X 39 3.25 -59.15 6.84
N ALA X 40 3.98 -59.14 5.75
CA ALA X 40 4.12 -60.33 4.92
C ALA X 40 4.77 -61.48 5.67
N SER X 41 5.59 -61.16 6.68
CA SER X 41 6.32 -62.21 7.39
C SER X 41 5.41 -63.00 8.31
N THR X 42 4.55 -62.33 9.06
CA THR X 42 3.77 -63.00 10.09
C THR X 42 2.62 -63.79 9.48
N PRO X 43 2.23 -64.91 10.11
CA PRO X 43 1.10 -65.70 9.56
C PRO X 43 -0.19 -64.92 9.41
N GLN X 44 -0.51 -64.06 10.38
CA GLN X 44 -1.72 -63.27 10.27
C GLN X 44 -1.65 -62.33 9.07
N GLY X 45 -0.46 -61.87 8.69
CA GLY X 45 -0.33 -61.09 7.48
C GLY X 45 -0.70 -61.87 6.24
N SER X 46 -0.29 -63.14 6.19
CA SER X 46 -0.69 -63.99 5.07
C SER X 46 -2.19 -64.22 5.05
N LEU X 47 -2.80 -64.40 6.23
CA LEU X 47 -4.26 -64.53 6.29
C LEU X 47 -4.96 -63.27 5.79
N VAL X 48 -4.44 -62.10 6.16
CA VAL X 48 -5.00 -60.84 5.69
C VAL X 48 -4.91 -60.75 4.17
N ALA X 49 -3.75 -61.12 3.62
CA ALA X 49 -3.57 -61.08 2.18
C ALA X 49 -4.54 -62.04 1.48
N ALA X 50 -4.71 -63.25 2.03
CA ALA X 50 -5.63 -64.20 1.44
C ALA X 50 -7.06 -63.65 1.44
N GLU X 51 -7.48 -63.07 2.56
CA GLU X 51 -8.82 -62.48 2.63
C GLU X 51 -9.00 -61.36 1.62
N ALA X 52 -8.00 -60.47 1.51
CA ALA X 52 -8.13 -59.35 0.59
C ALA X 52 -8.22 -59.82 -0.85
N ILE X 53 -7.36 -60.78 -1.23
CA ILE X 53 -7.39 -61.30 -2.59
C ILE X 53 -8.74 -61.91 -2.89
N ALA X 54 -9.26 -62.71 -1.95
CA ALA X 54 -10.53 -63.38 -2.17
C ALA X 54 -11.67 -62.38 -2.31
N ARG X 55 -11.70 -61.37 -1.44
CA ARG X 55 -12.77 -60.39 -1.48
C ARG X 55 -12.78 -59.62 -2.79
N SER X 56 -11.61 -59.13 -3.21
CA SER X 56 -11.56 -58.40 -4.47
C SER X 56 -11.92 -59.30 -5.65
N SER X 57 -11.46 -60.55 -5.63
CA SER X 57 -11.74 -61.47 -6.72
C SER X 57 -13.23 -61.72 -6.86
N VAL X 58 -13.91 -62.01 -5.74
CA VAL X 58 -15.34 -62.33 -5.84
C VAL X 58 -16.13 -61.09 -6.24
N MET X 59 -15.74 -59.92 -5.75
CA MET X 59 -16.43 -58.70 -6.15
C MET X 59 -16.30 -58.47 -7.65
N ARG X 60 -15.09 -58.60 -8.19
CA ARG X 60 -14.91 -58.37 -9.62
C ARG X 60 -15.64 -59.42 -10.45
N ASN X 61 -15.67 -60.66 -9.97
CA ASN X 61 -16.35 -61.72 -10.70
C ASN X 61 -17.85 -61.46 -10.76
N GLU X 62 -18.43 -60.97 -9.66
CA GLU X 62 -19.83 -60.58 -9.72
C GLU X 62 -20.05 -59.40 -10.65
N ALA X 63 -19.16 -58.40 -10.59
CA ALA X 63 -19.32 -57.22 -11.44
C ALA X 63 -19.28 -57.56 -12.92
N ARG X 64 -18.49 -58.57 -13.32
CA ARG X 64 -18.44 -58.92 -14.73
C ARG X 64 -19.76 -59.53 -15.21
N ILE X 65 -20.54 -60.10 -14.30
CA ILE X 65 -21.77 -60.80 -14.68
C ILE X 65 -22.94 -59.92 -14.26
N ALA X 66 -22.72 -58.61 -14.25
CA ALA X 66 -23.75 -57.69 -13.77
C ALA X 66 -24.90 -57.57 -14.76
N ASN X 67 -24.61 -57.04 -15.96
CA ASN X 67 -25.63 -56.68 -16.93
C ASN X 67 -25.42 -57.49 -18.20
N THR X 68 -26.00 -58.68 -18.24
CA THR X 68 -25.68 -59.67 -19.26
C THR X 68 -26.83 -60.02 -20.19
N ILE X 69 -28.08 -59.93 -19.73
CA ILE X 69 -29.21 -60.26 -20.59
C ILE X 69 -29.33 -59.26 -21.74
N ASN X 70 -28.83 -58.04 -21.55
CA ASN X 70 -28.69 -57.11 -22.66
C ASN X 70 -27.69 -57.69 -23.65
N PRO X 71 -27.98 -57.65 -24.95
CA PRO X 71 -27.13 -58.37 -25.90
C PRO X 71 -25.75 -57.78 -26.16
N ASN X 72 -25.34 -56.73 -25.44
CA ASN X 72 -24.02 -56.16 -25.71
C ASN X 72 -22.90 -57.13 -25.31
N VAL X 73 -23.09 -57.89 -24.23
CA VAL X 73 -22.07 -58.76 -23.66
C VAL X 73 -21.71 -59.86 -24.65
N SER X 74 -20.63 -60.59 -24.39
CA SER X 74 -20.15 -61.64 -25.28
C SER X 74 -19.57 -62.79 -24.45
N PHE X 75 -18.84 -63.67 -25.14
CA PHE X 75 -18.12 -64.81 -24.55
C PHE X 75 -19.08 -65.80 -23.88
N GLY X 76 -19.88 -66.43 -24.70
CA GLY X 76 -20.73 -67.55 -24.27
C GLY X 76 -22.16 -67.24 -23.88
N THR X 77 -22.36 -66.23 -23.04
CA THR X 77 -23.72 -65.78 -22.75
C THR X 77 -24.38 -65.19 -23.99
N PHE X 78 -23.60 -64.40 -24.74
CA PHE X 78 -24.09 -63.86 -26.00
C PHE X 78 -24.40 -64.97 -26.99
N LEU X 79 -23.74 -66.12 -26.87
CA LEU X 79 -24.13 -67.28 -27.66
C LEU X 79 -25.56 -67.67 -27.35
N ASP X 80 -25.94 -67.68 -26.07
CA ASP X 80 -27.31 -67.99 -25.70
C ASP X 80 -28.28 -66.96 -26.27
N ALA X 81 -27.92 -65.68 -26.14
CA ALA X 81 -28.80 -64.63 -26.65
C ALA X 81 -28.99 -64.76 -28.15
N ILE X 82 -27.93 -65.11 -28.88
CA ILE X 82 -28.05 -65.34 -30.32
C ILE X 82 -28.90 -66.55 -30.61
N CYS X 83 -28.63 -67.67 -29.94
CA CYS X 83 -29.30 -68.92 -30.26
C CYS X 83 -30.78 -68.89 -29.89
N ALA X 84 -31.17 -67.97 -29.00
CA ALA X 84 -32.60 -67.75 -28.77
C ALA X 84 -33.32 -67.49 -30.08
N LEU X 85 -32.69 -66.75 -31.00
CA LEU X 85 -33.24 -66.60 -32.35
C LEU X 85 -32.65 -67.64 -33.29
N MET X 86 -31.35 -67.53 -33.59
CA MET X 86 -30.63 -68.46 -34.44
C MET X 86 -29.16 -68.08 -34.40
N GLY X 87 -28.29 -69.09 -34.34
CA GLY X 87 -26.86 -68.82 -34.36
C GLY X 87 -25.98 -70.04 -34.29
N ILE X 88 -24.75 -69.89 -34.79
CA ILE X 88 -23.77 -70.96 -34.79
C ILE X 88 -22.49 -70.42 -34.14
N GLU X 89 -21.69 -71.34 -33.61
CA GLU X 89 -20.38 -71.03 -33.05
C GLU X 89 -19.42 -72.12 -33.49
N ARG X 90 -18.29 -72.24 -32.78
CA ARG X 90 -17.22 -73.15 -33.17
C ARG X 90 -16.68 -72.73 -34.54
N GLY X 91 -17.03 -73.47 -35.59
CA GLY X 91 -16.65 -73.09 -36.94
C GLY X 91 -15.16 -72.95 -37.14
N SER X 92 -14.38 -73.83 -36.53
CA SER X 92 -12.92 -73.82 -36.65
C SER X 92 -12.49 -75.21 -37.09
N ASP X 93 -12.23 -75.36 -38.40
CA ASP X 93 -11.84 -76.64 -38.94
C ASP X 93 -10.55 -76.49 -39.72
N LEU X 94 -9.85 -77.60 -39.88
CA LEU X 94 -8.64 -77.65 -40.68
C LEU X 94 -9.01 -78.01 -42.11
N SER X 95 -8.27 -77.44 -43.07
CA SER X 95 -8.52 -77.80 -44.46
C SER X 95 -7.87 -79.13 -44.78
N THR X 96 -8.38 -80.20 -44.20
CA THR X 96 -7.79 -81.52 -44.38
C THR X 96 -7.95 -81.97 -45.83
N PHE X 97 -7.11 -82.93 -46.21
CA PHE X 97 -6.99 -83.34 -47.61
C PHE X 97 -7.21 -84.84 -47.79
N GLY X 98 -6.86 -85.32 -48.97
CA GLY X 98 -6.86 -86.74 -49.26
C GLY X 98 -6.28 -86.94 -50.64
N TYR X 99 -5.82 -88.16 -50.90
CA TYR X 99 -5.30 -88.54 -52.21
C TYR X 99 -4.20 -87.59 -52.69
N GLY X 100 -3.08 -87.59 -51.97
CA GLY X 100 -1.94 -86.78 -52.38
C GLY X 100 -1.13 -87.42 -53.49
N VAL X 101 -0.10 -86.70 -53.93
CA VAL X 101 0.85 -87.22 -54.91
C VAL X 101 2.25 -86.99 -54.41
N GLN X 102 3.05 -88.05 -54.38
CA GLN X 102 4.45 -87.95 -53.99
C GLN X 102 5.26 -88.96 -54.79
N VAL X 103 6.34 -88.49 -55.41
CA VAL X 103 7.25 -89.33 -56.18
C VAL X 103 8.62 -89.32 -55.51
N THR X 104 9.14 -90.50 -55.22
CA THR X 104 10.34 -90.65 -54.41
C THR X 104 11.21 -91.74 -55.03
N GLY X 105 12.18 -92.21 -54.26
CA GLY X 105 13.02 -93.33 -54.67
C GLY X 105 12.30 -94.64 -54.43
N ARG X 106 12.93 -95.59 -53.75
CA ARG X 106 12.32 -96.88 -53.48
C ARG X 106 12.37 -97.21 -52.00
N SER X 107 11.26 -97.74 -51.49
CA SER X 107 11.20 -98.48 -50.23
C SER X 107 11.79 -97.70 -49.05
N GLN X 108 11.29 -96.49 -48.86
CA GLN X 108 11.64 -95.67 -47.71
C GLN X 108 10.37 -95.22 -47.01
N THR X 109 10.52 -94.76 -45.77
CA THR X 109 9.42 -94.28 -44.96
C THR X 109 9.46 -92.76 -44.87
N ARG X 110 8.30 -92.12 -44.98
CA ARG X 110 8.20 -90.67 -44.85
C ARG X 110 7.91 -90.29 -43.40
N ILE X 111 8.72 -89.40 -42.86
CA ILE X 111 8.57 -88.96 -41.49
C ILE X 111 7.43 -87.96 -41.40
N SER X 112 6.62 -88.07 -40.35
CA SER X 112 5.40 -87.27 -40.23
C SER X 112 5.72 -85.81 -39.94
N THR X 113 4.68 -84.98 -40.03
CA THR X 113 4.75 -83.53 -39.80
C THR X 113 5.70 -82.85 -40.78
N GLY X 114 5.88 -83.44 -41.95
CA GLY X 114 6.64 -82.80 -43.00
C GLY X 114 5.98 -81.50 -43.43
N SER X 115 6.81 -80.52 -43.77
CA SER X 115 6.33 -79.17 -44.07
C SER X 115 6.25 -78.99 -45.58
N ARG X 116 5.04 -78.77 -46.08
CA ARG X 116 4.78 -78.60 -47.50
C ARG X 116 4.20 -77.21 -47.71
N VAL X 117 4.54 -76.57 -48.82
CA VAL X 117 4.12 -75.20 -49.06
C VAL X 117 3.71 -75.03 -50.52
N GLN X 118 2.61 -74.33 -50.74
CA GLN X 118 2.15 -73.97 -52.08
C GLN X 118 2.71 -72.62 -52.49
N THR X 119 2.33 -72.16 -53.68
CA THR X 119 3.02 -71.05 -54.32
C THR X 119 2.83 -69.68 -53.66
N PRO X 120 1.73 -69.38 -52.92
CA PRO X 120 1.68 -68.08 -52.23
C PRO X 120 2.35 -68.13 -50.87
N ALA X 121 3.14 -69.18 -50.63
CA ALA X 121 3.85 -69.39 -49.37
C ALA X 121 2.88 -69.57 -48.20
N GLY X 122 2.14 -70.67 -48.26
CA GLY X 122 1.33 -71.14 -47.15
C GLY X 122 1.77 -72.53 -46.72
N ALA X 123 2.16 -72.64 -45.44
CA ALA X 123 2.76 -73.87 -44.92
C ALA X 123 1.69 -74.91 -44.64
N ILE X 124 1.95 -76.15 -45.07
CA ILE X 124 1.06 -77.28 -44.88
C ILE X 124 1.85 -78.40 -44.21
N PHE X 125 1.19 -79.18 -43.36
CA PHE X 125 1.82 -80.37 -42.78
C PHE X 125 1.09 -81.63 -43.26
N THR X 126 1.85 -82.72 -43.34
CA THR X 126 1.31 -84.04 -43.63
C THR X 126 0.67 -84.63 -42.37
N VAL X 127 0.03 -85.79 -42.52
CA VAL X 127 -0.70 -86.38 -41.40
C VAL X 127 -0.11 -87.71 -40.99
N MET X 128 -0.21 -88.72 -41.85
CA MET X 128 0.25 -90.06 -41.50
C MET X 128 1.55 -90.40 -42.21
N SER X 129 2.46 -91.02 -41.46
CA SER X 129 3.67 -91.57 -42.03
C SER X 129 3.34 -92.79 -42.88
N ASP X 130 4.05 -92.92 -44.00
CA ASP X 130 3.76 -93.97 -44.96
C ASP X 130 5.05 -94.32 -45.71
N VAL X 131 5.06 -95.53 -46.27
CA VAL X 131 6.18 -95.99 -47.05
C VAL X 131 5.89 -95.77 -48.52
N THR X 132 6.91 -95.94 -49.37
CA THR X 132 6.76 -95.76 -50.79
C THR X 132 7.07 -97.06 -51.52
N ILE X 133 6.25 -97.39 -52.51
CA ILE X 133 6.47 -98.54 -53.36
C ILE X 133 7.63 -98.22 -54.30
N PRO X 134 8.34 -99.22 -54.82
CA PRO X 134 9.50 -98.93 -55.68
C PRO X 134 9.17 -98.18 -56.96
N ALA X 135 7.91 -98.22 -57.41
CA ALA X 135 7.57 -97.60 -58.69
C ALA X 135 7.76 -96.09 -58.65
N GLY X 136 7.41 -95.45 -57.54
CA GLY X 136 7.57 -94.02 -57.42
C GLY X 136 6.28 -93.23 -57.37
N GLY X 137 5.28 -93.76 -56.67
CA GLY X 137 4.05 -93.04 -56.48
C GLY X 137 3.31 -93.43 -55.21
N VAL X 138 3.00 -92.44 -54.37
CA VAL X 138 2.18 -92.65 -53.18
C VAL X 138 1.26 -91.46 -53.00
N ALA X 139 0.29 -91.62 -52.10
CA ALA X 139 -0.68 -90.59 -51.77
C ALA X 139 -0.48 -90.15 -50.33
N THR X 140 -0.45 -88.84 -50.12
CA THR X 140 -0.32 -88.27 -48.79
C THR X 140 -1.64 -87.63 -48.37
N ILE X 141 -1.73 -87.31 -47.08
CA ILE X 141 -2.89 -86.62 -46.51
C ILE X 141 -2.38 -85.46 -45.69
N ASP X 142 -2.98 -84.29 -45.87
CA ASP X 142 -2.46 -83.03 -45.36
C ASP X 142 -3.34 -82.45 -44.27
N ILE X 143 -2.90 -81.30 -43.76
CA ILE X 143 -3.60 -80.54 -42.74
C ILE X 143 -2.92 -79.16 -42.68
N LYS X 144 -3.70 -78.14 -42.36
CA LYS X 144 -3.21 -76.77 -42.41
C LYS X 144 -2.50 -76.38 -41.12
N SER X 145 -1.57 -75.44 -41.23
CA SER X 145 -0.95 -74.87 -40.05
C SER X 145 -1.97 -74.09 -39.20
N GLN X 146 -2.84 -73.34 -39.86
CA GLN X 146 -3.76 -72.42 -39.20
C GLN X 146 -5.19 -72.90 -39.34
N GLU X 147 -6.06 -72.38 -38.48
CA GLU X 147 -7.46 -72.78 -38.46
C GLU X 147 -8.26 -72.00 -39.50
N TYR X 148 -7.77 -71.95 -40.74
CA TYR X 148 -8.32 -71.06 -41.74
C TYR X 148 -8.94 -71.85 -42.89
N GLY X 149 -9.89 -71.23 -43.57
CA GLY X 149 -10.47 -71.79 -44.78
C GLY X 149 -9.55 -71.62 -45.96
N ASN X 150 -8.31 -72.08 -45.83
CA ASN X 150 -7.31 -71.92 -46.86
C ASN X 150 -7.68 -72.73 -48.10
N ILE X 151 -7.26 -72.21 -49.25
CA ILE X 151 -7.53 -72.84 -50.54
C ILE X 151 -6.22 -73.32 -51.15
N PRO X 152 -6.17 -74.56 -51.64
CA PRO X 152 -4.93 -75.04 -52.28
C PRO X 152 -4.79 -74.55 -53.71
N LEU X 153 -3.76 -73.75 -53.96
CA LEU X 153 -3.54 -73.24 -55.30
C LEU X 153 -3.06 -74.38 -56.21
N PRO X 154 -3.72 -74.60 -57.34
CA PRO X 154 -3.33 -75.71 -58.22
C PRO X 154 -2.00 -75.50 -58.88
N VAL X 155 -0.92 -75.59 -58.09
CA VAL X 155 0.44 -75.56 -58.60
C VAL X 155 1.23 -76.64 -57.86
N GLY X 156 2.25 -77.17 -58.51
CA GLY X 156 3.18 -78.05 -57.80
C GLY X 156 3.79 -77.34 -56.62
N ASN X 157 3.79 -78.02 -55.48
CA ASN X 157 4.20 -77.40 -54.23
C ASN X 157 5.72 -77.22 -54.17
N LEU X 158 6.17 -76.76 -53.00
CA LEU X 158 7.58 -76.67 -52.68
C LEU X 158 7.83 -77.38 -51.36
N ILE X 159 9.07 -77.76 -51.11
CA ILE X 159 9.44 -78.57 -49.95
C ILE X 159 10.18 -77.67 -48.97
N ILE X 160 9.77 -77.73 -47.71
CA ILE X 160 10.45 -76.94 -46.67
C ILE X 160 11.39 -77.86 -45.88
N ILE X 161 10.86 -78.95 -45.36
CA ILE X 161 11.67 -79.96 -44.68
C ILE X 161 12.02 -81.04 -45.69
N ASP X 162 13.30 -81.19 -45.98
CA ASP X 162 13.79 -82.08 -47.02
C ASP X 162 14.03 -83.46 -46.45
N GLY X 163 13.25 -84.43 -46.91
CA GLY X 163 13.56 -85.82 -46.66
C GLY X 163 14.62 -86.30 -47.63
N THR X 164 15.03 -87.55 -47.46
CA THR X 164 16.06 -88.13 -48.32
C THR X 164 15.42 -88.75 -49.57
N ILE X 165 16.02 -88.45 -50.73
CA ILE X 165 15.61 -88.93 -52.04
C ILE X 165 14.09 -88.83 -52.23
N GLY X 166 13.48 -87.78 -51.69
CA GLY X 166 12.06 -87.58 -51.88
C GLY X 166 11.71 -86.16 -52.26
N TRP X 167 11.07 -85.97 -53.41
CA TRP X 167 10.76 -84.64 -53.92
C TRP X 167 9.38 -84.62 -54.57
N SER X 168 8.99 -83.43 -55.03
CA SER X 168 7.83 -83.23 -55.90
C SER X 168 6.52 -83.66 -55.24
N GLY X 169 6.11 -82.92 -54.23
CA GLY X 169 4.71 -82.95 -53.82
C GLY X 169 3.91 -82.10 -54.78
N ALA X 170 3.13 -82.73 -55.64
CA ALA X 170 2.55 -82.07 -56.80
C ALA X 170 1.03 -82.09 -56.77
N LYS X 171 0.45 -81.54 -57.85
CA LYS X 171 -0.98 -81.36 -57.96
C LYS X 171 -1.72 -82.69 -58.08
N VAL X 172 -3.02 -82.63 -57.80
CA VAL X 172 -3.93 -83.75 -58.03
C VAL X 172 -5.35 -83.22 -57.92
N ILE X 173 -6.24 -83.73 -58.74
CA ILE X 173 -7.66 -83.39 -58.65
C ILE X 173 -8.49 -84.53 -58.09
N ALA X 174 -7.97 -85.75 -58.04
CA ALA X 174 -8.62 -86.84 -57.34
C ALA X 174 -8.58 -86.65 -55.84
N SER X 175 -8.02 -85.54 -55.36
CA SER X 175 -7.93 -85.25 -53.95
C SER X 175 -9.29 -84.81 -53.42
N THR X 176 -9.80 -85.54 -52.43
CA THR X 176 -11.00 -85.10 -51.74
C THR X 176 -10.72 -83.78 -51.03
N ARG X 177 -11.70 -82.88 -51.06
CA ARG X 177 -11.54 -81.56 -50.48
C ARG X 177 -12.51 -81.37 -49.33
N VAL X 178 -12.00 -80.88 -48.22
CA VAL X 178 -12.81 -80.50 -47.07
C VAL X 178 -12.56 -79.02 -46.84
N ASP X 179 -13.41 -78.18 -47.41
CA ASP X 179 -13.24 -76.75 -47.24
C ASP X 179 -13.69 -76.37 -45.83
N PRO X 180 -12.82 -75.78 -45.01
CA PRO X 180 -13.16 -75.59 -43.60
C PRO X 180 -13.75 -74.22 -43.29
N GLY X 181 -14.74 -74.22 -42.40
CA GLY X 181 -15.14 -72.99 -41.76
C GLY X 181 -14.08 -72.52 -40.78
N SER X 182 -13.83 -71.21 -40.79
CA SER X 182 -12.72 -70.64 -40.03
C SER X 182 -13.22 -69.49 -39.16
N ARG X 183 -13.76 -69.83 -37.99
CA ARG X 183 -14.06 -68.85 -36.95
C ARG X 183 -14.82 -67.65 -37.51
N GLN X 184 -15.82 -67.95 -38.34
CA GLN X 184 -16.50 -66.93 -39.12
C GLN X 184 -17.24 -65.92 -38.26
N MET X 185 -17.71 -66.36 -37.08
CA MET X 185 -18.58 -65.53 -36.25
C MET X 185 -17.87 -65.30 -34.92
N SER X 186 -17.06 -64.25 -34.84
CA SER X 186 -16.27 -64.05 -33.63
C SER X 186 -17.01 -63.33 -32.52
N ASP X 187 -17.28 -62.04 -32.70
CA ASP X 187 -18.01 -61.28 -31.69
C ASP X 187 -19.06 -60.33 -32.24
N ALA X 188 -18.83 -59.69 -33.39
CA ALA X 188 -19.64 -58.56 -33.85
C ALA X 188 -20.48 -58.87 -35.05
N GLU X 189 -20.05 -59.80 -35.90
CA GLU X 189 -20.91 -60.23 -37.00
C GLU X 189 -22.13 -60.97 -36.49
N LEU X 190 -22.08 -61.50 -35.26
CA LEU X 190 -23.32 -61.96 -34.63
C LEU X 190 -24.23 -60.79 -34.31
N LYS X 191 -23.66 -59.67 -33.87
CA LYS X 191 -24.45 -58.47 -33.66
C LYS X 191 -25.12 -58.01 -34.95
N ASN X 192 -24.37 -58.05 -36.05
CA ASN X 192 -24.96 -57.65 -37.33
C ASN X 192 -25.98 -58.66 -37.81
N ALA X 193 -25.81 -59.94 -37.45
CA ALA X 193 -26.88 -60.91 -37.71
C ALA X 193 -28.14 -60.54 -36.95
N ARG X 194 -28.01 -60.12 -35.70
CA ARG X 194 -29.17 -59.67 -34.93
C ARG X 194 -29.81 -58.46 -35.58
N VAL X 195 -28.99 -57.50 -36.02
CA VAL X 195 -29.50 -56.30 -36.65
C VAL X 195 -30.29 -56.66 -37.91
N ASN X 196 -29.73 -57.53 -38.74
CA ASN X 196 -30.39 -57.93 -39.97
C ASN X 196 -31.69 -58.68 -39.69
N ARG X 197 -31.68 -59.56 -38.69
CA ARG X 197 -32.91 -60.29 -38.35
C ARG X 197 -33.98 -59.33 -37.86
N LEU X 198 -33.62 -58.37 -37.01
CA LEU X 198 -34.60 -57.41 -36.53
C LEU X 198 -35.15 -56.55 -37.66
N ALA X 199 -34.29 -56.13 -38.60
CA ALA X 199 -34.77 -55.35 -39.73
C ALA X 199 -35.69 -56.17 -40.62
N ILE X 200 -35.36 -57.45 -40.85
CA ILE X 200 -36.20 -58.32 -41.66
C ILE X 200 -37.57 -58.47 -41.01
N GLN X 201 -37.59 -58.72 -39.71
CA GLN X 201 -38.84 -58.96 -38.99
C GLN X 201 -39.64 -57.69 -38.77
N GLY X 202 -39.02 -56.52 -38.84
CA GLY X 202 -39.72 -55.30 -38.46
C GLY X 202 -40.80 -54.89 -39.44
N ARG X 203 -40.68 -55.28 -40.71
CA ARG X 203 -41.61 -54.78 -41.71
C ARG X 203 -42.92 -55.56 -41.70
N ASN X 204 -43.93 -54.96 -42.33
CA ASN X 204 -45.19 -55.62 -42.62
C ASN X 204 -45.08 -56.35 -43.96
N SER X 205 -46.21 -56.79 -44.52
CA SER X 205 -46.17 -57.45 -45.82
C SER X 205 -45.75 -56.51 -46.93
N THR X 206 -46.31 -55.31 -46.97
CA THR X 206 -46.08 -54.41 -48.09
C THR X 206 -44.62 -53.94 -48.12
N MET X 207 -44.11 -53.49 -46.97
CA MET X 207 -42.72 -53.05 -46.92
C MET X 207 -41.77 -54.19 -47.31
N ALA X 208 -42.00 -55.39 -46.77
CA ALA X 208 -41.17 -56.52 -47.11
C ALA X 208 -41.26 -56.83 -48.60
N ILE X 209 -42.46 -56.78 -49.17
CA ILE X 209 -42.63 -57.09 -50.58
C ILE X 209 -41.81 -56.11 -51.43
N LYS X 210 -41.99 -54.81 -51.19
CA LYS X 210 -41.32 -53.86 -52.06
C LYS X 210 -39.81 -53.90 -51.88
N ALA X 211 -39.33 -54.02 -50.63
CA ALA X 211 -37.88 -54.10 -50.41
C ALA X 211 -37.28 -55.35 -51.04
N TYR X 212 -37.92 -56.51 -50.81
CA TYR X 212 -37.40 -57.76 -51.34
C TYR X 212 -37.40 -57.77 -52.86
N VAL X 213 -38.46 -57.28 -53.49
CA VAL X 213 -38.52 -57.34 -54.95
C VAL X 213 -37.61 -56.28 -55.56
N SER X 214 -37.37 -55.18 -54.84
CA SER X 214 -36.36 -54.24 -55.30
C SER X 214 -34.96 -54.85 -55.18
N ALA X 215 -34.75 -55.73 -54.21
CA ALA X 215 -33.46 -56.40 -54.05
C ALA X 215 -33.12 -57.32 -55.20
N VAL X 216 -34.11 -57.78 -55.96
CA VAL X 216 -33.83 -58.63 -57.13
C VAL X 216 -33.12 -57.80 -58.19
N PRO X 217 -32.02 -58.28 -58.78
CA PRO X 217 -31.23 -57.43 -59.67
C PRO X 217 -31.97 -57.08 -60.95
N ASN X 218 -31.67 -55.88 -61.46
CA ASN X 218 -32.17 -55.28 -62.69
C ASN X 218 -33.62 -54.83 -62.56
N VAL X 219 -34.25 -54.99 -61.41
CA VAL X 219 -35.63 -54.57 -61.21
C VAL X 219 -35.69 -53.04 -61.20
N THR X 220 -36.62 -52.48 -61.98
CA THR X 220 -36.77 -51.04 -62.13
C THR X 220 -37.70 -50.43 -61.08
N SER X 221 -38.96 -50.84 -61.07
CA SER X 221 -39.93 -50.32 -60.10
C SER X 221 -41.01 -51.37 -59.88
N VAL X 222 -41.60 -51.31 -58.68
CA VAL X 222 -42.63 -52.27 -58.28
C VAL X 222 -43.74 -51.51 -57.55
N ASN X 223 -44.98 -51.78 -57.94
CA ASN X 223 -46.15 -51.20 -57.29
C ASN X 223 -46.97 -52.32 -56.68
N VAL X 224 -47.27 -52.20 -55.39
CA VAL X 224 -48.02 -53.21 -54.66
C VAL X 224 -49.22 -52.54 -54.01
N ILE X 225 -50.38 -53.17 -54.14
CA ILE X 225 -51.62 -52.65 -53.58
C ILE X 225 -52.38 -53.80 -52.94
N GLU X 226 -52.96 -53.55 -51.77
CA GLU X 226 -53.79 -54.51 -51.06
C GLU X 226 -55.25 -54.17 -51.37
N ASN X 227 -56.03 -55.16 -51.80
CA ASN X 227 -57.37 -54.89 -52.29
C ASN X 227 -58.25 -54.33 -51.16
N ASN X 228 -58.15 -54.92 -49.97
CA ASN X 228 -58.78 -54.44 -48.75
C ASN X 228 -60.32 -54.48 -48.85
N THR X 229 -60.86 -54.84 -50.01
CA THR X 229 -62.31 -54.94 -50.21
C THR X 229 -62.54 -55.67 -51.52
N GLY X 230 -63.70 -56.31 -51.63
CA GLY X 230 -64.12 -57.00 -52.84
C GLY X 230 -64.62 -56.09 -53.92
N ALA X 231 -64.51 -54.78 -53.75
CA ALA X 231 -64.93 -53.79 -54.72
C ALA X 231 -63.72 -53.24 -55.46
N VAL X 232 -63.94 -52.20 -56.24
CA VAL X 232 -62.85 -51.49 -56.90
C VAL X 232 -62.38 -50.37 -55.99
N GLN X 233 -61.28 -50.61 -55.26
CA GLN X 233 -60.75 -49.64 -54.32
C GLN X 233 -59.79 -48.66 -54.98
N VAL X 234 -58.88 -49.16 -55.82
CA VAL X 234 -58.12 -48.33 -56.75
C VAL X 234 -58.23 -48.84 -58.17
N VAL X 235 -58.12 -50.16 -58.36
CA VAL X 235 -58.27 -50.83 -59.63
C VAL X 235 -59.20 -52.03 -59.45
N ASN X 236 -59.57 -52.66 -60.56
CA ASN X 236 -60.63 -53.66 -60.55
C ASN X 236 -60.17 -54.96 -59.91
N GLY X 237 -60.04 -54.98 -58.59
CA GLY X 237 -59.76 -56.21 -57.88
C GLY X 237 -61.02 -56.84 -57.31
N VAL X 238 -61.60 -57.79 -58.03
CA VAL X 238 -62.81 -58.47 -57.58
C VAL X 238 -62.57 -59.97 -57.77
N SER X 239 -61.29 -60.34 -57.92
CA SER X 239 -60.95 -61.75 -58.09
C SER X 239 -61.38 -62.54 -56.85
N PHE X 240 -60.76 -62.28 -55.71
CA PHE X 240 -61.14 -62.86 -54.43
C PHE X 240 -61.60 -61.75 -53.48
N THR X 241 -62.02 -62.17 -52.29
CA THR X 241 -62.48 -61.20 -51.30
C THR X 241 -61.32 -60.41 -50.71
N LEU X 242 -60.17 -61.05 -50.51
CA LEU X 242 -58.99 -60.38 -49.95
C LEU X 242 -57.70 -60.86 -50.63
N PRO X 243 -57.50 -60.50 -51.90
CA PRO X 243 -56.22 -60.78 -52.55
C PRO X 243 -55.16 -59.74 -52.17
N TYR X 244 -53.93 -60.01 -52.59
CA TYR X 244 -52.88 -59.00 -52.65
C TYR X 244 -52.47 -58.83 -54.10
N ALA X 245 -52.52 -57.59 -54.59
CA ALA X 245 -52.20 -57.29 -55.98
C ALA X 245 -50.80 -56.71 -56.06
N VAL X 246 -49.96 -57.32 -56.90
CA VAL X 246 -48.57 -56.90 -57.03
C VAL X 246 -48.25 -56.68 -58.50
N TRP X 247 -47.35 -55.73 -58.74
CA TRP X 247 -46.88 -55.45 -60.10
C TRP X 247 -45.37 -55.27 -60.06
N VAL X 248 -44.68 -55.92 -60.98
CA VAL X 248 -43.23 -55.83 -61.07
C VAL X 248 -42.87 -55.31 -62.46
N CYS X 249 -42.04 -54.28 -62.48
CA CYS X 249 -41.52 -53.72 -63.73
C CYS X 249 -40.02 -53.91 -63.77
N VAL X 250 -39.48 -54.07 -64.98
CA VAL X 250 -38.08 -54.43 -65.15
C VAL X 250 -37.65 -54.04 -66.55
N ALA X 251 -36.34 -54.00 -66.78
CA ALA X 251 -35.76 -53.85 -68.10
C ALA X 251 -35.40 -55.20 -68.72
N GLY X 252 -36.13 -56.25 -68.38
CA GLY X 252 -35.92 -57.55 -68.97
C GLY X 252 -36.00 -58.72 -68.02
N ASN X 253 -35.64 -58.50 -66.75
CA ASN X 253 -35.56 -59.56 -65.74
C ASN X 253 -34.67 -60.71 -66.19
N PRO X 254 -33.35 -60.53 -66.16
CA PRO X 254 -32.46 -61.65 -66.54
C PRO X 254 -32.72 -62.91 -65.74
N ASP X 255 -33.04 -62.76 -64.46
CA ASP X 255 -33.46 -63.90 -63.63
C ASP X 255 -34.98 -63.87 -63.49
N LYS X 256 -35.62 -64.47 -64.50
CA LYS X 256 -37.07 -64.42 -64.61
C LYS X 256 -37.77 -65.16 -63.49
N GLN X 257 -37.13 -66.17 -62.90
CA GLN X 257 -37.74 -66.97 -61.85
C GLN X 257 -37.28 -66.59 -60.45
N ALA X 258 -36.18 -65.85 -60.32
CA ALA X 258 -35.71 -65.45 -59.00
C ALA X 258 -36.66 -64.49 -58.30
N VAL X 259 -37.50 -63.79 -59.06
CA VAL X 259 -38.49 -62.90 -58.44
C VAL X 259 -39.50 -63.70 -57.63
N ALA X 260 -39.67 -64.99 -57.96
CA ALA X 260 -40.59 -65.83 -57.21
C ALA X 260 -40.06 -66.13 -55.81
N ASP X 261 -38.75 -66.31 -55.66
CA ASP X 261 -38.18 -66.56 -54.34
C ASP X 261 -38.37 -65.37 -53.42
N ALA X 262 -38.14 -64.16 -53.94
CA ALA X 262 -38.35 -62.96 -53.14
C ALA X 262 -39.81 -62.83 -52.73
N LEU X 263 -40.72 -63.11 -53.65
CA LEU X 263 -42.15 -63.05 -53.33
C LEU X 263 -42.50 -64.06 -52.26
N TRP X 264 -42.01 -65.29 -52.37
CA TRP X 264 -42.36 -66.32 -51.39
C TRP X 264 -41.77 -66.03 -50.03
N ALA X 265 -40.59 -65.42 -49.97
CA ALA X 265 -40.01 -65.06 -48.67
C ALA X 265 -40.93 -64.12 -47.90
N ALA X 266 -41.75 -63.35 -48.60
CA ALA X 266 -42.73 -62.46 -47.99
C ALA X 266 -44.13 -63.02 -48.24
N HIS X 267 -44.54 -64.00 -47.42
CA HIS X 267 -45.90 -64.52 -47.44
C HIS X 267 -46.40 -64.55 -46.01
N ASN X 268 -47.63 -64.06 -45.82
CA ASN X 268 -48.14 -63.77 -44.48
C ASN X 268 -48.90 -64.92 -43.87
N GLY X 269 -48.91 -66.08 -44.51
CA GLY X 269 -49.49 -67.28 -43.95
C GLY X 269 -51.00 -67.33 -43.94
N GLY X 270 -51.68 -66.27 -44.37
CA GLY X 270 -53.13 -66.28 -44.36
C GLY X 270 -53.77 -65.52 -45.50
N THR X 271 -53.00 -65.19 -46.54
CA THR X 271 -53.54 -64.35 -47.61
C THR X 271 -53.19 -64.90 -48.98
N PRO X 272 -54.09 -64.78 -49.95
CA PRO X 272 -53.77 -65.18 -51.32
C PRO X 272 -53.05 -64.09 -52.10
N TRP X 273 -52.46 -64.51 -53.22
CA TRP X 273 -51.93 -63.58 -54.22
C TRP X 273 -52.88 -63.36 -55.40
N ASP X 274 -53.81 -64.28 -55.64
CA ASP X 274 -54.50 -64.32 -56.91
C ASP X 274 -55.22 -63.01 -57.19
N TYR X 275 -54.86 -62.38 -58.29
CA TYR X 275 -55.37 -61.07 -58.64
C TYR X 275 -55.61 -60.99 -60.13
N GLY X 276 -56.60 -60.19 -60.52
CA GLY X 276 -56.86 -59.94 -61.91
C GLY X 276 -58.22 -60.42 -62.36
N ALA X 277 -58.89 -59.63 -63.19
CA ALA X 277 -60.18 -59.96 -63.76
C ALA X 277 -60.12 -59.90 -65.28
N THR X 278 -59.13 -60.58 -65.86
CA THR X 278 -58.90 -60.68 -67.29
C THR X 278 -58.66 -59.32 -67.95
N ASN X 279 -58.42 -58.29 -67.15
CA ASN X 279 -58.22 -56.94 -67.66
C ASN X 279 -57.05 -56.21 -67.02
N ASN X 280 -56.60 -56.63 -65.85
CA ASN X 280 -55.52 -55.96 -65.15
C ASN X 280 -54.18 -56.40 -65.73
N GLY X 281 -53.10 -56.25 -64.96
CA GLY X 281 -51.79 -56.61 -65.45
C GLY X 281 -51.74 -58.04 -65.94
N VAL X 282 -51.12 -58.23 -67.10
CA VAL X 282 -51.01 -59.55 -67.71
C VAL X 282 -50.01 -60.39 -66.92
N PRO X 283 -50.43 -61.51 -66.34
CA PRO X 283 -49.48 -62.35 -65.62
C PRO X 283 -48.51 -63.02 -66.58
N VAL X 284 -47.32 -63.30 -66.06
CA VAL X 284 -46.29 -63.95 -66.87
C VAL X 284 -46.72 -65.36 -67.24
N ASP X 285 -47.19 -66.13 -66.26
CA ASP X 285 -47.73 -67.46 -66.48
C ASP X 285 -49.05 -67.57 -65.75
N GLY X 286 -49.92 -68.43 -66.29
CA GLY X 286 -51.29 -68.51 -65.84
C GLY X 286 -51.44 -68.99 -64.41
N PRO X 287 -51.12 -70.27 -64.15
CA PRO X 287 -51.35 -70.81 -62.80
C PRO X 287 -50.28 -70.40 -61.79
N ASN X 288 -49.01 -70.40 -62.19
CA ASN X 288 -47.92 -70.22 -61.24
C ASN X 288 -46.65 -69.87 -62.00
N GLY X 289 -45.66 -69.35 -61.27
CA GLY X 289 -44.37 -69.04 -61.82
C GLY X 289 -43.35 -70.13 -61.61
N VAL X 290 -43.82 -71.32 -61.23
CA VAL X 290 -43.03 -72.54 -61.01
C VAL X 290 -41.73 -72.23 -60.27
N PRO X 291 -41.80 -71.87 -58.98
CA PRO X 291 -40.58 -71.49 -58.26
C PRO X 291 -39.70 -72.70 -57.94
N VAL X 292 -38.63 -72.46 -57.18
CA VAL X 292 -37.80 -73.54 -56.69
C VAL X 292 -38.49 -74.20 -55.49
N ARG X 293 -38.30 -75.52 -55.35
CA ARG X 293 -39.08 -76.34 -54.42
C ARG X 293 -39.08 -75.80 -52.99
N ASP X 294 -37.91 -75.76 -52.37
CA ASP X 294 -37.78 -75.22 -51.01
C ASP X 294 -36.31 -75.02 -50.68
N PRO X 295 -35.94 -73.89 -50.10
CA PRO X 295 -34.54 -73.71 -49.69
C PRO X 295 -34.09 -74.69 -48.63
N ALA X 296 -35.00 -75.14 -47.77
CA ALA X 296 -34.58 -75.89 -46.59
C ALA X 296 -35.68 -76.86 -46.17
N SER X 297 -35.55 -78.12 -46.59
CA SER X 297 -36.33 -79.24 -46.07
C SER X 297 -37.82 -78.93 -46.00
N GLY X 298 -38.42 -78.73 -47.18
CA GLY X 298 -39.83 -78.44 -47.26
C GLY X 298 -40.40 -78.88 -48.59
N ARG X 299 -41.72 -78.74 -48.71
CA ARG X 299 -42.42 -79.10 -49.94
C ARG X 299 -42.90 -77.84 -50.66
N LYS X 300 -43.56 -77.99 -51.80
CA LYS X 300 -43.67 -76.91 -52.76
C LYS X 300 -44.95 -76.10 -52.56
N TYR X 301 -44.85 -74.79 -52.84
CA TYR X 301 -45.96 -73.84 -52.75
C TYR X 301 -46.16 -73.14 -54.09
N VAL X 302 -46.96 -72.08 -54.11
CA VAL X 302 -47.27 -71.36 -55.34
C VAL X 302 -46.74 -69.94 -55.24
N VAL X 303 -46.94 -69.18 -56.31
CA VAL X 303 -46.72 -67.74 -56.33
C VAL X 303 -47.50 -67.17 -57.50
N LYS X 304 -48.00 -65.95 -57.35
CA LYS X 304 -48.79 -65.31 -58.40
C LYS X 304 -48.44 -63.82 -58.43
N TRP X 305 -48.07 -63.32 -59.60
CA TRP X 305 -47.74 -61.92 -59.77
C TRP X 305 -48.04 -61.51 -61.21
N THR X 306 -48.15 -60.20 -61.42
CA THR X 306 -48.53 -59.65 -62.72
C THR X 306 -47.55 -58.57 -63.14
N THR X 307 -47.38 -58.39 -64.45
CA THR X 307 -46.58 -57.36 -65.08
C THR X 307 -47.47 -56.30 -65.72
N PRO X 308 -47.04 -55.04 -65.75
CA PRO X 308 -47.86 -53.99 -66.35
C PRO X 308 -47.93 -54.12 -67.86
N ILE X 309 -48.99 -53.53 -68.42
CA ILE X 309 -49.17 -53.51 -69.87
C ILE X 309 -48.34 -52.38 -70.47
N MET X 310 -47.53 -52.73 -71.46
CA MET X 310 -46.59 -51.80 -72.06
C MET X 310 -47.31 -50.67 -72.79
N TYR X 311 -46.65 -49.53 -72.88
CA TYR X 311 -47.20 -48.38 -73.58
C TYR X 311 -46.05 -47.56 -74.16
N ASP X 312 -46.38 -46.72 -75.14
CA ASP X 312 -45.42 -45.80 -75.74
C ASP X 312 -46.10 -44.47 -76.01
N GLY X 313 -45.41 -43.38 -75.69
CA GLY X 313 -45.97 -42.04 -75.83
C GLY X 313 -45.24 -41.22 -76.87
N TYR X 314 -46.02 -40.47 -77.66
CA TYR X 314 -45.49 -39.59 -78.69
C TYR X 314 -45.55 -38.16 -78.17
N VAL X 315 -44.42 -37.45 -78.24
CA VAL X 315 -44.32 -36.10 -77.71
C VAL X 315 -43.81 -35.16 -78.81
N ASN X 316 -44.45 -34.01 -78.93
CA ASN X 316 -44.01 -32.96 -79.85
C ASN X 316 -43.56 -31.75 -79.05
N VAL X 317 -42.66 -30.97 -79.64
CA VAL X 317 -42.17 -29.74 -79.04
C VAL X 317 -41.81 -28.75 -80.14
N THR X 318 -42.17 -27.49 -79.94
CA THR X 318 -41.80 -26.40 -80.83
C THR X 318 -40.93 -25.42 -80.07
N VAL X 319 -39.80 -25.03 -80.65
CA VAL X 319 -38.78 -24.28 -79.93
C VAL X 319 -38.21 -23.20 -80.82
N GLN X 320 -37.69 -22.15 -80.20
CA GLN X 320 -36.83 -21.15 -80.84
C GLN X 320 -35.39 -21.37 -80.40
N GLN X 321 -34.46 -21.11 -81.31
CA GLN X 321 -33.05 -21.31 -81.00
C GLN X 321 -32.59 -20.40 -79.86
N GLY X 322 -33.00 -19.14 -79.88
CA GLY X 322 -32.57 -18.20 -78.86
C GLY X 322 -31.30 -17.48 -79.27
N SER X 323 -30.22 -17.71 -78.53
CA SER X 323 -28.93 -17.08 -78.80
C SER X 323 -27.79 -18.09 -78.65
N SER X 324 -28.04 -19.32 -79.09
CA SER X 324 -27.03 -20.37 -79.10
C SER X 324 -27.52 -21.48 -80.03
N SER X 325 -26.73 -22.54 -80.13
CA SER X 325 -27.05 -23.68 -80.99
C SER X 325 -27.24 -24.93 -80.13
N VAL X 326 -28.34 -25.64 -80.38
CA VAL X 326 -28.67 -26.85 -79.63
C VAL X 326 -29.01 -27.95 -80.63
N ALA X 327 -28.41 -29.12 -80.45
CA ALA X 327 -28.65 -30.23 -81.36
C ALA X 327 -29.96 -30.93 -81.00
N PRO X 328 -30.85 -31.14 -81.98
CA PRO X 328 -32.15 -31.79 -81.66
C PRO X 328 -31.99 -33.17 -81.06
N GLU X 329 -31.01 -33.95 -81.53
CA GLU X 329 -30.76 -35.26 -80.94
C GLU X 329 -30.38 -35.15 -79.48
N ALA X 330 -29.65 -34.09 -79.10
CA ALA X 330 -29.33 -33.88 -77.70
C ALA X 330 -30.58 -33.68 -76.87
N ILE X 331 -31.54 -32.92 -77.40
CA ILE X 331 -32.81 -32.71 -76.71
C ILE X 331 -33.58 -34.02 -76.58
N GLN X 332 -33.59 -34.82 -77.65
CA GLN X 332 -34.28 -36.11 -77.59
C GLN X 332 -33.64 -37.02 -76.54
N ASN X 333 -32.30 -37.05 -76.50
CA ASN X 333 -31.61 -37.84 -75.49
C ASN X 333 -31.92 -37.34 -74.09
N ALA X 334 -32.00 -36.03 -73.91
CA ALA X 334 -32.35 -35.48 -72.61
C ALA X 334 -33.74 -35.93 -72.17
N VAL X 335 -34.70 -35.88 -73.08
CA VAL X 335 -36.06 -36.31 -72.75
C VAL X 335 -36.08 -37.79 -72.42
N VAL X 336 -35.37 -38.61 -73.20
CA VAL X 336 -35.38 -40.05 -72.96
C VAL X 336 -34.71 -40.38 -71.63
N ASN X 337 -33.60 -39.73 -71.31
CA ASN X 337 -32.95 -39.92 -70.02
C ASN X 337 -33.84 -39.48 -68.87
N TYR X 338 -34.62 -38.42 -69.04
CA TYR X 338 -35.60 -38.08 -68.04
C TYR X 338 -36.64 -39.19 -67.90
N ALA X 339 -37.05 -39.78 -69.02
CA ALA X 339 -38.09 -40.81 -68.99
C ALA X 339 -37.62 -42.04 -68.23
N GLN X 340 -36.40 -42.52 -68.51
CA GLN X 340 -35.91 -43.68 -67.79
C GLN X 340 -35.50 -43.33 -66.37
N GLY X 341 -35.14 -42.06 -66.12
CA GLY X 341 -35.08 -41.53 -64.77
C GLY X 341 -33.72 -41.52 -64.09
N LYS X 342 -32.68 -41.07 -64.78
CA LYS X 342 -31.38 -40.93 -64.13
C LYS X 342 -31.21 -39.58 -63.46
N VAL X 343 -32.10 -38.63 -63.70
CA VAL X 343 -31.97 -37.30 -63.11
C VAL X 343 -32.38 -37.37 -61.63
N GLU X 344 -31.55 -36.82 -60.76
CA GLU X 344 -31.77 -36.94 -59.33
C GLU X 344 -32.97 -36.12 -58.89
N GLY X 345 -33.73 -36.68 -57.95
CA GLY X 345 -34.94 -36.07 -57.45
C GLY X 345 -36.20 -36.48 -58.19
N GLU X 346 -36.07 -37.19 -59.31
CA GLU X 346 -37.20 -37.61 -60.13
C GLU X 346 -37.23 -39.12 -60.18
N GLU X 347 -38.40 -39.70 -59.87
CA GLU X 347 -38.51 -41.15 -59.76
C GLU X 347 -38.56 -41.82 -61.12
N GLY X 348 -39.25 -41.22 -62.08
CA GLY X 348 -39.29 -41.71 -63.44
C GLY X 348 -40.70 -41.95 -63.94
N LEU X 349 -40.79 -42.59 -65.11
CA LEU X 349 -42.07 -43.07 -65.63
C LEU X 349 -42.21 -44.53 -65.20
N VAL X 350 -42.49 -44.70 -63.91
CA VAL X 350 -42.65 -46.02 -63.31
C VAL X 350 -44.06 -46.55 -63.56
N VAL X 351 -44.29 -47.81 -63.22
CA VAL X 351 -45.61 -48.40 -63.34
C VAL X 351 -46.65 -47.53 -62.66
N GLY X 352 -47.74 -47.27 -63.38
CA GLY X 352 -48.80 -46.43 -62.86
C GLY X 352 -48.40 -44.99 -62.63
N ALA X 353 -47.54 -44.44 -63.48
CA ALA X 353 -47.11 -43.05 -63.37
C ALA X 353 -47.41 -42.35 -64.69
N SER X 354 -48.24 -41.32 -64.64
CA SER X 354 -48.62 -40.60 -65.84
C SER X 354 -47.46 -39.77 -66.37
N LEU X 355 -47.71 -39.09 -67.49
CA LEU X 355 -46.73 -38.19 -68.08
C LEU X 355 -47.43 -36.92 -68.55
N SER X 356 -46.76 -35.79 -68.36
CA SER X 356 -47.32 -34.49 -68.70
C SER X 356 -46.31 -33.68 -69.48
N ALA X 357 -46.81 -32.90 -70.45
CA ALA X 357 -45.94 -32.05 -71.24
C ALA X 357 -45.26 -31.00 -70.39
N PHE X 358 -45.89 -30.60 -69.29
CA PHE X 358 -45.23 -29.69 -68.36
C PHE X 358 -44.01 -30.32 -67.72
N GLU X 359 -44.10 -31.61 -67.40
CA GLU X 359 -42.95 -32.28 -66.78
C GLU X 359 -41.81 -32.44 -67.79
N VAL X 360 -42.14 -32.70 -69.06
CA VAL X 360 -41.10 -32.79 -70.09
C VAL X 360 -40.46 -31.43 -70.33
N ALA X 361 -41.27 -30.37 -70.34
CA ALA X 361 -40.72 -29.03 -70.46
C ALA X 361 -39.83 -28.68 -69.28
N GLY X 362 -40.21 -29.12 -68.08
CA GLY X 362 -39.35 -28.93 -66.92
C GLY X 362 -38.05 -29.70 -67.02
N ALA X 363 -38.12 -30.91 -67.58
CA ALA X 363 -36.90 -31.68 -67.82
C ALA X 363 -35.97 -30.94 -68.77
N ILE X 364 -36.52 -30.40 -69.86
CA ILE X 364 -35.70 -29.63 -70.80
C ILE X 364 -35.14 -28.39 -70.11
N ALA X 365 -35.94 -27.74 -69.27
CA ALA X 365 -35.47 -26.57 -68.55
C ALA X 365 -34.30 -26.91 -67.64
N ARG X 366 -34.39 -28.03 -66.91
CA ARG X 366 -33.25 -28.47 -66.11
C ARG X 366 -32.04 -28.72 -66.98
N GLU X 367 -32.21 -29.52 -68.05
CA GLU X 367 -31.07 -30.05 -68.78
C GLU X 367 -30.41 -28.95 -69.63
N ILE X 368 -31.22 -28.11 -70.28
CA ILE X 368 -30.66 -27.05 -71.10
C ILE X 368 -31.48 -25.77 -70.96
N PRO X 369 -30.96 -24.77 -70.25
CA PRO X 369 -31.59 -23.43 -70.30
C PRO X 369 -31.13 -22.66 -71.54
N GLY X 370 -31.45 -21.38 -71.61
CA GLY X 370 -31.08 -20.58 -72.77
C GLY X 370 -31.81 -21.00 -74.03
N ILE X 371 -32.97 -21.63 -73.87
CA ILE X 371 -33.77 -22.08 -75.00
C ILE X 371 -35.22 -21.65 -74.74
N TYR X 372 -35.93 -21.34 -75.82
CA TYR X 372 -37.34 -21.04 -75.70
C TYR X 372 -38.16 -22.29 -76.03
N ILE X 373 -39.12 -22.62 -75.16
CA ILE X 373 -40.08 -23.69 -75.43
C ILE X 373 -41.40 -23.04 -75.78
N LYS X 374 -41.82 -23.16 -77.04
CA LYS X 374 -43.07 -22.54 -77.48
C LYS X 374 -44.26 -23.38 -77.03
N LEU X 375 -44.35 -24.62 -77.51
CA LEU X 375 -45.42 -25.52 -77.10
C LEU X 375 -44.88 -26.95 -77.09
N CYS X 376 -45.38 -27.73 -76.13
CA CYS X 376 -45.04 -29.14 -76.05
C CYS X 376 -46.33 -29.94 -75.88
N GLN X 377 -46.53 -30.93 -76.74
CA GLN X 377 -47.71 -31.77 -76.71
C GLN X 377 -47.29 -33.21 -76.44
N VAL X 378 -48.17 -33.96 -75.77
CA VAL X 378 -47.90 -35.34 -75.43
C VAL X 378 -49.12 -36.19 -75.77
N ALA X 379 -48.88 -37.49 -75.96
CA ALA X 379 -49.94 -38.44 -76.25
C ALA X 379 -49.48 -39.81 -75.78
N CYS X 380 -50.41 -40.76 -75.80
CA CYS X 380 -50.08 -42.13 -75.44
C CYS X 380 -51.03 -43.08 -76.16
N VAL X 381 -50.52 -44.23 -76.55
CA VAL X 381 -51.30 -45.26 -77.24
C VAL X 381 -50.67 -46.61 -76.96
N ALA X 382 -51.42 -47.68 -77.22
CA ALA X 382 -50.93 -49.02 -76.94
C ALA X 382 -49.72 -49.36 -77.79
N ALA X 383 -48.89 -50.27 -77.28
CA ALA X 383 -47.62 -50.59 -77.93
C ALA X 383 -47.84 -51.30 -79.26
N GLY X 384 -47.05 -50.91 -80.26
CA GLY X 384 -47.07 -51.53 -81.56
C GLY X 384 -47.97 -50.86 -82.57
N SER X 385 -48.84 -49.94 -82.15
CA SER X 385 -49.76 -49.32 -83.06
C SER X 385 -49.04 -48.38 -84.03
N PRO X 386 -49.53 -48.23 -85.25
CA PRO X 386 -48.96 -47.25 -86.18
C PRO X 386 -49.04 -45.84 -85.62
N ALA X 387 -48.43 -44.92 -86.34
CA ALA X 387 -48.36 -43.54 -85.90
C ALA X 387 -49.77 -42.94 -85.81
N PRO X 388 -50.16 -42.38 -84.68
CA PRO X 388 -51.50 -41.82 -84.55
C PRO X 388 -51.63 -40.48 -85.28
N ALA X 389 -52.88 -40.04 -85.42
CA ALA X 389 -53.21 -38.83 -86.15
C ALA X 389 -52.73 -37.59 -85.39
N PRO X 390 -52.63 -36.45 -86.08
CA PRO X 390 -52.21 -35.22 -85.40
C PRO X 390 -53.12 -34.78 -84.27
N GLY X 391 -54.37 -35.20 -84.27
CA GLY X 391 -55.30 -34.78 -83.23
C GLY X 391 -55.24 -35.55 -81.94
N ASP X 392 -54.37 -36.54 -81.82
CA ASP X 392 -54.34 -37.44 -80.68
C ASP X 392 -53.50 -36.91 -79.53
N PHE X 393 -52.94 -35.70 -79.63
CA PHE X 393 -52.10 -35.17 -78.58
C PHE X 393 -52.92 -34.35 -77.58
N THR X 394 -52.52 -34.44 -76.31
CA THR X 394 -53.22 -33.78 -75.21
C THR X 394 -52.18 -33.23 -74.25
N SER X 395 -52.57 -32.24 -73.45
CA SER X 395 -51.66 -31.66 -72.48
C SER X 395 -51.20 -32.67 -71.44
N GLU X 396 -52.13 -33.47 -70.91
CA GLU X 396 -51.78 -34.48 -69.91
C GLU X 396 -52.53 -35.76 -70.24
N TYR X 397 -51.89 -36.89 -69.93
CA TYR X 397 -52.48 -38.21 -70.16
C TYR X 397 -52.56 -38.94 -68.83
N VAL X 398 -53.78 -39.11 -68.31
CA VAL X 398 -53.98 -39.89 -67.09
C VAL X 398 -53.83 -41.36 -67.43
N MET X 399 -53.20 -42.13 -66.54
CA MET X 399 -52.74 -43.47 -66.88
C MET X 399 -53.10 -44.46 -65.80
N SER X 400 -53.37 -45.70 -66.22
CA SER X 400 -53.83 -46.75 -65.33
C SER X 400 -52.70 -47.27 -64.45
N ALA X 401 -53.08 -47.88 -63.33
CA ALA X 401 -52.10 -48.34 -62.35
C ALA X 401 -51.31 -49.53 -62.87
N PHE X 402 -51.94 -50.41 -63.64
CA PHE X 402 -51.29 -51.61 -64.13
C PHE X 402 -50.72 -51.43 -65.54
N GLY X 403 -50.27 -50.22 -65.86
CA GLY X 403 -49.62 -49.98 -67.13
C GLY X 403 -48.31 -49.23 -66.99
N GLN X 404 -47.37 -49.49 -67.89
CA GLN X 404 -46.05 -48.86 -67.87
C GLN X 404 -45.84 -48.10 -69.18
N ALA X 405 -45.31 -46.89 -69.07
CA ALA X 405 -45.14 -46.00 -70.22
C ALA X 405 -43.68 -45.98 -70.65
N THR X 406 -43.46 -45.88 -71.96
CA THR X 406 -42.12 -45.83 -72.54
C THR X 406 -42.04 -44.70 -73.55
N ILE X 407 -40.86 -44.10 -73.66
CA ILE X 407 -40.58 -43.07 -74.65
C ILE X 407 -39.35 -43.49 -75.43
N SER X 408 -39.43 -43.40 -76.76
CA SER X 408 -38.37 -43.84 -77.65
C SER X 408 -37.66 -42.67 -78.29
N VAL X 409 -36.56 -42.99 -78.99
CA VAL X 409 -35.76 -41.94 -79.65
C VAL X 409 -36.54 -41.33 -80.80
N GLY X 410 -37.14 -42.17 -81.65
CA GLY X 410 -37.86 -41.67 -82.81
C GLY X 410 -39.23 -41.13 -82.50
N ASN X 411 -39.82 -41.51 -81.36
CA ASN X 411 -41.17 -41.05 -81.03
C ASN X 411 -41.21 -39.54 -80.86
N VAL X 412 -40.23 -38.98 -80.16
CA VAL X 412 -40.19 -37.54 -79.94
C VAL X 412 -39.90 -36.82 -81.25
N ARG X 413 -40.70 -35.79 -81.52
CA ARG X 413 -40.56 -34.98 -82.73
C ARG X 413 -40.25 -33.55 -82.33
N VAL X 414 -39.24 -32.96 -82.96
CA VAL X 414 -38.85 -31.57 -82.70
C VAL X 414 -39.10 -30.76 -83.95
N THR X 415 -39.37 -29.47 -83.77
CA THR X 415 -39.55 -28.53 -84.87
C THR X 415 -38.79 -27.26 -84.52
N PHE X 416 -37.59 -27.11 -85.08
CA PHE X 416 -36.78 -25.91 -84.87
C PHE X 416 -37.38 -24.76 -85.67
N VAL X 417 -38.44 -24.18 -85.11
CA VAL X 417 -39.17 -23.11 -85.79
C VAL X 417 -38.24 -21.91 -85.96
N LEU Y 1 -5.18 -56.13 -21.11
CA LEU Y 1 -4.04 -56.86 -21.67
C LEU Y 1 -3.10 -57.46 -20.60
N PRO Y 2 -2.75 -56.70 -19.56
CA PRO Y 2 -1.96 -57.31 -18.48
C PRO Y 2 -2.73 -58.42 -17.79
N ALA Y 3 -2.01 -59.43 -17.33
CA ALA Y 3 -2.64 -60.60 -16.75
C ALA Y 3 -3.29 -60.26 -15.41
N TYR Y 4 -4.26 -61.08 -15.02
CA TYR Y 4 -4.91 -60.99 -13.72
C TYR Y 4 -5.01 -62.40 -13.15
N ASN Y 5 -4.35 -62.64 -12.02
CA ASN Y 5 -4.26 -64.00 -11.47
C ASN Y 5 -5.42 -64.31 -10.53
N SER Y 6 -5.57 -63.52 -9.45
CA SER Y 6 -6.67 -63.65 -8.51
C SER Y 6 -6.78 -65.07 -7.95
N ASP Y 7 -5.68 -65.55 -7.40
CA ASP Y 7 -5.65 -66.84 -6.71
C ASP Y 7 -5.42 -66.59 -5.23
N ILE Y 8 -6.00 -67.44 -4.39
CA ILE Y 8 -5.85 -67.26 -2.95
C ILE Y 8 -4.48 -67.73 -2.51
N GLN Y 9 -3.78 -68.47 -3.36
CA GLN Y 9 -2.52 -69.09 -2.96
C GLN Y 9 -1.30 -68.21 -3.17
N GLN Y 10 -1.41 -67.02 -3.78
CA GLN Y 10 -0.25 -66.14 -3.79
C GLN Y 10 0.03 -65.60 -2.40
N ALA Y 11 -0.93 -65.69 -1.49
CA ALA Y 11 -0.64 -65.38 -0.09
C ALA Y 11 0.37 -66.36 0.48
N LEU Y 12 0.27 -67.64 0.12
CA LEU Y 12 1.25 -68.62 0.53
C LEU Y 12 2.60 -68.33 -0.09
N LYS Y 13 3.66 -68.67 0.63
CA LYS Y 13 5.01 -68.30 0.25
C LYS Y 13 6.00 -69.33 0.77
N TRP Y 14 7.27 -69.13 0.45
CA TRP Y 14 8.25 -70.20 0.58
C TRP Y 14 8.84 -70.32 1.98
N LEU Y 15 8.37 -69.53 2.94
CA LEU Y 15 8.57 -69.90 4.34
C LEU Y 15 7.74 -71.12 4.70
N HIS Y 16 6.46 -71.09 4.32
CA HIS Y 16 5.50 -72.12 4.71
C HIS Y 16 5.65 -73.29 3.75
N ASN Y 17 6.81 -73.94 3.86
CA ASN Y 17 7.13 -75.11 3.05
C ASN Y 17 6.98 -76.40 3.87
N GLN Y 18 7.48 -76.39 5.10
CA GLN Y 18 7.28 -77.48 6.05
C GLN Y 18 6.22 -77.14 7.09
N ALA Y 19 5.28 -76.28 6.74
CA ALA Y 19 4.21 -75.91 7.66
C ALA Y 19 2.92 -76.56 7.20
N PRO Y 20 2.42 -77.59 7.88
CA PRO Y 20 1.15 -78.19 7.44
C PRO Y 20 -0.06 -77.37 7.82
N GLY Y 21 -0.07 -76.75 9.00
CA GLY Y 21 -1.23 -76.03 9.49
C GLY Y 21 -1.69 -74.87 8.64
N ILE Y 22 -0.81 -73.88 8.43
CA ILE Y 22 -1.21 -72.68 7.71
C ILE Y 22 -1.45 -72.99 6.22
N THR Y 23 -0.64 -73.88 5.65
CA THR Y 23 -0.87 -74.28 4.27
C THR Y 23 -2.23 -74.95 4.12
N GLY Y 24 -2.58 -75.84 5.05
CA GLY Y 24 -3.90 -76.44 5.00
C GLY Y 24 -5.01 -75.42 5.17
N LEU Y 25 -4.83 -74.47 6.07
CA LEU Y 25 -5.84 -73.44 6.31
C LEU Y 25 -6.11 -72.64 5.04
N ILE Y 26 -5.04 -72.15 4.40
CA ILE Y 26 -5.19 -71.37 3.18
C ILE Y 26 -5.79 -72.22 2.05
N GLN Y 27 -5.34 -73.48 1.91
CA GLN Y 27 -5.86 -74.33 0.85
C GLN Y 27 -7.36 -74.57 1.03
N ARG Y 28 -7.78 -74.83 2.27
CA ARG Y 28 -9.20 -75.07 2.53
C ARG Y 28 -10.03 -73.82 2.27
N LYS Y 29 -9.52 -72.65 2.67
CA LYS Y 29 -10.20 -71.40 2.33
C LYS Y 29 -10.35 -71.26 0.82
N ALA Y 30 -9.28 -71.52 0.08
CA ALA Y 30 -9.30 -71.35 -1.37
C ALA Y 30 -10.31 -72.28 -2.01
N GLN Y 31 -10.34 -73.55 -1.58
CA GLN Y 31 -11.28 -74.47 -2.22
C GLN Y 31 -12.72 -74.17 -1.80
N TRP Y 32 -12.94 -73.64 -0.60
CA TRP Y 32 -14.29 -73.20 -0.23
C TRP Y 32 -14.77 -72.09 -1.16
N TYR Y 33 -13.94 -71.05 -1.33
CA TYR Y 33 -14.31 -69.99 -2.26
C TYR Y 33 -14.44 -70.50 -3.69
N ASP Y 34 -13.62 -71.45 -4.11
CA ASP Y 34 -13.82 -72.03 -5.43
C ASP Y 34 -15.20 -72.65 -5.53
N ARG Y 35 -15.54 -73.54 -4.60
CA ARG Y 35 -16.82 -74.25 -4.62
C ARG Y 35 -17.99 -73.29 -4.67
N PHE Y 36 -17.99 -72.28 -3.80
CA PHE Y 36 -19.17 -71.44 -3.62
C PHE Y 36 -19.06 -70.08 -4.31
N SER Y 37 -18.09 -69.90 -5.20
CA SER Y 37 -18.06 -68.67 -5.98
C SER Y 37 -17.72 -68.85 -7.45
N ARG Y 38 -17.22 -70.01 -7.89
CA ARG Y 38 -16.88 -70.21 -9.30
C ARG Y 38 -17.69 -71.33 -9.93
N GLN Y 39 -17.72 -72.51 -9.29
CA GLN Y 39 -18.60 -73.56 -9.76
C GLN Y 39 -20.06 -73.12 -9.67
N PHE Y 40 -20.39 -72.25 -8.72
CA PHE Y 40 -21.73 -71.68 -8.68
C PHE Y 40 -22.07 -71.00 -10.00
N TRP Y 41 -21.19 -70.12 -10.47
CA TRP Y 41 -21.50 -69.40 -11.70
C TRP Y 41 -21.42 -70.31 -12.92
N ALA Y 42 -20.57 -71.33 -12.88
CA ALA Y 42 -20.53 -72.30 -13.97
C ALA Y 42 -21.86 -73.04 -14.10
N ASN Y 43 -22.37 -73.55 -12.97
CA ASN Y 43 -23.65 -74.25 -12.98
C ASN Y 43 -24.78 -73.30 -13.34
N TRP Y 44 -24.71 -72.06 -12.87
CA TRP Y 44 -25.74 -71.07 -13.19
C TRP Y 44 -25.76 -70.78 -14.69
N GLU Y 45 -24.59 -70.63 -15.30
CA GLU Y 45 -24.51 -70.40 -16.74
C GLU Y 45 -25.04 -71.60 -17.51
N ARG Y 46 -24.71 -72.81 -17.04
CA ARG Y 46 -25.21 -74.02 -17.70
C ARG Y 46 -26.73 -74.12 -17.58
N ASP Y 47 -27.32 -73.62 -16.50
CA ASP Y 47 -28.77 -73.61 -16.36
C ASP Y 47 -29.42 -72.41 -17.03
N VAL Y 48 -28.64 -71.40 -17.42
CA VAL Y 48 -29.15 -70.33 -18.26
C VAL Y 48 -29.13 -70.74 -19.73
N PHE Y 49 -28.26 -71.68 -20.10
CA PHE Y 49 -28.33 -72.30 -21.42
C PHE Y 49 -29.74 -72.83 -21.63
N HIS Y 50 -30.47 -72.21 -22.56
CA HIS Y 50 -31.87 -72.56 -22.71
C HIS Y 50 -32.03 -73.93 -23.37
N LEU Y 51 -31.21 -74.24 -24.36
CA LEU Y 51 -31.24 -75.56 -24.98
C LEU Y 51 -30.86 -76.66 -24.01
N LYS Y 52 -30.05 -76.36 -23.00
CA LYS Y 52 -29.64 -77.34 -22.00
C LYS Y 52 -29.98 -76.84 -20.60
N THR Y 53 -31.21 -76.36 -20.42
CA THR Y 53 -31.69 -76.04 -19.07
C THR Y 53 -32.23 -77.33 -18.47
N ALA Y 54 -31.54 -77.85 -17.46
CA ALA Y 54 -31.94 -79.10 -16.84
C ALA Y 54 -32.86 -78.89 -15.65
N ASN Y 55 -32.58 -77.92 -14.81
CA ASN Y 55 -33.40 -77.71 -13.62
C ASN Y 55 -34.76 -77.14 -14.02
N PRO Y 56 -35.85 -77.59 -13.41
CA PRO Y 56 -37.14 -76.89 -13.62
C PRO Y 56 -37.11 -75.46 -13.14
N PHE Y 57 -36.17 -75.12 -12.26
CA PHE Y 57 -36.03 -73.75 -11.77
C PHE Y 57 -35.81 -72.78 -12.93
N GLY Y 58 -34.83 -73.09 -13.80
CA GLY Y 58 -34.60 -72.23 -14.94
C GLY Y 58 -35.78 -72.20 -15.90
N LEU Y 59 -36.49 -73.33 -16.02
CA LEU Y 59 -37.63 -73.38 -16.92
C LEU Y 59 -38.75 -72.46 -16.44
N MET Y 60 -39.05 -72.46 -15.14
CA MET Y 60 -40.07 -71.53 -14.65
C MET Y 60 -39.57 -70.10 -14.65
N VAL Y 61 -38.26 -69.88 -14.52
CA VAL Y 61 -37.72 -68.54 -14.70
C VAL Y 61 -37.99 -68.04 -16.11
N TRP Y 62 -37.78 -68.91 -17.09
CA TRP Y 62 -38.06 -68.53 -18.48
C TRP Y 62 -39.55 -68.33 -18.70
N CYS Y 63 -40.39 -69.10 -18.00
CA CYS Y 63 -41.83 -68.87 -18.05
C CYS Y 63 -42.17 -67.47 -17.54
N ILE Y 64 -41.54 -67.05 -16.44
CA ILE Y 64 -41.76 -65.70 -15.92
C ILE Y 64 -41.28 -64.65 -16.92
N ILE Y 65 -40.11 -64.88 -17.54
CA ILE Y 65 -39.57 -63.90 -18.48
C ILE Y 65 -40.49 -63.76 -19.69
N LEU Y 66 -40.98 -64.88 -20.21
CA LEU Y 66 -41.82 -64.86 -21.42
C LEU Y 66 -43.31 -64.70 -21.12
N GLY Y 67 -43.74 -64.93 -19.88
CA GLY Y 67 -45.13 -64.73 -19.50
C GLY Y 67 -46.06 -65.89 -19.73
N THR Y 68 -45.56 -67.02 -20.23
CA THR Y 68 -46.41 -68.17 -20.48
C THR Y 68 -46.89 -68.80 -19.17
N PRO Y 69 -48.01 -69.51 -19.19
CA PRO Y 69 -48.42 -70.26 -17.99
C PRO Y 69 -47.41 -71.34 -17.63
N SER Y 70 -47.51 -71.84 -16.41
CA SER Y 70 -46.52 -72.76 -15.88
C SER Y 70 -47.05 -74.12 -15.45
N LYS Y 71 -48.34 -74.26 -15.13
CA LYS Y 71 -48.80 -75.54 -14.58
C LYS Y 71 -49.52 -76.41 -15.60
N GLY Y 72 -49.43 -76.11 -16.88
CA GLY Y 72 -49.83 -77.08 -17.87
C GLY Y 72 -48.69 -78.02 -18.17
N PHE Y 73 -47.59 -77.86 -17.44
CA PHE Y 73 -46.31 -78.48 -17.76
C PHE Y 73 -45.86 -79.38 -16.61
N GLY Y 74 -45.20 -80.47 -16.95
CA GLY Y 74 -44.63 -81.34 -15.93
C GLY Y 74 -43.30 -80.79 -15.45
N LEU Y 75 -43.16 -80.68 -14.12
CA LEU Y 75 -41.98 -80.04 -13.56
C LEU Y 75 -40.85 -81.04 -13.28
N TYR Y 76 -41.08 -82.00 -12.38
CA TYR Y 76 -39.97 -82.85 -11.95
C TYR Y 76 -40.53 -84.19 -11.47
N PRO Y 77 -39.82 -85.29 -11.74
CA PRO Y 77 -40.10 -86.57 -11.07
C PRO Y 77 -39.33 -86.79 -9.78
N LYS Y 78 -38.79 -85.73 -9.17
CA LYS Y 78 -37.83 -85.83 -8.06
C LYS Y 78 -38.53 -86.20 -6.76
N ASN Y 79 -37.71 -86.41 -5.72
CA ASN Y 79 -38.21 -86.74 -4.38
C ASN Y 79 -39.03 -85.62 -3.77
N SER Y 80 -38.80 -84.37 -4.16
CA SER Y 80 -39.63 -83.27 -3.66
C SER Y 80 -41.08 -83.47 -4.05
N SER Y 81 -41.34 -84.17 -5.15
CA SER Y 81 -42.70 -84.53 -5.52
C SER Y 81 -43.25 -85.57 -4.55
N TRP Y 82 -44.57 -85.63 -4.46
CA TRP Y 82 -45.22 -86.50 -3.49
C TRP Y 82 -44.96 -87.97 -3.80
N ALA Y 83 -44.94 -88.79 -2.75
CA ALA Y 83 -44.94 -90.24 -2.84
C ALA Y 83 -43.71 -90.77 -3.59
N PHE Y 84 -42.54 -90.56 -2.97
CA PHE Y 84 -41.30 -91.18 -3.44
C PHE Y 84 -40.41 -91.47 -2.23
N GLY Y 85 -39.49 -92.41 -2.41
CA GLY Y 85 -38.55 -92.74 -1.35
C GLY Y 85 -37.47 -93.67 -1.86
N ARG Y 86 -36.39 -93.75 -1.08
CA ARG Y 86 -35.31 -94.66 -1.44
C ARG Y 86 -35.71 -96.12 -1.23
N LEU Y 87 -36.58 -96.38 -0.24
CA LEU Y 87 -37.26 -97.65 -0.17
C LEU Y 87 -38.64 -97.59 -0.83
N ARG Y 88 -39.52 -96.74 -0.29
CA ARG Y 88 -40.87 -96.43 -0.79
C ARG Y 88 -41.69 -97.69 -1.09
N GLN Y 89 -41.26 -98.83 -0.55
CA GLN Y 89 -41.90 -100.10 -0.85
C GLN Y 89 -43.14 -100.36 0.00
N ASN Y 90 -43.33 -99.60 1.07
CA ASN Y 90 -44.41 -99.88 2.01
C ASN Y 90 -45.72 -99.23 1.55
N PHE Y 91 -46.81 -99.64 2.21
CA PHE Y 91 -48.15 -99.07 2.02
C PHE Y 91 -48.68 -99.29 0.61
N ILE Y 92 -48.11 -100.25 -0.12
CA ILE Y 92 -48.51 -100.51 -1.49
C ILE Y 92 -48.69 -102.02 -1.65
N TYR Y 93 -49.48 -102.41 -2.66
CA TYR Y 93 -49.77 -103.82 -2.92
C TYR Y 93 -48.50 -104.46 -3.45
N SER Y 94 -47.74 -105.07 -2.54
CA SER Y 94 -46.36 -105.47 -2.79
C SER Y 94 -46.23 -106.91 -3.26
N GLY Y 95 -47.21 -107.41 -4.00
CA GLY Y 95 -47.24 -108.79 -4.43
C GLY Y 95 -47.90 -109.73 -3.44
N THR Y 96 -47.94 -109.36 -2.16
CA THR Y 96 -48.76 -110.09 -1.21
C THR Y 96 -50.23 -109.69 -1.35
N GLN Y 97 -50.49 -108.42 -1.65
CA GLN Y 97 -51.86 -107.92 -1.74
C GLN Y 97 -52.39 -107.99 -3.17
N VAL Y 98 -51.78 -107.26 -4.09
CA VAL Y 98 -52.19 -107.21 -5.50
C VAL Y 98 -50.95 -107.06 -6.37
N PRO Y 99 -50.78 -107.86 -7.42
CA PRO Y 99 -49.65 -107.66 -8.34
C PRO Y 99 -49.85 -106.43 -9.21
N PRO Y 100 -49.01 -105.41 -9.05
CA PRO Y 100 -49.22 -104.15 -9.76
C PRO Y 100 -48.43 -104.11 -11.05
N PRO Y 101 -48.76 -103.17 -11.95
CA PRO Y 101 -47.95 -102.99 -13.17
C PRO Y 101 -46.54 -102.51 -12.84
N ALA Y 102 -45.60 -102.88 -13.70
CA ALA Y 102 -44.20 -102.48 -13.54
C ALA Y 102 -43.75 -101.42 -14.52
N ASP Y 103 -44.30 -101.38 -15.74
CA ASP Y 103 -43.90 -100.41 -16.75
C ASP Y 103 -44.61 -99.10 -16.49
N ALA Y 104 -44.23 -98.45 -15.38
CA ALA Y 104 -44.80 -97.18 -14.99
C ALA Y 104 -43.76 -96.40 -14.21
N SER Y 105 -43.97 -95.07 -14.12
CA SER Y 105 -43.05 -94.24 -13.38
C SER Y 105 -43.07 -94.62 -11.90
N PRO Y 106 -41.89 -94.66 -11.27
CA PRO Y 106 -41.85 -95.07 -9.85
C PRO Y 106 -42.62 -94.11 -8.96
N GLY Y 107 -43.15 -94.66 -7.88
CA GLY Y 107 -43.94 -93.89 -6.93
C GLY Y 107 -45.41 -93.89 -7.28
N GLY Y 108 -46.18 -93.13 -6.50
CA GLY Y 108 -47.60 -92.98 -6.75
C GLY Y 108 -47.88 -92.39 -8.12
N ASN Y 109 -48.61 -93.13 -8.95
CA ASN Y 109 -48.81 -92.75 -10.34
C ASN Y 109 -49.82 -91.62 -10.50
N PHE Y 110 -50.23 -90.96 -9.42
CA PHE Y 110 -51.09 -89.79 -9.55
C PHE Y 110 -50.37 -88.65 -10.24
N TYR Y 111 -49.05 -88.62 -10.18
CA TYR Y 111 -48.28 -87.65 -10.95
C TYR Y 111 -48.41 -87.94 -12.44
N GLY Y 112 -48.57 -86.89 -13.23
CA GLY Y 112 -48.83 -87.04 -14.64
C GLY Y 112 -50.25 -87.41 -14.99
N GLY Y 113 -51.17 -87.35 -14.03
CA GLY Y 113 -52.55 -87.67 -14.30
C GLY Y 113 -53.20 -86.70 -15.27
N GLY Y 114 -54.21 -87.19 -15.96
CA GLY Y 114 -54.75 -86.45 -17.07
C GLY Y 114 -53.86 -86.58 -18.29
N ASN Y 115 -54.25 -85.88 -19.35
CA ASN Y 115 -53.54 -85.96 -20.62
C ASN Y 115 -52.46 -84.90 -20.75
N ALA Y 116 -52.83 -83.63 -20.62
CA ALA Y 116 -51.92 -82.53 -20.97
C ALA Y 116 -50.67 -82.50 -20.10
N GLU Y 117 -50.64 -83.21 -18.98
CA GLU Y 117 -49.45 -83.26 -18.15
C GLU Y 117 -48.31 -83.95 -18.88
N ILE Y 118 -47.13 -83.34 -18.81
CA ILE Y 118 -45.93 -83.86 -19.45
C ILE Y 118 -45.07 -84.48 -18.35
N LEU Y 119 -44.20 -85.42 -18.74
CA LEU Y 119 -43.26 -86.01 -17.80
C LEU Y 119 -41.80 -85.82 -18.18
N ASN Y 120 -41.51 -85.05 -19.23
CA ASN Y 120 -40.14 -84.87 -19.70
C ASN Y 120 -39.85 -83.39 -19.88
N LEU Y 121 -38.58 -83.02 -19.73
CA LEU Y 121 -38.18 -81.62 -19.78
C LEU Y 121 -37.76 -81.18 -21.18
N ASP Y 122 -37.36 -82.10 -22.04
CA ASP Y 122 -36.87 -81.72 -23.36
C ASP Y 122 -37.95 -80.99 -24.14
N GLU Y 123 -39.17 -81.54 -24.17
CA GLU Y 123 -40.23 -80.86 -24.88
C GLU Y 123 -40.68 -79.59 -24.18
N ILE Y 124 -40.43 -79.46 -22.88
CA ILE Y 124 -40.66 -78.19 -22.22
C ILE Y 124 -39.74 -77.11 -22.80
N ARG Y 125 -38.46 -77.46 -22.94
CA ARG Y 125 -37.53 -76.54 -23.61
C ARG Y 125 -37.97 -76.26 -25.04
N LYS Y 126 -38.42 -77.30 -25.75
CA LYS Y 126 -38.86 -77.14 -27.12
C LYS Y 126 -40.01 -76.15 -27.23
N VAL Y 127 -41.04 -76.31 -26.39
CA VAL Y 127 -42.20 -75.44 -26.47
C VAL Y 127 -41.86 -74.02 -26.03
N LEU Y 128 -40.97 -73.87 -25.05
CA LEU Y 128 -40.57 -72.52 -24.65
C LEU Y 128 -39.83 -71.80 -25.78
N GLN Y 129 -38.91 -72.49 -26.46
CA GLN Y 129 -38.23 -71.88 -27.60
C GLN Y 129 -39.22 -71.54 -28.71
N LEU Y 130 -40.15 -72.44 -28.99
CA LEU Y 130 -41.14 -72.16 -30.03
C LEU Y 130 -42.01 -70.97 -29.66
N ARG Y 131 -42.33 -70.83 -28.37
CA ARG Y 131 -43.09 -69.67 -27.93
C ARG Y 131 -42.31 -68.39 -28.15
N TYR Y 132 -41.00 -68.41 -27.86
CA TYR Y 132 -40.18 -67.24 -28.16
C TYR Y 132 -40.22 -66.93 -29.65
N VAL Y 133 -40.16 -67.97 -30.49
CA VAL Y 133 -40.24 -67.77 -31.94
C VAL Y 133 -41.56 -67.11 -32.31
N ALA Y 134 -42.65 -67.56 -31.70
CA ALA Y 134 -43.97 -66.99 -31.97
C ALA Y 134 -43.99 -65.51 -31.57
N LEU Y 135 -43.48 -65.21 -30.39
CA LEU Y 135 -43.52 -63.85 -29.87
C LEU Y 135 -42.59 -62.93 -30.65
N ILE Y 136 -41.63 -63.50 -31.38
CA ILE Y 136 -40.70 -62.68 -32.15
C ILE Y 136 -41.02 -62.67 -33.64
N SER Y 137 -41.92 -63.53 -34.10
CA SER Y 137 -42.17 -63.67 -35.53
C SER Y 137 -43.30 -62.75 -36.00
N ASN Y 138 -43.27 -62.43 -37.29
CA ASN Y 138 -44.29 -61.58 -37.89
C ASN Y 138 -45.32 -62.34 -38.69
N GLY Y 139 -45.00 -63.52 -39.23
CA GLY Y 139 -46.00 -64.30 -39.92
C GLY Y 139 -45.52 -65.04 -41.15
N SER Y 140 -44.28 -64.81 -41.57
CA SER Y 140 -43.76 -65.49 -42.75
C SER Y 140 -43.62 -66.99 -42.49
N ILE Y 141 -44.01 -67.79 -43.48
CA ILE Y 141 -44.03 -69.24 -43.32
C ILE Y 141 -42.65 -69.82 -43.61
N ALA Y 142 -41.86 -69.13 -44.44
CA ALA Y 142 -40.51 -69.61 -44.72
C ALA Y 142 -39.66 -69.61 -43.45
N TYR Y 143 -39.64 -68.49 -42.75
CA TYR Y 143 -38.85 -68.39 -41.53
C TYR Y 143 -39.34 -69.37 -40.48
N ILE Y 144 -40.65 -69.54 -40.35
CA ILE Y 144 -41.16 -70.40 -39.29
C ILE Y 144 -40.83 -71.87 -39.59
N ASN Y 145 -40.89 -72.27 -40.86
CA ASN Y 145 -40.47 -73.63 -41.19
C ASN Y 145 -38.98 -73.84 -40.92
N ARG Y 146 -38.16 -72.85 -41.31
CA ARG Y 146 -36.73 -72.98 -41.05
C ARG Y 146 -36.46 -73.11 -39.56
N MET Y 147 -37.14 -72.30 -38.75
CA MET Y 147 -36.91 -72.34 -37.31
C MET Y 147 -37.44 -73.63 -36.71
N LEU Y 148 -38.57 -74.14 -37.20
CA LEU Y 148 -39.07 -75.43 -36.72
C LEU Y 148 -38.08 -76.54 -37.00
N ARG Y 149 -37.50 -76.55 -38.20
CA ARG Y 149 -36.47 -77.54 -38.50
C ARG Y 149 -35.27 -77.38 -37.59
N TYR Y 150 -34.86 -76.13 -37.34
CA TYR Y 150 -33.69 -75.90 -36.49
C TYR Y 150 -33.93 -76.41 -35.08
N ILE Y 151 -35.11 -76.15 -34.53
CA ILE Y 151 -35.36 -76.51 -33.14
C ILE Y 151 -35.61 -78.01 -33.02
N PHE Y 152 -36.25 -78.63 -34.01
CA PHE Y 152 -36.62 -80.04 -33.89
C PHE Y 152 -35.55 -80.98 -34.40
N ASN Y 153 -35.15 -80.84 -35.67
CA ASN Y 153 -34.16 -81.73 -36.27
C ASN Y 153 -32.74 -81.17 -36.19
N ASP Y 154 -32.56 -79.97 -35.62
CA ASP Y 154 -31.23 -79.40 -35.40
C ASP Y 154 -30.46 -79.23 -36.70
N ASP Y 155 -31.12 -78.65 -37.71
CA ASP Y 155 -30.53 -78.43 -39.03
C ASP Y 155 -30.03 -79.75 -39.64
N GLU Y 156 -30.94 -80.70 -39.76
CA GLU Y 156 -30.67 -81.92 -40.49
C GLU Y 156 -31.82 -82.21 -41.44
N PRO Y 157 -31.51 -82.62 -42.67
CA PRO Y 157 -32.57 -82.79 -43.67
C PRO Y 157 -33.56 -83.88 -43.28
N TRP Y 158 -34.78 -83.72 -43.78
CA TRP Y 158 -35.94 -84.51 -43.38
C TRP Y 158 -36.14 -85.71 -44.28
N ASP Y 159 -37.02 -86.61 -43.83
CA ASP Y 159 -37.39 -87.81 -44.56
C ASP Y 159 -38.86 -87.74 -44.89
N GLU Y 160 -39.19 -87.66 -46.18
CA GLU Y 160 -40.57 -87.51 -46.61
C GLU Y 160 -41.36 -88.82 -46.53
N ALA Y 161 -40.67 -89.96 -46.41
CA ALA Y 161 -41.36 -91.23 -46.29
C ALA Y 161 -42.14 -91.32 -44.99
N THR Y 162 -41.80 -90.50 -44.00
CA THR Y 162 -42.51 -90.47 -42.74
C THR Y 162 -43.31 -89.19 -42.52
N GLY Y 163 -43.39 -88.31 -43.51
CA GLY Y 163 -44.25 -87.14 -43.44
C GLY Y 163 -44.02 -86.23 -42.25
N LEU Y 164 -42.87 -85.56 -42.23
CA LEU Y 164 -42.39 -84.88 -41.03
C LEU Y 164 -43.16 -83.57 -40.83
N TYR Y 165 -42.67 -82.74 -39.91
CA TYR Y 165 -43.44 -81.66 -39.31
C TYR Y 165 -43.18 -80.34 -40.02
N PHE Y 166 -44.26 -79.72 -40.50
CA PHE Y 166 -44.17 -78.46 -41.23
C PHE Y 166 -45.44 -77.67 -40.99
N TYR Y 167 -45.40 -76.39 -41.37
CA TYR Y 167 -46.51 -75.49 -41.07
C TYR Y 167 -47.80 -75.94 -41.74
N LEU Y 168 -47.91 -75.73 -43.07
CA LEU Y 168 -48.98 -76.31 -43.87
C LEU Y 168 -48.85 -75.86 -45.32
N MET Y 169 -49.72 -76.38 -46.19
CA MET Y 169 -49.77 -75.95 -47.57
C MET Y 169 -50.43 -74.58 -47.74
N ASP Y 170 -50.97 -74.02 -46.65
CA ASP Y 170 -51.60 -72.70 -46.64
C ASP Y 170 -52.88 -72.76 -47.45
N SER Y 171 -53.51 -71.60 -47.71
CA SER Y 171 -54.78 -71.59 -48.43
C SER Y 171 -54.62 -72.07 -49.87
N THR Y 172 -53.40 -72.16 -50.37
CA THR Y 172 -53.13 -72.50 -51.75
C THR Y 172 -52.53 -73.89 -51.88
N GLY Y 173 -52.53 -74.41 -53.10
CA GLY Y 173 -51.94 -75.70 -53.41
C GLY Y 173 -51.22 -75.67 -54.74
N GLU Y 174 -50.04 -76.30 -54.81
CA GLU Y 174 -49.20 -76.12 -55.99
C GLU Y 174 -49.40 -77.22 -57.04
N ASN Y 175 -49.14 -78.46 -56.66
CA ASN Y 175 -48.74 -79.49 -57.63
C ASN Y 175 -49.98 -80.07 -58.31
N GLY Y 176 -50.10 -79.81 -59.61
CA GLY Y 176 -51.09 -80.43 -60.45
C GLY Y 176 -50.46 -81.51 -61.30
N PRO Y 177 -50.10 -81.18 -62.53
CA PRO Y 177 -49.40 -82.13 -63.38
C PRO Y 177 -48.04 -82.48 -62.79
N VAL Y 178 -47.57 -83.69 -63.08
CA VAL Y 178 -46.25 -84.09 -62.62
C VAL Y 178 -45.19 -83.36 -63.42
N GLU Y 179 -44.25 -82.72 -62.72
CA GLU Y 179 -43.21 -81.90 -63.33
C GLU Y 179 -41.85 -82.39 -62.87
N ASN Y 180 -40.84 -82.16 -63.72
CA ASN Y 180 -39.44 -82.48 -63.41
C ASN Y 180 -39.29 -83.96 -63.07
N LEU Y 181 -39.58 -84.78 -64.07
CA LEU Y 181 -39.72 -86.23 -63.91
C LEU Y 181 -38.55 -86.96 -64.56
N ALA Y 182 -38.08 -88.01 -63.88
CA ALA Y 182 -37.04 -88.89 -64.38
C ALA Y 182 -37.44 -90.33 -64.14
N VAL Y 183 -36.91 -91.24 -64.95
CA VAL Y 183 -37.24 -92.66 -64.89
C VAL Y 183 -35.98 -93.45 -64.57
N TYR Y 184 -36.11 -94.39 -63.64
CA TYR Y 184 -34.98 -95.15 -63.09
C TYR Y 184 -35.22 -96.63 -63.34
N ARG Y 185 -34.79 -97.12 -64.51
CA ARG Y 185 -35.02 -98.51 -64.87
C ARG Y 185 -33.94 -99.41 -64.27
N LYS Y 186 -34.36 -100.51 -63.66
CA LYS Y 186 -33.45 -101.45 -63.01
C LYS Y 186 -33.25 -102.67 -63.90
N ASP Y 187 -31.99 -102.97 -64.20
CA ASP Y 187 -31.63 -104.12 -65.02
C ASP Y 187 -30.24 -104.59 -64.60
N TRP Y 188 -29.58 -105.33 -65.48
CA TRP Y 188 -28.23 -105.82 -65.18
C TRP Y 188 -27.25 -104.68 -64.92
N GLU Y 189 -27.51 -103.49 -65.48
CA GLU Y 189 -26.60 -102.37 -65.36
C GLU Y 189 -26.73 -101.63 -64.04
N GLY Y 190 -27.56 -102.11 -63.12
CA GLY Y 190 -27.76 -101.38 -61.88
C GLY Y 190 -28.76 -100.24 -62.04
N MET Y 191 -28.65 -99.28 -61.14
CA MET Y 191 -29.53 -98.10 -61.16
C MET Y 191 -29.23 -97.29 -62.42
N VAL Y 192 -30.18 -97.25 -63.35
CA VAL Y 192 -29.95 -96.64 -64.66
C VAL Y 192 -30.92 -95.49 -64.84
N LEU Y 193 -30.39 -94.34 -65.26
CA LEU Y 193 -31.18 -93.17 -65.61
C LEU Y 193 -31.31 -93.07 -67.12
N LEU Y 194 -32.45 -92.54 -67.56
CA LEU Y 194 -32.78 -92.48 -68.98
C LEU Y 194 -33.06 -91.03 -69.36
N SER Y 195 -33.22 -90.78 -70.65
CA SER Y 195 -33.48 -89.45 -71.17
C SER Y 195 -34.60 -89.52 -72.21
N SER Y 196 -35.53 -88.56 -72.12
CA SER Y 196 -36.61 -88.50 -73.10
C SER Y 196 -36.14 -87.91 -74.43
N SER Y 197 -35.01 -87.20 -74.42
CA SER Y 197 -34.45 -86.66 -75.65
C SER Y 197 -33.73 -87.77 -76.42
N PRO Y 198 -33.66 -87.66 -77.75
CA PRO Y 198 -32.84 -88.60 -78.53
C PRO Y 198 -31.35 -88.35 -78.27
N ARG Y 199 -30.70 -89.35 -77.69
CA ARG Y 199 -29.30 -89.22 -77.32
C ARG Y 199 -28.40 -89.35 -78.54
N THR Y 200 -27.09 -89.22 -78.30
CA THR Y 200 -26.07 -89.44 -79.30
C THR Y 200 -25.08 -90.47 -78.79
N ASN Y 201 -24.38 -91.11 -79.72
CA ASN Y 201 -23.35 -92.09 -79.36
C ASN Y 201 -22.34 -92.16 -80.50
N HIS Y 202 -21.21 -91.47 -80.34
CA HIS Y 202 -20.27 -91.30 -81.44
C HIS Y 202 -19.23 -92.42 -81.53
N VAL Y 203 -19.33 -93.42 -80.68
CA VAL Y 203 -18.43 -94.56 -80.75
C VAL Y 203 -18.75 -95.36 -82.00
N LEU Y 204 -17.72 -95.91 -82.64
CA LEU Y 204 -17.93 -96.60 -83.91
C LEU Y 204 -18.17 -98.10 -83.69
N THR Y 205 -17.49 -98.70 -82.72
CA THR Y 205 -17.68 -100.12 -82.42
C THR Y 205 -17.88 -100.31 -80.93
N SER Y 206 -18.62 -101.36 -80.57
CA SER Y 206 -18.84 -101.68 -79.17
C SER Y 206 -17.82 -102.67 -78.64
N THR Y 207 -17.29 -103.53 -79.51
CA THR Y 207 -16.32 -104.54 -79.13
C THR Y 207 -15.17 -104.53 -80.12
N PRO Y 208 -13.92 -104.45 -79.65
CA PRO Y 208 -12.78 -104.55 -80.57
C PRO Y 208 -12.77 -105.90 -81.27
N ALA Y 209 -12.36 -105.88 -82.54
CA ALA Y 209 -12.32 -107.09 -83.36
C ALA Y 209 -10.91 -107.47 -83.78
N SER Y 210 -10.19 -106.57 -84.42
CA SER Y 210 -8.89 -106.91 -85.00
C SER Y 210 -8.00 -105.66 -84.96
N ASP Y 211 -6.89 -105.71 -85.70
CA ASP Y 211 -5.98 -104.56 -85.75
C ASP Y 211 -6.67 -103.35 -86.37
N ALA Y 212 -7.45 -103.57 -87.42
CA ALA Y 212 -8.10 -102.46 -88.12
C ALA Y 212 -9.17 -101.78 -87.29
N ASP Y 213 -9.69 -102.44 -86.26
CA ASP Y 213 -10.75 -101.85 -85.46
C ASP Y 213 -10.20 -100.75 -84.56
N TRP Y 214 -9.07 -100.99 -83.91
CA TRP Y 214 -8.43 -100.02 -83.01
C TRP Y 214 -6.96 -99.93 -83.38
N PRO Y 215 -6.63 -99.16 -84.42
CA PRO Y 215 -5.21 -98.98 -84.78
C PRO Y 215 -4.39 -98.42 -83.62
N GLY Y 216 -3.19 -98.96 -83.46
CA GLY Y 216 -2.31 -98.62 -82.35
C GLY Y 216 -1.09 -97.86 -82.83
N VAL Y 217 -0.60 -96.95 -81.99
CA VAL Y 217 0.52 -96.08 -82.31
C VAL Y 217 1.58 -96.20 -81.22
N ASP Y 218 2.85 -96.32 -81.61
CA ASP Y 218 3.97 -96.34 -80.67
C ASP Y 218 4.87 -95.15 -80.95
N PRO Y 219 4.92 -94.15 -80.06
CA PRO Y 219 5.75 -92.95 -80.35
C PRO Y 219 7.25 -93.19 -80.35
N ALA Y 220 7.81 -93.78 -79.30
CA ALA Y 220 9.26 -93.99 -79.25
C ALA Y 220 9.72 -95.22 -80.01
N ALA Y 221 8.78 -96.06 -80.45
CA ALA Y 221 9.10 -97.30 -81.14
C ALA Y 221 10.04 -98.18 -80.32
N SER Y 222 9.76 -98.30 -79.02
CA SER Y 222 10.55 -99.20 -78.17
C SER Y 222 10.05 -100.63 -78.26
N GLY Y 223 8.86 -100.83 -78.83
CA GLY Y 223 8.31 -102.15 -78.98
C GLY Y 223 7.24 -102.18 -80.04
N ILE Y 224 6.52 -103.29 -80.08
CA ILE Y 224 5.41 -103.45 -81.03
C ILE Y 224 4.24 -102.58 -80.57
N PRO Y 225 3.35 -102.17 -81.46
CA PRO Y 225 2.12 -101.50 -81.01
C PRO Y 225 1.25 -102.44 -80.21
N VAL Y 226 0.19 -101.92 -79.57
CA VAL Y 226 -0.67 -102.77 -78.75
C VAL Y 226 -1.41 -103.74 -79.65
N THR Y 227 -1.26 -105.02 -79.38
CA THR Y 227 -1.98 -106.03 -80.15
C THR Y 227 -3.35 -106.28 -79.51
N VAL Y 228 -4.38 -106.35 -80.35
CA VAL Y 228 -5.73 -106.60 -79.92
C VAL Y 228 -6.13 -107.98 -80.41
N GLU Y 229 -6.52 -108.85 -79.48
CA GLU Y 229 -6.95 -110.20 -79.79
C GLU Y 229 -8.31 -110.45 -79.15
N THR Y 230 -9.26 -110.92 -79.95
CA THR Y 230 -10.62 -111.14 -79.47
C THR Y 230 -10.69 -112.45 -78.71
N ALA Y 231 -11.02 -112.38 -77.42
CA ALA Y 231 -11.10 -113.56 -76.57
C ALA Y 231 -12.56 -113.94 -76.34
N SER Y 232 -12.75 -115.05 -75.64
CA SER Y 232 -14.07 -115.59 -75.33
C SER Y 232 -14.19 -115.76 -73.82
N ALA Y 233 -15.22 -115.13 -73.24
CA ALA Y 233 -15.50 -115.26 -71.82
C ALA Y 233 -16.96 -114.89 -71.58
N THR Y 234 -17.47 -115.29 -70.41
CA THR Y 234 -18.84 -114.99 -70.04
C THR Y 234 -19.01 -113.48 -69.90
N ALA Y 235 -19.74 -112.88 -70.83
CA ALA Y 235 -20.03 -111.46 -70.74
C ALA Y 235 -21.07 -111.20 -69.64
N PRO Y 236 -21.12 -109.99 -69.08
CA PRO Y 236 -22.16 -109.69 -68.08
C PRO Y 236 -23.56 -109.79 -68.63
N ASP Y 237 -23.78 -109.42 -69.89
CA ASP Y 237 -25.11 -109.51 -70.48
C ASP Y 237 -25.57 -110.96 -70.64
N GLY Y 238 -24.64 -111.90 -70.74
CA GLY Y 238 -25.00 -113.30 -70.86
C GLY Y 238 -24.57 -113.94 -72.18
N SER Y 239 -23.45 -113.48 -72.74
CA SER Y 239 -22.94 -114.03 -73.99
C SER Y 239 -21.43 -114.15 -73.86
N ALA Y 240 -20.76 -114.36 -75.00
CA ALA Y 240 -19.30 -114.45 -75.08
C ALA Y 240 -18.83 -113.52 -76.19
N THR Y 241 -18.58 -112.25 -75.84
CA THR Y 241 -18.17 -111.27 -76.84
C THR Y 241 -17.17 -110.26 -76.30
N VAL Y 242 -16.46 -110.60 -75.22
CA VAL Y 242 -15.48 -109.70 -74.64
C VAL Y 242 -14.25 -109.65 -75.53
N CYS Y 243 -13.36 -108.70 -75.28
CA CYS Y 243 -12.12 -108.57 -76.03
C CYS Y 243 -10.92 -108.61 -75.09
N LYS Y 244 -9.74 -108.78 -75.68
CA LYS Y 244 -8.50 -108.88 -74.94
C LYS Y 244 -7.42 -108.07 -75.65
N LEU Y 245 -6.55 -107.44 -74.87
CA LEU Y 245 -5.41 -106.72 -75.40
C LEU Y 245 -4.25 -106.83 -74.42
N THR Y 246 -3.04 -106.90 -74.97
CA THR Y 246 -1.85 -107.17 -74.17
C THR Y 246 -0.87 -106.01 -74.28
N LYS Y 247 0.04 -105.96 -73.31
CA LYS Y 247 1.09 -104.95 -73.25
C LYS Y 247 2.42 -105.70 -73.15
N PRO Y 248 3.00 -106.12 -74.27
CA PRO Y 248 4.25 -106.89 -74.20
C PRO Y 248 5.38 -106.06 -73.61
N ALA Y 249 6.44 -106.76 -73.20
CA ALA Y 249 7.56 -106.10 -72.54
C ALA Y 249 8.22 -105.08 -73.47
N GLY Y 250 8.67 -103.97 -72.88
CA GLY Y 250 9.32 -102.93 -73.64
C GLY Y 250 8.44 -102.25 -74.67
N SER Y 251 7.20 -101.95 -74.31
CA SER Y 251 6.25 -101.34 -75.24
C SER Y 251 5.63 -100.11 -74.61
N THR Y 252 5.46 -99.06 -75.43
CA THR Y 252 4.76 -97.84 -75.06
C THR Y 252 3.75 -97.56 -76.16
N ALA Y 253 2.57 -98.19 -76.07
CA ALA Y 253 1.61 -98.13 -77.15
C ALA Y 253 0.19 -98.03 -76.60
N TYR Y 254 -0.74 -97.63 -77.46
CA TYR Y 254 -2.14 -97.42 -77.10
C TYR Y 254 -2.99 -97.56 -78.35
N VAL Y 255 -4.27 -97.88 -78.15
CA VAL Y 255 -5.22 -98.09 -79.23
C VAL Y 255 -6.21 -96.94 -79.26
N SER Y 256 -6.68 -96.59 -80.46
CA SER Y 256 -7.63 -95.49 -80.62
C SER Y 256 -8.36 -95.64 -81.94
N ALA Y 257 -9.67 -95.93 -81.88
CA ALA Y 257 -10.47 -96.01 -83.09
C ALA Y 257 -10.86 -94.61 -83.56
N PRO Y 258 -10.80 -94.37 -84.88
CA PRO Y 258 -11.19 -93.04 -85.37
C PRO Y 258 -12.62 -92.71 -85.03
N ILE Y 259 -12.86 -91.45 -84.69
CA ILE Y 259 -14.19 -90.94 -84.36
C ILE Y 259 -14.41 -89.66 -85.16
N ASP Y 260 -15.67 -89.34 -85.41
CA ASP Y 260 -15.99 -88.04 -85.97
C ASP Y 260 -15.65 -86.96 -84.96
N GLY Y 261 -15.07 -85.87 -85.43
CA GLY Y 261 -14.60 -84.83 -84.55
C GLY Y 261 -14.50 -83.48 -85.23
N PRO Y 262 -14.48 -82.40 -84.44
CA PRO Y 262 -14.67 -82.40 -82.98
C PRO Y 262 -16.07 -82.84 -82.54
N LEU Y 263 -16.14 -83.49 -81.37
CA LEU Y 263 -17.41 -84.03 -80.91
C LEU Y 263 -18.39 -82.93 -80.57
N GLY Y 264 -17.98 -81.96 -79.76
CA GLY Y 264 -18.88 -80.93 -79.29
C GLY Y 264 -18.19 -79.58 -79.33
N SER Y 265 -18.98 -78.55 -79.07
CA SER Y 265 -18.52 -77.16 -79.12
C SER Y 265 -18.40 -76.67 -77.68
N GLY Y 266 -17.25 -76.94 -77.06
CA GLY Y 266 -16.98 -76.52 -75.70
C GLY Y 266 -17.98 -77.02 -74.69
N SER Y 267 -18.42 -78.27 -74.84
CA SER Y 267 -19.40 -78.87 -73.95
C SER Y 267 -18.87 -80.22 -73.45
N THR Y 268 -19.52 -80.73 -72.40
CA THR Y 268 -19.02 -81.91 -71.71
C THR Y 268 -19.06 -83.14 -72.59
N VAL Y 269 -18.16 -84.07 -72.32
CA VAL Y 269 -18.11 -85.37 -72.99
C VAL Y 269 -18.02 -86.44 -71.93
N THR Y 270 -18.92 -87.42 -71.99
CA THR Y 270 -18.98 -88.49 -71.00
C THR Y 270 -18.45 -89.78 -71.63
N PHE Y 271 -17.15 -89.99 -71.51
CA PHE Y 271 -16.56 -91.28 -71.88
C PHE Y 271 -17.07 -92.35 -70.93
N SER Y 272 -17.39 -93.52 -71.48
CA SER Y 272 -17.87 -94.64 -70.68
C SER Y 272 -17.13 -95.90 -71.10
N PHE Y 273 -17.12 -96.89 -70.20
CA PHE Y 273 -16.21 -98.02 -70.36
C PHE Y 273 -16.64 -99.15 -69.45
N PHE Y 274 -16.89 -100.33 -70.02
CA PHE Y 274 -17.04 -101.56 -69.26
C PHE Y 274 -15.74 -102.34 -69.33
N ALA Y 275 -15.47 -103.14 -68.30
CA ALA Y 275 -14.19 -103.81 -68.24
C ALA Y 275 -14.27 -105.05 -67.37
N LYS Y 276 -13.34 -105.97 -67.61
CA LYS Y 276 -13.17 -107.17 -66.81
C LYS Y 276 -11.68 -107.39 -66.57
N ALA Y 277 -11.35 -107.95 -65.42
CA ALA Y 277 -9.96 -108.13 -65.04
C ALA Y 277 -9.28 -109.16 -65.95
N GLY Y 278 -7.97 -109.00 -66.12
CA GLY Y 278 -7.14 -109.92 -66.86
C GLY Y 278 -5.92 -110.30 -66.05
N SER Y 279 -4.74 -110.15 -66.67
CA SER Y 279 -3.49 -110.35 -65.95
C SER Y 279 -3.18 -109.15 -65.06
N THR Y 280 -3.51 -107.95 -65.52
CA THR Y 280 -3.22 -106.73 -64.77
C THR Y 280 -4.27 -106.51 -63.69
N ARG Y 281 -4.25 -105.31 -63.09
CA ARG Y 281 -5.25 -104.92 -62.11
C ARG Y 281 -5.76 -103.51 -62.31
N PHE Y 282 -5.28 -102.78 -63.32
CA PHE Y 282 -5.60 -101.38 -63.51
C PHE Y 282 -5.81 -101.09 -64.98
N ILE Y 283 -6.57 -100.02 -65.25
CA ILE Y 283 -6.90 -99.60 -66.61
C ILE Y 283 -6.72 -98.09 -66.70
N ALA Y 284 -6.08 -97.64 -67.77
CA ALA Y 284 -5.79 -96.23 -67.98
C ALA Y 284 -6.53 -95.74 -69.22
N ILE Y 285 -7.26 -94.64 -69.07
CA ILE Y 285 -8.04 -94.04 -70.15
C ILE Y 285 -7.55 -92.62 -70.37
N GLN Y 286 -7.47 -92.21 -71.62
CA GLN Y 286 -7.03 -90.87 -71.99
C GLN Y 286 -8.04 -90.25 -72.94
N SER Y 287 -8.39 -89.00 -72.69
CA SER Y 287 -9.36 -88.28 -73.50
C SER Y 287 -8.64 -87.15 -74.23
N ALA Y 288 -8.26 -87.39 -75.48
CA ALA Y 288 -7.42 -86.48 -76.22
C ALA Y 288 -8.18 -85.20 -76.58
N ALA Y 289 -7.42 -84.19 -76.98
CA ALA Y 289 -7.95 -82.90 -77.39
C ALA Y 289 -6.84 -82.18 -78.14
N ASP Y 290 -7.02 -80.88 -78.37
CA ASP Y 290 -5.99 -80.08 -79.01
C ASP Y 290 -4.67 -80.23 -78.28
N PHE Y 291 -3.57 -80.13 -79.01
CA PHE Y 291 -2.25 -80.35 -78.46
C PHE Y 291 -1.63 -79.02 -78.03
N PRO Y 292 -1.37 -78.81 -76.73
CA PRO Y 292 -1.72 -79.67 -75.60
C PRO Y 292 -2.96 -79.23 -74.81
N SER Y 293 -4.00 -80.06 -74.78
CA SER Y 293 -5.15 -79.81 -73.91
C SER Y 293 -5.76 -81.09 -73.35
N ARG Y 294 -5.05 -82.22 -73.42
CA ARG Y 294 -5.59 -83.54 -73.15
C ARG Y 294 -5.65 -83.86 -71.66
N ALA Y 295 -6.46 -84.87 -71.33
CA ALA Y 295 -6.62 -85.34 -69.97
C ALA Y 295 -6.71 -86.87 -69.97
N ASP Y 296 -6.53 -87.47 -68.79
CA ASP Y 296 -6.51 -88.91 -68.69
C ASP Y 296 -6.85 -89.33 -67.26
N ALA Y 297 -7.00 -90.63 -67.06
CA ALA Y 297 -7.30 -91.19 -65.75
C ALA Y 297 -6.86 -92.64 -65.70
N VAL Y 298 -6.78 -93.18 -64.49
CA VAL Y 298 -6.42 -94.57 -64.25
C VAL Y 298 -7.34 -95.13 -63.18
N PHE Y 299 -7.81 -96.37 -63.38
CA PHE Y 299 -8.83 -96.97 -62.53
C PHE Y 299 -8.25 -98.19 -61.80
N ASP Y 300 -8.68 -98.39 -60.56
CA ASP Y 300 -8.36 -99.57 -59.77
C ASP Y 300 -9.55 -100.52 -59.79
N LEU Y 301 -9.33 -101.75 -60.24
CA LEU Y 301 -10.46 -102.65 -60.53
C LEU Y 301 -10.82 -103.50 -59.31
N ASP Y 302 -9.82 -103.87 -58.51
CA ASP Y 302 -10.10 -104.70 -57.34
C ASP Y 302 -10.90 -103.95 -56.29
N SER Y 303 -10.53 -102.69 -56.04
CA SER Y 303 -11.15 -101.91 -54.97
C SER Y 303 -12.04 -100.78 -55.47
N GLY Y 304 -11.77 -100.24 -56.66
CA GLY Y 304 -12.66 -99.23 -57.23
C GLY Y 304 -12.36 -97.79 -56.88
N ASN Y 305 -11.17 -97.31 -57.23
CA ASN Y 305 -10.79 -95.92 -57.01
C ASN Y 305 -10.24 -95.33 -58.30
N VAL Y 306 -10.67 -94.10 -58.62
CA VAL Y 306 -10.16 -93.38 -59.78
C VAL Y 306 -8.93 -92.60 -59.30
N ILE Y 307 -7.78 -93.27 -59.30
CA ILE Y 307 -6.60 -92.71 -58.63
C ILE Y 307 -6.02 -91.55 -59.42
N SER Y 308 -5.52 -91.82 -60.61
CA SER Y 308 -4.76 -90.83 -61.35
C SER Y 308 -5.68 -89.95 -62.18
N ASP Y 309 -5.31 -88.67 -62.28
CA ASP Y 309 -6.03 -87.68 -63.06
C ASP Y 309 -5.07 -86.55 -63.41
N GLN Y 310 -5.23 -85.93 -64.57
CA GLN Y 310 -4.27 -84.91 -65.01
C GLN Y 310 -4.99 -83.71 -65.60
N MET Y 311 -4.55 -82.53 -65.17
CA MET Y 311 -4.98 -81.24 -65.71
C MET Y 311 -3.85 -80.64 -66.54
N LEU Y 312 -4.00 -80.74 -67.85
CA LEU Y 312 -3.29 -79.89 -68.79
C LEU Y 312 -4.19 -78.72 -69.21
N ASP Y 313 -5.48 -78.98 -69.28
CA ASP Y 313 -6.54 -77.98 -69.40
C ASP Y 313 -7.41 -78.03 -68.14
N SER Y 314 -8.54 -77.32 -68.17
CA SER Y 314 -9.50 -77.34 -67.08
C SER Y 314 -10.55 -78.42 -67.23
N SER Y 315 -10.23 -79.50 -67.95
CA SER Y 315 -11.24 -80.39 -68.49
C SER Y 315 -12.07 -81.08 -67.40
N VAL Y 316 -11.45 -82.00 -66.66
CA VAL Y 316 -12.23 -82.95 -65.87
C VAL Y 316 -12.94 -82.24 -64.73
N VAL Y 317 -14.21 -82.57 -64.54
CA VAL Y 317 -15.00 -82.07 -63.41
C VAL Y 317 -15.41 -83.25 -62.53
N SER Y 318 -15.71 -84.39 -63.14
CA SER Y 318 -16.13 -85.56 -62.38
C SER Y 318 -15.64 -86.82 -63.08
N ALA Y 319 -15.23 -87.80 -62.27
CA ALA Y 319 -14.82 -89.12 -62.76
C ALA Y 319 -15.10 -90.14 -61.66
N ARG Y 320 -15.96 -91.10 -61.96
CA ARG Y 320 -16.47 -92.04 -60.96
C ARG Y 320 -16.43 -93.43 -61.55
N MET Y 321 -16.36 -94.43 -60.66
CA MET Y 321 -16.30 -95.83 -61.06
C MET Y 321 -17.46 -96.58 -60.41
N ILE Y 322 -18.25 -97.28 -61.22
CA ILE Y 322 -19.54 -97.80 -60.83
C ILE Y 322 -19.44 -99.30 -60.56
N ARG Y 323 -20.06 -99.73 -59.46
CA ARG Y 323 -20.00 -101.14 -59.06
C ARG Y 323 -20.91 -101.99 -59.93
N LEU Y 324 -20.35 -103.09 -60.44
CA LEU Y 324 -21.09 -104.11 -61.18
C LEU Y 324 -20.90 -105.45 -60.50
N GLU Y 325 -21.37 -106.51 -61.14
CA GLU Y 325 -21.48 -107.83 -60.52
C GLU Y 325 -20.53 -108.82 -61.18
N ASN Y 326 -19.90 -109.67 -60.37
CA ASN Y 326 -18.91 -110.65 -60.81
C ASN Y 326 -17.71 -110.01 -61.50
N GLY Y 327 -17.09 -109.03 -60.84
CA GLY Y 327 -15.81 -108.52 -61.27
C GLY Y 327 -15.84 -107.53 -62.42
N TRP Y 328 -17.02 -107.12 -62.87
CA TRP Y 328 -17.08 -106.05 -63.84
C TRP Y 328 -17.23 -104.70 -63.14
N TRP Y 329 -16.95 -103.64 -63.89
CA TRP Y 329 -17.02 -102.28 -63.38
C TRP Y 329 -17.32 -101.36 -64.55
N ARG Y 330 -17.86 -100.19 -64.24
CA ARG Y 330 -18.14 -99.16 -65.23
C ARG Y 330 -17.25 -97.96 -64.96
N CYS Y 331 -16.59 -97.48 -66.00
CA CYS Y 331 -15.66 -96.36 -65.90
C CYS Y 331 -16.21 -95.19 -66.69
N VAL Y 332 -16.32 -94.03 -66.05
CA VAL Y 332 -16.81 -92.81 -66.69
C VAL Y 332 -15.80 -91.70 -66.47
N LEU Y 333 -15.88 -90.69 -67.33
CA LEU Y 333 -14.92 -89.59 -67.30
C LEU Y 333 -15.57 -88.38 -67.96
N THR Y 334 -15.99 -87.42 -67.16
CA THR Y 334 -16.67 -86.21 -67.64
C THR Y 334 -15.70 -85.04 -67.62
N THR Y 335 -15.57 -84.37 -68.76
CA THR Y 335 -14.66 -83.23 -68.89
C THR Y 335 -15.45 -81.98 -69.21
N LYS Y 336 -14.80 -80.83 -69.06
CA LYS Y 336 -15.40 -79.56 -69.44
C LYS Y 336 -14.24 -78.61 -69.82
N THR Y 337 -13.96 -78.55 -71.12
CA THR Y 337 -12.86 -77.76 -71.63
C THR Y 337 -13.38 -76.46 -72.23
N VAL Y 338 -12.59 -75.40 -72.08
CA VAL Y 338 -12.98 -74.10 -72.64
C VAL Y 338 -12.93 -74.13 -74.16
N SER Y 339 -11.94 -74.82 -74.73
CA SER Y 339 -11.86 -74.99 -76.16
C SER Y 339 -12.90 -76.02 -76.62
N SER Y 340 -12.83 -76.38 -77.90
CA SER Y 340 -13.75 -77.36 -78.47
C SER Y 340 -13.04 -78.36 -79.38
N SER Y 341 -11.71 -78.26 -79.51
CA SER Y 341 -10.95 -79.11 -80.43
C SER Y 341 -10.76 -80.49 -79.80
N PHE Y 342 -11.77 -81.32 -79.98
CA PHE Y 342 -11.67 -82.72 -79.59
C PHE Y 342 -11.12 -83.52 -80.76
N ARG Y 343 -10.18 -84.42 -80.49
CA ARG Y 343 -9.57 -85.21 -81.57
C ARG Y 343 -9.84 -86.70 -81.44
N ALA Y 344 -9.54 -87.29 -80.28
CA ALA Y 344 -9.62 -88.74 -80.13
C ALA Y 344 -9.76 -89.07 -78.65
N ALA Y 345 -9.63 -90.36 -78.33
CA ALA Y 345 -9.66 -90.80 -76.94
C ALA Y 345 -8.95 -92.14 -76.84
N TYR Y 346 -7.73 -92.14 -76.30
CA TYR Y 346 -6.89 -93.33 -76.28
C TYR Y 346 -7.23 -94.20 -75.07
N VAL Y 347 -6.94 -95.50 -75.18
CA VAL Y 347 -7.11 -96.46 -74.10
C VAL Y 347 -5.93 -97.43 -74.15
N ALA Y 348 -5.39 -97.77 -72.98
CA ALA Y 348 -4.28 -98.70 -72.87
C ALA Y 348 -4.26 -99.27 -71.46
N PRO Y 349 -3.69 -100.46 -71.26
CA PRO Y 349 -3.63 -101.03 -69.91
C PRO Y 349 -2.60 -100.31 -69.06
N ALA Y 350 -2.64 -100.57 -67.76
CA ALA Y 350 -1.77 -99.92 -66.80
C ALA Y 350 -0.94 -100.96 -66.04
N GLU Y 351 0.35 -100.65 -65.87
CA GLU Y 351 1.21 -101.50 -65.06
C GLU Y 351 0.84 -101.40 -63.58
N THR Y 352 0.68 -100.17 -63.07
CA THR Y 352 0.29 -99.93 -61.69
C THR Y 352 -0.80 -98.87 -61.66
N ASN Y 353 -1.37 -98.62 -60.48
CA ASN Y 353 -2.47 -97.67 -60.38
C ASN Y 353 -2.00 -96.25 -60.66
N PHE Y 354 -0.72 -95.96 -60.42
CA PHE Y 354 -0.15 -94.68 -60.78
C PHE Y 354 0.43 -94.67 -62.19
N SER Y 355 0.42 -95.80 -62.88
CA SER Y 355 1.02 -95.85 -64.20
C SER Y 355 0.16 -95.12 -65.22
N TRP Y 356 0.83 -94.49 -66.18
CA TRP Y 356 0.19 -93.75 -67.26
C TRP Y 356 0.14 -94.61 -68.50
N ILE Y 357 -0.65 -94.17 -69.48
CA ILE Y 357 -0.70 -94.88 -70.76
C ILE Y 357 0.68 -94.86 -71.42
N ASP Y 358 1.33 -93.70 -71.44
CA ASP Y 358 2.62 -93.56 -72.11
C ASP Y 358 3.77 -94.16 -71.29
N SER Y 359 3.52 -94.59 -70.07
CA SER Y 359 4.56 -95.22 -69.27
C SER Y 359 4.93 -96.59 -69.85
N ASN Y 360 6.23 -96.84 -69.95
CA ASN Y 360 6.72 -98.11 -70.45
C ASN Y 360 6.43 -99.22 -69.45
N SER Y 361 6.44 -100.45 -69.94
CA SER Y 361 6.18 -101.62 -69.11
C SER Y 361 7.49 -102.32 -68.77
N SER Y 362 7.37 -103.36 -67.95
CA SER Y 362 8.47 -104.26 -67.65
C SER Y 362 8.15 -105.72 -67.94
N ALA Y 363 6.88 -106.04 -68.21
CA ALA Y 363 6.44 -107.41 -68.46
C ALA Y 363 5.25 -107.36 -69.40
N ALA Y 364 4.49 -108.45 -69.44
CA ALA Y 364 3.28 -108.54 -70.25
C ALA Y 364 2.06 -108.61 -69.34
N ILE Y 365 1.03 -107.83 -69.66
CA ILE Y 365 -0.21 -107.79 -68.89
C ILE Y 365 -1.38 -107.88 -69.84
N ASP Y 366 -2.51 -108.38 -69.32
CA ASP Y 366 -3.70 -108.64 -70.12
C ASP Y 366 -4.92 -108.08 -69.39
N VAL Y 367 -5.93 -107.68 -70.17
CA VAL Y 367 -7.14 -107.09 -69.60
C VAL Y 367 -8.28 -107.30 -70.59
N LEU Y 368 -9.52 -107.29 -70.07
CA LEU Y 368 -10.72 -107.52 -70.86
C LEU Y 368 -11.56 -106.26 -70.92
N ILE Y 369 -12.20 -106.04 -72.06
CA ILE Y 369 -12.92 -104.80 -72.36
C ILE Y 369 -14.28 -105.13 -72.94
N TRP Y 370 -15.27 -104.32 -72.62
CA TRP Y 370 -16.57 -104.37 -73.28
C TRP Y 370 -17.23 -103.01 -73.15
N GLY Y 371 -18.33 -102.81 -73.87
CA GLY Y 371 -19.19 -101.66 -73.66
C GLY Y 371 -18.54 -100.30 -73.78
N ALA Y 372 -18.14 -99.91 -74.99
CA ALA Y 372 -17.56 -98.60 -75.21
C ALA Y 372 -18.59 -97.66 -75.83
N GLN Y 373 -18.67 -96.45 -75.27
CA GLN Y 373 -19.63 -95.46 -75.75
C GLN Y 373 -19.16 -94.08 -75.33
N ILE Y 374 -19.56 -93.08 -76.12
CA ILE Y 374 -19.21 -91.68 -75.87
C ILE Y 374 -20.45 -90.82 -76.08
N GLU Y 375 -20.74 -89.96 -75.11
CA GLU Y 375 -21.94 -89.14 -75.18
C GLU Y 375 -21.63 -87.70 -74.78
N LEU Y 376 -22.45 -86.79 -75.30
CA LEU Y 376 -22.40 -85.38 -74.91
C LEU Y 376 -23.40 -85.18 -73.79
N GLY Y 377 -22.98 -85.51 -72.57
CA GLY Y 377 -23.83 -85.40 -71.40
C GLY Y 377 -23.05 -85.15 -70.12
N ASP Y 378 -23.66 -85.46 -68.97
CA ASP Y 378 -23.00 -85.29 -67.69
C ASP Y 378 -23.27 -86.42 -66.70
N THR Y 379 -24.09 -87.41 -67.06
CA THR Y 379 -24.45 -88.48 -66.14
C THR Y 379 -24.43 -89.81 -66.88
N PRO Y 380 -24.15 -90.92 -66.21
CA PRO Y 380 -24.26 -92.23 -66.87
C PRO Y 380 -25.72 -92.56 -67.18
N THR Y 381 -25.89 -93.33 -68.25
CA THR Y 381 -27.21 -93.77 -68.70
C THR Y 381 -27.10 -95.25 -69.07
N GLY Y 382 -28.15 -95.76 -69.71
CA GLY Y 382 -28.10 -97.10 -70.24
C GLY Y 382 -27.17 -97.21 -71.45
N TYR Y 383 -26.88 -98.45 -71.83
CA TYR Y 383 -25.96 -98.70 -72.93
C TYR Y 383 -26.71 -99.26 -74.14
N LEU Y 384 -26.29 -98.84 -75.32
CA LEU Y 384 -26.86 -99.31 -76.57
C LEU Y 384 -25.72 -99.66 -77.53
N LYS Y 385 -25.90 -100.73 -78.29
CA LYS Y 385 -24.85 -101.22 -79.17
C LYS Y 385 -24.76 -100.37 -80.42
N THR Y 386 -23.54 -100.20 -80.92
CA THR Y 386 -23.27 -99.44 -82.14
C THR Y 386 -22.30 -100.21 -83.01
N THR Y 387 -22.50 -100.12 -84.33
CA THR Y 387 -21.62 -100.80 -85.30
C THR Y 387 -21.45 -99.90 -86.52
N GLY Y 388 -20.33 -99.17 -86.55
CA GLY Y 388 -19.97 -98.39 -87.72
C GLY Y 388 -20.73 -97.10 -87.92
N ALA Y 389 -21.69 -96.78 -87.06
CA ALA Y 389 -22.45 -95.55 -87.17
C ALA Y 389 -22.97 -95.16 -85.80
N PRO Y 390 -23.13 -93.86 -85.55
CA PRO Y 390 -23.77 -93.42 -84.31
C PRO Y 390 -25.24 -93.83 -84.29
N VAL Y 391 -25.72 -94.12 -83.09
CA VAL Y 391 -27.08 -94.63 -82.88
C VAL Y 391 -27.83 -93.64 -82.01
N THR Y 392 -29.04 -93.27 -82.44
CA THR Y 392 -29.89 -92.31 -81.74
C THR Y 392 -31.27 -92.95 -81.55
N ILE Y 393 -31.68 -93.14 -80.30
CA ILE Y 393 -32.94 -93.80 -79.97
C ILE Y 393 -33.63 -93.04 -78.84
N THR Y 394 -34.95 -92.98 -78.90
CA THR Y 394 -35.78 -92.43 -77.83
C THR Y 394 -36.70 -93.52 -77.30
N ASP Y 395 -36.61 -93.82 -76.00
CA ASP Y 395 -37.27 -95.02 -75.50
C ASP Y 395 -38.53 -94.74 -74.68
N TYR Y 396 -38.54 -93.74 -73.82
CA TYR Y 396 -39.73 -93.46 -73.02
C TYR Y 396 -40.31 -92.09 -73.40
N VAL Y 397 -41.63 -92.00 -73.31
CA VAL Y 397 -42.36 -90.81 -73.72
C VAL Y 397 -43.53 -90.59 -72.76
N LEU Y 398 -43.84 -89.32 -72.52
CA LEU Y 398 -44.95 -88.97 -71.66
C LEU Y 398 -46.25 -88.96 -72.45
N GLN Y 399 -47.29 -89.58 -71.89
CA GLN Y 399 -48.60 -89.62 -72.55
C GLN Y 399 -49.57 -88.61 -71.94
N ASN Y 400 -49.50 -88.42 -70.62
CA ASN Y 400 -50.25 -87.35 -69.97
C ASN Y 400 -49.60 -87.01 -68.64
N ALA Y 401 -49.64 -85.72 -68.30
CA ALA Y 401 -49.15 -85.24 -67.02
C ALA Y 401 -50.25 -84.83 -66.08
N GLN Y 402 -51.38 -84.33 -66.61
CA GLN Y 402 -52.51 -83.99 -65.77
C GLN Y 402 -53.09 -85.23 -65.09
N THR Y 403 -53.23 -86.32 -65.85
CA THR Y 403 -53.83 -87.54 -65.34
C THR Y 403 -52.82 -88.55 -64.81
N GLY Y 404 -51.53 -88.32 -65.00
CA GLY Y 404 -50.53 -89.18 -64.42
C GLY Y 404 -50.31 -90.51 -65.11
N THR Y 405 -50.49 -90.58 -66.42
CA THR Y 405 -50.23 -91.78 -67.19
C THR Y 405 -49.03 -91.55 -68.09
N VAL Y 406 -48.00 -92.38 -67.95
CA VAL Y 406 -46.84 -92.34 -68.81
C VAL Y 406 -46.73 -93.67 -69.53
N LYS Y 407 -46.46 -93.61 -70.83
CA LYS Y 407 -46.51 -94.79 -71.67
C LYS Y 407 -45.16 -95.01 -72.35
N PHE Y 408 -44.60 -96.19 -72.17
CA PHE Y 408 -43.35 -96.58 -72.81
C PHE Y 408 -43.57 -96.77 -74.30
N THR Y 409 -42.50 -96.55 -75.07
CA THR Y 409 -42.59 -96.74 -76.52
C THR Y 409 -42.41 -98.20 -76.91
N GLN Y 410 -41.25 -98.77 -76.60
CA GLN Y 410 -40.98 -100.16 -76.91
C GLN Y 410 -41.40 -101.07 -75.76
N PRO Y 411 -41.82 -102.29 -76.07
CA PRO Y 411 -42.19 -103.24 -75.01
C PRO Y 411 -40.99 -103.61 -74.14
N LEU Y 412 -41.26 -104.04 -72.91
CA LEU Y 412 -40.22 -104.22 -71.91
C LEU Y 412 -39.97 -105.71 -71.65
N PRO Y 413 -38.73 -106.15 -71.58
CA PRO Y 413 -38.45 -107.55 -71.27
C PRO Y 413 -38.83 -107.90 -69.83
N THR Y 414 -38.91 -109.20 -69.58
CA THR Y 414 -39.26 -109.69 -68.25
C THR Y 414 -38.16 -109.37 -67.24
N GLY Y 415 -38.57 -109.21 -65.99
CA GLY Y 415 -37.63 -109.00 -64.91
C GLY Y 415 -36.97 -107.65 -64.86
N VAL Y 416 -37.56 -106.65 -65.51
CA VAL Y 416 -37.02 -105.29 -65.56
C VAL Y 416 -37.96 -104.39 -64.78
N GLU Y 417 -37.41 -103.67 -63.80
CA GLU Y 417 -38.18 -102.78 -62.96
C GLU Y 417 -37.74 -101.35 -63.20
N ALA Y 418 -38.70 -100.43 -63.10
CA ALA Y 418 -38.46 -99.01 -63.32
C ALA Y 418 -38.99 -98.20 -62.15
N TYR Y 419 -38.41 -97.03 -61.97
CA TYR Y 419 -38.74 -96.12 -60.87
C TYR Y 419 -38.96 -94.73 -61.43
N TRP Y 420 -39.45 -93.82 -60.57
CA TRP Y 420 -39.63 -92.45 -60.99
C TRP Y 420 -39.46 -91.52 -59.79
N THR Y 421 -39.11 -90.28 -60.08
CA THR Y 421 -38.88 -89.27 -59.06
C THR Y 421 -39.52 -87.96 -59.48
N GLY Y 422 -39.82 -87.11 -58.49
CA GLY Y 422 -40.47 -85.86 -58.76
C GLY Y 422 -41.63 -85.58 -57.82
N ASP Y 423 -42.59 -84.76 -58.26
CA ASP Y 423 -43.74 -84.38 -57.45
C ASP Y 423 -45.01 -84.59 -58.25
N TRP Y 424 -45.99 -85.26 -57.64
CA TRP Y 424 -47.21 -85.63 -58.34
C TRP Y 424 -48.37 -85.63 -57.36
N LYS Y 425 -49.46 -84.96 -57.74
CA LYS Y 425 -50.67 -84.83 -56.91
C LYS Y 425 -50.36 -84.13 -55.58
N GLY Y 426 -49.25 -83.41 -55.52
CA GLY Y 426 -48.82 -82.81 -54.28
C GLY Y 426 -47.79 -83.64 -53.54
N GLY Y 427 -47.91 -84.96 -53.63
CA GLY Y 427 -46.95 -85.83 -52.98
C GLY Y 427 -45.60 -85.83 -53.67
N THR Y 428 -44.57 -86.10 -52.88
CA THR Y 428 -43.19 -86.07 -53.36
C THR Y 428 -42.60 -87.46 -53.35
N ALA Y 429 -41.82 -87.77 -54.38
CA ALA Y 429 -41.19 -89.07 -54.57
C ALA Y 429 -39.71 -88.91 -54.86
N ALA Y 430 -39.04 -88.10 -54.02
CA ALA Y 430 -37.63 -87.78 -54.25
C ALA Y 430 -36.78 -89.04 -54.25
N GLU Y 431 -36.99 -89.93 -53.28
CA GLU Y 431 -36.38 -91.24 -53.34
C GLU Y 431 -37.02 -92.06 -54.46
N PRO Y 432 -36.25 -92.91 -55.13
CA PRO Y 432 -36.83 -93.71 -56.23
C PRO Y 432 -37.99 -94.57 -55.74
N ALA Y 433 -39.03 -94.64 -56.55
CA ALA Y 433 -40.25 -95.37 -56.21
C ALA Y 433 -40.70 -96.16 -57.42
N ARG Y 434 -40.94 -97.45 -57.22
CA ARG Y 434 -41.29 -98.33 -58.32
C ARG Y 434 -42.69 -98.03 -58.84
N PHE Y 435 -42.85 -98.08 -60.16
CA PHE Y 435 -44.15 -97.86 -60.79
C PHE Y 435 -44.48 -98.86 -61.89
N ALA Y 436 -43.52 -99.63 -62.39
CA ALA Y 436 -43.76 -100.57 -63.46
C ALA Y 436 -42.89 -101.81 -63.29
N VAL Y 437 -43.42 -102.95 -63.74
CA VAL Y 437 -42.68 -104.19 -63.86
C VAL Y 437 -43.00 -104.80 -65.21
N GLY Y 438 -42.07 -104.69 -66.15
CA GLY Y 438 -42.31 -105.16 -67.51
C GLY Y 438 -42.56 -106.65 -67.61
N ASN Y 439 -43.71 -107.03 -68.16
CA ASN Y 439 -44.11 -108.43 -68.23
C ASN Y 439 -43.66 -109.15 -69.47
N GLY Y 440 -43.07 -108.44 -70.44
CA GLY Y 440 -42.63 -109.06 -71.67
C GLY Y 440 -43.11 -108.33 -72.91
N THR Y 441 -44.33 -107.82 -72.87
CA THR Y 441 -44.89 -107.08 -74.01
C THR Y 441 -45.62 -105.80 -73.65
N GLN Y 442 -45.96 -105.56 -72.38
CA GLN Y 442 -46.75 -104.40 -72.04
C GLN Y 442 -45.90 -103.13 -72.02
N ASP Y 443 -46.33 -102.16 -72.82
CA ASP Y 443 -45.70 -100.85 -72.86
C ASP Y 443 -46.64 -99.70 -72.52
N THR Y 444 -47.77 -99.97 -71.89
CA THR Y 444 -48.65 -98.95 -71.35
C THR Y 444 -48.70 -99.10 -69.84
N PHE Y 445 -48.31 -98.04 -69.12
CA PHE Y 445 -48.12 -98.13 -67.68
C PHE Y 445 -48.68 -96.86 -67.03
N THR Y 446 -48.65 -96.82 -65.70
CA THR Y 446 -49.15 -95.67 -64.95
C THR Y 446 -48.23 -95.41 -63.76
N LEU Y 447 -48.31 -94.19 -63.25
CA LEU Y 447 -47.42 -93.76 -62.17
C LEU Y 447 -47.86 -94.34 -60.83
N SER Y 448 -46.96 -94.24 -59.86
CA SER Y 448 -47.21 -94.68 -58.49
C SER Y 448 -47.71 -93.50 -57.66
N ASP Y 449 -47.91 -93.71 -56.37
CA ASP Y 449 -48.43 -92.68 -55.48
C ASP Y 449 -47.39 -92.32 -54.43
N PRO Y 450 -46.96 -91.06 -54.37
CA PRO Y 450 -45.99 -90.65 -53.35
C PRO Y 450 -46.60 -90.58 -51.95
N ALA Y 451 -45.87 -90.01 -51.00
CA ALA Y 451 -46.36 -89.88 -49.63
C ALA Y 451 -47.66 -89.09 -49.54
N TYR Y 452 -47.96 -88.26 -50.55
CA TYR Y 452 -49.22 -87.55 -50.70
C TYR Y 452 -49.35 -86.41 -49.68
N ILE Y 453 -49.89 -85.29 -50.12
CA ILE Y 453 -49.95 -84.07 -49.32
C ILE Y 453 -51.29 -83.40 -49.57
N GLY Y 454 -51.86 -82.81 -48.51
CA GLY Y 454 -53.10 -82.08 -48.66
C GLY Y 454 -52.89 -80.70 -49.24
N LEU Y 455 -52.65 -80.65 -50.55
CA LEU Y 455 -52.23 -79.41 -51.21
C LEU Y 455 -53.19 -78.24 -51.03
N PRO Y 456 -54.52 -78.38 -51.20
CA PRO Y 456 -55.35 -77.16 -51.19
C PRO Y 456 -55.41 -76.46 -49.84
N THR Y 457 -55.83 -77.20 -48.81
CA THR Y 457 -56.18 -76.63 -47.52
C THR Y 457 -57.02 -75.37 -47.73
N SER Y 458 -58.17 -75.57 -48.38
CA SER Y 458 -58.97 -74.46 -48.86
C SER Y 458 -59.55 -73.66 -47.70
N GLY Y 459 -59.79 -72.38 -47.95
CA GLY Y 459 -60.30 -71.49 -46.93
C GLY Y 459 -59.28 -70.46 -46.51
N ALA Y 460 -59.52 -69.20 -46.87
CA ALA Y 460 -58.63 -68.13 -46.46
C ALA Y 460 -58.62 -68.00 -44.94
N PHE Y 461 -57.44 -67.64 -44.41
CA PHE Y 461 -57.26 -67.43 -42.97
C PHE Y 461 -57.53 -68.70 -42.18
N LYS Y 462 -57.16 -69.86 -42.73
CA LYS Y 462 -57.37 -71.13 -42.05
C LYS Y 462 -56.07 -71.92 -42.09
N LEU Y 463 -55.62 -72.36 -40.91
CA LEU Y 463 -54.31 -72.98 -40.78
C LEU Y 463 -54.38 -74.28 -39.99
N GLU Y 464 -53.50 -75.21 -40.33
CA GLU Y 464 -53.37 -76.50 -39.66
C GLU Y 464 -51.91 -76.90 -39.71
N TYR Y 465 -51.56 -77.97 -38.99
CA TYR Y 465 -50.24 -78.57 -39.05
C TYR Y 465 -50.38 -80.08 -39.21
N ARG Y 466 -49.28 -80.74 -39.53
CA ARG Y 466 -49.26 -82.19 -39.51
C ARG Y 466 -47.85 -82.67 -39.20
N VAL Y 467 -47.77 -83.80 -38.50
CA VAL Y 467 -46.51 -84.43 -38.16
C VAL Y 467 -46.64 -85.93 -38.39
N GLY Y 468 -45.50 -86.57 -38.59
CA GLY Y 468 -45.46 -88.00 -38.80
C GLY Y 468 -45.07 -88.77 -37.56
N PRO Y 469 -44.74 -90.04 -37.73
CA PRO Y 469 -44.34 -90.86 -36.57
C PRO Y 469 -42.85 -90.78 -36.28
N ALA Y 470 -42.06 -90.34 -37.26
CA ALA Y 470 -40.61 -90.32 -37.09
C ALA Y 470 -40.20 -89.41 -35.94
N LEU Y 471 -40.87 -88.27 -35.79
CA LEU Y 471 -40.62 -87.42 -34.65
C LEU Y 471 -41.05 -88.07 -33.35
N ASN Y 472 -41.99 -89.01 -33.41
CA ASN Y 472 -42.53 -89.70 -32.23
C ASN Y 472 -43.04 -88.71 -31.18
N LEU Y 473 -43.71 -87.65 -31.63
CA LEU Y 473 -44.23 -86.67 -30.71
C LEU Y 473 -45.37 -87.26 -29.90
N SER Y 474 -45.34 -87.02 -28.59
CA SER Y 474 -46.35 -87.58 -27.71
C SER Y 474 -47.66 -86.82 -27.84
N PRO Y 475 -48.78 -87.51 -28.01
CA PRO Y 475 -50.04 -86.82 -28.36
C PRO Y 475 -50.55 -85.87 -27.29
N GLN Y 476 -50.11 -85.99 -26.05
CA GLN Y 476 -50.59 -85.07 -25.02
C GLN Y 476 -50.20 -83.63 -25.33
N LEU Y 477 -48.99 -83.42 -25.87
CA LEU Y 477 -48.59 -82.10 -26.28
C LEU Y 477 -49.42 -81.60 -27.46
N ILE Y 478 -49.77 -82.50 -28.38
CA ILE Y 478 -50.66 -82.12 -29.48
C ILE Y 478 -51.99 -81.63 -28.95
N ASN Y 479 -52.51 -82.30 -27.92
CA ASN Y 479 -53.73 -81.83 -27.26
C ASN Y 479 -53.50 -80.49 -26.58
N LEU Y 480 -52.33 -80.30 -25.96
CA LEU Y 480 -52.08 -79.08 -25.20
C LEU Y 480 -52.00 -77.86 -26.10
N MET Y 481 -51.21 -77.93 -27.17
CA MET Y 481 -50.92 -76.72 -27.94
C MET Y 481 -52.07 -76.26 -28.82
N ASN Y 482 -53.17 -77.03 -28.89
CA ASN Y 482 -54.31 -76.61 -29.69
C ASN Y 482 -54.97 -75.37 -29.14
N ASP Y 483 -54.98 -75.21 -27.82
CA ASP Y 483 -55.64 -74.06 -27.22
C ASP Y 483 -54.87 -72.78 -27.52
N ARG Y 484 -55.54 -71.65 -27.28
CA ARG Y 484 -54.95 -70.35 -27.56
C ARG Y 484 -54.58 -69.58 -26.29
N ALA Y 485 -55.16 -69.94 -25.15
CA ALA Y 485 -54.95 -69.16 -23.93
C ALA Y 485 -53.51 -69.28 -23.44
N VAL Y 486 -52.85 -70.40 -23.75
CA VAL Y 486 -51.44 -70.53 -23.38
C VAL Y 486 -50.56 -69.63 -24.24
N GLY Y 487 -50.84 -69.55 -25.53
CA GLY Y 487 -50.09 -68.68 -26.43
C GLY Y 487 -48.67 -69.17 -26.65
N ILE Y 488 -48.54 -70.36 -27.22
CA ILE Y 488 -47.23 -70.97 -27.43
C ILE Y 488 -47.06 -71.41 -28.88
N MET Y 489 -47.95 -70.97 -29.75
CA MET Y 489 -47.85 -71.37 -31.15
C MET Y 489 -48.07 -70.13 -32.00
N PRO Y 490 -47.21 -69.87 -32.97
CA PRO Y 490 -47.33 -68.66 -33.79
C PRO Y 490 -48.67 -68.60 -34.52
N THR Y 491 -49.16 -67.37 -34.67
CA THR Y 491 -50.46 -67.13 -35.28
C THR Y 491 -50.46 -65.75 -35.90
N CYS Y 492 -51.46 -65.51 -36.76
CA CYS Y 492 -51.64 -64.24 -37.43
C CYS Y 492 -53.10 -63.82 -37.32
N ALA Y 493 -53.33 -62.51 -37.30
CA ALA Y 493 -54.68 -62.01 -37.12
C ALA Y 493 -55.57 -62.38 -38.30
N GLY Y 494 -56.85 -62.62 -38.02
CA GLY Y 494 -57.79 -63.11 -39.00
C GLY Y 494 -57.84 -64.61 -39.13
N CYS Y 495 -56.89 -65.33 -38.54
CA CYS Y 495 -56.69 -66.75 -38.82
C CYS Y 495 -57.04 -67.60 -37.61
N ASP Y 496 -57.42 -68.84 -37.89
CA ASP Y 496 -57.59 -69.88 -36.88
C ASP Y 496 -56.69 -71.05 -37.21
N VAL Y 497 -56.06 -71.63 -36.19
CA VAL Y 497 -54.98 -72.59 -36.39
C VAL Y 497 -55.39 -73.92 -35.77
N LYS Y 498 -55.14 -75.00 -36.50
CA LYS Y 498 -55.22 -76.37 -36.01
C LYS Y 498 -53.82 -76.95 -35.93
N VAL Y 499 -53.68 -78.03 -35.19
CA VAL Y 499 -52.39 -78.70 -35.02
C VAL Y 499 -52.32 -80.00 -35.81
N ILE Y 500 -53.43 -80.70 -35.95
CA ILE Y 500 -53.49 -81.87 -36.83
C ILE Y 500 -54.79 -81.86 -37.63
N LYS Z 1 -18.89 -40.86 18.87
CA LYS Z 1 -17.84 -41.22 19.81
C LYS Z 1 -17.15 -39.97 20.35
N ILE Z 2 -16.19 -40.17 21.25
CA ILE Z 2 -15.40 -39.10 21.83
C ILE Z 2 -13.93 -39.44 21.60
N PRO Z 3 -13.19 -38.68 20.78
CA PRO Z 3 -11.77 -38.97 20.62
C PRO Z 3 -11.00 -38.75 21.91
N LEU Z 4 -10.48 -39.84 22.47
CA LEU Z 4 -9.84 -39.84 23.78
C LEU Z 4 -8.41 -40.35 23.62
N THR Z 5 -7.61 -40.13 24.67
CA THR Z 5 -6.22 -40.53 24.68
C THR Z 5 -5.90 -41.11 26.06
N ALA Z 6 -4.75 -41.78 26.15
CA ALA Z 6 -4.38 -42.53 27.35
C ALA Z 6 -3.59 -41.61 28.29
N VAL Z 7 -4.32 -40.88 29.11
CA VAL Z 7 -3.72 -39.97 30.10
C VAL Z 7 -4.45 -40.16 31.43
N PRO Z 8 -3.73 -40.19 32.55
CA PRO Z 8 -4.41 -40.45 33.84
C PRO Z 8 -5.42 -39.39 34.24
N ASN Z 9 -5.37 -38.19 33.65
CA ASN Z 9 -6.29 -37.12 34.01
C ASN Z 9 -6.34 -36.13 32.86
N GLN Z 10 -7.52 -35.98 32.24
CA GLN Z 10 -7.65 -35.25 31.00
C GLN Z 10 -9.00 -34.56 30.94
N ALA Z 11 -9.21 -33.77 29.88
CA ALA Z 11 -10.45 -33.05 29.70
C ALA Z 11 -10.76 -32.93 28.20
N ILE Z 12 -12.04 -32.89 27.86
CA ILE Z 12 -12.51 -32.81 26.48
C ILE Z 12 -13.66 -31.80 26.43
N SER Z 13 -13.67 -31.00 25.37
CA SER Z 13 -14.77 -30.07 25.13
C SER Z 13 -15.12 -30.04 23.64
N PHE Z 14 -16.43 -30.05 23.35
CA PHE Z 14 -16.90 -30.19 21.98
C PHE Z 14 -18.33 -29.70 21.89
N ASN Z 15 -18.83 -29.59 20.67
CA ASN Z 15 -20.22 -29.20 20.38
C ASN Z 15 -20.97 -30.44 19.92
N ALA Z 16 -21.89 -30.93 20.77
CA ALA Z 16 -22.64 -32.14 20.48
C ALA Z 16 -24.12 -31.87 20.63
N GLY Z 17 -24.89 -32.31 19.63
CA GLY Z 17 -26.34 -32.18 19.67
C GLY Z 17 -26.83 -30.75 19.78
N SER Z 18 -26.24 -29.83 19.01
CA SER Z 18 -26.61 -28.42 19.04
C SER Z 18 -26.43 -27.83 20.44
N SER Z 19 -25.36 -28.24 21.11
CA SER Z 19 -25.03 -27.70 22.42
C SER Z 19 -23.56 -27.97 22.71
N TYR Z 20 -23.00 -27.17 23.62
CA TYR Z 20 -21.58 -27.23 23.95
C TYR Z 20 -21.39 -28.09 25.19
N TRP Z 21 -20.38 -28.95 25.17
CA TRP Z 21 -20.11 -29.89 26.23
C TRP Z 21 -18.66 -29.77 26.69
N LYS Z 22 -18.41 -30.18 27.94
CA LYS Z 22 -17.08 -30.16 28.51
C LYS Z 22 -16.95 -31.29 29.52
N ILE Z 23 -16.18 -32.31 29.18
CA ILE Z 23 -16.03 -33.50 30.02
C ILE Z 23 -14.62 -33.54 30.58
N ARG Z 24 -14.52 -33.71 31.90
CA ARG Z 24 -13.24 -33.80 32.59
C ARG Z 24 -13.11 -35.18 33.24
N LEU Z 25 -12.19 -35.98 32.72
CA LEU Z 25 -11.97 -37.34 33.22
C LEU Z 25 -10.71 -37.39 34.06
N TYR Z 26 -10.79 -37.99 35.24
CA TYR Z 26 -9.64 -38.10 36.11
C TYR Z 26 -9.69 -39.42 36.85
N GLN Z 27 -8.51 -39.94 37.19
CA GLN Z 27 -8.40 -41.15 37.99
C GLN Z 27 -8.57 -40.82 39.46
N ASN Z 28 -9.42 -41.58 40.14
CA ASN Z 28 -9.62 -41.42 41.56
C ASN Z 28 -9.46 -42.78 42.22
N MET Z 29 -8.36 -42.95 42.96
CA MET Z 29 -8.08 -44.23 43.62
C MET Z 29 -8.10 -45.36 42.61
N ASP Z 30 -9.22 -46.05 42.55
CA ASP Z 30 -9.40 -47.21 41.68
C ASP Z 30 -10.28 -46.91 40.47
N MET Z 31 -11.49 -46.42 40.68
CA MET Z 31 -12.43 -46.21 39.60
C MET Z 31 -12.09 -44.94 38.82
N MET Z 32 -12.59 -44.87 37.60
CA MET Z 32 -12.55 -43.62 36.85
C MET Z 32 -13.65 -42.68 37.35
N ASN Z 33 -13.40 -41.38 37.23
CA ASN Z 33 -14.39 -40.39 37.62
C ASN Z 33 -14.43 -39.29 36.55
N ALA Z 34 -15.61 -38.69 36.40
CA ALA Z 34 -15.82 -37.66 35.39
C ALA Z 34 -16.63 -36.52 35.98
N ASP Z 35 -16.47 -35.34 35.39
CA ASP Z 35 -17.25 -34.15 35.73
C ASP Z 35 -17.79 -33.56 34.45
N ILE Z 36 -19.10 -33.32 34.41
CA ILE Z 36 -19.80 -32.95 33.18
C ILE Z 36 -20.27 -31.50 33.28
N SER Z 37 -19.91 -30.69 32.29
CA SER Z 37 -20.37 -29.32 32.17
C SER Z 37 -21.03 -29.12 30.82
N ARG Z 38 -22.16 -28.44 30.79
CA ARG Z 38 -22.82 -28.09 29.53
C ARG Z 38 -23.05 -26.59 29.47
N ASP Z 39 -22.55 -25.97 28.40
CA ASP Z 39 -22.76 -24.55 28.13
C ASP Z 39 -22.30 -23.68 29.29
N GLY Z 40 -21.17 -24.06 29.88
CA GLY Z 40 -20.50 -23.24 30.88
C GLY Z 40 -20.99 -23.43 32.30
N VAL Z 41 -22.06 -24.19 32.53
CA VAL Z 41 -22.63 -24.36 33.85
C VAL Z 41 -22.64 -25.84 34.20
N ILE Z 42 -22.34 -26.16 35.45
CA ILE Z 42 -22.09 -27.54 35.82
C ILE Z 42 -23.40 -28.33 35.81
N VAL Z 43 -23.28 -29.64 35.61
CA VAL Z 43 -24.43 -30.54 35.59
C VAL Z 43 -24.33 -31.50 36.77
N CYS Z 44 -23.27 -32.31 36.80
CA CYS Z 44 -23.03 -33.17 37.94
C CYS Z 44 -21.53 -33.36 38.12
N HIS Z 45 -21.14 -33.74 39.33
CA HIS Z 45 -19.74 -33.82 39.72
C HIS Z 45 -19.41 -35.23 40.19
N GLY Z 46 -18.19 -35.65 39.89
CA GLY Z 46 -17.67 -36.90 40.43
C GLY Z 46 -18.51 -38.11 40.13
N VAL Z 47 -18.94 -38.24 38.87
CA VAL Z 47 -19.75 -39.39 38.48
C VAL Z 47 -18.84 -40.58 38.31
N ARG Z 48 -19.14 -41.67 39.03
CA ARG Z 48 -18.39 -42.90 38.86
C ARG Z 48 -18.62 -43.47 37.47
N CYS Z 49 -17.54 -43.86 36.81
CA CYS Z 49 -17.59 -44.32 35.43
C CYS Z 49 -17.67 -45.84 35.39
N PHE Z 50 -18.68 -46.35 34.71
CA PHE Z 50 -18.91 -47.79 34.63
C PHE Z 50 -19.38 -48.12 33.22
N GLY Z 51 -19.35 -49.42 32.92
CA GLY Z 51 -19.73 -49.88 31.60
C GLY Z 51 -21.23 -49.97 31.41
N GLY Z 52 -21.72 -49.43 30.29
CA GLY Z 52 -23.11 -49.52 29.94
C GLY Z 52 -24.00 -48.46 30.58
N ILE Z 53 -24.00 -48.38 31.90
CA ILE Z 53 -24.90 -47.47 32.60
C ILE Z 53 -24.49 -46.03 32.28
N PRO Z 54 -25.44 -45.15 32.00
CA PRO Z 54 -25.10 -43.80 31.51
C PRO Z 54 -24.50 -42.94 32.61
N LEU Z 55 -23.79 -41.89 32.17
CA LEU Z 55 -23.15 -40.98 33.11
C LEU Z 55 -24.14 -40.04 33.78
N LEU Z 56 -25.23 -39.69 33.10
CA LEU Z 56 -26.25 -38.80 33.64
C LEU Z 56 -27.42 -39.64 34.14
N GLN Z 57 -27.67 -39.57 35.45
CA GLN Z 57 -28.66 -40.41 36.11
C GLN Z 57 -30.02 -39.75 36.22
N TYR Z 58 -30.07 -38.42 36.10
CA TYR Z 58 -31.23 -37.66 36.53
C TYR Z 58 -31.94 -37.04 35.33
N SER Z 59 -33.28 -37.02 35.37
CA SER Z 59 -34.05 -36.57 34.21
C SER Z 59 -33.80 -35.10 33.89
N HIS Z 60 -33.81 -34.25 34.91
CA HIS Z 60 -33.62 -32.83 34.64
C HIS Z 60 -32.23 -32.51 34.14
N GLN Z 61 -31.30 -33.47 34.21
CA GLN Z 61 -29.98 -33.27 33.63
C GLN Z 61 -29.90 -33.76 32.20
N TYR Z 62 -30.05 -35.07 31.97
CA TYR Z 62 -29.65 -35.63 30.68
C TYR Z 62 -30.55 -35.11 29.57
N ARG Z 63 -31.85 -35.01 29.83
CA ARG Z 63 -32.67 -34.42 28.77
C ARG Z 63 -34.06 -33.96 29.23
N PRO Z 64 -34.42 -32.72 28.94
CA PRO Z 64 -35.75 -32.47 28.40
C PRO Z 64 -35.77 -33.01 26.97
N ASP Z 65 -34.71 -32.67 26.21
CA ASP Z 65 -34.55 -33.18 24.85
C ASP Z 65 -33.10 -33.47 24.47
N TYR Z 66 -32.13 -33.32 25.37
CA TYR Z 66 -30.73 -33.49 25.03
C TYR Z 66 -30.36 -34.98 25.02
N GLY Z 67 -29.06 -35.28 25.01
CA GLY Z 67 -28.60 -36.66 24.92
C GLY Z 67 -27.90 -37.19 26.15
N ASN Z 68 -26.96 -38.12 25.98
CA ASN Z 68 -26.25 -38.73 27.09
C ASN Z 68 -24.99 -39.41 26.55
N PHE Z 69 -24.14 -39.87 27.48
CA PHE Z 69 -22.88 -40.54 27.16
C PHE Z 69 -22.87 -41.91 27.82
N VAL Z 70 -22.31 -42.90 27.12
CA VAL Z 70 -22.26 -44.27 27.63
C VAL Z 70 -20.90 -44.89 27.31
N PHE Z 71 -20.30 -45.55 28.30
CA PHE Z 71 -19.11 -46.38 28.13
C PHE Z 71 -19.53 -47.82 27.86
N ASP Z 72 -18.79 -48.50 26.99
CA ASP Z 72 -19.10 -49.90 26.70
C ASP Z 72 -18.59 -50.82 27.81
N ARG Z 73 -17.56 -50.41 28.53
CA ARG Z 73 -16.96 -51.21 29.59
C ARG Z 73 -16.46 -50.30 30.71
N ASP Z 74 -15.93 -50.92 31.75
CA ASP Z 74 -15.27 -50.16 32.81
C ASP Z 74 -14.01 -49.50 32.25
N ALA Z 75 -13.90 -48.19 32.45
CA ALA Z 75 -12.84 -47.43 31.82
C ALA Z 75 -11.50 -47.66 32.53
N ASP Z 76 -10.42 -47.38 31.79
CA ASP Z 76 -9.07 -47.64 32.25
C ASP Z 76 -8.15 -46.76 31.42
N TRP Z 77 -7.49 -45.79 32.07
CA TRP Z 77 -6.78 -44.77 31.32
C TRP Z 77 -5.61 -45.33 30.53
N THR Z 78 -5.16 -46.55 30.83
CA THR Z 78 -4.11 -47.16 30.03
C THR Z 78 -4.62 -47.84 28.78
N LEU Z 79 -5.93 -47.85 28.55
CA LEU Z 79 -6.53 -48.53 27.41
C LEU Z 79 -7.23 -47.60 26.45
N PHE Z 80 -7.35 -46.32 26.77
CA PHE Z 80 -8.17 -45.42 25.96
C PHE Z 80 -7.68 -45.32 24.53
N GLY Z 81 -8.62 -45.30 23.60
CA GLY Z 81 -8.32 -45.38 22.19
C GLY Z 81 -8.02 -46.78 21.70
N ASP Z 82 -7.92 -47.76 22.60
CA ASP Z 82 -7.45 -49.09 22.24
C ASP Z 82 -8.41 -50.10 22.88
N GLY Z 83 -9.51 -50.39 22.19
CA GLY Z 83 -10.46 -51.38 22.66
C GLY Z 83 -11.47 -50.88 23.67
N ILE Z 84 -11.37 -49.63 24.11
CA ILE Z 84 -12.34 -49.01 25.03
C ILE Z 84 -12.75 -47.68 24.42
N ASN Z 85 -14.06 -47.43 24.41
CA ASN Z 85 -14.62 -46.28 23.71
C ASN Z 85 -15.72 -45.63 24.53
N LEU Z 86 -15.97 -44.35 24.23
CA LEU Z 86 -17.07 -43.59 24.80
C LEU Z 86 -17.95 -43.09 23.67
N PHE Z 87 -19.26 -43.23 23.84
CA PHE Z 87 -20.21 -42.91 22.79
C PHE Z 87 -21.25 -41.92 23.30
N TYR Z 88 -21.60 -40.95 22.46
CA TYR Z 88 -22.67 -40.01 22.72
C TYR Z 88 -23.90 -40.42 21.94
N LEU Z 89 -25.06 -40.39 22.60
CA LEU Z 89 -26.31 -40.79 21.99
C LEU Z 89 -27.28 -39.62 22.03
N ASP Z 90 -27.98 -39.39 20.93
CA ASP Z 90 -28.95 -38.30 20.85
C ASP Z 90 -30.21 -38.68 21.64
N GLY Z 91 -31.22 -37.81 21.60
CA GLY Z 91 -32.40 -38.04 22.43
C GLY Z 91 -33.16 -39.29 22.07
N ALA Z 92 -33.41 -39.49 20.76
CA ALA Z 92 -34.23 -40.63 20.33
C ALA Z 92 -33.52 -41.95 20.58
N GLU Z 93 -32.25 -42.04 20.18
CA GLU Z 93 -31.50 -43.28 20.37
C GLU Z 93 -31.39 -43.62 21.84
N PHE Z 94 -31.11 -42.62 22.68
CA PHE Z 94 -30.95 -42.93 24.10
C PHE Z 94 -32.28 -43.27 24.75
N ALA Z 95 -33.38 -42.66 24.30
CA ALA Z 95 -34.68 -43.05 24.83
C ALA Z 95 -34.98 -44.50 24.48
N GLU Z 96 -34.71 -44.90 23.24
CA GLU Z 96 -34.88 -46.30 22.84
C GLU Z 96 -34.01 -47.20 23.70
N TYR Z 97 -32.73 -46.86 23.87
CA TYR Z 97 -31.83 -47.72 24.64
C TYR Z 97 -32.26 -47.82 26.09
N GLN Z 98 -32.73 -46.71 26.67
CA GLN Z 98 -33.20 -46.72 28.05
C GLN Z 98 -34.42 -47.64 28.20
N ALA Z 99 -35.36 -47.57 27.25
CA ALA Z 99 -36.50 -48.47 27.29
C ALA Z 99 -36.04 -49.92 27.17
N LEU Z 100 -35.07 -50.18 26.30
CA LEU Z 100 -34.48 -51.52 26.20
C LEU Z 100 -33.75 -51.96 27.47
N ALA Z 101 -33.27 -51.02 28.28
CA ALA Z 101 -32.48 -51.40 29.45
C ALA Z 101 -33.28 -52.23 30.43
N THR Z 102 -34.58 -52.00 30.51
CA THR Z 102 -35.46 -52.80 31.37
C THR Z 102 -35.69 -54.17 30.76
N SER AA 1 17.89 -13.21 53.70
CA SER AA 1 16.59 -13.27 53.04
C SER AA 1 16.03 -14.68 53.07
N THR AA 2 16.47 -15.46 54.06
CA THR AA 2 15.99 -16.82 54.27
C THR AA 2 15.81 -17.06 55.76
N SER AA 3 15.29 -18.23 56.11
CA SER AA 3 15.06 -18.59 57.50
C SER AA 3 14.74 -20.07 57.58
N THR AA 4 14.87 -20.63 58.78
CA THR AA 4 14.61 -22.04 59.02
C THR AA 4 14.56 -22.26 60.53
N ILE AA 5 14.23 -23.48 60.93
CA ILE AA 5 14.14 -23.86 62.34
C ILE AA 5 15.38 -24.66 62.71
N ARG AA 6 15.99 -24.33 63.84
CA ARG AA 6 17.25 -24.93 64.23
C ARG AA 6 17.08 -26.42 64.52
N THR AA 7 18.08 -27.20 64.09
CA THR AA 7 18.12 -28.63 64.35
C THR AA 7 19.53 -29.01 64.77
N GLY AA 8 19.64 -30.13 65.48
CA GLY AA 8 20.90 -30.58 66.01
C GLY AA 8 21.68 -31.42 65.02
N THR AA 9 22.72 -32.09 65.56
CA THR AA 9 23.53 -32.96 64.72
C THR AA 9 22.72 -34.14 64.22
N ASN AA 10 21.67 -34.51 64.95
CA ASN AA 10 20.60 -35.33 64.39
C ASN AA 10 19.43 -34.45 64.01
N ASN AA 11 18.87 -34.71 62.83
CA ASN AA 11 17.93 -33.78 62.20
C ASN AA 11 16.54 -33.86 62.83
N ASP AA 12 16.45 -33.24 64.01
CA ASP AA 12 15.18 -33.05 64.71
C ASP AA 12 15.16 -31.66 65.32
N ILE AA 13 13.96 -31.19 65.66
CA ILE AA 13 13.84 -29.83 66.18
C ILE AA 13 14.58 -29.71 67.49
N LEU AA 14 15.37 -28.65 67.62
CA LEU AA 14 16.16 -28.37 68.82
C LEU AA 14 15.56 -27.20 69.56
N LEU AA 15 15.51 -27.29 70.89
CA LEU AA 15 14.83 -26.32 71.72
C LEU AA 15 15.79 -25.68 72.71
N ASP AA 16 15.54 -24.41 73.02
CA ASP AA 16 16.37 -23.65 73.94
C ASP AA 16 16.02 -24.00 75.39
N ASP AA 17 16.75 -23.38 76.33
CA ASP AA 17 16.41 -23.53 77.74
C ASP AA 17 15.02 -22.96 78.02
N ASN AA 18 14.70 -21.82 77.39
CA ASN AA 18 13.34 -21.31 77.39
C ASN AA 18 12.36 -22.29 76.77
N GLY AA 19 12.77 -23.02 75.73
CA GLY AA 19 11.88 -23.95 75.06
C GLY AA 19 11.21 -23.39 73.83
N ASN AA 20 11.78 -22.33 73.24
CA ASN AA 20 11.21 -21.69 72.07
C ASN AA 20 11.85 -22.25 70.81
N MET AA 21 11.01 -22.53 69.82
CA MET AA 21 11.53 -22.74 68.48
C MET AA 21 12.04 -21.42 67.92
N VAL AA 22 13.20 -21.47 67.28
CA VAL AA 22 13.92 -20.27 66.88
C VAL AA 22 13.99 -20.19 65.36
N ILE AA 23 13.74 -19.01 64.83
CA ILE AA 23 13.84 -18.75 63.39
C ILE AA 23 15.18 -18.08 63.14
N LEU AA 24 16.08 -18.82 62.51
CA LEU AA 24 17.42 -18.31 62.25
C LEU AA 24 17.41 -17.37 61.04
N ARG AA 25 18.33 -16.41 61.04
CA ARG AA 25 18.52 -15.54 59.89
C ARG AA 25 19.50 -16.16 58.92
N ASP AA 26 19.98 -15.37 57.96
CA ASP AA 26 20.79 -15.86 56.85
C ASP AA 26 22.11 -16.46 57.28
N VAL AA 27 22.87 -17.00 56.33
CA VAL AA 27 24.19 -17.60 56.51
C VAL AA 27 24.10 -18.91 57.28
N GLU AA 28 23.85 -18.84 58.59
CA GLU AA 28 23.74 -20.07 59.37
C GLU AA 28 22.55 -20.90 58.92
N ALA AA 29 21.45 -20.25 58.54
CA ALA AA 29 20.36 -20.96 57.89
C ALA AA 29 20.82 -21.58 56.59
N CYS AA 30 21.65 -20.87 55.82
CA CYS AA 30 22.19 -21.44 54.59
C CYS AA 30 23.06 -22.66 54.87
N ALA AA 31 23.90 -22.60 55.90
CA ALA AA 31 24.75 -23.74 56.23
C ALA AA 31 23.93 -24.95 56.62
N GLN AA 32 22.95 -24.76 57.52
CA GLN AA 32 22.09 -25.86 57.90
C GLN AA 32 21.30 -26.40 56.72
N ASP AA 33 20.80 -25.51 55.86
CA ASP AA 33 20.01 -25.92 54.72
C ASP AA 33 20.83 -26.75 53.74
N VAL AA 34 22.07 -26.34 53.46
CA VAL AA 34 22.89 -27.12 52.53
C VAL AA 34 23.30 -28.44 53.16
N ARG AA 35 23.55 -28.46 54.47
CA ARG AA 35 23.88 -29.72 55.12
C ARG AA 35 22.73 -30.71 55.00
N ALA AA 36 21.49 -30.22 55.19
CA ALA AA 36 20.34 -31.10 55.00
C ALA AA 36 20.16 -31.49 53.55
N ALA AA 37 20.51 -30.60 52.62
CA ALA AA 37 20.32 -30.89 51.20
C ALA AA 37 21.25 -31.98 50.72
N MET AA 38 22.53 -31.92 51.10
CA MET AA 38 23.50 -32.90 50.63
C MET AA 38 23.25 -34.29 51.21
N LEU AA 39 22.42 -34.40 52.24
CA LEU AA 39 22.21 -35.65 52.97
C LEU AA 39 20.90 -36.32 52.64
N MET AA 40 20.37 -36.16 51.42
CA MET AA 40 18.97 -36.46 51.18
C MET AA 40 18.74 -37.70 50.32
N ARG AA 41 19.61 -37.99 49.35
CA ARG AA 41 19.54 -39.18 48.52
C ARG AA 41 18.42 -39.10 47.49
N THR AA 42 18.70 -39.55 46.27
CA THR AA 42 17.78 -39.41 45.15
C THR AA 42 16.67 -40.46 45.22
N GLY AA 43 15.52 -40.12 44.67
CA GLY AA 43 14.41 -41.04 44.59
C GLY AA 43 13.66 -41.22 45.90
N GLU AA 44 13.78 -40.27 46.82
CA GLU AA 44 13.08 -40.33 48.09
C GLU AA 44 12.12 -39.16 48.27
N ASN AA 45 12.35 -38.06 47.56
CA ASN AA 45 11.47 -36.90 47.63
C ASN AA 45 10.19 -37.22 46.86
N ILE AA 46 9.05 -37.08 47.53
CA ILE AA 46 7.77 -37.20 46.85
C ILE AA 46 7.41 -35.85 46.22
N PHE AA 47 6.73 -35.89 45.07
CA PHE AA 47 6.31 -34.76 44.24
C PHE AA 47 7.46 -34.16 43.43
N ASP AA 48 8.72 -34.52 43.71
CA ASP AA 48 9.88 -34.08 42.92
C ASP AA 48 10.85 -35.25 42.85
N VAL AA 49 10.71 -36.05 41.81
CA VAL AA 49 11.66 -37.14 41.54
C VAL AA 49 12.80 -36.56 40.71
N ASN AA 50 13.94 -37.27 40.72
CA ASN AA 50 15.18 -36.82 40.11
C ASN AA 50 15.81 -35.66 40.87
N SER AA 51 15.57 -35.58 42.17
CA SER AA 51 16.20 -34.59 43.03
C SER AA 51 16.86 -35.30 44.21
N GLY AA 52 18.14 -35.01 44.42
CA GLY AA 52 18.93 -35.63 45.45
C GLY AA 52 20.31 -35.95 44.95
N VAL AA 53 21.03 -36.77 45.70
CA VAL AA 53 22.39 -37.19 45.37
C VAL AA 53 22.37 -38.69 45.15
N GLY AA 54 22.91 -39.14 44.01
CA GLY AA 54 22.89 -40.54 43.68
C GLY AA 54 23.96 -41.36 44.38
N TYR AA 55 23.85 -41.50 45.70
CA TYR AA 55 24.85 -42.25 46.45
C TYR AA 55 24.91 -43.70 46.00
N PHE AA 56 23.75 -44.34 45.84
CA PHE AA 56 23.71 -45.75 45.51
C PHE AA 56 23.94 -46.01 44.03
N GLU AA 57 24.04 -44.95 43.21
CA GLU AA 57 24.21 -45.12 41.78
C GLU AA 57 25.50 -44.52 41.24
N TYR AA 58 26.23 -43.75 42.04
CA TYR AA 58 27.46 -43.13 41.56
C TYR AA 58 28.62 -43.20 42.55
N ILE AA 59 28.36 -43.34 43.84
CA ILE AA 59 29.44 -43.35 44.83
C ILE AA 59 29.60 -44.74 45.42
N PHE AA 60 28.50 -45.32 45.91
CA PHE AA 60 28.60 -46.62 46.56
C PHE AA 60 28.73 -47.75 45.54
N SER AA 61 28.12 -47.58 44.38
CA SER AA 61 28.31 -48.53 43.29
C SER AA 61 29.73 -48.45 42.75
N PRO AA 62 30.27 -49.54 42.21
CA PRO AA 62 31.60 -49.47 41.61
C PRO AA 62 31.57 -48.63 40.34
N GLN AA 63 32.26 -47.50 40.39
CA GLN AA 63 32.22 -46.53 39.30
C GLN AA 63 33.63 -46.31 38.77
N LYS AA 64 33.71 -45.99 37.48
CA LYS AA 64 34.99 -45.91 36.76
C LYS AA 64 35.61 -44.52 36.80
N SER AA 65 34.80 -43.47 36.68
CA SER AA 65 35.31 -42.11 36.44
C SER AA 65 35.25 -41.20 37.66
N TYR AA 66 34.18 -41.25 38.43
CA TYR AA 66 33.96 -40.49 39.66
C TYR AA 66 33.82 -38.99 39.41
N ASP AA 67 33.38 -38.56 38.23
CA ASP AA 67 32.99 -37.16 38.04
C ASP AA 67 31.49 -36.99 38.23
N ASP AA 68 30.73 -38.07 38.09
CA ASP AA 68 29.28 -38.00 38.31
C ASP AA 68 28.96 -37.62 39.74
N ALA AA 69 29.75 -38.12 40.69
CA ALA AA 69 29.56 -37.73 42.08
C ALA AA 69 29.76 -36.23 42.25
N ARG AA 70 30.80 -35.68 41.62
CA ARG AA 70 31.03 -34.24 41.68
C ARG AA 70 29.87 -33.46 41.09
N LYS AA 71 29.38 -33.89 39.93
CA LYS AA 71 28.27 -33.16 39.29
C LYS AA 71 27.01 -33.21 40.15
N SER AA 72 26.66 -34.40 40.64
CA SER AA 72 25.45 -34.54 41.44
C SER AA 72 25.54 -33.74 42.74
N ILE AA 73 26.68 -33.80 43.41
CA ILE AA 73 26.84 -33.06 44.66
C ILE AA 73 26.79 -31.57 44.40
N ALA AA 74 27.44 -31.10 43.33
CA ALA AA 74 27.40 -29.68 43.01
C ALA AA 74 25.97 -29.23 42.69
N ASP AA 75 25.20 -30.08 42.02
CA ASP AA 75 23.81 -29.75 41.74
C ASP AA 75 22.98 -29.67 43.02
N ALA AA 76 23.19 -30.60 43.95
CA ALA AA 76 22.42 -30.58 45.19
C ALA AA 76 22.81 -29.39 46.06
N ILE AA 77 24.08 -28.96 46.00
CA ILE AA 77 24.46 -27.74 46.69
C ILE AA 77 23.76 -26.54 46.06
N LEU AA 78 23.58 -26.57 44.75
CA LEU AA 78 22.70 -25.62 44.08
C LEU AA 78 21.26 -26.00 44.44
N SER AA 79 20.30 -25.35 43.79
CA SER AA 79 18.87 -25.48 44.06
C SER AA 79 18.47 -24.94 45.42
N SER AA 80 19.43 -24.48 46.22
CA SER AA 80 19.10 -23.79 47.46
C SER AA 80 18.70 -22.35 47.12
N PRO AA 81 17.91 -21.70 47.99
CA PRO AA 81 17.47 -20.33 47.66
C PRO AA 81 18.58 -19.32 47.45
N ASP AA 82 19.70 -19.42 48.17
CA ASP AA 82 20.65 -18.33 48.23
C ASP AA 82 22.00 -18.64 47.58
N VAL AA 83 22.29 -19.88 47.24
CA VAL AA 83 23.60 -20.22 46.69
C VAL AA 83 23.77 -19.58 45.33
N THR AA 84 24.91 -18.90 45.13
CA THR AA 84 25.25 -18.27 43.87
C THR AA 84 26.14 -19.17 43.02
N GLY AA 85 27.28 -19.59 43.58
CA GLY AA 85 28.20 -20.46 42.87
C GLY AA 85 29.02 -21.27 43.85
N ILE AA 86 29.70 -22.27 43.32
CA ILE AA 86 30.51 -23.19 44.13
C ILE AA 86 31.98 -22.90 43.88
N GLU AA 87 32.72 -22.64 44.96
CA GLU AA 87 34.11 -22.21 44.82
C GLU AA 87 35.05 -23.38 44.61
N GLN AA 88 34.85 -24.49 45.34
CA GLN AA 88 35.79 -25.59 45.28
C GLN AA 88 35.12 -26.91 45.65
N LEU AA 89 35.42 -27.94 44.85
CA LEU AA 89 35.13 -29.33 45.18
C LEU AA 89 36.39 -30.15 44.90
N ASP AA 90 36.83 -30.93 45.89
CA ASP AA 90 38.12 -31.60 45.82
C ASP AA 90 38.03 -33.09 45.58
N ILE AA 91 37.21 -33.81 46.34
CA ILE AA 91 37.07 -35.27 46.21
C ILE AA 91 38.42 -35.95 46.44
N ASP AA 92 38.74 -36.22 47.71
CA ASP AA 92 40.05 -36.76 48.06
C ASP AA 92 40.19 -38.23 47.70
N ILE AA 93 39.30 -39.08 48.24
CA ILE AA 93 39.34 -40.53 48.06
C ILE AA 93 40.67 -41.08 48.56
N THR AA 94 40.82 -41.14 49.87
CA THR AA 94 42.00 -41.71 50.51
C THR AA 94 41.55 -42.81 51.47
N GLY AA 95 42.28 -43.91 51.48
CA GLY AA 95 41.88 -45.04 52.28
C GLY AA 95 40.55 -45.59 51.84
N GLU AA 96 39.69 -45.94 52.79
CA GLU AA 96 38.38 -46.49 52.47
C GLU AA 96 37.28 -45.45 52.45
N VAL AA 97 37.56 -44.23 52.89
CA VAL AA 97 36.56 -43.18 52.93
C VAL AA 97 36.50 -42.48 51.58
N PHE AA 98 35.46 -41.69 51.38
CA PHE AA 98 35.27 -40.88 50.18
C PHE AA 98 35.21 -39.43 50.65
N GLY AA 99 36.36 -38.77 50.68
CA GLY AA 99 36.42 -37.44 51.24
C GLY AA 99 35.88 -36.40 50.27
N VAL AA 100 34.95 -35.58 50.78
CA VAL AA 100 34.34 -34.50 50.00
C VAL AA 100 34.51 -33.21 50.76
N ASP AA 101 35.01 -32.18 50.07
CA ASP AA 101 35.12 -30.84 50.64
C ASP AA 101 34.50 -29.85 49.67
N ALA AA 102 33.79 -28.87 50.21
CA ALA AA 102 33.08 -27.90 49.37
C ALA AA 102 33.12 -26.54 50.04
N LYS AA 103 33.24 -25.50 49.21
CA LYS AA 103 33.18 -24.12 49.66
C LYS AA 103 32.11 -23.40 48.87
N VAL AA 104 31.19 -22.74 49.57
CA VAL AA 104 29.98 -22.21 48.96
C VAL AA 104 30.02 -20.70 48.95
N ILE AA 105 29.61 -20.12 47.83
CA ILE AA 105 29.50 -18.68 47.65
C ILE AA 105 28.02 -18.32 47.63
N THR AA 106 27.63 -17.37 48.47
CA THR AA 106 26.23 -17.00 48.63
C THR AA 106 26.05 -15.51 48.37
N ILE AA 107 24.79 -15.09 48.33
CA ILE AA 107 24.48 -13.68 48.12
C ILE AA 107 24.97 -12.84 49.29
N HIS AA 108 24.91 -13.39 50.50
CA HIS AA 108 25.39 -12.70 51.69
C HIS AA 108 26.63 -13.40 52.25
N MET BA 1 99.21 -20.81 -23.86
CA MET BA 1 99.24 -20.15 -22.55
C MET BA 1 98.27 -18.99 -22.49
N ILE BA 2 97.48 -18.93 -21.42
CA ILE BA 2 96.53 -17.86 -21.17
C ILE BA 2 96.87 -17.24 -19.82
N ASN BA 3 96.80 -15.91 -19.75
CA ASN BA 3 97.15 -15.18 -18.54
C ASN BA 3 95.88 -14.72 -17.85
N VAL BA 4 95.62 -15.25 -16.65
CA VAL BA 4 94.42 -14.92 -15.89
C VAL BA 4 94.78 -14.25 -14.56
N SER BA 5 95.87 -13.50 -14.53
CA SER BA 5 96.32 -12.88 -13.29
C SER BA 5 95.40 -11.75 -12.88
N GLY BA 6 95.34 -11.47 -11.59
CA GLY BA 6 94.63 -10.33 -11.05
C GLY BA 6 95.50 -9.28 -10.42
N PHE BA 7 96.80 -9.55 -10.25
CA PHE BA 7 97.71 -8.55 -9.69
C PHE BA 7 97.89 -7.40 -10.68
N GLY BA 8 97.88 -6.18 -10.15
CA GLY BA 8 98.04 -4.99 -10.96
C GLY BA 8 96.77 -4.35 -11.44
N THR BA 9 95.62 -4.70 -10.86
CA THR BA 9 94.35 -4.11 -11.26
C THR BA 9 94.01 -2.89 -10.40
N GLY BA 10 93.09 -2.08 -10.91
CA GLY BA 10 92.76 -0.83 -10.24
C GLY BA 10 91.28 -0.50 -10.36
N ILE BA 11 90.82 0.33 -9.43
CA ILE BA 11 89.42 0.74 -9.34
C ILE BA 11 89.36 2.23 -9.08
N VAL BA 12 88.52 2.93 -9.84
CA VAL BA 12 88.28 4.35 -9.65
C VAL BA 12 86.78 4.56 -9.47
N ILE BA 13 86.40 5.17 -8.36
CA ILE BA 13 85.01 5.33 -7.97
C ILE BA 13 84.67 6.82 -7.99
N VAL BA 14 83.62 7.18 -8.74
CA VAL BA 14 83.17 8.56 -8.85
C VAL BA 14 81.72 8.61 -8.41
N SER BA 15 81.41 9.53 -7.49
CA SER BA 15 80.05 9.74 -7.01
C SER BA 15 79.57 11.12 -7.41
N ALA BA 16 78.26 11.23 -7.63
CA ALA BA 16 77.70 12.43 -8.25
C ALA BA 16 77.94 13.67 -7.40
N SER BA 17 77.72 13.60 -6.09
CA SER BA 17 77.82 14.78 -5.24
C SER BA 17 78.82 14.62 -4.10
N SER BA 18 78.88 13.45 -3.47
CA SER BA 18 79.78 13.26 -2.34
C SER BA 18 81.25 13.35 -2.78
N PHE BA 19 81.60 12.68 -3.88
CA PHE BA 19 82.96 12.64 -4.41
C PHE BA 19 82.93 13.04 -5.88
N PRO BA 20 82.83 14.34 -6.17
CA PRO BA 20 82.76 14.77 -7.58
C PRO BA 20 83.98 14.40 -8.41
N MET BA 21 85.16 14.38 -7.80
CA MET BA 21 86.39 14.13 -8.54
C MET BA 21 86.82 12.67 -8.53
N GLY BA 22 86.32 11.88 -7.59
CA GLY BA 22 86.60 10.46 -7.56
C GLY BA 22 87.80 10.12 -6.69
N PHE BA 23 87.87 8.85 -6.31
CA PHE BA 23 89.00 8.31 -5.57
C PHE BA 23 89.32 6.92 -6.10
N SER BA 24 90.48 6.41 -5.73
CA SER BA 24 91.02 5.19 -6.30
C SER BA 24 91.18 4.12 -5.24
N LEU BA 25 91.08 2.86 -5.66
CA LEU BA 25 91.22 1.71 -4.79
C LEU BA 25 92.44 0.91 -5.22
N SER BA 26 93.34 0.63 -4.26
CA SER BA 26 94.54 -0.13 -4.56
C SER BA 26 94.86 -1.24 -3.56
N LYS BA 27 94.38 -1.17 -2.33
CA LYS BA 27 94.72 -2.15 -1.30
C LYS BA 27 93.53 -3.09 -1.13
N PHE BA 28 93.55 -4.21 -1.85
CA PHE BA 28 92.50 -5.21 -1.78
C PHE BA 28 92.86 -6.29 -0.78
N ALA BA 29 91.88 -6.68 0.03
CA ALA BA 29 92.13 -7.60 1.12
C ALA BA 29 92.58 -8.96 0.61
N ASP BA 30 93.11 -9.76 1.52
CA ASP BA 30 93.73 -11.04 1.21
C ASP BA 30 92.98 -12.25 1.75
N ASP BA 31 92.21 -12.09 2.82
CA ASP BA 31 91.44 -13.22 3.35
C ASP BA 31 90.15 -13.45 2.56
N GLU BA 32 89.53 -12.39 2.04
CA GLU BA 32 88.30 -12.50 1.27
C GLU BA 32 88.51 -11.99 -0.15
N SER BA 33 87.57 -12.36 -1.02
CA SER BA 33 87.74 -12.12 -2.45
C SER BA 33 87.77 -10.62 -2.75
N PRO BA 34 88.75 -10.14 -3.50
CA PRO BA 34 88.81 -8.70 -3.79
C PRO BA 34 87.60 -8.17 -4.56
N ILE BA 35 87.29 -8.75 -5.72
CA ILE BA 35 86.14 -8.33 -6.50
C ILE BA 35 85.26 -9.55 -6.76
N SER BA 36 83.99 -9.45 -6.42
CA SER BA 36 83.04 -10.52 -6.63
C SER BA 36 81.76 -9.94 -7.21
N SER BA 37 80.97 -10.80 -7.84
CA SER BA 37 79.73 -10.35 -8.46
C SER BA 37 78.76 -11.51 -8.51
N LYS BA 38 77.49 -11.17 -8.73
CA LYS BA 38 76.41 -12.13 -8.84
C LYS BA 38 75.97 -12.26 -10.29
N GLU BA 39 75.47 -13.44 -10.64
CA GLU BA 39 75.09 -13.74 -12.01
C GLU BA 39 74.07 -12.73 -12.53
N LEU BA 40 74.00 -12.61 -13.85
CA LEU BA 40 73.05 -11.73 -14.51
C LEU BA 40 72.00 -12.55 -15.23
N GLU BA 41 70.73 -12.31 -14.92
CA GLU BA 41 69.62 -13.06 -15.49
C GLU BA 41 68.67 -12.08 -16.18
N PRO BA 42 68.99 -11.65 -17.39
CA PRO BA 42 68.09 -10.76 -18.14
C PRO BA 42 67.04 -11.49 -18.96
N PHE BA 43 66.84 -12.79 -18.73
CA PHE BA 43 65.90 -13.59 -19.50
C PHE BA 43 65.12 -14.49 -18.57
N GLY BA 44 63.94 -14.91 -19.05
CA GLY BA 44 63.12 -15.89 -18.36
C GLY BA 44 62.44 -16.79 -19.37
N TYR BA 45 61.65 -17.71 -18.86
CA TYR BA 45 60.87 -18.58 -19.73
C TYR BA 45 59.66 -19.11 -18.98
N GLU BA 46 58.66 -19.54 -19.74
CA GLU BA 46 57.42 -20.06 -19.19
C GLU BA 46 56.96 -21.21 -20.05
N MET BA 47 56.18 -22.11 -19.45
CA MET BA 47 55.71 -23.31 -20.13
C MET BA 47 54.27 -23.15 -20.59
N LEU BA 48 53.99 -23.68 -21.77
CA LEU BA 48 52.68 -23.58 -22.39
C LEU BA 48 51.96 -24.91 -22.24
N TYR BA 49 50.63 -24.87 -22.23
CA TYR BA 49 49.87 -26.03 -21.79
C TYR BA 49 49.98 -27.20 -22.76
N ASP BA 50 50.53 -26.99 -23.95
CA ASP BA 50 50.83 -28.07 -24.88
C ASP BA 50 52.22 -28.66 -24.67
N GLY BA 51 53.02 -28.08 -23.78
CA GLY BA 51 54.39 -28.51 -23.55
C GLY BA 51 55.44 -27.65 -24.22
N GLY BA 52 55.06 -26.53 -24.83
CA GLY BA 52 55.99 -25.70 -25.56
C GLY BA 52 56.81 -24.81 -24.65
N LEU BA 53 57.65 -24.00 -25.28
CA LEU BA 53 58.56 -23.12 -24.58
C LEU BA 53 58.42 -21.70 -25.11
N PHE BA 54 58.35 -20.73 -24.20
CA PHE BA 54 58.26 -19.33 -24.57
C PHE BA 54 59.24 -18.53 -23.73
N ALA BA 55 60.07 -17.73 -24.38
CA ALA BA 55 61.13 -16.98 -23.71
C ALA BA 55 60.93 -15.49 -23.95
N PHE BA 56 61.09 -14.71 -22.88
CA PHE BA 56 60.92 -13.26 -22.95
C PHE BA 56 62.14 -12.54 -22.38
N ASP BA 57 62.01 -11.24 -22.16
CA ASP BA 57 63.06 -10.42 -21.60
C ASP BA 57 62.65 -9.95 -20.20
N LYS BA 58 63.62 -9.88 -19.30
CA LYS BA 58 63.38 -9.57 -17.91
C LYS BA 58 64.34 -8.48 -17.46
N ALA BA 59 63.90 -7.66 -16.50
CA ALA BA 59 64.71 -6.58 -15.97
C ALA BA 59 65.62 -7.10 -14.87
N ALA BA 60 66.92 -6.90 -15.03
CA ALA BA 60 67.90 -7.51 -14.16
C ALA BA 60 68.94 -6.52 -13.66
N PRO BA 61 69.26 -6.56 -12.36
CA PRO BA 61 70.28 -5.66 -11.83
C PRO BA 61 71.65 -6.30 -11.82
N LEU BA 62 72.68 -5.54 -11.48
CA LEU BA 62 74.05 -6.05 -11.39
C LEU BA 62 74.58 -5.75 -10.01
N GLU BA 63 75.19 -6.75 -9.36
CA GLU BA 63 75.66 -6.63 -7.99
C GLU BA 63 77.16 -6.89 -7.94
N VAL BA 64 77.88 -6.08 -7.16
CA VAL BA 64 79.33 -6.14 -7.07
C VAL BA 64 79.73 -5.99 -5.61
N SER BA 65 80.71 -6.79 -5.18
CA SER BA 65 81.28 -6.70 -3.84
C SER BA 65 82.77 -6.48 -3.93
N VAL BA 66 83.30 -5.56 -3.13
CA VAL BA 66 84.73 -5.30 -3.08
C VAL BA 66 85.19 -5.37 -1.63
N SER BA 67 86.44 -5.76 -1.45
CA SER BA 67 87.03 -5.89 -0.12
C SER BA 67 88.37 -5.18 -0.07
N VAL BA 68 88.68 -4.57 1.07
CA VAL BA 68 89.91 -3.82 1.27
C VAL BA 68 90.51 -4.19 2.63
N ILE BA 69 91.80 -3.88 2.78
CA ILE BA 69 92.45 -4.07 4.07
C ILE BA 69 91.91 -3.06 5.07
N ALA BA 70 91.49 -3.54 6.24
CA ALA BA 70 90.94 -2.66 7.26
C ALA BA 70 91.98 -1.66 7.73
N GLY BA 71 91.56 -0.41 7.91
CA GLY BA 71 92.44 0.64 8.37
C GLY BA 71 93.18 1.38 7.27
N SER BA 72 93.02 0.98 6.01
CA SER BA 72 93.61 1.70 4.90
C SER BA 72 92.80 2.96 4.59
N GLU BA 73 93.27 3.72 3.60
CA GLU BA 73 92.54 4.92 3.19
C GLU BA 73 91.31 4.57 2.36
N ASP BA 74 91.36 3.45 1.64
CA ASP BA 74 90.19 3.03 0.86
C ASP BA 74 89.03 2.71 1.78
N ASP BA 75 89.31 2.09 2.92
CA ASP BA 75 88.26 1.75 3.86
C ASP BA 75 87.57 3.00 4.40
N ILE BA 76 88.34 4.03 4.75
CA ILE BA 76 87.72 5.25 5.25
C ILE BA 76 86.96 5.97 4.15
N ASN BA 77 87.46 5.94 2.91
CA ASN BA 77 86.73 6.56 1.81
C ASN BA 77 85.40 5.86 1.59
N LEU BA 78 85.39 4.53 1.61
CA LEU BA 78 84.13 3.81 1.44
C LEU BA 78 83.20 3.99 2.63
N ARG BA 79 83.75 4.17 3.83
CA ARG BA 79 82.91 4.52 4.97
C ARG BA 79 82.23 5.86 4.76
N ILE BA 80 82.98 6.84 4.24
CA ILE BA 80 82.40 8.15 3.93
C ILE BA 80 81.29 8.00 2.91
N LEU BA 81 81.53 7.18 1.87
CA LEU BA 81 80.51 6.95 0.86
C LEU BA 81 79.27 6.30 1.47
N LEU BA 82 79.46 5.38 2.41
CA LEU BA 82 78.34 4.67 3.01
C LEU BA 82 77.51 5.59 3.89
N ASN BA 83 78.16 6.54 4.59
CA ASN BA 83 77.44 7.44 5.47
C ASN BA 83 76.68 8.53 4.72
N SER BA 84 76.90 8.68 3.42
CA SER BA 84 76.18 9.68 2.64
C SER BA 84 74.71 9.28 2.54
N LYS BA 85 73.84 10.15 3.06
CA LYS BA 85 72.41 9.90 3.08
C LYS BA 85 71.76 10.53 1.85
N LYS BA 86 70.90 9.75 1.18
CA LYS BA 86 70.23 10.25 0.00
C LYS BA 86 69.21 11.34 0.30
N GLY BA 87 68.88 11.55 1.58
CA GLY BA 87 67.94 12.60 1.92
C GLY BA 87 68.44 13.98 1.56
N SER BA 88 69.71 14.25 1.84
CA SER BA 88 70.27 15.56 1.55
C SER BA 88 70.37 15.80 0.04
N PHE BA 89 70.81 17.00 -0.33
CA PHE BA 89 70.95 17.51 -1.69
C PHE BA 89 69.82 17.12 -2.63
N ARG BA 90 70.04 17.30 -3.94
CA ARG BA 90 68.99 17.13 -4.94
C ARG BA 90 69.48 16.34 -6.14
N PHE BA 91 68.69 16.29 -7.20
CA PHE BA 91 69.06 15.53 -8.39
C PHE BA 91 68.32 16.05 -9.60
N LEU BA 92 68.88 15.77 -10.78
CA LEU BA 92 68.20 16.06 -12.02
C LEU BA 92 67.12 15.01 -12.27
N PRO BA 93 66.09 15.34 -13.05
CA PRO BA 93 64.99 14.38 -13.25
C PRO BA 93 65.48 13.08 -13.86
N GLY BA 94 65.00 11.97 -13.30
CA GLY BA 94 65.34 10.65 -13.80
C GLY BA 94 66.81 10.29 -13.70
N ILE BA 95 67.46 10.64 -12.59
CA ILE BA 95 68.89 10.46 -12.46
C ILE BA 95 69.30 9.62 -11.25
N ILE BA 96 68.49 9.57 -10.19
CA ILE BA 96 68.81 8.90 -8.93
C ILE BA 96 69.84 9.73 -8.18
N PRO BA 97 69.65 10.00 -6.89
CA PRO BA 97 70.69 10.72 -6.14
C PRO BA 97 71.97 9.91 -6.07
N ASP BA 98 73.09 10.59 -6.31
CA ASP BA 98 74.43 9.99 -6.25
C ASP BA 98 74.58 8.85 -7.25
N MET BA 99 74.42 9.19 -8.54
CA MET BA 99 74.68 8.23 -9.61
C MET BA 99 76.18 7.96 -9.65
N THR BA 100 76.59 6.78 -9.19
CA THR BA 100 78.00 6.46 -9.04
C THR BA 100 78.52 5.72 -10.25
N THR BA 101 79.68 6.16 -10.75
CA THR BA 101 80.36 5.52 -11.87
C THR BA 101 81.53 4.71 -11.35
N LEU BA 102 81.69 3.49 -11.85
CA LEU BA 102 82.77 2.61 -11.46
C LEU BA 102 83.53 2.16 -12.70
N VAL BA 103 84.83 2.43 -12.72
CA VAL BA 103 85.69 2.08 -13.86
C VAL BA 103 86.74 1.09 -13.37
N ALA BA 104 86.68 -0.13 -13.89
CA ALA BA 104 87.60 -1.20 -13.50
C ALA BA 104 88.52 -1.51 -14.67
N THR BA 105 89.82 -1.58 -14.40
CA THR BA 105 90.81 -1.90 -15.42
C THR BA 105 91.40 -3.27 -15.13
N LEU BA 106 91.38 -4.15 -16.13
CA LEU BA 106 92.06 -5.42 -16.02
C LEU BA 106 93.56 -5.22 -16.21
N PRO BA 107 94.38 -6.08 -15.61
CA PRO BA 107 95.84 -5.91 -15.76
C PRO BA 107 96.32 -5.99 -17.21
N ASP BA 108 95.59 -6.71 -18.07
CA ASP BA 108 95.94 -6.73 -19.49
C ASP BA 108 95.86 -5.33 -20.09
N GLY BA 109 94.82 -4.57 -19.77
CA GLY BA 109 94.61 -3.27 -20.36
C GLY BA 109 93.14 -3.01 -20.63
N GLY BA 110 92.37 -4.07 -20.82
CA GLY BA 110 90.94 -3.91 -21.00
C GLY BA 110 90.27 -3.37 -19.77
N ARG BA 111 89.18 -2.63 -19.99
CA ARG BA 111 88.53 -1.91 -18.90
C ARG BA 111 87.03 -1.97 -19.10
N THR BA 112 86.30 -1.53 -18.08
CA THR BA 112 84.85 -1.68 -18.01
C THR BA 112 84.28 -0.54 -17.18
N VAL BA 113 83.21 0.07 -17.68
CA VAL BA 113 82.55 1.18 -17.00
C VAL BA 113 81.15 0.75 -16.60
N LEU BA 114 80.76 1.12 -15.39
CA LEU BA 114 79.43 0.82 -14.86
C LEU BA 114 78.85 2.10 -14.28
N SER BA 115 77.54 2.30 -14.48
CA SER BA 115 76.92 3.55 -14.05
C SER BA 115 75.51 3.26 -13.54
N ASN BA 116 74.86 4.33 -13.07
CA ASN BA 116 73.48 4.29 -12.58
C ASN BA 116 73.36 3.33 -11.40
N GLY BA 117 74.11 3.62 -10.34
CA GLY BA 117 74.08 2.75 -9.18
C GLY BA 117 74.63 3.43 -7.95
N THR BA 118 74.59 2.70 -6.84
CA THR BA 118 74.94 3.27 -5.54
C THR BA 118 75.42 2.16 -4.61
N ILE BA 119 76.08 2.58 -3.53
CA ILE BA 119 76.50 1.64 -2.48
C ILE BA 119 75.32 1.37 -1.56
N LEU BA 120 75.21 0.11 -1.10
CA LEU BA 120 74.05 -0.21 -0.28
C LEU BA 120 74.30 -1.05 0.96
N LYS BA 121 75.49 -1.58 1.22
CA LYS BA 121 75.74 -2.21 2.51
C LYS BA 121 77.23 -2.31 2.75
N GLY BA 122 77.59 -2.44 4.04
CA GLY BA 122 78.98 -2.55 4.43
C GLY BA 122 79.14 -2.55 5.94
N PRO BA 123 80.37 -2.75 6.41
CA PRO BA 123 80.62 -2.75 7.85
C PRO BA 123 80.64 -1.35 8.43
N ALA BA 124 80.39 -1.27 9.72
CA ALA BA 124 80.38 0.00 10.45
C ALA BA 124 81.46 0.09 11.50
N ILE BA 125 81.77 -1.02 12.18
CA ILE BA 125 82.91 -1.10 13.08
C ILE BA 125 83.70 -2.36 12.73
N ASP BA 126 84.98 -2.34 13.07
CA ASP BA 126 85.88 -3.41 12.67
C ASP BA 126 85.66 -4.67 13.49
N THR BA 127 85.93 -5.82 12.86
CA THR BA 127 85.78 -7.13 13.47
C THR BA 127 87.14 -7.71 13.79
N ILE BA 128 87.30 -8.21 15.01
CA ILE BA 128 88.56 -8.78 15.47
C ILE BA 128 88.36 -10.28 15.64
N GLN BA 129 89.02 -11.07 14.78
CA GLN BA 129 88.89 -12.51 14.83
C GLN BA 129 89.58 -13.07 16.07
N ASN BA 130 89.45 -14.37 16.26
CA ASN BA 130 90.07 -15.01 17.43
C ASN BA 130 91.57 -15.15 17.28
N THR BA 131 92.08 -15.09 16.04
CA THR BA 131 93.53 -15.13 15.84
C THR BA 131 94.21 -13.84 16.29
N GLY BA 132 93.46 -12.77 16.49
CA GLY BA 132 94.02 -11.51 16.89
C GLY BA 132 94.19 -10.50 15.77
N ARG BA 133 93.66 -10.78 14.58
CA ARG BA 133 93.76 -9.90 13.43
C ARG BA 133 92.37 -9.35 13.12
N ARG BA 134 92.29 -8.48 12.12
CA ARG BA 134 91.04 -7.83 11.76
C ARG BA 134 90.53 -8.33 10.43
N LYS BA 135 89.24 -8.65 10.38
CA LYS BA 135 88.61 -9.12 9.15
C LYS BA 135 88.59 -8.01 8.10
N GLY BA 136 88.73 -8.42 6.84
CA GLY BA 136 88.69 -7.50 5.73
C GLY BA 136 87.32 -6.91 5.49
N ASN BA 137 87.22 -5.59 5.45
CA ASN BA 137 85.94 -4.93 5.23
C ASN BA 137 85.44 -5.18 3.82
N THR BA 138 84.16 -5.57 3.71
CA THR BA 138 83.55 -5.83 2.41
C THR BA 138 82.30 -4.98 2.23
N TYR BA 139 82.23 -4.30 1.08
CA TYR BA 139 81.11 -3.44 0.74
C TYR BA 139 80.49 -3.93 -0.56
N THR BA 140 79.20 -3.70 -0.71
CA THR BA 140 78.45 -4.16 -1.88
C THR BA 140 77.84 -2.98 -2.62
N PHE BA 141 77.96 -2.99 -3.95
CA PHE BA 141 77.37 -2.00 -4.82
C PHE BA 141 76.19 -2.63 -5.57
N VAL BA 142 75.53 -1.80 -6.37
CA VAL BA 142 74.52 -2.27 -7.33
C VAL BA 142 74.51 -1.29 -8.49
N PHE BA 143 74.23 -1.80 -9.68
CA PHE BA 143 74.29 -0.97 -10.88
C PHE BA 143 73.17 -1.34 -11.83
N GLY BA 144 72.79 -0.37 -12.66
CA GLY BA 144 71.68 -0.56 -13.57
C GLY BA 144 72.09 -0.82 -15.00
N SER BA 145 73.19 -0.20 -15.43
CA SER BA 145 73.69 -0.34 -16.79
C SER BA 145 75.20 -0.56 -16.76
N TYR BA 146 75.71 -1.17 -17.82
CA TYR BA 146 77.11 -1.56 -17.88
C TYR BA 146 77.62 -1.40 -19.31
N LEU BA 147 78.84 -1.89 -19.55
CA LEU BA 147 79.54 -1.75 -20.81
C LEU BA 147 80.69 -2.75 -20.80
N GLY BA 148 81.29 -2.96 -21.96
CA GLY BA 148 82.49 -3.76 -22.04
C GLY BA 148 83.39 -3.38 -23.20
N ALA BA 149 84.66 -3.10 -22.92
CA ALA BA 149 85.64 -2.75 -23.96
C ALA BA 149 86.93 -3.49 -23.63
N GLN BA 150 87.05 -4.72 -24.13
CA GLN BA 150 88.16 -5.60 -23.79
C GLN BA 150 89.24 -5.61 -24.87
N THR BA 151 89.55 -4.45 -25.44
CA THR BA 151 90.64 -4.31 -26.39
C THR BA 151 91.67 -3.33 -25.85
N ALA BA 152 92.95 -3.66 -26.02
CA ALA BA 152 94.06 -2.79 -25.64
C ALA BA 152 95.36 -3.32 -26.22
N MET CA 1 -10.76 -19.23 56.41
CA MET CA 1 -9.87 -18.41 55.61
C MET CA 1 -9.69 -19.01 54.22
N ALA CA 2 -8.56 -19.68 54.00
CA ALA CA 2 -8.23 -20.28 52.70
C ALA CA 2 -8.91 -21.62 52.49
N ASN CA 3 -9.90 -21.95 53.32
CA ASN CA 3 -10.60 -23.22 53.16
C ASN CA 3 -11.45 -23.21 51.89
N TYR CA 4 -11.54 -24.38 51.26
CA TYR CA 4 -12.40 -24.59 50.11
C TYR CA 4 -13.55 -25.50 50.53
N ASN CA 5 -14.78 -25.06 50.26
CA ASN CA 5 -15.96 -25.88 50.48
C ASN CA 5 -16.19 -26.73 49.24
N TYR CA 6 -15.37 -27.78 49.11
CA TYR CA 6 -15.31 -28.52 47.85
C TYR CA 6 -16.52 -29.38 47.60
N ILE CA 7 -17.42 -29.55 48.56
CA ILE CA 7 -18.68 -30.25 48.32
C ILE CA 7 -19.75 -29.20 48.06
N VAL CA 8 -20.51 -29.38 46.98
CA VAL CA 8 -21.59 -28.48 46.61
C VAL CA 8 -22.83 -29.32 46.37
N ASP CA 9 -23.92 -28.63 45.99
CA ASP CA 9 -25.16 -29.33 45.71
C ASP CA 9 -25.02 -30.23 44.48
N THR CA 10 -24.29 -29.77 43.47
CA THR CA 10 -24.19 -30.53 42.23
C THR CA 10 -23.26 -31.73 42.38
N GLY CA 11 -22.46 -31.78 43.42
CA GLY CA 11 -21.57 -32.92 43.64
C GLY CA 11 -20.43 -32.55 44.57
N VAL CA 12 -19.42 -33.40 44.57
CA VAL CA 12 -18.21 -33.21 45.37
C VAL CA 12 -17.04 -32.97 44.43
N ILE CA 13 -16.20 -31.99 44.78
CA ILE CA 13 -15.09 -31.56 43.93
C ILE CA 13 -13.78 -31.95 44.58
N VAL CA 14 -12.90 -32.58 43.79
CA VAL CA 14 -11.55 -32.89 44.21
C VAL CA 14 -10.58 -32.13 43.30
N ALA CA 15 -9.65 -31.41 43.91
CA ALA CA 15 -8.73 -30.54 43.18
C ALA CA 15 -7.40 -31.25 42.94
N ASP CA 16 -6.60 -30.65 42.06
CA ASP CA 16 -5.29 -31.17 41.75
C ASP CA 16 -4.42 -31.23 43.00
N THR CA 17 -3.63 -32.29 43.10
CA THR CA 17 -2.71 -32.41 44.23
C THR CA 17 -1.66 -31.30 44.21
N ALA CA 18 -1.34 -30.79 43.03
CA ALA CA 18 -0.47 -29.62 42.95
C ALA CA 18 -1.11 -28.43 43.63
N ASP CA 19 -2.42 -28.24 43.44
CA ASP CA 19 -3.09 -27.07 44.00
C ASP CA 19 -3.25 -27.19 45.51
N VAL CA 20 -3.59 -28.37 46.01
CA VAL CA 20 -3.66 -28.55 47.46
C VAL CA 20 -2.28 -28.38 48.07
N LEU CA 21 -1.24 -28.84 47.36
CA LEU CA 21 0.11 -28.56 47.81
C LEU CA 21 0.34 -27.07 47.94
N SER CA 22 0.21 -26.34 46.84
CA SER CA 22 0.49 -24.90 46.85
C SER CA 22 -0.32 -24.18 47.91
N ASP CA 23 -1.53 -24.67 48.20
CA ASP CA 23 -2.30 -24.11 49.31
C ASP CA 23 -1.63 -24.39 50.65
N VAL CA 24 -1.05 -25.58 50.82
CA VAL CA 24 -0.36 -25.87 52.08
C VAL CA 24 0.88 -25.00 52.25
N GLU CA 25 1.68 -24.84 51.19
CA GLU CA 25 2.79 -23.89 51.30
C GLU CA 25 2.29 -22.48 51.57
N ALA CA 26 1.14 -22.09 51.00
CA ALA CA 26 0.60 -20.78 51.31
C ALA CA 26 0.27 -20.64 52.79
N GLU CA 27 -0.33 -21.68 53.37
CA GLU CA 27 -0.67 -21.65 54.79
C GLU CA 27 0.56 -21.49 55.66
N PHE CA 28 1.58 -22.33 55.43
CA PHE CA 28 2.77 -22.24 56.27
C PHE CA 28 3.56 -20.95 56.01
N ARG CA 29 3.57 -20.47 54.77
CA ARG CA 29 4.28 -19.23 54.46
C ARG CA 29 3.61 -18.04 55.14
N ALA CA 30 2.29 -18.00 55.16
CA ALA CA 30 1.60 -16.94 55.89
C ALA CA 30 1.80 -17.08 57.39
N ALA CA 31 1.84 -18.31 57.90
CA ALA CA 31 1.93 -18.51 59.33
C ALA CA 31 3.31 -18.17 59.88
N LEU CA 32 4.37 -18.59 59.19
CA LEU CA 32 5.74 -18.39 59.66
C LEU CA 32 6.35 -17.10 59.14
N GLY CA 33 6.33 -16.88 57.82
CA GLY CA 33 6.92 -15.69 57.25
C GLY CA 33 7.36 -15.89 55.81
N ALA CA 34 7.33 -14.82 55.02
CA ALA CA 34 7.64 -14.93 53.60
C ALA CA 34 9.10 -15.25 53.34
N ASN CA 35 9.96 -15.22 54.36
CA ASN CA 35 11.37 -15.54 54.23
C ASN CA 35 11.65 -17.01 54.53
N ILE CA 36 10.62 -17.82 54.76
CA ILE CA 36 10.82 -19.21 55.11
C ILE CA 36 11.22 -20.01 53.88
N ASN CA 37 11.79 -21.18 54.12
CA ASN CA 37 12.20 -22.11 53.07
C ASN CA 37 11.45 -23.42 53.24
N LEU CA 38 10.81 -23.88 52.16
CA LEU CA 38 9.97 -25.07 52.19
C LEU CA 38 10.50 -26.06 51.15
N ALA CA 39 11.44 -26.90 51.58
CA ALA CA 39 11.97 -27.99 50.78
C ALA CA 39 11.89 -29.26 51.60
N ALA CA 40 11.88 -30.41 50.91
CA ALA CA 40 11.61 -31.67 51.58
C ALA CA 40 12.67 -32.01 52.62
N SER CA 41 13.85 -31.39 52.51
CA SER CA 41 14.91 -31.68 53.47
C SER CA 41 14.58 -31.09 54.85
N THR CA 42 14.18 -29.82 54.89
CA THR CA 42 13.98 -29.15 56.16
C THR CA 42 12.65 -29.58 56.79
N PRO CA 43 12.59 -29.62 58.12
CA PRO CA 43 11.39 -30.19 58.78
C PRO CA 43 10.08 -29.51 58.39
N GLN CA 44 10.09 -28.20 58.13
CA GLN CA 44 8.87 -27.58 57.65
C GLN CA 44 8.44 -28.14 56.30
N GLY CA 45 9.40 -28.53 55.46
CA GLY CA 45 9.04 -29.19 54.21
C GLY CA 45 8.41 -30.55 54.43
N SER CA 46 8.89 -31.29 55.43
CA SER CA 46 8.25 -32.55 55.81
C SER CA 46 6.81 -32.31 56.26
N LEU CA 47 6.60 -31.26 57.06
CA LEU CA 47 5.24 -30.93 57.48
C LEU CA 47 4.36 -30.58 56.29
N VAL CA 48 4.91 -29.83 55.33
CA VAL CA 48 4.16 -29.48 54.13
C VAL CA 48 3.72 -30.73 53.38
N ALA CA 49 4.67 -31.64 53.14
CA ALA CA 49 4.34 -32.85 52.40
C ALA CA 49 3.30 -33.68 53.13
N ALA CA 50 3.45 -33.83 54.45
CA ALA CA 50 2.49 -34.61 55.22
C ALA CA 50 1.10 -34.00 55.14
N GLU CA 51 1.00 -32.68 55.26
CA GLU CA 51 -0.30 -32.03 55.20
C GLU CA 51 -0.94 -32.20 53.83
N ALA CA 52 -0.15 -32.06 52.77
CA ALA CA 52 -0.70 -32.23 51.43
C ALA CA 52 -1.22 -33.64 51.23
N ILE CA 53 -0.45 -34.64 51.66
CA ILE CA 53 -0.90 -36.03 51.53
C ILE CA 53 -2.20 -36.24 52.29
N ALA CA 54 -2.25 -35.73 53.53
CA ALA CA 54 -3.45 -35.93 54.35
C ALA CA 54 -4.68 -35.31 53.71
N ARG CA 55 -4.55 -34.06 53.26
CA ARG CA 55 -5.70 -33.36 52.71
C ARG CA 55 -6.19 -34.02 51.44
N SER CA 56 -5.27 -34.35 50.52
CA SER CA 56 -5.69 -35.01 49.30
C SER CA 56 -6.35 -36.35 49.59
N SER CA 57 -5.77 -37.12 50.52
CA SER CA 57 -6.30 -38.44 50.82
C SER CA 57 -7.71 -38.35 51.39
N VAL CA 58 -7.95 -37.40 52.30
CA VAL CA 58 -9.28 -37.31 52.90
C VAL CA 58 -10.30 -36.82 51.88
N MET CA 59 -9.91 -35.87 51.02
CA MET CA 59 -10.84 -35.43 49.97
C MET CA 59 -11.22 -36.58 49.04
N ARG CA 60 -10.22 -37.36 48.60
CA ARG CA 60 -10.50 -38.45 47.67
C ARG CA 60 -11.33 -39.55 48.33
N ASN CA 61 -11.04 -39.86 49.59
CA ASN CA 61 -11.82 -40.88 50.28
C ASN CA 61 -13.26 -40.44 50.44
N GLU CA 62 -13.48 -39.15 50.73
CA GLU CA 62 -14.86 -38.64 50.77
C GLU CA 62 -15.52 -38.75 49.40
N ALA CA 63 -14.82 -38.37 48.34
CA ALA CA 63 -15.42 -38.36 47.01
C ALA CA 63 -15.65 -39.76 46.46
N ARG CA 64 -15.02 -40.78 47.04
CA ARG CA 64 -15.22 -42.14 46.53
C ARG CA 64 -16.64 -42.63 46.77
N ILE CA 65 -17.25 -42.25 47.90
CA ILE CA 65 -18.55 -42.79 48.28
C ILE CA 65 -19.60 -41.69 48.34
N ALA CA 66 -19.51 -40.73 47.42
CA ALA CA 66 -20.47 -39.63 47.40
C ALA CA 66 -21.90 -40.13 47.23
N ASN CA 67 -22.12 -41.08 46.33
CA ASN CA 67 -23.43 -41.68 46.12
C ASN CA 67 -23.29 -43.18 46.24
N THR CA 68 -24.01 -43.78 47.19
CA THR CA 68 -23.87 -45.20 47.46
C THR CA 68 -25.21 -45.93 47.33
N ILE CA 69 -26.30 -45.26 47.69
CA ILE CA 69 -27.61 -45.91 47.67
C ILE CA 69 -28.05 -46.22 46.25
N ASN CA 70 -27.74 -45.34 45.31
CA ASN CA 70 -28.02 -45.63 43.91
C ASN CA 70 -27.26 -46.89 43.50
N PRO CA 71 -27.94 -47.87 42.89
CA PRO CA 71 -27.29 -49.15 42.61
C PRO CA 71 -26.28 -49.15 41.47
N ASN CA 72 -25.80 -48.00 41.02
CA ASN CA 72 -24.65 -48.01 40.12
C ASN CA 72 -23.36 -48.38 40.83
N VAL CA 73 -23.36 -48.39 42.17
CA VAL CA 73 -22.17 -48.63 42.97
C VAL CA 73 -21.72 -50.09 42.91
N SER CA 74 -20.55 -50.38 43.44
CA SER CA 74 -20.01 -51.73 43.45
C SER CA 74 -19.11 -51.90 44.68
N PHE CA 75 -18.50 -53.08 44.79
CA PHE CA 75 -17.48 -53.38 45.81
C PHE CA 75 -18.03 -53.25 47.24
N GLY CA 76 -18.91 -54.18 47.57
CA GLY CA 76 -19.27 -54.41 48.97
C GLY CA 76 -20.50 -53.71 49.51
N THR CA 77 -20.55 -52.39 49.37
CA THR CA 77 -21.79 -51.68 49.70
C THR CA 77 -22.91 -52.10 48.75
N PHE CA 78 -22.56 -52.34 47.49
CA PHE CA 78 -23.52 -52.85 46.52
C PHE CA 78 -24.05 -54.22 46.91
N LEU CA 79 -23.26 -55.00 47.65
CA LEU CA 79 -23.72 -56.31 48.10
C LEU CA 79 -24.94 -56.17 48.99
N ASP CA 80 -24.92 -55.21 49.92
CA ASP CA 80 -26.09 -54.99 50.76
C ASP CA 80 -27.18 -54.26 50.01
N ALA CA 81 -26.82 -53.34 49.12
CA ALA CA 81 -27.83 -52.66 48.31
C ALA CA 81 -28.64 -53.66 47.50
N ILE CA 82 -28.02 -54.79 47.14
CA ILE CA 82 -28.72 -55.79 46.35
C ILE CA 82 -29.26 -56.91 47.23
N CYS CA 83 -28.77 -57.01 48.46
CA CYS CA 83 -29.26 -58.04 49.37
C CYS CA 83 -30.63 -57.72 49.93
N ALA CA 84 -31.11 -56.48 49.75
CA ALA CA 84 -32.44 -56.13 50.23
C ALA CA 84 -33.51 -56.98 49.58
N LEU CA 85 -33.36 -57.25 48.28
CA LEU CA 85 -34.31 -58.13 47.59
C LEU CA 85 -33.80 -59.56 47.63
N MET CA 86 -32.72 -59.83 46.88
CA MET CA 86 -32.06 -61.12 46.76
C MET CA 86 -30.72 -60.91 46.06
N GLY CA 87 -29.72 -61.64 46.51
CA GLY CA 87 -28.41 -61.55 45.91
C GLY CA 87 -27.44 -62.50 46.59
N ILE CA 88 -26.70 -63.26 45.80
CA ILE CA 88 -25.81 -64.27 46.33
C ILE CA 88 -24.39 -63.91 45.90
N GLU CA 89 -23.46 -64.08 46.85
CA GLU CA 89 -22.09 -63.64 46.70
C GLU CA 89 -21.19 -64.73 47.29
N ARG CA 90 -19.94 -64.36 47.59
CA ARG CA 90 -18.91 -65.32 47.94
C ARG CA 90 -18.78 -66.31 46.79
N GLY CA 91 -19.31 -67.52 46.97
CA GLY CA 91 -19.39 -68.46 45.86
C GLY CA 91 -18.08 -68.66 45.11
N SER CA 92 -16.98 -68.83 45.83
CA SER CA 92 -15.68 -69.11 45.22
C SER CA 92 -15.03 -70.20 46.06
N ASP CA 93 -15.32 -71.45 45.73
CA ASP CA 93 -14.83 -72.60 46.48
C ASP CA 93 -14.05 -73.53 45.56
N LEU CA 94 -13.48 -74.58 46.15
CA LEU CA 94 -12.67 -75.54 45.45
C LEU CA 94 -13.39 -76.88 45.45
N SER CA 95 -13.19 -77.65 44.38
CA SER CA 95 -13.87 -78.93 44.22
C SER CA 95 -13.16 -80.01 45.05
N THR CA 96 -13.43 -79.98 46.35
CA THR CA 96 -12.88 -80.97 47.27
C THR CA 96 -13.43 -82.35 46.93
N PHE CA 97 -12.58 -83.37 47.10
CA PHE CA 97 -12.92 -84.75 46.76
C PHE CA 97 -12.94 -85.64 48.00
N GLY CA 98 -13.07 -86.93 47.75
CA GLY CA 98 -13.00 -87.97 48.76
C GLY CA 98 -12.96 -89.30 48.03
N TYR CA 99 -12.48 -90.33 48.74
CA TYR CA 99 -12.40 -91.69 48.20
C TYR CA 99 -11.54 -91.74 46.94
N GLY CA 100 -10.26 -91.43 47.11
CA GLY CA 100 -9.32 -91.54 46.02
C GLY CA 100 -8.88 -92.97 45.76
N VAL CA 101 -8.17 -93.18 44.67
CA VAL CA 101 -7.62 -94.47 44.30
C VAL CA 101 -6.16 -94.29 43.90
N GLN CA 102 -5.26 -94.85 44.69
CA GLN CA 102 -3.83 -94.72 44.44
C GLN CA 102 -3.20 -96.10 44.48
N VAL CA 103 -2.78 -96.59 43.31
CA VAL CA 103 -2.11 -97.87 43.17
C VAL CA 103 -0.61 -97.61 43.05
N THR CA 104 0.16 -98.17 43.96
CA THR CA 104 1.58 -97.84 44.09
C THR CA 104 2.31 -99.04 44.70
N GLY CA 105 3.51 -98.79 45.22
CA GLY CA 105 4.35 -99.84 45.77
C GLY CA 105 3.94 -100.26 47.16
N ARG CA 106 4.91 -100.41 48.06
CA ARG CA 106 4.66 -100.94 49.39
C ARG CA 106 5.23 -100.01 50.45
N SER CA 107 4.46 -99.82 51.53
CA SER CA 107 4.93 -99.18 52.76
C SER CA 107 5.56 -97.82 52.48
N GLN CA 108 4.99 -97.07 51.55
CA GLN CA 108 5.46 -95.75 51.21
C GLN CA 108 4.38 -94.72 51.56
N THR CA 109 4.74 -93.45 51.43
CA THR CA 109 3.82 -92.35 51.72
C THR CA 109 3.79 -91.39 50.53
N ARG CA 110 2.58 -90.94 50.17
CA ARG CA 110 2.41 -89.95 49.13
C ARG CA 110 2.47 -88.55 49.75
N ILE CA 111 3.43 -87.75 49.29
CA ILE CA 111 3.68 -86.44 49.89
C ILE CA 111 2.48 -85.52 49.66
N SER CA 112 2.21 -84.68 50.65
CA SER CA 112 1.12 -83.73 50.54
C SER CA 112 1.44 -82.67 49.49
N THR CA 113 0.39 -82.01 49.00
CA THR CA 113 0.52 -80.97 47.98
C THR CA 113 1.29 -81.47 46.77
N GLY CA 114 0.94 -82.68 46.32
CA GLY CA 114 1.43 -83.15 45.04
C GLY CA 114 0.68 -82.50 43.91
N SER CA 115 1.04 -82.88 42.68
CA SER CA 115 0.38 -82.36 41.49
C SER CA 115 -0.35 -83.47 40.77
N ARG CA 116 -1.57 -83.16 40.32
CA ARG CA 116 -2.44 -84.08 39.61
C ARG CA 116 -2.91 -83.41 38.33
N VAL CA 117 -3.00 -84.18 37.25
CA VAL CA 117 -3.49 -83.67 35.97
C VAL CA 117 -4.40 -84.70 35.32
N GLN CA 118 -5.43 -84.22 34.64
CA GLN CA 118 -6.36 -85.04 33.90
C GLN CA 118 -6.41 -84.57 32.45
N THR CA 119 -7.14 -85.30 31.61
CA THR CA 119 -6.87 -85.32 30.17
C THR CA 119 -6.86 -83.95 29.49
N PRO CA 120 -7.84 -83.04 29.69
CA PRO CA 120 -7.74 -81.72 29.06
C PRO CA 120 -6.88 -80.74 29.85
N ALA CA 121 -6.02 -81.27 30.73
CA ALA CA 121 -5.02 -80.48 31.45
C ALA CA 121 -5.65 -79.51 32.46
N GLY CA 122 -6.31 -80.06 33.46
CA GLY CA 122 -6.62 -79.32 34.67
C GLY CA 122 -5.71 -79.79 35.80
N ALA CA 123 -5.21 -78.83 36.58
CA ALA CA 123 -4.19 -79.09 37.58
C ALA CA 123 -4.84 -79.20 38.96
N ILE CA 124 -4.56 -80.29 39.67
CA ILE CA 124 -5.21 -80.63 40.92
C ILE CA 124 -4.14 -80.94 41.96
N PHE CA 125 -4.33 -80.46 43.19
CA PHE CA 125 -3.41 -80.72 44.29
C PHE CA 125 -4.05 -81.69 45.27
N THR CA 126 -3.22 -82.40 46.01
CA THR CA 126 -3.70 -83.32 47.03
C THR CA 126 -3.69 -82.65 48.41
N VAL CA 127 -4.32 -83.29 49.38
CA VAL CA 127 -4.59 -82.65 50.67
C VAL CA 127 -3.91 -83.41 51.81
N MET CA 128 -4.14 -84.72 51.87
CA MET CA 128 -3.64 -85.54 52.97
C MET CA 128 -2.58 -86.53 52.48
N SER CA 129 -1.57 -86.73 53.32
CA SER CA 129 -0.54 -87.73 53.09
C SER CA 129 -0.87 -88.99 53.85
N ASP CA 130 -0.80 -90.13 53.17
CA ASP CA 130 -1.21 -91.38 53.76
C ASP CA 130 -0.26 -92.49 53.32
N VAL CA 131 -0.18 -93.54 54.13
CA VAL CA 131 0.72 -94.64 53.90
C VAL CA 131 0.05 -95.65 52.98
N THR CA 132 0.87 -96.50 52.35
CA THR CA 132 0.38 -97.48 51.39
C THR CA 132 0.41 -98.87 52.01
N ILE CA 133 -0.70 -99.60 51.89
CA ILE CA 133 -0.79 -100.98 52.34
C ILE CA 133 -0.16 -101.88 51.30
N PRO CA 134 0.30 -103.08 51.66
CA PRO CA 134 0.96 -103.96 50.68
C PRO CA 134 0.06 -104.35 49.51
N ALA CA 135 -1.26 -104.23 49.65
CA ALA CA 135 -2.15 -104.61 48.56
C ALA CA 135 -1.94 -103.73 47.33
N GLY CA 136 -1.76 -102.43 47.54
CA GLY CA 136 -1.65 -101.50 46.43
C GLY CA 136 -2.93 -100.71 46.21
N GLY CA 137 -3.54 -100.22 47.29
CA GLY CA 137 -4.72 -99.39 47.17
C GLY CA 137 -4.99 -98.54 48.40
N VAL CA 138 -5.14 -97.22 48.20
CA VAL CA 138 -5.46 -96.29 49.27
C VAL CA 138 -6.35 -95.19 48.71
N ALA CA 139 -6.88 -94.37 49.62
CA ALA CA 139 -7.81 -93.30 49.29
C ALA CA 139 -7.21 -91.94 49.63
N THR CA 140 -7.35 -90.99 48.71
CA THR CA 140 -6.76 -89.66 48.83
C THR CA 140 -7.82 -88.57 48.77
N ILE CA 141 -7.40 -87.34 49.04
CA ILE CA 141 -8.26 -86.16 49.05
C ILE CA 141 -7.65 -85.13 48.11
N ASP CA 142 -8.47 -84.53 47.25
CA ASP CA 142 -7.97 -83.62 46.23
C ASP CA 142 -8.49 -82.20 46.44
N ILE CA 143 -7.90 -81.28 45.69
CA ILE CA 143 -8.31 -79.87 45.67
C ILE CA 143 -7.75 -79.26 44.39
N LYS CA 144 -8.45 -78.28 43.85
CA LYS CA 144 -8.14 -77.72 42.54
C LYS CA 144 -7.13 -76.60 42.63
N SER CA 145 -6.52 -76.26 41.49
CA SER CA 145 -5.57 -75.16 41.45
C SER CA 145 -6.28 -73.81 41.50
N GLN CA 146 -7.35 -73.65 40.74
CA GLN CA 146 -8.09 -72.40 40.68
C GLN CA 146 -9.40 -72.52 41.44
N GLU CA 147 -9.83 -71.41 42.04
CA GLU CA 147 -11.00 -71.41 42.90
C GLU CA 147 -12.28 -71.41 42.06
N TYR CA 148 -12.37 -72.35 41.13
CA TYR CA 148 -13.47 -72.38 40.16
C TYR CA 148 -14.12 -73.75 40.18
N GLY CA 149 -15.38 -73.79 39.75
CA GLY CA 149 -16.07 -75.07 39.67
C GLY CA 149 -15.57 -75.90 38.51
N ASN CA 150 -14.29 -76.29 38.58
CA ASN CA 150 -13.65 -76.97 37.47
C ASN CA 150 -14.11 -78.43 37.39
N ILE CA 151 -14.20 -78.94 36.17
CA ILE CA 151 -14.79 -80.24 35.89
C ILE CA 151 -13.67 -81.27 35.76
N PRO CA 152 -13.66 -82.32 36.58
CA PRO CA 152 -12.78 -83.45 36.30
C PRO CA 152 -13.44 -84.44 35.37
N LEU CA 153 -12.94 -84.59 34.16
CA LEU CA 153 -13.47 -85.62 33.28
C LEU CA 153 -13.19 -86.98 33.88
N PRO CA 154 -14.19 -87.86 34.00
CA PRO CA 154 -13.93 -89.20 34.53
C PRO CA 154 -13.06 -90.01 33.59
N VAL CA 155 -11.77 -89.65 33.53
CA VAL CA 155 -10.75 -90.38 32.80
C VAL CA 155 -9.53 -90.45 33.70
N GLY CA 156 -8.85 -91.61 33.68
CA GLY CA 156 -7.70 -91.84 34.53
C GLY CA 156 -6.67 -90.73 34.47
N ASN CA 157 -6.26 -90.23 35.63
CA ASN CA 157 -5.43 -89.05 35.68
C ASN CA 157 -4.03 -89.34 35.14
N LEU CA 158 -3.22 -88.29 35.09
CA LEU CA 158 -1.82 -88.34 34.71
C LEU CA 158 -1.01 -87.67 35.81
N ILE CA 159 0.28 -87.96 35.85
CA ILE CA 159 1.16 -87.52 36.93
C ILE CA 159 1.95 -86.30 36.45
N ILE CA 160 2.02 -85.28 37.31
CA ILE CA 160 2.92 -84.16 37.08
C ILE CA 160 4.09 -84.29 38.05
N ILE CA 161 3.81 -84.23 39.35
CA ILE CA 161 4.82 -84.42 40.37
C ILE CA 161 4.74 -85.85 40.88
N ASP CA 162 5.84 -86.58 40.78
CA ASP CA 162 5.84 -88.01 41.05
C ASP CA 162 6.78 -88.34 42.20
N GLY CA 163 6.27 -89.06 43.20
CA GLY CA 163 7.11 -89.72 44.17
C GLY CA 163 7.52 -91.10 43.70
N THR CA 164 8.39 -91.73 44.49
CA THR CA 164 8.92 -93.03 44.11
C THR CA 164 7.83 -94.09 44.15
N ILE CA 165 7.90 -95.04 43.21
CA ILE CA 165 7.06 -96.22 43.10
C ILE CA 165 5.57 -95.87 43.15
N GLY CA 166 5.23 -94.66 42.71
CA GLY CA 166 3.86 -94.22 42.67
C GLY CA 166 3.40 -93.88 41.27
N TRP CA 167 2.23 -94.37 40.87
CA TRP CA 167 1.71 -94.17 39.53
C TRP CA 167 0.19 -94.31 39.50
N SER CA 168 -0.39 -93.94 38.36
CA SER CA 168 -1.76 -94.30 37.98
C SER CA 168 -2.79 -93.80 38.98
N GLY CA 169 -2.91 -92.48 39.07
CA GLY CA 169 -4.06 -91.90 39.76
C GLY CA 169 -5.34 -92.24 39.03
N ALA CA 170 -6.19 -93.05 39.65
CA ALA CA 170 -7.32 -93.64 38.96
C ALA CA 170 -8.64 -93.16 39.53
N LYS CA 171 -9.67 -93.19 38.70
CA LYS CA 171 -11.02 -92.81 39.09
C LYS CA 171 -11.72 -93.97 39.80
N VAL CA 172 -12.80 -93.64 40.50
CA VAL CA 172 -13.64 -94.65 41.14
C VAL CA 172 -15.03 -94.04 41.30
N ILE CA 173 -16.06 -94.89 41.17
CA ILE CA 173 -17.43 -94.40 41.26
C ILE CA 173 -17.83 -93.97 42.66
N ALA CA 174 -17.26 -94.58 43.69
CA ALA CA 174 -17.63 -94.27 45.07
C ALA CA 174 -17.15 -92.90 45.53
N SER CA 175 -16.35 -92.20 44.73
CA SER CA 175 -15.82 -90.90 45.11
C SER CA 175 -16.91 -89.84 45.07
N THR CA 176 -16.86 -88.91 46.02
CA THR CA 176 -17.80 -87.79 46.03
C THR CA 176 -17.29 -86.65 45.16
N ARG CA 177 -18.22 -86.03 44.44
CA ARG CA 177 -17.93 -84.92 43.54
C ARG CA 177 -18.58 -83.67 44.12
N VAL CA 178 -17.78 -82.83 44.78
CA VAL CA 178 -18.28 -81.67 45.50
C VAL CA 178 -18.13 -80.47 44.59
N ASP CA 179 -19.22 -80.07 43.96
CA ASP CA 179 -19.16 -79.04 42.93
C ASP CA 179 -19.25 -77.65 43.56
N PRO CA 180 -18.31 -76.76 43.30
CA PRO CA 180 -18.31 -75.44 43.91
C PRO CA 180 -18.98 -74.37 43.07
N GLY CA 181 -19.44 -73.32 43.75
CA GLY CA 181 -19.74 -72.08 43.07
C GLY CA 181 -18.48 -71.30 42.79
N SER CA 182 -18.46 -70.60 41.66
CA SER CA 182 -17.26 -69.91 41.18
C SER CA 182 -17.59 -68.47 40.82
N ARG CA 183 -17.57 -67.59 41.80
CA ARG CA 183 -17.71 -66.13 41.62
C ARG CA 183 -18.78 -65.81 40.59
N GLN CA 184 -19.93 -66.48 40.73
CA GLN CA 184 -20.94 -66.44 39.68
C GLN CA 184 -21.53 -65.05 39.47
N MET CA 185 -21.63 -64.24 40.52
CA MET CA 185 -22.12 -62.87 40.43
C MET CA 185 -21.10 -61.92 41.04
N SER CA 186 -20.28 -61.27 40.21
CA SER CA 186 -19.24 -60.38 40.74
C SER CA 186 -19.77 -58.98 41.05
N ASP CA 187 -20.00 -58.17 40.00
CA ASP CA 187 -20.65 -56.85 40.14
C ASP CA 187 -21.67 -56.52 39.07
N ALA CA 188 -21.53 -57.00 37.83
CA ALA CA 188 -22.34 -56.50 36.73
C ALA CA 188 -23.53 -57.40 36.43
N GLU CA 189 -23.32 -58.71 36.38
CA GLU CA 189 -24.44 -59.64 36.31
C GLU CA 189 -25.32 -59.52 37.56
N LEU CA 190 -24.80 -58.99 38.66
CA LEU CA 190 -25.66 -58.62 39.78
C LEU CA 190 -26.63 -57.51 39.38
N LYS CA 191 -26.12 -56.47 38.72
CA LYS CA 191 -27.00 -55.40 38.25
C LYS CA 191 -28.02 -55.93 37.26
N ASN CA 192 -27.59 -56.82 36.36
CA ASN CA 192 -28.53 -57.41 35.42
C ASN CA 192 -29.56 -58.27 36.13
N ALA CA 193 -29.17 -58.90 37.24
CA ALA CA 193 -30.14 -59.65 38.03
C ALA CA 193 -31.19 -58.73 38.64
N ARG CA 194 -30.76 -57.59 39.17
CA ARG CA 194 -31.71 -56.61 39.69
C ARG CA 194 -32.64 -56.11 38.59
N VAL CA 195 -32.08 -55.85 37.40
CA VAL CA 195 -32.89 -55.38 36.28
C VAL CA 195 -33.92 -56.44 35.87
N ASN CA 196 -33.50 -57.71 35.81
CA ASN CA 196 -34.43 -58.77 35.45
C ASN CA 196 -35.52 -58.92 36.48
N ARG CA 197 -35.16 -58.85 37.77
CA ARG CA 197 -36.17 -58.88 38.82
C ARG CA 197 -37.18 -57.76 38.63
N LEU CA 198 -36.71 -56.52 38.47
CA LEU CA 198 -37.63 -55.40 38.29
C LEU CA 198 -38.51 -55.57 37.07
N ALA CA 199 -37.97 -56.14 35.99
CA ALA CA 199 -38.78 -56.40 34.81
C ALA CA 199 -39.88 -57.41 35.12
N ILE CA 200 -39.55 -58.49 35.83
CA ILE CA 200 -40.57 -59.47 36.20
C ILE CA 200 -41.64 -58.80 37.05
N GLN CA 201 -41.22 -57.90 37.94
CA GLN CA 201 -42.14 -57.29 38.89
C GLN CA 201 -42.97 -56.17 38.30
N GLY CA 202 -42.58 -55.63 37.15
CA GLY CA 202 -43.37 -54.54 36.57
C GLY CA 202 -44.71 -54.99 36.03
N ARG CA 203 -44.82 -56.27 35.68
CA ARG CA 203 -46.05 -56.78 35.08
C ARG CA 203 -47.11 -57.04 36.13
N ASN CA 204 -48.37 -56.87 35.74
CA ASN CA 204 -49.49 -57.10 36.63
C ASN CA 204 -50.12 -58.46 36.33
N SER CA 205 -51.24 -58.76 37.00
CA SER CA 205 -51.75 -60.13 37.06
C SER CA 205 -51.92 -60.75 35.69
N THR CA 206 -52.78 -60.15 34.85
CA THR CA 206 -53.00 -60.66 33.51
C THR CA 206 -51.71 -60.65 32.69
N MET CA 207 -50.95 -59.55 32.78
CA MET CA 207 -49.72 -59.44 32.02
C MET CA 207 -48.68 -60.47 32.49
N ALA CA 208 -48.56 -60.66 33.80
CA ALA CA 208 -47.62 -61.64 34.32
C ALA CA 208 -48.01 -63.05 33.89
N ILE CA 209 -49.31 -63.37 33.94
CA ILE CA 209 -49.76 -64.68 33.50
C ILE CA 209 -49.43 -64.88 32.03
N LYS CA 210 -49.70 -63.86 31.21
CA LYS CA 210 -49.43 -63.96 29.78
C LYS CA 210 -47.95 -64.21 29.53
N ALA CA 211 -47.07 -63.44 30.18
CA ALA CA 211 -45.64 -63.60 29.97
C ALA CA 211 -45.16 -64.98 30.45
N TYR CA 212 -45.60 -65.39 31.64
CA TYR CA 212 -45.13 -66.67 32.18
C TYR CA 212 -45.57 -67.84 31.31
N VAL CA 213 -46.84 -67.86 30.89
CA VAL CA 213 -47.30 -68.96 30.06
C VAL CA 213 -46.68 -68.90 28.66
N SER CA 214 -46.52 -67.71 28.08
CA SER CA 214 -45.84 -67.60 26.81
C SER CA 214 -44.37 -68.01 26.91
N ALA CA 215 -43.83 -68.01 28.13
CA ALA CA 215 -42.42 -68.36 28.31
C ALA CA 215 -42.14 -69.84 28.09
N VAL CA 216 -43.08 -70.72 28.44
CA VAL CA 216 -42.83 -72.16 28.39
C VAL CA 216 -42.69 -72.57 26.93
N PRO CA 217 -41.93 -73.63 26.63
CA PRO CA 217 -41.80 -74.06 25.24
C PRO CA 217 -43.07 -74.71 24.72
N ASN CA 218 -43.27 -74.59 23.41
CA ASN CA 218 -44.35 -75.20 22.64
C ASN CA 218 -45.72 -74.57 22.91
N VAL CA 219 -45.78 -73.45 23.61
CA VAL CA 219 -47.02 -72.69 23.67
C VAL CA 219 -47.10 -71.77 22.47
N THR CA 220 -48.32 -71.44 22.04
CA THR CA 220 -48.51 -70.57 20.89
C THR CA 220 -49.33 -69.32 21.20
N SER CA 221 -50.41 -69.44 21.96
CA SER CA 221 -51.25 -68.30 22.24
C SER CA 221 -51.80 -68.40 23.66
N VAL CA 222 -52.24 -67.27 24.18
CA VAL CA 222 -52.89 -67.17 25.48
C VAL CA 222 -54.05 -66.20 25.37
N ASN CA 223 -55.16 -66.53 26.02
CA ASN CA 223 -56.29 -65.61 26.15
C ASN CA 223 -56.63 -65.48 27.62
N VAL CA 224 -56.69 -64.24 28.12
CA VAL CA 224 -56.93 -63.96 29.52
C VAL CA 224 -58.10 -62.99 29.65
N ILE CA 225 -59.04 -63.32 30.53
CA ILE CA 225 -60.18 -62.45 30.81
C ILE CA 225 -60.41 -62.45 32.30
N GLU CA 226 -60.97 -61.35 32.82
CA GLU CA 226 -61.39 -61.24 34.21
C GLU CA 226 -62.83 -60.76 34.22
N ASN CA 227 -63.65 -61.35 35.08
CA ASN CA 227 -65.05 -60.98 35.11
C ASN CA 227 -65.26 -59.62 35.75
N ASN CA 228 -64.56 -59.36 36.87
CA ASN CA 228 -64.51 -58.06 37.52
C ASN CA 228 -65.84 -57.67 38.17
N THR CA 229 -66.87 -58.49 37.96
CA THR CA 229 -68.19 -58.29 38.58
C THR CA 229 -68.88 -59.64 38.67
N GLY CA 230 -70.06 -59.64 39.28
CA GLY CA 230 -70.94 -60.79 39.28
C GLY CA 230 -71.75 -60.95 38.00
N ALA CA 231 -71.49 -60.13 36.99
CA ALA CA 231 -72.21 -60.14 35.73
C ALA CA 231 -71.34 -60.68 34.61
N VAL CA 232 -71.86 -60.64 33.38
CA VAL CA 232 -71.17 -61.15 32.19
C VAL CA 232 -70.60 -59.96 31.43
N GLN CA 233 -69.33 -60.06 31.06
CA GLN CA 233 -68.67 -59.05 30.25
C GLN CA 233 -68.38 -59.53 28.83
N VAL CA 234 -67.78 -60.73 28.69
CA VAL CA 234 -67.52 -61.31 27.39
C VAL CA 234 -68.14 -62.70 27.25
N VAL CA 235 -68.04 -63.53 28.29
CA VAL CA 235 -68.58 -64.88 28.28
C VAL CA 235 -69.33 -65.14 29.57
N ASN CA 236 -70.16 -66.18 29.55
CA ASN CA 236 -71.08 -66.43 30.65
C ASN CA 236 -70.40 -67.10 31.83
N GLY CA 237 -69.31 -66.53 32.33
CA GLY CA 237 -68.72 -67.06 33.54
C GLY CA 237 -69.21 -66.34 34.77
N VAL CA 238 -70.27 -66.86 35.40
CA VAL CA 238 -70.82 -66.29 36.62
C VAL CA 238 -70.95 -67.45 37.60
N SER CA 239 -70.14 -68.50 37.38
CA SER CA 239 -70.09 -69.60 38.35
C SER CA 239 -69.67 -69.08 39.71
N PHE CA 240 -68.59 -68.32 39.76
CA PHE CA 240 -68.18 -67.59 40.94
C PHE CA 240 -68.20 -66.10 40.65
N THR CA 241 -68.24 -65.31 41.71
CA THR CA 241 -68.45 -63.88 41.56
C THR CA 241 -67.23 -63.19 40.92
N LEU CA 242 -66.02 -63.57 41.33
CA LEU CA 242 -64.80 -62.88 40.88
C LEU CA 242 -63.69 -63.88 40.53
N PRO CA 243 -63.84 -64.63 39.44
CA PRO CA 243 -62.77 -65.54 39.00
C PRO CA 243 -61.73 -64.82 38.13
N TYR CA 244 -60.86 -65.64 37.54
CA TYR CA 244 -59.84 -65.20 36.59
C TYR CA 244 -59.61 -66.33 35.59
N ALA CA 245 -60.18 -66.20 34.40
CA ALA CA 245 -60.20 -67.29 33.43
C ALA CA 245 -58.97 -67.21 32.52
N VAL CA 246 -58.45 -68.38 32.13
CA VAL CA 246 -57.27 -68.50 31.28
C VAL CA 246 -57.48 -69.63 30.28
N TRP CA 247 -57.14 -69.36 29.01
CA TRP CA 247 -57.11 -70.40 27.98
C TRP CA 247 -55.74 -70.41 27.34
N VAL CA 248 -55.23 -71.59 27.04
CA VAL CA 248 -53.89 -71.75 26.46
C VAL CA 248 -53.96 -72.69 25.26
N CYS CA 249 -53.33 -72.29 24.16
CA CYS CA 249 -53.05 -73.16 23.03
C CYS CA 249 -51.64 -73.69 23.15
N VAL CA 250 -51.36 -74.80 22.46
CA VAL CA 250 -50.13 -75.55 22.67
C VAL CA 250 -49.93 -76.49 21.51
N ALA CA 251 -48.70 -76.96 21.34
CA ALA CA 251 -48.38 -78.06 20.43
C ALA CA 251 -48.46 -79.42 21.09
N GLY CA 252 -49.24 -79.55 22.16
CA GLY CA 252 -49.48 -80.85 22.77
C GLY CA 252 -49.54 -80.88 24.29
N ASN CA 253 -48.97 -79.86 24.95
CA ASN CA 253 -48.68 -79.90 26.37
C ASN CA 253 -48.00 -81.20 26.78
N PRO CA 254 -46.83 -81.53 26.23
CA PRO CA 254 -46.11 -82.71 26.74
C PRO CA 254 -45.66 -82.52 28.19
N ASP CA 255 -45.58 -81.29 28.67
CA ASP CA 255 -45.26 -80.99 30.06
C ASP CA 255 -46.43 -80.30 30.74
N LYS CA 256 -47.37 -81.12 31.22
CA LYS CA 256 -48.56 -80.59 31.88
C LYS CA 256 -48.22 -79.95 33.22
N GLN CA 257 -47.25 -80.52 33.95
CA GLN CA 257 -46.86 -79.95 35.23
C GLN CA 257 -46.19 -78.60 35.07
N ALA CA 258 -45.39 -78.43 34.01
CA ALA CA 258 -44.71 -77.15 33.80
C ALA CA 258 -45.69 -76.02 33.55
N VAL CA 259 -46.76 -76.29 32.81
CA VAL CA 259 -47.78 -75.26 32.58
C VAL CA 259 -48.44 -74.85 33.89
N ALA CA 260 -48.74 -75.83 34.74
CA ALA CA 260 -49.33 -75.54 36.04
C ALA CA 260 -48.37 -74.72 36.90
N ASP CA 261 -47.07 -75.04 36.84
CA ASP CA 261 -46.10 -74.27 37.60
C ASP CA 261 -46.01 -72.83 37.10
N ALA CA 262 -46.01 -72.64 35.79
CA ALA CA 262 -45.97 -71.29 35.23
C ALA CA 262 -47.20 -70.49 35.64
N LEU CA 263 -48.38 -71.11 35.57
CA LEU CA 263 -49.59 -70.43 36.01
C LEU CA 263 -49.53 -70.12 37.50
N TRP CA 264 -48.99 -71.03 38.30
CA TRP CA 264 -48.97 -70.82 39.74
C TRP CA 264 -47.98 -69.73 40.14
N ALA CA 265 -46.88 -69.57 39.39
CA ALA CA 265 -45.87 -68.58 39.74
C ALA CA 265 -46.46 -67.18 39.78
N ALA CA 266 -47.59 -66.98 39.10
CA ALA CA 266 -48.38 -65.77 39.24
C ALA CA 266 -49.67 -66.12 39.99
N HIS CA 267 -49.82 -65.59 41.20
CA HIS CA 267 -51.00 -65.83 41.99
C HIS CA 267 -51.31 -64.59 42.80
N ASN CA 268 -52.60 -64.26 42.90
CA ASN CA 268 -53.01 -63.00 43.49
C ASN CA 268 -53.28 -63.08 44.99
N GLY CA 269 -53.59 -64.25 45.52
CA GLY CA 269 -53.74 -64.43 46.94
C GLY CA 269 -55.11 -64.12 47.50
N GLY CA 270 -56.03 -63.63 46.67
CA GLY CA 270 -57.40 -63.45 47.12
C GLY CA 270 -58.43 -63.70 46.05
N THR CA 271 -57.98 -64.14 44.87
CA THR CA 271 -58.85 -64.31 43.72
C THR CA 271 -58.80 -65.77 43.27
N PRO CA 272 -59.87 -66.53 43.41
CA PRO CA 272 -59.85 -67.93 42.97
C PRO CA 272 -59.72 -68.04 41.46
N TRP CA 273 -59.15 -69.15 41.03
CA TRP CA 273 -59.01 -69.45 39.61
C TRP CA 273 -60.16 -70.28 39.05
N ASP CA 274 -61.18 -70.58 39.86
CA ASP CA 274 -62.26 -71.44 39.40
C ASP CA 274 -63.07 -70.75 38.31
N TYR CA 275 -63.16 -71.40 37.16
CA TYR CA 275 -63.95 -70.90 36.05
C TYR CA 275 -64.67 -72.05 35.39
N GLY CA 276 -65.82 -71.73 34.78
CA GLY CA 276 -66.59 -72.71 34.04
C GLY CA 276 -68.09 -72.43 34.08
N ALA CA 277 -68.75 -72.70 32.96
CA ALA CA 277 -70.20 -72.56 32.88
C ALA CA 277 -70.83 -73.82 32.30
N THR CA 278 -70.17 -74.97 32.47
CA THR CA 278 -70.58 -76.27 31.94
C THR CA 278 -70.65 -76.30 30.42
N ASN CA 279 -70.33 -75.19 29.76
CA ASN CA 279 -70.41 -75.10 28.31
C ASN CA 279 -69.18 -74.47 27.68
N ASN CA 280 -68.33 -73.78 28.44
CA ASN CA 280 -67.17 -73.10 27.88
C ASN CA 280 -66.06 -74.13 27.62
N GLY CA 281 -64.84 -73.64 27.37
CA GLY CA 281 -63.77 -74.53 26.97
C GLY CA 281 -63.54 -75.64 27.99
N VAL CA 282 -63.06 -76.78 27.51
CA VAL CA 282 -62.94 -77.99 28.33
C VAL CA 282 -61.96 -77.77 29.46
N PRO CA 283 -62.31 -78.10 30.70
CA PRO CA 283 -61.35 -78.04 31.79
C PRO CA 283 -60.42 -79.25 31.78
N VAL CA 284 -59.19 -79.03 32.25
CA VAL CA 284 -58.18 -80.08 32.20
C VAL CA 284 -58.51 -81.20 33.17
N ASP CA 285 -58.89 -80.86 34.40
CA ASP CA 285 -59.36 -81.84 35.36
C ASP CA 285 -60.43 -81.22 36.25
N GLY CA 286 -61.23 -82.09 36.85
CA GLY CA 286 -62.38 -81.66 37.62
C GLY CA 286 -62.04 -80.87 38.87
N PRO CA 287 -61.41 -81.53 39.85
CA PRO CA 287 -61.18 -80.86 41.14
C PRO CA 287 -59.88 -80.06 41.22
N ASN CA 288 -58.85 -80.46 40.48
CA ASN CA 288 -57.52 -79.89 40.69
C ASN CA 288 -56.68 -80.06 39.43
N GLY CA 289 -55.77 -79.11 39.23
CA GLY CA 289 -54.81 -79.21 38.14
C GLY CA 289 -53.43 -79.63 38.61
N VAL CA 290 -53.33 -79.97 39.89
CA VAL CA 290 -52.15 -80.54 40.54
C VAL CA 290 -50.89 -79.77 40.18
N PRO CA 291 -50.69 -78.58 40.72
CA PRO CA 291 -49.38 -77.92 40.60
C PRO CA 291 -48.35 -78.60 41.49
N VAL CA 292 -47.10 -78.19 41.32
CA VAL CA 292 -46.07 -78.58 42.28
C VAL CA 292 -46.41 -77.96 43.62
N ARG CA 293 -45.89 -78.54 44.69
CA ARG CA 293 -46.18 -78.01 46.01
C ARG CA 293 -45.64 -76.59 46.16
N ASP CA 294 -44.32 -76.43 46.25
CA ASP CA 294 -43.68 -75.13 46.28
C ASP CA 294 -42.17 -75.34 46.17
N PRO CA 295 -41.47 -74.56 45.35
CA PRO CA 295 -40.00 -74.65 45.37
C PRO CA 295 -39.39 -74.28 46.71
N ALA CA 296 -39.99 -73.36 47.46
CA ALA CA 296 -39.33 -72.79 48.63
C ALA CA 296 -40.24 -72.93 49.84
N SER CA 297 -39.96 -73.95 50.66
CA SER CA 297 -40.56 -74.09 52.00
C SER CA 297 -42.07 -73.91 51.94
N GLY CA 298 -42.69 -74.81 51.20
CA GLY CA 298 -44.13 -74.74 51.03
C GLY CA 298 -44.68 -76.12 50.78
N ARG CA 299 -45.97 -76.15 50.50
CA ARG CA 299 -46.75 -77.36 50.34
C ARG CA 299 -47.68 -77.21 49.16
N LYS CA 300 -48.53 -78.21 48.97
CA LYS CA 300 -49.32 -78.31 47.75
C LYS CA 300 -50.37 -77.21 47.67
N TYR CA 301 -50.42 -76.53 46.53
CA TYR CA 301 -51.52 -75.64 46.16
C TYR CA 301 -52.22 -76.19 44.94
N VAL CA 302 -53.34 -75.57 44.57
CA VAL CA 302 -54.15 -76.03 43.45
C VAL CA 302 -54.35 -74.88 42.47
N VAL CA 303 -54.30 -75.20 41.17
CA VAL CA 303 -54.65 -74.24 40.14
C VAL CA 303 -55.46 -74.97 39.08
N LYS CA 304 -56.27 -74.23 38.34
CA LYS CA 304 -57.11 -74.80 37.30
C LYS CA 304 -57.08 -73.91 36.07
N TRP CA 305 -57.12 -74.54 34.90
CA TRP CA 305 -57.19 -73.81 33.64
C TRP CA 305 -57.77 -74.71 32.56
N THR CA 306 -58.21 -74.09 31.47
CA THR CA 306 -58.91 -74.78 30.40
C THR CA 306 -58.15 -74.65 29.08
N THR CA 307 -58.73 -75.24 28.04
CA THR CA 307 -58.22 -75.21 26.68
C THR CA 307 -59.38 -74.98 25.71
N PRO CA 308 -59.10 -74.44 24.53
CA PRO CA 308 -60.20 -74.15 23.59
C PRO CA 308 -60.76 -75.41 22.97
N ILE CA 309 -61.73 -75.21 22.08
CA ILE CA 309 -62.37 -76.28 21.32
C ILE CA 309 -61.82 -76.24 19.91
N MET CA 310 -61.38 -77.39 19.41
CA MET CA 310 -60.76 -77.43 18.09
C MET CA 310 -61.82 -77.34 16.99
N TYR CA 311 -61.55 -76.51 16.00
CA TYR CA 311 -62.49 -76.27 14.91
C TYR CA 311 -61.76 -76.45 13.58
N ASP CA 312 -62.45 -77.05 12.62
CA ASP CA 312 -61.88 -77.32 11.30
C ASP CA 312 -62.54 -76.40 10.29
N GLY CA 313 -61.72 -75.67 9.54
CA GLY CA 313 -62.21 -74.65 8.62
C GLY CA 313 -62.60 -75.25 7.27
N TYR CA 314 -63.84 -74.99 6.88
CA TYR CA 314 -64.33 -75.34 5.55
C TYR CA 314 -64.40 -74.08 4.71
N VAL CA 315 -63.59 -74.02 3.66
CA VAL CA 315 -63.45 -72.83 2.82
C VAL CA 315 -63.59 -73.22 1.36
N ASN CA 316 -64.35 -72.44 0.61
CA ASN CA 316 -64.44 -72.55 -0.84
C ASN CA 316 -63.79 -71.33 -1.47
N VAL CA 317 -62.91 -71.56 -2.44
CA VAL CA 317 -62.25 -70.49 -3.17
C VAL CA 317 -62.44 -70.71 -4.66
N THR CA 318 -62.80 -69.65 -5.37
CA THR CA 318 -62.98 -69.70 -6.81
C THR CA 318 -62.01 -68.71 -7.44
N VAL CA 319 -61.10 -69.21 -8.28
CA VAL CA 319 -60.13 -68.37 -8.97
C VAL CA 319 -60.13 -68.77 -10.43
N GLN CA 320 -59.82 -67.79 -11.29
CA GLN CA 320 -59.43 -68.04 -12.66
C GLN CA 320 -57.93 -67.81 -12.77
N GLN CA 321 -57.25 -68.72 -13.46
CA GLN CA 321 -55.79 -68.66 -13.52
C GLN CA 321 -55.32 -67.35 -14.16
N GLY CA 322 -56.04 -66.88 -15.15
CA GLY CA 322 -55.60 -65.74 -15.95
C GLY CA 322 -54.74 -66.20 -17.12
N SER CA 323 -53.51 -65.70 -17.18
CA SER CA 323 -52.55 -66.15 -18.18
C SER CA 323 -51.38 -66.89 -17.58
N SER CA 324 -51.46 -67.28 -16.30
CA SER CA 324 -50.43 -68.05 -15.65
C SER CA 324 -51.10 -69.19 -14.88
N SER CA 325 -50.51 -70.39 -14.98
CA SER CA 325 -51.03 -71.57 -14.32
C SER CA 325 -50.10 -71.98 -13.19
N VAL CA 326 -50.68 -72.22 -12.01
CA VAL CA 326 -49.95 -72.70 -10.84
C VAL CA 326 -50.79 -73.78 -10.18
N ALA CA 327 -50.12 -74.76 -9.57
CA ALA CA 327 -50.84 -75.89 -8.97
C ALA CA 327 -51.67 -75.41 -7.79
N PRO CA 328 -52.83 -76.02 -7.56
CA PRO CA 328 -53.61 -75.65 -6.37
C PRO CA 328 -52.85 -75.89 -5.07
N GLU CA 329 -52.05 -76.96 -5.01
CA GLU CA 329 -51.32 -77.28 -3.78
C GLU CA 329 -50.33 -76.18 -3.41
N ALA CA 330 -49.82 -75.43 -4.39
CA ALA CA 330 -48.92 -74.32 -4.07
C ALA CA 330 -49.66 -73.25 -3.27
N ILE CA 331 -50.82 -72.82 -3.77
CA ILE CA 331 -51.60 -71.82 -3.04
C ILE CA 331 -52.09 -72.38 -1.71
N GLN CA 332 -52.40 -73.68 -1.69
CA GLN CA 332 -52.81 -74.32 -0.45
C GLN CA 332 -51.72 -74.27 0.61
N ASN CA 333 -50.49 -74.65 0.26
CA ASN CA 333 -49.42 -74.59 1.25
C ASN CA 333 -49.13 -73.15 1.66
N ALA CA 334 -49.20 -72.22 0.71
CA ALA CA 334 -49.01 -70.81 1.04
C ALA CA 334 -50.05 -70.34 2.06
N VAL CA 335 -51.33 -70.62 1.79
CA VAL CA 335 -52.39 -70.16 2.67
C VAL CA 335 -52.28 -70.83 4.05
N VAL CA 336 -52.03 -72.15 4.07
CA VAL CA 336 -52.03 -72.85 5.35
C VAL CA 336 -50.82 -72.45 6.18
N ASN CA 337 -49.70 -72.11 5.54
CA ASN CA 337 -48.60 -71.58 6.34
C ASN CA 337 -48.88 -70.17 6.81
N TYR CA 338 -49.63 -69.38 6.04
CA TYR CA 338 -50.07 -68.10 6.57
C TYR CA 338 -50.95 -68.29 7.80
N ALA CA 339 -51.79 -69.33 7.79
CA ALA CA 339 -52.73 -69.53 8.89
C ALA CA 339 -52.02 -69.74 10.22
N GLN CA 340 -50.78 -70.24 10.19
CA GLN CA 340 -49.97 -70.32 11.40
C GLN CA 340 -49.22 -69.03 11.69
N GLY CA 341 -49.52 -67.95 10.95
CA GLY CA 341 -48.98 -66.63 11.22
C GLY CA 341 -47.48 -66.49 11.02
N LYS CA 342 -46.96 -67.01 9.90
CA LYS CA 342 -45.53 -66.85 9.62
C LYS CA 342 -45.20 -65.44 9.18
N VAL CA 343 -46.01 -64.85 8.31
CA VAL CA 343 -45.72 -63.56 7.69
C VAL CA 343 -45.83 -62.47 8.75
N GLU CA 344 -44.97 -61.46 8.64
CA GLU CA 344 -44.98 -60.37 9.59
C GLU CA 344 -46.24 -59.54 9.46
N GLY CA 345 -46.79 -59.12 10.60
CA GLY CA 345 -47.97 -58.29 10.66
C GLY CA 345 -49.26 -59.02 10.95
N GLU CA 346 -49.35 -60.32 10.62
CA GLU CA 346 -50.55 -61.11 10.84
C GLU CA 346 -50.18 -62.27 11.74
N GLU CA 347 -50.84 -62.36 12.90
CA GLU CA 347 -50.43 -63.32 13.92
C GLU CA 347 -50.96 -64.72 13.64
N GLY CA 348 -52.05 -64.82 12.90
CA GLY CA 348 -52.57 -66.13 12.51
C GLY CA 348 -53.92 -66.48 13.10
N LEU CA 349 -54.18 -67.77 13.24
CA LEU CA 349 -55.46 -68.25 13.79
C LEU CA 349 -55.29 -68.58 15.26
N VAL CA 350 -55.21 -67.52 16.06
CA VAL CA 350 -55.08 -67.63 17.51
C VAL CA 350 -56.45 -67.92 18.11
N VAL CA 351 -56.49 -68.22 19.41
CA VAL CA 351 -57.74 -68.52 20.07
C VAL CA 351 -58.69 -67.34 19.96
N GLY CA 352 -59.94 -67.64 19.60
CA GLY CA 352 -60.99 -66.63 19.53
C GLY CA 352 -60.77 -65.54 18.51
N ALA CA 353 -60.16 -65.87 17.37
CA ALA CA 353 -59.90 -64.91 16.31
C ALA CA 353 -60.81 -65.24 15.13
N SER CA 354 -61.72 -64.34 14.80
CA SER CA 354 -62.65 -64.60 13.73
C SER CA 354 -61.92 -64.74 12.41
N LEU CA 355 -62.42 -65.65 11.57
CA LEU CA 355 -61.81 -65.97 10.29
C LEU CA 355 -62.58 -65.24 9.19
N SER CA 356 -61.85 -64.56 8.31
CA SER CA 356 -62.46 -63.80 7.23
C SER CA 356 -61.84 -64.19 5.90
N ALA CA 357 -62.69 -64.53 4.93
CA ALA CA 357 -62.21 -64.84 3.59
C ALA CA 357 -61.59 -63.63 2.92
N PHE CA 358 -62.01 -62.42 3.32
CA PHE CA 358 -61.37 -61.21 2.83
C PHE CA 358 -59.89 -61.19 3.22
N GLU CA 359 -59.59 -61.57 4.47
CA GLU CA 359 -58.21 -61.62 4.92
C GLU CA 359 -57.42 -62.70 4.21
N VAL CA 360 -58.03 -63.84 3.92
CA VAL CA 360 -57.34 -64.90 3.18
C VAL CA 360 -57.02 -64.43 1.77
N ALA CA 361 -57.97 -63.75 1.12
CA ALA CA 361 -57.69 -63.16 -0.19
C ALA CA 361 -56.58 -62.13 -0.08
N GLY CA 362 -56.55 -61.36 1.01
CA GLY CA 362 -55.47 -60.42 1.22
C GLY CA 362 -54.12 -61.10 1.35
N ALA CA 363 -54.06 -62.22 2.06
CA ALA CA 363 -52.82 -62.97 2.19
C ALA CA 363 -52.39 -63.51 0.83
N ILE CA 364 -53.34 -63.99 0.03
CA ILE CA 364 -53.03 -64.45 -1.32
C ILE CA 364 -52.44 -63.30 -2.14
N ALA CA 365 -53.05 -62.11 -2.04
CA ALA CA 365 -52.56 -60.96 -2.79
C ALA CA 365 -51.16 -60.57 -2.34
N ARG CA 366 -50.91 -60.60 -1.04
CA ARG CA 366 -49.60 -60.27 -0.50
C ARG CA 366 -48.54 -61.26 -0.99
N GLU CA 367 -48.85 -62.55 -0.94
CA GLU CA 367 -47.89 -63.56 -1.39
C GLU CA 367 -47.64 -63.47 -2.88
N ILE CA 368 -48.70 -63.42 -3.69
CA ILE CA 368 -48.57 -63.37 -5.14
C ILE CA 368 -49.59 -62.40 -5.75
N PRO CA 369 -49.15 -61.25 -6.23
CA PRO CA 369 -50.02 -60.40 -7.04
C PRO CA 369 -50.10 -60.92 -8.46
N GLY CA 370 -50.73 -60.13 -9.33
CA GLY CA 370 -50.88 -60.55 -10.72
C GLY CA 370 -51.90 -61.63 -10.93
N ILE CA 371 -52.80 -61.84 -9.97
CA ILE CA 371 -53.88 -62.80 -10.09
C ILE CA 371 -55.19 -62.06 -9.85
N TYR CA 372 -56.24 -62.52 -10.53
CA TYR CA 372 -57.59 -62.01 -10.36
C TYR CA 372 -58.42 -63.05 -9.64
N ILE CA 373 -59.11 -62.62 -8.60
CA ILE CA 373 -59.81 -63.50 -7.67
C ILE CA 373 -61.30 -63.37 -7.91
N LYS CA 374 -62.00 -64.49 -7.97
CA LYS CA 374 -63.43 -64.48 -8.24
C LYS CA 374 -64.25 -64.43 -6.95
N LEU CA 375 -64.14 -65.46 -6.12
CA LEU CA 375 -64.96 -65.53 -4.91
C LEU CA 375 -64.23 -66.39 -3.89
N CYS CA 376 -64.58 -66.17 -2.61
CA CYS CA 376 -63.97 -66.91 -1.51
C CYS CA 376 -64.95 -66.89 -0.35
N GLN CA 377 -65.34 -68.06 0.13
CA GLN CA 377 -66.24 -68.19 1.26
C GLN CA 377 -65.68 -69.19 2.26
N VAL CA 378 -66.04 -69.00 3.54
CA VAL CA 378 -65.50 -69.82 4.62
C VAL CA 378 -66.64 -70.23 5.55
N ALA CA 379 -66.41 -71.34 6.25
CA ALA CA 379 -67.31 -71.80 7.30
C ALA CA 379 -66.53 -72.69 8.25
N CYS CA 380 -67.04 -72.82 9.47
CA CYS CA 380 -66.34 -73.58 10.50
C CYS CA 380 -67.36 -74.27 11.40
N VAL CA 381 -67.15 -75.56 11.64
CA VAL CA 381 -67.95 -76.33 12.59
C VAL CA 381 -67.01 -77.14 13.47
N ALA CA 382 -67.59 -77.97 14.33
CA ALA CA 382 -66.80 -78.83 15.21
C ALA CA 382 -66.02 -79.88 14.42
N ALA CA 383 -64.81 -80.15 14.86
CA ALA CA 383 -63.99 -81.16 14.21
C ALA CA 383 -64.60 -82.55 14.42
N GLY CA 384 -64.45 -83.40 13.41
CA GLY CA 384 -65.05 -84.71 13.42
C GLY CA 384 -66.44 -84.78 12.81
N SER CA 385 -67.05 -83.64 12.51
CA SER CA 385 -68.33 -83.64 11.83
C SER CA 385 -68.16 -84.00 10.35
N PRO CA 386 -69.14 -84.65 9.76
CA PRO CA 386 -69.16 -84.78 8.30
C PRO CA 386 -69.10 -83.42 7.62
N ALA CA 387 -68.61 -83.43 6.39
CA ALA CA 387 -68.44 -82.18 5.65
C ALA CA 387 -69.80 -81.50 5.47
N PRO CA 388 -69.88 -80.19 5.67
CA PRO CA 388 -71.19 -79.50 5.62
C PRO CA 388 -71.61 -79.24 4.17
N ALA CA 389 -72.86 -78.81 4.05
CA ALA CA 389 -73.43 -78.53 2.74
C ALA CA 389 -72.80 -77.26 2.16
N PRO CA 390 -72.88 -77.09 0.83
CA PRO CA 390 -72.51 -75.79 0.25
C PRO CA 390 -73.38 -74.65 0.75
N GLY CA 391 -74.59 -74.93 1.20
CA GLY CA 391 -75.47 -73.93 1.78
C GLY CA 391 -75.15 -73.54 3.20
N ASP CA 392 -74.13 -74.15 3.80
CA ASP CA 392 -73.68 -73.78 5.13
C ASP CA 392 -72.42 -72.93 5.12
N PHE CA 393 -72.06 -72.35 3.97
CA PHE CA 393 -70.91 -71.46 3.89
C PHE CA 393 -71.36 -70.00 3.96
N THR CA 394 -70.40 -69.12 4.22
CA THR CA 394 -70.69 -67.70 4.37
C THR CA 394 -69.42 -66.91 4.08
N SER CA 395 -69.58 -65.58 4.02
CA SER CA 395 -68.44 -64.72 3.70
C SER CA 395 -67.49 -64.59 4.87
N GLU CA 396 -68.01 -64.58 6.09
CA GLU CA 396 -67.19 -64.41 7.29
C GLU CA 396 -67.89 -65.08 8.47
N TYR CA 397 -67.16 -65.96 9.16
CA TYR CA 397 -67.69 -66.72 10.28
C TYR CA 397 -67.15 -66.14 11.58
N VAL CA 398 -68.06 -65.70 12.45
CA VAL CA 398 -67.66 -65.23 13.77
C VAL CA 398 -67.37 -66.42 14.67
N MET CA 399 -66.35 -66.29 15.51
CA MET CA 399 -65.95 -67.36 16.41
C MET CA 399 -66.09 -66.88 17.86
N SER CA 400 -66.42 -67.82 18.74
CA SER CA 400 -66.58 -67.49 20.15
C SER CA 400 -65.22 -67.23 20.79
N ALA CA 401 -65.27 -66.71 22.02
CA ALA CA 401 -64.05 -66.33 22.71
C ALA CA 401 -63.19 -67.54 23.04
N PHE CA 402 -63.81 -68.65 23.44
CA PHE CA 402 -63.10 -69.83 23.92
C PHE CA 402 -62.97 -70.92 22.85
N GLY CA 403 -62.80 -70.54 21.59
CA GLY CA 403 -62.61 -71.49 20.52
C GLY CA 403 -61.33 -71.20 19.76
N GLN CA 404 -60.81 -72.23 19.09
CA GLN CA 404 -59.58 -72.13 18.32
C GLN CA 404 -59.82 -72.72 16.94
N ALA CA 405 -59.29 -72.07 15.91
CA ALA CA 405 -59.52 -72.47 14.54
C ALA CA 405 -58.27 -73.10 13.95
N THR CA 406 -58.43 -74.28 13.36
CA THR CA 406 -57.37 -74.99 12.68
C THR CA 406 -57.74 -75.11 11.21
N ILE CA 407 -56.74 -75.32 10.37
CA ILE CA 407 -56.97 -75.48 8.94
C ILE CA 407 -56.14 -76.65 8.42
N SER CA 408 -56.77 -77.44 7.55
CA SER CA 408 -56.16 -78.63 6.98
C SER CA 408 -56.21 -78.54 5.45
N VAL CA 409 -55.07 -78.81 4.82
CA VAL CA 409 -54.97 -78.73 3.36
C VAL CA 409 -55.92 -79.72 2.71
N GLY CA 410 -55.99 -80.94 3.25
CA GLY CA 410 -56.89 -81.94 2.71
C GLY CA 410 -58.36 -81.67 2.95
N ASN CA 411 -58.68 -80.91 4.00
CA ASN CA 411 -60.08 -80.53 4.23
C ASN CA 411 -60.51 -79.46 3.25
N VAL CA 412 -59.58 -78.57 2.86
CA VAL CA 412 -59.92 -77.49 1.95
C VAL CA 412 -60.13 -78.05 0.54
N ARG CA 413 -61.24 -77.65 -0.08
CA ARG CA 413 -61.55 -77.97 -1.47
C ARG CA 413 -61.51 -76.68 -2.29
N VAL CA 414 -60.81 -76.72 -3.42
CA VAL CA 414 -60.63 -75.53 -4.25
C VAL CA 414 -61.31 -75.75 -5.59
N THR CA 415 -61.83 -74.67 -6.16
CA THR CA 415 -62.45 -74.68 -7.48
C THR CA 415 -61.69 -73.70 -8.36
N PHE CA 416 -60.67 -74.20 -9.07
CA PHE CA 416 -59.82 -73.38 -9.93
C PHE CA 416 -60.35 -73.51 -11.35
N VAL CA 417 -61.46 -72.81 -11.61
CA VAL CA 417 -62.19 -72.94 -12.86
C VAL CA 417 -61.29 -72.63 -14.04
N LEU DA 1 14.72 -13.33 -58.07
CA LEU DA 1 16.08 -13.56 -58.56
C LEU DA 1 16.65 -14.95 -58.22
N PRO DA 2 16.60 -15.38 -56.95
CA PRO DA 2 17.24 -16.65 -56.61
C PRO DA 2 16.62 -17.83 -57.36
N ALA DA 3 17.39 -18.89 -57.50
CA ALA DA 3 16.94 -20.04 -58.27
C ALA DA 3 16.06 -20.96 -57.44
N TYR DA 4 15.24 -21.74 -58.14
CA TYR DA 4 14.36 -22.74 -57.55
C TYR DA 4 14.52 -24.03 -58.33
N ASN DA 5 14.53 -25.17 -57.64
CA ASN DA 5 14.73 -26.44 -58.33
C ASN DA 5 13.41 -27.15 -58.63
N SER DA 6 12.67 -27.51 -57.58
CA SER DA 6 11.40 -28.21 -57.71
C SER DA 6 11.55 -29.47 -58.58
N ASP DA 7 12.39 -30.39 -58.10
CA ASP DA 7 12.72 -31.61 -58.81
C ASP DA 7 12.52 -32.82 -57.91
N ILE DA 8 11.78 -33.81 -58.41
CA ILE DA 8 11.54 -35.02 -57.62
C ILE DA 8 12.85 -35.79 -57.41
N GLN DA 9 13.72 -35.77 -58.42
CA GLN DA 9 14.98 -36.52 -58.37
C GLN DA 9 15.87 -36.07 -57.22
N GLN DA 10 15.64 -34.88 -56.67
CA GLN DA 10 16.45 -34.40 -55.56
C GLN DA 10 16.38 -35.33 -54.36
N ALA DA 11 15.35 -36.18 -54.27
CA ALA DA 11 15.25 -37.12 -53.17
C ALA DA 11 16.22 -38.27 -53.32
N LEU DA 12 16.74 -38.50 -54.53
CA LEU DA 12 17.66 -39.59 -54.75
C LEU DA 12 19.06 -39.20 -54.30
N LYS DA 13 19.44 -39.63 -53.11
CA LYS DA 13 20.74 -39.36 -52.52
C LYS DA 13 21.72 -40.46 -52.90
N TRP DA 14 22.98 -40.07 -53.09
CA TRP DA 14 23.99 -40.98 -53.60
C TRP DA 14 24.46 -42.00 -52.57
N LEU DA 15 23.71 -42.13 -51.46
CA LEU DA 15 23.72 -43.37 -50.70
C LEU DA 15 23.13 -44.52 -51.50
N HIS DA 16 22.35 -44.23 -52.54
CA HIS DA 16 21.77 -45.24 -53.43
C HIS DA 16 22.42 -45.09 -54.79
N ASN DA 17 23.58 -45.71 -54.96
CA ASN DA 17 24.26 -45.76 -56.26
C ASN DA 17 24.05 -47.08 -56.98
N GLN DA 18 24.15 -48.19 -56.26
CA GLN DA 18 23.90 -49.52 -56.81
C GLN DA 18 22.48 -49.99 -56.48
N ALA DA 19 21.52 -49.09 -56.52
CA ALA DA 19 20.14 -49.38 -56.16
C ALA DA 19 19.31 -49.58 -57.41
N PRO DA 20 18.86 -50.79 -57.73
CA PRO DA 20 17.88 -50.94 -58.81
C PRO DA 20 16.45 -50.65 -58.39
N GLY DA 21 16.08 -50.97 -57.16
CA GLY DA 21 14.70 -50.86 -56.73
C GLY DA 21 14.21 -49.45 -56.44
N ILE DA 22 14.74 -48.84 -55.38
CA ILE DA 22 14.22 -47.55 -54.92
C ILE DA 22 14.49 -46.46 -55.95
N THR DA 23 15.67 -46.48 -56.59
CA THR DA 23 15.97 -45.50 -57.62
C THR DA 23 15.01 -45.63 -58.79
N GLY DA 24 14.73 -46.87 -59.21
CA GLY DA 24 13.77 -47.07 -60.29
C GLY DA 24 12.39 -46.57 -59.92
N LEU DA 25 11.96 -46.81 -58.68
CA LEU DA 25 10.66 -46.34 -58.24
C LEU DA 25 10.58 -44.82 -58.30
N ILE DA 26 11.60 -44.14 -57.79
CA ILE DA 26 11.59 -42.67 -57.78
C ILE DA 26 11.62 -42.13 -59.20
N GLN DA 27 12.42 -42.73 -60.07
CA GLN DA 27 12.49 -42.27 -61.46
C GLN DA 27 11.16 -42.45 -62.17
N ARG DA 28 10.49 -43.57 -61.92
CA ARG DA 28 9.18 -43.79 -62.55
C ARG DA 28 8.15 -42.78 -62.04
N LYS DA 29 8.18 -42.48 -60.74
CA LYS DA 29 7.30 -41.42 -60.23
C LYS DA 29 7.59 -40.09 -60.91
N ALA DA 30 8.87 -39.75 -61.05
CA ALA DA 30 9.23 -38.49 -61.68
C ALA DA 30 8.74 -38.43 -63.11
N GLN DA 31 8.87 -39.54 -63.84
CA GLN DA 31 8.39 -39.56 -65.22
C GLN DA 31 6.87 -39.44 -65.30
N TRP DA 32 6.13 -40.09 -64.39
CA TRP DA 32 4.68 -39.93 -64.37
C TRP DA 32 4.30 -38.48 -64.13
N TYR DA 33 4.92 -37.84 -63.14
CA TYR DA 33 4.61 -36.45 -62.87
C TYR DA 33 4.98 -35.55 -64.04
N ASP DA 34 6.11 -35.82 -64.69
CA ASP DA 34 6.50 -35.06 -65.87
C ASP DA 34 5.47 -35.20 -66.98
N ARG DA 35 4.95 -36.41 -67.18
CA ARG DA 35 4.03 -36.64 -68.28
C ARG DA 35 2.68 -35.98 -68.03
N PHE DA 36 2.15 -36.10 -66.81
CA PHE DA 36 0.82 -35.59 -66.51
C PHE DA 36 0.80 -34.22 -65.83
N SER DA 37 1.94 -33.55 -65.73
CA SER DA 37 1.79 -32.20 -65.22
C SER DA 37 2.27 -31.13 -66.17
N ARG DA 38 3.53 -31.19 -66.62
CA ARG DA 38 4.07 -30.07 -67.39
C ARG DA 38 4.04 -30.30 -68.88
N GLN DA 39 4.16 -31.55 -69.34
CA GLN DA 39 3.89 -31.82 -70.75
C GLN DA 39 2.44 -31.51 -71.10
N PHE DA 40 1.51 -31.87 -70.21
CA PHE DA 40 0.11 -31.52 -70.43
C PHE DA 40 -0.09 -30.02 -70.44
N TRP DA 41 0.60 -29.30 -69.55
CA TRP DA 41 0.47 -27.85 -69.52
C TRP DA 41 1.01 -27.22 -70.81
N ALA DA 42 2.14 -27.71 -71.31
CA ALA DA 42 2.67 -27.21 -72.57
C ALA DA 42 1.71 -27.49 -73.73
N ASN DA 43 1.16 -28.70 -73.77
CA ASN DA 43 0.22 -29.05 -74.84
C ASN DA 43 -1.03 -28.18 -74.78
N TRP DA 44 -1.58 -27.98 -73.58
CA TRP DA 44 -2.76 -27.15 -73.44
C TRP DA 44 -2.47 -25.70 -73.83
N GLU DA 45 -1.32 -25.17 -73.42
CA GLU DA 45 -0.95 -23.82 -73.80
C GLU DA 45 -0.87 -23.69 -75.32
N ARG DA 46 -0.22 -24.65 -75.98
CA ARG DA 46 -0.13 -24.58 -77.43
C ARG DA 46 -1.49 -24.71 -78.09
N ASP DA 47 -2.39 -25.49 -77.51
CA ASP DA 47 -3.71 -25.69 -78.12
C ASP DA 47 -4.67 -24.57 -77.75
N VAL DA 48 -4.25 -23.66 -76.86
CA VAL DA 48 -5.05 -22.46 -76.58
C VAL DA 48 -4.54 -21.26 -77.36
N PHE DA 49 -3.31 -21.29 -77.87
CA PHE DA 49 -2.90 -20.30 -78.85
C PHE DA 49 -3.83 -20.34 -80.07
N HIS DA 50 -4.57 -19.26 -80.28
CA HIS DA 50 -5.52 -19.22 -81.39
C HIS DA 50 -4.83 -19.35 -82.73
N LEU DA 51 -3.56 -18.94 -82.80
CA LEU DA 51 -2.83 -18.97 -84.06
C LEU DA 51 -2.65 -20.39 -84.59
N LYS DA 52 -2.30 -21.35 -83.74
CA LYS DA 52 -2.01 -22.71 -84.18
C LYS DA 52 -2.86 -23.70 -83.38
N THR DA 53 -4.09 -23.30 -83.08
CA THR DA 53 -5.04 -24.21 -82.43
C THR DA 53 -5.50 -25.22 -83.47
N ALA DA 54 -4.66 -26.22 -83.69
CA ALA DA 54 -5.01 -27.27 -84.63
C ALA DA 54 -6.21 -28.07 -84.15
N ASN DA 55 -6.21 -28.47 -82.88
CA ASN DA 55 -7.28 -29.32 -82.42
C ASN DA 55 -8.61 -28.57 -82.41
N PRO DA 56 -9.71 -29.26 -82.70
CA PRO DA 56 -11.02 -28.60 -82.68
C PRO DA 56 -11.45 -28.13 -81.30
N PHE DA 57 -10.86 -28.67 -80.23
CA PHE DA 57 -11.28 -28.28 -78.88
C PHE DA 57 -11.06 -26.80 -78.63
N GLY DA 58 -9.87 -26.30 -78.95
CA GLY DA 58 -9.59 -24.89 -78.71
C GLY DA 58 -10.42 -23.98 -79.59
N LEU DA 59 -10.69 -24.42 -80.82
CA LEU DA 59 -11.56 -23.64 -81.69
C LEU DA 59 -12.96 -23.55 -81.11
N MET DA 60 -13.47 -24.66 -80.57
CA MET DA 60 -14.79 -24.64 -79.93
C MET DA 60 -14.78 -23.72 -78.71
N VAL DA 61 -13.72 -23.78 -77.91
CA VAL DA 61 -13.66 -22.94 -76.71
C VAL DA 61 -13.63 -21.46 -77.08
N TRP DA 62 -12.83 -21.11 -78.10
CA TRP DA 62 -12.80 -19.72 -78.54
C TRP DA 62 -14.14 -19.29 -79.13
N CYS DA 63 -14.82 -20.20 -79.84
CA CYS DA 63 -16.16 -19.91 -80.33
C CYS DA 63 -17.11 -19.62 -79.18
N ILE DA 64 -16.99 -20.37 -78.08
CA ILE DA 64 -17.81 -20.08 -76.90
C ILE DA 64 -17.45 -18.73 -76.33
N ILE DA 65 -16.16 -18.40 -76.34
CA ILE DA 65 -15.71 -17.12 -75.77
C ILE DA 65 -16.30 -15.97 -76.56
N LEU DA 66 -16.29 -16.05 -77.88
CA LEU DA 66 -16.82 -14.97 -78.71
C LEU DA 66 -18.35 -15.00 -78.81
N GLY DA 67 -18.95 -16.17 -78.99
CA GLY DA 67 -20.40 -16.28 -78.93
C GLY DA 67 -21.12 -16.49 -80.24
N THR DA 68 -20.44 -16.93 -81.29
CA THR DA 68 -21.13 -17.23 -82.52
C THR DA 68 -21.76 -18.63 -82.47
N PRO DA 69 -22.89 -18.84 -83.15
CA PRO DA 69 -23.38 -20.21 -83.33
C PRO DA 69 -22.37 -21.06 -84.08
N SER DA 70 -22.32 -22.33 -83.72
CA SER DA 70 -21.31 -23.24 -84.24
C SER DA 70 -21.91 -24.28 -85.19
N LYS DA 71 -23.11 -24.03 -85.71
CA LYS DA 71 -23.76 -25.03 -86.55
C LYS DA 71 -23.01 -25.21 -87.87
N GLY DA 72 -22.37 -24.16 -88.36
CA GLY DA 72 -21.73 -24.21 -89.65
C GLY DA 72 -20.30 -24.71 -89.68
N PHE DA 73 -19.73 -25.09 -88.54
CA PHE DA 73 -18.34 -25.52 -88.49
C PHE DA 73 -18.25 -27.04 -88.46
N GLY DA 74 -17.66 -27.62 -89.50
CA GLY DA 74 -17.30 -29.01 -89.47
C GLY DA 74 -16.19 -29.22 -88.45
N LEU DA 75 -16.52 -29.86 -87.33
CA LEU DA 75 -15.60 -29.88 -86.20
C LEU DA 75 -14.43 -30.82 -86.43
N TYR DA 76 -14.72 -32.09 -86.72
CA TYR DA 76 -13.69 -33.12 -86.82
C TYR DA 76 -13.96 -34.01 -88.02
N PRO DA 77 -12.92 -34.39 -88.77
CA PRO DA 77 -13.06 -35.49 -89.73
C PRO DA 77 -12.70 -36.81 -89.08
N LYS DA 78 -12.64 -36.81 -87.75
CA LYS DA 78 -11.93 -37.82 -87.00
C LYS DA 78 -12.65 -39.16 -87.05
N ASN DA 79 -12.08 -40.14 -86.33
CA ASN DA 79 -12.60 -41.50 -86.33
C ASN DA 79 -13.89 -41.63 -85.52
N SER DA 80 -14.31 -40.57 -84.83
CA SER DA 80 -15.52 -40.64 -84.03
C SER DA 80 -16.77 -40.83 -84.89
N SER DA 81 -16.85 -40.12 -86.00
CA SER DA 81 -18.04 -40.20 -86.84
C SER DA 81 -18.08 -41.52 -87.60
N TRP DA 82 -19.28 -41.85 -88.07
CA TRP DA 82 -19.51 -43.11 -88.76
C TRP DA 82 -18.96 -43.05 -90.19
N ALA DA 83 -18.74 -44.24 -90.76
CA ALA DA 83 -18.26 -44.41 -92.14
C ALA DA 83 -16.82 -43.92 -92.32
N PHE DA 84 -15.97 -44.26 -91.35
CA PHE DA 84 -14.52 -44.05 -91.48
C PHE DA 84 -13.82 -44.94 -90.47
N GLY DA 85 -12.76 -45.59 -90.90
CA GLY DA 85 -12.04 -46.50 -90.03
C GLY DA 85 -10.75 -46.96 -90.66
N ARG DA 86 -10.23 -48.07 -90.15
CA ARG DA 86 -9.00 -48.63 -90.68
C ARG DA 86 -9.23 -49.36 -91.99
N LEU DA 87 -10.06 -50.41 -91.95
CA LEU DA 87 -10.45 -51.09 -93.18
C LEU DA 87 -11.60 -50.36 -93.86
N ARG DA 88 -12.73 -50.23 -93.16
CA ARG DA 88 -13.94 -49.51 -93.55
C ARG DA 88 -14.43 -49.90 -94.95
N GLN DA 89 -13.90 -50.99 -95.51
CA GLN DA 89 -14.35 -51.52 -96.78
C GLN DA 89 -15.64 -52.31 -96.65
N ASN DA 90 -16.10 -52.53 -95.42
CA ASN DA 90 -17.36 -53.21 -95.18
C ASN DA 90 -18.52 -52.26 -95.41
N PHE DA 91 -19.53 -52.76 -96.15
CA PHE DA 91 -20.76 -52.02 -96.42
C PHE DA 91 -20.51 -50.73 -97.19
N ILE DA 92 -19.35 -50.63 -97.84
CA ILE DA 92 -19.02 -49.53 -98.74
C ILE DA 92 -18.46 -50.13 -100.02
N TYR DA 93 -18.42 -49.30 -101.05
CA TYR DA 93 -18.11 -49.75 -102.41
C TYR DA 93 -16.62 -50.05 -102.51
N SER DA 94 -16.28 -51.27 -102.92
CA SER DA 94 -14.89 -51.72 -103.01
C SER DA 94 -14.51 -52.15 -104.43
N GLY DA 95 -15.38 -51.89 -105.40
CA GLY DA 95 -15.11 -52.23 -106.78
C GLY DA 95 -15.78 -53.49 -107.27
N THR DA 96 -16.55 -54.18 -106.43
CA THR DA 96 -17.34 -55.30 -106.92
C THR DA 96 -18.60 -54.82 -107.64
N GLN DA 97 -19.18 -53.72 -107.17
CA GLN DA 97 -20.42 -53.20 -107.74
C GLN DA 97 -20.25 -51.80 -108.32
N VAL DA 98 -19.82 -50.84 -107.50
CA VAL DA 98 -19.80 -49.44 -107.91
C VAL DA 98 -18.39 -48.87 -107.77
N PRO DA 99 -17.86 -48.21 -108.79
CA PRO DA 99 -16.51 -47.65 -108.71
C PRO DA 99 -16.43 -46.60 -107.61
N PRO DA 100 -15.50 -46.76 -106.67
CA PRO DA 100 -15.41 -45.81 -105.56
C PRO DA 100 -14.64 -44.56 -105.98
N PRO DA 101 -15.14 -43.39 -105.60
CA PRO DA 101 -14.38 -42.16 -105.86
C PRO DA 101 -13.07 -42.14 -105.07
N ALA DA 102 -12.09 -41.44 -105.63
CA ALA DA 102 -10.78 -41.29 -105.01
C ALA DA 102 -10.58 -39.95 -104.34
N ASP DA 103 -10.83 -38.85 -105.03
CA ASP DA 103 -10.67 -37.50 -104.49
C ASP DA 103 -11.91 -37.16 -103.69
N ALA DA 104 -11.83 -37.33 -102.37
CA ALA DA 104 -12.93 -36.99 -101.48
C ALA DA 104 -12.36 -36.61 -100.13
N SER DA 105 -13.16 -35.90 -99.34
CA SER DA 105 -12.74 -35.54 -98.00
C SER DA 105 -12.68 -36.80 -97.12
N PRO DA 106 -11.77 -36.84 -96.14
CA PRO DA 106 -11.73 -37.98 -95.23
C PRO DA 106 -13.04 -38.13 -94.45
N GLY DA 107 -13.44 -39.38 -94.23
CA GLY DA 107 -14.66 -39.68 -93.50
C GLY DA 107 -15.82 -40.10 -94.37
N GLY DA 108 -17.04 -39.98 -93.83
CA GLY DA 108 -18.22 -40.42 -94.56
C GLY DA 108 -18.65 -39.42 -95.62
N ASN DA 109 -19.53 -39.89 -96.52
CA ASN DA 109 -20.05 -39.05 -97.60
C ASN DA 109 -21.16 -38.11 -97.14
N PHE DA 110 -21.78 -38.35 -95.99
CA PHE DA 110 -22.93 -37.58 -95.54
C PHE DA 110 -22.57 -36.54 -94.49
N TYR DA 111 -21.28 -36.32 -94.24
CA TYR DA 111 -20.87 -35.27 -93.31
C TYR DA 111 -20.74 -33.94 -94.04
N GLY DA 112 -20.99 -32.86 -93.32
CA GLY DA 112 -20.88 -31.53 -93.90
C GLY DA 112 -21.89 -31.25 -94.99
N GLY DA 113 -23.14 -31.65 -94.79
CA GLY DA 113 -24.17 -31.36 -95.76
C GLY DA 113 -24.60 -29.90 -95.74
N GLY DA 114 -24.87 -29.38 -96.93
CA GLY DA 114 -25.23 -27.99 -97.07
C GLY DA 114 -24.06 -27.10 -97.45
N ASN DA 115 -24.36 -25.83 -97.63
CA ASN DA 115 -23.38 -24.83 -98.06
C ASN DA 115 -22.70 -24.13 -96.88
N ALA DA 116 -23.28 -24.19 -95.69
CA ALA DA 116 -22.72 -23.48 -94.55
C ALA DA 116 -21.57 -24.24 -93.91
N GLU DA 117 -21.40 -25.52 -94.22
CA GLU DA 117 -20.38 -26.32 -93.56
C GLU DA 117 -19.00 -26.07 -94.15
N ILE DA 118 -18.00 -26.02 -93.27
CA ILE DA 118 -16.60 -25.89 -93.65
C ILE DA 118 -15.88 -27.14 -93.19
N LEU DA 119 -15.10 -27.74 -94.10
CA LEU DA 119 -14.50 -29.04 -93.84
C LEU DA 119 -13.03 -28.97 -93.42
N ASN DA 120 -12.38 -27.82 -93.53
CA ASN DA 120 -10.99 -27.66 -93.12
C ASN DA 120 -10.89 -26.59 -92.05
N LEU DA 121 -9.94 -26.75 -91.13
CA LEU DA 121 -9.90 -25.95 -89.92
C LEU DA 121 -9.19 -24.61 -90.11
N ASP DA 122 -8.39 -24.46 -91.16
CA ASP DA 122 -7.73 -23.18 -91.38
C ASP DA 122 -8.73 -22.06 -91.64
N GLU DA 123 -9.74 -22.34 -92.47
CA GLU DA 123 -10.79 -21.36 -92.70
C GLU DA 123 -11.56 -21.07 -91.42
N ILE DA 124 -11.76 -22.08 -90.57
CA ILE DA 124 -12.44 -21.87 -89.30
C ILE DA 124 -11.64 -20.92 -88.41
N ARG DA 125 -10.33 -21.12 -88.35
CA ARG DA 125 -9.49 -20.25 -87.53
C ARG DA 125 -9.51 -18.82 -88.07
N LYS DA 126 -9.44 -18.67 -89.40
CA LYS DA 126 -9.47 -17.33 -89.98
C LYS DA 126 -10.80 -16.63 -89.72
N VAL DA 127 -11.91 -17.37 -89.84
CA VAL DA 127 -13.22 -16.75 -89.61
C VAL DA 127 -13.42 -16.43 -88.13
N LEU DA 128 -12.86 -17.22 -87.21
CA LEU DA 128 -12.96 -16.88 -85.79
C LEU DA 128 -12.13 -15.65 -85.46
N GLN DA 129 -10.94 -15.51 -86.06
CA GLN DA 129 -10.16 -14.30 -85.84
C GLN DA 129 -10.88 -13.07 -86.39
N LEU DA 130 -11.43 -13.18 -87.60
CA LEU DA 130 -12.14 -12.05 -88.18
C LEU DA 130 -13.42 -11.76 -87.40
N ARG DA 131 -14.00 -12.79 -86.79
CA ARG DA 131 -15.17 -12.59 -85.92
C ARG DA 131 -14.79 -11.86 -84.65
N TYR DA 132 -13.66 -12.23 -84.03
CA TYR DA 132 -13.20 -11.47 -82.87
C TYR DA 132 -12.99 -10.02 -83.24
N VAL DA 133 -12.39 -9.77 -84.41
CA VAL DA 133 -12.26 -8.39 -84.88
C VAL DA 133 -13.62 -7.74 -84.96
N ALA DA 134 -14.52 -8.27 -85.79
CA ALA DA 134 -15.83 -7.67 -86.03
C ALA DA 134 -16.57 -7.41 -84.72
N LEU DA 135 -16.54 -8.38 -83.80
CA LEU DA 135 -17.14 -8.20 -82.48
C LEU DA 135 -16.50 -7.05 -81.73
N ILE DA 136 -15.17 -6.96 -81.77
CA ILE DA 136 -14.48 -5.86 -81.11
C ILE DA 136 -14.28 -4.67 -82.04
N SER DA 137 -14.59 -4.81 -83.32
CA SER DA 137 -14.32 -3.70 -84.22
C SER DA 137 -15.62 -3.13 -84.79
N ASN DA 138 -15.75 -1.80 -84.67
CA ASN DA 138 -16.97 -1.11 -85.05
C ASN DA 138 -16.75 0.13 -85.91
N GLY DA 139 -16.02 0.04 -87.01
CA GLY DA 139 -16.28 1.02 -88.06
C GLY DA 139 -15.24 1.65 -88.95
N SER DA 140 -14.00 1.86 -88.51
CA SER DA 140 -13.04 2.53 -89.37
C SER DA 140 -12.70 1.64 -90.56
N ILE DA 141 -12.07 2.23 -91.57
CA ILE DA 141 -11.75 1.49 -92.79
C ILE DA 141 -10.26 1.18 -92.89
N ALA DA 142 -9.41 2.12 -92.48
CA ALA DA 142 -7.98 1.88 -92.51
C ALA DA 142 -7.59 0.71 -91.62
N TYR DA 143 -8.09 0.70 -90.38
CA TYR DA 143 -7.75 -0.36 -89.45
C TYR DA 143 -8.27 -1.71 -89.93
N ILE DA 144 -9.49 -1.73 -90.47
CA ILE DA 144 -10.06 -3.02 -90.86
C ILE DA 144 -9.35 -3.57 -92.09
N ASN DA 145 -9.00 -2.71 -93.04
CA ASN DA 145 -8.21 -3.19 -94.18
C ASN DA 145 -6.84 -3.69 -93.72
N ARG DA 146 -6.21 -2.98 -92.78
CA ARG DA 146 -4.92 -3.42 -92.28
C ARG DA 146 -5.02 -4.77 -91.57
N MET DA 147 -6.07 -4.96 -90.77
CA MET DA 147 -6.30 -6.25 -90.12
C MET DA 147 -6.60 -7.35 -91.11
N LEU DA 148 -7.36 -7.06 -92.17
CA LEU DA 148 -7.61 -8.05 -93.20
C LEU DA 148 -6.30 -8.49 -93.85
N ARG DA 149 -5.44 -7.53 -94.17
CA ARG DA 149 -4.10 -7.87 -94.66
C ARG DA 149 -3.36 -8.75 -93.68
N TYR DA 150 -3.33 -8.36 -92.40
CA TYR DA 150 -2.56 -9.09 -91.40
C TYR DA 150 -3.04 -10.53 -91.26
N ILE DA 151 -4.36 -10.72 -91.19
CA ILE DA 151 -4.90 -12.05 -90.98
C ILE DA 151 -4.71 -12.92 -92.22
N PHE DA 152 -5.00 -12.39 -93.41
CA PHE DA 152 -5.04 -13.24 -94.60
C PHE DA 152 -3.66 -13.41 -95.22
N ASN DA 153 -2.99 -12.31 -95.53
CA ASN DA 153 -1.72 -12.35 -96.24
C ASN DA 153 -0.52 -12.44 -95.31
N ASP DA 154 -0.74 -12.39 -93.99
CA ASP DA 154 0.34 -12.49 -93.00
C ASP DA 154 1.37 -11.37 -93.19
N ASP DA 155 0.89 -10.15 -93.44
CA ASP DA 155 1.76 -8.99 -93.61
C ASP DA 155 2.74 -9.19 -94.76
N GLU DA 156 2.19 -9.36 -95.97
CA GLU DA 156 3.00 -9.44 -97.18
C GLU DA 156 2.36 -8.54 -98.24
N PRO DA 157 3.17 -7.91 -99.09
CA PRO DA 157 2.61 -7.07 -100.15
C PRO DA 157 1.75 -7.87 -101.13
N TRP DA 158 0.82 -7.18 -101.78
CA TRP DA 158 -0.22 -7.86 -102.53
C TRP DA 158 0.01 -7.74 -104.04
N ASP DA 159 -0.88 -8.36 -104.80
CA ASP DA 159 -0.86 -8.34 -106.26
C ASP DA 159 -2.21 -7.89 -106.75
N GLU DA 160 -2.25 -6.77 -107.46
CA GLU DA 160 -3.51 -6.33 -108.06
C GLU DA 160 -3.82 -7.06 -109.37
N ALA DA 161 -2.80 -7.60 -110.04
CA ALA DA 161 -3.04 -8.34 -111.28
C ALA DA 161 -3.91 -9.57 -111.04
N THR DA 162 -3.98 -10.04 -109.80
CA THR DA 162 -4.93 -11.06 -109.39
C THR DA 162 -6.13 -10.49 -108.66
N GLY DA 163 -6.20 -9.16 -108.51
CA GLY DA 163 -7.34 -8.48 -107.92
C GLY DA 163 -7.70 -8.91 -106.51
N LEU DA 164 -6.77 -8.74 -105.57
CA LEU DA 164 -6.89 -9.36 -104.27
C LEU DA 164 -7.91 -8.61 -103.40
N TYR DA 165 -7.97 -8.96 -102.12
CA TYR DA 165 -9.18 -8.79 -101.32
C TYR DA 165 -9.09 -7.62 -100.34
N PHE DA 166 -9.97 -6.64 -100.51
CA PHE DA 166 -10.04 -5.45 -99.68
C PHE DA 166 -11.49 -5.22 -99.28
N TYR DA 167 -11.68 -4.40 -98.24
CA TYR DA 167 -12.98 -4.27 -97.59
C TYR DA 167 -14.03 -3.81 -98.59
N LEU DA 168 -13.91 -2.56 -99.06
CA LEU DA 168 -14.53 -2.16 -100.32
C LEU DA 168 -13.96 -0.80 -100.70
N MET DA 169 -14.49 -0.23 -101.77
CA MET DA 169 -14.13 1.11 -102.18
C MET DA 169 -15.11 2.17 -101.68
N ASP DA 170 -16.27 1.76 -101.15
CA ASP DA 170 -17.27 2.62 -100.53
C ASP DA 170 -17.91 3.59 -101.52
N SER DA 171 -18.89 4.37 -101.06
CA SER DA 171 -19.59 5.32 -101.94
C SER DA 171 -18.62 6.30 -102.58
N THR DA 172 -17.52 6.60 -101.90
CA THR DA 172 -16.54 7.54 -102.40
C THR DA 172 -15.85 6.99 -103.65
N GLY DA 173 -15.38 7.92 -104.52
CA GLY DA 173 -14.79 7.55 -105.79
C GLY DA 173 -13.27 7.42 -105.75
N GLU DA 174 -12.67 7.16 -106.92
CA GLU DA 174 -11.22 7.01 -107.02
C GLU DA 174 -10.54 8.23 -107.60
N ASN DA 175 -10.86 8.55 -108.84
CA ASN DA 175 -10.02 9.38 -109.69
C ASN DA 175 -10.76 9.69 -110.97
N GLY DA 176 -10.35 10.79 -111.61
CA GLY DA 176 -10.89 11.17 -112.88
C GLY DA 176 -9.85 10.96 -113.96
N PRO DA 177 -9.12 12.01 -114.28
CA PRO DA 177 -8.08 11.91 -115.33
C PRO DA 177 -6.93 11.02 -114.91
N VAL DA 178 -5.89 10.95 -115.74
CA VAL DA 178 -4.70 10.19 -115.44
C VAL DA 178 -3.68 11.10 -114.77
N GLU DA 179 -3.00 10.58 -113.75
CA GLU DA 179 -2.05 11.36 -112.98
C GLU DA 179 -0.75 10.59 -112.82
N ASN DA 180 0.36 11.32 -112.80
CA ASN DA 180 1.68 10.76 -112.49
C ASN DA 180 2.07 9.66 -113.49
N LEU DA 181 2.11 10.04 -114.76
CA LEU DA 181 2.36 9.08 -115.82
C LEU DA 181 3.87 8.89 -116.04
N ALA DA 182 4.20 7.72 -116.58
CA ALA DA 182 5.57 7.37 -116.94
C ALA DA 182 5.55 6.49 -118.17
N VAL DA 183 6.50 6.73 -119.07
CA VAL DA 183 6.52 6.11 -120.39
C VAL DA 183 7.79 5.27 -120.49
N TYR DA 184 7.64 4.00 -120.87
CA TYR DA 184 8.74 3.04 -120.86
C TYR DA 184 8.92 2.46 -122.27
N ARG DA 185 10.05 2.80 -122.89
CA ARG DA 185 10.33 2.34 -124.24
C ARG DA 185 11.30 1.15 -124.24
N LYS DA 186 10.89 0.08 -124.90
CA LYS DA 186 11.69 -1.15 -125.00
C LYS DA 186 12.29 -1.29 -126.39
N ASP DA 187 13.61 -1.39 -126.42
CA ASP DA 187 14.44 -1.64 -127.58
C ASP DA 187 15.76 -2.21 -127.07
N TRP DA 188 16.80 -2.18 -127.91
CA TRP DA 188 18.13 -2.58 -127.48
C TRP DA 188 18.54 -2.01 -126.13
N GLU DA 189 18.02 -0.83 -125.76
CA GLU DA 189 18.29 -0.25 -124.45
C GLU DA 189 17.54 -0.94 -123.32
N GLY DA 190 16.52 -1.74 -123.62
CA GLY DA 190 15.75 -2.39 -122.58
C GLY DA 190 14.79 -1.43 -121.89
N MET DA 191 14.61 -1.65 -120.59
CA MET DA 191 13.70 -0.85 -119.78
C MET DA 191 14.29 0.53 -119.57
N VAL DA 192 13.56 1.57 -119.98
CA VAL DA 192 13.99 2.95 -119.86
C VAL DA 192 12.82 3.79 -119.36
N LEU DA 193 13.07 4.64 -118.36
CA LEU DA 193 12.11 5.60 -117.87
C LEU DA 193 12.35 6.96 -118.51
N LEU DA 194 11.26 7.54 -119.01
CA LEU DA 194 11.32 8.75 -119.84
C LEU DA 194 10.46 9.84 -119.23
N SER DA 195 10.87 11.09 -119.47
CA SER DA 195 10.26 12.26 -118.84
C SER DA 195 9.76 13.22 -119.89
N SER DA 196 8.61 13.84 -119.61
CA SER DA 196 8.03 14.83 -120.52
C SER DA 196 8.79 16.15 -120.46
N SER DA 197 9.45 16.43 -119.33
CA SER DA 197 10.22 17.65 -119.20
C SER DA 197 11.47 17.59 -120.08
N PRO DA 198 11.91 18.71 -120.62
CA PRO DA 198 13.13 18.70 -121.44
C PRO DA 198 14.33 18.21 -120.64
N ARG DA 199 15.18 17.45 -121.31
CA ARG DA 199 16.32 16.80 -120.68
C ARG DA 199 17.62 17.47 -121.11
N THR DA 200 18.66 17.27 -120.31
CA THR DA 200 19.96 17.84 -120.55
C THR DA 200 20.99 16.74 -120.79
N ASN DA 201 21.88 16.97 -121.76
CA ASN DA 201 23.02 16.08 -121.96
C ASN DA 201 24.22 16.96 -122.27
N HIS DA 202 24.93 17.37 -121.22
CA HIS DA 202 25.92 18.43 -121.33
C HIS DA 202 27.28 17.94 -121.79
N VAL DA 203 27.46 16.66 -122.08
CA VAL DA 203 28.74 16.19 -122.61
C VAL DA 203 28.88 16.67 -124.05
N LEU DA 204 30.01 17.32 -124.32
CA LEU DA 204 30.20 17.98 -125.61
C LEU DA 204 30.22 16.97 -126.75
N THR DA 205 30.87 15.82 -126.53
CA THR DA 205 31.04 14.80 -127.57
C THR DA 205 30.41 13.49 -127.11
N SER DA 206 29.62 12.87 -128.00
CA SER DA 206 28.99 11.60 -127.69
C SER DA 206 29.90 10.42 -127.96
N THR DA 207 30.97 10.61 -128.72
CA THR DA 207 31.95 9.56 -128.98
C THR DA 207 33.35 10.15 -128.93
N PRO DA 208 34.33 9.37 -128.48
CA PRO DA 208 35.72 9.83 -128.55
C PRO DA 208 36.17 9.95 -130.00
N ALA DA 209 37.01 10.96 -130.25
CA ALA DA 209 37.58 11.18 -131.57
C ALA DA 209 39.06 10.88 -131.61
N SER DA 210 39.85 11.52 -130.76
CA SER DA 210 41.30 11.34 -130.72
C SER DA 210 41.79 11.84 -129.36
N ASP DA 211 43.11 11.94 -129.21
CA ASP DA 211 43.67 12.48 -127.98
C ASP DA 211 43.26 13.95 -127.78
N ALA DA 212 42.97 14.66 -128.87
CA ALA DA 212 42.55 16.05 -128.76
C ALA DA 212 41.16 16.18 -128.18
N ASP DA 213 40.38 15.09 -128.19
CA ASP DA 213 39.02 15.15 -127.66
C ASP DA 213 39.02 15.15 -126.13
N TRP DA 214 39.60 14.12 -125.53
CA TRP DA 214 39.60 13.95 -124.08
C TRP DA 214 41.05 13.94 -123.61
N PRO DA 215 41.62 15.09 -123.24
CA PRO DA 215 43.03 15.11 -122.83
C PRO DA 215 43.28 14.28 -121.58
N GLY DA 216 44.44 13.63 -121.57
CA GLY DA 216 44.83 12.76 -120.46
C GLY DA 216 45.68 13.51 -119.44
N VAL DA 217 45.44 13.22 -118.17
CA VAL DA 217 46.12 13.88 -117.07
C VAL DA 217 46.96 12.86 -116.32
N ASP DA 218 48.25 13.16 -116.17
CA ASP DA 218 49.18 12.31 -115.42
C ASP DA 218 49.93 13.20 -114.42
N PRO DA 219 49.34 13.46 -113.26
CA PRO DA 219 49.99 14.34 -112.28
C PRO DA 219 51.36 13.87 -111.84
N ALA DA 220 51.57 12.56 -111.73
CA ALA DA 220 52.85 12.05 -111.26
C ALA DA 220 53.99 12.37 -112.22
N ALA DA 221 53.67 12.65 -113.50
CA ALA DA 221 54.67 12.92 -114.52
C ALA DA 221 55.70 11.81 -114.60
N SER DA 222 55.23 10.56 -114.52
CA SER DA 222 56.10 9.40 -114.46
C SER DA 222 55.84 8.41 -115.58
N GLY DA 223 54.91 8.71 -116.48
CA GLY DA 223 54.61 7.83 -117.60
C GLY DA 223 54.03 8.61 -118.75
N ILE DA 224 54.03 7.98 -119.92
CA ILE DA 224 53.46 8.59 -121.13
C ILE DA 224 51.94 8.55 -121.01
N PRO DA 225 51.23 9.57 -121.51
CA PRO DA 225 49.79 9.65 -121.29
C PRO DA 225 49.03 8.55 -122.03
N VAL DA 226 47.81 8.31 -121.55
CA VAL DA 226 46.94 7.32 -122.17
C VAL DA 226 46.55 7.81 -123.57
N THR DA 227 46.39 6.86 -124.50
CA THR DA 227 46.10 7.17 -125.89
C THR DA 227 44.70 6.70 -126.25
N VAL DA 228 43.97 7.57 -126.95
CA VAL DA 228 42.59 7.29 -127.35
C VAL DA 228 42.52 7.33 -128.87
N GLU DA 229 41.95 6.29 -129.46
CA GLU DA 229 41.83 6.22 -130.91
C GLU DA 229 40.56 5.45 -131.27
N THR DA 230 39.96 5.82 -132.40
CA THR DA 230 38.75 5.15 -132.86
C THR DA 230 39.09 3.83 -133.55
N ALA DA 231 38.47 2.75 -133.07
CA ALA DA 231 38.67 1.43 -133.63
C ALA DA 231 37.52 1.05 -134.54
N SER DA 232 37.51 -0.21 -134.97
CA SER DA 232 36.44 -0.75 -135.80
C SER DA 232 35.92 -2.03 -135.16
N ALA DA 233 34.79 -1.94 -134.48
CA ALA DA 233 34.12 -3.12 -133.95
C ALA DA 233 32.64 -2.78 -133.77
N THR DA 234 31.83 -3.83 -133.65
CA THR DA 234 30.37 -3.70 -133.69
C THR DA 234 29.88 -2.78 -132.59
N ALA DA 235 29.03 -1.82 -132.96
CA ALA DA 235 28.34 -1.01 -131.97
C ALA DA 235 27.10 -1.73 -131.47
N PRO DA 236 26.67 -1.46 -130.23
CA PRO DA 236 25.41 -2.03 -129.75
C PRO DA 236 24.18 -1.53 -130.51
N ASP DA 237 24.27 -0.38 -131.17
CA ASP DA 237 23.11 0.20 -131.85
C ASP DA 237 23.06 -0.12 -133.34
N GLY DA 238 24.07 -0.79 -133.89
CA GLY DA 238 24.01 -1.18 -135.29
C GLY DA 238 24.99 -0.48 -136.21
N SER DA 239 26.19 -0.19 -135.71
CA SER DA 239 27.24 0.40 -136.54
C SER DA 239 28.58 -0.17 -136.09
N ALA DA 240 29.66 0.39 -136.61
CA ALA DA 240 31.02 0.02 -136.21
C ALA DA 240 31.78 1.32 -135.93
N THR DA 241 31.56 1.88 -134.74
CA THR DA 241 32.21 3.14 -134.38
C THR DA 241 32.70 3.15 -132.93
N VAL DA 242 32.97 1.99 -132.34
CA VAL DA 242 33.40 1.92 -130.95
C VAL DA 242 34.79 2.52 -130.81
N CYS DA 243 35.18 2.86 -129.58
CA CYS DA 243 36.48 3.44 -129.33
C CYS DA 243 37.16 2.72 -128.18
N LYS DA 244 38.44 2.44 -128.33
CA LYS DA 244 39.26 1.85 -127.28
C LYS DA 244 40.29 2.86 -126.80
N LEU DA 245 40.93 2.52 -125.68
CA LEU DA 245 42.10 3.26 -125.21
C LEU DA 245 42.91 2.34 -124.31
N THR DA 246 44.23 2.42 -124.41
CA THR DA 246 45.14 1.49 -123.78
C THR DA 246 45.96 2.18 -122.71
N LYS DA 247 46.10 1.51 -121.56
CA LYS DA 247 46.84 2.03 -120.41
C LYS DA 247 48.19 1.34 -120.31
N PRO DA 248 49.28 2.05 -120.63
CA PRO DA 248 50.62 1.46 -120.51
C PRO DA 248 50.99 1.13 -119.06
N ALA DA 249 51.87 0.15 -118.92
CA ALA DA 249 52.35 -0.25 -117.61
C ALA DA 249 53.07 0.90 -116.91
N GLY DA 250 52.89 0.98 -115.60
CA GLY DA 250 53.54 2.02 -114.81
C GLY DA 250 53.10 3.41 -115.17
N SER DA 251 51.82 3.61 -115.41
CA SER DA 251 51.30 4.92 -115.81
C SER DA 251 50.08 5.28 -114.96
N THR DA 252 49.92 6.57 -114.70
CA THR DA 252 48.73 7.12 -114.04
C THR DA 252 48.17 8.18 -114.99
N ALA DA 253 47.43 7.74 -116.01
CA ALA DA 253 46.91 8.63 -117.04
C ALA DA 253 45.45 8.33 -117.28
N TYR DA 254 44.66 9.41 -117.40
CA TYR DA 254 43.22 9.31 -117.49
C TYR DA 254 42.70 10.50 -118.27
N VAL DA 255 41.70 10.26 -119.11
CA VAL DA 255 41.18 11.30 -119.99
C VAL DA 255 40.29 12.24 -119.19
N SER DA 256 40.31 13.52 -119.57
CA SER DA 256 39.53 14.55 -118.91
C SER DA 256 38.47 15.07 -119.87
N ALA DA 257 37.25 15.26 -119.36
CA ALA DA 257 36.12 15.66 -120.19
C ALA DA 257 36.01 17.18 -120.25
N PRO DA 258 35.97 17.79 -121.43
CA PRO DA 258 35.64 19.21 -121.52
C PRO DA 258 34.13 19.41 -121.43
N ILE DA 259 33.66 19.97 -120.31
CA ILE DA 259 32.25 20.14 -120.08
C ILE DA 259 32.01 21.52 -119.48
N ASP DA 260 30.83 22.08 -119.75
CA ASP DA 260 30.48 23.38 -119.20
C ASP DA 260 30.30 23.29 -117.70
N GLY DA 261 30.67 24.36 -117.00
CA GLY DA 261 30.60 24.39 -115.56
C GLY DA 261 30.00 25.68 -115.03
N PRO DA 262 29.27 25.59 -113.91
CA PRO DA 262 28.97 24.34 -113.20
C PRO DA 262 27.85 23.56 -113.88
N LEU DA 263 27.80 22.25 -113.66
CA LEU DA 263 26.71 21.45 -114.24
C LEU DA 263 25.38 21.82 -113.58
N GLY DA 264 25.42 22.29 -112.35
CA GLY DA 264 24.20 22.68 -111.65
C GLY DA 264 24.56 23.26 -110.30
N SER DA 265 23.55 23.36 -109.45
CA SER DA 265 23.72 23.91 -108.10
C SER DA 265 23.49 22.78 -107.10
N GLY DA 266 24.53 21.98 -106.88
CA GLY DA 266 24.56 20.99 -105.82
C GLY DA 266 23.40 20.01 -105.79
N SER DA 267 22.99 19.51 -106.95
CA SER DA 267 21.86 18.61 -107.06
C SER DA 267 22.34 17.28 -107.61
N THR DA 268 21.39 16.34 -107.74
CA THR DA 268 21.74 15.01 -108.24
C THR DA 268 22.33 15.09 -109.64
N VAL DA 269 23.36 14.29 -109.87
CA VAL DA 269 24.07 14.28 -111.14
C VAL DA 269 24.11 12.84 -111.65
N THR DA 270 23.66 12.65 -112.88
CA THR DA 270 23.58 11.33 -113.50
C THR DA 270 24.76 11.14 -114.45
N PHE DA 271 25.28 9.93 -114.53
CA PHE DA 271 26.35 9.58 -115.43
C PHE DA 271 25.94 8.37 -116.25
N SER DA 272 26.45 8.25 -117.47
CA SER DA 272 26.19 7.10 -118.32
C SER DA 272 27.48 6.66 -118.99
N PHE DA 273 27.51 5.39 -119.41
CA PHE DA 273 28.71 4.76 -119.92
C PHE DA 273 28.34 3.39 -120.48
N PHE DA 274 29.10 2.94 -121.47
CA PHE DA 274 28.96 1.60 -122.02
C PHE DA 274 30.33 0.94 -122.09
N ALA DA 275 30.33 -0.40 -122.10
CA ALA DA 275 31.60 -1.10 -122.08
C ALA DA 275 31.46 -2.48 -122.72
N LYS DA 276 32.59 -2.97 -123.24
CA LYS DA 276 32.75 -4.33 -123.71
C LYS DA 276 34.07 -4.88 -123.16
N ALA DA 277 34.09 -6.18 -122.87
CA ALA DA 277 35.31 -6.79 -122.37
C ALA DA 277 36.40 -6.74 -123.42
N GLY DA 278 37.60 -6.32 -122.99
CA GLY DA 278 38.73 -6.27 -123.88
C GLY DA 278 39.91 -7.04 -123.33
N SER DA 279 41.06 -6.38 -123.19
CA SER DA 279 42.19 -7.00 -122.50
C SER DA 279 41.87 -7.20 -121.02
N THR DA 280 41.35 -6.16 -120.37
CA THR DA 280 40.99 -6.20 -118.97
C THR DA 280 39.48 -6.35 -118.82
N ARG DA 281 38.98 -6.16 -117.60
CA ARG DA 281 37.57 -6.41 -117.32
C ARG DA 281 36.92 -5.33 -116.47
N PHE DA 282 37.67 -4.31 -116.03
CA PHE DA 282 37.12 -3.30 -115.14
C PHE DA 282 37.38 -1.91 -115.70
N ILE DA 283 36.48 -0.99 -115.36
CA ILE DA 283 36.56 0.41 -115.79
C ILE DA 283 36.51 1.29 -114.55
N ALA DA 284 37.37 2.30 -114.49
CA ALA DA 284 37.43 3.21 -113.35
C ALA DA 284 36.93 4.58 -113.75
N ILE DA 285 35.78 4.96 -113.21
CA ILE DA 285 35.08 6.18 -113.57
C ILE DA 285 35.30 7.18 -112.45
N GLN DA 286 35.41 8.47 -112.80
CA GLN DA 286 35.63 9.52 -111.81
C GLN DA 286 34.62 10.63 -112.01
N SER DA 287 34.13 11.19 -110.90
CA SER DA 287 33.29 12.38 -110.90
C SER DA 287 33.90 13.35 -109.89
N ALA DA 288 34.60 14.36 -110.40
CA ALA DA 288 35.37 15.24 -109.53
C ALA DA 288 34.51 16.40 -109.04
N ALA DA 289 35.02 17.10 -108.02
CA ALA DA 289 34.38 18.26 -107.43
C ALA DA 289 35.46 19.10 -106.76
N ASP DA 290 35.05 20.04 -105.91
CA ASP DA 290 36.02 20.95 -105.29
C ASP DA 290 37.08 20.15 -104.53
N PHE DA 291 38.33 20.49 -104.78
CA PHE DA 291 39.44 19.68 -104.28
C PHE DA 291 39.65 19.93 -102.78
N PRO DA 292 39.64 18.88 -101.94
CA PRO DA 292 39.31 17.50 -102.33
C PRO DA 292 37.88 17.08 -101.98
N SER DA 293 37.08 16.74 -102.99
CA SER DA 293 35.76 16.16 -102.74
C SER DA 293 35.36 15.11 -103.78
N ARG DA 294 36.31 14.36 -104.33
CA ARG DA 294 36.04 13.51 -105.48
C ARG DA 294 35.16 12.32 -105.10
N ALA DA 295 34.33 11.91 -106.07
CA ALA DA 295 33.54 10.68 -105.97
C ALA DA 295 33.77 9.84 -107.22
N ASP DA 296 34.05 8.56 -107.02
CA ASP DA 296 34.47 7.68 -108.10
C ASP DA 296 33.81 6.32 -107.96
N ALA DA 297 33.99 5.48 -108.97
CA ALA DA 297 33.41 4.15 -108.98
C ALA DA 297 34.19 3.25 -109.93
N VAL DA 298 33.99 1.94 -109.77
CA VAL DA 298 34.55 0.93 -110.67
C VAL DA 298 33.45 -0.08 -110.98
N PHE DA 299 33.43 -0.58 -112.22
CA PHE DA 299 32.37 -1.49 -112.66
C PHE DA 299 32.97 -2.82 -113.10
N ASP DA 300 32.56 -3.90 -112.43
CA ASP DA 300 32.93 -5.26 -112.80
C ASP DA 300 32.02 -5.70 -113.94
N LEU DA 301 32.62 -6.00 -115.08
CA LEU DA 301 31.82 -6.17 -116.30
C LEU DA 301 31.04 -7.47 -116.29
N ASP DA 302 31.74 -8.60 -116.29
CA ASP DA 302 31.09 -9.87 -116.62
C ASP DA 302 30.07 -10.29 -115.57
N SER DA 303 30.41 -10.16 -114.29
CA SER DA 303 29.48 -10.54 -113.24
C SER DA 303 28.39 -9.51 -113.04
N GLY DA 304 28.71 -8.23 -113.20
CA GLY DA 304 27.74 -7.18 -113.00
C GLY DA 304 27.75 -6.63 -111.59
N ASN DA 305 28.93 -6.34 -111.06
CA ASN DA 305 29.09 -5.84 -109.71
C ASN DA 305 29.71 -4.45 -109.77
N VAL DA 306 29.08 -3.48 -109.11
CA VAL DA 306 29.72 -2.19 -108.90
C VAL DA 306 30.67 -2.34 -107.73
N ILE DA 307 31.98 -2.31 -108.01
CA ILE DA 307 32.96 -2.80 -107.05
C ILE DA 307 33.10 -1.86 -105.87
N SER DA 308 33.54 -0.63 -106.10
CA SER DA 308 33.92 0.26 -105.02
C SER DA 308 33.64 1.70 -105.40
N ASP DA 309 33.12 2.47 -104.44
CA ASP DA 309 33.04 3.92 -104.54
C ASP DA 309 33.80 4.52 -103.36
N GLN DA 310 33.91 5.84 -103.33
CA GLN DA 310 34.61 6.50 -102.25
C GLN DA 310 33.82 7.73 -101.82
N MET DA 311 33.80 7.96 -100.51
CA MET DA 311 33.06 9.06 -99.91
C MET DA 311 34.09 10.03 -99.34
N LEU DA 312 34.46 11.02 -100.14
CA LEU DA 312 35.28 12.13 -99.68
C LEU DA 312 34.43 13.28 -99.17
N ASP DA 313 33.40 13.63 -99.92
CA ASP DA 313 32.34 14.55 -99.52
C ASP DA 313 31.01 13.78 -99.59
N SER DA 314 29.92 14.45 -99.24
CA SER DA 314 28.64 13.77 -99.11
C SER DA 314 28.03 13.52 -100.48
N SER DA 315 28.87 13.52 -101.51
CA SER DA 315 28.41 13.45 -102.89
C SER DA 315 27.65 12.14 -103.16
N VAL DA 316 28.21 11.02 -102.71
CA VAL DA 316 27.70 9.72 -103.15
C VAL DA 316 26.34 9.42 -102.53
N VAL DA 317 25.43 8.91 -103.36
CA VAL DA 317 24.11 8.48 -102.91
C VAL DA 317 23.85 7.04 -103.31
N SER DA 318 24.01 6.73 -104.59
CA SER DA 318 23.74 5.38 -105.07
C SER DA 318 24.45 5.15 -106.40
N ALA DA 319 24.56 3.88 -106.76
CA ALA DA 319 25.17 3.46 -108.02
C ALA DA 319 24.72 2.03 -108.30
N ARG DA 320 24.54 1.70 -109.57
CA ARG DA 320 24.07 0.39 -109.96
C ARG DA 320 24.53 0.08 -111.38
N MET DA 321 24.43 -1.19 -111.74
CA MET DA 321 24.84 -1.66 -113.05
C MET DA 321 23.71 -2.50 -113.63
N ILE DA 322 23.42 -2.30 -114.92
CA ILE DA 322 22.29 -2.95 -115.58
C ILE DA 322 22.81 -3.83 -116.70
N ARG DA 323 21.97 -4.78 -117.13
CA ARG DA 323 22.36 -5.74 -118.14
C ARG DA 323 21.79 -5.38 -119.51
N LEU DA 324 22.58 -5.62 -120.55
CA LEU DA 324 22.12 -5.53 -121.93
C LEU DA 324 22.69 -6.71 -122.70
N GLU DA 325 22.23 -6.87 -123.94
CA GLU DA 325 22.63 -8.04 -124.72
C GLU DA 325 24.04 -7.89 -125.27
N ASN DA 326 24.74 -9.03 -125.37
CA ASN DA 326 26.07 -9.14 -125.98
C ASN DA 326 27.10 -8.29 -125.25
N GLY DA 327 27.29 -8.57 -123.97
CA GLY DA 327 28.39 -7.98 -123.23
C GLY DA 327 28.39 -6.49 -123.14
N TRP DA 328 27.25 -5.85 -123.42
CA TRP DA 328 27.12 -4.41 -123.30
C TRP DA 328 26.40 -4.09 -121.99
N TRP DA 329 26.98 -3.18 -121.22
CA TRP DA 329 26.45 -2.84 -119.92
C TRP DA 329 26.46 -1.32 -119.76
N ARG DA 330 25.40 -0.80 -119.15
CA ARG DA 330 25.24 0.63 -118.95
C ARG DA 330 25.56 0.99 -117.51
N CYS DA 331 26.37 2.03 -117.32
CA CYS DA 331 26.89 2.40 -116.02
C CYS DA 331 26.33 3.75 -115.60
N VAL DA 332 25.96 3.88 -114.33
CA VAL DA 332 25.33 5.10 -113.82
C VAL DA 332 25.89 5.43 -112.45
N LEU DA 333 25.97 6.73 -112.14
CA LEU DA 333 26.37 7.24 -110.84
C LEU DA 333 25.42 8.38 -110.44
N THR DA 334 25.36 8.68 -109.15
CA THR DA 334 24.63 9.82 -108.64
C THR DA 334 25.51 10.61 -107.70
N THR DA 335 25.50 11.94 -107.84
CA THR DA 335 26.26 12.85 -106.99
C THR DA 335 25.32 13.86 -106.37
N LYS DA 336 25.28 13.92 -105.04
CA LYS DA 336 24.45 14.88 -104.30
C LYS DA 336 25.29 15.44 -103.16
N THR DA 337 26.01 16.53 -103.44
CA THR DA 337 26.92 17.13 -102.47
C THR DA 337 26.31 18.38 -101.86
N VAL DA 338 26.77 18.71 -100.66
CA VAL DA 338 26.36 19.96 -100.00
C VAL DA 338 26.81 21.15 -100.81
N SER DA 339 28.04 21.13 -101.31
CA SER DA 339 28.54 22.19 -102.17
C SER DA 339 27.85 22.11 -103.53
N SER DA 340 28.28 22.97 -104.45
CA SER DA 340 27.70 22.97 -105.78
C SER DA 340 28.76 23.02 -106.88
N SER DA 341 30.02 22.84 -106.53
CA SER DA 341 31.13 23.03 -107.47
C SER DA 341 31.49 21.70 -108.13
N PHE DA 342 30.57 21.22 -108.96
CA PHE DA 342 30.87 20.11 -109.86
C PHE DA 342 31.74 20.60 -111.01
N ARG DA 343 32.94 20.03 -111.13
CA ARG DA 343 33.96 20.57 -112.02
C ARG DA 343 34.17 19.73 -113.27
N ALA DA 344 34.52 18.45 -113.13
CA ALA DA 344 34.91 17.66 -114.29
C ALA DA 344 34.68 16.18 -114.00
N ALA DA 345 34.62 15.41 -115.09
CA ALA DA 345 34.40 13.97 -115.02
C ALA DA 345 35.46 13.27 -115.87
N TYR DA 346 36.06 12.23 -115.31
CA TYR DA 346 37.18 11.52 -115.93
C TYR DA 346 36.83 10.05 -116.04
N VAL DA 347 37.55 9.32 -116.90
CA VAL DA 347 37.32 7.89 -117.07
C VAL DA 347 38.60 7.23 -117.55
N ALA DA 348 38.85 6.01 -117.07
CA ALA DA 348 40.02 5.22 -117.46
C ALA DA 348 39.79 3.78 -117.01
N PRO DA 349 40.46 2.81 -117.63
CA PRO DA 349 40.33 1.42 -117.21
C PRO DA 349 41.11 1.13 -115.93
N ALA DA 350 40.91 -0.09 -115.44
CA ALA DA 350 41.54 -0.54 -114.20
C ALA DA 350 42.10 -1.95 -114.40
N GLU DA 351 43.07 -2.31 -113.55
CA GLU DA 351 43.66 -3.64 -113.63
C GLU DA 351 42.89 -4.63 -112.77
N THR DA 352 42.56 -4.24 -111.54
CA THR DA 352 41.82 -5.08 -110.62
C THR DA 352 40.52 -4.37 -110.24
N ASN DA 353 39.67 -5.08 -109.49
CA ASN DA 353 38.35 -4.55 -109.16
C ASN DA 353 38.46 -3.28 -108.31
N PHE DA 354 39.34 -3.29 -107.31
CA PHE DA 354 39.53 -2.14 -106.44
C PHE DA 354 40.59 -1.18 -106.96
N SER DA 355 41.09 -1.38 -108.19
CA SER DA 355 42.03 -0.44 -108.76
C SER DA 355 41.36 0.90 -109.01
N TRP DA 356 42.01 1.97 -108.57
CA TRP DA 356 41.47 3.31 -108.72
C TRP DA 356 42.06 3.97 -109.96
N ILE DA 357 41.41 5.03 -110.40
CA ILE DA 357 41.89 5.75 -111.58
C ILE DA 357 43.20 6.46 -111.28
N ASP DA 358 43.49 6.72 -110.00
CA ASP DA 358 44.73 7.36 -109.58
C ASP DA 358 45.89 6.37 -109.45
N SER DA 359 45.60 5.08 -109.43
CA SER DA 359 46.65 4.08 -109.24
C SER DA 359 47.34 3.77 -110.57
N ASN DA 360 48.50 3.11 -110.46
CA ASN DA 360 49.24 2.71 -111.64
C ASN DA 360 48.79 1.33 -112.10
N SER DA 361 49.51 0.77 -113.07
CA SER DA 361 49.13 -0.46 -113.73
C SER DA 361 50.33 -1.39 -113.83
N SER DA 362 50.08 -2.66 -114.17
CA SER DA 362 51.13 -3.65 -114.30
C SER DA 362 51.54 -3.92 -115.74
N ALA DA 363 50.62 -3.85 -116.69
CA ALA DA 363 50.91 -4.15 -118.09
C ALA DA 363 50.00 -3.28 -118.96
N ALA DA 364 49.80 -3.72 -120.20
CA ALA DA 364 48.93 -3.01 -121.14
C ALA DA 364 47.56 -3.68 -121.17
N ILE DA 365 46.52 -2.87 -121.01
CA ILE DA 365 45.14 -3.35 -121.01
C ILE DA 365 44.29 -2.45 -121.90
N ASP DA 366 43.18 -3.00 -122.40
CA ASP DA 366 42.33 -2.30 -123.34
C ASP DA 366 40.85 -2.64 -123.09
N VAL DA 367 39.97 -1.74 -123.52
CA VAL DA 367 38.54 -1.86 -123.29
C VAL DA 367 37.81 -0.98 -124.28
N LEU DA 368 36.55 -1.31 -124.56
CA LEU DA 368 35.72 -0.60 -125.54
C LEU DA 368 34.70 0.31 -124.84
N ILE DA 369 34.44 1.46 -125.46
CA ILE DA 369 33.60 2.51 -124.87
C ILE DA 369 32.68 3.06 -125.96
N TRP DA 370 31.44 3.37 -125.59
CA TRP DA 370 30.54 4.09 -126.48
C TRP DA 370 29.44 4.74 -125.64
N GLY DA 371 28.80 5.75 -126.24
CA GLY DA 371 27.55 6.28 -125.69
C GLY DA 371 27.61 6.95 -124.33
N ALA DA 372 28.21 8.12 -124.24
CA ALA DA 372 28.32 8.86 -122.99
C ALA DA 372 27.11 9.78 -122.81
N GLN DA 373 26.62 9.88 -121.58
CA GLN DA 373 25.51 10.77 -121.26
C GLN DA 373 25.64 11.25 -119.82
N ILE DA 374 25.42 12.56 -119.63
CA ILE DA 374 25.37 13.18 -118.31
C ILE DA 374 24.16 14.10 -118.26
N GLU DA 375 23.38 14.02 -117.18
CA GLU DA 375 22.16 14.79 -117.08
C GLU DA 375 21.91 15.16 -115.61
N LEU DA 376 20.93 16.04 -115.41
CA LEU DA 376 20.56 16.53 -114.07
C LEU DA 376 19.37 15.73 -113.55
N GLY DA 377 19.68 14.71 -112.75
CA GLY DA 377 18.65 13.88 -112.16
C GLY DA 377 19.25 12.72 -111.41
N ASP DA 378 18.39 11.78 -111.03
CA ASP DA 378 18.83 10.56 -110.37
C ASP DA 378 18.46 9.30 -111.13
N THR DA 379 17.68 9.41 -112.21
CA THR DA 379 17.26 8.26 -112.97
C THR DA 379 17.71 8.38 -114.41
N PRO DA 380 18.25 7.31 -115.00
CA PRO DA 380 18.72 7.37 -116.38
C PRO DA 380 17.57 7.56 -117.37
N THR DA 381 17.90 8.17 -118.51
CA THR DA 381 16.95 8.43 -119.57
C THR DA 381 17.47 7.90 -120.90
N GLY DA 382 16.74 8.17 -121.98
CA GLY DA 382 17.19 7.74 -123.29
C GLY DA 382 18.47 8.44 -123.71
N TYR DA 383 19.21 7.76 -124.58
CA TYR DA 383 20.49 8.26 -125.05
C TYR DA 383 20.30 9.13 -126.29
N LEU DA 384 21.05 10.23 -126.34
CA LEU DA 384 20.89 11.21 -127.39
C LEU DA 384 22.27 11.69 -127.83
N LYS DA 385 22.50 11.72 -129.14
CA LYS DA 385 23.80 12.10 -129.68
C LYS DA 385 24.05 13.59 -129.54
N THR DA 386 25.22 13.94 -129.03
CA THR DA 386 25.67 15.32 -128.95
C THR DA 386 27.02 15.43 -129.64
N THR DA 387 27.24 16.56 -130.30
CA THR DA 387 28.52 16.79 -130.98
C THR DA 387 28.79 18.28 -130.94
N GLY DA 388 29.65 18.70 -130.02
CA GLY DA 388 30.04 20.10 -129.91
C GLY DA 388 29.07 20.94 -129.10
N ALA DA 389 27.93 20.36 -128.71
CA ALA DA 389 26.94 21.09 -127.93
C ALA DA 389 25.97 20.09 -127.32
N PRO DA 390 25.37 20.40 -126.17
CA PRO DA 390 24.29 19.57 -125.65
C PRO DA 390 23.06 19.62 -126.55
N VAL DA 391 22.27 18.54 -126.50
CA VAL DA 391 21.02 18.43 -127.25
C VAL DA 391 19.89 18.22 -126.26
N THR DA 392 18.83 19.00 -126.41
CA THR DA 392 17.67 18.99 -125.53
C THR DA 392 16.48 18.39 -126.27
N ILE DA 393 15.83 17.41 -125.65
CA ILE DA 393 14.64 16.79 -126.22
C ILE DA 393 13.53 16.81 -125.18
N THR DA 394 12.37 17.35 -125.57
CA THR DA 394 11.13 17.22 -124.82
C THR DA 394 10.37 16.06 -125.45
N ASP DA 395 10.59 14.85 -124.94
CA ASP DA 395 10.41 13.67 -125.77
C ASP DA 395 8.93 13.34 -125.99
N TYR DA 396 8.06 13.79 -125.10
CA TYR DA 396 6.63 13.53 -125.29
C TYR DA 396 5.82 14.58 -124.54
N VAL DA 397 4.53 14.62 -124.87
CA VAL DA 397 3.55 15.41 -124.13
C VAL DA 397 2.17 14.88 -124.49
N LEU DA 398 1.27 14.86 -123.52
CA LEU DA 398 -0.10 14.44 -123.74
C LEU DA 398 -0.98 15.68 -123.91
N GLN DA 399 -1.77 15.68 -124.98
CA GLN DA 399 -2.60 16.84 -125.29
C GLN DA 399 -3.92 16.81 -124.51
N ASN DA 400 -4.50 15.63 -124.37
CA ASN DA 400 -5.72 15.44 -123.60
C ASN DA 400 -5.59 14.21 -122.72
N ALA DA 401 -5.81 14.37 -121.42
CA ALA DA 401 -5.63 13.31 -120.45
C ALA DA 401 -6.93 12.59 -120.12
N GLN DA 402 -8.06 13.31 -120.08
CA GLN DA 402 -9.30 12.70 -119.64
C GLN DA 402 -9.80 11.67 -120.66
N THR DA 403 -9.48 11.86 -121.94
CA THR DA 403 -9.81 10.85 -122.93
C THR DA 403 -8.83 9.69 -122.88
N GLY DA 404 -7.59 9.97 -122.46
CA GLY DA 404 -6.59 8.95 -122.29
C GLY DA 404 -5.62 8.77 -123.44
N THR DA 405 -5.40 9.80 -124.25
CA THR DA 405 -4.53 9.69 -125.41
C THR DA 405 -3.34 10.63 -125.26
N VAL DA 406 -2.17 10.13 -125.64
CA VAL DA 406 -0.92 10.88 -125.60
C VAL DA 406 -0.38 10.99 -127.03
N LYS DA 407 0.04 12.20 -127.40
CA LYS DA 407 0.53 12.48 -128.75
C LYS DA 407 2.05 12.58 -128.70
N PHE DA 408 2.72 11.62 -129.31
CA PHE DA 408 4.18 11.62 -129.32
C PHE DA 408 4.71 12.54 -130.41
N THR DA 409 5.90 13.10 -130.17
CA THR DA 409 6.42 14.16 -131.04
C THR DA 409 6.95 13.60 -132.35
N GLN DA 410 7.62 12.45 -132.31
CA GLN DA 410 8.26 11.92 -133.52
C GLN DA 410 7.62 10.62 -133.96
N PRO DA 411 7.56 10.34 -135.27
CA PRO DA 411 7.03 9.05 -135.72
C PRO DA 411 7.92 7.91 -135.26
N LEU DA 412 7.37 7.07 -134.39
CA LEU DA 412 8.15 6.02 -133.76
C LEU DA 412 8.62 5.00 -134.79
N PRO DA 413 9.85 4.52 -134.66
CA PRO DA 413 10.37 3.53 -135.63
C PRO DA 413 9.61 2.22 -135.57
N THR DA 414 9.89 1.32 -136.51
CA THR DA 414 9.26 0.00 -136.47
C THR DA 414 9.85 -0.83 -135.34
N GLY DA 415 9.04 -1.70 -134.77
CA GLY DA 415 9.51 -2.61 -133.75
C GLY DA 415 9.68 -2.02 -132.37
N VAL DA 416 9.27 -0.76 -132.17
CA VAL DA 416 9.41 -0.14 -130.86
C VAL DA 416 8.17 -0.46 -130.03
N GLU DA 417 8.36 -0.60 -128.72
CA GLU DA 417 7.29 -0.91 -127.80
C GLU DA 417 7.22 0.16 -126.72
N ALA DA 418 6.04 0.31 -126.13
CA ALA DA 418 5.83 1.31 -125.10
C ALA DA 418 5.04 0.72 -123.95
N TYR DA 419 5.47 1.04 -122.74
CA TYR DA 419 4.79 0.69 -121.50
C TYR DA 419 4.42 1.97 -120.75
N TRP DA 420 3.48 1.84 -119.82
CA TRP DA 420 3.05 2.98 -119.02
C TRP DA 420 2.68 2.50 -117.63
N THR DA 421 2.67 3.44 -116.69
CA THR DA 421 2.31 3.15 -115.31
C THR DA 421 1.72 4.41 -114.68
N GLY DA 422 0.96 4.21 -113.62
CA GLY DA 422 0.31 5.30 -112.92
C GLY DA 422 -1.08 4.88 -112.48
N ASP DA 423 -1.98 5.86 -112.36
CA ASP DA 423 -3.37 5.59 -112.06
C ASP DA 423 -4.26 6.21 -113.14
N TRP DA 424 -5.35 5.54 -113.47
CA TRP DA 424 -6.21 5.93 -114.57
C TRP DA 424 -7.48 5.10 -114.52
N LYS DA 425 -8.61 5.74 -114.83
CA LYS DA 425 -9.93 5.10 -114.80
C LYS DA 425 -10.23 4.45 -113.45
N GLY DA 426 -9.53 4.89 -112.40
CA GLY DA 426 -9.71 4.31 -111.10
C GLY DA 426 -8.77 3.15 -110.83
N GLY DA 427 -8.14 2.63 -111.89
CA GLY DA 427 -7.29 1.47 -111.75
C GLY DA 427 -5.86 1.80 -111.39
N THR DA 428 -5.09 0.76 -111.14
CA THR DA 428 -3.67 0.88 -110.83
C THR DA 428 -2.87 0.03 -111.82
N ALA DA 429 -1.76 0.59 -112.31
CA ALA DA 429 -0.86 -0.07 -113.24
C ALA DA 429 0.57 -0.03 -112.70
N ALA DA 430 0.73 -0.46 -111.45
CA ALA DA 430 2.05 -0.42 -110.82
C ALA DA 430 3.07 -1.26 -111.58
N GLU DA 431 2.61 -2.21 -112.37
CA GLU DA 431 3.51 -2.97 -113.24
C GLU DA 431 3.32 -2.52 -114.68
N PRO DA 432 4.40 -2.22 -115.41
CA PRO DA 432 4.25 -1.66 -116.77
C PRO DA 432 3.45 -2.56 -117.69
N ALA DA 433 2.64 -1.93 -118.55
CA ALA DA 433 1.79 -2.62 -119.50
C ALA DA 433 1.88 -1.96 -120.87
N ARG DA 434 1.74 -2.76 -121.91
CA ARG DA 434 1.88 -2.29 -123.28
C ARG DA 434 0.72 -1.38 -123.67
N PHE DA 435 1.01 -0.30 -124.41
CA PHE DA 435 -0.05 0.45 -125.06
C PHE DA 435 0.24 0.85 -126.50
N ALA DA 436 1.50 0.90 -126.92
CA ALA DA 436 1.86 1.37 -128.25
C ALA DA 436 2.72 0.33 -128.96
N VAL DA 437 2.46 0.14 -130.25
CA VAL DA 437 3.22 -0.78 -131.09
C VAL DA 437 3.75 0.04 -132.27
N GLY DA 438 5.05 -0.07 -132.55
CA GLY DA 438 5.69 0.76 -133.55
C GLY DA 438 5.66 0.19 -134.96
N ASN DA 439 5.07 0.94 -135.89
CA ASN DA 439 5.02 0.53 -137.28
C ASN DA 439 5.91 1.36 -138.19
N GLY DA 440 6.33 2.55 -137.76
CA GLY DA 440 7.26 3.34 -138.55
C GLY DA 440 6.84 4.77 -138.83
N THR DA 441 5.55 5.07 -138.68
CA THR DA 441 5.03 6.37 -139.08
C THR DA 441 4.10 7.04 -138.07
N GLN DA 442 3.54 6.30 -137.12
CA GLN DA 442 2.48 6.85 -136.28
C GLN DA 442 3.05 7.79 -135.22
N ASP DA 443 2.21 8.75 -134.79
CA ASP DA 443 2.55 9.69 -133.73
C ASP DA 443 1.48 9.83 -132.67
N THR DA 444 0.25 9.39 -132.93
CA THR DA 444 -0.83 9.42 -131.95
C THR DA 444 -1.14 8.00 -131.51
N PHE DA 445 -1.06 7.77 -130.21
CA PHE DA 445 -1.26 6.43 -129.66
C PHE DA 445 -2.26 6.52 -128.52
N THR DA 446 -2.82 5.36 -128.15
CA THR DA 446 -3.91 5.31 -127.19
C THR DA 446 -3.45 4.49 -125.98
N LEU DA 447 -3.71 5.01 -124.78
CA LEU DA 447 -3.40 4.28 -123.57
C LEU DA 447 -4.30 3.05 -123.45
N SER DA 448 -3.76 2.00 -122.82
CA SER DA 448 -4.50 0.76 -122.65
C SER DA 448 -5.19 0.73 -121.29
N ASP DA 449 -5.92 -0.35 -121.03
CA ASP DA 449 -6.72 -0.51 -119.83
C ASP DA 449 -5.90 -1.19 -118.74
N PRO DA 450 -5.75 -0.58 -117.56
CA PRO DA 450 -5.06 -1.26 -116.45
C PRO DA 450 -5.86 -2.44 -115.90
N ALA DA 451 -5.40 -2.99 -114.76
CA ALA DA 451 -6.12 -4.06 -114.11
C ALA DA 451 -7.54 -3.68 -113.73
N TYR DA 452 -7.82 -2.37 -113.64
CA TYR DA 452 -9.16 -1.82 -113.53
C TYR DA 452 -9.80 -2.06 -112.17
N ILE DA 453 -10.51 -1.06 -111.68
CA ILE DA 453 -11.18 -1.10 -110.38
C ILE DA 453 -12.55 -0.46 -110.55
N GLY DA 454 -13.53 -0.97 -109.82
CA GLY DA 454 -14.89 -0.49 -109.94
C GLY DA 454 -15.07 0.80 -109.18
N LEU DA 455 -14.65 1.91 -109.79
CA LEU DA 455 -14.53 3.17 -109.05
C LEU DA 455 -15.82 3.66 -108.39
N PRO DA 456 -16.99 3.71 -109.05
CA PRO DA 456 -18.09 4.47 -108.45
C PRO DA 456 -18.54 3.88 -107.12
N THR DA 457 -18.96 2.61 -107.11
CA THR DA 457 -19.55 1.97 -105.93
C THR DA 457 -20.45 2.94 -105.18
N SER DA 458 -21.23 3.69 -105.94
CA SER DA 458 -21.91 4.87 -105.41
C SER DA 458 -23.02 4.48 -104.46
N GLY DA 459 -23.53 5.47 -103.75
CA GLY DA 459 -24.63 5.26 -102.84
C GLY DA 459 -24.16 5.17 -101.40
N ALA DA 460 -24.44 6.22 -100.61
CA ALA DA 460 -24.08 6.18 -99.21
C ALA DA 460 -24.86 5.08 -98.49
N PHE DA 461 -24.29 4.61 -97.39
CA PHE DA 461 -24.88 3.55 -96.57
C PHE DA 461 -24.94 2.21 -97.29
N LYS DA 462 -24.18 2.04 -98.37
CA LYS DA 462 -24.06 0.76 -99.06
C LYS DA 462 -22.62 0.30 -98.96
N LEU DA 463 -22.43 -0.96 -98.55
CA LEU DA 463 -21.11 -1.56 -98.48
C LEU DA 463 -21.14 -2.92 -99.16
N GLU DA 464 -20.00 -3.32 -99.69
CA GLU DA 464 -19.85 -4.62 -100.33
C GLU DA 464 -18.41 -5.09 -100.11
N TYR DA 465 -18.08 -6.24 -100.69
CA TYR DA 465 -16.74 -6.78 -100.63
C TYR DA 465 -16.41 -7.42 -101.97
N ARG DA 466 -15.11 -7.48 -102.29
CA ARG DA 466 -14.66 -8.22 -103.46
C ARG DA 466 -13.35 -8.93 -103.14
N VAL DA 467 -13.17 -10.10 -103.75
CA VAL DA 467 -12.08 -11.01 -103.43
C VAL DA 467 -11.37 -11.38 -104.72
N GLY DA 468 -10.12 -11.83 -104.58
CA GLY DA 468 -9.37 -12.36 -105.69
C GLY DA 468 -9.32 -13.87 -105.68
N PRO DA 469 -9.45 -14.48 -106.86
CA PRO DA 469 -9.42 -15.95 -106.94
C PRO DA 469 -8.10 -16.55 -106.49
N ALA DA 470 -7.05 -15.72 -106.47
CA ALA DA 470 -5.73 -16.20 -106.07
C ALA DA 470 -5.74 -16.70 -104.63
N LEU DA 471 -6.56 -16.09 -103.77
CA LEU DA 471 -6.67 -16.57 -102.40
C LEU DA 471 -7.31 -17.95 -102.30
N ASN DA 472 -8.13 -18.33 -103.27
CA ASN DA 472 -8.74 -19.66 -103.33
C ASN DA 472 -9.53 -19.97 -102.07
N LEU DA 473 -10.17 -18.95 -101.50
CA LEU DA 473 -11.02 -19.14 -100.34
C LEU DA 473 -12.25 -19.95 -100.73
N SER DA 474 -12.74 -20.75 -99.80
CA SER DA 474 -13.87 -21.63 -100.10
C SER DA 474 -15.12 -20.80 -100.36
N PRO DA 475 -15.82 -21.04 -101.47
CA PRO DA 475 -17.09 -20.35 -101.72
C PRO DA 475 -18.14 -20.67 -100.67
N GLN DA 476 -18.01 -21.82 -100.00
CA GLN DA 476 -18.89 -22.11 -98.87
C GLN DA 476 -18.75 -21.05 -97.79
N LEU DA 477 -17.53 -20.59 -97.54
CA LEU DA 477 -17.34 -19.52 -96.58
C LEU DA 477 -17.97 -18.22 -97.07
N ILE DA 478 -17.87 -17.94 -98.37
CA ILE DA 478 -18.50 -16.76 -98.95
C ILE DA 478 -20.01 -16.80 -98.73
N ASN DA 479 -20.62 -17.97 -98.96
CA ASN DA 479 -22.03 -18.13 -98.68
C ASN DA 479 -22.30 -17.98 -97.19
N LEU DA 480 -21.34 -18.35 -96.35
CA LEU DA 480 -21.54 -18.26 -94.91
C LEU DA 480 -21.61 -16.82 -94.43
N MET DA 481 -20.69 -15.96 -94.89
CA MET DA 481 -20.71 -14.57 -94.42
C MET DA 481 -21.89 -13.77 -94.97
N ASN DA 482 -22.80 -14.41 -95.70
CA ASN DA 482 -23.97 -13.69 -96.19
C ASN DA 482 -25.12 -13.70 -95.19
N ASP DA 483 -25.04 -14.51 -94.14
CA ASP DA 483 -26.03 -14.40 -93.07
C ASP DA 483 -25.61 -13.36 -92.05
N ARG DA 484 -26.60 -12.79 -91.36
CA ARG DA 484 -26.35 -11.77 -90.36
C ARG DA 484 -26.49 -12.25 -88.92
N ALA DA 485 -27.26 -13.32 -88.68
CA ALA DA 485 -27.38 -13.83 -87.33
C ALA DA 485 -26.06 -14.41 -86.84
N VAL DA 486 -25.17 -14.76 -87.76
CA VAL DA 486 -23.83 -15.19 -87.36
C VAL DA 486 -23.01 -14.01 -86.87
N GLY DA 487 -23.07 -12.87 -87.56
CA GLY DA 487 -22.37 -11.67 -87.15
C GLY DA 487 -20.88 -11.83 -87.05
N ILE DA 488 -20.19 -11.97 -88.18
CA ILE DA 488 -18.76 -12.24 -88.18
C ILE DA 488 -17.99 -11.23 -89.02
N MET DA 489 -18.67 -10.23 -89.58
CA MET DA 489 -18.01 -9.24 -90.43
C MET DA 489 -18.28 -7.85 -89.86
N PRO DA 490 -17.24 -7.01 -89.76
CA PRO DA 490 -17.41 -5.72 -89.09
C PRO DA 490 -18.23 -4.76 -89.94
N THR DA 491 -19.14 -4.05 -89.27
CA THR DA 491 -20.08 -3.18 -89.98
C THR DA 491 -20.48 -2.04 -89.06
N CYS DA 492 -20.94 -0.96 -89.67
CA CYS DA 492 -21.48 0.19 -88.98
C CYS DA 492 -23.01 0.14 -89.02
N ALA DA 493 -23.64 0.92 -88.16
CA ALA DA 493 -25.09 1.05 -88.17
C ALA DA 493 -25.56 1.66 -89.48
N GLY DA 494 -26.57 1.04 -90.08
CA GLY DA 494 -27.22 1.58 -91.27
C GLY DA 494 -26.53 1.32 -92.59
N CYS DA 495 -25.47 0.52 -92.60
CA CYS DA 495 -24.79 0.15 -93.83
C CYS DA 495 -25.08 -1.32 -94.10
N ASP DA 496 -25.50 -1.63 -95.33
CA ASP DA 496 -25.75 -3.01 -95.72
C ASP DA 496 -24.54 -3.55 -96.45
N VAL DA 497 -24.11 -4.75 -96.04
CA VAL DA 497 -22.86 -5.34 -96.51
C VAL DA 497 -23.15 -6.63 -97.27
N LYS DA 498 -22.54 -6.77 -98.44
CA LYS DA 498 -22.58 -8.01 -99.19
C LYS DA 498 -21.16 -8.46 -99.50
N VAL DA 499 -20.92 -9.76 -99.36
CA VAL DA 499 -19.56 -10.27 -99.50
C VAL DA 499 -19.12 -10.21 -100.96
N ILE DA 500 -20.01 -10.54 -101.89
CA ILE DA 500 -19.81 -10.28 -103.32
C ILE DA 500 -21.12 -9.85 -103.96
N MET EA 1 53.62 0.04 32.49
CA MET EA 1 53.36 1.09 31.53
C MET EA 1 53.62 2.46 32.14
N LEU EA 2 54.75 2.59 32.83
CA LEU EA 2 55.14 3.82 33.50
C LEU EA 2 54.04 4.27 34.45
N GLY EA 3 53.77 5.57 34.51
CA GLY EA 3 52.72 6.06 35.39
C GLY EA 3 53.01 5.79 36.84
N ILE EA 4 52.32 4.79 37.42
CA ILE EA 4 52.56 4.41 38.80
C ILE EA 4 53.96 3.85 38.96
N PHE EA 5 54.63 4.25 40.04
CA PHE EA 5 55.92 3.70 40.44
C PHE EA 5 55.73 3.05 41.80
N THR EA 6 55.54 1.73 41.81
CA THR EA 6 55.06 1.06 43.02
C THR EA 6 56.15 0.89 44.07
N SER EA 7 57.18 0.10 43.75
CA SER EA 7 58.14 -0.42 44.73
C SER EA 7 57.45 -1.37 45.71
N LEU EA 8 56.77 -2.37 45.14
CA LEU EA 8 55.95 -3.30 45.92
C LEU EA 8 56.19 -4.76 45.58
N LEU EA 9 56.97 -5.07 44.55
CA LEU EA 9 57.26 -6.45 44.16
C LEU EA 9 56.01 -7.19 43.71
N SER EA 10 55.40 -7.95 44.61
CA SER EA 10 54.27 -8.81 44.25
C SER EA 10 53.01 -7.97 44.10
N SER EA 11 52.82 -7.40 42.91
CA SER EA 11 51.62 -6.65 42.58
C SER EA 11 50.59 -7.59 41.95
N ARG EA 12 49.53 -7.03 41.40
CA ARG EA 12 48.43 -7.80 40.83
C ARG EA 12 48.18 -7.35 39.39
N SER EA 13 48.17 -8.32 38.48
CA SER EA 13 47.81 -8.09 37.09
C SER EA 13 46.30 -8.12 36.93
N PHE EA 14 45.83 -8.31 35.70
CA PHE EA 14 44.41 -8.37 35.36
C PHE EA 14 43.60 -9.10 36.43
N SER EA 15 42.54 -8.45 36.90
CA SER EA 15 41.63 -9.03 37.88
C SER EA 15 40.21 -8.59 37.55
N ILE EA 16 39.27 -9.51 37.69
CA ILE EA 16 37.84 -9.20 37.60
C ILE EA 16 37.32 -9.02 39.00
N VAL EA 17 36.78 -7.85 39.29
CA VAL EA 17 36.21 -7.55 40.61
C VAL EA 17 34.73 -7.28 40.44
N ASP EA 18 33.94 -7.89 41.32
CA ASP EA 18 32.52 -7.60 41.36
C ASP EA 18 32.31 -6.13 41.73
N GLN EA 19 31.27 -5.53 41.15
CA GLN EA 19 31.00 -4.12 41.41
C GLN EA 19 29.93 -3.91 42.47
N ASN EA 20 29.37 -4.99 43.02
CA ASN EA 20 28.40 -4.90 44.11
C ASN EA 20 29.04 -5.16 45.46
N THR EA 21 29.78 -6.26 45.60
CA THR EA 21 30.45 -6.63 46.84
C THR EA 21 31.97 -6.54 46.74
N ASN EA 22 32.47 -5.81 45.73
CA ASN EA 22 33.90 -5.59 45.47
C ASN EA 22 34.75 -6.81 45.81
N GLN EA 23 34.31 -7.96 45.29
CA GLN EA 23 34.94 -9.25 45.55
C GLN EA 23 35.47 -9.83 44.24
N LEU EA 24 36.69 -10.33 44.28
CA LEU EA 24 37.28 -10.95 43.09
C LEU EA 24 36.63 -12.29 42.81
N VAL EA 25 36.42 -12.59 41.53
CA VAL EA 25 35.88 -13.86 41.08
C VAL EA 25 36.81 -14.43 40.03
N ALA EA 26 37.02 -15.75 40.07
CA ALA EA 26 37.94 -16.45 39.17
C ALA EA 26 39.33 -15.83 39.23
N ALA EA 27 39.81 -15.57 40.44
CA ALA EA 27 41.12 -14.95 40.61
C ALA EA 27 42.26 -15.84 40.13
N ASP EA 28 42.03 -17.14 40.00
CA ASP EA 28 43.07 -18.07 39.58
C ASP EA 28 42.97 -18.35 38.09
N LEU EA 29 43.13 -17.30 37.30
CA LEU EA 29 43.11 -17.39 35.84
C LEU EA 29 44.48 -17.03 35.30
N ARG EA 30 45.10 -17.96 34.59
CA ARG EA 30 46.39 -17.74 33.96
C ARG EA 30 46.15 -16.95 32.68
N ILE EA 31 46.27 -15.64 32.76
CA ILE EA 31 46.00 -14.78 31.62
C ILE EA 31 47.22 -14.84 30.70
N SER EA 32 47.00 -15.22 29.44
CA SER EA 32 48.09 -15.47 28.49
C SER EA 32 48.49 -14.33 27.52
N ARG EA 33 47.46 -13.26 26.84
CA ARG EA 33 47.00 -11.90 26.01
C ARG EA 33 45.80 -11.14 26.57
N VAL EA 34 45.74 -9.83 26.33
CA VAL EA 34 44.52 -9.05 26.52
C VAL EA 34 44.37 -8.05 25.37
N ASN EA 35 43.18 -7.98 24.80
CA ASN EA 35 42.89 -7.10 23.68
C ASN EA 35 41.72 -6.18 24.01
N THR EA 36 41.79 -4.94 23.53
CA THR EA 36 40.81 -3.90 23.81
C THR EA 36 40.45 -3.19 22.51
N ARG EA 37 39.16 -3.00 22.25
CA ARG EA 37 38.70 -2.41 21.01
C ARG EA 37 37.67 -1.32 21.26
N PHE EA 38 37.77 -0.24 20.50
CA PHE EA 38 36.79 0.84 20.50
C PHE EA 38 36.24 1.00 19.09
N SER EA 39 35.04 1.57 18.99
CA SER EA 39 34.43 1.74 17.68
C SER EA 39 33.45 2.90 17.71
N SER EA 40 33.37 3.59 16.58
CA SER EA 40 32.44 4.70 16.41
C SER EA 40 32.22 4.91 14.92
N VAL EA 41 31.10 5.52 14.58
CA VAL EA 41 30.71 5.76 13.18
C VAL EA 41 30.23 7.18 13.04
N GLY EA 42 30.81 7.92 12.10
CA GLY EA 42 30.45 9.31 11.84
C GLY EA 42 29.64 9.44 10.57
N GLN EA 43 28.48 10.06 10.69
CA GLN EA 43 27.53 10.14 9.60
C GLN EA 43 27.88 11.30 8.68
N ARG EA 44 28.03 11.02 7.39
CA ARG EA 44 28.47 12.00 6.41
C ARG EA 44 27.36 12.31 5.42
N HIS EA 45 27.21 13.58 5.08
CA HIS EA 45 26.22 14.03 4.11
C HIS EA 45 26.94 14.56 2.89
N MET EA 46 26.47 14.17 1.72
CA MET EA 46 27.18 14.43 0.47
C MET EA 46 26.57 15.69 -0.16
N LEU EA 47 27.35 16.77 -0.17
CA LEU EA 47 26.84 18.08 -0.54
C LEU EA 47 26.69 18.18 -2.06
N GLU EA 48 26.50 19.41 -2.54
CA GLU EA 48 26.16 19.67 -3.93
C GLU EA 48 27.36 20.07 -4.77
N ASP EA 49 28.20 20.98 -4.27
CA ASP EA 49 29.32 21.47 -5.06
C ASP EA 49 30.35 20.40 -5.33
N GLY EA 50 30.51 19.45 -4.41
CA GLY EA 50 31.48 18.38 -4.61
C GLY EA 50 32.16 17.95 -3.33
N THR EA 51 31.93 18.69 -2.25
CA THR EA 51 32.54 18.38 -0.96
C THR EA 51 31.75 17.27 -0.26
N THR EA 52 31.99 17.11 1.03
CA THR EA 52 31.27 16.15 1.85
C THR EA 52 31.39 16.57 3.31
N LYS EA 53 30.25 16.72 3.97
CA LYS EA 53 30.18 17.23 5.33
C LYS EA 53 29.87 16.11 6.31
N MET EA 54 30.48 16.17 7.48
CA MET EA 54 30.22 15.26 8.58
C MET EA 54 29.60 16.06 9.72
N ASP EA 55 28.49 15.57 10.27
CA ASP EA 55 27.74 16.37 11.23
C ASP EA 55 27.87 15.87 12.68
N SER EA 56 27.98 14.56 12.89
CA SER EA 56 28.12 14.07 14.26
C SER EA 56 28.72 12.67 14.24
N ARG EA 57 29.09 12.20 15.42
CA ARG EA 57 29.72 10.91 15.62
C ARG EA 57 28.99 10.13 16.69
N THR EA 58 28.82 8.83 16.47
CA THR EA 58 28.12 7.95 17.38
C THR EA 58 29.08 6.91 17.92
N ILE EA 59 29.06 6.70 19.23
CA ILE EA 59 29.94 5.76 19.90
C ILE EA 59 29.13 4.54 20.33
N HIS EA 60 29.65 3.36 20.01
CA HIS EA 60 29.09 2.07 20.38
C HIS EA 60 29.81 1.48 21.57
N PRO EA 61 29.25 0.46 22.23
CA PRO EA 61 29.95 -0.14 23.37
C PRO EA 61 31.29 -0.72 22.96
N MET EA 62 32.27 -0.59 23.87
CA MET EA 62 33.58 -1.17 23.64
C MET EA 62 33.57 -2.65 23.97
N GLU EA 63 34.58 -3.36 23.46
CA GLU EA 63 34.68 -4.80 23.64
C GLU EA 63 36.09 -5.17 24.08
N ILE EA 64 36.17 -6.20 24.92
CA ILE EA 64 37.43 -6.71 25.45
C ILE EA 64 37.46 -8.21 25.20
N ILE EA 65 38.58 -8.69 24.66
CA ILE EA 65 38.77 -10.12 24.39
C ILE EA 65 39.93 -10.60 25.25
N VAL EA 66 39.67 -11.61 26.09
CA VAL EA 66 40.64 -12.14 27.02
C VAL EA 66 40.82 -13.62 26.73
N GLU EA 67 42.07 -14.08 26.75
CA GLU EA 67 42.39 -15.49 26.65
C GLU EA 67 42.96 -15.95 27.98
N VAL EA 68 42.61 -17.15 28.41
CA VAL EA 68 43.00 -17.64 29.72
C VAL EA 68 43.42 -19.10 29.61
N PHE EA 69 44.07 -19.59 30.65
CA PHE EA 69 44.29 -21.01 30.86
C PHE EA 69 43.68 -21.40 32.19
N CYS EA 70 43.00 -22.54 32.21
CA CYS EA 70 42.36 -23.00 33.44
C CYS EA 70 43.20 -24.11 34.04
N PRO EA 71 43.93 -23.84 35.13
CA PRO EA 71 44.84 -24.86 35.69
C PRO EA 71 44.15 -25.94 36.49
N SER EA 72 42.83 -25.88 36.64
CA SER EA 72 42.12 -26.80 37.52
C SER EA 72 40.72 -27.03 36.97
N ILE EA 73 39.83 -27.54 37.82
CA ILE EA 73 38.44 -27.75 37.46
C ILE EA 73 37.53 -26.67 38.01
N ASP EA 74 37.84 -26.15 39.20
CA ASP EA 74 37.01 -25.11 39.79
C ASP EA 74 37.03 -23.85 38.95
N VAL EA 75 38.12 -23.60 38.25
CA VAL EA 75 38.22 -22.42 37.40
C VAL EA 75 37.22 -22.50 36.25
N VAL EA 76 37.04 -23.69 35.68
CA VAL EA 76 36.08 -23.85 34.58
C VAL EA 76 34.67 -23.58 35.07
N ASP EA 77 34.31 -24.12 36.23
CA ASP EA 77 32.99 -23.84 36.79
C ASP EA 77 32.79 -22.35 37.05
N GLN EA 78 33.82 -21.70 37.60
CA GLN EA 78 33.71 -20.27 37.88
C GLN EA 78 33.54 -19.46 36.60
N ILE EA 79 34.23 -19.87 35.54
CA ILE EA 79 34.11 -19.17 34.27
C ILE EA 79 32.71 -19.33 33.69
N ASN EA 80 32.18 -20.55 33.73
CA ASN EA 80 30.82 -20.77 33.24
C ASN EA 80 29.80 -19.98 34.04
N GLN EA 81 29.95 -19.93 35.37
CA GLN EA 81 29.06 -19.12 36.18
C GLN EA 81 29.19 -17.64 35.84
N LEU EA 82 30.42 -17.19 35.60
CA LEU EA 82 30.63 -15.80 35.18
C LEU EA 82 29.86 -15.49 33.91
N LEU EA 83 29.83 -16.45 32.99
CA LEU EA 83 29.09 -16.21 31.74
C LEU EA 83 27.59 -16.21 31.97
N LEU EA 84 27.08 -17.15 32.77
CA LEU EA 84 25.64 -17.29 32.92
C LEU EA 84 25.01 -16.22 33.81
N ASP EA 85 25.81 -15.40 34.48
CA ASP EA 85 25.26 -14.45 35.44
C ASP EA 85 24.45 -13.37 34.74
N ARG EA 86 23.23 -13.12 35.25
CA ARG EA 86 22.32 -12.10 34.71
C ARG EA 86 21.83 -11.22 35.85
N ASP EA 87 22.63 -10.22 36.24
CA ASP EA 87 22.26 -9.20 37.23
C ASP EA 87 23.48 -8.39 37.67
N THR EA 88 24.62 -9.06 37.81
CA THR EA 88 25.82 -8.43 38.34
C THR EA 88 26.59 -7.72 37.24
N LEU EA 89 27.07 -6.52 37.53
CA LEU EA 89 28.00 -5.80 36.67
C LEU EA 89 29.41 -5.95 37.23
N TYR EA 90 30.38 -6.16 36.34
CA TYR EA 90 31.75 -6.45 36.73
C TYR EA 90 32.67 -5.32 36.30
N LYS EA 91 33.66 -5.04 37.15
CA LYS EA 91 34.72 -4.08 36.85
C LYS EA 91 36.00 -4.84 36.54
N VAL EA 92 36.62 -4.51 35.40
CA VAL EA 92 37.82 -5.19 34.92
C VAL EA 92 38.99 -4.25 35.06
N ILE EA 93 40.04 -4.71 35.73
CA ILE EA 93 41.24 -3.92 35.94
C ILE EA 93 42.41 -4.70 35.35
N THR EA 94 42.80 -4.34 34.13
CA THR EA 94 43.98 -4.90 33.49
C THR EA 94 45.22 -4.18 33.99
N ARG EA 95 46.35 -4.32 33.28
CA ARG EA 95 47.65 -3.84 33.75
C ARG EA 95 47.58 -2.48 34.45
N GLY EA 96 47.11 -1.46 33.74
CA GLY EA 96 47.02 -0.14 34.33
C GLY EA 96 45.71 0.54 34.02
N MET EA 97 44.85 -0.14 33.28
CA MET EA 97 43.62 0.43 32.76
C MET EA 97 42.44 -0.18 33.49
N VAL EA 98 41.52 0.66 33.96
CA VAL EA 98 40.37 0.22 34.74
C VAL EA 98 39.11 0.57 33.99
N PHE EA 99 38.26 -0.44 33.76
CA PHE EA 99 36.99 -0.28 33.07
C PHE EA 99 35.85 -0.73 33.98
N GLU EA 100 34.66 -0.18 33.73
CA GLU EA 100 33.50 -0.46 34.56
C GLU EA 100 32.29 -0.78 33.70
N ARG EA 101 31.30 -1.42 34.32
CA ARG EA 101 30.03 -1.75 33.68
C ARG EA 101 30.25 -2.69 32.49
N MET EA 102 30.85 -3.84 32.78
CA MET EA 102 31.18 -4.83 31.78
C MET EA 102 30.38 -6.10 32.02
N MET EA 103 29.96 -6.76 30.96
CA MET EA 103 29.20 -7.99 31.06
C MET EA 103 29.81 -9.04 30.13
N CYS EA 104 29.89 -10.28 30.62
CA CYS EA 104 30.46 -11.35 29.82
C CYS EA 104 29.47 -11.78 28.76
N THR EA 105 29.96 -11.93 27.52
CA THR EA 105 29.09 -12.28 26.40
C THR EA 105 29.33 -13.67 25.84
N SER EA 106 30.49 -14.26 26.07
CA SER EA 106 30.79 -15.53 25.43
C SER EA 106 31.95 -16.22 26.14
N GLU EA 107 32.06 -17.52 25.92
CA GLU EA 107 33.25 -18.27 26.26
C GLU EA 107 33.45 -19.32 25.18
N ALA EA 108 34.68 -19.81 25.07
CA ALA EA 108 34.98 -20.81 24.06
C ALA EA 108 36.06 -21.74 24.62
N LEU EA 109 35.61 -22.85 25.20
CA LEU EA 109 36.54 -23.83 25.71
C LEU EA 109 37.13 -24.64 24.55
N ASN EA 110 38.17 -25.41 24.86
CA ASN EA 110 38.91 -26.10 23.82
C ASN EA 110 39.53 -27.35 24.43
N GLN EA 111 39.50 -28.45 23.69
CA GLN EA 111 40.02 -29.72 24.17
C GLN EA 111 40.77 -30.40 23.03
N THR EA 112 42.09 -30.44 23.14
CA THR EA 112 42.99 -30.75 22.04
C THR EA 112 44.12 -31.62 22.58
N PRO EA 113 44.76 -32.44 21.74
CA PRO EA 113 45.95 -33.17 22.19
C PRO EA 113 47.11 -32.26 22.57
N ASP EA 114 47.11 -31.00 22.12
CA ASP EA 114 48.18 -30.09 22.48
C ASP EA 114 48.22 -29.77 23.97
N MET EA 115 47.14 -30.04 24.70
CA MET EA 115 47.08 -29.69 26.12
C MET EA 115 46.03 -30.56 26.78
N ILE EA 116 46.47 -31.45 27.67
CA ILE EA 116 45.56 -32.36 28.35
C ILE EA 116 45.23 -31.89 29.76
N SER EA 117 46.23 -31.47 30.53
CA SER EA 117 45.99 -31.09 31.93
C SER EA 117 45.11 -29.85 32.03
N ALA EA 118 45.48 -28.80 31.31
CA ALA EA 118 44.78 -27.52 31.38
C ALA EA 118 43.67 -27.47 30.34
N THR EA 119 43.10 -26.29 30.15
CA THR EA 119 42.05 -26.10 29.14
C THR EA 119 42.10 -24.67 28.61
N PRO EA 120 42.54 -24.47 27.37
CA PRO EA 120 42.61 -23.11 26.82
C PRO EA 120 41.23 -22.55 26.56
N ALA EA 121 40.99 -21.35 27.07
CA ALA EA 121 39.69 -20.70 26.95
C ALA EA 121 39.86 -19.26 26.48
N ARG EA 122 38.85 -18.76 25.77
CA ARG EA 122 38.86 -17.41 25.22
C ARG EA 122 37.52 -16.75 25.54
N LEU EA 123 37.53 -15.79 26.45
CA LEU EA 123 36.33 -15.11 26.91
C LEU EA 123 36.11 -13.83 26.10
N THR EA 124 35.03 -13.12 26.43
CA THR EA 124 34.73 -11.84 25.79
C THR EA 124 33.77 -11.06 26.67
N PHE EA 125 34.07 -9.78 26.88
CA PHE EA 125 33.24 -8.89 27.67
C PHE EA 125 32.79 -7.72 26.80
N SER EA 126 31.61 -7.20 27.08
CA SER EA 126 31.09 -6.04 26.37
C SER EA 126 30.53 -5.03 27.36
N GLN EA 127 30.86 -3.77 27.17
CA GLN EA 127 30.45 -2.73 28.11
C GLN EA 127 28.97 -2.42 27.96
N VAL EA 128 28.30 -2.17 29.08
CA VAL EA 128 26.93 -1.69 29.09
C VAL EA 128 26.96 -0.17 29.06
N LEU EA 129 26.38 0.41 28.01
CA LEU EA 129 26.46 1.83 27.77
C LEU EA 129 25.29 2.51 28.45
N VAL EA 130 25.58 3.46 29.34
CA VAL EA 130 24.58 4.17 30.12
C VAL EA 130 24.91 5.65 30.13
N GLN EA 131 23.92 6.49 29.89
CA GLN EA 131 24.11 7.93 29.97
C GLN EA 131 24.35 8.35 31.41
N ASN EA 132 24.97 9.54 31.57
CA ASN EA 132 25.33 10.06 32.89
C ASN EA 132 26.12 9.01 33.67
N PRO EA 133 27.38 8.77 33.30
CA PRO EA 133 28.14 7.70 33.96
C PRO EA 133 28.35 7.90 35.44
N LYS EA 134 28.33 9.13 35.94
CA LYS EA 134 28.52 9.39 37.35
C LYS EA 134 27.18 9.68 38.01
N PRO EA 135 26.66 8.80 38.84
CA PRO EA 135 25.38 9.05 39.49
C PRO EA 135 25.45 10.17 40.53
N ILE EA 136 24.27 10.70 40.85
CA ILE EA 136 24.07 11.65 41.94
C ILE EA 136 23.16 10.97 42.94
N MET EA 137 23.70 10.58 44.09
CA MET EA 137 22.99 9.73 45.04
C MET EA 137 22.90 10.42 46.40
N PHE EA 138 21.67 10.68 46.86
CA PHE EA 138 21.46 11.16 48.22
C PHE EA 138 21.62 10.00 49.19
N ARG EA 139 22.11 10.30 50.39
CA ARG EA 139 22.27 9.24 51.38
C ARG EA 139 21.06 9.10 52.28
N ASN EA 140 20.15 10.07 52.24
CA ASN EA 140 19.04 10.15 53.19
C ASN EA 140 17.78 9.64 52.51
N ALA EA 141 17.23 8.54 53.05
CA ALA EA 141 16.12 7.86 52.39
C ALA EA 141 14.88 8.72 52.25
N GLY EA 142 14.51 9.46 53.30
CA GLY EA 142 13.36 10.34 53.19
C GLY EA 142 13.55 11.40 52.14
N ASP EA 143 14.79 11.66 51.78
CA ASP EA 143 15.17 12.65 50.78
C ASP EA 143 15.49 11.92 49.48
N SER EA 144 14.47 11.59 48.68
CA SER EA 144 14.70 10.67 47.57
C SER EA 144 13.92 10.98 46.30
N SER EA 145 13.40 12.20 46.13
CA SER EA 145 12.60 12.56 44.97
C SER EA 145 11.38 11.66 44.79
N MET EA 146 10.68 11.78 43.67
CA MET EA 146 9.39 11.13 43.48
C MET EA 146 9.38 10.34 42.18
N ILE EA 147 8.90 9.10 42.25
CA ILE EA 147 8.69 8.25 41.09
C ILE EA 147 7.19 7.99 41.01
N ASP EA 148 6.71 7.64 39.82
CA ASP EA 148 5.31 7.31 39.64
C ASP EA 148 5.16 6.14 38.69
N ARG EA 149 4.18 5.29 38.96
CA ARG EA 149 3.85 4.13 38.15
C ARG EA 149 2.35 4.19 37.84
N GLY EA 150 1.99 5.04 36.90
CA GLY EA 150 0.59 5.44 36.76
C GLY EA 150 -0.28 4.35 36.17
N LEU EA 151 -1.52 4.30 36.65
CA LEU EA 151 -2.62 3.56 36.02
C LEU EA 151 -2.30 2.08 35.91
N ALA EA 152 -2.22 1.43 37.07
CA ALA EA 152 -2.07 -0.02 37.13
C ALA EA 152 -3.24 -0.60 37.91
N LEU EA 153 -4.39 -0.74 37.24
CA LEU EA 153 -5.59 -1.44 37.69
C LEU EA 153 -5.82 -1.49 39.20
N ALA EA 154 -6.47 -2.56 39.66
CA ALA EA 154 -6.63 -2.83 41.08
C ALA EA 154 -7.04 -4.28 41.23
N GLU EA 155 -6.57 -4.90 42.31
CA GLU EA 155 -6.91 -6.29 42.62
C GLU EA 155 -7.85 -6.34 43.82
N ASP EA 156 -8.72 -7.35 43.83
CA ASP EA 156 -9.79 -7.47 44.81
C ASP EA 156 -9.51 -8.62 45.77
N VAL EA 157 -9.64 -8.35 47.07
CA VAL EA 157 -9.45 -9.34 48.11
C VAL EA 157 -10.78 -10.04 48.39
N VAL EA 158 -10.70 -11.25 48.96
CA VAL EA 158 -11.91 -12.00 49.28
C VAL EA 158 -12.40 -11.78 50.71
N GLY EA 159 -11.59 -11.16 51.57
CA GLY EA 159 -11.99 -10.99 52.95
C GLY EA 159 -13.14 -10.02 53.11
N SER EA 160 -13.96 -10.27 54.12
CA SER EA 160 -15.08 -9.38 54.42
C SER EA 160 -14.59 -8.06 54.98
N ALA EA 161 -15.19 -6.97 54.52
CA ALA EA 161 -14.76 -5.64 54.94
C ALA EA 161 -14.85 -5.48 56.45
N GLY EA 162 -16.03 -5.77 57.01
CA GLY EA 162 -16.19 -5.67 58.46
C GLY EA 162 -15.26 -6.59 59.21
N ASP EA 163 -15.16 -7.85 58.78
CA ASP EA 163 -14.32 -8.82 59.47
C ASP EA 163 -12.86 -8.40 59.44
N LEU EA 164 -12.33 -8.11 58.25
CA LEU EA 164 -10.92 -7.74 58.14
C LEU EA 164 -10.62 -6.48 58.95
N PHE EA 165 -11.43 -5.44 58.77
CA PHE EA 165 -11.04 -4.15 59.33
C PHE EA 165 -11.50 -3.98 60.78
N ASP EA 166 -12.22 -4.96 61.31
CA ASP EA 166 -12.42 -5.00 62.74
C ASP EA 166 -11.44 -5.94 63.43
N TYR EA 167 -10.97 -6.96 62.70
CA TYR EA 167 -9.84 -7.78 63.13
C TYR EA 167 -8.54 -7.01 63.16
N ALA EA 168 -8.40 -5.99 62.33
CA ALA EA 168 -7.21 -5.14 62.29
C ALA EA 168 -7.26 -3.98 63.27
N VAL EA 169 -8.35 -3.83 64.01
CA VAL EA 169 -8.46 -2.80 65.04
C VAL EA 169 -8.57 -3.42 66.43
N ASN EA 170 -9.40 -4.45 66.58
CA ASN EA 170 -9.48 -5.15 67.85
C ASN EA 170 -8.30 -6.09 68.04
N GLY EA 171 -7.81 -6.69 66.96
CA GLY EA 171 -6.70 -7.61 67.04
C GLY EA 171 -7.11 -9.03 66.71
N VAL EA 172 -6.31 -10.00 67.16
CA VAL EA 172 -6.54 -11.41 66.86
C VAL EA 172 -7.89 -11.87 67.40
N MET FA 1 56.44 -4.38 -27.08
CA MET FA 1 55.45 -5.41 -27.35
C MET FA 1 55.30 -5.62 -28.85
N LEU FA 2 56.44 -5.74 -29.54
CA LEU FA 2 56.47 -5.80 -30.99
C LEU FA 2 55.73 -4.62 -31.58
N GLY FA 3 54.97 -4.82 -32.66
CA GLY FA 3 54.25 -3.72 -33.27
C GLY FA 3 55.20 -2.65 -33.79
N ILE FA 4 55.28 -1.52 -33.09
CA ILE FA 4 56.20 -0.47 -33.48
C ILE FA 4 57.64 -0.94 -33.26
N PHE FA 5 58.49 -0.68 -34.24
CA PHE FA 5 59.93 -0.90 -34.13
C PHE FA 5 60.60 0.39 -34.57
N THR FA 6 61.01 1.22 -33.61
CA THR FA 6 61.35 2.60 -33.92
C THR FA 6 62.86 2.86 -34.02
N SER FA 7 63.68 2.20 -33.20
CA SER FA 7 65.12 2.48 -33.13
C SER FA 7 65.38 3.94 -32.75
N LEU FA 8 64.96 4.29 -31.53
CA LEU FA 8 65.08 5.64 -31.03
C LEU FA 8 65.80 5.72 -29.69
N LEU FA 9 66.17 4.59 -29.09
CA LEU FA 9 66.85 4.56 -27.80
C LEU FA 9 65.98 5.15 -26.70
N SER FA 10 66.17 6.42 -26.39
CA SER FA 10 65.48 7.05 -25.27
C SER FA 10 64.06 7.39 -25.66
N SER FA 11 63.18 6.39 -25.64
CA SER FA 11 61.75 6.61 -25.82
C SER FA 11 61.14 6.91 -24.45
N ARG FA 12 59.80 6.90 -24.37
CA ARG FA 12 59.13 7.19 -23.11
C ARG FA 12 58.08 6.13 -22.83
N SER FA 13 58.09 5.61 -21.60
CA SER FA 13 57.07 4.71 -21.08
C SER FA 13 55.86 5.51 -20.62
N PHE FA 14 55.03 4.88 -19.79
CA PHE FA 14 53.79 5.47 -19.26
C PHE FA 14 53.92 6.96 -18.99
N SER FA 15 52.97 7.72 -19.52
CA SER FA 15 52.90 9.17 -19.28
C SER FA 15 51.45 9.61 -19.38
N ILE FA 16 51.02 10.42 -18.41
CA ILE FA 16 49.69 11.02 -18.44
C ILE FA 16 49.79 12.36 -19.17
N VAL FA 17 48.90 12.57 -20.14
CA VAL FA 17 48.87 13.81 -20.91
C VAL FA 17 47.51 14.46 -20.73
N ASP FA 18 47.53 15.77 -20.51
CA ASP FA 18 46.28 16.53 -20.43
C ASP FA 18 45.61 16.58 -21.79
N GLN FA 19 44.33 16.23 -21.84
CA GLN FA 19 43.65 16.16 -23.13
C GLN FA 19 43.13 17.52 -23.60
N ASN FA 20 43.30 18.56 -22.80
CA ASN FA 20 42.86 19.90 -23.20
C ASN FA 20 44.00 20.71 -23.83
N THR FA 21 45.15 20.73 -23.17
CA THR FA 21 46.29 21.54 -23.60
C THR FA 21 47.49 20.69 -24.00
N ASN FA 22 47.30 19.39 -24.23
CA ASN FA 22 48.36 18.50 -24.71
C ASN FA 22 49.60 18.58 -23.84
N GLN FA 23 49.40 18.67 -22.53
CA GLN FA 23 50.49 18.87 -21.58
C GLN FA 23 50.64 17.66 -20.68
N LEU FA 24 51.87 17.39 -20.26
CA LEU FA 24 52.17 16.31 -19.34
C LEU FA 24 52.12 16.80 -17.91
N VAL FA 25 51.53 16.00 -17.04
CA VAL FA 25 51.45 16.29 -15.61
C VAL FA 25 52.09 15.16 -14.84
N ALA FA 26 52.86 15.51 -13.81
CA ALA FA 26 53.59 14.55 -12.99
C ALA FA 26 54.48 13.67 -13.87
N ALA FA 27 55.23 14.31 -14.76
CA ALA FA 27 56.11 13.58 -15.67
C ALA FA 27 57.21 12.83 -14.95
N ASP FA 28 57.56 13.23 -13.73
CA ASP FA 28 58.63 12.60 -12.97
C ASP FA 28 58.07 11.58 -11.98
N LEU FA 29 57.45 10.53 -12.51
CA LEU FA 29 56.85 9.47 -11.71
C LEU FA 29 57.52 8.15 -12.06
N ARG FA 30 58.02 7.46 -11.03
CA ARG FA 30 58.68 6.17 -11.21
C ARG FA 30 57.62 5.09 -11.12
N ILE FA 31 57.25 4.52 -12.25
CA ILE FA 31 56.14 3.58 -12.31
C ILE FA 31 56.67 2.17 -12.10
N SER FA 32 55.89 1.35 -11.39
CA SER FA 32 56.26 -0.03 -11.11
C SER FA 32 55.39 -1.02 -11.86
N ARG FA 33 54.07 -0.93 -11.72
CA ARG FA 33 53.14 -1.85 -12.37
C ARG FA 33 51.97 -1.06 -12.91
N VAL FA 34 51.34 -1.61 -13.95
CA VAL FA 34 50.11 -1.06 -14.52
C VAL FA 34 49.16 -2.22 -14.77
N ASN FA 35 47.96 -2.13 -14.21
CA ASN FA 35 46.94 -3.16 -14.34
C ASN FA 35 45.69 -2.55 -14.95
N THR FA 36 45.20 -3.15 -16.03
CA THR FA 36 44.00 -2.68 -16.72
C THR FA 36 42.95 -3.77 -16.68
N ARG FA 37 41.74 -3.41 -16.25
CA ARG FA 37 40.66 -4.37 -16.07
C ARG FA 37 39.46 -3.97 -16.90
N PHE FA 38 38.90 -4.93 -17.62
CA PHE FA 38 37.67 -4.77 -18.38
C PHE FA 38 36.58 -5.61 -17.75
N SER FA 39 35.35 -5.14 -17.80
CA SER FA 39 34.25 -5.85 -17.16
C SER FA 39 32.97 -5.68 -17.96
N SER FA 40 32.16 -6.73 -17.98
CA SER FA 40 30.86 -6.72 -18.63
C SER FA 40 29.99 -7.79 -18.00
N VAL FA 41 28.68 -7.62 -18.12
CA VAL FA 41 27.72 -8.55 -17.53
C VAL FA 41 26.67 -8.88 -18.58
N GLY FA 42 26.46 -10.17 -18.81
CA GLY FA 42 25.48 -10.61 -19.80
C GLY FA 42 24.21 -11.13 -19.16
N GLN FA 43 23.07 -10.53 -19.52
CA GLN FA 43 21.80 -10.87 -18.90
C GLN FA 43 21.23 -12.13 -19.53
N ARG FA 44 20.87 -13.10 -18.70
CA ARG FA 44 20.43 -14.40 -19.16
C ARG FA 44 19.02 -14.70 -18.67
N HIS FA 45 18.27 -15.43 -19.49
CA HIS FA 45 16.91 -15.81 -19.17
C HIS FA 45 16.78 -17.31 -19.17
N MET FA 46 15.98 -17.82 -18.25
CA MET FA 46 15.91 -19.25 -17.97
C MET FA 46 14.64 -19.78 -18.62
N LEU FA 47 14.82 -20.56 -19.69
CA LEU FA 47 13.71 -20.95 -20.56
C LEU FA 47 12.91 -22.09 -19.93
N GLU FA 48 12.05 -22.71 -20.75
CA GLU FA 48 11.07 -23.68 -20.28
C GLU FA 48 11.56 -25.11 -20.43
N ASP FA 49 12.18 -25.44 -21.57
CA ASP FA 49 12.59 -26.81 -21.81
C ASP FA 49 13.70 -27.24 -20.84
N GLY FA 50 14.60 -26.33 -20.51
CA GLY FA 50 15.70 -26.66 -19.64
C GLY FA 50 16.98 -25.93 -20.02
N THR FA 51 16.95 -25.23 -21.14
CA THR FA 51 18.11 -24.49 -21.63
C THR FA 51 18.20 -23.14 -20.93
N THR FA 52 19.01 -22.24 -21.49
CA THR FA 52 19.16 -20.89 -20.95
C THR FA 52 19.68 -19.98 -22.04
N LYS FA 53 18.96 -18.89 -22.28
CA LYS FA 53 19.25 -17.98 -23.39
C LYS FA 53 19.90 -16.70 -22.87
N MET FA 54 20.72 -16.10 -23.71
CA MET FA 54 21.33 -14.80 -23.46
C MET FA 54 20.88 -13.83 -24.55
N ASP FA 55 20.50 -12.62 -24.15
CA ASP FA 55 19.97 -11.65 -25.10
C ASP FA 55 20.89 -10.47 -25.37
N SER FA 56 21.61 -9.97 -24.38
CA SER FA 56 22.49 -8.83 -24.62
C SER FA 56 23.57 -8.76 -23.55
N ARG FA 57 24.56 -7.93 -23.81
CA ARG FA 57 25.70 -7.73 -22.93
C ARG FA 57 25.87 -6.25 -22.65
N THR FA 58 26.20 -5.92 -21.40
CA THR FA 58 26.38 -4.55 -20.96
C THR FA 58 27.82 -4.35 -20.55
N ILE FA 59 28.42 -3.24 -20.99
CA ILE FA 59 29.81 -2.92 -20.71
C ILE FA 59 29.87 -1.75 -19.74
N HIS FA 60 30.70 -1.89 -18.72
CA HIS FA 60 30.97 -0.88 -17.70
C HIS FA 60 32.30 -0.20 -17.98
N PRO FA 61 32.56 0.95 -17.34
CA PRO FA 61 33.87 1.61 -17.56
C PRO FA 61 35.02 0.72 -17.10
N MET FA 62 36.14 0.82 -17.81
CA MET FA 62 37.31 0.06 -17.40
C MET FA 62 38.00 0.77 -16.25
N GLU FA 63 38.93 0.07 -15.61
CA GLU FA 63 39.70 0.61 -14.50
C GLU FA 63 41.18 0.34 -14.70
N ILE FA 64 42.01 1.29 -14.30
CA ILE FA 64 43.46 1.18 -14.37
C ILE FA 64 44.03 1.42 -12.99
N ILE FA 65 44.92 0.55 -12.55
CA ILE FA 65 45.60 0.66 -11.27
C ILE FA 65 47.09 0.82 -11.52
N VAL FA 66 47.66 1.88 -10.95
CA VAL FA 66 49.07 2.22 -11.16
C VAL FA 66 49.75 2.28 -9.80
N GLU FA 67 50.94 1.71 -9.71
CA GLU FA 67 51.76 1.77 -8.50
C GLU FA 67 53.05 2.51 -8.82
N VAL FA 68 53.31 3.58 -8.06
CA VAL FA 68 54.37 4.52 -8.39
C VAL FA 68 55.24 4.76 -7.16
N PHE FA 69 56.37 5.42 -7.38
CA PHE FA 69 57.22 5.95 -6.32
C PHE FA 69 57.40 7.44 -6.54
N CYS FA 70 57.32 8.20 -5.46
CA CYS FA 70 57.46 9.66 -5.53
C CYS FA 70 58.82 10.07 -4.99
N PRO FA 71 59.75 10.52 -5.84
CA PRO FA 71 61.10 10.82 -5.36
C PRO FA 71 61.29 12.22 -4.79
N SER FA 72 60.23 12.98 -4.54
CA SER FA 72 60.36 14.36 -4.06
C SER FA 72 59.06 14.77 -3.40
N ILE FA 73 58.91 16.08 -3.17
CA ILE FA 73 57.65 16.62 -2.65
C ILE FA 73 56.77 17.12 -3.78
N ASP FA 74 57.37 17.73 -4.81
CA ASP FA 74 56.58 18.26 -5.92
C ASP FA 74 55.76 17.18 -6.60
N VAL FA 75 56.28 15.97 -6.69
CA VAL FA 75 55.51 14.87 -7.24
C VAL FA 75 54.31 14.57 -6.34
N VAL FA 76 54.49 14.66 -5.02
CA VAL FA 76 53.42 14.30 -4.10
C VAL FA 76 52.23 15.25 -4.24
N ASP FA 77 52.49 16.56 -4.17
CA ASP FA 77 51.35 17.46 -4.28
C ASP FA 77 50.87 17.61 -5.71
N GLN FA 78 51.71 17.30 -6.71
CA GLN FA 78 51.22 17.18 -8.07
C GLN FA 78 50.23 16.04 -8.19
N ILE FA 79 50.49 14.91 -7.53
CA ILE FA 79 49.54 13.81 -7.50
C ILE FA 79 48.26 14.23 -6.78
N ASN FA 80 48.38 14.94 -5.67
CA ASN FA 80 47.20 15.42 -4.95
C ASN FA 80 46.34 16.30 -5.85
N GLN FA 81 46.95 17.23 -6.57
CA GLN FA 81 46.21 18.07 -7.50
C GLN FA 81 45.60 17.25 -8.61
N LEU FA 82 46.32 16.24 -9.11
CA LEU FA 82 45.79 15.37 -10.14
C LEU FA 82 44.50 14.70 -9.68
N LEU FA 83 44.46 14.28 -8.42
CA LEU FA 83 43.26 13.65 -7.91
C LEU FA 83 42.13 14.66 -7.70
N LEU FA 84 42.44 15.81 -7.12
CA LEU FA 84 41.39 16.78 -6.78
C LEU FA 84 40.78 17.47 -8.00
N ASP FA 85 41.39 17.32 -9.18
CA ASP FA 85 40.93 18.06 -10.36
C ASP FA 85 39.52 17.62 -10.75
N ARG FA 86 38.64 18.61 -10.97
CA ARG FA 86 37.23 18.37 -11.34
C ARG FA 86 36.91 19.22 -12.56
N ASP FA 87 37.24 18.73 -13.76
CA ASP FA 87 36.88 19.33 -15.04
C ASP FA 87 37.68 18.72 -16.19
N THR FA 88 38.97 18.48 -15.95
CA THR FA 88 39.88 18.04 -17.00
C THR FA 88 39.77 16.53 -17.20
N LEU FA 89 39.75 16.11 -18.46
CA LEU FA 89 39.85 14.71 -18.84
C LEU FA 89 41.28 14.41 -19.25
N TYR FA 90 41.76 13.22 -18.91
CA TYR FA 90 43.15 12.85 -19.11
C TYR FA 90 43.26 11.64 -20.04
N LYS FA 91 44.33 11.62 -20.83
CA LYS FA 91 44.66 10.52 -21.71
C LYS FA 91 45.95 9.85 -21.22
N VAL FA 92 45.91 8.52 -21.13
CA VAL FA 92 46.99 7.73 -20.54
C VAL FA 92 47.64 6.90 -21.63
N ILE FA 93 48.97 6.95 -21.72
CA ILE FA 93 49.73 6.19 -22.69
C ILE FA 93 50.63 5.23 -21.94
N THR FA 94 50.29 3.95 -21.94
CA THR FA 94 51.14 2.91 -21.36
C THR FA 94 52.16 2.52 -22.42
N ARG FA 95 52.79 1.35 -22.28
CA ARG FA 95 53.81 0.90 -23.24
C ARG FA 95 53.38 1.11 -24.68
N GLY FA 96 52.32 0.44 -25.09
CA GLY FA 96 51.85 0.55 -26.47
C GLY FA 96 50.38 0.90 -26.56
N MET FA 97 49.72 1.01 -25.42
CA MET FA 97 48.27 1.17 -25.36
C MET FA 97 47.93 2.59 -24.97
N VAL FA 98 47.02 3.20 -25.73
CA VAL FA 98 46.60 4.58 -25.51
C VAL FA 98 45.11 4.58 -25.18
N PHE FA 99 44.76 5.23 -24.07
CA PHE FA 99 43.39 5.33 -23.59
C PHE FA 99 43.00 6.79 -23.42
N GLU FA 100 41.71 7.07 -23.45
CA GLU FA 100 41.19 8.42 -23.38
C GLU FA 100 40.01 8.49 -22.41
N ARG FA 101 39.72 9.71 -21.97
CA ARG FA 101 38.57 10.02 -21.11
C ARG FA 101 38.67 9.29 -19.77
N MET FA 102 39.72 9.60 -19.02
CA MET FA 102 39.97 9.01 -17.71
C MET FA 102 40.06 10.10 -16.66
N MET FA 103 39.58 9.80 -15.46
CA MET FA 103 39.78 10.68 -14.32
C MET FA 103 40.26 9.87 -13.12
N CYS FA 104 41.08 10.51 -12.28
CA CYS FA 104 41.60 9.82 -11.10
C CYS FA 104 40.50 9.64 -10.08
N THR FA 105 40.42 8.44 -9.51
CA THR FA 105 39.38 8.11 -8.54
C THR FA 105 39.92 7.74 -7.17
N SER FA 106 41.24 7.66 -6.99
CA SER FA 106 41.78 7.21 -5.71
C SER FA 106 43.23 7.64 -5.60
N GLU FA 107 43.74 7.55 -4.38
CA GLU FA 107 45.14 7.83 -4.09
C GLU FA 107 45.44 7.32 -2.70
N ALA FA 108 46.51 6.55 -2.56
CA ALA FA 108 46.84 5.91 -1.29
C ALA FA 108 48.34 6.05 -1.04
N LEU FA 109 48.72 7.10 -0.34
CA LEU FA 109 50.10 7.28 0.05
C LEU FA 109 50.45 6.32 1.18
N ASN FA 110 51.75 6.18 1.45
CA ASN FA 110 52.21 5.22 2.43
C ASN FA 110 53.48 5.75 3.07
N GLN FA 111 53.61 5.53 4.38
CA GLN FA 111 54.77 6.02 5.13
C GLN FA 111 55.20 4.93 6.11
N THR FA 112 56.35 4.32 5.83
CA THR FA 112 56.78 3.07 6.45
C THR FA 112 58.28 3.16 6.69
N PRO FA 113 58.81 2.41 7.67
CA PRO FA 113 60.27 2.33 7.81
C PRO FA 113 60.97 1.70 6.62
N ASP FA 114 60.26 0.98 5.76
CA ASP FA 114 60.89 0.37 4.59
C ASP FA 114 61.47 1.41 3.66
N MET FA 115 60.87 2.62 3.62
CA MET FA 115 61.32 3.68 2.74
C MET FA 115 61.13 5.02 3.44
N ILE FA 116 62.20 5.77 3.59
CA ILE FA 116 62.14 7.10 4.18
C ILE FA 116 62.32 8.20 3.14
N SER FA 117 63.25 8.04 2.21
CA SER FA 117 63.52 9.09 1.23
C SER FA 117 62.32 9.31 0.32
N ALA FA 118 61.75 8.24 -0.23
CA ALA FA 118 60.66 8.33 -1.17
C ALA FA 118 59.33 8.02 -0.48
N THR FA 119 58.27 7.92 -1.28
CA THR FA 119 56.93 7.64 -0.74
C THR FA 119 56.17 6.72 -1.69
N PRO FA 120 55.93 5.47 -1.30
CA PRO FA 120 55.21 4.55 -2.20
C PRO FA 120 53.74 4.93 -2.31
N ALA FA 121 53.28 5.11 -3.55
CA ALA FA 121 51.92 5.55 -3.82
C ALA FA 121 51.24 4.60 -4.78
N ARG FA 122 49.91 4.53 -4.70
CA ARG FA 122 49.11 3.66 -5.55
C ARG FA 122 47.87 4.42 -5.98
N LEU FA 123 47.79 4.75 -7.27
CA LEU FA 123 46.69 5.54 -7.82
C LEU FA 123 45.67 4.64 -8.48
N THR FA 124 44.61 5.24 -9.01
CA THR FA 124 43.57 4.50 -9.71
C THR FA 124 42.79 5.45 -10.60
N PHE FA 125 42.56 5.05 -11.85
CA PHE FA 125 41.82 5.84 -12.82
C PHE FA 125 40.58 5.07 -13.26
N SER FA 126 39.55 5.80 -13.67
CA SER FA 126 38.36 5.20 -14.25
C SER FA 126 37.95 5.98 -15.49
N GLN FA 127 37.35 5.28 -16.45
CA GLN FA 127 37.00 5.86 -17.73
C GLN FA 127 35.61 6.48 -17.70
N VAL FA 128 35.47 7.62 -18.37
CA VAL FA 128 34.17 8.23 -18.57
C VAL FA 128 33.56 7.62 -19.82
N LEU FA 129 32.43 6.94 -19.64
CA LEU FA 129 31.77 6.24 -20.74
C LEU FA 129 30.80 7.20 -21.41
N VAL FA 130 30.94 7.37 -22.73
CA VAL FA 130 30.08 8.26 -23.50
C VAL FA 130 29.71 7.56 -24.80
N GLN FA 131 28.47 7.77 -25.26
CA GLN FA 131 28.06 7.30 -26.56
C GLN FA 131 28.70 8.15 -27.65
N ASN FA 132 28.79 7.59 -28.86
CA ASN FA 132 29.42 8.26 -29.99
C ASN FA 132 30.82 8.71 -29.59
N PRO FA 133 31.78 7.79 -29.47
CA PRO FA 133 33.11 8.19 -28.98
C PRO FA 133 33.82 9.19 -29.89
N LYS FA 134 33.50 9.22 -31.17
CA LYS FA 134 34.14 10.14 -32.09
C LYS FA 134 33.22 11.30 -32.39
N PRO FA 135 33.51 12.51 -31.93
CA PRO FA 135 32.62 13.65 -32.17
C PRO FA 135 32.63 14.09 -33.63
N ILE FA 136 31.65 14.94 -33.95
CA ILE FA 136 31.55 15.61 -35.24
C ILE FA 136 31.62 17.12 -34.96
N MET FA 137 32.56 17.80 -35.62
CA MET FA 137 32.82 19.21 -35.36
C MET FA 137 32.70 20.02 -36.64
N PHE FA 138 32.22 21.25 -36.50
CA PHE FA 138 32.17 22.21 -37.58
C PHE FA 138 33.15 23.34 -37.27
N ARG FA 139 33.83 23.84 -38.30
CA ARG FA 139 34.81 24.89 -38.08
C ARG FA 139 34.19 26.28 -38.09
N ASN FA 140 32.94 26.41 -38.55
CA ASN FA 140 32.27 27.70 -38.60
C ASN FA 140 31.28 27.82 -37.45
N ALA FA 141 31.43 28.87 -36.66
CA ALA FA 141 30.54 29.07 -35.52
C ALA FA 141 29.09 29.27 -35.93
N GLY FA 142 28.84 30.10 -36.94
CA GLY FA 142 27.48 30.25 -37.43
C GLY FA 142 26.96 28.95 -38.02
N ASP FA 143 27.84 28.16 -38.60
CA ASP FA 143 27.50 26.87 -39.17
C ASP FA 143 27.43 25.84 -38.05
N SER FA 144 26.31 25.82 -37.34
CA SER FA 144 26.13 24.91 -36.22
C SER FA 144 24.65 24.73 -35.96
N SER FA 145 24.31 23.73 -35.14
CA SER FA 145 22.92 23.43 -34.85
C SER FA 145 22.35 24.38 -33.81
N MET FA 146 21.17 24.03 -33.28
CA MET FA 146 20.40 24.92 -32.42
C MET FA 146 20.16 24.24 -31.07
N ILE FA 147 20.80 24.76 -30.02
CA ILE FA 147 20.50 24.28 -28.68
C ILE FA 147 19.13 24.82 -28.28
N ASP FA 148 18.51 24.17 -27.29
CA ASP FA 148 17.17 24.51 -26.86
C ASP FA 148 17.18 24.79 -25.37
N ARG FA 149 16.85 26.03 -25.00
CA ARG FA 149 16.70 26.43 -23.60
C ARG FA 149 15.23 26.70 -23.36
N GLY FA 150 14.66 26.06 -22.35
CA GLY FA 150 13.22 26.12 -22.20
C GLY FA 150 12.69 26.74 -20.94
N LEU FA 151 11.79 27.72 -21.09
CA LEU FA 151 10.90 28.19 -20.03
C LEU FA 151 11.70 28.68 -18.81
N ALA FA 152 12.40 29.77 -19.01
CA ALA FA 152 13.02 30.51 -17.92
C ALA FA 152 12.15 31.72 -17.58
N LEU FA 153 12.62 32.53 -16.63
CA LEU FA 153 11.88 33.69 -16.15
C LEU FA 153 12.54 34.98 -16.63
N ALA FA 154 11.72 36.00 -16.86
CA ALA FA 154 12.22 37.30 -17.32
C ALA FA 154 13.03 38.01 -16.25
N GLU FA 155 12.90 37.58 -14.99
CA GLU FA 155 13.78 37.90 -13.86
C GLU FA 155 13.77 39.38 -13.49
N ASP FA 156 13.09 40.20 -14.31
CA ASP FA 156 12.93 41.64 -14.08
C ASP FA 156 14.16 42.31 -13.47
N VAL FA 157 13.94 43.07 -12.40
CA VAL FA 157 14.99 43.79 -11.68
C VAL FA 157 15.74 44.69 -12.66
N VAL FA 158 15.10 45.77 -13.09
CA VAL FA 158 15.66 46.68 -14.08
C VAL FA 158 15.34 48.11 -13.65
N GLY FA 159 16.26 49.02 -13.93
CA GLY FA 159 16.14 50.40 -13.48
C GLY FA 159 14.89 51.15 -13.91
N SER FA 160 14.77 51.46 -15.19
CA SER FA 160 13.69 52.32 -15.65
C SER FA 160 13.43 52.07 -17.12
N ALA FA 161 12.54 52.88 -17.71
CA ALA FA 161 12.19 52.77 -19.12
C ALA FA 161 12.86 53.86 -19.96
N GLY FA 162 12.57 55.13 -19.66
CA GLY FA 162 13.09 56.21 -20.47
C GLY FA 162 14.59 56.38 -20.36
N ASP FA 163 15.12 56.25 -19.15
CA ASP FA 163 16.53 56.57 -18.92
C ASP FA 163 17.46 55.59 -19.60
N LEU FA 164 17.11 54.30 -19.57
CA LEU FA 164 17.95 53.30 -20.21
C LEU FA 164 18.01 53.52 -21.72
N PHE FA 165 16.88 53.80 -22.35
CA PHE FA 165 16.89 54.07 -23.79
C PHE FA 165 17.62 55.37 -24.11
N ASP FA 166 17.42 56.41 -23.30
CA ASP FA 166 18.15 57.65 -23.52
C ASP FA 166 19.65 57.49 -23.28
N TYR FA 167 20.05 56.45 -22.55
CA TYR FA 167 21.47 56.11 -22.46
C TYR FA 167 21.92 55.29 -23.66
N ALA FA 168 21.03 54.46 -24.20
CA ALA FA 168 21.38 53.53 -25.28
C ALA FA 168 21.45 54.17 -26.65
N VAL FA 169 20.63 55.18 -26.94
CA VAL FA 169 20.64 55.83 -28.26
C VAL FA 169 21.39 57.14 -28.25
N ASN FA 170 21.18 57.98 -27.25
CA ASN FA 170 21.98 59.19 -27.15
C ASN FA 170 23.45 58.88 -26.91
N GLY FA 171 23.76 57.65 -26.49
CA GLY FA 171 25.11 57.25 -26.17
C GLY FA 171 25.48 57.40 -24.71
N VAL FA 172 24.76 58.23 -23.98
CA VAL FA 172 25.07 58.50 -22.58
C VAL FA 172 23.89 59.17 -21.90
N MET GA 1 36.80 -50.46 5.60
CA MET GA 1 36.20 -49.90 6.80
C MET GA 1 35.52 -50.97 7.64
N LEU GA 2 36.24 -52.07 7.89
CA LEU GA 2 35.73 -53.18 8.69
C LEU GA 2 34.42 -53.69 8.10
N GLY GA 3 33.46 -54.02 8.96
CA GLY GA 3 32.17 -54.48 8.47
C GLY GA 3 32.27 -55.75 7.66
N ILE GA 4 32.14 -55.62 6.34
CA ILE GA 4 32.27 -56.77 5.46
C ILE GA 4 33.69 -57.31 5.51
N PHE GA 5 33.82 -58.64 5.51
CA PHE GA 5 35.10 -59.32 5.38
C PHE GA 5 34.99 -60.19 4.14
N THR GA 6 35.52 -59.71 3.02
CA THR GA 6 35.21 -60.31 1.72
C THR GA 6 36.00 -61.60 1.49
N SER GA 7 37.33 -61.49 1.43
CA SER GA 7 38.21 -62.56 0.93
C SER GA 7 37.99 -62.77 -0.57
N LEU GA 8 38.12 -61.67 -1.33
CA LEU GA 8 37.83 -61.69 -2.76
C LEU GA 8 38.91 -61.03 -3.62
N LEU GA 9 39.91 -60.39 -3.03
CA LEU GA 9 41.00 -59.77 -3.77
C LEU GA 9 40.48 -58.60 -4.63
N SER GA 10 40.22 -58.86 -5.90
CA SER GA 10 39.86 -57.80 -6.85
C SER GA 10 38.40 -57.41 -6.65
N SER GA 11 38.17 -56.43 -5.79
CA SER GA 11 36.85 -55.84 -5.57
C SER GA 11 36.77 -54.48 -6.27
N ARG GA 12 35.65 -53.79 -6.06
CA ARG GA 12 35.43 -52.49 -6.67
C ARG GA 12 35.12 -51.46 -5.60
N SER GA 13 35.81 -50.31 -5.66
CA SER GA 13 35.64 -49.28 -4.65
C SER GA 13 34.45 -48.38 -4.96
N PHE GA 14 34.49 -47.67 -6.08
CA PHE GA 14 33.49 -46.67 -6.43
C PHE GA 14 32.85 -47.03 -7.76
N SER GA 15 31.54 -46.89 -7.83
CA SER GA 15 30.80 -47.22 -9.05
C SER GA 15 29.50 -46.45 -9.07
N ILE GA 16 29.16 -45.89 -10.22
CA ILE GA 16 27.88 -45.21 -10.44
C ILE GA 16 26.98 -46.18 -11.19
N VAL GA 17 25.78 -46.43 -10.65
CA VAL GA 17 24.86 -47.41 -11.20
C VAL GA 17 23.66 -46.68 -11.78
N ASP GA 18 23.28 -47.04 -13.00
CA ASP GA 18 22.09 -46.50 -13.63
C ASP GA 18 20.87 -47.18 -13.02
N GLN GA 19 20.18 -46.48 -12.13
CA GLN GA 19 19.15 -47.11 -11.31
C GLN GA 19 17.99 -47.65 -12.14
N ASN GA 20 17.84 -47.21 -13.38
CA ASN GA 20 16.80 -47.75 -14.24
C ASN GA 20 17.19 -49.13 -14.79
N THR GA 21 18.40 -49.23 -15.34
CA THR GA 21 18.84 -50.42 -16.06
C THR GA 21 19.95 -51.18 -15.34
N ASN GA 22 20.28 -50.80 -14.10
CA ASN GA 22 21.30 -51.49 -13.32
C ASN GA 22 22.63 -51.58 -14.06
N GLN GA 23 22.99 -50.50 -14.74
CA GLN GA 23 24.15 -50.47 -15.63
C GLN GA 23 25.21 -49.53 -15.08
N LEU GA 24 26.47 -49.90 -15.30
CA LEU GA 24 27.59 -49.05 -14.92
C LEU GA 24 27.86 -48.02 -16.01
N VAL GA 25 28.13 -46.78 -15.60
CA VAL GA 25 28.46 -45.70 -16.50
C VAL GA 25 29.77 -45.07 -16.04
N ALA GA 26 30.65 -44.78 -17.01
CA ALA GA 26 31.97 -44.21 -16.74
C ALA GA 26 32.75 -45.08 -15.74
N ALA GA 27 32.80 -46.37 -16.01
CA ALA GA 27 33.47 -47.30 -15.12
C ALA GA 27 34.98 -47.08 -15.07
N ASP GA 28 35.55 -46.39 -16.06
CA ASP GA 28 36.99 -46.17 -16.13
C ASP GA 28 37.32 -44.76 -15.63
N LEU GA 29 37.27 -44.60 -14.31
CA LEU GA 29 37.49 -43.31 -13.66
C LEU GA 29 38.42 -43.48 -12.47
N ARG GA 30 39.67 -43.05 -12.61
CA ARG GA 30 40.57 -42.98 -11.47
C ARG GA 30 40.10 -41.86 -10.55
N ILE GA 31 40.13 -42.11 -9.23
CA ILE GA 31 39.49 -41.21 -8.28
C ILE GA 31 40.52 -40.69 -7.29
N SER GA 32 40.48 -39.38 -7.05
CA SER GA 32 41.45 -38.70 -6.21
C SER GA 32 40.92 -38.36 -4.83
N ARG GA 33 39.63 -38.04 -4.71
CA ARG GA 33 38.98 -37.74 -3.44
C ARG GA 33 37.49 -38.09 -3.54
N VAL GA 34 36.86 -38.27 -2.38
CA VAL GA 34 35.41 -38.37 -2.26
C VAL GA 34 35.00 -37.71 -0.95
N ASN GA 35 34.15 -36.69 -1.05
CA ASN GA 35 33.70 -35.93 0.11
C ASN GA 35 32.19 -35.99 0.21
N THR GA 36 31.69 -36.21 1.42
CA THR GA 36 30.26 -36.35 1.68
C THR GA 36 29.85 -35.32 2.73
N ARG GA 37 28.80 -34.56 2.46
CA ARG GA 37 28.37 -33.49 3.33
C ARG GA 37 26.89 -33.61 3.66
N PHE GA 38 26.56 -33.44 4.93
CA PHE GA 38 25.19 -33.38 5.40
C PHE GA 38 24.93 -31.98 5.94
N SER GA 39 23.67 -31.56 5.94
CA SER GA 39 23.34 -30.22 6.42
C SER GA 39 21.91 -30.19 6.93
N SER GA 40 21.71 -29.44 8.01
CA SER GA 40 20.39 -29.26 8.60
C SER GA 40 20.39 -27.96 9.39
N VAL GA 41 19.21 -27.37 9.56
CA VAL GA 41 19.06 -26.10 10.26
C VAL GA 41 17.92 -26.24 11.26
N GLY GA 42 18.19 -25.86 12.51
CA GLY GA 42 17.22 -25.95 13.59
C GLY GA 42 16.70 -24.58 13.95
N GLN GA 43 15.38 -24.46 13.95
CA GLN GA 43 14.71 -23.17 14.17
C GLN GA 43 14.55 -22.92 15.66
N ARG GA 44 15.09 -21.80 16.13
CA ARG GA 44 15.09 -21.47 17.55
C ARG GA 44 14.22 -20.25 17.81
N HIS GA 45 13.52 -20.26 18.94
CA HIS GA 45 12.67 -19.16 19.35
C HIS GA 45 13.21 -18.58 20.64
N MET GA 46 13.19 -17.26 20.74
CA MET GA 46 13.87 -16.54 21.80
C MET GA 46 12.82 -16.19 22.85
N LEU GA 47 12.91 -16.82 24.01
CA LEU GA 47 11.84 -16.75 25.02
C LEU GA 47 11.93 -15.45 25.80
N GLU GA 48 11.19 -15.39 26.91
CA GLU GA 48 11.03 -14.20 27.72
C GLU GA 48 11.96 -14.15 28.92
N ASP GA 49 12.11 -15.26 29.65
CA ASP GA 49 12.93 -15.24 30.85
C ASP GA 49 14.40 -15.00 30.52
N GLY GA 50 14.88 -15.53 29.41
CA GLY GA 50 16.27 -15.39 29.05
C GLY GA 50 16.81 -16.62 28.37
N THR GA 51 16.01 -17.68 28.35
CA THR GA 51 16.41 -18.94 27.73
C THR GA 51 16.22 -18.87 26.23
N THR GA 52 16.25 -20.03 25.57
CA THR GA 52 16.03 -20.12 24.13
C THR GA 52 15.61 -21.54 23.81
N LYS GA 53 14.52 -21.69 23.07
CA LYS GA 53 13.92 -22.98 22.79
C LYS GA 53 14.01 -23.30 21.31
N MET GA 54 14.16 -24.58 20.99
CA MET GA 54 14.10 -25.07 19.63
C MET GA 54 12.89 -25.98 19.48
N ASP GA 55 12.16 -25.82 18.39
CA ASP GA 55 10.96 -26.60 18.17
C ASP GA 55 11.15 -27.78 17.22
N SER GA 56 11.80 -27.58 16.08
CA SER GA 56 12.00 -28.70 15.16
C SER GA 56 13.22 -28.44 14.30
N ARG GA 57 13.57 -29.45 13.50
CA ARG GA 57 14.77 -29.44 12.67
C ARG GA 57 14.39 -29.75 11.23
N THR GA 58 15.10 -29.14 10.29
CA THR GA 58 14.86 -29.31 8.87
C THR GA 58 16.11 -29.86 8.20
N ILE GA 59 15.92 -30.80 7.28
CA ILE GA 59 17.02 -31.48 6.59
C ILE GA 59 16.98 -31.11 5.12
N HIS GA 60 18.13 -30.72 4.58
CA HIS GA 60 18.34 -30.41 3.17
C HIS GA 60 19.05 -31.56 2.47
N PRO GA 61 19.01 -31.60 1.14
CA PRO GA 61 19.69 -32.70 0.42
C PRO GA 61 21.18 -32.73 0.70
N MET GA 62 21.74 -33.94 0.75
CA MET GA 62 23.18 -34.06 0.91
C MET GA 62 23.87 -33.78 -0.42
N GLU GA 63 25.17 -33.49 -0.34
CA GLU GA 63 25.99 -33.26 -1.51
C GLU GA 63 27.24 -34.12 -1.43
N ILE GA 64 27.59 -34.73 -2.57
CA ILE GA 64 28.78 -35.56 -2.68
C ILE GA 64 29.70 -34.93 -3.70
N ILE GA 65 30.97 -34.75 -3.33
CA ILE GA 65 31.98 -34.15 -4.19
C ILE GA 65 33.06 -35.18 -4.45
N VAL GA 66 33.32 -35.44 -5.72
CA VAL GA 66 34.31 -36.43 -6.13
C VAL GA 66 35.28 -35.79 -7.11
N GLU GA 67 36.57 -36.09 -6.96
CA GLU GA 67 37.61 -35.62 -7.87
C GLU GA 67 38.19 -36.81 -8.61
N VAL GA 68 38.24 -36.73 -9.94
CA VAL GA 68 38.57 -37.88 -10.77
C VAL GA 68 39.64 -37.48 -11.77
N PHE GA 69 40.18 -38.49 -12.45
CA PHE GA 69 41.11 -38.32 -13.55
C PHE GA 69 40.64 -39.15 -14.73
N CYS GA 70 40.63 -38.55 -15.91
CA CYS GA 70 40.12 -39.22 -17.10
C CYS GA 70 41.27 -39.67 -17.98
N PRO GA 71 41.57 -40.96 -18.05
CA PRO GA 71 42.75 -41.43 -18.79
C PRO GA 71 42.60 -41.42 -20.30
N SER GA 72 41.46 -41.02 -20.84
CA SER GA 72 41.20 -41.13 -22.26
C SER GA 72 40.26 -40.02 -22.69
N ILE GA 73 39.65 -40.19 -23.86
CA ILE GA 73 38.68 -39.22 -24.38
C ILE GA 73 37.26 -39.75 -24.16
N ASP GA 74 37.07 -41.06 -24.27
CA ASP GA 74 35.75 -41.64 -24.07
C ASP GA 74 35.21 -41.31 -22.68
N VAL GA 75 36.09 -41.26 -21.69
CA VAL GA 75 35.67 -40.93 -20.34
C VAL GA 75 35.16 -39.49 -20.27
N VAL GA 76 35.77 -38.58 -21.04
CA VAL GA 76 35.32 -37.19 -21.01
C VAL GA 76 33.93 -37.06 -21.61
N ASP GA 77 33.68 -37.74 -22.73
CA ASP GA 77 32.34 -37.75 -23.30
C ASP GA 77 31.33 -38.37 -22.33
N GLN GA 78 31.73 -39.45 -21.67
CA GLN GA 78 30.83 -40.10 -20.72
C GLN GA 78 30.49 -39.17 -19.56
N ILE GA 79 31.47 -38.42 -19.07
CA ILE GA 79 31.22 -37.47 -17.98
C ILE GA 79 30.28 -36.36 -18.44
N ASN GA 80 30.51 -35.81 -19.64
CA ASN GA 80 29.64 -34.77 -20.14
C ASN GA 80 28.20 -35.27 -20.30
N GLN GA 81 28.03 -36.48 -20.82
CA GLN GA 81 26.69 -37.05 -20.93
C GLN GA 81 26.07 -37.29 -19.56
N LEU GA 82 26.87 -37.71 -18.59
CA LEU GA 82 26.38 -37.89 -17.23
C LEU GA 82 25.84 -36.59 -16.67
N LEU GA 83 26.54 -35.49 -16.95
CA LEU GA 83 26.05 -34.18 -16.50
C LEU GA 83 24.77 -33.79 -17.22
N LEU GA 84 24.72 -33.96 -18.55
CA LEU GA 84 23.59 -33.45 -19.31
C LEU GA 84 22.32 -34.27 -19.12
N ASP GA 85 22.42 -35.48 -18.58
CA ASP GA 85 21.25 -36.34 -18.45
C ASP GA 85 20.23 -35.70 -17.50
N ARG GA 86 18.96 -35.76 -17.89
CA ARG GA 86 17.90 -35.04 -17.18
C ARG GA 86 16.77 -35.92 -16.66
N ASP GA 87 16.64 -37.16 -17.11
CA ASP GA 87 15.46 -37.96 -16.78
C ASP GA 87 15.75 -39.19 -15.93
N THR GA 88 17.01 -39.52 -15.66
CA THR GA 88 17.31 -40.72 -14.91
C THR GA 88 18.00 -40.37 -13.59
N LEU GA 89 17.90 -41.30 -12.65
CA LEU GA 89 18.50 -41.17 -11.33
C LEU GA 89 19.59 -42.23 -11.16
N TYR GA 90 20.64 -41.87 -10.44
CA TYR GA 90 21.83 -42.71 -10.31
C TYR GA 90 22.04 -43.10 -8.85
N LYS GA 91 22.52 -44.33 -8.65
CA LYS GA 91 22.90 -44.84 -7.34
C LYS GA 91 24.42 -44.91 -7.27
N VAL GA 92 24.99 -44.35 -6.21
CA VAL GA 92 26.43 -44.21 -6.03
C VAL GA 92 26.89 -45.14 -4.92
N ILE GA 93 27.85 -45.99 -5.21
CA ILE GA 93 28.43 -46.91 -4.24
C ILE GA 93 29.85 -46.44 -3.97
N THR GA 94 30.08 -45.86 -2.80
CA THR GA 94 31.41 -45.41 -2.41
C THR GA 94 32.13 -46.61 -1.76
N ARG GA 95 33.22 -46.35 -1.04
CA ARG GA 95 34.04 -47.44 -0.50
C ARG GA 95 33.21 -48.45 0.28
N GLY GA 96 32.31 -47.96 1.13
CA GLY GA 96 31.44 -48.87 1.86
C GLY GA 96 30.02 -48.37 2.01
N MET GA 97 29.73 -47.20 1.44
CA MET GA 97 28.46 -46.54 1.62
C MET GA 97 27.69 -46.50 0.30
N VAL GA 98 26.40 -46.80 0.37
CA VAL GA 98 25.54 -46.84 -0.82
C VAL GA 98 24.46 -45.77 -0.65
N PHE GA 99 24.39 -44.86 -1.62
CA PHE GA 99 23.39 -43.79 -1.63
C PHE GA 99 22.55 -43.91 -2.89
N GLU GA 100 21.33 -43.38 -2.82
CA GLU GA 100 20.38 -43.47 -3.92
C GLU GA 100 19.77 -42.11 -4.21
N ARG GA 101 19.14 -42.02 -5.38
CA ARG GA 101 18.45 -40.81 -5.82
C ARG GA 101 19.40 -39.62 -5.92
N MET GA 102 20.59 -39.86 -6.48
CA MET GA 102 21.57 -38.82 -6.69
C MET GA 102 21.56 -38.40 -8.15
N MET GA 103 21.88 -37.12 -8.40
CA MET GA 103 21.80 -36.60 -9.75
C MET GA 103 22.78 -35.45 -9.91
N CYS GA 104 23.60 -35.51 -10.95
CA CYS GA 104 24.77 -34.65 -11.06
C CYS GA 104 24.37 -33.20 -11.25
N THR GA 105 25.19 -32.30 -10.70
CA THR GA 105 24.94 -30.86 -10.76
C THR GA 105 25.98 -30.09 -11.56
N SER GA 106 27.25 -30.44 -11.48
CA SER GA 106 28.26 -29.69 -12.20
C SER GA 106 29.47 -30.56 -12.49
N GLU GA 107 30.26 -30.13 -13.46
CA GLU GA 107 31.56 -30.70 -13.74
C GLU GA 107 32.54 -29.58 -14.00
N ALA GA 108 33.82 -29.84 -13.78
CA ALA GA 108 34.84 -28.82 -13.95
C ALA GA 108 36.12 -29.50 -14.40
N LEU GA 109 36.52 -29.27 -15.65
CA LEU GA 109 37.73 -29.84 -16.21
C LEU GA 109 38.86 -28.84 -16.13
N ASN GA 110 40.09 -29.35 -16.28
CA ASN GA 110 41.28 -28.52 -16.26
C ASN GA 110 42.18 -28.90 -17.43
N GLN GA 111 42.95 -27.92 -17.90
CA GLN GA 111 43.92 -28.12 -18.97
C GLN GA 111 45.15 -27.28 -18.61
N THR GA 112 46.13 -27.93 -18.02
CA THR GA 112 47.28 -27.28 -17.40
C THR GA 112 48.57 -27.95 -17.87
N PRO GA 113 49.71 -27.27 -17.74
CA PRO GA 113 50.99 -27.92 -18.06
C PRO GA 113 51.37 -29.05 -17.12
N ASP GA 114 50.75 -29.13 -15.94
CA ASP GA 114 51.07 -30.20 -15.01
C ASP GA 114 50.59 -31.55 -15.53
N MET GA 115 49.45 -31.57 -16.22
CA MET GA 115 48.83 -32.79 -16.70
C MET GA 115 48.55 -32.63 -18.19
N ILE GA 116 49.10 -33.52 -19.01
CA ILE GA 116 48.97 -33.43 -20.46
C ILE GA 116 48.17 -34.60 -21.03
N SER GA 117 48.54 -35.83 -20.68
CA SER GA 117 47.85 -36.99 -21.22
C SER GA 117 46.41 -37.07 -20.72
N ALA GA 118 46.18 -36.75 -19.46
CA ALA GA 118 44.86 -36.85 -18.84
C ALA GA 118 44.45 -35.50 -18.28
N THR GA 119 43.14 -35.29 -18.16
CA THR GA 119 42.61 -34.03 -17.65
C THR GA 119 42.03 -34.23 -16.26
N PRO GA 120 42.54 -33.55 -15.24
CA PRO GA 120 41.90 -33.60 -13.92
C PRO GA 120 40.50 -33.02 -13.97
N ALA GA 121 39.60 -33.60 -13.17
CA ALA GA 121 38.20 -33.22 -13.21
C ALA GA 121 37.59 -33.29 -11.82
N ARG GA 122 36.56 -32.48 -11.60
CA ARG GA 122 35.79 -32.48 -10.37
C ARG GA 122 34.32 -32.57 -10.71
N LEU GA 123 33.59 -33.40 -9.97
CA LEU GA 123 32.16 -33.60 -10.19
C LEU GA 123 31.43 -33.42 -8.87
N THR GA 124 30.14 -33.11 -8.96
CA THR GA 124 29.31 -32.90 -7.78
C THR GA 124 27.92 -33.46 -8.02
N PHE GA 125 27.42 -34.21 -7.06
CA PHE GA 125 26.09 -34.78 -7.11
C PHE GA 125 25.24 -34.21 -5.98
N SER GA 126 23.92 -34.22 -6.17
CA SER GA 126 23.02 -33.77 -5.12
C SER GA 126 21.81 -34.69 -5.07
N GLN GA 127 21.42 -35.08 -3.86
CA GLN GA 127 20.33 -36.03 -3.69
C GLN GA 127 19.00 -35.36 -4.00
N VAL GA 128 18.15 -36.07 -4.73
CA VAL GA 128 16.77 -35.64 -4.95
C VAL GA 128 15.96 -36.11 -3.74
N LEU GA 129 15.42 -35.15 -3.00
CA LEU GA 129 14.73 -35.43 -1.74
C LEU GA 129 13.28 -35.76 -2.03
N VAL GA 130 12.83 -36.93 -1.59
CA VAL GA 130 11.47 -37.40 -1.82
C VAL GA 130 10.96 -38.04 -0.54
N GLN GA 131 9.76 -37.63 -0.10
CA GLN GA 131 9.16 -38.22 1.08
C GLN GA 131 8.71 -39.66 0.79
N ASN GA 132 8.55 -40.43 1.86
CA ASN GA 132 8.27 -41.86 1.76
C ASN GA 132 9.32 -42.53 0.88
N PRO GA 133 10.56 -42.70 1.37
CA PRO GA 133 11.62 -43.24 0.52
C PRO GA 133 11.39 -44.67 0.07
N LYS GA 134 10.53 -45.42 0.75
CA LYS GA 134 10.24 -46.80 0.35
C LYS GA 134 8.85 -46.86 -0.26
N PRO GA 135 8.74 -46.96 -1.59
CA PRO GA 135 7.43 -47.03 -2.23
C PRO GA 135 6.76 -48.38 -2.00
N ILE GA 136 5.47 -48.42 -2.33
CA ILE GA 136 4.65 -49.63 -2.27
C ILE GA 136 4.16 -49.90 -3.69
N MET GA 137 4.41 -51.11 -4.18
CA MET GA 137 4.08 -51.48 -5.55
C MET GA 137 3.15 -52.67 -5.56
N PHE GA 138 2.31 -52.73 -6.60
CA PHE GA 138 1.40 -53.85 -6.81
C PHE GA 138 1.83 -54.61 -8.06
N ARG GA 139 1.80 -55.93 -7.98
CA ARG GA 139 2.16 -56.74 -9.14
C ARG GA 139 1.09 -56.68 -10.23
N ASN GA 140 -0.17 -56.47 -9.86
CA ASN GA 140 -1.27 -56.44 -10.81
C ASN GA 140 -1.60 -55.00 -11.20
N ALA GA 141 -1.68 -54.77 -12.51
CA ALA GA 141 -2.10 -53.45 -12.99
C ALA GA 141 -3.54 -53.16 -12.62
N GLY GA 142 -4.34 -54.20 -12.39
CA GLY GA 142 -5.73 -54.01 -12.00
C GLY GA 142 -5.92 -53.58 -10.56
N ASP GA 143 -4.85 -53.57 -9.77
CA ASP GA 143 -4.93 -53.13 -8.38
C ASP GA 143 -4.54 -51.67 -8.19
N SER GA 144 -4.08 -50.99 -9.24
CA SER GA 144 -3.61 -49.63 -9.09
C SER GA 144 -4.76 -48.69 -8.72
N SER GA 145 -4.41 -47.59 -8.05
CA SER GA 145 -5.39 -46.63 -7.55
C SER GA 145 -5.86 -45.73 -8.69
N MET GA 146 -6.55 -44.64 -8.34
CA MET GA 146 -7.21 -43.78 -9.30
C MET GA 146 -6.47 -42.46 -9.43
N ILE GA 147 -6.26 -42.01 -10.67
CA ILE GA 147 -5.70 -40.70 -10.95
C ILE GA 147 -6.80 -39.84 -11.56
N ASP GA 148 -6.65 -38.52 -11.44
CA ASP GA 148 -7.75 -37.63 -11.78
C ASP GA 148 -7.68 -37.06 -13.19
N ARG GA 149 -6.64 -36.27 -13.48
CA ARG GA 149 -6.59 -35.47 -14.70
C ARG GA 149 -7.76 -34.51 -14.80
N GLY GA 150 -8.17 -33.95 -13.67
CA GLY GA 150 -9.41 -33.19 -13.61
C GLY GA 150 -9.56 -32.03 -14.57
N LEU GA 151 -10.73 -31.94 -15.22
CA LEU GA 151 -11.18 -30.76 -15.95
C LEU GA 151 -10.22 -30.37 -17.08
N ALA GA 152 -10.18 -31.23 -18.09
CA ALA GA 152 -9.55 -30.86 -19.33
C ALA GA 152 -10.54 -30.13 -20.24
N LEU GA 153 -10.02 -29.52 -21.31
CA LEU GA 153 -10.79 -28.62 -22.14
C LEU GA 153 -11.58 -29.32 -23.25
N ALA GA 154 -11.23 -30.55 -23.61
CA ALA GA 154 -11.84 -31.31 -24.70
C ALA GA 154 -11.49 -30.69 -26.05
N GLU GA 155 -11.32 -31.52 -27.08
CA GLU GA 155 -10.93 -31.06 -28.39
C GLU GA 155 -11.84 -31.67 -29.44
N ASP GA 156 -12.04 -30.92 -30.53
CA ASP GA 156 -12.96 -31.28 -31.60
C ASP GA 156 -12.20 -31.38 -32.91
N VAL GA 157 -11.91 -32.61 -33.33
CA VAL GA 157 -11.29 -32.88 -34.62
C VAL GA 157 -12.39 -33.16 -35.63
N VAL GA 158 -12.23 -32.62 -36.84
CA VAL GA 158 -13.28 -32.68 -37.84
C VAL GA 158 -13.49 -34.13 -38.29
N GLY GA 159 -14.75 -34.53 -38.39
CA GLY GA 159 -15.12 -35.86 -38.81
C GLY GA 159 -16.62 -36.05 -38.76
N SER GA 160 -17.19 -36.65 -39.80
CA SER GA 160 -18.64 -36.77 -39.89
C SER GA 160 -19.16 -37.84 -38.93
N ALA GA 161 -20.47 -37.79 -38.67
CA ALA GA 161 -21.11 -38.85 -37.90
C ALA GA 161 -21.07 -40.18 -38.65
N GLY GA 162 -21.27 -40.14 -39.97
CA GLY GA 162 -21.20 -41.36 -40.76
C GLY GA 162 -19.82 -41.95 -40.86
N ASP GA 163 -18.77 -41.12 -40.74
CA ASP GA 163 -17.41 -41.64 -40.79
C ASP GA 163 -17.13 -42.59 -39.64
N LEU GA 164 -17.54 -42.21 -38.42
CA LEU GA 164 -17.31 -43.07 -37.28
C LEU GA 164 -18.03 -44.40 -37.43
N PHE GA 165 -19.25 -44.37 -37.97
CA PHE GA 165 -19.98 -45.62 -38.19
C PHE GA 165 -19.30 -46.48 -39.24
N ASP GA 166 -18.95 -45.90 -40.39
CA ASP GA 166 -18.36 -46.71 -41.45
C ASP GA 166 -16.97 -47.21 -41.09
N TYR GA 167 -16.33 -46.60 -40.10
CA TYR GA 167 -15.04 -47.10 -39.64
C TYR GA 167 -15.16 -48.06 -38.47
N ALA GA 168 -16.22 -47.95 -37.66
CA ALA GA 168 -16.33 -48.74 -36.45
C ALA GA 168 -17.06 -50.05 -36.65
N VAL GA 169 -18.22 -50.03 -37.30
CA VAL GA 169 -19.02 -51.22 -37.52
C VAL GA 169 -18.75 -51.85 -38.89
N ASN GA 170 -18.82 -51.03 -39.94
CA ASN GA 170 -18.56 -51.56 -41.28
C ASN GA 170 -17.12 -52.06 -41.40
N GLY GA 171 -16.17 -51.30 -40.88
CA GLY GA 171 -14.77 -51.69 -40.94
C GLY GA 171 -13.95 -50.84 -41.87
N VAL GA 172 -14.53 -50.52 -43.04
CA VAL GA 172 -13.85 -49.82 -44.15
C VAL GA 172 -12.35 -50.09 -44.21
N MET HA 1 72.28 6.08 9.52
CA MET HA 1 71.44 5.62 10.61
C MET HA 1 71.65 6.45 11.86
N ASN HA 2 72.34 7.58 11.71
CA ASN HA 2 72.57 8.47 12.83
C ASN HA 2 71.27 9.01 13.39
N SER HA 3 70.30 9.29 12.51
CA SER HA 3 69.04 9.91 12.88
C SER HA 3 69.28 11.24 13.56
N PHE HA 4 68.22 11.90 14.02
CA PHE HA 4 68.27 13.21 14.65
C PHE HA 4 69.04 14.21 13.80
N LEU HA 5 69.30 13.85 12.54
CA LEU HA 5 69.85 14.74 11.53
C LEU HA 5 68.80 15.02 10.46
N LYS HA 6 67.55 15.16 10.90
CA LYS HA 6 66.43 15.21 9.96
C LYS HA 6 66.61 16.31 8.94
N SER HA 7 66.45 15.95 7.67
CA SER HA 7 66.53 16.93 6.60
C SER HA 7 65.37 17.90 6.70
N ILE HA 8 65.61 19.14 6.27
CA ILE HA 8 64.54 20.11 6.23
C ILE HA 8 63.54 19.73 5.14
N LEU HA 9 62.36 20.34 5.23
CA LEU HA 9 61.28 20.24 4.25
C LEU HA 9 60.55 18.90 4.30
N ASN HA 10 61.13 17.91 4.98
CA ASN HA 10 60.49 16.60 5.06
C ASN HA 10 60.68 15.93 6.41
N THR HA 11 60.86 16.71 7.47
CA THR HA 11 61.18 16.17 8.78
C THR HA 11 60.13 15.15 9.22
N PRO HA 12 60.48 13.87 9.26
CA PRO HA 12 59.48 12.83 9.59
C PRO HA 12 59.17 12.77 11.08
N THR HA 13 58.41 13.77 11.55
CA THR HA 13 57.90 13.77 12.91
C THR HA 13 56.40 13.99 12.85
N LEU HA 14 55.66 13.17 13.60
CA LEU HA 14 54.21 13.27 13.64
C LEU HA 14 53.80 14.25 14.73
N THR HA 15 53.17 15.35 14.34
CA THR HA 15 52.71 16.36 15.28
C THR HA 15 51.19 16.40 15.23
N ILE HA 16 50.56 16.22 16.39
CA ILE HA 16 49.10 16.28 16.52
C ILE HA 16 48.76 17.49 17.36
N ARG HA 17 47.86 18.32 16.86
CA ARG HA 17 47.56 19.62 17.48
C ARG HA 17 46.07 19.73 17.71
N ASP HA 18 45.67 20.04 18.94
CA ASP HA 18 44.26 20.25 19.25
C ASP HA 18 43.74 21.46 18.49
N ASP HA 19 42.51 21.35 18.00
CA ASP HA 19 42.02 22.32 17.02
C ASP HA 19 41.64 23.66 17.65
N VAL HA 20 41.22 23.67 18.90
CA VAL HA 20 40.89 24.90 19.59
C VAL HA 20 42.05 25.42 20.43
N THR HA 21 42.79 24.51 21.08
CA THR HA 21 43.92 24.91 21.89
C THR HA 21 45.13 25.28 21.04
N LYS HA 22 45.34 24.57 19.92
CA LYS HA 22 46.48 24.78 19.03
C LYS HA 22 47.81 24.55 19.75
N LEU HA 23 47.86 23.51 20.59
CA LEU HA 23 49.08 23.10 21.26
C LEU HA 23 49.28 21.61 21.06
N PRO HA 24 50.52 21.17 20.86
CA PRO HA 24 50.76 19.75 20.55
C PRO HA 24 50.41 18.83 21.71
N VAL HA 25 49.92 17.64 21.36
CA VAL HA 25 49.47 16.66 22.32
C VAL HA 25 50.02 15.30 21.96
N TRP HA 26 50.05 14.41 22.96
CA TRP HA 26 50.47 13.01 22.79
C TRP HA 26 51.84 12.91 22.14
N LYS HA 27 52.76 13.76 22.56
CA LYS HA 27 54.12 13.68 22.04
C LYS HA 27 54.93 12.57 22.70
N SER HA 28 54.29 11.69 23.45
CA SER HA 28 54.94 10.54 24.06
C SER HA 28 54.89 9.30 23.19
N LEU HA 29 54.27 9.37 22.02
CA LEU HA 29 54.08 8.21 21.17
C LEU HA 29 55.30 7.97 20.30
N GLN HA 30 55.44 6.72 19.85
CA GLN HA 30 56.49 6.32 18.93
C GLN HA 30 55.84 5.63 17.73
N VAL HA 31 55.53 6.38 16.70
CA VAL HA 31 54.72 5.88 15.59
C VAL HA 31 55.59 5.10 14.62
N LYS HA 32 55.00 4.08 13.99
CA LYS HA 32 55.71 3.18 13.09
C LYS HA 32 55.18 3.18 11.67
N LYS HA 33 54.00 3.73 11.42
CA LYS HA 33 53.39 3.67 10.10
C LYS HA 33 52.36 4.77 9.99
N VAL HA 34 52.13 5.24 8.76
CA VAL HA 34 51.10 6.22 8.46
C VAL HA 34 50.53 5.88 7.09
N GLU HA 35 49.21 5.93 6.98
CA GLU HA 35 48.53 5.69 5.71
C GLU HA 35 47.54 6.81 5.46
N ILE HA 36 47.44 7.23 4.20
CA ILE HA 36 46.52 8.28 3.78
C ILE HA 36 45.72 7.76 2.59
N TYR HA 37 44.40 7.89 2.67
CA TYR HA 37 43.51 7.46 1.59
C TYR HA 37 42.64 8.64 1.19
N SER HA 38 42.52 8.89 -0.10
CA SER HA 38 41.77 10.03 -0.63
C SER HA 38 40.87 9.57 -1.76
N PRO HA 39 39.71 8.99 -1.44
CA PRO HA 39 38.83 8.44 -2.48
C PRO HA 39 37.98 9.51 -3.15
N ALA HA 40 37.28 9.09 -4.20
CA ALA HA 40 36.32 9.92 -4.91
C ALA HA 40 35.40 9.01 -5.71
N SER HA 41 34.27 9.56 -6.14
CA SER HA 41 33.26 8.81 -6.88
C SER HA 41 33.14 9.38 -8.29
N VAL HA 42 33.13 8.48 -9.27
CA VAL HA 42 33.06 8.85 -10.68
C VAL HA 42 31.84 8.19 -11.30
N VAL HA 43 31.09 8.97 -12.09
CA VAL HA 43 29.88 8.46 -12.71
C VAL HA 43 30.19 7.23 -13.56
N SER HA 44 29.22 6.34 -13.69
CA SER HA 44 29.34 5.10 -14.43
C SER HA 44 28.13 4.88 -15.32
N LYS HA 45 27.72 5.92 -16.04
CA LYS HA 45 26.57 5.85 -16.92
C LYS HA 45 26.92 6.40 -18.29
N PRO HA 46 26.25 5.91 -19.34
CA PRO HA 46 26.70 6.22 -20.72
C PRO HA 46 26.72 7.69 -21.08
N LEU HA 47 25.78 8.52 -20.59
CA LEU HA 47 25.83 9.97 -20.80
C LEU HA 47 25.61 10.36 -22.27
N ALA HA 48 25.03 11.53 -22.53
CA ALA HA 48 24.64 11.92 -23.88
C ALA HA 48 25.05 13.35 -24.18
N THR HA 49 25.27 13.64 -25.47
CA THR HA 49 25.67 14.95 -25.93
C THR HA 49 25.00 15.28 -27.27
N LYS HA 50 25.11 16.54 -27.68
CA LYS HA 50 24.51 16.96 -28.96
C LYS HA 50 25.41 16.57 -30.13
N ASP HA 51 26.61 17.15 -30.18
CA ASP HA 51 27.72 16.64 -30.98
C ASP HA 51 27.53 16.90 -32.48
N GLN HA 52 27.04 18.09 -32.83
CA GLN HA 52 27.07 18.51 -34.22
C GLN HA 52 27.37 20.01 -34.36
N THR HA 53 27.90 20.64 -33.32
CA THR HA 53 28.09 22.07 -33.27
C THR HA 53 29.55 22.43 -33.54
N GLU HA 54 29.88 23.70 -33.34
CA GLU HA 54 31.26 24.16 -33.46
C GLU HA 54 32.14 23.45 -32.43
N ALA HA 55 33.44 23.40 -32.71
CA ALA HA 55 34.35 22.63 -31.87
C ALA HA 55 34.47 23.23 -30.48
N GLN HA 56 34.72 24.54 -30.39
CA GLN HA 56 34.94 25.15 -29.08
C GLN HA 56 33.66 25.22 -28.26
N VAL HA 57 32.51 25.30 -28.91
CA VAL HA 57 31.24 25.24 -28.18
C VAL HA 57 31.09 23.88 -27.51
N TYR HA 58 31.40 22.80 -28.23
CA TYR HA 58 31.33 21.48 -27.64
C TYR HA 58 32.43 21.26 -26.61
N THR HA 59 33.54 21.98 -26.73
CA THR HA 59 34.57 21.92 -25.69
C THR HA 59 34.12 22.65 -24.43
N GLU HA 60 33.30 23.69 -24.57
CA GLU HA 60 32.66 24.29 -23.41
C GLU HA 60 31.74 23.29 -22.71
N ALA HA 61 30.96 22.55 -23.49
CA ALA HA 61 30.31 21.36 -22.97
C ALA HA 61 31.36 20.27 -22.78
N LEU HA 62 30.93 19.13 -22.23
CA LEU HA 62 31.81 18.03 -21.82
C LEU HA 62 32.70 18.45 -20.66
N ASP HA 63 32.72 19.72 -20.30
CA ASP HA 63 33.07 20.19 -18.98
C ASP HA 63 31.77 20.33 -18.21
N ILE HA 64 31.85 20.84 -16.98
CA ILE HA 64 30.65 21.07 -16.19
C ILE HA 64 29.88 19.77 -15.99
N ASP HA 65 29.42 19.18 -17.10
CA ASP HA 65 28.72 17.91 -17.05
C ASP HA 65 29.64 16.80 -16.55
N VAL HA 66 30.91 16.82 -16.94
CA VAL HA 66 31.88 15.92 -16.32
C VAL HA 66 32.13 16.34 -14.88
N LYS HA 67 32.14 17.64 -14.60
CA LYS HA 67 32.29 18.12 -13.23
C LYS HA 67 31.13 17.64 -12.36
N ASN HA 68 29.91 17.67 -12.89
CA ASN HA 68 28.80 17.03 -12.22
C ASN HA 68 28.92 15.52 -12.38
N GLY HA 69 29.56 14.86 -11.43
CA GLY HA 69 29.89 13.46 -11.61
C GLY HA 69 31.23 13.10 -11.00
N LYS HA 70 31.88 14.09 -10.40
CA LYS HA 70 33.10 13.87 -9.63
C LYS HA 70 32.95 14.64 -8.33
N ILE HA 71 32.69 13.93 -7.23
CA ILE HA 71 32.50 14.54 -5.92
C ILE HA 71 33.41 13.84 -4.93
N ILE HA 72 34.18 14.62 -4.17
CA ILE HA 72 35.21 14.09 -3.30
C ILE HA 72 34.60 13.64 -1.98
N GLN HA 73 35.07 12.50 -1.49
CA GLN HA 73 34.72 11.88 -0.23
C GLN HA 73 35.80 12.15 0.81
N PRO HA 74 35.51 11.96 2.11
CA PRO HA 74 36.46 12.38 3.14
C PRO HA 74 37.77 11.62 3.11
N VAL HA 75 38.82 12.27 3.63
CA VAL HA 75 40.15 11.69 3.71
C VAL HA 75 40.22 10.74 4.91
N ARG HA 76 40.86 9.59 4.72
CA ARG HA 76 41.05 8.62 5.78
C ARG HA 76 42.53 8.49 6.11
N LEU HA 77 42.85 8.51 7.40
CA LEU HA 77 44.23 8.45 7.87
C LEU HA 77 44.37 7.36 8.92
N ARG HA 78 45.43 6.56 8.80
CA ARG HA 78 45.68 5.45 9.71
C ARG HA 78 47.13 5.52 10.18
N ILE HA 79 47.34 5.23 11.47
CA ILE HA 79 48.69 5.20 12.03
C ILE HA 79 48.82 3.98 12.94
N ASN HA 80 50.07 3.63 13.26
CA ASN HA 80 50.38 2.51 14.13
C ASN HA 80 51.53 2.92 15.04
N ALA HA 81 51.33 2.79 16.36
CA ALA HA 81 52.27 3.35 17.31
C ALA HA 81 52.34 2.47 18.55
N ILE HA 82 53.30 2.79 19.42
CA ILE HA 82 53.49 2.12 20.70
C ILE HA 82 53.44 3.19 21.78
N CYS HA 83 52.62 2.95 22.80
CA CYS HA 83 52.44 3.93 23.87
C CYS HA 83 53.24 3.52 25.09
N PRO HA 84 54.20 4.32 25.55
CA PRO HA 84 55.05 3.89 26.67
C PRO HA 84 54.44 4.10 28.05
N ASP HA 85 53.68 5.17 28.24
CA ASP HA 85 53.20 5.55 29.57
C ASP HA 85 51.68 5.36 29.65
N LEU HA 86 51.11 5.83 30.76
CA LEU HA 86 49.68 5.72 31.02
C LEU HA 86 48.92 6.98 30.67
N SER HA 87 49.46 8.15 31.03
CA SER HA 87 48.72 9.41 30.87
C SER HA 87 48.27 9.64 29.43
N THR HA 88 49.12 9.28 28.46
CA THR HA 88 48.73 9.39 27.07
C THR HA 88 47.56 8.50 26.74
N VAL HA 89 47.50 7.30 27.32
CA VAL HA 89 46.43 6.36 27.03
C VAL HA 89 45.09 6.94 27.47
N GLU HA 90 45.00 7.40 28.73
CA GLU HA 90 43.71 7.94 29.15
C GLU HA 90 43.40 9.27 28.48
N SER HA 91 44.40 10.05 28.09
CA SER HA 91 44.11 11.25 27.32
C SER HA 91 43.46 10.90 25.99
N ILE HA 92 43.98 9.87 25.31
CA ILE HA 92 43.38 9.46 24.04
C ILE HA 92 41.98 8.91 24.26
N MET HA 93 41.80 8.12 25.32
CA MET HA 93 40.47 7.55 25.58
C MET HA 93 39.46 8.64 25.89
N ASN HA 94 39.85 9.64 26.68
CA ASN HA 94 38.96 10.75 26.99
C ASN HA 94 38.61 11.53 25.72
N ALA HA 95 39.59 11.78 24.87
CA ALA HA 95 39.29 12.43 23.60
C ALA HA 95 38.37 11.57 22.74
N PHE HA 96 38.45 10.26 22.89
CA PHE HA 96 37.58 9.37 22.11
C PHE HA 96 36.13 9.44 22.59
N ASN HA 97 35.93 9.45 23.91
CA ASN HA 97 34.56 9.47 24.43
C ASN HA 97 33.83 10.78 24.17
N ASP HA 98 34.53 11.82 23.73
CA ASP HA 98 33.91 13.11 23.47
C ASP HA 98 33.38 13.17 22.05
N ASN HA 99 32.21 13.79 21.88
CA ASN HA 99 31.62 13.97 20.56
C ASN HA 99 32.19 15.19 19.83
N THR HA 100 32.93 16.04 20.50
CA THR HA 100 33.29 17.37 20.00
C THR HA 100 34.79 17.56 20.03
N SER HA 101 35.52 16.56 19.53
CA SER HA 101 36.97 16.59 19.52
C SER HA 101 37.46 16.58 18.08
N THR HA 102 38.37 17.50 17.76
CA THR HA 102 38.96 17.57 16.44
C THR HA 102 40.46 17.82 16.57
N PHE HA 103 41.24 17.29 15.62
CA PHE HA 103 42.68 17.44 15.64
C PHE HA 103 43.21 17.67 14.23
N ALA HA 104 44.37 18.29 14.14
CA ALA HA 104 45.11 18.48 12.90
C ALA HA 104 46.39 17.65 12.96
N ILE HA 105 46.56 16.76 11.99
CA ILE HA 105 47.67 15.82 11.97
C ILE HA 105 48.63 16.24 10.87
N THR HA 106 49.93 16.19 11.17
CA THR HA 106 50.97 16.57 10.22
C THR HA 106 51.92 15.40 10.01
N SER HA 107 52.01 14.93 8.77
CA SER HA 107 52.96 13.91 8.38
C SER HA 107 54.24 14.58 7.89
N LYS HA 108 55.10 13.85 7.18
CA LYS HA 108 56.34 14.43 6.67
C LYS HA 108 56.07 15.69 5.86
N SER HA 109 55.12 15.63 4.93
CA SER HA 109 54.82 16.80 4.11
C SER HA 109 53.33 16.99 3.82
N ILE HA 110 52.45 16.22 4.46
CA ILE HA 110 51.02 16.25 4.16
C ILE HA 110 50.28 16.77 5.37
N LEU HA 111 49.42 17.77 5.15
CA LEU HA 111 48.66 18.40 6.22
C LEU HA 111 47.20 18.01 6.10
N ALA HA 112 46.65 17.43 7.16
CA ALA HA 112 45.24 17.10 7.26
C ALA HA 112 44.67 17.82 8.47
N ASP HA 113 43.60 18.59 8.25
CA ASP HA 113 43.05 19.44 9.29
C ASP HA 113 41.57 19.08 9.50
N LYS HA 114 41.11 19.32 10.72
CA LYS HA 114 39.74 19.01 11.14
C LYS HA 114 39.45 17.51 11.01
N MET HA 115 40.23 16.72 11.74
CA MET HA 115 40.06 15.27 11.79
C MET HA 115 39.36 14.86 13.08
N ALA HA 116 39.00 13.57 13.14
CA ALA HA 116 38.24 13.05 14.28
C ALA HA 116 38.50 11.56 14.40
N ILE HA 117 38.69 11.09 15.63
CA ILE HA 117 38.97 9.68 15.87
C ILE HA 117 37.72 8.85 15.62
N MET HA 118 37.87 7.78 14.85
CA MET HA 118 36.76 6.86 14.60
C MET HA 118 36.99 5.46 15.13
N THR HA 119 38.24 4.99 15.17
CA THR HA 119 38.55 3.63 15.57
C THR HA 119 39.81 3.64 16.41
N LEU HA 120 39.85 2.82 17.45
CA LEU HA 120 41.01 2.74 18.33
C LEU HA 120 41.17 1.33 18.84
N ASP HA 121 42.39 0.80 18.81
CA ASP HA 121 42.71 -0.53 19.32
C ASP HA 121 43.83 -0.43 20.34
N VAL HA 122 43.85 -1.38 21.28
CA VAL HA 122 44.93 -1.52 22.25
C VAL HA 122 45.22 -3.01 22.42
N ASP HA 123 46.49 -3.38 22.46
CA ASP HA 123 46.87 -4.79 22.57
C ASP HA 123 48.01 -4.94 23.57
N GLN HA 124 47.95 -6.02 24.36
CA GLN HA 124 48.95 -6.31 25.38
C GLN HA 124 49.29 -7.79 25.36
N SER HA 125 50.59 -8.08 25.45
CA SER HA 125 51.10 -9.43 25.23
C SER HA 125 52.50 -9.52 25.82
N PRO HA 126 53.08 -10.72 25.89
CA PRO HA 126 54.46 -10.82 26.40
C PRO HA 126 55.50 -10.24 25.45
N ASP HA 127 55.12 -9.91 24.22
CA ASP HA 127 56.06 -9.25 23.31
C ASP HA 127 56.43 -7.86 23.79
N MET HA 128 55.63 -7.25 24.66
CA MET HA 128 55.93 -5.95 25.26
C MET HA 128 55.43 -6.00 26.69
N LEU HA 129 56.34 -6.12 27.65
CA LEU HA 129 55.94 -6.22 29.05
C LEU HA 129 55.80 -4.87 29.74
N ASN HA 130 56.17 -3.77 29.08
CA ASN HA 130 55.98 -2.46 29.66
C ASN HA 130 55.54 -1.43 28.62
N ALA HA 131 54.75 -1.84 27.64
CA ALA HA 131 54.21 -0.93 26.65
C ALA HA 131 52.99 -1.57 26.01
N ALA HA 132 52.27 -0.79 25.21
CA ALA HA 132 51.06 -1.27 24.55
C ALA HA 132 51.03 -0.79 23.11
N GLU HA 133 50.51 -1.63 22.23
CA GLU HA 133 50.37 -1.32 20.82
C GLU HA 133 49.02 -0.67 20.56
N ILE HA 134 49.00 0.34 19.67
CA ILE HA 134 47.82 1.14 19.40
C ILE HA 134 47.55 1.14 17.90
N ASN HA 135 46.28 1.29 17.53
CA ASN HA 135 45.87 1.40 16.12
C ASN HA 135 44.75 2.44 16.02
N MET HA 136 45.14 3.70 15.83
CA MET HA 136 44.19 4.79 15.73
C MET HA 136 43.84 5.08 14.28
N GLU HA 137 42.68 5.72 14.08
CA GLU HA 137 42.20 6.05 12.75
C GLU HA 137 41.39 7.34 12.81
N PHE HA 138 41.56 8.18 11.80
CA PHE HA 138 40.90 9.48 11.74
C PHE HA 138 40.21 9.65 10.39
N GLU HA 139 39.23 10.53 10.35
CA GLU HA 139 38.64 11.01 9.11
C GLU HA 139 38.40 12.50 9.20
N GLN HA 140 38.33 13.14 8.03
CA GLN HA 140 38.23 14.58 7.95
C GLN HA 140 36.78 15.02 8.15
N VAL HA 141 36.56 15.88 9.14
CA VAL HA 141 35.20 16.33 9.46
C VAL HA 141 34.64 17.20 8.33
N GLU HA 142 35.41 18.19 7.88
CA GLU HA 142 34.95 19.10 6.85
C GLU HA 142 36.10 19.44 5.91
N PRO HA 143 35.80 19.77 4.66
CA PRO HA 143 36.86 20.10 3.70
C PRO HA 143 37.46 21.46 3.99
N PRO HA 144 38.68 21.72 3.52
CA PRO HA 144 39.31 23.03 3.73
C PRO HA 144 38.74 24.08 2.79
N VAL HA 145 39.05 25.33 3.10
CA VAL HA 145 38.64 26.48 2.30
C VAL HA 145 39.87 27.36 2.06
N LEU HA 146 39.82 28.16 1.00
CA LEU HA 146 40.91 29.04 0.63
C LEU HA 146 40.66 30.48 1.04
N ASN HA 147 39.54 31.05 0.62
CA ASN HA 147 39.27 32.47 0.80
C ASN HA 147 37.76 32.65 0.92
N LYS HA 148 37.29 33.88 0.68
CA LYS HA 148 35.88 34.24 0.63
C LYS HA 148 35.30 34.38 2.03
N PHE HA 149 33.99 34.57 2.10
CA PHE HA 149 33.28 34.90 3.34
C PHE HA 149 33.78 36.22 3.89
N ASP HA 150 33.34 36.59 5.08
CA ASP HA 150 33.73 37.87 5.70
C ASP HA 150 34.19 37.67 7.14
N PRO HA 151 35.38 37.07 7.33
CA PRO HA 151 35.96 37.05 8.69
C PRO HA 151 36.57 38.39 9.06
N ALA HA 152 35.76 39.33 9.55
CA ALA HA 152 36.30 40.64 9.93
C ALA HA 152 36.90 40.56 11.32
N PHE HA 153 37.88 41.44 11.58
CA PHE HA 153 38.45 41.51 12.93
C PHE HA 153 37.42 41.93 13.97
N PRO HA 154 36.73 43.09 13.83
CA PRO HA 154 35.91 43.58 14.94
C PRO HA 154 34.55 42.93 15.04
N GLN HA 155 33.70 43.53 15.89
CA GLN HA 155 32.31 43.11 16.06
C GLN HA 155 31.57 42.83 14.75
N ASP HA 156 32.00 43.41 13.63
CA ASP HA 156 31.35 43.15 12.36
C ASP HA 156 31.20 41.65 12.12
N SER HA 157 30.04 41.26 11.60
CA SER HA 157 29.71 39.84 11.48
C SER HA 157 28.66 39.68 10.39
N PRO HA 158 28.52 38.46 9.84
CA PRO HA 158 27.42 38.21 8.90
C PRO HA 158 26.04 38.21 9.56
N THR HA 159 25.97 38.50 10.86
CA THR HA 159 24.73 38.76 11.61
C THR HA 159 23.59 37.81 11.24
N TYR HA 160 23.83 36.53 11.47
CA TYR HA 160 22.72 35.58 11.50
C TYR HA 160 21.87 35.87 12.73
N GLY HA 161 20.56 35.99 12.51
CA GLY HA 161 19.64 36.26 13.58
C GLY HA 161 18.42 35.38 13.47
N VAL HA 162 18.61 34.17 12.98
CA VAL HA 162 17.50 33.28 12.69
C VAL HA 162 16.91 32.80 14.02
N GLN HA 163 15.86 33.47 14.47
CA GLN HA 163 15.22 33.16 15.73
C GLN HA 163 13.70 33.20 15.60
N ILE HA 164 13.19 32.60 14.53
CA ILE HA 164 11.75 32.52 14.30
C ILE HA 164 11.08 31.57 15.27
N GLN HA 165 11.83 30.96 16.17
CA GLN HA 165 11.35 29.94 17.07
C GLN HA 165 11.31 30.48 18.49
N SER HA 166 10.17 30.34 19.16
CA SER HA 166 10.02 30.88 20.50
C SER HA 166 8.64 30.52 21.05
N LEU HA 167 8.49 30.74 22.36
CA LEU HA 167 7.19 30.79 23.02
C LEU HA 167 7.39 31.63 24.28
N SER HA 168 6.94 32.88 24.24
CA SER HA 168 7.35 33.87 25.23
C SER HA 168 6.86 33.51 26.62
N ASP HA 169 7.74 33.68 27.62
CA ASP HA 169 7.43 33.43 29.02
C ASP HA 169 7.88 34.60 29.87
N ALA HA 170 7.06 34.95 30.86
CA ALA HA 170 7.41 36.01 31.80
C ALA HA 170 8.12 35.41 33.01
N ASN HA 171 9.24 36.01 33.39
CA ASN HA 171 10.05 35.47 34.48
C ASN HA 171 9.52 35.93 35.83
N LEU HA 172 10.19 35.48 36.88
CA LEU HA 172 9.78 35.77 38.25
C LEU HA 172 10.93 36.15 39.18
N LEU HA 173 12.18 36.06 38.73
CA LEU HA 173 13.31 36.25 39.65
C LEU HA 173 13.50 37.72 39.99
N ASP HA 174 13.85 38.54 38.97
CA ASP HA 174 14.08 39.97 39.12
C ASP HA 174 14.90 40.30 40.37
N LEU HA 175 14.34 41.13 41.26
CA LEU HA 175 14.97 41.43 42.55
C LEU HA 175 13.86 41.77 43.56
N GLY HA 176 13.53 40.80 44.41
CA GLY HA 176 12.64 41.09 45.52
C GLY HA 176 11.18 41.13 45.10
N ALA HA 177 10.36 41.71 45.98
CA ALA HA 177 8.91 41.87 45.81
C ALA HA 177 8.17 40.55 45.94
N ILE HA 178 7.26 40.47 46.93
CA ILE HA 178 6.42 39.30 47.13
C ILE HA 178 4.95 39.64 46.88
N GLY HA 179 4.48 40.77 47.41
CA GLY HA 179 3.15 41.27 47.15
C GLY HA 179 3.09 42.43 46.18
N ASP HA 180 4.15 42.70 45.44
CA ASP HA 180 4.23 43.87 44.57
C ASP HA 180 4.11 43.46 43.11
N SER HA 181 3.46 44.31 42.32
CA SER HA 181 3.22 44.02 40.91
C SER HA 181 4.53 44.03 40.13
N ILE HA 182 4.41 43.70 38.84
CA ILE HA 182 5.59 43.66 37.98
C ILE HA 182 6.13 45.07 37.75
N SER HA 183 5.24 46.04 37.61
CA SER HA 183 5.67 47.42 37.37
C SER HA 183 6.50 47.94 38.53
N SER HA 184 6.07 47.69 39.77
CA SER HA 184 6.81 48.17 40.92
C SER HA 184 8.20 47.55 40.98
N ALA HA 185 8.28 46.24 40.76
CA ALA HA 185 9.57 45.56 40.81
C ALA HA 185 10.49 46.07 39.72
N ALA HA 186 9.97 46.24 38.50
CA ALA HA 186 10.79 46.74 37.40
C ALA HA 186 11.29 48.15 37.68
N LYS HA 187 10.41 49.01 38.21
CA LYS HA 187 10.81 50.37 38.52
C LYS HA 187 11.90 50.40 39.60
N SER HA 188 11.75 49.56 40.63
CA SER HA 188 12.76 49.50 41.68
C SER HA 188 14.09 48.99 41.13
N LEU HA 189 14.06 47.94 40.32
CA LEU HA 189 15.29 47.44 39.72
C LEU HA 189 15.96 48.50 38.87
N TYR HA 190 15.16 49.27 38.12
CA TYR HA 190 15.72 50.40 37.38
C TYR HA 190 16.39 51.41 38.30
N ASN HA 191 15.69 51.85 39.34
CA ASN HA 191 16.23 52.88 40.22
C ASN HA 191 17.41 52.39 41.06
N ARG HA 192 17.65 51.07 41.07
CA ARG HA 192 18.82 50.56 41.78
C ARG HA 192 20.11 51.15 41.23
N VAL HA 193 20.20 51.28 39.91
CA VAL HA 193 21.39 51.87 39.29
C VAL HA 193 21.33 53.38 39.36
N MET IA 1 12.38 -34.43 21.68
CA MET IA 1 12.33 -33.39 20.65
C MET IA 1 11.01 -33.46 19.88
N LYS IA 2 10.03 -32.71 20.35
CA LYS IA 2 8.70 -32.70 19.74
C LYS IA 2 8.75 -32.13 18.34
N LYS IA 3 7.99 -32.73 17.43
CA LYS IA 3 7.91 -32.27 16.05
C LYS IA 3 6.56 -31.60 15.80
N ARG IA 4 6.56 -30.68 14.83
CA ARG IA 4 5.36 -29.94 14.48
C ARG IA 4 4.55 -30.68 13.43
N ILE IA 5 3.23 -30.50 13.49
CA ILE IA 5 2.29 -31.20 12.63
C ILE IA 5 1.41 -30.17 11.93
N LEU IA 6 1.26 -30.30 10.61
CA LEU IA 6 0.50 -29.32 9.83
C LEU IA 6 -0.10 -30.02 8.63
N ARG IA 7 -1.43 -30.12 8.60
CA ARG IA 7 -2.16 -30.78 7.52
C ARG IA 7 -3.13 -29.80 6.87
N VAL IA 8 -3.27 -29.91 5.55
CA VAL IA 8 -4.22 -29.13 4.77
C VAL IA 8 -5.07 -30.09 3.95
N THR IA 9 -6.38 -29.97 4.05
CA THR IA 9 -7.32 -30.90 3.45
C THR IA 9 -8.14 -30.20 2.37
N PHE IA 10 -8.49 -30.93 1.32
CA PHE IA 10 -9.36 -30.44 0.26
C PHE IA 10 -10.49 -31.43 0.03
N ASN IA 11 -11.72 -30.94 0.04
CA ASN IA 11 -12.90 -31.79 -0.14
C ASN IA 11 -13.26 -31.88 -1.62
N MET IA 12 -12.40 -32.59 -2.34
CA MET IA 12 -12.59 -32.77 -3.77
C MET IA 12 -13.74 -33.73 -4.04
N PRO IA 13 -14.29 -33.71 -5.26
CA PRO IA 13 -15.47 -34.56 -5.54
C PRO IA 13 -15.24 -36.04 -5.28
N TYR IA 14 -14.06 -36.57 -5.60
CA TYR IA 14 -13.78 -37.98 -5.34
C TYR IA 14 -13.53 -38.26 -3.87
N GLY IA 15 -13.14 -37.25 -3.09
CA GLY IA 15 -12.85 -37.43 -1.69
C GLY IA 15 -11.87 -36.40 -1.17
N PRO IA 16 -11.31 -36.65 0.00
CA PRO IA 16 -10.31 -35.72 0.55
C PRO IA 16 -8.92 -35.98 0.01
N GLU IA 17 -8.19 -34.89 -0.23
CA GLU IA 17 -6.79 -34.94 -0.63
C GLU IA 17 -6.00 -34.14 0.40
N VAL IA 18 -5.20 -34.82 1.21
CA VAL IA 18 -4.54 -34.21 2.36
C VAL IA 18 -3.08 -34.00 2.03
N ILE IA 19 -2.61 -32.76 2.17
CA ILE IA 19 -1.20 -32.44 2.05
C ILE IA 19 -0.60 -32.47 3.45
N ARG IA 20 0.34 -33.38 3.66
CA ARG IA 20 0.94 -33.55 4.97
C ARG IA 20 1.98 -32.47 5.22
N GLU IA 21 2.63 -32.56 6.38
CA GLU IA 21 3.66 -31.61 6.77
C GLU IA 21 5.01 -31.89 6.12
N ASP IA 22 5.16 -33.04 5.45
CA ASP IA 22 6.45 -33.42 4.89
C ASP IA 22 6.90 -32.51 3.76
N LEU IA 23 5.99 -31.80 3.11
CA LEU IA 23 6.36 -30.89 2.04
C LEU IA 23 6.61 -29.50 2.60
N ASP IA 24 6.79 -28.52 1.72
CA ASP IA 24 7.02 -27.14 2.12
C ASP IA 24 5.70 -26.39 2.05
N VAL IA 25 5.11 -26.12 3.21
CA VAL IA 25 3.82 -25.45 3.31
C VAL IA 25 3.95 -24.29 4.27
N ARG IA 26 3.55 -23.11 3.83
CA ARG IA 26 3.51 -21.91 4.66
C ARG IA 26 2.11 -21.32 4.63
N VAL IA 27 1.61 -20.89 5.77
CA VAL IA 27 0.23 -20.44 5.91
C VAL IA 27 0.19 -19.22 6.83
N ARG IA 28 -0.56 -18.20 6.44
CA ARG IA 28 -0.84 -17.05 7.30
C ARG IA 28 -2.34 -16.89 7.44
N ILE IA 29 -2.81 -16.81 8.68
CA ILE IA 29 -4.23 -16.72 9.01
C ILE IA 29 -4.47 -15.45 9.80
N MET IA 30 -5.52 -14.73 9.46
CA MET IA 30 -5.88 -13.50 10.17
C MET IA 30 -7.34 -13.61 10.59
N LYS IA 31 -7.60 -13.43 11.88
CA LYS IA 31 -8.94 -13.53 12.43
C LYS IA 31 -9.21 -12.31 13.29
N ALA IA 32 -10.47 -11.86 13.27
CA ALA IA 32 -10.85 -10.67 14.01
C ALA IA 32 -12.33 -10.75 14.32
N ALA IA 33 -12.77 -9.88 15.24
CA ALA IA 33 -14.18 -9.76 15.60
C ALA IA 33 -14.80 -8.63 14.77
N LEU IA 34 -15.10 -8.94 13.51
CA LEU IA 34 -15.65 -7.97 12.57
C LEU IA 34 -16.60 -8.68 11.62
N ARG IA 35 -17.20 -7.90 10.73
CA ARG IA 35 -18.03 -8.46 9.67
C ARG IA 35 -17.21 -8.91 8.46
N ILE IA 36 -15.99 -8.41 8.30
CA ILE IA 36 -15.16 -8.79 7.17
C ILE IA 36 -14.63 -10.20 7.40
N GLN IA 37 -14.80 -11.07 6.41
CA GLN IA 37 -14.58 -12.49 6.60
C GLN IA 37 -13.08 -12.80 6.67
N ASN IA 38 -12.77 -13.87 7.40
CA ASN IA 38 -11.39 -14.24 7.67
C ASN IA 38 -10.68 -14.67 6.40
N ARG IA 39 -9.35 -14.58 6.42
CA ARG IA 39 -8.53 -14.84 5.26
C ARG IA 39 -7.36 -15.73 5.63
N ALA IA 40 -6.94 -16.57 4.67
CA ALA IA 40 -5.80 -17.45 4.84
C ALA IA 40 -5.08 -17.60 3.51
N THR IA 41 -3.79 -17.30 3.49
CA THR IA 41 -2.96 -17.42 2.30
C THR IA 41 -1.98 -18.57 2.48
N MET IA 42 -1.90 -19.44 1.48
CA MET IA 42 -1.10 -20.65 1.58
C MET IA 42 0.02 -20.63 0.54
N GLU IA 43 1.20 -21.05 0.94
CA GLU IA 43 2.33 -21.27 0.04
C GLU IA 43 2.60 -22.77 0.01
N ILE IA 44 2.52 -23.37 -1.18
CA ILE IA 44 2.68 -24.80 -1.35
C ILE IA 44 3.74 -25.05 -2.41
N PHE IA 45 4.72 -25.90 -2.08
CA PHE IA 45 5.86 -26.16 -2.95
C PHE IA 45 5.97 -27.64 -3.27
N GLY IA 46 6.52 -27.94 -4.44
CA GLY IA 46 6.86 -29.30 -4.78
C GLY IA 46 5.74 -30.16 -5.31
N LEU IA 47 4.61 -29.56 -5.70
CA LEU IA 47 3.52 -30.35 -6.26
C LEU IA 47 3.94 -30.94 -7.61
N THR IA 48 3.65 -32.22 -7.80
CA THR IA 48 3.99 -32.90 -9.05
C THR IA 48 2.92 -32.66 -10.10
N THR IA 49 3.15 -33.22 -11.30
CA THR IA 49 2.23 -32.99 -12.41
C THR IA 49 0.84 -33.54 -12.12
N GLN IA 50 0.77 -34.76 -11.57
CA GLN IA 50 -0.53 -35.38 -11.29
C GLN IA 50 -1.32 -34.55 -10.29
N LEU IA 51 -0.66 -34.10 -9.22
CA LEU IA 51 -1.40 -33.37 -8.18
C LEU IA 51 -1.69 -31.94 -8.62
N ARG IA 52 -0.81 -31.35 -9.44
CA ARG IA 52 -1.12 -30.06 -10.03
C ARG IA 52 -2.37 -30.15 -10.90
N GLU IA 53 -2.46 -31.21 -11.71
CA GLU IA 53 -3.67 -31.43 -12.50
C GLU IA 53 -4.89 -31.61 -11.61
N SER IA 54 -4.75 -32.41 -10.55
CA SER IA 54 -5.89 -32.71 -9.69
C SER IA 54 -6.42 -31.46 -8.99
N LEU IA 55 -5.53 -30.62 -8.47
CA LEU IA 55 -5.97 -29.49 -7.65
C LEU IA 55 -6.19 -28.21 -8.45
N LEU IA 56 -5.19 -27.79 -9.23
CA LEU IA 56 -5.24 -26.44 -9.79
C LEU IA 56 -6.34 -26.26 -10.82
N SER IA 57 -6.91 -27.33 -11.34
CA SER IA 57 -7.95 -27.19 -12.35
C SER IA 57 -9.35 -27.02 -11.76
N GLN IA 58 -9.52 -27.19 -10.46
CA GLN IA 58 -10.83 -27.12 -9.83
C GLN IA 58 -11.12 -25.76 -9.21
N PHE IA 59 -10.19 -24.82 -9.26
CA PHE IA 59 -10.44 -23.45 -8.80
C PHE IA 59 -10.87 -22.55 -9.96
N THR IA 60 -11.88 -22.98 -10.72
CA THR IA 60 -12.14 -22.36 -12.01
C THR IA 60 -12.62 -20.92 -11.89
N ALA IA 61 -13.55 -20.65 -10.96
CA ALA IA 61 -14.23 -19.38 -10.74
C ALA IA 61 -15.21 -19.02 -11.87
N TRP IA 62 -15.39 -19.87 -12.86
CA TRP IA 62 -16.51 -19.76 -13.79
C TRP IA 62 -17.65 -20.62 -13.29
N LYS IA 63 -18.77 -20.59 -14.00
CA LYS IA 63 -19.93 -21.39 -13.65
C LYS IA 63 -20.22 -22.41 -14.75
N HIS IA 64 -20.56 -23.62 -14.32
CA HIS IA 64 -20.87 -24.71 -15.22
C HIS IA 64 -21.97 -25.58 -14.62
N ARG IA 65 -22.46 -26.54 -15.42
CA ARG IA 65 -23.66 -27.32 -15.14
C ARG IA 65 -24.79 -26.44 -14.62
N GLN IA 66 -25.30 -25.59 -15.53
CA GLN IA 66 -26.20 -24.51 -15.17
C GLN IA 66 -27.50 -24.99 -14.53
N ARG IA 67 -27.89 -26.25 -14.72
CA ARG IA 67 -29.12 -26.72 -14.09
C ARG IA 67 -29.07 -26.59 -12.58
N GLN IA 68 -27.87 -26.64 -12.00
CA GLN IA 68 -27.64 -26.33 -10.59
C GLN IA 68 -28.47 -27.24 -9.67
N VAL IA 69 -28.16 -28.52 -9.75
CA VAL IA 69 -28.75 -29.50 -8.84
C VAL IA 69 -28.04 -29.33 -7.49
N GLY IA 70 -28.70 -28.66 -6.56
CA GLY IA 70 -28.09 -28.36 -5.29
C GLY IA 70 -27.21 -27.11 -5.34
N ARG IA 71 -26.50 -26.89 -4.24
CA ARG IA 71 -25.63 -25.74 -4.06
C ARG IA 71 -24.57 -26.14 -3.05
N GLU IA 72 -23.83 -25.14 -2.55
CA GLU IA 72 -22.65 -25.33 -1.72
C GLU IA 72 -21.53 -25.90 -2.59
N ASP IA 73 -21.27 -27.20 -2.47
CA ASP IA 73 -20.07 -27.77 -3.09
C ASP IA 73 -20.11 -27.72 -4.61
N GLU IA 74 -21.28 -27.60 -5.24
CA GLU IA 74 -21.30 -27.58 -6.69
C GLU IA 74 -20.83 -26.26 -7.28
N LEU IA 75 -20.27 -25.36 -6.47
CA LEU IA 75 -19.68 -24.13 -6.98
C LEU IA 75 -18.18 -24.08 -6.73
N MET IA 76 -17.75 -24.16 -5.47
CA MET IA 76 -16.34 -24.05 -5.13
C MET IA 76 -16.05 -24.98 -3.96
N ILE IA 77 -14.82 -25.45 -3.89
CA ILE IA 77 -14.45 -26.50 -2.94
C ILE IA 77 -14.06 -25.87 -1.62
N LYS IA 78 -14.00 -26.71 -0.59
CA LYS IA 78 -13.74 -26.28 0.77
C LYS IA 78 -12.38 -26.77 1.23
N VAL IA 79 -11.68 -25.94 2.01
CA VAL IA 79 -10.35 -26.28 2.53
C VAL IA 79 -10.39 -26.15 4.05
N SER IA 80 -9.77 -27.12 4.72
CA SER IA 80 -9.70 -27.16 6.18
C SER IA 80 -8.25 -27.30 6.62
N VAL IA 81 -7.85 -26.50 7.59
CA VAL IA 81 -6.46 -26.42 8.05
C VAL IA 81 -6.40 -26.79 9.52
N GLU IA 82 -5.53 -27.74 9.85
CA GLU IA 82 -5.33 -28.17 11.24
C GLU IA 82 -3.84 -28.24 11.53
N ALA IA 83 -3.43 -27.68 12.67
CA ALA IA 83 -2.03 -27.60 13.05
C ALA IA 83 -1.86 -27.97 14.52
N GLY IA 84 -0.71 -28.55 14.83
CA GLY IA 84 -0.42 -28.93 16.20
C GLY IA 84 0.98 -29.49 16.31
N TYR IA 85 1.25 -30.07 17.48
CA TYR IA 85 2.53 -30.70 17.78
C TYR IA 85 2.37 -32.20 17.86
N SER IA 86 3.51 -32.90 17.88
CA SER IA 86 3.52 -34.34 18.07
C SER IA 86 4.77 -34.73 18.86
N ASP IA 87 4.58 -35.43 19.97
CA ASP IA 87 5.68 -35.83 20.84
C ASP IA 87 5.56 -37.31 21.14
N GLN IA 88 6.66 -38.04 20.97
CA GLN IA 88 6.73 -39.48 21.29
C GLN IA 88 5.62 -40.26 20.59
N GLY IA 89 5.20 -39.78 19.43
CA GLY IA 89 4.09 -40.39 18.72
C GLY IA 89 2.73 -39.98 19.22
N ARG IA 90 2.66 -39.15 20.26
CA ARG IA 90 1.40 -38.67 20.81
C ARG IA 90 1.07 -37.32 20.20
N GLU IA 91 -0.13 -37.18 19.67
CA GLU IA 91 -0.54 -36.01 18.92
C GLU IA 91 -1.36 -35.06 19.78
N GLN IA 92 -1.34 -33.78 19.41
CA GLN IA 92 -2.13 -32.75 20.06
C GLN IA 92 -2.64 -31.77 19.01
N VAL IA 93 -3.14 -32.30 17.90
CA VAL IA 93 -3.53 -31.46 16.76
C VAL IA 93 -4.81 -30.71 17.07
N SER IA 94 -5.03 -29.60 16.35
CA SER IA 94 -6.24 -28.80 16.48
C SER IA 94 -6.53 -28.08 15.18
N ARG IA 95 -7.81 -27.81 14.93
CA ARG IA 95 -8.23 -27.10 13.74
C ARG IA 95 -8.18 -25.59 13.96
N VAL IA 96 -7.82 -24.86 12.90
CA VAL IA 96 -7.69 -23.40 13.01
C VAL IA 96 -8.42 -22.64 11.92
N PHE IA 97 -8.86 -23.25 10.82
CA PHE IA 97 -9.46 -22.48 9.75
C PHE IA 97 -10.30 -23.38 8.85
N VAL IA 98 -11.42 -22.83 8.37
CA VAL IA 98 -12.26 -23.45 7.35
C VAL IA 98 -12.62 -22.39 6.32
N GLY IA 99 -12.48 -22.71 5.04
CA GLY IA 99 -12.78 -21.73 4.02
C GLY IA 99 -12.84 -22.35 2.64
N GLU IA 100 -12.99 -21.49 1.65
CA GLU IA 100 -13.08 -21.90 0.26
C GLU IA 100 -12.09 -21.11 -0.58
N VAL IA 101 -11.51 -21.78 -1.57
CA VAL IA 101 -10.47 -21.16 -2.40
C VAL IA 101 -11.09 -20.10 -3.30
N ALA IA 102 -10.41 -18.96 -3.42
CA ALA IA 102 -10.91 -17.83 -4.19
C ALA IA 102 -9.95 -17.35 -5.27
N ILE IA 103 -8.64 -17.33 -5.00
CA ILE IA 103 -7.66 -16.74 -5.89
C ILE IA 103 -6.47 -17.69 -6.02
N VAL IA 104 -5.95 -17.82 -7.24
CA VAL IA 104 -4.85 -18.75 -7.55
C VAL IA 104 -3.73 -17.97 -8.21
N ASP IA 105 -2.51 -18.46 -8.06
CA ASP IA 105 -1.34 -17.80 -8.61
C ASP IA 105 -0.24 -18.84 -8.82
N ILE IA 106 0.88 -18.38 -9.36
CA ILE IA 106 2.11 -19.17 -9.39
C ILE IA 106 3.26 -18.26 -8.98
N ILE IA 107 4.03 -18.69 -7.98
CA ILE IA 107 5.00 -17.83 -7.33
C ILE IA 107 6.40 -18.11 -7.84
N SER IA 108 6.85 -19.34 -7.68
CA SER IA 108 8.25 -19.63 -7.96
C SER IA 108 8.40 -20.43 -9.25
N PRO IA 109 9.36 -20.09 -10.08
CA PRO IA 109 9.55 -20.80 -11.34
C PRO IA 109 10.29 -22.11 -11.09
N PRO IA 110 10.49 -22.92 -12.13
CA PRO IA 110 11.33 -24.11 -11.97
C PRO IA 110 12.73 -23.72 -11.53
N PRO IA 111 13.47 -24.63 -10.88
CA PRO IA 111 13.20 -26.05 -10.69
C PRO IA 111 12.28 -26.41 -9.53
N ASP IA 112 11.76 -25.41 -8.81
CA ASP IA 112 10.85 -25.65 -7.69
C ASP IA 112 9.58 -24.81 -7.89
N ILE IA 113 8.50 -25.46 -8.32
CA ILE IA 113 7.28 -24.79 -8.70
C ILE IA 113 6.37 -24.66 -7.48
N GLY IA 114 6.07 -23.43 -7.09
CA GLY IA 114 5.24 -23.17 -5.93
C GLY IA 114 4.09 -22.25 -6.28
N ILE IA 115 2.98 -22.45 -5.58
CA ILE IA 115 1.74 -21.75 -5.87
C ILE IA 115 1.26 -21.04 -4.61
N ARG IA 116 0.45 -20.00 -4.82
CA ARG IA 116 -0.16 -19.25 -3.73
C ARG IA 116 -1.67 -19.25 -3.90
N ILE IA 117 -2.38 -19.36 -2.78
CA ILE IA 117 -3.81 -19.56 -2.76
C ILE IA 117 -4.43 -18.64 -1.71
N GLN IA 118 -5.58 -18.06 -2.01
CA GLN IA 118 -6.31 -17.23 -1.06
C GLN IA 118 -7.64 -17.89 -0.73
N CYS IA 119 -7.89 -18.09 0.56
CA CYS IA 119 -9.12 -18.71 1.04
C CYS IA 119 -9.86 -17.76 1.97
N TYR IA 120 -11.18 -17.76 1.88
CA TYR IA 120 -12.01 -16.95 2.74
C TYR IA 120 -13.05 -17.83 3.40
N THR IA 121 -13.46 -17.44 4.61
CA THR IA 121 -14.45 -18.20 5.35
C THR IA 121 -15.86 -17.77 4.94
N ARG IA 122 -16.76 -18.74 4.81
CA ARG IA 122 -18.15 -18.51 4.41
C ARG IA 122 -18.23 -17.68 3.14
N GLN IA 123 -17.42 -18.04 2.14
CA GLN IA 123 -17.55 -17.38 0.85
C GLN IA 123 -18.65 -18.00 0.00
N ILE IA 124 -19.23 -19.12 0.42
CA ILE IA 124 -20.31 -19.72 -0.34
C ILE IA 124 -21.55 -18.84 -0.32
N ASP IA 125 -21.66 -17.93 0.66
CA ASP IA 125 -22.83 -17.09 0.78
C ASP IA 125 -22.87 -15.96 -0.24
N ARG IA 126 -21.73 -15.57 -0.80
CA ARG IA 126 -21.72 -14.48 -1.76
C ARG IA 126 -22.43 -14.83 -3.04
N THR IA 127 -22.77 -16.10 -3.26
CA THR IA 127 -23.58 -16.50 -4.41
C THR IA 127 -25.01 -16.88 -4.02
N LYS IA 128 -25.18 -17.55 -2.88
CA LYS IA 128 -26.51 -17.97 -2.45
C LYS IA 128 -27.36 -16.77 -2.07
N THR IA 129 -28.66 -16.86 -2.38
CA THR IA 129 -29.60 -15.78 -2.15
C THR IA 129 -30.45 -16.06 -0.91
N ILE IA 130 -31.45 -15.21 -0.68
CA ILE IA 130 -32.36 -15.33 0.45
C ILE IA 130 -33.72 -15.78 -0.07
N ARG IA 131 -34.24 -16.87 0.51
CA ARG IA 131 -35.54 -17.38 0.11
C ARG IA 131 -36.55 -17.44 1.25
N ASN IA 132 -36.19 -16.97 2.44
CA ASN IA 132 -37.11 -16.91 3.56
C ASN IA 132 -37.28 -15.46 4.00
N MET IA 133 -38.52 -14.99 4.02
CA MET IA 133 -38.78 -13.57 4.26
C MET IA 133 -38.36 -13.19 5.67
N PRO IA 134 -37.61 -12.10 5.83
CA PRO IA 134 -37.18 -11.71 7.18
C PRO IA 134 -38.36 -11.26 8.02
N PRO IA 135 -38.28 -11.39 9.35
CA PRO IA 135 -39.36 -10.92 10.20
C PRO IA 135 -39.55 -9.41 10.08
N ALA IA 136 -40.82 -8.98 10.14
CA ALA IA 136 -41.14 -7.57 9.90
C ALA IA 136 -40.96 -6.73 11.16
N ASN IA 137 -41.55 -7.14 12.27
CA ASN IA 137 -41.48 -6.42 13.53
C ASN IA 137 -41.14 -7.41 14.63
N THR IA 138 -39.92 -7.35 15.14
CA THR IA 138 -39.47 -8.33 16.13
C THR IA 138 -38.33 -7.73 16.94
N THR IA 139 -37.81 -8.53 17.86
CA THR IA 139 -36.70 -8.10 18.70
C THR IA 139 -35.38 -8.51 18.08
N PHE IA 140 -34.28 -8.13 18.73
CA PHE IA 140 -32.96 -8.38 18.19
C PHE IA 140 -32.67 -9.88 18.08
N VAL IA 141 -32.97 -10.62 19.15
CA VAL IA 141 -32.55 -12.02 19.21
C VAL IA 141 -33.24 -12.85 18.14
N LYS IA 142 -34.50 -12.52 17.82
CA LYS IA 142 -35.19 -13.26 16.77
C LYS IA 142 -34.62 -12.95 15.39
N PHE IA 143 -34.18 -11.71 15.17
CA PHE IA 143 -33.49 -11.39 13.94
C PHE IA 143 -32.20 -12.19 13.81
N VAL IA 144 -31.45 -12.29 14.90
CA VAL IA 144 -30.22 -13.07 14.88
C VAL IA 144 -30.52 -14.54 14.60
N GLU IA 145 -31.57 -15.08 15.22
CA GLU IA 145 -31.93 -16.46 15.00
C GLU IA 145 -32.33 -16.72 13.55
N TRP IA 146 -33.11 -15.82 12.96
CA TRP IA 146 -33.47 -15.98 11.56
C TRP IA 146 -32.24 -15.95 10.68
N GLY IA 147 -31.31 -15.04 10.94
CA GLY IA 147 -30.08 -14.99 10.16
C GLY IA 147 -29.28 -16.27 10.28
N ALA IA 148 -29.16 -16.82 11.49
CA ALA IA 148 -28.44 -18.06 11.69
C ALA IA 148 -29.06 -19.21 10.92
N ASN IA 149 -30.40 -19.31 10.95
CA ASN IA 149 -31.06 -20.35 10.17
C ASN IA 149 -30.84 -20.15 8.68
N GLU IA 150 -30.90 -18.91 8.21
CA GLU IA 150 -30.76 -18.67 6.78
C GLU IA 150 -29.37 -19.03 6.28
N MET IA 151 -28.33 -18.60 7.00
CA MET IA 151 -26.98 -18.96 6.59
C MET IA 151 -26.71 -20.44 6.83
N GLY IA 152 -27.26 -21.01 7.89
CA GLY IA 152 -27.06 -22.41 8.19
C GLY IA 152 -25.96 -22.65 9.20
N LEU IA 153 -25.93 -21.84 10.25
CA LEU IA 153 -24.87 -21.89 11.24
C LEU IA 153 -25.45 -22.03 12.64
N ASN IA 154 -24.78 -22.80 13.48
CA ASN IA 154 -25.07 -22.78 14.91
C ASN IA 154 -24.64 -21.43 15.47
N PHE IA 155 -25.51 -20.83 16.29
CA PHE IA 155 -25.31 -19.46 16.72
C PHE IA 155 -25.36 -19.37 18.24
N ILE IA 156 -24.70 -18.34 18.76
CA ILE IA 156 -24.81 -17.97 20.17
C ILE IA 156 -24.95 -16.46 20.24
N CYS IA 157 -25.87 -15.99 21.07
CA CYS IA 157 -26.12 -14.57 21.24
C CYS IA 157 -26.23 -14.26 22.73
N ASP IA 158 -25.49 -13.24 23.18
CA ASP IA 158 -25.57 -12.83 24.59
C ASP IA 158 -25.24 -11.34 24.65
N THR IA 159 -26.27 -10.50 24.64
CA THR IA 159 -26.11 -9.06 24.62
C THR IA 159 -27.10 -8.44 25.60
N SER IA 160 -26.78 -7.23 26.04
CA SER IA 160 -27.74 -6.45 26.81
C SER IA 160 -28.89 -5.94 25.95
N TYR IA 161 -28.79 -6.06 24.63
CA TYR IA 161 -29.81 -5.55 23.71
C TYR IA 161 -30.77 -6.64 23.25
N ASN IA 162 -30.94 -7.69 24.06
CA ASN IA 162 -31.76 -8.81 23.65
C ASN IA 162 -33.25 -8.51 23.65
N ASP IA 163 -33.68 -7.43 24.29
CA ASP IA 163 -35.10 -7.13 24.38
C ASP IA 163 -35.43 -5.78 23.75
N GLN IA 164 -34.87 -5.51 22.57
CA GLN IA 164 -35.08 -4.26 21.87
C GLN IA 164 -35.79 -4.54 20.56
N VAL IA 165 -36.88 -3.80 20.31
CA VAL IA 165 -37.74 -4.08 19.17
C VAL IA 165 -37.24 -3.30 17.95
N LEU IA 166 -37.09 -4.00 16.82
CA LEU IA 166 -36.65 -3.42 15.58
C LEU IA 166 -37.78 -3.46 14.55
N LYS IA 167 -37.86 -2.43 13.73
CA LYS IA 167 -38.86 -2.32 12.68
C LYS IA 167 -38.18 -2.38 11.32
N ASN IA 168 -38.63 -3.29 10.46
CA ASN IA 168 -38.04 -3.50 9.14
C ASN IA 168 -36.54 -3.71 9.23
N PRO IA 169 -36.07 -4.78 9.86
CA PRO IA 169 -34.63 -4.91 10.07
C PRO IA 169 -33.87 -5.29 8.81
N GLY IA 170 -34.38 -6.24 8.03
CA GLY IA 170 -33.61 -6.77 6.92
C GLY IA 170 -34.34 -6.83 5.60
N ARG IA 171 -35.13 -5.81 5.30
CA ARG IA 171 -35.94 -5.80 4.09
C ARG IA 171 -35.16 -5.32 2.86
N SER IA 172 -33.84 -5.17 2.96
CA SER IA 172 -33.03 -4.71 1.84
C SER IA 172 -31.72 -5.48 1.76
N ILE IA 173 -31.78 -6.80 1.86
CA ILE IA 173 -30.61 -7.65 1.76
C ILE IA 173 -30.72 -8.47 0.48
N THR IA 174 -29.73 -8.33 -0.40
CA THR IA 174 -29.79 -8.98 -1.71
C THR IA 174 -29.37 -10.44 -1.62
N VAL IA 175 -28.19 -10.70 -1.06
CA VAL IA 175 -27.64 -12.05 -0.94
C VAL IA 175 -27.50 -12.41 0.52
N ALA IA 176 -26.99 -13.60 0.81
CA ALA IA 176 -26.89 -14.07 2.19
C ALA IA 176 -25.70 -13.51 2.94
N SER IA 177 -24.85 -12.71 2.29
CA SER IA 177 -23.63 -12.24 2.94
C SER IA 177 -23.83 -10.93 3.70
N ALA IA 178 -24.83 -10.14 3.32
CA ALA IA 178 -25.05 -8.86 3.97
C ALA IA 178 -25.86 -8.99 5.26
N ILE IA 179 -26.28 -10.20 5.61
CA ILE IA 179 -26.93 -10.41 6.90
C ILE IA 179 -26.01 -10.01 8.04
N LEU IA 180 -24.72 -10.37 7.93
CA LEU IA 180 -23.76 -10.04 8.98
C LEU IA 180 -23.57 -8.53 9.10
N ALA IA 181 -23.50 -7.83 7.96
CA ALA IA 181 -23.39 -6.38 8.00
C ALA IA 181 -24.63 -5.74 8.62
N SER IA 182 -25.80 -6.29 8.31
CA SER IA 182 -27.02 -5.85 8.98
C SER IA 182 -26.90 -6.00 10.49
N ILE IA 183 -26.51 -7.20 10.94
CA ILE IA 183 -26.46 -7.47 12.37
C ILE IA 183 -25.48 -6.56 13.07
N GLN IA 184 -24.34 -6.29 12.42
CA GLN IA 184 -23.34 -5.44 13.08
C GLN IA 184 -23.75 -3.97 13.05
N ASP IA 185 -24.50 -3.55 12.04
CA ASP IA 185 -24.72 -2.13 11.83
C ASP IA 185 -25.54 -1.50 12.96
N MET IA 186 -26.54 -2.21 13.49
CA MET IA 186 -27.52 -1.58 14.36
C MET IA 186 -26.90 -0.97 15.60
N TYR IA 187 -26.02 -1.70 16.28
CA TYR IA 187 -25.59 -1.28 17.62
C TYR IA 187 -24.07 -1.25 17.72
N MET IA 188 -23.43 -0.64 16.74
CA MET IA 188 -22.00 -0.36 16.82
C MET IA 188 -21.74 0.70 17.88
N PRO IA 189 -20.56 0.67 18.52
CA PRO IA 189 -19.50 -0.34 18.39
C PRO IA 189 -19.53 -1.37 19.51
N ASP IA 190 -20.47 -1.20 20.44
CA ASP IA 190 -20.51 -2.07 21.62
C ASP IA 190 -20.83 -3.51 21.24
N VAL IA 191 -21.76 -3.72 20.32
CA VAL IA 191 -22.16 -5.05 19.91
C VAL IA 191 -21.26 -5.48 18.75
N ALA IA 192 -20.58 -6.62 18.92
CA ALA IA 192 -19.68 -7.16 17.92
C ALA IA 192 -20.23 -8.46 17.38
N ALA IA 193 -20.44 -8.53 16.08
CA ALA IA 193 -20.95 -9.72 15.42
C ALA IA 193 -19.91 -10.22 14.42
N PHE IA 194 -19.55 -11.49 14.52
CA PHE IA 194 -18.57 -12.09 13.64
C PHE IA 194 -18.88 -13.58 13.49
N VAL IA 195 -18.34 -14.17 12.43
CA VAL IA 195 -18.52 -15.59 12.15
C VAL IA 195 -17.16 -16.26 12.28
N ASP IA 196 -17.07 -17.24 13.17
CA ASP IA 196 -15.83 -17.96 13.44
C ASP IA 196 -16.02 -19.44 13.11
N ASP IA 197 -15.22 -19.95 12.19
CA ASP IA 197 -15.29 -21.34 11.75
C ASP IA 197 -16.68 -21.67 11.20
N ASP IA 198 -17.55 -22.23 12.04
CA ASP IA 198 -18.92 -22.56 11.63
C ASP IA 198 -19.95 -22.00 12.61
N ILE IA 199 -19.58 -20.99 13.41
CA ILE IA 199 -20.42 -20.48 14.47
C ILE IA 199 -20.60 -18.98 14.28
N LEU IA 200 -21.83 -18.50 14.40
CA LEU IA 200 -22.10 -17.07 14.43
C LEU IA 200 -22.15 -16.60 15.87
N ILE IA 201 -21.34 -15.60 16.20
CA ILE IA 201 -21.22 -15.11 17.57
C ILE IA 201 -21.59 -13.64 17.59
N VAL IA 202 -22.61 -13.30 18.37
CA VAL IA 202 -23.00 -11.92 18.65
C VAL IA 202 -22.92 -11.71 20.15
N LYS IA 203 -22.25 -10.65 20.57
CA LYS IA 203 -21.99 -10.43 21.99
C LYS IA 203 -21.65 -8.97 22.21
N ASP IA 204 -21.65 -8.58 23.49
CA ASP IA 204 -21.13 -7.27 23.87
C ASP IA 204 -19.61 -7.30 23.76
N ARG IA 205 -19.01 -6.10 23.73
CA ARG IA 205 -17.58 -6.01 23.46
C ARG IA 205 -16.75 -6.73 24.52
N ASP IA 206 -17.06 -6.53 25.79
CA ASP IA 206 -16.16 -6.91 26.88
C ASP IA 206 -16.72 -8.06 27.72
N LYS IA 207 -17.33 -9.05 27.07
CA LYS IA 207 -17.85 -10.23 27.75
C LYS IA 207 -17.16 -11.46 27.19
N VAL IA 208 -16.68 -12.32 28.09
CA VAL IA 208 -16.07 -13.58 27.70
C VAL IA 208 -17.17 -14.61 27.47
N ILE IA 209 -17.13 -15.27 26.30
CA ILE IA 209 -18.22 -16.17 25.93
C ILE IA 209 -18.28 -17.36 26.88
N ARG IA 210 -17.12 -17.89 27.27
CA ARG IA 210 -17.02 -19.05 28.16
C ARG IA 210 -16.26 -18.62 29.42
N PRO IA 211 -16.96 -18.22 30.48
CA PRO IA 211 -16.28 -17.70 31.66
C PRO IA 211 -15.41 -18.72 32.38
N ASP IA 212 -15.65 -20.02 32.20
CA ASP IA 212 -14.94 -21.06 32.94
C ASP IA 212 -13.80 -21.67 32.15
N GLU IA 213 -13.48 -21.15 30.97
CA GLU IA 213 -12.39 -21.68 30.15
C GLU IA 213 -11.31 -20.65 29.95
N VAL IA 214 -10.92 -19.96 31.02
CA VAL IA 214 -9.88 -18.94 30.94
C VAL IA 214 -8.52 -19.63 30.86
N THR IA 215 -7.75 -19.30 29.83
CA THR IA 215 -6.45 -19.92 29.63
C THR IA 215 -5.38 -19.07 30.30
N ASN IA 216 -4.73 -19.64 31.31
CA ASN IA 216 -3.65 -18.96 32.00
C ASN IA 216 -2.40 -19.00 31.13
N VAL IA 217 -1.83 -17.83 30.86
CA VAL IA 217 -0.70 -17.69 29.95
C VAL IA 217 0.47 -17.11 30.75
N ASN IA 218 1.62 -17.79 30.70
CA ASN IA 218 2.77 -17.36 31.48
C ASN IA 218 4.10 -17.50 30.73
N SER IA 219 4.09 -17.93 29.47
CA SER IA 219 5.31 -18.12 28.70
C SER IA 219 5.19 -17.34 27.40
N PHE IA 220 6.02 -16.31 27.25
CA PHE IA 220 5.87 -15.33 26.17
C PHE IA 220 7.09 -15.39 25.25
N VAL IA 221 6.85 -15.44 23.95
CA VAL IA 221 7.92 -15.22 22.98
C VAL IA 221 8.03 -13.73 22.66
N GLY IA 222 6.91 -13.07 22.47
CA GLY IA 222 6.88 -11.64 22.29
C GLY IA 222 6.53 -10.94 23.58
N ILE IA 223 7.46 -10.11 24.05
CA ILE IA 223 7.32 -9.46 25.36
C ILE IA 223 6.02 -8.66 25.40
N PRO IA 224 5.17 -8.86 26.41
CA PRO IA 224 3.91 -8.13 26.46
C PRO IA 224 4.13 -6.64 26.66
N SER IA 225 3.25 -5.85 26.06
CA SER IA 225 3.36 -4.40 26.17
C SER IA 225 1.97 -3.78 26.05
N TRP IA 226 1.84 -2.57 26.59
CA TRP IA 226 0.59 -1.82 26.46
C TRP IA 226 0.35 -1.49 25.00
N SER IA 227 -0.91 -1.63 24.57
CA SER IA 227 -1.25 -1.61 23.15
C SER IA 227 -2.28 -0.55 22.80
N GLU IA 228 -2.49 0.45 23.67
CA GLU IA 228 -3.32 1.60 23.35
C GLU IA 228 -4.80 1.24 23.26
N TRP IA 229 -5.10 -0.06 23.36
CA TRP IA 229 -6.46 -0.57 23.43
C TRP IA 229 -6.61 -1.60 24.53
N GLY IA 230 -5.54 -1.95 25.23
CA GLY IA 230 -5.48 -3.13 26.06
C GLY IA 230 -4.06 -3.65 26.15
N VAL IA 231 -3.84 -4.91 25.78
CA VAL IA 231 -2.51 -5.51 25.76
C VAL IA 231 -2.33 -6.22 24.42
N GLU IA 232 -1.07 -6.50 24.09
CA GLU IA 232 -0.74 -7.24 22.88
C GLU IA 232 0.55 -8.00 23.10
N PHE IA 233 0.56 -9.29 22.78
CA PHE IA 233 1.74 -10.12 22.98
C PHE IA 233 1.80 -11.17 21.86
N GLN IA 234 2.62 -12.19 22.08
CA GLN IA 234 2.87 -13.22 21.08
C GLN IA 234 3.40 -14.46 21.78
N CYS IA 235 3.06 -15.63 21.25
CA CYS IA 235 3.46 -16.89 21.86
C CYS IA 235 3.66 -17.94 20.78
N LEU IA 236 4.11 -19.12 21.20
CA LEU IA 236 4.15 -20.27 20.32
C LEU IA 236 2.73 -20.75 20.07
N PHE IA 237 2.60 -21.82 19.29
CA PHE IA 237 1.28 -22.34 18.96
C PHE IA 237 0.63 -22.91 20.22
N GLU IA 238 -0.40 -22.23 20.72
CA GLU IA 238 -1.18 -22.70 21.85
C GLU IA 238 -2.56 -23.07 21.33
N PRO IA 239 -2.96 -24.35 21.34
CA PRO IA 239 -4.26 -24.72 20.78
C PRO IA 239 -5.44 -24.11 21.51
N SER IA 240 -5.25 -23.70 22.76
CA SER IA 240 -6.36 -23.24 23.58
C SER IA 240 -6.84 -21.85 23.22
N ILE IA 241 -5.98 -21.01 22.65
CA ILE IA 241 -6.34 -19.63 22.36
C ILE IA 241 -7.41 -19.59 21.28
N ARG IA 242 -8.48 -18.84 21.53
CA ARG IA 242 -9.54 -18.67 20.55
C ARG IA 242 -9.89 -17.20 20.43
N VAL IA 243 -10.93 -16.88 19.68
CA VAL IA 243 -11.45 -15.52 19.59
C VAL IA 243 -12.61 -15.37 20.57
N ALA IA 244 -12.66 -14.23 21.25
CA ALA IA 244 -13.61 -13.88 22.30
C ALA IA 244 -13.39 -14.64 23.60
N GLY IA 245 -12.40 -15.54 23.65
CA GLY IA 245 -12.06 -16.19 24.91
C GLY IA 245 -11.20 -15.30 25.79
N GLY IA 246 -11.00 -15.75 27.03
CA GLY IA 246 -10.25 -15.00 28.00
C GLY IA 246 -8.83 -15.51 28.17
N VAL IA 247 -7.96 -14.64 28.68
CA VAL IA 247 -6.58 -14.99 29.00
C VAL IA 247 -6.20 -14.34 30.32
N ALA IA 248 -5.49 -15.09 31.16
CA ALA IA 248 -4.92 -14.58 32.40
C ALA IA 248 -3.41 -14.47 32.21
N VAL IA 249 -2.88 -13.27 32.42
CA VAL IA 249 -1.52 -12.91 32.01
C VAL IA 249 -0.66 -12.70 33.25
N GLU IA 250 0.49 -13.37 33.29
CA GLU IA 250 1.52 -13.11 34.28
C GLU IA 250 2.85 -12.94 33.57
N SER IA 251 3.55 -11.85 33.88
CA SER IA 251 4.74 -11.46 33.16
C SER IA 251 5.95 -11.42 34.09
N LEU IA 252 7.13 -11.43 33.48
CA LEU IA 252 8.40 -11.28 34.19
C LEU IA 252 9.08 -9.96 33.85
N MET IA 253 9.21 -9.64 32.56
CA MET IA 253 9.74 -8.34 32.18
C MET IA 253 8.82 -7.21 32.62
N ASN IA 254 7.51 -7.38 32.44
CA ASN IA 254 6.53 -6.30 32.62
C ASN IA 254 5.43 -6.74 33.59
N PRO IA 255 5.73 -6.81 34.88
CA PRO IA 255 4.73 -7.30 35.84
C PRO IA 255 3.57 -6.36 36.08
N SER IA 256 3.60 -5.15 35.52
CA SER IA 256 2.55 -4.17 35.75
C SER IA 256 1.31 -4.40 34.90
N VAL IA 257 1.37 -5.30 33.91
CA VAL IA 257 0.28 -5.51 32.97
C VAL IA 257 -0.42 -6.85 33.22
N ASN IA 258 -0.23 -7.43 34.39
CA ASN IA 258 -0.91 -8.68 34.72
C ASN IA 258 -2.40 -8.42 34.93
N GLY IA 259 -3.23 -9.31 34.39
CA GLY IA 259 -4.66 -9.18 34.56
C GLY IA 259 -5.41 -10.09 33.62
N ASN IA 260 -6.72 -9.86 33.55
CA ASN IA 260 -7.63 -10.61 32.69
C ASN IA 260 -7.92 -9.79 31.44
N TYR IA 261 -7.81 -10.41 30.28
CA TYR IA 261 -8.07 -9.76 29.01
C TYR IA 261 -8.94 -10.64 28.15
N VAL IA 262 -9.75 -10.01 27.30
CA VAL IA 262 -10.61 -10.70 26.35
C VAL IA 262 -10.03 -10.52 24.96
N ILE IA 263 -9.94 -11.62 24.22
CA ILE IA 263 -9.21 -11.64 22.96
C ILE IA 263 -10.05 -10.98 21.87
N THR IA 264 -9.44 -10.05 21.15
CA THR IA 264 -10.09 -9.32 20.06
C THR IA 264 -9.67 -9.82 18.69
N ALA IA 265 -8.37 -9.87 18.41
CA ALA IA 265 -7.88 -10.28 17.10
C ALA IA 265 -6.75 -11.30 17.29
N LEU IA 266 -6.49 -12.05 16.22
CA LEU IA 266 -5.51 -13.12 16.25
C LEU IA 266 -4.67 -13.10 14.98
N GLU IA 267 -3.55 -13.82 15.04
CA GLU IA 267 -2.66 -13.99 13.90
C GLU IA 267 -2.09 -15.39 13.96
N TYR IA 268 -1.78 -15.96 12.79
CA TYR IA 268 -1.14 -17.26 12.70
C TYR IA 268 -0.07 -17.20 11.64
N ASP IA 269 1.12 -17.69 11.97
CA ASP IA 269 2.23 -17.78 11.02
C ASP IA 269 2.85 -19.17 11.18
N LEU IA 270 2.33 -20.14 10.45
CA LEU IA 270 2.68 -21.53 10.63
C LEU IA 270 3.43 -22.05 9.41
N ALA IA 271 4.62 -22.58 9.63
CA ALA IA 271 5.44 -23.14 8.56
C ALA IA 271 5.97 -24.50 8.97
N SER IA 272 6.19 -25.35 7.97
CA SER IA 272 6.69 -26.70 8.21
C SER IA 272 8.19 -26.82 7.99
N ARG IA 273 8.82 -25.84 7.34
CA ARG IA 273 10.26 -25.90 7.12
C ARG IA 273 10.92 -24.53 7.31
N ASP IA 274 10.26 -23.61 7.99
CA ASP IA 274 10.80 -22.28 8.26
C ASP IA 274 10.66 -21.96 9.73
N ARG IA 275 11.31 -20.87 10.13
CA ARG IA 275 11.31 -20.48 11.54
C ARG IA 275 9.92 -20.15 12.09
N PRO IA 276 9.08 -19.38 11.42
CA PRO IA 276 7.82 -18.93 12.06
C PRO IA 276 6.88 -20.07 12.37
N PHE IA 277 6.52 -20.20 13.64
CA PHE IA 277 5.40 -21.02 14.10
C PHE IA 277 4.87 -20.28 15.34
N TYR IA 278 3.94 -19.35 15.12
CA TYR IA 278 3.63 -18.31 16.11
C TYR IA 278 2.14 -18.05 16.18
N ILE IA 279 1.75 -17.30 17.20
CA ILE IA 279 0.39 -16.77 17.36
C ILE IA 279 0.50 -15.39 17.99
N LYS IA 280 -0.15 -14.39 17.39
CA LYS IA 280 -0.14 -13.04 17.91
C LYS IA 280 -1.53 -12.67 18.41
N VAL IA 281 -1.60 -12.08 19.60
CA VAL IA 281 -2.85 -11.85 20.31
C VAL IA 281 -2.95 -10.39 20.71
N MET IA 282 -4.13 -9.80 20.52
CA MET IA 282 -4.45 -8.48 21.07
C MET IA 282 -5.68 -8.61 21.94
N GLY IA 283 -5.66 -7.95 23.10
CA GLY IA 283 -6.70 -8.13 24.09
C GLY IA 283 -7.27 -6.81 24.56
N SER IA 284 -8.41 -6.91 25.25
CA SER IA 284 -9.11 -5.80 25.85
C SER IA 284 -9.45 -6.14 27.28
N PRO IA 285 -9.57 -5.14 28.15
CA PRO IA 285 -9.88 -5.44 29.56
C PRO IA 285 -11.21 -6.17 29.70
N ALA IA 286 -11.24 -7.13 30.61
CA ALA IA 286 -12.42 -7.98 30.81
C ALA IA 286 -13.38 -7.30 31.78
N ALA IA 287 -14.59 -7.04 31.32
CA ALA IA 287 -15.59 -6.36 32.15
C ALA IA 287 -16.33 -7.35 33.02
N ASN JA 1 -1.50 30.56 -14.31
CA ASN JA 1 -1.76 29.74 -13.12
C ASN JA 1 -3.17 29.17 -13.09
N ILE JA 2 -3.49 28.37 -14.10
CA ILE JA 2 -4.80 27.75 -14.23
C ILE JA 2 -4.77 26.26 -13.91
N SER JA 3 -3.61 25.61 -13.99
CA SER JA 3 -3.37 24.32 -13.36
C SER JA 3 -4.04 23.15 -14.08
N LEU JA 4 -4.85 23.41 -15.10
CA LEU JA 4 -5.33 22.38 -16.01
C LEU JA 4 -6.24 21.35 -15.37
N THR JA 5 -6.39 21.39 -14.04
CA THR JA 5 -7.17 20.38 -13.33
C THR JA 5 -7.36 20.86 -11.90
N SER JA 6 -8.34 20.27 -11.21
CA SER JA 6 -8.58 20.55 -9.81
C SER JA 6 -7.66 19.72 -8.91
N ALA JA 7 -6.36 19.76 -9.18
CA ALA JA 7 -5.37 19.02 -8.42
C ALA JA 7 -4.61 19.96 -7.49
N LYS JA 8 -4.13 19.41 -6.39
CA LYS JA 8 -3.44 20.18 -5.36
C LYS JA 8 -2.05 19.63 -5.13
N ALA JA 9 -1.09 20.53 -4.93
CA ALA JA 9 0.30 20.12 -4.76
C ALA JA 9 0.54 19.18 -3.58
N PRO JA 10 -0.05 19.39 -2.40
CA PRO JA 10 0.20 18.44 -1.29
C PRO JA 10 -0.28 17.03 -1.57
N ASP JA 11 -1.18 16.83 -2.54
CA ASP JA 11 -1.60 15.49 -2.90
C ASP JA 11 -0.42 14.71 -3.50
N ARG JA 12 -0.51 13.39 -3.42
CA ARG JA 12 0.52 12.39 -3.75
C ARG JA 12 1.59 12.31 -2.67
N THR JA 13 1.54 13.14 -1.63
CA THR JA 13 2.50 13.01 -0.53
C THR JA 13 2.18 11.80 0.33
N ARG JA 14 0.90 11.60 0.67
CA ARG JA 14 0.46 10.50 1.51
C ARG JA 14 -0.68 9.77 0.82
N LEU JA 15 -1.09 8.65 1.43
CA LEU JA 15 -2.21 7.90 0.90
C LEU JA 15 -3.54 8.56 1.25
N ILE JA 16 -3.63 9.21 2.41
CA ILE JA 16 -4.90 9.76 2.86
C ILE JA 16 -5.31 10.94 1.98
N ALA JA 17 -4.34 11.73 1.51
CA ALA JA 17 -4.67 12.86 0.62
C ALA JA 17 -5.29 12.36 -0.68
N ALA JA 18 -4.68 11.32 -1.28
CA ALA JA 18 -5.26 10.73 -2.46
C ALA JA 18 -6.65 10.15 -2.18
N LEU JA 19 -6.80 9.50 -1.03
CA LEU JA 19 -8.10 8.93 -0.68
C LEU JA 19 -9.17 10.01 -0.59
N ASP JA 20 -8.83 11.14 0.01
CA ASP JA 20 -9.80 12.24 0.09
C ASP JA 20 -10.10 12.81 -1.29
N ALA JA 21 -9.09 12.91 -2.16
CA ALA JA 21 -9.34 13.39 -3.52
C ALA JA 21 -10.32 12.48 -4.25
N ARG JA 22 -10.07 11.17 -4.22
CA ARG JA 22 -10.99 10.24 -4.90
C ARG JA 22 -12.37 10.26 -4.25
N SER JA 23 -12.44 10.43 -2.92
CA SER JA 23 -13.74 10.52 -2.26
C SER JA 23 -14.53 11.72 -2.75
N ARG JA 24 -13.87 12.88 -2.83
CA ARG JA 24 -14.55 14.07 -3.34
C ARG JA 24 -15.01 13.88 -4.78
N ARG JA 25 -14.17 13.27 -5.62
CA ARG JA 25 -14.55 13.05 -7.01
C ARG JA 25 -15.75 12.11 -7.11
N ASP JA 26 -15.78 11.06 -6.29
CA ASP JA 26 -16.89 10.12 -6.32
C ASP JA 26 -18.17 10.77 -5.80
N ALA JA 27 -18.04 11.65 -4.81
CA ALA JA 27 -19.23 12.34 -4.29
C ALA JA 27 -19.81 13.31 -5.30
N LEU JA 28 -18.96 14.05 -6.02
CA LEU JA 28 -19.46 15.09 -6.92
C LEU JA 28 -20.33 14.51 -8.02
N ASP JA 29 -19.95 13.36 -8.57
CA ASP JA 29 -20.69 12.77 -9.68
C ASP JA 29 -22.03 12.20 -9.22
N PHE JA 30 -22.24 12.06 -7.92
CA PHE JA 30 -23.49 11.56 -7.38
C PHE JA 30 -24.53 12.67 -7.43
N GLU JA 31 -25.63 12.44 -8.13
CA GLU JA 31 -26.61 13.48 -8.43
C GLU JA 31 -27.91 13.20 -7.72
N VAL JA 32 -28.48 14.23 -7.08
CA VAL JA 32 -29.69 14.05 -6.28
C VAL JA 32 -30.79 15.02 -6.69
N MET JA 33 -30.52 16.32 -6.62
CA MET JA 33 -31.61 17.31 -6.66
C MET JA 33 -31.06 18.70 -6.96
N ILE JA 34 -31.55 19.32 -8.03
CA ILE JA 34 -31.25 20.71 -8.37
C ILE JA 34 -32.47 21.33 -9.06
N PRO JA 35 -32.63 22.65 -9.06
CA PRO JA 35 -33.74 23.26 -9.81
C PRO JA 35 -33.54 23.16 -11.31
N ALA JA 36 -34.66 23.24 -12.03
CA ALA JA 36 -34.64 23.07 -13.49
C ALA JA 36 -35.80 23.85 -14.10
N GLN JA 37 -35.87 23.83 -15.43
CA GLN JA 37 -36.86 24.59 -16.18
C GLN JA 37 -37.43 23.73 -17.30
N VAL JA 38 -38.63 24.10 -17.76
CA VAL JA 38 -39.35 23.34 -18.78
C VAL JA 38 -39.08 23.96 -20.14
N VAL JA 39 -38.75 23.12 -21.11
CA VAL JA 39 -38.47 23.57 -22.47
C VAL JA 39 -39.62 23.19 -23.41
N GLN JA 40 -40.14 21.98 -23.28
CA GLN JA 40 -41.27 21.50 -24.07
C GLN JA 40 -42.10 20.56 -23.22
N TYR JA 41 -43.40 20.50 -23.50
CA TYR JA 41 -44.28 19.68 -22.69
C TYR JA 41 -45.56 19.40 -23.46
N ASP JA 42 -46.05 18.17 -23.36
CA ASP JA 42 -47.35 17.78 -23.91
C ASP JA 42 -48.23 17.26 -22.77
N ARG JA 43 -49.41 17.85 -22.62
CA ARG JA 43 -50.28 17.55 -21.50
C ARG JA 43 -50.82 16.12 -21.52
N ALA JA 44 -50.68 15.41 -22.64
CA ALA JA 44 -51.37 14.15 -22.84
C ALA JA 44 -50.57 12.93 -22.39
N GLU JA 45 -49.28 13.09 -22.08
CA GLU JA 45 -48.49 11.94 -21.65
C GLU JA 45 -47.62 12.23 -20.44
N ASN JA 46 -47.66 13.43 -19.87
CA ASN JA 46 -46.87 13.79 -18.70
C ASN JA 46 -45.38 13.54 -18.93
N ILE JA 47 -44.87 14.03 -20.05
CA ILE JA 47 -43.43 13.99 -20.33
C ILE JA 47 -43.00 15.36 -20.82
N ALA JA 48 -41.92 15.88 -20.24
CA ALA JA 48 -41.48 17.24 -20.54
C ALA JA 48 -39.97 17.28 -20.69
N THR JA 49 -39.50 18.00 -21.70
CA THR JA 49 -38.08 18.27 -21.84
C THR JA 49 -37.64 19.28 -20.79
N ILE JA 50 -36.51 19.02 -20.13
CA ILE JA 50 -36.10 19.75 -18.94
C ILE JA 50 -34.67 20.23 -19.11
N GLN JA 51 -34.42 21.48 -18.74
CA GLN JA 51 -33.07 22.07 -18.82
C GLN JA 51 -32.64 22.59 -17.46
N PRO JA 52 -31.70 21.91 -16.78
CA PRO JA 52 -31.30 22.37 -15.44
C PRO JA 52 -30.71 23.76 -15.46
N LEU JA 53 -30.92 24.49 -14.36
CA LEU JA 53 -30.63 25.93 -14.28
C LEU JA 53 -29.40 26.25 -13.45
N ILE JA 54 -28.50 25.29 -13.24
CA ILE JA 54 -27.25 25.53 -12.52
C ILE JA 54 -26.11 24.97 -13.34
N THR JA 55 -25.08 25.79 -13.58
CA THR JA 55 -24.05 25.47 -14.55
C THR JA 55 -22.87 24.75 -13.90
N TRP JA 56 -21.79 24.60 -14.66
CA TRP JA 56 -20.57 23.95 -14.20
C TRP JA 56 -19.44 24.97 -14.17
N VAL JA 57 -18.67 24.97 -13.11
CA VAL JA 57 -17.56 25.90 -12.94
C VAL JA 57 -16.30 25.24 -13.49
N ASP JA 58 -15.38 26.06 -13.99
CA ASP JA 58 -14.13 25.55 -14.56
C ASP JA 58 -12.94 26.17 -13.85
N THR JA 59 -11.75 25.67 -14.20
CA THR JA 59 -10.52 26.16 -13.57
C THR JA 59 -10.29 27.64 -13.83
N GLU JA 60 -10.90 28.20 -14.86
CA GLU JA 60 -10.87 29.63 -15.12
C GLU JA 60 -12.11 30.33 -14.58
N HIS JA 61 -12.89 29.65 -13.74
CA HIS JA 61 -14.10 30.19 -13.14
C HIS JA 61 -15.13 30.59 -14.18
N ASN JA 62 -15.20 29.86 -15.29
CA ASN JA 62 -16.19 30.11 -16.32
C ASN JA 62 -17.48 29.36 -15.99
N ALA JA 63 -18.44 29.41 -16.91
CA ALA JA 63 -19.73 28.77 -16.74
C ALA JA 63 -20.01 27.89 -17.95
N VAL JA 64 -20.19 26.59 -17.71
CA VAL JA 64 -20.51 25.63 -18.75
C VAL JA 64 -21.92 25.14 -18.51
N GLN JA 65 -22.79 25.30 -19.51
CA GLN JA 65 -24.19 24.92 -19.37
C GLN JA 65 -24.34 23.41 -19.38
N ARG JA 66 -25.35 22.92 -18.67
CA ARG JA 66 -25.64 21.50 -18.58
C ARG JA 66 -26.38 21.06 -19.84
N HIS JA 67 -26.93 19.85 -19.83
CA HIS JA 67 -27.56 19.26 -21.00
C HIS JA 67 -29.05 19.06 -20.77
N GLN JA 68 -29.83 19.24 -21.83
CA GLN JA 68 -31.27 19.05 -21.74
C GLN JA 68 -31.61 17.57 -21.63
N LEU JA 69 -32.61 17.27 -20.81
CA LEU JA 69 -33.09 15.91 -20.60
C LEU JA 69 -34.48 15.79 -21.21
N VAL JA 70 -34.71 14.72 -21.97
CA VAL JA 70 -35.94 14.59 -22.73
C VAL JA 70 -36.81 13.50 -22.10
N ASP JA 71 -38.12 13.64 -22.30
CA ASP JA 71 -39.12 12.65 -21.87
C ASP JA 71 -39.12 12.45 -20.36
N ILE JA 72 -38.81 13.48 -19.60
CA ILE JA 72 -38.84 13.37 -18.13
C ILE JA 72 -40.28 13.45 -17.65
N PRO JA 73 -40.75 12.49 -16.87
CA PRO JA 73 -42.15 12.53 -16.42
C PRO JA 73 -42.40 13.65 -15.42
N VAL JA 74 -43.65 14.09 -15.36
CA VAL JA 74 -44.09 15.12 -14.45
C VAL JA 74 -45.01 14.50 -13.41
N ILE JA 75 -44.86 14.93 -12.16
CA ILE JA 75 -45.64 14.36 -11.07
C ILE JA 75 -47.03 15.01 -11.05
N SER JA 76 -48.06 14.18 -10.97
CA SER JA 76 -49.45 14.64 -10.87
C SER JA 76 -50.06 13.90 -9.69
N MET JA 77 -50.13 14.57 -8.54
CA MET JA 77 -50.56 13.91 -7.31
C MET JA 77 -51.98 13.39 -7.45
N GLY JA 78 -52.22 12.22 -6.87
CA GLY JA 78 -53.54 11.63 -6.91
C GLY JA 78 -53.53 10.13 -6.73
N ALA JA 79 -54.59 9.59 -6.14
CA ALA JA 79 -54.71 8.15 -5.95
C ALA JA 79 -56.18 7.83 -5.73
N GLY JA 80 -56.53 6.57 -6.01
CA GLY JA 80 -57.93 6.20 -5.97
C GLY JA 80 -58.76 6.92 -7.01
N GLY JA 81 -58.22 7.14 -8.19
CA GLY JA 81 -58.96 7.77 -9.26
C GLY JA 81 -59.37 9.21 -9.02
N PHE JA 82 -58.47 10.03 -8.47
CA PHE JA 82 -58.80 11.43 -8.19
C PHE JA 82 -57.48 12.20 -8.14
N HIS JA 83 -57.17 12.91 -9.22
CA HIS JA 83 -55.86 13.54 -9.36
C HIS JA 83 -55.99 15.04 -9.56
N ILE JA 84 -54.84 15.72 -9.56
CA ILE JA 84 -54.74 17.17 -9.70
C ILE JA 84 -53.68 17.47 -10.76
N SER JA 85 -53.98 18.40 -11.65
CA SER JA 85 -53.05 18.75 -12.72
C SER JA 85 -53.03 20.26 -12.91
N PHE JA 86 -51.86 20.76 -13.34
CA PHE JA 86 -51.65 22.16 -13.65
C PHE JA 86 -51.25 22.33 -15.10
N PRO JA 87 -51.79 23.32 -15.80
CA PRO JA 87 -51.52 23.48 -17.24
C PRO JA 87 -50.14 24.07 -17.54
N ILE JA 88 -49.11 23.23 -17.39
CA ILE JA 88 -47.74 23.69 -17.59
C ILE JA 88 -47.52 24.06 -19.04
N GLN JA 89 -46.68 25.07 -19.28
CA GLN JA 89 -46.27 25.46 -20.62
C GLN JA 89 -44.77 25.74 -20.59
N GLN JA 90 -44.27 26.33 -21.66
CA GLN JA 90 -42.83 26.51 -21.85
C GLN JA 90 -42.32 27.64 -20.98
N GLY JA 91 -41.26 27.38 -20.22
CA GLY JA 91 -40.66 28.38 -19.35
C GLY JA 91 -41.00 28.27 -17.88
N ASP JA 92 -41.73 27.23 -17.47
CA ASP JA 92 -42.04 27.04 -16.07
C ASP JA 92 -40.90 26.36 -15.35
N ILE JA 93 -40.77 26.64 -14.06
CA ILE JA 93 -39.64 26.20 -13.27
C ILE JA 93 -40.10 25.20 -12.20
N GLY JA 94 -39.14 24.63 -11.48
CA GLY JA 94 -39.46 23.62 -10.48
C GLY JA 94 -38.21 22.92 -9.98
N TRP JA 95 -38.37 21.64 -9.64
CA TRP JA 95 -37.26 20.82 -9.17
C TRP JA 95 -37.27 19.49 -9.89
N ILE JA 96 -36.09 18.90 -10.03
CA ILE JA 96 -35.93 17.60 -10.66
C ILE JA 96 -35.15 16.69 -9.72
N TYR JA 97 -35.61 15.46 -9.56
CA TYR JA 97 -34.93 14.46 -8.75
C TYR JA 97 -34.32 13.39 -9.65
N ALA JA 98 -33.45 12.56 -9.08
CA ALA JA 98 -32.77 11.52 -9.82
C ALA JA 98 -33.15 10.15 -9.29
N ALA JA 99 -33.59 9.27 -10.17
CA ALA JA 99 -33.96 7.92 -9.78
C ALA JA 99 -32.71 7.07 -9.55
N ASP JA 100 -32.89 6.00 -8.79
CA ASP JA 100 -31.77 5.12 -8.47
C ASP JA 100 -31.31 4.34 -9.70
N ARG JA 101 -32.24 3.76 -10.45
CA ARG JA 101 -31.87 2.94 -11.60
C ARG JA 101 -32.58 3.38 -12.88
N ASP JA 102 -32.44 2.59 -13.94
CA ASP JA 102 -33.06 2.90 -15.22
C ASP JA 102 -34.54 2.55 -15.19
N THR JA 103 -35.38 3.47 -15.67
CA THR JA 103 -36.82 3.34 -15.52
C THR JA 103 -37.57 3.31 -16.85
N SER JA 104 -36.87 3.28 -17.99
CA SER JA 104 -37.56 3.33 -19.28
C SER JA 104 -38.43 2.09 -19.48
N GLN JA 105 -37.88 0.91 -19.20
CA GLN JA 105 -38.67 -0.31 -19.33
C GLN JA 105 -39.87 -0.30 -18.40
N PHE JA 106 -39.76 0.40 -17.25
CA PHE JA 106 -40.92 0.57 -16.39
C PHE JA 106 -41.90 1.57 -16.96
N LEU JA 107 -41.40 2.66 -17.54
CA LEU JA 107 -42.28 3.69 -18.10
C LEU JA 107 -43.00 3.21 -19.35
N GLU JA 108 -42.56 2.12 -19.97
CA GLU JA 108 -43.33 1.61 -21.10
C GLU JA 108 -44.61 0.91 -20.65
N SER JA 109 -44.55 0.16 -19.56
CA SER JA 109 -45.66 -0.70 -19.16
C SER JA 109 -46.24 -0.40 -17.79
N LEU JA 110 -45.56 0.38 -16.96
CA LEU JA 110 -46.03 0.73 -15.62
C LEU JA 110 -46.29 -0.51 -14.77
N SER JA 111 -45.41 -1.51 -14.88
CA SER JA 111 -45.48 -2.73 -14.11
C SER JA 111 -44.06 -3.15 -13.71
N MET JA 112 -43.95 -4.29 -13.04
CA MET JA 112 -42.64 -4.76 -12.61
C MET JA 112 -41.74 -5.06 -13.80
N SER JA 113 -40.49 -4.58 -13.72
CA SER JA 113 -39.57 -4.73 -14.84
C SER JA 113 -38.14 -4.60 -14.34
N LYS JA 114 -37.22 -5.12 -15.15
CA LYS JA 114 -35.79 -5.00 -14.88
C LYS JA 114 -35.33 -3.56 -15.10
N PRO JA 115 -34.19 -3.19 -14.50
CA PRO JA 115 -33.48 -2.01 -14.99
C PRO JA 115 -32.99 -2.25 -16.39
N ASN JA 116 -33.06 -1.21 -17.22
CA ASN JA 116 -32.62 -1.36 -18.60
C ASN JA 116 -31.09 -1.45 -18.70
N THR JA 117 -30.39 -0.57 -17.99
CA THR JA 117 -28.94 -0.50 -18.06
C THR JA 117 -28.38 -0.36 -16.65
N GLY JA 118 -27.06 -0.28 -16.55
CA GLY JA 118 -26.37 -0.17 -15.29
C GLY JA 118 -26.15 1.24 -14.79
N ARG JA 119 -26.68 2.26 -15.47
CA ARG JA 119 -26.48 3.63 -15.04
C ARG JA 119 -27.30 3.92 -13.78
N ILE JA 120 -26.65 4.54 -12.79
CA ILE JA 120 -27.26 4.76 -11.48
C ILE JA 120 -27.06 6.21 -11.06
N HIS JA 121 -28.06 6.74 -10.37
CA HIS JA 121 -27.99 8.05 -9.69
C HIS JA 121 -27.59 9.15 -10.66
N LYS JA 122 -28.31 9.25 -11.76
CA LYS JA 122 -28.08 10.29 -12.75
C LYS JA 122 -29.40 10.96 -13.10
N PHE JA 123 -29.30 12.14 -13.70
CA PHE JA 123 -30.48 12.92 -14.04
C PHE JA 123 -31.11 12.50 -15.36
N GLU JA 124 -30.56 11.50 -16.04
CA GLU JA 124 -31.11 11.08 -17.32
C GLU JA 124 -32.54 10.56 -17.16
N HIS JA 125 -32.81 9.83 -16.09
CA HIS JA 125 -34.13 9.28 -15.81
C HIS JA 125 -34.55 9.74 -14.42
N GLY JA 126 -35.33 10.82 -14.35
CA GLY JA 126 -35.66 11.44 -13.09
C GLY JA 126 -37.16 11.63 -12.91
N LEU JA 127 -37.51 12.79 -12.35
CA LEU JA 127 -38.88 13.12 -11.98
C LEU JA 127 -38.95 14.62 -11.71
N PHE JA 128 -39.91 15.29 -12.32
CA PHE JA 128 -40.01 16.75 -12.26
C PHE JA 128 -41.18 17.15 -11.38
N ILE JA 129 -40.96 18.13 -10.50
CA ILE JA 129 -41.97 18.64 -9.59
C ILE JA 129 -42.18 20.12 -9.90
N PRO JA 130 -43.37 20.54 -10.31
CA PRO JA 130 -43.59 21.96 -10.60
C PRO JA 130 -43.55 22.81 -9.35
N ASP JA 131 -43.21 24.08 -9.52
CA ASP JA 131 -43.23 25.04 -8.43
C ASP JA 131 -43.27 26.44 -8.99
N VAL JA 132 -43.71 27.37 -8.16
CA VAL JA 132 -43.75 28.79 -8.53
C VAL JA 132 -42.86 29.66 -7.65
N PHE JA 133 -42.38 29.13 -6.52
CA PHE JA 133 -41.52 29.87 -5.59
C PHE JA 133 -42.32 31.06 -5.07
N ARG JA 134 -41.81 32.29 -5.16
CA ARG JA 134 -42.41 33.44 -4.49
C ARG JA 134 -43.16 34.35 -5.45
N ARG JA 135 -43.50 33.87 -6.66
CA ARG JA 135 -44.12 34.72 -7.66
C ARG JA 135 -45.64 34.56 -7.61
N TYR JA 136 -46.25 35.31 -6.69
CA TYR JA 136 -47.71 35.36 -6.59
C TYR JA 136 -48.11 36.58 -5.77
N THR JA 137 -49.41 36.87 -5.80
CA THR JA 137 -50.01 37.89 -4.96
C THR JA 137 -51.04 37.23 -4.04
N ILE JA 138 -50.97 37.55 -2.76
CA ILE JA 138 -51.88 37.00 -1.75
C ILE JA 138 -52.76 38.13 -1.23
N ASN JA 139 -54.07 37.95 -1.31
CA ASN JA 139 -54.99 39.00 -0.94
C ASN JA 139 -55.02 39.17 0.57
N SER JA 140 -55.40 40.38 1.00
CA SER JA 140 -55.32 40.75 2.41
C SER JA 140 -56.33 40.00 3.27
N GLU JA 141 -57.44 39.55 2.67
CA GLU JA 141 -58.48 38.91 3.46
C GLU JA 141 -58.10 37.50 3.88
N ASP JA 142 -57.47 36.73 2.99
CA ASP JA 142 -57.16 35.33 3.25
C ASP JA 142 -55.73 35.14 3.71
N SER JA 143 -55.21 36.08 4.50
CA SER JA 143 -53.87 35.97 5.05
C SER JA 143 -53.72 34.80 6.01
N ALA JA 144 -54.81 34.19 6.45
CA ALA JA 144 -54.76 33.05 7.35
C ALA JA 144 -55.65 31.90 6.88
N ALA JA 145 -55.99 31.86 5.59
CA ALA JA 145 -56.87 30.84 5.06
C ALA JA 145 -56.26 30.23 3.81
N MET JA 146 -56.47 28.91 3.65
CA MET JA 146 -55.94 28.21 2.50
C MET JA 146 -56.54 28.75 1.22
N VAL JA 147 -55.69 28.93 0.20
CA VAL JA 147 -56.11 29.50 -1.07
C VAL JA 147 -55.72 28.57 -2.20
N ILE JA 148 -56.57 28.51 -3.21
CA ILE JA 148 -56.27 27.87 -4.49
C ILE JA 148 -56.63 28.92 -5.54
N GLN JA 149 -55.62 29.55 -6.12
CA GLN JA 149 -55.84 30.77 -6.90
C GLN JA 149 -54.96 30.75 -8.14
N SER JA 150 -54.84 31.90 -8.77
CA SER JA 150 -53.91 32.14 -9.86
C SER JA 150 -52.65 32.83 -9.31
N THR JA 151 -51.78 33.27 -10.20
CA THR JA 151 -50.65 34.07 -9.75
C THR JA 151 -51.11 35.41 -9.17
N SER JA 152 -52.06 36.06 -9.83
CA SER JA 152 -52.49 37.40 -9.46
C SER JA 152 -53.64 37.42 -8.48
N GLY JA 153 -54.20 36.28 -8.12
CA GLY JA 153 -55.32 36.27 -7.20
C GLY JA 153 -56.64 36.68 -7.81
N ALA JA 154 -56.74 36.69 -9.14
CA ALA JA 154 -57.99 37.07 -9.79
C ALA JA 154 -59.11 36.09 -9.46
N THR JA 155 -58.82 34.81 -9.50
CA THR JA 155 -59.79 33.76 -9.18
C THR JA 155 -59.28 33.00 -7.95
N ARG JA 156 -60.15 32.82 -6.96
CA ARG JA 156 -59.73 32.21 -5.71
C ARG JA 156 -60.77 31.21 -5.22
N ILE JA 157 -60.30 30.24 -4.45
CA ILE JA 157 -61.15 29.35 -3.65
C ILE JA 157 -60.56 29.38 -2.24
N SER JA 158 -61.06 30.29 -1.40
CA SER JA 158 -60.47 30.53 -0.10
C SER JA 158 -61.23 29.71 0.94
N ILE JA 159 -60.58 28.65 1.44
CA ILE JA 159 -61.16 27.77 2.44
C ILE JA 159 -60.68 28.25 3.80
N ARG JA 160 -61.54 28.97 4.51
CA ARG JA 160 -61.18 29.47 5.82
C ARG JA 160 -61.52 28.43 6.89
N GLY JA 161 -61.31 28.79 8.15
CA GLY JA 161 -61.48 27.83 9.23
C GLY JA 161 -62.91 27.33 9.35
N ASP JA 162 -63.88 28.21 9.10
CA ASP JA 162 -65.28 27.87 9.27
C ASP JA 162 -66.18 28.37 8.15
N ASN JA 163 -65.65 28.98 7.10
CA ASN JA 163 -66.45 29.47 6.00
C ASN JA 163 -65.65 29.36 4.71
N ILE JA 164 -66.35 29.42 3.60
CA ILE JA 164 -65.76 29.31 2.26
C ILE JA 164 -66.14 30.53 1.45
N LYS JA 165 -65.20 31.01 0.64
CA LYS JA 165 -65.44 32.13 -0.25
C LYS JA 165 -64.94 31.78 -1.64
N ILE JA 166 -65.77 31.99 -2.65
CA ILE JA 166 -65.43 31.70 -4.04
C ILE JA 166 -65.46 33.01 -4.79
N THR JA 167 -64.34 33.36 -5.44
CA THR JA 167 -64.17 34.62 -6.12
C THR JA 167 -63.96 34.38 -7.60
N ALA JA 168 -64.70 35.09 -8.43
CA ALA JA 168 -64.50 35.05 -9.88
C ALA JA 168 -65.00 36.36 -10.47
N PRO JA 169 -64.09 37.26 -10.89
CA PRO JA 169 -64.55 38.58 -11.36
C PRO JA 169 -65.44 38.52 -12.59
N SER JA 170 -65.21 37.58 -13.50
CA SER JA 170 -65.98 37.54 -14.74
C SER JA 170 -67.33 36.86 -14.54
N ASN JA 171 -67.31 35.55 -14.23
CA ASN JA 171 -68.53 34.77 -14.10
C ASN JA 171 -68.18 33.40 -13.56
N VAL JA 172 -69.20 32.67 -13.11
CA VAL JA 172 -69.06 31.32 -12.61
C VAL JA 172 -70.20 30.48 -13.18
N THR JA 173 -70.04 29.16 -13.13
CA THR JA 173 -71.02 28.26 -13.70
C THR JA 173 -71.12 27.01 -12.83
N VAL JA 174 -72.30 26.38 -12.86
CA VAL JA 174 -72.53 25.09 -12.22
C VAL JA 174 -73.18 24.20 -13.25
N ASP JA 175 -72.41 23.26 -13.79
CA ASP JA 175 -72.87 22.35 -14.83
C ASP JA 175 -73.65 21.16 -14.29
N THR JA 176 -74.14 21.25 -13.08
CA THR JA 176 -74.83 20.12 -12.46
C THR JA 176 -76.31 20.17 -12.81
N PRO JA 177 -76.90 19.07 -13.27
CA PRO JA 177 -78.34 19.04 -13.54
C PRO JA 177 -79.21 18.85 -12.31
N GLN JA 178 -78.66 18.93 -11.09
CA GLN JA 178 -79.47 18.87 -9.88
C GLN JA 178 -78.69 19.49 -8.74
N ALA JA 179 -79.07 20.69 -8.33
CA ALA JA 179 -78.46 21.37 -7.20
C ALA JA 179 -79.28 21.14 -5.94
N ASN JA 180 -78.68 21.48 -4.79
CA ASN JA 180 -79.34 21.31 -3.52
C ASN JA 180 -78.85 22.39 -2.55
N PHE JA 181 -79.69 22.72 -1.58
CA PHE JA 181 -79.35 23.63 -0.51
C PHE JA 181 -80.04 23.17 0.76
N THR JA 182 -79.49 23.56 1.91
CA THR JA 182 -80.04 23.17 3.22
C THR JA 182 -80.06 24.35 4.17
N GLY JA 183 -80.51 25.51 3.69
CA GLY JA 183 -80.58 26.65 4.59
C GLY JA 183 -81.03 27.89 3.85
N ASN JA 184 -81.01 29.00 4.58
CA ASN JA 184 -81.43 30.28 4.02
C ASN JA 184 -80.47 30.74 2.94
N VAL JA 185 -81.03 31.32 1.88
CA VAL JA 185 -80.26 31.75 0.72
C VAL JA 185 -80.49 33.24 0.51
N THR JA 186 -79.52 33.90 -0.12
CA THR JA 186 -79.56 35.35 -0.30
C THR JA 186 -78.99 35.71 -1.65
N ILE JA 187 -79.71 36.57 -2.38
CA ILE JA 187 -79.23 37.15 -3.62
C ILE JA 187 -79.20 38.67 -3.45
N ALA JA 188 -78.37 39.33 -4.26
CA ALA JA 188 -78.20 40.77 -4.14
C ALA JA 188 -78.62 41.53 -5.38
N ASN JA 189 -79.11 40.87 -6.42
CA ASN JA 189 -79.51 41.56 -7.64
C ASN JA 189 -80.64 40.76 -8.30
N THR JA 190 -80.90 41.05 -9.56
CA THR JA 190 -82.05 40.47 -10.25
C THR JA 190 -81.86 38.97 -10.47
N LEU JA 191 -82.99 38.29 -10.66
CA LEU JA 191 -83.02 36.85 -10.89
C LEU JA 191 -83.58 36.55 -12.27
N VAL JA 192 -83.10 35.46 -12.85
CA VAL JA 192 -83.62 34.94 -14.11
C VAL JA 192 -83.81 33.45 -13.92
N VAL JA 193 -85.04 32.97 -14.10
CA VAL JA 193 -85.35 31.55 -13.96
C VAL JA 193 -86.14 31.11 -15.19
N ASN JA 194 -85.79 29.93 -15.70
CA ASN JA 194 -86.51 29.30 -16.82
C ASN JA 194 -86.70 30.26 -17.99
N GLY JA 195 -85.75 31.16 -18.19
CA GLY JA 195 -85.81 32.10 -19.29
C GLY JA 195 -86.60 33.36 -19.04
N ILE JA 196 -87.20 33.52 -17.86
CA ILE JA 196 -87.98 34.70 -17.53
C ILE JA 196 -87.44 35.29 -16.22
N ASN JA 197 -88.08 36.36 -15.77
CA ASN JA 197 -87.61 37.15 -14.65
C ASN JA 197 -88.47 36.92 -13.41
N VAL JA 198 -87.87 37.19 -12.24
CA VAL JA 198 -88.56 37.08 -10.97
C VAL JA 198 -88.71 38.43 -10.27
N ASN JA 199 -87.81 39.38 -10.51
CA ASN JA 199 -87.89 40.69 -9.87
C ASN JA 199 -89.02 41.54 -10.42
N ASN JA 200 -89.69 41.10 -11.49
CA ASN JA 200 -90.92 41.74 -11.95
C ASN JA 200 -91.79 40.64 -12.55
N HIS JA 201 -92.70 40.10 -11.74
CA HIS JA 201 -93.62 39.08 -12.20
C HIS JA 201 -95.00 39.34 -11.63
N GLY JA 202 -96.00 39.38 -12.50
CA GLY JA 202 -97.37 39.59 -12.09
C GLY JA 202 -98.31 38.62 -12.77
N HIS JA 203 -99.08 37.88 -11.98
CA HIS JA 203 -99.88 36.78 -12.49
C HIS JA 203 -101.27 37.27 -12.87
N LEU JA 204 -101.75 36.82 -14.03
CA LEU JA 204 -103.11 37.15 -14.43
C LEU JA 204 -104.13 36.49 -13.52
N GLU JA 205 -105.27 37.14 -13.35
CA GLU JA 205 -106.31 36.70 -12.43
C GLU JA 205 -107.64 36.52 -13.17
N ASN JA 206 -108.71 36.30 -12.41
CA ASN JA 206 -110.03 36.08 -12.97
C ASN JA 206 -110.80 37.39 -13.17
N ASN JA 207 -110.75 38.30 -12.20
CA ASN JA 207 -111.36 39.61 -12.35
C ASN JA 207 -110.32 40.70 -12.10
N PRO JA 208 -110.04 41.58 -13.07
CA PRO JA 208 -110.63 41.59 -14.40
C PRO JA 208 -110.12 40.42 -15.24
N PRO JA 209 -110.86 40.03 -16.27
CA PRO JA 209 -110.47 38.86 -17.07
C PRO JA 209 -109.06 38.98 -17.66
N ASP JA 210 -108.15 38.13 -17.18
CA ASP JA 210 -106.82 37.97 -17.74
C ASP JA 210 -106.01 39.26 -17.74
N ALA JA 211 -106.40 40.24 -16.93
CA ALA JA 211 -105.64 41.48 -16.85
C ALA JA 211 -104.31 41.26 -16.14
N ARG JA 212 -103.34 42.09 -16.47
CA ARG JA 212 -102.02 41.98 -15.86
C ARG JA 212 -102.06 42.47 -14.43
N THR JA 213 -101.48 41.70 -13.52
CA THR JA 213 -101.36 42.14 -12.14
C THR JA 213 -100.49 43.38 -12.07
N LYS JA 214 -101.07 44.47 -11.58
CA LYS JA 214 -100.40 45.77 -11.61
C LYS JA 214 -99.11 45.72 -10.80
N GLY JA 215 -98.05 46.27 -11.38
CA GLY JA 215 -96.77 46.29 -10.71
C GLY JA 215 -95.98 45.02 -10.91
N GLY JA 216 -94.90 44.92 -10.15
CA GLY JA 216 -94.00 43.79 -10.23
C GLY JA 216 -93.83 43.00 -8.95
N MET JA 217 -92.69 43.16 -8.31
CA MET JA 217 -92.29 42.36 -7.15
C MET JA 217 -92.36 43.25 -5.91
N ILE JA 218 -93.47 43.17 -5.19
CA ILE JA 218 -93.70 43.92 -3.95
C ILE JA 218 -93.66 42.93 -2.78
N ALA JA 219 -93.00 43.34 -1.70
CA ALA JA 219 -92.86 42.52 -0.51
C ALA JA 219 -94.20 42.04 0.01
N MET KA 1 53.34 -41.05 29.08
CA MET KA 1 52.79 -41.42 27.77
C MET KA 1 52.18 -42.80 27.82
N ASN KA 2 52.07 -43.36 29.03
CA ASN KA 2 51.48 -44.69 29.19
C ASN KA 2 50.00 -44.69 28.84
N SER KA 3 49.31 -43.62 29.18
CA SER KA 3 47.85 -43.53 29.06
C SER KA 3 47.20 -44.68 29.83
N PHE KA 4 45.89 -44.85 29.65
CA PHE KA 4 45.06 -45.83 30.37
C PHE KA 4 45.29 -45.72 31.87
N LEU KA 5 45.90 -44.63 32.31
CA LEU KA 5 46.10 -44.28 33.70
C LEU KA 5 45.29 -43.05 34.05
N LYS KA 6 44.14 -42.88 33.40
CA LYS KA 6 43.44 -41.61 33.41
C LYS KA 6 43.12 -41.17 34.82
N SER KA 7 43.44 -39.90 35.12
CA SER KA 7 43.18 -39.36 36.44
C SER KA 7 41.69 -39.29 36.69
N ILE KA 8 41.32 -39.44 37.97
CA ILE KA 8 39.93 -39.28 38.33
C ILE KA 8 39.55 -37.80 38.28
N LEU KA 9 38.23 -37.57 38.25
CA LEU KA 9 37.60 -36.25 38.23
C LEU KA 9 37.74 -35.55 36.88
N ASN KA 10 38.60 -36.08 35.99
CA ASN KA 10 38.80 -35.44 34.70
C ASN KA 10 39.02 -36.45 33.59
N THR KA 11 38.44 -37.65 33.70
CA THR KA 11 38.70 -38.73 32.75
C THR KA 11 38.40 -38.31 31.33
N PRO KA 12 39.42 -38.13 30.48
CA PRO KA 12 39.18 -37.67 29.10
C PRO KA 12 38.65 -38.78 28.20
N THR KA 13 37.39 -39.13 28.40
CA THR KA 13 36.68 -40.06 27.53
C THR KA 13 35.36 -39.43 27.12
N LEU KA 14 35.08 -39.43 25.82
CA LEU KA 14 33.85 -38.87 25.29
C LEU KA 14 32.77 -39.95 25.33
N THR KA 15 31.67 -39.66 26.04
CA THR KA 15 30.56 -40.60 26.15
C THR KA 15 29.30 -39.92 25.62
N ILE KA 16 28.69 -40.53 24.60
CA ILE KA 16 27.42 -40.07 24.05
C ILE KA 16 26.35 -41.04 24.49
N ARG KA 17 25.24 -40.51 25.01
CA ARG KA 17 24.19 -41.32 25.60
C ARG KA 17 22.85 -40.95 24.96
N ASP KA 18 22.13 -41.96 24.48
CA ASP KA 18 20.79 -41.72 23.93
C ASP KA 18 19.87 -41.20 25.02
N ASP KA 19 19.04 -40.23 24.66
CA ASP KA 19 18.31 -39.47 25.68
C ASP KA 19 17.14 -40.24 26.27
N VAL KA 20 16.49 -41.09 25.48
CA VAL KA 20 15.40 -41.90 26.03
C VAL KA 20 15.89 -43.26 26.49
N THR KA 21 16.86 -43.84 25.79
CA THR KA 21 17.36 -45.16 26.15
C THR KA 21 18.31 -45.11 27.33
N LYS KA 22 19.15 -44.07 27.40
CA LYS KA 22 20.15 -43.91 28.46
C LYS KA 22 21.17 -45.05 28.49
N LEU KA 23 21.63 -45.47 27.30
CA LEU KA 23 22.77 -46.36 27.18
C LEU KA 23 23.75 -45.78 26.16
N PRO KA 24 25.05 -45.96 26.36
CA PRO KA 24 26.03 -45.32 25.48
C PRO KA 24 25.99 -45.86 24.06
N VAL KA 25 26.30 -44.99 23.10
CA VAL KA 25 26.27 -45.31 21.69
C VAL KA 25 27.57 -44.85 21.04
N TRP KA 26 27.85 -45.42 19.86
CA TRP KA 26 28.99 -45.04 19.03
C TRP KA 26 30.30 -45.08 19.82
N LYS KA 27 30.45 -46.13 20.63
CA LYS KA 27 31.67 -46.27 21.42
C LYS KA 27 32.85 -46.77 20.60
N SER KA 28 32.71 -46.85 19.28
CA SER KA 28 33.79 -47.26 18.40
C SER KA 28 34.60 -46.09 17.87
N LEU KA 29 34.27 -44.86 18.27
CA LEU KA 29 34.92 -43.68 17.72
C LEU KA 29 36.24 -43.39 18.43
N GLN KA 30 37.12 -42.71 17.71
CA GLN KA 30 38.40 -42.24 18.26
C GLN KA 30 38.49 -40.74 18.03
N VAL KA 31 38.09 -39.98 19.02
CA VAL KA 31 37.92 -38.54 18.89
C VAL KA 31 39.24 -37.82 19.14
N LYS KA 32 39.44 -36.73 18.39
CA LYS KA 32 40.69 -35.99 18.43
C LYS KA 32 40.54 -34.55 18.91
N LYS KA 33 39.32 -34.03 19.02
CA LYS KA 33 39.13 -32.64 19.37
C LYS KA 33 37.71 -32.45 19.86
N VAL KA 34 37.51 -31.45 20.72
CA VAL KA 34 36.21 -31.05 21.21
C VAL KA 34 36.22 -29.54 21.39
N GLU KA 35 35.12 -28.89 21.01
CA GLU KA 35 34.98 -27.46 21.18
C GLU KA 35 33.62 -27.15 21.75
N ILE KA 36 33.57 -26.16 22.66
CA ILE KA 36 32.34 -25.72 23.29
C ILE KA 36 32.23 -24.22 23.10
N TYR KA 37 31.07 -23.76 22.64
CA TYR KA 37 30.80 -22.34 22.45
C TYR KA 37 29.50 -22.00 23.15
N SER KA 38 29.53 -20.95 23.98
CA SER KA 38 28.39 -20.56 24.80
C SER KA 38 28.16 -19.07 24.69
N PRO KA 39 27.47 -18.63 23.63
CA PRO KA 39 27.31 -17.19 23.40
C PRO KA 39 26.15 -16.60 24.20
N ALA KA 40 26.02 -15.28 24.09
CA ALA KA 40 24.92 -14.53 24.69
C ALA KA 40 24.82 -13.19 23.98
N SER KA 41 23.70 -12.51 24.19
CA SER KA 41 23.44 -11.22 23.55
C SER KA 41 23.34 -10.14 24.63
N VAL KA 42 24.07 -9.04 24.41
CA VAL KA 42 24.11 -7.94 25.35
C VAL KA 42 23.59 -6.69 24.66
N VAL KA 43 22.72 -5.96 25.35
CA VAL KA 43 22.12 -4.75 24.79
C VAL KA 43 23.22 -3.76 24.40
N SER KA 44 22.94 -2.97 23.37
CA SER KA 44 23.89 -2.01 22.81
C SER KA 44 23.21 -0.67 22.58
N LYS KA 45 22.46 -0.19 23.58
CA LYS KA 45 21.77 1.08 23.47
C LYS KA 45 22.01 1.91 24.72
N PRO KA 46 21.97 3.24 24.58
CA PRO KA 46 22.45 4.11 25.67
C PRO KA 46 21.74 3.97 27.01
N LEU KA 47 20.44 3.67 27.04
CA LEU KA 47 19.72 3.36 28.27
C LEU KA 47 19.62 4.57 29.21
N ALA KA 48 18.57 4.63 30.05
CA ALA KA 48 18.28 5.83 30.83
C ALA KA 48 17.88 5.48 32.25
N THR KA 49 18.17 6.40 33.18
CA THR KA 49 17.90 6.20 34.60
C THR KA 49 17.50 7.53 35.24
N LYS KA 50 16.88 7.44 36.43
CA LYS KA 50 16.45 8.64 37.14
C LYS KA 50 17.63 9.37 37.78
N ASP KA 51 18.30 8.72 38.74
CA ASP KA 51 19.64 9.12 39.19
C ASP KA 51 19.63 10.37 40.07
N GLN KA 52 18.62 10.49 40.94
CA GLN KA 52 18.68 11.52 41.98
C GLN KA 52 18.12 11.03 43.30
N THR KA 53 18.10 9.72 43.54
CA THR KA 53 17.41 9.10 44.65
C THR KA 53 18.41 8.61 45.69
N GLU KA 54 17.89 7.91 46.70
CA GLU KA 54 18.75 7.28 47.68
C GLU KA 54 19.62 6.21 47.02
N ALA KA 55 20.79 5.98 47.60
CA ALA KA 55 21.79 5.13 46.95
C ALA KA 55 21.29 3.70 46.79
N GLN KA 56 20.75 3.11 47.88
CA GLN KA 56 20.35 1.71 47.81
C GLN KA 56 19.12 1.50 46.93
N VAL KA 57 18.25 2.50 46.84
CA VAL KA 57 17.11 2.40 45.93
C VAL KA 57 17.59 2.34 44.49
N TYR KA 58 18.54 3.20 44.12
CA TYR KA 58 19.09 3.16 42.77
C TYR KA 58 19.92 1.90 42.55
N THR KA 59 20.47 1.32 43.60
CA THR KA 59 21.17 0.05 43.47
C THR KA 59 20.21 -1.10 43.24
N GLU KA 60 19.01 -1.03 43.82
CA GLU KA 60 17.97 -2.00 43.48
C GLU KA 60 17.58 -1.88 42.01
N ALA KA 61 17.44 -0.65 41.52
CA ALA KA 61 17.41 -0.43 40.09
C ALA KA 61 18.81 -0.62 39.51
N LEU KA 62 18.91 -0.56 38.19
CA LEU KA 62 20.14 -0.86 37.45
C LEU KA 62 20.48 -2.34 37.61
N ASP KA 63 19.77 -3.02 38.48
CA ASP KA 63 19.55 -4.45 38.41
C ASP KA 63 18.23 -4.63 37.67
N ILE KA 64 17.78 -5.87 37.55
CA ILE KA 64 16.48 -6.14 36.93
C ILE KA 64 16.45 -5.59 35.50
N ASP KA 65 16.69 -4.28 35.35
CA ASP KA 65 16.80 -3.69 34.04
C ASP KA 65 17.99 -4.26 33.26
N VAL KA 66 19.13 -4.41 33.92
CA VAL KA 66 20.26 -5.08 33.28
C VAL KA 66 19.92 -6.52 32.98
N LYS KA 67 19.15 -7.16 33.86
CA LYS KA 67 18.67 -8.51 33.59
C LYS KA 67 17.85 -8.55 32.31
N ASN KA 68 17.02 -7.52 32.08
CA ASN KA 68 16.29 -7.38 30.82
C ASN KA 68 17.26 -6.79 29.80
N GLY KA 69 17.96 -7.67 29.10
CA GLY KA 69 19.03 -7.21 28.23
C GLY KA 69 20.21 -8.14 28.17
N LYS KA 70 20.13 -9.26 28.89
CA LYS KA 70 21.09 -10.33 28.78
C LYS KA 70 20.31 -11.64 28.70
N ILE KA 71 20.29 -12.24 27.51
CA ILE KA 71 19.52 -13.46 27.27
C ILE KA 71 20.43 -14.46 26.57
N ILE KA 72 20.43 -15.71 27.05
CA ILE KA 72 21.38 -16.73 26.63
C ILE KA 72 20.88 -17.42 25.38
N GLN KA 73 21.80 -17.72 24.47
CA GLN KA 73 21.61 -18.45 23.23
C GLN KA 73 22.15 -19.87 23.38
N PRO KA 74 21.73 -20.80 22.52
CA PRO KA 74 22.06 -22.21 22.75
C PRO KA 74 23.55 -22.51 22.64
N VAL KA 75 23.96 -23.59 23.32
CA VAL KA 75 25.34 -24.03 23.29
C VAL KA 75 25.65 -24.70 21.96
N ARG KA 76 26.91 -24.62 21.54
CA ARG KA 76 27.38 -25.27 20.32
C ARG KA 76 28.58 -26.14 20.64
N LEU KA 77 28.56 -27.38 20.15
CA LEU KA 77 29.60 -28.34 20.42
C LEU KA 77 30.11 -28.94 19.12
N ARG KA 78 31.42 -28.95 18.95
CA ARG KA 78 32.07 -29.45 17.75
C ARG KA 78 33.12 -30.49 18.13
N ILE KA 79 33.21 -31.57 17.36
CA ILE KA 79 34.19 -32.61 17.60
C ILE KA 79 34.82 -33.04 16.28
N ASN KA 80 35.89 -33.82 16.39
CA ASN KA 80 36.58 -34.38 15.24
C ASN KA 80 37.03 -35.78 15.61
N ALA KA 81 36.71 -36.76 14.77
CA ALA KA 81 36.93 -38.16 15.12
C ALA KA 81 37.22 -38.97 13.87
N ILE KA 82 37.71 -40.19 14.08
CA ILE KA 82 37.99 -41.13 13.01
C ILE KA 82 37.15 -42.38 13.26
N CYS KA 83 36.37 -42.78 12.25
CA CYS KA 83 35.47 -43.92 12.41
C CYS KA 83 36.09 -45.15 11.78
N PRO KA 84 36.35 -46.21 12.56
CA PRO KA 84 37.03 -47.38 12.01
C PRO KA 84 36.14 -48.36 11.26
N ASP KA 85 34.89 -48.53 11.70
CA ASP KA 85 34.01 -49.56 11.16
C ASP KA 85 32.89 -48.94 10.34
N LEU KA 86 31.94 -49.78 9.95
CA LEU KA 86 30.80 -49.35 9.15
C LEU KA 86 29.54 -49.15 9.97
N SER KA 87 29.28 -50.02 10.96
CA SER KA 87 28.02 -49.97 11.70
C SER KA 87 27.82 -48.61 12.37
N THR KA 88 28.89 -48.03 12.91
CA THR KA 88 28.79 -46.72 13.51
C THR KA 88 28.40 -45.66 12.47
N VAL KA 89 28.90 -45.82 11.24
CA VAL KA 89 28.63 -44.82 10.21
C VAL KA 89 27.15 -44.77 9.88
N GLU KA 90 26.53 -45.93 9.59
CA GLU KA 90 25.10 -45.86 9.27
C GLU KA 90 24.27 -45.61 10.51
N SER KA 91 24.76 -45.96 11.71
CA SER KA 91 24.02 -45.58 12.90
C SER KA 91 23.93 -44.06 13.02
N ILE KA 92 25.04 -43.36 12.80
CA ILE KA 92 25.02 -41.90 12.84
C ILE KA 92 24.16 -41.34 11.72
N MET KA 93 24.26 -41.93 10.51
CA MET KA 93 23.46 -41.45 9.40
C MET KA 93 21.97 -41.61 9.67
N ASN KA 94 21.56 -42.73 10.28
CA ASN KA 94 20.17 -42.92 10.64
C ASN KA 94 19.73 -41.93 11.70
N ALA KA 95 20.58 -41.69 12.71
CA ALA KA 95 20.24 -40.69 13.71
C ALA KA 95 20.13 -39.30 13.11
N PHE KA 96 20.82 -39.05 11.99
CA PHE KA 96 20.75 -37.73 11.36
C PHE KA 96 19.42 -37.51 10.64
N ASN KA 97 18.91 -38.53 9.96
CA ASN KA 97 17.68 -38.39 9.19
C ASN KA 97 16.44 -38.37 10.05
N ASP KA 98 16.57 -38.37 11.37
CA ASP KA 98 15.44 -38.41 12.28
C ASP KA 98 15.23 -37.03 12.89
N ASN KA 99 14.00 -36.52 12.82
CA ASN KA 99 13.68 -35.24 13.42
C ASN KA 99 13.62 -35.29 14.93
N THR KA 100 13.64 -36.50 15.52
CA THR KA 100 13.30 -36.66 16.92
C THR KA 100 14.43 -37.39 17.65
N SER KA 101 15.66 -36.95 17.44
CA SER KA 101 16.83 -37.57 18.02
C SER KA 101 17.54 -36.58 18.92
N THR KA 102 17.84 -36.99 20.15
CA THR KA 102 18.55 -36.16 21.11
C THR KA 102 19.58 -37.00 21.85
N PHE KA 103 20.68 -36.37 22.21
CA PHE KA 103 21.77 -37.06 22.91
C PHE KA 103 22.35 -36.16 23.98
N ALA KA 104 22.99 -36.78 24.97
CA ALA KA 104 23.73 -36.09 26.01
C ALA KA 104 25.22 -36.41 25.86
N ILE KA 105 26.03 -35.38 25.69
CA ILE KA 105 27.46 -35.53 25.44
C ILE KA 105 28.22 -35.16 26.71
N THR KA 106 29.21 -35.98 27.06
CA THR KA 106 30.04 -35.73 28.24
C THR KA 106 31.49 -35.61 27.80
N SER KA 107 32.08 -34.46 28.06
CA SER KA 107 33.49 -34.20 27.81
C SER KA 107 34.28 -34.56 29.08
N LYS KA 108 35.51 -34.08 29.18
CA LYS KA 108 36.33 -34.34 30.36
C LYS KA 108 35.57 -34.01 31.64
N SER KA 109 34.95 -32.84 31.70
CA SER KA 109 34.20 -32.48 32.90
C SER KA 109 32.91 -31.72 32.61
N ILE KA 110 32.52 -31.54 31.35
CA ILE KA 110 31.42 -30.66 30.97
C ILE KA 110 30.25 -31.51 30.52
N LEU KA 111 29.07 -31.25 31.09
CA LEU KA 111 27.85 -31.97 30.74
C LEU KA 111 26.97 -31.08 29.89
N ALA KA 112 26.47 -31.62 28.78
CA ALA KA 112 25.59 -30.90 27.87
C ALA KA 112 24.48 -31.85 27.46
N ASP KA 113 23.30 -31.65 28.05
CA ASP KA 113 22.16 -32.54 27.83
C ASP KA 113 21.20 -31.94 26.81
N LYS KA 114 20.41 -32.82 26.19
CA LYS KA 114 19.43 -32.45 25.17
C LYS KA 114 20.09 -31.76 23.99
N MET KA 115 20.96 -32.50 23.31
CA MET KA 115 21.65 -32.01 22.12
C MET KA 115 21.05 -32.65 20.87
N ALA KA 116 21.45 -32.12 19.71
CA ALA KA 116 20.91 -32.59 18.44
C ALA KA 116 21.92 -32.32 17.34
N ILE KA 117 22.04 -33.26 16.39
CA ILE KA 117 23.01 -33.13 15.32
C ILE KA 117 22.52 -32.09 14.31
N MET KA 118 23.41 -31.20 13.90
CA MET KA 118 23.11 -30.21 12.87
C MET KA 118 23.92 -30.39 11.60
N THR KA 119 25.22 -30.68 11.72
CA THR KA 119 26.10 -30.81 10.58
C THR KA 119 26.87 -32.12 10.71
N LEU KA 120 27.18 -32.74 9.57
CA LEU KA 120 27.95 -33.97 9.56
C LEU KA 120 28.77 -34.03 8.28
N ASP KA 121 30.05 -34.36 8.39
CA ASP KA 121 30.94 -34.47 7.24
C ASP KA 121 31.63 -35.83 7.27
N VAL KA 122 31.96 -36.33 6.08
CA VAL KA 122 32.72 -37.56 5.93
C VAL KA 122 33.75 -37.33 4.82
N ASP KA 123 34.99 -37.74 5.05
CA ASP KA 123 36.05 -37.58 4.08
C ASP KA 123 36.82 -38.88 3.92
N GLN KA 124 37.13 -39.23 2.67
CA GLN KA 124 37.89 -40.43 2.35
C GLN KA 124 39.03 -40.05 1.41
N SER KA 125 40.23 -40.53 1.75
CA SER KA 125 41.46 -39.99 1.16
C SER KA 125 42.51 -41.09 1.20
N PRO KA 126 43.65 -40.90 0.53
CA PRO KA 126 44.70 -41.94 0.61
C PRO KA 126 45.48 -41.87 1.90
N ASP KA 127 45.24 -40.87 2.74
CA ASP KA 127 45.85 -40.84 4.06
C ASP KA 127 45.36 -41.98 4.93
N MET KA 128 44.05 -42.25 4.90
CA MET KA 128 43.47 -43.38 5.61
C MET KA 128 42.85 -44.31 4.57
N LEU KA 129 43.42 -45.50 4.42
CA LEU KA 129 42.90 -46.47 3.46
C LEU KA 129 41.89 -47.44 4.06
N ASN KA 130 41.70 -47.43 5.39
CA ASN KA 130 40.73 -48.32 6.00
C ASN KA 130 39.97 -47.61 7.12
N ALA KA 131 39.73 -46.32 6.98
CA ALA KA 131 38.96 -45.55 7.94
C ALA KA 131 38.49 -44.27 7.26
N ALA KA 132 37.67 -43.49 7.97
CA ALA KA 132 37.15 -42.26 7.43
C ALA KA 132 37.11 -41.18 8.50
N GLU KA 133 37.31 -39.93 8.08
CA GLU KA 133 37.31 -38.79 8.97
C GLU KA 133 35.91 -38.19 9.05
N ILE KA 134 35.50 -37.82 10.26
CA ILE KA 134 34.14 -37.34 10.54
C ILE KA 134 34.22 -35.97 11.19
N ASN KA 135 33.22 -35.12 10.92
CA ASN KA 135 33.12 -33.79 11.54
C ASN KA 135 31.68 -33.57 11.97
N MET KA 136 31.33 -33.98 13.18
CA MET KA 136 29.97 -33.82 13.67
C MET KA 136 29.82 -32.52 14.44
N GLU KA 137 28.59 -32.02 14.50
CA GLU KA 137 28.27 -30.80 15.24
C GLU KA 137 26.93 -30.95 15.91
N PHE KA 138 26.84 -30.47 17.15
CA PHE KA 138 25.64 -30.58 17.97
C PHE KA 138 25.20 -29.21 18.43
N GLU KA 139 23.97 -29.12 18.93
CA GLU KA 139 23.43 -27.89 19.47
C GLU KA 139 22.35 -28.22 20.49
N GLN KA 140 22.27 -27.41 21.55
CA GLN KA 140 21.38 -27.69 22.66
C GLN KA 140 19.94 -27.37 22.27
N VAL KA 141 19.04 -28.32 22.56
CA VAL KA 141 17.64 -28.15 22.19
C VAL KA 141 16.93 -27.24 23.17
N GLU KA 142 17.03 -27.53 24.46
CA GLU KA 142 16.37 -26.75 25.50
C GLU KA 142 17.29 -26.60 26.70
N PRO KA 143 17.15 -25.53 27.46
CA PRO KA 143 18.01 -25.31 28.63
C PRO KA 143 17.63 -26.24 29.77
N PRO KA 144 18.55 -26.49 30.70
CA PRO KA 144 18.24 -27.35 31.84
C PRO KA 144 17.52 -26.56 32.95
N VAL KA 145 17.07 -27.32 33.95
CA VAL KA 145 16.42 -26.76 35.13
C VAL KA 145 17.05 -27.37 36.37
N LEU KA 146 17.04 -26.61 37.47
CA LEU KA 146 17.59 -27.10 38.72
C LEU KA 146 16.65 -28.09 39.40
N ASN KA 147 15.35 -27.82 39.35
CA ASN KA 147 14.36 -28.66 40.02
C ASN KA 147 12.96 -28.30 39.53
N LYS KA 148 12.17 -27.66 40.39
CA LYS KA 148 10.95 -26.97 40.01
C LYS KA 148 9.88 -27.92 39.46
N PHE KA 149 8.71 -27.35 39.16
CA PHE KA 149 7.56 -28.10 38.65
C PHE KA 149 7.12 -29.17 39.64
N ASP KA 150 6.20 -30.05 39.22
CA ASP KA 150 5.68 -31.12 40.07
C ASP KA 150 5.74 -32.45 39.32
N PRO KA 151 6.95 -33.03 39.15
CA PRO KA 151 7.02 -34.41 38.63
C PRO KA 151 6.54 -35.43 39.65
N ALA KA 152 5.23 -35.59 39.78
CA ALA KA 152 4.70 -36.58 40.70
C ALA KA 152 4.85 -37.97 40.09
N PHE KA 153 5.37 -38.91 40.88
CA PHE KA 153 5.55 -40.27 40.38
C PHE KA 153 4.24 -40.99 40.08
N PRO KA 154 3.20 -40.98 40.94
CA PRO KA 154 1.97 -41.73 40.63
C PRO KA 154 1.06 -41.03 39.62
N GLN KA 155 -0.17 -41.53 39.52
CA GLN KA 155 -1.17 -40.99 38.60
C GLN KA 155 -1.38 -39.49 38.74
N ASP KA 156 -0.93 -38.87 39.83
CA ASP KA 156 -0.99 -37.43 39.93
C ASP KA 156 -0.25 -36.79 38.77
N SER KA 157 -0.81 -35.72 38.22
CA SER KA 157 -0.26 -35.08 37.04
C SER KA 157 -0.75 -33.64 36.98
N PRO KA 158 -0.05 -32.76 36.27
CA PRO KA 158 -0.60 -31.41 36.02
C PRO KA 158 -1.84 -31.42 35.16
N THR KA 159 -2.21 -32.57 34.60
CA THR KA 159 -3.48 -32.82 33.91
C THR KA 159 -3.89 -31.69 32.97
N TYR KA 160 -3.07 -31.48 31.95
CA TYR KA 160 -3.54 -30.72 30.81
C TYR KA 160 -4.64 -31.50 30.12
N GLY KA 161 -5.75 -30.83 29.85
CA GLY KA 161 -6.86 -31.45 29.15
C GLY KA 161 -7.34 -30.55 28.03
N VAL KA 162 -6.39 -29.83 27.43
CA VAL KA 162 -6.73 -28.83 26.43
C VAL KA 162 -7.10 -29.56 25.14
N GLN KA 163 -8.39 -29.82 24.96
CA GLN KA 163 -8.90 -30.51 23.79
C GLN KA 163 -10.14 -29.81 23.26
N ILE KA 164 -10.05 -28.48 23.14
CA ILE KA 164 -11.18 -27.70 22.62
C ILE KA 164 -11.49 -28.05 21.18
N GLN KA 165 -10.50 -28.51 20.42
CA GLN KA 165 -10.71 -28.92 19.05
C GLN KA 165 -11.53 -30.21 19.01
N SER KA 166 -12.48 -30.27 18.07
CA SER KA 166 -13.27 -31.48 17.87
C SER KA 166 -14.22 -31.26 16.70
N LEU KA 167 -14.69 -32.38 16.15
CA LEU KA 167 -15.89 -32.41 15.31
C LEU KA 167 -16.44 -33.83 15.42
N SER KA 168 -17.47 -34.00 16.24
CA SER KA 168 -17.88 -35.32 16.68
C SER KA 168 -18.38 -36.17 15.53
N ASP KA 169 -17.93 -37.42 15.50
CA ASP KA 169 -18.33 -38.39 14.49
C ASP KA 169 -18.83 -39.67 15.16
N ALA KA 170 -19.90 -40.23 14.61
CA ALA KA 170 -20.43 -41.49 15.10
C ALA KA 170 -19.75 -42.64 14.38
N ASN KA 171 -19.19 -43.57 15.14
CA ASN KA 171 -18.43 -44.67 14.57
C ASN KA 171 -19.38 -45.71 13.96
N LEU KA 172 -18.78 -46.66 13.24
CA LEU KA 172 -19.54 -47.72 12.58
C LEU KA 172 -18.99 -49.10 12.83
N LEU KA 173 -17.79 -49.24 13.41
CA LEU KA 173 -17.22 -50.56 13.63
C LEU KA 173 -17.94 -51.29 14.76
N ASP KA 174 -17.87 -50.73 15.97
CA ASP KA 174 -18.51 -51.31 17.15
C ASP KA 174 -18.15 -52.78 17.28
N LEU KA 175 -19.13 -53.67 17.09
CA LEU KA 175 -18.88 -55.11 17.02
C LEU KA 175 -19.92 -55.72 16.08
N GLY KA 176 -19.55 -55.81 14.80
CA GLY KA 176 -20.44 -56.42 13.81
C GLY KA 176 -21.65 -55.55 13.53
N ALA KA 177 -22.79 -56.21 13.34
CA ALA KA 177 -24.10 -55.61 13.11
C ALA KA 177 -24.22 -55.06 11.69
N ILE KA 178 -25.33 -55.37 11.02
CA ILE KA 178 -25.56 -54.92 9.65
C ILE KA 178 -26.87 -54.17 9.55
N GLY KA 179 -27.96 -54.79 9.96
CA GLY KA 179 -29.28 -54.18 9.89
C GLY KA 179 -29.81 -53.79 11.26
N ASP KA 180 -29.07 -54.18 12.30
CA ASP KA 180 -29.48 -53.89 13.67
C ASP KA 180 -29.26 -52.41 13.99
N SER KA 181 -30.16 -51.85 14.78
CA SER KA 181 -30.10 -50.43 15.13
C SER KA 181 -28.90 -50.17 16.03
N ILE KA 182 -28.68 -48.89 16.33
CA ILE KA 182 -27.53 -48.50 17.14
C ILE KA 182 -27.71 -48.94 18.59
N SER KA 183 -28.92 -48.79 19.13
CA SER KA 183 -29.19 -49.21 20.50
C SER KA 183 -29.02 -50.72 20.65
N SER KA 184 -29.52 -51.49 19.69
CA SER KA 184 -29.38 -52.94 19.76
C SER KA 184 -27.92 -53.36 19.76
N ALA KA 185 -27.13 -52.79 18.84
CA ALA KA 185 -25.72 -53.13 18.77
C ALA KA 185 -24.98 -52.72 20.04
N ALA KA 186 -25.30 -51.54 20.57
CA ALA KA 186 -24.65 -51.08 21.79
C ALA KA 186 -24.93 -52.01 22.95
N LYS KA 187 -26.20 -52.42 23.11
CA LYS KA 187 -26.53 -53.33 24.19
C LYS KA 187 -25.88 -54.70 24.00
N SER KA 188 -25.82 -55.18 22.75
CA SER KA 188 -25.20 -56.47 22.48
C SER KA 188 -23.72 -56.44 22.83
N LEU KA 189 -23.02 -55.35 22.46
CA LEU KA 189 -21.61 -55.21 22.86
C LEU KA 189 -21.48 -55.13 24.38
N TYR KA 190 -22.42 -54.44 25.03
CA TYR KA 190 -22.37 -54.27 26.47
C TYR KA 190 -22.48 -55.61 27.20
N ASN KA 191 -23.46 -56.43 26.83
CA ASN KA 191 -23.81 -57.59 27.65
C ASN KA 191 -22.79 -58.72 27.58
N ARG KA 192 -21.79 -58.66 26.70
CA ARG KA 192 -20.88 -59.79 26.57
C ARG KA 192 -19.96 -59.93 27.79
N VAL KA 193 -19.94 -58.94 28.68
CA VAL KA 193 -19.30 -59.09 29.99
C VAL KA 193 -20.21 -58.50 31.08
N MET LA 1 24.66 -12.67 -32.25
CA MET LA 1 24.19 -12.17 -30.97
C MET LA 1 23.36 -10.90 -31.15
N LYS LA 2 22.04 -11.07 -31.17
CA LYS LA 2 21.14 -9.97 -31.41
C LYS LA 2 21.18 -8.96 -30.28
N LYS LA 3 21.04 -7.68 -30.62
CA LYS LA 3 21.00 -6.60 -29.65
C LYS LA 3 19.57 -6.07 -29.54
N ARG LA 4 19.27 -5.46 -28.41
CA ARG LA 4 17.94 -4.97 -28.11
C ARG LA 4 17.83 -3.47 -28.39
N ILE LA 5 16.66 -3.05 -28.85
CA ILE LA 5 16.40 -1.66 -29.23
C ILE LA 5 15.28 -1.12 -28.35
N LEU LA 6 15.52 0.03 -27.74
CA LEU LA 6 14.53 0.67 -26.88
C LEU LA 6 14.60 2.18 -27.10
N ARG LA 7 13.62 2.73 -27.81
CA ARG LA 7 13.62 4.13 -28.19
C ARG LA 7 12.43 4.83 -27.56
N VAL LA 8 12.67 5.99 -26.96
CA VAL LA 8 11.63 6.83 -26.38
C VAL LA 8 11.65 8.16 -27.13
N THR LA 9 10.51 8.53 -27.70
CA THR LA 9 10.40 9.71 -28.55
C THR LA 9 9.61 10.78 -27.81
N PHE LA 10 10.09 12.02 -27.88
CA PHE LA 10 9.44 13.16 -27.27
C PHE LA 10 9.17 14.22 -28.32
N ASN LA 11 7.98 14.83 -28.26
CA ASN LA 11 7.56 15.82 -29.27
C ASN LA 11 7.64 17.22 -28.68
N MET LA 12 8.84 17.80 -28.71
CA MET LA 12 9.02 19.19 -28.36
C MET LA 12 8.39 20.09 -29.42
N PRO LA 13 8.09 21.34 -29.07
CA PRO LA 13 7.52 22.26 -30.06
C PRO LA 13 8.36 22.41 -31.31
N TYR LA 14 9.69 22.43 -31.19
CA TYR LA 14 10.53 22.60 -32.35
C TYR LA 14 10.64 21.33 -33.19
N GLY LA 15 10.50 20.16 -32.55
CA GLY LA 15 10.60 18.91 -33.25
C GLY LA 15 10.69 17.73 -32.31
N PRO LA 16 11.05 16.56 -32.83
CA PRO LA 16 11.20 15.37 -31.98
C PRO LA 16 12.58 15.26 -31.36
N GLU LA 17 12.59 14.73 -30.14
CA GLU LA 17 13.82 14.42 -29.41
C GLU LA 17 13.75 12.95 -29.02
N VAL LA 18 14.74 12.17 -29.46
CA VAL LA 18 14.73 10.72 -29.29
C VAL LA 18 15.84 10.32 -28.35
N ILE LA 19 15.47 9.64 -27.26
CA ILE LA 19 16.43 9.00 -26.37
C ILE LA 19 16.63 7.57 -26.86
N ARG LA 20 17.84 7.25 -27.29
CA ARG LA 20 18.11 5.95 -27.87
C ARG LA 20 18.42 4.93 -26.77
N GLU LA 21 18.74 3.71 -27.18
CA GLU LA 21 19.04 2.62 -26.26
C GLU LA 21 20.42 2.72 -25.65
N ASP LA 22 21.29 3.59 -26.16
CA ASP LA 22 22.66 3.64 -25.69
C ASP LA 22 22.76 4.11 -24.24
N LEU LA 23 21.76 4.86 -23.77
CA LEU LA 23 21.77 5.36 -22.40
C LEU LA 23 21.11 4.34 -21.48
N ASP LA 24 20.86 4.73 -20.23
CA ASP LA 24 20.24 3.85 -19.25
C ASP LA 24 18.77 4.24 -19.15
N VAL LA 25 17.89 3.44 -19.74
CA VAL LA 25 16.46 3.69 -19.77
C VAL LA 25 15.73 2.44 -19.28
N ARG LA 26 14.83 2.62 -18.32
CA ARG LA 26 13.98 1.54 -17.83
C ARG LA 26 12.54 2.00 -17.93
N VAL LA 27 11.65 1.09 -18.34
CA VAL LA 27 10.26 1.41 -18.63
C VAL LA 27 9.38 0.25 -18.18
N ARG LA 28 8.28 0.58 -17.49
CA ARG LA 28 7.25 -0.39 -17.14
C ARG LA 28 5.91 0.07 -17.70
N ILE LA 29 5.25 -0.79 -18.46
CA ILE LA 29 3.99 -0.48 -19.11
C ILE LA 29 2.94 -1.47 -18.61
N MET LA 30 1.75 -0.96 -18.33
CA MET LA 30 0.63 -1.79 -17.89
C MET LA 30 -0.58 -1.48 -18.76
N LYS LA 31 -1.16 -2.52 -19.36
CA LYS LA 31 -2.31 -2.38 -20.24
C LYS LA 31 -3.35 -3.40 -19.87
N ALA LA 32 -4.62 -3.03 -20.00
CA ALA LA 32 -5.71 -3.92 -19.64
C ALA LA 32 -6.96 -3.50 -20.42
N ALA LA 33 -8.00 -4.34 -20.29
CA ALA LA 33 -9.29 -4.06 -20.92
C ALA LA 33 -10.21 -3.43 -19.88
N LEU LA 34 -10.03 -2.12 -19.67
CA LEU LA 34 -10.77 -1.37 -18.67
C LEU LA 34 -10.91 0.06 -19.13
N ARG LA 35 -11.73 0.82 -18.41
CA ARG LA 35 -11.84 2.25 -18.68
C ARG LA 35 -10.67 3.03 -18.13
N ILE LA 36 -10.00 2.52 -17.09
CA ILE LA 36 -8.86 3.23 -16.51
C ILE LA 36 -7.70 3.23 -17.50
N GLN LA 37 -7.14 4.40 -17.73
CA GLN LA 37 -6.18 4.57 -18.81
C GLN LA 37 -4.85 3.91 -18.47
N ASN LA 38 -4.11 3.56 -19.52
CA ASN LA 38 -2.84 2.87 -19.36
C ASN LA 38 -1.80 3.79 -18.73
N ARG LA 39 -0.76 3.17 -18.18
CA ARG LA 39 0.28 3.88 -17.43
C ARG LA 39 1.65 3.40 -17.85
N ALA LA 40 2.63 4.29 -17.73
CA ALA LA 40 4.02 3.96 -18.03
C ALA LA 40 4.94 4.78 -17.15
N THR LA 41 5.82 4.12 -16.40
CA THR LA 41 6.80 4.77 -15.57
C THR LA 41 8.17 4.62 -16.21
N MET LA 42 8.89 5.73 -16.33
CA MET LA 42 10.13 5.77 -17.10
C MET LA 42 11.28 6.19 -16.20
N GLU LA 43 12.39 5.47 -16.27
CA GLU LA 43 13.61 5.81 -15.56
C GLU LA 43 14.66 6.18 -16.60
N ILE LA 44 15.20 7.39 -16.49
CA ILE LA 44 16.17 7.90 -17.47
C ILE LA 44 17.39 8.40 -16.72
N PHE LA 45 18.57 7.94 -17.12
CA PHE LA 45 19.81 8.26 -16.44
C PHE LA 45 20.78 8.95 -17.40
N GLY LA 46 21.68 9.74 -16.84
CA GLY LA 46 22.73 10.33 -17.62
C GLY LA 46 22.36 11.56 -18.42
N LEU LA 47 21.21 12.16 -18.16
CA LEU LA 47 20.83 13.36 -18.88
C LEU LA 47 21.74 14.52 -18.49
N THR LA 48 22.27 15.21 -19.48
CA THR LA 48 23.18 16.31 -19.25
C THR LA 48 22.39 17.60 -18.96
N THR LA 49 23.13 18.68 -18.72
CA THR LA 49 22.50 19.95 -18.37
C THR LA 49 21.62 20.47 -19.50
N GLN LA 50 22.12 20.39 -20.74
CA GLN LA 50 21.36 20.89 -21.88
C GLN LA 50 20.05 20.12 -22.04
N LEU LA 51 20.12 18.79 -21.98
CA LEU LA 51 18.91 18.00 -22.17
C LEU LA 51 17.97 18.11 -20.99
N ARG LA 52 18.50 18.19 -19.78
CA ARG LA 52 17.65 18.42 -18.62
C ARG LA 52 16.88 19.72 -18.77
N GLU LA 53 17.58 20.79 -19.13
CA GLU LA 53 16.90 22.08 -19.32
C GLU LA 53 15.88 22.01 -20.46
N SER LA 54 16.22 21.32 -21.54
CA SER LA 54 15.31 21.25 -22.68
C SER LA 54 14.03 20.50 -22.33
N LEU LA 55 14.14 19.39 -21.61
CA LEU LA 55 12.97 18.52 -21.39
C LEU LA 55 12.23 18.81 -20.09
N LEU LA 56 12.92 18.83 -18.94
CA LEU LA 56 12.22 18.90 -17.67
C LEU LA 56 11.44 20.19 -17.49
N SER LA 57 11.77 21.24 -18.23
CA SER LA 57 11.08 22.51 -18.08
C SER LA 57 9.73 22.56 -18.80
N GLN LA 58 9.46 21.61 -19.68
CA GLN LA 58 8.20 21.59 -20.42
C GLN LA 58 7.13 20.73 -19.78
N PHE LA 59 7.40 20.14 -18.62
CA PHE LA 59 6.43 19.33 -17.89
C PHE LA 59 5.70 20.17 -16.87
N THR LA 60 5.17 21.32 -17.28
CA THR LA 60 4.88 22.40 -16.33
C THR LA 60 3.69 22.07 -15.44
N ALA LA 61 2.60 21.56 -16.03
CA ALA LA 61 1.32 21.26 -15.38
C ALA LA 61 0.54 22.51 -14.98
N TRP LA 62 1.07 23.71 -15.19
CA TRP LA 62 0.26 24.91 -15.15
C TRP LA 62 -0.20 25.25 -16.57
N LYS LA 63 -0.92 26.34 -16.73
CA LYS LA 63 -1.42 26.76 -18.04
C LYS LA 63 -0.71 28.04 -18.46
N HIS LA 64 -0.26 28.06 -19.71
CA HIS LA 64 0.37 29.24 -20.28
C HIS LA 64 -0.43 29.70 -21.49
N ARG LA 65 -0.51 31.02 -21.65
CA ARG LA 65 -1.24 31.66 -22.75
C ARG LA 65 -2.71 31.24 -22.73
N GLN LA 66 -3.40 31.73 -21.70
CA GLN LA 66 -4.79 31.37 -21.44
C GLN LA 66 -5.68 31.49 -22.66
N ARG LA 67 -5.30 32.30 -23.65
CA ARG LA 67 -6.11 32.44 -24.85
C ARG LA 67 -6.35 31.11 -25.54
N GLN LA 68 -5.33 30.25 -25.56
CA GLN LA 68 -5.44 28.86 -26.01
C GLN LA 68 -5.92 28.79 -27.46
N VAL LA 69 -5.08 29.33 -28.35
CA VAL LA 69 -5.30 29.17 -29.78
C VAL LA 69 -5.05 27.71 -30.11
N GLY LA 70 -6.11 26.98 -30.45
CA GLY LA 70 -5.99 25.54 -30.61
C GLY LA 70 -6.05 24.83 -29.27
N ARG LA 71 -5.65 23.56 -29.29
CA ARG LA 71 -5.67 22.73 -28.09
C ARG LA 71 -4.70 21.56 -28.34
N GLU LA 72 -4.74 20.56 -27.46
CA GLU LA 72 -3.91 19.37 -27.52
C GLU LA 72 -2.47 19.76 -27.21
N ASP LA 73 -1.64 19.98 -28.23
CA ASP LA 73 -0.22 20.20 -27.97
C ASP LA 73 0.05 21.47 -27.17
N GLU LA 74 -0.88 22.42 -27.14
CA GLU LA 74 -0.65 23.62 -26.34
C GLU LA 74 -0.88 23.41 -24.86
N LEU LA 75 -1.10 22.18 -24.40
CA LEU LA 75 -1.20 21.90 -22.97
C LEU LA 75 -0.11 20.94 -22.50
N MET LA 76 -0.05 19.74 -23.06
CA MET LA 76 0.91 18.73 -22.63
C MET LA 76 1.53 18.08 -23.84
N ILE LA 77 2.78 17.63 -23.68
CA ILE LA 77 3.49 17.02 -24.80
C ILE LA 77 3.21 15.52 -24.84
N LYS LA 78 3.54 14.91 -25.96
CA LYS LA 78 3.22 13.51 -26.24
C LYS LA 78 4.51 12.70 -26.31
N VAL LA 79 4.47 11.49 -25.77
CA VAL LA 79 5.62 10.59 -25.76
C VAL LA 79 5.21 9.26 -26.37
N SER LA 80 6.08 8.73 -27.24
CA SER LA 80 5.84 7.45 -27.92
C SER LA 80 7.01 6.52 -27.67
N VAL LA 81 6.70 5.25 -27.45
CA VAL LA 81 7.68 4.24 -27.07
C VAL LA 81 7.64 3.09 -28.07
N GLU LA 82 8.82 2.72 -28.60
CA GLU LA 82 8.93 1.57 -29.49
C GLU LA 82 10.11 0.72 -29.08
N ALA LA 83 9.90 -0.60 -29.00
CA ALA LA 83 10.92 -1.53 -28.56
C ALA LA 83 10.98 -2.72 -29.50
N GLY LA 84 12.17 -3.28 -29.65
CA GLY LA 84 12.34 -4.42 -30.53
C GLY LA 84 13.73 -4.99 -30.42
N TYR LA 85 14.12 -5.72 -31.46
CA TYR LA 85 15.43 -6.34 -31.55
C TYR LA 85 16.12 -5.91 -32.84
N SER LA 86 17.44 -6.00 -32.85
CA SER LA 86 18.23 -5.80 -34.06
C SER LA 86 19.19 -6.96 -34.23
N ASP LA 87 19.18 -7.57 -35.41
CA ASP LA 87 20.05 -8.71 -35.71
C ASP LA 87 20.71 -8.48 -37.06
N GLN LA 88 22.05 -8.56 -37.09
CA GLN LA 88 22.81 -8.39 -38.32
C GLN LA 88 22.48 -7.07 -39.01
N GLY LA 89 22.09 -6.07 -38.23
CA GLY LA 89 21.62 -4.81 -38.77
C GLY LA 89 20.19 -4.80 -39.23
N ARG LA 90 19.46 -5.91 -39.08
CA ARG LA 90 18.07 -6.00 -39.49
C ARG LA 90 17.17 -5.83 -38.28
N GLU LA 91 16.22 -4.90 -38.37
CA GLU LA 91 15.42 -4.46 -37.23
C GLU LA 91 14.03 -5.08 -37.25
N GLN LA 92 13.43 -5.17 -36.07
CA GLN LA 92 12.05 -5.61 -35.90
C GLN LA 92 11.34 -4.77 -34.84
N VAL LA 93 11.53 -3.45 -34.91
CA VAL LA 93 10.97 -2.56 -33.89
C VAL LA 93 9.45 -2.50 -34.01
N SER LA 94 8.80 -2.22 -32.88
CA SER LA 94 7.35 -2.10 -32.84
C SER LA 94 6.95 -1.16 -31.70
N ARG LA 95 5.95 -0.31 -31.96
CA ARG LA 95 5.49 0.64 -30.96
C ARG LA 95 4.63 -0.08 -29.92
N VAL LA 96 4.72 0.39 -28.67
CA VAL LA 96 4.02 -0.30 -27.59
C VAL LA 96 3.22 0.66 -26.72
N PHE LA 97 3.44 1.97 -26.83
CA PHE LA 97 2.76 2.90 -25.95
C PHE LA 97 2.75 4.29 -26.54
N VAL LA 98 1.64 5.01 -26.33
CA VAL LA 98 1.51 6.42 -26.66
C VAL LA 98 0.84 7.12 -25.49
N GLY LA 99 1.38 8.25 -25.07
CA GLY LA 99 0.80 8.93 -23.93
C GLY LA 99 1.39 10.32 -23.74
N GLU LA 100 1.00 10.94 -22.64
CA GLU LA 100 1.43 12.29 -22.30
C GLU LA 100 1.98 12.32 -20.87
N VAL LA 101 3.00 13.15 -20.66
CA VAL LA 101 3.68 13.19 -19.36
C VAL LA 101 2.78 13.86 -18.33
N ALA LA 102 2.71 13.26 -17.14
CA ALA LA 102 1.83 13.74 -16.07
C ALA LA 102 2.59 14.15 -14.81
N ILE LA 103 3.53 13.34 -14.35
CA ILE LA 103 4.18 13.53 -13.06
C ILE LA 103 5.69 13.44 -13.25
N VAL LA 104 6.42 14.29 -12.54
CA VAL LA 104 7.88 14.38 -12.64
C VAL LA 104 8.48 14.18 -11.25
N ASP LA 105 9.72 13.69 -11.22
CA ASP LA 105 10.41 13.43 -9.97
C ASP LA 105 11.91 13.45 -10.25
N ILE LA 106 12.69 13.30 -9.18
CA ILE LA 106 14.11 13.05 -9.29
C ILE LA 106 14.48 11.92 -8.35
N ILE LA 107 15.18 10.91 -8.86
CA ILE LA 107 15.40 9.65 -8.16
C ILE LA 107 16.79 9.60 -7.56
N SER LA 108 17.83 9.68 -8.39
CA SER LA 108 19.16 9.44 -7.89
C SER LA 108 19.96 10.72 -7.83
N PRO LA 109 20.75 10.93 -6.78
CA PRO LA 109 21.56 12.14 -6.67
C PRO LA 109 22.82 12.01 -7.51
N PRO LA 110 23.62 13.07 -7.60
CA PRO LA 110 24.91 12.94 -8.28
C PRO LA 110 25.77 11.87 -7.62
N PRO LA 111 26.74 11.29 -8.35
CA PRO LA 111 27.27 11.63 -9.66
C PRO LA 111 26.36 11.36 -10.86
N ASP LA 112 25.39 10.46 -10.73
CA ASP LA 112 24.49 10.10 -11.82
C ASP LA 112 23.06 10.52 -11.49
N ILE LA 113 22.56 11.51 -12.22
CA ILE LA 113 21.26 12.11 -11.93
C ILE LA 113 20.21 11.43 -12.80
N GLY LA 114 19.25 10.78 -12.15
CA GLY LA 114 18.21 10.03 -12.84
C GLY LA 114 16.84 10.54 -12.44
N ILE LA 115 15.92 10.53 -13.41
CA ILE LA 115 14.59 11.10 -13.23
C ILE LA 115 13.55 10.02 -13.49
N ARG LA 116 12.37 10.22 -12.91
CA ARG LA 116 11.23 9.34 -13.13
C ARG LA 116 10.06 10.13 -13.68
N ILE LA 117 9.34 9.52 -14.62
CA ILE LA 117 8.29 10.19 -15.37
C ILE LA 117 7.06 9.28 -15.37
N GLN LA 118 5.87 9.87 -15.29
CA GLN LA 118 4.62 9.12 -15.39
C GLN LA 118 3.85 9.58 -16.61
N CYS LA 119 3.47 8.63 -17.47
CA CYS LA 119 2.71 8.92 -18.68
C CYS LA 119 1.39 8.18 -18.66
N TYR LA 120 0.38 8.78 -19.29
CA TYR LA 120 -0.94 8.18 -19.39
C TYR LA 120 -1.46 8.35 -20.80
N THR LA 121 -2.23 7.36 -21.25
CA THR LA 121 -2.78 7.40 -22.60
C THR LA 121 -4.07 8.20 -22.63
N ARG LA 122 -4.20 9.03 -23.67
CA ARG LA 122 -5.38 9.88 -23.85
C ARG LA 122 -5.67 10.73 -22.61
N GLN LA 123 -4.62 11.30 -22.03
CA GLN LA 123 -4.84 12.22 -20.93
C GLN LA 123 -5.21 13.61 -21.41
N ILE LA 124 -5.12 13.88 -22.71
CA ILE LA 124 -5.49 15.18 -23.23
C ILE LA 124 -6.98 15.45 -23.05
N ASP LA 125 -7.78 14.39 -22.89
CA ASP LA 125 -9.22 14.55 -22.80
C ASP LA 125 -9.68 15.05 -21.45
N ARG LA 126 -8.86 14.92 -20.42
CA ARG LA 126 -9.26 15.37 -19.09
C ARG LA 126 -9.38 16.89 -19.02
N THR LA 127 -8.91 17.61 -20.03
CA THR LA 127 -9.09 19.06 -20.13
C THR LA 127 -10.10 19.46 -21.19
N LYS LA 128 -10.14 18.75 -22.31
CA LYS LA 128 -11.06 19.06 -23.38
C LYS LA 128 -12.50 18.74 -22.99
N THR LA 129 -13.44 19.53 -23.50
CA THR LA 129 -14.85 19.41 -23.15
C THR LA 129 -15.64 18.86 -24.33
N ILE LA 130 -16.96 18.82 -24.18
CA ILE LA 130 -17.87 18.27 -25.17
C ILE LA 130 -18.65 19.42 -25.81
N ARG LA 131 -18.70 19.43 -27.14
CA ARG LA 131 -19.42 20.48 -27.86
C ARG LA 131 -20.39 19.93 -28.89
N ASN LA 132 -20.60 18.61 -28.93
CA ASN LA 132 -21.57 18.00 -29.84
C ASN LA 132 -22.60 17.24 -29.00
N MET LA 133 -23.86 17.60 -29.15
CA MET LA 133 -24.90 17.07 -28.28
C MET LA 133 -25.12 15.58 -28.57
N PRO LA 134 -25.14 14.73 -27.55
CA PRO LA 134 -25.34 13.30 -27.79
C PRO LA 134 -26.76 13.02 -28.27
N PRO LA 135 -26.96 11.92 -29.00
CA PRO LA 135 -28.31 11.56 -29.44
C PRO LA 135 -29.21 11.19 -28.28
N ALA LA 136 -30.51 11.47 -28.44
CA ALA LA 136 -31.48 11.26 -27.36
C ALA LA 136 -31.93 9.81 -27.28
N ASN LA 137 -32.63 9.33 -28.31
CA ASN LA 137 -33.02 7.93 -28.40
C ASN LA 137 -32.26 7.31 -29.58
N THR LA 138 -31.49 6.28 -29.30
CA THR LA 138 -30.61 5.71 -30.31
C THR LA 138 -30.13 4.34 -29.84
N THR LA 139 -29.56 3.60 -30.78
CA THR LA 139 -29.01 2.29 -30.46
C THR LA 139 -27.62 2.44 -29.85
N PHE LA 140 -27.10 1.31 -29.36
CA PHE LA 140 -25.78 1.32 -28.72
C PHE LA 140 -24.70 1.74 -29.69
N VAL LA 141 -24.72 1.19 -30.91
CA VAL LA 141 -23.63 1.39 -31.85
C VAL LA 141 -23.51 2.86 -32.24
N LYS LA 142 -24.64 3.56 -32.36
CA LYS LA 142 -24.55 4.97 -32.71
C LYS LA 142 -24.02 5.81 -31.57
N PHE LA 143 -24.32 5.43 -30.33
CA PHE LA 143 -23.70 6.10 -29.19
C PHE LA 143 -22.19 5.90 -29.19
N VAL LA 144 -21.74 4.68 -29.49
CA VAL LA 144 -20.31 4.43 -29.57
C VAL LA 144 -19.68 5.25 -30.69
N GLU LA 145 -20.35 5.32 -31.84
CA GLU LA 145 -19.81 6.09 -32.96
C GLU LA 145 -19.70 7.57 -32.62
N TRP LA 146 -20.73 8.12 -31.97
CA TRP LA 146 -20.65 9.52 -31.55
C TRP LA 146 -19.49 9.74 -30.60
N GLY LA 147 -19.30 8.83 -29.64
CA GLY LA 147 -18.18 8.97 -28.72
C GLY LA 147 -16.84 8.94 -29.44
N ALA LA 148 -16.70 8.02 -30.40
CA ALA LA 148 -15.45 7.93 -31.16
C ALA LA 148 -15.18 9.22 -31.93
N ASN LA 149 -16.20 9.76 -32.58
CA ASN LA 149 -16.01 11.04 -33.29
C ASN LA 149 -15.66 12.16 -32.33
N GLU LA 150 -16.27 12.18 -31.16
CA GLU LA 150 -16.01 13.27 -30.21
C GLU LA 150 -14.59 13.21 -29.69
N MET LA 151 -14.14 12.04 -29.25
CA MET LA 151 -12.76 11.93 -28.79
C MET LA 151 -11.77 12.11 -29.92
N GLY LA 152 -12.08 11.56 -31.09
CA GLY LA 152 -11.22 11.69 -32.25
C GLY LA 152 -10.38 10.45 -32.49
N LEU LA 153 -10.99 9.28 -32.32
CA LEU LA 153 -10.28 8.02 -32.42
C LEU LA 153 -11.00 7.09 -33.40
N ASN LA 154 -10.23 6.34 -34.16
CA ASN LA 154 -10.81 5.25 -34.95
C ASN LA 154 -11.33 4.18 -34.01
N PHE LA 155 -12.52 3.66 -34.30
CA PHE LA 155 -13.22 2.77 -33.39
C PHE LA 155 -13.61 1.49 -34.11
N ILE LA 156 -13.72 0.41 -33.33
CA ILE LA 156 -14.30 -0.83 -33.79
C ILE LA 156 -15.22 -1.36 -32.70
N CYS LA 157 -16.45 -1.71 -33.08
CA CYS LA 157 -17.45 -2.22 -32.13
C CYS LA 157 -18.02 -3.50 -32.71
N ASP LA 158 -18.04 -4.56 -31.89
CA ASP LA 158 -18.60 -5.85 -32.31
C ASP LA 158 -19.17 -6.54 -31.08
N THR LA 159 -20.46 -6.34 -30.85
CA THR LA 159 -21.15 -6.85 -29.67
C THR LA 159 -22.49 -7.45 -30.08
N SER LA 160 -22.99 -8.35 -29.22
CA SER LA 160 -24.35 -8.84 -29.41
C SER LA 160 -25.40 -7.82 -29.02
N TYR LA 161 -25.00 -6.71 -28.40
CA TYR LA 161 -25.91 -5.68 -27.93
C TYR LA 161 -26.00 -4.51 -28.89
N ASN LA 162 -25.79 -4.76 -30.18
CA ASN LA 162 -25.71 -3.69 -31.16
C ASN LA 162 -27.06 -3.12 -31.56
N ASP LA 163 -28.17 -3.76 -31.20
CA ASP LA 163 -29.50 -3.34 -31.62
C ASP LA 163 -30.40 -3.08 -30.43
N GLN LA 164 -29.88 -2.38 -29.42
CA GLN LA 164 -30.63 -2.05 -28.23
C GLN LA 164 -30.75 -0.54 -28.09
N VAL LA 165 -31.97 -0.06 -27.86
CA VAL LA 165 -32.25 1.36 -27.79
C VAL LA 165 -32.01 1.87 -26.37
N LEU LA 166 -31.24 2.94 -26.25
CA LEU LA 166 -30.96 3.60 -24.98
C LEU LA 166 -31.61 4.97 -24.97
N LYS LA 167 -32.11 5.38 -23.81
CA LYS LA 167 -32.75 6.67 -23.64
C LYS LA 167 -31.88 7.55 -22.75
N ASN LA 168 -31.52 8.73 -23.24
CA ASN LA 168 -30.64 9.66 -22.57
C ASN LA 168 -29.36 8.96 -22.12
N PRO LA 169 -28.49 8.57 -23.04
CA PRO LA 169 -27.30 7.83 -22.64
C PRO LA 169 -26.22 8.68 -22.00
N GLY LA 170 -25.96 9.85 -22.56
CA GLY LA 170 -24.83 10.64 -22.11
C GLY LA 170 -25.15 12.09 -21.82
N ARG LA 171 -26.32 12.35 -21.24
CA ARG LA 171 -26.75 13.71 -20.97
C ARG LA 171 -26.15 14.29 -19.70
N SER LA 172 -25.25 13.58 -19.03
CA SER LA 172 -24.62 14.03 -17.80
C SER LA 172 -23.12 13.78 -17.82
N ILE LA 173 -22.47 14.16 -18.92
CA ILE LA 173 -21.03 13.96 -19.09
C ILE LA 173 -20.38 15.33 -19.16
N THR LA 174 -19.45 15.60 -18.23
CA THR LA 174 -18.87 16.93 -18.10
C THR LA 174 -17.77 17.17 -19.14
N VAL LA 175 -16.76 16.29 -19.16
CA VAL LA 175 -15.63 16.42 -20.08
C VAL LA 175 -15.58 15.20 -20.98
N ALA LA 176 -14.57 15.12 -21.84
CA ALA LA 176 -14.49 14.03 -22.81
C ALA LA 176 -14.02 12.71 -22.20
N SER LA 177 -13.51 12.71 -20.97
CA SER LA 177 -12.96 11.50 -20.39
C SER LA 177 -14.03 10.53 -19.91
N ALA LA 178 -15.18 11.05 -19.46
CA ALA LA 178 -16.22 10.21 -18.90
C ALA LA 178 -17.04 9.47 -19.96
N ILE LA 179 -16.77 9.73 -21.25
CA ILE LA 179 -17.44 8.99 -22.31
C ILE LA 179 -17.16 7.50 -22.19
N LEU LA 180 -15.90 7.15 -21.94
CA LEU LA 180 -15.55 5.73 -21.84
C LEU LA 180 -16.21 5.08 -20.63
N ALA LA 181 -16.27 5.79 -19.51
CA ALA LA 181 -16.96 5.25 -18.34
C ALA LA 181 -18.43 5.03 -18.63
N SER LA 182 -19.07 5.98 -19.33
CA SER LA 182 -20.44 5.79 -19.77
C SER LA 182 -20.59 4.54 -20.62
N ILE LA 183 -19.71 4.37 -21.60
CA ILE LA 183 -19.81 3.24 -22.52
C ILE LA 183 -19.64 1.92 -21.78
N GLN LA 184 -18.73 1.89 -20.80
CA GLN LA 184 -18.51 0.64 -20.08
C GLN LA 184 -19.64 0.34 -19.09
N ASP LA 185 -20.28 1.38 -18.56
CA ASP LA 185 -21.21 1.16 -17.45
C ASP LA 185 -22.43 0.34 -17.85
N MET LA 186 -22.97 0.57 -19.06
CA MET LA 186 -24.29 0.03 -19.38
C MET LA 186 -24.35 -1.48 -19.28
N TYR LA 187 -23.45 -2.18 -19.97
CA TYR LA 187 -23.55 -3.63 -20.10
C TYR LA 187 -22.35 -4.34 -19.49
N MET LA 188 -21.88 -3.82 -18.37
CA MET LA 188 -20.90 -4.50 -17.55
C MET LA 188 -21.50 -5.80 -17.01
N PRO LA 189 -20.73 -6.88 -16.89
CA PRO LA 189 -19.31 -7.04 -17.24
C PRO LA 189 -19.06 -7.70 -18.58
N ASP LA 190 -20.13 -8.12 -19.26
CA ASP LA 190 -19.96 -8.84 -20.52
C ASP LA 190 -19.33 -7.97 -21.59
N VAL LA 191 -19.71 -6.70 -21.64
CA VAL LA 191 -19.18 -5.75 -22.62
C VAL LA 191 -18.01 -5.02 -21.99
N ALA LA 192 -16.85 -5.08 -22.65
CA ALA LA 192 -15.64 -4.43 -22.18
C ALA LA 192 -15.25 -3.33 -23.16
N ALA LA 193 -15.10 -2.11 -22.67
CA ALA LA 193 -14.72 -0.97 -23.47
C ALA LA 193 -13.40 -0.42 -22.96
N PHE LA 194 -12.42 -0.30 -23.86
CA PHE LA 194 -11.11 0.21 -23.50
C PHE LA 194 -10.52 0.94 -24.69
N VAL LA 195 -9.55 1.81 -24.41
CA VAL LA 195 -8.84 2.57 -25.44
C VAL LA 195 -7.40 2.08 -25.46
N ASP LA 196 -6.98 1.51 -26.59
CA ASP LA 196 -5.64 0.99 -26.75
C ASP LA 196 -4.92 1.79 -27.83
N ASP LA 197 -3.75 2.33 -27.48
CA ASP LA 197 -2.98 3.19 -28.38
C ASP LA 197 -3.81 4.39 -28.80
N ASP LA 198 -4.47 4.31 -29.97
CA ASP LA 198 -5.37 5.37 -30.40
C ASP LA 198 -6.66 4.81 -31.00
N ILE LA 199 -7.05 3.61 -30.59
CA ILE LA 199 -8.24 2.94 -31.11
C ILE LA 199 -9.19 2.66 -29.95
N LEU LA 200 -10.45 3.02 -30.12
CA LEU LA 200 -11.49 2.64 -29.18
C LEU LA 200 -12.01 1.26 -29.56
N ILE LA 201 -12.03 0.34 -28.59
CA ILE LA 201 -12.45 -1.03 -28.83
C ILE LA 201 -13.55 -1.39 -27.84
N VAL LA 202 -14.73 -1.71 -28.36
CA VAL LA 202 -15.85 -2.21 -27.59
C VAL LA 202 -16.23 -3.58 -28.14
N LYS LA 203 -16.35 -4.57 -27.26
CA LYS LA 203 -16.56 -5.94 -27.69
C LYS LA 203 -17.10 -6.76 -26.54
N ASP LA 204 -17.56 -7.97 -26.87
CA ASP LA 204 -17.88 -8.95 -25.84
C ASP LA 204 -16.61 -9.45 -25.17
N ARG LA 205 -16.77 -10.07 -24.00
CA ARG LA 205 -15.62 -10.48 -23.23
C ARG LA 205 -14.77 -11.50 -23.96
N ASP LA 206 -15.39 -12.50 -24.58
CA ASP LA 206 -14.68 -13.68 -25.06
C ASP LA 206 -14.70 -13.78 -26.58
N LYS LA 207 -14.52 -12.66 -27.27
CA LYS LA 207 -14.43 -12.63 -28.72
C LYS LA 207 -13.08 -12.08 -29.12
N VAL LA 208 -12.42 -12.75 -30.07
CA VAL LA 208 -11.14 -12.29 -30.60
C VAL LA 208 -11.41 -11.29 -31.72
N ILE LA 209 -10.77 -10.12 -31.63
CA ILE LA 209 -11.06 -9.05 -32.59
C ILE LA 209 -10.62 -9.45 -33.99
N ARG LA 210 -9.46 -10.09 -34.11
CA ARG LA 210 -8.92 -10.51 -35.40
C ARG LA 210 -8.83 -12.03 -35.44
N PRO LA 211 -9.84 -12.72 -35.98
CA PRO LA 211 -9.86 -14.18 -35.90
C PRO LA 211 -8.73 -14.87 -36.65
N ASP LA 212 -8.11 -14.22 -37.63
CA ASP LA 212 -7.10 -14.86 -38.47
C ASP LA 212 -5.68 -14.45 -38.10
N GLU LA 213 -5.48 -13.78 -36.97
CA GLU LA 213 -4.15 -13.39 -36.55
C GLU LA 213 -3.81 -14.01 -35.20
N VAL LA 214 -4.09 -15.30 -35.05
CA VAL LA 214 -3.79 -16.01 -33.81
C VAL LA 214 -2.31 -16.31 -33.77
N THR LA 215 -1.65 -15.94 -32.67
CA THR LA 215 -0.22 -16.16 -32.52
C THR LA 215 0.00 -17.45 -31.76
N ASN LA 216 0.72 -18.39 -32.38
CA ASN LA 216 1.06 -19.65 -31.73
C ASN LA 216 2.28 -19.42 -30.84
N VAL LA 217 2.14 -19.73 -29.56
CA VAL LA 217 3.18 -19.50 -28.57
C VAL LA 217 3.63 -20.85 -28.04
N ASN LA 218 4.94 -21.12 -28.13
CA ASN LA 218 5.46 -22.42 -27.71
C ASN LA 218 6.79 -22.31 -26.97
N SER LA 219 7.17 -21.12 -26.51
CA SER LA 219 8.43 -20.92 -25.80
C SER LA 219 8.21 -19.89 -24.71
N PHE LA 220 8.13 -20.34 -23.46
CA PHE LA 220 7.77 -19.49 -22.34
C PHE LA 220 8.92 -19.38 -21.35
N VAL LA 221 9.30 -18.16 -21.01
CA VAL LA 221 10.22 -17.96 -19.89
C VAL LA 221 9.52 -18.28 -18.58
N GLY LA 222 8.27 -17.82 -18.42
CA GLY LA 222 7.49 -18.11 -17.25
C GLY LA 222 6.55 -19.27 -17.49
N ILE LA 223 6.73 -20.34 -16.71
CA ILE LA 223 5.98 -21.57 -16.91
C ILE LA 223 4.48 -21.29 -16.83
N PRO LA 224 3.67 -21.73 -17.80
CA PRO LA 224 2.25 -21.45 -17.75
C PRO LA 224 1.57 -22.17 -16.60
N SER LA 225 0.51 -21.56 -16.08
CA SER LA 225 -0.22 -22.15 -14.98
C SER LA 225 -1.64 -21.61 -14.95
N TRP LA 226 -2.54 -22.37 -14.34
CA TRP LA 226 -3.91 -21.94 -14.18
C TRP LA 226 -3.99 -20.77 -13.19
N SER LA 227 -4.89 -19.83 -13.46
CA SER LA 227 -5.00 -18.63 -12.64
C SER LA 227 -6.45 -18.26 -12.40
N GLU LA 228 -7.32 -19.26 -12.17
CA GLU LA 228 -8.70 -19.11 -11.74
C GLU LA 228 -9.51 -18.12 -12.58
N TRP LA 229 -8.98 -17.73 -13.73
CA TRP LA 229 -9.72 -16.96 -14.73
C TRP LA 229 -9.45 -17.46 -16.14
N GLY LA 230 -8.52 -18.39 -16.32
CA GLY LA 230 -7.96 -18.73 -17.62
C GLY LA 230 -6.56 -19.26 -17.46
N VAL LA 231 -5.59 -18.66 -18.15
CA VAL LA 231 -4.19 -19.05 -18.03
C VAL LA 231 -3.38 -17.79 -17.85
N GLU LA 232 -2.14 -17.94 -17.38
CA GLU LA 232 -1.24 -16.82 -17.19
C GLU LA 232 0.19 -17.30 -17.35
N PHE LA 233 0.97 -16.60 -18.17
CA PHE LA 233 2.35 -17.00 -18.44
C PHE LA 233 3.19 -15.75 -18.66
N GLN LA 234 4.40 -15.95 -19.21
CA GLN LA 234 5.36 -14.89 -19.41
C GLN LA 234 6.31 -15.31 -20.53
N CYS LA 235 6.79 -14.34 -21.30
CA CYS LA 235 7.67 -14.64 -22.42
C CYS LA 235 8.62 -13.47 -22.63
N LEU LA 236 9.56 -13.64 -23.56
CA LEU LA 236 10.39 -12.55 -24.00
C LEU LA 236 9.56 -11.59 -24.86
N PHE LA 237 10.19 -10.53 -25.34
CA PHE LA 237 9.46 -9.51 -26.09
C PHE LA 237 9.00 -10.09 -27.41
N GLU LA 238 7.71 -10.36 -27.52
CA GLU LA 238 7.09 -10.82 -28.75
C GLU LA 238 6.22 -9.70 -29.30
N PRO LA 239 6.57 -9.10 -30.44
CA PRO LA 239 5.75 -7.97 -30.95
C PRO LA 239 4.34 -8.37 -31.32
N SER LA 240 4.08 -9.65 -31.55
CA SER LA 240 2.77 -10.08 -32.03
C SER LA 240 1.71 -10.01 -30.95
N ILE LA 241 2.08 -10.06 -29.68
CA ILE LA 241 1.10 -10.08 -28.60
C ILE LA 241 0.46 -8.70 -28.49
N ARG LA 242 -0.87 -8.66 -28.48
CA ARG LA 242 -1.63 -7.43 -28.32
C ARG LA 242 -2.76 -7.69 -27.34
N VAL LA 243 -3.52 -6.64 -27.04
CA VAL LA 243 -4.69 -6.77 -26.18
C VAL LA 243 -5.89 -7.14 -27.04
N ALA LA 244 -6.73 -8.04 -26.51
CA ALA LA 244 -7.90 -8.62 -27.15
C ALA LA 244 -7.56 -9.60 -28.27
N GLY LA 245 -6.28 -9.76 -28.60
CA GLY LA 245 -5.90 -10.77 -29.57
C GLY LA 245 -5.85 -12.16 -28.95
N GLY LA 246 -5.74 -13.17 -29.82
CA GLY LA 246 -5.74 -14.55 -29.39
C GLY LA 246 -4.35 -15.15 -29.38
N VAL LA 247 -4.20 -16.24 -28.63
CA VAL LA 247 -2.95 -16.99 -28.56
C VAL LA 247 -3.26 -18.48 -28.53
N ALA LA 248 -2.46 -19.25 -29.25
CA ALA LA 248 -2.50 -20.71 -29.20
C ALA LA 248 -1.30 -21.20 -28.40
N VAL LA 249 -1.55 -21.97 -27.36
CA VAL LA 249 -0.56 -22.27 -26.33
C VAL LA 249 -0.21 -23.75 -26.40
N GLU LA 250 1.08 -24.05 -26.53
CA GLU LA 250 1.59 -25.42 -26.48
C GLU LA 250 2.70 -25.48 -25.43
N SER LA 251 2.51 -26.32 -24.41
CA SER LA 251 3.43 -26.37 -23.29
C SER LA 251 4.16 -27.71 -23.26
N LEU LA 252 5.18 -27.78 -22.41
CA LEU LA 252 5.95 -29.01 -22.19
C LEU LA 252 5.77 -29.54 -20.77
N MET LA 253 6.06 -28.75 -19.75
CA MET LA 253 5.84 -29.20 -18.39
C MET LA 253 4.35 -29.34 -18.08
N ASN LA 254 3.52 -28.47 -18.66
CA ASN LA 254 2.10 -28.41 -18.32
C ASN LA 254 1.26 -28.55 -19.58
N PRO LA 255 1.20 -29.76 -20.15
CA PRO LA 255 0.47 -29.94 -21.42
C PRO LA 255 -1.03 -30.05 -21.24
N SER LA 256 -1.54 -29.99 -20.02
CA SER LA 256 -2.99 -30.05 -19.78
C SER LA 256 -3.67 -28.71 -19.96
N VAL LA 257 -2.90 -27.64 -20.19
CA VAL LA 257 -3.43 -26.29 -20.31
C VAL LA 257 -3.34 -25.78 -21.74
N ASN LA 258 -3.10 -26.66 -22.71
CA ASN LA 258 -3.04 -26.25 -24.10
C ASN LA 258 -4.43 -25.85 -24.60
N GLY LA 259 -4.49 -24.82 -25.42
CA GLY LA 259 -5.74 -24.37 -25.99
C GLY LA 259 -5.62 -22.95 -26.52
N ASN LA 260 -6.77 -22.41 -26.93
CA ASN LA 260 -6.86 -21.06 -27.45
C ASN LA 260 -7.39 -20.14 -26.36
N TYR LA 261 -6.73 -19.01 -26.16
CA TYR LA 261 -7.10 -18.05 -25.14
C TYR LA 261 -7.15 -16.66 -25.74
N VAL LA 262 -7.95 -15.79 -25.13
CA VAL LA 262 -8.07 -14.39 -25.53
C VAL LA 262 -7.36 -13.54 -24.48
N ILE LA 263 -6.56 -12.60 -24.94
CA ILE LA 263 -5.68 -11.84 -24.06
C ILE LA 263 -6.47 -10.77 -23.33
N THR LA 264 -6.31 -10.70 -22.01
CA THR LA 264 -7.01 -9.73 -21.18
C THR LA 264 -6.11 -8.58 -20.71
N ALA LA 265 -4.99 -8.89 -20.07
CA ALA LA 265 -4.11 -7.86 -19.53
C ALA LA 265 -2.66 -8.18 -19.88
N LEU LA 266 -1.84 -7.14 -19.95
CA LEU LA 266 -0.44 -7.26 -20.30
C LEU LA 266 0.40 -6.38 -19.39
N GLU LA 267 1.68 -6.74 -19.27
CA GLU LA 267 2.67 -5.93 -18.58
C GLU LA 267 3.98 -6.00 -19.34
N TYR LA 268 4.69 -4.88 -19.39
CA TYR LA 268 5.96 -4.78 -20.08
C TYR LA 268 7.03 -4.36 -19.09
N ASP LA 269 8.20 -5.00 -19.15
CA ASP LA 269 9.34 -4.64 -18.31
C ASP LA 269 10.57 -4.61 -19.21
N LEU LA 270 10.86 -3.46 -19.79
CA LEU LA 270 11.89 -3.32 -20.80
C LEU LA 270 13.02 -2.44 -20.26
N ALA LA 271 14.25 -2.97 -20.29
CA ALA LA 271 15.43 -2.24 -19.85
C ALA LA 271 16.53 -2.38 -20.87
N SER LA 272 17.35 -1.34 -20.99
CA SER LA 272 18.46 -1.34 -21.94
C SER LA 272 19.78 -1.78 -21.32
N ARG LA 273 19.88 -1.81 -19.99
CA ARG LA 273 21.11 -2.24 -19.35
C ARG LA 273 20.85 -3.12 -18.14
N ASP LA 274 19.68 -3.74 -18.05
CA ASP LA 274 19.35 -4.63 -16.96
C ASP LA 274 18.74 -5.91 -17.52
N ARG LA 275 18.59 -6.90 -16.65
CA ARG LA 275 18.05 -8.18 -17.06
C ARG LA 275 16.62 -8.12 -17.60
N PRO LA 276 15.68 -7.41 -16.96
CA PRO LA 276 14.28 -7.49 -17.42
C PRO LA 276 14.08 -7.00 -18.84
N PHE LA 277 13.64 -7.91 -19.71
CA PHE LA 277 13.09 -7.58 -21.02
C PHE LA 277 12.03 -8.66 -21.27
N TYR LA 278 10.80 -8.38 -20.84
CA TYR LA 278 9.79 -9.41 -20.65
C TYR LA 278 8.43 -8.91 -21.10
N ILE LA 279 7.45 -9.83 -21.10
CA ILE LA 279 6.04 -9.53 -21.33
C ILE LA 279 5.23 -10.55 -20.55
N LYS LA 280 4.30 -10.09 -19.73
CA LYS LA 280 3.45 -10.97 -18.93
C LYS LA 280 2.02 -10.92 -19.46
N VAL LA 281 1.40 -12.08 -19.63
CA VAL LA 281 0.13 -12.23 -20.32
C VAL LA 281 -0.86 -12.96 -19.42
N MET LA 282 -2.09 -12.45 -19.34
CA MET LA 282 -3.19 -13.14 -18.70
C MET LA 282 -4.28 -13.38 -19.72
N GLY LA 283 -4.85 -14.58 -19.72
CA GLY LA 283 -5.76 -14.99 -20.78
C GLY LA 283 -7.06 -15.53 -20.22
N SER LA 284 -8.05 -15.58 -21.10
CA SER LA 284 -9.38 -16.12 -20.82
C SER LA 284 -9.76 -17.08 -21.93
N PRO LA 285 -10.58 -18.08 -21.63
CA PRO LA 285 -10.94 -19.07 -22.66
C PRO LA 285 -11.68 -18.43 -23.82
N ALA LA 286 -11.35 -18.89 -25.03
CA ALA LA 286 -11.97 -18.36 -26.22
C ALA LA 286 -13.38 -18.92 -26.39
N ALA LA 287 -14.26 -18.10 -26.96
CA ALA LA 287 -15.64 -18.51 -27.18
C ALA LA 287 -15.97 -18.51 -28.67
N MET MA 1 33.45 20.86 16.08
CA MET MA 1 32.57 19.82 15.55
C MET MA 1 31.21 19.88 16.23
N LYS MA 2 30.25 20.52 15.57
CA LYS MA 2 28.94 20.75 16.16
C LYS MA 2 28.21 19.44 16.41
N LYS MA 3 27.46 19.38 17.50
CA LYS MA 3 26.63 18.22 17.84
C LYS MA 3 25.16 18.57 17.66
N ARG MA 4 24.37 17.54 17.35
CA ARG MA 4 22.95 17.70 17.10
C ARG MA 4 22.15 17.54 18.39
N ILE MA 5 21.02 18.22 18.46
CA ILE MA 5 20.20 18.30 19.65
C ILE MA 5 18.77 17.88 19.30
N LEU MA 6 18.19 16.99 20.10
CA LEU MA 6 16.85 16.48 19.83
C LEU MA 6 16.17 16.16 21.15
N ARG MA 7 15.16 16.94 21.52
CA ARG MA 7 14.42 16.74 22.75
C ARG MA 7 12.95 16.48 22.44
N VAL MA 8 12.36 15.55 23.18
CA VAL MA 8 10.94 15.22 23.08
C VAL MA 8 10.35 15.38 24.48
N THR MA 9 9.31 16.21 24.60
CA THR MA 9 8.71 16.55 25.88
C THR MA 9 7.31 15.95 25.98
N PHE MA 10 6.98 15.44 27.16
CA PHE MA 10 5.64 14.95 27.46
C PHE MA 10 5.08 15.71 28.65
N ASN MA 11 3.84 16.17 28.53
CA ASN MA 11 3.18 16.93 29.60
C ASN MA 11 2.33 15.98 30.44
N MET MA 12 3.02 15.18 31.24
CA MET MA 12 2.34 14.25 32.13
C MET MA 12 1.68 15.00 33.28
N PRO MA 13 0.71 14.38 33.96
CA PRO MA 13 0.00 15.09 35.02
C PRO MA 13 0.90 15.67 36.10
N TYR MA 14 1.95 14.96 36.49
CA TYR MA 14 2.85 15.47 37.52
C TYR MA 14 3.76 16.58 37.00
N GLY MA 15 4.07 16.57 35.70
CA GLY MA 15 4.94 17.56 35.12
C GLY MA 15 5.55 17.09 33.82
N PRO MA 16 6.49 17.87 33.28
CA PRO MA 16 7.16 17.46 32.04
C PRO MA 16 8.11 16.30 32.26
N GLU MA 17 8.27 15.51 31.20
CA GLU MA 17 9.24 14.41 31.17
C GLU MA 17 9.95 14.48 29.83
N VAL MA 18 11.20 14.93 29.84
CA VAL MA 18 11.94 15.22 28.63
C VAL MA 18 12.90 14.08 28.33
N ILE MA 19 12.74 13.46 27.17
CA ILE MA 19 13.69 12.48 26.67
C ILE MA 19 14.79 13.23 25.93
N ARG MA 20 16.00 13.21 26.48
CA ARG MA 20 17.11 13.95 25.91
C ARG MA 20 17.60 13.27 24.64
N GLU MA 21 18.62 13.87 24.02
CA GLU MA 21 19.20 13.36 22.80
C GLU MA 21 20.17 12.20 23.04
N ASP MA 22 20.54 11.95 24.29
CA ASP MA 22 21.54 10.92 24.59
C ASP MA 22 21.06 9.52 24.29
N LEU MA 23 19.76 9.32 24.14
CA LEU MA 23 19.22 8.00 23.85
C LEU MA 23 19.05 7.82 22.35
N ASP MA 24 18.44 6.73 21.93
CA ASP MA 24 18.21 6.44 20.53
C ASP MA 24 16.78 6.85 20.20
N VAL MA 25 16.63 7.95 19.47
CA VAL MA 25 15.32 8.52 19.13
C VAL MA 25 15.31 8.84 17.64
N ARG MA 26 14.29 8.34 16.94
CA ARG MA 26 14.09 8.63 15.53
C ARG MA 26 12.70 9.19 15.34
N VAL MA 27 12.57 10.23 14.52
CA VAL MA 27 11.31 10.95 14.35
C VAL MA 27 11.13 11.30 12.87
N ARG MA 28 9.94 11.07 12.34
CA ARG MA 28 9.57 11.51 11.00
C ARG MA 28 8.34 12.39 11.09
N ILE MA 29 8.41 13.58 10.49
CA ILE MA 29 7.36 14.58 10.55
C ILE MA 29 6.96 14.95 9.14
N MET MA 30 5.66 15.03 8.87
CA MET MA 30 5.16 15.45 7.58
C MET MA 30 4.14 16.56 7.78
N LYS MA 31 4.35 17.68 7.11
CA LYS MA 31 3.44 18.81 7.17
C LYS MA 31 3.12 19.29 5.76
N ALA MA 32 1.89 19.75 5.58
CA ALA MA 32 1.42 20.21 4.28
C ALA MA 32 0.36 21.28 4.49
N ALA MA 33 -0.01 21.93 3.39
CA ALA MA 33 -1.05 22.95 3.41
C ALA MA 33 -2.39 22.32 3.01
N LEU MA 34 -2.95 21.55 3.94
CA LEU MA 34 -4.20 20.83 3.72
C LEU MA 34 -5.00 20.83 5.01
N ARG MA 35 -6.22 20.27 4.93
CA ARG MA 35 -7.03 20.08 6.12
C ARG MA 35 -6.65 18.84 6.91
N ILE MA 36 -5.99 17.87 6.27
CA ILE MA 36 -5.58 16.66 6.98
C ILE MA 36 -4.44 17.00 7.94
N GLN MA 37 -4.59 16.59 9.18
CA GLN MA 37 -3.69 17.05 10.24
C GLN MA 37 -2.31 16.43 10.10
N ASN MA 38 -1.32 17.11 10.67
CA ASN MA 38 0.06 16.66 10.60
C ASN MA 38 0.25 15.37 11.39
N ARG MA 39 1.36 14.69 11.14
CA ARG MA 39 1.63 13.39 11.73
C ARG MA 39 3.09 13.31 12.13
N ALA MA 40 3.37 12.48 13.14
CA ALA MA 40 4.74 12.26 13.59
C ALA MA 40 4.86 10.85 14.14
N THR MA 41 5.77 10.06 13.59
CA THR MA 41 6.03 8.70 14.06
C THR MA 41 7.36 8.69 14.79
N MET MA 42 7.36 8.15 16.00
CA MET MA 42 8.50 8.27 16.91
C MET MA 42 9.03 6.90 17.28
N GLU MA 43 10.34 6.72 17.20
CA GLU MA 43 11.02 5.52 17.66
C GLU MA 43 11.81 5.87 18.91
N ILE MA 44 11.58 5.12 19.99
CA ILE MA 44 12.27 5.36 21.25
C ILE MA 44 12.82 4.04 21.75
N PHE MA 45 14.12 4.00 22.02
CA PHE MA 45 14.81 2.78 22.41
C PHE MA 45 15.44 2.94 23.78
N GLY MA 46 15.52 1.83 24.50
CA GLY MA 46 16.21 1.81 25.76
C GLY MA 46 15.42 2.24 26.97
N LEU MA 47 14.11 2.43 26.83
CA LEU MA 47 13.29 2.81 27.98
C LEU MA 47 13.32 1.71 29.04
N THR MA 48 13.55 2.11 30.29
CA THR MA 48 13.62 1.15 31.38
C THR MA 48 12.21 0.80 31.86
N THR MA 49 12.15 -0.10 32.84
CA THR MA 49 10.87 -0.49 33.40
C THR MA 49 10.15 0.69 34.05
N GLN MA 50 10.90 1.54 34.75
CA GLN MA 50 10.30 2.69 35.40
C GLN MA 50 9.64 3.63 34.40
N LEU MA 51 10.38 4.00 33.35
CA LEU MA 51 9.81 4.93 32.37
C LEU MA 51 8.76 4.28 31.50
N ARG MA 52 8.90 2.99 31.20
CA ARG MA 52 7.84 2.29 30.49
C ARG MA 52 6.55 2.33 31.30
N GLU MA 53 6.64 2.03 32.59
CA GLU MA 53 5.47 2.10 33.46
C GLU MA 53 4.89 3.51 33.51
N SER MA 54 5.75 4.51 33.62
CA SER MA 54 5.28 5.89 33.74
C SER MA 54 4.56 6.36 32.48
N LEU MA 55 5.10 6.05 31.30
CA LEU MA 55 4.60 6.63 30.06
C LEU MA 55 3.59 5.75 29.34
N LEU MA 56 3.90 4.48 29.08
CA LEU MA 56 3.08 3.69 28.18
C LEU MA 56 1.67 3.47 28.71
N SER MA 57 1.46 3.64 30.01
CA SER MA 57 0.15 3.39 30.59
C SER MA 57 -0.82 4.55 30.43
N GLN MA 58 -0.35 5.71 29.97
CA GLN MA 58 -1.18 6.91 29.87
C GLN MA 58 -1.76 7.13 28.48
N PHE MA 59 -1.42 6.30 27.50
CA PHE MA 59 -2.02 6.38 26.17
C PHE MA 59 -3.20 5.41 26.06
N THR MA 60 -4.12 5.52 27.02
CA THR MA 60 -5.12 4.46 27.21
C THR MA 60 -6.10 4.37 26.04
N ALA MA 61 -6.61 5.50 25.55
CA ALA MA 61 -7.64 5.63 24.53
C ALA MA 61 -9.03 5.22 25.00
N TRP MA 62 -9.18 4.74 26.23
CA TRP MA 62 -10.49 4.62 26.83
C TRP MA 62 -10.78 5.92 27.58
N LYS MA 63 -11.95 6.02 28.21
CA LYS MA 63 -12.34 7.20 28.95
C LYS MA 63 -12.48 6.88 30.42
N HIS MA 64 -11.81 7.67 31.25
CA HIS MA 64 -11.98 7.64 32.69
C HIS MA 64 -12.52 8.99 33.14
N ARG MA 65 -13.04 9.04 34.36
CA ARG MA 65 -13.62 10.26 34.92
C ARG MA 65 -14.80 10.72 34.06
N GLN MA 66 -15.86 9.91 34.11
CA GLN MA 66 -17.06 10.22 33.34
C GLN MA 66 -17.68 11.56 33.72
N ARG MA 67 -17.43 12.05 34.95
CA ARG MA 67 -17.89 13.39 35.29
C ARG MA 67 -17.21 14.46 34.44
N GLN MA 68 -15.95 14.23 34.06
CA GLN MA 68 -15.24 15.06 33.07
C GLN MA 68 -15.20 16.53 33.50
N VAL MA 69 -14.48 16.77 34.60
CA VAL MA 69 -14.21 18.14 35.03
C VAL MA 69 -13.20 18.75 34.07
N GLY MA 70 -13.59 19.82 33.39
CA GLY MA 70 -12.73 20.39 32.38
C GLY MA 70 -12.69 19.54 31.12
N ARG MA 71 -11.67 19.79 30.31
CA ARG MA 71 -11.46 19.06 29.05
C ARG MA 71 -10.00 19.26 28.68
N GLU MA 72 -9.64 18.87 27.45
CA GLU MA 72 -8.26 18.89 26.94
C GLU MA 72 -7.43 17.83 27.66
N ASP MA 73 -6.58 18.25 28.61
CA ASP MA 73 -5.60 17.34 29.16
C ASP MA 73 -6.23 16.16 29.90
N GLU MA 74 -7.49 16.25 30.30
CA GLU MA 74 -8.13 15.12 30.95
C GLU MA 74 -8.56 14.03 29.98
N LEU MA 75 -8.14 14.11 28.72
CA LEU MA 75 -8.40 13.03 27.76
C LEU MA 75 -7.12 12.38 27.27
N MET MA 76 -6.20 13.15 26.71
CA MET MA 76 -4.97 12.59 26.15
C MET MA 76 -3.84 13.59 26.34
N ILE MA 77 -2.64 13.06 26.53
CA ILE MA 77 -1.49 13.89 26.86
C ILE MA 77 -0.91 14.52 25.60
N LYS MA 78 -0.06 15.53 25.77
CA LYS MA 78 0.47 16.31 24.67
C LYS MA 78 1.98 16.13 24.57
N VAL MA 79 2.50 16.19 23.35
CA VAL MA 79 3.92 16.01 23.08
C VAL MA 79 4.42 17.17 22.23
N SER MA 80 5.61 17.68 22.56
CA SER MA 80 6.23 18.77 21.85
C SER MA 80 7.66 18.38 21.48
N VAL MA 81 8.07 18.73 20.26
CA VAL MA 81 9.34 18.30 19.70
C VAL MA 81 10.16 19.52 19.31
N GLU MA 82 11.42 19.56 19.75
CA GLU MA 82 12.34 20.63 19.38
C GLU MA 82 13.66 20.03 18.95
N ALA MA 83 14.21 20.52 17.84
CA ALA MA 83 15.45 20.00 17.28
C ALA MA 83 16.35 21.14 16.85
N GLY MA 84 17.65 20.89 16.87
CA GLY MA 84 18.61 21.90 16.48
C GLY MA 84 20.02 21.39 16.68
N TYR MA 85 20.97 22.31 16.56
CA TYR MA 85 22.39 22.02 16.74
C TYR MA 85 22.90 22.64 18.03
N SER MA 86 24.16 22.35 18.35
CA SER MA 86 24.82 22.95 19.50
C SER MA 86 26.31 23.04 19.22
N ASP MA 87 26.86 24.24 19.36
CA ASP MA 87 28.27 24.49 19.09
C ASP MA 87 28.89 25.17 20.29
N GLN MA 88 29.97 24.59 20.82
CA GLN MA 88 30.73 25.18 21.92
C GLN MA 88 29.83 25.51 23.12
N GLY MA 89 28.76 24.73 23.30
CA GLY MA 89 27.78 25.02 24.31
C GLY MA 89 26.78 26.08 23.94
N ARG MA 90 26.86 26.64 22.73
CA ARG MA 90 25.94 27.66 22.26
C ARG MA 90 24.90 26.99 21.38
N GLU MA 91 23.62 27.17 21.72
CA GLU MA 91 22.53 26.39 21.14
C GLU MA 91 21.79 27.18 20.07
N GLN MA 92 21.10 26.43 19.20
CA GLN MA 92 20.21 26.99 18.20
C GLN MA 92 18.96 26.14 18.06
N VAL MA 93 18.39 25.71 19.19
CA VAL MA 93 17.25 24.81 19.18
C VAL MA 93 16.02 25.52 18.62
N SER MA 94 15.10 24.75 18.04
CA SER MA 94 13.88 25.28 17.47
C SER MA 94 12.78 24.23 17.55
N ARG MA 95 11.54 24.69 17.66
CA ARG MA 95 10.39 23.80 17.75
C ARG MA 95 9.89 23.43 16.36
N VAL MA 96 9.45 22.19 16.20
CA VAL MA 96 8.98 21.71 14.90
C VAL MA 96 7.64 20.99 14.95
N PHE MA 97 7.11 20.61 16.11
CA PHE MA 97 5.87 19.85 16.11
C PHE MA 97 5.22 19.92 17.49
N VAL MA 98 3.88 19.94 17.49
CA VAL MA 98 3.06 19.84 18.70
C VAL MA 98 1.90 18.91 18.39
N GLY MA 99 1.63 17.97 19.28
CA GLY MA 99 0.54 17.05 19.04
C GLY MA 99 0.25 16.17 20.24
N GLU MA 100 -0.64 15.21 20.02
CA GLU MA 100 -1.08 14.30 21.06
C GLU MA 100 -0.95 12.86 20.58
N VAL MA 101 -0.65 11.97 21.53
CA VAL MA 101 -0.40 10.57 21.19
C VAL MA 101 -1.70 9.87 20.82
N ALA MA 102 -1.66 9.03 19.79
CA ALA MA 102 -2.86 8.36 19.28
C ALA MA 102 -2.73 6.85 19.25
N ILE MA 103 -1.57 6.31 18.87
CA ILE MA 103 -1.39 4.87 18.70
C ILE MA 103 -0.06 4.46 19.32
N VAL MA 104 -0.05 3.29 19.97
CA VAL MA 104 1.14 2.74 20.61
C VAL MA 104 1.42 1.38 20.02
N ASP MA 105 2.67 0.93 20.14
CA ASP MA 105 3.11 -0.34 19.58
C ASP MA 105 4.35 -0.79 20.33
N ILE MA 106 4.81 -2.00 20.00
CA ILE MA 106 6.12 -2.47 20.41
C ILE MA 106 6.82 -3.03 19.18
N ILE MA 107 8.02 -2.53 18.91
CA ILE MA 107 8.70 -2.81 17.65
C ILE MA 107 9.78 -3.87 17.84
N SER MA 108 10.74 -3.58 18.70
CA SER MA 108 11.88 -4.46 18.81
C SER MA 108 11.82 -5.27 20.10
N PRO MA 109 12.13 -6.57 20.04
CA PRO MA 109 12.10 -7.40 21.23
C PRO MA 109 13.34 -7.17 22.06
N PRO MA 110 13.44 -7.82 23.23
CA PRO MA 110 14.70 -7.75 23.99
C PRO MA 110 15.85 -8.30 23.16
N PRO MA 111 17.09 -7.91 23.48
CA PRO MA 111 17.56 -7.16 24.65
C PRO MA 111 17.34 -5.65 24.62
N ASP MA 112 16.90 -5.09 23.49
CA ASP MA 112 16.66 -3.65 23.37
C ASP MA 112 15.20 -3.42 23.00
N ILE MA 113 14.40 -3.00 23.98
CA ILE MA 113 12.96 -2.85 23.82
C ILE MA 113 12.67 -1.45 23.27
N GLY MA 114 12.06 -1.39 22.10
CA GLY MA 114 11.77 -0.12 21.46
C GLY MA 114 10.30 -0.03 21.08
N ILE MA 115 9.78 1.19 21.15
CA ILE MA 115 8.36 1.45 20.94
C ILE MA 115 8.18 2.44 19.81
N ARG MA 116 7.01 2.39 19.18
CA ARG MA 116 6.64 3.31 18.12
C ARG MA 116 5.34 4.02 18.49
N ILE MA 117 5.28 5.31 18.20
CA ILE MA 117 4.22 6.19 18.68
C ILE MA 117 3.75 7.06 17.53
N GLN MA 118 2.44 7.27 17.44
CA GLN MA 118 1.86 8.14 16.42
C GLN MA 118 1.23 9.36 17.09
N CYS MA 119 1.58 10.54 16.61
CA CYS MA 119 1.09 11.80 17.16
C CYS MA 119 0.42 12.60 16.06
N TYR MA 120 -0.64 13.34 16.41
CA TYR MA 120 -1.35 14.18 15.47
C TYR MA 120 -1.58 15.54 16.10
N THR MA 121 -1.57 16.58 15.26
CA THR MA 121 -1.76 17.94 15.74
C THR MA 121 -3.24 18.26 15.84
N ARG MA 122 -3.61 18.93 16.94
CA ARG MA 122 -5.00 19.31 17.20
C ARG MA 122 -5.94 18.11 17.12
N GLN MA 123 -5.52 16.99 17.69
CA GLN MA 123 -6.43 15.85 17.78
C GLN MA 123 -7.41 15.99 18.94
N ILE MA 124 -7.20 16.96 19.82
CA ILE MA 124 -8.11 17.17 20.93
C ILE MA 124 -9.49 17.61 20.44
N ASP MA 125 -9.57 18.14 19.23
CA ASP MA 125 -10.84 18.63 18.71
C ASP MA 125 -11.76 17.52 18.24
N ARG MA 126 -11.24 16.32 18.00
CA ARG MA 126 -12.08 15.23 17.55
C ARG MA 126 -13.05 14.75 18.62
N THR MA 127 -12.89 15.21 19.86
CA THR MA 127 -13.82 14.91 20.94
C THR MA 127 -14.64 16.11 21.37
N LYS MA 128 -14.05 17.31 21.37
CA LYS MA 128 -14.75 18.51 21.76
C LYS MA 128 -15.81 18.87 20.73
N THR MA 129 -16.97 19.34 21.20
CA THR MA 129 -18.09 19.69 20.36
C THR MA 129 -18.17 21.20 20.18
N ILE MA 130 -19.26 21.66 19.56
CA ILE MA 130 -19.48 23.07 19.28
C ILE MA 130 -20.61 23.56 20.18
N ARG MA 131 -20.35 24.64 20.93
CA ARG MA 131 -21.34 25.20 21.83
C ARG MA 131 -21.65 26.66 21.53
N ASN MA 132 -21.09 27.22 20.47
CA ASN MA 132 -21.39 28.59 20.05
C ASN MA 132 -21.98 28.56 18.65
N MET MA 133 -23.15 29.17 18.50
CA MET MA 133 -23.89 29.06 17.25
C MET MA 133 -23.13 29.75 16.12
N PRO MA 134 -22.95 29.08 14.97
CA PRO MA 134 -22.22 29.70 13.88
C PRO MA 134 -22.99 30.88 13.32
N PRO MA 135 -22.30 31.87 12.76
CA PRO MA 135 -22.99 33.01 12.14
C PRO MA 135 -23.89 32.57 10.99
N ALA MA 136 -25.05 33.22 10.87
CA ALA MA 136 -26.05 32.82 9.88
C ALA MA 136 -25.74 33.39 8.51
N ASN MA 137 -25.71 34.71 8.40
CA ASN MA 137 -25.46 35.42 7.15
C ASN MA 137 -24.28 36.35 7.36
N THR MA 138 -23.14 36.04 6.76
CA THR MA 138 -21.93 36.80 7.05
C THR MA 138 -20.94 36.63 5.91
N THR MA 139 -19.80 37.30 6.04
CA THR MA 139 -18.75 37.23 5.05
C THR MA 139 -17.75 36.12 5.42
N PHE MA 140 -16.77 35.92 4.54
CA PHE MA 140 -15.80 34.86 4.74
C PHE MA 140 -14.97 35.10 6.00
N VAL MA 141 -14.47 36.33 6.16
CA VAL MA 141 -13.50 36.61 7.22
C VAL MA 141 -14.14 36.43 8.59
N LYS MA 142 -15.41 36.76 8.73
CA LYS MA 142 -16.06 36.58 10.03
C LYS MA 142 -16.29 35.11 10.33
N PHE MA 143 -16.56 34.30 9.30
CA PHE MA 143 -16.64 32.86 9.50
C PHE MA 143 -15.31 32.31 9.97
N VAL MA 144 -14.21 32.76 9.36
CA VAL MA 144 -12.89 32.31 9.79
C VAL MA 144 -12.62 32.72 11.22
N GLU MA 145 -12.98 33.96 11.58
CA GLU MA 145 -12.75 34.44 12.94
C GLU MA 145 -13.54 33.63 13.96
N TRP MA 146 -14.80 33.33 13.65
CA TRP MA 146 -15.59 32.51 14.56
C TRP MA 146 -14.98 31.13 14.72
N GLY MA 147 -14.53 30.53 13.61
CA GLY MA 147 -13.90 29.23 13.72
C GLY MA 147 -12.65 29.25 14.57
N ALA MA 148 -11.82 30.28 14.40
CA ALA MA 148 -10.61 30.41 15.19
C ALA MA 148 -10.93 30.54 16.67
N ASN MA 149 -11.91 31.36 17.01
CA ASN MA 149 -12.29 31.49 18.42
C ASN MA 149 -12.82 30.17 18.97
N GLU MA 150 -13.63 29.46 18.17
CA GLU MA 150 -14.21 28.20 18.65
C GLU MA 150 -13.14 27.15 18.91
N MET MA 151 -12.19 27.01 17.99
CA MET MA 151 -11.12 26.03 18.20
C MET MA 151 -10.20 26.47 19.33
N GLY MA 152 -9.88 27.76 19.39
CA GLY MA 152 -9.00 28.26 20.43
C GLY MA 152 -7.60 28.53 19.91
N LEU MA 153 -7.51 29.02 18.68
CA LEU MA 153 -6.24 29.22 18.01
C LEU MA 153 -6.12 30.64 17.50
N ASN MA 154 -4.92 31.20 17.61
CA ASN MA 154 -4.62 32.46 16.94
C ASN MA 154 -4.63 32.24 15.44
N PHE MA 155 -5.25 33.16 14.70
CA PHE MA 155 -5.48 32.99 13.29
C PHE MA 155 -4.94 34.17 12.51
N ILE MA 156 -4.59 33.91 11.24
CA ILE MA 156 -4.26 34.95 10.28
C ILE MA 156 -4.96 34.59 8.98
N CYS MA 157 -5.67 35.56 8.41
CA CYS MA 157 -6.41 35.36 7.16
C CYS MA 157 -6.05 36.48 6.19
N ASP MA 158 -5.66 36.10 4.97
CA ASP MA 158 -5.33 37.10 3.94
C ASP MA 158 -5.66 36.48 2.58
N THR MA 159 -6.86 36.78 2.10
CA THR MA 159 -7.37 36.23 0.84
C THR MA 159 -8.02 37.35 0.04
N SER MA 160 -8.05 37.16 -1.28
CA SER MA 160 -8.82 38.07 -2.12
C SER MA 160 -10.33 37.88 -1.94
N TYR MA 161 -10.75 36.78 -1.31
CA TYR MA 161 -12.16 36.47 -1.11
C TYR MA 161 -12.67 36.97 0.23
N ASN MA 162 -12.10 38.05 0.77
CA ASN MA 162 -12.41 38.49 2.12
C ASN MA 162 -13.72 39.25 2.23
N ASP MA 163 -14.37 39.58 1.11
CA ASP MA 163 -15.59 40.39 1.11
C ASP MA 163 -16.69 39.69 0.34
N GLN MA 164 -16.89 38.40 0.62
CA GLN MA 164 -17.90 37.60 -0.06
C GLN MA 164 -18.88 37.05 0.96
N VAL MA 165 -20.17 37.26 0.69
CA VAL MA 165 -21.23 36.88 1.63
C VAL MA 165 -21.57 35.41 1.45
N LEU MA 166 -21.63 34.68 2.56
CA LEU MA 166 -22.00 33.28 2.59
C LEU MA 166 -23.30 33.11 3.36
N LYS MA 167 -24.11 32.15 2.93
CA LYS MA 167 -25.39 31.84 3.58
C LYS MA 167 -25.33 30.45 4.17
N ASN MA 168 -25.63 30.35 5.48
CA ASN MA 168 -25.55 29.11 6.24
C ASN MA 168 -24.22 28.41 6.00
N PRO MA 169 -23.13 28.95 6.51
CA PRO MA 169 -21.82 28.34 6.21
C PRO MA 169 -21.55 27.07 7.00
N GLY MA 170 -21.89 27.06 8.28
CA GLY MA 170 -21.50 25.96 9.14
C GLY MA 170 -22.63 25.35 9.93
N ARG MA 171 -23.80 25.20 9.31
CA ARG MA 171 -24.98 24.71 10.01
C ARG MA 171 -25.04 23.19 10.11
N SER MA 172 -24.03 22.48 9.61
CA SER MA 172 -24.02 21.02 9.64
C SER MA 172 -22.66 20.50 10.11
N ILE MA 173 -22.15 21.07 11.20
CA ILE MA 173 -20.86 20.69 11.75
C ILE MA 173 -21.09 20.11 13.14
N THR MA 174 -20.67 18.87 13.33
CA THR MA 174 -20.99 18.14 14.56
C THR MA 174 -19.92 18.27 15.64
N VAL MA 175 -18.66 18.39 15.27
CA VAL MA 175 -17.55 18.50 16.20
C VAL MA 175 -16.68 19.68 15.79
N ALA MA 176 -15.58 19.88 16.51
CA ALA MA 176 -14.71 21.01 16.25
C ALA MA 176 -13.72 20.76 15.11
N SER MA 177 -13.66 19.55 14.58
CA SER MA 177 -12.66 19.22 13.57
C SER MA 177 -13.14 19.50 12.15
N ALA MA 178 -14.45 19.45 11.91
CA ALA MA 178 -14.98 19.69 10.58
C ALA MA 178 -15.00 21.17 10.21
N ILE MA 179 -14.67 22.05 11.16
CA ILE MA 179 -14.59 23.48 10.86
C ILE MA 179 -13.56 23.72 9.76
N LEU MA 180 -12.40 23.07 9.86
CA LEU MA 180 -11.35 23.26 8.88
C LEU MA 180 -11.78 22.75 7.51
N ALA MA 181 -12.47 21.61 7.46
CA ALA MA 181 -12.96 21.09 6.20
C ALA MA 181 -13.97 22.04 5.59
N SER MA 182 -14.84 22.62 6.42
CA SER MA 182 -15.75 23.66 5.93
C SER MA 182 -14.98 24.82 5.31
N ILE MA 183 -13.98 25.33 6.04
CA ILE MA 183 -13.25 26.50 5.56
C ILE MA 183 -12.55 26.20 4.24
N GLN MA 184 -11.98 25.00 4.10
CA GLN MA 184 -11.28 24.68 2.87
C GLN MA 184 -12.23 24.40 1.72
N ASP MA 185 -13.43 23.90 2.02
CA ASP MA 185 -14.31 23.41 0.95
C ASP MA 185 -14.77 24.52 0.02
N MET MA 186 -15.05 25.72 0.56
CA MET MA 186 -15.78 26.71 -0.22
C MET MA 186 -15.02 27.13 -1.48
N TYR MA 187 -13.73 27.43 -1.36
CA TYR MA 187 -13.03 28.09 -2.47
C TYR MA 187 -11.76 27.34 -2.84
N MET MA 188 -11.87 26.03 -3.00
CA MET MA 188 -10.78 25.25 -3.56
C MET MA 188 -10.61 25.59 -5.04
N PRO MA 189 -9.39 25.46 -5.58
CA PRO MA 189 -8.16 25.12 -4.88
C PRO MA 189 -7.30 26.34 -4.56
N ASP MA 190 -7.76 27.52 -4.98
CA ASP MA 190 -6.96 28.74 -4.80
C ASP MA 190 -6.76 29.06 -3.32
N VAL MA 191 -7.81 28.91 -2.53
CA VAL MA 191 -7.75 29.18 -1.09
C VAL MA 191 -7.30 27.92 -0.38
N ALA MA 192 -6.21 28.01 0.37
CA ALA MA 192 -5.67 26.90 1.13
C ALA MA 192 -5.77 27.22 2.61
N ALA MA 193 -6.42 26.35 3.38
CA ALA MA 193 -6.59 26.52 4.81
C ALA MA 193 -5.95 25.33 5.53
N PHE MA 194 -5.09 25.63 6.49
CA PHE MA 194 -4.40 24.59 7.24
C PHE MA 194 -4.10 25.11 8.64
N VAL MA 195 -3.86 24.18 9.55
CA VAL MA 195 -3.49 24.49 10.93
C VAL MA 195 -2.06 24.05 11.15
N ASP MA 196 -1.19 24.99 11.51
CA ASP MA 196 0.23 24.73 11.72
C ASP MA 196 0.61 25.11 13.14
N ASP MA 197 1.13 24.15 13.90
CA ASP MA 197 1.49 24.35 15.29
C ASP MA 197 0.29 24.78 16.12
N ASP MA 198 0.13 26.10 16.31
CA ASP MA 198 -1.00 26.64 17.04
C ASP MA 198 -1.67 27.80 16.30
N ILE MA 199 -1.44 27.93 15.00
CA ILE MA 199 -1.94 29.03 14.21
C ILE MA 199 -2.78 28.46 13.07
N LEU MA 200 -3.97 29.01 12.89
CA LEU MA 200 -4.81 28.69 11.74
C LEU MA 200 -4.50 29.69 10.62
N ILE MA 201 -4.11 29.19 9.46
CA ILE MA 201 -3.67 30.03 8.35
C ILE MA 201 -4.61 29.79 7.17
N VAL MA 202 -5.25 30.87 6.70
CA VAL MA 202 -6.05 30.85 5.49
C VAL MA 202 -5.48 31.91 4.56
N LYS MA 203 -5.20 31.53 3.31
CA LYS MA 203 -4.52 32.42 2.39
C LYS MA 203 -4.75 31.94 0.97
N ASP MA 204 -4.40 32.80 0.02
CA ASP MA 204 -4.34 32.39 -1.37
C ASP MA 204 -3.16 31.45 -1.58
N ARG MA 205 -3.19 30.72 -2.69
CA ARG MA 205 -2.19 29.68 -2.91
C ARG MA 205 -0.77 30.27 -2.99
N ASP MA 206 -0.60 31.35 -3.73
CA ASP MA 206 0.73 31.83 -4.11
C ASP MA 206 1.09 33.14 -3.43
N LYS MA 207 0.73 33.30 -2.17
CA LYS MA 207 1.08 34.48 -1.39
C LYS MA 207 1.95 34.07 -0.22
N VAL MA 208 3.05 34.78 -0.03
CA VAL MA 208 3.94 34.54 1.10
C VAL MA 208 3.40 35.27 2.32
N ILE MA 209 3.26 34.56 3.43
CA ILE MA 209 2.62 35.15 4.61
C ILE MA 209 3.47 36.30 5.16
N ARG MA 210 4.78 36.13 5.20
CA ARG MA 210 5.71 37.13 5.71
C ARG MA 210 6.63 37.56 4.58
N PRO MA 211 6.31 38.65 3.88
CA PRO MA 211 7.08 39.01 2.68
C PRO MA 211 8.53 39.37 2.95
N ASP MA 212 8.87 39.79 4.16
CA ASP MA 212 10.22 40.26 4.47
C ASP MA 212 11.07 39.23 5.20
N GLU MA 213 10.62 37.99 5.29
CA GLU MA 213 11.39 36.95 5.94
C GLU MA 213 11.74 35.86 4.95
N VAL MA 214 12.19 36.25 3.77
CA VAL MA 214 12.57 35.30 2.73
C VAL MA 214 13.93 34.72 3.07
N THR MA 215 14.00 33.40 3.20
CA THR MA 215 15.24 32.72 3.55
C THR MA 215 15.97 32.35 2.27
N ASN MA 216 17.17 32.88 2.10
CA ASN MA 216 17.99 32.57 0.95
C ASN MA 216 18.69 31.24 1.17
N VAL MA 217 18.55 30.33 0.20
CA VAL MA 217 19.09 28.98 0.31
C VAL MA 217 20.07 28.78 -0.84
N ASN MA 218 21.30 28.39 -0.50
CA ASN MA 218 22.34 28.20 -1.51
C ASN MA 218 23.22 26.98 -1.24
N SER MA 219 22.77 26.05 -0.39
CA SER MA 219 23.56 24.86 -0.05
C SER MA 219 22.59 23.69 0.10
N PHE MA 220 22.50 22.86 -0.94
CA PHE MA 220 21.52 21.79 -1.00
C PHE MA 220 22.20 20.43 -0.96
N VAL MA 221 21.77 19.57 -0.03
CA VAL MA 221 22.19 18.18 -0.07
C VAL MA 221 21.54 17.47 -1.25
N GLY MA 222 20.24 17.72 -1.47
CA GLY MA 222 19.52 17.15 -2.57
C GLY MA 222 19.45 18.13 -3.73
N ILE MA 223 20.03 17.73 -4.86
CA ILE MA 223 20.12 18.62 -6.03
C ILE MA 223 18.73 19.10 -6.42
N PRO MA 224 18.53 20.39 -6.61
CA PRO MA 224 17.20 20.88 -7.00
C PRO MA 224 16.82 20.42 -8.40
N SER MA 225 15.52 20.20 -8.60
CA SER MA 225 15.03 19.77 -9.89
C SER MA 225 13.59 20.20 -10.07
N TRP MA 226 13.19 20.35 -11.33
CA TRP MA 226 11.80 20.67 -11.65
C TRP MA 226 10.92 19.48 -11.30
N SER MA 227 9.77 19.75 -10.68
CA SER MA 227 8.89 18.68 -10.21
C SER MA 227 7.43 19.05 -10.43
N GLU MA 228 7.09 19.51 -11.64
CA GLU MA 228 5.72 19.51 -12.14
C GLU MA 228 4.85 20.57 -11.46
N TRP MA 229 5.32 21.16 -10.37
CA TRP MA 229 4.58 22.20 -9.67
C TRP MA 229 5.44 23.39 -9.31
N GLY MA 230 6.73 23.37 -9.64
CA GLY MA 230 7.69 24.31 -9.11
C GLY MA 230 9.04 23.67 -8.97
N VAL MA 231 9.61 23.67 -7.76
CA VAL MA 231 10.90 23.06 -7.50
C VAL MA 231 10.76 22.17 -6.28
N GLU MA 232 11.68 21.22 -6.14
CA GLU MA 232 11.74 20.34 -4.99
C GLU MA 232 13.19 19.99 -4.70
N PHE MA 233 13.61 20.15 -3.45
CA PHE MA 233 15.00 19.92 -3.09
C PHE MA 233 15.06 19.38 -1.67
N GLN MA 234 16.25 19.41 -1.08
CA GLN MA 234 16.51 18.84 0.23
C GLN MA 234 17.73 19.52 0.83
N CYS MA 235 17.75 19.61 2.16
CA CYS MA 235 18.84 20.28 2.85
C CYS MA 235 19.01 19.66 4.23
N LEU MA 236 20.00 20.16 4.96
CA LEU MA 236 20.15 19.80 6.36
C LEU MA 236 19.09 20.53 7.18
N PHE MA 237 19.15 20.36 8.49
CA PHE MA 237 18.15 21.01 9.36
C PHE MA 237 18.38 22.51 9.35
N GLU MA 238 17.48 23.23 8.67
CA GLU MA 238 17.49 24.69 8.65
C GLU MA 238 16.31 25.19 9.47
N PRO MA 239 16.52 25.80 10.64
CA PRO MA 239 15.38 26.22 11.46
C PRO MA 239 14.52 27.28 10.81
N SER MA 240 15.05 28.01 9.83
CA SER MA 240 14.32 29.12 9.23
C SER MA 240 13.20 28.66 8.31
N ILE MA 241 13.27 27.45 7.77
CA ILE MA 241 12.25 26.98 6.84
C ILE MA 241 10.95 26.74 7.58
N ARG MA 242 9.85 27.27 7.05
CA ARG MA 242 8.53 27.07 7.60
C ARG MA 242 7.57 26.70 6.47
N VAL MA 243 6.30 26.56 6.81
CA VAL MA 243 5.25 26.33 5.82
C VAL MA 243 4.64 27.67 5.44
N ALA MA 244 4.37 27.85 4.15
CA ALA MA 244 3.86 29.07 3.53
C ALA MA 244 4.89 30.18 3.46
N GLY MA 245 6.10 29.98 3.98
CA GLY MA 245 7.15 30.98 3.84
C GLY MA 245 7.83 30.89 2.48
N GLY MA 246 8.62 31.90 2.18
CA GLY MA 246 9.29 32.00 0.90
C GLY MA 246 10.76 31.61 0.99
N VAL MA 247 11.32 31.22 -0.15
CA VAL MA 247 12.73 30.85 -0.26
C VAL MA 247 13.30 31.42 -1.55
N ALA MA 248 14.54 31.91 -1.48
CA ALA MA 248 15.28 32.37 -2.65
C ALA MA 248 16.38 31.35 -2.94
N VAL MA 249 16.41 30.85 -4.17
CA VAL MA 249 17.20 29.68 -4.53
C VAL MA 249 18.28 30.10 -5.52
N GLU MA 250 19.54 29.81 -5.19
CA GLU MA 250 20.65 29.93 -6.14
C GLU MA 250 21.37 28.59 -6.19
N SER MA 251 21.51 28.03 -7.38
CA SER MA 251 22.10 26.72 -7.59
C SER MA 251 23.39 26.83 -8.39
N LEU MA 252 24.12 25.72 -8.42
CA LEU MA 252 25.33 25.58 -9.22
C LEU MA 252 25.18 24.54 -10.31
N MET MA 253 24.75 23.33 -9.96
CA MET MA 253 24.53 22.30 -10.98
C MET MA 253 23.34 22.63 -11.87
N ASN MA 254 22.29 23.25 -11.30
CA ASN MA 254 21.06 23.56 -12.02
C ASN MA 254 20.75 25.04 -11.90
N PRO MA 255 21.51 25.90 -12.59
CA PRO MA 255 21.34 27.34 -12.42
C PRO MA 255 20.13 27.91 -13.14
N SER MA 256 19.37 27.08 -13.85
CA SER MA 256 18.20 27.55 -14.57
C SER MA 256 16.95 27.59 -13.71
N VAL MA 257 17.02 27.10 -12.48
CA VAL MA 257 15.86 26.99 -11.61
C VAL MA 257 15.92 28.05 -10.50
N ASN MA 258 16.79 29.05 -10.65
CA ASN MA 258 16.88 30.11 -9.66
C ASN MA 258 15.62 30.97 -9.66
N GLY MA 259 15.17 31.34 -8.48
CA GLY MA 259 14.01 32.21 -8.36
C GLY MA 259 13.45 32.17 -6.95
N ASN MA 260 12.26 32.76 -6.82
CA ASN MA 260 11.54 32.81 -5.56
C ASN MA 260 10.41 31.79 -5.58
N TYR MA 261 10.30 31.01 -4.52
CA TYR MA 261 9.28 29.97 -4.42
C TYR MA 261 8.59 30.06 -3.06
N VAL MA 262 7.35 29.62 -3.03
CA VAL MA 262 6.54 29.58 -1.80
C VAL MA 262 6.38 28.12 -1.39
N ILE MA 263 6.61 27.85 -0.12
CA ILE MA 263 6.73 26.48 0.36
C ILE MA 263 5.33 25.87 0.51
N THR MA 264 5.17 24.66 -0.02
CA THR MA 264 3.90 23.93 0.05
C THR MA 264 3.91 22.80 1.06
N ALA MA 265 4.88 21.89 0.99
CA ALA MA 265 4.92 20.74 1.87
C ALA MA 265 6.34 20.55 2.39
N LEU MA 266 6.45 19.91 3.56
CA LEU MA 266 7.72 19.69 4.22
C LEU MA 266 7.78 18.27 4.77
N GLU MA 267 8.99 17.80 5.00
CA GLU MA 267 9.23 16.52 5.65
C GLU MA 267 10.49 16.60 6.48
N TYR MA 268 10.44 16.06 7.69
CA TYR MA 268 11.57 16.03 8.60
C TYR MA 268 11.96 14.59 8.87
N ASP MA 269 13.26 14.29 8.79
CA ASP MA 269 13.79 12.97 9.09
C ASP MA 269 14.97 13.16 10.05
N LEU MA 270 14.69 13.20 11.34
CA LEU MA 270 15.68 13.56 12.35
C LEU MA 270 15.96 12.35 13.24
N ALA MA 271 17.24 11.99 13.35
CA ALA MA 271 17.68 10.90 14.20
C ALA MA 271 18.88 11.34 15.03
N SER MA 272 19.00 10.76 16.22
CA SER MA 272 20.10 11.11 17.12
C SER MA 272 21.29 10.16 17.01
N ARG MA 273 21.11 8.99 16.39
CA ARG MA 273 22.21 8.04 16.24
C ARG MA 273 22.23 7.38 14.87
N ASP MA 274 21.58 7.98 13.88
CA ASP MA 274 21.55 7.46 12.52
C ASP MA 274 21.91 8.57 11.55
N ARG MA 275 22.13 8.18 10.31
CA ARG MA 275 22.53 9.15 9.28
C ARG MA 275 21.48 10.22 9.02
N PRO MA 276 20.19 9.92 8.85
CA PRO MA 276 19.25 10.95 8.39
C PRO MA 276 19.08 12.07 9.42
N PHE MA 277 19.38 13.29 8.99
CA PHE MA 277 19.01 14.52 9.70
C PHE MA 277 18.80 15.56 8.60
N TYR MA 278 17.56 15.63 8.10
CA TYR MA 278 17.28 16.25 6.80
C TYR MA 278 15.97 17.04 6.85
N ILE MA 279 15.74 17.79 5.78
CA ILE MA 279 14.47 18.48 5.53
C ILE MA 279 14.22 18.47 4.04
N LYS MA 280 13.03 18.03 3.62
CA LYS MA 280 12.66 18.01 2.22
C LYS MA 280 11.59 19.05 1.95
N VAL MA 281 11.78 19.83 0.88
CA VAL MA 281 10.97 21.01 0.60
C VAL MA 281 10.42 20.92 -0.81
N MET MA 282 9.15 21.26 -0.99
CA MET MA 282 8.56 21.44 -2.30
C MET MA 282 7.94 22.83 -2.36
N GLY MA 283 8.08 23.50 -3.50
CA GLY MA 283 7.68 24.88 -3.62
C GLY MA 283 6.87 25.14 -4.88
N SER MA 284 6.24 26.30 -4.90
CA SER MA 284 5.46 26.79 -6.02
C SER MA 284 5.92 28.19 -6.37
N PRO MA 285 5.77 28.61 -7.64
CA PRO MA 285 6.25 29.93 -8.03
C PRO MA 285 5.52 31.04 -7.29
N ALA MA 286 6.26 32.04 -6.85
CA ALA MA 286 5.67 33.16 -6.12
C ALA MA 286 4.87 34.05 -7.05
N ALA MA 287 3.78 34.59 -6.52
CA ALA MA 287 2.91 35.47 -7.31
C ALA MA 287 3.18 36.93 -6.97
N ASN NA 1 -20.29 -19.91 -18.74
CA ASN NA 1 -19.55 -18.70 -18.43
C ASN NA 1 -20.42 -17.66 -17.70
N ILE NA 2 -20.70 -17.95 -16.44
CA ILE NA 2 -21.53 -17.09 -15.60
C ILE NA 2 -20.70 -16.40 -14.51
N SER NA 3 -19.51 -16.90 -14.19
CA SER NA 3 -18.48 -16.16 -13.46
C SER NA 3 -18.79 -15.97 -11.99
N LEU NA 4 -19.95 -16.40 -11.52
CA LEU NA 4 -20.25 -16.52 -10.10
C LEU NA 4 -20.30 -15.19 -9.36
N THR NA 5 -19.92 -14.09 -10.02
CA THR NA 5 -19.81 -12.80 -9.36
C THR NA 5 -19.57 -11.73 -10.42
N SER NA 6 -19.85 -10.48 -10.07
CA SER NA 6 -19.62 -9.35 -10.96
C SER NA 6 -18.18 -8.84 -10.85
N ALA NA 7 -17.24 -9.71 -11.21
CA ALA NA 7 -15.82 -9.41 -11.15
C ALA NA 7 -15.20 -9.45 -12.55
N LYS NA 8 -14.13 -8.70 -12.73
CA LYS NA 8 -13.42 -8.62 -14.00
C LYS NA 8 -12.01 -9.16 -13.86
N ALA NA 9 -11.55 -9.85 -14.91
CA ALA NA 9 -10.15 -10.27 -14.97
C ALA NA 9 -9.17 -9.11 -14.89
N PRO NA 10 -9.36 -7.98 -15.59
CA PRO NA 10 -8.39 -6.88 -15.45
C PRO NA 10 -8.28 -6.34 -14.04
N ASP NA 11 -9.30 -6.49 -13.21
CA ASP NA 11 -9.19 -6.12 -11.80
C ASP NA 11 -8.13 -7.00 -11.14
N ARG NA 12 -7.81 -6.65 -9.89
CA ARG NA 12 -6.81 -7.32 -9.07
C ARG NA 12 -5.37 -7.01 -9.52
N THR NA 13 -5.19 -6.29 -10.62
CA THR NA 13 -3.86 -5.98 -11.14
C THR NA 13 -3.25 -4.74 -10.48
N ARG NA 14 -4.04 -3.68 -10.30
CA ARG NA 14 -3.56 -2.44 -9.71
C ARG NA 14 -4.47 -2.04 -8.55
N LEU NA 15 -4.01 -1.06 -7.79
CA LEU NA 15 -4.81 -0.55 -6.68
C LEU NA 15 -6.03 0.23 -7.17
N ILE NA 16 -5.89 0.97 -8.27
CA ILE NA 16 -6.96 1.84 -8.72
C ILE NA 16 -8.17 1.03 -9.19
N ALA NA 17 -7.92 -0.10 -9.86
CA ALA NA 17 -9.04 -0.94 -10.30
C ALA NA 17 -9.81 -1.49 -9.12
N ALA NA 18 -9.11 -1.94 -8.09
CA ALA NA 18 -9.78 -2.41 -6.88
C ALA NA 18 -10.57 -1.28 -6.23
N LEU NA 19 -9.98 -0.09 -6.14
CA LEU NA 19 -10.69 1.03 -5.53
C LEU NA 19 -11.95 1.36 -6.29
N ASP NA 20 -11.89 1.31 -7.63
CA ASP NA 20 -13.08 1.56 -8.43
C ASP NA 20 -14.14 0.49 -8.18
N ALA NA 21 -13.74 -0.77 -8.05
CA ALA NA 21 -14.70 -1.82 -7.74
C ALA NA 21 -15.40 -1.56 -6.41
N ARG NA 22 -14.62 -1.26 -5.37
CA ARG NA 22 -15.23 -1.00 -4.06
C ARG NA 22 -16.10 0.26 -4.10
N SER NA 23 -15.71 1.27 -4.88
CA SER NA 23 -16.54 2.47 -5.00
C SER NA 23 -17.88 2.16 -5.65
N ARG NA 24 -17.85 1.36 -6.72
CA ARG NA 24 -19.10 0.96 -7.36
C ARG NA 24 -19.99 0.17 -6.41
N ARG NA 25 -19.40 -0.74 -5.64
CA ARG NA 25 -20.20 -1.51 -4.69
C ARG NA 25 -20.80 -0.62 -3.61
N ASP NA 26 -20.02 0.35 -3.13
CA ASP NA 26 -20.52 1.24 -2.09
C ASP NA 26 -21.65 2.13 -2.62
N ALA NA 27 -21.53 2.60 -3.86
CA ALA NA 27 -22.60 3.41 -4.45
C ALA NA 27 -23.85 2.60 -4.69
N LEU NA 28 -23.71 1.35 -5.15
CA LEU NA 28 -24.88 0.55 -5.52
C LEU NA 28 -25.78 0.27 -4.33
N ASP NA 29 -25.25 0.31 -3.11
CA ASP NA 29 -26.04 0.06 -1.92
C ASP NA 29 -26.65 1.33 -1.34
N PHE NA 30 -26.44 2.46 -1.99
CA PHE NA 30 -27.04 3.74 -1.60
C PHE NA 30 -28.39 3.85 -2.28
N GLU NA 31 -29.46 3.85 -1.50
CA GLU NA 31 -30.82 3.83 -2.02
C GLU NA 31 -31.47 5.19 -1.80
N VAL NA 32 -32.08 5.73 -2.85
CA VAL NA 32 -32.63 7.07 -2.83
C VAL NA 32 -34.12 7.06 -3.17
N MET NA 33 -34.47 6.62 -4.38
CA MET NA 33 -35.81 6.86 -4.91
C MET NA 33 -36.06 5.96 -6.10
N ILE NA 34 -37.12 5.13 -6.02
CA ILE NA 34 -37.59 4.30 -7.13
C ILE NA 34 -39.10 4.19 -7.08
N PRO NA 35 -39.77 3.86 -8.19
CA PRO NA 35 -41.21 3.65 -8.15
C PRO NA 35 -41.60 2.40 -7.36
N ALA NA 36 -42.82 2.43 -6.83
CA ALA NA 36 -43.30 1.35 -5.97
C ALA NA 36 -44.81 1.23 -6.12
N GLN NA 37 -45.41 0.40 -5.28
CA GLN NA 37 -46.84 0.10 -5.37
C GLN NA 37 -47.39 -0.16 -3.98
N VAL NA 38 -48.71 -0.05 -3.86
CA VAL NA 38 -49.40 -0.19 -2.58
C VAL NA 38 -50.00 -1.58 -2.48
N VAL NA 39 -49.76 -2.25 -1.37
CA VAL NA 39 -50.28 -3.58 -1.10
C VAL NA 39 -51.44 -3.54 -0.10
N GLN NA 40 -51.27 -2.79 0.98
CA GLN NA 40 -52.30 -2.60 1.99
C GLN NA 40 -52.21 -1.19 2.52
N TYR NA 41 -53.34 -0.67 3.01
CA TYR NA 41 -53.37 0.70 3.50
C TYR NA 41 -54.60 0.90 4.37
N ASP NA 42 -54.41 1.59 5.49
CA ASP NA 42 -55.50 2.00 6.38
C ASP NA 42 -55.55 3.51 6.44
N ARG NA 43 -56.70 4.08 6.10
CA ARG NA 43 -56.84 5.53 5.96
C ARG NA 43 -56.70 6.26 7.29
N ALA NA 44 -56.73 5.53 8.41
CA ALA NA 44 -56.87 6.17 9.71
C ALA NA 44 -55.55 6.53 10.38
N GLU NA 45 -54.42 6.01 9.88
CA GLU NA 45 -53.12 6.36 10.45
C GLU NA 45 -52.02 6.60 9.41
N ASN NA 46 -52.36 6.63 8.12
CA ASN NA 46 -51.41 7.01 7.07
C ASN NA 46 -50.18 6.11 7.08
N ILE NA 47 -50.40 4.80 7.08
CA ILE NA 47 -49.32 3.83 6.94
C ILE NA 47 -49.74 2.78 5.92
N ALA NA 48 -48.87 2.49 4.96
CA ALA NA 48 -49.20 1.60 3.86
C ALA NA 48 -48.06 0.64 3.60
N THR NA 49 -48.41 -0.62 3.37
CA THR NA 49 -47.43 -1.62 2.94
C THR NA 49 -47.08 -1.38 1.48
N ILE NA 50 -45.79 -1.40 1.16
CA ILE NA 50 -45.29 -0.95 -0.13
C ILE NA 50 -44.40 -2.04 -0.74
N GLN NA 51 -44.59 -2.31 -2.02
CA GLN NA 51 -43.78 -3.30 -2.74
C GLN NA 51 -43.10 -2.66 -3.94
N PRO NA 52 -41.78 -2.43 -3.90
CA PRO NA 52 -41.11 -1.78 -5.02
C PRO NA 52 -41.24 -2.55 -6.31
N LEU NA 53 -41.26 -1.82 -7.43
CA LEU NA 53 -41.62 -2.37 -8.73
C LEU NA 53 -40.43 -2.53 -9.67
N ILE NA 54 -39.21 -2.58 -9.15
CA ILE NA 54 -38.01 -2.78 -9.95
C ILE NA 54 -37.18 -3.88 -9.29
N THR NA 55 -36.79 -4.88 -10.07
CA THR NA 55 -36.21 -6.10 -9.52
C THR NA 55 -34.68 -5.99 -9.48
N TRP NA 56 -34.04 -7.13 -9.21
CA TRP NA 56 -32.58 -7.25 -9.18
C TRP NA 56 -32.14 -8.21 -10.28
N VAL NA 57 -31.06 -7.84 -10.97
CA VAL NA 57 -30.56 -8.63 -12.10
C VAL NA 57 -29.31 -9.37 -11.63
N ASP NA 58 -29.24 -10.66 -11.96
CA ASP NA 58 -28.15 -11.54 -11.54
C ASP NA 58 -27.21 -11.84 -12.70
N THR NA 59 -26.18 -12.62 -12.40
CA THR NA 59 -25.17 -12.93 -13.40
C THR NA 59 -25.73 -13.74 -14.57
N GLU NA 60 -26.89 -14.36 -14.40
CA GLU NA 60 -27.59 -15.02 -15.49
C GLU NA 60 -28.71 -14.15 -16.04
N HIS NA 61 -28.74 -12.88 -15.68
CA HIS NA 61 -29.77 -11.93 -16.14
C HIS NA 61 -31.17 -12.33 -15.70
N ASN NA 62 -31.27 -13.07 -14.60
CA ASN NA 62 -32.59 -13.38 -14.06
C ASN NA 62 -33.09 -12.24 -13.20
N ALA NA 63 -34.38 -12.28 -12.89
CA ALA NA 63 -35.04 -11.21 -12.14
C ALA NA 63 -35.35 -11.71 -10.73
N VAL NA 64 -34.81 -11.03 -9.72
CA VAL NA 64 -35.07 -11.35 -8.32
C VAL NA 64 -35.93 -10.23 -7.76
N GLN NA 65 -37.11 -10.60 -7.25
CA GLN NA 65 -38.04 -9.62 -6.73
C GLN NA 65 -37.57 -9.07 -5.39
N ARG NA 66 -37.89 -7.80 -5.14
CA ARG NA 66 -37.47 -7.12 -3.92
C ARG NA 66 -38.36 -7.54 -2.76
N HIS NA 67 -38.27 -6.81 -1.65
CA HIS NA 67 -38.97 -7.17 -0.42
C HIS NA 67 -40.01 -6.12 -0.07
N GLN NA 68 -41.14 -6.57 0.48
CA GLN NA 68 -42.20 -5.65 0.86
C GLN NA 68 -41.82 -4.88 2.13
N LEU NA 69 -42.24 -3.62 2.19
CA LEU NA 69 -41.94 -2.73 3.28
C LEU NA 69 -43.24 -2.41 4.01
N VAL NA 70 -43.21 -2.48 5.34
CA VAL NA 70 -44.45 -2.36 6.12
C VAL NA 70 -44.44 -1.05 6.90
N ASP NA 71 -45.64 -0.53 7.13
CA ASP NA 71 -45.86 0.66 7.97
C ASP NA 71 -45.16 1.90 7.41
N ILE NA 72 -45.06 2.01 6.09
CA ILE NA 72 -44.45 3.19 5.47
C ILE NA 72 -45.46 4.34 5.48
N PRO NA 73 -45.12 5.51 6.00
CA PRO NA 73 -46.08 6.62 6.02
C PRO NA 73 -46.37 7.13 4.62
N VAL NA 74 -47.54 7.74 4.48
CA VAL NA 74 -47.99 8.33 3.22
C VAL NA 74 -48.06 9.83 3.41
N ILE NA 75 -47.59 10.57 2.41
CA ILE NA 75 -47.53 12.02 2.50
C ILE NA 75 -48.92 12.61 2.23
N SER NA 76 -49.36 13.50 3.11
CA SER NA 76 -50.64 14.20 2.96
C SER NA 76 -50.34 15.69 3.12
N MET NA 77 -50.20 16.39 1.99
CA MET NA 77 -49.78 17.77 2.02
C MET NA 77 -50.78 18.61 2.80
N GLY NA 78 -50.28 19.62 3.48
CA GLY NA 78 -51.12 20.53 4.24
C GLY NA 78 -50.39 21.10 5.44
N ALA NA 79 -50.72 22.34 5.76
CA ALA NA 79 -50.14 23.01 6.91
C ALA NA 79 -51.13 24.06 7.40
N GLY NA 80 -50.97 24.44 8.66
CA GLY NA 80 -51.92 25.36 9.25
C GLY NA 80 -53.32 24.79 9.34
N GLY NA 81 -53.43 23.49 9.59
CA GLY NA 81 -54.72 22.85 9.74
C GLY NA 81 -55.60 22.82 8.51
N PHE NA 82 -55.02 22.49 7.34
CA PHE NA 82 -55.80 22.38 6.11
C PHE NA 82 -55.04 21.44 5.19
N HIS NA 83 -55.52 20.21 5.03
CA HIS NA 83 -54.78 19.18 4.32
C HIS NA 83 -55.62 18.59 3.20
N ILE NA 84 -54.96 17.80 2.36
CA ILE NA 84 -55.57 17.15 1.19
C ILE NA 84 -55.27 15.66 1.27
N SER NA 85 -56.29 14.84 1.06
CA SER NA 85 -56.13 13.39 1.14
C SER NA 85 -56.84 12.71 -0.02
N PHE NA 86 -56.24 11.65 -0.54
CA PHE NA 86 -56.81 10.85 -1.60
C PHE NA 86 -57.12 9.44 -1.08
N PRO NA 87 -58.28 8.90 -1.40
CA PRO NA 87 -58.66 7.58 -0.86
C PRO NA 87 -57.92 6.43 -1.52
N ILE NA 88 -56.68 6.23 -1.08
CA ILE NA 88 -55.84 5.19 -1.66
C ILE NA 88 -56.38 3.82 -1.33
N GLN NA 89 -56.26 2.88 -2.26
CA GLN NA 89 -56.65 1.49 -2.05
C GLN NA 89 -55.56 0.61 -2.64
N GLN NA 90 -55.85 -0.69 -2.74
CA GLN NA 90 -54.84 -1.67 -3.09
C GLN NA 90 -54.55 -1.64 -4.59
N GLY NA 91 -53.27 -1.55 -4.94
CA GLY NA 91 -52.86 -1.52 -6.32
C GLY NA 91 -52.50 -0.15 -6.87
N ASP NA 92 -52.48 0.89 -6.04
CA ASP NA 92 -52.11 2.21 -6.48
C ASP NA 92 -50.59 2.36 -6.50
N ILE NA 93 -50.10 3.15 -7.45
CA ILE NA 93 -48.67 3.27 -7.70
C ILE NA 93 -48.19 4.66 -7.31
N GLY NA 94 -46.87 4.84 -7.32
CA GLY NA 94 -46.28 6.09 -6.91
C GLY NA 94 -44.78 5.96 -6.75
N TRP NA 95 -44.20 6.86 -5.97
CA TRP NA 95 -42.78 6.89 -5.71
C TRP NA 95 -42.51 6.79 -4.21
N ILE NA 96 -41.35 6.24 -3.86
CA ILE NA 96 -40.94 6.10 -2.47
C ILE NA 96 -39.55 6.66 -2.30
N TYR NA 97 -39.35 7.44 -1.23
CA TYR NA 97 -38.05 8.00 -0.88
C TYR NA 97 -37.48 7.26 0.32
N ALA NA 98 -36.21 7.49 0.60
CA ALA NA 98 -35.52 6.83 1.69
C ALA NA 98 -35.00 7.88 2.68
N ALA NA 99 -35.34 7.71 3.95
CA ALA NA 99 -34.88 8.63 4.99
C ALA NA 99 -33.41 8.39 5.30
N ASP NA 100 -32.79 9.43 5.84
CA ASP NA 100 -31.36 9.36 6.18
C ASP NA 100 -31.12 8.39 7.33
N ARG NA 101 -31.87 8.52 8.41
CA ARG NA 101 -31.67 7.72 9.61
C ARG NA 101 -32.95 6.96 9.96
N ASP NA 102 -32.94 6.33 11.13
CA ASP NA 102 -34.08 5.54 11.58
C ASP NA 102 -35.13 6.45 12.22
N THR NA 103 -36.36 6.37 11.72
CA THR NA 103 -37.43 7.27 12.15
C THR NA 103 -38.56 6.57 12.88
N SER NA 104 -38.36 5.33 13.32
CA SER NA 104 -39.42 4.63 14.04
C SER NA 104 -39.77 5.34 15.34
N GLN NA 105 -38.75 5.74 16.10
CA GLN NA 105 -39.00 6.45 17.34
C GLN NA 105 -39.65 7.80 17.09
N PHE NA 106 -39.39 8.42 15.94
CA PHE NA 106 -40.04 9.68 15.61
C PHE NA 106 -41.51 9.46 15.27
N LEU NA 107 -41.80 8.45 14.44
CA LEU NA 107 -43.19 8.13 14.14
C LEU NA 107 -43.95 7.62 15.34
N GLU NA 108 -43.25 7.21 16.41
CA GLU NA 108 -43.95 6.74 17.59
C GLU NA 108 -44.51 7.90 18.41
N SER NA 109 -43.93 9.10 18.32
CA SER NA 109 -44.43 10.23 19.09
C SER NA 109 -44.51 11.55 18.32
N LEU NA 110 -43.94 11.66 17.12
CA LEU NA 110 -44.00 12.89 16.31
C LEU NA 110 -43.44 14.10 17.05
N SER NA 111 -42.34 13.90 17.77
CA SER NA 111 -41.62 14.97 18.45
C SER NA 111 -40.13 14.72 18.29
N MET NA 112 -39.32 15.62 18.85
CA MET NA 112 -37.87 15.45 18.77
C MET NA 112 -37.46 14.15 19.45
N SER NA 113 -36.64 13.36 18.76
CA SER NA 113 -36.33 12.03 19.24
C SER NA 113 -34.95 11.59 18.77
N LYS NA 114 -34.36 10.68 19.54
CA LYS NA 114 -33.09 10.08 19.20
C LYS NA 114 -33.28 9.06 18.08
N PRO NA 115 -32.27 8.89 17.22
CA PRO NA 115 -32.35 7.81 16.24
C PRO NA 115 -32.34 6.45 16.93
N ASN NA 116 -33.02 5.48 16.32
CA ASN NA 116 -33.15 4.18 16.95
C ASN NA 116 -31.91 3.31 16.71
N THR NA 117 -31.56 3.07 15.46
CA THR NA 117 -30.45 2.20 15.09
C THR NA 117 -29.53 2.95 14.14
N GLY NA 118 -28.43 2.30 13.77
CA GLY NA 118 -27.42 2.87 12.92
C GLY NA 118 -27.64 2.70 11.43
N ARG NA 119 -28.76 2.14 11.01
CA ARG NA 119 -29.01 1.93 9.59
C ARG NA 119 -29.25 3.26 8.89
N ILE NA 120 -28.63 3.44 7.72
CA ILE NA 120 -28.64 4.70 7.00
C ILE NA 120 -28.96 4.45 5.53
N HIS NA 121 -29.76 5.35 4.95
CA HIS NA 121 -30.05 5.36 3.51
C HIS NA 121 -30.56 4.02 3.01
N LYS NA 122 -31.63 3.55 3.65
CA LYS NA 122 -32.28 2.32 3.25
C LYS NA 122 -33.79 2.54 3.17
N PHE NA 123 -34.44 1.76 2.33
CA PHE NA 123 -35.88 1.91 2.10
C PHE NA 123 -36.72 1.40 3.25
N GLU NA 124 -36.12 0.86 4.30
CA GLU NA 124 -36.90 0.29 5.39
C GLU NA 124 -37.77 1.35 6.06
N HIS NA 125 -37.23 2.55 6.26
CA HIS NA 125 -37.96 3.66 6.86
C HIS NA 125 -37.94 4.82 5.86
N GLY NA 126 -38.99 4.94 5.05
CA GLY NA 126 -39.01 5.89 3.96
C GLY NA 126 -40.22 6.80 4.00
N LEU NA 127 -40.77 7.06 2.82
CA LEU NA 127 -41.86 8.01 2.64
C LEU NA 127 -42.45 7.80 1.26
N PHE NA 128 -43.77 7.65 1.18
CA PHE NA 128 -44.45 7.30 -0.06
C PHE NA 128 -45.21 8.50 -0.62
N ILE NA 129 -45.11 8.71 -1.92
CA ILE NA 129 -45.77 9.82 -2.60
C ILE NA 129 -46.67 9.24 -3.69
N PRO NA 130 -47.98 9.43 -3.63
CA PRO NA 130 -48.86 8.87 -4.67
C PRO NA 130 -48.67 9.58 -6.00
N ASP NA 131 -49.02 8.87 -7.07
CA ASP NA 131 -49.00 9.44 -8.41
C ASP NA 131 -49.91 8.61 -9.30
N VAL NA 132 -50.31 9.20 -10.43
CA VAL NA 132 -51.14 8.52 -11.41
C VAL NA 132 -50.47 8.43 -12.78
N PHE NA 133 -49.40 9.19 -13.02
CA PHE NA 133 -48.64 9.17 -14.28
C PHE NA 133 -49.59 9.61 -15.39
N ARG NA 134 -49.72 8.87 -16.49
CA ARG NA 134 -50.47 9.30 -17.65
C ARG NA 134 -51.86 8.70 -17.75
N ARG NA 135 -52.37 8.11 -16.67
CA ARG NA 135 -53.64 7.39 -16.71
C ARG NA 135 -54.79 8.32 -16.32
N TYR NA 136 -55.20 9.14 -17.29
CA TYR NA 136 -56.37 10.01 -17.10
C TYR NA 136 -56.86 10.49 -18.45
N THR NA 137 -58.08 11.03 -18.45
CA THR NA 137 -58.67 11.69 -19.60
C THR NA 137 -58.86 13.16 -19.29
N ILE NA 138 -58.44 14.03 -20.21
CA ILE NA 138 -58.53 15.47 -20.04
C ILE NA 138 -59.49 16.00 -21.10
N ASN NA 139 -60.53 16.70 -20.65
CA ASN NA 139 -61.54 17.21 -21.58
C ASN NA 139 -60.99 18.37 -22.39
N SER NA 140 -61.45 18.47 -23.63
CA SER NA 140 -60.91 19.45 -24.56
C SER NA 140 -61.23 20.87 -24.18
N GLU NA 141 -62.21 21.09 -23.30
CA GLU NA 141 -62.60 22.45 -22.94
C GLU NA 141 -61.57 23.10 -22.01
N ASP NA 142 -61.05 22.34 -21.04
CA ASP NA 142 -60.16 22.89 -20.02
C ASP NA 142 -58.71 22.54 -20.28
N SER NA 143 -58.30 22.54 -21.54
CA SER NA 143 -56.92 22.26 -21.92
C SER NA 143 -55.94 23.33 -21.45
N ALA NA 144 -56.40 24.36 -20.72
CA ALA NA 144 -55.51 25.43 -20.27
C ALA NA 144 -55.86 25.89 -18.87
N ALA NA 145 -56.53 25.05 -18.07
CA ALA NA 145 -56.96 25.45 -16.74
C ALA NA 145 -56.72 24.32 -15.75
N MET NA 146 -56.55 24.70 -14.48
CA MET NA 146 -56.43 23.71 -13.42
C MET NA 146 -57.65 22.80 -13.40
N VAL NA 147 -57.41 21.50 -13.28
CA VAL NA 147 -58.48 20.53 -13.17
C VAL NA 147 -58.25 19.68 -11.92
N ILE NA 148 -59.30 19.53 -11.12
CA ILE NA 148 -59.35 18.57 -10.04
C ILE NA 148 -60.51 17.65 -10.37
N GLN NA 149 -60.21 16.40 -10.70
CA GLN NA 149 -61.22 15.56 -11.31
C GLN NA 149 -60.97 14.11 -10.89
N SER NA 150 -61.57 13.18 -11.62
CA SER NA 150 -61.31 11.76 -11.49
C SER NA 150 -60.38 11.32 -12.62
N THR NA 151 -60.19 10.01 -12.76
CA THR NA 151 -59.45 9.51 -13.92
C THR NA 151 -60.19 9.82 -15.21
N SER NA 152 -61.50 9.62 -15.22
CA SER NA 152 -62.31 9.75 -16.42
C SER NA 152 -62.84 11.15 -16.66
N GLY NA 153 -62.66 12.06 -15.71
CA GLY NA 153 -63.18 13.40 -15.89
C GLY NA 153 -64.67 13.53 -15.70
N ALA NA 154 -65.30 12.55 -15.03
CA ALA NA 154 -66.74 12.63 -14.80
C ALA NA 154 -67.10 13.83 -13.93
N THR NA 155 -66.37 14.05 -12.85
CA THR NA 155 -66.59 15.17 -11.95
C THR NA 155 -65.38 16.07 -11.99
N ARG NA 156 -65.59 17.37 -12.15
CA ARG NA 156 -64.48 18.29 -12.35
C ARG NA 156 -64.67 19.56 -11.54
N ILE NA 157 -63.55 20.24 -11.28
CA ILE NA 157 -63.52 21.60 -10.76
C ILE NA 157 -62.49 22.33 -11.60
N SER NA 158 -62.93 23.06 -12.61
CA SER NA 158 -62.04 23.67 -13.59
C SER NA 158 -61.86 25.14 -13.22
N ILE NA 159 -60.70 25.47 -12.66
CA ILE NA 159 -60.37 26.84 -12.28
C ILE NA 159 -59.62 27.47 -13.44
N ARG NA 160 -60.34 28.22 -14.27
CA ARG NA 160 -59.72 28.88 -15.41
C ARG NA 160 -59.17 30.24 -14.97
N GLY NA 161 -58.70 31.02 -15.94
CA GLY NA 161 -58.04 32.28 -15.59
C GLY NA 161 -58.98 33.27 -14.94
N ASP NA 162 -60.25 33.28 -15.36
CA ASP NA 162 -61.20 34.28 -14.89
C ASP NA 162 -62.59 33.72 -14.63
N ASN NA 163 -62.79 32.41 -14.70
CA ASN NA 163 -64.09 31.83 -14.41
C ASN NA 163 -63.89 30.41 -13.87
N ILE NA 164 -64.91 29.91 -13.20
CA ILE NA 164 -64.88 28.59 -12.56
C ILE NA 164 -66.06 27.79 -13.09
N LYS NA 165 -65.79 26.56 -13.51
CA LYS NA 165 -66.83 25.64 -13.97
C LYS NA 165 -66.82 24.40 -13.08
N ILE NA 166 -68.00 24.03 -12.59
CA ILE NA 166 -68.14 22.88 -11.71
C ILE NA 166 -69.05 21.88 -12.39
N THR NA 167 -68.55 20.66 -12.57
CA THR NA 167 -69.25 19.62 -13.30
C THR NA 167 -69.58 18.46 -12.37
N ALA NA 168 -70.81 17.99 -12.43
CA ALA NA 168 -71.24 16.81 -11.68
C ALA NA 168 -72.40 16.20 -12.43
N PRO NA 169 -72.18 15.07 -13.13
CA PRO NA 169 -73.27 14.51 -13.93
C PRO NA 169 -74.47 14.09 -13.12
N SER NA 170 -74.27 13.58 -11.90
CA SER NA 170 -75.40 13.11 -11.10
C SER NA 170 -76.10 14.26 -10.39
N ASN NA 171 -75.41 14.89 -9.44
CA ASN NA 171 -76.00 15.95 -8.63
C ASN NA 171 -74.90 16.59 -7.80
N VAL NA 172 -75.23 17.74 -7.19
CA VAL NA 172 -74.32 18.47 -6.33
C VAL NA 172 -75.13 18.94 -5.12
N THR NA 173 -74.44 19.28 -4.05
CA THR NA 173 -75.09 19.69 -2.81
C THR NA 173 -74.30 20.82 -2.17
N VAL NA 174 -75.00 21.63 -1.38
CA VAL NA 174 -74.39 22.63 -0.51
C VAL NA 174 -74.96 22.42 0.88
N ASP NA 175 -74.12 21.99 1.81
CA ASP NA 175 -74.54 21.66 3.16
C ASP NA 175 -74.49 22.89 4.08
N THR NA 176 -74.15 24.04 3.52
CA THR NA 176 -74.08 25.25 4.32
C THR NA 176 -75.48 25.71 4.72
N PRO NA 177 -75.69 26.12 5.97
CA PRO NA 177 -76.98 26.68 6.37
C PRO NA 177 -77.16 28.17 6.12
N GLN NA 178 -76.24 28.81 5.39
CA GLN NA 178 -76.43 30.21 5.01
C GLN NA 178 -75.59 30.49 3.76
N ALA NA 179 -76.23 30.51 2.61
CA ALA NA 179 -75.56 30.83 1.36
C ALA NA 179 -75.62 32.33 1.09
N ASN NA 180 -74.82 32.77 0.12
CA ASN NA 180 -74.77 34.17 -0.24
C ASN NA 180 -74.45 34.29 -1.73
N PHE NA 181 -74.92 35.39 -2.33
CA PHE NA 181 -74.59 35.73 -3.70
C PHE NA 181 -74.46 37.24 -3.79
N THR NA 182 -73.72 37.71 -4.80
CA THR NA 182 -73.49 39.15 -4.98
C THR NA 182 -73.61 39.53 -6.45
N GLY NA 183 -74.65 39.02 -7.12
CA GLY NA 183 -74.82 39.37 -8.52
C GLY NA 183 -76.00 38.64 -9.13
N ASN NA 184 -76.17 38.87 -10.43
CA ASN NA 184 -77.27 38.28 -11.16
C ASN NA 184 -77.14 36.77 -11.23
N VAL NA 185 -78.24 36.06 -11.01
CA VAL NA 185 -78.27 34.61 -10.99
C VAL NA 185 -79.17 34.13 -12.14
N THR NA 186 -78.94 32.90 -12.57
CA THR NA 186 -79.65 32.35 -13.73
C THR NA 186 -79.88 30.87 -13.53
N ILE NA 187 -81.12 30.43 -13.74
CA ILE NA 187 -81.50 29.02 -13.73
C ILE NA 187 -82.05 28.68 -15.11
N ALA NA 188 -82.05 27.37 -15.42
CA ALA NA 188 -82.50 26.91 -16.72
C ALA NA 188 -83.63 25.89 -16.64
N ASN NA 189 -84.16 25.61 -15.46
CA ASN NA 189 -85.24 24.63 -15.33
C ASN NA 189 -86.10 25.01 -14.13
N THR NA 190 -86.90 24.06 -13.65
CA THR NA 190 -87.86 24.35 -12.59
C THR NA 190 -87.15 24.62 -11.27
N LEU NA 191 -87.83 25.37 -10.41
CA LEU NA 191 -87.34 25.70 -9.07
C LEU NA 191 -88.23 25.06 -8.02
N VAL NA 192 -87.61 24.65 -6.92
CA VAL NA 192 -88.31 24.14 -5.76
C VAL NA 192 -87.76 24.85 -4.54
N VAL NA 193 -88.62 25.55 -3.81
CA VAL NA 193 -88.23 26.24 -2.59
C VAL NA 193 -89.17 25.83 -1.48
N ASN NA 194 -88.59 25.47 -0.33
CA ASN NA 194 -89.36 25.10 0.87
C ASN NA 194 -90.44 24.08 0.55
N GLY NA 195 -90.14 23.14 -0.34
CA GLY NA 195 -91.05 22.07 -0.67
C GLY NA 195 -92.09 22.38 -1.72
N ILE NA 196 -92.11 23.59 -2.27
CA ILE NA 196 -93.12 23.98 -3.25
C ILE NA 196 -92.44 24.61 -4.46
N ASN NA 197 -93.18 24.66 -5.55
CA ASN NA 197 -92.66 25.13 -6.83
C ASN NA 197 -92.74 26.65 -6.93
N VAL NA 198 -91.95 27.20 -7.85
CA VAL NA 198 -91.91 28.64 -8.11
C VAL NA 198 -92.27 28.90 -9.56
N ASN NA 199 -92.11 27.88 -10.41
CA ASN NA 199 -92.37 28.05 -11.83
C ASN NA 199 -93.84 27.99 -12.19
N ASN NA 200 -94.71 27.66 -11.24
CA ASN NA 200 -96.16 27.76 -11.42
C ASN NA 200 -96.75 28.02 -10.04
N HIS NA 201 -97.05 29.28 -9.76
CA HIS NA 201 -97.62 29.64 -8.47
C HIS NA 201 -98.55 30.83 -8.62
N GLY NA 202 -99.69 30.75 -7.95
CA GLY NA 202 -100.67 31.82 -7.96
C GLY NA 202 -101.24 32.10 -6.59
N HIS NA 203 -101.31 33.37 -6.22
CA HIS NA 203 -101.64 33.77 -4.86
C HIS NA 203 -103.11 34.14 -4.77
N LEU NA 204 -103.78 33.65 -3.73
CA LEU NA 204 -105.19 33.96 -3.54
C LEU NA 204 -105.35 35.44 -3.22
N GLU NA 205 -106.52 35.98 -3.56
CA GLU NA 205 -106.81 37.40 -3.41
C GLU NA 205 -108.09 37.59 -2.59
N ASN NA 206 -108.56 38.84 -2.52
CA ASN NA 206 -109.73 39.16 -1.72
C ASN NA 206 -111.03 38.96 -2.50
N ASN NA 207 -111.10 39.49 -3.72
CA ASN NA 207 -112.24 39.20 -4.59
C ASN NA 207 -111.73 38.64 -5.91
N PRO NA 208 -112.22 37.48 -6.35
CA PRO NA 208 -113.23 36.66 -5.67
C PRO NA 208 -112.67 36.03 -4.41
N PRO NA 209 -113.55 35.70 -3.45
CA PRO NA 209 -113.06 35.22 -2.15
C PRO NA 209 -112.16 34.00 -2.25
N ASP NA 210 -110.89 34.19 -1.93
CA ASP NA 210 -109.91 33.11 -1.78
C ASP NA 210 -109.75 32.28 -3.05
N ALA NA 211 -110.17 32.81 -4.20
CA ALA NA 211 -110.03 32.08 -5.45
C ALA NA 211 -108.58 32.01 -5.89
N ARG NA 212 -108.22 30.91 -6.53
CA ARG NA 212 -106.86 30.73 -7.00
C ARG NA 212 -106.55 31.68 -8.15
N THR NA 213 -105.38 32.30 -8.10
CA THR NA 213 -104.93 33.13 -9.21
C THR NA 213 -104.75 32.29 -10.45
N LYS NA 214 -105.44 32.67 -11.52
CA LYS NA 214 -105.47 31.88 -12.74
C LYS NA 214 -104.09 31.76 -13.35
N GLY NA 215 -103.71 30.53 -13.71
CA GLY NA 215 -102.43 30.30 -14.34
C GLY NA 215 -101.31 30.13 -13.33
N GLY NA 216 -100.08 30.19 -13.85
CA GLY NA 216 -98.90 30.01 -13.04
C GLY NA 216 -97.96 31.22 -13.00
N MET NA 217 -96.84 31.11 -13.70
CA MET NA 217 -95.80 32.13 -13.70
C MET NA 217 -95.75 32.79 -15.07
N ILE NA 218 -96.31 33.99 -15.18
CA ILE NA 218 -96.25 34.80 -16.40
C ILE NA 218 -95.29 35.95 -16.15
N ALA NA 219 -94.49 36.26 -17.17
CA ALA NA 219 -93.47 37.30 -17.11
C ALA NA 219 -94.03 38.62 -16.57
N MET OA 1 60.68 -35.28 -25.37
CA MET OA 1 60.14 -34.04 -24.85
C MET OA 1 59.98 -33.04 -26.00
N ASN OA 2 60.10 -33.58 -27.22
CA ASN OA 2 60.33 -32.78 -28.41
C ASN OA 2 59.24 -31.75 -28.64
N SER OA 3 58.00 -32.07 -28.24
CA SER OA 3 56.83 -31.31 -28.66
C SER OA 3 56.75 -31.30 -30.18
N PHE OA 4 55.80 -30.56 -30.73
CA PHE OA 4 55.53 -30.51 -32.17
C PHE OA 4 55.39 -31.90 -32.78
N LEU OA 5 55.24 -32.92 -31.93
CA LEU OA 5 54.89 -34.27 -32.32
C LEU OA 5 53.48 -34.60 -31.84
N LYS OA 6 52.59 -33.63 -31.93
CA LYS OA 6 51.29 -33.71 -31.27
C LYS OA 6 50.54 -34.97 -31.70
N SER OA 7 50.07 -35.72 -30.71
CA SER OA 7 49.27 -36.90 -30.99
C SER OA 7 47.96 -36.50 -31.64
N ILE OA 8 47.49 -37.35 -32.55
CA ILE OA 8 46.20 -37.10 -33.17
C ILE OA 8 45.08 -37.34 -32.16
N LEU OA 9 43.90 -36.82 -32.49
CA LEU OA 9 42.67 -36.93 -31.71
C LEU OA 9 42.68 -36.07 -30.46
N ASN OA 10 43.85 -35.53 -30.08
CA ASN OA 10 43.93 -34.77 -28.84
C ASN OA 10 44.90 -33.60 -28.96
N THR OA 11 45.11 -33.08 -30.16
CA THR OA 11 46.15 -32.07 -30.40
C THR OA 11 45.93 -30.83 -29.54
N PRO OA 12 46.78 -30.59 -28.54
CA PRO OA 12 46.58 -29.44 -27.64
C PRO OA 12 46.95 -28.12 -28.30
N THR OA 13 46.09 -27.66 -29.21
CA THR OA 13 46.21 -26.33 -29.80
C THR OA 13 44.89 -25.61 -29.63
N LEU OA 14 44.95 -24.37 -29.15
CA LEU OA 14 43.75 -23.56 -28.93
C LEU OA 14 43.43 -22.81 -30.21
N THR OA 15 42.27 -23.09 -30.80
CA THR OA 15 41.82 -22.42 -32.01
C THR OA 15 40.56 -21.64 -31.70
N ILE OA 16 40.57 -20.35 -32.00
CA ILE OA 16 39.42 -19.48 -31.82
C ILE OA 16 38.97 -19.00 -33.18
N ARG OA 17 37.69 -19.15 -33.48
CA ARG OA 17 37.15 -18.92 -34.81
C ARG OA 17 35.98 -17.96 -34.73
N ASP OA 18 36.04 -16.87 -35.49
CA ASP OA 18 34.92 -15.95 -35.55
C ASP OA 18 33.69 -16.64 -36.12
N ASP OA 19 32.52 -16.33 -35.55
CA ASP OA 19 31.34 -17.12 -35.84
C ASP OA 19 30.74 -16.82 -37.21
N VAL OA 20 30.83 -15.59 -37.68
CA VAL OA 20 30.33 -15.26 -39.02
C VAL OA 20 31.39 -15.44 -40.08
N THR OA 21 32.65 -15.08 -39.77
CA THR OA 21 33.72 -15.20 -40.74
C THR OA 21 34.19 -16.64 -40.89
N LYS OA 22 34.21 -17.40 -39.78
CA LYS OA 22 34.69 -18.78 -39.77
C LYS OA 22 36.15 -18.87 -40.22
N LEU OA 23 36.97 -17.93 -39.75
CA LEU OA 23 38.41 -17.95 -39.98
C LEU OA 23 39.12 -17.76 -38.64
N PRO OA 24 40.22 -18.45 -38.41
CA PRO OA 24 40.89 -18.36 -37.11
C PRO OA 24 41.47 -16.98 -36.85
N VAL OA 25 41.41 -16.57 -35.59
CA VAL OA 25 41.85 -15.25 -35.16
C VAL OA 25 42.76 -15.40 -33.95
N TRP OA 26 43.55 -14.35 -33.70
CA TRP OA 26 44.44 -14.26 -32.54
C TRP OA 26 45.34 -15.49 -32.43
N LYS OA 27 45.88 -15.92 -33.56
CA LYS OA 27 46.78 -17.07 -33.58
C LYS OA 27 48.18 -16.71 -33.09
N SER OA 28 48.36 -15.53 -32.50
CA SER OA 28 49.63 -15.08 -31.96
C SER OA 28 49.77 -15.34 -30.47
N LEU OA 29 48.78 -15.93 -29.83
CA LEU OA 29 48.77 -16.10 -28.39
C LEU OA 29 49.55 -17.36 -27.98
N GLN OA 30 50.02 -17.36 -26.75
CA GLN OA 30 50.68 -18.51 -26.15
C GLN OA 30 49.97 -18.82 -24.83
N VAL OA 31 49.02 -19.73 -24.88
CA VAL OA 31 48.13 -19.99 -23.74
C VAL OA 31 48.77 -20.98 -22.79
N LYS OA 32 48.49 -20.82 -21.50
CA LYS OA 32 49.06 -21.64 -20.45
C LYS OA 32 48.03 -22.43 -19.65
N LYS OA 33 46.76 -22.09 -19.74
CA LYS OA 33 45.74 -22.72 -18.92
C LYS OA 33 44.40 -22.62 -19.62
N VAL OA 34 43.54 -23.60 -19.39
CA VAL OA 34 42.18 -23.60 -19.87
C VAL OA 34 41.31 -24.24 -18.79
N GLU OA 35 40.14 -23.65 -18.53
CA GLU OA 35 39.20 -24.18 -17.56
C GLU OA 35 37.81 -24.17 -18.14
N ILE OA 36 37.03 -25.20 -17.83
CA ILE OA 36 35.65 -25.34 -18.29
C ILE OA 36 34.78 -25.61 -17.08
N TYR OA 37 33.68 -24.87 -16.96
CA TYR OA 37 32.69 -25.09 -15.90
C TYR OA 37 31.33 -25.27 -16.54
N SER OA 38 30.60 -26.29 -16.10
CA SER OA 38 29.29 -26.63 -16.66
C SER OA 38 28.31 -26.86 -15.52
N PRO OA 39 27.74 -25.80 -14.96
CA PRO OA 39 26.85 -25.94 -13.81
C PRO OA 39 25.43 -26.33 -14.22
N ALA OA 40 24.63 -26.62 -13.20
CA ALA OA 40 23.21 -26.90 -13.37
C ALA OA 40 22.53 -26.75 -12.02
N SER OA 41 21.21 -26.65 -12.03
CA SER OA 41 20.42 -26.46 -10.82
C SER OA 41 19.54 -27.67 -10.56
N VAL OA 42 19.48 -28.08 -9.30
CA VAL OA 42 18.74 -29.26 -8.88
C VAL OA 42 17.73 -28.84 -7.82
N VAL OA 43 16.50 -29.34 -7.95
CA VAL OA 43 15.46 -29.01 -6.98
C VAL OA 43 15.88 -29.46 -5.59
N SER OA 44 15.44 -28.70 -4.58
CA SER OA 44 15.78 -28.95 -3.19
C SER OA 44 14.54 -28.88 -2.31
N LYS OA 45 13.47 -29.53 -2.74
CA LYS OA 45 12.22 -29.56 -1.99
C LYS OA 45 11.69 -30.98 -1.90
N PRO OA 46 10.95 -31.29 -0.83
CA PRO OA 46 10.66 -32.71 -0.52
C PRO OA 46 9.89 -33.48 -1.59
N LEU OA 47 8.99 -32.85 -2.35
CA LEU OA 47 8.30 -33.52 -3.47
C LEU OA 47 7.36 -34.63 -3.01
N ALA OA 48 6.30 -34.92 -3.79
CA ALA OA 48 5.27 -35.86 -3.37
C ALA OA 48 4.88 -36.80 -4.50
N THR OA 49 4.42 -37.99 -4.13
CA THR OA 49 4.04 -39.03 -5.09
C THR OA 49 2.84 -39.81 -4.56
N LYS OA 50 2.17 -40.53 -5.48
CA LYS OA 50 0.98 -41.29 -5.10
C LYS OA 50 1.36 -42.53 -4.28
N ASP OA 51 2.19 -43.40 -4.85
CA ASP OA 51 2.94 -44.42 -4.12
C ASP OA 51 2.13 -45.67 -3.78
N GLN OA 52 1.01 -45.93 -4.48
CA GLN OA 52 0.32 -47.20 -4.31
C GLN OA 52 -0.12 -47.82 -5.63
N THR OA 53 0.39 -47.35 -6.75
CA THR OA 53 -0.02 -47.83 -8.06
C THR OA 53 0.80 -49.06 -8.46
N GLU OA 54 0.63 -49.51 -9.69
CA GLU OA 54 1.46 -50.56 -10.24
C GLU OA 54 2.90 -50.09 -10.36
N ALA OA 55 3.83 -51.05 -10.39
CA ALA OA 55 5.24 -50.71 -10.34
C ALA OA 55 5.67 -49.91 -11.57
N GLN OA 56 5.32 -50.39 -12.77
CA GLN OA 56 5.78 -49.74 -13.99
C GLN OA 56 5.08 -48.40 -14.20
N VAL OA 57 3.85 -48.25 -13.74
CA VAL OA 57 3.18 -46.95 -13.82
C VAL OA 57 3.93 -45.92 -12.97
N TYR OA 58 4.33 -46.32 -11.75
CA TYR OA 58 5.10 -45.41 -10.90
C TYR OA 58 6.49 -45.16 -11.47
N THR OA 59 7.05 -46.15 -12.17
CA THR OA 59 8.32 -45.93 -12.86
C THR OA 59 8.17 -44.93 -13.99
N GLU OA 60 7.02 -44.92 -14.67
CA GLU OA 60 6.73 -43.88 -15.64
C GLU OA 60 6.70 -42.51 -14.98
N ALA OA 61 6.08 -42.41 -13.81
CA ALA OA 61 6.23 -41.24 -12.98
C ALA OA 61 7.62 -41.25 -12.35
N LEU OA 62 7.96 -40.16 -11.66
CA LEU OA 62 9.28 -39.96 -11.06
C LEU OA 62 10.32 -39.78 -12.17
N ASP OA 63 9.91 -40.05 -13.40
CA ASP OA 63 10.51 -39.48 -14.60
C ASP OA 63 9.65 -38.28 -14.97
N ILE OA 64 10.02 -37.59 -16.05
CA ILE OA 64 9.26 -36.43 -16.50
C ILE OA 64 9.19 -35.38 -15.40
N ASP OA 65 8.75 -35.78 -14.21
CA ASP OA 65 8.79 -34.90 -13.05
C ASP OA 65 10.22 -34.51 -12.68
N VAL OA 66 11.15 -35.46 -12.71
CA VAL OA 66 12.54 -35.13 -12.44
C VAL OA 66 13.08 -34.20 -13.53
N LYS OA 67 12.64 -34.38 -14.77
CA LYS OA 67 12.98 -33.42 -15.82
C LYS OA 67 12.58 -32.00 -15.43
N ASN OA 68 11.49 -31.86 -14.68
CA ASN OA 68 11.08 -30.57 -14.13
C ASN OA 68 11.78 -30.41 -12.79
N GLY OA 69 12.98 -29.86 -12.82
CA GLY OA 69 13.79 -29.85 -11.62
C GLY OA 69 15.27 -30.00 -11.93
N LYS OA 70 15.60 -30.13 -13.21
CA LYS OA 70 16.99 -30.12 -13.68
C LYS OA 70 17.01 -29.31 -14.97
N ILE OA 71 17.51 -28.08 -14.88
CA ILE OA 71 17.60 -27.18 -16.02
C ILE OA 71 19.03 -26.67 -16.11
N ILE OA 72 19.63 -26.76 -17.29
CA ILE OA 72 21.05 -26.54 -17.48
C ILE OA 72 21.33 -25.06 -17.67
N GLN OA 73 22.30 -24.55 -16.93
CA GLN OA 73 22.81 -23.18 -16.98
C GLN OA 73 23.98 -23.11 -17.97
N PRO OA 74 24.40 -21.88 -18.35
CA PRO OA 74 25.44 -21.76 -19.39
C PRO OA 74 26.80 -22.33 -19.03
N VAL OA 75 27.74 -22.24 -19.95
CA VAL OA 75 29.08 -22.80 -19.80
C VAL OA 75 30.07 -21.66 -19.64
N ARG OA 76 30.97 -21.78 -18.67
CA ARG OA 76 31.99 -20.77 -18.42
C ARG OA 76 33.36 -21.34 -18.80
N LEU OA 77 34.13 -20.56 -19.55
CA LEU OA 77 35.45 -20.96 -20.02
C LEU OA 77 36.46 -19.90 -19.64
N ARG OA 78 37.58 -20.33 -19.05
CA ARG OA 78 38.65 -19.44 -18.62
C ARG OA 78 39.95 -19.87 -19.26
N ILE OA 79 40.78 -18.90 -19.65
CA ILE OA 79 42.11 -19.18 -20.18
C ILE OA 79 43.09 -18.17 -19.62
N ASN OA 80 44.38 -18.50 -19.72
CA ASN OA 80 45.47 -17.64 -19.32
C ASN OA 80 46.54 -17.68 -20.40
N ALA OA 81 47.01 -16.52 -20.83
CA ALA OA 81 47.88 -16.45 -21.99
C ALA OA 81 48.81 -15.25 -21.88
N ILE OA 82 49.85 -15.26 -22.73
CA ILE OA 82 50.80 -14.17 -22.84
C ILE OA 82 50.75 -13.65 -24.27
N CYS OA 83 50.55 -12.35 -24.43
CA CYS OA 83 50.41 -11.76 -25.75
C CYS OA 83 51.71 -11.11 -26.16
N PRO OA 84 52.35 -11.55 -27.25
CA PRO OA 84 53.67 -11.02 -27.61
C PRO OA 84 53.62 -9.70 -28.37
N ASP OA 85 52.64 -9.53 -29.26
CA ASP OA 85 52.61 -8.39 -30.17
C ASP OA 85 51.52 -7.41 -29.75
N LEU OA 86 51.30 -6.39 -30.57
CA LEU OA 86 50.31 -5.35 -30.30
C LEU OA 86 48.98 -5.60 -31.00
N SER OA 87 49.01 -5.85 -32.31
CA SER OA 87 47.77 -5.90 -33.09
C SER OA 87 46.77 -6.88 -32.52
N THR OA 88 47.25 -7.96 -31.90
CA THR OA 88 46.34 -8.90 -31.24
C THR OA 88 45.62 -8.23 -30.08
N VAL OA 89 46.32 -7.37 -29.33
CA VAL OA 89 45.72 -6.73 -28.16
C VAL OA 89 44.58 -5.80 -28.59
N GLU OA 90 44.83 -4.93 -29.56
CA GLU OA 90 43.76 -4.05 -30.00
C GLU OA 90 42.64 -4.82 -30.67
N SER OA 91 42.95 -5.91 -31.37
CA SER OA 91 41.88 -6.72 -31.93
C SER OA 91 40.98 -7.28 -30.84
N ILE OA 92 41.58 -7.77 -29.75
CA ILE OA 92 40.78 -8.30 -28.65
C ILE OA 92 39.95 -7.20 -28.01
N MET OA 93 40.53 -6.02 -27.79
CA MET OA 93 39.76 -4.95 -27.16
C MET OA 93 38.63 -4.47 -28.06
N ASN OA 94 38.87 -4.41 -29.37
CA ASN OA 94 37.80 -4.04 -30.31
C ASN OA 94 36.68 -5.07 -30.28
N ALA OA 95 37.03 -6.36 -30.22
CA ALA OA 95 35.98 -7.38 -30.07
C ALA OA 95 35.25 -7.22 -28.75
N PHE OA 96 35.96 -6.73 -27.71
CA PHE OA 96 35.32 -6.57 -26.41
C PHE OA 96 34.29 -5.44 -26.42
N ASN OA 97 34.63 -4.31 -27.05
CA ASN OA 97 33.70 -3.17 -27.03
C ASN OA 97 32.45 -3.39 -27.86
N ASP OA 98 32.39 -4.46 -28.65
CA ASP OA 98 31.23 -4.73 -29.49
C ASP OA 98 30.23 -5.59 -28.74
N ASN OA 99 28.95 -5.29 -28.92
CA ASN OA 99 27.88 -6.07 -28.32
C ASN OA 99 27.52 -7.29 -29.14
N THR OA 100 28.05 -7.42 -30.36
CA THR OA 100 27.58 -8.39 -31.33
C THR OA 100 28.73 -9.26 -31.81
N SER OA 101 29.51 -9.77 -30.86
CA SER OA 101 30.68 -10.59 -31.15
C SER OA 101 30.52 -11.96 -30.54
N THR OA 102 30.73 -13.00 -31.33
CA THR OA 102 30.67 -14.37 -30.86
C THR OA 102 31.83 -15.16 -31.44
N PHE OA 103 32.28 -16.17 -30.70
CA PHE OA 103 33.41 -16.99 -31.12
C PHE OA 103 33.17 -18.44 -30.73
N ALA OA 104 33.84 -19.34 -31.45
CA ALA OA 104 33.85 -20.77 -31.15
C ALA OA 104 35.25 -21.17 -30.70
N ILE OA 105 35.37 -21.66 -29.48
CA ILE OA 105 36.66 -22.02 -28.89
C ILE OA 105 36.81 -23.52 -28.93
N THR OA 106 37.98 -24.01 -29.33
CA THR OA 106 38.27 -25.43 -29.39
C THR OA 106 39.47 -25.73 -28.50
N SER OA 107 39.25 -26.57 -27.50
CA SER OA 107 40.30 -27.06 -26.61
C SER OA 107 40.88 -28.34 -27.21
N LYS OA 108 41.61 -29.12 -26.40
CA LYS OA 108 42.17 -30.37 -26.86
C LYS OA 108 41.12 -31.25 -27.54
N SER OA 109 39.97 -31.42 -26.89
CA SER OA 109 38.92 -32.24 -27.47
C SER OA 109 37.51 -31.71 -27.25
N ILE OA 110 37.34 -30.54 -26.62
CA ILE OA 110 36.02 -30.04 -26.25
C ILE OA 110 35.68 -28.86 -27.14
N LEU OA 111 34.53 -28.93 -27.81
CA LEU OA 111 34.07 -27.89 -28.70
C LEU OA 111 32.98 -27.08 -28.01
N ALA OA 112 33.10 -25.76 -28.08
CA ALA OA 112 32.14 -24.85 -27.48
C ALA OA 112 31.84 -23.75 -28.48
N ASP OA 113 30.58 -23.64 -28.90
CA ASP OA 113 30.18 -22.73 -29.95
C ASP OA 113 29.30 -21.61 -29.39
N LYS OA 114 29.31 -20.47 -30.07
CA LYS OA 114 28.54 -19.29 -29.70
C LYS OA 114 28.90 -18.81 -28.30
N MET OA 115 30.16 -18.39 -28.15
CA MET OA 115 30.65 -17.81 -26.91
C MET OA 115 30.73 -16.29 -27.02
N ALA OA 116 31.15 -15.64 -25.95
CA ALA OA 116 31.21 -14.19 -25.89
C ALA OA 116 32.09 -13.76 -24.73
N ILE OA 117 32.94 -12.76 -24.96
CA ILE OA 117 33.85 -12.29 -23.93
C ILE OA 117 33.06 -11.54 -22.86
N MET OA 118 33.35 -11.86 -21.60
CA MET OA 118 32.72 -11.18 -20.47
C MET OA 118 33.71 -10.42 -19.60
N THR OA 119 34.90 -10.97 -19.39
CA THR OA 119 35.91 -10.37 -18.52
C THR OA 119 37.24 -10.40 -19.23
N LEU OA 120 38.08 -9.39 -19.01
CA LEU OA 120 39.39 -9.32 -19.62
C LEU OA 120 40.33 -8.53 -18.74
N ASP OA 121 41.52 -9.09 -18.48
CA ASP OA 121 42.54 -8.42 -17.69
C ASP OA 121 43.83 -8.34 -18.50
N VAL OA 122 44.61 -7.29 -18.25
CA VAL OA 122 45.95 -7.14 -18.84
C VAL OA 122 46.88 -6.65 -17.74
N ASP OA 123 48.05 -7.26 -17.62
CA ASP OA 123 49.00 -6.89 -16.58
C ASP OA 123 50.41 -6.77 -17.16
N GLN OA 124 51.11 -5.70 -16.76
CA GLN OA 124 52.46 -5.43 -17.20
C GLN OA 124 53.34 -5.15 -15.98
N SER OA 125 54.55 -5.70 -15.99
CA SER OA 125 55.42 -5.67 -14.82
C SER OA 125 56.85 -5.87 -15.28
N PRO OA 126 57.83 -5.68 -14.39
CA PRO OA 126 59.22 -5.98 -14.75
C PRO OA 126 59.49 -7.47 -14.97
N ASP OA 127 58.55 -8.36 -14.64
CA ASP OA 127 58.73 -9.77 -14.93
C ASP OA 127 58.69 -10.06 -16.42
N MET OA 128 58.11 -9.18 -17.22
CA MET OA 128 58.04 -9.34 -18.68
C MET OA 128 58.24 -7.96 -19.28
N LEU OA 129 59.41 -7.71 -19.85
CA LEU OA 129 59.71 -6.40 -20.40
C LEU OA 129 59.22 -6.22 -21.83
N ASN OA 130 58.80 -7.30 -22.51
CA ASN OA 130 58.33 -7.17 -23.88
C ASN OA 130 57.10 -8.04 -24.15
N ALA OA 131 56.25 -8.21 -23.15
CA ALA OA 131 55.00 -8.97 -23.32
C ALA OA 131 54.06 -8.58 -22.20
N ALA OA 132 52.82 -9.08 -22.31
CA ALA OA 132 51.79 -8.79 -21.32
C ALA OA 132 50.98 -10.03 -21.01
N GLU OA 133 50.51 -10.12 -19.77
CA GLU OA 133 49.70 -11.24 -19.30
C GLU OA 133 48.22 -10.91 -19.47
N ILE OA 134 47.44 -11.91 -19.89
CA ILE OA 134 46.04 -11.74 -20.23
C ILE OA 134 45.20 -12.76 -19.47
N ASN OA 135 43.97 -12.37 -19.13
CA ASN OA 135 43.02 -13.25 -18.44
C ASN OA 135 41.63 -12.99 -19.02
N MET OA 136 41.23 -13.77 -20.03
CA MET OA 136 39.93 -13.60 -20.65
C MET OA 136 38.98 -14.71 -20.26
N GLU OA 137 37.70 -14.37 -20.16
CA GLU OA 137 36.63 -15.32 -19.87
C GLU OA 137 35.56 -15.25 -20.95
N PHE OA 138 35.01 -16.41 -21.29
CA PHE OA 138 33.94 -16.52 -22.26
C PHE OA 138 32.74 -17.19 -21.60
N GLU OA 139 31.57 -17.02 -22.21
CA GLU OA 139 30.36 -17.64 -21.70
C GLU OA 139 29.41 -17.90 -22.86
N GLN OA 140 28.83 -19.10 -22.87
CA GLN OA 140 28.01 -19.54 -23.99
C GLN OA 140 26.75 -18.69 -24.11
N VAL OA 141 26.45 -18.29 -25.34
CA VAL OA 141 25.29 -17.43 -25.57
C VAL OA 141 24.01 -18.24 -25.67
N GLU OA 142 23.99 -19.26 -26.51
CA GLU OA 142 22.82 -20.10 -26.69
C GLU OA 142 23.25 -21.56 -26.76
N PRO OA 143 22.39 -22.48 -26.34
CA PRO OA 143 22.75 -23.90 -26.38
C PRO OA 143 22.73 -24.44 -27.80
N PRO OA 144 23.43 -25.54 -28.06
CA PRO OA 144 23.42 -26.13 -29.40
C PRO OA 144 22.17 -26.97 -29.62
N VAL OA 145 22.00 -27.40 -30.87
CA VAL OA 145 20.89 -28.25 -31.28
C VAL OA 145 21.45 -29.41 -32.09
N LEU OA 146 20.77 -30.56 -32.01
CA LEU OA 146 21.21 -31.72 -32.77
C LEU OA 146 20.90 -31.58 -34.25
N ASN OA 147 19.73 -31.05 -34.58
CA ASN OA 147 19.32 -30.87 -35.97
C ASN OA 147 18.08 -29.99 -36.01
N LYS OA 148 16.93 -30.60 -36.29
CA LYS OA 148 15.62 -30.00 -36.12
C LYS OA 148 15.41 -28.77 -37.01
N PHE OA 149 14.22 -28.17 -36.91
CA PHE OA 149 13.81 -27.03 -37.71
C PHE OA 149 13.88 -27.33 -39.21
N ASP OA 150 13.68 -26.31 -40.03
CA ASP OA 150 13.66 -26.47 -41.49
C ASP OA 150 14.57 -25.43 -42.15
N PRO OA 151 15.90 -25.53 -41.97
CA PRO OA 151 16.79 -24.76 -42.85
C PRO OA 151 16.76 -25.27 -44.28
N ALA OA 152 16.18 -24.51 -45.19
CA ALA OA 152 16.11 -24.95 -46.58
C ALA OA 152 17.12 -24.16 -47.41
N PHE OA 153 17.75 -24.84 -48.38
CA PHE OA 153 18.67 -24.15 -49.27
C PHE OA 153 18.01 -23.04 -50.10
N PRO OA 154 16.89 -23.27 -50.80
CA PRO OA 154 16.36 -22.22 -51.68
C PRO OA 154 15.64 -21.11 -50.93
N GLN OA 155 14.98 -20.24 -51.68
CA GLN OA 155 14.21 -19.13 -51.12
C GLN OA 155 13.24 -19.55 -50.03
N ASP OA 156 12.89 -20.84 -49.97
CA ASP OA 156 11.93 -21.31 -48.98
C ASP OA 156 12.37 -20.91 -47.58
N SER OA 157 11.40 -20.53 -46.75
CA SER OA 157 11.69 -19.97 -45.43
C SER OA 157 10.50 -20.23 -44.52
N PRO OA 158 10.71 -20.17 -43.20
CA PRO OA 158 9.56 -20.25 -42.28
C PRO OA 158 8.64 -19.05 -42.34
N THR OA 159 8.84 -18.13 -43.28
CA THR OA 159 7.94 -17.01 -43.61
C THR OA 159 7.37 -16.33 -42.38
N TYR OA 160 8.27 -15.92 -41.50
CA TYR OA 160 7.87 -14.98 -40.45
C TYR OA 160 7.58 -13.62 -41.08
N GLY OA 161 6.44 -13.05 -40.71
CA GLY OA 161 5.96 -11.82 -41.28
C GLY OA 161 5.35 -10.91 -40.24
N VAL OA 162 5.83 -11.03 -39.00
CA VAL OA 162 5.25 -10.29 -37.90
C VAL OA 162 5.57 -8.80 -38.09
N GLN OA 163 4.58 -8.05 -38.56
CA GLN OA 163 4.68 -6.60 -38.77
C GLN OA 163 3.39 -5.92 -38.34
N ILE OA 164 2.90 -6.29 -37.16
CA ILE OA 164 1.59 -5.82 -36.70
C ILE OA 164 1.63 -4.43 -36.10
N GLN OA 165 2.77 -3.76 -36.08
CA GLN OA 165 2.88 -2.40 -35.58
C GLN OA 165 3.48 -1.51 -36.66
N SER OA 166 2.79 -0.41 -36.97
CA SER OA 166 3.20 0.51 -38.02
C SER OA 166 2.41 1.80 -37.86
N LEU OA 167 2.75 2.78 -38.70
CA LEU OA 167 1.94 3.99 -38.86
C LEU OA 167 2.27 4.56 -40.24
N SER OA 168 1.34 4.41 -41.18
CA SER OA 168 1.63 4.63 -42.58
C SER OA 168 1.94 6.09 -42.87
N ASP OA 169 3.00 6.31 -43.67
CA ASP OA 169 3.41 7.64 -44.10
C ASP OA 169 3.58 7.66 -45.62
N ALA OA 170 3.23 8.79 -46.22
CA ALA OA 170 3.40 9.00 -47.66
C ALA OA 170 4.67 9.82 -47.89
N ASN OA 171 5.60 9.25 -48.66
CA ASN OA 171 6.88 9.89 -48.86
C ASN OA 171 6.78 10.97 -49.93
N LEU OA 172 7.87 11.71 -50.11
CA LEU OA 172 7.91 12.83 -51.04
C LEU OA 172 9.07 12.77 -52.02
N LEU OA 173 9.91 11.74 -51.96
CA LEU OA 173 11.09 11.71 -52.81
C LEU OA 173 10.73 11.36 -54.25
N ASP OA 174 10.18 10.15 -54.46
CA ASP OA 174 9.77 9.68 -55.78
C ASP OA 174 10.83 9.98 -56.83
N LEU OA 175 10.53 10.91 -57.74
CA LEU OA 175 11.51 11.41 -58.70
C LEU OA 175 11.18 12.88 -59.00
N GLY OA 176 11.82 13.77 -58.25
CA GLY OA 176 11.67 15.20 -58.53
C GLY OA 176 10.26 15.69 -58.28
N ALA OA 177 9.79 16.55 -59.19
CA ALA OA 177 8.45 17.14 -59.20
C ALA OA 177 8.29 18.20 -58.11
N ILE OA 178 7.68 19.32 -58.46
CA ILE OA 178 7.48 20.43 -57.51
C ILE OA 178 6.01 20.82 -57.44
N GLY OA 179 5.38 21.05 -58.60
CA GLY OA 179 3.99 21.44 -58.64
C GLY OA 179 3.12 20.38 -59.29
N ASP OA 180 3.63 19.15 -59.34
CA ASP OA 180 2.95 18.03 -59.97
C ASP OA 180 2.32 17.14 -58.92
N SER OA 181 1.07 16.73 -59.17
CA SER OA 181 0.33 15.91 -58.23
C SER OA 181 0.98 14.54 -58.07
N ILE OA 182 0.42 13.74 -57.17
CA ILE OA 182 1.00 12.42 -56.89
C ILE OA 182 0.77 11.49 -58.06
N SER OA 183 -0.39 11.56 -58.70
CA SER OA 183 -0.68 10.71 -59.84
C SER OA 183 0.28 10.99 -61.00
N SER OA 184 0.51 12.27 -61.29
CA SER OA 184 1.39 12.62 -62.40
C SER OA 184 2.80 12.12 -62.15
N ALA OA 185 3.33 12.37 -60.95
CA ALA OA 185 4.69 11.93 -60.63
C ALA OA 185 4.78 10.41 -60.65
N ALA OA 186 3.76 9.72 -60.13
CA ALA OA 186 3.77 8.27 -60.11
C ALA OA 186 3.81 7.71 -61.53
N LYS OA 187 2.98 8.25 -62.43
CA LYS OA 187 2.99 7.78 -63.80
C LYS OA 187 4.32 8.08 -64.48
N SER OA 188 4.88 9.27 -64.23
CA SER OA 188 6.16 9.63 -64.83
C SER OA 188 7.25 8.66 -64.39
N LEU OA 189 7.31 8.35 -63.09
CA LEU OA 189 8.26 7.36 -62.61
C LEU OA 189 7.93 5.97 -63.14
N TYR OA 190 6.68 5.72 -63.51
CA TYR OA 190 6.31 4.42 -64.03
C TYR OA 190 6.84 4.22 -65.45
N ASN OA 191 6.70 5.23 -66.30
CA ASN OA 191 6.85 5.00 -67.73
C ASN OA 191 8.29 5.03 -68.24
N ARG OA 192 9.29 5.23 -67.38
CA ARG OA 192 10.64 5.28 -67.94
C ARG OA 192 11.25 3.90 -68.15
N VAL OA 193 10.54 2.83 -67.82
CA VAL OA 193 10.95 1.49 -68.23
C VAL OA 193 9.77 0.74 -68.84
N ASN PA 1 -15.49 2.90 30.10
CA ASN PA 1 -15.30 2.37 28.76
C ASN PA 1 -16.12 3.13 27.72
N ILE PA 2 -15.65 4.32 27.36
CA ILE PA 2 -16.35 5.19 26.42
C ILE PA 2 -15.55 5.38 25.13
N SER PA 3 -14.24 5.16 25.15
CA SER PA 3 -13.44 4.95 23.95
C SER PA 3 -13.19 6.22 23.14
N LEU PA 4 -13.79 7.34 23.54
CA LEU PA 4 -13.44 8.65 23.00
C LEU PA 4 -13.74 8.82 21.52
N THR PA 5 -14.17 7.76 20.85
CA THR PA 5 -14.33 7.78 19.40
C THR PA 5 -15.01 6.48 18.97
N SER PA 6 -15.68 6.52 17.82
CA SER PA 6 -16.33 5.34 17.26
C SER PA 6 -15.31 4.48 16.51
N ALA PA 7 -14.23 4.13 17.21
CA ALA PA 7 -13.16 3.32 16.64
C ALA PA 7 -13.23 1.90 17.18
N LYS PA 8 -12.75 0.96 16.37
CA LYS PA 8 -12.78 -0.46 16.71
C LYS PA 8 -11.37 -1.00 16.85
N ALA PA 9 -11.16 -1.85 17.85
CA ALA PA 9 -9.86 -2.48 18.04
C ALA PA 9 -9.42 -3.31 16.84
N PRO PA 10 -10.25 -4.13 16.20
CA PRO PA 10 -9.78 -4.87 15.03
C PRO PA 10 -9.36 -4.00 13.86
N ASP PA 11 -9.75 -2.73 13.83
CA ASP PA 11 -9.28 -1.83 12.79
C ASP PA 11 -7.79 -1.61 12.92
N ARG PA 12 -7.18 -1.15 11.83
CA ARG PA 12 -5.74 -0.95 11.65
C ARG PA 12 -4.98 -2.26 11.44
N THR PA 13 -5.65 -3.42 11.54
CA THR PA 13 -4.98 -4.68 11.27
C THR PA 13 -4.74 -4.90 9.78
N ARG PA 14 -5.74 -4.60 8.95
CA ARG PA 14 -5.63 -4.77 7.51
C ARG PA 14 -6.11 -3.51 6.82
N LEU PA 15 -5.89 -3.45 5.51
CA LEU PA 15 -6.32 -2.31 4.72
C LEU PA 15 -7.83 -2.27 4.55
N ILE PA 16 -8.47 -3.43 4.45
CA ILE PA 16 -9.90 -3.46 4.14
C ILE PA 16 -10.72 -2.91 5.31
N ALA PA 17 -10.30 -3.18 6.54
CA ALA PA 17 -11.03 -2.66 7.69
C ALA PA 17 -10.97 -1.14 7.73
N ALA PA 18 -9.80 -0.57 7.48
CA ALA PA 18 -9.69 0.88 7.39
C ALA PA 18 -10.53 1.43 6.25
N LEU PA 19 -10.52 0.75 5.11
CA LEU PA 19 -11.33 1.23 3.97
C LEU PA 19 -12.81 1.24 4.33
N ASP PA 20 -13.28 0.22 5.04
CA ASP PA 20 -14.68 0.19 5.46
C ASP PA 20 -14.97 1.32 6.45
N ALA PA 21 -14.04 1.60 7.36
CA ALA PA 21 -14.24 2.70 8.30
C ALA PA 21 -14.38 4.03 7.55
N ARG PA 22 -13.46 4.31 6.63
CA ARG PA 22 -13.55 5.56 5.88
C ARG PA 22 -14.82 5.60 5.02
N SER PA 23 -15.25 4.46 4.48
CA SER PA 23 -16.48 4.44 3.69
C SER PA 23 -17.68 4.77 4.55
N ARG PA 24 -17.76 4.22 5.76
CA ARG PA 24 -18.85 4.55 6.66
C ARG PA 24 -18.84 6.03 7.03
N ARG PA 25 -17.65 6.58 7.30
CA ARG PA 25 -17.58 8.00 7.63
C ARG PA 25 -18.02 8.87 6.46
N ASP PA 26 -17.63 8.50 5.24
CA ASP PA 26 -18.02 9.27 4.07
C ASP PA 26 -19.52 9.21 3.84
N ALA PA 27 -20.13 8.03 4.05
CA ALA PA 27 -21.57 7.92 3.90
C ALA PA 27 -22.32 8.71 4.96
N LEU PA 28 -21.85 8.68 6.20
CA LEU PA 28 -22.59 9.31 7.30
C LEU PA 28 -22.70 10.82 7.11
N ASP PA 29 -21.74 11.44 6.43
CA ASP PA 29 -21.78 12.88 6.21
C ASP PA 29 -22.63 13.27 5.01
N PHE PA 30 -23.22 12.31 4.32
CA PHE PA 30 -24.09 12.55 3.19
C PHE PA 30 -25.51 12.76 3.68
N GLU PA 31 -26.09 13.92 3.40
CA GLU PA 31 -27.40 14.30 3.90
C GLU PA 31 -28.41 14.28 2.77
N VAL PA 32 -29.55 13.63 3.01
CA VAL PA 32 -30.58 13.49 1.98
C VAL PA 32 -31.93 14.00 2.47
N MET PA 33 -32.46 13.39 3.53
CA MET PA 33 -33.87 13.57 3.85
C MET PA 33 -34.15 13.15 5.28
N ILE PA 34 -34.62 14.09 6.11
CA ILE PA 34 -35.06 13.83 7.49
C ILE PA 34 -36.23 14.74 7.82
N PRO PA 35 -37.09 14.37 8.77
CA PRO PA 35 -38.18 15.28 9.19
C PRO PA 35 -37.65 16.49 9.95
N ALA PA 36 -38.43 17.56 9.92
CA ALA PA 36 -38.04 18.81 10.55
C ALA PA 36 -39.28 19.59 10.96
N GLN PA 37 -39.06 20.78 11.52
CA GLN PA 37 -40.14 21.59 12.08
C GLN PA 37 -39.92 23.05 11.72
N VAL PA 38 -41.00 23.82 11.73
CA VAL PA 38 -40.98 25.23 11.36
C VAL PA 38 -40.81 26.06 12.63
N VAL PA 39 -39.86 26.99 12.60
CA VAL PA 39 -39.62 27.89 13.72
C VAL PA 39 -40.19 29.26 13.43
N GLN PA 40 -39.91 29.79 12.25
CA GLN PA 40 -40.42 31.08 11.81
C GLN PA 40 -40.72 31.01 10.32
N TYR PA 41 -41.67 31.83 9.88
CA TYR PA 41 -42.09 31.80 8.49
C TYR PA 41 -42.83 33.09 8.15
N ASP PA 42 -42.56 33.63 6.97
CA ASP PA 42 -43.28 34.78 6.43
C ASP PA 42 -43.90 34.40 5.09
N ARG PA 43 -45.20 34.64 4.97
CA ARG PA 43 -45.97 34.18 3.81
C ARG PA 43 -45.59 34.91 2.52
N ALA PA 44 -44.82 35.98 2.60
CA ALA PA 44 -44.62 36.87 1.47
C ALA PA 44 -43.49 36.46 0.54
N GLU PA 45 -42.57 35.60 1.00
CA GLU PA 45 -41.48 35.17 0.13
C GLU PA 45 -41.16 33.69 0.24
N ASN PA 46 -42.00 32.89 0.90
CA ASN PA 46 -41.82 31.44 0.98
C ASN PA 46 -40.44 31.06 1.49
N ILE PA 47 -40.04 31.68 2.59
CA ILE PA 47 -38.79 31.32 3.27
C ILE PA 47 -39.07 31.12 4.74
N ALA PA 48 -38.62 30.00 5.29
CA ALA PA 48 -38.93 29.64 6.67
C ALA PA 48 -37.67 29.14 7.36
N THR PA 49 -37.58 29.43 8.66
CA THR PA 49 -36.51 28.88 9.49
C THR PA 49 -36.92 27.49 9.96
N ILE PA 50 -36.01 26.52 9.82
CA ILE PA 50 -36.33 25.11 9.95
C ILE PA 50 -35.41 24.48 10.99
N GLN PA 51 -35.99 23.66 11.86
CA GLN PA 51 -35.25 22.99 12.92
C GLN PA 51 -35.41 21.48 12.81
N PRO PA 52 -34.39 20.74 12.36
CA PRO PA 52 -34.53 19.28 12.24
C PRO PA 52 -34.83 18.62 13.58
N LEU PA 53 -35.62 17.56 13.53
CA LEU PA 53 -36.19 16.93 14.72
C LEU PA 53 -35.55 15.60 15.07
N ILE PA 54 -34.33 15.33 14.59
CA ILE PA 54 -33.60 14.12 14.92
C ILE PA 54 -32.19 14.51 15.33
N THR PA 55 -31.76 14.04 16.50
CA THR PA 55 -30.54 14.52 17.12
C THR PA 55 -29.35 13.64 16.75
N TRP PA 56 -28.22 13.89 17.40
CA TRP PA 56 -26.98 13.15 17.20
C TRP PA 56 -26.66 12.32 18.44
N VAL PA 57 -26.17 11.12 18.24
CA VAL PA 57 -25.85 10.21 19.32
C VAL PA 57 -24.34 10.16 19.53
N ASP PA 58 -23.92 10.21 20.78
CA ASP PA 58 -22.50 10.26 21.13
C ASP PA 58 -22.06 8.93 21.74
N THR PA 59 -20.76 8.84 22.00
CA THR PA 59 -20.19 7.62 22.55
C THR PA 59 -20.73 7.27 23.92
N GLU PA 60 -21.35 8.23 24.61
CA GLU PA 60 -22.03 7.97 25.87
C GLU PA 60 -23.53 7.86 25.69
N HIS PA 61 -24.00 7.73 24.44
CA HIS PA 61 -25.42 7.59 24.12
C HIS PA 61 -26.23 8.79 24.61
N ASN PA 62 -25.66 9.99 24.47
CA ASN PA 62 -26.38 11.22 24.80
C ASN PA 62 -27.06 11.75 23.54
N ALA PA 63 -27.69 12.93 23.67
CA ALA PA 63 -28.42 13.54 22.57
C ALA PA 63 -27.91 14.95 22.36
N VAL PA 64 -27.45 15.24 21.15
CA VAL PA 64 -26.95 16.56 20.79
C VAL PA 64 -27.87 17.11 19.69
N GLN PA 65 -28.45 18.28 19.95
CA GLN PA 65 -29.38 18.88 19.00
C GLN PA 65 -28.66 19.34 17.75
N ARG PA 66 -29.39 19.34 16.64
CA ARG PA 66 -28.85 19.82 15.36
C ARG PA 66 -28.93 21.34 15.33
N HIS PA 67 -28.74 21.93 14.16
CA HIS PA 67 -28.68 23.38 14.01
C HIS PA 67 -29.85 23.89 13.19
N GLN PA 68 -30.31 25.10 13.53
CA GLN PA 68 -31.39 25.73 12.78
C GLN PA 68 -30.88 26.27 11.45
N LEU PA 69 -31.69 26.11 10.42
CA LEU PA 69 -31.36 26.56 9.07
C LEU PA 69 -32.30 27.71 8.72
N VAL PA 70 -31.75 28.80 8.22
CA VAL PA 70 -32.53 30.02 7.97
C VAL PA 70 -32.77 30.17 6.48
N ASP PA 71 -33.87 30.86 6.15
CA ASP PA 71 -34.22 31.21 4.78
C ASP PA 71 -34.43 29.98 3.89
N ILE PA 72 -34.94 28.89 4.46
CA ILE PA 72 -35.19 27.68 3.66
C ILE PA 72 -36.49 27.87 2.89
N PRO PA 73 -36.49 27.68 1.57
CA PRO PA 73 -37.74 27.87 0.81
C PRO PA 73 -38.77 26.81 1.12
N VAL PA 74 -40.03 27.16 0.89
CA VAL PA 74 -41.16 26.25 1.08
C VAL PA 74 -41.77 25.97 -0.29
N ILE PA 75 -42.14 24.72 -0.52
CA ILE PA 75 -42.66 24.31 -1.83
C ILE PA 75 -44.15 24.69 -1.91
N SER PA 76 -44.52 25.32 -3.02
CA SER PA 76 -45.91 25.70 -3.30
C SER PA 76 -46.22 25.23 -4.72
N MET PA 77 -46.81 24.04 -4.83
CA MET PA 77 -47.01 23.44 -6.14
C MET PA 77 -47.93 24.29 -7.00
N GLY PA 78 -47.68 24.27 -8.29
CA GLY PA 78 -48.47 25.02 -9.24
C GLY PA 78 -47.64 25.36 -10.46
N ALA PA 79 -48.31 25.42 -11.61
CA ALA PA 79 -47.66 25.79 -12.85
C ALA PA 79 -48.71 26.37 -13.79
N GLY PA 80 -48.24 27.14 -14.76
CA GLY PA 80 -49.17 27.84 -15.64
C GLY PA 80 -50.02 28.85 -14.90
N GLY PA 81 -49.45 29.50 -13.89
CA GLY PA 81 -50.15 30.54 -13.15
C GLY PA 81 -51.34 30.07 -12.34
N PHE PA 82 -51.23 28.95 -11.65
CA PHE PA 82 -52.31 28.43 -10.81
C PHE PA 82 -51.67 27.59 -9.72
N HIS PA 83 -51.57 28.14 -8.51
CA HIS PA 83 -50.82 27.50 -7.44
C HIS PA 83 -51.70 27.25 -6.22
N ILE PA 84 -51.14 26.51 -5.26
CA ILE PA 84 -51.82 26.15 -4.02
C ILE PA 84 -50.90 26.52 -2.86
N SER PA 85 -51.48 27.10 -1.81
CA SER PA 85 -50.70 27.53 -0.65
C SER PA 85 -51.46 27.20 0.62
N PHE PA 86 -50.71 26.94 1.69
CA PHE PA 86 -51.26 26.67 3.00
C PHE PA 86 -50.76 27.69 4.01
N PRO PA 87 -51.64 28.19 4.88
CA PRO PA 87 -51.23 29.25 5.83
C PRO PA 87 -50.40 28.71 6.98
N ILE PA 88 -49.12 28.46 6.69
CA ILE PA 88 -48.22 27.88 7.69
C ILE PA 88 -47.98 28.88 8.82
N GLN PA 89 -47.84 28.35 10.03
CA GLN PA 89 -47.45 29.16 11.17
C GLN PA 89 -46.38 28.42 11.97
N GLN PA 90 -46.10 28.90 13.18
CA GLN PA 90 -44.92 28.46 13.91
C GLN PA 90 -45.22 27.16 14.65
N GLY PA 91 -44.42 26.14 14.40
CA GLY PA 91 -44.61 24.83 15.01
C GLY PA 91 -45.16 23.76 14.09
N ASP PA 92 -45.23 24.00 12.79
CA ASP PA 92 -45.72 23.02 11.85
C ASP PA 92 -44.59 22.13 11.36
N ILE PA 93 -44.90 20.85 11.16
CA ILE PA 93 -43.89 19.85 10.85
C ILE PA 93 -43.95 19.46 9.38
N GLY PA 94 -42.97 18.67 8.95
CA GLY PA 94 -42.90 18.26 7.55
C GLY PA 94 -41.61 17.52 7.27
N TRP PA 95 -41.10 17.69 6.05
CA TRP PA 95 -39.85 17.09 5.62
C TRP PA 95 -38.98 18.13 4.95
N ILE PA 96 -37.67 17.94 5.03
CA ILE PA 96 -36.71 18.82 4.38
C ILE PA 96 -35.77 17.97 3.53
N TYR PA 97 -35.55 18.40 2.30
CA TYR PA 97 -34.62 17.73 1.39
C TYR PA 97 -33.35 18.58 1.28
N ALA PA 98 -32.30 17.98 0.76
CA ALA PA 98 -31.02 18.65 0.58
C ALA PA 98 -30.70 18.73 -0.91
N ALA PA 99 -30.32 19.92 -1.36
CA ALA PA 99 -29.98 20.13 -2.76
C ALA PA 99 -28.60 19.54 -3.04
N ASP PA 100 -28.10 19.76 -4.25
CA ASP PA 100 -26.79 19.26 -4.65
C ASP PA 100 -25.69 20.29 -4.52
N ARG PA 101 -25.92 21.53 -4.97
CA ARG PA 101 -24.94 22.59 -4.88
C ARG PA 101 -25.57 23.80 -4.19
N ASP PA 102 -24.80 24.87 -4.08
CA ASP PA 102 -25.25 26.08 -3.42
C ASP PA 102 -26.22 26.84 -4.33
N THR PA 103 -27.38 27.18 -3.78
CA THR PA 103 -28.47 27.74 -4.57
C THR PA 103 -28.82 29.18 -4.22
N SER PA 104 -28.00 29.86 -3.41
CA SER PA 104 -28.34 31.23 -3.01
C SER PA 104 -28.35 32.17 -4.21
N GLN PA 105 -27.35 32.08 -5.07
CA GLN PA 105 -27.31 32.92 -6.26
C GLN PA 105 -28.49 32.63 -7.18
N PHE PA 106 -29.01 31.40 -7.16
CA PHE PA 106 -30.20 31.10 -7.94
C PHE PA 106 -31.44 31.69 -7.28
N LEU PA 107 -31.53 31.61 -5.95
CA LEU PA 107 -32.68 32.17 -5.25
C LEU PA 107 -32.71 33.69 -5.31
N GLU PA 108 -31.60 34.34 -5.65
CA GLU PA 108 -31.63 35.79 -5.82
C GLU PA 108 -32.48 36.19 -7.01
N SER PA 109 -32.32 35.51 -8.15
CA SER PA 109 -32.90 35.96 -9.40
C SER PA 109 -33.77 34.94 -10.12
N LEU PA 110 -33.76 33.67 -9.68
CA LEU PA 110 -34.60 32.63 -10.28
C LEU PA 110 -34.32 32.46 -11.77
N SER PA 111 -33.05 32.52 -12.15
CA SER PA 111 -32.61 32.30 -13.51
C SER PA 111 -31.34 31.47 -13.49
N MET PA 112 -30.75 31.22 -14.67
CA MET PA 112 -29.53 30.45 -14.73
C MET PA 112 -28.41 31.17 -13.98
N SER PA 113 -27.69 30.43 -13.15
CA SER PA 113 -26.69 31.04 -12.28
C SER PA 113 -25.62 30.03 -11.92
N LYS PA 114 -24.40 30.52 -11.73
CA LYS PA 114 -23.30 29.70 -11.27
C LYS PA 114 -23.50 29.32 -9.81
N PRO PA 115 -22.98 28.16 -9.39
CA PRO PA 115 -22.98 27.85 -7.96
C PRO PA 115 -22.12 28.84 -7.19
N ASN PA 116 -22.51 29.08 -5.94
CA ASN PA 116 -21.82 30.07 -5.14
C ASN PA 116 -20.55 29.50 -4.51
N THR PA 117 -20.65 28.36 -3.84
CA THR PA 117 -19.54 27.75 -3.13
C THR PA 117 -19.45 26.27 -3.50
N GLY PA 118 -18.41 25.61 -3.00
CA GLY PA 118 -18.17 24.22 -3.26
C GLY PA 118 -18.86 23.25 -2.34
N ARG PA 119 -19.71 23.72 -1.43
CA ARG PA 119 -20.39 22.83 -0.50
C ARG PA 119 -21.46 22.02 -1.24
N ILE PA 120 -21.47 20.71 -1.00
CA ILE PA 120 -22.34 19.78 -1.70
C ILE PA 120 -23.07 18.89 -0.71
N HIS PA 121 -24.32 18.57 -1.02
CA HIS PA 121 -25.13 17.60 -0.26
C HIS PA 121 -25.17 17.93 1.22
N LYS PA 122 -25.59 19.15 1.53
CA LYS PA 122 -25.75 19.59 2.90
C LYS PA 122 -27.09 20.29 3.06
N PHE PA 123 -27.62 20.25 4.28
CA PHE PA 123 -28.94 20.80 4.56
C PHE PA 123 -28.96 22.33 4.62
N GLU PA 124 -27.82 22.98 4.38
CA GLU PA 124 -27.78 24.44 4.47
C GLU PA 124 -28.70 25.08 3.43
N HIS PA 125 -28.73 24.51 2.22
CA HIS PA 125 -29.57 25.02 1.13
C HIS PA 125 -30.42 23.87 0.60
N GLY PA 126 -31.66 23.77 1.07
CA GLY PA 126 -32.51 22.64 0.76
C GLY PA 126 -33.88 23.07 0.27
N LEU PA 127 -34.89 22.35 0.74
CA LEU PA 127 -36.28 22.51 0.30
C LEU PA 127 -37.19 21.84 1.33
N PHE PA 128 -38.24 22.55 1.73
CA PHE PA 128 -39.13 22.11 2.79
C PHE PA 128 -40.49 21.73 2.23
N ILE PA 129 -41.03 20.60 2.69
CA ILE PA 129 -42.32 20.10 2.24
C ILE PA 129 -43.23 19.95 3.46
N PRO PA 130 -44.37 20.64 3.50
CA PRO PA 130 -45.26 20.51 4.66
C PRO PA 130 -45.94 19.14 4.68
N ASP PA 131 -46.36 18.75 5.88
CA ASP PA 131 -47.10 17.52 6.06
C ASP PA 131 -47.83 17.57 7.39
N VAL PA 132 -48.84 16.72 7.53
CA VAL PA 132 -49.60 16.62 8.77
C VAL PA 132 -49.54 15.24 9.39
N PHE PA 133 -49.11 14.21 8.66
CA PHE PA 133 -48.98 12.84 9.16
C PHE PA 133 -50.36 12.35 9.58
N ARG PA 134 -50.58 11.90 10.81
CA ARG PA 134 -51.80 11.23 11.20
C ARG PA 134 -52.78 12.13 11.93
N ARG PA 135 -52.54 13.44 11.96
CA ARG PA 135 -53.33 14.35 12.80
C ARG PA 135 -54.47 14.96 12.00
N TYR PA 136 -55.58 14.22 11.93
CA TYR PA 136 -56.81 14.72 11.33
C TYR PA 136 -57.95 13.79 11.69
N THR PA 137 -59.17 14.26 11.42
CA THR PA 137 -60.39 13.47 11.54
C THR PA 137 -61.04 13.35 10.18
N ILE PA 138 -61.44 12.14 9.81
CA ILE PA 138 -62.08 11.87 8.52
C ILE PA 138 -63.52 11.43 8.81
N ASN PA 139 -64.48 12.16 8.26
CA ASN PA 139 -65.87 11.86 8.52
C ASN PA 139 -66.28 10.58 7.81
N SER PA 140 -67.22 9.86 8.42
CA SER PA 140 -67.54 8.51 7.97
C SER PA 140 -68.26 8.47 6.63
N GLU PA 141 -68.80 9.61 6.17
CA GLU PA 141 -69.53 9.61 4.91
C GLU PA 141 -68.59 9.59 3.70
N ASP PA 142 -67.46 10.29 3.78
CA ASP PA 142 -66.55 10.41 2.64
C ASP PA 142 -65.33 9.52 2.78
N SER PA 143 -65.52 8.31 3.32
CA SER PA 143 -64.44 7.34 3.44
C SER PA 143 -63.95 6.82 2.10
N ALA PA 144 -64.45 7.34 0.98
CA ALA PA 144 -63.99 6.90 -0.33
C ALA PA 144 -63.89 8.04 -1.34
N ALA PA 145 -63.71 9.27 -0.90
CA ALA PA 145 -63.69 10.41 -1.81
C ALA PA 145 -62.61 11.39 -1.38
N MET PA 146 -62.11 12.16 -2.37
CA MET PA 146 -61.18 13.23 -2.06
C MET PA 146 -61.80 14.19 -1.06
N VAL PA 147 -61.03 14.57 -0.05
CA VAL PA 147 -61.45 15.53 0.95
C VAL PA 147 -60.44 16.65 1.01
N ILE PA 148 -60.92 17.88 0.92
CA ILE PA 148 -60.14 19.08 1.19
C ILE PA 148 -60.82 19.73 2.39
N GLN PA 149 -60.13 19.76 3.52
CA GLN PA 149 -60.81 20.10 4.76
C GLN PA 149 -59.83 20.78 5.70
N SER PA 150 -60.20 20.83 6.97
CA SER PA 150 -59.32 21.27 8.05
C SER PA 150 -58.80 20.04 8.80
N THR PA 151 -58.14 20.26 9.93
CA THR PA 151 -57.76 19.14 10.76
C THR PA 151 -58.98 18.42 11.30
N SER PA 152 -59.98 19.17 11.75
CA SER PA 152 -61.14 18.61 12.44
C SER PA 152 -62.29 18.27 11.50
N GLY PA 153 -62.19 18.59 10.21
CA GLY PA 153 -63.28 18.32 9.31
C GLY PA 153 -64.46 19.26 9.43
N ALA PA 154 -64.25 20.45 10.01
CA ALA PA 154 -65.34 21.40 10.15
C ALA PA 154 -65.83 21.88 8.78
N THR PA 155 -64.90 22.22 7.89
CA THR PA 155 -65.21 22.65 6.53
C THR PA 155 -64.64 21.64 5.56
N ARG PA 156 -65.42 21.24 4.56
CA ARG PA 156 -65.00 20.18 3.66
C ARG PA 156 -65.36 20.54 2.21
N ILE PA 157 -64.63 19.93 1.30
CA ILE PA 157 -64.96 19.91 -0.13
C ILE PA 157 -64.76 18.47 -0.57
N SER PA 158 -65.84 17.69 -0.59
CA SER PA 158 -65.76 16.25 -0.78
C SER PA 158 -66.11 15.92 -2.23
N ILE PA 159 -65.10 15.60 -3.03
CA ILE PA 159 -65.28 15.26 -4.43
C ILE PA 159 -65.43 13.75 -4.53
N ARG PA 160 -66.67 13.28 -4.67
CA ARG PA 160 -66.92 11.85 -4.77
C ARG PA 160 -66.84 11.42 -6.22
N GLY PA 161 -67.17 10.16 -6.50
CA GLY PA 161 -67.02 9.63 -7.84
C GLY PA 161 -67.92 10.30 -8.85
N ASP PA 162 -69.13 10.66 -8.44
CA ASP PA 162 -70.12 11.23 -9.37
C ASP PA 162 -70.92 12.38 -8.78
N ASN PA 163 -70.55 12.89 -7.61
CA ASN PA 163 -71.24 14.03 -7.02
C ASN PA 163 -70.30 14.76 -6.07
N ILE PA 164 -70.68 15.99 -5.72
CA ILE PA 164 -69.87 16.87 -4.91
C ILE PA 164 -70.70 17.36 -3.73
N LYS PA 165 -70.08 17.40 -2.55
CA LYS PA 165 -70.71 17.95 -1.35
C LYS PA 165 -69.80 19.01 -0.75
N ILE PA 166 -70.39 20.15 -0.41
CA ILE PA 166 -69.66 21.28 0.17
C ILE PA 166 -70.23 21.54 1.55
N THR PA 167 -69.37 21.53 2.56
CA THR PA 167 -69.79 21.68 3.96
C THR PA 167 -69.18 22.94 4.53
N ALA PA 168 -70.01 23.74 5.19
CA ALA PA 168 -69.54 24.92 5.91
C ALA PA 168 -70.55 25.21 7.00
N PRO PA 169 -70.23 24.89 8.26
CA PRO PA 169 -71.23 25.07 9.33
C PRO PA 169 -71.64 26.52 9.54
N SER PA 170 -70.73 27.47 9.32
CA SER PA 170 -71.06 28.87 9.58
C SER PA 170 -71.82 29.49 8.41
N ASN PA 171 -71.16 29.62 7.26
CA ASN PA 171 -71.74 30.26 6.09
C ASN PA 171 -70.80 30.09 4.90
N VAL PA 172 -71.34 30.34 3.71
CA VAL PA 172 -70.57 30.28 2.47
C VAL PA 172 -70.96 31.50 1.63
N THR PA 173 -70.09 31.86 0.70
CA THR PA 173 -70.29 33.04 -0.13
C THR PA 173 -69.87 32.73 -1.56
N VAL PA 174 -70.47 33.44 -2.51
CA VAL PA 174 -70.09 33.37 -3.91
C VAL PA 174 -69.91 34.81 -4.38
N ASP PA 175 -68.66 35.29 -4.42
CA ASP PA 175 -68.37 36.66 -4.78
C ASP PA 175 -68.55 36.94 -6.27
N THR PA 176 -68.83 35.91 -7.07
CA THR PA 176 -68.98 36.09 -8.49
C THR PA 176 -70.17 37.01 -8.79
N PRO PA 177 -70.01 38.01 -9.66
CA PRO PA 177 -71.14 38.85 -10.05
C PRO PA 177 -72.00 38.29 -11.18
N GLN PA 178 -71.85 37.01 -11.54
CA GLN PA 178 -72.74 36.39 -12.52
C GLN PA 178 -72.68 34.88 -12.33
N ALA PA 179 -73.72 34.31 -11.75
CA ALA PA 179 -73.82 32.87 -11.54
C ALA PA 179 -74.62 32.24 -12.66
N ASN PA 180 -74.58 30.91 -12.71
CA ASN PA 180 -75.30 30.16 -13.73
C ASN PA 180 -75.69 28.80 -13.18
N PHE PA 181 -76.74 28.22 -13.74
CA PHE PA 181 -77.18 26.88 -13.42
C PHE PA 181 -77.74 26.25 -14.69
N THR PA 182 -77.70 24.91 -14.76
CA THR PA 182 -78.22 24.20 -15.92
C THR PA 182 -79.07 23.01 -15.48
N GLY PA 183 -79.98 23.22 -14.54
CA GLY PA 183 -80.82 22.13 -14.11
C GLY PA 183 -81.72 22.54 -12.97
N ASN PA 184 -82.46 21.55 -12.46
CA ASN PA 184 -83.39 21.78 -11.37
C ASN PA 184 -82.65 22.17 -10.09
N VAL PA 185 -83.20 23.14 -9.37
CA VAL PA 185 -82.59 23.66 -8.15
C VAL PA 185 -83.56 23.44 -7.00
N THR PA 186 -83.03 23.35 -5.79
CA THR PA 186 -83.83 23.05 -4.61
C THR PA 186 -83.30 23.81 -3.40
N ILE PA 187 -84.21 24.45 -2.68
CA ILE PA 187 -83.90 25.11 -1.41
C ILE PA 187 -84.76 24.47 -0.33
N ALA PA 188 -84.28 24.57 0.91
CA ALA PA 188 -84.96 23.95 2.04
C ALA PA 188 -85.46 24.94 3.08
N ASN PA 189 -85.28 26.25 2.86
CA ASN PA 189 -85.74 27.24 3.82
C ASN PA 189 -86.07 28.52 3.07
N THR PA 190 -86.17 29.63 3.78
CA THR PA 190 -86.65 30.88 3.20
C THR PA 190 -85.63 31.45 2.21
N LEU PA 191 -86.12 32.33 1.35
CA LEU PA 191 -85.32 33.00 0.35
C LEU PA 191 -85.34 34.50 0.57
N VAL PA 192 -84.22 35.15 0.27
CA VAL PA 192 -84.11 36.60 0.26
C VAL PA 192 -83.48 36.99 -1.07
N VAL PA 193 -84.20 37.80 -1.85
CA VAL PA 193 -83.70 38.28 -3.12
C VAL PA 193 -83.84 39.80 -3.14
N ASN PA 194 -82.78 40.48 -3.59
CA ASN PA 194 -82.79 41.94 -3.76
C ASN PA 194 -83.26 42.65 -2.49
N GLY PA 195 -82.99 42.06 -1.33
CA GLY PA 195 -83.35 42.66 -0.06
C GLY PA 195 -84.75 42.35 0.43
N ILE PA 196 -85.54 41.58 -0.31
CA ILE PA 196 -86.92 41.27 0.07
C ILE PA 196 -87.12 39.76 0.01
N ASN PA 197 -88.17 39.31 0.68
CA ASN PA 197 -88.46 37.90 0.85
C ASN PA 197 -89.26 37.35 -0.32
N VAL PA 198 -89.13 36.04 -0.54
CA VAL PA 198 -89.88 35.35 -1.58
C VAL PA 198 -90.87 34.34 -1.01
N ASN PA 199 -90.70 33.91 0.24
CA ASN PA 199 -91.60 32.92 0.83
C ASN PA 199 -92.87 33.55 1.38
N ASN PA 200 -93.03 34.87 1.27
CA ASN PA 200 -94.30 35.53 1.56
C ASN PA 200 -94.34 36.80 0.72
N HIS PA 201 -95.03 36.74 -0.41
CA HIS PA 201 -95.12 37.90 -1.29
C HIS PA 201 -96.44 37.89 -2.03
N GLY PA 202 -97.13 39.03 -2.01
CA GLY PA 202 -98.36 39.18 -2.76
C GLY PA 202 -98.38 40.50 -3.52
N HIS PA 203 -98.80 40.45 -4.77
CA HIS PA 203 -98.67 41.58 -5.68
C HIS PA 203 -99.97 42.36 -5.74
N LEU PA 204 -99.87 43.69 -5.72
CA LEU PA 204 -101.06 44.52 -5.77
C LEU PA 204 -101.76 44.38 -7.12
N GLU PA 205 -103.08 44.54 -7.11
CA GLU PA 205 -103.89 44.34 -8.31
C GLU PA 205 -104.76 45.57 -8.60
N ASN PA 206 -105.70 45.44 -9.53
CA ASN PA 206 -106.59 46.54 -9.90
C ASN PA 206 -107.90 46.53 -9.12
N ASN PA 207 -108.48 45.37 -8.88
CA ASN PA 207 -109.68 45.25 -8.06
C ASN PA 207 -109.42 44.24 -6.95
N PRO PA 208 -109.39 44.67 -5.68
CA PRO PA 208 -109.60 46.06 -5.24
C PRO PA 208 -108.40 46.93 -5.58
N PRO PA 209 -108.61 48.26 -5.66
CA PRO PA 209 -107.51 49.15 -6.03
C PRO PA 209 -106.31 49.06 -5.10
N ASP PA 210 -105.19 48.56 -5.65
CA ASP PA 210 -103.89 48.58 -4.98
C ASP PA 210 -103.91 47.82 -3.64
N ALA PA 211 -104.92 47.00 -3.41
CA ALA PA 211 -104.97 46.24 -2.16
C ALA PA 211 -103.93 45.14 -2.16
N ARG PA 212 -103.51 44.74 -0.97
CA ARG PA 212 -102.51 43.70 -0.83
C ARG PA 212 -103.11 42.34 -1.20
N THR PA 213 -102.40 41.59 -2.02
CA THR PA 213 -102.82 40.23 -2.33
C THR PA 213 -102.81 39.38 -1.08
N LYS PA 214 -103.98 38.88 -0.70
CA LYS PA 214 -104.15 38.20 0.58
C LYS PA 214 -103.26 36.97 0.66
N GLY PA 215 -102.56 36.83 1.79
CA GLY PA 215 -101.70 35.68 2.00
C GLY PA 215 -100.30 35.89 1.47
N GLY PA 216 -99.55 34.79 1.48
CA GLY PA 216 -98.16 34.81 1.07
C GLY PA 216 -97.84 33.91 -0.12
N MET PA 217 -97.19 32.79 0.16
CA MET PA 217 -96.68 31.87 -0.87
C MET PA 217 -97.49 30.59 -0.83
N ILE PA 218 -98.58 30.56 -1.59
CA ILE PA 218 -99.40 29.36 -1.78
C ILE PA 218 -98.96 28.67 -3.07
N ALA PA 219 -98.92 27.34 -3.03
CA ALA PA 219 -98.49 26.53 -4.15
C ALA PA 219 -99.21 26.87 -5.44
N VAL QA 14 -3.03 36.45 65.78
CA VAL QA 14 -2.23 36.79 66.94
C VAL QA 14 -0.85 36.14 66.88
N ALA QA 15 0.11 36.77 67.57
CA ALA QA 15 1.48 36.28 67.64
C ALA QA 15 2.11 36.17 66.25
N ASP QA 16 1.89 37.20 65.41
CA ASP QA 16 2.37 37.19 64.03
C ASP QA 16 2.79 38.61 63.64
N THR QA 17 4.05 38.95 63.91
CA THR QA 17 4.59 40.27 63.62
C THR QA 17 6.11 40.19 63.78
N ALA QA 18 6.77 41.36 63.82
CA ALA QA 18 8.16 41.53 64.24
C ALA QA 18 9.15 40.90 63.26
N ASP QA 19 9.05 41.28 62.00
CA ASP QA 19 10.04 40.91 60.98
C ASP QA 19 10.94 42.09 60.61
N VAL QA 20 10.90 43.18 61.37
CA VAL QA 20 11.67 44.36 61.01
C VAL QA 20 13.13 44.23 61.46
N LEU QA 21 13.40 43.45 62.51
CA LEU QA 21 14.74 43.30 63.04
C LEU QA 21 15.49 42.13 62.41
N SER QA 22 14.91 41.48 61.40
CA SER QA 22 15.59 40.36 60.74
C SER QA 22 16.81 40.78 59.95
N ASP QA 23 17.13 42.06 59.91
CA ASP QA 23 18.31 42.56 59.20
C ASP QA 23 19.51 42.74 60.13
N VAL QA 24 19.29 43.35 61.30
CA VAL QA 24 20.40 43.60 62.22
C VAL QA 24 20.98 42.29 62.71
N GLU QA 25 20.16 41.25 62.81
CA GLU QA 25 20.66 39.93 63.19
C GLU QA 25 21.72 39.45 62.20
N ALA QA 26 21.42 39.50 60.91
CA ALA QA 26 22.37 39.07 59.90
C ALA QA 26 23.59 39.99 59.86
N GLU QA 27 23.38 41.29 60.05
CA GLU QA 27 24.51 42.22 60.08
C GLU QA 27 25.48 41.85 61.20
N PHE QA 28 24.97 41.70 62.42
CA PHE QA 28 25.82 41.34 63.55
C PHE QA 28 26.43 39.96 63.37
N ARG QA 29 25.68 39.04 62.76
CA ARG QA 29 26.20 37.69 62.51
C ARG QA 29 27.44 37.74 61.63
N ALA QA 30 27.33 38.43 60.48
CA ALA QA 30 28.45 38.53 59.56
C ALA QA 30 29.62 39.27 60.19
N ALA QA 31 29.32 40.34 60.96
CA ALA QA 31 30.40 41.07 61.63
C ALA QA 31 31.12 40.17 62.63
N LEU QA 32 30.37 39.42 63.43
CA LEU QA 32 30.98 38.55 64.43
C LEU QA 32 31.80 37.44 63.76
N GLY QA 33 31.36 37.00 62.58
CA GLY QA 33 32.05 35.92 61.89
C GLY QA 33 33.50 36.28 61.55
N ALA QA 34 33.72 37.50 61.06
CA ALA QA 34 35.06 37.92 60.64
C ALA QA 34 35.22 39.43 60.89
N ASN QA 35 35.99 39.76 61.93
CA ASN QA 35 36.49 41.12 62.16
C ASN QA 35 35.38 42.17 62.18
N ILE QA 36 35.67 43.34 61.60
CA ILE QA 36 34.67 44.34 61.31
C ILE QA 36 34.89 44.83 59.88
N ASN QA 37 33.87 44.69 59.03
CA ASN QA 37 34.06 44.97 57.61
C ASN QA 37 32.72 45.19 56.93
N LEU QA 38 32.47 46.42 56.50
CA LEU QA 38 31.46 46.74 55.49
C LEU QA 38 30.07 46.21 55.84
N ALA QA 39 29.63 45.18 55.12
CA ALA QA 39 28.24 44.73 55.12
C ALA QA 39 27.30 45.85 54.66
N ALA QA 40 27.74 46.59 53.65
CA ALA QA 40 26.98 47.69 53.08
C ALA QA 40 27.49 47.97 51.68
N SER QA 41 26.75 48.81 50.96
CA SER QA 41 27.04 49.24 49.58
C SER QA 41 26.77 48.15 48.55
N THR QA 42 26.08 47.10 48.95
CA THR QA 42 25.70 45.99 48.07
C THR QA 42 26.83 45.43 47.21
N PRO QA 43 27.93 44.95 47.82
CA PRO QA 43 28.80 44.01 47.11
C PRO QA 43 28.34 42.59 47.40
N GLN QA 44 29.13 41.61 46.98
CA GLN QA 44 28.79 40.21 47.22
C GLN QA 44 28.51 39.93 48.70
N GLY QA 45 29.26 40.57 49.60
CA GLY QA 45 29.01 40.37 51.02
C GLY QA 45 27.65 40.88 51.45
N SER QA 46 27.30 42.09 51.02
CA SER QA 46 25.99 42.62 51.35
C SER QA 46 24.88 41.91 50.57
N LEU QA 47 25.22 41.28 49.44
CA LEU QA 47 24.21 40.50 48.73
C LEU QA 47 23.92 39.19 49.46
N VAL QA 48 24.96 38.56 50.01
CA VAL QA 48 24.74 37.42 50.90
C VAL QA 48 23.91 37.85 52.10
N ALA QA 49 24.23 39.01 52.67
CA ALA QA 49 23.44 39.53 53.78
C ALA QA 49 21.98 39.73 53.37
N ALA QA 50 21.74 40.27 52.18
CA ALA QA 50 20.37 40.53 51.72
C ALA QA 50 19.59 39.23 51.55
N GLU QA 51 20.22 38.22 50.94
CA GLU QA 51 19.50 36.96 50.77
C GLU QA 51 19.21 36.30 52.11
N ALA QA 52 20.14 36.44 53.07
CA ALA QA 52 19.88 35.96 54.43
C ALA QA 52 18.69 36.69 55.04
N ILE QA 53 18.62 38.01 54.83
CA ILE QA 53 17.48 38.78 55.30
C ILE QA 53 16.18 38.19 54.77
N ALA QA 54 16.14 37.97 53.46
CA ALA QA 54 14.91 37.51 52.82
C ALA QA 54 14.49 36.16 53.36
N ARG QA 55 15.43 35.21 53.47
CA ARG QA 55 15.03 33.87 53.90
C ARG QA 55 14.59 33.86 55.35
N SER QA 56 15.32 34.57 56.22
CA SER QA 56 14.92 34.59 57.63
C SER QA 56 13.54 35.21 57.79
N SER QA 57 13.28 36.31 57.07
CA SER QA 57 11.96 36.94 57.15
C SER QA 57 10.87 35.99 56.67
N VAL QA 58 11.10 35.31 55.55
CA VAL QA 58 10.07 34.42 55.01
C VAL QA 58 9.84 33.24 55.95
N MET QA 59 10.90 32.72 56.56
CA MET QA 59 10.71 31.61 57.49
C MET QA 59 9.90 32.05 58.69
N ARG QA 60 10.17 33.23 59.23
CA ARG QA 60 9.39 33.73 60.37
C ARG QA 60 7.93 33.95 59.97
N ASN QA 61 7.70 34.49 58.77
CA ASN QA 61 6.32 34.67 58.30
C ASN QA 61 5.60 33.33 58.17
N GLU QA 62 6.28 32.32 57.65
CA GLU QA 62 5.62 31.03 57.48
C GLU QA 62 5.34 30.38 58.82
N ALA QA 63 6.24 30.56 59.78
CA ALA QA 63 5.97 30.08 61.13
C ALA QA 63 4.75 30.79 61.74
N ARG QA 64 4.65 32.12 61.56
CA ARG QA 64 3.50 32.80 62.16
C ARG QA 64 2.20 32.40 61.48
N ILE QA 65 2.24 32.16 60.16
CA ILE QA 65 1.02 31.75 59.47
C ILE QA 65 0.58 30.38 59.94
N ALA QA 66 1.53 29.44 60.08
CA ALA QA 66 1.15 28.10 60.53
C ALA QA 66 0.65 28.13 61.98
N ASN QA 67 1.25 28.97 62.82
CA ASN QA 67 0.94 28.90 64.25
C ASN QA 67 -0.49 29.30 64.55
N THR QA 68 -0.92 30.47 64.06
CA THR QA 68 -2.24 31.00 64.42
C THR QA 68 -3.31 30.13 63.78
N ILE QA 69 -4.05 29.39 64.62
CA ILE QA 69 -5.04 28.44 64.13
C ILE QA 69 -6.38 28.66 64.83
N ASN QA 70 -6.66 29.89 65.24
CA ASN QA 70 -7.91 30.18 65.91
C ASN QA 70 -9.09 30.00 64.96
N PRO QA 71 -10.25 29.58 65.47
CA PRO QA 71 -11.43 29.46 64.60
C PRO QA 71 -11.82 30.76 63.93
N ASN QA 72 -11.53 31.91 64.54
CA ASN QA 72 -11.75 33.19 63.91
C ASN QA 72 -10.60 33.61 63.01
N VAL QA 73 -9.54 32.81 62.94
CA VAL QA 73 -8.38 33.12 62.11
C VAL QA 73 -8.06 32.02 61.11
N SER QA 74 -8.49 30.78 61.34
CA SER QA 74 -8.06 29.64 60.54
C SER QA 74 -8.83 29.59 59.21
N PHE QA 75 -8.44 28.63 58.37
CA PHE QA 75 -8.98 28.50 57.03
C PHE QA 75 -8.64 27.14 56.44
N GLY QA 76 -9.65 26.38 56.03
CA GLY QA 76 -9.38 25.06 55.41
C GLY QA 76 -8.92 23.96 56.34
N THR QA 77 -7.82 24.17 57.04
CA THR QA 77 -7.43 23.32 58.17
C THR QA 77 -8.34 23.54 59.37
N PHE QA 78 -9.19 24.56 59.30
CA PHE QA 78 -10.20 24.86 60.31
C PHE QA 78 -11.16 23.72 60.53
N LEU QA 79 -11.41 22.91 59.49
CA LEU QA 79 -12.26 21.74 59.64
C LEU QA 79 -11.79 20.86 60.78
N ASP QA 80 -10.47 20.77 60.96
CA ASP QA 80 -9.92 20.00 62.08
C ASP QA 80 -10.23 20.65 63.42
N ALA QA 81 -10.17 21.97 63.48
CA ALA QA 81 -10.55 22.67 64.71
C ALA QA 81 -12.01 22.42 65.04
N ILE QA 82 -12.85 22.28 64.00
CA ILE QA 82 -14.25 21.95 64.21
C ILE QA 82 -14.41 20.52 64.70
N CYS QA 83 -13.65 19.59 64.13
CA CYS QA 83 -13.87 18.18 64.40
C CYS QA 83 -13.37 17.75 65.77
N ALA QA 84 -12.70 18.64 66.52
CA ALA QA 84 -12.32 18.31 67.89
C ALA QA 84 -13.55 18.02 68.74
N LEU QA 85 -14.56 18.87 68.65
CA LEU QA 85 -15.82 18.71 69.36
C LEU QA 85 -17.01 18.57 68.43
N MET QA 86 -17.12 19.45 67.45
CA MET QA 86 -18.36 19.70 66.73
C MET QA 86 -18.62 18.63 65.68
N GLY QA 87 -19.77 18.72 65.05
CA GLY QA 87 -20.09 17.84 63.95
C GLY QA 87 -19.44 18.27 62.65
N ILE QA 88 -19.40 17.33 61.72
CA ILE QA 88 -18.80 17.50 60.41
C ILE QA 88 -19.58 18.51 59.58
N GLU QA 89 -18.94 19.10 58.57
CA GLU QA 89 -19.66 19.95 57.64
C GLU QA 89 -20.72 19.16 56.90
N ARG QA 90 -21.61 19.89 56.23
CA ARG QA 90 -22.75 19.28 55.59
C ARG QA 90 -22.33 18.70 54.24
N GLY QA 91 -22.50 17.39 54.08
CA GLY QA 91 -22.16 16.76 52.82
C GLY QA 91 -23.15 17.13 51.73
N SER QA 92 -22.62 17.36 50.52
CA SER QA 92 -23.48 17.66 49.39
C SER QA 92 -24.39 16.47 49.09
N ASP QA 93 -25.67 16.74 48.86
CA ASP QA 93 -26.63 15.67 48.61
C ASP QA 93 -27.64 16.13 47.58
N LEU QA 94 -28.32 15.14 46.98
CA LEU QA 94 -29.26 15.36 45.90
C LEU QA 94 -30.57 14.66 46.24
N SER QA 95 -31.68 15.34 45.97
CA SER QA 95 -33.01 14.87 46.37
C SER QA 95 -33.60 14.00 45.27
N THR QA 96 -33.92 12.75 45.62
CA THR QA 96 -34.44 11.79 44.67
C THR QA 96 -35.97 11.83 44.62
N PHE QA 97 -36.54 11.21 43.59
CA PHE QA 97 -37.97 11.06 43.44
C PHE QA 97 -38.36 9.59 43.51
N GLY QA 98 -39.40 9.29 44.26
CA GLY QA 98 -39.87 7.93 44.40
C GLY QA 98 -41.25 7.70 43.82
N TYR QA 99 -41.36 6.67 42.97
CA TYR QA 99 -42.64 6.18 42.45
C TYR QA 99 -43.30 7.16 41.47
N GLY QA 100 -42.49 7.84 40.66
CA GLY QA 100 -43.02 8.67 39.59
C GLY QA 100 -43.77 7.85 38.57
N VAL QA 101 -45.01 8.27 38.22
CA VAL QA 101 -45.84 7.46 37.34
C VAL QA 101 -45.21 7.39 35.95
N GLN QA 102 -45.58 6.34 35.22
CA GLN QA 102 -45.02 6.08 33.89
C GLN QA 102 -45.98 5.18 33.13
N VAL QA 103 -46.32 5.57 31.91
CA VAL QA 103 -47.32 4.88 31.11
C VAL QA 103 -46.78 4.68 29.70
N THR QA 104 -47.02 3.50 29.13
CA THR QA 104 -46.53 3.14 27.80
C THR QA 104 -47.22 1.86 27.36
N GLY QA 105 -46.74 1.28 26.26
CA GLY QA 105 -47.23 0.02 25.75
C GLY QA 105 -46.78 -1.17 26.58
N ARG QA 106 -47.27 -2.34 26.19
CA ARG QA 106 -47.06 -3.54 26.98
C ARG QA 106 -45.71 -4.19 26.68
N SER QA 107 -45.10 -4.77 27.72
CA SER QA 107 -43.83 -5.46 27.63
C SER QA 107 -42.73 -4.55 27.06
N GLN QA 108 -42.43 -3.51 27.83
CA GLN QA 108 -41.32 -2.60 27.52
C GLN QA 108 -40.45 -2.43 28.74
N THR QA 109 -39.13 -2.40 28.51
CA THR QA 109 -38.17 -2.24 29.59
C THR QA 109 -37.57 -0.84 29.55
N ARG QA 110 -37.64 -0.16 30.69
CA ARG QA 110 -37.04 1.18 30.85
C ARG QA 110 -35.70 0.99 31.53
N ILE QA 111 -34.62 1.26 30.79
CA ILE QA 111 -33.27 1.03 31.29
C ILE QA 111 -32.83 2.17 32.19
N SER QA 112 -31.76 1.97 32.93
CA SER QA 112 -31.34 2.94 33.94
C SER QA 112 -30.78 4.21 33.30
N THR QA 113 -30.72 5.28 34.11
CA THR QA 113 -30.20 6.58 33.70
C THR QA 113 -30.92 7.13 32.48
N GLY QA 114 -32.23 6.92 32.40
CA GLY QA 114 -33.02 7.55 31.37
C GLY QA 114 -33.18 9.02 31.67
N SER QA 115 -32.51 9.89 30.92
CA SER QA 115 -32.48 11.31 31.24
C SER QA 115 -33.84 11.91 30.89
N ARG QA 116 -34.62 12.21 31.93
CA ARG QA 116 -35.90 12.87 31.78
C ARG QA 116 -35.79 14.29 32.32
N VAL QA 117 -36.30 15.25 31.56
CA VAL QA 117 -36.05 16.67 31.82
C VAL QA 117 -37.34 17.34 32.27
N GLN QA 118 -37.30 17.95 33.45
CA GLN QA 118 -38.41 18.78 33.92
C GLN QA 118 -38.42 20.10 33.16
N THR QA 119 -39.60 20.72 33.09
CA THR QA 119 -39.74 21.90 32.24
C THR QA 119 -38.88 23.10 32.63
N PRO QA 120 -38.45 23.33 33.92
CA PRO QA 120 -37.44 24.35 34.20
C PRO QA 120 -36.02 23.79 34.23
N ALA QA 121 -35.65 23.06 33.16
CA ALA QA 121 -34.33 22.45 33.02
C ALA QA 121 -33.98 21.58 34.24
N GLY QA 122 -34.77 20.52 34.41
CA GLY QA 122 -34.55 19.59 35.50
C GLY QA 122 -33.41 18.62 35.29
N ALA QA 123 -33.50 17.80 34.23
CA ALA QA 123 -32.53 16.76 33.92
C ALA QA 123 -32.43 15.74 35.07
N ILE QA 124 -33.53 15.03 35.27
CA ILE QA 124 -33.61 13.98 36.26
C ILE QA 124 -33.18 12.66 35.60
N PHE QA 125 -32.75 11.70 36.41
CA PHE QA 125 -32.38 10.37 35.93
C PHE QA 125 -33.40 9.33 36.38
N THR QA 126 -33.11 8.06 36.10
CA THR QA 126 -33.87 6.91 36.58
C THR QA 126 -32.91 5.94 37.25
N VAL QA 127 -33.27 5.49 38.45
CA VAL QA 127 -32.33 4.71 39.25
C VAL QA 127 -32.31 3.25 38.83
N MET QA 128 -33.45 2.58 38.95
CA MET QA 128 -33.52 1.14 38.74
C MET QA 128 -34.30 0.81 37.47
N SER QA 129 -33.77 -0.10 36.67
CA SER QA 129 -34.41 -0.47 35.42
C SER QA 129 -35.77 -1.12 35.70
N ASP QA 130 -36.74 -0.80 34.85
CA ASP QA 130 -38.12 -1.21 35.05
C ASP QA 130 -38.71 -1.79 33.78
N VAL QA 131 -39.58 -2.78 33.95
CA VAL QA 131 -40.33 -3.38 32.86
C VAL QA 131 -41.79 -3.01 33.05
N THR QA 132 -42.40 -2.41 32.03
CA THR QA 132 -43.77 -1.95 32.15
C THR QA 132 -44.72 -3.15 32.18
N ILE QA 133 -45.57 -3.18 33.19
CA ILE QA 133 -46.54 -4.26 33.41
C ILE QA 133 -47.63 -4.16 32.34
N PRO QA 134 -48.37 -5.23 32.07
CA PRO QA 134 -49.46 -5.13 31.08
C PRO QA 134 -50.55 -4.16 31.46
N ALA QA 135 -50.67 -3.80 32.74
CA ALA QA 135 -51.68 -2.83 33.15
C ALA QA 135 -51.43 -1.45 32.55
N GLY QA 136 -50.19 -1.14 32.17
CA GLY QA 136 -49.86 0.14 31.61
C GLY QA 136 -49.55 1.22 32.62
N GLY QA 137 -49.64 0.92 33.92
CA GLY QA 137 -49.31 1.90 34.92
C GLY QA 137 -48.19 1.45 35.83
N VAL QA 138 -47.03 2.10 35.74
CA VAL QA 138 -45.86 1.70 36.51
C VAL QA 138 -45.28 2.92 37.22
N ALA QA 139 -44.50 2.64 38.24
CA ALA QA 139 -43.85 3.68 39.04
C ALA QA 139 -42.33 3.51 38.96
N THR QA 140 -41.64 4.58 38.60
CA THR QA 140 -40.20 4.57 38.44
C THR QA 140 -39.55 5.57 39.38
N ILE QA 141 -38.46 5.15 40.01
CA ILE QA 141 -37.72 5.97 40.96
C ILE QA 141 -36.73 6.84 40.20
N ASP QA 142 -36.55 8.07 40.65
CA ASP QA 142 -35.74 9.07 39.97
C ASP QA 142 -34.61 9.56 40.86
N ILE QA 143 -33.76 10.41 40.28
CA ILE QA 143 -32.67 11.04 41.00
C ILE QA 143 -32.21 12.24 40.19
N LYS QA 144 -31.97 13.35 40.87
CA LYS QA 144 -31.59 14.58 40.17
C LYS QA 144 -30.11 14.54 39.80
N SER QA 145 -29.75 15.39 38.84
CA SER QA 145 -28.41 15.39 38.28
C SER QA 145 -27.45 16.26 39.09
N GLN QA 146 -27.79 17.52 39.28
CA GLN QA 146 -26.92 18.48 39.94
C GLN QA 146 -27.40 18.79 41.34
N GLU QA 147 -26.47 19.17 42.19
CA GLU QA 147 -26.79 19.50 43.58
C GLU QA 147 -27.77 20.67 43.67
N TYR QA 148 -27.77 21.55 42.67
CA TYR QA 148 -28.69 22.67 42.60
C TYR QA 148 -29.89 22.25 41.75
N GLY QA 149 -31.04 22.05 42.40
CA GLY QA 149 -32.22 21.61 41.69
C GLY QA 149 -33.48 22.35 42.07
N ASN QA 150 -34.10 23.00 41.09
CA ASN QA 150 -35.36 23.70 41.32
C ASN QA 150 -36.48 22.70 41.60
N ILE QA 151 -37.28 22.99 42.62
CA ILE QA 151 -38.39 22.12 43.01
C ILE QA 151 -39.39 22.08 41.86
N PRO QA 152 -39.68 20.91 41.32
CA PRO QA 152 -40.48 20.81 40.09
C PRO QA 152 -41.98 20.92 40.39
N LEU QA 153 -42.77 20.74 39.32
CA LEU QA 153 -44.21 20.76 39.35
C LEU QA 153 -44.75 19.55 38.59
N PRO QA 154 -45.92 19.04 38.96
CA PRO QA 154 -46.48 17.88 38.24
C PRO QA 154 -46.93 18.23 36.83
N VAL QA 155 -46.15 17.79 35.84
CA VAL QA 155 -46.46 17.95 34.43
C VAL QA 155 -46.00 16.69 33.71
N GLY QA 156 -46.25 16.62 32.41
CA GLY QA 156 -45.67 15.56 31.60
C GLY QA 156 -44.21 15.85 31.35
N ASN QA 157 -43.32 15.11 32.02
CA ASN QA 157 -41.91 15.40 31.97
C ASN QA 157 -41.37 15.20 30.55
N LEU QA 158 -40.61 16.18 30.06
CA LEU QA 158 -40.04 16.09 28.73
C LEU QA 158 -39.02 14.97 28.68
N ILE QA 159 -39.16 14.09 27.70
CA ILE QA 159 -38.37 12.87 27.60
C ILE QA 159 -37.24 13.11 26.61
N ILE QA 160 -36.02 12.71 26.99
CA ILE QA 160 -34.85 12.82 26.13
C ILE QA 160 -34.45 11.44 25.59
N ILE QA 161 -34.08 10.52 26.47
CA ILE QA 161 -33.58 9.20 26.08
C ILE QA 161 -34.61 8.17 26.51
N ASP QA 162 -35.14 7.42 25.56
CA ASP QA 162 -36.20 6.48 25.87
C ASP QA 162 -36.25 5.39 24.80
N GLY QA 163 -36.97 4.31 25.12
CA GLY QA 163 -37.12 3.20 24.20
C GLY QA 163 -38.12 3.48 23.10
N THR QA 164 -38.21 2.52 22.19
CA THR QA 164 -39.11 2.66 21.04
C THR QA 164 -40.58 2.66 21.45
N ILE QA 165 -40.90 2.13 22.63
CA ILE QA 165 -42.29 1.93 23.02
C ILE QA 165 -42.74 2.93 24.08
N GLY QA 166 -41.81 3.59 24.77
CA GLY QA 166 -42.16 4.55 25.81
C GLY QA 166 -43.08 5.66 25.35
N TRP QA 167 -44.19 5.85 26.05
CA TRP QA 167 -45.25 6.77 25.62
C TRP QA 167 -45.15 8.12 26.31
N SER QA 168 -45.20 8.14 27.64
CA SER QA 168 -45.08 9.40 28.37
C SER QA 168 -44.77 9.12 29.82
N GLY QA 169 -44.28 10.15 30.51
CA GLY QA 169 -44.10 10.09 31.94
C GLY QA 169 -44.65 11.33 32.60
N ALA QA 170 -45.28 11.14 33.75
CA ALA QA 170 -45.92 12.22 34.49
C ALA QA 170 -45.51 12.15 35.96
N LYS QA 171 -46.01 13.10 36.75
CA LYS QA 171 -45.69 13.21 38.17
C LYS QA 171 -47.00 13.33 38.94
N VAL QA 172 -47.50 12.21 39.44
CA VAL QA 172 -48.75 12.20 40.20
C VAL QA 172 -48.47 12.66 41.62
N ILE QA 173 -49.53 12.95 42.37
CA ILE QA 173 -49.39 13.42 43.75
C ILE QA 173 -48.79 12.34 44.63
N ALA QA 174 -48.96 11.07 44.27
CA ALA QA 174 -48.55 9.97 45.14
C ALA QA 174 -47.06 9.98 45.43
N SER QA 175 -46.24 10.48 44.51
CA SER QA 175 -44.80 10.45 44.68
C SER QA 175 -44.37 11.32 45.87
N THR QA 176 -43.43 10.79 46.65
CA THR QA 176 -42.87 11.51 47.80
C THR QA 176 -41.62 12.27 47.36
N ARG QA 177 -41.36 13.39 48.04
CA ARG QA 177 -40.28 14.28 47.65
C ARG QA 177 -39.42 14.65 48.85
N VAL QA 178 -38.14 14.89 48.59
CA VAL QA 178 -37.18 15.35 49.60
C VAL QA 178 -36.46 16.57 49.06
N ASP QA 179 -35.48 17.07 49.80
CA ASP QA 179 -34.75 18.27 49.39
C ASP QA 179 -33.25 18.03 49.45
N PRO QA 180 -32.47 18.76 48.61
CA PRO QA 180 -31.02 18.51 48.56
C PRO QA 180 -30.23 19.24 49.63
N GLY QA 181 -28.92 19.21 49.50
CA GLY QA 181 -28.04 19.99 50.37
C GLY QA 181 -26.74 20.35 49.68
N SER QA 182 -26.39 21.64 49.70
CA SER QA 182 -25.14 22.09 49.11
C SER QA 182 -24.82 23.47 49.68
N ARG QA 183 -23.77 24.11 49.15
CA ARG QA 183 -23.41 25.49 49.49
C ARG QA 183 -23.07 25.64 50.98
N GLN QA 184 -22.00 24.98 51.39
CA GLN QA 184 -21.50 25.09 52.77
C GLN QA 184 -20.12 25.74 52.72
N MET QA 185 -20.10 27.07 52.68
CA MET QA 185 -18.85 27.82 52.61
C MET QA 185 -18.28 27.98 54.02
N SER QA 186 -16.99 28.34 54.07
CA SER QA 186 -16.33 28.50 55.36
C SER QA 186 -17.01 29.56 56.22
N ASP QA 187 -17.73 30.50 55.61
CA ASP QA 187 -18.46 31.49 56.39
C ASP QA 187 -19.49 30.83 57.30
N ALA QA 188 -20.23 29.85 56.76
CA ALA QA 188 -21.20 29.12 57.57
C ALA QA 188 -20.52 28.37 58.71
N GLU QA 189 -19.32 27.85 58.48
CA GLU QA 189 -18.66 27.09 59.53
C GLU QA 189 -18.08 28.01 60.60
N LEU QA 190 -17.60 29.20 60.21
CA LEU QA 190 -17.15 30.17 61.20
C LEU QA 190 -18.32 30.82 61.94
N LYS QA 191 -19.53 30.81 61.39
CA LYS QA 191 -20.68 31.26 62.15
C LYS QA 191 -21.25 30.18 63.06
N ASN QA 192 -21.33 28.94 62.60
CA ASN QA 192 -21.93 27.88 63.39
C ASN QA 192 -21.03 27.35 64.49
N ALA QA 193 -19.86 27.96 64.71
CA ALA QA 193 -19.00 27.53 65.79
C ALA QA 193 -19.63 27.83 67.15
N ARG QA 194 -20.08 29.07 67.34
CA ARG QA 194 -20.57 29.47 68.66
C ARG QA 194 -21.86 28.74 69.01
N VAL QA 195 -22.73 28.52 68.03
CA VAL QA 195 -24.08 28.01 68.30
C VAL QA 195 -24.15 26.49 68.16
N ASN QA 196 -23.70 25.94 67.04
CA ASN QA 196 -23.91 24.51 66.76
C ASN QA 196 -22.92 23.64 67.52
N ARG QA 197 -22.81 23.87 68.82
CA ARG QA 197 -21.86 23.10 69.64
C ARG QA 197 -22.43 21.69 69.81
N LEU QA 198 -22.22 20.87 68.77
CA LEU QA 198 -22.86 19.57 68.71
C LEU QA 198 -22.25 18.64 69.73
N ALA QA 199 -22.58 18.88 71.00
CA ALA QA 199 -22.08 18.06 72.10
C ALA QA 199 -22.88 16.77 72.17
N ILE QA 200 -22.75 15.98 71.10
CA ILE QA 200 -23.34 14.64 71.04
C ILE QA 200 -23.04 13.88 72.32
N GLN QA 201 -21.94 14.21 72.98
CA GLN QA 201 -21.60 13.60 74.25
C GLN QA 201 -22.55 14.04 75.35
N GLY QA 202 -23.16 15.22 75.19
CA GLY QA 202 -24.04 15.72 76.22
C GLY QA 202 -25.42 16.04 75.69
N ARG QA 203 -26.45 15.31 76.17
CA ARG QA 203 -27.79 15.47 75.62
C ARG QA 203 -28.72 16.27 76.54
N ASN QA 204 -28.94 15.80 77.76
CA ASN QA 204 -29.81 16.54 78.67
C ASN QA 204 -29.10 17.81 79.10
N SER QA 205 -29.41 18.91 78.42
CA SER QA 205 -28.79 20.20 78.70
C SER QA 205 -29.58 21.26 77.95
N THR QA 206 -29.07 22.49 77.96
CA THR QA 206 -29.68 23.61 77.25
C THR QA 206 -29.00 23.86 75.91
N MET QA 207 -27.67 23.94 75.91
CA MET QA 207 -26.91 24.17 74.69
C MET QA 207 -26.85 22.92 73.81
N ALA QA 208 -27.36 21.80 74.29
CA ALA QA 208 -27.29 20.55 73.55
C ALA QA 208 -28.46 20.36 72.59
N ILE QA 209 -29.65 20.81 72.99
CA ILE QA 209 -30.83 20.58 72.16
C ILE QA 209 -30.71 21.34 70.84
N LYS QA 210 -30.28 22.60 70.91
CA LYS QA 210 -30.11 23.39 69.69
C LYS QA 210 -29.16 22.69 68.73
N ALA QA 211 -28.03 22.22 69.24
CA ALA QA 211 -27.00 21.63 68.40
C ALA QA 211 -27.45 20.31 67.80
N TYR QA 212 -28.13 19.47 68.58
CA TYR QA 212 -28.59 18.20 68.05
C TYR QA 212 -29.74 18.39 67.04
N VAL QA 213 -30.58 19.41 67.24
CA VAL QA 213 -31.62 19.68 66.26
C VAL QA 213 -31.03 20.25 64.98
N SER QA 214 -30.03 21.13 65.10
CA SER QA 214 -29.45 21.77 63.93
C SER QA 214 -28.67 20.81 63.04
N ALA QA 215 -28.43 19.58 63.49
CA ALA QA 215 -27.84 18.57 62.62
C ALA QA 215 -28.84 18.07 61.58
N VAL QA 216 -30.13 18.26 61.81
CA VAL QA 216 -31.16 17.82 60.86
C VAL QA 216 -31.03 18.61 59.57
N PRO QA 217 -31.18 17.98 58.41
CA PRO QA 217 -31.04 18.72 57.15
C PRO QA 217 -32.12 19.79 57.01
N ASN QA 218 -31.76 20.85 56.27
CA ASN QA 218 -32.64 21.94 55.87
C ASN QA 218 -32.98 22.90 57.01
N VAL QA 219 -32.60 22.55 58.24
CA VAL QA 219 -32.93 23.41 59.38
C VAL QA 219 -31.95 24.57 59.43
N THR QA 220 -32.48 25.79 59.51
CA THR QA 220 -31.65 26.98 59.51
C THR QA 220 -31.27 27.45 60.92
N SER QA 221 -32.25 27.67 61.79
CA SER QA 221 -31.94 28.17 63.12
C SER QA 221 -32.91 27.55 64.13
N VAL QA 222 -32.48 27.55 65.40
CA VAL QA 222 -33.22 26.97 66.50
C VAL QA 222 -33.09 27.87 67.72
N ASN QA 223 -34.17 28.00 68.48
CA ASN QA 223 -34.13 28.64 69.79
C ASN QA 223 -34.69 27.67 70.83
N VAL QA 224 -34.10 27.67 72.02
CA VAL QA 224 -34.58 26.86 73.14
C VAL QA 224 -34.43 27.70 74.40
N ILE QA 225 -35.56 28.10 74.99
CA ILE QA 225 -35.58 29.05 76.09
C ILE QA 225 -36.27 28.38 77.27
N GLU QA 226 -35.63 28.42 78.43
CA GLU QA 226 -36.02 27.61 79.58
C GLU QA 226 -36.30 28.49 80.80
N ASN QA 227 -37.24 28.05 81.64
CA ASN QA 227 -37.69 28.89 82.76
C ASN QA 227 -36.77 28.79 83.97
N ASN QA 228 -36.48 27.56 84.41
CA ASN QA 228 -35.62 27.29 85.58
C ASN QA 228 -36.22 27.77 86.90
N THR QA 229 -37.43 28.31 86.88
CA THR QA 229 -38.07 28.80 88.10
C THR QA 229 -39.41 28.13 88.34
N GLY QA 230 -40.10 28.53 89.40
CA GLY QA 230 -41.41 28.00 89.73
C GLY QA 230 -42.59 28.90 89.42
N ALA QA 231 -42.41 29.94 88.61
CA ALA QA 231 -43.48 30.88 88.28
C ALA QA 231 -43.51 31.10 86.78
N VAL QA 232 -44.68 31.53 86.29
CA VAL QA 232 -44.89 31.72 84.86
C VAL QA 232 -44.41 33.10 84.44
N GLN QA 233 -44.10 33.21 83.14
CA GLN QA 233 -43.64 34.46 82.53
C GLN QA 233 -42.37 34.98 83.21
N VAL QA 234 -41.30 34.20 83.07
CA VAL QA 234 -39.99 34.61 83.54
C VAL QA 234 -38.96 34.70 82.42
N VAL QA 235 -39.15 33.99 81.31
CA VAL QA 235 -38.22 34.02 80.20
C VAL QA 235 -38.40 35.28 79.36
N ASN QA 236 -37.50 35.47 78.40
CA ASN QA 236 -37.39 36.74 77.69
C ASN QA 236 -38.67 37.09 76.95
N GLY QA 237 -39.28 36.12 76.26
CA GLY QA 237 -40.34 36.49 75.34
C GLY QA 237 -41.60 35.68 75.26
N VAL QA 238 -41.78 34.65 76.09
CA VAL QA 238 -42.93 33.77 75.97
C VAL QA 238 -43.52 33.46 77.34
N SER QA 239 -44.82 33.21 77.37
CA SER QA 239 -45.52 32.71 78.54
C SER QA 239 -45.29 31.21 78.67
N PHE QA 240 -45.89 30.60 79.70
CA PHE QA 240 -45.60 29.21 80.02
C PHE QA 240 -46.81 28.31 80.04
N THR QA 241 -47.88 28.71 80.73
CA THR QA 241 -48.89 27.78 81.24
C THR QA 241 -48.20 26.79 82.18
N LEU QA 242 -47.81 25.64 81.66
CA LEU QA 242 -47.28 24.57 82.51
C LEU QA 242 -45.86 24.90 82.94
N PRO QA 243 -45.59 25.00 84.24
CA PRO QA 243 -44.23 25.32 84.70
C PRO QA 243 -43.32 24.10 84.71
N TYR QA 244 -42.01 24.38 84.81
CA TYR QA 244 -40.96 23.36 84.73
C TYR QA 244 -41.02 22.61 83.40
N ALA QA 245 -40.76 23.34 82.33
CA ALA QA 245 -40.75 22.80 80.98
C ALA QA 245 -39.93 23.73 80.09
N VAL QA 246 -39.97 23.50 78.78
CA VAL QA 246 -39.23 24.30 77.81
C VAL QA 246 -39.93 24.22 76.46
N TRP QA 247 -39.81 25.29 75.68
CA TRP QA 247 -40.46 25.37 74.37
C TRP QA 247 -39.40 25.57 73.29
N VAL QA 248 -39.65 24.98 72.13
CA VAL QA 248 -38.67 24.90 71.05
C VAL QA 248 -39.26 25.49 69.77
N CYS QA 249 -38.45 26.30 69.07
CA CYS QA 249 -38.85 26.94 67.82
C CYS QA 249 -37.77 26.67 66.77
N VAL QA 250 -38.20 26.26 65.56
CA VAL QA 250 -37.29 25.99 64.46
C VAL QA 250 -37.80 26.67 63.19
N ALA QA 251 -36.87 26.94 62.27
CA ALA QA 251 -37.18 27.65 61.04
C ALA QA 251 -36.68 26.87 59.83
N GLY QA 252 -37.36 27.05 58.71
CA GLY QA 252 -37.02 26.34 57.47
C GLY QA 252 -37.15 24.84 57.59
N ASN QA 253 -38.22 24.37 58.21
CA ASN QA 253 -38.23 23.00 58.72
C ASN QA 253 -38.27 21.99 57.58
N PRO QA 254 -37.63 20.83 57.76
CA PRO QA 254 -37.91 19.68 56.89
C PRO QA 254 -39.11 18.90 57.41
N ASP QA 255 -39.35 17.73 56.83
CA ASP QA 255 -40.45 16.86 57.27
C ASP QA 255 -40.39 16.58 58.76
N LYS QA 256 -41.52 16.21 59.36
CA LYS QA 256 -41.63 16.21 60.82
C LYS QA 256 -40.77 15.13 61.46
N GLN QA 257 -40.66 13.95 60.87
CA GLN QA 257 -40.13 12.81 61.59
C GLN QA 257 -38.68 13.02 62.01
N ALA QA 258 -37.86 13.60 61.13
CA ALA QA 258 -36.45 13.78 61.44
C ALA QA 258 -36.26 14.71 62.63
N VAL QA 259 -36.92 15.87 62.60
CA VAL QA 259 -36.78 16.82 63.69
C VAL QA 259 -37.44 16.29 64.96
N ALA QA 260 -38.50 15.49 64.84
CA ALA QA 260 -39.10 14.90 66.03
C ALA QA 260 -38.16 13.91 66.70
N ASP QA 261 -37.51 13.05 65.91
CA ASP QA 261 -36.53 12.12 66.46
C ASP QA 261 -35.37 12.89 67.10
N ALA QA 262 -34.88 13.93 66.43
CA ALA QA 262 -33.78 14.71 66.99
C ALA QA 262 -34.18 15.38 68.29
N LEU QA 263 -35.39 15.93 68.36
CA LEU QA 263 -35.82 16.61 69.57
C LEU QA 263 -36.00 15.63 70.73
N TRP QA 264 -36.63 14.48 70.47
CA TRP QA 264 -36.81 13.52 71.55
C TRP QA 264 -35.50 12.89 71.98
N ALA QA 265 -34.52 12.83 71.08
CA ALA QA 265 -33.24 12.21 71.40
C ALA QA 265 -32.30 13.13 72.15
N ALA QA 266 -32.64 14.40 72.33
CA ALA QA 266 -31.77 15.34 73.03
C ALA QA 266 -32.31 15.77 74.40
N HIS QA 267 -33.47 15.29 74.81
CA HIS QA 267 -34.01 15.63 76.12
C HIS QA 267 -33.93 14.40 77.02
N ASN QA 268 -33.98 14.63 78.32
CA ASN QA 268 -34.04 13.51 79.26
C ASN QA 268 -35.00 13.72 80.42
N GLY QA 269 -35.46 14.94 80.66
CA GLY QA 269 -36.27 15.21 81.83
C GLY QA 269 -37.65 14.58 81.74
N GLY QA 270 -38.44 14.80 82.79
CA GLY QA 270 -39.77 14.24 82.87
C GLY QA 270 -40.75 14.78 81.85
N THR QA 271 -41.16 16.04 82.01
CA THR QA 271 -42.10 16.69 81.10
C THR QA 271 -41.58 18.08 80.75
N PRO QA 272 -40.52 18.16 79.95
CA PRO QA 272 -40.00 19.46 79.51
C PRO QA 272 -40.78 20.08 78.35
N TRP QA 273 -41.69 19.34 77.72
CA TRP QA 273 -42.43 19.87 76.58
C TRP QA 273 -43.46 20.89 77.03
N ASP QA 274 -43.62 21.94 76.24
CA ASP QA 274 -44.51 23.02 76.62
C ASP QA 274 -44.88 23.86 75.41
N TYR QA 275 -46.17 23.96 75.14
CA TYR QA 275 -46.67 25.00 74.25
C TYR QA 275 -46.75 26.31 75.02
N GLY QA 276 -46.30 27.39 74.39
CA GLY QA 276 -46.18 28.64 75.12
C GLY QA 276 -47.50 29.24 75.54
N ALA QA 277 -48.26 29.76 74.58
CA ALA QA 277 -49.53 30.44 74.85
C ALA QA 277 -50.15 30.78 73.51
N THR QA 278 -51.26 31.54 73.56
CA THR QA 278 -51.85 32.06 72.34
C THR QA 278 -50.98 33.13 71.70
N ASN QA 279 -50.01 33.69 72.44
CA ASN QA 279 -49.06 34.65 71.90
C ASN QA 279 -47.72 33.94 71.70
N ASN QA 280 -47.62 33.23 70.58
CA ASN QA 280 -46.41 32.49 70.24
C ASN QA 280 -46.53 32.04 68.79
N GLY QA 281 -45.45 31.46 68.27
CA GLY QA 281 -45.47 30.94 66.93
C GLY QA 281 -46.48 29.83 66.78
N VAL QA 282 -46.90 29.62 65.54
CA VAL QA 282 -47.95 28.63 65.28
C VAL QA 282 -47.42 27.23 65.58
N PRO QA 283 -48.09 26.45 66.42
CA PRO QA 283 -47.68 25.06 66.63
C PRO QA 283 -47.75 24.26 65.34
N VAL QA 284 -46.77 23.37 65.16
CA VAL QA 284 -46.73 22.56 63.95
C VAL QA 284 -47.85 21.53 63.93
N ASP QA 285 -48.14 20.92 65.08
CA ASP QA 285 -49.21 19.95 65.20
C ASP QA 285 -50.03 20.25 66.45
N GLY QA 286 -51.28 19.80 66.45
CA GLY QA 286 -52.23 20.22 67.45
C GLY QA 286 -51.94 19.71 68.85
N PRO QA 287 -52.14 18.40 69.07
CA PRO QA 287 -51.90 17.86 70.40
C PRO QA 287 -50.44 17.54 70.71
N ASN QA 288 -49.71 16.95 69.77
CA ASN QA 288 -48.41 16.36 70.03
C ASN QA 288 -47.73 16.06 68.69
N GLY QA 289 -46.62 15.32 68.75
CA GLY QA 289 -45.88 14.95 67.55
C GLY QA 289 -45.64 13.46 67.40
N VAL QA 290 -46.19 12.66 68.31
CA VAL QA 290 -46.15 11.18 68.32
C VAL QA 290 -44.81 10.58 67.90
N PRO QA 291 -43.76 10.68 68.71
CA PRO QA 291 -42.50 9.97 68.41
C PRO QA 291 -42.60 8.49 68.69
N VAL QA 292 -43.07 7.72 67.70
CA VAL QA 292 -43.54 6.35 67.94
C VAL QA 292 -42.48 5.52 68.66
N ARG QA 293 -41.35 5.30 67.99
CA ARG QA 293 -40.39 4.33 68.50
C ARG QA 293 -39.52 4.95 69.60
N ASP QA 294 -38.99 4.08 70.46
CA ASP QA 294 -38.07 4.43 71.52
C ASP QA 294 -37.02 3.33 71.62
N PRO QA 295 -35.85 3.65 72.20
CA PRO QA 295 -34.86 2.58 72.45
C PRO QA 295 -35.38 1.48 73.34
N ALA QA 296 -36.23 1.80 74.31
CA ALA QA 296 -36.83 0.80 75.19
C ALA QA 296 -38.02 0.10 74.56
N SER QA 297 -38.28 0.33 73.28
CA SER QA 297 -39.38 -0.23 72.49
C SER QA 297 -40.74 0.25 72.99
N GLY QA 298 -40.79 1.07 74.03
CA GLY QA 298 -42.06 1.56 74.53
C GLY QA 298 -42.76 2.46 73.55
N ARG QA 299 -44.07 2.55 73.71
CA ARG QA 299 -44.90 3.37 72.84
C ARG QA 299 -45.23 4.69 73.54
N LYS QA 300 -44.20 5.53 73.64
CA LYS QA 300 -44.36 6.87 74.17
C LYS QA 300 -44.56 7.85 73.03
N TYR QA 301 -45.44 8.82 73.23
CA TYR QA 301 -45.79 9.77 72.16
C TYR QA 301 -45.95 11.16 72.78
N VAL QA 302 -44.86 11.93 72.81
CA VAL QA 302 -44.96 13.36 73.09
C VAL QA 302 -43.79 14.14 72.48
N VAL QA 303 -44.11 15.08 71.60
CA VAL QA 303 -43.17 16.08 71.10
C VAL QA 303 -43.96 17.34 70.78
N LYS QA 304 -43.51 18.49 71.31
CA LYS QA 304 -44.16 19.76 71.07
C LYS QA 304 -43.12 20.80 70.66
N TRP QA 305 -43.37 21.49 69.56
CA TRP QA 305 -42.48 22.54 69.07
C TRP QA 305 -43.26 23.47 68.16
N THR QA 306 -42.68 24.63 67.88
CA THR QA 306 -43.35 25.66 67.08
C THR QA 306 -42.49 26.10 65.91
N THR QA 307 -42.94 27.14 65.21
CA THR QA 307 -42.25 27.78 64.10
C THR QA 307 -42.35 29.29 64.30
N PRO QA 308 -41.44 30.06 63.71
CA PRO QA 308 -41.42 31.50 63.97
C PRO QA 308 -42.48 32.26 63.17
N ILE QA 309 -42.60 33.54 63.49
CA ILE QA 309 -43.48 34.45 62.77
C ILE QA 309 -42.64 35.22 61.75
N MET QA 310 -43.04 35.16 60.49
CA MET QA 310 -42.27 35.78 59.42
C MET QA 310 -42.61 37.27 59.35
N TYR QA 311 -41.71 38.11 59.85
CA TYR QA 311 -41.84 39.55 59.81
C TYR QA 311 -41.22 40.09 58.53
N ASP QA 312 -41.03 41.41 58.47
CA ASP QA 312 -40.35 42.05 57.35
C ASP QA 312 -39.74 43.36 57.84
N GLY QA 313 -38.54 43.66 57.34
CA GLY QA 313 -37.80 44.83 57.80
C GLY QA 313 -37.56 45.88 56.75
N TYR QA 314 -37.30 47.11 57.17
CA TYR QA 314 -37.08 48.24 56.27
C TYR QA 314 -35.85 49.02 56.70
N VAL QA 315 -35.06 49.44 55.71
CA VAL QA 315 -33.83 50.19 55.95
C VAL QA 315 -33.79 51.38 55.03
N ASN QA 316 -33.39 52.54 55.57
CA ASN QA 316 -33.15 53.74 54.78
C ASN QA 316 -31.97 54.49 55.39
N VAL QA 317 -30.99 54.84 54.56
CA VAL QA 317 -29.70 55.37 55.04
C VAL QA 317 -29.24 56.49 54.11
N THR QA 318 -28.67 57.54 54.70
CA THR QA 318 -28.07 58.65 53.98
C THR QA 318 -26.56 58.62 54.14
N VAL QA 319 -25.83 58.75 53.05
CA VAL QA 319 -24.37 58.61 53.02
C VAL QA 319 -23.76 59.76 52.25
N GLN QA 320 -22.43 59.80 52.22
CA GLN QA 320 -21.67 60.70 51.36
C GLN QA 320 -21.33 59.98 50.06
N GLN QA 321 -20.77 60.73 49.11
CA GLN QA 321 -20.57 60.19 47.77
C GLN QA 321 -19.33 59.31 47.67
N GLY QA 322 -18.43 59.37 48.64
CA GLY QA 322 -17.26 58.52 48.64
C GLY QA 322 -16.10 59.06 47.83
N SER QA 323 -15.06 58.24 47.72
CA SER QA 323 -13.89 58.63 46.94
C SER QA 323 -14.24 58.76 45.46
N SER QA 324 -15.03 57.84 44.94
CA SER QA 324 -15.46 57.84 43.55
C SER QA 324 -16.94 57.48 43.49
N SER QA 325 -17.45 57.32 42.28
CA SER QA 325 -18.85 56.95 42.12
C SER QA 325 -19.08 55.51 42.58
N VAL QA 326 -20.08 55.32 43.43
CA VAL QA 326 -20.49 54.01 43.90
C VAL QA 326 -21.99 53.90 43.69
N ALA QA 327 -22.41 52.92 42.90
CA ALA QA 327 -23.82 52.72 42.63
C ALA QA 327 -24.54 52.22 43.89
N PRO QA 328 -25.81 52.56 44.06
CA PRO QA 328 -26.53 52.08 45.24
C PRO QA 328 -26.67 50.56 45.29
N GLU QA 329 -26.54 49.88 44.15
CA GLU QA 329 -26.65 48.43 44.14
C GLU QA 329 -25.63 47.78 45.05
N ALA QA 330 -24.46 48.41 45.23
CA ALA QA 330 -23.46 47.88 46.14
C ALA QA 330 -23.99 47.84 47.57
N ILE QA 331 -24.59 48.94 48.03
CA ILE QA 331 -25.14 49.00 49.38
C ILE QA 331 -26.32 48.03 49.52
N GLN QA 332 -27.18 47.98 48.50
CA GLN QA 332 -28.33 47.07 48.57
C GLN QA 332 -27.86 45.62 48.66
N ASN QA 333 -26.88 45.24 47.84
CA ASN QA 333 -26.36 43.88 47.89
C ASN QA 333 -25.69 43.61 49.22
N ALA QA 334 -24.98 44.59 49.78
CA ALA QA 334 -24.33 44.39 51.07
C ALA QA 334 -25.34 44.14 52.17
N VAL QA 335 -26.40 44.94 52.23
CA VAL QA 335 -27.38 44.75 53.30
C VAL QA 335 -28.15 43.45 53.10
N VAL QA 336 -28.48 43.11 51.86
CA VAL QA 336 -29.17 41.85 51.60
C VAL QA 336 -28.29 40.67 51.99
N ASN QA 337 -27.01 40.73 51.63
CA ASN QA 337 -26.09 39.65 51.95
C ASN QA 337 -25.92 39.50 53.45
N TYR QA 338 -25.85 40.63 54.18
CA TYR QA 338 -25.77 40.52 55.62
C TYR QA 338 -27.04 39.93 56.22
N ALA QA 339 -28.21 40.34 55.71
CA ALA QA 339 -29.46 39.82 56.24
C ALA QA 339 -29.57 38.32 56.03
N GLN QA 340 -29.14 37.83 54.86
CA GLN QA 340 -29.16 36.39 54.62
C GLN QA 340 -28.16 35.66 55.51
N GLY QA 341 -27.05 36.31 55.86
CA GLY QA 341 -26.06 35.73 56.72
C GLY QA 341 -24.87 35.10 56.02
N LYS QA 342 -24.41 35.66 54.90
CA LYS QA 342 -23.28 35.12 54.18
C LYS QA 342 -21.93 35.66 54.66
N VAL QA 343 -21.93 36.67 55.52
CA VAL QA 343 -20.69 37.28 55.98
C VAL QA 343 -20.12 36.47 57.15
N GLU QA 344 -18.80 36.48 57.29
CA GLU QA 344 -18.14 35.80 58.39
C GLU QA 344 -18.51 36.45 59.72
N GLY QA 345 -18.51 35.64 60.78
CA GLY QA 345 -18.72 36.14 62.12
C GLY QA 345 -20.15 36.45 62.48
N GLU QA 346 -20.75 37.44 61.82
CA GLU QA 346 -22.12 37.84 62.11
C GLU QA 346 -23.11 36.88 61.46
N GLU QA 347 -23.98 36.28 62.27
CA GLU QA 347 -24.97 35.35 61.75
C GLU QA 347 -26.08 36.05 60.97
N GLY QA 348 -26.14 37.37 61.02
CA GLY QA 348 -27.15 38.11 60.29
C GLY QA 348 -28.45 38.20 61.06
N LEU QA 349 -29.55 37.85 60.41
CA LEU QA 349 -30.87 37.85 61.02
C LEU QA 349 -31.34 36.42 61.18
N VAL QA 350 -31.63 36.02 62.42
CA VAL QA 350 -32.07 34.68 62.74
C VAL QA 350 -33.36 34.77 63.55
N VAL QA 351 -33.84 33.62 64.01
CA VAL QA 351 -35.08 33.58 64.79
C VAL QA 351 -34.79 34.12 66.18
N GLY QA 352 -35.11 35.38 66.41
CA GLY QA 352 -34.89 35.99 67.71
C GLY QA 352 -33.74 36.96 67.73
N ALA QA 353 -33.53 37.66 66.63
CA ALA QA 353 -32.51 38.69 66.52
C ALA QA 353 -33.15 40.02 66.14
N SER QA 354 -32.76 41.08 66.81
CA SER QA 354 -33.35 42.40 66.62
C SER QA 354 -32.52 43.20 65.63
N LEU QA 355 -33.19 43.79 64.64
CA LEU QA 355 -32.52 44.68 63.70
C LEU QA 355 -31.93 45.87 64.44
N SER QA 356 -30.70 46.24 64.07
CA SER QA 356 -30.02 47.37 64.70
C SER QA 356 -29.45 48.27 63.63
N ALA QA 357 -29.72 49.57 63.74
CA ALA QA 357 -29.23 50.51 62.74
C ALA QA 357 -27.70 50.58 62.73
N PHE QA 358 -27.09 50.53 63.92
CA PHE QA 358 -25.64 50.62 64.00
C PHE QA 358 -24.97 49.42 63.35
N GLU QA 359 -25.50 48.23 63.58
CA GLU QA 359 -24.92 47.03 62.98
C GLU QA 359 -25.02 47.06 61.46
N VAL QA 360 -26.19 47.44 60.94
CA VAL QA 360 -26.38 47.51 59.49
C VAL QA 360 -25.48 48.58 58.89
N ALA QA 361 -25.38 49.73 59.56
CA ALA QA 361 -24.51 50.80 59.07
C ALA QA 361 -23.05 50.36 59.06
N GLY QA 362 -22.64 49.62 60.10
CA GLY QA 362 -21.29 49.08 60.10
C GLY QA 362 -21.04 48.12 58.95
N ALA QA 363 -22.01 47.24 58.69
CA ALA QA 363 -21.87 46.32 57.55
C ALA QA 363 -21.76 47.07 56.23
N ILE QA 364 -22.59 48.11 56.05
CA ILE QA 364 -22.53 48.92 54.83
C ILE QA 364 -21.16 49.59 54.70
N ALA QA 365 -20.73 50.27 55.76
CA ALA QA 365 -19.50 51.06 55.69
C ALA QA 365 -18.29 50.16 55.54
N ARG QA 366 -18.40 48.90 55.96
CA ARG QA 366 -17.21 48.07 56.06
C ARG QA 366 -17.18 46.99 54.97
N GLU QA 367 -18.27 46.84 54.22
CA GLU QA 367 -18.19 46.11 52.96
C GLU QA 367 -17.58 46.99 51.89
N ILE QA 368 -18.14 48.19 51.71
CA ILE QA 368 -17.61 49.21 50.82
C ILE QA 368 -17.06 50.34 51.70
N PRO QA 369 -15.76 50.42 51.90
CA PRO QA 369 -15.22 51.50 52.74
C PRO QA 369 -15.01 52.78 51.95
N GLY QA 370 -14.48 53.81 52.60
CA GLY QA 370 -14.31 55.07 51.92
C GLY QA 370 -15.59 55.84 51.69
N ILE QA 371 -16.62 55.61 52.50
CA ILE QA 371 -17.89 56.31 52.41
C ILE QA 371 -18.25 56.83 53.78
N TYR QA 372 -18.85 58.02 53.84
CA TYR QA 372 -19.18 58.67 55.10
C TYR QA 372 -20.70 58.62 55.29
N ILE QA 373 -21.16 57.68 56.09
CA ILE QA 373 -22.58 57.55 56.40
C ILE QA 373 -22.96 58.60 57.42
N LYS QA 374 -24.01 59.38 57.12
CA LYS QA 374 -24.48 60.43 58.00
C LYS QA 374 -25.67 60.00 58.84
N LEU QA 375 -26.68 59.37 58.23
CA LEU QA 375 -27.90 58.99 58.93
C LEU QA 375 -28.19 57.51 58.69
N CYS QA 376 -28.80 56.87 59.69
CA CYS QA 376 -29.23 55.48 59.59
C CYS QA 376 -30.62 55.32 60.20
N GLN QA 377 -31.45 54.53 59.55
CA GLN QA 377 -32.82 54.29 60.00
C GLN QA 377 -33.22 52.86 59.71
N VAL QA 378 -33.86 52.22 60.69
CA VAL QA 378 -34.31 50.83 60.56
C VAL QA 378 -35.73 50.73 61.11
N ALA QA 379 -36.62 50.11 60.34
CA ALA QA 379 -37.99 49.89 60.75
C ALA QA 379 -38.40 48.46 60.42
N CYS QA 380 -39.38 47.95 61.16
CA CYS QA 380 -39.88 46.60 60.98
C CYS QA 380 -41.38 46.63 60.71
N VAL QA 381 -41.84 45.78 59.80
CA VAL QA 381 -43.24 45.75 59.39
C VAL QA 381 -43.76 44.31 59.49
N ALA QA 382 -45.07 44.19 59.68
CA ALA QA 382 -45.70 42.90 59.87
C ALA QA 382 -45.80 42.12 58.55
N ALA QA 383 -46.27 40.89 58.66
CA ALA QA 383 -46.34 40.00 57.50
C ALA QA 383 -47.46 40.46 56.56
N GLY QA 384 -47.09 40.80 55.33
CA GLY QA 384 -48.05 41.21 54.33
C GLY QA 384 -48.63 42.59 54.54
N SER QA 385 -48.20 43.31 55.57
CA SER QA 385 -48.77 44.61 55.87
C SER QA 385 -48.40 45.62 54.79
N PRO QA 386 -49.21 46.66 54.62
CA PRO QA 386 -48.83 47.74 53.69
C PRO QA 386 -47.53 48.39 54.12
N ALA QA 387 -46.80 48.91 53.14
CA ALA QA 387 -45.47 49.43 53.39
C ALA QA 387 -45.51 50.51 54.47
N PRO QA 388 -44.57 50.50 55.42
CA PRO QA 388 -44.67 51.42 56.56
C PRO QA 388 -44.61 52.87 56.14
N ALA QA 389 -45.33 53.71 56.88
CA ALA QA 389 -45.36 55.14 56.61
C ALA QA 389 -43.97 55.75 56.84
N PRO QA 390 -43.68 56.89 56.23
CA PRO QA 390 -42.35 57.49 56.39
C PRO QA 390 -41.99 57.79 57.83
N GLY QA 391 -42.96 58.10 58.68
CA GLY QA 391 -42.67 58.38 60.07
C GLY QA 391 -42.46 57.17 60.93
N ASP QA 392 -42.56 55.97 60.36
CA ASP QA 392 -42.41 54.75 61.15
C ASP QA 392 -40.96 54.45 61.54
N PHE QA 393 -40.00 54.92 60.74
CA PHE QA 393 -38.61 54.58 60.96
C PHE QA 393 -38.08 55.19 62.25
N THR QA 394 -37.22 54.44 62.94
CA THR QA 394 -36.55 54.91 64.14
C THR QA 394 -35.19 54.23 64.23
N SER QA 395 -34.43 54.59 65.26
CA SER QA 395 -33.05 54.14 65.36
C SER QA 395 -32.96 52.66 65.72
N GLU QA 396 -33.74 52.21 66.69
CA GLU QA 396 -33.60 50.88 67.25
C GLU QA 396 -34.94 50.17 67.31
N TYR QA 397 -34.97 48.92 66.85
CA TYR QA 397 -36.15 48.06 66.98
C TYR QA 397 -35.72 46.79 67.70
N VAL QA 398 -36.56 46.35 68.63
CA VAL QA 398 -36.31 45.14 69.42
C VAL QA 398 -37.34 44.09 69.02
N MET QA 399 -36.85 42.93 68.60
CA MET QA 399 -37.71 41.83 68.21
C MET QA 399 -37.74 40.77 69.30
N SER QA 400 -38.90 40.14 69.45
CA SER QA 400 -39.10 39.13 70.48
C SER QA 400 -38.46 37.80 70.05
N ALA QA 401 -38.62 36.79 70.89
CA ALA QA 401 -37.95 35.51 70.67
C ALA QA 401 -38.41 34.84 69.38
N PHE QA 402 -39.71 34.86 69.12
CA PHE QA 402 -40.30 34.09 68.01
C PHE QA 402 -40.58 34.96 66.79
N GLY QA 403 -39.74 35.95 66.52
CA GLY QA 403 -39.94 36.82 65.37
C GLY QA 403 -38.78 36.84 64.39
N GLN QA 404 -39.00 36.33 63.18
CA GLN QA 404 -37.98 36.28 62.13
C GLN QA 404 -38.28 37.35 61.09
N ALA QA 405 -37.23 38.08 60.69
CA ALA QA 405 -37.39 39.18 59.74
C ALA QA 405 -36.32 39.10 58.66
N THR QA 406 -36.75 39.16 57.40
CA THR QA 406 -35.86 39.17 56.25
C THR QA 406 -35.92 40.52 55.55
N ILE QA 407 -34.91 40.78 54.73
CA ILE QA 407 -34.80 42.03 53.98
C ILE QA 407 -34.58 41.70 52.52
N SER QA 408 -35.33 42.37 51.64
CA SER QA 408 -35.19 42.22 50.21
C SER QA 408 -34.40 43.39 49.64
N VAL QA 409 -34.20 43.37 48.33
CA VAL QA 409 -33.47 44.45 47.67
C VAL QA 409 -34.29 45.73 47.69
N GLY QA 410 -35.61 45.63 47.54
CA GLY QA 410 -36.47 46.79 47.45
C GLY QA 410 -36.83 47.44 48.77
N ASN QA 411 -36.44 46.84 49.89
CA ASN QA 411 -36.71 47.42 51.20
C ASN QA 411 -35.61 48.35 51.68
N VAL QA 412 -34.58 48.58 50.87
CA VAL QA 412 -33.52 49.52 51.20
C VAL QA 412 -33.45 50.58 50.09
N ARG QA 413 -33.57 51.84 50.48
CA ARG QA 413 -33.45 52.96 49.57
C ARG QA 413 -32.46 53.95 50.17
N VAL QA 414 -31.38 54.21 49.44
CA VAL QA 414 -30.33 55.11 49.92
C VAL QA 414 -30.17 56.24 48.92
N THR QA 415 -30.35 57.47 49.39
CA THR QA 415 -30.11 58.67 48.60
C THR QA 415 -29.09 59.51 49.36
N PHE QA 416 -27.86 59.56 48.84
CA PHE QA 416 -26.81 60.36 49.44
C PHE QA 416 -27.18 61.84 49.43
N VAL QA 417 -26.34 62.64 50.08
CA VAL QA 417 -26.51 64.08 50.07
C VAL QA 417 -26.30 64.59 48.66
N VAL RA 14 8.28 40.56 -62.85
CA VAL RA 14 9.31 41.09 -63.73
C VAL RA 14 10.68 40.52 -63.38
N ALA RA 15 11.52 40.37 -64.40
CA ALA RA 15 12.89 39.85 -64.24
C ALA RA 15 12.88 38.45 -63.63
N ASP RA 16 11.94 37.61 -64.07
CA ASP RA 16 11.78 36.26 -63.50
C ASP RA 16 11.37 35.30 -64.62
N THR RA 17 12.35 34.73 -65.31
CA THR RA 17 12.11 33.82 -66.42
C THR RA 17 13.43 33.10 -66.73
N ALA RA 18 13.47 32.41 -67.88
CA ALA RA 18 14.70 31.92 -68.51
C ALA RA 18 15.38 30.82 -67.70
N ASP RA 19 14.63 29.75 -67.42
CA ASP RA 19 15.18 28.54 -66.82
C ASP RA 19 15.23 27.37 -67.80
N VAL RA 20 15.01 27.63 -69.09
CA VAL RA 20 15.02 26.54 -70.05
C VAL RA 20 16.43 26.17 -70.46
N LEU RA 21 17.36 27.12 -70.44
CA LEU RA 21 18.74 26.87 -70.82
C LEU RA 21 19.60 26.41 -69.65
N SER RA 22 19.01 26.20 -68.48
CA SER RA 22 19.74 25.70 -67.31
C SER RA 22 20.19 24.26 -67.46
N ASP RA 23 19.97 23.64 -68.62
CA ASP RA 23 20.40 22.28 -68.88
C ASP RA 23 21.65 22.22 -69.74
N VAL RA 24 21.72 23.00 -70.82
CA VAL RA 24 22.87 22.95 -71.71
C VAL RA 24 24.13 23.38 -70.99
N GLU RA 25 24.01 24.26 -69.99
CA GLU RA 25 25.16 24.70 -69.23
C GLU RA 25 25.82 23.53 -68.51
N ALA RA 26 25.01 22.70 -67.85
CA ALA RA 26 25.58 21.54 -67.14
C ALA RA 26 26.17 20.54 -68.11
N GLU RA 27 25.54 20.36 -69.28
CA GLU RA 27 26.06 19.45 -70.27
C GLU RA 27 27.44 19.89 -70.75
N PHE RA 28 27.57 21.17 -71.14
CA PHE RA 28 28.86 21.69 -71.56
C PHE RA 28 29.87 21.65 -70.42
N ARG RA 29 29.41 21.89 -69.19
CA ARG RA 29 30.30 21.84 -68.03
C ARG RA 29 30.91 20.46 -67.88
N ALA RA 30 30.08 19.42 -67.86
CA ALA RA 30 30.58 18.06 -67.70
C ALA RA 30 31.45 17.65 -68.87
N ALA RA 31 31.08 18.07 -70.09
CA ALA RA 31 31.92 17.76 -71.24
C ALA RA 31 33.29 18.41 -71.11
N LEU RA 32 33.34 19.70 -70.78
CA LEU RA 32 34.61 20.38 -70.62
C LEU RA 32 35.44 19.75 -69.50
N GLY RA 33 34.77 19.22 -68.48
CA GLY RA 33 35.49 18.63 -67.35
C GLY RA 33 36.37 17.47 -67.76
N ALA RA 34 35.84 16.58 -68.61
CA ALA RA 34 36.58 15.38 -69.03
C ALA RA 34 36.18 15.03 -70.47
N ASN RA 35 37.10 15.27 -71.40
CA ASN RA 35 37.00 14.80 -72.78
C ASN RA 35 35.68 15.17 -73.44
N ILE RA 36 35.14 14.26 -74.26
CA ILE RA 36 33.81 14.37 -74.84
C ILE RA 36 33.17 13.00 -74.69
N ASN RA 37 32.13 12.89 -73.87
CA ASN RA 37 31.61 11.58 -73.51
C ASN RA 37 30.19 11.68 -72.96
N LEU RA 38 29.24 11.08 -73.68
CA LEU RA 38 27.93 10.70 -73.16
C LEU RA 38 27.20 11.93 -72.61
N ALA RA 39 26.99 12.03 -71.30
CA ALA RA 39 26.04 12.98 -70.70
C ALA RA 39 24.63 12.75 -71.23
N ALA RA 40 24.26 11.49 -71.47
CA ALA RA 40 22.95 11.14 -71.97
C ALA RA 40 22.70 9.67 -71.66
N SER RA 41 21.43 9.26 -71.84
CA SER RA 41 20.94 7.89 -71.62
C SER RA 41 20.77 7.55 -70.14
N THR RA 42 20.81 8.55 -69.27
CA THR RA 42 20.63 8.39 -67.83
C THR RA 42 21.47 7.28 -67.19
N PRO RA 43 22.82 7.31 -67.34
CA PRO RA 43 23.67 6.59 -66.39
C PRO RA 43 23.96 7.48 -65.20
N GLN RA 44 24.87 7.03 -64.32
CA GLN RA 44 25.24 7.84 -63.16
C GLN RA 44 25.70 9.24 -63.58
N GLY RA 45 26.42 9.35 -64.70
CA GLY RA 45 26.84 10.66 -65.15
C GLY RA 45 25.67 11.56 -65.51
N SER RA 46 24.72 11.02 -66.27
CA SER RA 46 23.55 11.82 -66.63
C SER RA 46 22.62 12.03 -65.44
N LEU RA 47 22.68 11.15 -64.43
CA LEU RA 47 21.91 11.40 -63.22
C LEU RA 47 22.50 12.55 -62.41
N VAL RA 48 23.83 12.62 -62.34
CA VAL RA 48 24.47 13.80 -61.76
C VAL RA 48 24.11 15.05 -62.55
N ALA RA 49 24.07 14.93 -63.88
CA ALA RA 49 23.68 16.06 -64.71
C ALA RA 49 22.26 16.51 -64.40
N ALA RA 50 21.33 15.55 -64.24
CA ALA RA 50 19.94 15.91 -63.92
C ALA RA 50 19.84 16.57 -62.55
N GLU RA 51 20.61 16.07 -61.58
CA GLU RA 51 20.65 16.73 -60.28
C GLU RA 51 21.11 18.17 -60.40
N ALA RA 52 22.17 18.41 -61.19
CA ALA RA 52 22.65 19.76 -61.40
C ALA RA 52 21.59 20.63 -62.06
N ILE RA 53 20.90 20.08 -63.06
CA ILE RA 53 19.77 20.76 -63.68
C ILE RA 53 18.81 21.26 -62.61
N ALA RA 54 18.33 20.35 -61.76
CA ALA RA 54 17.30 20.69 -60.79
C ALA RA 54 17.77 21.77 -59.83
N ARG RA 55 18.98 21.62 -59.28
CA ARG RA 55 19.42 22.56 -58.26
C ARG RA 55 19.66 23.94 -58.85
N SER RA 56 20.28 24.00 -60.04
CA SER RA 56 20.52 25.30 -60.66
C SER RA 56 19.21 26.00 -60.99
N SER RA 57 18.24 25.25 -61.54
CA SER RA 57 16.96 25.84 -61.86
C SER RA 57 16.27 26.37 -60.60
N VAL RA 58 16.30 25.60 -59.52
CA VAL RA 58 15.62 26.01 -58.30
C VAL RA 58 16.29 27.24 -57.70
N MET RA 59 17.63 27.29 -57.73
CA MET RA 59 18.31 28.45 -57.19
C MET RA 59 17.98 29.71 -57.99
N ARG RA 60 17.94 29.59 -59.31
CA ARG RA 60 17.57 30.75 -60.13
C ARG RA 60 16.13 31.18 -59.85
N ASN RA 61 15.22 30.21 -59.68
CA ASN RA 61 13.83 30.54 -59.36
C ASN RA 61 13.73 31.25 -58.01
N GLU RA 62 14.49 30.79 -57.02
CA GLU RA 62 14.42 31.43 -55.71
C GLU RA 62 15.00 32.85 -55.77
N ALA RA 63 16.06 33.03 -56.55
CA ALA RA 63 16.58 34.37 -56.76
C ALA RA 63 15.55 35.28 -57.40
N ARG RA 64 14.86 34.79 -58.43
CA ARG RA 64 13.88 35.64 -59.11
C ARG RA 64 12.70 35.95 -58.20
N ILE RA 65 12.32 35.02 -57.32
CA ILE RA 65 11.25 35.31 -56.37
C ILE RA 65 11.68 36.39 -55.38
N ALA RA 66 12.90 36.29 -54.87
CA ALA RA 66 13.34 37.27 -53.88
C ALA RA 66 13.57 38.64 -54.50
N ASN RA 67 13.98 38.68 -55.77
CA ASN RA 67 14.37 39.95 -56.38
C ASN RA 67 13.18 40.90 -56.52
N THR RA 68 12.08 40.42 -57.08
CA THR RA 68 10.96 41.29 -57.43
C THR RA 68 10.20 41.66 -56.16
N ILE RA 69 10.25 42.94 -55.80
CA ILE RA 69 9.67 43.43 -54.55
C ILE RA 69 8.76 44.63 -54.83
N ASN RA 70 8.18 44.69 -56.01
CA ASN RA 70 7.32 45.81 -56.35
C ASN RA 70 6.04 45.76 -55.52
N PRO RA 71 5.44 46.92 -55.22
CA PRO RA 71 4.18 46.92 -54.47
C PRO RA 71 3.07 46.15 -55.17
N ASN RA 72 3.08 46.09 -56.49
CA ASN RA 72 2.09 45.30 -57.22
C ASN RA 72 2.48 43.83 -57.32
N VAL RA 73 3.62 43.44 -56.75
CA VAL RA 73 4.09 42.07 -56.84
C VAL RA 73 4.34 41.43 -55.47
N SER RA 74 4.65 42.21 -54.44
CA SER RA 74 5.18 41.65 -53.20
C SER RA 74 4.05 41.11 -52.33
N PHE RA 75 4.46 40.55 -51.19
CA PHE RA 75 3.55 39.91 -50.24
C PHE RA 75 4.22 39.74 -48.89
N GLY RA 76 3.59 40.24 -47.82
CA GLY RA 76 4.17 40.08 -46.48
C GLY RA 76 5.38 40.92 -46.16
N THR RA 77 6.37 40.94 -47.06
CA THR RA 77 7.45 41.92 -47.03
C THR RA 77 7.01 43.25 -47.59
N PHE RA 78 5.79 43.31 -48.12
CA PHE RA 78 5.16 44.53 -48.61
C PHE RA 78 5.06 45.61 -47.54
N LEU RA 79 5.02 45.21 -46.26
CA LEU RA 79 4.88 46.18 -45.20
C LEU RA 79 6.07 47.13 -45.15
N ASP RA 80 7.26 46.66 -45.53
CA ASP RA 80 8.41 47.55 -45.57
C ASP RA 80 8.38 48.47 -46.79
N ALA RA 81 7.85 47.97 -47.91
CA ALA RA 81 7.60 48.85 -49.04
C ALA RA 81 6.66 49.98 -48.65
N ILE RA 82 5.73 49.70 -47.74
CA ILE RA 82 4.89 50.76 -47.19
C ILE RA 82 5.66 51.66 -46.24
N CYS RA 83 6.40 51.07 -45.30
CA CYS RA 83 7.05 51.84 -44.26
C CYS RA 83 8.22 52.67 -44.78
N ALA RA 84 8.63 52.46 -46.03
CA ALA RA 84 9.61 53.36 -46.63
C ALA RA 84 9.08 54.78 -46.67
N LEU RA 85 7.82 54.95 -47.11
CA LEU RA 85 7.13 56.22 -47.11
C LEU RA 85 5.89 56.22 -46.25
N MET RA 86 5.01 55.27 -46.45
CA MET RA 86 3.62 55.36 -46.04
C MET RA 86 3.44 54.93 -44.58
N GLY RA 87 2.32 55.35 -44.00
CA GLY RA 87 2.02 55.00 -42.64
C GLY RA 87 1.77 53.52 -42.46
N ILE RA 88 1.96 53.10 -41.22
CA ILE RA 88 1.81 51.72 -40.76
C ILE RA 88 0.41 51.20 -41.05
N GLU RA 89 0.26 49.88 -41.10
CA GLU RA 89 -1.05 49.28 -41.30
C GLU RA 89 -1.95 49.59 -40.11
N ARG RA 90 -3.20 49.15 -40.22
CA ARG RA 90 -4.18 49.41 -39.18
C ARG RA 90 -4.18 48.27 -38.17
N GLY RA 91 -3.82 48.58 -36.93
CA GLY RA 91 -3.83 47.57 -35.89
C GLY RA 91 -5.23 47.18 -35.48
N SER RA 92 -5.38 45.92 -35.09
CA SER RA 92 -6.67 45.45 -34.60
C SER RA 92 -7.01 46.12 -33.28
N ASP RA 93 -8.27 46.52 -33.13
CA ASP RA 93 -8.70 47.19 -31.90
C ASP RA 93 -10.14 46.77 -31.57
N LEU RA 94 -10.49 46.99 -30.31
CA LEU RA 94 -11.78 46.59 -29.76
C LEU RA 94 -12.40 47.79 -29.06
N SER RA 95 -13.71 47.96 -29.22
CA SER RA 95 -14.39 49.15 -28.73
C SER RA 95 -14.94 48.94 -27.33
N THR RA 96 -14.66 49.87 -26.44
CA THR RA 96 -15.04 49.75 -25.04
C THR RA 96 -16.31 50.55 -24.74
N PHE RA 97 -16.87 50.31 -23.57
CA PHE RA 97 -18.05 51.03 -23.07
C PHE RA 97 -17.70 51.75 -21.78
N GLY RA 98 -18.15 52.99 -21.67
CA GLY RA 98 -17.93 53.80 -20.48
C GLY RA 98 -19.25 54.20 -19.85
N TYR RA 99 -19.30 54.13 -18.51
CA TYR RA 99 -20.45 54.57 -17.73
C TYR RA 99 -21.71 53.75 -18.03
N GLY RA 100 -21.59 52.43 -17.92
CA GLY RA 100 -22.75 51.56 -18.01
C GLY RA 100 -23.45 51.42 -16.67
N VAL RA 101 -24.75 51.72 -16.63
CA VAL RA 101 -25.45 51.75 -15.34
C VAL RA 101 -25.45 50.36 -14.73
N GLN RA 102 -25.53 50.30 -13.41
CA GLN RA 102 -25.39 49.06 -12.67
C GLN RA 102 -26.08 49.23 -11.33
N VAL RA 103 -27.06 48.38 -11.04
CA VAL RA 103 -27.92 48.54 -9.87
C VAL RA 103 -27.97 47.22 -9.12
N THR RA 104 -27.90 47.30 -7.80
CA THR RA 104 -27.91 46.12 -6.92
C THR RA 104 -28.08 46.58 -5.49
N GLY RA 105 -27.91 45.65 -4.54
CA GLY RA 105 -27.98 45.95 -3.13
C GLY RA 105 -26.74 46.67 -2.62
N ARG RA 106 -26.83 47.15 -1.40
CA ARG RA 106 -25.79 48.00 -0.82
C ARG RA 106 -24.56 47.18 -0.42
N SER RA 107 -23.40 47.80 -0.56
CA SER RA 107 -22.11 47.24 -0.14
C SER RA 107 -21.85 45.90 -0.83
N GLN RA 108 -21.69 45.99 -2.15
CA GLN RA 108 -21.29 44.86 -2.97
C GLN RA 108 -20.14 45.28 -3.88
N THR RA 109 -19.19 44.38 -4.09
CA THR RA 109 -18.04 44.63 -4.94
C THR RA 109 -18.17 43.84 -6.23
N ARG RA 110 -18.05 44.53 -7.37
CA ARG RA 110 -18.07 43.91 -8.68
C ARG RA 110 -16.64 43.73 -9.15
N ILE RA 111 -16.22 42.47 -9.31
CA ILE RA 111 -14.82 42.17 -9.63
C ILE RA 111 -14.59 42.29 -11.13
N SER RA 112 -13.33 42.29 -11.54
CA SER RA 112 -12.99 42.52 -12.93
C SER RA 112 -13.34 41.31 -13.80
N THR RA 113 -13.43 41.57 -15.11
CA THR RA 113 -13.78 40.56 -16.12
C THR RA 113 -15.08 39.85 -15.80
N GLY RA 114 -16.06 40.59 -15.32
CA GLY RA 114 -17.41 40.05 -15.21
C GLY RA 114 -18.01 39.93 -16.58
N SER RA 115 -18.18 38.71 -17.07
CA SER RA 115 -18.55 38.47 -18.47
C SER RA 115 -20.02 38.82 -18.67
N ARG RA 116 -20.30 40.12 -18.82
CA ARG RA 116 -21.62 40.57 -19.22
C ARG RA 116 -21.86 40.17 -20.68
N VAL RA 117 -23.11 39.86 -21.00
CA VAL RA 117 -23.45 39.36 -22.33
C VAL RA 117 -24.61 40.17 -22.89
N GLN RA 118 -24.40 40.77 -24.05
CA GLN RA 118 -25.46 41.44 -24.80
C GLN RA 118 -26.35 40.40 -25.49
N THR RA 119 -27.58 40.80 -25.79
CA THR RA 119 -28.54 39.83 -26.31
C THR RA 119 -28.20 39.23 -27.67
N PRO RA 120 -27.46 39.90 -28.62
CA PRO RA 120 -27.00 39.20 -29.83
C PRO RA 120 -25.60 38.60 -29.67
N ALA RA 121 -25.40 37.83 -28.60
CA ALA RA 121 -24.13 37.17 -28.30
C ALA RA 121 -22.98 38.17 -28.26
N GLY RA 122 -23.06 39.08 -27.29
CA GLY RA 122 -22.04 40.09 -27.11
C GLY RA 122 -20.78 39.61 -26.42
N ALA RA 123 -20.92 39.12 -25.19
CA ALA RA 123 -19.80 38.69 -24.35
C ALA RA 123 -18.84 39.85 -24.06
N ILE RA 124 -19.36 40.81 -23.30
CA ILE RA 124 -18.61 41.98 -22.88
C ILE RA 124 -17.93 41.65 -21.55
N PHE RA 125 -16.84 42.37 -21.24
CA PHE RA 125 -16.15 42.24 -19.96
C PHE RA 125 -16.36 43.49 -19.11
N THR RA 126 -15.70 43.52 -17.96
CA THR RA 126 -15.64 44.70 -17.09
C THR RA 126 -14.19 45.01 -16.79
N VAL RA 127 -13.81 46.28 -16.93
CA VAL RA 127 -12.40 46.65 -16.88
C VAL RA 127 -11.91 46.76 -15.44
N MET RA 128 -12.50 47.67 -14.67
CA MET RA 128 -12.02 47.98 -13.33
C MET RA 128 -13.04 47.55 -12.28
N SER RA 129 -12.55 46.92 -11.22
CA SER RA 129 -13.43 46.45 -10.16
C SER RA 129 -14.13 47.63 -9.47
N ASP RA 130 -15.39 47.42 -9.10
CA ASP RA 130 -16.22 48.49 -8.57
C ASP RA 130 -16.98 48.00 -7.34
N VAL RA 131 -17.24 48.94 -6.43
CA VAL RA 131 -18.03 48.68 -5.24
C VAL RA 131 -19.31 49.50 -5.33
N THR RA 132 -20.46 48.83 -5.21
CA THR RA 132 -21.73 49.53 -5.34
C THR RA 132 -21.96 50.43 -4.13
N ILE RA 133 -22.21 51.70 -4.40
CA ILE RA 133 -22.44 52.72 -3.38
C ILE RA 133 -23.82 52.50 -2.76
N PRO RA 134 -24.09 53.04 -1.58
CA PRO RA 134 -25.43 52.87 -0.99
C PRO RA 134 -26.55 53.50 -1.81
N ALA RA 135 -26.23 54.43 -2.71
CA ALA RA 135 -27.26 55.02 -3.56
C ALA RA 135 -27.90 54.01 -4.50
N GLY RA 136 -27.22 52.89 -4.76
CA GLY RA 136 -27.75 51.87 -5.64
C GLY RA 136 -27.53 52.10 -7.10
N GLY RA 137 -26.94 53.23 -7.48
CA GLY RA 137 -26.67 53.49 -8.89
C GLY RA 137 -25.20 53.72 -9.14
N VAL RA 138 -24.56 52.80 -9.86
CA VAL RA 138 -23.15 52.89 -10.15
C VAL RA 138 -22.93 52.68 -11.64
N ALA RA 139 -21.79 53.15 -12.13
CA ALA RA 139 -21.42 53.07 -13.52
C ALA RA 139 -20.14 52.26 -13.66
N THR RA 140 -20.17 51.24 -14.51
CA THR RA 140 -19.05 50.33 -14.71
C THR RA 140 -18.59 50.40 -16.15
N ILE RA 141 -17.27 50.43 -16.33
CA ILE RA 141 -16.63 50.49 -17.64
C ILE RA 141 -16.52 49.08 -18.21
N ASP RA 142 -16.74 48.95 -19.51
CA ASP RA 142 -16.78 47.66 -20.18
C ASP RA 142 -15.70 47.56 -21.26
N ILE RA 143 -15.58 46.38 -21.83
CA ILE RA 143 -14.67 46.13 -22.95
C ILE RA 143 -15.14 44.87 -23.65
N LYS RA 144 -15.17 44.90 -24.98
CA LYS RA 144 -15.66 43.76 -25.73
C LYS RA 144 -14.59 42.68 -25.84
N SER RA 145 -15.04 41.47 -26.17
CA SER RA 145 -14.17 40.29 -26.18
C SER RA 145 -13.45 40.12 -27.51
N GLN RA 146 -14.18 40.18 -28.62
CA GLN RA 146 -13.63 39.90 -29.93
C GLN RA 146 -13.61 41.15 -30.79
N GLU RA 147 -12.70 41.15 -31.76
CA GLU RA 147 -12.55 42.29 -32.66
C GLU RA 147 -13.82 42.53 -33.47
N TYR RA 148 -14.59 41.48 -33.74
CA TYR RA 148 -15.84 41.59 -34.47
C TYR RA 148 -16.98 41.73 -33.45
N GLY RA 149 -17.48 42.95 -33.28
CA GLY RA 149 -18.52 43.19 -32.30
C GLY RA 149 -19.73 43.92 -32.86
N ASN RA 150 -20.88 43.25 -32.83
CA ASN RA 150 -22.12 43.88 -33.28
C ASN RA 150 -22.50 45.03 -32.36
N ILE RA 151 -22.90 46.15 -32.95
CA ILE RA 151 -23.26 47.34 -32.18
C ILE RA 151 -24.50 46.99 -31.36
N PRO RA 152 -24.44 47.13 -30.05
CA PRO RA 152 -25.53 46.67 -29.19
C PRO RA 152 -26.66 47.69 -29.11
N LEU RA 153 -27.68 47.34 -28.33
CA LEU RA 153 -28.85 48.15 -28.09
C LEU RA 153 -29.12 48.21 -26.58
N PRO RA 154 -29.66 49.31 -26.08
CA PRO RA 154 -29.89 49.43 -24.63
C PRO RA 154 -30.99 48.51 -24.12
N VAL RA 155 -30.61 47.45 -23.42
CA VAL RA 155 -31.51 46.51 -22.76
C VAL RA 155 -30.88 46.12 -21.43
N GLY RA 156 -31.54 45.19 -20.73
CA GLY RA 156 -30.94 44.57 -19.58
C GLY RA 156 -29.96 43.49 -20.00
N ASN RA 157 -28.66 43.76 -19.85
CA ASN RA 157 -27.65 42.84 -20.34
C ASN RA 157 -27.73 41.51 -19.61
N LEU RA 158 -27.70 40.41 -20.37
CA LEU RA 158 -27.76 39.08 -19.78
C LEU RA 158 -26.49 38.82 -18.98
N ILE RA 159 -26.67 38.38 -17.74
CA ILE RA 159 -25.57 38.22 -16.80
C ILE RA 159 -25.11 36.78 -16.78
N ILE RA 160 -23.80 36.59 -16.85
CA ILE RA 160 -23.19 35.27 -16.73
C ILE RA 160 -22.56 35.08 -15.35
N ILE RA 161 -21.66 35.99 -14.96
CA ILE RA 161 -20.92 35.88 -13.71
C ILE RA 161 -21.30 37.08 -12.85
N ASP RA 162 -21.81 36.81 -11.65
CA ASP RA 162 -22.17 37.89 -10.74
C ASP RA 162 -22.05 37.42 -9.31
N GLY RA 163 -21.99 38.39 -8.39
CA GLY RA 163 -21.93 38.09 -6.98
C GLY RA 163 -23.28 37.70 -6.42
N THR RA 164 -23.28 37.39 -5.14
CA THR RA 164 -24.50 37.00 -4.44
C THR RA 164 -25.45 38.17 -4.24
N ILE RA 165 -24.98 39.38 -4.55
CA ILE RA 165 -25.80 40.58 -4.37
C ILE RA 165 -26.15 41.27 -5.67
N GLY RA 166 -25.37 41.10 -6.74
CA GLY RA 166 -25.63 41.76 -8.01
C GLY RA 166 -27.01 41.49 -8.58
N TRP RA 167 -27.74 42.56 -8.90
CA TRP RA 167 -29.15 42.46 -9.28
C TRP RA 167 -29.35 42.52 -10.79
N SER RA 168 -28.92 43.61 -11.43
CA SER RA 168 -29.10 43.73 -12.87
C SER RA 168 -28.19 44.82 -13.40
N GLY RA 169 -27.95 44.77 -14.71
CA GLY RA 169 -27.20 45.81 -15.39
C GLY RA 169 -27.89 46.21 -16.67
N ALA RA 170 -27.77 47.49 -17.02
CA ALA RA 170 -28.46 48.04 -18.17
C ALA RA 170 -27.56 49.03 -18.89
N LYS RA 171 -28.02 49.49 -20.06
CA LYS RA 171 -27.30 50.45 -20.88
C LYS RA 171 -28.15 51.72 -20.98
N VAL RA 172 -27.74 52.77 -20.27
CA VAL RA 172 -28.44 54.04 -20.32
C VAL RA 172 -27.92 54.86 -21.49
N ILE RA 173 -28.63 55.92 -21.84
CA ILE RA 173 -28.21 56.79 -22.94
C ILE RA 173 -26.91 57.51 -22.60
N ALA RA 174 -26.62 57.69 -21.30
CA ALA RA 174 -25.45 58.45 -20.88
C ALA RA 174 -24.15 57.81 -21.34
N SER RA 175 -24.13 56.48 -21.50
CA SER RA 175 -22.91 55.80 -21.92
C SER RA 175 -22.52 56.20 -23.32
N THR RA 176 -21.22 56.43 -23.51
CA THR RA 176 -20.65 56.83 -24.80
C THR RA 176 -19.77 55.70 -25.32
N ARG RA 177 -20.03 55.26 -26.56
CA ARG RA 177 -19.33 54.14 -27.14
C ARG RA 177 -18.44 54.59 -28.29
N VAL RA 178 -17.58 53.68 -28.73
CA VAL RA 178 -16.67 53.87 -29.86
C VAL RA 178 -16.80 52.65 -30.76
N ASP RA 179 -15.99 52.59 -31.82
CA ASP RA 179 -16.07 51.48 -32.74
C ASP RA 179 -14.72 50.79 -32.90
N PRO RA 180 -14.71 49.49 -33.25
CA PRO RA 180 -13.44 48.74 -33.31
C PRO RA 180 -12.70 48.91 -34.63
N GLY RA 181 -11.63 48.13 -34.79
CA GLY RA 181 -10.92 48.06 -36.04
C GLY RA 181 -10.32 46.69 -36.29
N SER RA 182 -10.58 46.11 -37.45
CA SER RA 182 -10.02 44.82 -37.81
C SER RA 182 -10.13 44.66 -39.33
N ARG RA 183 -9.78 43.47 -39.83
CA ARG RA 183 -9.94 43.10 -41.24
C ARG RA 183 -9.15 44.03 -42.16
N GLN RA 184 -7.83 43.97 -42.02
CA GLN RA 184 -6.91 44.74 -42.86
C GLN RA 184 -6.06 43.75 -43.65
N MET RA 185 -6.61 43.27 -44.76
CA MET RA 185 -5.94 42.28 -45.58
C MET RA 185 -5.02 42.98 -46.58
N SER RA 186 -4.11 42.21 -47.18
CA SER RA 186 -3.14 42.79 -48.11
C SER RA 186 -3.81 43.41 -49.32
N ASP RA 187 -5.06 43.06 -49.61
CA ASP RA 187 -5.79 43.74 -50.69
C ASP RA 187 -5.91 45.23 -50.42
N ALA RA 188 -6.29 45.58 -49.19
CA ALA RA 188 -6.34 46.99 -48.81
C ALA RA 188 -4.97 47.64 -48.87
N GLU RA 189 -3.91 46.89 -48.60
CA GLU RA 189 -2.58 47.47 -48.67
C GLU RA 189 -2.15 47.75 -50.11
N LEU RA 190 -2.42 46.81 -51.02
CA LEU RA 190 -2.11 47.03 -52.43
C LEU RA 190 -3.07 48.00 -53.10
N LYS RA 191 -4.20 48.31 -52.46
CA LYS RA 191 -5.08 49.37 -52.96
C LYS RA 191 -4.72 50.75 -52.44
N ASN RA 192 -4.44 50.88 -51.14
CA ASN RA 192 -4.20 52.19 -50.54
C ASN RA 192 -2.78 52.68 -50.74
N ALA RA 193 -1.97 51.98 -51.53
CA ALA RA 193 -0.63 52.49 -51.83
C ALA RA 193 -0.71 53.76 -52.66
N ARG RA 194 -1.53 53.75 -53.71
CA ARG RA 194 -1.58 54.88 -54.63
C ARG RA 194 -2.16 56.13 -53.96
N VAL RA 195 -3.12 55.95 -53.06
CA VAL RA 195 -3.87 57.08 -52.52
C VAL RA 195 -3.40 57.48 -51.12
N ASN RA 196 -3.24 56.55 -50.20
CA ASN RA 196 -2.98 56.88 -48.80
C ASN RA 196 -1.50 57.19 -48.59
N ARG RA 197 -0.98 58.08 -49.44
CA ARG RA 197 0.42 58.46 -49.36
C ARG RA 197 0.62 59.36 -48.14
N LEU RA 198 0.70 58.71 -46.98
CA LEU RA 198 0.68 59.45 -45.72
C LEU RA 198 1.99 60.19 -45.56
N ALA RA 199 2.15 61.27 -46.32
CA ALA RA 199 3.35 62.09 -46.27
C ALA RA 199 3.28 63.00 -45.05
N ILE RA 200 3.30 62.35 -43.87
CA ILE RA 200 3.39 63.07 -42.61
C ILE RA 200 4.46 64.14 -42.67
N GLN RA 201 5.50 63.89 -43.45
CA GLN RA 201 6.54 64.88 -43.65
C GLN RA 201 6.01 66.12 -44.35
N GLY RA 202 5.17 65.94 -45.37
CA GLY RA 202 4.63 67.07 -46.09
C GLY RA 202 3.17 67.28 -45.77
N ARG RA 203 2.86 68.32 -45.00
CA ARG RA 203 1.51 68.47 -44.44
C ARG RA 203 0.62 69.37 -45.29
N ASN RA 204 0.99 70.63 -45.43
CA ASN RA 204 0.17 71.61 -46.14
C ASN RA 204 0.31 71.47 -47.65
N SER RA 205 -0.57 70.67 -48.23
CA SER RA 205 -0.55 70.40 -49.67
C SER RA 205 -1.89 69.77 -50.04
N THR RA 206 -1.96 69.24 -51.26
CA THR RA 206 -3.16 68.59 -51.76
C THR RA 206 -3.16 67.08 -51.51
N MET RA 207 -2.12 66.38 -51.98
CA MET RA 207 -2.04 64.94 -51.81
C MET RA 207 -1.89 64.55 -50.34
N ALA RA 208 -1.48 65.50 -49.50
CA ALA RA 208 -1.25 65.21 -48.09
C ALA RA 208 -2.54 65.14 -47.28
N ILE RA 209 -3.53 65.96 -47.63
CA ILE RA 209 -4.72 66.06 -46.81
C ILE RA 209 -5.50 64.75 -46.82
N LYS RA 210 -5.66 64.16 -48.01
CA LYS RA 210 -6.37 62.89 -48.11
C LYS RA 210 -5.73 61.83 -47.22
N ALA RA 211 -4.41 61.72 -47.28
CA ALA RA 211 -3.72 60.67 -46.56
C ALA RA 211 -3.73 60.91 -45.06
N TYR RA 212 -3.56 62.17 -44.63
CA TYR RA 212 -3.59 62.43 -43.19
C TYR RA 212 -5.00 62.28 -42.62
N VAL RA 213 -6.03 62.59 -43.40
CA VAL RA 213 -7.39 62.34 -42.93
C VAL RA 213 -7.69 60.85 -42.88
N SER RA 214 -7.20 60.10 -43.88
CA SER RA 214 -7.46 58.67 -43.95
C SER RA 214 -6.80 57.88 -42.84
N ALA RA 215 -5.88 58.50 -42.08
CA ALA RA 215 -5.34 57.85 -40.89
C ALA RA 215 -6.36 57.75 -39.77
N VAL RA 216 -7.41 58.58 -39.82
CA VAL RA 216 -8.44 58.54 -38.78
C VAL RA 216 -9.17 57.20 -38.85
N PRO RA 217 -9.51 56.57 -37.72
CA PRO RA 217 -10.19 55.28 -37.78
C PRO RA 217 -11.57 55.40 -38.39
N ASN RA 218 -12.02 54.28 -38.99
CA ASN RA 218 -13.36 54.10 -39.54
C ASN RA 218 -13.59 54.86 -40.84
N VAL RA 219 -12.65 55.72 -41.23
CA VAL RA 219 -12.82 56.51 -42.45
C VAL RA 219 -12.49 55.64 -43.65
N THR RA 220 -13.38 55.66 -44.65
CA THR RA 220 -13.22 54.83 -45.84
C THR RA 220 -12.50 55.58 -46.96
N SER RA 221 -13.05 56.70 -47.42
CA SER RA 221 -12.47 57.41 -48.55
C SER RA 221 -12.59 58.91 -48.33
N VAL RA 222 -11.72 59.66 -49.02
CA VAL RA 222 -11.64 61.10 -48.92
C VAL RA 222 -11.42 61.67 -50.31
N ASN RA 223 -12.07 62.81 -50.60
CA ASN RA 223 -11.80 63.60 -51.79
C ASN RA 223 -11.46 65.02 -51.38
N VAL RA 224 -10.52 65.63 -52.10
CA VAL RA 224 -10.12 67.02 -51.87
C VAL RA 224 -9.82 67.64 -53.22
N ILE RA 225 -10.63 68.62 -53.63
CA ILE RA 225 -10.48 69.28 -54.93
C ILE RA 225 -10.25 70.77 -54.69
N GLU RA 226 -9.15 71.28 -55.24
CA GLU RA 226 -8.71 72.65 -55.04
C GLU RA 226 -8.88 73.44 -56.34
N ASN RA 227 -9.29 74.71 -56.22
CA ASN RA 227 -9.62 75.49 -57.41
C ASN RA 227 -8.39 75.91 -58.19
N ASN RA 228 -7.36 76.42 -57.52
CA ASN RA 228 -6.10 76.88 -58.10
C ASN RA 228 -6.24 78.10 -59.00
N THR RA 229 -7.44 78.66 -59.16
CA THR RA 229 -7.68 79.79 -60.05
C THR RA 229 -8.32 80.93 -59.27
N GLY RA 230 -8.76 81.95 -60.00
CA GLY RA 230 -9.40 83.10 -59.39
C GLY RA 230 -10.85 83.29 -59.82
N ALA RA 231 -11.48 82.22 -60.30
CA ALA RA 231 -12.86 82.27 -60.76
C ALA RA 231 -13.63 81.08 -60.20
N VAL RA 232 -14.95 81.22 -60.15
CA VAL RA 232 -15.80 80.20 -59.56
C VAL RA 232 -16.14 79.13 -60.60
N GLN RA 233 -16.44 77.93 -60.11
CA GLN RA 233 -16.85 76.79 -60.93
C GLN RA 233 -15.76 76.42 -61.95
N VAL RA 234 -14.61 76.00 -61.43
CA VAL RA 234 -13.52 75.54 -62.27
C VAL RA 234 -13.16 74.08 -62.01
N VAL RA 235 -13.50 73.52 -60.84
CA VAL RA 235 -13.20 72.13 -60.52
C VAL RA 235 -14.20 71.21 -61.20
N ASN RA 236 -13.95 69.90 -61.10
CA ASN RA 236 -14.71 68.93 -61.87
C ASN RA 236 -16.19 68.96 -61.52
N GLY RA 237 -16.53 69.07 -60.24
CA GLY RA 237 -17.92 68.83 -59.89
C GLY RA 237 -18.60 69.68 -58.83
N VAL RA 238 -17.98 70.75 -58.34
CA VAL RA 238 -18.61 71.55 -57.29
C VAL RA 238 -18.46 73.03 -57.58
N SER RA 239 -19.41 73.81 -57.05
CA SER RA 239 -19.37 75.26 -57.11
C SER RA 239 -18.47 75.79 -55.99
N PHE RA 240 -18.27 77.11 -55.96
CA PHE RA 240 -17.25 77.68 -55.09
C PHE RA 240 -17.80 78.63 -54.04
N THR RA 241 -18.56 79.66 -54.45
CA THR RA 241 -18.76 80.86 -53.64
C THR RA 241 -17.41 81.52 -53.39
N LEU RA 242 -16.78 81.23 -52.26
CA LEU RA 242 -15.57 81.94 -51.85
C LEU RA 242 -14.36 81.43 -52.63
N PRO RA 243 -13.68 82.27 -53.40
CA PRO RA 243 -12.51 81.82 -54.16
C PRO RA 243 -11.26 81.70 -53.30
N TYR RA 244 -10.29 80.95 -53.82
CA TYR RA 244 -9.06 80.60 -53.11
C TYR RA 244 -9.37 79.84 -51.81
N ALA RA 245 -9.91 78.64 -52.00
CA ALA RA 245 -10.24 77.77 -50.88
C ALA RA 245 -10.31 76.33 -51.40
N VAL RA 246 -10.80 75.42 -50.55
CA VAL RA 246 -10.89 74.00 -50.88
C VAL RA 246 -11.98 73.38 -50.03
N TRP RA 247 -12.60 72.32 -50.54
CA TRP RA 247 -13.68 71.63 -49.85
C TRP RA 247 -13.34 70.14 -49.72
N VAL RA 248 -13.78 69.54 -48.63
CA VAL RA 248 -13.40 68.18 -48.26
C VAL RA 248 -14.65 67.33 -48.05
N CYS RA 249 -14.64 66.11 -48.59
CA CYS RA 249 -15.72 65.16 -48.45
C CYS RA 249 -15.16 63.83 -47.96
N VAL RA 250 -15.79 63.26 -46.93
CA VAL RA 250 -15.35 61.98 -46.36
C VAL RA 250 -16.55 61.05 -46.19
N ALA RA 251 -16.27 59.75 -46.17
CA ALA RA 251 -17.29 58.72 -46.07
C ALA RA 251 -16.98 57.78 -44.92
N GLY RA 252 -18.02 57.13 -44.42
CA GLY RA 252 -17.89 56.26 -43.25
C GLY RA 252 -17.43 57.01 -42.02
N ASN RA 253 -17.91 58.24 -41.84
CA ASN RA 253 -17.27 59.17 -40.93
C ASN RA 253 -17.39 58.71 -39.48
N PRO RA 254 -16.31 58.76 -38.71
CA PRO RA 254 -16.39 58.58 -37.26
C PRO RA 254 -16.74 59.88 -36.57
N ASP RA 255 -16.66 59.89 -35.23
CA ASP RA 255 -16.99 61.08 -34.45
C ASP RA 255 -16.21 62.30 -34.92
N LYS RA 256 -16.72 63.49 -34.60
CA LYS RA 256 -16.23 64.72 -35.24
C LYS RA 256 -14.78 65.03 -34.88
N GLN RA 257 -14.42 64.93 -33.61
CA GLN RA 257 -13.19 65.57 -33.14
C GLN RA 257 -11.95 65.00 -33.82
N ALA RA 258 -11.92 63.69 -34.04
CA ALA RA 258 -10.74 63.07 -34.64
C ALA RA 258 -10.49 63.61 -36.04
N VAL RA 259 -11.51 63.58 -36.90
CA VAL RA 259 -11.35 64.06 -38.26
C VAL RA 259 -11.15 65.57 -38.27
N ALA RA 260 -11.74 66.29 -37.31
CA ALA RA 260 -11.53 67.73 -37.24
C ALA RA 260 -10.07 68.06 -36.94
N ASP RA 261 -9.48 67.40 -35.95
CA ASP RA 261 -8.07 67.60 -35.66
C ASP RA 261 -7.20 67.21 -36.85
N ALA RA 262 -7.51 66.08 -37.49
CA ALA RA 262 -6.72 65.63 -38.63
C ALA RA 262 -6.79 66.64 -39.77
N LEU RA 263 -7.97 67.17 -40.05
CA LEU RA 263 -8.11 68.14 -41.13
C LEU RA 263 -7.38 69.44 -40.81
N TRP RA 264 -7.54 69.96 -39.58
CA TRP RA 264 -6.85 71.19 -39.23
C TRP RA 264 -5.35 71.01 -39.21
N ALA RA 265 -4.87 69.79 -38.99
CA ALA RA 265 -3.43 69.57 -38.87
C ALA RA 265 -2.72 69.44 -40.21
N ALA RA 266 -3.44 69.47 -41.33
CA ALA RA 266 -2.83 69.25 -42.64
C ALA RA 266 -2.94 70.46 -43.58
N HIS RA 267 -3.48 71.59 -43.14
CA HIS RA 267 -3.58 72.75 -44.01
C HIS RA 267 -2.66 73.85 -43.48
N ASN RA 268 -2.44 74.88 -44.30
CA ASN RA 268 -1.75 76.06 -43.82
C ASN RA 268 -2.29 77.39 -44.33
N GLY RA 269 -3.10 77.41 -45.37
CA GLY RA 269 -3.52 78.67 -45.95
C GLY RA 269 -4.46 79.44 -45.05
N GLY RA 270 -4.59 80.72 -45.34
CA GLY RA 270 -5.41 81.61 -44.54
C GLY RA 270 -6.85 81.16 -44.40
N THR RA 271 -7.60 81.16 -45.50
CA THR RA 271 -9.00 80.73 -45.49
C THR RA 271 -9.21 79.71 -46.61
N PRO RA 272 -8.62 78.52 -46.47
CA PRO RA 272 -8.83 77.47 -47.49
C PRO RA 272 -10.13 76.70 -47.35
N TRP RA 273 -10.87 76.92 -46.26
CA TRP RA 273 -12.13 76.21 -46.04
C TRP RA 273 -13.23 76.81 -46.92
N ASP RA 274 -14.11 75.93 -47.41
CA ASP RA 274 -15.17 76.37 -48.30
C ASP RA 274 -16.28 75.34 -48.34
N TYR RA 275 -17.50 75.78 -48.02
CA TYR RA 275 -18.68 75.01 -48.36
C TYR RA 275 -19.01 75.24 -49.83
N GLY RA 276 -19.40 74.18 -50.52
CA GLY RA 276 -19.54 74.29 -51.96
C GLY RA 276 -20.69 75.17 -52.40
N ALA RA 277 -21.91 74.68 -52.24
CA ALA RA 277 -23.12 75.38 -52.68
C ALA RA 277 -24.32 74.59 -52.18
N THR RA 278 -25.51 75.00 -52.60
CA THR RA 278 -26.71 74.20 -52.32
C THR RA 278 -26.69 72.87 -53.07
N ASN RA 279 -25.88 72.75 -54.11
CA ASN RA 279 -25.72 71.49 -54.84
C ASN RA 279 -24.41 70.84 -54.40
N ASN RA 280 -24.46 70.18 -53.26
CA ASN RA 280 -23.29 69.49 -52.71
C ASN RA 280 -23.77 68.58 -51.59
N GLY RA 281 -22.86 67.74 -51.12
CA GLY RA 281 -23.18 66.88 -49.99
C GLY RA 281 -23.52 67.68 -48.76
N VAL RA 282 -24.29 67.05 -47.88
CA VAL RA 282 -24.81 67.72 -46.69
C VAL RA 282 -23.66 68.10 -45.76
N PRO RA 283 -23.51 69.37 -45.41
CA PRO RA 283 -22.49 69.75 -44.44
C PRO RA 283 -22.74 69.09 -43.10
N VAL RA 284 -21.66 68.69 -42.43
CA VAL RA 284 -21.78 68.01 -41.15
C VAL RA 284 -22.25 68.96 -40.06
N ASP RA 285 -21.76 70.20 -40.08
CA ASP RA 285 -22.19 71.20 -39.11
C ASP RA 285 -22.45 72.51 -39.85
N GLY RA 286 -23.32 73.34 -39.26
CA GLY RA 286 -23.83 74.50 -39.94
C GLY RA 286 -22.79 75.59 -40.19
N PRO RA 287 -22.37 76.27 -39.12
CA PRO RA 287 -21.36 77.32 -39.28
C PRO RA 287 -19.94 76.82 -39.48
N ASN RA 288 -19.48 75.92 -38.62
CA ASN RA 288 -18.07 75.54 -38.55
C ASN RA 288 -17.94 74.26 -37.73
N GLY RA 289 -16.71 73.92 -37.35
CA GLY RA 289 -16.44 72.73 -36.57
C GLY RA 289 -15.64 72.95 -35.30
N VAL RA 290 -15.36 74.22 -34.97
CA VAL RA 290 -14.66 74.68 -33.76
C VAL RA 290 -13.49 73.79 -33.33
N PRO RA 291 -12.36 73.78 -34.05
CA PRO RA 291 -11.16 73.07 -33.58
C PRO RA 291 -10.47 73.81 -32.45
N VAL RA 292 -10.90 73.56 -31.22
CA VAL RA 292 -10.57 74.43 -30.08
C VAL RA 292 -9.06 74.62 -29.97
N ARG RA 293 -8.34 73.54 -29.66
CA ARG RA 293 -6.94 73.68 -29.29
C ARG RA 293 -6.05 73.85 -30.52
N ASP RA 294 -4.90 74.48 -30.30
CA ASP RA 294 -3.89 74.72 -31.32
C ASP RA 294 -2.52 74.58 -30.67
N PRO RA 295 -1.48 74.32 -31.46
CA PRO RA 295 -0.12 74.39 -30.90
C PRO RA 295 0.23 75.75 -30.37
N ALA RA 296 -0.32 76.82 -30.94
CA ALA RA 296 -0.11 78.17 -30.46
C ALA RA 296 -0.99 78.52 -29.28
N SER RA 297 -1.81 77.58 -28.81
CA SER RA 297 -2.73 77.72 -27.68
C SER RA 297 -3.85 78.71 -27.94
N GLY RA 298 -3.89 79.33 -29.11
CA GLY RA 298 -4.95 80.27 -29.41
C GLY RA 298 -6.28 79.58 -29.58
N ARG RA 299 -7.35 80.38 -29.44
CA ARG RA 299 -8.70 79.87 -29.56
C ARG RA 299 -9.23 80.17 -30.96
N LYS RA 300 -8.69 79.43 -31.93
CA LYS RA 300 -9.14 79.50 -33.31
C LYS RA 300 -10.19 78.44 -33.54
N TYR RA 301 -11.16 78.75 -34.41
CA TYR RA 301 -12.30 77.86 -34.64
C TYR RA 301 -12.77 77.99 -36.09
N VAL RA 302 -12.26 77.12 -36.97
CA VAL RA 302 -12.90 76.88 -38.25
C VAL RA 302 -12.53 75.50 -38.79
N VAL RA 303 -13.54 74.70 -39.10
CA VAL RA 303 -13.38 73.46 -39.85
C VAL RA 303 -14.66 73.21 -40.65
N LYS RA 304 -14.54 73.09 -41.96
CA LYS RA 304 -15.69 72.88 -42.83
C LYS RA 304 -15.44 71.68 -43.73
N TRP RA 305 -16.36 70.71 -43.70
CA TRP RA 305 -16.26 69.50 -44.51
C TRP RA 305 -17.63 68.85 -44.60
N THR RA 306 -17.79 67.99 -45.61
CA THR RA 306 -19.09 67.43 -45.96
C THR RA 306 -19.07 65.91 -45.98
N THR RA 307 -20.16 65.31 -46.46
CA THR RA 307 -20.33 63.88 -46.61
C THR RA 307 -20.97 63.63 -47.98
N PRO RA 308 -20.81 62.43 -48.53
CA PRO RA 308 -21.32 62.17 -49.89
C PRO RA 308 -22.81 61.85 -49.90
N ILE RA 309 -23.35 61.81 -51.11
CA ILE RA 309 -24.73 61.42 -51.34
C ILE RA 309 -24.77 59.93 -51.65
N MET RA 310 -25.60 59.19 -50.90
CA MET RA 310 -25.68 57.74 -51.05
C MET RA 310 -26.59 57.41 -52.23
N TYR RA 311 -25.99 57.20 -53.40
CA TYR RA 311 -26.73 56.78 -54.58
C TYR RA 311 -26.94 55.27 -54.54
N ASP RA 312 -27.38 54.70 -55.66
CA ASP RA 312 -27.54 53.25 -55.79
C ASP RA 312 -27.43 52.86 -57.26
N GLY RA 313 -26.74 51.76 -57.52
CA GLY RA 313 -26.49 51.33 -58.88
C GLY RA 313 -27.15 50.02 -59.26
N TYR RA 314 -27.35 49.82 -60.56
CA TYR RA 314 -28.01 48.61 -61.07
C TYR RA 314 -27.19 48.01 -62.20
N VAL RA 315 -27.11 46.69 -62.23
CA VAL RA 315 -26.33 45.96 -63.22
C VAL RA 315 -27.19 44.82 -63.77
N ASN RA 316 -27.14 44.64 -65.09
CA ASN RA 316 -27.77 43.50 -65.75
C ASN RA 316 -26.90 43.09 -66.94
N VAL RA 317 -26.54 41.81 -67.00
CA VAL RA 317 -25.54 41.32 -67.96
C VAL RA 317 -26.01 39.98 -68.53
N THR RA 318 -25.80 39.79 -69.83
CA THR RA 318 -26.07 38.52 -70.51
C THR RA 318 -24.75 37.89 -70.95
N VAL RA 319 -24.59 36.61 -70.65
CA VAL RA 319 -23.35 35.88 -70.90
C VAL RA 319 -23.66 34.55 -71.57
N GLN RA 320 -22.63 33.75 -71.77
CA GLN RA 320 -22.79 32.38 -72.24
C GLN RA 320 -22.87 31.44 -71.04
N GLN RA 321 -22.81 30.13 -71.29
CA GLN RA 321 -23.00 29.15 -70.23
C GLN RA 321 -21.70 28.56 -69.70
N GLY RA 322 -20.59 28.72 -70.40
CA GLY RA 322 -19.30 28.31 -69.89
C GLY RA 322 -18.97 26.84 -70.14
N SER RA 323 -17.78 26.46 -69.69
CA SER RA 323 -17.33 25.08 -69.87
C SER RA 323 -18.23 24.10 -69.15
N SER RA 324 -18.65 24.44 -67.93
CA SER RA 324 -19.57 23.63 -67.15
C SER RA 324 -20.62 24.55 -66.53
N SER RA 325 -21.51 23.96 -65.73
CA SER RA 325 -22.55 24.76 -65.10
C SER RA 325 -21.96 25.72 -64.08
N VAL RA 326 -22.35 26.98 -64.18
CA VAL RA 326 -21.95 28.01 -63.22
C VAL RA 326 -23.22 28.69 -62.73
N ALA RA 327 -23.46 28.64 -61.43
CA ALA RA 327 -24.64 29.28 -60.85
C ALA RA 327 -24.50 30.79 -60.91
N PRO RA 328 -25.63 31.52 -61.01
CA PRO RA 328 -25.55 32.98 -61.02
C PRO RA 328 -24.98 33.57 -59.75
N GLU RA 329 -25.05 32.83 -58.63
CA GLU RA 329 -24.51 33.35 -57.38
C GLU RA 329 -23.03 33.68 -57.49
N ALA RA 330 -22.30 32.96 -58.33
CA ALA RA 330 -20.89 33.27 -58.53
C ALA RA 330 -20.72 34.67 -59.11
N ILE RA 331 -21.48 35.00 -60.15
CA ILE RA 331 -21.38 36.32 -60.76
C ILE RA 331 -21.85 37.40 -59.80
N GLN RA 332 -22.95 37.15 -59.08
CA GLN RA 332 -23.45 38.13 -58.13
C GLN RA 332 -22.43 38.41 -57.04
N ASN RA 333 -21.84 37.35 -56.48
CA ASN RA 333 -20.82 37.52 -55.45
C ASN RA 333 -19.61 38.24 -56.00
N ALA RA 334 -19.21 37.93 -57.23
CA ALA RA 334 -18.05 38.60 -57.81
C ALA RA 334 -18.28 40.09 -57.97
N VAL RA 335 -19.43 40.48 -58.52
CA VAL RA 335 -19.67 41.90 -58.75
C VAL RA 335 -19.86 42.64 -57.42
N VAL RA 336 -20.53 42.00 -56.45
CA VAL RA 336 -20.68 42.63 -55.14
C VAL RA 336 -19.33 42.79 -54.47
N ASN RA 337 -18.47 41.76 -54.54
CA ASN RA 337 -17.16 41.83 -53.93
C ASN RA 337 -16.32 42.92 -54.58
N TYR RA 338 -16.42 43.07 -55.90
CA TYR RA 338 -15.72 44.19 -56.54
C TYR RA 338 -16.26 45.52 -56.05
N ALA RA 339 -17.58 45.66 -55.96
CA ALA RA 339 -18.16 46.94 -55.56
C ALA RA 339 -17.72 47.33 -54.17
N GLN RA 340 -17.66 46.37 -53.25
CA GLN RA 340 -17.18 46.66 -51.90
C GLN RA 340 -15.68 46.99 -51.89
N GLY RA 341 -14.95 46.61 -52.93
CA GLY RA 341 -13.53 46.90 -52.99
C GLY RA 341 -12.62 45.87 -52.37
N LYS RA 342 -13.03 44.61 -52.31
CA LYS RA 342 -12.18 43.57 -51.74
C LYS RA 342 -11.08 43.13 -52.70
N VAL RA 343 -11.32 43.24 -54.02
CA VAL RA 343 -10.34 42.79 -54.99
C VAL RA 343 -9.12 43.71 -54.98
N GLU RA 344 -7.94 43.11 -55.10
CA GLU RA 344 -6.70 43.87 -55.12
C GLU RA 344 -6.60 44.71 -56.39
N GLY RA 345 -5.90 45.84 -56.29
CA GLY RA 345 -5.71 46.72 -57.43
C GLY RA 345 -6.81 47.75 -57.60
N GLU RA 346 -7.99 47.31 -58.01
CA GLU RA 346 -9.14 48.19 -58.19
C GLU RA 346 -9.76 48.51 -56.83
N GLU RA 347 -9.87 49.80 -56.52
CA GLU RA 347 -10.48 50.21 -55.25
C GLU RA 347 -11.98 50.00 -55.22
N GLY RA 348 -12.59 49.66 -56.35
CA GLY RA 348 -14.03 49.41 -56.39
C GLY RA 348 -14.80 50.70 -56.64
N LEU RA 349 -15.82 50.94 -55.82
CA LEU RA 349 -16.63 52.15 -55.90
C LEU RA 349 -16.38 52.98 -54.65
N VAL RA 350 -15.92 54.21 -54.85
CA VAL RA 350 -15.59 55.13 -53.77
C VAL RA 350 -16.34 56.44 -54.02
N VAL RA 351 -16.09 57.42 -53.14
CA VAL RA 351 -16.70 58.73 -53.30
C VAL RA 351 -16.10 59.42 -54.50
N GLY RA 352 -16.83 59.45 -55.61
CA GLY RA 352 -16.36 60.06 -56.82
C GLY RA 352 -15.91 59.11 -57.90
N ALA RA 353 -16.42 57.88 -57.92
CA ALA RA 353 -16.09 56.90 -58.93
C ALA RA 353 -17.35 56.51 -59.69
N SER RA 354 -17.28 56.54 -61.02
CA SER RA 354 -18.42 56.26 -61.87
C SER RA 354 -18.43 54.79 -62.29
N LEU RA 355 -19.59 54.16 -62.18
CA LEU RA 355 -19.73 52.78 -62.64
C LEU RA 355 -19.48 52.69 -64.13
N SER RA 356 -18.81 51.62 -64.55
CA SER RA 356 -18.54 51.37 -65.96
C SER RA 356 -18.85 49.92 -66.28
N ALA RA 357 -19.58 49.69 -67.37
CA ALA RA 357 -19.96 48.33 -67.73
C ALA RA 357 -18.73 47.49 -68.08
N PHE RA 358 -17.76 48.08 -68.77
CA PHE RA 358 -16.55 47.36 -69.14
C PHE RA 358 -15.75 46.98 -67.91
N GLU RA 359 -15.69 47.87 -66.93
CA GLU RA 359 -14.98 47.57 -65.68
C GLU RA 359 -15.65 46.41 -64.93
N VAL RA 360 -16.99 46.40 -64.91
CA VAL RA 360 -17.71 45.31 -64.25
C VAL RA 360 -17.47 44.00 -64.97
N ALA RA 361 -17.50 44.02 -66.31
CA ALA RA 361 -17.20 42.81 -67.07
C ALA RA 361 -15.78 42.35 -66.81
N GLY RA 362 -14.85 43.29 -66.69
CA GLY RA 362 -13.48 42.93 -66.35
C GLY RA 362 -13.36 42.27 -64.99
N ALA RA 363 -14.11 42.78 -64.01
CA ALA RA 363 -14.12 42.14 -62.70
C ALA RA 363 -14.70 40.73 -62.78
N ILE RA 364 -15.78 40.55 -63.54
CA ILE RA 364 -16.36 39.22 -63.69
C ILE RA 364 -15.35 38.26 -64.31
N ALA RA 365 -14.65 38.72 -65.35
CA ALA RA 365 -13.63 37.88 -65.98
C ALA RA 365 -12.48 37.62 -65.01
N ARG RA 366 -12.18 38.58 -64.14
CA ARG RA 366 -11.16 38.37 -63.12
C ARG RA 366 -11.53 37.25 -62.17
N GLU RA 367 -12.79 37.19 -61.75
CA GLU RA 367 -13.18 36.13 -60.82
C GLU RA 367 -13.40 34.80 -61.52
N ILE RA 368 -14.38 34.74 -62.42
CA ILE RA 368 -14.76 33.50 -63.08
C ILE RA 368 -14.40 33.62 -64.56
N PRO RA 369 -13.33 32.99 -65.01
CA PRO RA 369 -13.02 33.01 -66.45
C PRO RA 369 -13.72 31.88 -67.17
N GLY RA 370 -13.48 31.76 -68.47
CA GLY RA 370 -14.12 30.71 -69.24
C GLY RA 370 -15.58 30.91 -69.52
N ILE RA 371 -16.06 32.16 -69.45
CA ILE RA 371 -17.44 32.50 -69.77
C ILE RA 371 -17.43 33.62 -70.80
N TYR RA 372 -18.34 33.55 -71.77
CA TYR RA 372 -18.39 34.50 -72.88
C TYR RA 372 -19.51 35.50 -72.63
N ILE RA 373 -19.13 36.73 -72.27
CA ILE RA 373 -20.09 37.80 -72.04
C ILE RA 373 -20.50 38.41 -73.38
N LYS RA 374 -21.81 38.48 -73.62
CA LYS RA 374 -22.33 39.06 -74.85
C LYS RA 374 -22.77 40.51 -74.67
N LEU RA 375 -23.54 40.82 -73.63
CA LEU RA 375 -24.04 42.16 -73.39
C LEU RA 375 -23.75 42.58 -71.97
N CYS RA 376 -23.59 43.89 -71.76
CA CYS RA 376 -23.35 44.47 -70.45
C CYS RA 376 -24.14 45.76 -70.31
N GLN RA 377 -24.76 45.95 -69.15
CA GLN RA 377 -25.57 47.13 -68.88
C GLN RA 377 -25.37 47.59 -67.45
N VAL RA 378 -25.25 48.91 -67.27
CA VAL RA 378 -25.09 49.51 -65.95
C VAL RA 378 -25.97 50.75 -65.86
N ALA RA 379 -26.73 50.85 -64.77
CA ALA RA 379 -27.57 52.01 -64.52
C ALA RA 379 -27.42 52.43 -63.06
N CYS RA 380 -27.76 53.69 -62.78
CA CYS RA 380 -27.68 54.25 -61.45
C CYS RA 380 -29.03 54.84 -61.06
N VAL RA 381 -29.39 54.71 -59.78
CA VAL RA 381 -30.67 55.17 -59.29
C VAL RA 381 -30.47 56.01 -58.04
N ALA RA 382 -31.44 56.87 -57.76
CA ALA RA 382 -31.35 57.79 -56.64
C ALA RA 382 -31.60 57.07 -55.32
N ALA RA 383 -31.39 57.80 -54.23
CA ALA RA 383 -31.52 57.23 -52.89
C ALA RA 383 -32.98 56.97 -52.56
N GLY RA 384 -33.31 55.70 -52.32
CA GLY RA 384 -34.66 55.31 -51.98
C GLY RA 384 -35.65 55.34 -53.12
N SER RA 385 -35.19 55.64 -54.33
CA SER RA 385 -36.10 55.77 -55.47
C SER RA 385 -36.66 54.40 -55.85
N PRO RA 386 -37.83 54.38 -56.49
CA PRO RA 386 -38.35 53.11 -57.02
C PRO RA 386 -37.39 52.52 -58.04
N ALA RA 387 -37.42 51.19 -58.14
CA ALA RA 387 -36.44 50.48 -58.96
C ALA RA 387 -36.49 50.98 -60.40
N PRO RA 388 -35.34 51.19 -61.04
CA PRO RA 388 -35.32 51.82 -62.36
C PRO RA 388 -36.08 50.99 -63.39
N ALA RA 389 -36.71 51.70 -64.32
CA ALA RA 389 -37.48 51.07 -65.38
C ALA RA 389 -36.54 50.29 -66.31
N PRO RA 390 -37.07 49.32 -67.05
CA PRO RA 390 -36.21 48.51 -67.94
C PRO RA 390 -35.45 49.34 -68.97
N GLY RA 391 -36.02 50.46 -69.41
CA GLY RA 391 -35.33 51.29 -70.38
C GLY RA 391 -34.28 52.21 -69.83
N ASP RA 392 -34.05 52.17 -68.52
CA ASP RA 392 -33.10 53.08 -67.89
C ASP RA 392 -31.65 52.69 -68.15
N PHE RA 393 -31.38 51.39 -68.31
CA PHE RA 393 -30.00 50.92 -68.42
C PHE RA 393 -29.34 51.42 -69.70
N THR RA 394 -28.05 51.74 -69.59
CA THR RA 394 -27.26 52.16 -70.74
C THR RA 394 -25.83 51.69 -70.52
N SER RA 395 -24.97 51.99 -71.50
CA SER RA 395 -23.61 51.46 -71.49
C SER RA 395 -22.76 52.08 -70.39
N GLU RA 396 -22.80 53.42 -70.27
CA GLU RA 396 -21.88 54.14 -69.41
C GLU RA 396 -22.63 55.14 -68.54
N TYR RA 397 -22.29 55.19 -67.26
CA TYR RA 397 -22.81 56.20 -66.34
C TYR RA 397 -21.66 56.99 -65.74
N VAL RA 398 -21.91 58.26 -65.46
CA VAL RA 398 -20.91 59.18 -64.93
C VAL RA 398 -21.41 59.72 -63.60
N MET RA 399 -20.56 59.63 -62.57
CA MET RA 399 -20.85 60.20 -61.26
C MET RA 399 -20.04 61.47 -61.05
N SER RA 400 -20.61 62.40 -60.28
CA SER RA 400 -19.94 63.64 -59.93
C SER RA 400 -19.02 63.39 -58.73
N ALA RA 401 -18.43 64.46 -58.22
CA ALA RA 401 -17.43 64.31 -57.16
C ALA RA 401 -18.03 63.73 -55.89
N PHE RA 402 -19.21 64.19 -55.50
CA PHE RA 402 -19.81 63.85 -54.21
C PHE RA 402 -20.89 62.77 -54.34
N GLY RA 403 -20.72 61.81 -55.25
CA GLY RA 403 -21.71 60.76 -55.41
C GLY RA 403 -21.18 59.37 -55.16
N GLN RA 404 -21.68 58.72 -54.11
CA GLN RA 404 -21.27 57.38 -53.72
C GLN RA 404 -22.37 56.39 -54.10
N ALA RA 405 -21.97 55.26 -54.68
CA ALA RA 405 -22.92 54.25 -55.13
C ALA RA 405 -22.47 52.87 -54.67
N THR RA 406 -23.41 52.09 -54.14
CA THR RA 406 -23.15 50.73 -53.72
C THR RA 406 -24.07 49.77 -54.48
N ILE RA 407 -23.68 48.50 -54.50
CA ILE RA 407 -24.42 47.46 -55.19
C ILE RA 407 -24.67 46.32 -54.22
N SER RA 408 -25.90 45.82 -54.20
CA SER RA 408 -26.28 44.67 -53.39
C SER RA 408 -26.39 43.43 -54.28
N VAL RA 409 -26.75 42.31 -53.66
CA VAL RA 409 -26.91 41.07 -54.41
C VAL RA 409 -28.13 41.15 -55.32
N GLY RA 410 -29.21 41.79 -54.86
CA GLY RA 410 -30.45 41.84 -55.61
C GLY RA 410 -30.49 42.85 -56.74
N ASN RA 411 -29.48 43.71 -56.85
CA ASN RA 411 -29.42 44.70 -57.92
C ASN RA 411 -28.76 44.17 -59.19
N VAL RA 412 -28.34 42.91 -59.19
CA VAL RA 412 -27.76 42.29 -60.37
C VAL RA 412 -28.56 41.03 -60.71
N ARG RA 413 -29.06 40.96 -61.94
CA ARG RA 413 -29.78 39.80 -62.44
C ARG RA 413 -29.17 39.38 -63.77
N VAL RA 414 -28.87 38.10 -63.91
CA VAL RA 414 -28.25 37.57 -65.12
C VAL RA 414 -29.10 36.39 -65.59
N THR RA 415 -29.91 36.62 -66.62
CA THR RA 415 -30.56 35.57 -67.37
C THR RA 415 -29.84 35.48 -68.70
N PHE RA 416 -28.96 34.49 -68.83
CA PHE RA 416 -28.05 34.40 -69.97
C PHE RA 416 -28.59 33.41 -71.00
N VAL RA 417 -28.40 33.76 -72.27
CA VAL RA 417 -28.78 32.89 -73.37
C VAL RA 417 -28.01 31.60 -73.29
N VAL SA 14 -35.97 -66.02 -5.08
CA VAL SA 14 -35.70 -67.44 -5.28
C VAL SA 14 -34.20 -67.72 -5.27
N ALA SA 15 -33.84 -68.92 -4.80
CA ALA SA 15 -32.45 -69.36 -4.71
C ALA SA 15 -31.62 -68.43 -3.84
N ASP SA 16 -32.23 -67.95 -2.75
CA ASP SA 16 -31.56 -66.99 -1.85
C ASP SA 16 -31.93 -67.35 -0.40
N THR SA 17 -31.14 -68.21 0.21
CA THR SA 17 -31.38 -68.66 1.59
C THR SA 17 -30.11 -69.38 2.06
N ALA SA 18 -30.22 -70.10 3.19
CA ALA SA 18 -29.24 -71.07 3.67
C ALA SA 18 -27.92 -70.45 4.10
N ASP SA 19 -27.97 -69.48 5.01
CA ASP SA 19 -26.76 -68.89 5.59
C ASP SA 19 -26.60 -69.24 7.06
N VAL SA 20 -27.32 -70.24 7.55
CA VAL SA 20 -27.25 -70.61 8.96
C VAL SA 20 -26.13 -71.60 9.24
N LEU SA 21 -25.73 -72.40 8.25
CA LEU SA 21 -24.68 -73.39 8.42
C LEU SA 21 -23.30 -72.84 8.07
N SER SA 22 -23.18 -71.54 7.81
CA SER SA 22 -21.90 -70.94 7.49
C SER SA 22 -20.93 -70.96 8.67
N ASP SA 23 -21.40 -71.30 9.85
CA ASP SA 23 -20.55 -71.39 11.03
C ASP SA 23 -19.88 -72.75 11.18
N VAL SA 24 -20.64 -73.83 11.00
CA VAL SA 24 -20.09 -75.16 11.19
C VAL SA 24 -19.01 -75.45 10.16
N GLU SA 25 -19.14 -74.88 8.95
CA GLU SA 25 -18.12 -75.05 7.95
C GLU SA 25 -16.77 -74.53 8.44
N ALA SA 26 -16.75 -73.32 8.99
CA ALA SA 26 -15.52 -72.76 9.53
C ALA SA 26 -15.05 -73.55 10.76
N GLU SA 27 -15.99 -74.07 11.54
CA GLU SA 27 -15.61 -74.85 12.72
C GLU SA 27 -14.84 -76.10 12.31
N PHE SA 28 -15.41 -76.90 11.41
CA PHE SA 28 -14.68 -78.07 10.90
C PHE SA 28 -13.42 -77.66 10.16
N ARG SA 29 -13.43 -76.53 9.48
CA ARG SA 29 -12.23 -76.07 8.78
C ARG SA 29 -11.08 -75.88 9.74
N ALA SA 30 -11.31 -75.10 10.80
CA ALA SA 30 -10.25 -74.84 11.77
C ALA SA 30 -9.86 -76.11 12.51
N ALA SA 31 -10.83 -76.98 12.81
CA ALA SA 31 -10.48 -78.24 13.46
C ALA SA 31 -9.59 -79.10 12.57
N LEU SA 32 -9.95 -79.23 11.30
CA LEU SA 32 -9.13 -80.01 10.37
C LEU SA 32 -7.75 -79.40 10.20
N GLY SA 33 -7.65 -78.08 10.29
CA GLY SA 33 -6.37 -77.42 10.10
C GLY SA 33 -5.32 -77.86 11.11
N ALA SA 34 -5.69 -77.93 12.39
CA ALA SA 34 -4.75 -78.28 13.45
C ALA SA 34 -5.49 -79.04 14.55
N ASN SA 35 -5.19 -80.33 14.67
CA ASN SA 35 -5.62 -81.17 15.78
C ASN SA 35 -7.11 -81.07 16.08
N ILE SA 36 -7.47 -81.12 17.36
CA ILE SA 36 -8.82 -80.89 17.84
C ILE SA 36 -8.70 -80.01 19.07
N ASN SA 37 -9.17 -78.76 18.98
CA ASN SA 37 -8.90 -77.80 20.03
C ASN SA 37 -9.88 -76.63 19.97
N LEU SA 38 -10.71 -76.50 21.01
CA LEU SA 38 -11.45 -75.27 21.33
C LEU SA 38 -12.30 -74.83 20.14
N ALA SA 39 -11.98 -73.71 19.49
CA ALA SA 39 -12.89 -73.01 18.59
C ALA SA 39 -14.16 -72.58 19.31
N ALA SA 40 -14.02 -72.16 20.56
CA ALA SA 40 -15.14 -71.70 21.37
C ALA SA 40 -14.60 -70.82 22.50
N SER SA 41 -15.51 -70.13 23.18
CA SER SA 41 -15.25 -69.23 24.31
C SER SA 41 -14.64 -67.89 23.86
N THR SA 42 -14.67 -67.61 22.56
CA THR SA 42 -14.16 -66.38 21.99
C THR SA 42 -12.77 -65.96 22.46
N PRO SA 43 -11.74 -66.82 22.28
CA PRO SA 43 -10.37 -66.32 22.25
C PRO SA 43 -10.00 -65.87 20.85
N GLN SA 44 -8.72 -65.55 20.62
CA GLN SA 44 -8.26 -65.15 19.30
C GLN SA 44 -8.68 -66.17 18.23
N GLY SA 45 -8.58 -67.46 18.54
CA GLY SA 45 -8.98 -68.46 17.57
C GLY SA 45 -10.46 -68.38 17.22
N SER SA 46 -11.30 -68.29 18.25
CA SER SA 46 -12.74 -68.20 17.98
C SER SA 46 -13.12 -66.83 17.43
N LEU SA 47 -12.31 -65.80 17.67
CA LEU SA 47 -12.57 -64.51 17.03
C LEU SA 47 -12.25 -64.57 15.54
N VAL SA 48 -11.18 -65.25 15.17
CA VAL SA 48 -10.93 -65.54 13.76
C VAL SA 48 -12.08 -66.35 13.18
N ALA SA 49 -12.60 -67.30 13.95
CA ALA SA 49 -13.75 -68.08 13.50
C ALA SA 49 -14.97 -67.19 13.27
N ALA SA 50 -15.21 -66.24 14.16
CA ALA SA 50 -16.33 -65.32 14.00
C ALA SA 50 -16.16 -64.44 12.77
N GLU SA 51 -14.94 -63.97 12.52
CA GLU SA 51 -14.68 -63.19 11.33
C GLU SA 51 -14.98 -64.01 10.08
N ALA SA 52 -14.55 -65.27 10.07
CA ALA SA 52 -14.83 -66.15 8.94
C ALA SA 52 -16.35 -66.34 8.77
N ILE SA 53 -17.04 -66.52 9.88
CA ILE SA 53 -18.51 -66.57 9.87
C ILE SA 53 -19.06 -65.40 9.09
N ALA SA 54 -18.70 -64.19 9.52
CA ALA SA 54 -19.29 -62.99 8.95
C ALA SA 54 -18.97 -62.86 7.47
N ARG SA 55 -17.71 -63.06 7.09
CA ARG SA 55 -17.34 -62.85 5.69
C ARG SA 55 -18.04 -63.86 4.79
N SER SA 56 -18.00 -65.15 5.17
CA SER SA 56 -18.59 -66.16 4.32
C SER SA 56 -20.09 -65.93 4.17
N SER SA 57 -20.76 -65.55 5.26
CA SER SA 57 -22.17 -65.23 5.16
C SER SA 57 -22.41 -64.07 4.19
N VAL SA 58 -21.58 -63.02 4.27
CA VAL SA 58 -21.80 -61.86 3.42
C VAL SA 58 -21.58 -62.20 1.95
N MET SA 59 -20.53 -62.95 1.63
CA MET SA 59 -20.33 -63.31 0.22
C MET SA 59 -21.45 -64.20 -0.31
N ARG SA 60 -21.95 -65.12 0.52
CA ARG SA 60 -23.08 -65.94 0.06
C ARG SA 60 -24.32 -65.07 -0.17
N ASN SA 61 -24.56 -64.11 0.73
CA ASN SA 61 -25.72 -63.22 0.56
C ASN SA 61 -25.58 -62.36 -0.69
N GLU SA 62 -24.38 -61.88 -0.98
CA GLU SA 62 -24.20 -61.05 -2.16
C GLU SA 62 -24.34 -61.87 -3.43
N ALA SA 63 -23.88 -63.11 -3.40
CA ALA SA 63 -24.10 -64.00 -4.53
C ALA SA 63 -25.58 -64.23 -4.76
N ARG SA 64 -26.35 -64.45 -3.69
CA ARG SA 64 -27.79 -64.68 -3.87
C ARG SA 64 -28.50 -63.43 -4.35
N ILE SA 65 -28.05 -62.24 -3.93
CA ILE SA 65 -28.68 -61.01 -4.40
C ILE SA 65 -28.41 -60.81 -5.88
N ALA SA 66 -27.16 -61.00 -6.31
CA ALA SA 66 -26.86 -60.81 -7.73
C ALA SA 66 -27.47 -61.91 -8.59
N ASN SA 67 -27.66 -63.11 -8.03
CA ASN SA 67 -28.16 -64.23 -8.82
C ASN SA 67 -29.58 -63.98 -9.31
N THR SA 68 -30.48 -63.59 -8.41
CA THR SA 68 -31.89 -63.49 -8.72
C THR SA 68 -32.17 -62.21 -9.50
N ILE SA 69 -32.50 -62.35 -10.78
CA ILE SA 69 -32.71 -61.21 -11.67
C ILE SA 69 -34.05 -61.35 -12.40
N ASN SA 70 -35.02 -62.00 -11.78
CA ASN SA 70 -36.32 -62.16 -12.42
C ASN SA 70 -36.99 -60.80 -12.58
N PRO SA 71 -37.82 -60.64 -13.62
CA PRO SA 71 -38.50 -59.35 -13.81
C PRO SA 71 -39.38 -58.96 -12.63
N ASN SA 72 -39.88 -59.92 -11.88
CA ASN SA 72 -40.65 -59.63 -10.68
C ASN SA 72 -39.79 -59.51 -9.43
N VAL SA 73 -38.47 -59.61 -9.56
CA VAL SA 73 -37.58 -59.59 -8.41
C VAL SA 73 -36.52 -58.51 -8.58
N SER SA 74 -36.29 -58.10 -9.83
CA SER SA 74 -35.16 -57.23 -10.16
C SER SA 74 -35.46 -55.78 -9.83
N PHE SA 75 -34.45 -54.94 -9.99
CA PHE SA 75 -34.53 -53.52 -9.65
C PHE SA 75 -33.40 -52.73 -10.30
N GLY SA 76 -33.73 -51.78 -11.16
CA GLY SA 76 -32.69 -50.96 -11.80
C GLY SA 76 -31.90 -51.63 -12.92
N THR SA 77 -31.32 -52.80 -12.66
CA THR SA 77 -30.80 -53.66 -13.71
C THR SA 77 -31.91 -54.34 -14.49
N PHE SA 78 -33.15 -54.21 -14.03
CA PHE SA 78 -34.33 -54.68 -14.73
C PHE SA 78 -34.50 -54.04 -16.10
N LEU SA 79 -33.91 -52.85 -16.29
CA LEU SA 79 -33.99 -52.20 -17.59
C LEU SA 79 -33.37 -53.08 -18.67
N ASP SA 80 -32.33 -53.85 -18.32
CA ASP SA 80 -31.72 -54.75 -19.30
C ASP SA 80 -32.61 -55.93 -19.61
N ALA SA 81 -33.28 -56.49 -18.60
CA ALA SA 81 -34.24 -57.55 -18.86
C ALA SA 81 -35.36 -57.05 -19.76
N ILE SA 82 -35.70 -55.77 -19.65
CA ILE SA 82 -36.69 -55.19 -20.55
C ILE SA 82 -36.12 -55.04 -21.95
N CYS SA 83 -34.88 -54.54 -22.06
CA CYS SA 83 -34.28 -54.33 -23.37
C CYS SA 83 -33.91 -55.63 -24.07
N ALA SA 84 -33.98 -56.77 -23.37
CA ALA SA 84 -33.80 -58.05 -24.04
C ALA SA 84 -34.82 -58.23 -25.15
N LEU SA 85 -36.08 -57.91 -24.87
CA LEU SA 85 -37.16 -58.02 -25.84
C LEU SA 85 -37.82 -56.67 -26.10
N MET SA 86 -38.23 -55.98 -25.04
CA MET SA 86 -39.19 -54.89 -25.09
C MET SA 86 -38.50 -53.55 -25.34
N GLY SA 87 -39.29 -52.58 -25.81
CA GLY SA 87 -38.82 -51.23 -25.90
C GLY SA 87 -38.50 -50.65 -24.53
N ILE SA 88 -37.51 -49.77 -24.53
CA ILE SA 88 -36.94 -49.21 -23.30
C ILE SA 88 -37.85 -48.11 -22.75
N GLU SA 89 -37.57 -47.68 -21.53
CA GLU SA 89 -38.46 -46.78 -20.80
C GLU SA 89 -38.71 -45.48 -21.55
N ARG SA 90 -39.64 -44.70 -21.02
CA ARG SA 90 -40.12 -43.50 -21.70
C ARG SA 90 -39.22 -42.32 -21.35
N GLY SA 91 -38.60 -41.72 -22.35
CA GLY SA 91 -37.77 -40.56 -22.11
C GLY SA 91 -38.61 -39.39 -21.64
N SER SA 92 -38.07 -38.65 -20.67
CA SER SA 92 -38.73 -37.46 -20.17
C SER SA 92 -38.75 -36.40 -21.27
N ASP SA 93 -39.91 -35.77 -21.48
CA ASP SA 93 -40.06 -34.80 -22.55
C ASP SA 93 -40.90 -33.63 -22.08
N LEU SA 94 -40.75 -32.51 -22.78
CA LEU SA 94 -41.41 -31.26 -22.47
C LEU SA 94 -42.12 -30.75 -23.71
N SER SA 95 -43.33 -30.24 -23.53
CA SER SA 95 -44.19 -29.86 -24.65
C SER SA 95 -43.92 -28.41 -25.03
N THR SA 96 -43.61 -28.18 -26.31
CA THR SA 96 -43.30 -26.85 -26.81
C THR SA 96 -44.57 -26.17 -27.33
N PHE SA 97 -44.49 -24.85 -27.50
CA PHE SA 97 -45.57 -24.06 -28.09
C PHE SA 97 -45.07 -23.43 -29.38
N GLY SA 98 -45.89 -23.53 -30.42
CA GLY SA 98 -45.58 -22.92 -31.71
C GLY SA 98 -46.62 -21.89 -32.08
N TYR SA 99 -46.17 -20.79 -32.68
CA TYR SA 99 -47.01 -19.73 -33.24
C TYR SA 99 -47.75 -18.94 -32.17
N GLY SA 100 -47.15 -18.75 -31.00
CA GLY SA 100 -47.73 -17.84 -30.02
C GLY SA 100 -47.64 -16.40 -30.49
N VAL SA 101 -48.78 -15.71 -30.49
CA VAL SA 101 -48.82 -14.36 -31.06
C VAL SA 101 -47.93 -13.42 -30.24
N GLN SA 102 -47.48 -12.36 -30.89
CA GLN SA 102 -46.54 -11.43 -30.28
C GLN SA 102 -46.70 -10.07 -30.96
N VAL SA 103 -47.05 -9.05 -30.20
CA VAL SA 103 -47.35 -7.72 -30.73
C VAL SA 103 -46.58 -6.69 -29.93
N THR SA 104 -45.98 -5.73 -30.64
CA THR SA 104 -45.16 -4.69 -30.02
C THR SA 104 -44.88 -3.60 -31.05
N GLY SA 105 -43.97 -2.69 -30.72
CA GLY SA 105 -43.60 -1.62 -31.63
C GLY SA 105 -42.70 -2.10 -32.75
N ARG SA 106 -42.48 -1.20 -33.70
CA ARG SA 106 -41.78 -1.56 -34.92
C ARG SA 106 -40.28 -1.71 -34.68
N SER SA 107 -39.67 -2.67 -35.40
CA SER SA 107 -38.22 -2.88 -35.40
C SER SA 107 -37.70 -3.14 -33.98
N GLN SA 108 -38.15 -4.26 -33.43
CA GLN SA 108 -37.65 -4.76 -32.15
C GLN SA 108 -37.25 -6.22 -32.31
N THR SA 109 -36.15 -6.60 -31.68
CA THR SA 109 -35.66 -7.97 -31.72
C THR SA 109 -35.93 -8.66 -30.39
N ARG SA 110 -36.58 -9.82 -30.45
CA ARG SA 110 -36.87 -10.64 -29.28
C ARG SA 110 -35.82 -11.75 -29.23
N ILE SA 111 -35.02 -11.77 -28.17
CA ILE SA 111 -33.89 -12.69 -28.07
C ILE SA 111 -34.34 -14.01 -27.45
N SER SA 112 -33.49 -15.03 -27.55
CA SER SA 112 -33.87 -16.36 -27.11
C SER SA 112 -33.90 -16.47 -25.59
N THR SA 113 -34.55 -17.54 -25.11
CA THR SA 113 -34.70 -17.83 -23.68
C THR SA 113 -35.34 -16.67 -22.93
N GLY SA 114 -36.30 -15.99 -23.57
CA GLY SA 114 -37.08 -14.98 -22.89
C GLY SA 114 -38.13 -15.63 -22.01
N SER SA 115 -38.01 -15.48 -20.70
CA SER SA 115 -38.88 -16.20 -19.77
C SER SA 115 -40.29 -15.63 -19.82
N ARG SA 116 -41.20 -16.41 -20.37
CA ARG SA 116 -42.61 -16.06 -20.46
C ARG SA 116 -43.34 -16.86 -19.39
N VAL SA 117 -44.19 -16.21 -18.60
CA VAL SA 117 -44.84 -16.86 -17.47
C VAL SA 117 -46.35 -16.90 -17.70
N GLN SA 118 -46.92 -18.10 -17.69
CA GLN SA 118 -48.36 -18.27 -17.70
C GLN SA 118 -48.92 -18.04 -16.30
N THR SA 119 -50.18 -17.64 -16.23
CA THR SA 119 -50.75 -17.22 -14.95
C THR SA 119 -50.80 -18.30 -13.87
N PRO SA 120 -50.89 -19.64 -14.15
CA PRO SA 120 -50.71 -20.64 -13.09
C PRO SA 120 -49.26 -21.11 -12.95
N ALA SA 121 -48.32 -20.17 -12.86
CA ALA SA 121 -46.90 -20.44 -12.70
C ALA SA 121 -46.39 -21.38 -13.79
N GLY SA 122 -46.45 -20.90 -15.03
CA GLY SA 122 -46.00 -21.70 -16.16
C GLY SA 122 -44.50 -21.66 -16.39
N ALA SA 123 -43.95 -20.45 -16.57
CA ALA SA 123 -42.53 -20.24 -16.86
C ALA SA 123 -42.13 -20.93 -18.15
N ILE SA 124 -42.69 -20.43 -19.25
CA ILE SA 124 -42.36 -20.90 -20.58
C ILE SA 124 -41.13 -20.12 -21.07
N PHE SA 125 -40.48 -20.64 -22.11
CA PHE SA 125 -39.31 -20.01 -22.70
C PHE SA 125 -39.61 -19.55 -24.13
N THR SA 126 -38.58 -19.06 -24.81
CA THR SA 126 -38.66 -18.73 -26.23
C THR SA 126 -37.48 -19.39 -26.94
N VAL SA 127 -37.76 -20.10 -28.04
CA VAL SA 127 -36.75 -20.94 -28.67
C VAL SA 127 -35.84 -20.13 -29.58
N MET SA 128 -36.40 -19.51 -30.61
CA MET SA 128 -35.62 -18.86 -31.65
C MET SA 128 -35.82 -17.35 -31.60
N SER SA 129 -34.72 -16.61 -31.71
CA SER SA 129 -34.78 -15.16 -31.65
C SER SA 129 -35.58 -14.62 -32.83
N ASP SA 130 -36.34 -13.55 -32.57
CA ASP SA 130 -37.28 -13.02 -33.54
C ASP SA 130 -37.18 -11.50 -33.60
N VAL SA 131 -37.45 -10.96 -34.77
CA VAL SA 131 -37.51 -9.53 -35.01
C VAL SA 131 -38.93 -9.18 -35.40
N THR SA 132 -39.53 -8.23 -34.68
CA THR SA 132 -40.92 -7.87 -34.93
C THR SA 132 -41.03 -7.11 -36.24
N ILE SA 133 -41.88 -7.59 -37.13
CA ILE SA 133 -42.08 -7.00 -38.46
C ILE SA 133 -42.84 -5.68 -38.29
N PRO SA 134 -42.82 -4.79 -39.29
CA PRO SA 134 -43.60 -3.55 -39.18
C PRO SA 134 -45.09 -3.78 -39.07
N ALA SA 135 -45.59 -4.96 -39.46
CA ALA SA 135 -47.01 -5.24 -39.33
C ALA SA 135 -47.43 -5.28 -37.87
N GLY SA 136 -46.53 -5.66 -36.96
CA GLY SA 136 -46.86 -5.75 -35.56
C GLY SA 136 -47.47 -7.05 -35.13
N GLY SA 137 -47.73 -7.96 -36.06
CA GLY SA 137 -48.22 -9.28 -35.69
C GLY SA 137 -47.23 -10.36 -36.08
N VAL SA 138 -46.60 -10.97 -35.08
CA VAL SA 138 -45.57 -11.98 -35.33
C VAL SA 138 -45.79 -13.14 -34.36
N ALA SA 139 -45.42 -14.33 -34.80
CA ALA SA 139 -45.59 -15.55 -34.01
C ALA SA 139 -44.24 -16.06 -33.56
N THR SA 140 -44.11 -16.29 -32.25
CA THR SA 140 -42.88 -16.79 -31.65
C THR SA 140 -43.10 -18.18 -31.08
N ILE SA 141 -42.08 -19.01 -31.20
CA ILE SA 141 -42.12 -20.40 -30.74
C ILE SA 141 -41.63 -20.46 -29.30
N ASP SA 142 -42.28 -21.31 -28.50
CA ASP SA 142 -42.01 -21.41 -27.08
C ASP SA 142 -41.55 -22.81 -26.71
N ILE SA 143 -41.21 -22.98 -25.43
CA ILE SA 143 -40.85 -24.28 -24.86
C ILE SA 143 -40.95 -24.15 -23.35
N LYS SA 144 -41.47 -25.18 -22.71
CA LYS SA 144 -41.70 -25.12 -21.27
C LYS SA 144 -40.43 -25.47 -20.50
N SER SA 145 -40.39 -25.05 -19.24
CA SER SA 145 -39.20 -25.18 -18.41
C SER SA 145 -39.08 -26.54 -17.75
N GLN SA 146 -40.16 -27.00 -17.11
CA GLN SA 146 -40.12 -28.23 -16.33
C GLN SA 146 -40.99 -29.29 -16.98
N GLU SA 147 -40.64 -30.55 -16.69
CA GLU SA 147 -41.38 -31.68 -17.25
C GLU SA 147 -42.84 -31.68 -16.82
N TYR SA 148 -43.13 -31.13 -15.65
CA TYR SA 148 -44.49 -31.00 -15.15
C TYR SA 148 -45.03 -29.64 -15.56
N GLY SA 149 -45.92 -29.63 -16.55
CA GLY SA 149 -46.47 -28.38 -17.05
C GLY SA 149 -47.99 -28.38 -17.13
N ASN SA 150 -48.61 -27.50 -16.35
CA ASN SA 150 -50.06 -27.36 -16.39
C ASN SA 150 -50.51 -26.83 -17.74
N ILE SA 151 -51.58 -27.42 -18.27
CA ILE SA 151 -52.09 -27.01 -19.57
C ILE SA 151 -52.61 -25.58 -19.46
N PRO SA 152 -52.08 -24.65 -20.23
CA PRO SA 152 -52.41 -23.24 -20.05
C PRO SA 152 -53.69 -22.86 -20.77
N LEU SA 153 -54.08 -21.60 -20.59
CA LEU SA 153 -55.26 -21.01 -21.19
C LEU SA 153 -54.86 -19.72 -21.92
N PRO SA 154 -55.56 -19.38 -22.99
CA PRO SA 154 -55.18 -18.16 -23.74
C PRO SA 154 -55.49 -16.88 -22.99
N VAL SA 155 -54.45 -16.23 -22.46
CA VAL SA 155 -54.52 -14.93 -21.82
C VAL SA 155 -53.29 -14.14 -22.21
N GLY SA 156 -53.17 -12.94 -21.66
CA GLY SA 156 -51.94 -12.19 -21.79
C GLY SA 156 -50.86 -12.73 -20.87
N ASN SA 157 -49.85 -13.36 -21.44
CA ASN SA 157 -48.81 -14.00 -20.63
C ASN SA 157 -48.04 -12.96 -19.84
N LEU SA 158 -47.79 -13.25 -18.57
CA LEU SA 158 -47.09 -12.30 -17.71
C LEU SA 158 -45.65 -12.13 -18.16
N ILE SA 159 -45.17 -10.89 -18.14
CA ILE SA 159 -43.86 -10.54 -18.69
C ILE SA 159 -42.83 -10.66 -17.57
N ILE SA 160 -41.72 -11.33 -17.87
CA ILE SA 160 -40.61 -11.37 -16.93
C ILE SA 160 -39.42 -10.63 -17.52
N ILE SA 161 -38.90 -11.14 -18.64
CA ILE SA 161 -37.72 -10.58 -19.28
C ILE SA 161 -38.11 -10.16 -20.69
N ASP SA 162 -37.93 -8.87 -21.00
CA ASP SA 162 -38.32 -8.36 -22.30
C ASP SA 162 -37.49 -7.13 -22.64
N GLY SA 163 -37.47 -6.78 -23.92
CA GLY SA 163 -36.77 -5.61 -24.37
C GLY SA 163 -37.51 -4.34 -24.02
N THR SA 164 -36.87 -3.21 -24.34
CA THR SA 164 -37.49 -1.91 -24.09
C THR SA 164 -38.76 -1.71 -24.90
N ILE SA 165 -38.92 -2.41 -26.02
CA ILE SA 165 -40.02 -2.17 -26.92
C ILE SA 165 -41.13 -3.21 -26.79
N GLY SA 166 -40.83 -4.40 -26.28
CA GLY SA 166 -41.81 -5.46 -26.16
C GLY SA 166 -43.06 -5.05 -25.40
N TRP SA 167 -44.23 -5.19 -26.04
CA TRP SA 167 -45.47 -4.64 -25.52
C TRP SA 167 -46.31 -5.69 -24.81
N SER SA 168 -46.65 -6.78 -25.48
CA SER SA 168 -47.44 -7.83 -24.84
C SER SA 168 -47.34 -9.12 -25.65
N GLY SA 169 -47.69 -10.21 -25.00
CA GLY SA 169 -47.80 -11.50 -25.68
C GLY SA 169 -49.08 -12.20 -25.26
N ALA SA 170 -49.64 -12.95 -26.19
CA ALA SA 170 -50.91 -13.64 -25.97
C ALA SA 170 -50.88 -15.00 -26.66
N LYS SA 171 -51.94 -15.78 -26.45
CA LYS SA 171 -52.11 -17.09 -27.06
C LYS SA 171 -53.36 -17.07 -27.93
N VAL SA 172 -53.18 -17.03 -29.24
CA VAL SA 172 -54.30 -17.08 -30.17
C VAL SA 172 -54.66 -18.54 -30.42
N ILE SA 173 -55.84 -18.77 -31.00
CA ILE SA 173 -56.29 -20.13 -31.27
C ILE SA 173 -55.39 -20.84 -32.27
N ALA SA 174 -54.72 -20.08 -33.15
CA ALA SA 174 -53.97 -20.69 -34.25
C ALA SA 174 -52.83 -21.57 -33.76
N SER SA 175 -52.31 -21.32 -32.56
CA SER SA 175 -51.19 -22.09 -32.05
C SER SA 175 -51.54 -23.56 -31.87
N THR SA 176 -50.61 -24.43 -32.25
CA THR SA 176 -50.77 -25.88 -32.13
C THR SA 176 -49.94 -26.38 -30.95
N ARG SA 177 -50.53 -27.28 -30.17
CA ARG SA 177 -49.94 -27.70 -28.90
C ARG SA 177 -49.68 -29.20 -28.87
N VAL SA 178 -48.76 -29.59 -27.99
CA VAL SA 178 -48.42 -30.99 -27.72
C VAL SA 178 -48.47 -31.22 -26.23
N ASP SA 179 -48.08 -32.41 -25.79
CA ASP SA 179 -48.11 -32.76 -24.38
C ASP SA 179 -46.78 -33.33 -23.93
N PRO SA 180 -46.44 -33.20 -22.63
CA PRO SA 180 -45.13 -33.68 -22.16
C PRO SA 180 -45.09 -35.16 -21.85
N GLY SA 181 -44.00 -35.60 -21.24
CA GLY SA 181 -43.89 -36.96 -20.75
C GLY SA 181 -42.91 -37.06 -19.60
N SER SA 182 -43.34 -37.65 -18.48
CA SER SA 182 -42.47 -37.84 -17.32
C SER SA 182 -43.11 -38.90 -16.43
N ARG SA 183 -42.52 -39.09 -15.24
CA ARG SA 183 -43.06 -39.97 -14.18
C ARG SA 183 -43.20 -41.42 -14.68
N GLN SA 184 -42.04 -42.02 -14.97
CA GLN SA 184 -41.96 -43.40 -15.43
C GLN SA 184 -41.19 -44.20 -14.41
N MET SA 185 -41.87 -44.63 -13.35
CA MET SA 185 -41.24 -45.35 -12.25
C MET SA 185 -41.15 -46.82 -12.58
N SER SA 186 -40.32 -47.54 -11.82
CA SER SA 186 -40.14 -48.97 -12.05
C SER SA 186 -41.44 -49.74 -11.91
N ASP SA 187 -42.42 -49.21 -11.17
CA ASP SA 187 -43.71 -49.88 -11.05
C ASP SA 187 -44.37 -50.04 -12.41
N ALA SA 188 -44.35 -48.97 -13.22
CA ALA SA 188 -44.88 -49.05 -14.57
C ALA SA 188 -44.14 -50.09 -15.40
N GLU SA 189 -42.84 -50.27 -15.14
CA GLU SA 189 -42.08 -51.26 -15.90
C GLU SA 189 -42.48 -52.67 -15.49
N LEU SA 190 -42.57 -52.94 -14.19
CA LEU SA 190 -42.99 -54.26 -13.72
C LEU SA 190 -44.45 -54.56 -14.01
N LYS SA 191 -45.26 -53.56 -14.37
CA LYS SA 191 -46.58 -53.83 -14.93
C LYS SA 191 -46.57 -54.04 -16.43
N ASN SA 192 -45.89 -53.18 -17.18
CA ASN SA 192 -45.91 -53.22 -18.64
C ASN SA 192 -44.98 -54.27 -19.21
N ALA SA 193 -44.27 -55.03 -18.36
CA ALA SA 193 -43.49 -56.15 -18.87
C ALA SA 193 -44.38 -57.16 -19.61
N ARG SA 194 -45.45 -57.62 -18.95
CA ARG SA 194 -46.27 -58.68 -19.55
C ARG SA 194 -47.06 -58.16 -20.74
N VAL SA 195 -47.63 -56.96 -20.63
CA VAL SA 195 -48.58 -56.50 -21.64
C VAL SA 195 -47.86 -55.84 -22.81
N ASN SA 196 -46.91 -54.96 -22.53
CA ASN SA 196 -46.25 -54.17 -23.58
C ASN SA 196 -45.08 -54.95 -24.18
N ARG SA 197 -45.37 -56.17 -24.62
CA ARG SA 197 -44.35 -56.99 -25.27
C ARG SA 197 -44.14 -56.45 -26.67
N LEU SA 198 -43.35 -55.37 -26.75
CA LEU SA 198 -43.20 -54.60 -27.99
C LEU SA 198 -42.42 -55.46 -28.96
N ALA SA 199 -43.11 -56.44 -29.54
CA ALA SA 199 -42.52 -57.38 -30.48
C ALA SA 199 -42.41 -56.69 -31.84
N ILE SA 200 -41.61 -55.62 -31.87
CA ILE SA 200 -41.30 -54.91 -33.10
C ILE SA 200 -40.93 -55.89 -34.21
N GLN SA 201 -40.38 -57.04 -33.82
CA GLN SA 201 -40.03 -58.07 -34.81
C GLN SA 201 -41.29 -58.75 -35.33
N GLY SA 202 -42.41 -58.60 -34.63
CA GLY SA 202 -43.64 -59.26 -35.05
C GLY SA 202 -44.77 -58.28 -35.29
N ARG SA 203 -45.30 -58.23 -36.50
CA ARG SA 203 -46.30 -57.22 -36.83
C ARG SA 203 -47.68 -57.82 -37.09
N ASN SA 204 -47.78 -58.75 -38.03
CA ASN SA 204 -49.05 -59.40 -38.29
C ASN SA 204 -49.33 -60.39 -37.17
N SER SA 205 -50.04 -59.92 -36.13
CA SER SA 205 -50.37 -60.75 -34.98
C SER SA 205 -51.41 -60.02 -34.15
N THR SA 206 -51.71 -60.57 -32.97
CA THR SA 206 -52.63 -59.99 -32.02
C THR SA 206 -51.91 -59.28 -30.88
N MET SA 207 -50.96 -59.97 -30.24
CA MET SA 207 -50.21 -59.37 -29.13
C MET SA 207 -49.30 -58.25 -29.61
N ALA SA 208 -49.06 -58.18 -30.93
CA ALA SA 208 -48.21 -57.15 -31.48
C ALA SA 208 -48.89 -55.79 -31.54
N ILE SA 209 -50.19 -55.78 -31.85
CA ILE SA 209 -50.89 -54.51 -32.05
C ILE SA 209 -50.96 -53.71 -30.75
N LYS SA 210 -51.31 -54.38 -29.65
CA LYS SA 210 -51.36 -53.70 -28.36
C LYS SA 210 -50.04 -53.04 -28.03
N ALA SA 211 -48.95 -53.79 -28.18
CA ALA SA 211 -47.65 -53.29 -27.77
C ALA SA 211 -47.17 -52.16 -28.68
N TYR SA 212 -47.40 -52.29 -29.99
CA TYR SA 212 -46.97 -51.22 -30.89
C TYR SA 212 -47.81 -49.96 -30.73
N VAL SA 213 -49.09 -50.09 -30.41
CA VAL SA 213 -49.91 -48.91 -30.16
C VAL SA 213 -49.50 -48.25 -28.85
N SER SA 214 -49.23 -49.06 -27.83
CA SER SA 214 -48.88 -48.54 -26.51
C SER SA 214 -47.54 -47.81 -26.50
N ALA SA 215 -46.75 -47.92 -27.57
CA ALA SA 215 -45.54 -47.11 -27.67
C ALA SA 215 -45.84 -45.65 -27.95
N VAL SA 216 -47.04 -45.35 -28.45
CA VAL SA 216 -47.41 -43.97 -28.76
C VAL SA 216 -47.46 -43.17 -27.47
N PRO SA 217 -47.00 -41.92 -27.45
CA PRO SA 217 -47.03 -41.13 -26.21
C PRO SA 217 -48.46 -40.89 -25.75
N ASN SA 218 -48.59 -40.72 -24.42
CA ASN SA 218 -49.83 -40.32 -23.74
C ASN SA 218 -50.87 -41.44 -23.67
N VAL SA 219 -50.64 -42.56 -24.35
CA VAL SA 219 -51.61 -43.65 -24.36
C VAL SA 219 -51.47 -44.46 -23.07
N THR SA 220 -52.59 -44.71 -22.40
CA THR SA 220 -52.60 -45.43 -21.14
C THR SA 220 -52.83 -46.93 -21.31
N SER SA 221 -53.89 -47.33 -22.00
CA SER SA 221 -54.17 -48.75 -22.16
C SER SA 221 -54.84 -49.01 -23.51
N VAL SA 222 -54.75 -50.26 -23.95
CA VAL SA 222 -55.26 -50.68 -25.25
C VAL SA 222 -55.89 -52.07 -25.10
N ASN SA 223 -56.98 -52.30 -25.82
CA ASN SA 223 -57.57 -53.63 -25.98
C ASN SA 223 -57.71 -53.94 -27.45
N VAL SA 224 -57.50 -55.20 -27.81
CA VAL SA 224 -57.66 -55.68 -29.18
C VAL SA 224 -58.23 -57.09 -29.11
N ILE SA 225 -59.47 -57.26 -29.57
CA ILE SA 225 -60.16 -58.55 -29.50
C ILE SA 225 -60.53 -58.97 -30.92
N GLU SA 226 -60.11 -60.19 -31.29
CA GLU SA 226 -60.29 -60.72 -32.63
C GLU SA 226 -61.32 -61.85 -32.61
N ASN SA 227 -62.02 -62.04 -33.73
CA ASN SA 227 -63.12 -62.99 -33.75
C ASN SA 227 -62.64 -64.41 -34.02
N ASN SA 228 -61.82 -64.61 -35.05
CA ASN SA 228 -61.23 -65.88 -35.44
C ASN SA 228 -62.23 -66.87 -36.02
N THR SA 229 -63.52 -66.56 -36.06
CA THR SA 229 -64.55 -67.47 -36.51
C THR SA 229 -65.27 -66.87 -37.72
N GLY SA 230 -66.35 -67.54 -38.13
CA GLY SA 230 -67.15 -67.07 -39.25
C GLY SA 230 -68.54 -66.62 -38.86
N ALA SA 231 -68.75 -66.32 -37.59
CA ALA SA 231 -70.05 -65.91 -37.08
C ALA SA 231 -69.90 -64.69 -36.19
N VAL SA 232 -71.01 -63.99 -35.98
CA VAL SA 232 -71.03 -62.74 -35.23
C VAL SA 232 -71.27 -63.03 -33.76
N GLN SA 233 -70.80 -62.09 -32.91
CA GLN SA 233 -70.99 -62.14 -31.46
C GLN SA 233 -70.36 -63.42 -30.87
N VAL SA 234 -69.04 -63.52 -30.99
CA VAL SA 234 -68.29 -64.59 -30.36
C VAL SA 234 -67.27 -64.09 -29.35
N VAL SA 235 -66.79 -62.86 -29.46
CA VAL SA 235 -65.82 -62.31 -28.52
C VAL SA 235 -66.52 -61.92 -27.23
N ASN SA 236 -65.70 -61.54 -26.24
CA ASN SA 236 -66.20 -61.39 -24.87
C ASN SA 236 -67.29 -60.34 -24.77
N GLY SA 237 -67.13 -59.20 -25.43
CA GLY SA 237 -68.03 -58.11 -25.15
C GLY SA 237 -68.57 -57.24 -26.27
N VAL SA 238 -68.29 -57.56 -27.53
CA VAL SA 238 -68.72 -56.70 -28.62
C VAL SA 238 -69.32 -57.52 -29.75
N SER SA 239 -70.18 -56.87 -30.53
CA SER SA 239 -70.73 -57.43 -31.76
C SER SA 239 -69.73 -57.19 -32.91
N PHE SA 240 -70.09 -57.67 -34.10
CA PHE SA 240 -69.15 -57.67 -35.20
C PHE SA 240 -69.62 -56.90 -36.42
N THR SA 241 -70.82 -57.20 -36.92
CA THR SA 241 -71.20 -56.92 -38.31
C THR SA 241 -70.27 -57.68 -39.24
N LEU SA 242 -69.20 -57.02 -39.71
CA LEU SA 242 -68.38 -57.58 -40.77
C LEU SA 242 -67.47 -58.68 -40.20
N PRO SA 243 -67.59 -59.91 -40.67
CA PRO SA 243 -66.76 -61.00 -40.13
C PRO SA 243 -65.34 -60.99 -40.68
N TYR SA 244 -64.46 -61.69 -39.98
CA TYR SA 244 -63.02 -61.66 -40.24
C TYR SA 244 -62.48 -60.23 -40.15
N ALA SA 245 -62.52 -59.70 -38.93
CA ALA SA 245 -62.03 -58.36 -38.67
C ALA SA 245 -61.72 -58.23 -37.19
N VAL SA 246 -61.25 -57.04 -36.79
CA VAL SA 246 -60.87 -56.75 -35.42
C VAL SA 246 -61.22 -55.30 -35.10
N TRP SA 247 -61.40 -55.00 -33.82
CA TRP SA 247 -61.71 -53.66 -33.36
C TRP SA 247 -60.78 -53.27 -32.23
N VAL SA 248 -60.44 -51.99 -32.16
CA VAL SA 248 -59.40 -51.48 -31.26
C VAL SA 248 -59.97 -50.37 -30.40
N CYS SA 249 -59.66 -50.42 -29.11
CA CYS SA 249 -60.06 -49.41 -28.13
C CYS SA 249 -58.85 -48.90 -27.38
N VAL SA 250 -58.71 -47.58 -27.27
CA VAL SA 250 -57.58 -46.96 -26.59
C VAL SA 250 -58.09 -45.90 -25.62
N ALA SA 251 -57.28 -45.62 -24.61
CA ALA SA 251 -57.62 -44.65 -23.56
C ALA SA 251 -56.51 -43.62 -23.41
N GLY SA 252 -56.88 -42.46 -22.91
CA GLY SA 252 -55.94 -41.35 -22.79
C GLY SA 252 -55.39 -40.90 -24.13
N ASN SA 253 -56.22 -40.94 -25.17
CA ASN SA 253 -55.72 -40.90 -26.53
C ASN SA 253 -55.08 -39.55 -26.85
N PRO SA 254 -53.90 -39.55 -27.48
CA PRO SA 254 -53.34 -38.31 -28.03
C PRO SA 254 -53.90 -38.02 -29.41
N ASP SA 255 -53.34 -37.01 -30.08
CA ASP SA 255 -53.80 -36.61 -31.41
C ASP SA 255 -53.86 -37.79 -32.37
N LYS SA 256 -54.68 -37.68 -33.42
CA LYS SA 256 -55.05 -38.84 -34.21
C LYS SA 256 -53.86 -39.45 -34.95
N GLN SA 257 -53.01 -38.62 -35.55
CA GLN SA 257 -52.09 -39.12 -36.56
C GLN SA 257 -51.11 -40.15 -35.98
N ALA SA 258 -50.61 -39.92 -34.76
CA ALA SA 258 -49.63 -40.83 -34.18
C ALA SA 258 -50.22 -42.22 -34.00
N VAL SA 259 -51.38 -42.32 -33.36
CA VAL SA 259 -51.99 -43.61 -33.13
C VAL SA 259 -52.48 -44.22 -34.44
N ALA SA 260 -52.86 -43.38 -35.41
CA ALA SA 260 -53.28 -43.91 -36.71
C ALA SA 260 -52.11 -44.59 -37.43
N ASP SA 261 -50.96 -43.93 -37.46
CA ASP SA 261 -49.77 -44.53 -38.04
C ASP SA 261 -49.37 -45.80 -37.30
N ALA SA 262 -49.41 -45.77 -35.96
CA ALA SA 262 -49.04 -46.94 -35.18
C ALA SA 262 -49.97 -48.11 -35.46
N LEU SA 263 -51.28 -47.84 -35.55
CA LEU SA 263 -52.25 -48.91 -35.81
C LEU SA 263 -52.07 -49.48 -37.21
N TRP SA 264 -51.92 -48.61 -38.21
CA TRP SA 264 -51.75 -49.12 -39.57
C TRP SA 264 -50.43 -49.85 -39.73
N ALA SA 265 -49.43 -49.54 -38.91
CA ALA SA 265 -48.13 -50.17 -39.04
C ALA SA 265 -48.03 -51.52 -38.34
N ALA SA 266 -49.08 -51.94 -37.62
CA ALA SA 266 -49.03 -53.19 -36.87
C ALA SA 266 -50.06 -54.21 -37.33
N HIS SA 267 -50.77 -53.99 -38.44
CA HIS SA 267 -51.68 -54.99 -38.96
C HIS SA 267 -51.13 -55.47 -40.31
N ASN SA 268 -51.70 -56.55 -40.81
CA ASN SA 268 -51.37 -56.98 -42.16
C ASN SA 268 -52.53 -57.53 -42.96
N GLY SA 269 -53.65 -57.89 -42.33
CA GLY SA 269 -54.71 -58.57 -43.04
C GLY SA 269 -55.42 -57.66 -44.03
N GLY SA 270 -56.25 -58.30 -44.86
CA GLY SA 270 -56.97 -57.61 -45.92
C GLY SA 270 -57.88 -56.49 -45.44
N THR SA 271 -58.94 -56.85 -44.72
CA THR SA 271 -59.86 -55.87 -44.14
C THR SA 271 -60.14 -56.25 -42.70
N PRO SA 272 -59.16 -56.12 -41.82
CA PRO SA 272 -59.36 -56.43 -40.39
C PRO SA 272 -60.04 -55.32 -39.59
N TRP SA 273 -60.24 -54.15 -40.19
CA TRP SA 273 -60.85 -53.03 -39.48
C TRP SA 273 -62.35 -53.26 -39.32
N ASP SA 274 -62.87 -52.84 -38.17
CA ASP SA 274 -64.27 -53.11 -37.86
C ASP SA 274 -64.75 -52.18 -36.76
N TYR SA 275 -65.84 -51.46 -37.04
CA TYR SA 275 -66.62 -50.83 -35.99
C TYR SA 275 -67.57 -51.86 -35.40
N GLY SA 276 -67.68 -51.87 -34.07
CA GLY SA 276 -68.42 -52.93 -33.44
C GLY SA 276 -69.92 -52.89 -33.72
N ALA SA 277 -70.61 -51.94 -33.14
CA ALA SA 277 -72.07 -51.82 -33.26
C ALA SA 277 -72.48 -50.52 -32.57
N THR SA 278 -73.78 -50.30 -32.46
CA THR SA 278 -74.28 -49.19 -31.65
C THR SA 278 -74.01 -49.39 -30.17
N ASN SA 279 -73.75 -50.64 -29.75
CA ASN SA 279 -73.42 -50.95 -28.36
C ASN SA 279 -71.91 -51.14 -28.26
N ASN SA 280 -71.20 -50.02 -28.21
CA ASN SA 280 -69.74 -50.01 -28.11
C ASN SA 280 -69.30 -48.59 -27.80
N GLY SA 281 -68.00 -48.43 -27.57
CA GLY SA 281 -67.46 -47.11 -27.34
C GLY SA 281 -67.63 -46.21 -28.56
N VAL SA 282 -67.60 -44.92 -28.31
CA VAL SA 282 -67.85 -43.96 -29.38
C VAL SA 282 -66.71 -44.01 -30.41
N PRO SA 283 -67.01 -44.16 -31.69
CA PRO SA 283 -65.96 -44.08 -32.70
C PRO SA 283 -65.30 -42.71 -32.71
N VAL SA 284 -63.99 -42.71 -32.93
CA VAL SA 284 -63.25 -41.45 -32.93
C VAL SA 284 -63.59 -40.62 -34.17
N ASP SA 285 -63.73 -41.27 -35.32
CA ASP SA 285 -64.08 -40.59 -36.55
C ASP SA 285 -65.16 -41.37 -37.27
N GLY SA 286 -65.93 -40.66 -38.10
CA GLY SA 286 -67.13 -41.22 -38.67
C GLY SA 286 -66.90 -42.32 -39.67
N PRO SA 287 -66.38 -41.97 -40.86
CA PRO SA 287 -66.13 -43.00 -41.88
C PRO SA 287 -64.81 -43.74 -41.72
N ASN SA 288 -63.73 -43.04 -41.36
CA ASN SA 288 -62.38 -43.60 -41.40
C ASN SA 288 -61.42 -42.58 -40.79
N GLY SA 289 -60.12 -42.89 -40.85
CA GLY SA 289 -59.10 -42.01 -40.31
C GLY SA 289 -58.03 -41.60 -41.30
N VAL SA 290 -58.20 -41.97 -42.57
CA VAL SA 290 -57.35 -41.63 -43.72
C VAL SA 290 -55.85 -41.64 -43.41
N PRO SA 291 -55.24 -42.82 -43.25
CA PRO SA 291 -53.77 -42.88 -43.12
C PRO SA 291 -53.07 -42.63 -44.45
N VAL SA 292 -52.84 -41.35 -44.75
CA VAL SA 292 -52.51 -40.92 -46.12
C VAL SA 292 -51.32 -41.71 -46.66
N ARG SA 293 -50.16 -41.56 -46.04
CA ARG SA 293 -48.94 -42.09 -46.62
C ARG SA 293 -48.80 -43.59 -46.37
N ASP SA 294 -48.10 -44.24 -47.27
CA ASP SA 294 -47.73 -45.65 -47.18
C ASP SA 294 -46.31 -45.81 -47.69
N PRO SA 295 -45.63 -46.90 -47.31
CA PRO SA 295 -44.34 -47.20 -47.93
C PRO SA 295 -44.42 -47.40 -49.43
N ALA SA 296 -45.59 -47.78 -49.94
CA ALA SA 296 -45.81 -47.94 -51.37
C ALA SA 296 -46.20 -46.62 -52.04
N SER SA 297 -46.25 -45.53 -51.27
CA SER SA 297 -46.65 -44.20 -51.71
C SER SA 297 -48.10 -44.16 -52.17
N GLY SA 298 -48.82 -45.28 -52.12
CA GLY SA 298 -50.19 -45.29 -52.57
C GLY SA 298 -51.11 -44.52 -51.65
N ARG SA 299 -52.26 -44.15 -52.18
CA ARG SA 299 -53.25 -43.38 -51.43
C ARG SA 299 -54.30 -44.31 -50.86
N LYS SA 300 -53.87 -45.10 -49.88
CA LYS SA 300 -54.77 -45.97 -49.14
C LYS SA 300 -55.25 -45.24 -47.89
N TYR SA 301 -56.50 -45.48 -47.52
CA TYR SA 301 -57.12 -44.75 -46.40
C TYR SA 301 -58.13 -45.66 -45.69
N VAL SA 302 -57.68 -46.33 -44.62
CA VAL SA 302 -58.63 -46.91 -43.67
C VAL SA 302 -57.99 -47.12 -42.31
N VAL SA 303 -58.57 -46.53 -41.28
CA VAL SA 303 -58.25 -46.80 -39.88
C VAL SA 303 -59.51 -46.61 -39.05
N LYS SA 304 -59.87 -47.63 -38.28
CA LYS SA 304 -61.06 -47.55 -37.44
C LYS SA 304 -60.73 -48.01 -36.02
N TRP SA 305 -61.06 -47.17 -35.04
CA TRP SA 305 -60.82 -47.49 -33.65
C TRP SA 305 -61.72 -46.63 -32.76
N THR SA 306 -61.87 -47.07 -31.52
CA THR SA 306 -62.82 -46.44 -30.59
C THR SA 306 -62.15 -45.95 -29.31
N THR SA 307 -62.95 -45.50 -28.36
CA THR SA 307 -62.52 -45.06 -27.04
C THR SA 307 -63.49 -45.66 -26.01
N PRO SA 308 -63.06 -45.81 -24.77
CA PRO SA 308 -63.90 -46.48 -23.77
C PRO SA 308 -64.99 -45.56 -23.23
N ILE SA 309 -65.86 -46.16 -22.42
CA ILE SA 309 -66.93 -45.45 -21.72
C ILE SA 309 -66.47 -45.21 -20.29
N MET SA 310 -66.43 -43.94 -19.87
CA MET SA 310 -65.95 -43.58 -18.54
C MET SA 310 -67.05 -43.88 -17.53
N TYR SA 311 -66.93 -45.01 -16.83
CA TYR SA 311 -67.83 -45.36 -15.75
C TYR SA 311 -67.35 -44.73 -14.44
N ASP SA 312 -67.92 -45.17 -13.32
CA ASP SA 312 -67.48 -44.71 -12.02
C ASP SA 312 -67.80 -45.81 -11.00
N GLY SA 313 -66.87 -46.01 -10.06
CA GLY SA 313 -67.02 -47.08 -9.08
C GLY SA 313 -67.17 -46.61 -7.65
N TYR SA 314 -67.78 -47.45 -6.81
CA TYR SA 314 -68.02 -47.12 -5.41
C TYR SA 314 -67.55 -48.27 -4.52
N VAL SA 315 -66.90 -47.92 -3.41
CA VAL SA 315 -66.35 -48.90 -2.49
C VAL SA 315 -66.75 -48.50 -1.07
N ASN SA 316 -67.22 -49.47 -0.29
CA ASN SA 316 -67.51 -49.28 1.13
C ASN SA 316 -67.10 -50.53 1.88
N VAL SA 317 -66.31 -50.36 2.95
CA VAL SA 317 -65.68 -51.47 3.64
C VAL SA 317 -65.74 -51.24 5.15
N THR SA 318 -65.97 -52.31 5.91
CA THR SA 318 -65.96 -52.28 7.37
C THR SA 318 -64.76 -53.09 7.87
N VAL SA 319 -64.00 -52.52 8.80
CA VAL SA 319 -62.75 -53.09 9.29
C VAL SA 319 -62.73 -53.03 10.81
N GLN SA 320 -61.71 -53.64 11.39
CA GLN SA 320 -61.41 -53.49 12.80
C GLN SA 320 -60.48 -52.29 12.99
N GLN SA 321 -60.13 -51.99 14.25
CA GLN SA 321 -59.37 -50.80 14.54
C GLN SA 321 -57.86 -50.99 14.44
N GLY SA 322 -57.39 -52.23 14.38
CA GLY SA 322 -55.97 -52.48 14.21
C GLY SA 322 -55.19 -52.48 15.52
N SER SA 323 -53.86 -52.53 15.36
CA SER SA 323 -52.98 -52.49 16.53
C SER SA 323 -53.07 -51.14 17.24
N SER SA 324 -53.13 -50.06 16.47
CA SER SA 324 -53.20 -48.71 17.02
C SER SA 324 -54.19 -47.91 16.19
N SER SA 325 -54.19 -46.59 16.36
CA SER SA 325 -55.08 -45.73 15.61
C SER SA 325 -54.58 -45.57 14.19
N VAL SA 326 -55.47 -45.80 13.22
CA VAL SA 326 -55.18 -45.60 11.81
C VAL SA 326 -56.29 -44.73 11.23
N ALA SA 327 -55.93 -43.58 10.68
CA ALA SA 327 -56.91 -42.68 10.11
C ALA SA 327 -57.48 -43.28 8.82
N PRO SA 328 -58.73 -42.97 8.49
CA PRO SA 328 -59.31 -43.48 7.25
C PRO SA 328 -58.59 -42.99 6.00
N GLU SA 329 -57.87 -41.86 6.10
CA GLU SA 329 -57.17 -41.33 4.93
C GLU SA 329 -56.16 -42.34 4.39
N ALA SA 330 -55.58 -43.16 5.26
CA ALA SA 330 -54.64 -44.18 4.79
C ALA SA 330 -55.34 -45.18 3.87
N ILE SA 331 -56.51 -45.68 4.28
CA ILE SA 331 -57.25 -46.63 3.45
C ILE SA 331 -57.72 -45.97 2.15
N GLN SA 332 -58.22 -44.74 2.24
CA GLN SA 332 -58.66 -44.05 1.03
C GLN SA 332 -57.51 -43.85 0.06
N ASN SA 333 -56.35 -43.43 0.56
CA ASN SA 333 -55.19 -43.25 -0.30
C ASN SA 333 -54.74 -44.57 -0.90
N ALA SA 334 -54.78 -45.65 -0.12
CA ALA SA 334 -54.37 -46.95 -0.64
C ALA SA 334 -55.29 -47.40 -1.78
N VAL SA 335 -56.60 -47.30 -1.60
CA VAL SA 335 -57.52 -47.78 -2.63
C VAL SA 335 -57.44 -46.88 -3.86
N VAL SA 336 -57.30 -45.56 -3.67
CA VAL SA 336 -57.17 -44.66 -4.81
C VAL SA 336 -55.88 -44.94 -5.57
N ASN SA 337 -54.78 -45.16 -4.83
CA ASN SA 337 -53.51 -45.45 -5.47
C ASN SA 337 -53.57 -46.76 -6.26
N TYR SA 338 -54.28 -47.76 -5.72
CA TYR SA 338 -54.47 -48.98 -6.49
C TYR SA 338 -55.29 -48.71 -7.75
N ALA SA 339 -56.35 -47.92 -7.62
CA ALA SA 339 -57.22 -47.66 -8.78
C ALA SA 339 -56.45 -46.98 -9.89
N GLN SA 340 -55.62 -46.00 -9.55
CA GLN SA 340 -54.77 -45.36 -10.56
C GLN SA 340 -53.75 -46.33 -11.13
N GLY SA 341 -53.24 -47.24 -10.32
CA GLY SA 341 -52.27 -48.21 -10.75
C GLY SA 341 -50.83 -47.90 -10.42
N LYS SA 342 -50.55 -47.40 -9.21
CA LYS SA 342 -49.17 -47.10 -8.86
C LYS SA 342 -48.47 -48.27 -8.19
N VAL SA 343 -49.22 -49.28 -7.74
CA VAL SA 343 -48.62 -50.40 -7.04
C VAL SA 343 -47.93 -51.34 -8.03
N GLU SA 344 -46.91 -52.04 -7.55
CA GLU SA 344 -46.21 -53.01 -8.39
C GLU SA 344 -47.13 -54.16 -8.74
N GLY SA 345 -46.86 -54.77 -9.89
CA GLY SA 345 -47.58 -55.98 -10.28
C GLY SA 345 -48.99 -55.74 -10.79
N GLU SA 346 -49.89 -55.31 -9.89
CA GLU SA 346 -51.28 -55.10 -10.24
C GLU SA 346 -51.43 -53.82 -11.06
N GLU SA 347 -51.99 -53.94 -12.27
CA GLU SA 347 -52.18 -52.78 -13.12
C GLU SA 347 -53.32 -51.88 -12.65
N GLY SA 348 -54.09 -52.32 -11.66
CA GLY SA 348 -55.18 -51.50 -11.15
C GLY SA 348 -56.43 -51.65 -12.00
N LEU SA 349 -56.98 -50.53 -12.44
CA LEU SA 349 -58.17 -50.49 -13.28
C LEU SA 349 -57.79 -49.96 -14.65
N VAL SA 350 -58.06 -50.75 -15.68
CA VAL SA 350 -57.76 -50.40 -17.06
C VAL SA 350 -59.03 -50.58 -17.89
N VAL SA 351 -58.91 -50.37 -19.19
CA VAL SA 351 -60.04 -50.54 -20.09
C VAL SA 351 -60.36 -52.03 -20.18
N GLY SA 352 -61.41 -52.45 -19.50
CA GLY SA 352 -61.81 -53.84 -19.49
C GLY SA 352 -61.44 -54.62 -18.26
N ALA SA 353 -61.37 -53.98 -17.10
CA ALA SA 353 -61.07 -54.63 -15.84
C ALA SA 353 -62.27 -54.50 -14.90
N SER SA 354 -62.69 -55.61 -14.33
CA SER SA 354 -63.85 -55.62 -13.43
C SER SA 354 -63.39 -55.42 -11.99
N LEU SA 355 -64.03 -54.48 -11.30
CA LEU SA 355 -63.76 -54.26 -9.89
C LEU SA 355 -64.13 -55.51 -9.09
N SER SA 356 -63.28 -55.87 -8.14
CA SER SA 356 -63.52 -57.02 -7.27
C SER SA 356 -63.28 -56.62 -5.83
N ALA SA 357 -64.24 -56.96 -4.96
CA ALA SA 357 -64.10 -56.62 -3.55
C ALA SA 357 -62.90 -57.33 -2.92
N PHE SA 358 -62.68 -58.58 -3.28
CA PHE SA 358 -61.54 -59.33 -2.77
C PHE SA 358 -60.23 -58.69 -3.18
N GLU SA 359 -60.16 -58.22 -4.43
CA GLU SA 359 -58.94 -57.58 -4.90
C GLU SA 359 -58.69 -56.27 -4.17
N VAL SA 360 -59.74 -55.49 -3.91
CA VAL SA 360 -59.59 -54.24 -3.18
C VAL SA 360 -59.14 -54.51 -1.75
N ALA SA 361 -59.72 -55.52 -1.10
CA ALA SA 361 -59.29 -55.89 0.24
C ALA SA 361 -57.83 -56.35 0.23
N GLY SA 362 -57.44 -57.09 -0.80
CA GLY SA 362 -56.05 -57.49 -0.92
C GLY SA 362 -55.11 -56.31 -1.06
N ALA SA 363 -55.51 -55.30 -1.85
CA ALA SA 363 -54.69 -54.10 -1.97
C ALA SA 363 -54.59 -53.37 -0.63
N ILE SA 364 -55.70 -53.26 0.10
CA ILE SA 364 -55.66 -52.61 1.41
C ILE SA 364 -54.72 -53.35 2.34
N ALA SA 365 -54.79 -54.67 2.36
CA ALA SA 365 -53.90 -55.45 3.21
C ALA SA 365 -52.45 -55.32 2.78
N ARG SA 366 -52.22 -55.22 1.47
CA ARG SA 366 -50.86 -55.03 0.96
C ARG SA 366 -50.28 -53.71 1.40
N GLU SA 367 -51.08 -52.63 1.41
CA GLU SA 367 -50.56 -51.34 1.84
C GLU SA 367 -50.47 -51.27 3.36
N ILE SA 368 -51.60 -51.36 4.05
CA ILE SA 368 -51.64 -51.24 5.51
C ILE SA 368 -51.98 -52.61 6.09
N PRO SA 369 -51.03 -53.32 6.67
CA PRO SA 369 -51.34 -54.57 7.35
C PRO SA 369 -51.73 -54.33 8.80
N GLY SA 370 -52.00 -55.39 9.55
CA GLY SA 370 -52.36 -55.24 10.94
C GLY SA 370 -53.75 -54.73 11.19
N ILE SA 371 -54.65 -54.87 10.21
CA ILE SA 371 -56.05 -54.47 10.35
C ILE SA 371 -56.92 -55.65 9.92
N TYR SA 372 -58.03 -55.86 10.63
CA TYR SA 372 -58.92 -56.98 10.38
C TYR SA 372 -60.14 -56.49 9.63
N ILE SA 373 -60.20 -56.79 8.34
CA ILE SA 373 -61.33 -56.41 7.50
C ILE SA 373 -62.45 -57.42 7.70
N LYS SA 374 -63.66 -56.92 7.99
CA LYS SA 374 -64.82 -57.78 8.20
C LYS SA 374 -65.76 -57.81 7.00
N LEU SA 375 -66.06 -56.65 6.41
CA LEU SA 375 -66.99 -56.55 5.29
C LEU SA 375 -66.34 -55.83 4.13
N CYS SA 376 -66.73 -56.19 2.92
CA CYS SA 376 -66.26 -55.54 1.70
C CYS SA 376 -67.40 -55.43 0.70
N GLN SA 377 -67.55 -54.25 0.10
CA GLN SA 377 -68.62 -53.99 -0.85
C GLN SA 377 -68.09 -53.15 -2.00
N VAL SA 378 -68.48 -53.50 -3.23
CA VAL SA 378 -68.07 -52.79 -4.42
C VAL SA 378 -69.27 -52.61 -5.34
N ALA SA 379 -69.46 -51.40 -5.85
CA ALA SA 379 -70.53 -51.11 -6.79
C ALA SA 379 -69.99 -50.21 -7.89
N CYS SA 380 -70.68 -50.22 -9.03
CA CYS SA 380 -70.31 -49.40 -10.18
C CYS SA 380 -71.49 -48.55 -10.62
N VAL SA 381 -71.22 -47.32 -11.04
CA VAL SA 381 -72.27 -46.38 -11.41
C VAL SA 381 -71.94 -45.77 -12.77
N ALA SA 382 -72.98 -45.35 -13.47
CA ALA SA 382 -72.83 -44.80 -14.81
C ALA SA 382 -72.21 -43.41 -14.76
N ALA SA 383 -71.90 -42.88 -15.95
CA ALA SA 383 -71.23 -41.59 -16.06
C ALA SA 383 -72.18 -40.47 -15.70
N GLY SA 384 -71.82 -39.68 -14.68
CA GLY SA 384 -72.63 -38.56 -14.26
C GLY SA 384 -73.90 -38.92 -13.52
N SER SA 385 -74.15 -40.21 -13.31
CA SER SA 385 -75.39 -40.63 -12.68
C SER SA 385 -75.43 -40.20 -11.22
N PRO SA 386 -76.63 -40.04 -10.65
CA PRO SA 386 -76.72 -39.76 -9.22
C PRO SA 386 -76.09 -40.88 -8.39
N ALA SA 387 -75.58 -40.50 -7.23
CA ALA SA 387 -74.82 -41.44 -6.41
C ALA SA 387 -75.66 -42.68 -6.10
N PRO SA 388 -75.07 -43.87 -6.18
CA PRO SA 388 -75.86 -45.10 -6.07
C PRO SA 388 -76.53 -45.21 -4.70
N ALA SA 389 -77.71 -45.82 -4.71
CA ALA SA 389 -78.49 -46.02 -3.50
C ALA SA 389 -77.75 -46.97 -2.55
N PRO SA 390 -78.06 -46.93 -1.25
CA PRO SA 390 -77.34 -47.81 -0.31
C PRO SA 390 -77.49 -49.28 -0.63
N GLY SA 391 -78.60 -49.71 -1.22
CA GLY SA 391 -78.80 -51.09 -1.57
C GLY SA 391 -78.14 -51.54 -2.84
N ASP SA 392 -77.40 -50.66 -3.52
CA ASP SA 392 -76.81 -51.00 -4.81
C ASP SA 392 -75.58 -51.89 -4.67
N PHE SA 393 -74.84 -51.78 -3.56
CA PHE SA 393 -73.57 -52.48 -3.42
C PHE SA 393 -73.78 -53.99 -3.36
N THR SA 394 -72.84 -54.73 -3.95
CA THR SA 394 -72.86 -56.18 -3.94
C THR SA 394 -71.42 -56.68 -3.89
N SER SA 395 -71.27 -58.00 -3.82
CA SER SA 395 -69.96 -58.59 -3.59
C SER SA 395 -69.04 -58.44 -4.80
N GLU SA 396 -69.54 -58.75 -5.99
CA GLU SA 396 -68.72 -58.82 -7.19
C GLU SA 396 -69.39 -58.06 -8.34
N TYR SA 397 -68.60 -57.27 -9.06
CA TYR SA 397 -69.07 -56.58 -10.25
C TYR SA 397 -68.27 -57.03 -11.47
N VAL SA 398 -68.94 -57.05 -12.61
CA VAL SA 398 -68.36 -57.51 -13.87
C VAL SA 398 -68.48 -56.38 -14.89
N MET SA 399 -67.39 -56.08 -15.57
CA MET SA 399 -67.35 -55.04 -16.59
C MET SA 399 -67.02 -55.65 -17.95
N SER SA 400 -67.62 -55.09 -19.00
CA SER SA 400 -67.40 -55.56 -20.35
C SER SA 400 -66.10 -54.98 -20.91
N ALA SA 401 -65.85 -55.26 -22.18
CA ALA SA 401 -64.56 -54.91 -22.78
C ALA SA 401 -64.32 -53.41 -22.79
N PHE SA 402 -65.34 -52.63 -23.15
CA PHE SA 402 -65.18 -51.19 -23.39
C PHE SA 402 -65.65 -50.35 -22.21
N GLY SA 403 -65.45 -50.83 -20.98
CA GLY SA 403 -65.88 -50.07 -19.82
C GLY SA 403 -64.74 -49.71 -18.87
N GLN SA 404 -64.44 -48.42 -18.76
CA GLN SA 404 -63.38 -47.91 -17.91
C GLN SA 404 -63.99 -47.26 -16.67
N ALA SA 405 -63.42 -47.53 -15.51
CA ALA SA 405 -63.94 -46.99 -14.26
C ALA SA 405 -62.80 -46.53 -13.35
N THR SA 406 -62.92 -45.32 -12.82
CA THR SA 406 -61.97 -44.76 -11.88
C THR SA 406 -62.62 -44.59 -10.52
N ILE SA 407 -61.78 -44.39 -9.50
CA ILE SA 407 -62.23 -44.21 -8.13
C ILE SA 407 -61.57 -42.96 -7.58
N SER SA 408 -62.35 -42.11 -6.90
CA SER SA 408 -61.85 -40.91 -6.27
C SER SA 408 -61.78 -41.11 -4.76
N VAL SA 409 -61.33 -40.07 -4.06
CA VAL SA 409 -61.23 -40.13 -2.61
C VAL SA 409 -62.62 -40.19 -1.97
N GLY SA 410 -63.59 -39.47 -2.54
CA GLY SA 410 -64.92 -39.41 -1.96
C GLY SA 410 -65.81 -40.60 -2.24
N ASN SA 411 -65.39 -41.53 -3.09
CA ASN SA 411 -66.17 -42.71 -3.39
C ASN SA 411 -65.85 -43.90 -2.48
N VAL SA 412 -64.88 -43.74 -1.58
CA VAL SA 412 -64.52 -44.78 -0.63
C VAL SA 412 -64.80 -44.26 0.78
N ARG SA 413 -65.66 -44.96 1.50
CA ARG SA 413 -66.05 -44.55 2.84
C ARG SA 413 -65.98 -45.74 3.76
N VAL SA 414 -65.27 -45.60 4.88
CA VAL SA 414 -65.03 -46.69 5.81
C VAL SA 414 -65.56 -46.29 7.19
N THR SA 415 -66.33 -47.18 7.80
CA THR SA 415 -66.78 -47.03 9.18
C THR SA 415 -66.46 -48.33 9.90
N PHE SA 416 -65.36 -48.35 10.64
CA PHE SA 416 -65.00 -49.49 11.45
C PHE SA 416 -66.09 -49.81 12.45
N VAL SA 417 -66.07 -51.03 12.96
CA VAL SA 417 -67.02 -51.42 14.00
C VAL SA 417 -66.71 -50.62 15.25
N VAL TA 14 24.80 76.91 6.94
CA VAL TA 14 24.93 75.51 7.30
C VAL TA 14 23.62 74.81 6.94
N ALA TA 15 22.93 75.37 5.94
CA ALA TA 15 21.65 74.83 5.52
C ALA TA 15 21.70 74.27 4.10
N ASP TA 16 22.60 74.77 3.26
CA ASP TA 16 22.67 74.35 1.87
C ASP TA 16 24.08 73.87 1.55
N THR TA 17 24.15 72.94 0.59
CA THR TA 17 25.41 72.32 0.20
C THR TA 17 25.74 72.71 -1.23
N ALA TA 18 27.00 73.05 -1.47
CA ALA TA 18 27.49 73.38 -2.80
C ALA TA 18 28.12 72.15 -3.42
N ASP TA 19 27.74 71.84 -4.66
CA ASP TA 19 28.23 70.66 -5.36
C ASP TA 19 28.78 70.98 -6.75
N VAL TA 20 28.91 72.26 -7.10
CA VAL TA 20 29.40 72.62 -8.43
C VAL TA 20 30.91 72.53 -8.52
N LEU TA 21 31.62 72.67 -7.40
CA LEU TA 21 33.07 72.57 -7.37
C LEU TA 21 33.57 71.18 -7.00
N SER TA 22 32.67 70.21 -6.84
CA SER TA 22 33.06 68.90 -6.34
C SER TA 22 33.94 68.16 -7.34
N ASP TA 23 33.55 68.14 -8.61
CA ASP TA 23 34.30 67.37 -9.61
C ASP TA 23 35.73 67.88 -9.73
N VAL TA 24 35.91 69.21 -9.70
CA VAL TA 24 37.23 69.80 -9.76
C VAL TA 24 38.10 69.29 -8.62
N GLU TA 25 37.51 69.08 -7.44
CA GLU TA 25 38.28 68.64 -6.28
C GLU TA 25 39.06 67.38 -6.58
N ALA TA 26 38.39 66.34 -7.07
CA ALA TA 26 39.08 65.11 -7.41
C ALA TA 26 39.86 65.19 -8.71
N GLU TA 27 39.36 65.95 -9.70
CA GLU TA 27 40.09 66.09 -10.95
C GLU TA 27 41.46 66.70 -10.73
N PHE TA 28 41.65 67.48 -9.66
CA PHE TA 28 42.97 67.97 -9.31
C PHE TA 28 43.61 67.20 -8.17
N ARG TA 29 42.83 66.49 -7.34
CA ARG TA 29 43.43 65.60 -6.35
C ARG TA 29 44.25 64.52 -7.03
N ALA TA 30 43.68 63.90 -8.08
CA ALA TA 30 44.43 62.91 -8.83
C ALA TA 30 45.61 63.54 -9.54
N ALA TA 31 45.47 64.78 -10.01
CA ALA TA 31 46.55 65.44 -10.74
C ALA TA 31 47.76 65.72 -9.85
N LEU TA 32 47.54 66.32 -8.67
CA LEU TA 32 48.66 66.57 -7.77
C LEU TA 32 49.01 65.35 -6.93
N GLY TA 33 48.24 64.27 -7.02
CA GLY TA 33 48.55 63.05 -6.30
C GLY TA 33 49.53 62.14 -7.01
N ALA TA 34 49.16 61.68 -8.21
CA ALA TA 34 50.01 60.74 -8.94
C ALA TA 34 50.96 61.47 -9.89
N ASN TA 35 50.41 62.22 -10.83
CA ASN TA 35 51.19 63.00 -11.79
C ASN TA 35 50.22 63.89 -12.56
N ILE TA 36 50.77 64.78 -13.38
CA ILE TA 36 49.94 65.64 -14.24
C ILE TA 36 49.77 64.97 -15.60
N ASN TA 37 48.72 64.17 -15.72
CA ASN TA 37 48.43 63.50 -16.98
C ASN TA 37 47.00 63.00 -16.97
N LEU TA 38 46.40 62.97 -18.15
CA LEU TA 38 45.03 62.50 -18.39
C LEU TA 38 44.05 63.39 -17.65
N ALA TA 39 43.24 62.87 -16.72
CA ALA TA 39 42.02 63.50 -16.23
C ALA TA 39 41.05 63.77 -17.38
N ALA TA 40 41.13 62.94 -18.41
CA ALA TA 40 40.25 63.02 -19.57
C ALA TA 40 39.02 62.16 -19.32
N SER TA 41 38.24 61.89 -20.38
CA SER TA 41 36.98 61.16 -20.25
C SER TA 41 37.06 59.74 -20.76
N THR TA 42 37.78 59.50 -21.86
CA THR TA 42 37.95 58.13 -22.34
C THR TA 42 38.78 57.24 -21.40
N PRO TA 43 39.91 57.66 -20.83
CA PRO TA 43 40.80 56.70 -20.17
C PRO TA 43 40.20 56.13 -18.90
N GLN TA 44 40.99 55.25 -18.27
CA GLN TA 44 40.54 54.56 -17.06
C GLN TA 44 40.35 55.52 -15.90
N GLY TA 45 41.24 56.49 -15.74
CA GLY TA 45 41.14 57.42 -14.63
C GLY TA 45 39.85 58.23 -14.63
N SER TA 46 39.21 58.37 -15.79
CA SER TA 46 37.97 59.12 -15.88
C SER TA 46 36.89 58.50 -15.00
N LEU TA 47 36.71 57.18 -15.09
CA LEU TA 47 35.66 56.52 -14.32
C LEU TA 47 35.93 56.61 -12.82
N VAL TA 48 37.21 56.46 -12.43
CA VAL TA 48 37.56 56.56 -11.03
C VAL TA 48 37.28 57.96 -10.49
N ALA TA 49 37.70 58.98 -11.24
CA ALA TA 49 37.45 60.35 -10.82
C ALA TA 49 35.96 60.65 -10.77
N ALA TA 50 35.21 60.15 -11.76
CA ALA TA 50 33.77 60.41 -11.79
C ALA TA 50 33.05 59.74 -10.62
N GLU TA 51 33.42 58.51 -10.30
CA GLU TA 51 32.75 57.82 -9.19
C GLU TA 51 33.12 58.41 -7.85
N ALA TA 52 34.38 58.83 -7.67
CA ALA TA 52 34.79 59.51 -6.46
C ALA TA 52 34.09 60.85 -6.29
N ILE TA 53 33.45 61.37 -7.33
CA ILE TA 53 32.64 62.56 -7.26
C ILE TA 53 31.16 62.24 -7.06
N ALA TA 54 30.68 61.17 -7.69
CA ALA TA 54 29.32 60.74 -7.43
C ALA TA 54 29.12 60.44 -5.95
N ARG TA 55 30.02 59.64 -5.37
CA ARG TA 55 29.93 59.35 -3.94
C ARG TA 55 30.17 60.59 -3.08
N SER TA 56 31.07 61.48 -3.50
CA SER TA 56 31.30 62.70 -2.73
C SER TA 56 30.03 63.56 -2.68
N SER TA 57 29.36 63.74 -3.82
CA SER TA 57 28.12 64.52 -3.82
C SER TA 57 27.04 63.84 -3.00
N VAL TA 58 26.94 62.51 -3.11
CA VAL TA 58 25.93 61.78 -2.33
C VAL TA 58 26.17 61.98 -0.85
N MET TA 59 27.44 61.87 -0.42
CA MET TA 59 27.76 62.08 0.99
C MET TA 59 27.44 63.50 1.41
N ARG TA 60 27.77 64.48 0.58
CA ARG TA 60 27.53 65.88 0.95
C ARG TA 60 26.05 66.16 1.09
N ASN TA 61 25.21 65.62 0.20
CA ASN TA 61 23.77 65.80 0.32
C ASN TA 61 23.23 65.10 1.56
N GLU TA 62 23.59 63.82 1.74
CA GLU TA 62 22.98 63.01 2.78
C GLU TA 62 23.50 63.38 4.16
N ALA TA 63 24.64 64.07 4.25
CA ALA TA 63 25.11 64.54 5.54
C ALA TA 63 24.33 65.76 6.00
N ARG TA 64 23.94 66.63 5.07
CA ARG TA 64 23.08 67.76 5.44
C ARG TA 64 21.66 67.29 5.74
N ILE TA 65 21.10 66.42 4.89
CA ILE TA 65 19.67 66.12 5.04
C ILE TA 65 19.36 65.55 6.41
N ALA TA 66 20.36 64.96 7.08
CA ALA TA 66 20.14 64.44 8.43
C ALA TA 66 20.27 65.53 9.49
N ASN TA 67 20.78 66.71 9.13
CA ASN TA 67 20.88 67.81 10.10
C ASN TA 67 19.50 68.28 10.54
N THR TA 68 18.72 68.76 9.60
CA THR TA 68 17.46 69.42 9.90
C THR TA 68 16.28 68.67 9.30
N ILE TA 69 17.46 70.58 15.07
CA ILE TA 69 16.72 70.31 13.84
C ILE TA 69 15.57 71.29 13.69
N ASN TA 70 15.43 71.86 12.50
CA ASN TA 70 14.40 72.85 12.26
C ASN TA 70 13.02 72.22 12.47
N PRO TA 71 12.12 72.89 13.17
CA PRO TA 71 10.75 72.33 13.32
C PRO TA 71 10.07 72.09 11.98
N ASN TA 72 10.23 73.00 11.03
CA ASN TA 72 9.77 72.76 9.68
C ASN TA 72 10.79 71.92 8.93
N VAL TA 73 10.49 71.59 7.67
CA VAL TA 73 11.38 70.84 6.79
C VAL TA 73 11.57 69.41 7.28
N SER TA 74 11.44 69.18 8.58
CA SER TA 74 11.63 67.86 9.16
C SER TA 74 10.46 66.94 8.81
N PHE TA 75 10.63 65.66 9.14
CA PHE TA 75 9.67 64.62 8.80
C PHE TA 75 10.02 63.36 9.59
N GLY TA 76 9.03 62.77 10.23
CA GLY TA 76 9.27 61.51 10.91
C GLY TA 76 10.16 61.63 12.13
N THR TA 77 11.36 62.19 11.93
CA THR TA 77 12.21 62.59 13.04
C THR TA 77 11.64 63.79 13.77
N PHE TA 78 10.67 64.49 13.17
CA PHE TA 78 10.00 65.60 13.83
C PHE TA 78 9.23 65.19 15.08
N LEU TA 79 8.94 63.89 15.22
CA LEU TA 79 8.21 63.45 16.39
C LEU TA 79 8.99 63.68 17.68
N ASP TA 80 10.32 63.69 17.62
CA ASP TA 80 11.13 64.04 18.77
C ASP TA 80 11.09 65.53 19.11
N ALA TA 81 11.25 66.39 18.11
CA ALA TA 81 11.11 67.82 18.36
C ALA TA 81 9.72 68.15 18.88
N ILE TA 82 8.74 67.34 18.51
CA ILE TA 82 7.41 67.47 19.11
C ILE TA 82 7.43 66.99 20.55
N CYS TA 83 8.06 65.86 20.81
CA CYS TA 83 8.00 65.23 22.12
C CYS TA 83 8.96 65.85 23.12
N ALA TA 84 9.82 66.78 22.69
CA ALA TA 84 10.63 67.53 23.65
C ALA TA 84 9.76 68.31 24.61
N LEU TA 85 8.66 68.87 24.11
CA LEU TA 85 7.73 69.62 24.95
C LEU TA 85 6.37 68.93 25.04
N MET TA 86 5.71 68.70 23.90
CA MET TA 86 4.39 68.07 23.90
C MET TA 86 4.49 66.61 24.33
N GLY TA 87 3.47 66.14 25.04
CA GLY TA 87 3.47 64.76 25.47
C GLY TA 87 3.44 63.80 24.31
N ILE TA 88 2.47 63.96 23.40
CA ILE TA 88 2.35 63.11 22.23
C ILE TA 88 1.39 63.80 21.27
N GLU TA 89 1.43 63.40 20.00
CA GLU TA 89 0.57 64.06 19.01
C GLU TA 89 -0.89 63.59 19.11
N ARG TA 90 -1.15 62.33 18.77
CA ARG TA 90 -2.50 61.77 18.79
C ARG TA 90 -2.39 60.25 18.96
N GLY TA 91 -3.53 59.58 18.80
CA GLY TA 91 -3.60 58.14 18.78
C GLY TA 91 -4.56 57.67 17.70
N SER TA 92 -4.91 56.38 17.70
CA SER TA 92 -5.78 55.80 16.68
C SER TA 92 -6.81 54.91 17.37
N ASP TA 93 -7.96 55.47 17.71
CA ASP TA 93 -9.06 54.74 18.33
C ASP TA 93 -10.29 54.78 17.43
N LEU TA 94 -11.33 54.08 17.86
CA LEU TA 94 -12.54 53.87 17.07
C LEU TA 94 -13.73 54.56 17.72
N SER TA 95 -14.77 54.76 16.93
CA SER TA 95 -15.99 55.43 17.38
C SER TA 95 -17.01 54.40 17.88
N THR TA 96 -16.63 53.69 18.93
CA THR TA 96 -17.50 52.65 19.47
C THR TA 96 -18.77 53.27 20.03
N PHE TA 97 -19.87 52.52 19.95
CA PHE TA 97 -21.18 52.99 20.39
C PHE TA 97 -21.71 52.11 21.52
N GLY TA 98 -22.96 52.36 21.87
CA GLY TA 98 -23.67 51.58 22.87
C GLY TA 98 -25.12 52.02 22.91
N TYR TA 99 -25.88 51.34 23.76
CA TYR TA 99 -27.29 51.67 24.02
C TYR TA 99 -28.15 51.61 22.76
N GLY TA 100 -27.74 50.82 21.76
CA GLY TA 100 -28.51 50.70 20.55
C GLY TA 100 -29.74 49.83 20.72
N VAL TA 101 -30.57 49.82 19.68
CA VAL TA 101 -31.79 49.01 19.67
C VAL TA 101 -32.19 48.78 18.23
N GLN TA 102 -32.92 47.69 17.99
CA GLN TA 102 -33.30 47.29 16.64
C GLN TA 102 -34.77 46.87 16.62
N VAL TA 103 -35.37 46.96 15.44
CA VAL TA 103 -36.74 46.51 15.24
C VAL TA 103 -36.71 45.08 14.71
N THR TA 104 -37.27 44.15 15.48
CA THR TA 104 -37.16 42.74 15.16
C THR TA 104 -38.49 42.04 15.42
N GLY TA 105 -38.54 40.74 15.11
CA GLY TA 105 -39.71 39.93 15.31
C GLY TA 105 -39.65 39.09 16.56
N ARG TA 106 -39.99 37.81 16.46
CA ARG TA 106 -40.08 36.94 17.62
C ARG TA 106 -38.95 35.92 17.59
N SER TA 107 -38.19 35.84 18.69
CA SER TA 107 -37.16 34.82 18.90
C SER TA 107 -36.20 34.74 17.71
N GLN TA 108 -35.49 35.84 17.47
CA GLN TA 108 -34.46 35.88 16.45
C GLN TA 108 -33.08 35.87 17.09
N THR TA 109 -32.13 35.26 16.41
CA THR TA 109 -30.75 35.15 16.87
C THR TA 109 -29.91 36.12 16.05
N ARG TA 110 -29.55 37.26 16.64
CA ARG TA 110 -28.72 38.22 15.94
C ARG TA 110 -27.31 37.67 15.76
N ILE TA 111 -26.53 38.36 14.95
CA ILE TA 111 -25.23 37.89 14.50
C ILE TA 111 -24.16 38.90 14.88
N SER TA 112 -23.01 38.40 15.34
CA SER TA 112 -21.88 39.28 15.58
C SER TA 112 -21.39 39.87 14.27
N THR TA 113 -21.08 41.16 14.29
CA THR TA 113 -20.71 41.92 13.09
C THR TA 113 -21.77 41.79 12.01
N GLY TA 114 -23.04 41.80 12.42
CA GLY TA 114 -24.11 42.06 11.47
C GLY TA 114 -24.04 43.51 11.07
N SER TA 115 -23.59 43.77 9.85
CA SER TA 115 -23.19 45.12 9.48
C SER TA 115 -24.41 46.02 9.25
N ARG TA 116 -24.39 47.20 9.86
CA ARG TA 116 -25.37 48.24 9.62
C ARG TA 116 -24.65 49.43 8.99
N VAL TA 117 -25.22 50.00 7.94
CA VAL TA 117 -24.58 51.04 7.17
C VAL TA 117 -25.43 52.30 7.24
N GLN TA 118 -24.85 53.37 7.76
CA GLN TA 118 -25.49 54.68 7.67
C GLN TA 118 -25.28 55.27 6.29
N THR TA 119 -26.19 56.15 5.90
CA THR TA 119 -26.05 56.83 4.61
C THR TA 119 -24.74 57.58 4.45
N PRO TA 120 -24.19 58.29 5.46
CA PRO TA 120 -22.87 58.91 5.28
C PRO TA 120 -21.73 57.94 5.62
N ALA TA 121 -21.64 56.85 4.84
CA ALA TA 121 -20.57 55.87 4.96
C ALA TA 121 -20.48 55.31 6.38
N GLY TA 122 -21.56 54.66 6.78
CA GLY TA 122 -21.63 54.07 8.12
C GLY TA 122 -20.70 52.90 8.29
N ALA TA 123 -20.98 51.79 7.60
CA ALA TA 123 -20.20 50.56 7.69
C ALA TA 123 -19.90 50.22 9.16
N ILE TA 124 -20.97 49.98 9.91
CA ILE TA 124 -20.90 49.80 11.35
C ILE TA 124 -21.29 48.35 11.67
N PHE TA 125 -20.42 47.66 12.40
CA PHE TA 125 -20.66 46.26 12.75
C PHE TA 125 -21.45 46.19 14.05
N THR TA 126 -21.58 44.98 14.59
CA THR TA 126 -22.09 44.76 15.94
C THR TA 126 -20.97 44.17 16.79
N VAL TA 127 -21.04 44.41 18.11
CA VAL TA 127 -19.91 44.11 18.98
C VAL TA 127 -20.16 42.82 19.74
N MET TA 128 -21.41 42.54 20.10
CA MET TA 128 -21.76 41.28 20.73
C MET TA 128 -22.96 40.67 20.02
N SER TA 129 -23.17 39.38 20.27
CA SER TA 129 -24.29 38.65 19.70
C SER TA 129 -25.47 38.65 20.67
N ASP TA 130 -26.66 38.81 20.13
CA ASP TA 130 -27.88 38.91 20.93
C ASP TA 130 -28.96 38.01 20.37
N VAL TA 131 -29.86 37.57 21.24
CA VAL TA 131 -31.07 36.85 20.86
C VAL TA 131 -32.26 37.72 21.20
N THR TA 132 -33.19 37.86 20.26
CA THR TA 132 -34.32 38.74 20.48
C THR TA 132 -35.43 38.01 21.23
N ILE TA 133 -36.54 38.71 21.44
CA ILE TA 133 -37.64 38.22 22.26
C ILE TA 133 -38.96 38.53 21.58
N PRO TA 134 -40.02 37.81 21.94
CA PRO TA 134 -41.35 38.08 21.34
C PRO TA 134 -41.83 39.50 21.53
N ALA TA 135 -41.20 40.29 22.41
CA ALA TA 135 -41.55 41.70 22.51
C ALA TA 135 -41.25 42.44 21.21
N GLY TA 136 -40.11 42.14 20.58
CA GLY TA 136 -39.73 42.75 19.33
C GLY TA 136 -38.68 43.82 19.41
N GLY TA 137 -38.10 44.06 20.59
CA GLY TA 137 -37.08 45.08 20.73
C GLY TA 137 -35.94 44.67 21.65
N VAL TA 138 -34.72 44.70 21.15
CA VAL TA 138 -33.54 44.30 21.92
C VAL TA 138 -32.41 45.27 21.63
N ALA TA 139 -31.41 45.26 22.51
CA ALA TA 139 -30.28 46.19 22.44
C ALA TA 139 -29.08 45.51 21.78
N THR TA 140 -28.45 46.22 20.85
CA THR TA 140 -27.23 45.77 20.18
C THR TA 140 -26.22 46.90 20.18
N ILE TA 141 -24.94 46.53 20.11
CA ILE TA 141 -23.84 47.46 20.28
C ILE TA 141 -23.13 47.64 18.95
N ASP TA 142 -22.50 48.80 18.76
CA ASP TA 142 -21.95 49.21 17.47
C ASP TA 142 -20.48 49.57 17.59
N ILE TA 143 -19.68 49.15 16.62
CA ILE TA 143 -18.29 49.57 16.47
C ILE TA 143 -18.02 49.86 15.01
N LYS TA 144 -17.32 50.96 14.74
CA LYS TA 144 -17.06 51.37 13.38
C LYS TA 144 -16.01 50.46 12.77
N SER TA 145 -16.25 50.01 11.53
CA SER TA 145 -15.29 49.20 10.79
C SER TA 145 -14.02 49.96 10.42
N GLN TA 146 -14.00 51.28 10.56
CA GLN TA 146 -12.83 52.09 10.31
C GLN TA 146 -12.37 52.75 11.61
N GLU TA 147 -11.21 53.41 11.56
CA GLU TA 147 -10.57 53.98 12.74
C GLU TA 147 -10.50 55.50 12.69
N TYR TA 148 -11.57 56.15 12.26
CA TYR TA 148 -11.63 57.61 12.21
C TYR TA 148 -12.82 58.12 13.00
N GLY TA 149 -12.92 59.45 13.11
CA GLY TA 149 -14.00 60.08 13.84
C GLY TA 149 -15.24 60.34 13.00
N ASN TA 150 -16.24 59.48 13.13
CA ASN TA 150 -17.49 59.62 12.42
C ASN TA 150 -18.63 59.84 13.42
N ILE TA 151 -19.82 60.10 12.89
CA ILE TA 151 -20.99 60.37 13.73
C ILE TA 151 -22.19 59.62 13.19
N PRO TA 152 -23.08 59.21 14.09
CA PRO TA 152 -24.32 58.56 13.67
C PRO TA 152 -25.49 59.53 13.54
N LEU TA 153 -26.32 59.27 12.53
CA LEU TA 153 -27.48 60.11 12.25
C LEU TA 153 -28.56 59.90 13.31
N PRO TA 154 -29.46 60.88 13.49
CA PRO TA 154 -30.47 60.77 14.55
C PRO TA 154 -31.39 59.57 14.42
N VAL TA 155 -31.71 59.15 13.20
CA VAL TA 155 -32.63 58.04 12.99
C VAL TA 155 -31.84 56.84 12.49
N GLY TA 156 -32.46 55.67 12.63
CA GLY TA 156 -31.92 54.49 11.97
C GLY TA 156 -31.98 54.65 10.46
N ASN TA 157 -30.97 54.11 9.78
CA ASN TA 157 -30.86 54.29 8.34
C ASN TA 157 -31.09 53.00 7.56
N LEU TA 158 -30.28 51.97 7.81
CA LEU TA 158 -30.30 50.77 6.98
C LEU TA 158 -29.79 49.60 7.80
N ILE TA 159 -30.13 48.40 7.34
CA ILE TA 159 -29.54 47.16 7.85
C ILE TA 159 -29.08 46.32 6.65
N ILE TA 160 -27.88 45.78 6.73
CA ILE TA 160 -27.31 45.03 5.63
C ILE TA 160 -27.46 43.54 5.90
N ILE TA 161 -26.81 43.07 6.96
CA ILE TA 161 -26.89 41.67 7.36
C ILE TA 161 -28.20 41.46 8.11
N ASP TA 162 -29.15 40.78 7.47
CA ASP TA 162 -30.50 40.66 8.01
C ASP TA 162 -30.99 39.22 7.87
N GLY TA 163 -31.91 38.85 8.76
CA GLY TA 163 -32.55 37.55 8.69
C GLY TA 163 -33.97 37.63 8.19
N THR TA 164 -34.30 38.72 7.48
CA THR TA 164 -35.62 39.01 6.95
C THR TA 164 -36.70 39.05 8.01
N ILE TA 165 -36.33 39.02 9.29
CA ILE TA 165 -37.27 39.16 10.39
C ILE TA 165 -36.99 40.40 11.23
N GLY TA 166 -35.72 40.67 11.51
CA GLY TA 166 -35.33 41.96 12.06
C GLY TA 166 -35.43 43.02 10.97
N TRP TA 167 -36.32 43.99 11.14
CA TRP TA 167 -36.66 44.89 10.04
C TRP TA 167 -35.74 46.10 9.93
N SER TA 168 -35.37 46.72 11.04
CA SER TA 168 -34.63 47.97 10.95
C SER TA 168 -33.90 48.25 12.26
N GLY TA 169 -32.70 48.82 12.13
CA GLY TA 169 -31.96 49.29 13.29
C GLY TA 169 -32.47 50.65 13.70
N ALA TA 170 -32.70 50.81 15.00
CA ALA TA 170 -33.33 52.01 15.54
C ALA TA 170 -32.32 52.80 16.35
N LYS TA 171 -32.11 54.06 15.99
CA LYS TA 171 -31.28 54.98 16.73
C LYS TA 171 -32.16 55.83 17.63
N VAL TA 172 -31.80 55.92 18.91
CA VAL TA 172 -32.62 56.64 19.88
C VAL TA 172 -31.83 57.82 20.44
N ILE TA 173 -32.44 58.54 21.39
CA ILE TA 173 -31.79 59.69 22.00
C ILE TA 173 -30.95 59.25 23.20
N ALA TA 174 -31.33 58.15 23.87
CA ALA TA 174 -30.60 57.70 25.04
C ALA TA 174 -29.19 57.21 24.71
N SER TA 175 -28.93 56.89 23.44
CA SER TA 175 -27.65 56.29 23.07
C SER TA 175 -26.50 57.28 23.23
N THR TA 176 -25.31 56.74 23.43
CA THR TA 176 -24.09 57.52 23.58
C THR TA 176 -23.29 57.56 22.28
N ARG TA 177 -22.45 58.59 22.16
CA ARG TA 177 -21.59 58.78 21.00
C ARG TA 177 -20.20 59.12 21.54
N VAL TA 178 -19.29 58.16 21.48
CA VAL TA 178 -17.91 58.36 21.90
C VAL TA 178 -17.08 58.69 20.67
N ASP TA 179 -16.41 59.83 20.68
CA ASP TA 179 -15.71 60.30 19.49
C ASP TA 179 -14.24 59.92 19.54
N PRO TA 180 -13.70 59.30 18.48
CA PRO TA 180 -12.28 58.94 18.47
C PRO TA 180 -11.41 59.99 17.82
N GLY TA 181 -10.09 59.79 17.86
CA GLY TA 181 -9.16 60.60 17.11
C GLY TA 181 -8.88 60.03 15.73
N SER TA 182 -8.04 60.73 14.98
CA SER TA 182 -7.69 60.34 13.61
C SER TA 182 -6.18 60.43 13.41
N ARG TA 183 -5.48 59.33 13.69
CA ARG TA 183 -4.11 59.09 13.24
C ARG TA 183 -3.21 60.30 13.45
N GLN TA 184 -2.44 60.67 12.43
CA GLN TA 184 -1.54 61.81 12.48
C GLN TA 184 -1.35 62.35 11.08
N MET TA 185 -0.89 63.60 11.02
CA MET TA 185 -0.45 64.23 9.78
C MET TA 185 0.71 65.14 10.12
N SER TA 186 1.86 64.92 9.48
CA SER TA 186 3.04 65.74 9.78
C SER TA 186 2.78 67.20 9.43
N ASP TA 187 2.10 67.44 8.30
CA ASP TA 187 1.72 68.80 7.92
C ASP TA 187 0.73 69.43 8.89
N ALA TA 188 0.02 68.63 9.69
CA ALA TA 188 -0.81 69.14 10.77
C ALA TA 188 -0.06 69.25 12.09
N GLU TA 189 0.98 68.42 12.28
CA GLU TA 189 1.85 68.58 13.43
C GLU TA 189 2.62 69.88 13.37
N LEU TA 190 3.11 70.26 12.19
CA LEU TA 190 3.75 71.57 12.04
C LEU TA 190 2.82 72.71 12.44
N LYS TA 191 1.50 72.51 12.36
CA LYS TA 191 0.52 73.53 12.71
C LYS TA 191 0.25 73.56 14.21
N ASN TA 192 -0.09 72.40 14.78
CA ASN TA 192 -0.46 72.38 16.19
C ASN TA 192 0.74 72.41 17.13
N ALA TA 193 1.96 72.30 16.61
CA ALA TA 193 3.15 72.38 17.46
C ALA TA 193 3.22 73.74 18.15
N ARG TA 194 2.97 74.81 17.41
CA ARG TA 194 3.13 76.15 17.97
C ARG TA 194 2.07 76.43 19.02
N VAL TA 195 1.08 75.54 19.15
CA VAL TA 195 -0.02 75.79 20.07
C VAL TA 195 0.08 74.89 21.29
N ASN TA 196 0.45 73.63 21.11
CA ASN TA 196 0.28 72.63 22.17
C ASN TA 196 1.38 72.61 23.23
N ARG TA 197 2.15 73.68 23.40
CA ARG TA 197 3.25 73.64 24.36
C ARG TA 197 2.84 74.16 25.74
N LEU TA 198 2.98 73.30 26.75
CA LEU TA 198 2.48 73.57 28.09
C LEU TA 198 3.66 73.71 29.06
N ALA TA 199 3.40 74.38 30.19
CA ALA TA 199 4.47 75.00 30.96
C ALA TA 199 4.63 74.38 32.36
N ILE TA 200 5.70 74.78 33.08
CA ILE TA 200 6.23 74.01 34.20
C ILE TA 200 6.41 74.77 35.52
N GLN TA 201 5.55 75.74 35.83
CA GLN TA 201 5.23 76.02 37.23
C GLN TA 201 3.84 75.50 37.55
N GLY TA 202 3.24 76.02 38.62
CA GLY TA 202 1.90 75.67 39.05
C GLY TA 202 0.85 75.69 37.95
N ARG TA 203 1.25 76.01 36.72
CA ARG TA 203 0.42 75.89 35.53
C ARG TA 203 -0.75 76.86 35.52
N ASN TA 204 -0.45 78.16 35.49
CA ASN TA 204 -1.45 79.20 35.68
C ASN TA 204 -1.37 80.31 34.65
N SER TA 205 -0.83 80.05 33.46
CA SER TA 205 -0.76 81.09 32.45
C SER TA 205 -1.82 80.88 31.37
N THR TA 206 -2.12 81.98 30.65
CA THR TA 206 -3.09 81.92 29.57
C THR TA 206 -2.63 80.97 28.47
N MET TA 207 -1.37 81.10 28.05
CA MET TA 207 -0.82 80.17 27.08
C MET TA 207 -0.81 78.74 27.61
N ALA TA 208 -0.54 78.57 28.91
CA ALA TA 208 -0.65 77.24 29.50
C ALA TA 208 -2.06 76.70 29.40
N ILE TA 209 -3.07 77.53 29.69
CA ILE TA 209 -4.46 77.08 29.57
C ILE TA 209 -4.77 76.68 28.15
N LYS TA 210 -4.38 77.52 27.19
CA LYS TA 210 -4.69 77.25 25.79
C LYS TA 210 -4.03 75.95 25.33
N ALA TA 211 -2.78 75.74 25.69
CA ALA TA 211 -2.06 74.54 25.28
C ALA TA 211 -2.59 73.29 25.97
N TYR TA 212 -2.95 73.39 27.25
CA TYR TA 212 -3.49 72.24 27.96
C TYR TA 212 -4.87 71.86 27.44
N VAL TA 213 -5.71 72.86 27.14
CA VAL TA 213 -7.03 72.57 26.62
C VAL TA 213 -6.94 72.02 25.20
N SER TA 214 -6.04 72.57 24.39
CA SER TA 214 -5.93 72.12 23.01
C SER TA 214 -5.45 70.68 22.90
N ALA TA 215 -4.84 70.14 23.95
CA ALA TA 215 -4.36 68.76 23.90
C ALA TA 215 -5.44 67.75 24.25
N VAL TA 216 -6.58 68.19 24.78
CA VAL TA 216 -7.68 67.27 25.05
C VAL TA 216 -8.19 66.71 23.74
N PRO TA 217 -8.56 65.43 23.66
CA PRO TA 217 -9.07 64.89 22.39
C PRO TA 217 -10.37 65.54 21.97
N ASN TA 218 -10.60 65.55 20.66
CA ASN TA 218 -11.81 66.00 19.97
C ASN TA 218 -11.97 67.52 19.93
N VAL TA 219 -11.09 68.28 20.57
CA VAL TA 219 -11.23 69.73 20.63
C VAL TA 219 -10.51 70.33 19.42
N THR TA 220 -11.28 70.85 18.47
CA THR TA 220 -10.68 71.36 17.24
C THR TA 220 -9.89 72.64 17.48
N SER TA 221 -10.48 73.61 18.18
CA SER TA 221 -9.83 74.90 18.38
C SER TA 221 -10.29 75.49 19.71
N VAL TA 222 -9.48 76.41 20.23
CA VAL TA 222 -9.73 77.07 21.50
C VAL TA 222 -9.32 78.53 21.40
N ASN TA 223 -10.05 79.41 22.08
CA ASN TA 223 -9.69 80.82 22.21
C ASN TA 223 -9.64 81.19 23.67
N VAL TA 224 -8.62 81.97 24.07
CA VAL TA 224 -8.46 82.43 25.44
C VAL TA 224 -8.05 83.89 25.42
N ILE TA 225 -8.69 84.69 26.27
CA ILE TA 225 -8.39 86.11 26.42
C ILE TA 225 -8.37 86.45 27.91
N GLU TA 226 -7.73 87.57 28.24
CA GLU TA 226 -7.54 87.95 29.64
C GLU TA 226 -7.41 89.46 29.77
N ASN TA 227 -7.97 90.01 30.86
CA ASN TA 227 -8.27 91.44 30.95
C ASN TA 227 -7.09 92.30 31.40
N ASN TA 228 -6.67 92.14 32.66
CA ASN TA 228 -5.56 92.87 33.30
C ASN TA 228 -5.90 94.33 33.66
N THR TA 229 -7.03 94.88 33.24
CA THR TA 229 -7.25 96.30 33.52
C THR TA 229 -8.54 96.60 34.26
N GLY TA 230 -9.64 95.95 33.89
CA GLY TA 230 -10.93 96.27 34.50
C GLY TA 230 -11.90 96.88 33.52
N ALA TA 231 -13.19 96.79 33.83
CA ALA TA 231 -14.28 97.26 32.96
C ALA TA 231 -14.23 96.43 31.67
N VAL TA 232 -13.80 96.98 30.55
CA VAL TA 232 -13.84 96.28 29.27
C VAL TA 232 -12.41 96.09 28.77
N GLN TA 233 -12.23 95.09 27.92
CA GLN TA 233 -10.96 94.75 27.29
C GLN TA 233 -11.07 94.93 25.79
N VAL TA 234 -9.92 95.14 25.14
CA VAL TA 234 -9.90 95.41 23.70
C VAL TA 234 -10.47 94.22 22.92
N VAL TA 235 -10.23 93.01 23.38
CA VAL TA 235 -10.87 91.83 22.79
C VAL TA 235 -12.30 91.78 23.28
N ASN TA 236 -13.15 91.01 22.58
CA ASN TA 236 -14.58 91.04 22.85
C ASN TA 236 -14.88 90.53 24.26
N GLY TA 237 -15.81 91.21 24.93
CA GLY TA 237 -16.22 90.86 26.27
C GLY TA 237 -16.55 92.09 27.11
N VAL TA 238 -17.72 92.10 27.73
CA VAL TA 238 -18.22 93.25 28.47
C VAL TA 238 -18.94 92.72 29.72
N SER TA 239 -18.29 92.85 30.89
CA SER TA 239 -18.86 92.46 32.17
C SER TA 239 -17.87 92.56 33.32
N PHE TA 240 -17.38 91.41 33.76
CA PHE TA 240 -16.58 91.32 34.97
C PHE TA 240 -15.25 92.04 34.79
N THR TA 241 -14.67 92.50 35.91
CA THR TA 241 -13.50 93.36 35.85
C THR TA 241 -12.21 92.58 35.59
N LEU TA 242 -12.10 91.34 36.09
CA LEU TA 242 -10.87 90.55 35.96
C LEU TA 242 -11.18 89.12 35.52
N PRO TA 243 -11.92 88.96 34.43
CA PRO TA 243 -12.37 87.61 34.05
C PRO TA 243 -11.49 86.91 33.02
N TYR TA 244 -11.83 85.66 32.70
CA TYR TA 244 -11.04 84.85 31.76
C TYR TA 244 -12.05 84.21 30.82
N ALA TA 245 -12.11 84.68 29.58
CA ALA TA 245 -13.09 84.19 28.62
C ALA TA 245 -12.44 83.14 27.74
N VAL TA 246 -12.93 81.90 27.84
CA VAL TA 246 -12.46 80.78 27.02
C VAL TA 246 -13.65 80.25 26.23
N TRP TA 247 -13.42 80.01 24.93
CA TRP TA 247 -14.48 79.79 23.95
C TRP TA 247 -14.25 78.48 23.20
N VAL TA 248 -14.05 77.41 23.97
CA VAL TA 248 -13.65 76.11 23.43
C VAL TA 248 -14.58 75.65 22.31
N CYS TA 249 -13.98 75.10 21.25
CA CYS TA 249 -14.69 74.49 20.13
C CYS TA 249 -14.46 72.98 20.21
N VAL TA 250 -15.36 72.28 20.89
CA VAL TA 250 -15.23 70.84 21.10
C VAL TA 250 -16.36 70.11 20.38
N ALA TA 251 -16.00 69.06 19.63
CA ALA TA 251 -17.02 68.21 19.04
C ALA TA 251 -17.82 67.50 20.11
N GLY TA 252 -17.16 67.01 21.15
CA GLY TA 252 -17.85 66.33 22.23
C GLY TA 252 -16.89 66.05 23.37
N ASN TA 253 -17.48 65.83 24.54
CA ASN TA 253 -16.74 65.57 25.77
C ASN TA 253 -17.29 64.31 26.43
N PRO TA 254 -16.92 63.13 25.95
CA PRO TA 254 -17.30 61.90 26.66
C PRO TA 254 -16.83 61.90 28.11
N ASP TA 255 -15.70 62.55 28.38
CA ASP TA 255 -15.35 62.96 29.73
C ASP TA 255 -15.84 64.39 29.92
N LYS TA 256 -17.15 64.52 30.15
CA LYS TA 256 -17.78 65.82 30.27
C LYS TA 256 -17.20 66.65 31.40
N GLN TA 257 -16.61 66.02 32.40
CA GLN TA 257 -15.96 66.72 33.49
C GLN TA 257 -14.47 66.93 33.26
N ALA TA 258 -13.82 66.04 32.52
CA ALA TA 258 -12.41 66.25 32.20
C ALA TA 258 -12.22 67.36 31.17
N VAL TA 259 -13.20 67.63 30.33
CA VAL TA 259 -13.15 68.84 29.53
C VAL TA 259 -13.20 70.07 30.43
N ALA TA 260 -13.71 69.93 31.64
CA ALA TA 260 -13.69 70.98 32.65
C ALA TA 260 -12.57 70.80 33.66
N ASP TA 261 -12.19 69.57 33.97
CA ASP TA 261 -11.07 69.36 34.89
C ASP TA 261 -9.75 69.80 34.27
N ALA TA 262 -9.61 69.63 32.95
CA ALA TA 262 -8.42 70.15 32.27
C ALA TA 262 -8.37 71.66 32.33
N LEU TA 263 -9.51 72.32 32.14
CA LEU TA 263 -9.56 73.77 32.32
C LEU TA 263 -9.21 74.15 33.74
N TRP TA 264 -9.76 73.43 34.72
CA TRP TA 264 -9.56 73.78 36.12
C TRP TA 264 -8.11 73.62 36.55
N ALA TA 265 -7.46 72.54 36.12
CA ALA TA 265 -6.09 72.28 36.56
C ALA TA 265 -5.14 73.38 36.14
N ALA TA 266 -5.30 73.89 34.92
CA ALA TA 266 -4.42 74.92 34.39
C ALA TA 266 -4.87 76.33 34.76
N HIS TA 267 -5.79 76.48 35.68
CA HIS TA 267 -6.53 77.73 35.82
C HIS TA 267 -6.27 78.34 37.19
N ASN TA 268 -5.87 79.62 37.19
CA ASN TA 268 -5.76 80.43 38.40
C ASN TA 268 -6.30 81.82 38.07
N GLY TA 269 -7.35 82.24 38.79
CA GLY TA 269 -8.00 83.50 38.53
C GLY TA 269 -9.50 83.42 38.71
N GLY TA 270 -10.26 84.01 37.79
CA GLY TA 270 -11.71 84.01 37.90
C GLY TA 270 -12.37 83.43 36.67
N THR TA 271 -13.54 82.80 36.88
CA THR TA 271 -14.27 82.12 35.81
C THR TA 271 -15.56 82.87 35.49
N PRO TA 272 -15.64 83.55 34.36
CA PRO TA 272 -16.90 84.13 33.90
C PRO TA 272 -17.58 83.22 32.88
N TRP TA 273 -18.82 83.58 32.53
CA TRP TA 273 -19.58 82.79 31.57
C TRP TA 273 -19.37 83.27 30.15
N ASP TA 274 -19.76 84.51 29.87
CA ASP TA 274 -19.61 85.15 28.56
C ASP TA 274 -18.91 86.48 28.75
N TYR TA 275 -17.77 86.42 29.47
CA TYR TA 275 -17.11 87.54 30.11
C TYR TA 275 -17.91 87.92 31.34
N GLY TA 276 -19.08 87.29 31.49
CA GLY TA 276 -19.92 87.43 32.66
C GLY TA 276 -21.36 87.82 32.35
N ALA TA 277 -21.55 88.80 31.46
CA ALA TA 277 -22.89 89.33 31.23
C ALA TA 277 -23.20 89.65 29.78
N THR TA 278 -22.33 89.31 28.83
CA THR TA 278 -22.62 89.63 27.44
C THR TA 278 -23.74 88.73 26.92
N ASN TA 279 -24.14 88.98 25.68
CA ASN TA 279 -25.28 88.34 25.07
C ASN TA 279 -24.86 87.55 23.85
N ASN TA 280 -25.81 86.75 23.34
CA ASN TA 280 -25.74 86.00 22.09
C ASN TA 280 -24.60 85.00 22.03
N GLY TA 281 -24.01 84.62 23.17
CA GLY TA 281 -23.11 83.49 23.23
C GLY TA 281 -23.78 82.39 24.04
N VAL TA 282 -23.70 81.16 23.53
CA VAL TA 282 -24.31 80.00 24.16
C VAL TA 282 -23.29 79.39 25.12
N PRO TA 283 -23.53 79.41 26.43
CA PRO TA 283 -22.65 78.72 27.37
C PRO TA 283 -23.11 77.28 27.58
N VAL TA 284 -22.29 76.53 28.33
CA VAL TA 284 -22.60 75.13 28.57
C VAL TA 284 -23.85 74.98 29.42
N ASP TA 285 -24.06 75.90 30.36
CA ASP TA 285 -25.29 75.97 31.13
C ASP TA 285 -25.32 77.30 31.86
N GLY TA 286 -26.48 77.62 32.44
CA GLY TA 286 -26.64 78.81 33.23
C GLY TA 286 -25.84 78.75 34.53
N PRO TA 287 -26.21 77.82 35.41
CA PRO TA 287 -25.38 77.56 36.59
C PRO TA 287 -24.05 76.93 36.21
N ASN TA 288 -23.20 76.76 37.21
CA ASN TA 288 -21.79 76.44 37.04
C ASN TA 288 -21.58 75.17 36.23
N GLY TA 289 -20.35 74.99 35.75
CA GLY TA 289 -19.94 73.77 35.08
C GLY TA 289 -19.72 72.60 36.02
N VAL TA 290 -19.44 72.88 37.30
CA VAL TA 290 -19.42 71.88 38.36
C VAL TA 290 -18.45 70.74 38.09
N PRO TA 291 -17.15 70.96 38.21
CA PRO TA 291 -16.21 69.82 38.21
C PRO TA 291 -16.44 68.95 39.44
N VAL TA 292 -15.98 67.70 39.33
CA VAL TA 292 -16.35 66.70 40.35
C VAL TA 292 -15.66 66.98 41.68
N ARG TA 293 -14.36 67.29 41.64
CA ARG TA 293 -13.56 67.32 42.86
C ARG TA 293 -12.15 67.73 42.50
N ASP TA 294 -11.39 68.17 43.53
CA ASP TA 294 -9.96 68.45 43.45
C ASP TA 294 -9.20 67.51 44.37
N PRO TA 295 -8.03 67.01 43.95
CA PRO TA 295 -7.28 66.07 44.80
C PRO TA 295 -6.53 66.74 45.94
N ALA TA 296 -6.55 68.07 46.04
CA ALA TA 296 -5.85 68.79 47.09
C ALA TA 296 -6.72 69.02 48.32
N SER TA 297 -7.74 68.19 48.52
CA SER TA 297 -8.70 68.35 49.61
C SER TA 297 -9.38 69.71 49.56
N GLY TA 298 -9.68 70.17 48.34
CA GLY TA 298 -10.35 71.45 48.15
C GLY TA 298 -11.65 71.33 47.39
N ARG TA 299 -12.75 71.71 48.02
CA ARG TA 299 -14.08 71.61 47.42
C ARG TA 299 -14.42 72.85 46.61
N LYS TA 300 -13.56 73.21 45.67
CA LYS TA 300 -13.73 74.38 44.81
C LYS TA 300 -14.26 73.93 43.47
N TYR TA 301 -15.46 74.40 43.11
CA TYR TA 301 -16.10 74.05 41.85
C TYR TA 301 -16.60 75.31 41.18
N VAL TA 302 -15.71 75.99 40.45
CA VAL TA 302 -16.07 77.14 39.63
C VAL TA 302 -15.37 76.98 38.28
N VAL TA 303 -16.09 76.43 37.31
CA VAL TA 303 -15.59 76.29 35.95
C VAL TA 303 -16.68 76.75 35.00
N LYS TA 304 -16.36 77.70 34.14
CA LYS TA 304 -17.35 78.31 33.26
C LYS TA 304 -16.72 78.54 31.89
N TRP TA 305 -17.31 77.96 30.85
CA TRP TA 305 -16.83 78.16 29.49
C TRP TA 305 -17.99 78.03 28.53
N THR TA 306 -17.82 78.64 27.35
CA THR TA 306 -18.86 78.70 26.34
C THR TA 306 -18.32 78.17 25.02
N THR TA 307 -19.26 77.76 24.16
CA THR TA 307 -19.03 77.22 22.82
C THR TA 307 -19.37 78.27 21.77
N PRO TA 308 -18.74 78.23 20.60
CA PRO TA 308 -19.00 79.27 19.60
C PRO TA 308 -20.39 79.13 19.01
N ILE TA 309 -20.92 80.27 18.55
CA ILE TA 309 -22.21 80.26 17.87
C ILE TA 309 -21.99 79.80 16.44
N MET TA 310 -22.52 78.62 16.13
CA MET TA 310 -22.24 77.97 14.85
C MET TA 310 -22.79 78.80 13.70
N TYR TA 311 -22.03 78.83 12.60
CA TYR TA 311 -22.43 79.55 11.41
C TYR TA 311 -22.45 78.60 10.23
N ASP TA 312 -22.67 79.16 9.04
CA ASP TA 312 -22.66 78.45 7.79
C ASP TA 312 -21.68 79.15 6.85
N GLY TA 313 -21.35 78.48 5.74
CA GLY TA 313 -20.43 79.05 4.78
C GLY TA 313 -20.97 78.93 3.37
N TYR TA 314 -20.43 79.78 2.49
CA TYR TA 314 -20.78 79.75 1.09
C TYR TA 314 -19.60 80.29 0.29
N VAL TA 315 -19.19 79.57 -0.75
CA VAL TA 315 -18.06 79.96 -1.59
C VAL TA 315 -18.49 79.87 -3.04
N ASN TA 316 -18.10 80.87 -3.84
CA ASN TA 316 -18.40 80.92 -5.26
C ASN TA 316 -17.18 81.42 -6.01
N VAL TA 317 -17.00 80.93 -7.23
CA VAL TA 317 -15.81 81.23 -8.01
C VAL TA 317 -16.18 81.24 -9.49
N THR TA 318 -15.43 82.03 -10.27
CA THR TA 318 -15.57 82.08 -11.73
C THR TA 318 -14.20 81.83 -12.33
N VAL TA 319 -14.05 80.69 -13.01
CA VAL TA 319 -12.76 80.20 -13.47
C VAL TA 319 -12.80 80.06 -14.98
N GLN TA 320 -11.64 80.27 -15.62
CA GLN TA 320 -11.46 79.95 -17.02
C GLN TA 320 -11.24 78.45 -17.19
N GLN TA 321 -11.01 78.02 -18.43
CA GLN TA 321 -10.86 76.59 -18.71
C GLN TA 321 -9.54 76.05 -18.17
N GLY TA 322 -8.53 76.90 -18.05
CA GLY TA 322 -7.22 76.44 -17.62
C GLY TA 322 -6.43 75.81 -18.75
N SER TA 323 -5.40 75.07 -18.37
CA SER TA 323 -4.54 74.39 -19.33
C SER TA 323 -4.81 72.90 -19.45
N SER TA 324 -5.28 72.26 -18.38
CA SER TA 324 -5.58 70.84 -18.38
C SER TA 324 -7.08 70.61 -18.24
N SER TA 325 -7.50 69.37 -18.51
CA SER TA 325 -8.90 68.98 -18.41
C SER TA 325 -9.24 68.76 -16.94
N VAL TA 326 -9.40 69.86 -16.22
CA VAL TA 326 -9.74 69.82 -14.80
C VAL TA 326 -11.25 69.67 -14.68
N ALA TA 327 -11.68 68.62 -13.99
CA ALA TA 327 -13.09 68.43 -13.74
C ALA TA 327 -13.57 69.44 -12.69
N PRO TA 328 -14.80 69.95 -12.83
CA PRO TA 328 -15.32 70.89 -11.82
C PRO TA 328 -15.53 70.24 -10.46
N GLU TA 329 -15.46 68.92 -10.37
CA GLU TA 329 -15.61 68.24 -9.10
C GLU TA 329 -14.34 68.34 -8.24
N ALA TA 330 -13.20 68.61 -8.86
CA ALA TA 330 -11.94 68.63 -8.13
C ALA TA 330 -11.78 69.91 -7.30
N ILE TA 331 -12.25 71.03 -7.83
CA ILE TA 331 -12.04 72.31 -7.16
C ILE TA 331 -12.78 72.37 -5.83
N GLN TA 332 -13.83 71.57 -5.67
CA GLN TA 332 -14.62 71.63 -4.44
C GLN TA 332 -13.83 71.09 -3.25
N ASN TA 333 -12.98 70.09 -3.47
CA ASN TA 333 -12.29 69.45 -2.36
C ASN TA 333 -11.14 70.30 -1.82
N ALA TA 334 -10.67 71.29 -2.57
CA ALA TA 334 -9.61 72.17 -2.07
C ALA TA 334 -10.08 72.99 -0.88
N VAL TA 335 -11.21 73.68 -1.04
CA VAL TA 335 -11.66 74.61 -0.01
C VAL TA 335 -12.09 73.86 1.24
N VAL TA 336 -12.61 72.63 1.09
CA VAL TA 336 -12.96 71.85 2.26
C VAL TA 336 -11.73 71.52 3.07
N ASN TA 337 -10.62 71.19 2.41
CA ASN TA 337 -9.38 70.92 3.12
C ASN TA 337 -8.84 72.18 3.78
N TYR TA 338 -8.92 73.31 3.08
CA TYR TA 338 -8.44 74.56 3.68
C TYR TA 338 -9.27 74.95 4.90
N ALA TA 339 -10.58 74.72 4.85
CA ALA TA 339 -11.42 74.96 6.01
C ALA TA 339 -11.10 74.00 7.14
N GLN TA 340 -10.89 72.73 6.81
CA GLN TA 340 -10.52 71.72 7.79
C GLN TA 340 -9.08 71.83 8.24
N GLY TA 341 -8.28 72.67 7.58
CA GLY TA 341 -6.91 72.90 8.00
C GLY TA 341 -5.99 71.70 7.85
N LYS TA 342 -6.07 71.00 6.72
CA LYS TA 342 -5.17 69.90 6.42
C LYS TA 342 -4.02 70.31 5.50
N VAL TA 343 -4.00 71.57 5.08
CA VAL TA 343 -2.92 72.09 4.25
C VAL TA 343 -1.76 72.48 5.16
N GLU TA 344 -0.57 72.53 4.60
CA GLU TA 344 0.65 72.86 5.33
C GLU TA 344 0.92 74.36 5.21
N GLY TA 345 0.64 75.10 6.28
CA GLY TA 345 0.93 76.52 6.32
C GLY TA 345 -0.24 77.39 6.76
N GLU TA 346 -1.45 77.03 6.34
CA GLU TA 346 -2.65 77.78 6.70
C GLU TA 346 -3.41 77.00 7.76
N GLU TA 347 -3.69 77.66 8.89
CA GLU TA 347 -4.16 76.95 10.08
C GLU TA 347 -5.52 76.31 9.86
N GLY TA 348 -6.45 77.01 9.21
CA GLY TA 348 -7.78 76.52 8.97
C GLY TA 348 -8.81 77.50 9.47
N LEU TA 349 -10.05 77.00 9.63
CA LEU TA 349 -11.16 77.82 10.11
C LEU TA 349 -11.32 77.58 11.61
N VAL TA 350 -10.94 78.59 12.40
CA VAL TA 350 -11.02 78.55 13.86
C VAL TA 350 -11.89 79.72 14.30
N VAL TA 351 -12.03 79.92 15.61
CA VAL TA 351 -12.72 81.10 16.10
C VAL TA 351 -12.15 82.35 15.46
N GLY TA 352 -13.04 83.25 15.04
CA GLY TA 352 -12.60 84.49 14.43
C GLY TA 352 -11.81 84.32 13.15
N ALA TA 353 -11.91 83.15 12.51
CA ALA TA 353 -11.21 82.94 11.25
C ALA TA 353 -11.85 83.78 10.17
N SER TA 354 -11.12 84.80 9.70
CA SER TA 354 -11.68 85.74 8.74
C SER TA 354 -11.85 85.10 7.37
N LEU TA 355 -13.05 84.56 7.12
CA LEU TA 355 -13.37 83.98 5.82
C LEU TA 355 -13.15 85.00 4.72
N SER TA 356 -12.22 84.73 3.81
CA SER TA 356 -11.86 85.68 2.78
C SER TA 356 -11.91 85.01 1.42
N ALA TA 357 -12.15 85.82 0.39
CA ALA TA 357 -12.06 85.32 -0.98
C ALA TA 357 -10.60 85.18 -1.42
N PHE TA 358 -9.73 86.07 -0.95
CA PHE TA 358 -8.32 85.97 -1.34
C PHE TA 358 -7.66 84.75 -0.72
N GLU TA 359 -7.79 84.58 0.60
CA GLU TA 359 -7.18 83.48 1.32
C GLU TA 359 -7.65 82.11 0.83
N VAL TA 360 -8.81 82.06 0.17
CA VAL TA 360 -9.38 80.80 -0.28
C VAL TA 360 -9.08 80.59 -1.76
N ALA TA 361 -9.38 81.59 -2.58
CA ALA TA 361 -9.21 81.47 -4.01
C ALA TA 361 -7.75 81.46 -4.42
N GLY TA 362 -6.85 81.97 -3.57
CA GLY TA 362 -5.44 81.80 -3.84
C GLY TA 362 -4.93 80.47 -3.35
N ALA TA 363 -5.51 79.94 -2.29
CA ALA TA 363 -5.13 78.64 -1.77
C ALA TA 363 -5.54 77.50 -2.69
N ILE TA 364 -6.68 77.62 -3.38
CA ILE TA 364 -7.10 76.55 -4.27
C ILE TA 364 -6.06 76.30 -5.36
N ALA TA 365 -5.33 77.35 -5.76
CA ALA TA 365 -4.29 77.17 -6.77
C ALA TA 365 -3.06 76.46 -6.23
N ARG TA 366 -2.91 76.35 -4.91
CA ARG TA 366 -1.76 75.68 -4.33
C ARG TA 366 -1.71 74.20 -4.66
N GLU TA 367 -2.80 73.62 -5.15
CA GLU TA 367 -2.85 72.20 -5.43
C GLU TA 367 -3.32 71.85 -6.84
N ILE TA 368 -3.99 72.76 -7.54
CA ILE TA 368 -4.37 72.52 -8.93
C ILE TA 368 -4.02 73.74 -9.77
N PRO TA 369 -2.72 74.00 -10.01
CA PRO TA 369 -2.35 75.19 -10.79
C PRO TA 369 -2.66 75.02 -12.27
N GLY TA 370 -2.33 76.01 -13.07
CA GLY TA 370 -2.57 75.98 -14.49
C GLY TA 370 -3.88 76.61 -14.94
N ILE TA 371 -4.75 76.96 -14.01
CA ILE TA 371 -6.03 77.58 -14.33
C ILE TA 371 -5.94 79.07 -14.05
N TYR TA 372 -6.72 79.85 -14.79
CA TYR TA 372 -6.83 81.29 -14.59
C TYR TA 372 -8.13 81.58 -13.86
N ILE TA 373 -8.03 82.25 -12.72
CA ILE TA 373 -9.19 82.60 -11.90
C ILE TA 373 -9.56 84.04 -12.26
N LYS TA 374 -10.60 84.19 -13.08
CA LYS TA 374 -11.04 85.53 -13.45
C LYS TA 374 -11.67 86.25 -12.28
N LEU TA 375 -12.48 85.55 -11.48
CA LEU TA 375 -13.19 86.19 -10.38
C LEU TA 375 -13.52 85.16 -9.31
N CYS TA 376 -13.61 85.63 -8.07
CA CYS TA 376 -14.07 84.82 -6.96
C CYS TA 376 -14.54 85.74 -5.84
N GLN TA 377 -15.76 85.51 -5.34
CA GLN TA 377 -16.32 86.32 -4.28
C GLN TA 377 -17.16 85.44 -3.37
N VAL TA 378 -17.04 85.67 -2.06
CA VAL TA 378 -17.58 84.76 -1.06
C VAL TA 378 -18.37 85.53 -0.01
N ALA TA 379 -19.28 84.83 0.66
CA ALA TA 379 -20.03 85.37 1.78
C ALA TA 379 -20.67 84.20 2.51
N CYS TA 380 -21.29 84.49 3.66
CA CYS TA 380 -21.86 83.43 4.47
C CYS TA 380 -23.12 83.96 5.16
N VAL TA 381 -23.78 83.07 5.91
CA VAL TA 381 -25.00 83.38 6.64
C VAL TA 381 -25.08 82.43 7.83
N ALA TA 382 -26.04 82.68 8.72
CA ALA TA 382 -26.23 81.82 9.88
C ALA TA 382 -26.60 80.41 9.44
N ALA TA 383 -26.23 79.44 10.26
CA ALA TA 383 -26.42 78.03 9.92
C ALA TA 383 -27.91 77.67 9.90
N GLY TA 384 -28.26 76.77 8.97
CA GLY TA 384 -29.63 76.35 8.80
C GLY TA 384 -30.58 77.42 8.28
N SER TA 385 -30.15 78.18 7.28
CA SER TA 385 -30.92 79.26 6.70
C SER TA 385 -30.67 79.29 5.21
N PRO TA 386 -31.59 79.87 4.42
CA PRO TA 386 -31.46 79.80 2.97
C PRO TA 386 -30.29 80.63 2.45
N ALA TA 387 -29.95 80.37 1.19
CA ALA TA 387 -28.80 81.00 0.57
C ALA TA 387 -29.04 82.50 0.38
N PRO TA 388 -27.96 83.29 0.38
CA PRO TA 388 -28.12 84.75 0.22
C PRO TA 388 -28.46 85.17 -1.20
N ALA TA 389 -28.65 86.47 -1.40
CA ALA TA 389 -29.01 87.00 -2.71
C ALA TA 389 -27.84 86.91 -3.67
N PRO TA 390 -28.11 86.91 -4.98
CA PRO TA 390 -27.01 86.88 -5.96
C PRO TA 390 -26.04 88.04 -5.82
N GLY TA 391 -26.52 89.21 -5.39
CA GLY TA 391 -25.66 90.35 -5.13
C GLY TA 391 -25.09 90.43 -3.74
N ASP TA 392 -25.31 89.40 -2.91
CA ASP TA 392 -24.90 89.41 -1.51
C ASP TA 392 -23.49 88.87 -1.31
N PHE TA 393 -22.61 89.01 -2.30
CA PHE TA 393 -21.29 88.40 -2.27
C PHE TA 393 -20.21 89.47 -2.34
N THR TA 394 -19.29 89.44 -1.38
CA THR TA 394 -18.18 90.37 -1.26
C THR TA 394 -16.87 89.59 -1.37
N SER TA 395 -15.77 90.28 -1.09
CA SER TA 395 -14.46 89.62 -1.04
C SER TA 395 -14.10 89.17 0.37
N GLU TA 396 -14.24 90.05 1.36
CA GLU TA 396 -13.89 89.74 2.74
C GLU TA 396 -15.13 89.41 3.55
N TYR TA 397 -14.90 88.87 4.75
CA TYR TA 397 -15.96 88.68 5.73
C TYR TA 397 -15.31 88.68 7.11
N VAL TA 398 -15.35 89.83 7.79
CA VAL TA 398 -14.69 89.95 9.08
C VAL TA 398 -15.50 89.21 10.15
N MET TA 399 -14.83 88.37 10.92
CA MET TA 399 -15.46 87.53 11.91
C MET TA 399 -15.21 88.07 13.31
N SER TA 400 -16.24 88.05 14.13
CA SER TA 400 -16.08 88.32 15.55
C SER TA 400 -15.49 87.10 16.24
N ALA TA 401 -15.10 87.29 17.49
CA ALA TA 401 -14.50 86.21 18.26
C ALA TA 401 -15.53 85.31 18.94
N PHE TA 402 -16.82 85.60 18.75
CA PHE TA 402 -17.87 84.79 19.36
C PHE TA 402 -18.07 83.46 18.63
N GLY TA 403 -17.82 83.40 17.33
CA GLY TA 403 -18.12 82.20 16.57
C GLY TA 403 -17.18 82.03 15.39
N GLN TA 404 -17.37 80.90 14.70
CA GLN TA 404 -16.53 80.54 13.56
C GLN TA 404 -17.40 79.95 12.46
N ALA TA 405 -16.89 79.99 11.24
CA ALA TA 405 -17.59 79.50 10.07
C ALA TA 405 -17.13 78.10 9.71
N THR TA 406 -17.98 77.40 8.95
CA THR TA 406 -17.67 76.08 8.43
C THR TA 406 -18.11 75.99 6.98
N ILE TA 407 -17.44 75.14 6.22
CA ILE TA 407 -17.69 75.01 4.79
C ILE TA 407 -18.04 73.56 4.48
N SER TA 408 -19.12 73.37 3.73
CA SER TA 408 -19.54 72.05 3.28
C SER TA 408 -19.44 71.97 1.76
N VAL TA 409 -19.57 70.74 1.25
CA VAL TA 409 -19.34 70.50 -0.18
C VAL TA 409 -20.44 71.13 -1.03
N GLY TA 410 -21.69 71.10 -0.54
CA GLY TA 410 -22.80 71.60 -1.33
C GLY TA 410 -22.85 73.11 -1.46
N ASN TA 411 -22.20 73.84 -0.54
CA ASN TA 411 -22.24 75.29 -0.59
C ASN TA 411 -21.41 75.83 -1.75
N VAL TA 412 -20.36 75.12 -2.15
CA VAL TA 412 -19.49 75.61 -3.21
C VAL TA 412 -20.18 75.45 -4.56
N ARG TA 413 -20.23 76.52 -5.33
CA ARG TA 413 -20.78 76.51 -6.69
C ARG TA 413 -19.71 77.00 -7.65
N VAL TA 414 -19.60 76.34 -8.79
CA VAL TA 414 -18.52 76.60 -9.75
C VAL TA 414 -19.13 76.87 -11.11
N THR TA 415 -18.65 77.93 -11.77
CA THR TA 415 -19.04 78.27 -13.13
C THR TA 415 -17.79 78.39 -13.97
N PHE TA 416 -17.72 77.62 -15.06
CA PHE TA 416 -16.58 77.67 -15.96
C PHE TA 416 -16.81 78.69 -17.07
N VAL TA 417 -17.02 79.94 -16.64
CA VAL TA 417 -17.30 81.02 -17.57
C VAL TA 417 -16.01 81.70 -17.99
N VAL UA 14 -22.93 -40.56 65.34
CA VAL UA 14 -22.73 -40.35 63.91
C VAL UA 14 -23.49 -39.09 63.49
N ALA UA 15 -24.44 -38.68 64.32
CA ALA UA 15 -25.25 -37.52 64.00
C ALA UA 15 -24.47 -36.22 64.13
N ASP UA 16 -23.69 -36.07 65.20
CA ASP UA 16 -23.05 -34.81 65.51
C ASP UA 16 -21.58 -35.02 65.86
N THR UA 17 -20.79 -33.97 65.66
CA THR UA 17 -19.36 -33.99 65.90
C THR UA 17 -19.01 -33.04 67.04
N ALA UA 18 -18.04 -33.45 67.86
CA ALA UA 18 -17.58 -32.65 68.98
C ALA UA 18 -16.24 -32.01 68.62
N ASP UA 19 -16.12 -30.70 68.86
CA ASP UA 19 -14.92 -29.96 68.52
C ASP UA 19 -14.37 -29.13 69.67
N VAL UA 20 -14.98 -29.21 70.86
CA VAL UA 20 -14.49 -28.43 71.98
C VAL UA 20 -13.15 -28.95 72.48
N LEU UA 21 -12.93 -30.26 72.39
CA LEU UA 21 -11.71 -30.88 72.88
C LEU UA 21 -10.63 -30.98 71.83
N SER UA 22 -10.85 -30.44 70.63
CA SER UA 22 -9.90 -30.61 69.53
C SER UA 22 -8.58 -29.92 69.82
N ASP UA 23 -8.63 -28.67 70.29
CA ASP UA 23 -7.41 -27.91 70.52
C ASP UA 23 -6.50 -28.59 71.53
N VAL UA 24 -7.09 -29.13 72.60
CA VAL UA 24 -6.31 -29.84 73.61
C VAL UA 24 -5.55 -31.00 73.00
N GLU UA 25 -6.15 -31.68 72.02
CA GLU UA 25 -5.51 -32.84 71.42
C GLU UA 25 -4.14 -32.51 70.88
N ALA UA 26 -4.04 -31.46 70.05
CA ALA UA 26 -2.74 -31.10 69.52
C ALA UA 26 -1.89 -30.35 70.54
N GLU UA 27 -2.50 -29.55 71.41
CA GLU UA 27 -1.72 -28.84 72.42
C GLU UA 27 -1.00 -29.79 73.34
N PHE UA 28 -1.47 -31.03 73.46
CA PHE UA 28 -0.74 -32.05 74.21
C PHE UA 28 -0.02 -33.05 73.32
N ARG UA 29 -0.44 -33.19 72.06
CA ARG UA 29 0.34 -33.99 71.12
C ARG UA 29 1.73 -33.41 70.94
N ALA UA 30 1.81 -32.09 70.75
CA ALA UA 30 3.11 -31.44 70.69
C ALA UA 30 3.87 -31.57 72.00
N ALA UA 31 3.18 -31.52 73.14
CA ALA UA 31 3.85 -31.59 74.43
C ALA UA 31 4.49 -32.96 74.65
N LEU UA 32 3.73 -34.04 74.46
CA LEU UA 32 4.31 -35.36 74.64
C LEU UA 32 5.14 -35.82 73.45
N GLY UA 33 5.12 -35.08 72.34
CA GLY UA 33 5.94 -35.45 71.21
C GLY UA 33 7.35 -34.90 71.24
N ALA UA 34 7.48 -33.57 71.26
CA ALA UA 34 8.80 -32.95 71.24
C ALA UA 34 9.37 -32.83 72.66
N ASN UA 35 8.69 -32.08 73.52
CA ASN UA 35 9.10 -31.87 74.91
C ASN UA 35 7.98 -31.11 75.60
N ILE UA 36 8.11 -30.95 76.91
CA ILE UA 36 7.15 -30.15 77.67
C ILE UA 36 7.67 -28.73 77.82
N ASN UA 37 7.37 -27.89 76.83
CA ASN UA 37 7.78 -26.50 76.79
C ASN UA 37 6.83 -25.73 75.88
N LEU UA 38 6.50 -24.51 76.31
CA LEU UA 38 5.77 -23.52 75.52
C LEU UA 38 4.37 -24.06 75.23
N ALA UA 39 3.99 -24.26 73.96
CA ALA UA 39 2.60 -24.40 73.55
C ALA UA 39 1.79 -23.18 73.96
N ALA UA 40 2.44 -22.03 73.98
CA ALA UA 40 1.81 -20.75 74.30
C ALA UA 40 1.32 -20.10 73.01
N SER UA 41 0.92 -18.83 73.08
CA SER UA 41 0.32 -18.16 71.93
C SER UA 41 1.29 -17.26 71.18
N THR UA 42 2.23 -16.63 71.88
CA THR UA 42 3.26 -15.86 71.19
C THR UA 42 4.22 -16.70 70.35
N PRO UA 43 4.75 -17.85 70.81
CA PRO UA 43 5.86 -18.47 70.09
C PRO UA 43 5.45 -19.05 68.74
N GLN UA 44 6.43 -19.69 68.10
CA GLN UA 44 6.20 -20.28 66.78
C GLN UA 44 5.31 -21.50 66.86
N GLY UA 45 5.38 -22.26 67.95
CA GLY UA 45 4.55 -23.44 68.07
C GLY UA 45 3.07 -23.11 68.13
N SER UA 46 2.74 -21.87 68.50
CA SER UA 46 1.34 -21.46 68.58
C SER UA 46 0.64 -21.60 67.23
N LEU UA 47 1.25 -21.06 66.17
CA LEU UA 47 0.61 -21.09 64.86
C LEU UA 47 0.50 -22.51 64.33
N VAL UA 48 1.54 -23.31 64.57
CA VAL UA 48 1.51 -24.70 64.11
C VAL UA 48 0.38 -25.47 64.80
N ALA UA 49 0.28 -25.32 66.13
CA ALA UA 49 -0.79 -26.00 66.86
C ALA UA 49 -2.16 -25.47 66.45
N ALA UA 50 -2.28 -24.16 66.24
CA ALA UA 50 -3.57 -23.58 65.86
C ALA UA 50 -4.01 -24.08 64.49
N GLU UA 51 -3.10 -24.14 63.53
CA GLU UA 51 -3.46 -24.61 62.20
C GLU UA 51 -3.75 -26.10 62.18
N ALA UA 52 -3.01 -26.90 62.98
CA ALA UA 52 -3.32 -28.32 63.08
C ALA UA 52 -4.67 -28.57 63.73
N ILE UA 53 -5.27 -27.56 64.35
CA ILE UA 53 -6.61 -27.68 64.91
C ILE UA 53 -7.66 -27.14 63.97
N ALA UA 54 -7.38 -26.02 63.30
CA ALA UA 54 -8.34 -25.53 62.30
C ALA UA 54 -8.54 -26.56 61.21
N ARG UA 55 -7.44 -27.11 60.69
CA ARG UA 55 -7.53 -28.11 59.62
C ARG UA 55 -8.18 -29.40 60.12
N SER UA 56 -7.97 -29.74 61.39
CA SER UA 56 -8.59 -30.95 61.93
C SER UA 56 -10.09 -30.75 62.09
N SER UA 57 -10.51 -29.56 62.55
CA SER UA 57 -11.94 -29.29 62.69
C SER UA 57 -12.63 -29.26 61.34
N VAL UA 58 -11.96 -28.71 60.32
CA VAL UA 58 -12.55 -28.74 58.98
C VAL UA 58 -12.83 -30.17 58.56
N MET UA 59 -11.87 -31.07 58.75
CA MET UA 59 -12.06 -32.45 58.35
C MET UA 59 -13.17 -33.10 59.19
N ARG UA 60 -13.20 -32.80 60.49
CA ARG UA 60 -14.21 -33.41 61.37
C ARG UA 60 -15.61 -33.00 60.95
N ASN UA 61 -15.80 -31.74 60.59
CA ASN UA 61 -17.10 -31.29 60.09
C ASN UA 61 -17.43 -31.93 58.75
N GLU UA 62 -16.49 -31.86 57.80
CA GLU UA 62 -16.80 -32.21 56.42
C GLU UA 62 -16.85 -33.71 56.21
N ALA UA 63 -16.30 -34.50 57.14
CA ALA UA 63 -16.44 -35.94 57.06
C ALA UA 63 -17.83 -36.39 57.49
N ARG UA 64 -18.42 -35.72 58.48
CA ARG UA 64 -19.80 -36.03 58.85
C ARG UA 64 -20.78 -35.49 57.81
N ILE UA 65 -20.57 -34.26 57.33
CA ILE UA 65 -21.59 -33.66 56.47
C ILE UA 65 -21.80 -34.49 55.21
N ALA UA 66 -20.81 -35.31 54.83
CA ALA UA 66 -20.98 -36.20 53.70
C ALA UA 66 -21.66 -37.51 54.08
N ASN UA 67 -21.83 -37.78 55.38
CA ASN UA 67 -22.53 -39.00 55.79
C ASN UA 67 -24.01 -38.94 55.45
N THR UA 68 -24.72 -37.99 56.06
CA THR UA 68 -26.15 -37.92 55.93
C THR UA 68 -26.57 -36.59 55.30
N ILE UA 69 -27.79 -42.42 53.64
CA ILE UA 69 -27.98 -41.01 53.92
C ILE UA 69 -29.41 -40.78 54.35
N ASN UA 70 -29.60 -39.90 55.34
CA ASN UA 70 -30.93 -39.61 55.82
C ASN UA 70 -31.77 -39.00 54.70
N PRO UA 71 -33.02 -39.43 54.53
CA PRO UA 71 -33.88 -38.81 53.51
C PRO UA 71 -34.03 -37.32 53.70
N ASN UA 72 -34.18 -36.86 54.93
CA ASN UA 72 -34.14 -35.43 55.22
C ASN UA 72 -32.69 -34.98 55.35
N VAL UA 73 -32.49 -33.69 55.60
CA VAL UA 73 -31.17 -33.09 55.81
C VAL UA 73 -30.33 -33.14 54.53
N SER UA 74 -30.60 -34.11 53.66
CA SER UA 74 -29.85 -34.28 52.44
C SER UA 74 -30.20 -33.20 51.41
N PHE UA 75 -29.41 -33.17 50.32
CA PHE UA 75 -29.55 -32.15 49.30
C PHE UA 75 -28.73 -32.54 48.07
N GLY UA 76 -29.32 -32.48 46.88
CA GLY UA 76 -28.56 -32.76 45.67
C GLY UA 76 -28.15 -34.21 45.54
N THR UA 77 -27.44 -34.72 46.55
CA THR UA 77 -27.23 -36.14 46.68
C THR UA 77 -28.51 -36.88 47.02
N PHE UA 78 -29.54 -36.14 47.44
CA PHE UA 78 -30.84 -36.75 47.73
C PHE UA 78 -31.50 -37.34 46.50
N LEU UA 79 -31.09 -36.94 45.30
CA LEU UA 79 -31.68 -37.50 44.10
C LEU UA 79 -31.35 -38.98 43.94
N ASP UA 80 -30.24 -39.45 44.50
CA ASP UA 80 -29.94 -40.87 44.50
C ASP UA 80 -30.83 -41.65 45.46
N ALA UA 81 -31.02 -41.14 46.68
CA ALA UA 81 -31.93 -41.78 47.61
C ALA UA 81 -33.36 -41.76 47.08
N ILE UA 82 -33.69 -40.76 46.27
CA ILE UA 82 -34.99 -40.76 45.59
C ILE UA 82 -35.02 -41.82 44.50
N CYS UA 83 -33.97 -41.91 43.70
CA CYS UA 83 -33.95 -42.79 42.54
C CYS UA 83 -33.71 -44.25 42.92
N ALA UA 84 -33.42 -44.54 44.19
CA ALA UA 84 -33.34 -45.93 44.62
C ALA UA 84 -34.67 -46.64 44.44
N LEU UA 85 -35.77 -45.94 44.73
CA LEU UA 85 -37.10 -46.52 44.59
C LEU UA 85 -37.90 -45.83 43.50
N MET UA 86 -38.10 -44.52 43.61
CA MET UA 86 -38.88 -43.78 42.62
C MET UA 86 -38.10 -43.65 41.32
N GLY UA 87 -38.80 -43.78 40.20
CA GLY UA 87 -38.13 -43.73 38.91
C GLY UA 87 -37.44 -42.40 38.68
N ILE UA 88 -38.16 -41.30 38.90
CA ILE UA 88 -37.59 -39.97 38.72
C ILE UA 88 -38.53 -38.96 39.37
N GLU UA 89 -38.02 -37.75 39.61
CA GLU UA 89 -38.83 -36.73 40.26
C GLU UA 89 -39.77 -36.03 39.27
N ARG UA 90 -39.21 -35.27 38.34
CA ARG UA 90 -39.98 -34.49 37.35
C ARG UA 90 -39.12 -34.24 36.13
N GLY UA 91 -39.58 -33.34 35.27
CA GLY UA 91 -38.83 -32.89 34.10
C GLY UA 91 -39.04 -31.40 33.86
N SER UA 92 -38.69 -30.92 32.68
CA SER UA 92 -38.78 -29.50 32.34
C SER UA 92 -39.34 -29.36 30.93
N ASP UA 93 -40.65 -29.16 30.82
CA ASP UA 93 -41.31 -29.02 29.54
C ASP UA 93 -42.11 -27.72 29.49
N LEU UA 94 -42.70 -27.46 28.33
CA LEU UA 94 -43.38 -26.20 28.07
C LEU UA 94 -44.85 -26.43 27.77
N SER UA 95 -45.65 -25.37 27.90
CA SER UA 95 -47.09 -25.44 27.69
C SER UA 95 -47.44 -25.12 26.24
N THR UA 96 -46.96 -25.97 25.34
CA THR UA 96 -47.20 -25.76 23.92
C THR UA 96 -48.69 -25.89 23.62
N PHE UA 97 -49.14 -25.10 22.65
CA PHE UA 97 -50.55 -25.05 22.29
C PHE UA 97 -50.75 -25.53 20.84
N GLY UA 98 -51.97 -25.34 20.35
CA GLY UA 98 -52.30 -25.63 18.98
C GLY UA 98 -53.71 -25.17 18.69
N TYR UA 99 -54.12 -25.30 17.44
CA TYR UA 99 -55.48 -25.03 16.99
C TYR UA 99 -55.88 -23.57 17.23
N GLY UA 100 -54.91 -22.66 17.26
CA GLY UA 100 -55.19 -21.26 17.47
C GLY UA 100 -55.77 -20.59 16.24
N VAL UA 101 -56.18 -19.34 16.43
CA VAL UA 101 -56.74 -18.54 15.34
C VAL UA 101 -56.61 -17.07 15.73
N GLN UA 102 -56.53 -16.20 14.72
CA GLN UA 102 -56.35 -14.77 14.94
C GLN UA 102 -57.30 -14.00 14.03
N VAL UA 103 -57.66 -12.79 14.46
CA VAL UA 103 -58.49 -11.90 13.66
C VAL UA 103 -57.56 -11.02 12.83
N THR UA 104 -57.67 -11.12 11.50
CA THR UA 104 -56.74 -10.45 10.61
C THR UA 104 -57.48 -9.89 9.41
N GLY UA 105 -56.73 -9.20 8.55
CA GLY UA 105 -57.26 -8.64 7.33
C GLY UA 105 -57.02 -9.51 6.11
N ARG UA 106 -56.45 -8.95 5.06
CA ARG UA 106 -56.26 -9.65 3.80
C ARG UA 106 -54.79 -9.68 3.43
N SER UA 107 -54.32 -10.85 3.00
CA SER UA 107 -52.98 -11.03 2.43
C SER UA 107 -51.90 -10.47 3.36
N GLN UA 108 -52.03 -10.79 4.65
CA GLN UA 108 -51.04 -10.38 5.64
C GLN UA 108 -50.05 -11.52 5.86
N THR UA 109 -48.76 -11.19 5.80
CA THR UA 109 -47.71 -12.16 6.06
C THR UA 109 -47.45 -12.17 7.56
N ARG UA 110 -48.20 -13.01 8.28
CA ARG UA 110 -48.06 -13.06 9.73
C ARG UA 110 -46.64 -13.48 10.10
N ILE UA 111 -46.08 -12.80 11.06
CA ILE UA 111 -44.68 -12.95 11.46
C ILE UA 111 -44.53 -14.17 12.35
N SER UA 112 -43.36 -14.80 12.27
CA SER UA 112 -42.98 -15.75 13.30
C SER UA 112 -42.75 -15.02 14.61
N THR UA 113 -42.76 -15.78 15.70
CA THR UA 113 -42.54 -15.29 17.07
C THR UA 113 -43.33 -14.03 17.39
N GLY UA 114 -44.43 -13.80 16.68
CA GLY UA 114 -45.31 -12.70 17.03
C GLY UA 114 -45.86 -12.91 18.43
N SER UA 115 -45.37 -12.12 19.38
CA SER UA 115 -45.65 -12.40 20.78
C SER UA 115 -47.05 -11.96 21.15
N ARG UA 116 -47.80 -12.87 21.78
CA ARG UA 116 -49.12 -12.57 22.34
C ARG UA 116 -49.04 -12.72 23.84
N VAL UA 117 -49.51 -11.70 24.57
CA VAL UA 117 -49.41 -11.67 26.02
C VAL UA 117 -50.82 -11.76 26.59
N GLN UA 118 -51.08 -12.83 27.32
CA GLN UA 118 -52.31 -12.91 28.10
C GLN UA 118 -52.16 -12.07 29.36
N THR UA 119 -53.31 -11.60 29.86
CA THR UA 119 -53.30 -10.80 31.08
C THR UA 119 -52.64 -11.49 32.27
N PRO UA 120 -52.83 -12.80 32.52
CA PRO UA 120 -52.09 -13.43 33.63
C PRO UA 120 -50.68 -13.88 33.21
N ALA UA 121 -49.85 -12.91 32.82
CA ALA UA 121 -48.46 -13.15 32.44
C ALA UA 121 -48.36 -14.21 31.33
N GLY UA 122 -48.95 -13.88 30.18
CA GLY UA 122 -48.95 -14.78 29.06
C GLY UA 122 -47.58 -14.98 28.45
N ALA UA 123 -47.05 -13.93 27.81
CA ALA UA 123 -45.76 -13.99 27.13
C ALA UA 123 -45.66 -15.22 26.24
N ILE UA 124 -46.56 -15.28 25.26
CA ILE UA 124 -46.73 -16.44 24.40
C ILE UA 124 -46.26 -16.07 22.99
N PHE UA 125 -45.41 -16.90 22.41
CA PHE UA 125 -44.89 -16.67 21.07
C PHE UA 125 -45.71 -17.47 20.05
N THR UA 126 -45.27 -17.46 18.80
CA THR UA 126 -45.82 -18.33 17.77
C THR UA 126 -44.77 -19.33 17.35
N VAL UA 127 -45.21 -20.54 16.99
CA VAL UA 127 -44.29 -21.64 16.77
C VAL UA 127 -43.84 -21.72 15.31
N MET UA 128 -44.75 -21.55 14.37
CA MET UA 128 -44.41 -21.49 12.96
C MET UA 128 -44.95 -20.19 12.35
N SER UA 129 -44.65 -19.98 11.08
CA SER UA 129 -45.04 -18.78 10.37
C SER UA 129 -46.22 -19.07 9.45
N ASP UA 130 -47.12 -18.09 9.34
CA ASP UA 130 -48.34 -18.24 8.55
C ASP UA 130 -48.56 -16.98 7.72
N VAL UA 131 -49.29 -17.15 6.62
CA VAL UA 131 -49.76 -16.04 5.80
C VAL UA 131 -51.28 -16.08 5.79
N THR UA 132 -51.90 -14.92 5.98
CA THR UA 132 -53.36 -14.88 6.06
C THR UA 132 -53.97 -14.85 4.66
N ILE UA 133 -55.30 -14.80 4.63
CA ILE UA 133 -56.05 -14.92 3.39
C ILE UA 133 -57.17 -13.89 3.38
N PRO UA 134 -57.67 -13.54 2.19
CA PRO UA 134 -58.79 -12.58 2.11
C PRO UA 134 -60.03 -12.99 2.88
N ALA UA 135 -60.11 -14.23 3.37
CA ALA UA 135 -61.21 -14.59 4.26
C ALA UA 135 -61.14 -13.81 5.56
N GLY UA 136 -59.95 -13.62 6.10
CA GLY UA 136 -59.75 -12.85 7.31
C GLY UA 136 -59.48 -13.64 8.57
N GLY UA 137 -59.34 -14.95 8.48
CA GLY UA 137 -59.06 -15.77 9.64
C GLY UA 137 -58.19 -16.96 9.35
N VAL UA 138 -57.10 -17.12 10.10
CA VAL UA 138 -56.13 -18.19 9.88
C VAL UA 138 -55.67 -18.73 11.22
N ALA UA 139 -54.99 -19.87 11.18
CA ALA UA 139 -54.59 -20.60 12.38
C ALA UA 139 -53.11 -20.40 12.67
N THR UA 140 -52.79 -20.13 13.92
CA THR UA 140 -51.41 -19.98 14.39
C THR UA 140 -51.21 -20.78 15.67
N ILE UA 141 -49.96 -21.13 15.95
CA ILE UA 141 -49.61 -22.04 17.03
C ILE UA 141 -48.89 -21.25 18.11
N ASP UA 142 -48.94 -21.73 19.35
CA ASP UA 142 -48.42 -21.02 20.51
C ASP UA 142 -47.46 -21.88 21.32
N ILE UA 143 -46.37 -21.28 21.78
CA ILE UA 143 -45.45 -21.89 22.72
C ILE UA 143 -45.11 -20.85 23.79
N LYS UA 144 -45.07 -21.28 25.05
CA LYS UA 144 -44.84 -20.36 26.15
C LYS UA 144 -43.35 -20.01 26.19
N SER UA 145 -43.06 -18.72 26.37
CA SER UA 145 -41.68 -18.24 26.48
C SER UA 145 -40.99 -18.68 27.76
N GLN UA 146 -41.72 -19.26 28.72
CA GLN UA 146 -41.14 -19.78 29.95
C GLN UA 146 -41.46 -21.27 30.05
N GLU UA 147 -40.96 -21.92 31.10
CA GLU UA 147 -41.01 -23.38 31.21
C GLU UA 147 -41.79 -23.83 32.45
N TYR UA 148 -42.82 -23.11 32.85
CA TYR UA 148 -43.66 -23.50 33.96
C TYR UA 148 -45.08 -23.80 33.48
N GLY UA 149 -45.89 -24.31 34.40
CA GLY UA 149 -47.27 -24.67 34.09
C GLY UA 149 -48.24 -23.50 34.16
N ASN UA 150 -48.67 -23.01 33.00
CA ASN UA 150 -49.59 -21.89 32.91
C ASN UA 150 -50.80 -22.28 32.07
N ILE UA 151 -51.79 -21.38 32.05
CA ILE UA 151 -53.04 -21.66 31.35
C ILE UA 151 -53.49 -20.43 30.57
N PRO UA 152 -54.14 -20.59 29.41
CA PRO UA 152 -54.71 -19.44 28.70
C PRO UA 152 -56.17 -19.19 29.04
N LEU UA 153 -56.52 -17.91 29.06
CA LEU UA 153 -57.89 -17.49 29.34
C LEU UA 153 -58.82 -17.90 28.20
N PRO UA 154 -60.12 -18.07 28.47
CA PRO UA 154 -61.02 -18.58 27.43
C PRO UA 154 -61.16 -17.66 26.23
N VAL UA 155 -60.90 -16.38 26.38
CA VAL UA 155 -61.02 -15.43 25.28
C VAL UA 155 -59.64 -14.89 24.94
N GLY UA 156 -59.51 -14.36 23.73
CA GLY UA 156 -58.31 -13.63 23.37
C GLY UA 156 -58.19 -12.37 24.21
N ASN UA 157 -56.94 -12.05 24.57
CA ASN UA 157 -56.67 -10.90 25.43
C ASN UA 157 -55.96 -9.77 24.69
N LEU UA 158 -54.77 -10.04 24.13
CA LEU UA 158 -53.93 -8.99 23.58
C LEU UA 158 -53.05 -9.56 22.50
N ILE UA 159 -52.55 -8.67 21.64
CA ILE UA 159 -51.49 -8.99 20.68
C ILE UA 159 -50.43 -7.91 20.79
N ILE UA 160 -49.16 -8.32 20.86
CA ILE UA 160 -48.06 -7.38 21.03
C ILE UA 160 -47.45 -7.05 19.68
N ILE UA 161 -46.89 -8.06 19.02
CA ILE UA 161 -46.30 -7.87 17.70
C ILE UA 161 -47.43 -7.92 16.67
N ASP UA 162 -47.67 -6.79 16.02
CA ASP UA 162 -48.79 -6.66 15.09
C ASP UA 162 -48.36 -5.88 13.86
N GLY UA 163 -49.05 -6.15 12.75
CA GLY UA 163 -48.82 -5.42 11.52
C GLY UA 163 -49.88 -4.37 11.27
N THR UA 164 -50.62 -3.99 12.32
CA THR UA 164 -51.73 -3.06 12.29
C THR UA 164 -52.86 -3.52 11.38
N ILE UA 165 -52.79 -4.72 10.84
CA ILE UA 165 -53.87 -5.31 10.07
C ILE UA 165 -54.44 -6.54 10.75
N GLY UA 166 -53.61 -7.34 11.39
CA GLY UA 166 -54.09 -8.37 12.28
C GLY UA 166 -54.61 -7.74 13.55
N TRP UA 167 -55.92 -7.82 13.80
CA TRP UA 167 -56.52 -7.01 14.84
C TRP UA 167 -56.38 -7.65 16.22
N SER UA 168 -56.70 -8.93 16.35
CA SER UA 168 -56.73 -9.55 17.67
C SER UA 168 -56.55 -11.05 17.54
N GLY UA 169 -55.93 -11.64 18.57
CA GLY UA 169 -55.78 -13.08 18.66
C GLY UA 169 -57.01 -13.69 19.31
N ALA UA 170 -57.52 -14.75 18.70
CA ALA UA 170 -58.79 -15.35 19.10
C ALA UA 170 -58.55 -16.72 19.72
N LYS UA 171 -59.05 -16.90 20.94
CA LYS UA 171 -59.04 -18.19 21.59
C LYS UA 171 -60.40 -18.84 21.43
N VAL UA 172 -60.40 -20.11 21.00
CA VAL UA 172 -61.65 -20.82 20.73
C VAL UA 172 -61.78 -22.01 21.66
N ILE UA 173 -62.85 -22.78 21.48
CA ILE UA 173 -63.09 -23.95 22.32
C ILE UA 173 -62.42 -25.18 21.73
N ALA UA 174 -62.26 -25.25 20.41
CA ALA UA 174 -61.65 -26.40 19.77
C ALA UA 174 -60.18 -26.57 20.12
N SER UA 175 -59.53 -25.52 20.61
CA SER UA 175 -58.09 -25.56 20.81
C SER UA 175 -57.72 -26.51 21.94
N THR UA 176 -56.47 -26.99 21.90
CA THR UA 176 -55.93 -27.91 22.88
C THR UA 176 -55.10 -27.16 23.92
N ARG UA 177 -54.88 -27.83 25.05
CA ARG UA 177 -54.15 -27.27 26.18
C ARG UA 177 -53.32 -28.39 26.82
N VAL UA 178 -52.07 -28.51 26.38
CA VAL UA 178 -51.16 -29.51 26.92
C VAL UA 178 -50.42 -28.90 28.10
N ASP UA 179 -50.34 -29.63 29.20
CA ASP UA 179 -49.77 -28.94 30.35
C ASP UA 179 -48.32 -29.38 30.59
N PRO UA 180 -47.47 -28.44 31.02
CA PRO UA 180 -46.08 -28.79 31.35
C PRO UA 180 -45.85 -29.08 32.82
N GLY UA 181 -44.63 -29.48 33.17
CA GLY UA 181 -44.20 -29.58 34.54
C GLY UA 181 -43.37 -28.37 34.97
N SER UA 182 -42.98 -28.37 36.25
CA SER UA 182 -42.21 -27.28 36.83
C SER UA 182 -41.00 -27.84 37.59
N ARG UA 183 -39.91 -28.07 36.86
CA ARG UA 183 -38.58 -28.33 37.41
C ARG UA 183 -38.57 -29.27 38.61
N GLN UA 184 -37.73 -28.96 39.60
CA GLN UA 184 -37.66 -29.71 40.84
C GLN UA 184 -37.56 -28.73 42.01
N MET UA 185 -37.87 -29.24 43.20
CA MET UA 185 -37.66 -28.54 44.45
C MET UA 185 -37.32 -29.57 45.51
N SER UA 186 -36.14 -29.46 46.12
CA SER UA 186 -35.74 -30.46 47.11
C SER UA 186 -36.69 -30.46 48.31
N ASP UA 187 -37.09 -29.27 48.76
CA ASP UA 187 -38.07 -29.16 49.83
C ASP UA 187 -39.42 -29.74 49.43
N ALA UA 188 -39.73 -29.76 48.13
CA ALA UA 188 -40.92 -30.44 47.64
C ALA UA 188 -40.68 -31.91 47.36
N GLU UA 189 -39.43 -32.31 47.11
CA GLU UA 189 -39.11 -33.72 46.97
C GLU UA 189 -39.23 -34.46 48.30
N LEU UA 190 -38.83 -33.81 49.39
CA LEU UA 190 -38.97 -34.40 50.72
C LEU UA 190 -40.40 -34.77 51.03
N LYS UA 191 -41.38 -34.10 50.41
CA LYS UA 191 -42.80 -34.32 50.67
C LYS UA 191 -43.33 -35.51 49.90
N ASN UA 192 -43.21 -35.47 48.57
CA ASN UA 192 -43.72 -36.54 47.73
C ASN UA 192 -42.88 -37.81 47.78
N ALA UA 193 -41.71 -37.77 48.41
CA ALA UA 193 -40.92 -38.99 48.54
C ALA UA 193 -41.68 -40.06 49.32
N ARG UA 194 -42.34 -39.67 50.40
CA ARG UA 194 -43.01 -40.65 51.25
C ARG UA 194 -44.22 -41.26 50.56
N VAL UA 195 -44.62 -40.69 49.41
CA VAL UA 195 -45.85 -41.14 48.76
C VAL UA 195 -45.54 -41.89 47.48
N ASN UA 196 -44.49 -41.50 46.76
CA ASN UA 196 -44.31 -41.95 45.39
C ASN UA 196 -43.65 -43.32 45.23
N ARG UA 197 -43.62 -44.16 46.27
CA ARG UA 197 -42.89 -45.42 46.18
C ARG UA 197 -43.78 -46.59 45.78
N LEU UA 198 -43.37 -47.30 44.73
CA LEU UA 198 -44.17 -48.34 44.10
C LEU UA 198 -43.51 -49.71 44.28
N ALA UA 199 -44.30 -50.77 44.16
CA ALA UA 199 -43.93 -52.08 44.70
C ALA UA 199 -43.72 -53.13 43.60
N ILE UA 200 -43.21 -54.31 43.97
CA ILE UA 200 -42.57 -55.23 43.04
C ILE UA 200 -43.14 -56.66 43.07
N GLN UA 201 -44.42 -56.85 43.38
CA GLN UA 201 -45.18 -57.91 42.72
C GLN UA 201 -46.12 -57.29 41.71
N GLY UA 202 -47.14 -58.05 41.31
CA GLY UA 202 -48.04 -57.67 40.24
C GLY UA 202 -48.68 -56.30 40.36
N ARG UA 203 -48.28 -55.53 41.37
CA ARG UA 203 -48.66 -54.13 41.49
C ARG UA 203 -50.16 -53.97 41.70
N ASN UA 204 -50.67 -54.53 42.80
CA ASN UA 204 -52.10 -54.58 43.05
C ASN UA 204 -52.46 -54.18 44.47
N SER UA 205 -51.66 -53.33 45.10
CA SER UA 205 -52.00 -52.82 46.43
C SER UA 205 -52.42 -51.35 46.34
N THR UA 206 -53.16 -50.91 47.36
CA THR UA 206 -53.66 -49.54 47.38
C THR UA 206 -52.51 -48.53 47.42
N MET UA 207 -51.48 -48.82 48.22
CA MET UA 207 -50.30 -47.96 48.21
C MET UA 207 -49.61 -47.96 46.86
N ALA UA 208 -49.56 -49.12 46.18
CA ALA UA 208 -49.03 -49.16 44.84
C ALA UA 208 -49.83 -48.30 43.88
N ILE UA 209 -51.16 -48.38 43.96
CA ILE UA 209 -52.01 -47.55 43.10
C ILE UA 209 -51.75 -46.07 43.35
N LYS UA 210 -51.72 -45.69 44.63
CA LYS UA 210 -51.54 -44.28 44.97
C LYS UA 210 -50.20 -43.77 44.49
N ALA UA 211 -49.14 -44.57 44.67
CA ALA UA 211 -47.81 -44.14 44.24
C ALA UA 211 -47.69 -44.09 42.73
N TYR UA 212 -48.28 -45.05 42.03
CA TYR UA 212 -48.22 -45.05 40.57
C TYR UA 212 -49.00 -43.90 39.98
N VAL UA 213 -50.16 -43.58 40.57
CA VAL UA 213 -50.96 -42.47 40.07
C VAL UA 213 -50.28 -41.14 40.38
N SER UA 214 -49.68 -41.02 41.56
CA SER UA 214 -49.04 -39.77 41.93
C SER UA 214 -47.86 -39.42 41.03
N ALA UA 215 -47.28 -40.40 40.33
CA ALA UA 215 -46.15 -40.15 39.45
C ALA UA 215 -46.57 -39.67 38.07
N VAL UA 216 -47.85 -39.78 37.73
CA VAL UA 216 -48.33 -39.26 36.44
C VAL UA 216 -48.16 -37.75 36.43
N PRO UA 217 -47.77 -37.14 35.31
CA PRO UA 217 -47.63 -35.68 35.28
C PRO UA 217 -48.96 -34.98 35.47
N ASN UA 218 -48.90 -33.76 36.02
CA ASN UA 218 -50.00 -32.83 36.18
C ASN UA 218 -51.01 -33.24 37.25
N VAL UA 219 -50.73 -34.30 38.01
CA VAL UA 219 -51.66 -34.79 39.02
C VAL UA 219 -51.21 -34.23 40.37
N THR UA 220 -51.97 -33.29 40.91
CA THR UA 220 -51.54 -32.58 42.12
C THR UA 220 -51.74 -33.42 43.38
N SER UA 221 -52.79 -34.23 43.45
CA SER UA 221 -53.05 -35.03 44.64
C SER UA 221 -53.96 -36.20 44.28
N VAL UA 222 -53.89 -37.25 45.10
CA VAL UA 222 -54.66 -38.47 44.88
C VAL UA 222 -55.15 -38.98 46.24
N ASN UA 223 -56.31 -39.64 46.24
CA ASN UA 223 -56.84 -40.32 47.42
C ASN UA 223 -57.34 -41.70 47.01
N VAL UA 224 -57.03 -42.71 47.83
CA VAL UA 224 -57.44 -44.08 47.56
C VAL UA 224 -57.89 -44.72 48.88
N ILE UA 225 -59.01 -45.44 48.84
CA ILE UA 225 -59.55 -46.14 50.00
C ILE UA 225 -60.05 -47.52 49.57
N GLU UA 226 -60.15 -48.43 50.54
CA GLU UA 226 -60.48 -49.82 50.24
C GLU UA 226 -61.32 -50.44 51.35
N ASN UA 227 -62.26 -51.29 50.97
CA ASN UA 227 -63.35 -51.69 51.87
C ASN UA 227 -62.97 -52.84 52.80
N ASN UA 228 -62.70 -54.02 52.23
CA ASN UA 228 -62.38 -55.26 52.94
C ASN UA 228 -63.52 -55.92 53.71
N THR UA 229 -64.64 -55.24 53.94
CA THR UA 229 -65.63 -55.83 54.84
C THR UA 229 -66.99 -56.08 54.20
N GLY UA 230 -67.55 -55.09 53.50
CA GLY UA 230 -68.91 -55.21 52.98
C GLY UA 230 -69.80 -54.13 53.56
N ALA UA 231 -70.85 -53.79 52.81
CA ALA UA 231 -71.78 -52.71 53.16
C ALA UA 231 -71.00 -51.40 53.18
N VAL UA 232 -70.78 -50.78 54.34
CA VAL UA 232 -70.15 -49.47 54.41
C VAL UA 232 -68.78 -49.60 55.07
N GLN UA 233 -67.93 -48.61 54.82
CA GLN UA 233 -66.59 -48.52 55.39
C GLN UA 233 -66.46 -47.23 56.19
N VAL UA 234 -65.49 -47.20 57.10
CA VAL UA 234 -65.29 -46.04 57.96
C VAL UA 234 -64.96 -44.80 57.12
N VAL UA 235 -64.19 -44.99 56.04
CA VAL UA 235 -63.98 -43.89 55.11
C VAL UA 235 -65.25 -43.66 54.31
N ASN UA 236 -65.36 -42.46 53.72
CA ASN UA 236 -66.58 -42.06 53.06
C ASN UA 236 -66.87 -42.93 51.84
N GLY UA 237 -68.13 -43.32 51.70
CA GLY UA 237 -68.58 -44.17 50.61
C GLY UA 237 -69.69 -45.12 51.02
N VAL UA 238 -70.76 -45.15 50.24
CA VAL UA 238 -71.96 -45.92 50.56
C VAL UA 238 -72.48 -46.53 49.26
N SER UA 239 -72.25 -47.83 49.06
CA SER UA 239 -72.76 -48.56 47.91
C SER UA 239 -72.26 -50.01 47.85
N PHE UA 240 -71.30 -50.25 46.96
CA PHE UA 240 -70.88 -51.61 46.62
C PHE UA 240 -70.26 -52.31 47.81
N THR UA 241 -70.29 -53.64 47.78
CA THR UA 241 -69.82 -54.43 48.92
C THR UA 241 -68.30 -54.50 49.00
N LEU UA 242 -67.60 -54.53 47.88
CA LEU UA 242 -66.13 -54.56 47.87
C LEU UA 242 -65.56 -53.55 46.87
N PRO UA 243 -65.83 -52.25 47.07
CA PRO UA 243 -65.41 -51.26 46.07
C PRO UA 243 -64.00 -50.76 46.31
N TYR UA 244 -63.48 -49.97 45.37
CA TYR UA 244 -62.19 -49.29 45.49
C TYR UA 244 -62.42 -47.86 45.00
N ALA UA 245 -62.31 -46.89 45.90
CA ALA UA 245 -62.62 -45.51 45.55
C ALA UA 245 -61.33 -44.70 45.41
N VAL UA 246 -61.11 -44.15 44.21
CA VAL UA 246 -59.97 -43.29 43.91
C VAL UA 246 -60.49 -41.95 43.42
N TRP UA 247 -59.93 -40.87 43.97
CA TRP UA 247 -60.49 -39.53 43.85
C TRP UA 247 -59.44 -38.56 43.29
N VAL UA 248 -58.86 -38.94 42.16
CA VAL UA 248 -57.71 -38.23 41.58
C VAL UA 248 -58.00 -36.74 41.42
N CYS UA 249 -57.02 -35.92 41.81
CA CYS UA 249 -57.05 -34.47 41.60
C CYS UA 249 -56.01 -34.15 40.53
N VAL UA 250 -56.46 -33.96 39.29
CA VAL UA 250 -55.58 -33.73 38.15
C VAL UA 250 -55.91 -32.40 37.51
N ALA UA 251 -54.86 -31.61 37.23
CA ALA UA 251 -55.05 -30.40 36.46
C ALA UA 251 -55.52 -30.72 35.04
N GLY UA 252 -54.95 -31.75 34.43
CA GLY UA 252 -55.36 -32.14 33.10
C GLY UA 252 -54.70 -33.44 32.70
N ASN UA 253 -55.31 -34.11 31.74
CA ASN UA 253 -54.85 -35.40 31.23
C ASN UA 253 -54.76 -35.34 29.70
N PRO UA 254 -53.70 -34.71 29.16
CA PRO UA 254 -53.51 -34.78 27.70
C PRO UA 254 -53.42 -36.20 27.19
N ASP UA 255 -52.92 -37.12 28.01
CA ASP UA 255 -53.12 -38.55 27.81
C ASP UA 255 -54.34 -38.95 28.63
N LYS UA 256 -55.52 -38.61 28.10
CA LYS UA 256 -56.77 -38.86 28.82
C LYS UA 256 -57.00 -40.34 29.07
N GLN UA 257 -56.35 -41.22 28.32
CA GLN UA 257 -56.45 -42.64 28.57
C GLN UA 257 -55.32 -43.17 29.43
N ALA UA 258 -54.15 -42.54 29.41
CA ALA UA 258 -53.07 -42.95 30.30
C ALA UA 258 -53.33 -42.54 31.74
N VAL UA 259 -54.10 -41.49 31.99
CA VAL UA 259 -54.57 -41.24 33.34
C VAL UA 259 -55.47 -42.38 33.81
N ALA UA 260 -56.04 -43.13 32.88
CA ALA UA 260 -56.81 -44.33 33.17
C ALA UA 260 -56.01 -45.61 32.98
N ASP UA 261 -55.06 -45.61 32.04
CA ASP UA 261 -54.23 -46.79 31.86
C ASP UA 261 -53.29 -47.00 33.05
N ALA UA 262 -52.81 -45.91 33.65
CA ALA UA 262 -52.02 -46.04 34.88
C ALA UA 262 -52.86 -46.62 36.00
N LEU UA 263 -54.12 -46.20 36.13
CA LEU UA 263 -55.02 -46.84 37.07
C LEU UA 263 -55.16 -48.33 36.75
N TRP UA 264 -55.46 -48.66 35.50
CA TRP UA 264 -55.76 -50.04 35.14
C TRP UA 264 -54.58 -50.97 35.39
N ALA UA 265 -53.36 -50.54 35.02
CA ALA UA 265 -52.20 -51.41 35.15
C ALA UA 265 -51.95 -51.78 36.60
N ALA UA 266 -52.12 -50.84 37.52
CA ALA UA 266 -51.82 -51.06 38.92
C ALA UA 266 -53.02 -51.55 39.72
N HIS UA 267 -54.11 -51.98 39.07
CA HIS UA 267 -55.37 -52.17 39.75
C HIS UA 267 -55.87 -53.59 39.58
N ASN UA 268 -56.21 -54.24 40.70
CA ASN UA 268 -56.85 -55.53 40.73
C ASN UA 268 -57.97 -55.50 41.77
N GLY UA 269 -59.18 -55.87 41.36
CA GLY UA 269 -60.33 -55.80 42.24
C GLY UA 269 -61.60 -55.35 41.56
N GLY UA 270 -62.21 -54.26 42.05
CA GLY UA 270 -63.38 -53.70 41.42
C GLY UA 270 -63.34 -52.19 41.40
N THR UA 271 -63.92 -51.62 40.35
CA THR UA 271 -63.90 -50.16 40.13
C THR UA 271 -65.32 -49.60 40.15
N PRO UA 272 -65.75 -48.95 41.22
CA PRO UA 272 -67.00 -48.19 41.18
C PRO UA 272 -66.75 -46.70 40.96
N TRP UA 273 -67.85 -45.96 40.74
CA TRP UA 273 -67.73 -44.55 40.40
C TRP UA 273 -67.57 -43.66 41.62
N ASP UA 274 -68.59 -43.60 42.46
CA ASP UA 274 -68.55 -42.82 43.69
C ASP UA 274 -68.80 -43.75 44.86
N TYR UA 275 -68.01 -44.83 44.92
CA TYR UA 275 -68.23 -46.00 45.78
C TYR UA 275 -69.34 -46.82 45.15
N GLY UA 276 -69.97 -46.27 44.12
CA GLY UA 276 -71.00 -46.94 43.35
C GLY UA 276 -72.32 -46.19 43.27
N ALA UA 277 -72.79 -45.64 44.38
CA ALA UA 277 -74.12 -45.04 44.40
C ALA UA 277 -74.22 -43.76 45.22
N THR UA 278 -73.13 -43.22 45.74
CA THR UA 278 -73.23 -42.01 46.55
C THR UA 278 -73.54 -40.80 45.65
N ASN UA 279 -73.65 -39.64 46.29
CA ASN UA 279 -74.11 -38.43 45.64
C ASN UA 279 -73.10 -37.31 45.82
N ASN UA 280 -73.31 -36.24 45.05
CA ASN UA 280 -72.59 -34.97 45.17
C ASN UA 280 -71.08 -35.11 44.98
N GLY UA 281 -70.65 -36.07 44.16
CA GLY UA 281 -69.30 -36.06 43.64
C GLY UA 281 -69.26 -35.46 42.25
N VAL UA 282 -68.10 -35.61 41.60
CA VAL UA 282 -67.97 -35.20 40.21
C VAL UA 282 -67.37 -36.36 39.41
N PRO UA 283 -68.10 -37.43 39.16
CA PRO UA 283 -67.55 -38.51 38.33
C PRO UA 283 -67.29 -38.01 36.91
N VAL UA 284 -66.26 -38.59 36.28
CA VAL UA 284 -65.84 -38.11 34.97
C VAL UA 284 -66.92 -38.34 33.93
N ASP UA 285 -67.67 -39.44 34.04
CA ASP UA 285 -68.82 -39.67 33.19
C ASP UA 285 -69.69 -40.75 33.83
N GLY UA 286 -70.91 -40.87 33.32
CA GLY UA 286 -71.83 -41.90 33.77
C GLY UA 286 -71.34 -43.29 33.42
N PRO UA 287 -71.25 -43.58 32.13
CA PRO UA 287 -70.62 -44.84 31.70
C PRO UA 287 -69.12 -44.86 31.99
N ASN UA 288 -68.47 -45.97 31.65
CA ASN UA 288 -67.11 -46.24 32.10
C ASN UA 288 -66.10 -45.24 31.54
N GLY UA 289 -64.85 -45.40 31.98
CA GLY UA 289 -63.74 -44.63 31.43
C GLY UA 289 -63.11 -45.22 30.19
N VAL UA 290 -63.34 -46.50 29.93
CA VAL UA 290 -62.98 -47.16 28.66
C VAL UA 290 -61.49 -47.08 28.36
N PRO UA 291 -60.65 -47.90 29.02
CA PRO UA 291 -59.27 -48.05 28.55
C PRO UA 291 -59.24 -48.55 27.12
N VAL UA 292 -58.25 -48.10 26.36
CA VAL UA 292 -58.20 -48.41 24.95
C VAL UA 292 -58.03 -49.92 24.73
N ARG UA 293 -57.14 -50.55 25.50
CA ARG UA 293 -56.77 -51.93 25.25
C ARG UA 293 -55.74 -52.35 26.30
N ASP UA 294 -55.61 -53.68 26.49
CA ASP UA 294 -54.55 -54.29 27.27
C ASP UA 294 -53.63 -55.11 26.39
N PRO UA 295 -52.34 -55.19 26.70
CA PRO UA 295 -51.43 -55.99 25.87
C PRO UA 295 -51.46 -57.48 26.18
N ALA UA 296 -52.34 -57.92 27.08
CA ALA UA 296 -52.48 -59.33 27.42
C ALA UA 296 -53.62 -60.01 26.65
N SER UA 297 -54.02 -59.43 25.51
CA SER UA 297 -55.11 -59.95 24.68
C SER UA 297 -56.45 -59.96 25.40
N GLY UA 298 -56.62 -59.03 26.36
CA GLY UA 298 -57.88 -58.92 27.07
C GLY UA 298 -58.54 -57.56 26.92
N ARG UA 299 -59.76 -57.53 26.41
CA ARG UA 299 -60.47 -56.27 26.18
C ARG UA 299 -61.30 -55.89 27.41
N LYS UA 300 -60.62 -55.84 28.55
CA LYS UA 300 -61.26 -55.57 29.83
C LYS UA 300 -61.18 -54.07 30.11
N TYR UA 301 -62.31 -53.38 29.95
CA TYR UA 301 -62.37 -51.92 30.06
C TYR UA 301 -63.23 -51.60 31.27
N VAL UA 302 -62.64 -51.61 32.46
CA VAL UA 302 -63.36 -51.34 33.70
C VAL UA 302 -62.45 -50.46 34.55
N VAL UA 303 -62.67 -49.14 34.52
CA VAL UA 303 -61.94 -48.21 35.36
C VAL UA 303 -62.85 -47.02 35.66
N LYS UA 304 -62.93 -46.66 36.94
CA LYS UA 304 -63.85 -45.60 37.36
C LYS UA 304 -63.17 -44.75 38.43
N TRP UA 305 -63.07 -43.45 38.17
CA TRP UA 305 -62.51 -42.52 39.13
C TRP UA 305 -63.23 -41.19 39.02
N THR UA 306 -63.21 -40.43 40.11
CA THR UA 306 -63.93 -39.16 40.21
C THR UA 306 -62.97 -38.07 40.65
N THR UA 307 -63.34 -36.83 40.33
CA THR UA 307 -62.62 -35.62 40.69
C THR UA 307 -63.26 -34.96 41.91
N PRO UA 308 -62.50 -34.23 42.71
CA PRO UA 308 -63.06 -33.62 43.92
C PRO UA 308 -64.01 -32.48 43.58
N ILE UA 309 -64.94 -32.22 44.50
CA ILE UA 309 -65.81 -31.06 44.37
C ILE UA 309 -65.01 -29.82 44.72
N MET UA 310 -64.88 -28.91 43.77
CA MET UA 310 -64.03 -27.74 43.97
C MET UA 310 -64.60 -26.84 45.05
N TYR UA 311 -63.71 -26.12 45.73
CA TYR UA 311 -64.10 -25.23 46.81
C TYR UA 311 -63.42 -23.88 46.60
N ASP UA 312 -63.74 -22.95 47.50
CA ASP UA 312 -63.12 -21.64 47.58
C ASP UA 312 -62.56 -21.47 48.97
N GLY UA 313 -61.63 -20.52 49.13
CA GLY UA 313 -61.02 -20.29 50.41
C GLY UA 313 -61.12 -18.86 50.88
N TYR UA 314 -60.99 -18.65 52.19
CA TYR UA 314 -61.00 -17.30 52.75
C TYR UA 314 -60.21 -17.30 54.04
N VAL UA 315 -59.19 -16.43 54.13
CA VAL UA 315 -58.35 -16.31 55.30
C VAL UA 315 -58.32 -14.86 55.74
N ASN UA 316 -58.43 -14.64 57.04
CA ASN UA 316 -58.39 -13.31 57.64
C ASN UA 316 -57.51 -13.35 58.87
N VAL UA 317 -56.83 -12.22 59.15
CA VAL UA 317 -55.87 -12.16 60.24
C VAL UA 317 -55.87 -10.76 60.82
N THR UA 318 -55.55 -10.67 62.12
CA THR UA 318 -55.40 -9.40 62.82
C THR UA 318 -54.02 -9.39 63.46
N VAL UA 319 -53.13 -8.54 62.97
CA VAL UA 319 -51.71 -8.56 63.33
C VAL UA 319 -51.32 -7.21 63.91
N GLN UA 320 -50.44 -7.25 64.91
CA GLN UA 320 -49.82 -6.04 65.43
C GLN UA 320 -48.74 -5.53 64.47
N GLN UA 321 -48.20 -4.36 64.77
CA GLN UA 321 -47.24 -3.73 63.88
C GLN UA 321 -45.90 -4.43 63.85
N GLY UA 322 -45.63 -5.30 64.83
CA GLY UA 322 -44.42 -6.10 64.80
C GLY UA 322 -43.19 -5.33 65.21
N SER UA 323 -42.04 -5.87 64.83
CA SER UA 323 -40.75 -5.24 65.13
C SER UA 323 -40.12 -4.56 63.93
N SER UA 324 -40.35 -5.07 62.73
CA SER UA 324 -39.81 -4.49 61.50
C SER UA 324 -40.94 -3.94 60.65
N SER UA 325 -40.56 -3.16 59.64
CA SER UA 325 -41.52 -2.56 58.72
C SER UA 325 -41.92 -3.62 57.69
N VAL UA 326 -42.84 -4.47 58.11
CA VAL UA 326 -43.36 -5.54 57.26
C VAL UA 326 -44.48 -4.97 56.42
N ALA UA 327 -44.34 -5.05 55.11
CA ALA UA 327 -45.38 -4.59 54.21
C ALA UA 327 -46.58 -5.54 54.29
N PRO UA 328 -47.81 -5.03 54.26
CA PRO UA 328 -48.98 -5.90 54.31
C PRO UA 328 -49.11 -6.79 53.10
N GLU UA 329 -48.37 -6.52 52.03
CA GLU UA 329 -48.40 -7.37 50.85
C GLU UA 329 -47.60 -8.66 51.02
N ALA UA 330 -46.69 -8.70 52.00
CA ALA UA 330 -45.84 -9.87 52.16
C ALA UA 330 -46.58 -11.03 52.82
N ILE UA 331 -47.48 -10.74 53.75
CA ILE UA 331 -48.17 -11.81 54.48
C ILE UA 331 -49.09 -12.60 53.55
N GLN UA 332 -49.56 -11.98 52.47
CA GLN UA 332 -50.46 -12.68 51.55
C GLN UA 332 -49.75 -13.85 50.86
N ASN UA 333 -48.50 -13.65 50.45
CA ASN UA 333 -47.77 -14.69 49.75
C ASN UA 333 -47.42 -15.87 50.66
N ALA UA 334 -47.50 -15.69 51.98
CA ALA UA 334 -47.16 -16.77 52.90
C ALA UA 334 -48.14 -17.94 52.77
N VAL UA 335 -49.44 -17.65 52.83
CA VAL UA 335 -50.43 -18.71 52.92
C VAL UA 335 -50.62 -19.38 51.56
N VAL UA 336 -50.32 -18.67 50.47
CA VAL UA 336 -50.48 -19.24 49.13
C VAL UA 336 -49.50 -20.39 48.93
N ASN UA 337 -48.29 -20.27 49.48
CA ASN UA 337 -47.33 -21.36 49.36
C ASN UA 337 -47.76 -22.57 50.18
N TYR UA 338 -48.32 -22.33 51.36
CA TYR UA 338 -48.78 -23.43 52.21
C TYR UA 338 -49.94 -24.16 51.57
N ALA UA 339 -50.83 -23.42 50.91
CA ALA UA 339 -51.89 -24.05 50.13
C ALA UA 339 -51.30 -24.83 48.96
N GLN UA 340 -50.33 -24.23 48.26
CA GLN UA 340 -49.66 -24.89 47.15
C GLN UA 340 -48.62 -25.91 47.59
N GLY UA 341 -48.32 -25.97 48.89
CA GLY UA 341 -47.41 -26.97 49.41
C GLY UA 341 -45.97 -26.84 48.95
N LYS UA 342 -45.45 -25.62 48.91
CA LYS UA 342 -44.05 -25.40 48.57
C LYS UA 342 -43.17 -25.23 49.80
N VAL UA 343 -43.76 -25.21 50.99
CA VAL UA 343 -43.00 -25.12 52.22
C VAL UA 343 -42.45 -26.50 52.56
N GLU UA 344 -41.44 -26.54 53.42
CA GLU UA 344 -40.76 -27.78 53.78
C GLU UA 344 -41.34 -28.32 55.09
N GLY UA 345 -42.20 -29.33 54.98
CA GLY UA 345 -42.75 -29.99 56.14
C GLY UA 345 -44.27 -30.13 56.13
N GLU UA 346 -44.98 -29.11 55.65
CA GLU UA 346 -46.42 -29.14 55.53
C GLU UA 346 -46.79 -29.53 54.11
N GLU UA 347 -47.57 -30.61 53.97
CA GLU UA 347 -47.78 -31.21 52.66
C GLU UA 347 -48.46 -30.26 51.69
N GLY UA 348 -49.50 -29.56 52.15
CA GLY UA 348 -50.24 -28.64 51.32
C GLY UA 348 -51.73 -28.88 51.45
N LEU UA 349 -52.49 -28.33 50.51
CA LEU UA 349 -53.95 -28.45 50.49
C LEU UA 349 -54.30 -29.59 49.54
N VAL UA 350 -54.65 -30.74 50.10
CA VAL UA 350 -55.02 -31.92 49.34
C VAL UA 350 -56.43 -32.34 49.76
N VAL UA 351 -56.91 -33.46 49.18
CA VAL UA 351 -58.24 -33.94 49.54
C VAL UA 351 -58.35 -34.09 51.06
N GLY UA 352 -59.48 -33.67 51.60
CA GLY UA 352 -59.70 -33.75 53.03
C GLY UA 352 -58.75 -32.92 53.85
N ALA UA 353 -58.15 -31.89 53.27
CA ALA UA 353 -57.25 -31.02 54.03
C ALA UA 353 -58.05 -30.19 55.02
N SER UA 354 -57.79 -30.39 56.31
CA SER UA 354 -58.50 -29.64 57.34
C SER UA 354 -58.00 -28.20 57.39
N LEU UA 355 -58.61 -27.32 56.61
CA LEU UA 355 -58.29 -25.90 56.66
C LEU UA 355 -58.45 -25.38 58.08
N SER UA 356 -57.35 -24.96 58.69
CA SER UA 356 -57.37 -24.51 60.07
C SER UA 356 -56.65 -23.18 60.19
N ALA UA 357 -57.07 -22.38 61.17
CA ALA UA 357 -56.38 -21.12 61.44
C ALA UA 357 -55.08 -21.38 62.18
N PHE UA 358 -55.01 -22.47 62.95
CA PHE UA 358 -53.78 -22.77 63.69
C PHE UA 358 -52.69 -23.27 62.76
N GLU UA 359 -53.04 -24.15 61.83
CA GLU UA 359 -52.06 -24.69 60.88
C GLU UA 359 -51.60 -23.63 59.89
N VAL UA 360 -52.40 -22.59 59.66
CA VAL UA 360 -52.08 -21.58 58.67
C VAL UA 360 -51.41 -20.39 59.34
N ALA UA 361 -52.13 -19.70 60.22
CA ALA UA 361 -51.61 -18.50 60.85
C ALA UA 361 -50.44 -18.78 61.78
N GLY UA 362 -50.27 -20.03 62.21
CA GLY UA 362 -49.05 -20.38 62.92
C GLY UA 362 -47.86 -20.59 62.00
N ALA UA 363 -48.11 -21.07 60.79
CA ALA UA 363 -47.03 -21.34 59.84
C ALA UA 363 -46.59 -20.12 59.07
N ILE UA 364 -47.37 -19.05 59.05
CA ILE UA 364 -46.95 -17.81 58.38
C ILE UA 364 -45.72 -17.23 59.07
N ALA UA 365 -45.57 -17.48 60.37
CA ALA UA 365 -44.40 -16.99 61.09
C ALA UA 365 -43.15 -17.78 60.78
N ARG UA 366 -43.27 -18.91 60.06
CA ARG UA 366 -42.10 -19.69 59.69
C ARG UA 366 -41.23 -18.97 58.66
N GLU UA 367 -41.72 -17.88 58.08
CA GLU UA 367 -40.96 -17.15 57.09
C GLU UA 367 -40.89 -15.64 57.34
N ILE UA 368 -41.78 -15.08 58.15
CA ILE UA 368 -41.69 -13.68 58.54
C ILE UA 368 -41.89 -13.53 60.04
N PRO UA 369 -40.93 -13.95 60.86
CA PRO UA 369 -41.11 -13.84 62.31
C PRO UA 369 -40.99 -12.40 62.79
N GLY UA 370 -41.12 -12.19 64.10
CA GLY UA 370 -41.00 -10.88 64.69
C GLY UA 370 -42.29 -10.12 64.86
N ILE UA 371 -43.38 -10.58 64.27
CA ILE UA 371 -44.68 -9.94 64.41
C ILE UA 371 -45.47 -10.66 65.49
N TYR UA 372 -46.42 -9.94 66.07
CA TYR UA 372 -47.33 -10.49 67.08
C TYR UA 372 -48.70 -10.68 66.45
N ILE UA 373 -49.18 -11.92 66.42
CA ILE UA 373 -50.47 -12.23 65.83
C ILE UA 373 -51.50 -12.20 66.94
N LYS UA 374 -52.29 -11.12 67.00
CA LYS UA 374 -53.31 -11.01 68.03
C LYS UA 374 -54.46 -11.98 67.77
N LEU UA 375 -54.88 -12.13 66.52
CA LEU UA 375 -56.02 -12.97 66.22
C LEU UA 375 -55.96 -13.42 64.76
N CYS UA 376 -56.55 -14.58 64.50
CA CYS UA 376 -56.78 -15.05 63.13
C CYS UA 376 -57.91 -16.05 63.14
N GLN UA 377 -58.85 -15.92 62.20
CA GLN UA 377 -59.99 -16.81 62.09
C GLN UA 377 -60.31 -17.00 60.61
N VAL UA 378 -60.61 -18.24 60.24
CA VAL UA 378 -60.71 -18.62 58.83
C VAL UA 378 -62.02 -19.37 58.59
N ALA UA 379 -62.50 -19.30 57.35
CA ALA UA 379 -63.68 -20.03 56.93
C ALA UA 379 -63.68 -20.08 55.41
N CYS UA 380 -64.59 -20.86 54.84
CA CYS UA 380 -64.64 -21.03 53.40
C CYS UA 380 -66.06 -21.38 52.97
N VAL UA 381 -66.31 -21.20 51.68
CA VAL UA 381 -67.61 -21.46 51.07
C VAL UA 381 -67.36 -22.08 49.69
N ALA UA 382 -68.42 -22.55 49.05
CA ALA UA 382 -68.29 -23.18 47.74
C ALA UA 382 -67.75 -22.19 46.72
N ALA UA 383 -67.07 -22.73 45.71
CA ALA UA 383 -66.39 -21.90 44.73
C ALA UA 383 -67.39 -21.13 43.85
N GLY UA 384 -67.01 -19.93 43.46
CA GLY UA 384 -67.86 -19.05 42.68
C GLY UA 384 -69.09 -18.57 43.39
N SER UA 385 -68.96 -18.15 44.65
CA SER UA 385 -70.06 -17.71 45.49
C SER UA 385 -69.60 -16.52 46.32
N PRO UA 386 -70.53 -15.68 46.78
CA PRO UA 386 -70.14 -14.46 47.49
C PRO UA 386 -69.51 -14.75 48.84
N ALA UA 387 -68.86 -13.72 49.38
CA ALA UA 387 -68.14 -13.84 50.63
C ALA UA 387 -69.10 -14.09 51.79
N PRO UA 388 -68.65 -14.79 52.83
CA PRO UA 388 -69.52 -15.04 53.99
C PRO UA 388 -69.78 -13.82 54.84
N ALA UA 389 -70.56 -14.00 55.91
CA ALA UA 389 -70.89 -12.91 56.80
C ALA UA 389 -69.70 -12.54 57.67
N PRO UA 390 -69.68 -11.31 58.21
CA PRO UA 390 -68.58 -10.94 59.11
C PRO UA 390 -68.44 -11.85 60.32
N GLY UA 391 -69.54 -12.38 60.82
CA GLY UA 391 -69.52 -13.34 61.92
C GLY UA 391 -69.40 -14.79 61.50
N ASP UA 392 -69.21 -15.05 60.21
CA ASP UA 392 -69.18 -16.40 59.68
C ASP UA 392 -67.77 -17.00 59.69
N PHE UA 393 -66.90 -16.54 60.57
CA PHE UA 393 -65.51 -16.97 60.60
C PHE UA 393 -65.21 -17.68 61.92
N THR UA 394 -64.67 -18.89 61.81
CA THR UA 394 -64.32 -19.74 62.94
C THR UA 394 -62.81 -19.96 62.95
N SER UA 395 -62.37 -20.88 63.81
CA SER UA 395 -60.96 -21.23 63.85
C SER UA 395 -60.62 -22.38 62.90
N GLU UA 396 -61.56 -23.29 62.64
CA GLU UA 396 -61.30 -24.46 61.82
C GLU UA 396 -62.38 -24.63 60.76
N TYR UA 397 -62.12 -25.59 59.87
CA TYR UA 397 -63.12 -26.02 58.88
C TYR UA 397 -62.78 -27.45 58.51
N VAL UA 398 -63.48 -28.41 59.12
CA VAL UA 398 -63.22 -29.82 58.85
C VAL UA 398 -63.71 -30.17 57.45
N MET UA 399 -62.83 -30.75 56.65
CA MET UA 399 -63.13 -31.08 55.27
C MET UA 399 -63.46 -32.57 55.13
N SER UA 400 -64.47 -32.85 54.32
CA SER UA 400 -64.78 -34.23 53.97
C SER UA 400 -63.79 -34.73 52.92
N ALA UA 401 -63.84 -36.02 52.65
CA ALA UA 401 -62.94 -36.63 51.69
C ALA UA 401 -63.41 -36.49 50.25
N PHE UA 402 -64.57 -35.88 50.02
CA PHE UA 402 -65.06 -35.67 48.66
C PHE UA 402 -64.36 -34.52 47.96
N GLY UA 403 -63.83 -33.54 48.69
CA GLY UA 403 -63.26 -32.37 48.05
C GLY UA 403 -62.22 -31.69 48.91
N GLN UA 404 -61.52 -30.74 48.28
CA GLN UA 404 -60.47 -29.97 48.92
C GLN UA 404 -60.62 -28.50 48.56
N ALA UA 405 -60.06 -27.65 49.41
CA ALA UA 405 -60.14 -26.20 49.27
C ALA UA 405 -58.91 -25.66 48.55
N THR UA 406 -59.04 -24.43 48.06
CA THR UA 406 -57.96 -23.71 47.43
C THR UA 406 -57.96 -22.27 47.94
N ILE UA 407 -56.79 -21.63 47.90
CA ILE UA 407 -56.62 -20.27 48.40
C ILE UA 407 -56.03 -19.42 47.28
N SER UA 408 -56.63 -18.26 47.06
CA SER UA 408 -56.13 -17.27 46.11
C SER UA 408 -55.70 -16.01 46.84
N VAL UA 409 -55.04 -15.12 46.11
CA VAL UA 409 -54.43 -13.95 46.73
C VAL UA 409 -55.49 -12.96 47.21
N GLY UA 410 -56.56 -12.79 46.45
CA GLY UA 410 -57.57 -11.80 46.79
C GLY UA 410 -58.43 -12.17 47.98
N ASN UA 411 -58.50 -13.45 48.32
CA ASN UA 411 -59.35 -13.86 49.44
C ASN UA 411 -58.77 -13.49 50.79
N VAL UA 412 -57.49 -13.19 50.86
CA VAL UA 412 -56.84 -12.90 52.14
C VAL UA 412 -57.01 -11.41 52.44
N ARG UA 413 -57.53 -11.10 53.62
CA ARG UA 413 -57.68 -9.73 54.08
C ARG UA 413 -56.86 -9.53 55.35
N VAL UA 414 -56.14 -8.42 55.42
CA VAL UA 414 -55.22 -8.16 56.51
C VAL UA 414 -55.57 -6.82 57.15
N THR UA 415 -55.65 -6.81 58.49
CA THR UA 415 -55.87 -5.60 59.26
C THR UA 415 -54.74 -5.45 60.25
N PHE UA 416 -54.09 -4.29 60.24
CA PHE UA 416 -52.99 -4.02 61.17
C PHE UA 416 -53.50 -3.30 62.41
N VAL UA 417 -54.42 -3.97 63.09
CA VAL UA 417 -55.05 -3.40 64.28
C VAL UA 417 -54.28 -3.81 65.53
N VAL VA 14 -9.60 -32.61 -73.66
CA VAL VA 14 -8.88 -32.10 -72.49
C VAL VA 14 -9.85 -31.41 -71.53
N ALA VA 15 -11.05 -31.99 -71.38
CA ALA VA 15 -12.06 -31.40 -70.52
C ALA VA 15 -12.45 -32.32 -69.37
N ASP VA 16 -12.21 -33.62 -69.50
CA ASP VA 16 -12.57 -34.56 -68.45
C ASP VA 16 -11.40 -35.47 -68.13
N THR VA 17 -11.38 -35.97 -66.90
CA THR VA 17 -10.29 -36.78 -66.39
C THR VA 17 -10.75 -38.21 -66.14
N ALA VA 18 -9.90 -39.17 -66.47
CA ALA VA 18 -10.18 -40.57 -66.23
C ALA VA 18 -9.39 -41.06 -65.02
N ASP VA 19 -10.07 -41.76 -64.11
CA ASP VA 19 -9.46 -42.24 -62.89
C ASP VA 19 -9.70 -43.71 -62.61
N VAL VA 20 -10.38 -44.43 -63.51
CA VAL VA 20 -10.65 -45.84 -63.27
C VAL VA 20 -9.37 -46.66 -63.40
N LEU VA 21 -8.46 -46.26 -64.28
CA LEU VA 21 -7.22 -46.99 -64.53
C LEU VA 21 -6.07 -46.50 -63.67
N SER VA 22 -6.31 -45.57 -62.74
CA SER VA 22 -5.22 -44.98 -61.97
C SER VA 22 -4.59 -46.01 -61.04
N ASP VA 23 -5.40 -46.75 -60.29
CA ASP VA 23 -4.86 -47.71 -59.32
C ASP VA 23 -3.99 -48.76 -59.99
N VAL VA 24 -4.37 -49.19 -61.20
CA VAL VA 24 -3.58 -50.15 -61.95
C VAL VA 24 -2.18 -49.60 -62.20
N GLU VA 25 -2.08 -48.30 -62.48
CA GLU VA 25 -0.79 -47.69 -62.80
C GLU VA 25 0.22 -47.94 -61.69
N ALA VA 26 -0.14 -47.61 -60.45
CA ALA VA 26 0.80 -47.81 -59.35
C ALA VA 26 0.91 -49.27 -58.96
N GLU VA 27 -0.20 -50.03 -59.00
CA GLU VA 27 -0.14 -51.44 -58.65
C GLU VA 27 0.81 -52.21 -59.56
N PHE VA 28 1.05 -51.72 -60.77
CA PHE VA 28 2.04 -52.33 -61.64
C PHE VA 28 3.37 -51.58 -61.67
N ARG VA 29 3.37 -50.29 -61.34
CA ARG VA 29 4.63 -49.58 -61.18
C ARG VA 29 5.46 -50.19 -60.06
N ALA VA 30 4.83 -50.47 -58.93
CA ALA VA 30 5.53 -51.16 -57.84
C ALA VA 30 5.97 -52.55 -58.28
N ALA VA 31 5.13 -53.24 -59.06
CA ALA VA 31 5.46 -54.60 -59.47
C ALA VA 31 6.68 -54.66 -60.39
N LEU VA 32 6.72 -53.82 -61.44
CA LEU VA 32 7.89 -53.82 -62.31
C LEU VA 32 9.04 -53.02 -61.74
N GLY VA 33 8.84 -52.32 -60.63
CA GLY VA 33 9.93 -51.59 -60.02
C GLY VA 33 10.76 -52.41 -59.05
N ALA VA 34 10.15 -52.90 -57.97
CA ALA VA 34 10.87 -53.64 -56.96
C ALA VA 34 11.01 -55.12 -57.33
N ASN VA 35 9.90 -55.81 -57.45
CA ASN VA 35 9.86 -57.24 -57.79
C ASN VA 35 8.40 -57.61 -58.05
N ILE VA 36 8.17 -58.83 -58.51
CA ILE VA 36 6.81 -59.33 -58.70
C ILE VA 36 6.38 -60.09 -57.45
N ASN VA 37 5.80 -59.37 -56.50
CA ASN VA 37 5.32 -59.98 -55.26
C ASN VA 37 4.37 -59.02 -54.56
N LEU VA 38 3.38 -59.61 -53.88
CA LEU VA 38 2.36 -58.90 -53.10
C LEU VA 38 1.54 -58.01 -54.02
N ALA VA 39 1.53 -56.69 -53.86
CA ALA VA 39 0.49 -55.80 -54.38
C ALA VA 39 -0.88 -56.23 -53.88
N ALA VA 40 -0.91 -56.81 -52.68
CA ALA VA 40 -2.12 -57.26 -52.03
C ALA VA 40 -2.70 -56.11 -51.21
N SER VA 41 -3.66 -56.40 -50.32
CA SER VA 41 -4.30 -55.37 -49.52
C SER VA 41 -3.82 -55.35 -48.07
N THR VA 42 -3.54 -56.50 -47.49
CA THR VA 42 -3.03 -56.56 -46.12
C THR VA 42 -1.64 -55.96 -45.93
N PRO VA 43 -0.63 -56.26 -46.79
CA PRO VA 43 0.76 -55.91 -46.44
C PRO VA 43 1.05 -54.42 -46.44
N GLN VA 44 2.30 -54.07 -46.12
CA GLN VA 44 2.70 -52.68 -46.08
C GLN VA 44 2.65 -52.03 -47.46
N GLY VA 45 3.07 -52.75 -48.50
CA GLY VA 45 3.07 -52.20 -49.85
C GLY VA 45 1.69 -51.81 -50.34
N SER VA 46 0.64 -52.45 -49.82
CA SER VA 46 -0.72 -52.04 -50.13
C SER VA 46 -0.94 -50.58 -49.75
N LEU VA 47 -0.43 -50.19 -48.57
CA LEU VA 47 -0.58 -48.84 -48.10
C LEU VA 47 0.04 -47.83 -49.05
N VAL VA 48 1.28 -48.08 -49.45
CA VAL VA 48 1.98 -47.16 -50.35
C VAL VA 48 1.29 -47.11 -51.69
N ALA VA 49 0.91 -48.27 -52.24
CA ALA VA 49 0.24 -48.31 -53.53
C ALA VA 49 -1.10 -47.58 -53.49
N ALA VA 50 -1.82 -47.70 -52.37
CA ALA VA 50 -3.12 -47.05 -52.24
C ALA VA 50 -2.96 -45.54 -52.10
N GLU VA 51 -1.98 -45.10 -51.30
CA GLU VA 51 -1.81 -43.67 -51.10
C GLU VA 51 -1.29 -42.96 -52.35
N ALA VA 52 -0.39 -43.62 -53.10
CA ALA VA 52 0.09 -43.04 -54.35
C ALA VA 52 -1.02 -42.89 -55.39
N ILE VA 53 -2.18 -43.52 -55.16
CA ILE VA 53 -3.34 -43.36 -56.02
C ILE VA 53 -4.34 -42.38 -55.44
N ALA VA 54 -4.56 -42.43 -54.13
CA ALA VA 54 -5.44 -41.46 -53.50
C ALA VA 54 -4.92 -40.05 -53.70
N ARG VA 55 -3.60 -39.91 -53.88
CA ARG VA 55 -3.02 -38.61 -54.19
C ARG VA 55 -2.87 -38.38 -55.70
N SER VA 56 -2.76 -39.44 -56.50
CA SER VA 56 -2.74 -39.23 -57.94
C SER VA 56 -4.10 -38.76 -58.44
N SER VA 57 -5.18 -39.21 -57.81
CA SER VA 57 -6.51 -38.73 -58.18
C SER VA 57 -6.67 -37.24 -57.92
N VAL VA 58 -6.18 -36.77 -56.76
CA VAL VA 58 -6.24 -35.34 -56.47
C VAL VA 58 -5.45 -34.56 -57.51
N MET VA 59 -4.26 -35.06 -57.86
CA MET VA 59 -3.49 -34.49 -58.96
C MET VA 59 -4.34 -34.37 -60.23
N ARG VA 60 -4.97 -35.46 -60.65
CA ARG VA 60 -5.62 -35.47 -61.94
C ARG VA 60 -6.87 -34.59 -61.95
N ASN VA 61 -7.59 -34.57 -60.83
CA ASN VA 61 -8.78 -33.71 -60.75
C ASN VA 61 -8.39 -32.23 -60.69
N GLU VA 62 -7.44 -31.89 -59.81
CA GLU VA 62 -7.16 -30.49 -59.55
C GLU VA 62 -6.25 -29.88 -60.61
N ALA VA 63 -5.63 -30.71 -61.46
CA ALA VA 63 -4.95 -30.17 -62.62
C ALA VA 63 -5.93 -29.72 -63.68
N ARG VA 64 -7.03 -30.46 -63.87
CA ARG VA 64 -8.05 -30.03 -64.82
C ARG VA 64 -8.84 -28.85 -64.29
N ILE VA 65 -9.29 -28.92 -63.02
CA ILE VA 65 -10.27 -27.93 -62.57
C ILE VA 65 -9.73 -26.51 -62.69
N ALA VA 66 -8.40 -26.34 -62.71
CA ALA VA 66 -7.83 -25.02 -62.91
C ALA VA 66 -7.77 -24.62 -64.37
N ASN VA 67 -8.02 -25.56 -65.29
CA ASN VA 67 -8.03 -25.23 -66.72
C ASN VA 67 -9.17 -24.26 -67.04
N THR VA 68 -10.40 -24.71 -66.82
CA THR VA 68 -11.57 -24.01 -67.27
C THR VA 68 -12.44 -23.58 -66.09
N ILE VA 69 -9.94 -20.31 -70.74
CA ILE VA 69 -10.92 -20.78 -69.78
C ILE VA 69 -12.33 -20.59 -70.32
N ASN VA 70 -13.16 -21.61 -70.17
CA ASN VA 70 -14.52 -21.54 -70.68
C ASN VA 70 -15.28 -20.42 -69.97
N PRO VA 71 -16.03 -19.60 -70.71
CA PRO VA 71 -16.85 -18.57 -70.04
C PRO VA 71 -17.83 -19.16 -69.04
N ASN VA 72 -18.47 -20.27 -69.39
CA ASN VA 72 -19.29 -20.98 -68.42
C ASN VA 72 -18.39 -21.84 -67.51
N VAL VA 73 -19.03 -22.57 -66.59
CA VAL VA 73 -18.34 -23.49 -65.69
C VAL VA 73 -17.42 -22.74 -64.72
N SER VA 74 -16.83 -21.64 -65.16
CA SER VA 74 -15.89 -20.88 -64.34
C SER VA 74 -16.61 -20.19 -63.18
N PHE VA 75 -15.81 -19.61 -62.29
CA PHE VA 75 -16.30 -19.00 -61.05
C PHE VA 75 -15.17 -18.19 -60.45
N GLY VA 76 -15.48 -16.97 -60.00
CA GLY VA 76 -14.49 -16.18 -59.29
C GLY VA 76 -13.35 -15.71 -60.17
N THR VA 77 -12.68 -16.67 -60.83
CA THR VA 77 -11.74 -16.34 -61.89
C THR VA 77 -12.44 -15.81 -63.13
N PHE VA 78 -13.76 -16.03 -63.24
CA PHE VA 78 -14.54 -15.48 -64.34
C PHE VA 78 -14.55 -13.96 -64.35
N LEU VA 79 -14.23 -13.32 -63.23
CA LEU VA 79 -14.09 -11.88 -63.21
C LEU VA 79 -13.04 -11.40 -64.20
N ASP VA 80 -11.98 -12.16 -64.41
CA ASP VA 80 -10.95 -11.80 -65.38
C ASP VA 80 -11.38 -12.07 -66.81
N ALA VA 81 -12.14 -13.14 -67.05
CA ALA VA 81 -12.70 -13.34 -68.38
C ALA VA 81 -13.67 -12.22 -68.73
N ILE VA 82 -14.34 -11.65 -67.74
CA ILE VA 82 -15.13 -10.45 -67.96
C ILE VA 82 -14.21 -9.25 -68.21
N CYS VA 83 -13.16 -9.12 -67.42
CA CYS VA 83 -12.32 -7.92 -67.50
C CYS VA 83 -11.45 -7.91 -68.75
N ALA VA 84 -11.37 -9.01 -69.50
CA ALA VA 84 -10.68 -8.97 -70.79
C ALA VA 84 -11.36 -8.00 -71.75
N LEU VA 85 -12.68 -7.88 -71.68
CA LEU VA 85 -13.42 -6.95 -72.52
C LEU VA 85 -14.13 -5.88 -71.71
N MET VA 86 -14.97 -6.26 -70.76
CA MET VA 86 -15.74 -5.32 -69.97
C MET VA 86 -14.88 -4.75 -68.84
N GLY VA 87 -14.70 -3.43 -68.85
CA GLY VA 87 -13.84 -2.81 -67.86
C GLY VA 87 -14.42 -2.88 -66.46
N ILE VA 88 -15.73 -3.13 -66.36
CA ILE VA 88 -16.42 -3.16 -65.07
C ILE VA 88 -17.46 -4.27 -65.14
N GLU VA 89 -17.76 -4.85 -64.00
CA GLU VA 89 -18.98 -5.68 -63.91
C GLU VA 89 -20.10 -4.91 -63.22
N ARG VA 90 -19.90 -4.51 -61.97
CA ARG VA 90 -20.94 -3.89 -61.15
C ARG VA 90 -20.26 -3.16 -59.99
N GLY VA 91 -21.07 -2.70 -59.04
CA GLY VA 91 -20.56 -2.04 -57.85
C GLY VA 91 -21.50 -2.18 -56.67
N SER VA 92 -21.14 -1.56 -55.54
CA SER VA 92 -21.92 -1.67 -54.30
C SER VA 92 -22.06 -0.28 -53.69
N ASP VA 93 -23.14 0.41 -54.04
CA ASP VA 93 -23.46 1.72 -53.49
C ASP VA 93 -24.85 1.69 -52.85
N LEU VA 94 -25.24 2.80 -52.25
CA LEU VA 94 -26.46 2.90 -51.46
C LEU VA 94 -27.43 3.88 -52.09
N SER VA 95 -28.71 3.74 -51.74
CA SER VA 95 -29.78 4.58 -52.27
C SER VA 95 -29.91 5.85 -51.42
N THR VA 96 -28.88 6.68 -51.49
CA THR VA 96 -28.88 7.92 -50.73
C THR VA 96 -29.99 8.84 -51.22
N PHE VA 97 -30.53 9.64 -50.31
CA PHE VA 97 -31.66 10.51 -50.60
C PHE VA 97 -31.27 11.97 -50.36
N GLY VA 98 -32.27 12.85 -50.50
CA GLY VA 98 -32.09 14.26 -50.25
C GLY VA 98 -33.43 14.96 -50.32
N TYR VA 99 -33.41 16.25 -50.02
CA TYR VA 99 -34.59 17.11 -50.07
C TYR VA 99 -35.73 16.61 -49.18
N GLY VA 100 -35.42 15.88 -48.12
CA GLY VA 100 -36.45 15.40 -47.23
C GLY VA 100 -37.03 16.50 -46.37
N VAL VA 101 -38.14 16.18 -45.69
CA VAL VA 101 -38.80 17.10 -44.79
C VAL VA 101 -39.60 16.28 -43.78
N GLN VA 102 -39.79 16.83 -42.59
CA GLN VA 102 -40.46 16.13 -41.51
C GLN VA 102 -41.51 17.04 -40.88
N VAL VA 103 -42.57 16.41 -40.35
CA VAL VA 103 -43.60 17.12 -39.61
C VAL VA 103 -43.18 17.16 -38.14
N THR VA 104 -43.03 18.37 -37.61
CA THR VA 104 -42.46 18.51 -36.27
C THR VA 104 -43.06 19.74 -35.59
N GLY VA 105 -42.66 19.95 -34.34
CA GLY VA 105 -43.22 20.99 -33.50
C GLY VA 105 -42.35 22.22 -33.36
N ARG VA 106 -41.93 22.52 -32.14
CA ARG VA 106 -41.23 23.76 -31.81
C ARG VA 106 -39.90 23.47 -31.14
N SER VA 107 -38.82 23.99 -31.72
CA SER VA 107 -37.48 23.96 -31.12
C SER VA 107 -37.07 22.54 -30.72
N GLN VA 108 -37.32 21.58 -31.61
CA GLN VA 108 -36.87 20.22 -31.38
C GLN VA 108 -35.50 20.00 -31.98
N THR VA 109 -34.67 19.23 -31.27
CA THR VA 109 -33.30 18.96 -31.70
C THR VA 109 -33.28 17.58 -32.35
N ARG VA 110 -33.48 17.57 -33.67
CA ARG VA 110 -33.34 16.32 -34.41
C ARG VA 110 -31.91 15.82 -34.28
N ILE VA 111 -31.76 14.51 -34.16
CA ILE VA 111 -30.46 13.89 -33.96
C ILE VA 111 -30.13 13.05 -35.18
N SER VA 112 -28.85 12.67 -35.29
CA SER VA 112 -28.45 11.76 -36.33
C SER VA 112 -29.11 10.40 -36.12
N THR VA 113 -28.90 9.50 -37.09
CA THR VA 113 -29.36 8.11 -37.08
C THR VA 113 -30.83 7.98 -36.69
N GLY VA 114 -31.61 9.05 -36.80
CA GLY VA 114 -33.04 8.94 -36.58
C GLY VA 114 -33.63 8.04 -37.64
N SER VA 115 -34.00 6.83 -37.26
CA SER VA 115 -34.35 5.81 -38.23
C SER VA 115 -35.82 5.95 -38.64
N ARG VA 116 -36.05 6.06 -39.95
CA ARG VA 116 -37.40 6.07 -40.50
C ARG VA 116 -37.57 4.83 -41.36
N VAL VA 117 -38.63 4.08 -41.11
CA VAL VA 117 -38.86 2.79 -41.76
C VAL VA 117 -40.05 2.93 -42.69
N GLN VA 118 -39.81 2.72 -43.98
CA GLN VA 118 -40.90 2.63 -44.92
C GLN VA 118 -41.55 1.25 -44.83
N THR VA 119 -42.82 1.19 -45.25
CA THR VA 119 -43.52 -0.09 -45.24
C THR VA 119 -42.83 -1.18 -46.06
N PRO VA 120 -42.23 -0.90 -47.24
CA PRO VA 120 -41.46 -1.97 -47.92
C PRO VA 120 -40.00 -2.02 -47.46
N ALA VA 121 -39.82 -2.27 -46.16
CA ALA VA 121 -38.49 -2.45 -45.56
C ALA VA 121 -37.61 -1.24 -45.81
N GLY VA 122 -38.03 -0.11 -45.25
CA GLY VA 122 -37.28 1.13 -45.40
C GLY VA 122 -35.96 1.12 -44.65
N ALA VA 123 -36.02 1.13 -43.32
CA ALA VA 123 -34.83 1.13 -42.46
C ALA VA 123 -33.82 2.19 -42.93
N ILE VA 124 -34.24 3.44 -42.82
CA ILE VA 124 -33.52 4.58 -43.36
C ILE VA 124 -33.08 5.48 -42.22
N PHE VA 125 -31.79 5.81 -42.19
CA PHE VA 125 -31.26 6.74 -41.19
C PHE VA 125 -31.55 8.17 -41.59
N THR VA 126 -30.99 9.11 -40.82
CA THR VA 126 -30.82 10.49 -41.24
C THR VA 126 -29.33 10.75 -41.41
N VAL VA 127 -28.97 11.54 -42.42
CA VAL VA 127 -27.57 11.69 -42.79
C VAL VA 127 -26.87 12.76 -41.96
N MET VA 128 -27.52 13.90 -41.73
CA MET VA 128 -26.93 14.97 -40.93
C MET VA 128 -27.97 15.51 -39.97
N SER VA 129 -27.48 16.10 -38.88
CA SER VA 129 -28.34 16.60 -37.82
C SER VA 129 -29.10 17.84 -38.27
N ASP VA 130 -30.18 18.13 -37.54
CA ASP VA 130 -31.02 19.29 -37.82
C ASP VA 130 -31.68 19.74 -36.53
N VAL VA 131 -32.15 20.99 -36.52
CA VAL VA 131 -32.89 21.55 -35.40
C VAL VA 131 -34.19 22.16 -35.93
N THR VA 132 -35.28 21.88 -35.24
CA THR VA 132 -36.59 22.36 -35.68
C THR VA 132 -36.69 23.88 -35.52
N ILE VA 133 -37.35 24.51 -36.48
CA ILE VA 133 -37.45 25.97 -36.55
C ILE VA 133 -38.83 26.40 -36.05
N PRO VA 134 -39.08 27.70 -35.86
CA PRO VA 134 -40.43 28.14 -35.45
C PRO VA 134 -41.53 27.78 -36.45
N ALA VA 135 -41.18 27.53 -37.71
CA ALA VA 135 -42.20 27.18 -38.70
C ALA VA 135 -42.88 25.85 -38.36
N GLY VA 136 -42.12 24.87 -37.89
CA GLY VA 136 -42.63 23.54 -37.65
C GLY VA 136 -42.31 22.53 -38.73
N GLY VA 137 -41.51 22.90 -39.72
CA GLY VA 137 -41.09 21.99 -40.76
C GLY VA 137 -39.65 22.18 -41.14
N VAL VA 138 -38.87 21.10 -41.15
CA VAL VA 138 -37.44 21.17 -41.40
C VAL VA 138 -37.04 20.08 -42.38
N ALA VA 139 -35.86 20.26 -42.99
CA ALA VA 139 -35.36 19.36 -44.01
C ALA VA 139 -34.28 18.46 -43.43
N THR VA 140 -34.38 17.16 -43.68
CA THR VA 140 -33.40 16.18 -43.24
C THR VA 140 -33.09 15.22 -44.38
N ILE VA 141 -31.92 14.61 -44.31
CA ILE VA 141 -31.40 13.78 -45.39
C ILE VA 141 -31.49 12.32 -44.97
N ASP VA 142 -31.49 11.42 -45.97
CA ASP VA 142 -31.75 10.00 -45.75
C ASP VA 142 -30.69 9.14 -46.43
N ILE VA 143 -30.26 8.08 -45.75
CA ILE VA 143 -29.37 7.08 -46.34
C ILE VA 143 -29.86 5.70 -45.93
N LYS VA 144 -29.82 4.75 -46.87
CA LYS VA 144 -30.41 3.44 -46.67
C LYS VA 144 -29.44 2.57 -45.86
N SER VA 145 -29.99 1.81 -44.91
CA SER VA 145 -29.20 0.92 -44.08
C SER VA 145 -28.64 -0.28 -44.83
N GLN VA 146 -29.07 -0.51 -46.07
CA GLN VA 146 -28.54 -1.59 -46.88
C GLN VA 146 -27.93 -1.02 -48.16
N GLU VA 147 -27.33 -1.90 -48.95
CA GLU VA 147 -26.57 -1.51 -50.14
C GLU VA 147 -27.20 -2.06 -51.42
N TYR VA 148 -28.53 -2.13 -51.47
CA TYR VA 148 -29.23 -2.59 -52.66
C TYR VA 148 -30.10 -1.46 -53.20
N GLY VA 149 -30.74 -1.71 -54.34
CA GLY VA 149 -31.61 -0.73 -54.96
C GLY VA 149 -33.03 -0.78 -54.43
N ASN VA 150 -33.41 0.26 -53.68
CA ASN VA 150 -34.76 0.36 -53.12
C ASN VA 150 -35.31 1.75 -53.39
N ILE VA 151 -36.63 1.84 -53.38
CA ILE VA 151 -37.32 3.06 -53.78
C ILE VA 151 -38.20 3.56 -52.63
N PRO VA 152 -38.30 4.87 -52.40
CA PRO VA 152 -39.21 5.37 -51.38
C PRO VA 152 -40.60 5.71 -51.93
N LEU VA 153 -41.60 5.45 -51.10
CA LEU VA 153 -42.99 5.66 -51.47
C LEU VA 153 -43.30 7.16 -51.54
N PRO VA 154 -44.33 7.55 -52.30
CA PRO VA 154 -44.61 8.98 -52.47
C PRO VA 154 -44.98 9.71 -51.19
N VAL VA 155 -45.52 9.01 -50.21
CA VAL VA 155 -45.94 9.63 -48.96
C VAL VA 155 -45.04 9.15 -47.84
N GLY VA 156 -45.00 9.94 -46.76
CA GLY VA 156 -44.35 9.48 -45.55
C GLY VA 156 -45.08 8.30 -44.95
N ASN VA 157 -44.32 7.37 -44.37
CA ASN VA 157 -44.88 6.15 -43.83
C ASN VA 157 -44.82 6.09 -42.32
N LEU VA 158 -43.62 6.14 -41.74
CA LEU VA 158 -43.43 5.87 -40.32
C LEU VA 158 -42.18 6.59 -39.84
N ILE VA 159 -42.11 6.78 -38.52
CA ILE VA 159 -40.91 7.25 -37.84
C ILE VA 159 -40.67 6.38 -36.62
N ILE VA 160 -39.42 5.99 -36.42
CA ILE VA 160 -39.07 5.07 -35.33
C ILE VA 160 -38.44 5.85 -34.18
N ILE VA 161 -37.31 6.50 -34.46
CA ILE VA 161 -36.60 7.29 -33.45
C ILE VA 161 -37.23 8.68 -33.42
N ASP VA 162 -37.85 9.01 -32.28
CA ASP VA 162 -38.62 10.25 -32.19
C ASP VA 162 -38.57 10.79 -30.77
N GLY VA 163 -38.84 12.09 -30.65
CA GLY VA 163 -38.90 12.74 -29.36
C GLY VA 163 -40.32 13.08 -28.94
N THR VA 164 -41.29 12.35 -29.47
CA THR VA 164 -42.72 12.53 -29.23
C THR VA 164 -43.20 13.93 -29.61
N ILE VA 165 -42.37 14.72 -30.26
CA ILE VA 165 -42.77 16.03 -30.76
C ILE VA 165 -42.66 16.09 -32.28
N GLY VA 166 -41.62 15.50 -32.86
CA GLY VA 166 -41.58 15.28 -34.28
C GLY VA 166 -42.64 14.27 -34.66
N TRP VA 167 -43.66 14.72 -35.41
CA TRP VA 167 -44.86 13.91 -35.58
C TRP VA 167 -44.68 12.83 -36.65
N SER VA 168 -44.17 13.21 -37.82
CA SER VA 168 -44.10 12.26 -38.93
C SER VA 168 -43.13 12.77 -39.97
N GLY VA 169 -42.51 11.83 -40.68
CA GLY VA 169 -41.65 12.16 -41.81
C GLY VA 169 -42.47 12.33 -43.07
N ALA VA 170 -42.17 13.38 -43.81
CA ALA VA 170 -42.95 13.78 -44.98
C ALA VA 170 -42.14 13.60 -46.25
N LYS VA 171 -42.70 12.83 -47.18
CA LYS VA 171 -42.11 12.68 -48.51
C LYS VA 171 -42.85 13.59 -49.48
N VAL VA 172 -42.10 14.34 -50.29
CA VAL VA 172 -42.69 15.30 -51.20
C VAL VA 172 -42.34 14.92 -52.64
N ILE VA 173 -42.80 15.75 -53.58
CA ILE VA 173 -42.50 15.52 -54.99
C ILE VA 173 -41.16 16.14 -55.37
N ALA VA 174 -40.76 17.21 -54.69
CA ALA VA 174 -39.50 17.88 -55.01
C ALA VA 174 -38.27 17.02 -54.74
N SER VA 175 -38.40 16.01 -53.89
CA SER VA 175 -37.24 15.25 -53.47
C SER VA 175 -36.68 14.40 -54.61
N THR VA 176 -35.41 14.02 -54.47
CA THR VA 176 -34.70 13.22 -55.45
C THR VA 176 -34.52 11.79 -54.95
N ARG VA 177 -34.35 10.88 -55.91
CA ARG VA 177 -34.10 9.47 -55.63
C ARG VA 177 -32.94 9.01 -56.51
N VAL VA 178 -31.82 8.69 -55.89
CA VAL VA 178 -30.65 8.19 -56.60
C VAL VA 178 -30.64 6.67 -56.46
N ASP VA 179 -30.60 5.98 -57.58
CA ASP VA 179 -30.72 4.53 -57.56
C ASP VA 179 -29.34 3.88 -57.52
N PRO VA 180 -29.08 2.99 -56.55
CA PRO VA 180 -27.78 2.33 -56.48
C PRO VA 180 -27.73 0.99 -57.21
N GLY VA 181 -26.56 0.38 -57.26
CA GLY VA 181 -26.42 -0.97 -57.77
C GLY VA 181 -26.57 -2.02 -56.67
N SER VA 182 -26.56 -3.29 -57.10
CA SER VA 182 -26.75 -4.42 -56.18
C SER VA 182 -25.65 -5.46 -56.43
N ARG VA 183 -24.51 -5.28 -55.76
CA ARG VA 183 -23.45 -6.28 -55.61
C ARG VA 183 -23.15 -7.00 -56.93
N GLN VA 184 -23.06 -8.33 -56.91
CA GLN VA 184 -22.84 -9.13 -58.10
C GLN VA 184 -23.46 -10.50 -57.91
N MET VA 185 -23.62 -11.20 -59.03
CA MET VA 185 -23.98 -12.60 -59.05
C MET VA 185 -23.25 -13.24 -60.22
N SER VA 186 -22.45 -14.27 -59.94
CA SER VA 186 -21.71 -14.93 -61.01
C SER VA 186 -22.67 -15.55 -62.02
N ASP VA 187 -23.76 -16.14 -61.54
CA ASP VA 187 -24.77 -16.68 -62.43
C ASP VA 187 -25.48 -15.59 -63.23
N ALA VA 188 -25.37 -14.33 -62.82
CA ALA VA 188 -25.85 -13.21 -63.62
C ALA VA 188 -24.76 -12.61 -64.49
N GLU VA 189 -23.49 -12.73 -64.07
CA GLU VA 189 -22.38 -12.36 -64.93
C GLU VA 189 -22.34 -13.22 -66.17
N LEU VA 190 -22.56 -14.53 -66.03
CA LEU VA 190 -22.63 -15.41 -67.19
C LEU VA 190 -23.73 -14.99 -68.16
N LYS VA 191 -24.75 -14.27 -67.69
CA LYS VA 191 -25.84 -13.82 -68.54
C LYS VA 191 -25.51 -12.52 -69.25
N ASN VA 192 -25.11 -11.50 -68.49
CA ASN VA 192 -24.88 -10.21 -69.15
C ASN VA 192 -23.54 -10.14 -69.86
N ALA VA 193 -22.69 -11.16 -69.73
CA ALA VA 193 -21.43 -11.17 -70.45
C ALA VA 193 -21.67 -11.16 -71.96
N ARG VA 194 -22.62 -11.96 -72.43
CA ARG VA 194 -22.84 -12.07 -73.86
C ARG VA 194 -23.39 -10.77 -74.44
N VAL VA 195 -23.82 -9.85 -73.58
CA VAL VA 195 -24.46 -8.63 -74.06
C VAL VA 195 -23.52 -7.43 -73.93
N ASN VA 196 -22.73 -7.37 -72.86
CA ASN VA 196 -21.97 -6.16 -72.57
C ASN VA 196 -20.67 -6.03 -73.34
N ARG VA 197 -20.51 -6.68 -74.48
CA ARG VA 197 -19.24 -6.64 -75.20
C ARG VA 197 -19.22 -5.55 -76.26
N LEU VA 198 -18.35 -4.56 -76.04
CA LEU VA 198 -18.29 -3.36 -76.87
C LEU VA 198 -17.08 -3.45 -77.80
N ALA VA 199 -16.92 -2.44 -78.66
CA ALA VA 199 -16.02 -2.56 -79.81
C ALA VA 199 -15.06 -1.36 -79.93
N ILE VA 200 -14.09 -1.45 -80.85
CA ILE VA 200 -12.88 -0.63 -80.81
C ILE VA 200 -12.51 0.15 -82.08
N GLN VA 201 -13.50 0.63 -82.84
CA GLN VA 201 -13.31 1.85 -83.63
C GLN VA 201 -14.11 2.99 -83.02
N GLY VA 202 -14.36 4.02 -83.82
CA GLY VA 202 -15.09 5.21 -83.40
C GLY VA 202 -16.44 4.94 -82.75
N ARG VA 203 -16.75 3.67 -82.50
CA ARG VA 203 -17.90 3.26 -81.70
C ARG VA 203 -19.22 3.57 -82.38
N ASN VA 204 -19.48 2.94 -83.53
CA ASN VA 204 -20.66 3.27 -84.34
C ASN VA 204 -21.39 2.05 -84.87
N SER VA 205 -21.34 0.91 -84.17
CA SER VA 205 -22.13 -0.24 -84.56
C SER VA 205 -23.31 -0.44 -83.61
N THR VA 206 -24.36 -1.09 -84.13
CA THR VA 206 -25.56 -1.31 -83.35
C THR VA 206 -25.28 -2.18 -82.13
N MET VA 207 -24.50 -3.25 -82.30
CA MET VA 207 -24.08 -4.04 -81.15
C MET VA 207 -23.21 -3.24 -80.20
N ALA VA 208 -22.37 -2.34 -80.72
CA ALA VA 208 -21.62 -1.45 -79.85
C ALA VA 208 -22.55 -0.56 -79.05
N ILE VA 209 -23.60 -0.03 -79.70
CA ILE VA 209 -24.56 0.81 -78.98
C ILE VA 209 -25.24 0.01 -77.87
N LYS VA 210 -25.69 -1.19 -78.19
CA LYS VA 210 -26.40 -1.99 -77.20
C LYS VA 210 -25.50 -2.35 -76.02
N ALA VA 211 -24.25 -2.72 -76.31
CA ALA VA 211 -23.32 -3.09 -75.24
C ALA VA 211 -22.89 -1.89 -74.40
N TYR VA 212 -22.78 -0.71 -75.01
CA TYR VA 212 -22.43 0.47 -74.26
C TYR VA 212 -23.59 0.95 -73.40
N VAL VA 213 -24.81 0.89 -73.92
CA VAL VA 213 -25.97 1.31 -73.14
C VAL VA 213 -26.24 0.35 -72.00
N SER VA 214 -26.07 -0.96 -72.26
CA SER VA 214 -26.36 -1.94 -71.22
C SER VA 214 -25.42 -1.83 -70.03
N ALA VA 215 -24.26 -1.17 -70.19
CA ALA VA 215 -23.32 -1.01 -69.09
C ALA VA 215 -23.61 0.20 -68.23
N VAL VA 216 -24.51 1.08 -68.65
CA VAL VA 216 -24.90 2.22 -67.81
C VAL VA 216 -25.59 1.69 -66.56
N PRO VA 217 -25.37 2.27 -65.38
CA PRO VA 217 -26.04 1.78 -64.18
C PRO VA 217 -27.54 1.95 -64.25
N ASN VA 218 -28.25 1.06 -63.56
CA ASN VA 218 -29.70 1.09 -63.34
C ASN VA 218 -30.52 0.79 -64.59
N VAL VA 219 -29.91 0.23 -65.63
CA VAL VA 219 -30.61 -0.07 -66.88
C VAL VA 219 -30.82 -1.57 -66.93
N THR VA 220 -32.07 -2.01 -66.77
CA THR VA 220 -32.35 -3.44 -66.70
C THR VA 220 -32.15 -4.12 -68.04
N SER VA 221 -32.71 -3.55 -69.11
CA SER VA 221 -32.64 -4.16 -70.43
C SER VA 221 -32.71 -3.07 -71.48
N VAL VA 222 -32.21 -3.39 -72.68
CA VAL VA 222 -32.17 -2.47 -73.81
C VAL VA 222 -32.51 -3.24 -75.08
N ASN VA 223 -33.18 -2.58 -76.02
CA ASN VA 223 -33.45 -3.11 -77.35
C ASN VA 223 -33.00 -2.11 -78.40
N VAL VA 224 -32.36 -2.61 -79.47
CA VAL VA 224 -31.91 -1.78 -80.57
C VAL VA 224 -32.22 -2.51 -81.88
N ILE VA 225 -32.73 -1.78 -82.87
CA ILE VA 225 -33.05 -2.31 -84.18
C ILE VA 225 -32.63 -1.31 -85.25
N GLU VA 226 -32.36 -1.81 -86.45
CA GLU VA 226 -31.74 -0.97 -87.47
C GLU VA 226 -32.19 -1.37 -88.86
N ASN VA 227 -32.39 -0.37 -89.71
CA ASN VA 227 -33.17 -0.53 -90.94
C ASN VA 227 -32.37 -1.14 -92.09
N ASN VA 228 -31.44 -0.35 -92.66
CA ASN VA 228 -30.63 -0.70 -93.83
C ASN VA 228 -31.41 -0.69 -95.15
N THR VA 229 -32.71 -0.54 -95.12
CA THR VA 229 -33.28 -0.71 -96.45
C THR VA 229 -34.16 0.44 -96.91
N GLY VA 230 -34.95 1.03 -96.03
CA GLY VA 230 -35.86 2.07 -96.44
C GLY VA 230 -37.30 1.62 -96.42
N ALA VA 231 -38.21 2.59 -96.24
CA ALA VA 231 -39.65 2.33 -96.02
C ALA VA 231 -39.77 1.61 -94.69
N VAL VA 232 -40.18 0.35 -94.65
CA VAL VA 232 -40.42 -0.34 -93.39
C VAL VA 232 -39.38 -1.46 -93.22
N GLN VA 233 -39.19 -1.87 -91.96
CA GLN VA 233 -38.29 -2.96 -91.60
C GLN VA 233 -39.10 -4.09 -90.95
N VAL VA 234 -38.54 -5.31 -91.02
CA VAL VA 234 -39.23 -6.48 -90.50
C VAL VA 234 -39.50 -6.37 -89.01
N VAL VA 235 -38.57 -5.78 -88.26
CA VAL VA 235 -38.83 -5.49 -86.85
C VAL VA 235 -39.84 -4.34 -86.76
N ASN VA 236 -40.43 -4.20 -85.57
CA ASN VA 236 -41.52 -3.25 -85.40
C ASN VA 236 -41.03 -1.82 -85.61
N GLY VA 237 -41.83 -1.05 -86.34
CA GLY VA 237 -41.52 0.34 -86.63
C GLY VA 237 -41.93 0.75 -88.03
N VAL VA 238 -42.65 1.87 -88.13
CA VAL VA 238 -43.21 2.35 -89.40
C VAL VA 238 -43.06 3.86 -89.42
N SER VA 239 -42.11 4.37 -90.23
CA SER VA 239 -41.91 5.81 -90.41
C SER VA 239 -40.72 6.14 -91.30
N PHE VA 240 -39.64 6.62 -90.68
CA PHE VA 240 -38.55 7.24 -91.40
C PHE VA 240 -37.79 6.19 -92.21
N THR VA 241 -37.04 6.65 -93.22
CA THR VA 241 -36.47 5.71 -94.19
C THR VA 241 -35.25 4.96 -93.64
N LEU VA 242 -34.42 5.60 -92.80
CA LEU VA 242 -33.23 4.96 -92.26
C LEU VA 242 -33.11 5.21 -90.75
N PRO VA 243 -34.09 4.76 -89.96
CA PRO VA 243 -34.08 5.12 -88.53
C PRO VA 243 -33.27 4.17 -87.68
N TYR VA 244 -33.08 4.52 -86.42
CA TYR VA 244 -32.42 3.67 -85.41
C TYR VA 244 -33.30 3.71 -84.17
N ALA VA 245 -33.97 2.61 -83.84
CA ALA VA 245 -34.91 2.60 -82.73
C ALA VA 245 -34.29 1.90 -81.53
N VAL VA 246 -34.21 2.62 -80.42
CA VAL VA 246 -33.69 2.10 -79.16
C VAL VA 246 -34.74 2.32 -78.08
N TRP VA 247 -34.98 1.28 -77.28
CA TRP VA 247 -36.14 1.21 -76.39
C TRP VA 247 -35.71 0.91 -74.95
N VAL VA 248 -34.77 1.74 -74.46
CA VAL VA 248 -34.13 1.52 -73.18
C VAL VA 248 -35.14 1.30 -72.06
N CYS VA 249 -34.88 0.30 -71.22
CA CYS VA 249 -35.66 0.03 -70.02
C CYS VA 249 -34.79 0.40 -68.81
N VAL VA 250 -34.91 1.65 -68.37
CA VAL VA 250 -34.09 2.17 -67.28
C VAL VA 250 -34.98 2.48 -66.09
N ALA VA 251 -34.56 2.04 -64.91
CA ALA VA 251 -35.26 2.42 -63.69
C ALA VA 251 -35.19 3.92 -63.47
N GLY VA 252 -34.03 4.51 -63.70
CA GLY VA 252 -33.87 5.95 -63.55
C GLY VA 252 -32.54 6.40 -64.08
N ASN VA 253 -32.46 7.71 -64.34
CA ASN VA 253 -31.26 8.34 -64.88
C ASN VA 253 -30.90 9.55 -64.04
N PRO VA 254 -30.30 9.35 -62.86
CA PRO VA 254 -29.81 10.50 -62.10
C PRO VA 254 -28.85 11.35 -62.89
N ASP VA 255 -28.07 10.73 -63.77
CA ASP VA 255 -27.40 11.44 -64.86
C ASP VA 255 -28.34 11.40 -66.07
N LYS VA 256 -29.34 12.28 -66.04
CA LYS VA 256 -30.36 12.30 -67.08
C LYS VA 256 -29.78 12.59 -68.45
N GLN VA 257 -28.60 13.17 -68.52
CA GLN VA 257 -27.93 13.41 -69.79
C GLN VA 257 -26.92 12.33 -70.14
N ALA VA 258 -26.33 11.67 -69.14
CA ALA VA 258 -25.41 10.58 -69.44
C ALA VA 258 -26.14 9.35 -69.96
N VAL VA 259 -27.40 9.17 -69.59
CA VAL VA 259 -28.22 8.16 -70.26
C VAL VA 259 -28.39 8.52 -71.73
N ALA VA 260 -28.25 9.81 -72.07
CA ALA VA 260 -28.28 10.26 -73.45
C ALA VA 260 -26.88 10.48 -74.00
N ASP VA 261 -25.92 10.86 -73.17
CA ASP VA 261 -24.55 11.05 -73.65
C ASP VA 261 -23.93 9.71 -74.03
N ALA VA 262 -24.26 8.65 -73.29
CA ALA VA 262 -23.79 7.31 -73.68
C ALA VA 262 -24.38 6.89 -75.01
N LEU VA 263 -25.67 7.17 -75.23
CA LEU VA 263 -26.28 6.88 -76.52
C LEU VA 263 -25.61 7.68 -77.62
N TRP VA 264 -25.34 8.97 -77.37
CA TRP VA 264 -24.77 9.82 -78.40
C TRP VA 264 -23.35 9.43 -78.76
N ALA VA 265 -22.50 9.18 -77.75
CA ALA VA 265 -21.09 8.92 -78.01
C ALA VA 265 -20.89 7.67 -78.84
N ALA VA 266 -21.83 6.73 -78.79
CA ALA VA 266 -21.74 5.49 -79.53
C ALA VA 266 -22.56 5.48 -80.80
N HIS VA 267 -22.99 6.65 -81.30
CA HIS VA 267 -24.06 6.70 -82.28
C HIS VA 267 -23.63 7.50 -83.51
N ASN VA 268 -23.86 6.93 -84.69
CA ASN VA 268 -23.73 7.62 -85.96
C ASN VA 268 -24.87 7.16 -86.87
N GLY VA 269 -25.66 8.11 -87.38
CA GLY VA 269 -26.79 7.78 -88.21
C GLY VA 269 -27.99 8.68 -88.00
N GLY VA 270 -29.14 8.10 -87.67
CA GLY VA 270 -30.35 8.87 -87.45
C GLY VA 270 -31.01 8.51 -86.13
N THR VA 271 -31.67 9.52 -85.55
CA THR VA 271 -32.33 9.39 -84.25
C THR VA 271 -33.81 9.70 -84.37
N PRO VA 272 -34.68 8.72 -84.55
CA PRO VA 272 -36.12 8.95 -84.49
C PRO VA 272 -36.69 8.62 -83.11
N TRP VA 273 -37.94 9.03 -82.90
CA TRP VA 273 -38.58 8.85 -81.60
C TRP VA 273 -39.12 7.44 -81.43
N ASP VA 274 -40.11 7.08 -82.24
CA ASP VA 274 -40.80 5.80 -82.18
C ASP VA 274 -40.75 5.15 -83.55
N TYR VA 275 -39.52 5.08 -84.08
CA TYR VA 275 -39.21 4.81 -85.49
C TYR VA 275 -39.52 6.08 -86.27
N GLY VA 276 -40.12 7.05 -85.60
CA GLY VA 276 -40.39 8.36 -86.15
C GLY VA 276 -41.85 8.79 -86.08
N ALA VA 277 -42.78 7.89 -86.43
CA ALA VA 277 -44.18 8.28 -86.53
C ALA VA 277 -45.15 7.22 -86.01
N THR VA 278 -44.66 6.15 -85.39
CA THR VA 278 -45.59 5.14 -84.89
C THR VA 278 -46.33 5.66 -83.66
N ASN VA 279 -47.19 4.83 -83.10
CA ASN VA 279 -48.11 5.22 -82.06
C ASN VA 279 -48.01 4.27 -80.88
N ASN VA 280 -48.63 4.68 -79.77
CA ASN VA 280 -48.82 3.88 -78.57
C ASN VA 280 -47.51 3.42 -77.93
N GLY VA 281 -46.42 4.15 -78.14
CA GLY VA 281 -45.22 4.00 -77.34
C GLY VA 281 -44.89 5.35 -76.71
N VAL VA 282 -44.53 5.30 -75.43
CA VAL VA 282 -44.27 6.51 -74.65
C VAL VA 282 -42.80 6.88 -74.85
N PRO VA 283 -42.50 8.03 -75.46
CA PRO VA 283 -41.12 8.48 -75.56
C PRO VA 283 -40.73 9.36 -74.38
N VAL VA 284 -39.46 9.75 -74.31
CA VAL VA 284 -39.01 10.56 -73.19
C VAL VA 284 -39.65 11.95 -73.23
N ASP VA 285 -39.87 12.48 -74.42
CA ASP VA 285 -40.61 13.73 -74.60
C ASP VA 285 -40.91 13.89 -76.09
N GLY VA 286 -41.59 14.98 -76.43
CA GLY VA 286 -41.88 15.31 -77.81
C GLY VA 286 -40.69 15.92 -78.53
N PRO VA 287 -40.24 17.07 -78.05
CA PRO VA 287 -38.98 17.63 -78.56
C PRO VA 287 -37.79 16.81 -78.10
N ASN VA 288 -36.62 17.15 -78.66
CA ASN VA 288 -35.41 16.35 -78.57
C ASN VA 288 -34.98 16.03 -77.14
N GLY VA 289 -34.11 15.02 -76.99
CA GLY VA 289 -33.50 14.70 -75.71
C GLY VA 289 -32.44 15.69 -75.28
N VAL VA 290 -31.86 16.43 -76.23
CA VAL VA 290 -30.97 17.56 -75.98
C VAL VA 290 -29.82 17.17 -75.05
N PRO VA 291 -28.81 16.44 -75.53
CA PRO VA 291 -27.61 16.24 -74.72
C PRO VA 291 -26.89 17.56 -74.49
N VAL VA 292 -26.07 17.60 -73.46
CA VAL VA 292 -25.51 18.86 -72.98
C VAL VA 292 -24.54 19.44 -74.01
N ARG VA 293 -23.61 18.63 -74.51
CA ARG VA 293 -22.49 19.14 -75.28
C ARG VA 293 -21.64 17.97 -75.75
N ASP VA 294 -20.83 18.23 -76.78
CA ASP VA 294 -19.83 17.31 -77.28
C ASP VA 294 -18.44 17.90 -77.11
N PRO VA 295 -17.44 17.09 -76.74
CA PRO VA 295 -16.09 17.63 -76.51
C PRO VA 295 -15.31 17.94 -77.78
N ALA VA 296 -15.86 17.64 -78.95
CA ALA VA 296 -15.17 17.87 -80.22
C ALA VA 296 -15.58 19.19 -80.87
N SER VA 297 -15.98 20.17 -80.07
CA SER VA 297 -16.44 21.48 -80.57
C SER VA 297 -17.63 21.34 -81.52
N GLY VA 298 -18.50 20.36 -81.27
CA GLY VA 298 -19.67 20.17 -82.10
C GLY VA 298 -20.97 20.26 -81.32
N ARG VA 299 -21.78 21.28 -81.62
CA ARG VA 299 -23.04 21.51 -80.90
C ARG VA 299 -24.18 20.77 -81.61
N LYS VA 300 -24.05 19.45 -81.68
CA LYS VA 300 -25.03 18.60 -82.34
C LYS VA 300 -25.82 17.85 -81.26
N TYR VA 301 -27.12 18.09 -81.20
CA TYR VA 301 -27.99 17.49 -80.19
C TYR VA 301 -29.16 16.82 -80.89
N VAL VA 302 -28.98 15.57 -81.30
CA VAL VA 302 -30.06 14.75 -81.85
C VAL VA 302 -29.95 13.37 -81.21
N VAL VA 303 -30.73 13.15 -80.14
CA VAL VA 303 -30.81 11.84 -79.49
C VAL VA 303 -32.25 11.58 -79.10
N LYS VA 304 -32.77 10.41 -79.46
CA LYS VA 304 -34.17 10.10 -79.27
C LYS VA 304 -34.29 8.65 -78.82
N TRP VA 305 -34.96 8.41 -77.71
CA TRP VA 305 -35.20 7.07 -77.24
C TRP VA 305 -36.50 7.04 -76.44
N THR VA 306 -37.08 5.85 -76.34
CA THR VA 306 -38.37 5.66 -75.70
C THR VA 306 -38.31 4.52 -74.69
N THR VA 307 -39.20 4.56 -73.71
CA THR VA 307 -39.34 3.57 -72.67
C THR VA 307 -40.49 2.61 -73.01
N PRO VA 308 -40.45 1.36 -72.54
CA PRO VA 308 -41.47 0.39 -72.93
C PRO VA 308 -42.82 0.72 -72.31
N ILE VA 309 -43.88 0.25 -72.96
CA ILE VA 309 -45.22 0.37 -72.43
C ILE VA 309 -45.36 -0.67 -71.31
N MET VA 310 -45.35 -0.19 -70.08
CA MET VA 310 -45.35 -1.09 -68.93
C MET VA 310 -46.60 -1.95 -68.90
N TYR VA 311 -46.44 -3.21 -68.52
CA TYR VA 311 -47.57 -4.12 -68.43
C TYR VA 311 -47.64 -4.76 -67.06
N ASP VA 312 -48.52 -5.74 -66.91
CA ASP VA 312 -48.73 -6.50 -65.68
C ASP VA 312 -48.51 -7.98 -65.99
N GLY VA 313 -48.62 -8.82 -64.96
CA GLY VA 313 -48.47 -10.24 -65.14
C GLY VA 313 -49.41 -11.01 -64.24
N TYR VA 314 -49.70 -12.25 -64.64
CA TYR VA 314 -50.54 -13.13 -63.86
C TYR VA 314 -50.17 -14.57 -64.17
N VAL VA 315 -49.92 -15.35 -63.13
CA VAL VA 315 -49.55 -16.75 -63.26
C VAL VA 315 -50.43 -17.58 -62.34
N ASN VA 316 -50.94 -18.70 -62.87
CA ASN VA 316 -51.72 -19.64 -62.10
C ASN VA 316 -51.24 -21.05 -62.42
N VAL VA 317 -51.33 -21.94 -61.42
CA VAL VA 317 -50.78 -23.29 -61.55
C VAL VA 317 -51.69 -24.26 -60.82
N THR VA 318 -51.70 -25.51 -61.28
CA THR VA 318 -52.41 -26.60 -60.62
C THR VA 318 -51.40 -27.71 -60.35
N VAL VA 319 -51.05 -27.90 -59.08
CA VAL VA 319 -49.98 -28.79 -58.67
C VAL VA 319 -50.54 -29.89 -57.79
N GLN VA 320 -49.97 -31.09 -57.93
CA GLN VA 320 -50.25 -32.18 -57.01
C GLN VA 320 -49.48 -31.98 -55.71
N GLN VA 321 -49.65 -32.92 -54.78
CA GLN VA 321 -49.03 -32.77 -53.47
C GLN VA 321 -47.52 -32.91 -53.54
N GLY VA 322 -47.00 -33.68 -54.50
CA GLY VA 322 -45.58 -33.94 -54.57
C GLY VA 322 -45.14 -35.02 -53.61
N SER VA 323 -43.83 -35.08 -53.41
CA SER VA 323 -43.23 -36.08 -52.53
C SER VA 323 -42.86 -35.53 -51.16
N SER VA 324 -42.54 -34.24 -51.06
CA SER VA 324 -42.16 -33.60 -49.81
C SER VA 324 -43.22 -32.58 -49.40
N SER VA 325 -43.14 -32.14 -48.15
CA SER VA 325 -44.06 -31.15 -47.62
C SER VA 325 -43.61 -29.77 -48.09
N VAL VA 326 -43.97 -29.48 -49.35
CA VAL VA 326 -43.63 -28.20 -49.97
C VAL VA 326 -44.67 -27.18 -49.54
N ALA VA 327 -44.21 -26.09 -48.94
CA ALA VA 327 -45.12 -25.02 -48.58
C ALA VA 327 -45.59 -24.29 -49.83
N PRO VA 328 -46.84 -23.85 -49.88
CA PRO VA 328 -47.33 -23.13 -51.06
C PRO VA 328 -46.74 -21.74 -51.20
N GLU VA 329 -45.88 -21.31 -50.27
CA GLU VA 329 -45.26 -20.00 -50.36
C GLU VA 329 -43.96 -20.02 -51.17
N ALA VA 330 -43.28 -21.16 -51.25
CA ALA VA 330 -42.02 -21.24 -51.97
C ALA VA 330 -42.21 -21.14 -53.48
N ILE VA 331 -43.30 -21.72 -54.00
CA ILE VA 331 -43.53 -21.70 -55.44
C ILE VA 331 -43.72 -20.27 -55.94
N GLN VA 332 -44.21 -19.37 -55.09
CA GLN VA 332 -44.35 -17.98 -55.51
C GLN VA 332 -42.98 -17.33 -55.68
N ASN VA 333 -42.06 -17.58 -54.74
CA ASN VA 333 -40.70 -17.06 -54.89
C ASN VA 333 -39.98 -17.74 -56.05
N ALA VA 334 -40.43 -18.93 -56.44
CA ALA VA 334 -39.77 -19.65 -57.54
C ALA VA 334 -39.86 -18.87 -58.85
N VAL VA 335 -41.01 -18.23 -59.11
CA VAL VA 335 -41.24 -17.62 -60.42
C VAL VA 335 -40.69 -16.20 -60.46
N VAL VA 336 -40.66 -15.51 -59.32
CA VAL VA 336 -40.20 -14.12 -59.30
C VAL VA 336 -38.73 -14.04 -59.70
N ASN VA 337 -37.95 -15.09 -59.40
CA ASN VA 337 -36.54 -15.07 -59.78
C ASN VA 337 -36.38 -15.19 -61.29
N TYR VA 338 -37.18 -16.06 -61.93
CA TYR VA 338 -37.14 -16.16 -63.39
C TYR VA 338 -37.63 -14.89 -64.04
N ALA VA 339 -38.60 -14.23 -63.43
CA ALA VA 339 -39.04 -12.93 -63.94
C ALA VA 339 -37.92 -11.90 -63.81
N GLN VA 340 -37.25 -11.87 -62.66
CA GLN VA 340 -36.14 -10.97 -62.43
C GLN VA 340 -34.84 -11.45 -63.08
N GLY VA 341 -34.82 -12.67 -63.60
CA GLY VA 341 -33.65 -13.19 -64.30
C GLY VA 341 -32.44 -13.39 -63.42
N LYS VA 342 -32.62 -13.92 -62.22
CA LYS VA 342 -31.50 -14.25 -61.35
C LYS VA 342 -31.09 -15.71 -61.46
N VAL VA 343 -31.77 -16.50 -62.28
CA VAL VA 343 -31.41 -17.89 -62.49
C VAL VA 343 -30.29 -17.94 -63.53
N GLU VA 344 -29.57 -19.07 -63.56
CA GLU VA 344 -28.44 -19.25 -64.46
C GLU VA 344 -28.92 -19.97 -65.72
N GLY VA 345 -29.06 -19.22 -66.81
CA GLY VA 345 -29.43 -19.80 -68.08
C GLY VA 345 -30.60 -19.09 -68.76
N GLU VA 346 -31.57 -18.65 -67.98
CA GLU VA 346 -32.74 -17.96 -68.51
C GLU VA 346 -32.59 -16.47 -68.25
N GLU VA 347 -32.61 -15.67 -69.33
CA GLU VA 347 -32.21 -14.27 -69.25
C GLU VA 347 -33.12 -13.47 -68.32
N GLY VA 348 -34.43 -13.68 -68.41
CA GLY VA 348 -35.39 -12.96 -67.60
C GLY VA 348 -36.45 -12.34 -68.47
N LEU VA 349 -37.18 -11.38 -67.89
CA LEU VA 349 -38.23 -10.65 -68.60
C LEU VA 349 -37.65 -9.34 -69.11
N VAL VA 350 -37.48 -9.26 -70.42
CA VAL VA 350 -36.92 -8.08 -71.09
C VAL VA 350 -37.95 -7.59 -72.10
N VAL VA 351 -37.58 -6.58 -72.89
CA VAL VA 351 -38.43 -6.19 -74.01
C VAL VA 351 -38.78 -7.40 -74.86
N GLY VA 352 -40.03 -7.46 -75.29
CA GLY VA 352 -40.46 -8.58 -76.10
C GLY VA 352 -40.32 -9.93 -75.43
N ALA VA 353 -40.31 -9.95 -74.10
CA ALA VA 353 -40.27 -11.22 -73.39
C ALA VA 353 -41.61 -11.93 -73.57
N SER VA 354 -41.60 -12.98 -74.38
CA SER VA 354 -42.82 -13.72 -74.66
C SER VA 354 -43.19 -14.60 -73.48
N LEU VA 355 -43.99 -14.06 -72.56
CA LEU VA 355 -44.44 -14.77 -71.37
C LEU VA 355 -45.15 -16.05 -71.73
N SER VA 356 -44.57 -17.19 -71.34
CA SER VA 356 -45.11 -18.50 -71.68
C SER VA 356 -45.25 -19.33 -70.42
N ALA VA 357 -46.25 -20.22 -70.43
CA ALA VA 357 -46.41 -21.15 -69.32
C ALA VA 357 -45.38 -22.27 -69.36
N PHE VA 358 -44.94 -22.65 -70.55
CA PHE VA 358 -43.95 -23.72 -70.66
C PHE VA 358 -42.60 -23.25 -70.15
N GLU VA 359 -42.20 -22.03 -70.50
CA GLU VA 359 -40.93 -21.48 -70.05
C GLU VA 359 -40.91 -21.20 -68.55
N VAL VA 360 -42.07 -20.96 -67.95
CA VAL VA 360 -42.13 -20.60 -66.54
C VAL VA 360 -42.37 -21.84 -65.68
N ALA VA 361 -43.52 -22.48 -65.87
CA ALA VA 361 -43.90 -23.63 -65.05
C ALA VA 361 -42.95 -24.79 -65.22
N GLY VA 362 -42.20 -24.86 -66.33
CA GLY VA 362 -41.14 -25.84 -66.42
C GLY VA 362 -39.93 -25.49 -65.59
N ALA VA 363 -39.62 -24.21 -65.46
CA ALA VA 363 -38.45 -23.76 -64.72
C ALA VA 363 -38.65 -23.79 -63.21
N ILE VA 364 -39.90 -23.77 -62.73
CA ILE VA 364 -40.14 -23.85 -61.29
C ILE VA 364 -39.64 -25.18 -60.72
N ALA VA 365 -39.52 -26.20 -61.57
CA ALA VA 365 -38.98 -27.48 -61.11
C ALA VA 365 -37.47 -27.43 -60.90
N ARG VA 366 -36.82 -26.34 -61.33
CA ARG VA 366 -35.37 -26.22 -61.15
C ARG VA 366 -34.98 -25.83 -59.74
N GLU VA 367 -35.95 -25.56 -58.87
CA GLU VA 367 -35.67 -25.28 -57.46
C GLU VA 367 -36.41 -26.19 -56.49
N ILE VA 368 -37.61 -26.63 -56.83
CA ILE VA 368 -38.37 -27.51 -55.94
C ILE VA 368 -38.82 -28.75 -56.70
N PRO VA 369 -37.91 -29.68 -57.01
CA PRO VA 369 -38.31 -30.90 -57.72
C PRO VA 369 -39.11 -31.83 -56.83
N GLY VA 370 -39.62 -32.92 -57.41
CA GLY VA 370 -40.39 -33.89 -56.67
C GLY VA 370 -41.88 -33.70 -56.73
N ILE VA 371 -42.35 -32.54 -57.20
CA ILE VA 371 -43.78 -32.27 -57.34
C ILE VA 371 -44.21 -32.59 -58.75
N TYR VA 372 -45.48 -32.96 -58.90
CA TYR VA 372 -46.08 -33.24 -60.19
C TYR VA 372 -46.96 -32.06 -60.58
N ILE VA 373 -46.66 -31.43 -61.70
CA ILE VA 373 -47.40 -30.27 -62.19
C ILE VA 373 -48.47 -30.79 -63.13
N LYS VA 374 -49.71 -30.88 -62.64
CA LYS VA 374 -50.80 -31.35 -63.48
C LYS VA 374 -51.15 -30.33 -64.56
N LEU VA 375 -51.16 -29.05 -64.22
CA LEU VA 375 -51.57 -28.03 -65.17
C LEU VA 375 -50.99 -26.68 -64.77
N CYS VA 376 -50.78 -25.83 -65.77
CA CYS VA 376 -50.43 -24.43 -65.53
C CYS VA 376 -50.77 -23.62 -66.77
N GLN VA 377 -51.43 -22.48 -66.58
CA GLN VA 377 -51.80 -21.61 -67.69
C GLN VA 377 -51.69 -20.16 -67.23
N VAL VA 378 -51.18 -19.30 -68.12
CA VAL VA 378 -50.79 -17.95 -67.76
C VAL VA 378 -51.35 -16.95 -68.77
N ALA VA 379 -51.50 -15.72 -68.30
CA ALA VA 379 -51.95 -14.61 -69.14
C ALA VA 379 -51.67 -13.31 -68.40
N CYS VA 380 -51.86 -12.20 -69.10
CA CYS VA 380 -51.57 -10.90 -68.52
C CYS VA 380 -52.39 -9.82 -69.21
N VAL VA 381 -52.45 -8.65 -68.58
CA VAL VA 381 -53.19 -7.50 -69.08
C VAL VA 381 -52.37 -6.27 -68.74
N ALA VA 382 -52.85 -5.10 -69.17
CA ALA VA 382 -52.15 -3.85 -68.91
C ALA VA 382 -52.07 -3.59 -67.41
N ALA VA 383 -51.01 -2.88 -67.01
CA ALA VA 383 -50.76 -2.65 -65.60
C ALA VA 383 -51.80 -1.71 -64.99
N GLY VA 384 -52.07 -1.92 -63.71
CA GLY VA 384 -53.09 -1.14 -63.00
C GLY VA 384 -54.51 -1.37 -63.47
N SER VA 385 -54.88 -2.62 -63.70
CA SER VA 385 -56.19 -2.99 -64.21
C SER VA 385 -56.64 -4.27 -63.52
N PRO VA 386 -57.94 -4.54 -63.47
CA PRO VA 386 -58.43 -5.71 -62.73
C PRO VA 386 -58.02 -7.02 -63.39
N ALA VA 387 -58.15 -8.09 -62.61
CA ALA VA 387 -57.72 -9.40 -63.05
C ALA VA 387 -58.60 -9.89 -64.20
N PRO VA 388 -58.04 -10.72 -65.09
CA PRO VA 388 -58.83 -11.23 -66.22
C PRO VA 388 -59.86 -12.28 -65.82
N ALA VA 389 -60.64 -12.73 -66.79
CA ALA VA 389 -61.70 -13.69 -66.54
C ALA VA 389 -61.12 -15.06 -66.18
N PRO VA 390 -61.88 -15.90 -65.50
CA PRO VA 390 -61.38 -17.26 -65.19
C PRO VA 390 -61.03 -18.06 -66.43
N GLY VA 391 -61.72 -17.84 -67.53
CA GLY VA 391 -61.39 -18.45 -68.80
C GLY VA 391 -60.41 -17.67 -69.66
N ASP VA 392 -59.85 -16.58 -69.13
CA ASP VA 392 -58.96 -15.71 -69.89
C ASP VA 392 -57.51 -16.13 -69.78
N PHE VA 393 -57.23 -17.42 -69.57
CA PHE VA 393 -55.88 -17.91 -69.37
C PHE VA 393 -55.54 -18.93 -70.45
N THR VA 394 -54.42 -18.71 -71.13
CA THR VA 394 -53.91 -19.56 -72.18
C THR VA 394 -52.56 -20.15 -71.74
N SER VA 395 -51.87 -20.81 -72.67
CA SER VA 395 -50.54 -21.32 -72.39
C SER VA 395 -49.46 -20.29 -72.70
N GLU VA 396 -49.61 -19.55 -73.79
CA GLU VA 396 -48.59 -18.59 -74.23
C GLU VA 396 -49.13 -17.17 -74.21
N TYR VA 397 -48.23 -16.23 -74.42
CA TYR VA 397 -48.59 -14.83 -74.62
C TYR VA 397 -47.51 -14.22 -75.53
N VAL VA 398 -47.78 -14.25 -76.84
CA VAL VA 398 -46.81 -13.70 -77.80
C VAL VA 398 -46.72 -12.19 -77.60
N MET VA 399 -45.49 -11.71 -77.42
CA MET VA 399 -45.26 -10.38 -76.90
C MET VA 399 -44.64 -9.49 -77.96
N SER VA 400 -45.13 -8.26 -78.05
CA SER VA 400 -44.58 -7.29 -78.99
C SER VA 400 -43.29 -6.69 -78.44
N ALA VA 401 -42.58 -5.99 -79.30
CA ALA VA 401 -41.31 -5.38 -78.93
C ALA VA 401 -41.46 -3.98 -78.34
N PHE VA 402 -42.70 -3.50 -78.21
CA PHE VA 402 -42.91 -2.17 -77.64
C PHE VA 402 -42.81 -2.17 -76.12
N GLY VA 403 -43.06 -3.30 -75.46
CA GLY VA 403 -43.10 -3.30 -74.01
C GLY VA 403 -42.63 -4.62 -73.43
N GLN VA 404 -42.58 -4.66 -72.09
CA GLN VA 404 -42.18 -5.85 -71.35
C GLN VA 404 -43.20 -6.13 -70.25
N ALA VA 405 -43.21 -7.37 -69.80
CA ALA VA 405 -44.08 -7.80 -68.71
C ALA VA 405 -43.32 -7.88 -67.40
N THR VA 406 -44.05 -7.86 -66.30
CA THR VA 406 -43.49 -7.98 -64.97
C THR VA 406 -44.38 -8.89 -64.14
N ILE VA 407 -43.78 -9.52 -63.13
CA ILE VA 407 -44.49 -10.44 -62.24
C ILE VA 407 -44.27 -10.01 -60.80
N SER VA 408 -45.35 -9.95 -60.03
CA SER VA 408 -45.28 -9.67 -58.61
C SER VA 408 -45.78 -10.88 -57.81
N VAL VA 409 -45.60 -10.80 -56.49
CA VAL VA 409 -45.89 -11.96 -55.64
C VAL VA 409 -47.39 -12.21 -55.55
N GLY VA 410 -48.19 -11.14 -55.50
CA GLY VA 410 -49.63 -11.32 -55.34
C GLY VA 410 -50.33 -11.82 -56.59
N ASN VA 411 -49.72 -11.66 -57.75
CA ASN VA 411 -50.34 -12.09 -59.00
C ASN VA 411 -50.34 -13.59 -59.18
N VAL VA 412 -49.63 -14.33 -58.33
CA VAL VA 412 -49.50 -15.78 -58.48
C VAL VA 412 -50.51 -16.46 -57.56
N ARG VA 413 -51.33 -17.34 -58.13
CA ARG VA 413 -52.32 -18.11 -57.39
C ARG VA 413 -52.00 -19.58 -57.54
N VAL VA 414 -52.04 -20.32 -56.43
CA VAL VA 414 -51.66 -21.72 -56.40
C VAL VA 414 -52.78 -22.54 -55.79
N THR VA 415 -53.13 -23.64 -56.44
CA THR VA 415 -54.12 -24.58 -55.92
C THR VA 415 -53.49 -25.97 -55.88
N PHE VA 416 -53.58 -26.61 -54.72
CA PHE VA 416 -53.03 -27.96 -54.55
C PHE VA 416 -54.10 -29.01 -54.82
N VAL VA 417 -54.60 -28.98 -56.06
CA VAL VA 417 -55.68 -29.86 -56.46
C VAL VA 417 -55.11 -31.14 -57.07
#